data_5OJQ
#
_entry.id   5OJQ
#
_cell.length_a   1.000
_cell.length_b   1.000
_cell.length_c   1.000
_cell.angle_alpha   90.00
_cell.angle_beta   90.00
_cell.angle_gamma   90.00
#
_symmetry.space_group_name_H-M   'P 1'
#
loop_
_entity.id
_entity.type
_entity.pdbx_description
1 polymer 'Haemolysin co-regulated protein'
2 polymer 'Type VI secretion protein'
3 polymer VipA
#
loop_
_entity_poly.entity_id
_entity_poly.type
_entity_poly.pdbx_seq_one_letter_code
_entity_poly.pdbx_strand_id
1 'polypeptide(L)'
;PTPCYISIEGQTQGLITAGACTADSIGDSFVEGHEDEMLVQQFDHVVTVPTDPQSGQPSGQRVHKPFKFTVALNKAVPLL
YNALSSGEKLKTVELKWYRTSIEGKQENFFTTKLENASIVDIHCEMPHCQDPAKSDFTQNVTVSLSYRKITWDHVNAGTS
GSDDWRKPIE
;
1,2,3,4,5,6,L,N,P,R,T,V,M,O,Q,S,U,W
2 'polypeptide(L)'
;GSLLDEIMAQTRCAPSEEGYDIAKKGVAAFIENLMGSQHSAEPVNKSLVDQMLVELDKKISAQMDEILHNSQFQAMESAW
RGLKLFVDRTDFRENNKVEILHVTKDELLEDFEFAPETAQSGLYKHVYSAGYGQFGGEPVGAIIGNYAFTPSTPDMKLLQ
YMGALGAMAHAPFISSVGPEFFGIDSFEELPNIKDLKSTFESPKYTKWRSLRESEDARYLGLTAPRFLLRVPYDPIENPV
KSFNYAENVSASHEHYLWGNTAFAFATRLTDSFAKYRWCPNIIGPQSGGAVEDLPVHVFESMGALQSKIPTEVLITDRKE
FELAEEGFIALTMRKGSDNAAFFSANSIQKPKVFPNTKEGKEAETNYKLGTQLPYMMIINRLAHYVKVLQREQIGAWKER
QDLERELNSWIKQYVADQENPPADVRSRRPLRAARIEVMDVEGNPGWYQVSLSVRPHFKYMGANFELSLVGRL
;
A,B,C,D,E,F,X,Z,c,e,g,i,Y,b,d,f,h,j
3 'polypeptide(L)'
;SKEGSVAPKERINIKYIPATGDAQAEVELPLKTLVVGDFKGHAEQTPLEERATVTVDKNNFEAVMRESELKITATVKNKL
TDDENAELPVELNFKSLADFAPDAVASQVPELKKLIELREALVALKGPLGNIPAFRERLQSLLNSEESREKLLAE
;
a,G,H,I,J,K,u,k,m,o,q,s,v,l,n,p,r,t
#
# COMPACT_ATOMS: atom_id res chain seq x y z
N PRO A 1 10.83 -54.19 38.90
CA PRO A 1 10.83 -52.98 39.71
C PRO A 1 9.71 -52.98 40.73
N THR A 2 9.89 -52.29 41.84
CA THR A 2 8.87 -52.31 42.86
C THR A 2 7.92 -51.14 42.68
N PRO A 3 6.63 -51.33 42.92
CA PRO A 3 5.67 -50.24 42.75
C PRO A 3 5.84 -49.16 43.78
N CYS A 4 5.51 -47.95 43.38
CA CYS A 4 5.63 -46.76 44.20
C CYS A 4 4.29 -46.45 44.86
N TYR A 5 4.18 -45.31 45.50
CA TYR A 5 2.93 -44.91 46.14
C TYR A 5 2.78 -43.41 46.03
N ILE A 6 1.57 -42.95 45.74
CA ILE A 6 1.30 -41.53 45.54
C ILE A 6 0.16 -41.10 46.42
N SER A 7 0.34 -40.02 47.16
CA SER A 7 -0.69 -39.43 47.99
C SER A 7 -1.01 -38.04 47.47
N ILE A 8 -2.20 -37.87 46.91
CA ILE A 8 -2.62 -36.62 46.30
C ILE A 8 -3.53 -35.87 47.26
N GLU A 9 -3.28 -34.58 47.45
CA GLU A 9 -4.17 -33.74 48.23
C GLU A 9 -4.63 -32.56 47.39
N GLY A 10 -5.94 -32.43 47.21
CA GLY A 10 -6.48 -31.40 46.34
C GLY A 10 -6.68 -30.07 47.05
N GLN A 11 -7.07 -29.06 46.27
CA GLN A 11 -7.48 -27.79 46.86
C GLN A 11 -8.78 -27.93 47.61
N THR A 12 -9.84 -28.32 46.91
CA THR A 12 -11.16 -28.38 47.51
C THR A 12 -11.60 -29.78 47.91
N GLN A 13 -11.00 -30.82 47.33
CA GLN A 13 -11.46 -32.18 47.56
C GLN A 13 -10.67 -32.88 48.64
N GLY A 14 -9.93 -32.14 49.45
CA GLY A 14 -9.26 -32.72 50.59
C GLY A 14 -8.15 -33.66 50.16
N LEU A 15 -7.98 -34.73 50.91
CA LEU A 15 -7.05 -35.79 50.54
C LEU A 15 -7.77 -36.67 49.54
N ILE A 16 -7.33 -36.63 48.29
CA ILE A 16 -8.03 -37.35 47.23
C ILE A 16 -7.84 -38.85 47.38
N THR A 17 -6.63 -39.29 47.63
CA THR A 17 -6.40 -40.71 47.71
C THR A 17 -6.69 -41.30 49.07
N ALA A 18 -7.47 -40.64 49.92
CA ALA A 18 -7.78 -41.18 51.24
C ALA A 18 -8.73 -42.35 51.08
N GLY A 19 -8.20 -43.55 51.15
CA GLY A 19 -9.00 -44.73 50.93
C GLY A 19 -8.83 -45.39 49.59
N ALA A 20 -7.81 -45.02 48.83
CA ALA A 20 -7.63 -45.60 47.51
C ALA A 20 -6.89 -46.91 47.54
N CYS A 21 -6.59 -47.44 48.72
CA CYS A 21 -6.15 -48.82 48.90
C CYS A 21 -6.88 -49.46 50.06
N THR A 22 -8.20 -49.39 50.02
CA THR A 22 -9.03 -50.18 50.90
C THR A 22 -9.52 -51.41 50.16
N ALA A 23 -10.38 -52.18 50.81
CA ALA A 23 -10.97 -53.34 50.16
C ALA A 23 -12.09 -52.94 49.20
N ASP A 24 -12.61 -51.73 49.32
CA ASP A 24 -13.63 -51.28 48.39
C ASP A 24 -13.04 -50.76 47.09
N SER A 25 -11.82 -50.23 47.13
CA SER A 25 -11.22 -49.67 45.92
C SER A 25 -10.76 -50.78 44.98
N ILE A 26 -9.81 -51.60 45.44
CA ILE A 26 -9.13 -52.51 44.54
C ILE A 26 -9.24 -53.97 44.98
N GLY A 27 -10.30 -54.29 45.71
CA GLY A 27 -10.53 -55.69 46.05
C GLY A 27 -9.59 -56.24 47.08
N ASP A 28 -8.87 -57.30 46.74
CA ASP A 28 -7.96 -57.96 47.67
C ASP A 28 -6.51 -57.58 47.48
N SER A 29 -6.22 -56.65 46.58
CA SER A 29 -4.84 -56.23 46.38
C SER A 29 -4.52 -54.96 47.12
N PHE A 30 -5.21 -54.68 48.21
CA PHE A 30 -4.87 -53.50 48.97
C PHE A 30 -3.82 -53.87 50.00
N VAL A 31 -3.13 -52.85 50.49
CA VAL A 31 -2.01 -53.02 51.40
C VAL A 31 -2.33 -52.26 52.68
N GLU A 32 -2.19 -52.92 53.82
CA GLU A 32 -2.33 -52.24 55.09
C GLU A 32 -1.19 -51.26 55.30
N GLY A 33 -1.49 -50.16 55.97
CA GLY A 33 -0.53 -49.11 56.20
C GLY A 33 -0.42 -48.09 55.08
N HIS A 34 -0.88 -48.42 53.89
CA HIS A 34 -0.88 -47.50 52.76
C HIS A 34 -2.30 -47.18 52.37
N GLU A 35 -3.13 -46.92 53.39
CA GLU A 35 -4.55 -46.70 53.16
C GLU A 35 -4.84 -45.38 52.46
N ASP A 36 -3.90 -44.46 52.45
CA ASP A 36 -4.14 -43.15 51.86
C ASP A 36 -3.36 -42.94 50.57
N GLU A 37 -2.79 -44.00 50.00
CA GLU A 37 -1.83 -43.87 48.92
C GLU A 37 -2.18 -44.85 47.82
N MET A 38 -2.31 -44.37 46.59
CA MET A 38 -2.55 -45.26 45.47
C MET A 38 -1.32 -46.12 45.19
N LEU A 39 -1.51 -47.14 44.39
CA LEU A 39 -0.42 -48.05 44.04
C LEU A 39 -0.03 -47.78 42.60
N VAL A 40 1.16 -47.21 42.41
CA VAL A 40 1.59 -46.69 41.12
C VAL A 40 2.44 -47.72 40.41
N GLN A 41 2.05 -48.08 39.19
CA GLN A 41 2.70 -49.16 38.47
C GLN A 41 3.85 -48.64 37.61
N GLN A 42 3.55 -47.78 36.64
CA GLN A 42 4.51 -47.31 35.65
C GLN A 42 4.76 -45.82 35.89
N PHE A 43 5.89 -45.33 35.39
CA PHE A 43 6.26 -43.94 35.64
C PHE A 43 7.03 -43.40 34.45
N ASP A 44 6.91 -42.09 34.22
CA ASP A 44 7.58 -41.40 33.12
C ASP A 44 7.57 -39.90 33.31
N HIS A 45 8.70 -39.22 33.12
CA HIS A 45 8.79 -37.81 33.46
C HIS A 45 9.99 -37.17 32.80
N VAL A 46 9.77 -36.12 32.01
CA VAL A 46 10.81 -35.44 31.26
C VAL A 46 10.89 -34.00 31.75
N VAL A 47 12.09 -33.44 31.84
CA VAL A 47 12.28 -32.03 32.16
C VAL A 47 13.27 -31.47 31.14
N THR A 48 12.78 -30.78 30.13
CA THR A 48 13.67 -30.29 29.10
C THR A 48 14.20 -28.90 29.41
N VAL A 49 15.28 -28.54 28.72
CA VAL A 49 15.81 -27.18 28.73
C VAL A 49 16.15 -26.80 27.29
N PRO A 50 15.57 -25.75 26.75
CA PRO A 50 15.90 -25.37 25.37
C PRO A 50 17.28 -24.78 25.26
N THR A 51 18.19 -25.49 24.61
CA THR A 51 19.55 -25.01 24.37
C THR A 51 19.72 -24.64 22.92
N ASP A 52 20.51 -23.60 22.66
CA ASP A 52 20.70 -23.20 21.29
C ASP A 52 21.67 -24.13 20.57
N PRO A 53 21.59 -24.21 19.24
CA PRO A 53 22.64 -24.90 18.49
C PRO A 53 23.92 -24.11 18.49
N GLN A 54 24.97 -24.73 17.94
CA GLN A 54 26.33 -24.20 17.75
C GLN A 54 26.91 -23.55 19.01
N SER A 55 26.50 -24.04 20.18
CA SER A 55 26.93 -23.54 21.47
C SER A 55 26.68 -24.64 22.48
N GLY A 56 26.68 -24.29 23.75
CA GLY A 56 26.24 -25.23 24.75
C GLY A 56 25.32 -24.58 25.77
N GLN A 57 25.12 -23.28 25.63
CA GLN A 57 24.45 -22.57 26.71
C GLN A 57 22.94 -22.79 26.67
N PRO A 58 22.29 -22.81 27.83
CA PRO A 58 20.83 -22.93 27.84
C PRO A 58 20.17 -21.64 27.39
N SER A 59 19.49 -21.70 26.25
CA SER A 59 18.82 -20.54 25.67
C SER A 59 17.37 -20.50 26.13
N GLY A 60 17.18 -20.35 27.44
CA GLY A 60 15.85 -20.31 27.99
C GLY A 60 15.69 -21.12 29.25
N GLN A 61 14.63 -20.85 30.00
CA GLN A 61 14.41 -21.58 31.23
C GLN A 61 13.87 -22.97 30.92
N ARG A 62 13.86 -23.82 31.94
CA ARG A 62 13.42 -25.20 31.82
C ARG A 62 11.94 -25.29 31.46
N VAL A 63 11.56 -26.41 30.87
CA VAL A 63 10.19 -26.68 30.46
C VAL A 63 9.80 -28.03 31.03
N HIS A 64 8.86 -28.05 31.96
CA HIS A 64 8.48 -29.29 32.62
C HIS A 64 7.46 -30.06 31.79
N LYS A 65 7.89 -31.12 31.18
CA LYS A 65 6.99 -32.09 30.60
C LYS A 65 6.35 -32.89 31.74
N PRO A 66 5.14 -33.43 31.56
CA PRO A 66 4.38 -33.90 32.72
C PRO A 66 4.84 -35.25 33.26
N PHE A 67 4.56 -35.45 34.54
CA PHE A 67 4.42 -36.78 35.17
C PHE A 67 3.56 -37.70 34.33
N LYS A 68 3.82 -38.99 34.40
CA LYS A 68 2.90 -40.00 33.85
C LYS A 68 2.97 -41.21 34.76
N PHE A 69 2.07 -41.29 35.73
CA PHE A 69 2.02 -42.44 36.62
C PHE A 69 0.73 -43.22 36.38
N THR A 70 0.81 -44.54 36.48
CA THR A 70 -0.29 -45.42 36.11
C THR A 70 -0.82 -46.17 37.32
N VAL A 71 -2.11 -46.00 37.60
CA VAL A 71 -2.77 -46.75 38.66
C VAL A 71 -3.96 -47.46 38.04
N ALA A 72 -4.51 -48.42 38.80
CA ALA A 72 -5.69 -49.11 38.33
C ALA A 72 -6.92 -48.28 38.65
N LEU A 73 -8.09 -48.74 38.19
CA LEU A 73 -9.33 -48.07 38.55
C LEU A 73 -9.65 -48.31 40.01
N ASN A 74 -9.82 -47.22 40.75
CA ASN A 74 -10.10 -47.32 42.17
C ASN A 74 -10.92 -46.12 42.60
N LYS A 75 -10.95 -45.87 43.90
CA LYS A 75 -11.80 -44.85 44.48
C LYS A 75 -11.38 -43.46 44.05
N ALA A 76 -10.08 -43.22 43.93
CA ALA A 76 -9.59 -41.89 43.65
C ALA A 76 -9.72 -41.48 42.19
N VAL A 77 -10.04 -42.39 41.28
CA VAL A 77 -10.12 -42.06 39.86
C VAL A 77 -11.32 -41.18 39.52
N PRO A 78 -12.54 -41.37 40.05
CA PRO A 78 -13.55 -40.32 39.85
C PRO A 78 -13.23 -39.01 40.52
N LEU A 79 -12.41 -39.03 41.57
CA LEU A 79 -11.99 -37.78 42.17
C LEU A 79 -10.93 -37.08 41.33
N LEU A 80 -10.12 -37.84 40.60
CA LEU A 80 -9.15 -37.23 39.71
C LEU A 80 -9.75 -36.79 38.38
N TYR A 81 -10.96 -37.19 38.06
CA TYR A 81 -11.62 -36.61 36.91
C TYR A 81 -12.44 -35.38 37.23
N ASN A 82 -12.34 -34.85 38.44
CA ASN A 82 -12.79 -33.48 38.68
C ASN A 82 -11.65 -32.53 38.90
N ALA A 83 -10.50 -33.01 39.36
CA ALA A 83 -9.32 -32.18 39.34
C ALA A 83 -8.89 -31.90 37.90
N LEU A 84 -9.21 -32.81 36.99
CA LEU A 84 -8.89 -32.65 35.59
C LEU A 84 -9.84 -31.69 34.90
N SER A 85 -11.13 -32.03 34.89
CA SER A 85 -12.08 -31.31 34.07
C SER A 85 -12.47 -29.96 34.64
N SER A 86 -12.02 -29.60 35.83
CA SER A 86 -12.27 -28.27 36.35
C SER A 86 -11.00 -27.50 36.64
N GLY A 87 -9.83 -28.07 36.36
CA GLY A 87 -8.59 -27.35 36.53
C GLY A 87 -8.21 -27.12 37.96
N GLU A 88 -8.63 -27.99 38.86
CA GLU A 88 -8.31 -27.82 40.27
C GLU A 88 -6.86 -28.17 40.53
N LYS A 89 -6.15 -27.27 41.17
CA LYS A 89 -4.77 -27.57 41.54
C LYS A 89 -4.77 -28.55 42.70
N LEU A 90 -3.69 -29.28 42.82
CA LEU A 90 -3.52 -30.27 43.87
C LEU A 90 -2.40 -29.78 44.76
N LYS A 91 -2.64 -29.70 46.07
CA LYS A 91 -1.68 -29.07 46.97
C LYS A 91 -0.39 -29.87 47.06
N THR A 92 -0.47 -31.20 47.01
CA THR A 92 0.74 -31.98 47.07
C THR A 92 0.53 -33.33 46.41
N VAL A 93 1.62 -33.90 45.92
CA VAL A 93 1.67 -35.25 45.37
C VAL A 93 3.00 -35.82 45.82
N GLU A 94 2.98 -36.81 46.67
CA GLU A 94 4.22 -37.32 47.23
C GLU A 94 4.45 -38.72 46.73
N LEU A 95 5.10 -38.83 45.57
CA LEU A 95 5.55 -40.12 45.09
C LEU A 95 6.64 -40.66 46.00
N LYS A 96 6.65 -41.96 46.23
CA LYS A 96 7.65 -42.59 47.08
C LYS A 96 8.16 -43.85 46.42
N TRP A 97 9.41 -43.82 45.99
CA TRP A 97 10.01 -44.95 45.30
C TRP A 97 10.48 -45.97 46.30
N TYR A 98 9.90 -47.15 46.32
CA TYR A 98 10.38 -48.16 47.24
C TYR A 98 11.44 -49.03 46.60
N ARG A 99 12.21 -49.69 47.43
CA ARG A 99 13.11 -50.74 46.99
C ARG A 99 13.36 -51.68 48.16
N THR A 100 13.84 -52.86 47.83
CA THR A 100 14.09 -53.88 48.83
C THR A 100 15.53 -53.74 49.33
N SER A 101 15.69 -53.47 50.62
CA SER A 101 17.00 -53.20 51.17
C SER A 101 17.71 -54.50 51.48
N ILE A 102 18.84 -54.40 52.17
CA ILE A 102 19.67 -55.57 52.45
C ILE A 102 19.05 -56.41 53.56
N GLU A 103 18.55 -55.75 54.60
CA GLU A 103 17.97 -56.47 55.74
C GLU A 103 16.65 -57.13 55.41
N GLY A 104 16.05 -56.83 54.27
CA GLY A 104 14.84 -57.48 53.85
C GLY A 104 13.59 -56.68 54.02
N LYS A 105 13.68 -55.36 54.11
CA LYS A 105 12.53 -54.54 54.37
C LYS A 105 12.41 -53.48 53.29
N GLN A 106 11.18 -53.18 52.92
CA GLN A 106 10.90 -52.12 51.96
C GLN A 106 11.28 -50.78 52.58
N GLU A 107 11.77 -49.87 51.75
CA GLU A 107 12.07 -48.53 52.23
C GLU A 107 12.04 -47.57 51.06
N ASN A 108 11.63 -46.33 51.33
CA ASN A 108 11.67 -45.33 50.28
C ASN A 108 13.07 -44.78 50.20
N PHE A 109 13.71 -45.00 49.08
CA PHE A 109 15.03 -44.44 48.90
C PHE A 109 15.00 -43.12 48.16
N PHE A 110 13.83 -42.66 47.73
CA PHE A 110 13.75 -41.55 46.80
C PHE A 110 12.31 -41.08 46.79
N THR A 111 12.05 -39.82 47.13
CA THR A 111 10.71 -39.28 47.07
C THR A 111 10.72 -38.02 46.21
N THR A 112 9.73 -37.88 45.34
CA THR A 112 9.60 -36.69 44.50
C THR A 112 8.32 -36.00 44.90
N LYS A 113 8.39 -35.08 45.85
CA LYS A 113 7.21 -34.33 46.23
C LYS A 113 6.87 -33.31 45.15
N LEU A 114 5.81 -32.56 45.39
CA LEU A 114 5.24 -31.76 44.32
C LEU A 114 4.35 -30.71 44.95
N GLU A 115 4.47 -29.47 44.55
CA GLU A 115 3.55 -28.44 45.00
C GLU A 115 2.43 -28.34 43.98
N ASN A 116 1.74 -27.19 43.91
CA ASN A 116 0.50 -26.98 43.14
C ASN A 116 0.56 -27.54 41.74
N ALA A 117 -0.25 -28.55 41.49
CA ALA A 117 -0.05 -29.43 40.35
C ALA A 117 -1.40 -29.79 39.75
N SER A 118 -1.78 -29.12 38.68
CA SER A 118 -3.00 -29.52 37.99
C SER A 118 -2.77 -30.82 37.24
N ILE A 119 -3.85 -31.40 36.75
CA ILE A 119 -3.78 -32.61 35.95
C ILE A 119 -3.93 -32.23 34.49
N VAL A 120 -2.97 -32.63 33.66
CA VAL A 120 -3.06 -32.32 32.25
C VAL A 120 -4.01 -33.26 31.53
N ASP A 121 -3.73 -34.56 31.58
CA ASP A 121 -4.65 -35.51 30.99
C ASP A 121 -4.59 -36.84 31.70
N ILE A 122 -5.64 -37.63 31.52
CA ILE A 122 -5.79 -38.93 32.13
C ILE A 122 -6.20 -39.91 31.03
N HIS A 123 -5.41 -40.96 30.85
CA HIS A 123 -5.58 -41.89 29.74
C HIS A 123 -6.06 -43.23 30.28
N CYS A 124 -7.36 -43.36 30.44
CA CYS A 124 -7.95 -44.60 30.92
C CYS A 124 -8.10 -45.57 29.76
N GLU A 125 -7.50 -46.76 29.90
CA GLU A 125 -7.65 -47.79 28.88
C GLU A 125 -7.76 -49.14 29.54
N MET A 126 -8.15 -50.13 28.74
CA MET A 126 -8.25 -51.50 29.18
C MET A 126 -7.77 -52.34 28.01
N PRO A 127 -6.87 -53.29 28.24
CA PRO A 127 -6.40 -54.14 27.14
C PRO A 127 -7.48 -55.07 26.66
N HIS A 128 -7.19 -55.72 25.52
CA HIS A 128 -8.19 -56.50 24.83
C HIS A 128 -8.47 -57.79 25.57
N CYS A 129 -9.75 -58.09 25.80
CA CYS A 129 -10.12 -59.22 26.64
C CYS A 129 -9.90 -60.55 25.94
N GLN A 130 -9.97 -60.56 24.60
CA GLN A 130 -9.68 -61.77 23.85
C GLN A 130 -8.21 -62.15 23.89
N ASP A 131 -7.33 -61.18 24.10
CA ASP A 131 -5.90 -61.38 23.92
C ASP A 131 -5.32 -62.05 25.16
N PRO A 132 -4.69 -63.22 25.03
CA PRO A 132 -4.14 -63.88 26.22
C PRO A 132 -2.80 -63.36 26.67
N ALA A 133 -2.12 -62.55 25.86
CA ALA A 133 -0.84 -61.99 26.28
C ALA A 133 -1.03 -60.89 27.31
N LYS A 134 -2.18 -60.24 27.33
CA LYS A 134 -2.49 -59.17 28.27
C LYS A 134 -3.61 -59.57 29.21
N SER A 135 -3.55 -60.79 29.72
CA SER A 135 -4.59 -61.29 30.61
C SER A 135 -4.35 -60.91 32.05
N ASP A 136 -3.10 -60.70 32.44
CA ASP A 136 -2.80 -60.37 33.82
C ASP A 136 -3.11 -58.91 34.15
N PHE A 137 -3.19 -58.05 33.15
CA PHE A 137 -3.46 -56.65 33.39
C PHE A 137 -4.94 -56.47 33.74
N THR A 138 -5.24 -55.42 34.47
CA THR A 138 -6.63 -55.12 34.79
C THR A 138 -7.12 -53.87 34.08
N GLN A 139 -6.54 -52.72 34.39
CA GLN A 139 -6.82 -51.46 33.72
C GLN A 139 -5.55 -50.64 33.76
N ASN A 140 -5.59 -49.49 33.11
CA ASN A 140 -4.44 -48.58 33.08
C ASN A 140 -5.00 -47.17 33.07
N VAL A 141 -4.84 -46.45 34.17
CA VAL A 141 -5.28 -45.07 34.28
C VAL A 141 -4.03 -44.23 34.48
N THR A 142 -3.54 -43.64 33.40
CA THR A 142 -2.27 -42.91 33.42
C THR A 142 -2.57 -41.44 33.65
N VAL A 143 -2.39 -40.98 34.88
CA VAL A 143 -2.74 -39.61 35.24
C VAL A 143 -1.50 -38.74 35.08
N SER A 144 -1.62 -37.66 34.33
CA SER A 144 -0.50 -36.75 34.17
C SER A 144 -0.60 -35.61 35.16
N LEU A 145 0.52 -34.92 35.36
CA LEU A 145 0.55 -33.81 36.29
C LEU A 145 1.55 -32.78 35.76
N SER A 146 1.06 -31.65 35.29
CA SER A 146 1.92 -30.49 35.28
C SER A 146 1.92 -29.91 36.68
N TYR A 147 2.89 -29.06 36.97
CA TYR A 147 3.17 -28.75 38.36
C TYR A 147 3.98 -27.48 38.47
N ARG A 148 3.76 -26.74 39.56
CA ARG A 148 4.55 -25.55 39.79
C ARG A 148 5.92 -25.91 40.33
N LYS A 149 5.96 -26.52 41.51
CA LYS A 149 7.20 -26.78 42.22
C LYS A 149 7.36 -28.25 42.48
N ILE A 150 8.51 -28.78 42.13
CA ILE A 150 8.85 -30.18 42.33
C ILE A 150 10.11 -30.26 43.15
N THR A 151 10.17 -31.21 44.09
CA THR A 151 11.34 -31.40 44.93
C THR A 151 11.71 -32.87 44.94
N TRP A 152 12.74 -33.24 44.20
CA TRP A 152 13.32 -34.56 44.35
C TRP A 152 14.03 -34.65 45.68
N ASP A 153 14.09 -35.86 46.23
CA ASP A 153 14.67 -36.03 47.56
C ASP A 153 15.11 -37.48 47.68
N HIS A 154 16.41 -37.71 47.66
CA HIS A 154 16.92 -39.04 47.95
C HIS A 154 17.08 -39.17 49.46
N VAL A 155 16.46 -40.19 50.04
CA VAL A 155 16.37 -40.28 51.48
C VAL A 155 17.62 -40.94 52.08
N ASN A 156 18.06 -42.06 51.51
CA ASN A 156 19.18 -42.80 52.10
C ASN A 156 20.53 -42.13 51.91
N ALA A 157 20.63 -41.09 51.09
CA ALA A 157 21.85 -40.34 50.97
C ALA A 157 21.65 -38.85 51.20
N GLY A 158 20.43 -38.43 51.53
CA GLY A 158 20.18 -37.10 51.99
C GLY A 158 20.20 -35.99 50.95
N THR A 159 20.53 -36.29 49.70
CA THR A 159 20.53 -35.23 48.69
C THR A 159 19.11 -34.81 48.37
N SER A 160 18.98 -33.59 47.87
CA SER A 160 17.67 -33.05 47.57
C SER A 160 17.78 -32.00 46.48
N GLY A 161 17.08 -32.22 45.37
CA GLY A 161 16.99 -31.22 44.34
C GLY A 161 15.69 -30.48 44.47
N SER A 162 15.54 -29.37 43.76
CA SER A 162 14.30 -28.61 43.83
C SER A 162 14.19 -27.74 42.59
N ASP A 163 12.99 -27.60 42.08
CA ASP A 163 12.70 -26.62 41.06
C ASP A 163 11.43 -25.89 41.45
N ASP A 164 11.37 -24.61 41.13
CA ASP A 164 10.17 -23.85 41.44
C ASP A 164 10.03 -22.71 40.45
N TRP A 165 8.82 -22.53 39.96
CA TRP A 165 8.54 -21.32 39.21
C TRP A 165 8.37 -20.13 40.12
N ARG A 166 7.91 -20.37 41.35
CA ARG A 166 7.65 -19.27 42.28
C ARG A 166 8.94 -18.58 42.71
N LYS A 167 9.97 -19.37 42.97
CA LYS A 167 11.25 -18.85 43.45
C LYS A 167 12.38 -19.40 42.60
N PRO A 168 12.62 -18.85 41.43
CA PRO A 168 13.81 -19.24 40.66
C PRO A 168 15.04 -18.68 41.34
N ILE A 169 16.20 -19.23 40.97
CA ILE A 169 17.38 -19.04 41.79
C ILE A 169 17.92 -17.64 41.53
N GLU A 170 17.53 -16.71 42.40
CA GLU A 170 17.72 -15.26 42.38
C GLU A 170 17.59 -14.55 41.03
N GLY B 1 -13.63 32.02 107.56
CA GLY B 1 -14.08 31.15 106.48
C GLY B 1 -13.94 31.78 105.11
N SER B 2 -12.88 32.58 104.94
CA SER B 2 -12.64 33.22 103.65
C SER B 2 -12.14 32.25 102.59
N LEU B 3 -11.55 31.12 103.00
CA LEU B 3 -11.15 30.11 102.03
C LEU B 3 -12.35 29.41 101.43
N LEU B 4 -13.45 29.28 102.19
CA LEU B 4 -14.69 28.76 101.64
C LEU B 4 -15.32 29.77 100.69
N ASP B 5 -15.08 31.07 100.90
CA ASP B 5 -15.60 32.09 100.00
C ASP B 5 -14.89 32.07 98.66
N GLU B 6 -13.62 31.66 98.62
CA GLU B 6 -12.90 31.58 97.36
C GLU B 6 -13.34 30.36 96.56
N ILE B 7 -13.80 29.30 97.23
CA ILE B 7 -14.31 28.14 96.54
C ILE B 7 -15.70 28.41 95.98
N MET B 8 -16.54 29.09 96.76
CA MET B 8 -17.89 29.43 96.30
C MET B 8 -17.89 30.51 95.22
N ALA B 9 -16.90 31.41 95.23
CA ALA B 9 -16.76 32.34 94.12
C ALA B 9 -16.19 31.66 92.89
N GLN B 10 -15.49 30.54 93.05
CA GLN B 10 -14.99 29.74 91.94
C GLN B 10 -16.14 28.88 91.43
N THR B 11 -16.79 29.33 90.35
CA THR B 11 -18.04 28.74 89.90
C THR B 11 -17.88 27.38 89.24
N ARG B 12 -16.65 26.92 89.00
CA ARG B 12 -16.45 25.61 88.40
C ARG B 12 -16.71 24.48 89.40
N CYS B 13 -16.36 24.67 90.66
CA CYS B 13 -16.56 23.65 91.70
C CYS B 13 -17.09 24.30 92.97
N ALA B 14 -18.11 25.16 92.83
CA ALA B 14 -18.58 25.93 93.98
C ALA B 14 -19.41 25.11 94.97
N PRO B 15 -20.57 24.48 94.60
CA PRO B 15 -21.48 24.02 95.67
C PRO B 15 -21.13 22.66 96.27
N SER B 16 -19.84 22.40 96.52
CA SER B 16 -19.32 21.23 97.24
C SER B 16 -19.80 19.91 96.62
N GLU B 17 -19.42 19.70 95.37
CA GLU B 17 -19.87 18.53 94.61
C GLU B 17 -18.75 17.53 94.36
N GLU B 18 -17.66 17.96 93.72
CA GLU B 18 -16.56 17.04 93.40
C GLU B 18 -15.29 17.86 93.20
N GLY B 19 -14.20 17.42 93.82
CA GLY B 19 -12.93 18.09 93.69
C GLY B 19 -12.77 19.34 94.53
N TYR B 20 -13.62 19.53 95.53
CA TYR B 20 -13.52 20.72 96.39
C TYR B 20 -12.52 20.54 97.52
N ASP B 21 -12.14 19.30 97.86
CA ASP B 21 -11.12 19.09 98.87
C ASP B 21 -9.72 19.09 98.29
N ILE B 22 -9.58 18.77 96.99
CA ILE B 22 -8.28 18.81 96.34
C ILE B 22 -7.89 20.25 96.02
N ALA B 23 -8.82 21.03 95.48
CA ALA B 23 -8.55 22.43 95.15
C ALA B 23 -8.38 23.29 96.39
N LYS B 24 -8.98 22.91 97.52
CA LYS B 24 -8.72 23.59 98.78
C LYS B 24 -7.29 23.37 99.24
N LYS B 25 -6.73 22.18 98.98
CA LYS B 25 -5.32 21.93 99.25
C LYS B 25 -4.41 22.65 98.27
N GLY B 26 -4.93 23.03 97.11
CA GLY B 26 -4.14 23.74 96.12
C GLY B 26 -3.94 25.20 96.44
N VAL B 27 -4.96 25.84 97.00
CA VAL B 27 -4.87 27.25 97.37
C VAL B 27 -3.96 27.41 98.58
N ALA B 28 -4.13 26.55 99.59
CA ALA B 28 -3.40 26.71 100.84
C ALA B 28 -1.93 26.35 100.71
N ALA B 29 -1.59 25.51 99.73
CA ALA B 29 -0.18 25.16 99.53
C ALA B 29 0.59 26.27 98.82
N PHE B 30 -0.08 27.02 97.94
CA PHE B 30 0.60 28.08 97.19
C PHE B 30 0.87 29.30 98.05
N ILE B 31 0.02 29.55 99.05
CA ILE B 31 0.19 30.72 99.92
C ILE B 31 1.38 30.52 100.86
N GLU B 32 1.65 29.26 101.25
CA GLU B 32 2.74 28.97 102.17
C GLU B 32 4.11 29.21 101.54
N ASN B 33 4.21 29.09 100.21
CA ASN B 33 5.45 29.38 99.50
C ASN B 33 5.44 30.74 98.83
N LEU B 34 4.34 31.48 98.92
CA LEU B 34 4.23 32.79 98.27
C LEU B 34 5.05 33.86 98.97
N MET B 35 5.38 33.67 100.25
CA MET B 35 6.06 34.71 101.03
C MET B 35 7.53 34.87 100.68
N GLY B 36 8.09 34.00 99.84
CA GLY B 36 9.45 34.22 99.36
C GLY B 36 9.56 35.35 98.37
N SER B 37 8.48 35.61 97.63
CA SER B 37 8.45 36.73 96.67
C SER B 37 7.00 37.15 96.52
N GLN B 38 6.65 38.30 97.09
CA GLN B 38 5.28 38.78 97.05
C GLN B 38 4.97 39.40 95.70
N HIS B 39 3.92 38.90 95.05
CA HIS B 39 3.48 39.42 93.76
C HIS B 39 2.00 39.11 93.60
N SER B 40 1.28 40.02 92.92
CA SER B 40 -0.17 39.91 92.75
C SER B 40 -0.53 40.08 91.28
N ALA B 41 -0.45 38.97 90.53
CA ALA B 41 -0.88 38.90 89.14
C ALA B 41 -1.01 37.43 88.75
N GLU B 42 -2.19 37.05 88.25
CA GLU B 42 -2.42 35.66 87.85
C GLU B 42 -1.51 35.13 86.74
N PRO B 43 -1.25 35.84 85.62
CA PRO B 43 -0.36 35.22 84.61
C PRO B 43 1.09 35.13 85.03
N VAL B 44 1.56 36.01 85.92
CA VAL B 44 2.86 35.81 86.53
C VAL B 44 2.79 34.66 87.53
N ASN B 45 1.65 34.53 88.22
CA ASN B 45 1.43 33.38 89.10
C ASN B 45 1.33 32.08 88.31
N LYS B 46 0.83 32.12 87.07
CA LYS B 46 0.89 30.94 86.22
C LYS B 46 2.33 30.60 85.85
N SER B 47 3.22 31.58 85.86
CA SER B 47 4.65 31.29 85.81
C SER B 47 5.22 31.01 87.20
N LEU B 48 4.67 31.64 88.24
CA LEU B 48 5.17 31.38 89.59
C LEU B 48 4.74 30.01 90.10
N VAL B 49 3.62 29.49 89.62
CA VAL B 49 3.31 28.08 89.87
C VAL B 49 4.34 27.19 89.17
N ASP B 50 4.67 27.53 87.91
CA ASP B 50 5.69 26.79 87.17
C ASP B 50 7.08 26.98 87.76
N GLN B 51 7.35 28.15 88.35
CA GLN B 51 8.63 28.34 89.04
C GLN B 51 8.64 27.64 90.39
N MET B 52 7.49 27.23 90.91
CA MET B 52 7.43 26.34 92.06
C MET B 52 7.32 24.88 91.65
N LEU B 53 7.28 24.59 90.35
CA LEU B 53 7.34 23.21 89.87
C LEU B 53 8.74 22.83 89.39
N VAL B 54 9.48 23.79 88.82
CA VAL B 54 10.86 23.51 88.42
C VAL B 54 11.75 23.34 89.65
N GLU B 55 11.55 24.17 90.67
CA GLU B 55 12.28 24.00 91.92
C GLU B 55 11.81 22.78 92.68
N LEU B 56 10.56 22.35 92.47
CA LEU B 56 10.07 21.12 93.06
C LEU B 56 10.68 19.89 92.40
N ASP B 57 10.82 19.92 91.07
CA ASP B 57 11.43 18.82 90.35
C ASP B 57 12.92 18.71 90.62
N LYS B 58 13.57 19.80 91.03
CA LYS B 58 14.95 19.71 91.50
C LYS B 58 15.01 19.01 92.85
N LYS B 59 13.93 19.07 93.64
CA LYS B 59 13.89 18.35 94.90
C LYS B 59 13.51 16.89 94.73
N ILE B 60 12.68 16.57 93.73
CA ILE B 60 12.18 15.20 93.60
C ILE B 60 13.14 14.36 92.78
N SER B 61 13.57 14.88 91.62
CA SER B 61 14.42 14.08 90.73
C SER B 61 15.82 13.88 91.30
N ALA B 62 16.27 14.77 92.18
CA ALA B 62 17.51 14.52 92.89
C ALA B 62 17.35 13.43 93.92
N GLN B 63 16.13 13.20 94.41
CA GLN B 63 15.87 12.08 95.29
C GLN B 63 15.65 10.79 94.50
N MET B 64 14.98 10.89 93.35
CA MET B 64 14.76 9.73 92.50
C MET B 64 15.96 9.39 91.63
N ASP B 65 17.04 10.15 91.69
CA ASP B 65 18.33 9.68 91.23
C ASP B 65 19.15 9.09 92.37
N GLU B 66 18.54 8.94 93.55
CA GLU B 66 19.19 8.31 94.68
C GLU B 66 18.42 7.13 95.24
N ILE B 67 17.10 7.10 95.09
CA ILE B 67 16.36 5.88 95.36
C ILE B 67 16.62 4.87 94.25
N LEU B 68 16.73 5.34 93.02
CA LEU B 68 17.31 4.54 91.96
C LEU B 68 18.84 4.60 92.08
N HIS B 69 19.53 3.95 91.14
CA HIS B 69 20.99 4.01 90.98
C HIS B 69 21.74 3.50 92.21
N ASN B 70 21.11 2.62 92.98
CA ASN B 70 21.70 2.06 94.18
C ASN B 70 22.23 0.66 93.87
N SER B 71 23.28 0.26 94.59
CA SER B 71 23.94 -1.02 94.31
C SER B 71 23.06 -2.21 94.63
N GLN B 72 22.11 -2.05 95.55
CA GLN B 72 21.13 -3.11 95.79
C GLN B 72 20.00 -3.05 94.76
N PHE B 73 19.62 -1.84 94.33
CA PHE B 73 18.51 -1.71 93.40
C PHE B 73 18.94 -2.04 91.97
N GLN B 74 20.01 -1.38 91.50
CA GLN B 74 20.40 -1.48 90.09
C GLN B 74 20.92 -2.87 89.73
N ALA B 75 21.63 -3.53 90.65
CA ALA B 75 22.07 -4.90 90.39
C ALA B 75 20.92 -5.88 90.41
N MET B 76 19.84 -5.54 91.12
CA MET B 76 18.62 -6.32 91.09
C MET B 76 17.60 -5.77 90.11
N GLU B 77 17.93 -4.71 89.39
CA GLU B 77 17.10 -4.28 88.27
C GLU B 77 17.65 -4.80 86.95
N SER B 78 18.98 -4.77 86.78
CA SER B 78 19.60 -5.29 85.57
C SER B 78 19.46 -6.81 85.48
N ALA B 79 19.48 -7.49 86.63
CA ALA B 79 19.31 -8.94 86.65
C ALA B 79 17.87 -9.36 86.43
N TRP B 80 16.92 -8.42 86.41
CA TRP B 80 15.52 -8.75 86.25
C TRP B 80 14.89 -8.10 85.03
N ARG B 81 15.24 -6.85 84.71
CA ARG B 81 14.78 -6.27 83.45
C ARG B 81 15.52 -6.88 82.27
N GLY B 82 16.76 -7.31 82.48
CA GLY B 82 17.48 -8.07 81.46
C GLY B 82 16.87 -9.41 81.17
N LEU B 83 16.14 -9.99 82.13
CA LEU B 83 15.35 -11.17 81.83
C LEU B 83 14.20 -10.84 80.91
N LYS B 84 13.58 -9.65 81.07
CA LYS B 84 12.48 -9.25 80.20
C LYS B 84 12.95 -9.03 78.77
N LEU B 85 14.20 -8.61 78.59
CA LEU B 85 14.80 -8.59 77.26
C LEU B 85 15.04 -9.98 76.71
N PHE B 86 15.16 -10.99 77.58
CA PHE B 86 15.23 -12.35 77.09
C PHE B 86 13.86 -12.98 76.90
N VAL B 87 12.83 -12.46 77.54
CA VAL B 87 11.48 -12.99 77.36
C VAL B 87 10.80 -12.34 76.15
N ASP B 88 11.02 -11.05 75.93
CA ASP B 88 10.31 -10.34 74.86
C ASP B 88 10.83 -10.70 73.47
N ARG B 89 12.11 -11.06 73.35
CA ARG B 89 12.66 -11.33 72.03
C ARG B 89 12.37 -12.75 71.57
N THR B 90 12.46 -13.72 72.49
CA THR B 90 12.34 -15.12 72.12
C THR B 90 10.88 -15.50 71.90
N ASP B 91 10.59 -16.10 70.77
CA ASP B 91 9.22 -16.42 70.39
C ASP B 91 8.84 -17.73 71.08
N PHE B 92 8.03 -17.62 72.14
CA PHE B 92 7.60 -18.80 72.88
C PHE B 92 6.57 -19.63 72.13
N ARG B 93 5.98 -19.10 71.07
CA ARG B 93 5.12 -19.93 70.24
C ARG B 93 5.91 -20.91 69.40
N GLU B 94 7.17 -20.61 69.10
CA GLU B 94 8.00 -21.48 68.28
C GLU B 94 8.83 -22.45 69.11
N ASN B 95 8.17 -23.15 70.03
CA ASN B 95 8.72 -24.24 70.84
C ASN B 95 9.96 -23.80 71.64
N ASN B 96 9.72 -22.89 72.57
CA ASN B 96 10.78 -22.41 73.45
C ASN B 96 10.22 -22.28 74.85
N LYS B 97 11.00 -22.72 75.84
CA LYS B 97 10.67 -22.51 77.24
C LYS B 97 11.95 -22.10 77.95
N VAL B 98 11.80 -21.41 79.08
CA VAL B 98 12.95 -20.96 79.84
C VAL B 98 12.66 -21.09 81.33
N GLU B 99 13.55 -21.79 82.03
CA GLU B 99 13.42 -21.96 83.47
C GLU B 99 14.21 -20.88 84.19
N ILE B 100 13.71 -20.50 85.37
CA ILE B 100 14.28 -19.41 86.16
C ILE B 100 14.65 -19.97 87.53
N LEU B 101 15.93 -19.93 87.84
CA LEU B 101 16.44 -20.47 89.10
C LEU B 101 17.05 -19.36 89.94
N HIS B 102 16.57 -19.22 91.17
CA HIS B 102 17.13 -18.28 92.14
C HIS B 102 18.26 -18.96 92.88
N VAL B 103 19.50 -18.64 92.51
CA VAL B 103 20.64 -18.90 93.35
C VAL B 103 21.31 -17.57 93.62
N THR B 104 22.31 -17.58 94.47
CA THR B 104 23.31 -16.53 94.46
C THR B 104 24.65 -17.14 94.11
N LYS B 105 25.55 -16.30 93.61
CA LYS B 105 26.82 -16.76 93.08
C LYS B 105 27.72 -17.34 94.17
N ASP B 106 27.61 -16.82 95.39
CA ASP B 106 28.36 -17.39 96.49
C ASP B 106 27.73 -18.66 97.02
N GLU B 107 26.41 -18.83 96.83
CA GLU B 107 25.76 -20.05 97.26
C GLU B 107 26.10 -21.21 96.36
N LEU B 108 26.38 -20.92 95.08
CA LEU B 108 26.48 -21.99 94.09
C LEU B 108 27.79 -22.77 94.24
N LEU B 109 28.89 -22.08 94.54
CA LEU B 109 30.14 -22.77 94.80
C LEU B 109 30.09 -23.57 96.08
N GLU B 110 29.37 -23.06 97.08
CA GLU B 110 29.13 -23.82 98.31
C GLU B 110 28.30 -25.07 98.05
N ASP B 111 27.38 -24.99 97.08
CA ASP B 111 26.57 -26.14 96.71
C ASP B 111 27.38 -27.18 95.94
N PHE B 112 28.43 -26.77 95.25
CA PHE B 112 29.36 -27.74 94.70
C PHE B 112 30.36 -28.24 95.73
N GLU B 113 30.61 -27.44 96.77
CA GLU B 113 31.35 -27.92 97.93
C GLU B 113 30.47 -28.81 98.81
N PHE B 114 29.15 -28.70 98.66
CA PHE B 114 28.19 -29.48 99.42
C PHE B 114 28.29 -30.97 99.10
N ALA B 115 28.23 -31.32 97.82
CA ALA B 115 28.28 -32.72 97.43
C ALA B 115 29.73 -33.17 97.20
N PRO B 116 30.05 -34.43 97.50
CA PRO B 116 31.40 -34.93 97.22
C PRO B 116 31.69 -35.11 95.75
N GLU B 117 30.66 -35.24 94.91
CA GLU B 117 30.82 -35.40 93.48
C GLU B 117 29.82 -34.48 92.79
N THR B 118 30.21 -33.97 91.61
CA THR B 118 29.34 -33.11 90.81
C THR B 118 28.07 -33.81 90.36
N ALA B 119 28.09 -35.14 90.29
CA ALA B 119 26.93 -35.95 89.95
C ALA B 119 25.97 -36.15 91.12
N GLN B 120 26.20 -35.48 92.25
CA GLN B 120 25.24 -35.49 93.34
C GLN B 120 24.93 -34.08 93.85
N SER B 121 25.28 -33.05 93.08
CA SER B 121 25.12 -31.68 93.52
C SER B 121 23.65 -31.26 93.48
N GLY B 122 23.39 -30.04 93.96
CA GLY B 122 22.05 -29.50 93.89
C GLY B 122 21.76 -28.82 92.57
N LEU B 123 22.79 -28.29 91.90
CA LEU B 123 22.59 -27.75 90.58
C LEU B 123 22.48 -28.85 89.54
N TYR B 124 23.13 -29.99 89.80
CA TYR B 124 22.99 -31.17 88.95
C TYR B 124 21.57 -31.71 88.96
N LYS B 125 20.82 -31.46 90.04
CA LYS B 125 19.44 -31.89 90.08
C LYS B 125 18.58 -31.06 89.14
N HIS B 126 18.86 -29.78 89.01
CA HIS B 126 18.01 -28.91 88.19
C HIS B 126 18.44 -28.85 86.74
N VAL B 127 19.72 -29.11 86.46
CA VAL B 127 20.19 -29.08 85.08
C VAL B 127 19.98 -30.44 84.42
N TYR B 128 20.39 -31.50 85.09
CA TYR B 128 20.36 -32.83 84.50
C TYR B 128 19.07 -33.57 84.81
N SER B 129 18.80 -33.80 86.10
CA SER B 129 17.80 -34.82 86.45
C SER B 129 16.38 -34.31 86.36
N ALA B 130 16.12 -33.05 86.69
CA ALA B 130 14.77 -32.54 86.56
C ALA B 130 14.42 -32.22 85.11
N GLY B 131 15.41 -32.13 84.24
CA GLY B 131 15.22 -31.84 82.85
C GLY B 131 15.57 -33.03 81.98
N TYR B 132 16.83 -33.04 81.55
CA TYR B 132 17.35 -34.02 80.61
C TYR B 132 17.26 -35.46 81.13
N GLY B 133 17.71 -35.69 82.36
CA GLY B 133 17.64 -37.02 82.91
C GLY B 133 16.29 -37.35 83.50
N GLN B 134 15.26 -37.36 82.67
CA GLN B 134 13.89 -37.51 83.13
C GLN B 134 13.07 -38.08 81.98
N PHE B 135 12.24 -39.07 82.27
CA PHE B 135 11.38 -39.64 81.24
C PHE B 135 10.31 -38.64 80.84
N GLY B 136 10.37 -38.19 79.59
CA GLY B 136 9.42 -37.23 79.07
C GLY B 136 9.71 -35.79 79.36
N GLY B 137 10.62 -35.50 80.28
CA GLY B 137 10.93 -34.12 80.61
C GLY B 137 11.74 -33.45 79.51
N GLU B 138 11.48 -32.16 79.34
CA GLU B 138 12.19 -31.40 78.32
C GLU B 138 13.63 -31.15 78.74
N PRO B 139 14.60 -31.37 77.87
CA PRO B 139 16.00 -31.28 78.27
C PRO B 139 16.52 -29.86 78.13
N VAL B 140 17.68 -29.63 78.76
CA VAL B 140 18.22 -28.29 78.92
C VAL B 140 19.18 -27.97 77.78
N GLY B 141 18.92 -26.88 77.08
CA GLY B 141 19.78 -26.47 75.99
C GLY B 141 21.03 -25.74 76.44
N ALA B 142 20.88 -24.72 77.29
CA ALA B 142 22.02 -23.96 77.74
C ALA B 142 21.72 -23.35 79.11
N ILE B 143 22.78 -22.98 79.82
CA ILE B 143 22.66 -22.37 81.14
C ILE B 143 23.15 -20.94 81.05
N ILE B 144 22.24 -19.99 81.24
CA ILE B 144 22.61 -18.58 81.28
C ILE B 144 23.17 -18.28 82.66
N GLY B 145 24.43 -17.88 82.71
CA GLY B 145 25.02 -17.45 83.96
C GLY B 145 24.95 -15.95 84.11
N ASN B 146 24.17 -15.47 85.07
CA ASN B 146 23.98 -14.05 85.29
C ASN B 146 25.01 -13.52 86.29
N TYR B 147 26.28 -13.80 85.97
CA TYR B 147 27.37 -13.67 86.91
C TYR B 147 28.40 -12.68 86.39
N ALA B 148 29.35 -12.35 87.25
CA ALA B 148 30.48 -11.49 86.89
C ALA B 148 31.73 -12.20 87.38
N PHE B 149 32.42 -12.88 86.48
CA PHE B 149 33.49 -13.77 86.86
C PHE B 149 34.81 -13.03 87.04
N THR B 150 35.50 -13.35 88.11
CA THR B 150 36.86 -12.97 88.42
C THR B 150 37.78 -14.11 88.01
N PRO B 151 39.09 -13.88 87.92
CA PRO B 151 39.99 -15.01 87.69
C PRO B 151 40.50 -15.66 88.96
N SER B 152 39.85 -15.39 90.09
CA SER B 152 40.30 -15.91 91.37
C SER B 152 39.90 -17.37 91.53
N THR B 153 40.40 -17.98 92.59
CA THR B 153 40.14 -19.38 92.93
C THR B 153 38.66 -19.68 93.24
N PRO B 154 37.87 -18.84 93.92
CA PRO B 154 36.43 -19.15 94.01
C PRO B 154 35.63 -18.96 92.73
N ASP B 155 36.25 -18.55 91.62
CA ASP B 155 35.57 -18.50 90.34
C ASP B 155 36.20 -19.37 89.27
N MET B 156 37.39 -19.91 89.51
CA MET B 156 37.90 -20.98 88.67
C MET B 156 37.57 -22.36 89.23
N LYS B 157 37.19 -22.43 90.50
CA LYS B 157 36.66 -23.67 91.05
C LYS B 157 35.21 -23.86 90.64
N LEU B 158 34.49 -22.78 90.45
CA LEU B 158 33.11 -22.88 89.99
C LEU B 158 33.06 -23.35 88.54
N LEU B 159 33.89 -22.76 87.67
CA LEU B 159 33.86 -23.13 86.26
C LEU B 159 34.43 -24.51 86.01
N GLN B 160 35.32 -24.98 86.88
CA GLN B 160 35.72 -26.37 86.79
C GLN B 160 34.57 -27.30 87.13
N TYR B 161 33.70 -26.88 88.03
CA TYR B 161 32.50 -27.63 88.38
C TYR B 161 31.30 -27.26 87.53
N MET B 162 31.45 -26.34 86.59
CA MET B 162 30.42 -26.12 85.59
C MET B 162 30.77 -26.70 84.22
N GLY B 163 32.06 -26.86 83.94
CA GLY B 163 32.45 -27.61 82.76
C GLY B 163 32.17 -29.08 82.90
N ALA B 164 32.31 -29.62 84.11
CA ALA B 164 31.96 -31.02 84.35
C ALA B 164 30.45 -31.20 84.38
N LEU B 165 29.71 -30.19 84.84
CA LEU B 165 28.25 -30.28 84.76
C LEU B 165 27.77 -30.13 83.32
N GLY B 166 28.43 -29.27 82.54
CA GLY B 166 28.06 -29.10 81.15
C GLY B 166 28.42 -30.28 80.27
N ALA B 167 29.35 -31.10 80.70
CA ALA B 167 29.70 -32.30 79.94
C ALA B 167 28.82 -33.49 80.31
N MET B 168 28.00 -33.36 81.34
CA MET B 168 27.09 -34.45 81.68
C MET B 168 25.71 -34.24 81.10
N ALA B 169 25.20 -33.02 81.12
CA ALA B 169 23.87 -32.73 80.60
C ALA B 169 23.89 -32.20 79.18
N HIS B 170 25.08 -32.12 78.57
CA HIS B 170 25.29 -31.65 77.19
C HIS B 170 24.73 -30.25 76.97
N ALA B 171 25.05 -29.36 77.88
CA ALA B 171 24.55 -28.00 77.76
C ALA B 171 25.65 -27.03 78.17
N PRO B 172 26.08 -26.14 77.28
CA PRO B 172 27.15 -25.23 77.64
C PRO B 172 26.67 -24.14 78.57
N PHE B 173 27.53 -23.78 79.52
CA PHE B 173 27.24 -22.74 80.50
C PHE B 173 27.77 -21.41 79.98
N ILE B 174 26.86 -20.50 79.63
CA ILE B 174 27.23 -19.19 79.13
C ILE B 174 27.06 -18.15 80.22
N SER B 175 28.11 -17.38 80.46
CA SER B 175 28.14 -16.33 81.46
C SER B 175 29.08 -15.24 80.95
N SER B 176 29.52 -14.35 81.82
CA SER B 176 30.38 -13.27 81.37
C SER B 176 31.51 -13.04 82.37
N VAL B 177 32.61 -12.52 81.85
CA VAL B 177 33.71 -12.07 82.66
C VAL B 177 33.49 -10.60 83.00
N GLY B 178 34.13 -10.15 84.07
CA GLY B 178 33.96 -8.79 84.52
C GLY B 178 35.07 -7.88 84.04
N PRO B 179 34.99 -6.60 84.42
CA PRO B 179 36.12 -5.70 84.16
C PRO B 179 37.38 -6.15 84.86
N GLU B 180 37.26 -6.58 86.12
CA GLU B 180 38.40 -7.02 86.92
C GLU B 180 39.00 -8.32 86.41
N PHE B 181 38.33 -9.01 85.50
CA PHE B 181 38.92 -10.19 84.88
C PHE B 181 40.11 -9.80 84.02
N PHE B 182 39.99 -8.71 83.28
CA PHE B 182 41.10 -8.24 82.46
C PHE B 182 42.10 -7.42 83.26
N GLY B 183 41.78 -7.05 84.50
CA GLY B 183 42.67 -6.28 85.32
C GLY B 183 42.68 -4.81 85.00
N ILE B 184 41.50 -4.21 84.84
CA ILE B 184 41.38 -2.80 84.52
C ILE B 184 40.55 -2.01 85.52
N ASP B 185 39.67 -2.67 86.29
CA ASP B 185 38.90 -2.11 87.42
C ASP B 185 37.92 -1.01 87.04
N SER B 186 37.81 -0.70 85.75
CA SER B 186 36.92 0.30 85.19
C SER B 186 36.91 0.01 83.71
N PHE B 187 35.73 -0.16 83.10
CA PHE B 187 35.69 -0.97 81.90
C PHE B 187 36.04 -0.22 80.63
N GLU B 188 35.79 1.09 80.56
CA GLU B 188 35.93 1.81 79.29
C GLU B 188 37.36 2.01 78.83
N GLU B 189 38.35 1.48 79.56
CA GLU B 189 39.74 1.50 79.12
C GLU B 189 40.17 0.17 78.52
N LEU B 190 39.26 -0.55 77.88
CA LEU B 190 39.63 -1.81 77.24
C LEU B 190 40.34 -1.66 75.89
N PRO B 191 39.95 -0.76 74.96
CA PRO B 191 40.76 -0.60 73.75
C PRO B 191 42.14 0.00 73.99
N ASN B 192 42.40 0.56 75.17
CA ASN B 192 43.72 1.06 75.49
C ASN B 192 44.72 -0.08 75.69
N ILE B 193 44.24 -1.30 75.89
CA ILE B 193 45.11 -2.46 76.01
C ILE B 193 45.80 -2.72 74.68
N LYS B 194 47.12 -2.62 74.67
CA LYS B 194 47.88 -2.74 73.44
C LYS B 194 48.41 -4.14 73.20
N ASP B 195 48.37 -5.02 74.19
CA ASP B 195 48.77 -6.41 73.99
C ASP B 195 48.00 -7.24 75.01
N LEU B 196 46.94 -7.90 74.54
CA LEU B 196 46.08 -8.71 75.39
C LEU B 196 46.52 -10.17 75.43
N LYS B 197 47.38 -10.58 74.49
CA LYS B 197 47.92 -11.93 74.51
C LYS B 197 48.88 -12.12 75.68
N SER B 198 49.69 -11.11 75.98
CA SER B 198 50.63 -11.22 77.09
C SER B 198 49.96 -11.07 78.44
N THR B 199 48.77 -10.47 78.48
CA THR B 199 48.05 -10.33 79.74
C THR B 199 47.58 -11.70 80.24
N PHE B 200 47.18 -12.58 79.33
CA PHE B 200 46.67 -13.88 79.71
C PHE B 200 47.76 -14.89 80.03
N GLU B 201 49.02 -14.58 79.73
CA GLU B 201 50.16 -15.44 80.06
C GLU B 201 50.88 -14.96 81.32
N SER B 202 50.12 -14.43 82.31
CA SER B 202 50.48 -13.97 83.63
C SER B 202 50.25 -15.07 84.67
N PRO B 203 51.06 -15.10 85.73
CA PRO B 203 50.86 -16.14 86.76
C PRO B 203 49.63 -15.94 87.63
N LYS B 204 48.88 -14.85 87.47
CA LYS B 204 47.60 -14.75 88.13
C LYS B 204 46.58 -15.68 87.49
N TYR B 205 46.79 -16.05 86.23
CA TYR B 205 45.85 -16.85 85.45
C TYR B 205 46.30 -18.29 85.32
N THR B 206 46.92 -18.87 86.35
CA THR B 206 47.31 -20.28 86.27
C THR B 206 46.09 -21.18 86.39
N LYS B 207 45.08 -20.75 87.14
CA LYS B 207 43.81 -21.46 87.19
C LYS B 207 42.88 -21.11 86.03
N TRP B 208 43.31 -20.26 85.12
CA TRP B 208 42.61 -20.01 83.86
C TRP B 208 43.19 -20.80 82.71
N ARG B 209 44.52 -20.77 82.55
CA ARG B 209 45.18 -21.50 81.49
C ARG B 209 45.17 -23.00 81.72
N SER B 210 44.92 -23.45 82.95
CA SER B 210 44.68 -24.86 83.20
C SER B 210 43.21 -25.22 83.02
N LEU B 211 42.30 -24.26 83.16
CA LEU B 211 40.91 -24.50 82.81
C LEU B 211 40.74 -24.65 81.31
N ARG B 212 41.47 -23.86 80.53
CA ARG B 212 41.31 -23.87 79.08
C ARG B 212 41.80 -25.17 78.47
N GLU B 213 42.88 -25.74 79.01
CA GLU B 213 43.41 -26.99 78.48
C GLU B 213 42.54 -28.19 78.80
N SER B 214 41.62 -28.06 79.75
CA SER B 214 40.85 -29.19 80.22
C SER B 214 39.83 -29.64 79.16
N GLU B 215 39.42 -30.90 79.28
CA GLU B 215 38.56 -31.51 78.26
C GLU B 215 37.12 -31.03 78.40
N ASP B 216 36.62 -30.92 79.61
CA ASP B 216 35.24 -30.50 79.82
C ASP B 216 35.03 -29.00 79.74
N ALA B 217 36.05 -28.23 79.38
CA ALA B 217 35.90 -26.79 79.16
C ALA B 217 35.19 -26.47 77.86
N ARG B 218 34.92 -27.50 77.04
CA ARG B 218 34.23 -27.34 75.77
C ARG B 218 32.82 -26.80 75.96
N TYR B 219 32.21 -27.04 77.11
CA TYR B 219 30.86 -26.62 77.43
C TYR B 219 30.86 -25.37 78.28
N LEU B 220 31.78 -24.44 78.01
CA LEU B 220 31.87 -23.20 78.77
C LEU B 220 32.21 -22.07 77.81
N GLY B 221 31.24 -21.21 77.53
CA GLY B 221 31.47 -19.96 76.83
C GLY B 221 31.32 -18.81 77.79
N LEU B 222 32.22 -17.83 77.68
CA LEU B 222 32.14 -16.64 78.52
C LEU B 222 32.04 -15.41 77.62
N THR B 223 31.00 -14.62 77.85
CA THR B 223 30.50 -13.69 76.84
C THR B 223 31.17 -12.32 76.97
N ALA B 224 30.52 -11.34 76.36
CA ALA B 224 30.85 -10.00 75.92
C ALA B 224 31.15 -9.01 77.05
N PRO B 225 31.49 -7.74 76.74
CA PRO B 225 31.54 -6.72 77.80
C PRO B 225 30.31 -6.57 78.69
N ARG B 226 29.23 -5.97 78.20
CA ARG B 226 27.97 -5.65 78.86
C ARG B 226 27.13 -4.95 77.80
N PHE B 227 25.85 -4.72 78.12
CA PHE B 227 25.01 -4.00 77.18
C PHE B 227 23.96 -3.24 77.95
N LEU B 228 23.42 -2.20 77.31
CA LEU B 228 22.49 -1.27 77.92
C LEU B 228 21.07 -1.83 77.90
N LEU B 229 20.31 -1.52 78.96
CA LEU B 229 18.94 -2.00 79.09
C LEU B 229 17.91 -0.88 79.06
N ARG B 230 18.09 0.17 79.84
CA ARG B 230 17.08 1.19 80.02
C ARG B 230 17.60 2.54 79.56
N VAL B 231 16.88 3.14 78.62
CA VAL B 231 17.10 4.55 78.28
C VAL B 231 16.70 5.40 79.48
N PRO B 232 17.56 6.32 79.93
CA PRO B 232 17.15 7.23 81.01
C PRO B 232 16.02 8.15 80.56
N TYR B 233 15.08 8.39 81.46
CA TYR B 233 13.80 8.98 81.12
C TYR B 233 13.95 10.47 80.82
N ASP B 234 12.90 11.02 80.21
CA ASP B 234 12.95 12.38 79.70
C ASP B 234 11.52 12.89 79.61
N PRO B 235 11.24 14.15 79.95
CA PRO B 235 9.86 14.65 79.88
C PRO B 235 9.32 14.84 78.46
N ILE B 236 10.13 14.64 77.43
CA ILE B 236 9.68 14.74 76.04
C ILE B 236 9.75 13.39 75.34
N GLU B 237 10.87 12.68 75.48
CA GLU B 237 11.08 11.44 74.74
C GLU B 237 10.32 10.27 75.36
N ASN B 238 10.65 9.91 76.60
CA ASN B 238 10.04 8.79 77.32
C ASN B 238 9.47 9.33 78.62
N PRO B 239 8.28 9.90 78.59
CA PRO B 239 7.74 10.56 79.79
C PRO B 239 7.17 9.56 80.78
N VAL B 240 6.85 10.07 81.97
CA VAL B 240 6.16 9.30 82.99
C VAL B 240 4.83 9.97 83.28
N LYS B 241 3.90 9.19 83.86
CA LYS B 241 2.53 9.62 84.02
C LYS B 241 2.41 10.66 85.14
N SER B 242 1.87 11.84 84.79
CA SER B 242 1.58 12.95 85.70
C SER B 242 2.82 13.45 86.42
N PHE B 243 3.98 13.38 85.75
CA PHE B 243 5.24 13.81 86.31
C PHE B 243 6.22 14.05 85.17
N ASN B 244 7.18 14.94 85.39
CA ASN B 244 8.26 15.19 84.44
C ASN B 244 9.57 14.76 85.10
N TYR B 245 10.19 13.71 84.58
CA TYR B 245 11.35 13.09 85.19
C TYR B 245 12.53 13.13 84.23
N ALA B 246 13.50 13.99 84.51
CA ALA B 246 14.75 14.05 83.76
C ALA B 246 15.82 13.36 84.61
N GLU B 247 16.20 12.15 84.22
CA GLU B 247 17.16 11.36 84.98
C GLU B 247 18.56 11.90 84.70
N ASN B 248 19.09 12.65 85.65
CA ASN B 248 20.39 13.29 85.51
C ASN B 248 21.50 12.25 85.62
N VAL B 249 21.96 11.74 84.48
CA VAL B 249 23.02 10.76 84.45
C VAL B 249 24.36 11.50 84.48
N SER B 250 25.18 11.20 85.48
CA SER B 250 26.43 11.89 85.70
C SER B 250 27.51 11.33 84.77
N ALA B 251 28.75 11.74 85.01
CA ALA B 251 29.87 11.26 84.20
C ALA B 251 30.22 9.81 84.51
N SER B 252 29.79 9.30 85.67
CA SER B 252 29.95 7.89 85.97
C SER B 252 28.99 7.08 85.11
N HIS B 253 29.51 6.21 84.26
CA HIS B 253 28.69 5.38 83.40
C HIS B 253 28.25 4.09 84.10
N GLU B 254 28.42 3.99 85.42
CA GLU B 254 27.86 2.88 86.17
C GLU B 254 26.40 3.10 86.53
N HIS B 255 25.87 4.31 86.33
CA HIS B 255 24.49 4.60 86.68
C HIS B 255 23.51 4.15 85.59
N TYR B 256 23.98 3.98 84.36
CA TYR B 256 23.17 3.33 83.34
C TYR B 256 22.88 1.89 83.75
N LEU B 257 21.69 1.42 83.39
CA LEU B 257 21.28 0.06 83.76
C LEU B 257 21.98 -0.91 82.81
N TRP B 258 23.21 -1.28 83.17
CA TRP B 258 23.98 -2.18 82.34
C TRP B 258 23.62 -3.62 82.66
N GLY B 259 23.15 -4.36 81.67
CA GLY B 259 22.76 -5.73 81.83
C GLY B 259 23.93 -6.69 81.70
N ASN B 260 23.61 -7.98 81.74
CA ASN B 260 24.59 -9.04 81.56
C ASN B 260 24.38 -9.69 80.20
N THR B 261 25.45 -9.86 79.43
CA THR B 261 25.32 -10.24 78.03
C THR B 261 25.07 -11.73 77.83
N ALA B 262 25.08 -12.52 78.91
CA ALA B 262 24.61 -13.90 78.81
C ALA B 262 23.13 -13.94 78.50
N PHE B 263 22.38 -12.90 78.88
CA PHE B 263 21.04 -12.69 78.35
C PHE B 263 21.06 -12.49 76.85
N ALA B 264 21.91 -11.58 76.38
CA ALA B 264 21.87 -11.18 74.98
C ALA B 264 22.49 -12.20 74.05
N PHE B 265 23.42 -13.02 74.52
CA PHE B 265 23.95 -14.08 73.67
C PHE B 265 23.00 -15.26 73.58
N ALA B 266 22.26 -15.54 74.64
CA ALA B 266 21.22 -16.56 74.56
C ALA B 266 19.99 -16.09 73.83
N THR B 267 19.89 -14.79 73.55
CA THR B 267 18.86 -14.33 72.63
C THR B 267 19.12 -14.87 71.22
N ARG B 268 20.39 -14.98 70.85
CA ARG B 268 20.74 -15.50 69.54
C ARG B 268 20.77 -17.02 69.48
N LEU B 269 20.90 -17.69 70.61
CA LEU B 269 20.67 -19.13 70.64
C LEU B 269 19.22 -19.46 70.38
N THR B 270 18.32 -18.62 70.83
CA THR B 270 16.91 -18.95 70.75
C THR B 270 16.26 -18.38 69.50
N ASP B 271 16.68 -17.18 69.06
CA ASP B 271 16.17 -16.66 67.81
C ASP B 271 16.75 -17.38 66.60
N SER B 272 17.81 -18.16 66.78
CA SER B 272 18.20 -19.11 65.74
C SER B 272 17.36 -20.38 65.80
N PHE B 273 16.93 -20.77 67.00
CA PHE B 273 16.11 -21.97 67.10
C PHE B 273 14.67 -21.71 66.67
N ALA B 274 14.18 -20.49 66.84
CA ALA B 274 12.81 -20.20 66.45
C ALA B 274 12.62 -20.10 64.95
N LYS B 275 13.70 -20.07 64.19
CA LYS B 275 13.63 -19.95 62.74
C LYS B 275 13.97 -21.24 62.02
N TYR B 276 15.02 -21.95 62.45
CA TYR B 276 15.50 -23.12 61.74
C TYR B 276 15.42 -24.40 62.56
N ARG B 277 14.98 -24.33 63.82
CA ARG B 277 14.91 -25.46 64.77
C ARG B 277 16.26 -26.12 64.99
N TRP B 278 17.34 -25.35 64.86
CA TRP B 278 18.68 -25.75 65.25
C TRP B 278 19.37 -24.50 65.77
N CYS B 279 20.63 -24.64 66.14
CA CYS B 279 21.44 -23.49 66.52
C CYS B 279 22.93 -23.68 66.18
N PRO B 280 23.29 -23.57 64.90
CA PRO B 280 24.67 -23.14 64.61
C PRO B 280 24.74 -21.67 64.25
N ASN B 281 23.59 -21.02 64.08
CA ASN B 281 23.52 -19.69 63.49
C ASN B 281 23.55 -18.63 64.59
N ILE B 282 24.76 -18.37 65.10
CA ILE B 282 24.94 -17.40 66.16
C ILE B 282 26.10 -16.44 65.92
N ILE B 283 26.77 -16.50 64.77
CA ILE B 283 27.97 -15.72 64.59
C ILE B 283 27.90 -14.78 63.39
N GLY B 284 26.70 -14.34 63.00
CA GLY B 284 26.56 -13.53 61.82
C GLY B 284 25.92 -12.17 62.03
N PRO B 285 26.61 -11.12 61.59
CA PRO B 285 25.97 -9.78 61.57
C PRO B 285 24.83 -9.70 60.60
N GLN B 286 24.81 -10.54 59.56
CA GLN B 286 23.63 -10.71 58.72
C GLN B 286 23.20 -12.17 58.69
N SER B 287 23.63 -12.97 59.65
CA SER B 287 23.33 -14.39 59.62
C SER B 287 23.02 -14.95 60.99
N GLY B 288 22.50 -14.12 61.89
CA GLY B 288 21.98 -14.59 63.15
C GLY B 288 22.84 -14.39 64.38
N GLY B 289 23.77 -13.44 64.35
CA GLY B 289 24.51 -13.11 65.55
C GLY B 289 24.42 -11.63 65.81
N ALA B 290 23.39 -11.00 65.28
CA ALA B 290 23.22 -9.55 65.35
C ALA B 290 22.22 -9.21 66.44
N VAL B 291 22.72 -8.72 67.57
CA VAL B 291 21.86 -8.26 68.66
C VAL B 291 21.32 -6.89 68.23
N GLU B 292 20.09 -6.86 67.75
CA GLU B 292 19.48 -5.64 67.27
C GLU B 292 18.65 -4.99 68.35
N ASP B 293 18.19 -3.76 68.06
CA ASP B 293 17.29 -2.96 68.90
C ASP B 293 17.90 -2.71 70.28
N LEU B 294 19.13 -2.24 70.28
CA LEU B 294 19.72 -1.84 71.55
C LEU B 294 19.23 -0.47 71.97
N PRO B 295 19.20 -0.18 73.26
CA PRO B 295 18.89 1.17 73.71
C PRO B 295 20.02 2.13 73.41
N VAL B 296 19.67 3.32 72.94
CA VAL B 296 20.64 4.39 72.72
C VAL B 296 20.23 5.61 73.52
N HIS B 297 21.21 6.44 73.84
CA HIS B 297 20.99 7.63 74.65
C HIS B 297 21.80 8.76 74.04
N VAL B 298 21.13 9.58 73.22
CA VAL B 298 21.78 10.71 72.56
C VAL B 298 21.93 11.82 73.59
N PHE B 299 23.15 12.15 73.95
CA PHE B 299 23.43 13.24 74.88
C PHE B 299 24.42 14.20 74.24
N GLU B 300 24.63 15.32 74.92
CA GLU B 300 25.52 16.37 74.43
C GLU B 300 26.94 16.10 74.91
N SER B 301 27.87 15.96 73.99
CA SER B 301 29.28 15.82 74.31
C SER B 301 29.91 17.20 74.41
N MET B 302 31.24 17.25 74.38
CA MET B 302 31.98 18.52 74.41
C MET B 302 31.87 19.22 73.06
N GLY B 303 30.69 19.79 72.83
CA GLY B 303 30.40 20.53 71.62
C GLY B 303 29.48 19.81 70.63
N ALA B 304 29.70 18.52 70.45
CA ALA B 304 28.99 17.74 69.44
C ALA B 304 27.79 17.02 70.06
N LEU B 305 27.02 16.38 69.20
CA LEU B 305 25.87 15.59 69.59
C LEU B 305 26.19 14.13 69.27
N GLN B 306 26.57 13.36 70.29
CA GLN B 306 26.93 11.97 70.10
C GLN B 306 25.92 11.08 70.80
N SER B 307 26.13 9.77 70.68
CA SER B 307 25.29 8.78 71.32
C SER B 307 26.11 7.94 72.28
N LYS B 308 25.51 7.59 73.41
CA LYS B 308 26.15 6.67 74.33
C LYS B 308 26.21 5.28 73.73
N ILE B 309 27.39 4.67 73.76
CA ILE B 309 27.58 3.37 73.13
C ILE B 309 26.87 2.29 73.92
N PRO B 310 26.00 1.49 73.30
CA PRO B 310 25.21 0.54 74.07
C PRO B 310 26.01 -0.62 74.65
N THR B 311 27.16 -0.96 74.08
CA THR B 311 28.15 -1.75 74.80
C THR B 311 29.23 -0.79 75.26
N GLU B 312 29.84 -1.08 76.41
CA GLU B 312 30.62 -0.06 77.11
C GLU B 312 31.94 0.26 76.44
N VAL B 313 32.41 -0.58 75.54
CA VAL B 313 33.59 -0.27 74.74
C VAL B 313 33.26 -0.51 73.28
N LEU B 314 34.02 0.14 72.40
CA LEU B 314 33.97 -0.13 70.98
C LEU B 314 35.06 -1.14 70.68
N ILE B 315 34.67 -2.40 70.54
CA ILE B 315 35.62 -3.47 70.29
C ILE B 315 36.05 -3.39 68.82
N THR B 316 37.35 -3.23 68.59
CA THR B 316 37.86 -3.20 67.25
C THR B 316 37.90 -4.61 66.66
N ASP B 317 38.29 -4.71 65.40
CA ASP B 317 38.33 -6.02 64.77
C ASP B 317 39.56 -6.81 65.21
N ARG B 318 40.67 -6.13 65.50
CA ARG B 318 41.85 -6.83 65.99
C ARG B 318 41.69 -7.24 67.44
N LYS B 319 41.02 -6.40 68.24
CA LYS B 319 40.75 -6.76 69.63
C LYS B 319 39.78 -7.93 69.71
N GLU B 320 38.82 -8.00 68.79
CA GLU B 320 37.86 -9.10 68.82
C GLU B 320 38.50 -10.39 68.33
N PHE B 321 39.39 -10.30 67.35
CA PHE B 321 40.11 -11.49 66.91
C PHE B 321 41.09 -11.97 67.97
N GLU B 322 41.63 -11.07 68.77
CA GLU B 322 42.51 -11.50 69.85
C GLU B 322 41.71 -12.08 71.00
N LEU B 323 40.46 -11.62 71.19
CA LEU B 323 39.56 -12.29 72.12
C LEU B 323 39.05 -13.61 71.58
N ALA B 324 38.98 -13.75 70.25
CA ALA B 324 38.49 -14.99 69.67
C ALA B 324 39.51 -16.11 69.82
N GLU B 325 40.80 -15.77 69.70
CA GLU B 325 41.83 -16.78 69.89
C GLU B 325 41.97 -17.16 71.36
N GLU B 326 41.67 -16.24 72.28
CA GLU B 326 41.80 -16.49 73.70
C GLU B 326 40.49 -16.94 74.35
N GLY B 327 39.51 -17.35 73.57
CA GLY B 327 38.32 -17.96 74.10
C GLY B 327 37.33 -17.00 74.72
N PHE B 328 36.78 -16.08 73.92
CA PHE B 328 35.79 -15.14 74.41
C PHE B 328 34.78 -14.87 73.31
N ILE B 329 33.54 -14.69 73.70
CA ILE B 329 32.46 -14.37 72.77
C ILE B 329 32.23 -12.87 72.89
N ALA B 330 32.94 -12.09 72.08
CA ALA B 330 32.87 -10.65 72.18
C ALA B 330 31.75 -10.10 71.30
N LEU B 331 31.26 -8.92 71.67
CA LEU B 331 30.16 -8.26 70.98
C LEU B 331 30.63 -6.90 70.48
N THR B 332 31.04 -6.84 69.22
CA THR B 332 31.34 -5.56 68.62
C THR B 332 30.05 -4.80 68.33
N MET B 333 30.09 -3.49 68.51
CA MET B 333 28.91 -2.67 68.39
C MET B 333 29.00 -1.89 67.08
N ARG B 334 27.87 -1.79 66.38
CA ARG B 334 27.82 -1.06 65.11
C ARG B 334 27.85 0.43 65.41
N LYS B 335 29.04 1.03 65.31
CA LYS B 335 29.31 2.37 65.80
C LYS B 335 28.47 3.42 65.09
N GLY B 336 27.51 3.99 65.82
CA GLY B 336 26.64 5.00 65.28
C GLY B 336 25.20 4.58 65.15
N SER B 337 24.83 3.41 65.65
CA SER B 337 23.46 2.95 65.56
C SER B 337 23.15 2.09 66.77
N ASP B 338 22.03 1.38 66.72
CA ASP B 338 21.52 0.59 67.82
C ASP B 338 21.64 -0.91 67.55
N ASN B 339 22.71 -1.31 66.87
CA ASN B 339 22.91 -2.71 66.53
C ASN B 339 24.26 -3.16 67.04
N ALA B 340 24.44 -4.47 67.09
CA ALA B 340 25.71 -5.07 67.47
C ALA B 340 25.83 -6.39 66.73
N ALA B 341 26.92 -7.10 66.97
CA ALA B 341 27.15 -8.34 66.24
C ALA B 341 28.12 -9.22 66.99
N PHE B 342 27.88 -10.52 66.97
CA PHE B 342 28.87 -11.50 67.33
C PHE B 342 29.57 -11.95 66.05
N PHE B 343 30.82 -12.38 66.19
CA PHE B 343 31.58 -12.86 65.04
C PHE B 343 32.14 -14.26 65.22
N SER B 344 32.34 -14.71 66.44
CA SER B 344 32.92 -16.02 66.69
C SER B 344 32.51 -16.45 68.09
N ALA B 345 31.85 -17.60 68.20
CA ALA B 345 31.32 -18.06 69.48
C ALA B 345 32.23 -19.07 70.14
N ASN B 346 33.54 -18.90 70.02
CA ASN B 346 34.50 -19.89 70.50
C ASN B 346 34.44 -20.08 72.01
N SER B 347 34.36 -21.34 72.42
CA SER B 347 34.42 -21.66 73.84
C SER B 347 35.84 -21.50 74.34
N ILE B 348 36.01 -21.62 75.66
CA ILE B 348 37.31 -21.33 76.27
C ILE B 348 38.35 -22.42 76.04
N GLN B 349 38.00 -23.50 75.35
CA GLN B 349 38.92 -24.60 75.20
C GLN B 349 40.01 -24.24 74.19
N LYS B 350 41.22 -24.73 74.44
CA LYS B 350 42.29 -24.38 73.51
C LYS B 350 42.51 -25.49 72.50
N PRO B 351 42.75 -25.15 71.24
CA PRO B 351 43.08 -26.16 70.24
C PRO B 351 44.43 -26.77 70.52
N LYS B 352 44.46 -28.03 70.92
CA LYS B 352 45.70 -28.66 71.35
C LYS B 352 46.58 -28.97 70.14
N VAL B 353 47.84 -28.56 70.23
CA VAL B 353 48.76 -28.79 69.12
C VAL B 353 49.17 -30.25 69.12
N PHE B 354 48.87 -30.92 68.08
CA PHE B 354 49.17 -32.31 67.84
C PHE B 354 50.42 -32.42 66.98
N PRO B 355 51.20 -33.51 67.09
CA PRO B 355 52.45 -33.59 66.33
C PRO B 355 52.23 -33.74 64.83
N ASN B 356 53.29 -33.45 64.09
CA ASN B 356 53.18 -33.30 62.64
C ASN B 356 53.21 -34.63 61.88
N THR B 357 52.34 -35.55 62.26
CA THR B 357 52.17 -36.78 61.50
C THR B 357 51.04 -36.59 60.49
N LYS B 358 50.66 -37.68 59.83
CA LYS B 358 49.50 -37.62 58.95
C LYS B 358 48.21 -37.54 59.76
N GLU B 359 48.10 -38.35 60.81
CA GLU B 359 46.94 -38.30 61.68
C GLU B 359 46.97 -37.11 62.62
N GLY B 360 48.15 -36.64 63.01
CA GLY B 360 48.23 -35.53 63.93
C GLY B 360 47.84 -34.21 63.30
N LYS B 361 48.25 -34.01 62.05
CA LYS B 361 47.79 -32.84 61.31
C LYS B 361 46.32 -32.93 60.97
N GLU B 362 45.78 -34.15 60.90
CA GLU B 362 44.35 -34.32 60.69
C GLU B 362 43.56 -34.10 61.97
N ALA B 363 43.96 -34.78 63.05
CA ALA B 363 43.20 -34.70 64.30
C ALA B 363 43.29 -33.34 64.96
N GLU B 364 44.30 -32.53 64.61
CA GLU B 364 44.32 -31.15 65.09
C GLU B 364 43.17 -30.35 64.50
N THR B 365 42.86 -30.57 63.23
CA THR B 365 41.71 -29.91 62.63
C THR B 365 40.42 -30.56 63.10
N ASN B 366 40.49 -31.82 63.53
CA ASN B 366 39.32 -32.47 64.09
C ASN B 366 39.02 -31.95 65.49
N TYR B 367 40.05 -31.81 66.32
CA TYR B 367 39.86 -31.29 67.66
C TYR B 367 39.54 -29.81 67.67
N LYS B 368 39.90 -29.08 66.61
CA LYS B 368 39.58 -27.67 66.52
C LYS B 368 38.09 -27.45 66.35
N LEU B 369 37.39 -28.37 65.69
CA LEU B 369 35.96 -28.22 65.50
C LEU B 369 35.18 -28.43 66.77
N GLY B 370 35.76 -29.09 67.77
CA GLY B 370 35.05 -29.27 69.02
C GLY B 370 34.93 -28.00 69.82
N THR B 371 35.93 -27.14 69.75
CA THR B 371 36.00 -26.01 70.66
C THR B 371 35.11 -24.84 70.25
N GLN B 372 34.58 -24.84 69.02
CA GLN B 372 34.14 -23.57 68.46
C GLN B 372 32.76 -23.15 68.93
N LEU B 373 31.89 -24.09 69.29
CA LEU B 373 30.56 -23.89 69.86
C LEU B 373 29.60 -23.10 68.96
N PRO B 374 29.53 -23.35 67.65
CA PRO B 374 28.17 -23.53 67.16
C PRO B 374 27.98 -25.00 66.88
N TYR B 375 29.09 -25.71 66.78
CA TYR B 375 29.08 -27.11 66.40
C TYR B 375 28.76 -28.02 67.57
N MET B 376 29.02 -27.58 68.80
CA MET B 376 28.51 -28.32 69.94
C MET B 376 26.99 -28.29 69.95
N MET B 377 26.40 -27.18 69.55
CA MET B 377 24.96 -27.06 69.68
C MET B 377 24.23 -27.84 68.59
N ILE B 378 24.92 -28.30 67.54
CA ILE B 378 24.29 -29.24 66.61
C ILE B 378 24.55 -30.69 67.00
N ILE B 379 25.34 -30.95 68.04
CA ILE B 379 25.45 -32.29 68.58
C ILE B 379 24.97 -32.40 70.02
N ASN B 380 24.81 -31.27 70.72
CA ASN B 380 24.05 -31.34 71.96
C ASN B 380 22.61 -31.70 71.66
N ARG B 381 22.05 -31.19 70.57
CA ARG B 381 20.74 -31.64 70.12
C ARG B 381 20.78 -33.08 69.65
N LEU B 382 21.92 -33.53 69.15
CA LEU B 382 22.09 -34.97 68.89
C LEU B 382 22.52 -35.72 70.13
N ALA B 383 22.42 -35.12 71.30
CA ALA B 383 22.40 -35.86 72.55
C ALA B 383 21.09 -35.70 73.27
N HIS B 384 20.30 -34.70 72.91
CA HIS B 384 19.01 -34.56 73.56
C HIS B 384 17.92 -35.29 72.81
N TYR B 385 17.94 -35.26 71.46
CA TYR B 385 16.98 -36.06 70.71
C TYR B 385 17.22 -37.54 70.92
N VAL B 386 18.48 -37.97 70.91
CA VAL B 386 18.74 -39.40 70.82
C VAL B 386 18.59 -40.04 72.19
N LYS B 387 18.78 -39.27 73.25
CA LYS B 387 18.44 -39.73 74.60
C LYS B 387 16.94 -39.93 74.76
N VAL B 388 16.15 -39.01 74.21
CA VAL B 388 14.70 -39.13 74.31
C VAL B 388 14.18 -40.21 73.38
N LEU B 389 14.74 -40.32 72.18
CA LEU B 389 14.19 -41.21 71.17
C LEU B 389 14.47 -42.67 71.49
N GLN B 390 15.63 -42.95 72.07
CA GLN B 390 15.98 -44.29 72.52
C GLN B 390 15.63 -44.52 73.98
N ARG B 391 14.80 -43.67 74.56
CA ARG B 391 14.24 -43.96 75.88
C ARG B 391 12.88 -44.64 75.76
N GLU B 392 12.09 -44.24 74.77
CA GLU B 392 10.82 -44.88 74.50
C GLU B 392 10.98 -46.32 74.07
N GLN B 393 12.11 -46.66 73.47
CA GLN B 393 12.27 -47.95 72.85
C GLN B 393 12.59 -49.07 73.83
N ILE B 394 12.87 -48.77 75.10
CA ILE B 394 13.30 -49.80 76.05
C ILE B 394 12.16 -50.77 76.30
N GLY B 395 12.43 -52.06 76.08
CA GLY B 395 11.40 -53.06 76.17
C GLY B 395 10.85 -53.52 74.85
N ALA B 396 11.35 -53.03 73.73
CA ALA B 396 10.81 -53.40 72.44
C ALA B 396 11.34 -54.75 71.99
N TRP B 397 11.08 -55.08 70.75
CA TRP B 397 11.60 -56.27 70.13
C TRP B 397 12.47 -55.83 68.97
N LYS B 398 13.77 -55.72 69.20
CA LYS B 398 14.63 -55.02 68.27
C LYS B 398 15.77 -55.97 67.93
N GLU B 399 16.67 -55.54 67.06
CA GLU B 399 17.90 -56.26 66.76
C GLU B 399 19.01 -55.24 66.60
N ARG B 400 20.23 -55.74 66.43
CA ARG B 400 21.33 -54.85 66.07
C ARG B 400 21.13 -54.27 64.68
N GLN B 401 20.66 -55.08 63.73
CA GLN B 401 20.31 -54.57 62.41
C GLN B 401 19.11 -53.64 62.48
N ASP B 402 18.20 -53.86 63.43
CA ASP B 402 17.11 -52.92 63.62
C ASP B 402 17.57 -51.67 64.35
N LEU B 403 18.61 -51.80 65.17
CA LEU B 403 19.14 -50.61 65.83
C LEU B 403 19.91 -49.74 64.83
N GLU B 404 20.61 -50.35 63.88
CA GLU B 404 21.30 -49.60 62.84
C GLU B 404 20.32 -48.83 61.98
N ARG B 405 19.13 -49.36 61.76
CA ARG B 405 18.17 -48.79 60.83
C ARG B 405 17.31 -47.71 61.47
N GLU B 406 16.93 -47.87 62.73
CA GLU B 406 16.16 -46.83 63.41
C GLU B 406 16.97 -45.58 63.69
N LEU B 407 18.29 -45.63 63.55
CA LEU B 407 19.12 -44.44 63.66
C LEU B 407 19.56 -43.90 62.31
N ASN B 408 19.86 -44.75 61.34
CA ASN B 408 20.29 -44.26 60.04
C ASN B 408 19.14 -43.65 59.27
N SER B 409 17.95 -44.24 59.35
CA SER B 409 16.80 -43.62 58.72
C SER B 409 16.28 -42.43 59.51
N TRP B 410 16.76 -42.24 60.73
CA TRP B 410 16.37 -41.07 61.51
C TRP B 410 17.26 -39.87 61.25
N ILE B 411 18.58 -40.04 61.29
CA ILE B 411 19.44 -38.86 61.19
C ILE B 411 19.63 -38.43 59.73
N LYS B 412 19.23 -39.25 58.77
CA LYS B 412 19.32 -38.82 57.38
C LYS B 412 18.14 -37.99 56.92
N GLN B 413 17.38 -37.43 57.86
CA GLN B 413 16.57 -36.25 57.59
C GLN B 413 17.25 -34.99 58.09
N TYR B 414 18.40 -35.12 58.74
CA TYR B 414 19.21 -33.99 59.15
C TYR B 414 20.47 -33.86 58.31
N VAL B 415 20.68 -34.77 57.38
CA VAL B 415 21.91 -34.83 56.59
C VAL B 415 21.58 -34.41 55.18
N ALA B 416 22.25 -33.39 54.68
CA ALA B 416 22.14 -32.97 53.28
C ALA B 416 23.54 -33.06 52.69
N ASP B 417 23.91 -34.27 52.25
CA ASP B 417 25.26 -34.54 51.75
C ASP B 417 25.36 -33.97 50.35
N GLN B 418 25.67 -32.69 50.29
CA GLN B 418 25.53 -31.93 49.06
C GLN B 418 26.48 -30.74 49.15
N GLU B 419 27.15 -30.45 48.04
CA GLU B 419 28.24 -29.47 48.08
C GLU B 419 27.70 -28.05 48.21
N ASN B 420 26.63 -27.73 47.50
CA ASN B 420 26.02 -26.41 47.57
C ASN B 420 24.51 -26.52 47.56
N PRO B 421 23.91 -26.84 48.71
CA PRO B 421 22.46 -26.79 48.80
C PRO B 421 22.02 -25.36 49.03
N PRO B 422 20.72 -25.06 48.88
CA PRO B 422 20.24 -23.69 49.17
C PRO B 422 20.39 -23.33 50.64
N ALA B 423 20.17 -22.05 50.92
CA ALA B 423 20.43 -21.50 52.25
C ALA B 423 19.44 -21.98 53.29
N ASP B 424 18.33 -22.59 52.89
CA ASP B 424 17.41 -23.18 53.85
C ASP B 424 17.71 -24.64 54.13
N VAL B 425 18.26 -25.35 53.14
CA VAL B 425 18.60 -26.75 53.35
C VAL B 425 19.84 -26.88 54.23
N ARG B 426 20.69 -25.85 54.25
CA ARG B 426 21.89 -25.88 55.08
C ARG B 426 21.56 -25.75 56.55
N SER B 427 20.51 -25.03 56.90
CA SER B 427 20.24 -24.77 58.31
C SER B 427 19.12 -25.63 58.87
N ARG B 428 18.17 -26.07 58.04
CA ARG B 428 17.24 -27.11 58.49
C ARG B 428 17.94 -28.45 58.66
N ARG B 429 18.94 -28.72 57.82
CA ARG B 429 19.74 -29.94 57.88
C ARG B 429 21.18 -29.55 58.14
N PRO B 430 21.55 -29.30 59.40
CA PRO B 430 22.87 -28.72 59.68
C PRO B 430 24.01 -29.67 59.51
N LEU B 431 23.77 -30.96 59.53
CA LEU B 431 24.82 -31.93 59.33
C LEU B 431 25.13 -32.04 57.85
N ARG B 432 26.21 -32.74 57.53
CA ARG B 432 26.60 -32.98 56.15
C ARG B 432 26.84 -34.46 55.87
N ALA B 433 27.38 -35.20 56.83
CA ALA B 433 27.47 -36.65 56.70
C ALA B 433 27.50 -37.25 58.10
N ALA B 434 26.98 -38.47 58.21
CA ALA B 434 26.85 -39.11 59.51
C ALA B 434 27.08 -40.60 59.37
N ARG B 435 27.98 -41.14 60.18
CA ARG B 435 28.33 -42.54 60.17
C ARG B 435 27.86 -43.16 61.47
N ILE B 436 27.20 -44.31 61.40
CA ILE B 436 26.72 -45.01 62.59
C ILE B 436 27.18 -46.45 62.51
N GLU B 437 28.00 -46.86 63.47
CA GLU B 437 28.58 -48.19 63.49
C GLU B 437 28.17 -48.85 64.80
N VAL B 438 27.14 -49.67 64.75
CA VAL B 438 26.63 -50.35 65.93
C VAL B 438 27.43 -51.63 66.15
N MET B 439 27.96 -51.80 67.36
CA MET B 439 28.71 -52.98 67.75
C MET B 439 27.98 -53.66 68.90
N ASP B 440 28.59 -54.69 69.47
CA ASP B 440 27.98 -55.42 70.56
C ASP B 440 28.81 -55.25 71.83
N VAL B 441 28.31 -55.83 72.92
CA VAL B 441 29.08 -56.02 74.14
C VAL B 441 28.99 -57.50 74.50
N GLU B 442 30.12 -58.17 74.52
CA GLU B 442 30.15 -59.58 74.87
C GLU B 442 30.12 -59.74 76.39
N GLY B 443 29.79 -60.95 76.82
CA GLY B 443 29.65 -61.23 78.23
C GLY B 443 28.21 -61.03 78.69
N ASN B 444 27.72 -59.79 78.60
CA ASN B 444 26.31 -59.48 78.79
C ASN B 444 25.75 -59.12 77.44
N PRO B 445 25.13 -60.04 76.71
CA PRO B 445 24.75 -59.76 75.33
C PRO B 445 23.51 -58.89 75.26
N GLY B 446 23.53 -57.96 74.30
CA GLY B 446 22.45 -57.00 74.13
C GLY B 446 22.75 -55.64 74.73
N TRP B 447 23.94 -55.13 74.47
CA TRP B 447 24.37 -53.81 74.93
C TRP B 447 25.24 -53.27 73.80
N TYR B 448 24.94 -52.07 73.33
CA TYR B 448 25.30 -51.68 71.97
C TYR B 448 26.15 -50.43 71.92
N GLN B 449 27.42 -50.59 71.60
CA GLN B 449 28.35 -49.47 71.54
C GLN B 449 28.31 -48.91 70.13
N VAL B 450 27.43 -47.95 69.88
CA VAL B 450 27.29 -47.42 68.53
C VAL B 450 28.10 -46.15 68.48
N SER B 451 28.54 -45.75 67.28
CA SER B 451 29.42 -44.59 67.16
C SER B 451 28.87 -43.62 66.12
N LEU B 452 27.98 -42.74 66.55
CA LEU B 452 27.45 -41.70 65.67
C LEU B 452 28.50 -40.64 65.39
N SER B 453 28.88 -40.50 64.12
CA SER B 453 29.98 -39.63 63.70
C SER B 453 29.49 -38.60 62.71
N VAL B 454 28.94 -37.50 63.22
CA VAL B 454 28.36 -36.47 62.37
C VAL B 454 29.44 -35.55 61.84
N ARG B 455 29.08 -34.68 60.90
CA ARG B 455 30.01 -33.77 60.27
C ARG B 455 29.23 -32.55 59.81
N PRO B 456 29.69 -31.36 60.11
CA PRO B 456 28.88 -30.17 59.84
C PRO B 456 29.26 -29.48 58.54
N HIS B 457 28.50 -28.45 58.17
CA HIS B 457 28.95 -27.53 57.13
C HIS B 457 29.86 -26.47 57.74
N PHE B 458 30.50 -25.70 56.87
CA PHE B 458 31.55 -24.79 57.27
C PHE B 458 31.22 -23.36 56.84
N LYS B 459 31.27 -22.44 57.79
CA LYS B 459 30.89 -21.04 57.60
C LYS B 459 32.05 -20.24 57.03
N TYR B 460 31.93 -18.91 57.10
CA TYR B 460 32.75 -17.95 56.36
C TYR B 460 33.54 -17.12 57.36
N MET B 461 34.86 -17.23 57.34
CA MET B 461 35.69 -16.49 58.30
C MET B 461 37.09 -16.23 57.74
N GLY B 462 37.33 -14.97 57.39
CA GLY B 462 38.63 -14.51 56.92
C GLY B 462 39.03 -14.83 55.48
N ALA B 463 39.72 -13.90 54.84
CA ALA B 463 40.25 -14.07 53.49
C ALA B 463 41.48 -13.17 53.35
N ASN B 464 41.93 -12.91 52.11
CA ASN B 464 43.14 -12.10 52.02
C ASN B 464 43.04 -10.88 51.11
N PHE B 465 42.46 -11.01 49.89
CA PHE B 465 42.16 -9.90 48.98
C PHE B 465 43.41 -9.08 48.61
N GLU B 466 44.37 -9.76 47.98
CA GLU B 466 45.70 -9.18 47.73
C GLU B 466 45.69 -8.37 46.42
N LEU B 467 45.31 -7.10 46.51
CA LEU B 467 45.11 -6.25 45.35
C LEU B 467 46.41 -5.93 44.62
N SER B 468 46.26 -5.47 43.39
CA SER B 468 47.32 -5.15 42.44
C SER B 468 46.66 -4.45 41.27
N LEU B 469 47.46 -3.92 40.35
CA LEU B 469 46.91 -3.62 39.04
C LEU B 469 47.66 -4.39 37.97
N VAL B 470 46.95 -4.75 36.91
CA VAL B 470 47.52 -5.45 35.77
C VAL B 470 47.85 -4.49 34.64
N GLY B 471 46.94 -3.56 34.36
CA GLY B 471 47.17 -2.55 33.35
C GLY B 471 46.54 -2.85 32.00
N ARG B 472 46.62 -4.10 31.54
CA ARG B 472 46.01 -4.52 30.29
C ARG B 472 44.77 -5.39 30.50
N LEU B 473 44.86 -6.38 31.38
CA LEU B 473 43.74 -7.29 31.61
C LEU B 473 42.77 -6.68 32.62
N PRO C 1 27.58 -55.86 26.21
CA PRO C 1 28.49 -54.73 26.34
C PRO C 1 28.78 -54.40 27.80
N THR C 2 29.94 -53.84 28.08
CA THR C 2 30.27 -53.56 29.46
C THR C 2 29.86 -52.14 29.82
N PRO C 3 29.37 -51.92 31.04
CA PRO C 3 28.95 -50.58 31.43
C PRO C 3 30.11 -49.63 31.58
N CYS C 4 29.84 -48.38 31.32
CA CYS C 4 30.83 -47.31 31.37
C CYS C 4 30.76 -46.61 32.72
N TYR C 5 31.46 -45.50 32.87
CA TYR C 5 31.44 -44.75 34.11
C TYR C 5 31.56 -43.28 33.80
N ILE C 6 30.79 -42.45 34.48
CA ILE C 6 30.76 -41.01 34.24
C ILE C 6 31.01 -40.26 35.53
N SER C 7 31.94 -39.32 35.50
CA SER C 7 32.22 -38.45 36.64
C SER C 7 31.88 -37.02 36.26
N ILE C 8 30.85 -36.46 36.87
CA ILE C 8 30.36 -35.13 36.55
C ILE C 8 30.86 -34.16 37.60
N GLU C 9 31.39 -33.02 37.19
CA GLU C 9 31.75 -31.96 38.11
C GLU C 9 31.05 -30.67 37.72
N GLY C 10 30.25 -30.12 38.63
CA GLY C 10 29.46 -28.95 38.34
C GLY C 10 30.21 -27.66 38.54
N GLN C 11 29.55 -26.56 38.18
CA GLN C 11 30.09 -25.23 38.50
C GLN C 11 30.03 -24.98 40.00
N THR C 12 28.83 -24.98 40.56
CA THR C 12 28.65 -24.63 41.96
C THR C 12 28.48 -25.84 42.88
N GLN C 13 28.10 -27.00 42.34
CA GLN C 13 27.80 -28.14 43.17
C GLN C 13 28.97 -29.09 43.31
N GLY C 14 30.16 -28.64 42.98
CA GLY C 14 31.36 -29.44 43.21
C GLY C 14 31.37 -30.66 42.32
N LEU C 15 31.88 -31.76 42.86
CA LEU C 15 31.83 -33.04 42.18
C LEU C 15 30.46 -33.63 42.44
N ILE C 16 29.63 -33.70 41.40
CA ILE C 16 28.25 -34.12 41.56
C ILE C 16 28.18 -35.61 41.87
N THR C 17 28.93 -36.42 41.16
CA THR C 17 28.82 -37.84 41.38
C THR C 17 29.71 -38.34 42.49
N ALA C 18 30.15 -37.50 43.42
CA ALA C 18 31.00 -37.94 44.53
C ALA C 18 30.15 -38.74 45.49
N GLY C 19 30.24 -40.05 45.40
CA GLY C 19 29.42 -40.90 46.23
C GLY C 19 28.26 -41.55 45.52
N ALA C 20 28.21 -41.50 44.20
CA ALA C 20 27.08 -42.07 43.49
C ALA C 20 27.22 -43.56 43.24
N CYS C 21 28.26 -44.19 43.78
CA CYS C 21 28.38 -45.63 43.87
C CYS C 21 28.84 -46.05 45.25
N THR C 22 28.16 -45.56 46.26
CA THR C 22 28.32 -46.07 47.61
C THR C 22 27.21 -47.05 47.91
N ALA C 23 27.17 -47.53 49.14
CA ALA C 23 26.10 -48.41 49.56
C ALA C 23 24.81 -47.66 49.83
N ASP C 24 24.88 -46.35 50.00
CA ASP C 24 23.66 -45.58 50.20
C ASP C 24 22.97 -45.24 48.89
N SER C 25 23.73 -45.12 47.81
CA SER C 25 23.13 -44.76 46.53
C SER C 25 22.37 -45.92 45.92
N ILE C 26 23.06 -47.01 45.63
CA ILE C 26 22.49 -48.07 44.81
C ILE C 26 22.51 -49.42 45.52
N GLY C 27 22.53 -49.43 46.84
CA GLY C 27 22.42 -50.68 47.57
C GLY C 27 23.66 -51.52 47.52
N ASP C 28 23.53 -52.75 47.01
CA ASP C 28 24.65 -53.68 46.97
C ASP C 28 25.29 -53.79 45.61
N SER C 29 24.87 -52.98 44.64
CA SER C 29 25.48 -53.01 43.32
C SER C 29 26.52 -51.93 43.15
N PHE C 30 27.13 -51.48 44.24
CA PHE C 30 28.17 -50.48 44.07
C PHE C 30 29.50 -51.19 43.89
N VAL C 31 30.46 -50.46 43.34
CA VAL C 31 31.76 -51.00 42.99
C VAL C 31 32.82 -50.22 43.74
N GLU C 32 33.71 -50.92 44.41
CA GLU C 32 34.85 -50.26 45.05
C GLU C 32 35.79 -49.71 44.00
N GLY C 33 36.42 -48.58 44.32
CA GLY C 33 37.30 -47.90 43.41
C GLY C 33 36.61 -46.94 42.46
N HIS C 34 35.32 -47.07 42.27
CA HIS C 34 34.56 -46.17 41.43
C HIS C 34 33.58 -45.39 42.27
N GLU C 35 34.04 -44.92 43.41
CA GLU C 35 33.17 -44.26 44.38
C GLU C 35 32.70 -42.90 43.90
N ASP C 36 33.34 -42.31 42.91
CA ASP C 36 32.98 -40.99 42.44
C ASP C 36 32.33 -41.00 41.06
N GLU C 37 31.94 -42.17 40.57
CA GLU C 37 31.55 -42.32 39.18
C GLU C 37 30.26 -43.11 39.11
N MET C 38 29.26 -42.58 38.42
CA MET C 38 28.02 -43.32 38.23
C MET C 38 28.25 -44.51 37.31
N LEU C 39 27.27 -45.40 37.28
CA LEU C 39 27.36 -46.60 36.45
C LEU C 39 26.41 -46.43 35.28
N VAL C 40 26.96 -46.26 34.08
CA VAL C 40 26.21 -45.88 32.91
C VAL C 40 25.83 -47.10 32.10
N GLN C 41 24.54 -47.28 31.85
CA GLN C 41 24.07 -48.49 31.20
C GLN C 41 24.03 -48.34 29.68
N GLN C 42 23.23 -47.40 29.18
CA GLN C 42 22.98 -47.24 27.76
C GLN C 42 23.60 -45.92 27.30
N PHE C 43 23.85 -45.79 26.01
CA PHE C 43 24.51 -44.60 25.50
C PHE C 43 24.02 -44.30 24.09
N ASP C 44 24.02 -43.01 23.73
CA ASP C 44 23.58 -42.55 22.42
C ASP C 44 24.00 -41.12 22.15
N HIS C 45 24.56 -40.83 20.98
CA HIS C 45 25.17 -39.53 20.75
C HIS C 45 25.34 -39.30 19.26
N VAL C 46 24.78 -38.21 18.74
CA VAL C 46 24.81 -37.88 17.32
C VAL C 46 25.54 -36.54 17.16
N VAL C 47 26.33 -36.41 16.11
CA VAL C 47 26.97 -35.13 15.78
C VAL C 47 26.74 -34.89 14.29
N THR C 48 25.78 -34.05 13.96
CA THR C 48 25.45 -33.85 12.56
C THR C 48 26.25 -32.71 11.96
N VAL C 49 26.30 -32.69 10.62
CA VAL C 49 26.84 -31.57 9.86
C VAL C 49 25.89 -31.28 8.71
N PRO C 50 25.33 -30.09 8.61
CA PRO C 50 24.43 -29.79 7.50
C PRO C 50 25.15 -29.67 6.18
N THR C 51 24.92 -30.62 5.27
CA THR C 51 25.51 -30.58 3.95
C THR C 51 24.44 -30.24 2.92
N ASP C 52 24.84 -29.51 1.89
CA ASP C 52 23.86 -29.15 0.89
C ASP C 52 23.57 -30.32 -0.04
N PRO C 53 22.40 -30.33 -0.69
CA PRO C 53 22.16 -31.31 -1.75
C PRO C 53 22.98 -30.96 -2.98
N GLN C 54 22.92 -31.87 -3.95
CA GLN C 54 23.56 -31.80 -5.28
C GLN C 54 25.05 -31.39 -5.22
N SER C 55 25.72 -31.77 -4.15
CA SER C 55 27.11 -31.46 -3.91
C SER C 55 27.61 -32.45 -2.88
N GLY C 56 28.75 -32.15 -2.29
CA GLY C 56 29.19 -32.93 -1.15
C GLY C 56 29.70 -32.05 -0.03
N GLN C 57 29.74 -30.75 -0.26
CA GLN C 57 30.44 -29.89 0.68
C GLN C 57 29.59 -29.62 1.91
N PRO C 58 30.23 -29.46 3.08
CA PRO C 58 29.48 -29.12 4.29
C PRO C 58 29.01 -27.67 4.24
N SER C 59 27.70 -27.48 4.17
CA SER C 59 27.11 -26.15 4.11
C SER C 59 26.75 -25.66 5.51
N GLY C 60 27.79 -25.50 6.32
CA GLY C 60 27.57 -25.04 7.68
C GLY C 60 28.39 -25.80 8.70
N GLN C 61 28.54 -25.23 9.89
CA GLN C 61 29.31 -25.89 10.92
C GLN C 61 28.51 -27.02 11.54
N ARG C 62 29.19 -27.85 12.32
CA ARG C 62 28.61 -29.02 12.94
C ARG C 62 27.54 -28.62 13.96
N VAL C 63 26.63 -29.55 14.23
CA VAL C 63 25.53 -29.35 15.16
C VAL C 63 25.53 -30.52 16.13
N HIS C 64 25.83 -30.26 17.40
CA HIS C 64 25.97 -31.34 18.37
C HIS C 64 24.60 -31.72 18.93
N LYS C 65 24.09 -32.85 18.52
CA LYS C 65 22.96 -33.47 19.17
C LYS C 65 23.44 -34.04 20.50
N PRO C 66 22.57 -34.18 21.52
CA PRO C 66 23.07 -34.41 22.87
C PRO C 66 23.49 -35.86 23.13
N PHE C 67 24.39 -35.98 24.12
CA PHE C 67 24.58 -37.21 24.90
C PHE C 67 23.26 -37.79 25.37
N LYS C 68 23.20 -39.10 25.52
CA LYS C 68 22.08 -39.75 26.22
C LYS C 68 22.64 -40.95 26.97
N PHE C 69 22.98 -40.76 28.23
CA PHE C 69 23.48 -41.86 29.05
C PHE C 69 22.47 -42.18 30.13
N THR C 70 22.33 -43.45 30.47
CA THR C 70 21.29 -43.93 31.37
C THR C 70 21.88 -44.51 32.64
N VAL C 71 21.51 -43.95 33.78
CA VAL C 71 21.90 -44.47 35.08
C VAL C 71 20.64 -44.75 35.88
N ALA C 72 20.81 -45.51 36.96
CA ALA C 72 19.68 -45.77 37.84
C ALA C 72 19.49 -44.60 38.78
N LEU C 73 18.42 -44.65 39.58
CA LEU C 73 18.22 -43.63 40.60
C LEU C 73 19.24 -43.79 41.72
N ASN C 74 19.99 -42.73 41.97
CA ASN C 74 21.01 -42.78 43.00
C ASN C 74 21.19 -41.39 43.58
N LYS C 75 22.32 -41.18 44.24
CA LYS C 75 22.57 -39.95 44.99
C LYS C 75 22.69 -38.76 44.06
N ALA C 76 23.29 -38.94 42.90
CA ALA C 76 23.57 -37.83 42.02
C ALA C 76 22.37 -37.36 41.22
N VAL C 77 21.26 -38.10 41.22
CA VAL C 77 20.09 -37.72 40.42
C VAL C 77 19.36 -36.49 40.97
N PRO C 78 19.16 -36.30 42.28
CA PRO C 78 18.67 -34.99 42.72
C PRO C 78 19.66 -33.87 42.50
N LEU C 79 20.95 -34.16 42.41
CA LEU C 79 21.92 -33.13 42.09
C LEU C 79 21.87 -32.78 40.61
N LEU C 80 21.53 -33.74 39.76
CA LEU C 80 21.40 -33.45 38.33
C LEU C 80 20.07 -32.81 37.98
N TYR C 81 19.10 -32.79 38.89
CA TYR C 81 17.91 -32.00 38.63
C TYR C 81 18.00 -30.58 39.16
N ASN C 82 19.18 -30.14 39.59
CA ASN C 82 19.42 -28.71 39.74
C ASN C 82 20.36 -28.18 38.71
N ALA C 83 21.24 -29.01 38.16
CA ALA C 83 21.98 -28.60 37.00
C ALA C 83 21.06 -28.43 35.80
N LEU C 84 19.95 -29.17 35.79
CA LEU C 84 18.97 -29.08 34.73
C LEU C 84 18.09 -27.85 34.88
N SER C 85 17.36 -27.76 35.98
CA SER C 85 16.33 -26.75 36.13
C SER C 85 16.87 -25.36 36.40
N SER C 86 18.18 -25.20 36.59
CA SER C 86 18.74 -23.88 36.74
C SER C 86 19.78 -23.56 35.69
N GLY C 87 20.02 -24.46 34.75
CA GLY C 87 20.94 -24.18 33.66
C GLY C 87 22.39 -24.12 34.08
N GLU C 88 22.76 -24.84 35.13
CA GLU C 88 24.13 -24.82 35.59
C GLU C 88 25.01 -25.61 34.66
N LYS C 89 26.10 -25.01 34.21
CA LYS C 89 27.04 -25.74 33.40
C LYS C 89 27.83 -26.70 34.27
N LEU C 90 28.34 -27.74 33.65
CA LEU C 90 29.11 -28.76 34.34
C LEU C 90 30.53 -28.67 33.80
N LYS C 91 31.50 -28.55 34.69
CA LYS C 91 32.88 -28.29 34.25
C LYS C 91 33.46 -29.46 33.47
N THR C 92 33.12 -30.69 33.85
CA THR C 92 33.62 -31.83 33.10
C THR C 92 32.70 -33.02 33.26
N VAL C 93 32.73 -33.89 32.26
CA VAL C 93 32.02 -35.17 32.26
C VAL C 93 32.97 -36.14 31.58
N GLU C 94 33.49 -37.10 32.31
CA GLU C 94 34.49 -37.99 31.75
C GLU C 94 33.90 -39.39 31.65
N LEU C 95 33.25 -39.66 30.53
CA LEU C 95 32.83 -41.01 30.23
C LEU C 95 34.04 -41.89 30.00
N LYS C 96 33.98 -43.14 30.44
CA LYS C 96 35.09 -44.07 30.27
C LYS C 96 34.54 -45.41 29.81
N TRP C 97 34.82 -45.77 28.58
CA TRP C 97 34.32 -47.01 28.00
C TRP C 97 35.22 -48.16 28.43
N TYR C 98 34.70 -49.09 29.20
CA TYR C 98 35.52 -50.22 29.58
C TYR C 98 35.35 -51.37 28.60
N ARG C 99 36.32 -52.26 28.61
CA ARG C 99 36.19 -53.54 27.91
C ARG C 99 37.12 -54.53 28.58
N THR C 100 36.86 -55.80 28.32
CA THR C 100 37.63 -56.87 28.91
C THR C 100 38.80 -57.21 28.00
N SER C 101 40.01 -57.04 28.51
CA SER C 101 41.20 -57.22 27.69
C SER C 101 41.57 -58.69 27.61
N ILE C 102 42.74 -58.97 27.06
CA ILE C 102 43.16 -60.35 26.85
C ILE C 102 43.62 -60.98 28.16
N GLU C 103 44.36 -60.22 28.96
CA GLU C 103 44.88 -60.75 30.22
C GLU C 103 43.80 -60.95 31.27
N GLY C 104 42.61 -60.44 31.05
CA GLY C 104 41.51 -60.66 31.96
C GLY C 104 41.18 -59.50 32.85
N LYS C 105 41.56 -58.29 32.48
CA LYS C 105 41.34 -57.15 33.35
C LYS C 105 40.59 -56.08 32.58
N GLN C 106 39.70 -55.40 33.29
CA GLN C 106 38.98 -54.28 32.73
C GLN C 106 39.94 -53.14 32.43
N GLU C 107 39.68 -52.41 31.35
CA GLU C 107 40.49 -51.25 31.03
C GLU C 107 39.67 -50.30 30.18
N ASN C 108 39.93 -49.00 30.34
CA ASN C 108 39.27 -48.03 29.49
C ASN C 108 40.02 -47.96 28.18
N PHE C 109 39.36 -48.34 27.10
CA PHE C 109 40.00 -48.23 25.82
C PHE C 109 39.63 -46.95 25.10
N PHE C 110 38.76 -46.13 25.69
CA PHE C 110 38.15 -45.02 24.97
C PHE C 110 37.50 -44.12 26.00
N THR C 111 37.90 -42.85 26.07
CA THR C 111 37.27 -41.91 26.97
C THR C 111 36.80 -40.70 26.18
N THR C 112 35.60 -40.23 26.46
CA THR C 112 35.06 -39.04 25.80
C THR C 112 34.87 -37.99 26.87
N LYS C 113 35.89 -37.16 27.10
CA LYS C 113 35.76 -36.09 28.07
C LYS C 113 34.88 -34.98 27.49
N LEU C 114 34.68 -33.94 28.28
CA LEU C 114 33.65 -32.97 27.95
C LEU C 114 33.94 -31.71 28.75
N GLU C 115 33.89 -30.56 28.10
CA GLU C 115 34.00 -29.30 28.84
C GLU C 115 32.59 -28.83 29.15
N ASN C 116 32.41 -27.51 29.38
CA ASN C 116 31.19 -26.90 29.89
C ASN C 116 29.93 -27.41 29.23
N ALA C 117 29.11 -28.10 30.00
CA ALA C 117 28.08 -28.97 29.43
C ALA C 117 26.82 -28.87 30.28
N SER C 118 25.86 -28.09 29.83
CA SER C 118 24.59 -28.05 30.53
C SER C 118 23.83 -29.34 30.27
N ILE C 119 22.75 -29.53 31.01
CA ILE C 119 21.88 -30.68 30.83
C ILE C 119 20.64 -30.23 30.06
N VAL C 120 20.36 -30.89 28.95
CA VAL C 120 19.20 -30.53 28.17
C VAL C 120 17.93 -31.10 28.78
N ASP C 121 17.86 -32.42 28.91
CA ASP C 121 16.71 -33.01 29.57
C ASP C 121 17.08 -34.31 30.24
N ILE C 122 16.24 -34.72 31.19
CA ILE C 122 16.41 -35.93 31.96
C ILE C 122 15.11 -36.69 31.95
N HIS C 123 15.15 -37.93 31.48
CA HIS C 123 13.95 -38.73 31.24
C HIS C 123 13.90 -39.86 32.26
N CYS C 124 13.33 -39.57 33.42
CA CYS C 124 13.20 -40.57 34.47
C CYS C 124 11.96 -41.42 34.20
N GLU C 125 12.15 -42.73 34.11
CA GLU C 125 11.03 -43.64 33.91
C GLU C 125 11.25 -44.90 34.72
N MET C 126 10.19 -45.69 34.85
CA MET C 126 10.24 -46.96 35.51
C MET C 126 9.34 -47.89 34.70
N PRO C 127 9.81 -49.08 34.34
CA PRO C 127 8.97 -50.01 33.58
C PRO C 127 7.83 -50.54 34.41
N HIS C 128 6.90 -51.20 33.73
CA HIS C 128 5.65 -51.61 34.35
C HIS C 128 5.89 -52.76 35.32
N CYS C 129 5.36 -52.64 36.54
CA CYS C 129 5.67 -53.62 37.57
C CYS C 129 4.92 -54.93 37.35
N GLN C 130 3.77 -54.89 36.68
CA GLN C 130 3.04 -56.11 36.34
C GLN C 130 3.75 -56.93 35.29
N ASP C 131 4.56 -56.30 34.46
CA ASP C 131 5.11 -56.94 33.26
C ASP C 131 6.31 -57.78 33.64
N PRO C 132 6.29 -59.10 33.37
CA PRO C 132 7.43 -59.93 33.74
C PRO C 132 8.60 -59.87 32.78
N ALA C 133 8.42 -59.31 31.59
CA ALA C 133 9.53 -59.19 30.67
C ALA C 133 10.52 -58.12 31.09
N LYS C 134 10.08 -57.13 31.86
CA LYS C 134 10.92 -56.05 32.33
C LYS C 134 11.06 -56.09 33.84
N SER C 135 11.27 -57.29 34.39
CA SER C 135 11.39 -57.45 35.84
C SER C 135 12.80 -57.21 36.33
N ASP C 136 13.81 -57.42 35.48
CA ASP C 136 15.19 -57.24 35.91
C ASP C 136 15.59 -55.77 35.97
N PHE C 137 14.86 -54.90 35.28
CA PHE C 137 15.21 -53.49 35.27
C PHE C 137 14.78 -52.86 36.59
N THR C 138 15.45 -51.78 36.97
CA THR C 138 15.07 -51.07 38.18
C THR C 138 14.47 -49.71 37.87
N GLN C 139 15.24 -48.82 37.28
CA GLN C 139 14.79 -47.51 36.82
C GLN C 139 15.63 -47.14 35.62
N ASN C 140 15.28 -46.02 35.00
CA ASN C 140 16.02 -45.52 33.85
C ASN C 140 16.00 -44.00 33.93
N VAL C 141 17.15 -43.41 34.21
CA VAL C 141 17.27 -41.97 34.27
C VAL C 141 18.25 -41.58 33.17
N THR C 142 17.72 -41.14 32.03
CA THR C 142 18.52 -40.85 30.85
C THR C 142 18.85 -39.37 30.85
N VAL C 143 20.05 -39.02 31.26
CA VAL C 143 20.45 -37.62 31.38
C VAL C 143 21.11 -37.19 30.09
N SER C 144 20.63 -36.10 29.51
CA SER C 144 21.24 -35.60 28.29
C SER C 144 22.25 -34.51 28.61
N LEU C 145 23.11 -34.22 27.65
CA LEU C 145 24.13 -33.21 27.84
C LEU C 145 24.39 -32.53 26.51
N SER C 146 23.97 -31.30 26.35
CA SER C 146 24.63 -30.47 25.37
C SER C 146 25.91 -29.96 25.99
N TYR C 147 26.82 -29.46 25.15
CA TYR C 147 28.19 -29.30 25.60
C TYR C 147 28.93 -28.35 24.69
N ARG C 148 29.88 -27.61 25.28
CA ARG C 148 30.71 -26.74 24.47
C ARG C 148 31.79 -27.53 23.75
N LYS C 149 32.68 -28.15 24.52
CA LYS C 149 33.86 -28.82 23.98
C LYS C 149 33.87 -30.27 24.37
N ILE C 150 34.06 -31.13 23.38
CA ILE C 150 34.12 -32.57 23.58
C ILE C 150 35.45 -33.07 23.04
N THR C 151 36.06 -34.01 23.74
CA THR C 151 37.33 -34.59 23.31
C THR C 151 37.24 -36.10 23.40
N TRP C 152 37.08 -36.75 22.26
CA TRP C 152 37.24 -38.20 22.20
C TRP C 152 38.70 -38.54 22.40
N ASP C 153 38.96 -39.72 22.95
CA ASP C 153 40.32 -40.11 23.25
C ASP C 153 40.37 -41.63 23.33
N HIS C 154 40.98 -42.26 22.33
CA HIS C 154 41.21 -43.69 22.42
C HIS C 154 42.53 -43.90 23.15
N VAL C 155 42.50 -44.68 24.22
CA VAL C 155 43.66 -44.79 25.09
C VAL C 155 44.65 -45.82 24.59
N ASN C 156 44.19 -47.01 24.21
CA ASN C 156 45.10 -48.08 23.83
C ASN C 156 45.77 -47.87 22.46
N ALA C 157 45.33 -46.89 21.69
CA ALA C 157 46.00 -46.56 20.44
C ALA C 157 46.38 -45.10 20.36
N GLY C 158 46.12 -44.32 21.41
CA GLY C 158 46.64 -42.99 21.51
C GLY C 158 45.99 -41.92 20.65
N THR C 159 45.05 -42.27 19.78
CA THR C 159 44.41 -41.24 18.97
C THR C 159 43.50 -40.38 19.82
N SER C 160 43.26 -39.17 19.34
CA SER C 160 42.45 -38.23 20.10
C SER C 160 41.78 -37.25 19.15
N GLY C 161 40.46 -37.20 19.17
CA GLY C 161 39.76 -36.20 18.42
C GLY C 161 39.34 -35.09 19.35
N SER C 162 38.87 -33.97 18.80
CA SER C 162 38.46 -32.86 19.63
C SER C 162 37.54 -31.96 18.83
N ASP C 163 36.52 -31.43 19.48
CA ASP C 163 35.71 -30.38 18.90
C ASP C 163 35.53 -29.30 19.95
N ASP C 164 35.48 -28.06 19.50
CA ASP C 164 35.28 -26.97 20.44
C ASP C 164 34.61 -25.81 19.73
N TRP C 165 33.60 -25.24 20.38
CA TRP C 165 33.08 -23.99 19.88
C TRP C 165 33.99 -22.83 20.22
N ARG C 166 34.74 -22.94 21.31
CA ARG C 166 35.60 -21.84 21.75
C ARG C 166 36.74 -21.62 20.78
N LYS C 167 37.34 -22.69 20.29
CA LYS C 167 38.50 -22.62 19.40
C LYS C 167 38.26 -23.48 18.17
N PRO C 168 37.49 -23.01 17.20
CA PRO C 168 37.38 -23.73 15.94
C PRO C 168 38.68 -23.61 15.18
N ILE C 169 38.85 -24.49 14.19
CA ILE C 169 40.19 -24.71 13.64
C ILE C 169 40.51 -23.55 12.71
N GLU C 170 41.22 -22.57 13.27
CA GLU C 170 41.59 -21.25 12.74
C GLU C 170 40.53 -20.50 11.92
N GLY D 1 89.53 31.75 61.31
CA GLY D 1 88.23 31.09 61.29
C GLY D 1 87.27 31.69 60.27
N SER D 2 87.82 32.11 59.13
CA SER D 2 86.99 32.68 58.08
C SER D 2 86.16 31.63 57.35
N LEU D 3 86.58 30.36 57.39
CA LEU D 3 85.78 29.30 56.79
C LEU D 3 84.53 29.03 57.61
N LEU D 4 84.58 29.25 58.93
CA LEU D 4 83.39 29.16 59.75
C LEU D 4 82.46 30.35 59.49
N ASP D 5 83.03 31.49 59.08
CA ASP D 5 82.21 32.65 58.75
C ASP D 5 81.43 32.44 57.46
N GLU D 6 81.98 31.66 56.53
CA GLU D 6 81.26 31.38 55.28
C GLU D 6 80.12 30.38 55.51
N ILE D 7 80.25 29.51 56.51
CA ILE D 7 79.17 28.57 56.83
C ILE D 7 78.06 29.31 57.58
N MET D 8 78.42 30.20 58.50
CA MET D 8 77.42 30.96 59.24
C MET D 8 76.73 32.00 58.39
N ALA D 9 77.40 32.55 57.38
CA ALA D 9 76.73 33.41 56.42
C ALA D 9 75.84 32.62 55.46
N GLN D 10 76.13 31.33 55.27
CA GLN D 10 75.29 30.44 54.48
C GLN D 10 74.11 30.02 55.34
N THR D 11 72.97 30.68 55.15
CA THR D 11 71.83 30.52 56.06
C THR D 11 71.10 29.20 55.91
N ARG D 12 71.43 28.39 54.91
CA ARG D 12 70.77 27.09 54.76
C ARG D 12 71.26 26.08 55.79
N CYS D 13 72.53 26.11 56.17
CA CYS D 13 73.10 25.18 57.14
C CYS D 13 74.03 25.94 58.09
N ALA D 14 73.56 27.08 58.61
CA ALA D 14 74.44 27.93 59.42
C ALA D 14 74.69 27.38 60.83
N PRO D 15 73.66 27.17 61.72
CA PRO D 15 74.01 26.98 63.14
C PRO D 15 74.43 25.58 63.53
N SER D 16 75.24 24.91 62.70
CA SER D 16 75.87 23.62 62.98
C SER D 16 74.85 22.54 63.35
N GLU D 17 73.96 22.25 62.42
CA GLU D 17 72.87 21.30 62.67
C GLU D 17 73.03 20.01 61.89
N GLU D 18 73.13 20.08 60.56
CA GLU D 18 73.24 18.88 59.74
C GLU D 18 73.88 19.25 58.41
N GLY D 19 74.87 18.46 57.99
CA GLY D 19 75.53 18.71 56.72
C GLY D 19 76.56 19.81 56.73
N TYR D 20 77.02 20.24 57.92
CA TYR D 20 78.01 21.30 58.00
C TYR D 20 79.44 20.79 57.86
N ASP D 21 79.66 19.49 58.06
CA ASP D 21 80.99 18.93 57.84
C ASP D 21 81.21 18.51 56.39
N ILE D 22 80.13 18.20 55.68
CA ILE D 22 80.27 17.84 54.26
C ILE D 22 80.48 19.08 53.41
N ALA D 23 79.70 20.14 53.67
CA ALA D 23 79.83 21.38 52.92
C ALA D 23 81.13 22.12 53.24
N LYS D 24 81.69 21.91 54.42
CA LYS D 24 83.02 22.44 54.73
C LYS D 24 84.09 21.76 53.89
N LYS D 25 83.92 20.46 53.61
CA LYS D 25 84.82 19.77 52.69
C LYS D 25 84.60 20.19 51.25
N GLY D 26 83.44 20.75 50.93
CA GLY D 26 83.14 21.20 49.58
C GLY D 26 83.81 22.51 49.23
N VAL D 27 83.86 23.42 50.19
CA VAL D 27 84.50 24.72 49.96
C VAL D 27 86.02 24.54 49.86
N ALA D 28 86.61 23.77 50.76
CA ALA D 28 88.06 23.65 50.81
C ALA D 28 88.62 22.83 49.65
N ALA D 29 87.81 21.96 49.05
CA ALA D 29 88.29 21.19 47.90
C ALA D 29 88.31 22.02 46.63
N PHE D 30 87.37 22.97 46.49
CA PHE D 30 87.30 23.76 45.28
C PHE D 30 88.39 24.83 45.22
N ILE D 31 88.85 25.30 46.38
CA ILE D 31 89.89 26.32 46.42
C ILE D 31 91.24 25.73 46.04
N GLU D 32 91.46 24.45 46.34
CA GLU D 32 92.73 23.80 46.04
C GLU D 32 92.95 23.60 44.55
N ASN D 33 91.87 23.50 43.77
CA ASN D 33 91.95 23.39 42.33
C ASN D 33 91.66 24.71 41.62
N LEU D 34 91.31 25.76 42.36
CA LEU D 34 90.96 27.04 41.77
C LEU D 34 92.17 27.78 41.21
N MET D 35 93.38 27.46 41.70
CA MET D 35 94.58 28.21 41.32
C MET D 35 95.06 27.91 39.90
N GLY D 36 94.48 26.93 39.22
CA GLY D 36 94.82 26.70 37.83
C GLY D 36 94.26 27.78 36.91
N SER D 37 93.14 28.39 37.30
CA SER D 37 92.54 29.47 36.53
C SER D 37 91.75 30.35 37.49
N GLN D 38 92.28 31.53 37.80
CA GLN D 38 91.64 32.42 38.75
C GLN D 38 90.47 33.14 38.10
N HIS D 39 89.30 33.03 38.73
CA HIS D 39 88.10 33.69 38.24
C HIS D 39 87.14 33.88 39.41
N SER D 40 86.39 34.98 39.38
CA SER D 40 85.49 35.35 40.48
C SER D 40 84.10 35.66 39.93
N ALA D 41 83.30 34.61 39.75
CA ALA D 41 81.90 34.72 39.35
C ALA D 41 81.23 33.38 39.61
N GLU D 42 80.13 33.40 40.37
CA GLU D 42 79.40 32.17 40.70
C GLU D 42 78.83 31.41 39.50
N PRO D 43 78.16 32.02 38.50
CA PRO D 43 77.66 31.19 37.39
C PRO D 43 78.73 30.63 36.49
N VAL D 44 79.88 31.29 36.38
CA VAL D 44 81.02 30.67 35.71
C VAL D 44 81.59 29.57 36.61
N ASN D 45 81.56 29.79 37.93
CA ASN D 45 81.96 28.75 38.87
C ASN D 45 81.00 27.56 38.85
N LYS D 46 79.71 27.80 38.57
CA LYS D 46 78.80 26.69 38.35
C LYS D 46 79.16 25.91 37.09
N SER D 47 79.82 26.57 36.13
CA SER D 47 80.44 25.83 35.03
C SER D 47 81.82 25.35 35.40
N LEU D 48 82.56 26.09 36.25
CA LEU D 48 83.89 25.65 36.65
C LEU D 48 83.84 24.48 37.61
N VAL D 49 82.77 24.34 38.39
CA VAL D 49 82.54 23.10 39.12
C VAL D 49 82.30 21.96 38.14
N ASP D 50 81.48 22.21 37.11
CA ASP D 50 81.23 21.20 36.09
C ASP D 50 82.47 20.92 35.24
N GLN D 51 83.33 21.93 35.04
CA GLN D 51 84.59 21.68 34.36
C GLN D 51 85.60 20.98 35.25
N MET D 52 85.37 20.95 36.56
CA MET D 52 86.12 20.08 37.46
C MET D 52 85.44 18.75 37.70
N LEU D 53 84.28 18.52 37.09
CA LEU D 53 83.64 17.21 37.13
C LEU D 53 83.87 16.42 35.85
N VAL D 54 83.96 17.11 34.70
CA VAL D 54 84.27 16.42 33.45
C VAL D 54 85.71 15.93 33.46
N GLU D 55 86.64 16.76 33.96
CA GLU D 55 88.03 16.33 34.09
C GLU D 55 88.19 15.30 35.21
N LEU D 56 87.28 15.30 36.19
CA LEU D 56 87.30 14.27 37.22
C LEU D 56 86.81 12.93 36.67
N ASP D 57 85.77 12.95 35.83
CA ASP D 57 85.27 11.72 35.24
C ASP D 57 86.23 11.15 34.22
N LYS D 58 87.11 11.96 33.63
CA LYS D 58 88.20 11.42 32.81
C LYS D 58 89.22 10.70 33.68
N LYS D 59 89.34 11.09 34.95
CA LYS D 59 90.24 10.39 35.86
C LYS D 59 89.62 9.13 36.44
N ILE D 60 88.30 9.12 36.64
CA ILE D 60 87.66 7.98 37.31
C ILE D 60 87.29 6.89 36.31
N SER D 61 86.65 7.28 35.20
CA SER D 61 86.18 6.29 34.24
C SER D 61 87.32 5.64 33.49
N ALA D 62 88.47 6.31 33.38
CA ALA D 62 89.63 5.64 32.83
C ALA D 62 90.22 4.64 33.80
N GLN D 63 89.96 4.80 35.10
CA GLN D 63 90.35 3.79 36.07
C GLN D 63 89.32 2.67 36.15
N MET D 64 88.04 3.01 36.03
CA MET D 64 86.98 2.00 36.03
C MET D 64 86.80 1.32 34.68
N ASP D 65 87.56 1.70 33.67
CA ASP D 65 87.73 0.85 32.51
C ASP D 65 89.00 0.01 32.62
N GLU D 66 89.64 0.02 33.78
CA GLU D 66 90.80 -0.82 34.03
C GLU D 66 90.63 -1.70 35.26
N ILE D 67 89.84 -1.30 36.25
CA ILE D 67 89.45 -2.23 37.29
C ILE D 67 88.46 -3.24 36.74
N LEU D 68 87.57 -2.79 35.86
CA LEU D 68 86.82 -3.71 35.01
C LEU D 68 87.71 -4.14 33.85
N HIS D 69 87.14 -4.96 32.95
CA HIS D 69 87.76 -5.35 31.68
C HIS D 69 89.07 -6.12 31.87
N ASN D 70 89.23 -6.77 33.02
CA ASN D 70 90.43 -7.52 33.34
C ASN D 70 90.16 -9.00 33.10
N SER D 71 91.23 -9.75 32.76
CA SER D 71 91.08 -11.15 32.39
C SER D 71 90.67 -12.01 33.58
N GLN D 72 90.98 -11.59 34.80
CA GLN D 72 90.48 -12.28 35.97
C GLN D 72 89.06 -11.83 36.31
N PHE D 73 88.74 -10.56 36.07
CA PHE D 73 87.42 -10.06 36.42
C PHE D 73 86.37 -10.46 35.38
N GLN D 74 86.65 -10.17 34.10
CA GLN D 74 85.65 -10.35 33.04
C GLN D 74 85.34 -11.82 32.79
N ALA D 75 86.35 -12.69 32.89
CA ALA D 75 86.09 -14.13 32.73
C ALA D 75 85.33 -14.69 33.93
N MET D 76 85.44 -14.05 35.08
CA MET D 76 84.64 -14.40 36.25
C MET D 76 83.41 -13.52 36.39
N GLU D 77 83.17 -12.60 35.46
CA GLU D 77 81.90 -11.91 35.41
C GLU D 77 80.97 -12.55 34.38
N SER D 78 81.51 -12.93 33.22
CA SER D 78 80.70 -13.58 32.20
C SER D 78 80.27 -14.97 32.64
N ALA D 79 81.10 -15.66 33.42
CA ALA D 79 80.75 -16.97 33.93
C ALA D 79 79.75 -16.91 35.08
N TRP D 80 79.44 -15.72 35.58
CA TRP D 80 78.53 -15.58 36.71
C TRP D 80 77.31 -14.73 36.38
N ARG D 81 77.47 -13.65 35.60
CA ARG D 81 76.29 -12.92 35.15
C ARG D 81 75.56 -13.70 34.06
N GLY D 82 76.28 -14.50 33.30
CA GLY D 82 75.64 -15.42 32.36
C GLY D 82 74.82 -16.50 33.03
N LEU D 83 75.15 -16.84 34.28
CA LEU D 83 74.26 -17.70 35.05
C LEU D 83 72.97 -16.99 35.38
N LYS D 84 73.02 -15.69 35.67
CA LYS D 84 71.82 -14.93 35.97
C LYS D 84 70.90 -14.83 34.76
N LEU D 85 71.47 -14.82 33.56
CA LEU D 85 70.65 -14.95 32.35
C LEU D 85 70.04 -16.34 32.22
N PHE D 86 70.63 -17.36 32.85
CA PHE D 86 70.00 -18.65 32.86
C PHE D 86 69.02 -18.81 34.02
N VAL D 87 69.14 -18.00 35.06
CA VAL D 87 68.19 -18.07 36.16
C VAL D 87 66.96 -17.21 35.90
N ASP D 88 67.14 -16.04 35.27
CA ASP D 88 66.02 -15.12 35.08
C ASP D 88 65.05 -15.60 34.01
N ARG D 89 65.53 -16.33 33.01
CA ARG D 89 64.64 -16.73 31.92
C ARG D 89 63.84 -17.97 32.26
N THR D 90 64.46 -18.94 32.93
CA THR D 90 63.82 -20.22 33.18
C THR D 90 62.82 -20.11 34.32
N ASP D 91 61.60 -20.56 34.09
CA ASP D 91 60.53 -20.42 35.07
C ASP D 91 60.66 -21.55 36.08
N PHE D 92 61.15 -21.22 37.27
CA PHE D 92 61.33 -22.22 38.32
C PHE D 92 60.02 -22.66 38.94
N ARG D 93 58.92 -21.94 38.71
CA ARG D 93 57.63 -22.43 39.15
C ARG D 93 57.14 -23.58 38.31
N GLU D 94 57.58 -23.69 37.06
CA GLU D 94 57.14 -24.76 36.17
C GLU D 94 58.08 -25.96 36.20
N ASN D 95 58.37 -26.44 37.42
CA ASN D 95 59.13 -27.68 37.69
C ASN D 95 60.50 -27.68 37.02
N ASN D 96 61.35 -26.76 37.48
CA ASN D 96 62.72 -26.67 37.01
C ASN D 96 63.65 -26.40 38.18
N LYS D 97 64.77 -27.10 38.20
CA LYS D 97 65.83 -26.83 39.16
C LYS D 97 67.16 -26.87 38.43
N VAL D 98 68.16 -26.20 38.99
CA VAL D 98 69.47 -26.16 38.37
C VAL D 98 70.55 -26.23 39.44
N GLU D 99 71.45 -27.19 39.28
CA GLU D 99 72.55 -27.35 40.21
C GLU D 99 73.78 -26.60 39.71
N ILE D 100 74.58 -26.12 40.64
CA ILE D 100 75.74 -25.28 40.35
C ILE D 100 76.98 -25.97 40.93
N LEU D 101 77.90 -26.36 40.06
CA LEU D 101 79.11 -27.06 40.49
C LEU D 101 80.34 -26.22 40.17
N HIS D 102 81.15 -25.97 41.19
CA HIS D 102 82.43 -25.28 41.04
C HIS D 102 83.49 -26.30 40.70
N VAL D 103 83.87 -26.39 39.43
CA VAL D 103 85.11 -27.02 39.04
C VAL D 103 85.94 -25.98 38.31
N THR D 104 87.16 -26.34 37.98
CA THR D 104 87.86 -25.65 36.91
C THR D 104 88.13 -26.65 35.80
N LYS D 105 88.33 -26.12 34.59
CA LYS D 105 88.44 -26.97 33.41
C LYS D 105 89.69 -27.81 33.42
N ASP D 106 90.76 -27.32 34.04
CA ASP D 106 91.97 -28.13 34.18
C ASP D 106 91.84 -29.15 35.30
N GLU D 107 90.99 -28.88 36.29
CA GLU D 107 90.77 -29.85 37.36
C GLU D 107 89.96 -31.03 36.88
N LEU D 108 89.09 -30.81 35.90
CA LEU D 108 88.10 -31.83 35.54
C LEU D 108 88.74 -32.98 34.79
N LEU D 109 89.69 -32.69 33.90
CA LEU D 109 90.40 -33.75 33.20
C LEU D 109 91.29 -34.53 34.15
N GLU D 110 91.87 -33.84 35.15
CA GLU D 110 92.63 -34.52 36.20
C GLU D 110 91.74 -35.43 37.03
N ASP D 111 90.48 -35.04 37.22
CA ASP D 111 89.54 -35.86 37.96
C ASP D 111 89.08 -37.09 37.15
N PHE D 112 89.14 -37.01 35.82
CA PHE D 112 88.96 -38.22 35.02
C PHE D 112 90.23 -39.03 34.93
N GLU D 113 91.39 -38.39 35.08
CA GLU D 113 92.64 -39.10 35.25
C GLU D 113 92.76 -39.69 36.65
N PHE D 114 91.97 -39.16 37.59
CA PHE D 114 91.98 -39.63 38.98
C PHE D 114 91.47 -41.06 39.09
N ALA D 115 90.30 -41.33 38.54
CA ALA D 115 89.73 -42.66 38.64
C ALA D 115 90.18 -43.54 37.47
N PRO D 116 90.35 -44.85 37.70
CA PRO D 116 90.70 -45.74 36.58
C PRO D 116 89.58 -45.96 35.60
N GLU D 117 88.33 -45.74 36.01
CA GLU D 117 87.18 -45.90 35.14
C GLU D 117 86.27 -44.70 35.33
N THR D 118 85.58 -44.30 34.25
CA THR D 118 84.63 -43.19 34.29
C THR D 118 83.48 -43.45 35.25
N ALA D 119 83.16 -44.70 35.53
CA ALA D 119 82.13 -45.09 36.47
C ALA D 119 82.58 -45.00 37.92
N GLN D 120 83.78 -44.47 38.19
CA GLN D 120 84.21 -44.21 39.55
C GLN D 120 84.75 -42.79 39.71
N SER D 121 84.48 -41.90 38.76
CA SER D 121 85.04 -40.56 38.77
C SER D 121 84.35 -39.69 39.82
N GLY D 122 84.85 -38.48 39.98
CA GLY D 122 84.21 -37.53 40.88
C GLY D 122 83.09 -36.76 40.23
N LEU D 123 83.17 -36.57 38.91
CA LEU D 123 82.05 -35.95 38.22
C LEU D 123 80.91 -36.94 38.02
N TYR D 124 81.24 -38.22 37.92
CA TYR D 124 80.22 -39.28 37.87
C TYR D 124 79.41 -39.35 39.15
N LYS D 125 79.98 -38.89 40.27
CA LYS D 125 79.23 -38.86 41.51
C LYS D 125 78.16 -37.78 41.48
N HIS D 126 78.44 -36.65 40.85
CA HIS D 126 77.50 -35.54 40.88
C HIS D 126 76.51 -35.58 39.72
N VAL D 127 76.87 -36.21 38.61
CA VAL D 127 75.96 -36.30 37.48
C VAL D 127 75.03 -37.50 37.62
N TYR D 128 75.59 -38.66 37.93
CA TYR D 128 74.82 -39.89 37.97
C TYR D 128 74.29 -40.19 39.37
N SER D 129 75.18 -40.36 40.34
CA SER D 129 74.78 -41.02 41.59
C SER D 129 74.08 -40.08 42.54
N ALA D 130 74.47 -38.81 42.60
CA ALA D 130 73.76 -37.89 43.49
C ALA D 130 72.44 -37.44 42.90
N GLY D 131 72.24 -37.64 41.61
CA GLY D 131 71.02 -37.27 40.94
C GLY D 131 70.25 -38.49 40.49
N TYR D 132 70.53 -38.89 39.25
CA TYR D 132 69.80 -39.96 38.57
C TYR D 132 69.92 -41.30 39.28
N GLY D 133 71.12 -41.70 39.66
CA GLY D 133 71.30 -42.97 40.34
C GLY D 133 71.04 -42.86 41.83
N GLN D 134 69.81 -42.52 42.21
CA GLN D 134 69.47 -42.24 43.58
C GLN D 134 67.99 -42.48 43.77
N PHE D 135 67.62 -43.17 44.83
CA PHE D 135 66.21 -43.40 45.11
C PHE D 135 65.52 -42.10 45.50
N GLY D 136 64.59 -41.65 44.66
CA GLY D 136 63.86 -40.44 44.90
C GLY D 136 64.53 -39.17 44.45
N GLY D 137 65.83 -39.21 44.15
CA GLY D 137 66.52 -38.01 43.73
C GLY D 137 66.14 -37.60 42.32
N GLU D 138 66.12 -36.29 42.10
CA GLU D 138 65.78 -35.77 40.79
C GLU D 138 66.91 -36.01 39.80
N PRO D 139 66.63 -36.50 38.61
CA PRO D 139 67.69 -36.87 37.68
C PRO D 139 68.12 -35.68 36.83
N VAL D 140 69.26 -35.85 36.19
CA VAL D 140 69.94 -34.76 35.50
C VAL D 140 69.54 -34.73 34.04
N GLY D 141 69.03 -33.59 33.58
CA GLY D 141 68.64 -33.44 32.21
C GLY D 141 69.79 -33.17 31.26
N ALA D 142 70.63 -32.18 31.59
CA ALA D 142 71.74 -31.83 30.73
C ALA D 142 72.85 -31.20 31.55
N ILE D 143 74.05 -31.20 31.01
CA ILE D 143 75.22 -30.62 31.67
C ILE D 143 75.67 -29.42 30.86
N ILE D 144 75.55 -28.24 31.44
CA ILE D 144 76.06 -27.02 30.82
C ILE D 144 77.55 -26.94 31.05
N GLY D 145 78.32 -26.98 29.96
CA GLY D 145 79.74 -26.78 30.05
C GLY D 145 80.13 -25.35 29.81
N ASN D 146 80.63 -24.67 30.85
CA ASN D 146 80.99 -23.26 30.76
C ASN D 146 82.46 -23.13 30.34
N TYR D 147 82.78 -23.78 29.23
CA TYR D 147 84.15 -24.04 28.83
C TYR D 147 84.43 -23.40 27.48
N ALA D 148 85.70 -23.42 27.09
CA ALA D 148 86.14 -22.95 25.78
C ALA D 148 87.05 -24.03 25.22
N PHE D 149 86.50 -24.88 24.35
CA PHE D 149 87.20 -26.08 23.92
C PHE D 149 88.17 -25.80 22.78
N THR D 150 89.35 -26.35 22.91
CA THR D 150 90.37 -26.43 21.88
C THR D 150 90.28 -27.79 21.21
N PRO D 151 90.92 -27.98 20.05
CA PRO D 151 90.96 -29.34 19.49
C PRO D 151 92.16 -30.15 19.94
N SER D 152 92.82 -29.72 21.01
CA SER D 152 94.03 -30.39 21.48
C SER D 152 93.67 -31.65 22.25
N THR D 153 94.70 -32.42 22.58
CA THR D 153 94.58 -33.67 23.33
C THR D 153 94.03 -33.49 24.75
N PRO D 154 94.36 -32.46 25.55
CA PRO D 154 93.65 -32.30 26.83
C PRO D 154 92.20 -31.83 26.72
N ASP D 155 91.67 -31.61 25.52
CA ASP D 155 90.25 -31.31 25.35
C ASP D 155 89.51 -32.31 24.48
N MET D 156 90.21 -33.21 23.80
CA MET D 156 89.55 -34.37 23.22
C MET D 156 89.59 -35.58 24.13
N LYS D 157 90.45 -35.56 25.14
CA LYS D 157 90.40 -36.58 26.18
C LYS D 157 89.28 -36.29 27.16
N LEU D 158 88.97 -35.02 27.37
CA LEU D 158 87.85 -34.67 28.24
C LEU D 158 86.52 -35.06 27.61
N LEU D 159 86.33 -34.73 26.33
CA LEU D 159 85.06 -35.04 25.68
C LEU D 159 84.87 -36.53 25.44
N GLN D 160 85.96 -37.28 25.33
CA GLN D 160 85.82 -38.72 25.30
C GLN D 160 85.33 -39.25 26.63
N TYR D 161 85.72 -38.59 27.72
CA TYR D 161 85.28 -38.93 29.06
C TYR D 161 84.02 -38.17 29.46
N MET D 162 83.48 -37.33 28.58
CA MET D 162 82.16 -36.76 28.82
C MET D 162 81.09 -37.38 27.95
N GLY D 163 81.47 -37.95 26.79
CA GLY D 163 80.53 -38.74 26.04
C GLY D 163 80.22 -40.06 26.71
N ALA D 164 81.21 -40.64 27.39
CA ALA D 164 80.96 -41.86 28.16
C ALA D 164 80.18 -41.56 29.43
N LEU D 165 80.37 -40.39 30.01
CA LEU D 165 79.56 -39.99 31.15
C LEU D 165 78.13 -39.66 30.71
N GLY D 166 77.98 -39.03 29.55
CA GLY D 166 76.66 -38.72 29.05
C GLY D 166 75.88 -39.92 28.58
N ALA D 167 76.55 -41.01 28.27
CA ALA D 167 75.86 -42.23 27.89
C ALA D 167 75.49 -43.09 29.09
N MET D 168 75.96 -42.74 30.27
CA MET D 168 75.58 -43.49 31.47
C MET D 168 74.42 -42.83 32.20
N ALA D 169 74.41 -41.52 32.32
CA ALA D 169 73.36 -40.81 33.02
C ALA D 169 72.28 -40.28 32.10
N HIS D 170 72.39 -40.56 30.79
CA HIS D 170 71.44 -40.14 29.76
C HIS D 170 71.25 -38.63 29.73
N ALA D 171 72.34 -37.91 29.75
CA ALA D 171 72.25 -36.47 29.74
C ALA D 171 73.34 -35.91 28.83
N PRO D 172 72.99 -35.18 27.78
CA PRO D 172 74.01 -34.66 26.89
C PRO D 172 74.76 -33.50 27.51
N PHE D 173 76.06 -33.46 27.23
CA PHE D 173 76.94 -32.41 27.75
C PHE D 173 77.04 -31.30 26.70
N ILE D 174 76.45 -30.15 27.01
CA ILE D 174 76.47 -29.01 26.10
C ILE D 174 77.51 -28.00 26.58
N SER D 175 78.38 -27.61 25.66
CA SER D 175 79.45 -26.65 25.93
C SER D 175 79.71 -25.90 24.61
N SER D 176 80.84 -25.22 24.51
CA SER D 176 81.12 -24.47 23.30
C SER D 176 82.57 -24.63 22.88
N VAL D 177 82.80 -24.47 21.59
CA VAL D 177 84.12 -24.42 21.04
C VAL D 177 84.58 -22.96 21.03
N GLY D 178 85.89 -22.77 20.99
CA GLY D 178 86.45 -21.45 21.03
C GLY D 178 86.79 -20.92 19.65
N PRO D 179 87.31 -19.69 19.58
CA PRO D 179 87.85 -19.19 18.31
C PRO D 179 88.99 -20.04 17.80
N GLU D 180 89.89 -20.44 18.69
CA GLU D 180 91.05 -21.24 18.32
C GLU D 180 90.69 -22.65 17.90
N PHE D 181 89.44 -23.08 18.11
CA PHE D 181 89.00 -24.36 17.60
C PHE D 181 88.96 -24.34 16.08
N PHE D 182 88.48 -23.25 15.50
CA PHE D 182 88.46 -23.13 14.05
C PHE D 182 89.80 -22.69 13.48
N GLY D 183 90.73 -22.28 14.32
CA GLY D 183 92.05 -21.85 13.86
C GLY D 183 92.05 -20.45 13.29
N ILE D 184 91.44 -19.51 14.01
CA ILE D 184 91.38 -18.13 13.56
C ILE D 184 91.95 -17.14 14.58
N ASP D 185 92.03 -17.50 15.87
CA ASP D 185 92.69 -16.76 16.95
C ASP D 185 92.10 -15.39 17.25
N SER D 186 91.02 -15.03 16.56
CA SER D 186 90.29 -13.78 16.72
C SER D 186 88.97 -14.02 15.99
N PHE D 187 87.84 -13.79 16.65
CA PHE D 187 86.65 -14.51 16.23
C PHE D 187 85.91 -13.87 15.07
N GLU D 188 85.97 -12.56 14.90
CA GLU D 188 85.13 -11.88 13.92
C GLU D 188 85.51 -12.13 12.47
N GLU D 189 86.51 -12.98 12.21
CA GLU D 189 86.85 -13.38 10.85
C GLU D 189 86.31 -14.77 10.52
N LEU D 190 85.17 -15.14 11.08
CA LEU D 190 84.58 -16.43 10.76
C LEU D 190 83.85 -16.48 9.42
N PRO D 191 83.05 -15.47 9.00
CA PRO D 191 82.47 -15.55 7.64
C PRO D 191 83.49 -15.43 6.52
N ASN D 192 84.72 -15.00 6.82
CA ASN D 192 85.75 -14.97 5.81
C ASN D 192 86.21 -16.37 5.40
N ILE D 193 85.89 -17.38 6.21
CA ILE D 193 86.22 -18.76 5.87
C ILE D 193 85.40 -19.19 4.66
N LYS D 194 86.08 -19.51 3.57
CA LYS D 194 85.41 -19.82 2.33
C LYS D 194 85.20 -21.32 2.12
N ASP D 195 85.84 -22.17 2.91
CA ASP D 195 85.61 -23.61 2.84
C ASP D 195 85.90 -24.18 4.22
N LEU D 196 84.84 -24.45 4.98
CA LEU D 196 84.97 -24.97 6.33
C LEU D 196 84.94 -26.49 6.36
N LYS D 197 84.51 -27.13 5.28
CA LYS D 197 84.54 -28.59 5.20
C LYS D 197 85.97 -29.10 5.12
N SER D 198 86.83 -28.42 4.38
CA SER D 198 88.21 -28.84 4.25
C SER D 198 89.04 -28.52 5.49
N THR D 199 88.58 -27.58 6.31
CA THR D 199 89.31 -27.25 7.54
C THR D 199 89.21 -28.41 8.53
N PHE D 200 88.07 -29.09 8.58
CA PHE D 200 87.88 -30.18 9.52
C PHE D 200 88.50 -31.49 9.07
N GLU D 201 88.95 -31.58 7.83
CA GLU D 201 89.64 -32.77 7.32
C GLU D 201 91.16 -32.59 7.30
N SER D 202 91.70 -31.87 8.31
CA SER D 202 93.09 -31.58 8.63
C SER D 202 93.63 -32.58 9.65
N PRO D 203 94.93 -32.89 9.59
CA PRO D 203 95.49 -33.84 10.57
C PRO D 203 95.62 -33.29 11.98
N LYS D 204 95.33 -32.01 12.21
CA LYS D 204 95.25 -31.53 13.58
C LYS D 204 94.01 -32.07 14.29
N TYR D 205 92.99 -32.45 13.52
CA TYR D 205 91.70 -32.88 14.05
C TYR D 205 91.53 -34.40 13.98
N THR D 206 92.60 -35.17 14.20
CA THR D 206 92.47 -36.62 14.20
C THR D 206 91.77 -37.09 15.47
N LYS D 207 91.96 -36.38 16.57
CA LYS D 207 91.23 -36.65 17.79
C LYS D 207 89.85 -36.00 17.82
N TRP D 208 89.47 -35.30 16.76
CA TRP D 208 88.11 -34.80 16.59
C TRP D 208 87.28 -35.71 15.68
N ARG D 209 87.84 -36.10 14.53
CA ARG D 209 87.13 -36.97 13.61
C ARG D 209 87.03 -38.40 14.12
N SER D 210 87.84 -38.77 15.12
CA SER D 210 87.65 -40.04 15.80
C SER D 210 86.68 -39.91 16.96
N LEU D 211 86.53 -38.72 17.52
CA LEU D 211 85.48 -38.49 18.51
C LEU D 211 84.11 -38.54 17.86
N ARG D 212 83.98 -38.00 16.66
CA ARG D 212 82.68 -37.93 15.99
C ARG D 212 82.16 -39.29 15.60
N GLU D 213 83.06 -40.19 15.17
CA GLU D 213 82.63 -41.53 14.78
C GLU D 213 82.23 -42.39 15.96
N SER D 214 82.59 -42.01 17.18
CA SER D 214 82.36 -42.85 18.33
C SER D 214 80.87 -42.92 18.69
N GLU D 215 80.52 -43.98 19.40
CA GLU D 215 79.12 -44.26 19.69
C GLU D 215 78.58 -43.35 20.79
N ASP D 216 79.37 -43.12 21.83
CA ASP D 216 78.92 -42.29 22.94
C ASP D 216 79.04 -40.81 22.68
N ALA D 217 79.41 -40.38 21.47
CA ALA D 217 79.42 -38.97 21.12
C ALA D 217 78.03 -38.41 20.90
N ARG D 218 77.02 -39.27 20.93
CA ARG D 218 75.63 -38.87 20.74
C ARG D 218 75.17 -37.91 21.83
N TYR D 219 75.80 -37.98 23.00
CA TYR D 219 75.44 -37.16 24.15
C TYR D 219 76.40 -35.99 24.31
N LEU D 220 76.83 -35.40 23.19
CA LEU D 220 77.75 -34.27 23.21
C LEU D 220 77.34 -33.28 22.14
N GLY D 221 76.78 -32.15 22.55
CA GLY D 221 76.55 -31.03 21.66
C GLY D 221 77.52 -29.91 22.00
N LEU D 222 78.06 -29.26 20.99
CA LEU D 222 78.96 -28.13 21.19
C LEU D 222 78.39 -26.91 20.48
N THR D 223 78.21 -25.83 21.24
CA THR D 223 77.30 -24.77 20.85
C THR D 223 78.01 -23.69 20.05
N ALA D 224 77.35 -22.54 19.97
CA ALA D 224 77.42 -21.36 19.14
C ALA D 224 78.71 -20.55 19.26
N PRO D 225 78.87 -19.44 18.51
CA PRO D 225 79.98 -18.53 18.78
C PRO D 225 80.13 -18.02 20.21
N ARG D 226 79.29 -17.09 20.65
CA ARG D 226 79.26 -16.40 21.94
C ARG D 226 78.08 -15.45 21.86
N PHE D 227 77.74 -14.84 22.99
CA PHE D 227 76.67 -13.85 22.98
C PHE D 227 76.93 -12.82 24.05
N LEU D 228 76.32 -11.65 23.87
CA LEU D 228 76.55 -10.49 24.71
C LEU D 228 75.71 -10.55 25.98
N LEU D 229 76.25 -10.06 27.08
CA LEU D 229 75.58 -10.07 28.38
C LEU D 229 75.24 -8.69 28.89
N ARG D 230 76.20 -7.77 28.90
CA ARG D 230 76.04 -6.48 29.56
C ARG D 230 76.17 -5.36 28.55
N VAL D 231 75.14 -4.54 28.46
CA VAL D 231 75.24 -3.27 27.74
C VAL D 231 76.21 -2.36 28.49
N PRO D 232 77.20 -1.78 27.83
CA PRO D 232 78.07 -0.81 28.51
C PRO D 232 77.30 0.43 28.93
N TYR D 233 77.63 0.93 30.12
CA TYR D 233 76.81 1.91 30.80
C TYR D 233 76.92 3.28 30.14
N ASP D 234 75.98 4.15 30.50
CA ASP D 234 75.85 5.44 29.86
C ASP D 234 75.15 6.38 30.83
N PRO D 235 75.54 7.65 30.91
CA PRO D 235 74.87 8.56 31.84
C PRO D 235 73.45 8.96 31.46
N ILE D 236 72.95 8.54 30.30
CA ILE D 236 71.58 8.82 29.88
C ILE D 236 70.76 7.53 29.79
N GLU D 237 71.31 6.50 29.15
CA GLU D 237 70.55 5.28 28.90
C GLU D 237 70.46 4.40 30.14
N ASN D 238 71.60 3.92 30.63
CA ASN D 238 71.66 3.03 31.80
C ASN D 238 72.58 3.68 32.82
N PRO D 239 72.06 4.61 33.62
CA PRO D 239 72.92 5.37 34.53
C PRO D 239 73.26 4.57 35.78
N VAL D 240 74.20 5.13 36.56
CA VAL D 240 74.56 4.59 37.85
C VAL D 240 74.26 5.64 38.92
N LYS D 241 74.11 5.19 40.16
CA LYS D 241 73.63 6.03 41.25
C LYS D 241 74.71 7.01 41.68
N SER D 242 74.36 8.31 41.63
CA SER D 242 75.20 9.42 42.08
C SER D 242 76.55 9.50 41.34
N PHE D 243 76.55 9.08 40.07
CA PHE D 243 77.75 9.07 39.26
C PHE D 243 77.34 9.01 37.79
N ASN D 244 78.19 9.53 36.92
CA ASN D 244 78.00 9.46 35.47
C ASN D 244 79.13 8.63 34.89
N TYR D 245 78.79 7.45 34.38
CA TYR D 245 79.78 6.46 33.94
C TYR D 245 79.57 6.16 32.46
N ALA D 246 80.48 6.66 31.62
CA ALA D 246 80.50 6.34 30.20
C ALA D 246 81.61 5.32 29.97
N GLU D 247 81.24 4.07 29.77
CA GLU D 247 82.21 2.99 29.60
C GLU D 247 82.80 3.06 28.20
N ASN D 248 84.02 3.58 28.11
CA ASN D 248 84.68 3.78 26.82
C ASN D 248 85.13 2.44 26.27
N VAL D 249 84.31 1.84 25.41
CA VAL D 249 84.64 0.56 24.78
C VAL D 249 85.49 0.85 23.55
N SER D 250 86.68 0.26 23.52
CA SER D 250 87.64 0.52 22.45
C SER D 250 87.30 -0.33 21.23
N ALA D 251 88.21 -0.34 20.25
CA ALA D 251 88.01 -1.12 19.05
C ALA D 251 88.17 -2.62 19.30
N SER D 252 88.82 -3.00 20.40
CA SER D 252 88.87 -4.40 20.79
C SER D 252 87.51 -4.83 21.31
N HIS D 253 86.89 -5.80 20.64
CA HIS D 253 85.59 -6.32 21.05
C HIS D 253 85.70 -7.41 22.10
N GLU D 254 86.88 -7.59 22.71
CA GLU D 254 87.00 -8.48 23.85
C GLU D 254 86.61 -7.82 25.15
N HIS D 255 86.40 -6.50 25.16
CA HIS D 255 86.04 -5.80 26.39
C HIS D 255 84.56 -5.88 26.69
N TYR D 256 83.72 -6.16 25.69
CA TYR D 256 82.33 -6.49 25.95
C TYR D 256 82.25 -7.78 26.77
N LEU D 257 81.26 -7.83 27.65
CA LEU D 257 81.09 -9.00 28.51
C LEU D 257 80.46 -10.11 27.68
N TRP D 258 81.31 -10.86 26.99
CA TRP D 258 80.83 -11.94 26.15
C TRP D 258 80.64 -13.20 26.97
N GLY D 259 79.41 -13.72 27.00
CA GLY D 259 79.09 -14.90 27.74
C GLY D 259 79.39 -16.18 26.98
N ASN D 260 79.01 -17.30 27.58
CA ASN D 260 79.15 -18.61 26.97
C ASN D 260 77.78 -19.12 26.57
N THR D 261 77.65 -19.61 25.33
CA THR D 261 76.32 -19.88 24.78
C THR D 261 75.75 -21.22 25.24
N ALA D 262 76.50 -22.00 26.01
CA ALA D 262 75.91 -23.15 26.68
C ALA D 262 74.88 -22.71 27.71
N PHE D 263 75.03 -21.50 28.25
CA PHE D 263 73.94 -20.87 28.99
C PHE D 263 72.74 -20.63 28.11
N ALA D 264 72.95 -20.03 26.94
CA ALA D 264 71.83 -19.60 26.11
C ALA D 264 71.16 -20.73 25.37
N PHE D 265 71.88 -21.82 25.08
CA PHE D 265 71.22 -22.97 24.47
C PHE D 265 70.43 -23.78 25.48
N ALA D 266 70.89 -23.85 26.72
CA ALA D 266 70.11 -24.47 27.76
C ALA D 266 68.96 -23.62 28.23
N THR D 267 68.91 -22.34 27.84
CA THR D 267 67.71 -21.56 28.04
C THR D 267 66.56 -22.12 27.20
N ARG D 268 66.87 -22.62 26.01
CA ARG D 268 65.86 -23.18 25.15
C ARG D 268 65.52 -24.63 25.48
N LEU D 269 66.41 -25.34 26.16
CA LEU D 269 66.03 -26.63 26.72
C LEU D 269 65.01 -26.49 27.82
N THR D 270 65.09 -25.40 28.58
CA THR D 270 64.25 -25.26 29.75
C THR D 270 62.98 -24.49 29.44
N ASP D 271 63.06 -23.48 28.58
CA ASP D 271 61.85 -22.78 28.16
C ASP D 271 60.98 -23.62 27.22
N SER D 272 61.53 -24.69 26.66
CA SER D 272 60.67 -25.69 26.04
C SER D 272 60.05 -26.63 27.05
N PHE D 273 60.76 -26.90 28.15
CA PHE D 273 60.19 -27.77 29.17
C PHE D 273 59.15 -27.05 30.02
N ALA D 274 59.28 -25.75 30.18
CA ALA D 274 58.32 -25.03 31.01
C ALA D 274 56.98 -24.83 30.31
N LYS D 275 56.89 -25.13 29.02
CA LYS D 275 55.67 -24.95 28.27
C LYS D 275 54.98 -26.27 27.93
N TYR D 276 55.74 -27.28 27.51
CA TYR D 276 55.17 -28.53 27.03
C TYR D 276 55.55 -29.74 27.86
N ARG D 277 56.41 -29.56 28.88
CA ARG D 277 56.94 -30.64 29.74
C ARG D 277 57.69 -31.70 28.95
N TRP D 278 58.27 -31.31 27.82
CA TRP D 278 59.21 -32.12 27.07
C TRP D 278 60.23 -31.17 26.48
N CYS D 279 61.16 -31.72 25.70
CA CYS D 279 62.12 -30.90 24.97
C CYS D 279 62.55 -31.54 23.64
N PRO D 280 61.68 -31.51 22.63
CA PRO D 280 62.23 -31.54 21.26
C PRO D 280 62.24 -30.16 20.63
N ASN D 281 61.65 -29.17 21.30
CA ASN D 281 61.37 -27.87 20.70
C ASN D 281 62.52 -26.91 20.99
N ILE D 282 63.61 -27.06 20.23
CA ILE D 282 64.78 -26.22 20.43
C ILE D 282 65.36 -25.67 19.13
N ILE D 283 64.73 -25.92 17.99
CA ILE D 283 65.34 -25.55 16.73
C ILE D 283 64.47 -24.61 15.90
N GLY D 284 63.63 -23.80 16.53
CA GLY D 284 62.72 -22.96 15.79
C GLY D 284 62.83 -21.47 16.07
N PRO D 285 63.02 -20.68 15.02
CA PRO D 285 62.95 -19.21 15.18
C PRO D 285 61.55 -18.74 15.55
N GLN D 286 60.52 -19.50 15.22
CA GLN D 286 59.19 -19.27 15.74
C GLN D 286 58.65 -20.51 16.44
N SER D 287 59.52 -21.43 16.82
CA SER D 287 59.07 -22.69 17.40
C SER D 287 59.96 -23.15 18.54
N GLY D 288 60.60 -22.23 19.23
CA GLY D 288 61.30 -22.54 20.46
C GLY D 288 62.80 -22.66 20.38
N GLY D 289 63.44 -22.06 19.38
CA GLY D 289 64.88 -22.01 19.36
C GLY D 289 65.35 -20.58 19.20
N ALA D 290 64.50 -19.64 19.58
CA ALA D 290 64.75 -18.22 19.38
C ALA D 290 65.23 -17.61 20.69
N VAL D 291 66.54 -17.34 20.79
CA VAL D 291 67.09 -16.65 21.94
C VAL D 291 66.73 -15.17 21.79
N GLU D 292 65.70 -14.74 22.51
CA GLU D 292 65.23 -13.37 22.42
C GLU D 292 65.84 -12.52 23.53
N ASP D 293 65.61 -11.22 23.41
CA ASP D 293 66.00 -10.19 24.39
C ASP D 293 67.52 -10.18 24.59
N LEU D 294 68.24 -10.12 23.49
CA LEU D 294 69.68 -9.97 23.59
C LEU D 294 70.04 -8.53 23.87
N PRO D 295 71.18 -8.28 24.53
CA PRO D 295 71.66 -6.91 24.69
C PRO D 295 72.17 -6.35 23.37
N VAL D 296 71.83 -5.10 23.10
CA VAL D 296 72.34 -4.39 21.93
C VAL D 296 73.05 -3.13 22.38
N HIS D 297 73.98 -2.66 21.56
CA HIS D 297 74.77 -1.48 21.87
C HIS D 297 74.89 -0.65 20.61
N VAL D 298 74.03 0.36 20.49
CA VAL D 298 74.03 1.24 19.33
C VAL D 298 75.18 2.22 19.49
N PHE D 299 76.17 2.13 18.62
CA PHE D 299 77.29 3.05 18.63
C PHE D 299 77.45 3.66 17.25
N GLU D 300 78.35 4.64 17.16
CA GLU D 300 78.60 5.35 15.92
C GLU D 300 79.67 4.64 15.12
N SER D 301 79.34 4.24 13.91
CA SER D 301 80.30 3.65 12.99
C SER D 301 80.97 4.75 12.18
N MET D 302 81.63 4.38 11.09
CA MET D 302 82.29 5.34 10.20
C MET D 302 81.23 6.08 9.38
N GLY D 303 80.55 7.01 10.05
CA GLY D 303 79.52 7.83 9.43
C GLY D 303 78.11 7.47 9.82
N ALA D 304 77.81 6.18 9.87
CA ALA D 304 76.44 5.70 10.09
C ALA D 304 76.21 5.38 11.56
N LEU D 305 74.96 5.04 11.87
CA LEU D 305 74.56 4.64 13.22
C LEU D 305 74.17 3.17 13.14
N GLN D 306 75.06 2.29 13.59
CA GLN D 306 74.82 0.86 13.54
C GLN D 306 74.72 0.32 14.96
N SER D 307 74.48 -0.98 15.06
CA SER D 307 74.38 -1.68 16.33
C SER D 307 75.45 -2.75 16.41
N LYS D 308 76.02 -2.93 17.60
CA LYS D 308 76.95 -4.03 17.82
C LYS D 308 76.19 -5.35 17.79
N ILE D 309 76.71 -6.30 17.02
CA ILE D 309 76.03 -7.58 16.85
C ILE D 309 76.12 -8.39 18.13
N PRO D 310 74.99 -8.86 18.68
CA PRO D 310 75.05 -9.53 19.98
C PRO D 310 75.71 -10.90 19.95
N THR D 311 75.76 -11.57 18.80
CA THR D 311 76.72 -12.65 18.60
C THR D 311 77.84 -12.10 17.75
N GLU D 312 79.06 -12.60 17.96
CA GLU D 312 80.23 -11.90 17.46
C GLU D 312 80.41 -12.00 15.95
N VAL D 313 79.73 -12.92 15.29
CA VAL D 313 79.72 -12.98 13.84
C VAL D 313 78.28 -13.07 13.37
N LEU D 314 78.05 -12.66 12.13
CA LEU D 314 76.78 -12.87 11.46
C LEU D 314 76.90 -14.17 10.68
N ILE D 315 76.32 -15.23 11.23
CA ILE D 315 76.39 -16.54 10.60
C ILE D 315 75.39 -16.56 9.44
N THR D 316 75.90 -16.81 8.24
CA THR D 316 75.03 -16.91 7.08
C THR D 316 74.29 -18.24 7.10
N ASP D 317 73.41 -18.43 6.12
CA ASP D 317 72.65 -19.67 6.09
C ASP D 317 73.49 -20.82 5.54
N ARG D 318 74.42 -20.54 4.64
CA ARG D 318 75.30 -21.59 4.14
C ARG D 318 76.35 -21.96 5.16
N LYS D 319 76.85 -20.98 5.92
CA LYS D 319 77.80 -21.26 6.98
C LYS D 319 77.15 -22.07 8.10
N GLU D 320 75.88 -21.81 8.38
CA GLU D 320 75.20 -22.55 9.44
C GLU D 320 74.87 -23.96 8.99
N PHE D 321 74.52 -24.13 7.72
CA PHE D 321 74.28 -25.46 7.20
C PHE D 321 75.56 -26.27 7.12
N GLU D 322 76.69 -25.61 6.89
CA GLU D 322 77.96 -26.33 6.88
C GLU D 322 78.41 -26.65 8.31
N LEU D 323 78.02 -25.83 9.29
CA LEU D 323 78.21 -26.20 10.68
C LEU D 323 77.24 -27.27 11.12
N ALA D 324 76.06 -27.35 10.51
CA ALA D 324 75.08 -28.36 10.88
C ALA D 324 75.51 -29.74 10.44
N GLU D 325 76.13 -29.83 9.26
CA GLU D 325 76.62 -31.11 8.79
C GLU D 325 77.85 -31.56 9.57
N GLU D 326 78.64 -30.62 10.07
CA GLU D 326 79.86 -30.94 10.80
C GLU D 326 79.65 -30.96 12.32
N GLY D 327 78.42 -31.02 12.78
CA GLY D 327 78.14 -31.23 14.19
C GLY D 327 78.34 -30.03 15.08
N PHE D 328 77.58 -28.96 14.84
CA PHE D 328 77.66 -27.76 15.66
C PHE D 328 76.28 -27.16 15.81
N ILE D 329 76.01 -26.60 16.97
CA ILE D 329 74.74 -25.92 17.24
C ILE D 329 75.02 -24.44 17.12
N ALA D 330 74.86 -23.91 15.91
CA ALA D 330 75.18 -22.52 15.65
C ALA D 330 73.98 -21.62 15.94
N LEU D 331 74.27 -20.35 16.22
CA LEU D 331 73.25 -19.36 16.56
C LEU D 331 73.34 -18.21 15.57
N THR D 332 72.51 -18.24 14.55
CA THR D 332 72.41 -17.11 13.65
C THR D 332 71.65 -15.98 14.33
N MET D 333 72.08 -14.75 14.07
CA MET D 333 71.55 -13.59 14.75
C MET D 333 70.64 -12.85 13.76
N ARG D 334 69.50 -12.37 14.26
CA ARG D 334 68.56 -11.64 13.42
C ARG D 334 69.12 -10.24 13.18
N LYS D 335 69.75 -10.05 12.02
CA LYS D 335 70.56 -8.87 11.74
C LYS D 335 69.73 -7.59 11.76
N GLY D 336 69.97 -6.77 12.78
CA GLY D 336 69.27 -5.52 12.93
C GLY D 336 68.36 -5.45 14.12
N SER D 337 68.36 -6.46 14.97
CA SER D 337 67.49 -6.46 16.14
C SER D 337 68.19 -7.20 17.27
N ASP D 338 67.43 -7.52 18.32
CA ASP D 338 67.94 -8.14 19.52
C ASP D 338 67.47 -9.59 19.66
N ASN D 339 67.37 -10.29 18.53
CA ASN D 339 66.92 -11.67 18.54
C ASN D 339 67.95 -12.54 17.85
N ALA D 340 67.83 -13.84 18.06
CA ALA D 340 68.68 -14.82 17.41
C ALA D 340 67.86 -16.09 17.24
N ALA D 341 68.47 -17.12 16.68
CA ALA D 341 67.73 -18.35 16.42
C ALA D 341 68.70 -19.51 16.27
N PHE D 342 68.29 -20.66 16.78
CA PHE D 342 68.90 -21.92 16.42
C PHE D 342 68.10 -22.54 15.28
N PHE D 343 68.77 -23.34 14.48
CA PHE D 343 68.11 -24.00 13.37
C PHE D 343 68.26 -25.52 13.36
N SER D 344 69.31 -26.05 13.98
CA SER D 344 69.55 -27.48 13.99
C SER D 344 70.43 -27.79 15.19
N ALA D 345 69.97 -28.68 16.05
CA ALA D 345 70.69 -28.97 17.30
C ALA D 345 71.51 -30.24 17.18
N ASN D 346 72.11 -30.50 16.02
CA ASN D 346 72.80 -31.75 15.77
C ASN D 346 73.99 -31.95 16.69
N SER D 347 74.07 -33.12 17.30
CA SER D 347 75.21 -33.49 18.10
C SER D 347 76.39 -33.81 17.19
N ILE D 348 77.56 -34.01 17.80
CA ILE D 348 78.78 -34.17 17.03
C ILE D 348 78.91 -35.52 16.35
N GLN D 349 77.94 -36.41 16.53
CA GLN D 349 78.07 -37.75 15.98
C GLN D 349 77.85 -37.72 14.48
N LYS D 350 78.58 -38.57 13.75
CA LYS D 350 78.42 -38.57 12.32
C LYS D 350 77.46 -39.66 11.87
N PRO D 351 76.60 -39.37 10.91
CA PRO D 351 75.73 -40.42 10.35
C PRO D 351 76.53 -41.43 9.57
N LYS D 352 76.63 -42.65 10.10
CA LYS D 352 77.49 -43.65 9.49
C LYS D 352 76.88 -44.18 8.22
N VAL D 353 77.65 -44.20 7.15
CA VAL D 353 77.16 -44.68 5.86
C VAL D 353 77.08 -46.20 5.90
N PHE D 354 75.93 -46.70 5.76
CA PHE D 354 75.60 -48.12 5.72
C PHE D 354 75.50 -48.60 4.28
N PRO D 355 75.78 -49.87 4.00
CA PRO D 355 75.76 -50.33 2.60
C PRO D 355 74.37 -50.36 2.01
N ASN D 356 74.33 -50.40 0.68
CA ASN D 356 73.10 -50.18 -0.06
C ASN D 356 72.22 -51.43 -0.16
N THR D 357 71.91 -52.04 0.98
CA THR D 357 70.95 -53.12 1.01
C THR D 357 69.56 -52.56 1.32
N LYS D 358 68.60 -53.46 1.54
CA LYS D 358 67.29 -53.00 1.98
C LYS D 358 67.33 -52.55 3.43
N GLU D 359 68.00 -53.30 4.29
CA GLU D 359 68.14 -52.92 5.68
C GLU D 359 69.17 -51.81 5.87
N GLY D 360 70.19 -51.76 5.02
CA GLY D 360 71.22 -50.76 5.17
C GLY D 360 70.75 -49.37 4.81
N LYS D 361 69.94 -49.27 3.74
CA LYS D 361 69.32 -48.00 3.41
C LYS D 361 68.26 -47.61 4.43
N GLU D 362 67.71 -48.59 5.14
CA GLU D 362 66.77 -48.29 6.21
C GLU D 362 67.48 -47.87 7.47
N ALA D 363 68.46 -48.67 7.92
CA ALA D 363 69.13 -48.38 9.18
C ALA D 363 70.00 -47.14 9.13
N GLU D 364 70.38 -46.68 7.93
CA GLU D 364 71.06 -45.40 7.81
C GLU D 364 70.14 -44.26 8.22
N THR D 365 68.87 -44.33 7.83
CA THR D 365 67.91 -43.32 8.26
C THR D 365 67.52 -43.55 9.72
N ASN D 366 67.67 -44.77 10.20
CA ASN D 366 67.42 -45.02 11.62
C ASN D 366 68.54 -44.48 12.48
N TYR D 367 69.79 -44.69 12.07
CA TYR D 367 70.92 -44.17 12.83
C TYR D 367 71.05 -42.67 12.71
N LYS D 368 70.48 -42.07 11.66
CA LYS D 368 70.52 -40.62 11.51
C LYS D 368 69.67 -39.94 12.56
N LEU D 369 68.59 -40.58 12.99
CA LEU D 369 67.72 -39.97 13.99
C LEU D 369 68.36 -39.95 15.36
N GLY D 370 69.35 -40.79 15.61
CA GLY D 370 70.00 -40.77 16.90
C GLY D 370 70.86 -39.55 17.11
N THR D 371 71.49 -39.05 16.05
CA THR D 371 72.50 -38.02 16.21
C THR D 371 71.93 -36.63 16.39
N GLN D 372 70.64 -36.43 16.16
CA GLN D 372 70.19 -35.06 15.88
C GLN D 372 69.95 -34.24 17.13
N LEU D 373 69.65 -34.87 18.26
CA LEU D 373 69.47 -34.27 19.59
C LEU D 373 68.39 -33.18 19.67
N PRO D 374 67.21 -33.37 19.07
CA PRO D 374 66.07 -33.09 19.94
C PRO D 374 65.45 -34.41 20.31
N TYR D 375 65.80 -35.44 19.55
CA TYR D 375 65.20 -36.75 19.72
C TYR D 375 65.84 -37.55 20.82
N MET D 376 67.08 -37.25 21.18
CA MET D 376 67.63 -37.81 22.40
C MET D 376 66.88 -37.30 23.62
N MET D 377 66.46 -36.05 23.59
CA MET D 377 65.86 -35.49 24.77
C MET D 377 64.42 -35.96 24.97
N ILE D 378 63.81 -36.60 23.95
CA ILE D 378 62.52 -37.25 24.20
C ILE D 378 62.69 -38.72 24.56
N ILE D 379 63.92 -39.24 24.56
CA ILE D 379 64.17 -40.57 25.11
C ILE D 379 65.12 -40.55 26.30
N ASN D 380 65.83 -39.45 26.53
CA ASN D 380 66.48 -39.31 27.83
C ASN D 380 65.43 -39.19 28.91
N ARG D 381 64.32 -38.50 28.63
CA ARG D 381 63.20 -38.49 29.55
C ARG D 381 62.54 -39.86 29.62
N LEU D 382 62.61 -40.64 28.55
CA LEU D 382 62.20 -42.04 28.64
C LEU D 382 63.31 -42.93 29.16
N ALA D 383 64.36 -42.35 29.73
CA ALA D 383 65.25 -43.09 30.61
C ALA D 383 65.22 -42.54 32.01
N HIS D 384 64.71 -41.33 32.19
CA HIS D 384 64.63 -40.81 33.53
C HIS D 384 63.30 -41.13 34.19
N TYR D 385 62.19 -41.07 33.44
CA TYR D 385 60.92 -41.50 33.99
C TYR D 385 60.92 -42.99 34.30
N VAL D 386 61.47 -43.79 33.39
CA VAL D 386 61.25 -45.23 33.49
C VAL D 386 62.19 -45.82 34.52
N LYS D 387 63.33 -45.18 34.76
CA LYS D 387 64.21 -45.55 35.87
C LYS D 387 63.54 -45.26 37.20
N VAL D 388 62.85 -44.13 37.31
CA VAL D 388 62.18 -43.78 38.54
C VAL D 388 60.92 -44.62 38.75
N LEU D 389 60.18 -44.86 37.66
CA LEU D 389 58.88 -45.50 37.78
C LEU D 389 59.01 -46.99 38.11
N GLN D 390 60.03 -47.63 37.56
CA GLN D 390 60.31 -49.03 37.87
C GLN D 390 61.33 -49.18 39.00
N ARG D 391 61.56 -48.13 39.77
CA ARG D 391 62.32 -48.26 41.00
C ARG D 391 61.40 -48.47 42.19
N GLU D 392 60.24 -47.81 42.17
CA GLU D 392 59.24 -48.00 43.22
C GLU D 392 58.67 -49.41 43.22
N GLN D 393 58.69 -50.07 42.08
CA GLN D 393 58.00 -51.33 41.93
C GLN D 393 58.76 -52.52 42.50
N ILE D 394 60.03 -52.36 42.89
CA ILE D 394 60.85 -53.49 43.33
C ILE D 394 60.29 -54.06 44.62
N GLY D 395 59.98 -55.36 44.60
CA GLY D 395 59.34 -55.98 45.73
C GLY D 395 57.86 -56.21 45.58
N ALA D 396 57.28 -55.87 44.43
CA ALA D 396 55.84 -56.01 44.26
C ALA D 396 55.48 -57.45 43.94
N TRP D 397 54.24 -57.65 43.55
CA TRP D 397 53.75 -58.94 43.10
C TRP D 397 53.31 -58.75 41.66
N LYS D 398 54.18 -59.06 40.73
CA LYS D 398 53.98 -58.66 39.35
C LYS D 398 54.08 -59.91 38.49
N GLU D 399 53.90 -59.76 37.19
CA GLU D 399 54.13 -60.83 36.22
C GLU D 399 54.76 -60.21 34.99
N ARG D 400 55.14 -61.07 34.04
CA ARG D 400 55.57 -60.57 32.75
C ARG D 400 54.42 -59.91 32.01
N GLN D 401 53.22 -60.51 32.08
CA GLN D 401 52.04 -59.88 31.51
C GLN D 401 51.67 -58.61 32.26
N ASP D 402 51.96 -58.56 33.56
CA ASP D 402 51.74 -57.33 34.31
C ASP D 402 52.84 -56.31 34.01
N LEU D 403 54.03 -56.78 33.67
CA LEU D 403 55.08 -55.84 33.30
C LEU D 403 54.81 -55.23 31.92
N GLU D 404 54.25 -56.01 31.00
CA GLU D 404 53.87 -55.49 29.69
C GLU D 404 52.80 -54.43 29.80
N ARG D 405 51.91 -54.54 30.78
CA ARG D 405 50.75 -53.67 30.90
C ARG D 405 51.06 -52.40 31.66
N GLU D 406 51.90 -52.46 32.68
CA GLU D 406 52.27 -51.25 33.41
C GLU D 406 53.16 -50.32 32.60
N LEU D 407 53.71 -50.79 31.48
CA LEU D 407 54.45 -49.94 30.57
C LEU D 407 53.66 -49.52 29.35
N ASN D 408 52.83 -50.40 28.79
CA ASN D 408 52.05 -50.04 27.62
C ASN D 408 50.94 -49.07 27.97
N SER D 409 50.28 -49.25 29.12
CA SER D 409 49.29 -48.27 29.54
C SER D 409 49.92 -47.01 30.08
N TRP D 410 51.23 -47.01 30.31
CA TRP D 410 51.91 -45.81 30.75
C TRP D 410 52.38 -44.94 29.59
N ILE D 411 53.06 -45.52 28.60
CA ILE D 411 53.63 -44.68 27.55
C ILE D 411 52.59 -44.29 26.51
N LYS D 412 51.42 -44.91 26.51
CA LYS D 412 50.39 -44.50 25.56
C LYS D 412 49.57 -43.32 26.06
N GLN D 413 50.08 -42.58 27.03
CA GLN D 413 49.66 -41.20 27.24
C GLN D 413 50.67 -40.23 26.65
N TYR D 414 51.78 -40.74 26.11
CA TYR D 414 52.77 -39.94 25.41
C TYR D 414 52.72 -40.19 23.91
N VAL D 415 51.87 -41.09 23.46
CA VAL D 415 51.82 -41.51 22.07
C VAL D 415 50.54 -40.98 21.46
N ALA D 416 50.67 -40.21 20.38
CA ALA D 416 49.53 -39.74 19.61
C ALA D 416 49.71 -40.26 18.19
N ASP D 417 49.31 -41.51 17.96
CA ASP D 417 49.53 -42.17 16.68
C ASP D 417 48.51 -41.63 15.69
N GLN D 418 48.86 -40.51 15.08
CA GLN D 418 47.92 -39.72 14.34
C GLN D 418 48.70 -38.90 13.32
N GLU D 419 48.16 -38.81 12.10
CA GLU D 419 48.94 -38.22 11.02
C GLU D 419 49.05 -36.71 11.15
N ASN D 420 47.97 -36.05 11.54
CA ASN D 420 47.99 -34.60 11.73
C ASN D 420 47.19 -34.23 12.97
N PRO D 421 47.77 -34.37 14.16
CA PRO D 421 47.13 -33.86 15.35
C PRO D 421 47.37 -32.37 15.47
N PRO D 422 46.65 -31.67 16.35
CA PRO D 422 46.92 -30.23 16.54
C PRO D 422 48.30 -29.97 17.13
N ALA D 423 48.67 -28.70 17.13
CA ALA D 423 50.02 -28.30 17.51
C ALA D 423 50.30 -28.47 19.00
N ASP D 424 49.28 -28.68 19.82
CA ASP D 424 49.50 -28.97 21.22
C ASP D 424 49.60 -30.46 21.50
N VAL D 425 48.92 -31.28 20.71
CA VAL D 425 48.99 -32.73 20.90
C VAL D 425 50.34 -33.26 20.43
N ARG D 426 50.98 -32.55 19.49
CA ARG D 426 52.28 -32.98 19.00
C ARG D 426 53.38 -32.81 20.03
N SER D 427 53.28 -31.79 20.87
CA SER D 427 54.36 -31.50 21.80
C SER D 427 54.10 -31.98 23.20
N ARG D 428 52.84 -32.07 23.63
CA ARG D 428 52.54 -32.76 24.88
C ARG D 428 52.77 -34.26 24.75
N ARG D 429 52.53 -34.82 23.56
CA ARG D 429 52.74 -36.23 23.27
C ARG D 429 53.77 -36.32 22.16
N PRO D 430 55.07 -36.25 22.47
CA PRO D 430 56.09 -36.11 21.43
C PRO D 430 56.34 -37.38 20.66
N LEU D 431 55.98 -38.53 21.20
CA LEU D 431 56.16 -39.77 20.49
C LEU D 431 55.05 -39.94 19.47
N ARG D 432 55.20 -40.93 18.61
CA ARG D 432 54.19 -41.25 17.61
C ARG D 432 53.79 -42.71 17.64
N ALA D 433 54.73 -43.62 17.91
CA ALA D 433 54.39 -45.01 18.13
C ALA D 433 55.45 -45.64 19.02
N ALA D 434 55.04 -46.63 19.81
CA ALA D 434 55.95 -47.22 20.78
C ALA D 434 55.65 -48.71 20.90
N ARG D 435 56.69 -49.53 20.75
CA ARG D 435 56.58 -50.97 20.82
C ARG D 435 57.32 -51.44 22.06
N ILE D 436 56.70 -52.32 22.84
CA ILE D 436 57.31 -52.86 24.05
C ILE D 436 57.20 -54.37 24.01
N GLU D 437 58.34 -55.05 23.98
CA GLU D 437 58.40 -56.49 23.86
C GLU D 437 59.16 -57.03 25.06
N VAL D 438 58.43 -57.47 26.07
CA VAL D 438 59.04 -57.98 27.29
C VAL D 438 59.37 -59.45 27.10
N MET D 439 60.62 -59.82 27.37
CA MET D 439 61.10 -61.19 27.28
C MET D 439 61.56 -61.62 28.67
N ASP D 440 62.15 -62.81 28.75
CA ASP D 440 62.62 -63.35 30.02
C ASP D 440 64.13 -63.48 29.99
N VAL D 441 64.68 -63.90 31.14
CA VAL D 441 66.06 -64.36 31.23
C VAL D 441 66.03 -65.74 31.87
N GLU D 442 66.49 -66.74 31.14
CA GLU D 442 66.52 -68.09 31.67
C GLU D 442 67.74 -68.28 32.57
N GLY D 443 67.71 -69.33 33.37
CA GLY D 443 68.76 -69.58 34.32
C GLY D 443 68.46 -68.96 35.67
N ASN D 444 68.37 -67.62 35.70
CA ASN D 444 67.87 -66.89 36.85
C ASN D 444 66.52 -66.32 36.47
N PRO D 445 65.43 -66.98 36.81
CA PRO D 445 64.12 -66.55 36.29
C PRO D 445 63.59 -65.34 37.02
N GLY D 446 62.98 -64.44 36.26
CA GLY D 446 62.49 -63.18 36.77
C GLY D 446 63.40 -62.00 36.52
N TRP D 447 63.89 -61.89 35.29
CA TRP D 447 64.75 -60.79 34.87
C TRP D 447 64.35 -60.52 33.43
N TYR D 448 64.04 -59.28 33.10
CA TYR D 448 63.15 -58.99 31.99
C TYR D 448 63.79 -58.07 30.95
N GLN D 449 64.13 -58.62 29.80
CA GLN D 449 64.78 -57.84 28.75
C GLN D 449 63.69 -57.26 27.87
N VAL D 450 63.21 -56.07 28.19
CA VAL D 450 62.11 -55.49 27.44
C VAL D 450 62.73 -54.54 26.43
N SER D 451 62.03 -54.27 25.34
CA SER D 451 62.60 -53.45 24.27
C SER D 451 61.64 -52.32 23.90
N LEU D 452 61.72 -51.22 24.62
CA LEU D 452 60.90 -50.04 24.31
C LEU D 452 61.42 -49.36 23.05
N SER D 453 60.58 -49.31 22.02
CA SER D 453 60.95 -48.83 20.69
C SER D 453 60.07 -47.67 20.28
N VAL D 454 60.44 -46.47 20.71
CA VAL D 454 59.63 -45.28 20.46
C VAL D 454 59.92 -44.74 19.07
N ARG D 455 59.10 -43.77 18.64
CA ARG D 455 59.23 -43.20 17.31
C ARG D 455 58.68 -41.78 17.38
N PRO D 456 59.41 -40.80 16.87
CA PRO D 456 59.00 -39.41 17.07
C PRO D 456 58.24 -38.84 15.89
N HIS D 457 57.75 -37.61 16.03
CA HIS D 457 57.28 -36.86 14.88
C HIS D 457 58.45 -36.16 14.21
N PHE D 458 58.20 -35.61 13.03
CA PHE D 458 59.25 -35.09 12.18
C PHE D 458 59.00 -33.62 11.85
N LYS D 459 60.01 -32.79 12.09
CA LYS D 459 59.92 -31.34 11.94
C LYS D 459 60.20 -30.93 10.49
N TYR D 460 60.44 -29.64 10.30
CA TYR D 460 60.43 -28.97 8.99
C TYR D 460 61.83 -28.46 8.69
N MET D 461 62.46 -28.98 7.65
CA MET D 461 63.84 -28.58 7.32
C MET D 461 64.12 -28.75 5.83
N GLY D 462 64.20 -27.63 5.13
CA GLY D 462 64.55 -27.59 3.72
C GLY D 462 63.50 -27.98 2.70
N ALA D 463 63.48 -27.30 1.56
CA ALA D 463 62.59 -27.61 0.45
C ALA D 463 63.27 -27.13 -0.84
N ASN D 464 62.51 -27.00 -1.94
CA ASN D 464 63.21 -26.61 -3.16
C ASN D 464 62.63 -25.40 -3.89
N PHE D 465 61.30 -25.30 -4.05
CA PHE D 465 60.59 -24.13 -4.59
C PHE D 465 61.08 -23.74 -6.00
N GLU D 466 60.91 -24.68 -6.94
CA GLU D 466 61.47 -24.53 -8.29
C GLU D 466 60.54 -23.74 -9.19
N LEU D 467 60.67 -22.41 -9.16
CA LEU D 467 59.75 -21.51 -9.85
C LEU D 467 59.87 -21.60 -11.36
N SER D 468 58.84 -21.09 -12.03
CA SER D 468 58.66 -21.09 -13.47
C SER D 468 57.48 -20.19 -13.76
N LEU D 469 57.22 -19.92 -15.03
CA LEU D 469 55.89 -19.42 -15.38
C LEU D 469 55.23 -20.36 -16.37
N VAL D 470 53.90 -20.45 -16.28
CA VAL D 470 53.10 -21.26 -17.18
C VAL D 470 52.51 -20.42 -18.30
N GLY D 471 51.99 -19.24 -17.97
CA GLY D 471 51.45 -18.32 -18.95
C GLY D 471 49.94 -18.38 -19.11
N ARG D 472 49.36 -19.58 -19.11
CA ARG D 472 47.92 -19.75 -19.18
C ARG D 472 47.31 -20.18 -17.87
N LEU D 473 47.89 -21.18 -17.21
CA LEU D 473 47.33 -21.69 -15.96
C LEU D 473 47.80 -20.83 -14.78
N PRO E 1 25.13 -62.42 6.33
CA PRO E 1 25.92 -61.65 5.38
C PRO E 1 27.36 -61.47 5.87
N THR E 2 28.29 -61.31 4.94
CA THR E 2 29.67 -61.19 5.36
C THR E 2 30.04 -59.72 5.52
N PRO E 3 30.85 -59.39 6.52
CA PRO E 3 31.23 -58.00 6.73
C PRO E 3 32.14 -57.48 5.64
N CYS E 4 32.03 -56.19 5.39
CA CYS E 4 32.77 -55.49 4.37
C CYS E 4 34.01 -54.84 4.99
N TYR E 5 34.70 -54.03 4.22
CA TYR E 5 35.89 -53.34 4.71
C TYR E 5 35.96 -51.96 4.08
N ILE E 6 36.32 -50.95 4.86
CA ILE E 6 36.37 -49.58 4.38
C ILE E 6 37.72 -48.99 4.70
N SER E 7 38.36 -48.39 3.71
CA SER E 7 39.62 -47.68 3.88
C SER E 7 39.42 -46.20 3.57
N ILE E 8 39.51 -45.37 4.58
CA ILE E 8 39.25 -43.94 4.47
C ILE E 8 40.58 -43.20 4.40
N GLU E 9 40.72 -42.28 3.46
CA GLU E 9 41.89 -41.42 3.40
C GLU E 9 41.45 -39.97 3.43
N GLY E 10 41.92 -39.22 4.42
CA GLY E 10 41.49 -37.85 4.60
C GLY E 10 42.31 -36.87 3.79
N GLN E 11 41.88 -35.60 3.83
CA GLN E 11 42.68 -34.53 3.25
C GLN E 11 43.95 -34.31 4.05
N THR E 12 43.81 -33.94 5.32
CA THR E 12 44.96 -33.60 6.13
C THR E 12 45.41 -34.72 7.06
N GLN E 13 44.54 -35.67 7.38
CA GLN E 13 44.87 -36.69 8.37
C GLN E 13 45.39 -37.96 7.73
N GLY E 14 45.81 -37.90 6.48
CA GLY E 14 46.46 -39.05 5.86
C GLY E 14 45.48 -40.19 5.67
N LEU E 15 45.98 -41.41 5.84
CA LEU E 15 45.13 -42.59 5.83
C LEU E 15 44.53 -42.72 7.21
N ILE E 16 43.22 -42.49 7.33
CA ILE E 16 42.58 -42.46 8.63
C ILE E 16 42.52 -43.85 9.24
N THR E 17 42.14 -44.84 8.45
CA THR E 17 42.00 -46.16 9.02
C THR E 17 43.29 -46.95 9.04
N ALA E 18 44.45 -46.31 8.97
CA ALA E 18 45.71 -47.02 9.01
C ALA E 18 45.94 -47.54 10.41
N GLY E 19 45.67 -48.82 10.63
CA GLY E 19 45.77 -49.39 11.94
C GLY E 19 44.46 -49.60 12.66
N ALA E 20 43.34 -49.51 11.97
CA ALA E 20 42.05 -49.66 12.63
C ALA E 20 41.63 -51.12 12.75
N CYS E 21 42.48 -52.06 12.38
CA CYS E 21 42.34 -53.47 12.70
C CYS E 21 43.65 -54.03 13.18
N THR E 22 44.26 -53.38 14.16
CA THR E 22 45.37 -53.96 14.89
C THR E 22 44.86 -54.55 16.19
N ALA E 23 45.78 -55.02 17.02
CA ALA E 23 45.41 -55.52 18.32
C ALA E 23 45.14 -54.41 19.31
N ASP E 24 45.57 -53.19 19.02
CA ASP E 24 45.27 -52.09 19.90
C ASP E 24 43.89 -51.51 19.65
N SER E 25 43.38 -51.61 18.42
CA SER E 25 42.07 -51.03 18.12
C SER E 25 40.96 -51.88 18.70
N ILE E 26 40.84 -53.12 18.25
CA ILE E 26 39.66 -53.92 18.54
C ILE E 26 40.01 -55.23 19.25
N GLY E 27 41.12 -55.27 19.95
CA GLY E 27 41.43 -56.44 20.75
C GLY E 27 41.85 -57.65 19.95
N ASP E 28 41.12 -58.75 20.09
CA ASP E 28 41.47 -59.98 19.41
C ASP E 28 40.64 -60.25 18.18
N SER E 29 39.78 -59.33 17.78
CA SER E 29 38.97 -59.52 16.59
C SER E 29 39.57 -58.81 15.39
N PHE E 30 40.87 -58.61 15.38
CA PHE E 30 41.46 -58.00 14.19
C PHE E 30 41.85 -59.08 13.22
N VAL E 31 42.02 -58.69 11.97
CA VAL E 31 42.28 -59.61 10.87
C VAL E 31 43.59 -59.22 10.24
N GLU E 32 44.48 -60.19 10.06
CA GLU E 32 45.71 -59.94 9.34
C GLU E 32 45.43 -59.69 7.87
N GLY E 33 46.23 -58.83 7.26
CA GLY E 33 46.05 -58.44 5.88
C GLY E 33 45.09 -57.28 5.67
N HIS E 34 44.24 -56.98 6.64
CA HIS E 34 43.33 -55.88 6.57
C HIS E 34 43.69 -54.85 7.62
N GLU E 35 44.98 -54.57 7.74
CA GLU E 35 45.47 -53.70 8.79
C GLU E 35 45.09 -52.25 8.56
N ASP E 36 44.70 -51.88 7.36
CA ASP E 36 44.39 -50.49 7.06
C ASP E 36 42.90 -50.26 6.84
N GLU E 37 42.06 -51.22 7.17
CA GLU E 37 40.66 -51.21 6.77
C GLU E 37 39.79 -51.54 7.96
N MET E 38 38.81 -50.70 8.25
CA MET E 38 37.88 -51.00 9.33
C MET E 38 36.99 -52.17 8.96
N LEU E 39 36.30 -52.71 9.94
CA LEU E 39 35.41 -53.84 9.73
C LEU E 39 33.97 -53.35 9.81
N VAL E 40 33.29 -53.34 8.68
CA VAL E 40 31.99 -52.70 8.54
C VAL E 40 30.89 -53.73 8.71
N GLN E 41 29.98 -53.47 9.65
CA GLN E 41 28.96 -54.45 9.98
C GLN E 41 27.70 -54.26 9.15
N GLN E 42 27.05 -53.11 9.27
CA GLN E 42 25.77 -52.83 8.67
C GLN E 42 25.96 -51.77 7.59
N PHE E 43 25.02 -51.69 6.65
CA PHE E 43 25.16 -50.76 5.54
C PHE E 43 23.79 -50.28 5.10
N ASP E 44 23.74 -49.05 4.58
CA ASP E 44 22.51 -48.43 4.10
C ASP E 44 22.78 -47.21 3.25
N HIS E 45 22.13 -47.08 2.09
CA HIS E 45 22.50 -46.04 1.15
C HIS E 45 21.39 -45.83 0.13
N VAL E 46 20.88 -44.60 0.03
CA VAL E 46 19.77 -44.26 -0.85
C VAL E 46 20.26 -43.23 -1.85
N VAL E 47 19.81 -43.32 -3.10
CA VAL E 47 20.11 -42.31 -4.11
C VAL E 47 18.79 -41.96 -4.79
N THR E 48 18.18 -40.85 -4.41
CA THR E 48 16.87 -40.51 -4.97
C THR E 48 17.00 -39.68 -6.23
N VAL E 49 15.91 -39.63 -7.00
CA VAL E 49 15.77 -38.73 -8.13
C VAL E 49 14.38 -38.13 -8.05
N PRO E 50 14.24 -36.82 -7.97
CA PRO E 50 12.91 -36.22 -7.93
C PRO E 50 12.19 -36.29 -9.25
N THR E 51 11.13 -37.09 -9.32
CA THR E 51 10.33 -37.22 -10.52
C THR E 51 9.00 -36.52 -10.31
N ASP E 52 8.47 -35.92 -11.38
CA ASP E 52 7.19 -35.24 -11.23
C ASP E 52 6.04 -36.23 -11.20
N PRO E 53 4.91 -35.86 -10.62
CA PRO E 53 3.71 -36.68 -10.76
C PRO E 53 3.16 -36.57 -12.17
N GLN E 54 2.13 -37.40 -12.42
CA GLN E 54 1.36 -37.49 -13.68
C GLN E 54 2.23 -37.58 -14.94
N SER E 55 3.41 -38.17 -14.79
CA SER E 55 4.38 -38.34 -15.86
C SER E 55 5.30 -39.46 -15.44
N GLY E 56 6.44 -39.56 -16.11
CA GLY E 56 7.47 -40.46 -15.65
C GLY E 56 8.83 -39.83 -15.67
N GLN E 57 8.91 -38.59 -16.15
CA GLN E 57 10.22 -38.03 -16.42
C GLN E 57 10.88 -37.54 -15.14
N PRO E 58 12.21 -37.63 -15.06
CA PRO E 58 12.92 -37.09 -13.89
C PRO E 58 12.92 -35.57 -13.90
N SER E 59 12.23 -34.97 -12.93
CA SER E 59 12.14 -33.53 -12.84
C SER E 59 13.23 -32.98 -11.91
N GLY E 60 14.46 -33.19 -12.34
CA GLY E 60 15.59 -32.72 -11.55
C GLY E 60 16.71 -33.73 -11.47
N GLN E 61 17.89 -33.27 -11.07
CA GLN E 61 19.02 -34.16 -10.96
C GLN E 61 18.91 -34.99 -9.70
N ARG E 62 19.75 -36.01 -9.62
CA ARG E 62 19.75 -36.96 -8.50
C ARG E 62 20.14 -36.26 -7.20
N VAL E 63 19.72 -36.86 -6.09
CA VAL E 63 19.99 -36.35 -4.74
C VAL E 63 20.57 -37.49 -3.93
N HIS E 64 21.83 -37.38 -3.55
CA HIS E 64 22.50 -38.46 -2.85
C HIS E 64 22.21 -38.41 -1.36
N LYS E 65 21.39 -39.30 -0.89
CA LYS E 65 21.24 -39.54 0.53
C LYS E 65 22.49 -40.29 1.02
N PRO E 66 22.87 -40.15 2.29
CA PRO E 66 24.21 -40.57 2.69
C PRO E 66 24.36 -42.08 2.86
N PHE E 67 25.62 -42.52 2.71
CA PHE E 67 26.13 -43.76 3.30
C PHE E 67 25.75 -43.90 4.75
N LYS E 68 25.59 -45.13 5.21
CA LYS E 68 25.47 -45.41 6.65
C LYS E 68 26.16 -46.74 6.91
N PHE E 69 27.43 -46.70 7.28
CA PHE E 69 28.15 -47.93 7.61
C PHE E 69 28.48 -47.94 9.08
N THR E 70 28.46 -49.11 9.70
CA THR E 70 28.58 -49.26 11.14
C THR E 70 29.84 -50.03 11.51
N VAL E 71 30.71 -49.40 12.28
CA VAL E 71 31.89 -50.07 12.80
C VAL E 71 31.88 -49.95 14.31
N ALA E 72 32.72 -50.74 14.97
CA ALA E 72 32.84 -50.67 16.41
C ALA E 72 33.75 -49.52 16.79
N LEU E 73 33.88 -49.25 18.08
CA LEU E 73 34.82 -48.24 18.55
C LEU E 73 36.25 -48.75 18.37
N ASN E 74 37.05 -48.00 17.64
CA ASN E 74 38.42 -48.39 17.40
C ASN E 74 39.27 -47.15 17.22
N LYS E 75 40.44 -47.32 16.62
CA LYS E 75 41.43 -46.26 16.52
C LYS E 75 40.95 -45.15 15.62
N ALA E 76 40.25 -45.48 14.54
CA ALA E 76 39.86 -44.48 13.56
C ALA E 76 38.67 -43.65 13.98
N VAL E 77 37.97 -43.99 15.05
CA VAL E 77 36.77 -43.24 15.45
C VAL E 77 37.11 -41.86 16.03
N PRO E 78 38.14 -41.64 16.85
CA PRO E 78 38.52 -40.25 17.15
C PRO E 78 39.05 -39.50 15.95
N LEU E 79 39.58 -40.20 14.95
CA LEU E 79 40.00 -39.51 13.74
C LEU E 79 38.80 -39.13 12.88
N LEU E 80 37.72 -39.90 12.93
CA LEU E 80 36.53 -39.55 12.19
C LEU E 80 35.68 -38.51 12.90
N TYR E 81 35.96 -38.21 14.16
CA TYR E 81 35.28 -37.08 14.78
C TYR E 81 36.04 -35.78 14.63
N ASN E 82 37.10 -35.74 13.81
CA ASN E 82 37.62 -34.47 13.34
C ASN E 82 37.34 -34.23 11.88
N ALA E 83 37.16 -35.29 11.11
CA ALA E 83 36.64 -35.09 9.76
C ALA E 83 35.20 -34.62 9.81
N LEU E 84 34.49 -34.96 10.88
CA LEU E 84 33.12 -34.53 11.06
C LEU E 84 33.03 -33.10 11.54
N SER E 85 33.60 -32.80 12.70
CA SER E 85 33.40 -31.53 13.35
C SER E 85 34.17 -30.40 12.71
N SER E 86 35.02 -30.66 11.73
CA SER E 86 35.70 -29.59 11.03
C SER E 86 35.40 -29.59 9.54
N GLY E 87 34.56 -30.49 9.06
CA GLY E 87 34.18 -30.50 7.67
C GLY E 87 35.27 -30.91 6.72
N GLU E 88 36.19 -31.73 7.18
CA GLU E 88 37.29 -32.16 6.33
C GLU E 88 36.80 -33.18 5.31
N LYS E 89 37.11 -32.93 4.05
CA LYS E 89 36.75 -33.91 3.04
C LYS E 89 37.69 -35.09 3.13
N LEU E 90 37.23 -36.23 2.64
CA LEU E 90 38.00 -37.46 2.66
C LEU E 90 38.29 -37.81 1.22
N LYS E 91 39.55 -38.03 0.88
CA LYS E 91 39.93 -38.21 -0.52
C LYS E 91 39.34 -39.48 -1.11
N THR E 92 39.25 -40.53 -0.33
CA THR E 92 38.66 -41.76 -0.85
C THR E 92 38.09 -42.60 0.27
N VAL E 93 37.10 -43.41 -0.07
CA VAL E 93 36.50 -44.39 0.82
C VAL E 93 36.22 -45.60 -0.06
N GLU E 94 36.91 -46.69 0.17
CA GLU E 94 36.77 -47.84 -0.72
C GLU E 94 36.12 -48.97 0.05
N LEU E 95 34.80 -48.99 0.03
CA LEU E 95 34.06 -50.14 0.56
C LEU E 95 34.31 -51.34 -0.33
N LYS E 96 34.41 -52.52 0.28
CA LYS E 96 34.65 -53.75 -0.45
C LYS E 96 33.72 -54.83 0.08
N TRP E 97 32.76 -55.23 -0.73
CA TRP E 97 31.78 -56.23 -0.33
C TRP E 97 32.37 -57.62 -0.52
N TYR E 98 32.57 -58.35 0.55
CA TYR E 98 33.09 -59.70 0.38
C TYR E 98 31.95 -60.69 0.27
N ARG E 99 32.29 -61.86 -0.27
CA ARG E 99 31.38 -63.01 -0.23
C ARG E 99 32.22 -64.27 -0.36
N THR E 100 31.62 -65.38 0.03
CA THR E 100 32.31 -66.65 0.01
C THR E 100 32.07 -67.32 -1.33
N SER E 101 33.15 -67.56 -2.08
CA SER E 101 33.04 -68.08 -3.42
C SER E 101 32.87 -69.59 -3.38
N ILE E 102 32.94 -70.22 -4.56
CA ILE E 102 32.71 -71.65 -4.65
C ILE E 102 33.92 -72.43 -4.15
N GLU E 103 35.12 -71.97 -4.50
CA GLU E 103 36.34 -72.67 -4.10
C GLU E 103 36.64 -72.55 -2.62
N GLY E 104 35.93 -71.68 -1.91
CA GLY E 104 36.10 -71.56 -0.48
C GLY E 104 36.91 -70.38 -0.02
N LYS E 105 37.03 -69.34 -0.83
CA LYS E 105 37.87 -68.21 -0.49
C LYS E 105 37.06 -66.94 -0.56
N GLN E 106 37.32 -66.03 0.36
CA GLN E 106 36.70 -64.73 0.35
C GLN E 106 37.16 -63.94 -0.88
N GLU E 107 36.26 -63.15 -1.43
CA GLU E 107 36.64 -62.30 -2.56
C GLU E 107 35.69 -61.11 -2.60
N ASN E 108 36.21 -59.97 -3.04
CA ASN E 108 35.35 -58.82 -3.23
C ASN E 108 34.64 -58.95 -4.56
N PHE E 109 33.34 -59.07 -4.52
CA PHE E 109 32.60 -59.13 -5.76
C PHE E 109 32.06 -57.78 -6.17
N PHE E 110 32.27 -56.75 -5.36
CA PHE E 110 31.57 -55.49 -5.55
C PHE E 110 32.28 -54.45 -4.70
N THR E 111 32.79 -53.38 -5.30
CA THR E 111 33.41 -52.31 -4.54
C THR E 111 32.75 -50.99 -4.91
N THR E 112 32.45 -50.17 -3.91
CA THR E 112 31.87 -48.85 -4.14
C THR E 112 32.87 -47.83 -3.67
N LYS E 113 33.74 -47.38 -4.57
CA LYS E 113 34.69 -46.34 -4.22
C LYS E 113 33.98 -45.00 -4.10
N LEU E 114 34.75 -43.97 -3.78
CA LEU E 114 34.13 -42.71 -3.38
C LEU E 114 35.19 -41.63 -3.50
N GLU E 115 34.86 -40.51 -4.11
CA GLU E 115 35.76 -39.37 -4.11
C GLU E 115 35.41 -38.49 -2.94
N ASN E 116 35.76 -37.19 -3.00
CA ASN E 116 35.69 -36.23 -1.90
C ASN E 116 34.40 -36.28 -1.12
N ALA E 117 34.49 -36.71 0.13
CA ALA E 117 33.32 -37.18 0.86
C ALA E 117 33.42 -36.72 2.31
N SER E 118 32.70 -35.65 2.63
CA SER E 118 32.65 -35.24 4.03
C SER E 118 31.79 -36.21 4.82
N ILE E 119 31.82 -36.07 6.13
CA ILE E 119 31.01 -36.87 7.02
C ILE E 119 29.83 -36.04 7.48
N VAL E 120 28.62 -36.54 7.27
CA VAL E 120 27.44 -35.80 7.69
C VAL E 120 27.20 -35.96 9.18
N ASP E 121 27.01 -37.19 9.65
CA ASP E 121 26.87 -37.40 11.07
C ASP E 121 27.38 -38.77 11.46
N ILE E 122 27.65 -38.91 12.76
CA ILE E 122 28.16 -40.14 13.33
C ILE E 122 27.33 -40.45 14.57
N HIS E 123 26.72 -41.62 14.60
CA HIS E 123 25.76 -41.98 15.63
C HIS E 123 26.36 -43.07 16.52
N CYS E 124 27.10 -42.65 17.52
CA CYS E 124 27.72 -43.59 18.46
C CYS E 124 26.70 -43.99 19.51
N GLU E 125 26.46 -45.29 19.64
CA GLU E 125 25.56 -45.78 20.67
C GLU E 125 26.10 -47.07 21.24
N MET E 126 25.52 -47.49 22.36
CA MET E 126 25.85 -48.73 23.01
C MET E 126 24.54 -49.30 23.52
N PRO E 127 24.24 -50.57 23.25
CA PRO E 127 22.98 -51.15 23.74
C PRO E 127 23.00 -51.32 25.24
N HIS E 128 21.83 -51.64 25.78
CA HIS E 128 21.64 -51.63 27.23
C HIS E 128 22.34 -52.83 27.85
N CYS E 129 23.12 -52.57 28.90
CA CYS E 129 23.95 -53.63 29.48
C CYS E 129 23.14 -54.64 30.27
N GLN E 130 22.00 -54.21 30.82
CA GLN E 130 21.11 -55.12 31.54
C GLN E 130 20.42 -56.11 30.60
N ASP E 131 20.26 -55.74 29.34
CA ASP E 131 19.41 -56.47 28.41
C ASP E 131 20.18 -57.68 27.88
N PRO E 132 19.69 -58.91 28.07
CA PRO E 132 20.42 -60.08 27.57
C PRO E 132 20.21 -60.36 26.10
N ALA E 133 19.23 -59.74 25.46
CA ALA E 133 19.04 -59.96 24.03
C ALA E 133 20.11 -59.27 23.20
N LYS E 134 20.72 -58.22 23.72
CA LYS E 134 21.76 -57.46 23.04
C LYS E 134 23.08 -57.59 23.76
N SER E 135 23.42 -58.81 24.19
CA SER E 135 24.66 -59.04 24.92
C SER E 135 25.84 -59.27 23.99
N ASP E 136 25.60 -59.77 22.79
CA ASP E 136 26.70 -60.05 21.86
C ASP E 136 27.23 -58.78 21.21
N PHE E 137 26.45 -57.71 21.18
CA PHE E 137 26.90 -56.48 20.54
C PHE E 137 27.91 -55.79 21.45
N THR E 138 28.78 -54.98 20.84
CA THR E 138 29.74 -54.22 21.64
C THR E 138 29.43 -52.74 21.60
N GLN E 139 29.52 -52.12 20.43
CA GLN E 139 29.15 -50.73 20.22
C GLN E 139 28.64 -50.62 18.79
N ASN E 140 28.17 -49.42 18.45
CA ASN E 140 27.68 -49.15 17.11
C ASN E 140 28.02 -47.71 16.78
N VAL E 141 28.97 -47.52 15.88
CA VAL E 141 29.36 -46.20 15.44
C VAL E 141 29.01 -46.11 13.96
N THR E 142 27.87 -45.49 13.66
CA THR E 142 27.35 -45.44 12.30
C THR E 142 27.80 -44.14 11.66
N VAL E 143 28.81 -44.21 10.83
CA VAL E 143 29.39 -43.01 10.23
C VAL E 143 28.74 -42.78 8.88
N SER E 144 28.21 -41.58 8.67
CA SER E 144 27.60 -41.26 7.40
C SER E 144 28.58 -40.55 6.49
N LEU E 145 28.28 -40.53 5.21
CA LEU E 145 29.16 -39.90 4.24
C LEU E 145 28.31 -39.31 3.13
N SER E 146 28.20 -38.00 3.08
CA SER E 146 27.86 -37.39 1.79
C SER E 146 29.14 -37.34 0.98
N TYR E 147 29.00 -37.14 -0.33
CA TYR E 147 30.10 -37.43 -1.22
C TYR E 147 29.90 -36.75 -2.55
N ARG E 148 31.02 -36.36 -3.17
CA ARG E 148 30.93 -35.78 -4.50
C ARG E 148 30.73 -36.85 -5.55
N LYS E 149 31.69 -37.75 -5.69
CA LYS E 149 31.72 -38.72 -6.76
C LYS E 149 31.77 -40.12 -6.19
N ILE E 150 30.86 -40.97 -6.65
CA ILE E 150 30.79 -42.36 -6.23
C ILE E 150 30.90 -43.24 -7.46
N THR E 151 31.62 -44.35 -7.34
CA THR E 151 31.80 -45.29 -8.44
C THR E 151 31.53 -46.70 -7.94
N TRP E 152 30.37 -47.23 -8.26
CA TRP E 152 30.12 -48.65 -8.05
C TRP E 152 30.96 -49.45 -9.03
N ASP E 153 31.32 -50.66 -8.64
CA ASP E 153 32.19 -51.47 -9.48
C ASP E 153 31.99 -52.93 -9.08
N HIS E 154 31.34 -53.69 -9.94
CA HIS E 154 31.26 -55.13 -9.73
C HIS E 154 32.49 -55.77 -10.34
N VAL E 155 33.22 -56.53 -9.53
CA VAL E 155 34.53 -57.02 -9.96
C VAL E 155 34.41 -58.30 -10.76
N ASN E 156 33.62 -59.27 -10.30
CA ASN E 156 33.55 -60.57 -10.97
C ASN E 156 32.79 -60.53 -12.28
N ALA E 157 32.11 -59.45 -12.61
CA ALA E 157 31.46 -59.32 -13.90
C ALA E 157 31.88 -58.05 -14.63
N GLY E 158 32.76 -57.26 -14.04
CA GLY E 158 33.39 -56.17 -14.74
C GLY E 158 32.54 -54.92 -14.95
N THR E 159 31.27 -54.93 -14.58
CA THR E 159 30.46 -53.73 -14.78
C THR E 159 30.88 -52.65 -13.80
N SER E 160 30.59 -51.41 -14.17
CA SER E 160 31.00 -50.28 -13.35
C SER E 160 30.05 -49.12 -13.60
N GLY E 161 29.41 -48.65 -12.54
CA GLY E 161 28.61 -47.46 -12.63
C GLY E 161 29.40 -46.30 -12.07
N SER E 162 28.92 -45.08 -12.28
CA SER E 162 29.62 -43.91 -11.78
C SER E 162 28.66 -42.74 -11.71
N ASP E 163 28.79 -41.94 -10.68
CA ASP E 163 28.10 -40.67 -10.61
C ASP E 163 29.10 -39.61 -10.17
N ASP E 164 28.93 -38.41 -10.68
CA ASP E 164 29.83 -37.34 -10.29
C ASP E 164 29.12 -36.01 -10.43
N TRP E 165 29.27 -35.17 -9.42
CA TRP E 165 28.82 -33.80 -9.58
C TRP E 165 29.80 -33.00 -10.42
N ARG E 166 31.07 -33.38 -10.40
CA ARG E 166 32.09 -32.62 -11.13
C ARG E 166 31.90 -32.75 -12.63
N LYS E 167 31.58 -33.94 -13.10
CA LYS E 167 31.44 -34.22 -14.53
C LYS E 167 30.12 -34.93 -14.79
N PRO E 168 29.01 -34.20 -14.82
CA PRO E 168 27.76 -34.82 -15.23
C PRO E 168 27.80 -35.10 -16.72
N ILE E 169 26.89 -35.96 -17.18
CA ILE E 169 27.06 -36.58 -18.47
C ILE E 169 26.67 -35.56 -19.55
N GLU E 170 27.69 -34.87 -20.05
CA GLU E 170 27.69 -33.72 -20.97
C GLU E 170 26.61 -32.65 -20.75
N GLY F 1 103.12 -0.07 -46.33
CA GLY F 1 102.32 -0.27 -45.14
C GLY F 1 101.11 0.62 -45.08
N SER F 2 100.49 0.88 -46.24
CA SER F 2 99.31 1.71 -46.30
C SER F 2 98.07 1.00 -45.77
N LEU F 3 98.07 -0.34 -45.76
CA LEU F 3 96.96 -1.07 -45.17
C LEU F 3 96.96 -0.96 -43.65
N LEU F 4 98.13 -0.80 -43.04
CA LEU F 4 98.19 -0.53 -41.61
C LEU F 4 97.73 0.90 -41.31
N ASP F 5 97.91 1.82 -42.28
CA ASP F 5 97.43 3.18 -42.10
C ASP F 5 95.91 3.27 -42.13
N GLU F 6 95.25 2.37 -42.87
CA GLU F 6 93.79 2.37 -42.90
C GLU F 6 93.21 1.79 -41.62
N ILE F 7 93.95 0.89 -40.96
CA ILE F 7 93.49 0.34 -39.69
C ILE F 7 93.68 1.37 -38.57
N MET F 8 94.83 2.07 -38.58
CA MET F 8 95.09 3.09 -37.57
C MET F 8 94.21 4.32 -37.74
N ALA F 9 93.82 4.65 -38.98
CA ALA F 9 92.84 5.72 -39.17
C ALA F 9 91.44 5.27 -38.79
N GLN F 10 91.17 3.97 -38.79
CA GLN F 10 89.91 3.41 -38.33
C GLN F 10 89.94 3.36 -36.81
N THR F 11 89.33 4.36 -36.16
CA THR F 11 89.49 4.54 -34.72
C THR F 11 88.73 3.53 -33.88
N ARG F 12 87.90 2.68 -34.49
CA ARG F 12 87.19 1.66 -33.71
C ARG F 12 88.10 0.52 -33.28
N CYS F 13 89.07 0.13 -34.11
CA CYS F 13 90.00 -0.95 -33.80
C CYS F 13 91.41 -0.56 -34.21
N ALA F 14 91.83 0.66 -33.84
CA ALA F 14 93.12 1.17 -34.32
C ALA F 14 94.33 0.52 -33.62
N PRO F 15 94.51 0.62 -32.25
CA PRO F 15 95.84 0.30 -31.72
C PRO F 15 96.11 -1.17 -31.48
N SER F 16 95.70 -2.04 -32.42
CA SER F 16 96.00 -3.47 -32.44
C SER F 16 95.59 -4.18 -31.15
N GLU F 17 94.29 -4.15 -30.87
CA GLU F 17 93.77 -4.71 -29.62
C GLU F 17 92.94 -5.96 -29.85
N GLU F 18 91.89 -5.88 -30.67
CA GLU F 18 91.01 -7.04 -30.90
C GLU F 18 90.29 -6.86 -32.23
N GLY F 19 90.30 -7.91 -33.05
CA GLY F 19 89.62 -7.85 -34.33
C GLY F 19 90.38 -7.13 -35.43
N TYR F 20 91.68 -6.90 -35.25
CA TYR F 20 92.46 -6.22 -36.28
C TYR F 20 92.97 -7.15 -37.37
N ASP F 21 93.00 -8.46 -37.11
CA ASP F 21 93.39 -9.40 -38.15
C ASP F 21 92.20 -9.84 -39.01
N ILE F 22 90.99 -9.77 -38.45
CA ILE F 22 89.80 -10.11 -39.23
C ILE F 22 89.43 -8.98 -40.18
N ALA F 23 89.45 -7.73 -39.69
CA ALA F 23 89.13 -6.58 -40.52
C ALA F 23 90.21 -6.30 -41.57
N LYS F 24 91.46 -6.72 -41.31
CA LYS F 24 92.48 -6.64 -42.35
C LYS F 24 92.19 -7.61 -43.49
N LYS F 25 91.62 -8.77 -43.18
CA LYS F 25 91.18 -9.69 -44.22
C LYS F 25 89.93 -9.18 -44.94
N GLY F 26 89.18 -8.27 -44.31
CA GLY F 26 87.98 -7.72 -44.94
C GLY F 26 88.29 -6.67 -45.99
N VAL F 27 89.30 -5.86 -45.74
CA VAL F 27 89.68 -4.84 -46.70
C VAL F 27 90.33 -5.47 -47.93
N ALA F 28 91.24 -6.42 -47.72
CA ALA F 28 92.00 -7.00 -48.82
C ALA F 28 91.15 -7.91 -49.69
N ALA F 29 90.07 -8.48 -49.15
CA ALA F 29 89.20 -9.32 -49.96
C ALA F 29 88.31 -8.50 -50.88
N PHE F 30 87.90 -7.31 -50.45
CA PHE F 30 86.99 -6.49 -51.24
C PHE F 30 87.71 -5.83 -52.42
N ILE F 31 89.00 -5.56 -52.28
CA ILE F 31 89.76 -4.92 -53.36
C ILE F 31 90.01 -5.91 -54.49
N GLU F 32 90.13 -7.20 -54.17
CA GLU F 32 90.41 -8.21 -55.20
C GLU F 32 89.21 -8.42 -56.13
N ASN F 33 87.99 -8.16 -55.66
CA ASN F 33 86.81 -8.25 -56.49
C ASN F 33 86.32 -6.88 -56.97
N LEU F 34 86.98 -5.81 -56.55
CA LEU F 34 86.55 -4.46 -56.92
C LEU F 34 86.84 -4.14 -58.38
N MET F 35 87.80 -4.82 -59.00
CA MET F 35 88.24 -4.49 -60.35
C MET F 35 87.24 -4.89 -61.43
N GLY F 36 86.17 -5.62 -61.09
CA GLY F 36 85.13 -5.89 -62.06
C GLY F 36 84.29 -4.68 -62.39
N SER F 37 84.17 -3.75 -61.44
CA SER F 37 83.42 -2.51 -61.65
C SER F 37 84.00 -1.46 -60.71
N GLN F 38 84.76 -0.52 -61.27
CA GLN F 38 85.41 0.51 -60.47
C GLN F 38 84.41 1.59 -60.06
N HIS F 39 84.31 1.82 -58.75
CA HIS F 39 83.42 2.85 -58.23
C HIS F 39 83.96 3.29 -56.87
N SER F 40 83.77 4.58 -56.57
CA SER F 40 84.31 5.19 -55.35
C SER F 40 83.20 5.94 -54.61
N ALA F 41 82.43 5.21 -53.80
CA ALA F 41 81.40 5.76 -52.93
C ALA F 41 81.02 4.71 -51.91
N GLU F 42 81.10 5.05 -50.61
CA GLU F 42 80.77 4.11 -49.55
C GLU F 42 79.32 3.60 -49.56
N PRO F 43 78.27 4.42 -49.72
CA PRO F 43 76.91 3.83 -49.70
C PRO F 43 76.60 2.97 -50.92
N VAL F 44 77.21 3.25 -52.06
CA VAL F 44 77.12 2.31 -53.17
C VAL F 44 77.94 1.06 -52.87
N ASN F 45 79.08 1.25 -52.18
CA ASN F 45 79.87 0.10 -51.72
C ASN F 45 79.14 -0.71 -50.66
N LYS F 46 78.29 -0.07 -49.85
CA LYS F 46 77.42 -0.83 -48.96
C LYS F 46 76.39 -1.65 -49.74
N SER F 47 76.05 -1.20 -50.95
CA SER F 47 75.31 -2.07 -51.86
C SER F 47 76.23 -2.99 -52.64
N LEU F 48 77.45 -2.53 -52.96
CA LEU F 48 78.39 -3.38 -53.69
C LEU F 48 78.94 -4.50 -52.83
N VAL F 49 79.02 -4.31 -51.51
CA VAL F 49 79.27 -5.44 -50.61
C VAL F 49 78.11 -6.43 -50.67
N ASP F 50 76.88 -5.90 -50.64
CA ASP F 50 75.70 -6.75 -50.74
C ASP F 50 75.56 -7.37 -52.12
N GLN F 51 76.02 -6.68 -53.18
CA GLN F 51 76.05 -7.30 -54.49
C GLN F 51 77.17 -8.33 -54.64
N MET F 52 78.14 -8.31 -53.74
CA MET F 52 79.12 -9.39 -53.63
C MET F 52 78.71 -10.45 -52.62
N LEU F 53 77.57 -10.28 -51.95
CA LEU F 53 77.02 -11.32 -51.09
C LEU F 53 75.91 -12.10 -51.77
N VAL F 54 75.13 -11.46 -52.64
CA VAL F 54 74.11 -12.16 -53.39
C VAL F 54 74.74 -13.09 -54.43
N GLU F 55 75.79 -12.61 -55.10
CA GLU F 55 76.52 -13.46 -56.03
C GLU F 55 77.34 -14.52 -55.29
N LEU F 56 77.71 -14.26 -54.04
CA LEU F 56 78.37 -15.27 -53.22
C LEU F 56 77.41 -16.36 -52.80
N ASP F 57 76.18 -15.99 -52.43
CA ASP F 57 75.18 -16.98 -52.04
C ASP F 57 74.71 -17.82 -53.22
N LYS F 58 74.83 -17.30 -54.45
CA LYS F 58 74.60 -18.14 -55.61
C LYS F 58 75.70 -19.17 -55.78
N LYS F 59 76.90 -18.88 -55.29
CA LYS F 59 77.97 -19.85 -55.34
C LYS F 59 77.90 -20.85 -54.20
N ILE F 60 77.41 -20.45 -53.03
CA ILE F 60 77.42 -21.35 -51.88
C ILE F 60 76.18 -22.23 -51.85
N SER F 61 75.00 -21.63 -52.03
CA SER F 61 73.77 -22.40 -51.92
C SER F 61 73.58 -23.36 -53.09
N ALA F 62 74.20 -23.09 -54.24
CA ALA F 62 74.21 -24.07 -55.30
C ALA F 62 75.13 -25.24 -54.99
N GLN F 63 76.11 -25.04 -54.11
CA GLN F 63 76.93 -26.14 -53.64
C GLN F 63 76.25 -26.88 -52.49
N MET F 64 75.57 -26.15 -51.62
CA MET F 64 74.84 -26.76 -50.52
C MET F 64 73.48 -27.32 -50.92
N ASP F 65 73.08 -27.16 -52.18
CA ASP F 65 72.04 -28.00 -52.74
C ASP F 65 72.61 -29.21 -53.47
N GLU F 66 73.91 -29.43 -53.37
CA GLU F 66 74.56 -30.60 -53.94
C GLU F 66 75.31 -31.42 -52.92
N ILE F 67 75.83 -30.80 -51.85
CA ILE F 67 76.32 -31.60 -50.73
C ILE F 67 75.16 -32.22 -49.98
N LEU F 68 74.05 -31.49 -49.86
CA LEU F 68 72.78 -32.10 -49.49
C LEU F 68 72.18 -32.76 -50.73
N HIS F 69 70.98 -33.32 -50.56
CA HIS F 69 70.14 -33.87 -51.64
C HIS F 69 70.83 -35.00 -52.40
N ASN F 70 71.74 -35.71 -51.73
CA ASN F 70 72.47 -36.81 -52.32
C ASN F 70 71.85 -38.13 -51.87
N SER F 71 71.96 -39.16 -52.72
CA SER F 71 71.31 -40.43 -52.45
C SER F 71 71.92 -41.15 -51.25
N GLN F 72 73.19 -40.88 -50.95
CA GLN F 72 73.78 -41.40 -49.72
C GLN F 72 73.43 -40.54 -48.52
N PHE F 73 73.31 -39.23 -48.72
CA PHE F 73 73.03 -38.34 -47.60
C PHE F 73 71.56 -38.36 -47.23
N GLN F 74 70.68 -38.14 -48.22
CA GLN F 74 69.25 -37.96 -47.95
C GLN F 74 68.59 -39.25 -47.46
N ALA F 75 69.01 -40.41 -47.99
CA ALA F 75 68.48 -41.67 -47.51
C ALA F 75 68.98 -41.99 -46.12
N MET F 76 70.14 -41.46 -45.73
CA MET F 76 70.63 -41.57 -44.38
C MET F 76 70.30 -40.35 -43.53
N GLU F 77 69.58 -39.38 -44.07
CA GLU F 77 69.02 -38.31 -43.26
C GLU F 77 67.57 -38.58 -42.92
N SER F 78 66.79 -39.09 -43.89
CA SER F 78 65.39 -39.43 -43.62
C SER F 78 65.27 -40.63 -42.69
N ALA F 79 66.22 -41.56 -42.76
CA ALA F 79 66.21 -42.71 -41.87
C ALA F 79 66.67 -42.35 -40.46
N TRP F 80 67.18 -41.15 -40.24
CA TRP F 80 67.68 -40.76 -38.93
C TRP F 80 66.95 -39.55 -38.34
N ARG F 81 66.60 -38.56 -39.17
CA ARG F 81 65.75 -37.48 -38.66
C ARG F 81 64.32 -37.95 -38.46
N GLY F 82 63.88 -38.93 -39.26
CA GLY F 82 62.60 -39.56 -39.03
C GLY F 82 62.54 -40.35 -37.73
N LEU F 83 63.67 -40.80 -37.22
CA LEU F 83 63.72 -41.36 -35.88
C LEU F 83 63.47 -40.28 -34.84
N LYS F 84 63.99 -39.07 -35.07
CA LYS F 84 63.78 -37.98 -34.13
C LYS F 84 62.32 -37.56 -34.07
N LEU F 85 61.60 -37.70 -35.19
CA LEU F 85 60.15 -37.53 -35.16
C LEU F 85 59.46 -38.65 -34.40
N PHE F 86 60.08 -39.81 -34.27
CA PHE F 86 59.52 -40.85 -33.42
C PHE F 86 59.96 -40.70 -31.96
N VAL F 87 61.06 -40.01 -31.71
CA VAL F 87 61.49 -39.80 -30.32
C VAL F 87 60.80 -38.59 -29.70
N ASP F 88 60.59 -37.53 -30.48
CA ASP F 88 60.05 -36.29 -29.92
C ASP F 88 58.56 -36.40 -29.61
N ARG F 89 57.81 -37.22 -30.35
CA ARG F 89 56.38 -37.28 -30.13
C ARG F 89 56.01 -38.22 -28.99
N THR F 90 56.70 -39.35 -28.87
CA THR F 90 56.34 -40.37 -27.90
C THR F 90 56.82 -39.97 -26.52
N ASP F 91 55.91 -40.02 -25.55
CA ASP F 91 56.21 -39.56 -24.20
C ASP F 91 56.90 -40.71 -23.47
N PHE F 92 58.22 -40.59 -23.29
CA PHE F 92 58.99 -41.61 -22.62
C PHE F 92 58.77 -41.64 -21.12
N ARG F 93 58.16 -40.59 -20.55
CA ARG F 93 57.78 -40.66 -19.14
C ARG F 93 56.59 -41.58 -18.92
N GLU F 94 55.76 -41.79 -19.93
CA GLU F 94 54.57 -42.64 -19.79
C GLU F 94 54.84 -44.07 -20.21
N ASN F 95 55.91 -44.65 -19.67
CA ASN F 95 56.28 -46.07 -19.82
C ASN F 95 56.42 -46.48 -21.28
N ASN F 96 57.43 -45.90 -21.93
CA ASN F 96 57.73 -46.23 -23.31
C ASN F 96 59.24 -46.32 -23.48
N LYS F 97 59.70 -47.34 -24.20
CA LYS F 97 61.09 -47.44 -24.58
C LYS F 97 61.14 -47.87 -26.04
N VAL F 98 62.25 -47.57 -26.71
CA VAL F 98 62.41 -47.94 -28.11
C VAL F 98 63.85 -48.38 -28.36
N GLU F 99 63.99 -49.58 -28.92
CA GLU F 99 65.30 -50.11 -29.27
C GLU F 99 65.63 -49.77 -30.71
N ILE F 100 66.92 -49.59 -30.96
CA ILE F 100 67.44 -49.16 -32.26
C ILE F 100 68.42 -50.22 -32.76
N LEU F 101 68.08 -50.86 -33.87
CA LEU F 101 68.91 -51.91 -34.43
C LEU F 101 69.43 -51.51 -35.80
N HIS F 102 70.76 -51.56 -35.96
CA HIS F 102 71.40 -51.30 -37.25
C HIS F 102 71.46 -52.61 -38.02
N VAL F 103 70.58 -52.76 -38.99
CA VAL F 103 70.76 -53.75 -40.04
C VAL F 103 70.77 -53.01 -41.35
N THR F 104 71.04 -53.73 -42.43
CA THR F 104 70.63 -53.27 -43.74
C THR F 104 69.64 -54.28 -44.31
N LYS F 105 68.84 -53.80 -45.26
CA LYS F 105 67.73 -54.60 -45.78
C LYS F 105 68.23 -55.80 -46.56
N ASP F 106 69.38 -55.70 -47.20
CA ASP F 106 69.96 -56.86 -47.88
C ASP F 106 70.63 -57.81 -46.91
N GLU F 107 71.08 -57.31 -45.76
CA GLU F 107 71.68 -58.18 -44.76
C GLU F 107 70.63 -59.04 -44.07
N LEU F 108 69.41 -58.53 -43.97
CA LEU F 108 68.41 -59.17 -43.10
C LEU F 108 67.87 -60.43 -43.74
N LEU F 109 67.67 -60.44 -45.06
CA LEU F 109 67.23 -61.65 -45.73
C LEU F 109 68.34 -62.71 -45.74
N GLU F 110 69.60 -62.27 -45.83
CA GLU F 110 70.73 -63.18 -45.70
C GLU F 110 70.80 -63.78 -44.30
N ASP F 111 70.40 -63.01 -43.29
CA ASP F 111 70.37 -63.52 -41.92
C ASP F 111 69.24 -64.51 -41.69
N PHE F 112 68.16 -64.41 -42.47
CA PHE F 112 67.16 -65.48 -42.45
C PHE F 112 67.57 -66.65 -43.33
N GLU F 113 68.41 -66.41 -44.33
CA GLU F 113 69.05 -67.49 -45.06
C GLU F 113 70.17 -68.13 -44.24
N PHE F 114 70.67 -67.41 -43.24
CA PHE F 114 71.74 -67.87 -42.37
C PHE F 114 71.30 -69.08 -41.54
N ALA F 115 70.18 -68.95 -40.84
CA ALA F 115 69.72 -70.04 -39.99
C ALA F 115 68.80 -70.98 -40.76
N PRO F 116 68.81 -72.27 -40.44
CA PRO F 116 67.90 -73.21 -41.10
C PRO F 116 66.46 -73.03 -40.68
N GLU F 117 66.21 -72.43 -39.53
CA GLU F 117 64.86 -72.19 -39.03
C GLU F 117 64.79 -70.76 -38.50
N THR F 118 63.61 -70.15 -38.64
CA THR F 118 63.38 -68.79 -38.15
C THR F 118 63.54 -68.69 -36.64
N ALA F 119 63.37 -69.79 -35.91
CA ALA F 119 63.57 -69.85 -34.48
C ALA F 119 65.03 -69.95 -34.07
N GLN F 120 65.96 -69.84 -35.01
CA GLN F 120 67.38 -69.76 -34.68
C GLN F 120 68.06 -68.60 -35.39
N SER F 121 67.30 -67.65 -35.91
CA SER F 121 67.86 -66.55 -36.68
C SER F 121 68.56 -65.54 -35.79
N GLY F 122 69.19 -64.54 -36.41
CA GLY F 122 69.80 -63.48 -35.65
C GLY F 122 68.83 -62.36 -35.30
N LEU F 123 67.80 -62.17 -36.12
CA LEU F 123 66.77 -61.21 -35.77
C LEU F 123 65.82 -61.78 -34.72
N TYR F 124 65.67 -63.11 -34.70
CA TYR F 124 64.91 -63.77 -33.65
C TYR F 124 65.55 -63.62 -32.29
N LYS F 125 66.86 -63.40 -32.25
CA LYS F 125 67.54 -63.16 -30.98
C LYS F 125 67.17 -61.80 -30.41
N HIS F 126 67.01 -60.79 -31.28
CA HIS F 126 66.77 -59.45 -30.79
C HIS F 126 65.29 -59.14 -30.61
N VAL F 127 64.41 -59.83 -31.34
CA VAL F 127 62.98 -59.59 -31.21
C VAL F 127 62.40 -60.43 -30.08
N TYR F 128 62.72 -61.73 -30.08
CA TYR F 128 62.12 -62.65 -29.12
C TYR F 128 62.97 -62.79 -27.86
N SER F 129 64.20 -63.27 -28.01
CA SER F 129 64.91 -63.80 -26.84
C SER F 129 65.54 -62.71 -25.99
N ALA F 130 66.04 -61.64 -26.59
CA ALA F 130 66.61 -60.56 -25.78
C ALA F 130 65.53 -59.70 -25.15
N GLY F 131 64.31 -59.79 -25.64
CA GLY F 131 63.19 -59.04 -25.13
C GLY F 131 62.18 -59.93 -24.45
N TYR F 132 61.20 -60.36 -25.24
CA TYR F 132 60.06 -61.13 -24.76
C TYR F 132 60.46 -62.45 -24.13
N GLY F 133 61.31 -63.23 -24.79
CA GLY F 133 61.72 -64.50 -24.23
C GLY F 133 62.86 -64.36 -23.25
N GLN F 134 62.61 -63.66 -22.15
CA GLN F 134 63.66 -63.31 -21.19
C GLN F 134 63.00 -63.07 -19.85
N PHE F 135 63.57 -63.64 -18.79
CA PHE F 135 63.04 -63.42 -17.46
C PHE F 135 63.28 -61.99 -17.04
N GLY F 136 62.18 -61.24 -16.86
CA GLY F 136 62.25 -59.86 -16.44
C GLY F 136 62.46 -58.85 -17.55
N GLY F 137 62.86 -59.30 -18.74
CA GLY F 137 63.10 -58.37 -19.82
C GLY F 137 61.81 -57.83 -20.39
N GLU F 138 61.86 -56.58 -20.83
CA GLU F 138 60.69 -55.93 -21.40
C GLU F 138 60.39 -56.50 -22.78
N PRO F 139 59.15 -56.84 -23.08
CA PRO F 139 58.84 -57.51 -24.34
C PRO F 139 58.58 -56.49 -25.44
N VAL F 140 58.59 -56.99 -26.67
CA VAL F 140 58.57 -56.16 -27.86
C VAL F 140 57.15 -55.97 -28.34
N GLY F 141 56.72 -54.72 -28.47
CA GLY F 141 55.40 -54.41 -28.94
C GLY F 141 55.25 -54.49 -30.45
N ALA F 142 56.14 -53.83 -31.19
CA ALA F 142 56.05 -53.82 -32.64
C ALA F 142 57.43 -53.60 -33.24
N ILE F 143 57.58 -53.98 -34.50
CA ILE F 143 58.84 -53.82 -35.21
C ILE F 143 58.62 -52.80 -36.32
N ILE F 144 59.29 -51.65 -36.21
CA ILE F 144 59.26 -50.64 -37.26
C ILE F 144 60.22 -51.06 -38.34
N GLY F 145 59.70 -51.29 -39.54
CA GLY F 145 60.54 -51.58 -40.68
C GLY F 145 60.81 -50.33 -41.49
N ASN F 146 62.06 -49.88 -41.49
CA ASN F 146 62.44 -48.65 -42.19
C ASN F 146 62.87 -48.98 -43.63
N TYR F 147 61.97 -49.67 -44.32
CA TYR F 147 62.29 -50.34 -45.57
C TYR F 147 61.41 -49.79 -46.69
N ALA F 148 61.74 -50.21 -47.91
CA ALA F 148 60.95 -49.87 -49.10
C ALA F 148 60.73 -51.17 -49.85
N PHE F 149 59.57 -51.77 -49.68
CA PHE F 149 59.33 -53.12 -50.17
C PHE F 149 58.91 -53.12 -51.62
N THR F 150 59.50 -54.02 -52.38
CA THR F 150 59.15 -54.40 -53.72
C THR F 150 58.28 -55.65 -53.67
N PRO F 151 57.60 -56.00 -54.75
CA PRO F 151 56.88 -57.28 -54.77
C PRO F 151 57.72 -58.45 -55.27
N SER F 152 59.03 -58.27 -55.33
CA SER F 152 59.90 -59.30 -55.86
C SER F 152 60.12 -60.41 -54.84
N THR F 153 60.79 -61.47 -55.28
CA THR F 153 61.11 -62.64 -54.47
C THR F 153 62.05 -62.34 -53.29
N PRO F 154 63.09 -61.48 -53.39
CA PRO F 154 63.83 -61.14 -52.16
C PRO F 154 63.09 -60.23 -51.19
N ASP F 155 61.85 -59.82 -51.47
CA ASP F 155 61.05 -59.08 -50.50
C ASP F 155 59.75 -59.77 -50.13
N MET F 156 59.36 -60.82 -50.83
CA MET F 156 58.31 -61.69 -50.33
C MET F 156 58.86 -62.87 -49.56
N LYS F 157 60.16 -63.16 -49.70
CA LYS F 157 60.79 -64.15 -48.84
C LYS F 157 61.10 -63.54 -47.48
N LEU F 158 61.37 -62.25 -47.44
CA LEU F 158 61.60 -61.58 -46.16
C LEU F 158 60.32 -61.51 -45.34
N LEU F 159 59.21 -61.11 -45.97
CA LEU F 159 57.96 -60.97 -45.23
C LEU F 159 57.37 -62.32 -44.83
N GLN F 160 57.68 -63.37 -45.57
CA GLN F 160 57.31 -64.70 -45.11
C GLN F 160 58.09 -65.07 -43.86
N TYR F 161 59.32 -64.61 -43.75
CA TYR F 161 60.15 -64.82 -42.58
C TYR F 161 59.99 -63.72 -41.55
N MET F 162 59.15 -62.72 -41.80
CA MET F 162 58.78 -61.77 -40.76
C MET F 162 57.38 -61.99 -40.23
N GLY F 163 56.51 -62.61 -41.01
CA GLY F 163 55.24 -63.05 -40.48
C GLY F 163 55.39 -64.22 -39.53
N ALA F 164 56.35 -65.10 -39.79
CA ALA F 164 56.62 -66.19 -38.87
C ALA F 164 57.35 -65.70 -37.64
N LEU F 165 58.17 -64.66 -37.77
CA LEU F 165 58.79 -64.06 -36.59
C LEU F 165 57.77 -63.29 -35.78
N GLY F 166 56.84 -62.60 -36.46
CA GLY F 166 55.80 -61.88 -35.75
C GLY F 166 54.78 -62.75 -35.06
N ALA F 167 54.65 -64.00 -35.50
CA ALA F 167 53.74 -64.92 -34.84
C ALA F 167 54.38 -65.65 -33.67
N MET F 168 55.70 -65.50 -33.49
CA MET F 168 56.35 -66.12 -32.35
C MET F 168 56.51 -65.15 -31.19
N ALA F 169 56.86 -63.90 -31.46
CA ALA F 169 57.05 -62.92 -30.41
C ALA F 169 55.83 -62.04 -30.18
N HIS F 170 54.73 -62.31 -30.91
CA HIS F 170 53.46 -61.59 -30.81
C HIS F 170 53.64 -60.09 -31.06
N ALA F 171 54.35 -59.76 -32.12
CA ALA F 171 54.58 -58.36 -32.41
C ALA F 171 54.48 -58.16 -33.91
N PRO F 172 53.56 -57.32 -34.39
CA PRO F 172 53.43 -57.12 -35.83
C PRO F 172 54.56 -56.28 -36.38
N PHE F 173 55.00 -56.64 -37.58
CA PHE F 173 56.07 -55.95 -38.27
C PHE F 173 55.47 -54.91 -39.20
N ILE F 174 55.66 -53.64 -38.86
CA ILE F 174 55.13 -52.53 -39.65
C ILE F 174 56.24 -51.92 -40.48
N SER F 175 56.01 -51.81 -41.78
CA SER F 175 56.95 -51.25 -42.74
C SER F 175 56.13 -50.58 -43.84
N SER F 176 56.75 -50.29 -44.97
CA SER F 176 56.02 -49.63 -46.05
C SER F 176 56.38 -50.24 -47.39
N VAL F 177 55.44 -50.13 -48.32
CA VAL F 177 55.66 -50.48 -49.70
C VAL F 177 56.17 -49.25 -50.43
N GLY F 178 56.84 -49.49 -51.55
CA GLY F 178 57.41 -48.40 -52.32
C GLY F 178 56.52 -47.97 -53.46
N PRO F 179 56.98 -46.98 -54.23
CA PRO F 179 56.29 -46.64 -55.48
C PRO F 179 56.27 -47.79 -56.45
N GLU F 180 57.41 -48.48 -56.59
CA GLU F 180 57.53 -49.60 -57.52
C GLU F 180 56.71 -50.81 -57.10
N PHE F 181 56.18 -50.82 -55.89
CA PHE F 181 55.26 -51.88 -55.48
C PHE F 181 53.98 -51.81 -56.27
N PHE F 182 53.46 -50.61 -56.49
CA PHE F 182 52.26 -50.46 -57.29
C PHE F 182 52.54 -50.45 -58.77
N GLY F 183 53.81 -50.38 -59.17
CA GLY F 183 54.16 -50.38 -60.58
C GLY F 183 53.98 -49.03 -61.25
N ILE F 184 54.44 -47.97 -60.61
CA ILE F 184 54.31 -46.63 -61.17
C ILE F 184 55.64 -45.90 -61.31
N ASP F 185 56.69 -46.31 -60.58
CA ASP F 185 58.08 -45.84 -60.72
C ASP F 185 58.29 -44.37 -60.41
N SER F 186 57.24 -43.66 -60.02
CA SER F 186 57.23 -42.25 -59.67
C SER F 186 55.92 -42.04 -58.95
N PHE F 187 55.95 -41.48 -57.74
CA PHE F 187 54.85 -41.76 -56.83
C PHE F 187 53.62 -40.90 -57.03
N GLU F 188 53.77 -39.66 -57.51
CA GLU F 188 52.65 -38.73 -57.53
C GLU F 188 51.57 -39.05 -58.57
N GLU F 189 51.70 -40.16 -59.30
CA GLU F 189 50.66 -40.62 -60.22
C GLU F 189 49.83 -41.75 -59.60
N LEU F 190 49.65 -41.76 -58.30
CA LEU F 190 48.82 -42.78 -57.67
C LEU F 190 47.31 -42.56 -57.79
N PRO F 191 46.75 -41.34 -57.64
CA PRO F 191 45.30 -41.19 -57.90
C PRO F 191 44.91 -41.37 -59.35
N ASN F 192 45.86 -41.37 -60.28
CA ASN F 192 45.56 -41.63 -61.68
C ASN F 192 45.17 -43.10 -61.89
N ILE F 193 45.49 -43.97 -60.95
CA ILE F 193 45.11 -45.38 -61.05
C ILE F 193 43.59 -45.49 -60.93
N LYS F 194 42.96 -45.98 -61.99
CA LYS F 194 41.51 -46.04 -62.05
C LYS F 194 40.94 -47.38 -61.62
N ASP F 195 41.78 -48.41 -61.49
CA ASP F 195 41.31 -49.70 -60.99
C ASP F 195 42.51 -50.37 -60.32
N LEU F 196 42.55 -50.31 -58.99
CA LEU F 196 43.65 -50.88 -58.22
C LEU F 196 43.36 -52.32 -57.79
N LYS F 197 42.11 -52.75 -57.88
CA LYS F 197 41.77 -54.14 -57.58
C LYS F 197 42.34 -55.08 -58.64
N SER F 198 42.28 -54.68 -59.90
CA SER F 198 42.80 -55.52 -60.97
C SER F 198 44.31 -55.52 -61.04
N THR F 199 44.96 -54.50 -60.46
CA THR F 199 46.42 -54.46 -60.45
C THR F 199 46.99 -55.55 -59.56
N PHE F 200 46.30 -55.84 -58.45
CA PHE F 200 46.79 -56.82 -57.50
C PHE F 200 46.48 -58.26 -57.90
N GLU F 201 45.64 -58.46 -58.93
CA GLU F 201 45.34 -59.78 -59.46
C GLU F 201 46.13 -60.09 -60.72
N SER F 202 47.39 -59.61 -60.79
CA SER F 202 48.42 -59.78 -61.80
C SER F 202 49.35 -60.93 -61.42
N PRO F 203 49.91 -61.65 -62.41
CA PRO F 203 50.83 -62.75 -62.10
C PRO F 203 52.19 -62.30 -61.58
N LYS F 204 52.48 -61.00 -61.54
CA LYS F 204 53.69 -60.56 -60.84
C LYS F 204 53.53 -60.70 -59.34
N TYR F 205 52.30 -60.71 -58.84
CA TYR F 205 52.01 -60.73 -57.40
C TYR F 205 51.56 -62.11 -56.93
N THR F 206 52.14 -63.18 -57.48
CA THR F 206 51.78 -64.52 -56.99
C THR F 206 52.40 -64.78 -55.63
N LYS F 207 53.57 -64.19 -55.37
CA LYS F 207 54.18 -64.25 -54.04
C LYS F 207 53.62 -63.19 -53.09
N TRP F 208 52.67 -62.38 -53.53
CA TRP F 208 51.93 -61.47 -52.67
C TRP F 208 50.58 -62.04 -52.27
N ARG F 209 49.82 -62.56 -53.24
CA ARG F 209 48.52 -63.13 -52.95
C ARG F 209 48.62 -64.47 -52.24
N SER F 210 49.78 -65.11 -52.25
CA SER F 210 50.02 -66.27 -51.41
C SER F 210 50.53 -65.87 -50.04
N LEU F 211 51.14 -64.70 -49.91
CA LEU F 211 51.49 -64.19 -48.59
C LEU F 211 50.25 -63.77 -47.83
N ARG F 212 49.27 -63.19 -48.52
CA ARG F 212 48.07 -62.69 -47.85
C ARG F 212 47.21 -63.81 -47.32
N GLU F 213 47.13 -64.93 -48.03
CA GLU F 213 46.32 -66.05 -47.57
C GLU F 213 46.94 -66.78 -46.38
N SER F 214 48.21 -66.56 -46.11
CA SER F 214 48.91 -67.32 -45.09
C SER F 214 48.43 -66.92 -43.69
N GLU F 215 48.64 -67.83 -42.74
CA GLU F 215 48.12 -67.65 -41.40
C GLU F 215 48.95 -66.65 -40.60
N ASP F 216 50.27 -66.71 -40.73
CA ASP F 216 51.13 -65.82 -39.97
C ASP F 216 51.27 -64.44 -40.58
N ALA F 217 50.52 -64.12 -41.65
CA ALA F 217 50.50 -62.78 -42.20
C ALA F 217 49.72 -61.80 -41.35
N ARG F 218 49.06 -62.29 -40.31
CA ARG F 218 48.28 -61.47 -39.39
C ARG F 218 49.14 -60.45 -38.68
N TYR F 219 50.43 -60.74 -38.52
CA TYR F 219 51.38 -59.88 -37.83
C TYR F 219 52.22 -59.08 -38.80
N LEU F 220 51.62 -58.63 -39.90
CA LEU F 220 52.32 -57.85 -40.91
C LEU F 220 51.40 -56.76 -41.42
N GLY F 221 51.69 -55.52 -41.04
CA GLY F 221 51.04 -54.35 -41.62
C GLY F 221 52.04 -53.61 -42.49
N LEU F 222 51.60 -53.14 -43.64
CA LEU F 222 52.45 -52.37 -44.53
C LEU F 222 51.79 -51.01 -44.77
N THR F 223 52.54 -49.95 -44.49
CA THR F 223 51.95 -48.64 -44.24
C THR F 223 51.87 -47.82 -45.52
N ALA F 224 51.69 -46.52 -45.32
CA ALA F 224 51.26 -45.40 -46.13
C ALA F 224 52.17 -45.05 -47.31
N PRO F 225 51.83 -44.03 -48.12
CA PRO F 225 52.81 -43.52 -49.10
C PRO F 225 54.18 -43.13 -48.58
N ARG F 226 54.30 -41.99 -47.90
CA ARG F 226 55.51 -41.36 -47.33
C ARG F 226 55.03 -40.08 -46.68
N PHE F 227 55.93 -39.43 -45.95
CA PHE F 227 55.56 -38.16 -45.35
C PHE F 227 56.79 -37.28 -45.24
N LEU F 228 56.56 -35.98 -45.14
CA LEU F 228 57.61 -34.97 -45.16
C LEU F 228 58.22 -34.80 -43.78
N LEU F 229 59.53 -34.54 -43.74
CA LEU F 229 60.27 -34.37 -42.50
C LEU F 229 60.80 -32.97 -42.29
N ARG F 230 61.47 -32.40 -43.30
CA ARG F 230 62.19 -31.15 -43.12
C ARG F 230 61.62 -30.10 -44.07
N VAL F 231 61.19 -28.98 -43.50
CA VAL F 231 60.88 -27.79 -44.29
C VAL F 231 62.19 -27.26 -44.90
N PRO F 232 62.25 -27.01 -46.20
CA PRO F 232 63.45 -26.40 -46.77
C PRO F 232 63.65 -24.98 -46.23
N TYR F 233 64.91 -24.65 -45.98
CA TYR F 233 65.26 -23.47 -45.19
C TYR F 233 65.03 -22.19 -45.98
N ASP F 234 65.03 -21.07 -45.27
CA ASP F 234 64.66 -19.78 -45.83
C ASP F 234 65.31 -18.71 -44.98
N PRO F 235 65.82 -17.62 -45.57
CA PRO F 235 66.44 -16.57 -44.76
C PRO F 235 65.48 -15.75 -43.92
N ILE F 236 64.17 -15.94 -44.05
CA ILE F 236 63.17 -15.23 -43.26
C ILE F 236 62.43 -16.19 -42.33
N GLU F 237 61.97 -17.33 -42.85
CA GLU F 237 61.14 -18.24 -42.08
C GLU F 237 61.96 -19.08 -41.10
N ASN F 238 62.86 -19.90 -41.63
CA ASN F 238 63.69 -20.79 -40.82
C ASN F 238 65.15 -20.50 -41.17
N PRO F 239 65.73 -19.47 -40.55
CA PRO F 239 67.09 -19.06 -40.93
C PRO F 239 68.15 -19.96 -40.33
N VAL F 240 69.39 -19.75 -40.78
CA VAL F 240 70.55 -20.41 -40.24
C VAL F 240 71.49 -19.34 -39.69
N LYS F 241 72.38 -19.77 -38.78
CA LYS F 241 73.21 -18.84 -38.02
C LYS F 241 74.30 -18.26 -38.89
N SER F 242 74.34 -16.93 -38.98
CA SER F 242 75.36 -16.14 -39.69
C SER F 242 75.43 -16.48 -41.17
N PHE F 243 74.30 -16.85 -41.77
CA PHE F 243 74.23 -17.21 -43.17
C PHE F 243 72.77 -17.09 -43.62
N ASN F 244 72.57 -16.85 -44.91
CA ASN F 244 71.24 -16.82 -45.52
C ASN F 244 71.17 -17.95 -46.53
N TYR F 245 70.35 -18.95 -46.24
CA TYR F 245 70.29 -20.19 -47.02
C TYR F 245 68.88 -20.36 -47.58
N ALA F 246 68.74 -20.17 -48.88
CA ALA F 246 67.49 -20.43 -49.59
C ALA F 246 67.67 -21.74 -50.36
N GLU F 247 67.07 -22.81 -49.85
CA GLU F 247 67.22 -24.14 -50.44
C GLU F 247 66.35 -24.21 -51.69
N ASN F 248 66.98 -24.10 -52.85
CA ASN F 248 66.28 -24.09 -54.12
C ASN F 248 65.79 -25.50 -54.45
N VAL F 249 64.54 -25.78 -54.11
CA VAL F 249 63.93 -27.08 -54.39
C VAL F 249 63.38 -27.05 -55.81
N SER F 250 63.85 -27.97 -56.65
CA SER F 250 63.49 -28.01 -58.05
C SER F 250 62.12 -28.66 -58.23
N ALA F 251 61.77 -28.95 -59.48
CA ALA F 251 60.50 -29.60 -59.78
C ALA F 251 60.51 -31.07 -59.39
N SER F 252 61.68 -31.67 -59.21
CA SER F 252 61.76 -33.01 -58.69
C SER F 252 61.43 -33.01 -57.21
N HIS F 253 60.36 -33.71 -56.83
CA HIS F 253 59.94 -33.79 -55.44
C HIS F 253 60.67 -34.89 -54.69
N GLU F 254 61.74 -35.45 -55.24
CA GLU F 254 62.58 -36.38 -54.50
C GLU F 254 63.61 -35.66 -53.64
N HIS F 255 63.77 -34.34 -53.81
CA HIS F 255 64.75 -33.60 -53.03
C HIS F 255 64.23 -33.21 -51.66
N TYR F 256 62.92 -33.18 -51.46
CA TYR F 256 62.36 -33.06 -50.13
C TYR F 256 62.76 -34.27 -49.29
N LEU F 257 62.97 -34.03 -48.00
CA LEU F 257 63.38 -35.11 -47.10
C LEU F 257 62.16 -35.95 -46.76
N TRP F 258 61.87 -36.90 -47.64
CA TRP F 258 60.71 -37.75 -47.43
C TRP F 258 61.05 -38.91 -46.52
N GLY F 259 60.35 -39.00 -45.39
CA GLY F 259 60.58 -40.05 -44.43
C GLY F 259 59.84 -41.33 -44.76
N ASN F 260 59.94 -42.29 -43.84
CA ASN F 260 59.23 -43.57 -43.96
C ASN F 260 58.10 -43.59 -42.94
N THR F 261 56.91 -43.98 -43.39
CA THR F 261 55.72 -43.81 -42.57
C THR F 261 55.55 -44.90 -41.52
N ALA F 262 56.43 -45.90 -41.50
CA ALA F 262 56.47 -46.82 -40.37
C ALA F 262 56.90 -46.11 -39.09
N PHE F 263 57.66 -45.02 -39.22
CA PHE F 263 57.85 -44.08 -38.12
C PHE F 263 56.53 -43.47 -37.69
N ALA F 264 55.78 -42.93 -38.64
CA ALA F 264 54.60 -42.14 -38.32
C ALA F 264 53.42 -42.99 -37.90
N PHE F 265 53.34 -44.24 -38.35
CA PHE F 265 52.27 -45.10 -37.87
C PHE F 265 52.54 -45.65 -36.48
N ALA F 266 53.81 -45.89 -36.16
CA ALA F 266 54.17 -46.26 -34.81
C ALA F 266 54.14 -45.09 -33.85
N THR F 267 54.04 -43.86 -34.35
CA THR F 267 53.74 -42.73 -33.48
C THR F 267 52.36 -42.88 -32.87
N ARG F 268 51.41 -43.41 -33.64
CA ARG F 268 50.05 -43.61 -33.15
C ARG F 268 49.89 -44.88 -32.33
N LEU F 269 50.77 -45.86 -32.50
CA LEU F 269 50.80 -46.98 -31.57
C LEU F 269 51.23 -46.54 -30.19
N THR F 270 52.13 -45.56 -30.11
CA THR F 270 52.70 -45.20 -28.84
C THR F 270 51.94 -44.04 -28.18
N ASP F 271 51.45 -43.09 -28.98
CA ASP F 271 50.63 -42.04 -28.40
C ASP F 271 49.24 -42.53 -28.02
N SER F 272 48.84 -43.71 -28.48
CA SER F 272 47.68 -44.37 -27.89
C SER F 272 48.05 -45.08 -26.60
N PHE F 273 49.27 -45.59 -26.49
CA PHE F 273 49.66 -46.26 -25.27
C PHE F 273 49.99 -45.28 -24.16
N ALA F 274 50.44 -44.09 -24.50
CA ALA F 274 50.78 -43.11 -23.47
C ALA F 274 49.57 -42.49 -22.82
N LYS F 275 48.37 -42.70 -23.38
CA LYS F 275 47.15 -42.13 -22.86
C LYS F 275 46.26 -43.15 -22.16
N TYR F 276 46.09 -44.34 -22.74
CA TYR F 276 45.17 -45.33 -22.22
C TYR F 276 45.83 -46.62 -21.78
N ARG F 277 47.14 -46.76 -21.95
CA ARG F 277 47.93 -47.96 -21.63
C ARG F 277 47.44 -49.19 -22.39
N TRP F 278 46.86 -48.97 -23.57
CA TRP F 278 46.55 -50.01 -24.53
C TRP F 278 46.76 -49.43 -25.91
N CYS F 279 46.48 -50.22 -26.93
CA CYS F 279 46.50 -49.73 -28.31
C CYS F 279 45.49 -50.44 -29.20
N PRO F 280 44.20 -50.11 -29.08
CA PRO F 280 43.33 -50.27 -30.24
C PRO F 280 43.07 -48.95 -30.95
N ASN F 281 43.53 -47.85 -30.36
CA ASN F 281 43.14 -46.50 -30.80
C ASN F 281 44.15 -45.97 -31.80
N ILE F 282 44.05 -46.44 -33.05
CA ILE F 282 44.97 -46.03 -34.09
C ILE F 282 44.27 -45.65 -35.40
N ILE F 283 42.95 -45.65 -35.45
CA ILE F 283 42.28 -45.47 -36.72
C ILE F 283 41.32 -44.27 -36.71
N GLY F 284 41.59 -43.25 -35.90
CA GLY F 284 40.66 -42.15 -35.78
C GLY F 284 41.24 -40.78 -36.10
N PRO F 285 40.62 -40.06 -37.03
CA PRO F 285 40.99 -38.65 -37.24
C PRO F 285 40.68 -37.77 -36.06
N GLN F 286 39.73 -38.16 -35.22
CA GLN F 286 39.53 -37.53 -33.92
C GLN F 286 39.61 -38.55 -32.79
N SER F 287 40.20 -39.71 -33.05
CA SER F 287 40.21 -40.77 -32.05
C SER F 287 41.53 -41.52 -32.03
N GLY F 288 42.61 -40.87 -32.40
CA GLY F 288 43.93 -41.43 -32.22
C GLY F 288 44.62 -42.00 -33.44
N GLY F 289 44.22 -41.62 -34.64
CA GLY F 289 44.94 -42.04 -35.82
C GLY F 289 45.32 -40.82 -36.64
N ALA F 290 45.39 -39.67 -35.99
CA ALA F 290 45.63 -38.40 -36.66
C ALA F 290 47.09 -38.01 -36.48
N VAL F 291 47.88 -38.17 -37.54
CA VAL F 291 49.28 -37.73 -37.55
C VAL F 291 49.25 -36.21 -37.70
N GLU F 292 49.42 -35.49 -36.60
CA GLU F 292 49.36 -34.05 -36.62
C GLU F 292 50.77 -33.46 -36.72
N ASP F 293 50.81 -32.14 -36.92
CA ASP F 293 52.03 -31.33 -36.97
C ASP F 293 52.97 -31.80 -38.09
N LEU F 294 52.42 -31.95 -39.27
CA LEU F 294 53.27 -32.27 -40.40
C LEU F 294 53.98 -31.01 -40.91
N PRO F 295 55.15 -31.17 -41.52
CA PRO F 295 55.79 -30.01 -42.17
C PRO F 295 55.06 -29.63 -43.44
N VAL F 296 54.90 -28.32 -43.63
CA VAL F 296 54.32 -27.78 -44.86
C VAL F 296 55.30 -26.82 -45.48
N HIS F 297 55.18 -26.66 -46.80
CA HIS F 297 56.08 -25.80 -47.57
C HIS F 297 55.22 -25.00 -48.56
N VAL F 298 54.89 -23.78 -48.18
CA VAL F 298 54.09 -22.91 -49.03
C VAL F 298 55.00 -22.34 -50.12
N PHE F 299 54.76 -22.73 -51.36
CA PHE F 299 55.52 -22.22 -52.49
C PHE F 299 54.56 -21.65 -53.52
N GLU F 300 55.13 -21.00 -54.54
CA GLU F 300 54.35 -20.37 -55.59
C GLU F 300 54.09 -21.37 -56.71
N SER F 301 52.82 -21.61 -57.00
CA SER F 301 52.42 -22.45 -58.11
C SER F 301 52.31 -21.60 -59.37
N MET F 302 51.66 -22.13 -60.40
CA MET F 302 51.44 -21.40 -61.65
C MET F 302 50.36 -20.34 -61.44
N GLY F 303 50.75 -19.27 -60.76
CA GLY F 303 49.87 -18.15 -60.49
C GLY F 303 49.39 -18.05 -59.05
N ALA F 304 49.03 -19.18 -58.45
CA ALA F 304 48.44 -19.20 -57.12
C ALA F 304 49.49 -19.47 -56.06
N LEU F 305 49.06 -19.41 -54.80
CA LEU F 305 49.90 -19.69 -53.65
C LEU F 305 49.35 -20.96 -53.01
N GLN F 306 50.00 -22.09 -53.26
CA GLN F 306 49.57 -23.36 -52.72
C GLN F 306 50.60 -23.89 -51.73
N SER F 307 50.31 -25.05 -51.16
CA SER F 307 51.19 -25.71 -50.22
C SER F 307 51.59 -27.07 -50.76
N LYS F 308 52.85 -27.44 -50.52
CA LYS F 308 53.28 -28.79 -50.86
C LYS F 308 52.62 -29.80 -49.94
N ILE F 309 52.05 -30.84 -50.53
CA ILE F 309 51.31 -31.83 -49.75
C ILE F 309 52.28 -32.67 -48.92
N PRO F 310 52.08 -32.77 -47.61
CA PRO F 310 53.06 -33.46 -46.77
C PRO F 310 53.10 -34.96 -46.98
N THR F 311 52.05 -35.58 -47.47
CA THR F 311 52.13 -36.91 -48.06
C THR F 311 52.11 -36.72 -49.57
N GLU F 312 52.81 -37.59 -50.30
CA GLU F 312 53.12 -37.29 -51.69
C GLU F 312 51.93 -37.39 -52.62
N VAL F 313 50.85 -38.03 -52.20
CA VAL F 313 49.61 -38.05 -52.98
C VAL F 313 48.47 -37.66 -52.05
N LEU F 314 47.39 -37.17 -52.65
CA LEU F 314 46.14 -36.94 -51.94
C LEU F 314 45.29 -38.19 -52.13
N ILE F 315 45.26 -39.03 -51.11
CA ILE F 315 44.51 -40.28 -51.17
C ILE F 315 43.03 -39.94 -51.00
N THR F 316 42.23 -40.31 -52.00
CA THR F 316 40.80 -40.10 -51.90
C THR F 316 40.18 -41.12 -50.96
N ASP F 317 38.87 -40.99 -50.74
CA ASP F 317 38.21 -41.93 -49.84
C ASP F 317 37.95 -43.27 -50.51
N ARG F 318 37.73 -43.28 -51.83
CA ARG F 318 37.54 -44.54 -52.53
C ARG F 318 38.87 -45.25 -52.72
N LYS F 319 39.95 -44.50 -52.96
CA LYS F 319 41.27 -45.10 -53.07
C LYS F 319 41.72 -45.69 -51.75
N GLU F 320 41.36 -45.04 -50.64
CA GLU F 320 41.76 -45.55 -49.33
C GLU F 320 40.93 -46.77 -48.95
N PHE F 321 39.66 -46.79 -49.32
CA PHE F 321 38.85 -47.98 -49.07
C PHE F 321 39.27 -49.14 -49.94
N GLU F 322 39.79 -48.86 -51.14
CA GLU F 322 40.29 -49.94 -51.98
C GLU F 322 41.64 -50.44 -51.47
N LEU F 323 42.43 -49.56 -50.85
CA LEU F 323 43.62 -50.01 -50.15
C LEU F 323 43.28 -50.73 -48.85
N ALA F 324 42.16 -50.41 -48.23
CA ALA F 324 41.78 -51.06 -46.98
C ALA F 324 41.35 -52.49 -47.22
N GLU F 325 40.67 -52.75 -48.33
CA GLU F 325 40.27 -54.11 -48.66
C GLU F 325 41.47 -54.95 -49.10
N GLU F 326 42.47 -54.32 -49.69
CA GLU F 326 43.64 -55.02 -50.19
C GLU F 326 44.81 -55.03 -49.20
N GLY F 327 44.55 -54.70 -47.94
CA GLY F 327 45.54 -54.85 -46.90
C GLY F 327 46.63 -53.80 -46.88
N PHE F 328 46.25 -52.54 -46.67
CA PHE F 328 47.22 -51.45 -46.60
C PHE F 328 46.75 -50.44 -45.56
N ILE F 329 47.70 -49.86 -44.86
CA ILE F 329 47.41 -48.82 -43.86
C ILE F 329 47.74 -47.50 -44.54
N ALA F 330 46.74 -46.91 -45.20
CA ALA F 330 46.97 -45.69 -45.94
C ALA F 330 46.77 -44.47 -45.06
N LEU F 331 47.41 -43.36 -45.46
CA LEU F 331 47.36 -42.11 -44.71
C LEU F 331 46.80 -41.02 -45.61
N THR F 332 45.51 -40.76 -45.49
CA THR F 332 44.93 -39.63 -46.18
C THR F 332 45.34 -38.33 -45.49
N MET F 333 45.58 -37.30 -46.30
CA MET F 333 46.10 -36.04 -45.79
C MET F 333 44.96 -35.02 -45.80
N ARG F 334 44.89 -34.23 -44.73
CA ARG F 334 43.84 -33.21 -44.61
C ARG F 334 44.20 -32.05 -45.54
N LYS F 335 43.59 -32.05 -46.73
CA LYS F 335 43.99 -31.18 -47.82
C LYS F 335 43.84 -29.71 -47.48
N GLY F 336 44.97 -29.03 -47.34
CA GLY F 336 44.98 -27.63 -47.00
C GLY F 336 45.53 -27.30 -45.64
N SER F 337 46.05 -28.29 -44.91
CA SER F 337 46.60 -28.04 -43.59
C SER F 337 47.74 -29.00 -43.35
N ASP F 338 48.18 -29.08 -42.09
CA ASP F 338 49.33 -29.87 -41.70
C ASP F 338 48.93 -31.10 -40.88
N ASN F 339 47.79 -31.70 -41.22
CA ASN F 339 47.30 -32.87 -40.52
C ASN F 339 47.07 -34.00 -41.50
N ALA F 340 46.94 -35.20 -40.95
CA ALA F 340 46.63 -36.37 -41.73
C ALA F 340 45.84 -37.32 -40.85
N ALA F 341 45.47 -38.47 -41.39
CA ALA F 341 44.63 -39.39 -40.63
C ALA F 341 44.78 -40.79 -41.18
N PHE F 342 44.77 -41.77 -40.29
CA PHE F 342 44.54 -43.15 -40.66
C PHE F 342 43.06 -43.45 -40.48
N PHE F 343 42.56 -44.40 -41.25
CA PHE F 343 41.16 -44.79 -41.15
C PHE F 343 40.95 -46.27 -40.89
N SER F 344 41.90 -47.12 -41.26
CA SER F 344 41.75 -48.56 -41.09
C SER F 344 43.14 -49.16 -41.06
N ALA F 345 43.46 -49.88 -39.99
CA ALA F 345 44.80 -50.42 -39.82
C ALA F 345 44.89 -51.88 -40.22
N ASN F 346 44.17 -52.28 -41.26
CA ASN F 346 44.06 -53.68 -41.64
C ASN F 346 45.39 -54.28 -42.04
N SER F 347 45.71 -55.43 -41.47
CA SER F 347 46.90 -56.16 -41.86
C SER F 347 46.67 -56.82 -43.21
N ILE F 348 47.75 -57.39 -43.78
CA ILE F 348 47.69 -57.91 -45.13
C ILE F 348 46.92 -59.22 -45.25
N GLN F 349 46.39 -59.76 -44.16
CA GLN F 349 45.75 -61.05 -44.22
C GLN F 349 44.38 -60.92 -44.87
N LYS F 350 43.98 -61.94 -45.62
CA LYS F 350 42.68 -61.84 -46.29
C LYS F 350 41.61 -62.56 -45.49
N PRO F 351 40.42 -61.99 -45.39
CA PRO F 351 39.32 -62.68 -44.73
C PRO F 351 38.87 -63.87 -45.54
N LYS F 352 39.13 -65.07 -45.03
CA LYS F 352 38.86 -66.28 -45.80
C LYS F 352 37.37 -66.56 -45.85
N VAL F 353 36.86 -66.79 -47.07
CA VAL F 353 35.44 -67.06 -47.24
C VAL F 353 35.14 -68.47 -46.77
N PHE F 354 34.34 -68.58 -45.80
CA PHE F 354 33.87 -69.82 -45.21
C PHE F 354 32.51 -70.19 -45.77
N PRO F 355 32.17 -71.48 -45.83
CA PRO F 355 30.90 -71.89 -46.46
C PRO F 355 29.69 -71.46 -45.66
N ASN F 356 28.55 -71.43 -46.34
CA ASN F 356 27.34 -70.82 -45.81
C ASN F 356 26.57 -71.71 -44.85
N THR F 357 27.25 -72.22 -43.83
CA THR F 357 26.57 -72.95 -42.77
C THR F 357 26.24 -71.99 -41.63
N LYS F 358 25.77 -72.53 -40.52
CA LYS F 358 25.54 -71.70 -39.34
C LYS F 358 26.87 -71.31 -38.71
N GLU F 359 27.78 -72.27 -38.57
CA GLU F 359 29.10 -71.98 -38.04
C GLU F 359 30.00 -71.28 -39.03
N GLY F 360 29.82 -71.52 -40.33
CA GLY F 360 30.67 -70.91 -41.33
C GLY F 360 30.39 -69.43 -41.50
N LYS F 361 29.11 -69.05 -41.45
CA LYS F 361 28.76 -67.64 -41.46
C LYS F 361 29.15 -66.96 -40.16
N GLU F 362 29.27 -67.73 -39.08
CA GLU F 362 29.75 -67.18 -37.82
C GLU F 362 31.26 -67.05 -37.82
N ALA F 363 31.98 -68.12 -38.15
CA ALA F 363 33.43 -68.11 -38.07
C ALA F 363 34.07 -67.20 -39.12
N GLU F 364 33.34 -66.84 -40.18
CA GLU F 364 33.84 -65.85 -41.12
C GLU F 364 33.93 -64.49 -40.45
N THR F 365 32.95 -64.15 -39.62
CA THR F 365 33.01 -62.89 -38.88
C THR F 365 34.00 -63.02 -37.73
N ASN F 366 34.24 -64.24 -37.26
CA ASN F 366 35.25 -64.44 -36.24
C ASN F 366 36.65 -64.30 -36.79
N TYR F 367 36.90 -64.89 -37.95
CA TYR F 367 38.21 -64.79 -38.59
C TYR F 367 38.48 -63.39 -39.14
N LYS F 368 37.42 -62.62 -39.41
CA LYS F 368 37.60 -61.25 -39.89
C LYS F 368 38.18 -60.36 -38.81
N LEU F 369 37.87 -60.63 -37.54
CA LEU F 369 38.38 -59.81 -36.47
C LEU F 369 39.86 -60.03 -36.22
N GLY F 370 40.41 -61.15 -36.69
CA GLY F 370 41.82 -61.38 -36.51
C GLY F 370 42.68 -60.50 -37.38
N THR F 371 42.21 -60.19 -38.58
CA THR F 371 43.05 -59.55 -39.57
C THR F 371 43.19 -58.05 -39.37
N GLN F 372 42.38 -57.44 -38.52
CA GLN F 372 42.18 -56.00 -38.65
C GLN F 372 43.27 -55.17 -37.99
N LEU F 373 43.94 -55.70 -36.97
CA LEU F 373 45.08 -55.11 -36.27
C LEU F 373 44.81 -53.75 -35.62
N PRO F 374 43.67 -53.53 -34.96
CA PRO F 374 43.87 -52.93 -33.65
C PRO F 374 43.62 -53.99 -32.61
N TYR F 375 42.95 -55.05 -33.04
CA TYR F 375 42.52 -56.11 -32.15
C TYR F 375 43.63 -57.10 -31.85
N MET F 376 44.61 -57.22 -32.74
CA MET F 376 45.81 -57.97 -32.36
C MET F 376 46.55 -57.28 -31.24
N MET F 377 46.55 -55.96 -31.23
CA MET F 377 47.35 -55.26 -30.25
C MET F 377 46.68 -55.25 -28.86
N ILE F 378 45.41 -55.63 -28.77
CA ILE F 378 44.84 -55.85 -27.44
C ILE F 378 44.93 -57.31 -27.00
N ILE F 379 45.46 -58.20 -27.86
CA ILE F 379 45.79 -59.55 -27.42
C ILE F 379 47.27 -59.86 -27.54
N ASN F 380 48.05 -59.06 -28.26
CA ASN F 380 49.48 -59.16 -28.10
C ASN F 380 49.88 -58.74 -26.71
N ARG F 381 49.22 -57.72 -26.16
CA ARG F 381 49.42 -57.39 -24.76
C ARG F 381 48.89 -58.48 -23.84
N LEU F 382 47.87 -59.21 -24.28
CA LEU F 382 47.47 -60.41 -23.55
C LEU F 382 48.29 -61.62 -23.94
N ALA F 383 49.41 -61.43 -24.61
CA ALA F 383 50.45 -62.43 -24.67
C ALA F 383 51.72 -61.94 -24.02
N HIS F 384 51.86 -60.63 -23.81
CA HIS F 384 53.05 -60.15 -23.15
C HIS F 384 52.85 -60.05 -21.65
N TYR F 385 51.67 -59.62 -21.18
CA TYR F 385 51.41 -59.64 -19.75
C TYR F 385 51.37 -61.05 -19.22
N VAL F 386 50.73 -61.97 -19.94
CA VAL F 386 50.43 -63.26 -19.34
C VAL F 386 51.66 -64.16 -19.39
N LYS F 387 52.55 -63.91 -20.35
CA LYS F 387 53.86 -64.56 -20.34
C LYS F 387 54.69 -64.12 -19.16
N VAL F 388 54.66 -62.83 -18.83
CA VAL F 388 55.42 -62.32 -17.71
C VAL F 388 54.79 -62.72 -16.38
N LEU F 389 53.45 -62.69 -16.32
CA LEU F 389 52.76 -62.88 -15.04
C LEU F 389 52.81 -64.34 -14.61
N GLN F 390 52.75 -65.26 -15.55
CA GLN F 390 52.88 -66.68 -15.25
C GLN F 390 54.31 -67.17 -15.42
N ARG F 391 55.28 -66.28 -15.44
CA ARG F 391 56.68 -66.68 -15.34
C ARG F 391 57.17 -66.61 -13.92
N GLU F 392 56.70 -65.62 -13.16
CA GLU F 392 57.03 -65.50 -11.75
C GLU F 392 56.46 -66.66 -10.95
N GLN F 393 55.38 -67.27 -11.42
CA GLN F 393 54.66 -68.24 -10.61
C GLN F 393 55.29 -69.63 -10.61
N ILE F 394 56.29 -69.89 -11.45
CA ILE F 394 56.86 -71.24 -11.58
C ILE F 394 57.55 -71.64 -10.30
N GLY F 395 57.13 -72.75 -9.73
CA GLY F 395 57.62 -73.18 -8.44
C GLY F 395 56.70 -72.92 -7.28
N ALA F 396 55.52 -72.38 -7.53
CA ALA F 396 54.62 -72.06 -6.44
C ALA F 396 53.87 -73.30 -5.96
N TRP F 397 52.88 -73.07 -5.12
CA TRP F 397 52.01 -74.12 -4.65
C TRP F 397 50.60 -73.76 -5.12
N LYS F 398 50.20 -74.32 -6.26
CA LYS F 398 49.02 -73.83 -6.94
C LYS F 398 48.12 -75.03 -7.18
N GLU F 399 46.96 -74.80 -7.77
CA GLU F 399 46.07 -75.85 -8.22
C GLU F 399 45.47 -75.43 -9.55
N ARG F 400 44.70 -76.34 -10.15
CA ARG F 400 43.92 -75.97 -11.33
C ARG F 400 42.85 -74.96 -10.97
N GLN F 401 42.18 -75.15 -9.83
CA GLN F 401 41.23 -74.16 -9.34
C GLN F 401 41.92 -72.86 -8.97
N ASP F 402 43.17 -72.94 -8.51
CA ASP F 402 43.92 -71.73 -8.23
C ASP F 402 44.43 -71.10 -9.53
N LEU F 403 44.66 -71.92 -10.55
CA LEU F 403 45.06 -71.35 -11.83
C LEU F 403 43.89 -70.65 -12.52
N GLU F 404 42.67 -71.19 -12.37
CA GLU F 404 41.49 -70.53 -12.91
C GLU F 404 41.24 -69.19 -12.27
N ARG F 405 41.59 -69.04 -10.99
CA ARG F 405 41.27 -67.85 -10.22
C ARG F 405 42.31 -66.75 -10.37
N GLU F 406 43.59 -67.12 -10.48
CA GLU F 406 44.62 -66.11 -10.68
C GLU F 406 44.56 -65.49 -12.07
N LEU F 407 43.82 -66.08 -13.01
CA LEU F 407 43.60 -65.48 -14.31
C LEU F 407 42.26 -64.80 -14.44
N ASN F 408 41.20 -65.35 -13.85
CA ASN F 408 39.88 -64.72 -13.96
C ASN F 408 39.80 -63.46 -13.13
N SER F 409 40.40 -63.46 -11.94
CA SER F 409 40.43 -62.24 -11.16
C SER F 409 41.46 -61.25 -11.68
N TRP F 410 42.32 -61.68 -12.60
CA TRP F 410 43.27 -60.77 -13.23
C TRP F 410 42.70 -60.07 -14.44
N ILE F 411 42.10 -60.79 -15.39
CA ILE F 411 41.68 -60.16 -16.62
C ILE F 411 40.36 -59.42 -16.46
N LYS F 412 39.63 -59.64 -15.35
CA LYS F 412 38.40 -58.90 -15.15
C LYS F 412 38.63 -57.53 -14.52
N GLN F 413 39.85 -57.02 -14.59
CA GLN F 413 40.06 -55.59 -14.50
C GLN F 413 40.29 -54.97 -15.87
N TYR F 414 40.30 -55.79 -16.92
CA TYR F 414 40.35 -55.33 -18.30
C TYR F 414 39.04 -55.51 -19.01
N VAL F 415 38.04 -56.09 -18.35
CA VAL F 415 36.77 -56.43 -18.96
C VAL F 415 35.72 -55.50 -18.40
N ALA F 416 35.03 -54.79 -19.28
CA ALA F 416 33.89 -53.96 -18.90
C ALA F 416 32.70 -54.46 -19.69
N ASP F 417 32.05 -55.51 -19.18
CA ASP F 417 30.96 -56.18 -19.88
C ASP F 417 29.72 -55.31 -19.74
N GLN F 418 29.61 -54.35 -20.65
CA GLN F 418 28.66 -53.27 -20.49
C GLN F 418 28.36 -52.73 -21.88
N GLU F 419 27.08 -52.43 -22.14
CA GLU F 419 26.68 -52.10 -23.49
C GLU F 419 27.14 -50.71 -23.89
N ASN F 420 27.05 -49.74 -22.99
CA ASN F 420 27.51 -48.38 -23.26
C ASN F 420 28.21 -47.81 -22.04
N PRO F 421 29.47 -48.16 -21.84
CA PRO F 421 30.25 -47.51 -20.80
C PRO F 421 30.75 -46.18 -21.29
N PRO F 422 31.27 -45.30 -20.42
CA PRO F 422 31.84 -44.03 -20.89
C PRO F 422 33.08 -44.24 -21.74
N ALA F 423 33.53 -43.15 -22.37
CA ALA F 423 34.60 -43.21 -23.34
C ALA F 423 35.96 -43.49 -22.71
N ASP F 424 36.09 -43.40 -21.40
CA ASP F 424 37.33 -43.79 -20.74
C ASP F 424 37.32 -45.24 -20.28
N VAL F 425 36.15 -45.78 -19.97
CA VAL F 425 36.06 -47.17 -19.55
C VAL F 425 36.25 -48.09 -20.75
N ARG F 426 35.93 -47.60 -21.95
CA ARG F 426 36.10 -48.41 -23.15
C ARG F 426 37.55 -48.62 -23.51
N SER F 427 38.41 -47.65 -23.23
CA SER F 427 39.78 -47.75 -23.67
C SER F 427 40.74 -48.15 -22.58
N ARG F 428 40.44 -47.85 -21.31
CA ARG F 428 41.20 -48.45 -20.23
C ARG F 428 40.91 -49.94 -20.10
N ARG F 429 39.69 -50.35 -20.41
CA ARG F 429 39.29 -51.75 -20.38
C ARG F 429 38.85 -52.14 -21.78
N PRO F 430 39.79 -52.48 -22.66
CA PRO F 430 39.46 -52.66 -24.08
C PRO F 430 38.70 -53.91 -24.38
N LEU F 431 38.74 -54.90 -23.51
CA LEU F 431 37.99 -56.12 -23.73
C LEU F 431 36.54 -55.90 -23.35
N ARG F 432 35.70 -56.86 -23.68
CA ARG F 432 34.29 -56.82 -23.35
C ARG F 432 33.83 -58.08 -22.64
N ALA F 433 34.35 -59.24 -23.01
CA ALA F 433 34.09 -60.46 -22.27
C ALA F 433 35.26 -61.41 -22.47
N ALA F 434 35.51 -62.24 -21.47
CA ALA F 434 36.68 -63.12 -21.52
C ALA F 434 36.33 -64.44 -20.84
N ARG F 435 36.58 -65.54 -21.54
CA ARG F 435 36.31 -66.87 -21.05
C ARG F 435 37.63 -67.59 -20.85
N ILE F 436 37.80 -68.24 -19.70
CA ILE F 436 39.02 -68.99 -19.40
C ILE F 436 38.63 -70.38 -18.95
N GLU F 437 39.06 -71.38 -19.71
CA GLU F 437 38.70 -72.77 -19.45
C GLU F 437 39.99 -73.54 -19.26
N VAL F 438 40.38 -73.77 -18.03
CA VAL F 438 41.61 -74.47 -17.72
C VAL F 438 41.34 -75.97 -17.72
N MET F 439 42.13 -76.72 -18.47
CA MET F 439 42.03 -78.17 -18.56
C MET F 439 43.34 -78.76 -18.07
N ASP F 440 43.48 -80.08 -18.19
CA ASP F 440 44.68 -80.77 -17.74
C ASP F 440 45.40 -81.38 -18.94
N VAL F 441 46.55 -81.99 -18.64
CA VAL F 441 47.24 -82.86 -19.58
C VAL F 441 47.50 -84.17 -18.86
N GLU F 442 46.93 -85.25 -19.37
CA GLU F 442 47.12 -86.56 -18.77
C GLU F 442 48.46 -87.15 -19.21
N GLY F 443 48.91 -88.15 -18.48
CA GLY F 443 50.20 -88.76 -18.74
C GLY F 443 51.29 -88.10 -17.92
N ASN F 444 51.53 -86.81 -18.17
CA ASN F 444 52.39 -85.99 -17.34
C ASN F 444 51.49 -85.00 -16.61
N PRO F 445 51.09 -85.30 -15.37
CA PRO F 445 50.08 -84.46 -14.73
C PRO F 445 50.66 -83.16 -14.21
N GLY F 446 49.89 -82.09 -14.37
CA GLY F 446 50.31 -80.76 -14.01
C GLY F 446 50.80 -79.93 -15.17
N TRP F 447 50.03 -79.94 -16.26
CA TRP F 447 50.33 -79.16 -17.46
C TRP F 447 48.97 -78.74 -18.00
N TYR F 448 48.78 -77.45 -18.24
CA TYR F 448 47.45 -76.87 -18.21
C TYR F 448 47.09 -76.17 -19.51
N GLN F 449 46.18 -76.77 -20.27
CA GLN F 449 45.78 -76.21 -21.55
C GLN F 449 44.60 -75.29 -21.30
N VAL F 450 44.86 -74.01 -21.05
CA VAL F 450 43.79 -73.10 -20.73
C VAL F 450 43.44 -72.37 -22.02
N SER F 451 42.22 -71.86 -22.11
CA SER F 451 41.77 -71.23 -23.35
C SER F 451 41.20 -69.85 -23.08
N LEU F 452 42.06 -68.85 -23.03
CA LEU F 452 41.61 -67.47 -22.85
C LEU F 452 40.95 -66.95 -24.12
N SER F 453 39.67 -66.61 -24.01
CA SER F 453 38.83 -66.24 -25.17
C SER F 453 38.28 -64.84 -24.97
N VAL F 454 39.06 -63.83 -25.33
CA VAL F 454 38.65 -62.45 -25.13
C VAL F 454 37.75 -61.98 -26.24
N ARG F 455 37.15 -60.80 -26.09
CA ARG F 455 36.23 -60.25 -27.04
C ARG F 455 36.27 -58.74 -26.92
N PRO F 456 36.41 -58.03 -28.03
CA PRO F 456 36.64 -56.59 -27.94
C PRO F 456 35.38 -55.77 -28.12
N HIS F 457 35.48 -54.46 -27.96
CA HIS F 457 34.43 -53.56 -28.41
C HIS F 457 34.60 -53.25 -29.88
N PHE F 458 33.58 -52.62 -30.47
CA PHE F 458 33.50 -52.44 -31.90
C PHE F 458 33.39 -50.96 -32.26
N LYS F 459 34.27 -50.50 -33.14
CA LYS F 459 34.38 -49.10 -33.52
C LYS F 459 33.38 -48.75 -34.63
N TYR F 460 33.59 -47.60 -35.25
CA TYR F 460 32.63 -46.93 -36.12
C TYR F 460 33.19 -46.89 -37.54
N MET F 461 32.53 -47.55 -38.48
CA MET F 461 33.03 -47.61 -39.86
C MET F 461 31.89 -47.81 -40.86
N GLY F 462 31.56 -46.75 -41.59
CA GLY F 462 30.56 -46.79 -42.64
C GLY F 462 29.10 -46.81 -42.26
N ALA F 463 28.27 -46.12 -43.03
CA ALA F 463 26.82 -46.09 -42.86
C ALA F 463 26.18 -45.82 -44.21
N ASN F 464 24.89 -45.44 -44.24
CA ASN F 464 24.30 -45.25 -45.56
C ASN F 464 23.63 -43.90 -45.80
N PHE F 465 22.83 -43.39 -44.85
CA PHE F 465 22.25 -42.02 -44.86
C PHE F 465 21.40 -41.79 -46.13
N GLU F 466 20.34 -42.59 -46.26
CA GLU F 466 19.52 -42.59 -47.48
C GLU F 466 18.44 -41.51 -47.43
N LEU F 467 18.80 -40.30 -47.85
CA LEU F 467 17.93 -39.14 -47.72
C LEU F 467 16.70 -39.22 -48.62
N SER F 468 15.72 -38.38 -48.28
CA SER F 468 14.41 -38.29 -48.92
C SER F 468 13.74 -37.05 -48.36
N LEU F 469 12.60 -36.68 -48.91
CA LEU F 469 11.73 -35.78 -48.17
C LEU F 469 10.38 -36.43 -47.94
N VAL F 470 9.77 -36.10 -46.80
CA VAL F 470 8.45 -36.58 -46.45
C VAL F 470 7.37 -35.57 -46.80
N GLY F 471 7.61 -34.29 -46.50
CA GLY F 471 6.69 -33.23 -46.84
C GLY F 471 5.78 -32.80 -45.71
N ARG F 472 5.25 -33.75 -44.93
CA ARG F 472 4.42 -33.44 -43.78
C ARG F 472 5.14 -33.69 -42.46
N LEU F 473 5.79 -34.84 -42.32
CA LEU F 473 6.46 -35.18 -41.06
C LEU F 473 7.85 -34.56 -41.02
N PRO G 1 5.91 -67.32 -0.85
CA PRO G 1 5.67 -66.81 -2.20
C PRO G 1 6.84 -67.11 -3.13
N THR G 2 6.57 -67.22 -4.42
CA THR G 2 7.65 -67.57 -5.33
C THR G 2 8.26 -66.30 -5.91
N PRO G 3 9.58 -66.28 -6.10
CA PRO G 3 10.22 -65.08 -6.64
C PRO G 3 9.87 -64.84 -8.09
N CYS G 4 9.85 -63.58 -8.46
CA CYS G 4 9.50 -63.13 -9.79
C CYS G 4 10.78 -62.92 -10.60
N TYR G 5 10.65 -62.35 -11.80
CA TYR G 5 11.80 -62.09 -12.64
C TYR G 5 11.58 -60.79 -13.40
N ILE G 6 12.60 -59.97 -13.51
CA ILE G 6 12.50 -58.68 -14.16
C ILE G 6 13.58 -58.55 -15.22
N SER G 7 13.18 -58.15 -16.43
CA SER G 7 14.10 -57.90 -17.52
C SER G 7 14.02 -56.42 -17.89
N ILE G 8 15.08 -55.68 -17.62
CA ILE G 8 15.13 -54.24 -17.84
C ILE G 8 15.90 -53.97 -19.12
N GLU G 9 15.36 -53.12 -19.99
CA GLU G 9 16.08 -52.67 -21.17
C GLU G 9 16.16 -51.16 -21.17
N GLY G 10 17.38 -50.62 -21.20
CA GLY G 10 17.58 -49.19 -21.10
C GLY G 10 17.50 -48.50 -22.45
N GLN G 11 17.57 -47.16 -22.40
CA GLN G 11 17.70 -46.39 -23.62
C GLN G 11 19.06 -46.61 -24.27
N THR G 12 20.12 -46.25 -23.56
CA THR G 12 21.45 -46.31 -24.12
C THR G 12 22.25 -47.54 -23.69
N GLN G 13 21.88 -48.17 -22.59
CA GLN G 13 22.67 -49.27 -22.05
C GLN G 13 22.17 -50.62 -22.50
N GLY G 14 21.34 -50.67 -23.52
CA GLY G 14 20.92 -51.93 -24.08
C GLY G 14 20.04 -52.70 -23.12
N LEU G 15 20.21 -54.02 -23.12
CA LEU G 15 19.54 -54.87 -22.15
C LEU G 15 20.37 -54.85 -20.89
N ILE G 16 19.84 -54.22 -19.83
CA ILE G 16 20.61 -54.02 -18.61
C ILE G 16 20.82 -55.33 -17.88
N THR G 17 19.77 -56.13 -17.76
CA THR G 17 19.92 -57.35 -17.00
C THR G 17 20.44 -58.51 -17.82
N ALA G 18 21.10 -58.27 -18.95
CA ALA G 18 21.63 -59.35 -19.77
C ALA G 18 22.83 -59.95 -19.05
N GLY G 19 22.62 -61.07 -18.39
CA GLY G 19 23.67 -61.69 -17.62
C GLY G 19 23.56 -61.50 -16.12
N ALA G 20 22.43 -61.03 -15.62
CA ALA G 20 22.29 -60.78 -14.20
C ALA G 20 21.90 -62.03 -13.42
N CYS G 21 21.84 -63.19 -14.08
CA CYS G 21 21.75 -64.48 -13.42
C CYS G 21 22.72 -65.45 -14.07
N THR G 22 23.97 -65.05 -14.19
CA THR G 22 25.03 -65.98 -14.53
C THR G 22 25.75 -66.41 -13.27
N ALA G 23 26.82 -67.17 -13.44
CA ALA G 23 27.64 -67.56 -12.30
C ALA G 23 28.54 -66.44 -11.83
N ASP G 24 28.75 -65.42 -12.64
CA ASP G 24 29.55 -64.30 -12.20
C ASP G 24 28.75 -63.31 -11.38
N SER G 25 27.45 -63.20 -11.61
CA SER G 25 26.64 -62.24 -10.89
C SER G 25 26.40 -62.71 -9.45
N ILE G 26 25.72 -63.84 -9.29
CA ILE G 26 25.20 -64.22 -8.00
C ILE G 26 25.71 -65.59 -7.55
N GLY G 27 26.86 -66.01 -8.05
CA GLY G 27 27.46 -67.23 -7.56
C GLY G 27 26.77 -68.49 -8.03
N ASP G 28 26.30 -69.31 -7.10
CA ASP G 28 25.67 -70.58 -7.44
C ASP G 28 24.16 -70.52 -7.37
N SER G 29 23.57 -69.36 -7.13
CA SER G 29 22.13 -69.25 -7.08
C SER G 29 21.55 -68.74 -8.39
N PHE G 30 22.25 -68.97 -9.50
CA PHE G 30 21.68 -68.54 -10.76
C PHE G 30 20.84 -69.66 -11.33
N VAL G 31 19.96 -69.30 -12.25
CA VAL G 31 18.99 -70.23 -12.82
C VAL G 31 19.20 -70.26 -14.32
N GLU G 32 19.32 -71.47 -14.88
CA GLU G 32 19.39 -71.60 -16.32
C GLU G 32 18.06 -71.23 -16.95
N GLY G 33 18.13 -70.65 -18.15
CA GLY G 33 16.95 -70.18 -18.85
C GLY G 33 16.52 -68.78 -18.49
N HIS G 34 16.95 -68.26 -17.36
CA HIS G 34 16.64 -66.91 -16.94
C HIS G 34 17.91 -66.09 -16.92
N GLU G 35 18.72 -66.24 -17.96
CA GLU G 35 20.01 -65.60 -18.00
C GLU G 35 19.92 -64.09 -18.19
N ASP G 36 18.79 -63.58 -18.63
CA ASP G 36 18.65 -62.16 -18.88
C ASP G 36 17.75 -61.46 -17.88
N GLU G 37 17.42 -62.11 -16.77
CA GLU G 37 16.37 -61.64 -15.89
C GLU G 37 16.87 -61.72 -14.45
N MET G 38 16.77 -60.61 -13.71
CA MET G 38 17.14 -60.63 -12.31
C MET G 38 16.15 -61.46 -11.51
N LEU G 39 16.51 -61.77 -10.28
CA LEU G 39 15.67 -62.55 -9.40
C LEU G 39 15.10 -61.63 -8.34
N VAL G 40 13.80 -61.38 -8.40
CA VAL G 40 13.15 -60.35 -7.60
C VAL G 40 12.53 -60.98 -6.37
N GLN G 41 12.91 -60.47 -5.20
CA GLN G 41 12.48 -61.09 -3.96
C GLN G 41 11.18 -60.48 -3.44
N GLN G 42 11.18 -59.18 -3.16
CA GLN G 42 10.07 -58.49 -2.52
C GLN G 42 9.47 -57.52 -3.53
N PHE G 43 8.22 -57.12 -3.31
CA PHE G 43 7.54 -56.26 -4.26
C PHE G 43 6.57 -55.35 -3.52
N ASP G 44 6.35 -54.16 -4.08
CA ASP G 44 5.44 -53.16 -3.51
C ASP G 44 5.10 -52.07 -4.50
N HIS G 45 3.83 -51.71 -4.64
CA HIS G 45 3.43 -50.81 -5.72
C HIS G 45 2.05 -50.24 -5.43
N VAL G 46 1.95 -48.91 -5.39
CA VAL G 46 0.71 -48.20 -5.06
C VAL G 46 0.32 -47.36 -6.27
N VAL G 47 -0.98 -47.27 -6.56
CA VAL G 47 -1.48 -46.37 -7.61
C VAL G 47 -2.64 -45.60 -7.00
N THR G 48 -2.42 -44.37 -6.60
CA THR G 48 -3.48 -43.62 -5.93
C THR G 48 -4.31 -42.84 -6.94
N VAL G 49 -5.51 -42.43 -6.50
CA VAL G 49 -6.35 -41.49 -7.22
C VAL G 49 -6.88 -40.48 -6.22
N PRO G 50 -6.62 -39.20 -6.39
CA PRO G 50 -7.15 -38.21 -5.46
C PRO G 50 -8.64 -38.01 -5.59
N THR G 51 -9.39 -38.43 -4.58
CA THR G 51 -10.84 -38.26 -4.55
C THR G 51 -11.20 -37.19 -3.55
N ASP G 52 -12.24 -36.42 -3.86
CA ASP G 52 -12.63 -35.37 -2.93
C ASP G 52 -13.39 -35.95 -1.74
N PRO G 53 -13.41 -35.25 -0.61
CA PRO G 53 -14.29 -35.64 0.48
C PRO G 53 -15.74 -35.33 0.13
N GLN G 54 -16.63 -35.78 1.01
CA GLN G 54 -18.10 -35.58 0.97
C GLN G 54 -18.71 -35.91 -0.39
N SER G 55 -18.12 -36.85 -1.10
CA SER G 55 -18.55 -37.28 -2.42
C SER G 55 -17.95 -38.66 -2.65
N GLY G 56 -17.95 -39.10 -3.89
CA GLY G 56 -17.22 -40.29 -4.23
C GLY G 56 -16.41 -40.12 -5.49
N GLN G 57 -16.55 -38.96 -6.14
CA GLN G 57 -16.00 -38.84 -7.47
C GLN G 57 -14.48 -38.62 -7.42
N PRO G 58 -13.76 -39.13 -8.42
CA PRO G 58 -12.31 -38.87 -8.48
C PRO G 58 -12.02 -37.44 -8.88
N SER G 59 -11.45 -36.68 -7.96
CA SER G 59 -11.13 -35.27 -8.20
C SER G 59 -9.70 -35.14 -8.71
N GLY G 60 -9.46 -35.70 -9.88
CA GLY G 60 -8.14 -35.65 -10.45
C GLY G 60 -7.69 -36.96 -11.05
N GLN G 61 -6.68 -36.90 -11.90
CA GLN G 61 -6.18 -38.12 -12.52
C GLN G 61 -5.34 -38.91 -11.53
N ARG G 62 -5.05 -40.15 -11.91
CA ARG G 62 -4.30 -41.07 -11.06
C ARG G 62 -2.87 -40.57 -10.84
N VAL G 63 -2.26 -41.03 -9.75
CA VAL G 63 -0.91 -40.67 -9.36
C VAL G 63 -0.15 -41.96 -9.09
N HIS G 64 0.84 -42.26 -9.93
CA HIS G 64 1.55 -43.53 -9.80
C HIS G 64 2.67 -43.42 -8.78
N LYS G 65 2.46 -44.02 -7.63
CA LYS G 65 3.54 -44.24 -6.68
C LYS G 65 4.43 -45.36 -7.22
N PRO G 66 5.72 -45.39 -6.88
CA PRO G 66 6.65 -46.22 -7.63
C PRO G 66 6.58 -47.71 -7.28
N PHE G 67 7.01 -48.51 -8.25
CA PHE G 67 7.52 -49.88 -8.03
C PHE G 67 8.52 -49.92 -6.89
N LYS G 68 8.58 -51.05 -6.20
CA LYS G 68 9.68 -51.31 -5.26
C LYS G 68 9.99 -52.80 -5.32
N PHE G 69 10.94 -53.18 -6.16
CA PHE G 69 11.35 -54.58 -6.24
C PHE G 69 12.76 -54.73 -5.70
N THR G 70 13.02 -55.85 -5.04
CA THR G 70 14.27 -56.07 -4.33
C THR G 70 15.07 -57.21 -4.94
N VAL G 71 16.28 -56.93 -5.38
CA VAL G 71 17.19 -57.94 -5.87
C VAL G 71 18.48 -57.87 -5.06
N ALA G 72 19.29 -58.90 -5.19
CA ALA G 72 20.58 -58.90 -4.51
C ALA G 72 21.59 -58.12 -5.33
N LEU G 73 22.79 -57.94 -4.79
CA LEU G 73 23.85 -57.30 -5.55
C LEU G 73 24.33 -58.23 -6.65
N ASN G 74 24.28 -57.75 -7.89
CA ASN G 74 24.69 -58.55 -9.01
C ASN G 74 25.21 -57.64 -10.11
N LYS G 75 25.28 -58.17 -11.32
CA LYS G 75 25.90 -57.47 -12.44
C LYS G 75 25.12 -56.24 -12.84
N ALA G 76 23.80 -56.30 -12.76
CA ALA G 76 22.96 -55.20 -13.24
C ALA G 76 22.88 -54.05 -12.28
N VAL G 77 23.35 -54.18 -11.04
CA VAL G 77 23.23 -53.09 -10.06
C VAL G 77 24.15 -51.91 -10.37
N PRO G 78 25.41 -52.06 -10.80
CA PRO G 78 26.12 -50.87 -11.29
C PRO G 78 25.53 -50.29 -12.56
N LEU G 79 24.83 -51.09 -13.35
CA LEU G 79 24.16 -50.54 -14.51
C LEU G 79 22.91 -49.78 -14.12
N LEU G 80 22.25 -50.17 -13.03
CA LEU G 80 21.08 -49.43 -12.57
C LEU G 80 21.45 -48.20 -11.77
N TYR G 81 22.71 -48.03 -11.38
CA TYR G 81 23.10 -46.76 -10.79
C TYR G 81 23.62 -45.77 -11.81
N ASN G 82 23.48 -46.05 -13.10
CA ASN G 82 23.60 -45.00 -14.10
C ASN G 82 22.28 -44.63 -14.73
N ALA G 83 21.32 -45.56 -14.75
CA ALA G 83 19.98 -45.17 -15.10
C ALA G 83 19.38 -44.27 -14.04
N LEU G 84 19.85 -44.40 -12.81
CA LEU G 84 19.38 -43.56 -11.72
C LEU G 84 20.02 -42.19 -11.76
N SER G 85 21.34 -42.13 -11.66
CA SER G 85 22.03 -40.87 -11.47
C SER G 85 22.12 -40.02 -12.72
N SER G 86 21.67 -40.51 -13.86
CA SER G 86 21.63 -39.70 -15.06
C SER G 86 20.23 -39.56 -15.63
N GLY G 87 19.22 -40.15 -14.99
CA GLY G 87 17.86 -39.98 -15.44
C GLY G 87 17.54 -40.69 -16.72
N GLU G 88 18.24 -41.78 -17.01
CA GLU G 88 18.00 -42.51 -18.24
C GLU G 88 16.70 -43.29 -18.15
N LYS G 89 15.84 -43.11 -19.13
CA LYS G 89 14.62 -43.89 -19.16
C LYS G 89 14.95 -45.33 -19.56
N LEU G 90 14.09 -46.24 -19.16
CA LEU G 90 14.25 -47.66 -19.47
C LEU G 90 13.11 -48.04 -20.39
N LYS G 91 13.43 -48.65 -21.53
CA LYS G 91 12.42 -48.88 -22.55
C LYS G 91 11.38 -49.89 -22.08
N THR G 92 11.78 -50.89 -21.31
CA THR G 92 10.80 -51.84 -20.81
C THR G 92 11.30 -52.49 -19.53
N VAL G 93 10.34 -52.93 -18.72
CA VAL G 93 10.59 -53.70 -17.51
C VAL G 93 9.47 -54.73 -17.46
N GLU G 94 9.80 -56.00 -17.62
CA GLU G 94 8.77 -57.01 -17.69
C GLU G 94 8.85 -57.90 -16.46
N LEU G 95 8.17 -57.50 -15.40
CA LEU G 95 8.01 -58.36 -14.25
C LEU G 95 7.16 -59.56 -14.63
N LYS G 96 7.49 -60.72 -14.07
CA LYS G 96 6.75 -61.94 -14.36
C LYS G 96 6.51 -62.68 -13.05
N TRP G 97 5.27 -62.74 -12.61
CA TRP G 97 4.92 -63.39 -11.37
C TRP G 97 4.79 -64.89 -11.60
N TYR G 98 5.64 -65.68 -10.99
CA TYR G 98 5.50 -67.11 -11.15
C TYR G 98 4.63 -67.69 -10.06
N ARG G 99 4.13 -68.89 -10.31
CA ARG G 99 3.48 -69.68 -9.28
C ARG G 99 3.56 -71.14 -9.70
N THR G 100 3.36 -72.02 -8.73
CA THR G 100 3.44 -73.44 -8.97
C THR G 100 2.06 -73.97 -9.35
N SER G 101 1.95 -74.51 -10.55
CA SER G 101 0.65 -74.92 -11.05
C SER G 101 0.30 -76.32 -10.52
N ILE G 102 -0.76 -76.90 -11.07
CA ILE G 102 -1.24 -78.18 -10.56
C ILE G 102 -0.36 -79.30 -11.06
N GLU G 103 0.06 -79.25 -12.33
CA GLU G 103 0.87 -80.30 -12.90
C GLU G 103 2.29 -80.32 -12.38
N GLY G 104 2.71 -79.30 -11.65
CA GLY G 104 4.00 -79.29 -11.03
C GLY G 104 5.03 -78.43 -11.72
N LYS G 105 4.61 -77.47 -12.52
CA LYS G 105 5.54 -76.67 -13.29
C LYS G 105 5.32 -75.20 -13.01
N GLN G 106 6.41 -74.45 -12.95
CA GLN G 106 6.33 -73.01 -12.79
C GLN G 106 5.70 -72.39 -14.02
N GLU G 107 4.92 -71.34 -13.80
CA GLU G 107 4.34 -70.62 -14.93
C GLU G 107 4.05 -69.19 -14.50
N ASN G 108 4.17 -68.27 -15.44
CA ASN G 108 3.80 -66.89 -15.14
C ASN G 108 2.30 -66.76 -15.27
N PHE G 109 1.64 -66.45 -14.17
CA PHE G 109 0.22 -66.25 -14.24
C PHE G 109 -0.14 -64.79 -14.38
N PHE G 110 0.85 -63.90 -14.36
CA PHE G 110 0.58 -62.46 -14.23
C PHE G 110 1.86 -61.74 -14.60
N THR G 111 1.81 -60.87 -15.59
CA THR G 111 2.97 -60.06 -15.96
C THR G 111 2.59 -58.60 -15.96
N THR G 112 3.44 -57.76 -15.39
CA THR G 112 3.21 -56.32 -15.37
C THR G 112 4.31 -55.67 -16.19
N LYS G 113 4.09 -55.51 -17.48
CA LYS G 113 5.07 -54.84 -18.31
C LYS G 113 5.07 -53.34 -18.01
N LEU G 114 5.93 -52.62 -18.72
CA LEU G 114 6.19 -51.24 -18.33
C LEU G 114 6.85 -50.55 -19.52
N GLU G 115 6.38 -49.37 -19.86
CA GLU G 115 7.06 -48.58 -20.88
C GLU G 115 8.04 -47.65 -20.16
N ASN G 116 8.42 -46.54 -20.82
CA ASN G 116 9.50 -45.63 -20.40
C ASN G 116 9.48 -45.29 -18.93
N ALA G 117 10.50 -45.76 -18.21
CA ALA G 117 10.42 -45.86 -16.77
C ALA G 117 11.76 -45.49 -16.17
N SER G 118 11.89 -44.25 -15.70
CA SER G 118 13.11 -43.89 -15.00
C SER G 118 13.15 -44.55 -13.63
N ILE G 119 14.30 -44.47 -12.99
CA ILE G 119 14.47 -45.00 -11.64
C ILE G 119 14.41 -43.84 -10.67
N VAL G 120 13.52 -43.93 -9.67
CA VAL G 120 13.41 -42.87 -8.70
C VAL G 120 14.51 -42.98 -7.65
N ASP G 121 14.57 -44.10 -6.94
CA ASP G 121 15.64 -44.29 -6.00
C ASP G 121 15.97 -45.76 -5.84
N ILE G 122 17.17 -46.02 -5.32
CA ILE G 122 17.68 -47.36 -5.10
C ILE G 122 18.23 -47.42 -3.68
N HIS G 123 17.72 -48.34 -2.89
CA HIS G 123 18.01 -48.41 -1.47
C HIS G 123 18.85 -49.65 -1.19
N CYS G 124 20.17 -49.53 -1.35
CA CYS G 124 21.08 -50.62 -1.10
C CYS G 124 21.36 -50.72 0.40
N GLU G 125 21.10 -51.87 0.98
CA GLU G 125 21.40 -52.08 2.40
C GLU G 125 21.91 -53.49 2.60
N MET G 126 22.47 -53.72 3.78
CA MET G 126 22.93 -55.03 4.18
C MET G 126 22.58 -55.16 5.65
N PRO G 127 21.96 -56.26 6.07
CA PRO G 127 21.62 -56.44 7.48
C PRO G 127 22.86 -56.64 8.33
N HIS G 128 22.66 -56.58 9.63
CA HIS G 128 23.77 -56.55 10.58
C HIS G 128 24.42 -57.94 10.66
N CYS G 129 25.74 -57.97 10.55
CA CYS G 129 26.43 -59.25 10.45
C CYS G 129 26.50 -59.96 11.79
N GLN G 130 26.46 -59.22 12.90
CA GLN G 130 26.44 -59.81 14.22
C GLN G 130 25.10 -60.51 14.51
N ASP G 131 24.04 -60.06 13.87
CA ASP G 131 22.69 -60.47 14.23
C ASP G 131 22.39 -61.84 13.63
N PRO G 132 22.06 -62.85 14.44
CA PRO G 132 21.79 -64.19 13.88
C PRO G 132 20.39 -64.35 13.31
N ALA G 133 19.47 -63.42 13.59
CA ALA G 133 18.14 -63.53 13.02
C ALA G 133 18.13 -63.19 11.53
N LYS G 134 19.08 -62.42 11.07
CA LYS G 134 19.18 -62.01 9.67
C LYS G 134 20.44 -62.57 9.04
N SER G 135 20.73 -63.84 9.31
CA SER G 135 21.92 -64.48 8.77
C SER G 135 21.71 -65.05 7.38
N ASP G 136 20.47 -65.41 7.04
CA ASP G 136 20.21 -65.99 5.74
C ASP G 136 20.17 -64.94 4.64
N PHE G 137 19.97 -63.68 4.97
CA PHE G 137 19.90 -62.65 3.95
C PHE G 137 21.31 -62.33 3.47
N THR G 138 21.40 -61.84 2.24
CA THR G 138 22.69 -61.44 1.70
C THR G 138 22.80 -59.93 1.56
N GLN G 139 21.98 -59.34 0.70
CA GLN G 139 21.88 -57.90 0.52
C GLN G 139 20.45 -57.59 0.13
N ASN G 140 20.16 -56.30 0.02
CA ASN G 140 18.83 -55.85 -0.39
C ASN G 140 19.02 -54.59 -1.21
N VAL G 141 18.77 -54.68 -2.50
CA VAL G 141 18.87 -53.54 -3.40
C VAL G 141 17.46 -53.30 -3.93
N THR G 142 16.76 -52.34 -3.34
CA THR G 142 15.35 -52.09 -3.68
C THR G 142 15.31 -50.98 -4.71
N VAL G 143 15.11 -51.35 -5.96
CA VAL G 143 15.14 -50.39 -7.05
C VAL G 143 13.72 -49.92 -7.32
N SER G 144 13.51 -48.61 -7.32
CA SER G 144 12.19 -48.08 -7.61
C SER G 144 12.07 -47.70 -9.07
N LEU G 145 10.84 -47.55 -9.52
CA LEU G 145 10.60 -47.20 -10.92
C LEU G 145 9.36 -46.34 -10.98
N SER G 146 9.50 -45.06 -11.26
CA SER G 146 8.38 -44.34 -11.84
C SER G 146 8.35 -44.68 -13.31
N TYR G 147 7.22 -44.41 -13.96
CA TYR G 147 6.98 -45.01 -15.26
C TYR G 147 5.91 -44.26 -16.00
N ARG G 148 6.03 -44.23 -17.32
CA ARG G 148 4.97 -43.62 -18.13
C ARG G 148 3.78 -44.55 -18.26
N LYS G 149 3.98 -45.70 -18.89
CA LYS G 149 2.90 -46.60 -19.24
C LYS G 149 3.14 -47.96 -18.62
N ILE G 150 2.12 -48.47 -17.93
CA ILE G 150 2.17 -49.77 -17.29
C ILE G 150 1.02 -50.60 -17.83
N THR G 151 1.28 -51.89 -18.06
CA THR G 151 0.25 -52.80 -18.56
C THR G 151 0.26 -54.07 -17.72
N TRP G 152 -0.70 -54.19 -16.82
CA TRP G 152 -0.92 -55.45 -16.16
C TRP G 152 -1.47 -56.45 -17.15
N ASP G 153 -1.20 -57.74 -16.92
CA ASP G 153 -1.62 -58.75 -17.88
C ASP G 153 -1.67 -60.08 -17.13
N HIS G 154 -2.87 -60.57 -16.89
CA HIS G 154 -3.02 -61.91 -16.34
C HIS G 154 -3.02 -62.89 -17.50
N VAL G 155 -2.12 -63.88 -17.45
CA VAL G 155 -1.91 -64.74 -18.59
C VAL G 155 -2.89 -65.90 -18.62
N ASN G 156 -3.10 -66.58 -17.50
CA ASN G 156 -3.95 -67.76 -17.47
C ASN G 156 -5.43 -67.46 -17.59
N ALA G 157 -5.84 -66.21 -17.49
CA ALA G 157 -7.23 -65.85 -17.72
C ALA G 157 -7.37 -64.75 -18.75
N GLY G 158 -6.28 -64.31 -19.35
CA GLY G 158 -6.34 -63.44 -20.51
C GLY G 158 -6.71 -62.00 -20.26
N THR G 159 -7.05 -61.60 -19.04
CA THR G 159 -7.39 -60.21 -18.80
C THR G 159 -6.14 -59.33 -18.88
N SER G 160 -6.36 -58.05 -19.17
CA SER G 160 -5.25 -57.14 -19.33
C SER G 160 -5.70 -55.73 -19.00
N GLY G 161 -5.05 -55.11 -18.02
CA GLY G 161 -5.30 -53.73 -17.74
C GLY G 161 -4.21 -52.90 -18.36
N SER G 162 -4.38 -51.58 -18.40
CA SER G 162 -3.37 -50.71 -18.99
C SER G 162 -3.59 -49.30 -18.46
N ASP G 163 -2.49 -48.61 -18.21
CA ASP G 163 -2.53 -47.19 -17.94
C ASP G 163 -1.46 -46.52 -18.77
N ASP G 164 -1.74 -45.30 -19.22
CA ASP G 164 -0.74 -44.60 -20.00
C ASP G 164 -0.96 -43.10 -19.84
N TRP G 165 0.12 -42.38 -19.62
CA TRP G 165 0.03 -40.94 -19.70
C TRP G 165 -0.03 -40.47 -21.14
N ARG G 166 0.57 -41.22 -22.06
CA ARG G 166 0.62 -40.81 -23.45
C ARG G 166 -0.76 -40.83 -24.08
N LYS G 167 -1.54 -41.85 -23.79
CA LYS G 167 -2.87 -42.02 -24.38
C LYS G 167 -3.89 -42.27 -23.28
N PRO G 168 -4.35 -41.24 -22.61
CA PRO G 168 -5.46 -41.40 -21.67
C PRO G 168 -6.73 -41.65 -22.43
N ILE G 169 -7.74 -42.16 -21.75
CA ILE G 169 -8.87 -42.77 -22.43
C ILE G 169 -9.76 -41.65 -22.96
N GLU G 170 -9.54 -41.30 -24.22
CA GLU G 170 -10.09 -40.19 -25.01
C GLU G 170 -10.24 -38.83 -24.31
N GLY H 1 13.57 -31.59 -107.68
CA GLY H 1 14.12 -31.57 -106.34
C GLY H 1 13.73 -30.33 -105.54
N SER H 2 12.49 -29.87 -105.76
CA SER H 2 12.00 -28.69 -105.05
C SER H 2 11.69 -29.00 -103.59
N LEU H 3 11.42 -30.26 -103.24
CA LEU H 3 11.22 -30.62 -101.85
C LEU H 3 12.51 -30.54 -101.06
N LEU H 4 13.64 -30.80 -101.69
CA LEU H 4 14.93 -30.59 -101.05
C LEU H 4 15.23 -29.11 -100.88
N ASP H 5 14.68 -28.26 -101.76
CA ASP H 5 14.86 -26.82 -101.63
C ASP H 5 14.08 -26.26 -100.45
N GLU H 6 12.95 -26.87 -100.11
CA GLU H 6 12.18 -26.41 -98.95
C GLU H 6 12.85 -26.82 -97.65
N ILE H 7 13.60 -27.92 -97.64
CA ILE H 7 14.33 -28.32 -96.46
C ILE H 7 15.57 -27.45 -96.26
N MET H 8 16.27 -27.14 -97.36
CA MET H 8 17.45 -26.29 -97.27
C MET H 8 17.10 -24.83 -96.98
N ALA H 9 15.93 -24.37 -97.42
CA ALA H 9 15.48 -23.04 -97.01
C ALA H 9 14.99 -23.03 -95.57
N GLN H 10 14.61 -24.18 -95.02
CA GLN H 10 14.24 -24.31 -93.62
C GLN H 10 15.52 -24.42 -92.81
N THR H 11 15.95 -23.30 -92.22
CA THR H 11 17.28 -23.20 -91.61
C THR H 11 17.40 -23.95 -90.29
N ARG H 12 16.30 -24.48 -89.75
CA ARG H 12 16.38 -25.23 -88.50
C ARG H 12 16.99 -26.62 -88.70
N CYS H 13 16.72 -27.26 -89.83
CA CYS H 13 17.24 -28.60 -90.13
C CYS H 13 17.68 -28.67 -91.58
N ALA H 14 18.44 -27.66 -92.02
CA ALA H 14 18.79 -27.58 -93.45
C ALA H 14 19.87 -28.58 -93.88
N PRO H 15 21.13 -28.58 -93.30
CA PRO H 15 22.20 -29.32 -93.99
C PRO H 15 22.24 -30.82 -93.70
N SER H 16 21.09 -31.48 -93.67
CA SER H 16 20.93 -32.94 -93.56
C SER H 16 21.67 -33.52 -92.34
N GLU H 17 21.25 -33.08 -91.15
CA GLU H 17 21.92 -33.47 -89.92
C GLU H 17 21.06 -34.39 -89.07
N GLU H 18 19.86 -33.96 -88.68
CA GLU H 18 18.99 -34.77 -87.82
C GLU H 18 17.56 -34.34 -88.02
N GLY H 19 16.66 -35.30 -88.21
CA GLY H 19 15.25 -35.01 -88.37
C GLY H 19 14.86 -34.53 -89.76
N TYR H 20 15.71 -34.73 -90.77
CA TYR H 20 15.38 -34.30 -92.11
C TYR H 20 14.55 -35.32 -92.88
N ASP H 21 14.52 -36.58 -92.43
CA ASP H 21 13.66 -37.57 -93.06
C ASP H 21 12.26 -37.57 -92.48
N ILE H 22 12.11 -37.15 -91.22
CA ILE H 22 10.80 -37.07 -90.61
C ILE H 22 10.02 -35.85 -91.12
N ALA H 23 10.70 -34.70 -91.18
CA ALA H 23 10.06 -33.48 -91.67
C ALA H 23 9.78 -33.52 -93.17
N LYS H 24 10.54 -34.32 -93.92
CA LYS H 24 10.23 -34.55 -95.33
C LYS H 24 8.92 -35.33 -95.47
N LYS H 25 8.67 -36.27 -94.56
CA LYS H 25 7.39 -36.96 -94.53
C LYS H 25 6.26 -36.07 -94.05
N GLY H 26 6.57 -34.99 -93.34
CA GLY H 26 5.55 -34.07 -92.86
C GLY H 26 5.02 -33.15 -93.93
N VAL H 27 5.91 -32.70 -94.83
CA VAL H 27 5.50 -31.82 -95.92
C VAL H 27 4.67 -32.60 -96.95
N ALA H 28 5.13 -33.80 -97.31
CA ALA H 28 4.48 -34.56 -98.37
C ALA H 28 3.14 -35.13 -97.94
N ALA H 29 2.94 -35.33 -96.63
CA ALA H 29 1.64 -35.83 -96.16
C ALA H 29 0.58 -34.74 -96.16
N PHE H 30 0.96 -33.50 -95.89
CA PHE H 30 -0.01 -32.41 -95.81
C PHE H 30 -0.50 -31.98 -97.19
N ILE H 31 0.34 -32.14 -98.22
CA ILE H 31 -0.06 -31.75 -99.57
C ILE H 31 -1.08 -32.73 -100.14
N GLU H 32 -1.00 -34.01 -99.74
CA GLU H 32 -1.91 -35.02 -100.25
C GLU H 32 -3.35 -34.82 -99.76
N ASN H 33 -3.52 -34.20 -98.60
CA ASN H 33 -4.84 -33.88 -98.07
C ASN H 33 -5.22 -32.42 -98.28
N LEU H 34 -4.32 -31.61 -98.86
CA LEU H 34 -4.59 -30.19 -99.06
C LEU H 34 -5.61 -29.94 -100.17
N MET H 35 -5.77 -30.89 -101.10
CA MET H 35 -6.62 -30.67 -102.26
C MET H 35 -8.11 -30.70 -101.96
N GLY H 36 -8.51 -31.06 -100.73
CA GLY H 36 -9.90 -30.96 -100.36
C GLY H 36 -10.37 -29.53 -100.17
N SER H 37 -9.46 -28.64 -99.79
CA SER H 37 -9.77 -27.22 -99.62
C SER H 37 -8.48 -26.44 -99.84
N GLN H 38 -8.38 -25.77 -100.99
CA GLN H 38 -7.18 -25.03 -101.34
C GLN H 38 -7.13 -23.70 -100.58
N HIS H 39 -6.04 -23.48 -99.86
CA HIS H 39 -5.85 -22.24 -99.12
C HIS H 39 -4.36 -22.02 -98.92
N SER H 40 -3.94 -20.75 -98.92
CA SER H 40 -2.53 -20.38 -98.85
C SER H 40 -2.33 -19.34 -97.75
N ALA H 41 -2.19 -19.80 -96.51
CA ALA H 41 -1.87 -18.97 -95.35
C ALA H 41 -1.41 -19.89 -94.23
N GLU H 42 -0.22 -19.62 -93.68
CA GLU H 42 0.32 -20.44 -92.59
C GLU H 42 -0.51 -20.46 -91.31
N PRO H 43 -1.03 -19.33 -90.76
CA PRO H 43 -1.83 -19.48 -89.52
C PRO H 43 -3.17 -20.14 -89.71
N VAL H 44 -3.76 -20.06 -90.90
CA VAL H 44 -4.93 -20.88 -91.19
C VAL H 44 -4.50 -22.33 -91.36
N ASN H 45 -3.30 -22.54 -91.94
CA ASN H 45 -2.75 -23.89 -92.05
C ASN H 45 -2.38 -24.45 -90.68
N LYS H 46 -2.01 -23.60 -89.72
CA LYS H 46 -1.85 -24.07 -88.34
C LYS H 46 -3.18 -24.50 -87.74
N SER H 47 -4.29 -23.94 -88.23
CA SER H 47 -5.60 -24.49 -87.91
C SER H 47 -5.96 -25.63 -88.85
N LEU H 48 -5.52 -25.58 -90.12
CA LEU H 48 -5.83 -26.67 -91.05
C LEU H 48 -5.03 -27.93 -90.73
N VAL H 49 -3.85 -27.80 -90.13
CA VAL H 49 -3.20 -28.98 -89.57
C VAL H 49 -4.02 -29.54 -88.42
N ASP H 50 -4.52 -28.65 -87.54
CA ASP H 50 -5.37 -29.07 -86.44
C ASP H 50 -6.73 -29.58 -86.93
N GLN H 51 -7.24 -29.06 -88.04
CA GLN H 51 -8.45 -29.62 -88.62
C GLN H 51 -8.20 -30.93 -89.33
N MET H 52 -6.94 -31.26 -89.63
CA MET H 52 -6.58 -32.59 -90.08
C MET H 52 -6.13 -33.49 -88.94
N LEU H 53 -6.12 -32.99 -87.70
CA LEU H 53 -5.88 -33.82 -86.52
C LEU H 53 -7.18 -34.19 -85.81
N VAL H 54 -8.18 -33.31 -85.83
CA VAL H 54 -9.47 -33.64 -85.23
C VAL H 54 -10.19 -34.69 -86.08
N GLU H 55 -10.13 -34.54 -87.40
CA GLU H 55 -10.69 -35.56 -88.28
C GLU H 55 -9.87 -36.84 -88.26
N LEU H 56 -8.58 -36.75 -87.94
CA LEU H 56 -7.75 -37.94 -87.78
C LEU H 56 -8.11 -38.68 -86.49
N ASP H 57 -8.34 -37.95 -85.40
CA ASP H 57 -8.72 -38.58 -84.14
C ASP H 57 -10.11 -39.18 -84.20
N LYS H 58 -10.98 -38.70 -85.09
CA LYS H 58 -12.24 -39.38 -85.32
C LYS H 58 -12.03 -40.71 -86.05
N LYS H 59 -10.94 -40.83 -86.81
CA LYS H 59 -10.63 -42.10 -87.44
C LYS H 59 -9.91 -43.06 -86.51
N ILE H 60 -9.10 -42.55 -85.58
CA ILE H 60 -8.30 -43.44 -84.74
C ILE H 60 -9.08 -43.88 -83.52
N SER H 61 -9.72 -42.93 -82.82
CA SER H 61 -10.40 -43.26 -81.58
C SER H 61 -11.66 -44.08 -81.82
N ALA H 62 -12.25 -43.99 -83.01
CA ALA H 62 -13.34 -44.89 -83.35
C ALA H 62 -12.83 -46.30 -83.62
N GLN H 63 -11.56 -46.45 -83.99
CA GLN H 63 -10.96 -47.77 -84.11
C GLN H 63 -10.49 -48.28 -82.74
N MET H 64 -9.96 -47.39 -81.90
CA MET H 64 -9.52 -47.78 -80.57
C MET H 64 -10.67 -47.86 -79.56
N ASP H 65 -11.89 -47.56 -79.97
CA ASP H 65 -13.06 -48.00 -79.23
C ASP H 65 -13.61 -49.30 -79.78
N GLU H 66 -12.90 -49.93 -80.71
CA GLU H 66 -13.28 -51.22 -81.23
C GLU H 66 -12.21 -52.28 -81.09
N ILE H 67 -10.93 -51.89 -81.06
CA ILE H 67 -9.89 -52.83 -80.65
C ILE H 67 -9.98 -53.07 -79.15
N LEU H 68 -10.30 -52.03 -78.39
CA LEU H 68 -10.75 -52.21 -77.02
C LEU H 68 -12.23 -52.61 -77.04
N HIS H 69 -12.81 -52.77 -75.84
CA HIS H 69 -14.24 -52.98 -75.63
C HIS H 69 -14.75 -54.27 -76.30
N ASN H 70 -13.87 -55.24 -76.49
CA ASN H 70 -14.21 -56.50 -77.12
C ASN H 70 -14.39 -57.56 -76.04
N SER H 71 -15.26 -58.55 -76.33
CA SER H 71 -15.60 -59.56 -75.33
C SER H 71 -14.43 -60.47 -75.00
N GLN H 72 -13.48 -60.62 -75.92
CA GLN H 72 -12.26 -61.34 -75.59
C GLN H 72 -11.25 -60.44 -74.87
N PHE H 73 -11.23 -59.15 -75.22
CA PHE H 73 -10.25 -58.25 -74.60
C PHE H 73 -10.71 -57.82 -73.21
N GLN H 74 -11.93 -57.30 -73.11
CA GLN H 74 -12.39 -56.69 -71.87
C GLN H 74 -12.58 -57.71 -70.76
N ALA H 75 -13.03 -58.92 -71.09
CA ALA H 75 -13.14 -59.97 -70.07
C ALA H 75 -11.78 -60.47 -69.63
N MET H 76 -10.77 -60.33 -70.49
CA MET H 76 -9.40 -60.64 -70.12
C MET H 76 -8.62 -59.40 -69.70
N GLU H 77 -9.26 -58.24 -69.68
CA GLU H 77 -8.66 -57.07 -69.05
C GLU H 77 -9.16 -56.88 -67.62
N SER H 78 -10.46 -57.09 -67.41
CA SER H 78 -11.03 -56.98 -66.06
C SER H 78 -10.53 -58.09 -65.15
N ALA H 79 -10.29 -59.27 -65.72
CA ALA H 79 -9.77 -60.38 -64.94
C ALA H 79 -8.28 -60.24 -64.63
N TRP H 80 -7.60 -59.26 -65.22
CA TRP H 80 -6.18 -59.07 -65.00
C TRP H 80 -5.82 -57.73 -64.40
N ARG H 81 -6.50 -56.64 -64.82
CA ARG H 81 -6.29 -55.36 -64.14
C ARG H 81 -6.95 -55.36 -62.77
N GLY H 82 -8.04 -56.13 -62.61
CA GLY H 82 -8.61 -56.33 -61.29
C GLY H 82 -7.71 -57.08 -60.34
N LEU H 83 -6.79 -57.89 -60.86
CA LEU H 83 -5.76 -58.47 -60.02
C LEU H 83 -4.80 -57.40 -59.52
N LYS H 84 -4.48 -56.42 -60.38
CA LYS H 84 -3.59 -55.33 -59.97
C LYS H 84 -4.21 -54.48 -58.88
N LEU H 85 -5.53 -54.36 -58.87
CA LEU H 85 -6.22 -53.73 -57.74
C LEU H 85 -6.15 -54.60 -56.48
N PHE H 86 -5.94 -55.90 -56.62
CA PHE H 86 -5.72 -56.73 -55.45
C PHE H 86 -4.26 -56.77 -55.05
N VAL H 87 -3.34 -56.46 -55.96
CA VAL H 87 -1.92 -56.44 -55.61
C VAL H 87 -1.52 -55.10 -55.03
N ASP H 88 -2.07 -54.00 -55.55
CA ASP H 88 -1.64 -52.67 -55.12
C ASP H 88 -2.16 -52.31 -53.74
N ARG H 89 -3.31 -52.83 -53.33
CA ARG H 89 -3.87 -52.44 -52.04
C ARG H 89 -3.28 -53.24 -50.90
N THR H 90 -3.06 -54.54 -51.11
CA THR H 90 -2.62 -55.42 -50.02
C THR H 90 -1.15 -55.22 -49.75
N ASP H 91 -0.80 -55.00 -48.49
CA ASP H 91 0.57 -54.70 -48.11
C ASP H 91 1.32 -56.03 -47.98
N PHE H 92 2.16 -56.34 -48.97
CA PHE H 92 2.92 -57.58 -48.96
C PHE H 92 4.06 -57.57 -47.95
N ARG H 93 4.42 -56.40 -47.42
CA ARG H 93 5.40 -56.38 -46.34
C ARG H 93 4.80 -56.88 -45.03
N GLU H 94 3.49 -56.78 -44.86
CA GLU H 94 2.84 -57.22 -43.63
C GLU H 94 2.34 -58.65 -43.71
N ASN H 95 3.23 -59.56 -44.13
CA ASN H 95 3.02 -61.01 -44.14
C ASN H 95 1.79 -61.42 -44.95
N ASN H 96 1.85 -61.16 -46.24
CA ASN H 96 0.80 -61.54 -47.16
C ASN H 96 1.40 -62.09 -48.43
N LYS H 97 0.83 -63.18 -48.94
CA LYS H 97 1.20 -63.71 -50.25
C LYS H 97 -0.08 -64.10 -50.96
N VAL H 98 -0.02 -64.15 -52.29
CA VAL H 98 -1.19 -64.51 -53.08
C VAL H 98 -0.76 -65.38 -54.24
N GLU H 99 -1.39 -66.54 -54.37
CA GLU H 99 -1.11 -67.45 -55.47
C GLU H 99 -2.08 -67.20 -56.61
N ILE H 100 -1.61 -67.43 -57.83
CA ILE H 100 -2.35 -67.16 -59.05
C ILE H 100 -2.48 -68.45 -59.84
N LEU H 101 -3.70 -68.91 -60.02
CA LEU H 101 -3.96 -70.17 -60.71
C LEU H 101 -4.75 -69.91 -61.98
N HIS H 102 -4.24 -70.37 -63.11
CA HIS H 102 -4.93 -70.31 -64.40
C HIS H 102 -5.80 -71.54 -64.54
N VAL H 103 -7.10 -71.38 -64.31
CA VAL H 103 -8.07 -72.35 -64.77
C VAL H 103 -9.03 -71.60 -65.69
N THR H 104 -9.93 -72.34 -66.31
CA THR H 104 -11.15 -71.75 -66.81
C THR H 104 -12.32 -72.37 -66.07
N LYS H 105 -13.44 -71.64 -66.07
CA LYS H 105 -14.59 -72.04 -65.26
C LYS H 105 -15.24 -73.31 -65.78
N ASP H 106 -15.16 -73.56 -67.08
CA ASP H 106 -15.66 -74.81 -67.61
C ASP H 106 -14.70 -75.96 -67.39
N GLU H 107 -13.40 -75.66 -67.25
CA GLU H 107 -12.43 -76.71 -66.96
C GLU H 107 -12.55 -77.20 -65.54
N LEU H 108 -12.99 -76.33 -64.62
CA LEU H 108 -12.90 -76.64 -63.21
C LEU H 108 -13.96 -77.66 -62.79
N LEU H 109 -15.16 -77.56 -63.35
CA LEU H 109 -16.18 -78.56 -63.06
C LEU H 109 -15.83 -79.90 -63.68
N GLU H 110 -15.19 -79.88 -64.85
CA GLU H 110 -14.68 -81.11 -65.46
C GLU H 110 -13.59 -81.74 -64.60
N ASP H 111 -12.80 -80.91 -63.92
CA ASP H 111 -11.76 -81.42 -63.03
C ASP H 111 -12.34 -82.01 -61.74
N PHE H 112 -13.51 -81.56 -61.32
CA PHE H 112 -14.22 -82.25 -60.25
C PHE H 112 -14.98 -83.46 -60.75
N GLU H 113 -15.34 -83.48 -62.03
CA GLU H 113 -15.84 -84.68 -62.68
C GLU H 113 -14.71 -85.66 -62.96
N PHE H 114 -13.46 -85.16 -63.00
CA PHE H 114 -12.29 -85.98 -63.26
C PHE H 114 -12.05 -87.00 -62.16
N ALA H 115 -12.00 -86.54 -60.92
CA ALA H 115 -11.74 -87.45 -59.81
C ALA H 115 -13.03 -88.02 -59.25
N PRO H 116 -13.01 -89.27 -58.76
CA PRO H 116 -14.22 -89.84 -58.16
C PRO H 116 -14.57 -89.22 -56.81
N GLU H 117 -13.60 -88.61 -56.14
CA GLU H 117 -13.83 -87.97 -54.86
C GLU H 117 -13.14 -86.61 -54.87
N THR H 118 -13.73 -85.65 -54.16
CA THR H 118 -13.17 -84.31 -54.04
C THR H 118 -11.80 -84.30 -53.38
N ALA H 119 -11.50 -85.32 -52.57
CA ALA H 119 -10.20 -85.47 -51.93
C ALA H 119 -9.14 -86.04 -52.85
N GLN H 120 -9.44 -86.21 -54.14
CA GLN H 120 -8.42 -86.59 -55.12
C GLN H 120 -8.44 -85.68 -56.34
N SER H 121 -9.08 -84.52 -56.26
CA SER H 121 -9.24 -83.65 -57.41
C SER H 121 -7.93 -82.94 -57.73
N GLY H 122 -7.94 -82.18 -58.82
CA GLY H 122 -6.78 -81.37 -59.17
C GLY H 122 -6.77 -80.03 -58.48
N LEU H 123 -7.94 -79.49 -58.15
CA LEU H 123 -7.98 -78.26 -57.38
C LEU H 123 -7.69 -78.53 -55.91
N TYR H 124 -8.01 -79.74 -55.43
CA TYR H 124 -7.66 -80.16 -54.09
C TYR H 124 -6.15 -80.25 -53.91
N LYS H 125 -5.41 -80.46 -55.00
CA LYS H 125 -3.96 -80.49 -54.90
C LYS H 125 -3.40 -79.10 -54.64
N HIS H 126 -4.01 -78.07 -55.23
CA HIS H 126 -3.46 -76.73 -55.11
C HIS H 126 -4.00 -75.96 -53.91
N VAL H 127 -5.20 -76.32 -53.44
CA VAL H 127 -5.76 -75.64 -52.28
C VAL H 127 -5.28 -76.29 -50.99
N TYR H 128 -5.36 -77.62 -50.91
CA TYR H 128 -5.05 -78.33 -49.68
C TYR H 128 -3.59 -78.78 -49.64
N SER H 129 -3.17 -79.61 -50.58
CA SER H 129 -1.94 -80.37 -50.39
C SER H 129 -0.69 -79.57 -50.71
N ALA H 130 -0.73 -78.69 -51.70
CA ALA H 130 0.44 -77.87 -51.98
C ALA H 130 0.59 -76.73 -50.99
N GLY H 131 -0.47 -76.42 -50.26
CA GLY H 131 -0.46 -75.36 -49.28
C GLY H 131 -0.56 -75.91 -47.88
N TYR H 132 -1.82 -75.98 -47.42
CA TYR H 132 -2.14 -76.35 -46.04
C TYR H 132 -1.67 -77.75 -45.69
N GLY H 133 -1.95 -78.74 -46.52
CA GLY H 133 -1.51 -80.09 -46.23
C GLY H 133 -0.08 -80.34 -46.64
N GLN H 134 0.85 -79.63 -46.03
CA GLN H 134 2.25 -79.66 -46.43
C GLN H 134 3.09 -79.27 -45.24
N PHE H 135 4.15 -80.01 -44.98
CA PHE H 135 5.05 -79.68 -43.88
C PHE H 135 5.81 -78.40 -44.19
N GLY H 136 5.55 -77.36 -43.42
CA GLY H 136 6.19 -76.07 -43.59
C GLY H 136 5.57 -75.17 -44.61
N GLY H 137 4.68 -75.68 -45.47
CA GLY H 137 4.08 -74.84 -46.48
C GLY H 137 3.06 -73.90 -45.90
N GLU H 138 2.96 -72.72 -46.50
CA GLU H 138 2.01 -71.72 -46.03
C GLU H 138 0.59 -72.12 -46.40
N PRO H 139 -0.36 -72.04 -45.49
CA PRO H 139 -1.70 -72.54 -45.76
C PRO H 139 -2.57 -71.47 -46.40
N VAL H 140 -3.69 -71.91 -46.95
CA VAL H 140 -4.53 -71.09 -47.80
C VAL H 140 -5.62 -70.44 -46.96
N GLY H 141 -5.70 -69.11 -47.02
CA GLY H 141 -6.71 -68.38 -46.29
C GLY H 141 -8.07 -68.38 -46.97
N ALA H 142 -8.10 -68.01 -48.25
CA ALA H 142 -9.37 -67.94 -48.97
C ALA H 142 -9.12 -68.15 -50.46
N ILE H 143 -10.17 -68.52 -51.17
CA ILE H 143 -10.10 -68.75 -52.60
C ILE H 143 -10.94 -67.68 -53.29
N ILE H 144 -10.29 -66.81 -54.05
CA ILE H 144 -10.99 -65.81 -54.85
C ILE H 144 -11.50 -66.48 -56.12
N GLY H 145 -12.81 -66.52 -56.28
CA GLY H 145 -13.39 -67.02 -57.50
C GLY H 145 -13.68 -65.89 -58.47
N ASN H 146 -12.97 -65.87 -59.59
CA ASN H 146 -13.12 -64.81 -60.59
C ASN H 146 -14.17 -65.22 -61.63
N TYR H 147 -15.35 -65.57 -61.11
CA TYR H 147 -16.36 -66.26 -61.87
C TYR H 147 -17.64 -65.44 -61.92
N ALA H 148 -18.57 -65.90 -62.74
CA ALA H 148 -19.91 -65.30 -62.84
C ALA H 148 -20.90 -66.44 -62.75
N PHE H 149 -21.47 -66.63 -61.56
CA PHE H 149 -22.27 -67.83 -61.30
C PHE H 149 -23.70 -67.67 -61.77
N THR H 150 -24.20 -68.69 -62.42
CA THR H 150 -25.58 -68.89 -62.78
C THR H 150 -26.23 -69.80 -61.73
N PRO H 151 -27.56 -69.88 -61.68
CA PRO H 151 -28.17 -70.87 -60.79
C PRO H 151 -28.39 -72.22 -61.44
N SER H 152 -27.75 -72.49 -62.57
CA SER H 152 -27.96 -73.73 -63.30
C SER H 152 -27.20 -74.87 -62.64
N THR H 153 -27.44 -76.07 -63.13
CA THR H 153 -26.82 -77.30 -62.66
C THR H 153 -25.30 -77.34 -62.85
N PRO H 154 -24.69 -76.86 -63.95
CA PRO H 154 -23.21 -76.81 -63.96
C PRO H 154 -22.59 -75.75 -63.07
N ASP H 155 -23.38 -74.95 -62.34
CA ASP H 155 -22.83 -74.02 -61.36
C ASP H 155 -23.31 -74.28 -59.94
N MET H 156 -24.30 -75.13 -59.74
CA MET H 156 -24.59 -75.63 -58.41
C MET H 156 -23.89 -76.95 -58.13
N LYS H 157 -23.41 -77.63 -59.17
CA LYS H 157 -22.56 -78.78 -58.96
C LYS H 157 -21.13 -78.35 -58.63
N LEU H 158 -20.71 -77.20 -59.15
CA LEU H 158 -19.40 -76.68 -58.81
C LEU H 158 -19.34 -76.23 -57.36
N LEU H 159 -20.35 -75.49 -56.90
CA LEU H 159 -20.35 -74.98 -55.55
C LEU H 159 -20.57 -76.07 -54.52
N GLN H 160 -21.24 -77.15 -54.90
CA GLN H 160 -21.31 -78.31 -54.01
C GLN H 160 -19.93 -78.94 -53.85
N TYR H 161 -19.13 -78.90 -54.90
CA TYR H 161 -17.76 -79.39 -54.88
C TYR H 161 -16.76 -78.32 -54.47
N MET H 162 -17.21 -77.10 -54.19
CA MET H 162 -16.34 -76.11 -53.57
C MET H 162 -16.64 -75.90 -52.10
N GLY H 163 -17.87 -76.18 -51.67
CA GLY H 163 -18.15 -76.21 -50.25
C GLY H 163 -17.50 -77.39 -49.56
N ALA H 164 -17.41 -78.52 -50.25
CA ALA H 164 -16.71 -79.67 -49.69
C ALA H 164 -15.21 -79.47 -49.72
N LEU H 165 -14.70 -78.74 -50.72
CA LEU H 165 -13.28 -78.40 -50.72
C LEU H 165 -12.97 -77.36 -49.66
N GLY H 166 -13.88 -76.40 -49.45
CA GLY H 166 -13.67 -75.40 -48.43
C GLY H 166 -13.79 -75.93 -47.01
N ALA H 167 -14.46 -77.06 -46.83
CA ALA H 167 -14.55 -77.66 -45.51
C ALA H 167 -13.39 -78.58 -45.21
N MET H 168 -12.54 -78.87 -46.20
CA MET H 168 -11.37 -79.69 -45.94
C MET H 168 -10.13 -78.86 -45.68
N ALA H 169 -9.93 -77.78 -46.42
CA ALA H 169 -8.77 -76.93 -46.26
C ALA H 169 -9.03 -75.73 -45.38
N HIS H 170 -10.24 -75.61 -44.83
CA HIS H 170 -10.67 -74.52 -43.94
C HIS H 170 -10.50 -73.15 -44.60
N ALA H 171 -10.95 -73.03 -45.81
CA ALA H 171 -10.80 -71.77 -46.52
C ALA H 171 -12.08 -71.51 -47.31
N PRO H 172 -12.78 -70.41 -47.04
CA PRO H 172 -14.02 -70.15 -47.77
C PRO H 172 -13.74 -69.70 -49.19
N PHE H 173 -14.60 -70.14 -50.10
CA PHE H 173 -14.50 -69.81 -51.52
C PHE H 173 -15.38 -68.60 -51.79
N ILE H 174 -14.75 -67.46 -52.08
CA ILE H 174 -15.46 -66.23 -52.37
C ILE H 174 -15.47 -65.98 -53.87
N SER H 175 -16.66 -65.75 -54.41
CA SER H 175 -16.88 -65.50 -55.83
C SER H 175 -18.08 -64.59 -55.94
N SER H 176 -18.66 -64.48 -57.13
CA SER H 176 -19.80 -63.59 -57.30
C SER H 176 -20.86 -64.24 -58.16
N VAL H 177 -22.10 -63.80 -57.94
CA VAL H 177 -23.21 -64.19 -58.78
C VAL H 177 -23.33 -63.16 -59.90
N GLY H 178 -23.98 -63.55 -60.98
CA GLY H 178 -24.11 -62.70 -62.13
C GLY H 178 -25.45 -61.98 -62.16
N PRO H 179 -25.66 -61.16 -63.18
CA PRO H 179 -26.99 -60.58 -63.40
C PRO H 179 -28.05 -61.64 -63.63
N GLU H 180 -27.73 -62.65 -64.44
CA GLU H 180 -28.66 -63.72 -64.76
C GLU H 180 -28.96 -64.63 -63.56
N PHE H 181 -28.20 -64.50 -62.47
CA PHE H 181 -28.54 -65.22 -61.26
C PHE H 181 -29.85 -64.72 -60.68
N PHE H 182 -30.06 -63.42 -60.67
CA PHE H 182 -31.31 -62.87 -60.19
C PHE H 182 -32.41 -62.91 -61.23
N GLY H 183 -32.09 -63.23 -62.48
CA GLY H 183 -33.09 -63.30 -63.53
C GLY H 183 -33.48 -61.96 -64.08
N ILE H 184 -32.50 -61.11 -64.38
CA ILE H 184 -32.77 -59.78 -64.91
C ILE H 184 -32.08 -59.52 -66.24
N ASP H 185 -31.01 -60.25 -66.58
CA ASP H 185 -30.33 -60.26 -67.88
C ASP H 185 -29.67 -58.93 -68.27
N SER H 186 -29.74 -57.93 -67.39
CA SER H 186 -29.17 -56.60 -67.55
C SER H 186 -29.20 -56.00 -66.16
N PHE H 187 -28.06 -55.51 -65.66
CA PHE H 187 -27.92 -55.47 -64.21
C PHE H 187 -28.54 -54.24 -63.56
N GLU H 188 -28.63 -53.11 -64.25
CA GLU H 188 -29.03 -51.87 -63.60
C GLU H 188 -30.52 -51.81 -63.23
N GLU H 189 -31.28 -52.87 -63.44
CA GLU H 189 -32.66 -52.96 -62.99
C GLU H 189 -32.79 -53.78 -61.71
N LEU H 190 -31.79 -53.76 -60.86
CA LEU H 190 -31.87 -54.50 -59.60
C LEU H 190 -32.70 -53.78 -58.51
N PRO H 191 -32.63 -52.46 -58.29
CA PRO H 191 -33.55 -51.86 -57.30
C PRO H 191 -35.00 -51.86 -57.73
N ASN H 192 -35.29 -52.14 -59.00
CA ASN H 192 -36.67 -52.24 -59.45
C ASN H 192 -37.34 -53.51 -58.89
N ILE H 193 -36.56 -54.47 -58.41
CA ILE H 193 -37.11 -55.68 -57.80
C ILE H 193 -37.81 -55.30 -56.51
N LYS H 194 -39.11 -55.54 -56.44
CA LYS H 194 -39.91 -55.13 -55.30
C LYS H 194 -40.10 -56.23 -54.27
N ASP H 195 -39.76 -57.47 -54.60
CA ASP H 195 -39.82 -58.57 -53.64
C ASP H 195 -38.79 -59.59 -54.06
N LEU H 196 -37.64 -59.59 -53.39
CA LEU H 196 -36.56 -60.50 -53.70
C LEU H 196 -36.61 -61.78 -52.88
N LYS H 197 -37.42 -61.79 -51.81
CA LYS H 197 -37.60 -63.01 -51.04
C LYS H 197 -38.39 -64.05 -51.82
N SER H 198 -39.40 -63.62 -52.57
CA SER H 198 -40.19 -64.56 -53.34
C SER H 198 -39.48 -65.03 -54.59
N THR H 199 -38.47 -64.29 -55.06
CA THR H 199 -37.71 -64.71 -56.23
C THR H 199 -36.88 -65.96 -55.92
N PHE H 200 -36.36 -66.04 -54.70
CA PHE H 200 -35.51 -67.16 -54.32
C PHE H 200 -36.29 -68.40 -53.93
N GLU H 201 -37.60 -68.30 -53.77
CA GLU H 201 -38.47 -69.45 -53.48
C GLU H 201 -39.18 -69.95 -54.73
N SER H 202 -38.50 -69.90 -55.89
CA SER H 202 -38.86 -70.36 -57.22
C SER H 202 -38.29 -71.75 -57.47
N PRO H 203 -38.98 -72.58 -58.27
CA PRO H 203 -38.46 -73.92 -58.55
C PRO H 203 -37.26 -73.96 -59.47
N LYS H 204 -36.81 -72.82 -60.01
CA LYS H 204 -35.54 -72.79 -60.71
C LYS H 204 -34.38 -72.93 -59.74
N TYR H 205 -34.58 -72.55 -58.48
CA TYR H 205 -33.54 -72.52 -57.46
C TYR H 205 -33.63 -73.69 -56.51
N THR H 206 -34.01 -74.89 -56.99
CA THR H 206 -34.04 -76.04 -56.10
C THR H 206 -32.64 -76.53 -55.78
N LYS H 207 -31.70 -76.35 -56.73
CA LYS H 207 -30.30 -76.64 -56.47
C LYS H 207 -29.58 -75.49 -55.78
N TRP H 208 -30.28 -74.40 -55.47
CA TRP H 208 -29.75 -73.32 -54.63
C TRP H 208 -30.21 -73.45 -53.19
N ARG H 209 -31.52 -73.66 -52.98
CA ARG H 209 -32.05 -73.81 -51.64
C ARG H 209 -31.65 -75.13 -50.99
N SER H 210 -31.20 -76.09 -51.78
CA SER H 210 -30.61 -77.29 -51.21
C SER H 210 -29.11 -77.13 -50.97
N LEU H 211 -28.46 -76.22 -51.69
CA LEU H 211 -27.09 -75.87 -51.38
C LEU H 211 -27.00 -75.11 -50.07
N ARG H 212 -27.96 -74.22 -49.81
CA ARG H 212 -27.92 -73.38 -48.63
C ARG H 212 -28.11 -74.19 -47.35
N GLU H 213 -28.97 -75.20 -47.39
CA GLU H 213 -29.22 -76.02 -46.22
C GLU H 213 -28.05 -76.93 -45.88
N SER H 214 -27.13 -77.15 -46.80
CA SER H 214 -26.07 -78.11 -46.61
C SER H 214 -25.06 -77.63 -45.58
N GLU H 215 -24.33 -78.58 -45.00
CA GLU H 215 -23.44 -78.27 -43.89
C GLU H 215 -22.15 -77.62 -44.37
N ASP H 216 -21.61 -78.09 -45.49
CA ASP H 216 -20.35 -77.54 -45.99
C ASP H 216 -20.53 -76.25 -46.78
N ALA H 217 -21.74 -75.69 -46.83
CA ALA H 217 -21.95 -74.40 -47.47
C ALA H 217 -21.44 -73.24 -46.63
N ARG H 218 -21.01 -73.53 -45.40
CA ARG H 218 -20.48 -72.53 -44.49
C ARG H 218 -19.23 -71.86 -45.06
N TYR H 219 -18.50 -72.55 -45.93
CA TYR H 219 -17.27 -72.05 -46.53
C TYR H 219 -17.51 -71.53 -47.93
N LEU H 220 -18.65 -70.88 -48.16
CA LEU H 220 -18.99 -70.34 -49.47
C LEU H 220 -19.66 -69.00 -49.29
N GLY H 221 -18.96 -67.93 -49.61
CA GLY H 221 -19.55 -66.60 -49.71
C GLY H 221 -19.62 -66.19 -51.17
N LEU H 222 -20.73 -65.57 -51.56
CA LEU H 222 -20.89 -65.08 -52.93
C LEU H 222 -21.16 -63.59 -52.88
N THR H 223 -20.33 -62.83 -53.59
CA THR H 223 -20.16 -61.41 -53.32
C THR H 223 -21.13 -60.57 -54.14
N ALA H 224 -20.79 -59.29 -54.23
CA ALA H 224 -21.48 -58.05 -54.61
C ALA H 224 -21.93 -57.98 -56.07
N PRO H 225 -22.59 -56.88 -56.48
CA PRO H 225 -22.81 -56.69 -57.93
C PRO H 225 -21.59 -56.77 -58.85
N ARG H 226 -20.75 -55.74 -58.86
CA ARG H 226 -19.54 -55.56 -59.68
C ARG H 226 -18.98 -54.21 -59.26
N PHE H 227 -17.79 -53.89 -59.75
CA PHE H 227 -17.22 -52.59 -59.45
C PHE H 227 -16.33 -52.15 -60.60
N LEU H 228 -16.11 -50.84 -60.69
CA LEU H 228 -15.40 -50.22 -61.79
C LEU H 228 -13.90 -50.30 -61.57
N LEU H 229 -13.15 -50.47 -62.66
CA LEU H 229 -11.70 -50.57 -62.63
C LEU H 229 -10.98 -49.41 -63.30
N ARG H 230 -11.36 -49.07 -64.52
CA ARG H 230 -10.62 -48.12 -65.32
C ARG H 230 -11.48 -46.91 -65.64
N VAL H 231 -11.01 -45.73 -65.27
CA VAL H 231 -11.61 -44.49 -65.76
C VAL H 231 -11.35 -44.38 -67.26
N PRO H 232 -12.35 -44.12 -68.08
CA PRO H 232 -12.10 -43.90 -69.51
C PRO H 232 -11.27 -42.66 -69.74
N TYR H 233 -10.35 -42.74 -70.69
CA TYR H 233 -9.29 -41.76 -70.85
C TYR H 233 -9.83 -40.46 -71.41
N ASP H 234 -9.00 -39.41 -71.30
CA ASP H 234 -9.41 -38.06 -71.64
C ASP H 234 -8.16 -37.27 -71.97
N PRO H 235 -8.18 -36.38 -72.97
CA PRO H 235 -6.98 -35.61 -73.29
C PRO H 235 -6.61 -34.53 -72.28
N ILE H 236 -7.43 -34.30 -71.25
CA ILE H 236 -7.12 -33.34 -70.20
C ILE H 236 -6.90 -34.03 -68.86
N GLU H 237 -7.80 -34.96 -68.49
CA GLU H 237 -7.76 -35.56 -67.17
C GLU H 237 -6.68 -36.65 -67.08
N ASN H 238 -6.83 -37.71 -67.89
CA ASN H 238 -5.90 -38.84 -67.89
C ASN H 238 -5.38 -39.02 -69.31
N PRO H 239 -4.37 -38.25 -69.70
CA PRO H 239 -3.93 -38.27 -71.10
C PRO H 239 -3.05 -39.49 -71.39
N VAL H 240 -2.77 -39.66 -72.68
CA VAL H 240 -1.84 -40.68 -73.15
C VAL H 240 -0.70 -39.98 -73.88
N LYS H 241 0.42 -40.69 -73.99
CA LYS H 241 1.67 -40.09 -74.47
C LYS H 241 1.60 -39.87 -75.97
N SER H 242 1.82 -38.61 -76.39
CA SER H 242 1.90 -38.18 -77.78
C SER H 242 0.61 -38.49 -78.57
N PHE H 243 -0.52 -38.45 -77.88
CA PHE H 243 -1.82 -38.74 -78.49
C PHE H 243 -2.90 -38.15 -77.61
N ASN H 244 -4.04 -37.83 -78.21
CA ASN H 244 -5.22 -37.35 -77.49
C ASN H 244 -6.32 -38.38 -77.70
N TYR H 245 -6.70 -39.07 -76.62
CA TYR H 245 -7.63 -40.20 -76.68
C TYR H 245 -8.85 -39.91 -75.82
N ALA H 246 -9.97 -39.63 -76.46
CA ALA H 246 -11.25 -39.47 -75.78
C ALA H 246 -12.05 -40.74 -76.02
N GLU H 247 -12.15 -41.58 -74.99
CA GLU H 247 -12.83 -42.87 -75.09
C GLU H 247 -14.33 -42.63 -75.07
N ASN H 248 -14.96 -42.70 -76.23
CA ASN H 248 -16.39 -42.43 -76.36
C ASN H 248 -17.18 -43.60 -75.78
N VAL H 249 -17.59 -43.47 -74.53
CA VAL H 249 -18.39 -44.50 -73.87
C VAL H 249 -19.85 -44.25 -74.21
N SER H 250 -20.48 -45.27 -74.80
CA SER H 250 -21.86 -45.14 -75.27
C SER H 250 -22.82 -45.33 -74.11
N ALA H 251 -24.12 -45.44 -74.43
CA ALA H 251 -25.14 -45.65 -73.42
C ALA H 251 -25.10 -47.06 -72.84
N SER H 252 -24.46 -48.00 -73.54
CA SER H 252 -24.25 -49.33 -72.97
C SER H 252 -23.18 -49.24 -71.90
N HIS H 253 -23.54 -49.58 -70.67
CA HIS H 253 -22.60 -49.57 -69.55
C HIS H 253 -21.81 -50.87 -69.44
N GLU H 254 -21.85 -51.72 -70.46
CA GLU H 254 -20.98 -52.88 -70.51
C GLU H 254 -19.59 -52.55 -71.04
N HIS H 255 -19.40 -51.35 -71.59
CA HIS H 255 -18.10 -50.98 -72.14
C HIS H 255 -17.14 -50.48 -71.08
N TYR H 256 -17.63 -50.05 -69.92
CA TYR H 256 -16.77 -49.78 -68.78
C TYR H 256 -16.10 -51.08 -68.33
N LEU H 257 -14.87 -50.97 -67.87
CA LEU H 257 -14.11 -52.14 -67.44
C LEU H 257 -14.63 -52.56 -66.06
N TRP H 258 -15.69 -53.34 -66.06
CA TRP H 258 -16.27 -53.77 -64.80
C TRP H 258 -15.54 -55.02 -64.30
N GLY H 259 -14.98 -54.91 -63.09
CA GLY H 259 -14.26 -56.01 -62.49
C GLY H 259 -15.16 -56.97 -61.76
N ASN H 260 -14.54 -57.94 -61.09
CA ASN H 260 -15.24 -58.91 -60.27
C ASN H 260 -14.97 -58.61 -58.80
N THR H 261 -16.02 -58.58 -57.99
CA THR H 261 -15.91 -58.06 -56.64
C THR H 261 -15.32 -59.08 -55.66
N ALA H 262 -15.05 -60.31 -56.10
CA ALA H 262 -14.27 -61.22 -55.28
C ALA H 262 -12.84 -60.71 -55.11
N PHE H 263 -12.36 -59.93 -56.07
CA PHE H 263 -11.15 -59.13 -55.85
C PHE H 263 -11.33 -58.14 -54.72
N ALA H 264 -12.42 -57.37 -54.78
CA ALA H 264 -12.59 -56.25 -53.85
C ALA H 264 -13.00 -56.69 -52.47
N PHE H 265 -13.67 -57.84 -52.32
CA PHE H 265 -13.98 -58.32 -50.98
C PHE H 265 -12.78 -58.97 -50.33
N ALA H 266 -11.91 -59.60 -51.10
CA ALA H 266 -10.67 -60.11 -50.55
C ALA H 266 -9.65 -59.02 -50.30
N THR H 267 -9.89 -57.81 -50.80
CA THR H 267 -9.08 -56.67 -50.38
C THR H 267 -9.30 -56.39 -48.91
N ARG H 268 -10.54 -56.57 -48.43
CA ARG H 268 -10.85 -56.34 -47.04
C ARG H 268 -10.50 -57.51 -46.13
N LEU H 269 -10.37 -58.71 -46.68
CA LEU H 269 -9.80 -59.81 -45.92
C LEU H 269 -8.34 -59.57 -45.62
N THR H 270 -7.64 -58.93 -46.54
CA THR H 270 -6.20 -58.80 -46.39
C THR H 270 -5.82 -57.48 -45.74
N ASP H 271 -6.54 -56.40 -46.01
CA ASP H 271 -6.27 -55.16 -45.30
C ASP H 271 -6.75 -55.20 -43.87
N SER H 272 -7.58 -56.17 -43.50
CA SER H 272 -7.80 -56.44 -42.08
C SER H 272 -6.67 -57.27 -41.48
N PHE H 273 -6.06 -58.15 -42.28
CA PHE H 273 -4.96 -58.94 -41.76
C PHE H 273 -3.67 -58.14 -41.66
N ALA H 274 -3.49 -57.15 -42.52
CA ALA H 274 -2.26 -56.37 -42.47
C ALA H 274 -2.23 -55.40 -41.30
N LYS H 275 -3.34 -55.22 -40.61
CA LYS H 275 -3.41 -54.30 -39.48
C LYS H 275 -3.47 -55.00 -38.14
N TYR H 276 -4.27 -56.06 -38.02
CA TYR H 276 -4.50 -56.71 -36.74
C TYR H 276 -4.05 -58.15 -36.70
N ARG H 277 -3.55 -58.70 -37.82
CA ARG H 277 -3.12 -60.10 -37.97
C ARG H 277 -4.25 -61.09 -37.68
N TRP H 278 -5.48 -60.67 -37.92
CA TRP H 278 -6.65 -61.53 -37.92
C TRP H 278 -7.59 -61.00 -38.99
N CYS H 279 -8.75 -61.64 -39.12
CA CYS H 279 -9.79 -61.14 -40.01
C CYS H 279 -11.20 -61.46 -39.51
N PRO H 280 -11.68 -60.75 -38.50
CA PRO H 280 -13.13 -60.59 -38.39
C PRO H 280 -13.60 -59.24 -38.90
N ASN H 281 -12.66 -58.35 -39.21
CA ASN H 281 -12.97 -56.94 -39.48
C ASN H 281 -13.18 -56.73 -40.98
N ILE H 282 -14.37 -57.11 -41.46
CA ILE H 282 -14.69 -56.98 -42.86
C ILE H 282 -16.07 -56.37 -43.11
N ILE H 283 -16.79 -55.96 -42.07
CA ILE H 283 -18.16 -55.52 -42.28
C ILE H 283 -18.41 -54.09 -41.81
N GLY H 284 -17.39 -53.23 -41.83
CA GLY H 284 -17.55 -51.90 -41.32
C GLY H 284 -17.25 -50.78 -42.30
N PRO H 285 -18.21 -49.87 -42.49
CA PRO H 285 -17.92 -48.64 -43.26
C PRO H 285 -16.92 -47.75 -42.59
N GLN H 286 -16.77 -47.83 -41.28
CA GLN H 286 -15.66 -47.20 -40.58
C GLN H 286 -14.88 -48.23 -39.76
N SER H 287 -15.02 -49.51 -40.08
CA SER H 287 -14.39 -50.54 -39.28
C SER H 287 -13.84 -51.68 -40.13
N GLY H 288 -13.48 -51.40 -41.37
CA GLY H 288 -12.76 -52.35 -42.18
C GLY H 288 -13.55 -53.09 -43.24
N GLY H 289 -14.68 -52.55 -43.68
CA GLY H 289 -15.39 -53.15 -44.79
C GLY H 289 -15.64 -52.10 -45.84
N ALA H 290 -14.84 -51.04 -45.84
CA ALA H 290 -15.03 -49.90 -46.72
C ALA H 290 -14.07 -49.99 -47.89
N VAL H 291 -14.58 -50.37 -49.06
CA VAL H 291 -13.78 -50.39 -50.28
C VAL H 291 -13.63 -48.94 -50.73
N GLU H 292 -12.49 -48.35 -50.45
CA GLU H 292 -12.24 -46.96 -50.79
C GLU H 292 -11.51 -46.85 -52.11
N ASP H 293 -11.39 -45.60 -52.59
CA ASP H 293 -10.65 -45.22 -53.80
C ASP H 293 -11.20 -45.94 -55.03
N LEU H 294 -12.50 -45.88 -55.21
CA LEU H 294 -13.08 -46.42 -56.41
C LEU H 294 -12.91 -45.44 -57.57
N PRO H 295 -12.85 -45.94 -58.80
CA PRO H 295 -12.84 -45.03 -59.96
C PRO H 295 -14.21 -44.40 -60.17
N VAL H 296 -14.20 -43.10 -60.47
CA VAL H 296 -15.41 -42.38 -60.81
C VAL H 296 -15.25 -41.76 -62.19
N HIS H 297 -16.38 -41.53 -62.84
CA HIS H 297 -16.41 -40.99 -64.20
C HIS H 297 -17.51 -39.93 -64.26
N VAL H 298 -17.13 -38.67 -64.10
CA VAL H 298 -18.08 -37.57 -64.13
C VAL H 298 -18.42 -37.29 -65.59
N PHE H 299 -19.66 -37.55 -65.98
CA PHE H 299 -20.12 -37.28 -67.33
C PHE H 299 -21.36 -36.39 -67.27
N GLU H 300 -21.79 -35.94 -68.45
CA GLU H 300 -22.96 -35.07 -68.55
C GLU H 300 -24.22 -35.90 -68.71
N SER H 301 -25.15 -35.72 -67.78
CA SER H 301 -26.45 -36.36 -67.86
C SER H 301 -27.40 -35.48 -68.67
N MET H 302 -28.70 -35.75 -68.57
CA MET H 302 -29.72 -34.95 -69.25
C MET H 302 -29.89 -33.61 -68.54
N GLY H 303 -28.91 -32.73 -68.76
CA GLY H 303 -28.91 -31.40 -68.19
C GLY H 303 -27.92 -31.19 -67.05
N ALA H 304 -27.82 -32.17 -66.15
CA ALA H 304 -27.02 -32.03 -64.95
C ALA H 304 -25.65 -32.66 -65.15
N LEU H 305 -24.81 -32.48 -64.14
CA LEU H 305 -23.46 -33.06 -64.10
C LEU H 305 -23.44 -34.11 -62.99
N GLN H 306 -23.55 -35.37 -63.37
CA GLN H 306 -23.57 -36.46 -62.41
C GLN H 306 -22.32 -37.31 -62.56
N SER H 307 -22.21 -38.33 -61.73
CA SER H 307 -21.09 -39.27 -61.75
C SER H 307 -21.61 -40.67 -62.02
N LYS H 308 -20.84 -41.43 -62.80
CA LYS H 308 -21.17 -42.83 -63.00
C LYS H 308 -20.93 -43.61 -61.71
N ILE H 309 -21.92 -44.39 -61.31
CA ILE H 309 -21.84 -45.11 -60.04
C ILE H 309 -20.82 -46.25 -60.15
N PRO H 310 -19.84 -46.31 -59.25
CA PRO H 310 -18.77 -47.30 -59.41
C PRO H 310 -19.21 -48.73 -59.18
N THR H 311 -20.29 -48.98 -58.44
CA THR H 311 -21.00 -50.25 -58.51
C THR H 311 -22.24 -50.01 -59.35
N GLU H 312 -22.66 -51.04 -60.08
CA GLU H 312 -23.61 -50.82 -61.17
C GLU H 312 -25.02 -50.50 -60.69
N VAL H 313 -25.34 -50.79 -59.44
CA VAL H 313 -26.61 -50.37 -58.87
C VAL H 313 -26.34 -49.67 -57.55
N LEU H 314 -27.31 -48.86 -57.14
CA LEU H 314 -27.30 -48.26 -55.81
C LEU H 314 -28.13 -49.17 -54.92
N ILE H 315 -27.46 -49.99 -54.13
CA ILE H 315 -28.13 -50.91 -53.24
C ILE H 315 -28.68 -50.14 -52.05
N THR H 316 -29.99 -50.21 -51.85
CA THR H 316 -30.61 -49.55 -50.71
C THR H 316 -30.33 -50.35 -49.44
N ASP H 317 -30.78 -49.82 -48.31
CA ASP H 317 -30.55 -50.52 -47.06
C ASP H 317 -31.50 -51.69 -46.89
N ARG H 318 -32.72 -51.58 -47.41
CA ARG H 318 -33.65 -52.70 -47.34
C ARG H 318 -33.28 -53.80 -48.32
N LYS H 319 -32.78 -53.42 -49.49
CA LYS H 319 -32.32 -54.41 -50.46
C LYS H 319 -31.09 -55.15 -49.95
N GLU H 320 -30.22 -54.45 -49.22
CA GLU H 320 -29.02 -55.10 -48.71
C GLU H 320 -29.36 -56.01 -47.54
N PHE H 321 -30.32 -55.60 -46.70
CA PHE H 321 -30.75 -56.47 -45.62
C PHE H 321 -31.49 -57.69 -46.14
N GLU H 322 -32.19 -57.56 -47.27
CA GLU H 322 -32.83 -58.72 -47.85
C GLU H 322 -31.83 -59.63 -48.54
N LEU H 323 -30.72 -59.07 -49.05
CA LEU H 323 -29.62 -59.90 -49.52
C LEU H 323 -28.84 -60.50 -48.35
N ALA H 324 -28.84 -59.85 -47.19
CA ALA H 324 -28.11 -60.39 -46.06
C ALA H 324 -28.81 -61.61 -45.48
N GLU H 325 -30.14 -61.60 -45.47
CA GLU H 325 -30.88 -62.75 -44.98
C GLU H 325 -30.80 -63.91 -45.97
N GLU H 326 -30.67 -63.61 -47.26
CA GLU H 326 -30.63 -64.65 -48.28
C GLU H 326 -29.20 -65.04 -48.68
N GLY H 327 -28.22 -64.68 -47.87
CA GLY H 327 -26.87 -65.18 -48.06
C GLY H 327 -26.10 -64.53 -49.18
N PHE H 328 -25.86 -63.22 -49.09
CA PHE H 328 -25.10 -62.50 -50.09
C PHE H 328 -24.28 -61.42 -49.42
N ILE H 329 -23.09 -61.18 -49.94
CA ILE H 329 -22.20 -60.14 -49.42
C ILE H 329 -22.33 -58.98 -50.39
N ALA H 330 -23.27 -58.09 -50.10
CA ALA H 330 -23.56 -56.97 -51.00
C ALA H 330 -22.68 -55.77 -50.67
N LEU H 331 -22.47 -54.92 -51.67
CA LEU H 331 -21.62 -53.73 -51.55
C LEU H 331 -22.45 -52.51 -51.86
N THR H 332 -22.96 -51.85 -50.83
CA THR H 332 -23.61 -50.58 -51.03
C THR H 332 -22.57 -49.50 -51.31
N MET H 333 -22.92 -48.58 -52.20
CA MET H 333 -21.99 -47.56 -52.65
C MET H 333 -22.37 -46.23 -52.01
N ARG H 334 -21.37 -45.48 -51.56
CA ARG H 334 -21.59 -44.19 -50.93
C ARG H 334 -21.96 -43.19 -52.01
N LYS H 335 -23.27 -42.95 -52.16
CA LYS H 335 -23.83 -42.23 -53.31
C LYS H 335 -23.32 -40.80 -53.37
N GLY H 336 -22.49 -40.52 -54.36
CA GLY H 336 -21.93 -39.19 -54.55
C GLY H 336 -20.44 -39.11 -54.33
N SER H 337 -19.76 -40.22 -54.11
CA SER H 337 -18.33 -40.20 -53.88
C SER H 337 -17.73 -41.48 -54.43
N ASP H 338 -16.47 -41.72 -54.07
CA ASP H 338 -15.70 -42.85 -54.58
C ASP H 338 -15.47 -43.91 -53.50
N ASN H 339 -16.45 -44.11 -52.63
CA ASN H 339 -16.33 -45.08 -51.56
C ASN H 339 -17.49 -46.05 -51.61
N ALA H 340 -17.33 -47.16 -50.91
CA ALA H 340 -18.38 -48.16 -50.79
C ALA H 340 -18.22 -48.81 -49.43
N ALA H 341 -19.09 -49.78 -49.14
CA ALA H 341 -19.06 -50.41 -47.83
C ALA H 341 -19.72 -51.77 -47.89
N PHE H 342 -19.17 -52.72 -47.15
CA PHE H 342 -19.86 -53.94 -46.82
C PHE H 342 -20.53 -53.76 -45.46
N PHE H 343 -21.61 -54.48 -45.24
CA PHE H 343 -22.32 -54.41 -43.97
C PHE H 343 -22.50 -55.74 -43.29
N SER H 344 -22.49 -56.85 -44.03
CA SER H 344 -22.70 -58.16 -43.45
C SER H 344 -22.09 -59.18 -44.40
N ALA H 345 -21.16 -59.99 -43.89
CA ALA H 345 -20.44 -60.94 -44.73
C ALA H 345 -21.02 -62.33 -44.65
N ASN H 346 -22.34 -62.46 -44.54
CA ASN H 346 -22.99 -63.75 -44.31
C ASN H 346 -22.76 -64.73 -45.45
N SER H 347 -22.34 -65.93 -45.09
CA SER H 347 -22.21 -66.99 -46.07
C SER H 347 -23.58 -67.50 -46.46
N ILE H 348 -23.62 -68.36 -47.47
CA ILE H 348 -24.90 -68.80 -48.04
C ILE H 348 -25.65 -69.79 -47.16
N GLN H 349 -25.09 -70.18 -46.01
CA GLN H 349 -25.73 -71.20 -45.20
C GLN H 349 -26.95 -70.62 -44.49
N LYS H 350 -27.97 -71.42 -44.32
CA LYS H 350 -29.17 -70.91 -43.67
C LYS H 350 -29.18 -71.27 -42.20
N PRO H 351 -29.60 -70.35 -41.33
CA PRO H 351 -29.74 -70.68 -39.91
C PRO H 351 -30.88 -71.65 -39.70
N LYS H 352 -30.56 -72.88 -39.32
CA LYS H 352 -31.57 -73.92 -39.23
C LYS H 352 -32.43 -73.70 -37.99
N VAL H 353 -33.75 -73.73 -38.19
CA VAL H 353 -34.67 -73.52 -37.08
C VAL H 353 -34.70 -74.79 -36.23
N PHE H 354 -34.33 -74.65 -35.02
CA PHE H 354 -34.30 -75.69 -34.01
C PHE H 354 -35.54 -75.60 -33.15
N PRO H 355 -36.01 -76.72 -32.57
CA PRO H 355 -37.27 -76.68 -31.81
C PRO H 355 -37.13 -75.90 -30.50
N ASN H 356 -38.28 -75.50 -29.96
CA ASN H 356 -38.33 -74.55 -28.86
C ASN H 356 -38.09 -75.18 -27.49
N THR H 357 -36.98 -75.90 -27.36
CA THR H 357 -36.58 -76.42 -26.06
C THR H 357 -35.62 -75.42 -25.42
N LYS H 358 -35.02 -75.81 -24.29
CA LYS H 358 -33.98 -74.99 -23.69
C LYS H 358 -32.70 -75.06 -24.50
N GLU H 359 -32.32 -76.27 -24.92
CA GLU H 359 -31.13 -76.42 -25.76
C GLU H 359 -31.39 -76.02 -27.19
N GLY H 360 -32.61 -76.15 -27.69
CA GLY H 360 -32.89 -75.82 -29.06
C GLY H 360 -32.89 -74.32 -29.31
N LYS H 361 -33.43 -73.56 -28.36
CA LYS H 361 -33.34 -72.11 -28.44
C LYS H 361 -31.92 -71.63 -28.22
N GLU H 362 -31.10 -72.42 -27.53
CA GLU H 362 -29.69 -72.09 -27.36
C GLU H 362 -28.89 -72.44 -28.61
N ALA H 363 -29.02 -73.68 -29.10
CA ALA H 363 -28.21 -74.13 -30.21
C ALA H 363 -28.59 -73.44 -31.52
N GLU H 364 -29.77 -72.85 -31.62
CA GLU H 364 -30.11 -72.03 -32.77
C GLU H 364 -29.24 -70.79 -32.83
N THR H 365 -28.98 -70.18 -31.68
CA THR H 365 -28.09 -69.03 -31.64
C THR H 365 -26.64 -69.49 -31.76
N ASN H 366 -26.36 -70.74 -31.41
CA ASN H 366 -25.02 -71.28 -31.60
C ASN H 366 -24.76 -71.59 -33.06
N TYR H 367 -25.72 -72.19 -33.75
CA TYR H 367 -25.56 -72.48 -35.16
C TYR H 367 -25.62 -71.24 -36.02
N LYS H 368 -26.23 -70.16 -35.52
CA LYS H 368 -26.28 -68.91 -36.27
C LYS H 368 -24.90 -68.28 -36.38
N LEU H 369 -24.05 -68.47 -35.36
CA LEU H 369 -22.73 -67.89 -35.40
C LEU H 369 -21.82 -68.57 -36.39
N GLY H 370 -22.14 -69.80 -36.80
CA GLY H 370 -21.32 -70.47 -37.78
C GLY H 370 -21.45 -69.88 -39.17
N THR H 371 -22.63 -69.40 -39.51
CA THR H 371 -22.91 -69.04 -40.90
C THR H 371 -22.37 -67.67 -41.27
N GLN H 372 -21.95 -66.85 -40.31
CA GLN H 372 -21.88 -65.42 -40.59
C GLN H 372 -20.61 -65.01 -41.31
N LEU H 373 -19.52 -65.75 -41.16
CA LEU H 373 -18.23 -65.57 -41.84
C LEU H 373 -17.57 -64.21 -41.62
N PRO H 374 -17.55 -63.65 -40.40
CA PRO H 374 -16.23 -63.19 -40.01
C PRO H 374 -15.70 -64.14 -38.97
N TYR H 375 -16.60 -64.93 -38.39
CA TYR H 375 -16.28 -65.82 -37.30
C TYR H 375 -15.66 -67.12 -37.77
N MET H 376 -15.92 -67.52 -39.01
CA MET H 376 -15.15 -68.62 -39.58
C MET H 376 -13.70 -68.23 -39.72
N MET H 377 -13.43 -66.98 -40.07
CA MET H 377 -12.06 -66.60 -40.35
C MET H 377 -11.25 -66.42 -39.06
N ILE H 378 -11.88 -66.38 -37.89
CA ILE H 378 -11.11 -66.44 -36.66
C ILE H 378 -10.98 -67.86 -36.13
N ILE H 379 -11.59 -68.85 -36.79
CA ILE H 379 -11.32 -70.24 -36.47
C ILE H 379 -10.73 -71.00 -37.64
N ASN H 380 -10.79 -70.47 -38.86
CA ASN H 380 -9.94 -71.03 -39.90
C ASN H 380 -8.48 -70.80 -39.57
N ARG H 381 -8.16 -69.64 -38.99
CA ARG H 381 -6.82 -69.42 -38.47
C ARG H 381 -6.54 -70.31 -37.28
N LEU H 382 -7.56 -70.68 -36.51
CA LEU H 382 -7.40 -71.70 -35.50
C LEU H 382 -7.54 -73.10 -36.05
N ALA H 383 -7.50 -73.25 -37.37
CA ALA H 383 -7.20 -74.54 -37.98
C ALA H 383 -5.91 -74.48 -38.76
N HIS H 384 -5.43 -73.30 -39.08
CA HIS H 384 -4.17 -73.24 -39.81
C HIS H 384 -2.99 -73.12 -38.86
N TYR H 385 -3.11 -72.35 -37.77
CA TYR H 385 -2.05 -72.33 -36.78
C TYR H 385 -1.90 -73.68 -36.09
N VAL H 386 -3.01 -74.32 -35.75
CA VAL H 386 -2.91 -75.46 -34.86
C VAL H 386 -2.50 -76.69 -35.64
N LYS H 387 -2.79 -76.73 -36.93
CA LYS H 387 -2.26 -77.75 -37.81
C LYS H 387 -0.75 -77.63 -37.94
N VAL H 388 -0.25 -76.41 -38.06
CA VAL H 388 1.18 -76.20 -38.19
C VAL H 388 1.88 -76.42 -36.86
N LEU H 389 1.28 -75.96 -35.77
CA LEU H 389 1.95 -75.96 -34.48
C LEU H 389 2.07 -77.37 -33.91
N GLN H 390 1.06 -78.19 -34.13
CA GLN H 390 1.10 -79.59 -33.73
C GLN H 390 1.59 -80.52 -34.83
N ARG H 391 2.23 -79.97 -35.86
CA ARG H 391 2.95 -80.79 -36.82
C ARG H 391 4.41 -80.93 -36.45
N GLU H 392 5.00 -79.85 -35.90
CA GLU H 392 6.37 -79.90 -35.44
C GLU H 392 6.54 -80.84 -34.26
N GLN H 393 5.47 -81.05 -33.49
CA GLN H 393 5.59 -81.76 -32.24
C GLN H 393 5.64 -83.27 -32.39
N ILE H 394 5.39 -83.82 -33.59
CA ILE H 394 5.31 -85.27 -33.77
C ILE H 394 6.66 -85.90 -33.51
N GLY H 395 6.70 -86.85 -32.58
CA GLY H 395 7.95 -87.44 -32.18
C GLY H 395 8.51 -86.94 -30.87
N ALA H 396 7.81 -86.04 -30.19
CA ALA H 396 8.33 -85.48 -28.96
C ALA H 396 8.11 -86.43 -27.80
N TRP H 397 8.35 -85.93 -26.59
CA TRP H 397 8.08 -86.66 -25.38
C TRP H 397 7.05 -85.86 -24.60
N LYS H 398 5.79 -86.22 -24.76
CA LYS H 398 4.71 -85.37 -24.32
C LYS H 398 3.82 -86.21 -23.41
N GLU H 399 2.78 -85.60 -22.86
CA GLU H 399 1.74 -86.31 -22.13
C GLU H 399 0.41 -85.69 -22.48
N ARG H 400 -0.67 -86.28 -21.95
CA ARG H 400 -1.97 -85.65 -22.07
C ARG H 400 -2.02 -84.36 -21.28
N GLN H 401 -1.45 -84.37 -20.08
CA GLN H 401 -1.33 -83.14 -19.30
C GLN H 401 -0.41 -82.13 -19.98
N ASP H 402 0.60 -82.62 -20.70
CA ASP H 402 1.44 -81.71 -21.47
C ASP H 402 0.73 -81.25 -22.73
N LEU H 403 -0.17 -82.06 -23.26
CA LEU H 403 -0.93 -81.62 -24.43
C LEU H 403 -1.96 -80.57 -24.04
N GLU H 404 -2.56 -80.70 -22.85
CA GLU H 404 -3.49 -79.68 -22.36
C GLU H 404 -2.81 -78.35 -22.15
N ARG H 405 -1.53 -78.36 -21.77
CA ARG H 405 -0.82 -77.15 -21.40
C ARG H 405 -0.20 -76.43 -22.59
N GLU H 406 0.29 -77.18 -23.59
CA GLU H 406 0.84 -76.54 -24.77
C GLU H 406 -0.23 -75.90 -25.65
N LEU H 407 -1.51 -76.20 -25.41
CA LEU H 407 -2.60 -75.54 -26.09
C LEU H 407 -3.26 -74.45 -25.26
N ASN H 408 -3.42 -74.65 -23.95
CA ASN H 408 -4.05 -73.64 -23.12
C ASN H 408 -3.14 -72.44 -22.92
N SER H 409 -1.85 -72.66 -22.74
CA SER H 409 -0.93 -71.53 -22.66
C SER H 409 -0.66 -70.91 -24.02
N TRP H 410 -1.07 -71.57 -25.09
CA TRP H 410 -0.94 -70.99 -26.42
C TRP H 410 -2.11 -70.10 -26.81
N ILE H 411 -3.35 -70.59 -26.66
CA ILE H 411 -4.48 -69.81 -27.15
C ILE H 411 -4.86 -68.69 -26.19
N LYS H 412 -4.36 -68.70 -24.97
CA LYS H 412 -4.66 -67.61 -24.05
C LYS H 412 -3.76 -66.40 -24.23
N GLN H 413 -3.09 -66.30 -25.38
CA GLN H 413 -2.63 -65.02 -25.87
C GLN H 413 -3.55 -64.47 -26.94
N TYR H 414 -4.57 -65.22 -27.32
CA TYR H 414 -5.61 -64.77 -28.23
C TYR H 414 -6.91 -64.50 -27.52
N VAL H 415 -6.98 -64.75 -26.22
CA VAL H 415 -8.21 -64.66 -25.43
C VAL H 415 -8.09 -63.45 -24.53
N ALA H 416 -9.04 -62.53 -24.64
CA ALA H 416 -9.15 -61.39 -23.73
C ALA H 416 -10.51 -61.48 -23.08
N ASP H 417 -10.61 -62.27 -22.02
CA ASP H 417 -11.88 -62.55 -21.36
C ASP H 417 -12.23 -61.32 -20.51
N GLN H 418 -12.86 -60.35 -21.15
CA GLN H 418 -13.01 -59.03 -20.58
C GLN H 418 -14.21 -58.39 -21.23
N GLU H 419 -15.01 -57.70 -20.43
CA GLU H 419 -16.30 -57.21 -20.93
C GLU H 419 -16.12 -56.03 -21.88
N ASN H 420 -15.22 -55.12 -21.55
CA ASN H 420 -14.95 -53.95 -22.39
C ASN H 420 -13.46 -53.68 -22.45
N PRO H 421 -12.72 -54.42 -23.26
CA PRO H 421 -11.32 -54.07 -23.48
C PRO H 421 -11.23 -52.95 -24.49
N PRO H 422 -10.07 -52.31 -24.64
CA PRO H 422 -9.92 -51.28 -25.69
C PRO H 422 -10.04 -51.86 -27.09
N ALA H 423 -10.12 -50.94 -28.05
CA ALA H 423 -10.40 -51.31 -29.43
C ALA H 423 -9.25 -52.04 -30.11
N ASP H 424 -8.05 -52.02 -29.51
CA ASP H 424 -6.95 -52.79 -30.06
C ASP H 424 -6.86 -54.18 -29.44
N VAL H 425 -7.28 -54.34 -28.18
CA VAL H 425 -7.26 -55.64 -27.54
C VAL H 425 -8.35 -56.53 -28.11
N ARG H 426 -9.42 -55.94 -28.63
CA ARG H 426 -10.50 -56.73 -29.21
C ARG H 426 -10.11 -57.38 -30.52
N SER H 427 -9.25 -56.73 -31.29
CA SER H 427 -8.93 -57.25 -32.62
C SER H 427 -7.60 -57.98 -32.68
N ARG H 428 -6.65 -57.62 -31.83
CA ARG H 428 -5.46 -58.47 -31.69
C ARG H 428 -5.79 -59.79 -31.02
N ARG H 429 -6.75 -59.78 -30.10
CA ARG H 429 -7.21 -60.99 -29.41
C ARG H 429 -8.69 -61.16 -29.73
N PRO H 430 -9.01 -61.77 -30.87
CA PRO H 430 -10.40 -61.79 -31.34
C PRO H 430 -11.28 -62.73 -30.57
N LEU H 431 -10.72 -63.71 -29.88
CA LEU H 431 -11.52 -64.62 -29.09
C LEU H 431 -11.91 -63.95 -27.78
N ARG H 432 -12.79 -64.59 -27.05
CA ARG H 432 -13.22 -64.11 -25.75
C ARG H 432 -13.11 -65.17 -24.67
N ALA H 433 -13.38 -66.43 -25.00
CA ALA H 433 -13.13 -67.53 -24.08
C ALA H 433 -12.89 -68.79 -24.89
N ALA H 434 -12.08 -69.69 -24.34
CA ALA H 434 -11.70 -70.89 -25.07
C ALA H 434 -11.56 -72.05 -24.09
N ARG H 435 -12.25 -73.15 -24.39
CA ARG H 435 -12.23 -74.35 -23.56
C ARG H 435 -11.53 -75.45 -24.34
N ILE H 436 -10.60 -76.15 -23.69
CA ILE H 436 -9.88 -77.25 -24.31
C ILE H 436 -9.97 -78.47 -23.40
N GLU H 437 -10.58 -79.52 -23.90
CA GLU H 437 -10.83 -80.74 -23.12
C GLU H 437 -10.16 -81.89 -23.85
N VAL H 438 -8.97 -82.25 -23.44
CA VAL H 438 -8.22 -83.33 -24.08
C VAL H 438 -8.66 -84.66 -23.48
N MET H 439 -9.03 -85.60 -24.34
CA MET H 439 -9.43 -86.93 -23.94
C MET H 439 -8.47 -87.94 -24.57
N ASP H 440 -8.76 -89.22 -24.42
CA ASP H 440 -7.91 -90.26 -24.96
C ASP H 440 -8.66 -91.05 -26.03
N VAL H 441 -7.95 -91.99 -26.64
CA VAL H 441 -8.55 -93.01 -27.48
C VAL H 441 -8.07 -94.36 -26.96
N GLU H 442 -9.00 -95.18 -26.51
CA GLU H 442 -8.66 -96.50 -26.00
C GLU H 442 -8.46 -97.47 -27.16
N GLY H 443 -7.82 -98.59 -26.87
CA GLY H 443 -7.49 -99.56 -27.89
C GLY H 443 -6.13 -99.31 -28.49
N ASN H 444 -5.97 -98.16 -29.15
CA ASN H 444 -4.66 -97.67 -29.59
C ASN H 444 -4.32 -96.49 -28.72
N PRO H 445 -3.54 -96.66 -27.66
CA PRO H 445 -3.36 -95.56 -26.70
C PRO H 445 -2.37 -94.53 -27.22
N GLY H 446 -2.69 -93.27 -26.95
CA GLY H 446 -1.91 -92.15 -27.43
C GLY H 446 -2.47 -91.48 -28.66
N TRP H 447 -3.77 -91.22 -28.65
CA TRP H 447 -4.48 -90.55 -29.73
C TRP H 447 -5.54 -89.71 -29.04
N TYR H 448 -5.59 -88.41 -29.35
CA TYR H 448 -6.13 -87.43 -28.41
C TYR H 448 -7.27 -86.62 -29.00
N GLN H 449 -8.48 -86.88 -28.55
CA GLN H 449 -9.65 -86.20 -29.07
C GLN H 449 -9.86 -84.95 -28.22
N VAL H 450 -9.28 -83.83 -28.61
CA VAL H 450 -9.37 -82.63 -27.81
C VAL H 450 -10.48 -81.79 -28.41
N SER H 451 -11.09 -80.92 -27.62
CA SER H 451 -12.23 -80.14 -28.10
C SER H 451 -12.02 -78.66 -27.84
N LEU H 452 -11.35 -77.99 -28.75
CA LEU H 452 -11.16 -76.54 -28.64
C LEU H 452 -12.45 -75.81 -28.93
N SER H 453 -12.96 -75.08 -27.94
CA SER H 453 -14.27 -74.44 -27.98
C SER H 453 -14.12 -72.93 -27.79
N VAL H 454 -13.83 -72.21 -28.86
CA VAL H 454 -13.59 -70.78 -28.78
C VAL H 454 -14.89 -70.02 -28.79
N ARG H 455 -14.84 -68.72 -28.51
CA ARG H 455 -16.00 -67.89 -28.43
C ARG H 455 -15.60 -66.47 -28.80
N PRO H 456 -16.31 -65.80 -29.68
CA PRO H 456 -15.84 -64.51 -30.18
C PRO H 456 -16.48 -63.33 -29.48
N HIS H 457 -16.03 -62.13 -29.81
CA HIS H 457 -16.76 -60.92 -29.43
C HIS H 457 -17.85 -60.65 -30.45
N PHE H 458 -18.74 -59.71 -30.11
CA PHE H 458 -19.95 -59.47 -30.88
C PHE H 458 -20.01 -58.02 -31.35
N LYS H 459 -20.22 -57.84 -32.65
CA LYS H 459 -20.21 -56.55 -33.30
C LYS H 459 -21.57 -55.87 -33.20
N TYR H 460 -21.77 -54.82 -33.99
CA TYR H 460 -22.86 -53.85 -33.87
C TYR H 460 -23.75 -53.96 -35.10
N MET H 461 -25.01 -54.35 -34.92
CA MET H 461 -25.91 -54.52 -36.05
C MET H 461 -27.37 -54.33 -35.64
N GLY H 462 -27.94 -53.20 -36.03
CA GLY H 462 -29.35 -52.89 -35.81
C GLY H 462 -29.77 -52.45 -34.41
N ALA H 463 -30.71 -51.51 -34.34
CA ALA H 463 -31.29 -51.03 -33.09
C ALA H 463 -32.71 -50.54 -33.40
N ASN H 464 -33.29 -49.76 -32.47
CA ASN H 464 -34.68 -49.35 -32.76
C ASN H 464 -34.95 -47.86 -32.70
N PHE H 465 -34.46 -47.15 -31.68
CA PHE H 465 -34.51 -45.67 -31.56
C PHE H 465 -35.95 -45.14 -31.63
N GLU H 466 -36.76 -45.56 -30.65
CA GLU H 466 -38.20 -45.27 -30.66
C GLU H 466 -38.49 -43.90 -30.04
N LEU H 467 -38.43 -42.86 -30.85
CA LEU H 467 -38.53 -41.48 -30.38
C LEU H 467 -39.93 -41.14 -29.88
N SER H 468 -39.99 -40.05 -29.12
CA SER H 468 -41.17 -39.53 -28.44
C SER H 468 -40.79 -38.16 -27.91
N LEU H 469 -41.77 -37.43 -27.39
CA LEU H 469 -41.41 -36.31 -26.52
C LEU H 469 -42.03 -36.51 -25.15
N VAL H 470 -41.32 -36.03 -24.13
CA VAL H 470 -41.80 -36.08 -22.75
C VAL H 470 -42.44 -34.76 -22.34
N GLY H 471 -41.82 -33.64 -22.69
CA GLY H 471 -42.37 -32.33 -22.41
C GLY H 471 -41.79 -31.67 -21.18
N ARG H 472 -41.59 -32.42 -20.09
CA ARG H 472 -40.99 -31.90 -18.87
C ARG H 472 -39.57 -32.40 -18.65
N LEU H 473 -39.34 -33.70 -18.81
CA LEU H 473 -38.01 -34.26 -18.59
C LEU H 473 -37.15 -34.11 -19.83
N PRO I 1 -10.83 -65.65 11.83
CA PRO I 1 -11.98 -65.06 11.17
C PRO I 1 -12.23 -65.69 9.80
N THR I 2 -13.47 -65.67 9.35
CA THR I 2 -13.76 -66.31 8.07
C THR I 2 -13.67 -65.30 6.95
N PRO I 3 -13.16 -65.69 5.79
CA PRO I 3 -13.06 -64.73 4.68
C PRO I 3 -14.40 -64.37 4.11
N CYS I 4 -14.48 -63.15 3.60
CA CYS I 4 -15.69 -62.58 3.04
C CYS I 4 -15.68 -62.77 1.53
N TYR I 5 -16.63 -62.15 0.83
CA TYR I 5 -16.71 -62.25 -0.61
C TYR I 5 -17.21 -60.93 -1.16
N ILE I 6 -16.61 -60.47 -2.26
CA ILE I 6 -16.96 -59.20 -2.86
C ILE I 6 -17.28 -59.39 -4.33
N SER I 7 -18.41 -58.85 -4.77
CA SER I 7 -18.80 -58.87 -6.16
C SER I 7 -18.88 -57.44 -6.68
N ILE I 8 -17.96 -57.09 -7.57
CA ILE I 8 -17.84 -55.74 -8.09
C ILE I 8 -18.48 -55.68 -9.47
N GLU I 9 -19.31 -54.68 -9.72
CA GLU I 9 -19.85 -54.46 -11.06
C GLU I 9 -19.51 -53.05 -11.51
N GLY I 10 -18.82 -52.93 -12.63
CA GLY I 10 -18.35 -51.63 -13.10
C GLY I 10 -19.38 -50.91 -13.94
N GLN I 11 -19.05 -49.68 -14.31
CA GLN I 11 -19.87 -48.95 -15.27
C GLN I 11 -19.75 -49.57 -16.66
N THR I 12 -18.55 -49.59 -17.21
CA THR I 12 -18.36 -50.06 -18.56
C THR I 12 -17.84 -51.48 -18.66
N GLN I 13 -17.21 -52.00 -17.61
CA GLN I 13 -16.58 -53.30 -17.68
C GLN I 13 -17.46 -54.41 -17.16
N GLY I 14 -18.76 -54.16 -17.05
CA GLY I 14 -19.69 -55.22 -16.70
C GLY I 14 -19.47 -55.69 -15.28
N LEU I 15 -19.66 -57.00 -15.08
CA LEU I 15 -19.35 -57.61 -13.80
C LEU I 15 -17.85 -57.88 -13.79
N ILE I 16 -17.12 -57.14 -12.94
CA ILE I 16 -15.66 -57.24 -12.95
C ILE I 16 -15.21 -58.57 -12.39
N THR I 17 -15.79 -58.99 -11.29
CA THR I 17 -15.31 -60.22 -10.68
C THR I 17 -15.96 -61.45 -11.25
N ALA I 18 -16.53 -61.41 -12.45
CA ALA I 18 -17.15 -62.59 -13.04
C ALA I 18 -16.06 -63.55 -13.46
N GLY I 19 -15.83 -64.57 -12.65
CA GLY I 19 -14.77 -65.50 -12.92
C GLY I 19 -13.53 -65.33 -12.07
N ALA I 20 -13.60 -64.54 -11.01
CA ALA I 20 -12.42 -64.31 -10.18
C ALA I 20 -12.22 -65.39 -9.13
N CYS I 21 -13.02 -66.43 -9.14
CA CYS I 21 -12.77 -67.66 -8.39
C CYS I 21 -13.01 -68.87 -9.27
N THR I 22 -12.39 -68.89 -10.44
CA THR I 22 -12.33 -70.08 -11.24
C THR I 22 -10.98 -70.76 -11.03
N ALA I 23 -10.72 -71.83 -11.78
CA ALA I 23 -9.44 -72.48 -11.71
C ALA I 23 -8.37 -71.72 -12.46
N ASP I 24 -8.74 -70.80 -13.33
CA ASP I 24 -7.74 -70.00 -14.01
C ASP I 24 -7.27 -68.83 -13.18
N SER I 25 -8.11 -68.32 -12.29
CA SER I 25 -7.71 -67.17 -11.49
C SER I 25 -6.73 -67.56 -10.40
N ILE I 26 -7.16 -68.42 -9.49
CA ILE I 26 -6.41 -68.66 -8.27
C ILE I 26 -6.04 -70.13 -8.09
N GLY I 27 -5.96 -70.88 -9.18
CA GLY I 27 -5.48 -72.25 -9.08
C GLY I 27 -6.47 -73.21 -8.47
N ASP I 28 -6.09 -73.85 -7.37
CA ASP I 28 -6.94 -74.84 -6.73
C ASP I 28 -7.64 -74.32 -5.50
N SER I 29 -7.51 -73.03 -5.19
CA SER I 29 -8.19 -72.47 -4.04
C SER I 29 -9.48 -71.77 -4.43
N PHE I 30 -10.10 -72.18 -5.51
CA PHE I 30 -11.36 -71.56 -5.86
C PHE I 30 -12.48 -72.34 -5.22
N VAL I 31 -13.64 -71.69 -5.10
CA VAL I 31 -14.78 -72.24 -4.40
C VAL I 31 -15.94 -72.31 -5.38
N GLU I 32 -16.59 -73.47 -5.47
CA GLU I 32 -17.79 -73.58 -6.28
C GLU I 32 -18.92 -72.78 -5.65
N GLY I 33 -19.77 -72.22 -6.50
CA GLY I 33 -20.86 -71.39 -6.06
C GLY I 33 -20.52 -69.93 -5.87
N HIS I 34 -19.25 -69.61 -5.74
CA HIS I 34 -18.79 -68.23 -5.60
C HIS I 34 -17.97 -67.86 -6.81
N GLU I 35 -18.46 -68.24 -7.99
CA GLU I 35 -17.71 -68.04 -9.21
C GLU I 35 -17.62 -66.58 -9.62
N ASP I 36 -18.47 -65.71 -9.07
CA ASP I 36 -18.48 -64.32 -9.47
C ASP I 36 -17.95 -63.41 -8.38
N GLU I 37 -17.32 -63.95 -7.35
CA GLU I 37 -17.01 -63.19 -6.15
C GLU I 37 -15.58 -63.46 -5.75
N MET I 38 -14.79 -62.40 -5.55
CA MET I 38 -13.43 -62.57 -5.07
C MET I 38 -13.43 -63.06 -3.64
N LEU I 39 -12.27 -63.50 -3.18
CA LEU I 39 -12.12 -64.01 -1.82
C LEU I 39 -11.33 -62.98 -1.02
N VAL I 40 -11.99 -62.33 -0.09
CA VAL I 40 -11.45 -61.17 0.61
C VAL I 40 -10.85 -61.60 1.93
N GLN I 41 -9.58 -61.28 2.13
CA GLN I 41 -8.88 -61.75 3.31
C GLN I 41 -8.99 -60.78 4.48
N GLN I 42 -8.49 -59.56 4.31
CA GLN I 42 -8.40 -58.57 5.36
C GLN I 42 -9.36 -57.43 5.05
N PHE I 43 -9.73 -56.66 6.07
CA PHE I 43 -10.70 -55.60 5.88
C PHE I 43 -10.40 -54.45 6.82
N ASP I 44 -10.75 -53.23 6.40
CA ASP I 44 -10.53 -52.02 7.19
C ASP I 44 -11.33 -50.85 6.64
N HIS I 45 -12.03 -50.10 7.49
CA HIS I 45 -12.96 -49.08 7.00
C HIS I 45 -13.30 -48.10 8.11
N VAL I 46 -13.06 -46.82 7.88
CA VAL I 46 -13.29 -45.76 8.86
C VAL I 46 -14.32 -44.81 8.31
N VAL I 47 -15.21 -44.29 9.16
CA VAL I 47 -16.17 -43.26 8.77
C VAL I 47 -16.10 -42.19 9.84
N THR I 48 -15.42 -41.09 9.57
CA THR I 48 -15.26 -40.07 10.59
C THR I 48 -16.36 -39.02 10.51
N VAL I 49 -16.52 -38.27 11.60
CA VAL I 49 -17.37 -37.10 11.64
C VAL I 49 -16.60 -35.99 12.36
N PRO I 50 -16.37 -34.86 11.73
CA PRO I 50 -15.66 -33.78 12.40
C PRO I 50 -16.49 -33.12 13.49
N THR I 51 -16.11 -33.30 14.73
CA THR I 51 -16.79 -32.68 15.86
C THR I 51 -15.93 -31.57 16.44
N ASP I 52 -16.56 -30.51 16.90
CA ASP I 52 -15.77 -29.42 17.45
C ASP I 52 -15.28 -29.76 18.86
N PRO I 53 -14.20 -29.11 19.30
CA PRO I 53 -13.82 -29.23 20.71
C PRO I 53 -14.78 -28.47 21.59
N GLN I 54 -14.58 -28.63 22.90
CA GLN I 54 -15.32 -27.98 24.01
C GLN I 54 -16.84 -28.07 23.84
N SER I 55 -17.31 -29.13 23.21
CA SER I 55 -18.73 -29.36 22.96
C SER I 55 -18.88 -30.85 22.70
N GLY I 56 -20.02 -31.23 22.13
CA GLY I 56 -20.15 -32.59 21.66
C GLY I 56 -20.77 -32.64 20.28
N GLN I 57 -21.15 -31.49 19.75
CA GLN I 57 -21.97 -31.50 18.56
C GLN I 57 -21.12 -31.78 17.32
N PRO I 58 -21.69 -32.46 16.31
CA PRO I 58 -20.95 -32.69 15.06
C PRO I 58 -20.87 -31.41 14.26
N SER I 59 -19.65 -30.90 14.11
CA SER I 59 -19.41 -29.66 13.37
C SER I 59 -19.08 -29.97 11.91
N GLY I 60 -20.06 -30.55 11.23
CA GLY I 60 -19.86 -30.90 9.84
C GLY I 60 -20.39 -32.27 9.49
N GLN I 61 -20.57 -32.53 8.20
CA GLN I 61 -21.08 -33.82 7.77
C GLN I 61 -19.98 -34.86 7.84
N ARG I 62 -20.38 -36.12 7.71
CA ARG I 62 -19.47 -37.25 7.80
C ARG I 62 -18.46 -37.24 6.66
N VAL I 63 -17.33 -37.90 6.88
CA VAL I 63 -16.24 -38.00 5.91
C VAL I 63 -15.89 -39.46 5.79
N HIS I 64 -16.14 -40.04 4.62
CA HIS I 64 -15.92 -41.47 4.43
C HIS I 64 -14.47 -41.75 4.08
N LYS I 65 -13.73 -42.28 5.01
CA LYS I 65 -12.44 -42.86 4.72
C LYS I 65 -12.65 -44.19 3.98
N PRO I 66 -11.71 -44.64 3.17
CA PRO I 66 -12.02 -45.71 2.22
C PRO I 66 -12.06 -47.10 2.84
N PHE I 67 -12.82 -47.98 2.17
CA PHE I 67 -12.64 -49.43 2.23
C PHE I 67 -11.18 -49.82 2.06
N LYS I 68 -10.78 -50.94 2.67
CA LYS I 68 -9.49 -51.55 2.37
C LYS I 68 -9.68 -53.06 2.47
N PHE I 69 -9.97 -53.71 1.35
CA PHE I 69 -10.10 -55.16 1.33
C PHE I 69 -8.97 -55.78 0.53
N THR I 70 -8.50 -56.94 0.96
CA THR I 70 -7.30 -57.56 0.41
C THR I 70 -7.64 -58.87 -0.28
N VAL I 71 -7.33 -58.97 -1.56
CA VAL I 71 -7.48 -60.21 -2.31
C VAL I 71 -6.13 -60.58 -2.90
N ALA I 72 -6.02 -61.82 -3.36
CA ALA I 72 -4.81 -62.25 -4.02
C ALA I 72 -4.83 -61.80 -5.47
N LEU I 73 -3.73 -62.03 -6.18
CA LEU I 73 -3.70 -61.74 -7.61
C LEU I 73 -4.57 -62.74 -8.36
N ASN I 74 -5.53 -62.24 -9.11
CA ASN I 74 -6.43 -63.10 -9.84
C ASN I 74 -6.89 -62.37 -11.10
N LYS I 75 -7.99 -62.85 -11.67
CA LYS I 75 -8.48 -62.36 -12.96
C LYS I 75 -8.96 -60.93 -12.86
N ALA I 76 -9.59 -60.57 -11.74
CA ALA I 76 -10.19 -59.26 -11.62
C ALA I 76 -9.20 -58.15 -11.31
N VAL I 77 -7.95 -58.46 -10.98
CA VAL I 77 -6.98 -57.43 -10.63
C VAL I 77 -6.54 -56.59 -11.83
N PRO I 78 -6.29 -57.12 -13.04
CA PRO I 78 -6.11 -56.20 -14.17
C PRO I 78 -7.36 -55.44 -14.54
N LEU I 79 -8.53 -55.95 -14.20
CA LEU I 79 -9.75 -55.18 -14.43
C LEU I 79 -9.91 -54.07 -13.42
N LEU I 80 -9.40 -54.26 -12.20
CA LEU I 80 -9.46 -53.21 -11.21
C LEU I 80 -8.36 -52.18 -11.38
N TYR I 81 -7.36 -52.42 -12.22
CA TYR I 81 -6.42 -51.37 -12.52
C TYR I 81 -6.83 -50.56 -13.74
N ASN I 82 -8.03 -50.75 -14.27
CA ASN I 82 -8.61 -49.77 -15.18
C ASN I 82 -9.73 -48.99 -14.56
N ALA I 83 -10.41 -49.55 -13.56
CA ALA I 83 -11.32 -48.76 -12.77
C ALA I 83 -10.57 -47.74 -11.95
N LEU I 84 -9.31 -48.04 -11.62
CA LEU I 84 -8.47 -47.12 -10.87
C LEU I 84 -7.91 -46.02 -11.75
N SER I 85 -7.15 -46.39 -12.77
CA SER I 85 -6.38 -45.43 -13.52
C SER I 85 -7.23 -44.61 -14.50
N SER I 86 -8.51 -44.91 -14.63
CA SER I 86 -9.37 -44.10 -15.46
C SER I 86 -10.53 -43.50 -14.69
N GLY I 87 -10.62 -43.75 -13.39
CA GLY I 87 -11.66 -43.15 -12.58
C GLY I 87 -13.04 -43.69 -12.84
N GLU I 88 -13.14 -44.93 -13.28
CA GLU I 88 -14.44 -45.51 -13.57
C GLU I 88 -15.17 -45.85 -12.29
N LYS I 89 -16.40 -45.38 -12.18
CA LYS I 89 -17.19 -45.73 -11.02
C LYS I 89 -17.64 -47.17 -11.13
N LEU I 90 -17.93 -47.78 -10.00
CA LEU I 90 -18.37 -49.16 -9.94
C LEU I 90 -19.80 -49.14 -9.43
N LYS I 91 -20.72 -49.79 -10.15
CA LYS I 91 -22.13 -49.66 -9.84
C LYS I 91 -22.47 -50.30 -8.50
N THR I 92 -21.80 -51.39 -8.15
CA THR I 92 -22.07 -52.00 -6.85
C THR I 92 -20.88 -52.81 -6.38
N VAL I 93 -20.76 -52.94 -5.07
CA VAL I 93 -19.78 -53.78 -4.41
C VAL I 93 -20.49 -54.40 -3.24
N GLU I 94 -20.70 -55.71 -3.26
CA GLU I 94 -21.49 -56.33 -2.21
C GLU I 94 -20.59 -57.23 -1.39
N LEU I 95 -19.99 -56.67 -0.37
CA LEU I 95 -19.26 -57.47 0.61
C LEU I 95 -20.24 -58.32 1.38
N LYS I 96 -19.83 -59.54 1.71
CA LYS I 96 -20.68 -60.45 2.46
C LYS I 96 -19.86 -61.12 3.54
N TRP I 97 -20.13 -60.79 4.79
CA TRP I 97 -19.39 -61.33 5.92
C TRP I 97 -19.94 -62.69 6.27
N TYR I 98 -19.15 -63.74 6.12
CA TYR I 98 -19.64 -65.04 6.51
C TYR I 98 -19.27 -65.35 7.95
N ARG I 99 -19.98 -66.31 8.52
CA ARG I 99 -19.60 -66.88 9.80
C ARG I 99 -20.19 -68.27 9.88
N THR I 100 -19.65 -69.07 10.78
CA THR I 100 -20.09 -70.45 10.95
C THR I 100 -21.20 -70.48 11.97
N SER I 101 -22.38 -70.94 11.56
CA SER I 101 -23.54 -70.91 12.42
C SER I 101 -23.55 -72.12 13.34
N ILE I 102 -24.65 -72.33 14.05
CA ILE I 102 -24.73 -73.41 15.02
C ILE I 102 -24.92 -74.74 14.34
N GLU I 103 -25.76 -74.78 13.30
CA GLU I 103 -26.04 -76.03 12.60
C GLU I 103 -24.86 -76.51 11.76
N GLY I 104 -23.85 -75.69 11.57
CA GLY I 104 -22.66 -76.11 10.86
C GLY I 104 -22.57 -75.61 9.44
N LYS I 105 -23.26 -74.54 9.10
CA LYS I 105 -23.27 -74.06 7.73
C LYS I 105 -22.86 -72.60 7.70
N GLN I 106 -22.12 -72.24 6.67
CA GLN I 106 -21.74 -70.86 6.45
C GLN I 106 -22.96 -70.03 6.13
N GLU I 107 -22.98 -68.78 6.61
CA GLU I 107 -24.07 -67.90 6.27
C GLU I 107 -23.58 -66.46 6.38
N ASN I 108 -24.14 -65.59 5.54
CA ASN I 108 -23.81 -64.19 5.65
C ASN I 108 -24.65 -63.57 6.75
N PHE I 109 -24.01 -63.11 7.79
CA PHE I 109 -24.74 -62.46 8.84
C PHE I 109 -24.76 -60.95 8.68
N PHE I 110 -24.07 -60.42 7.67
CA PHE I 110 -23.81 -58.99 7.60
C PHE I 110 -23.33 -58.70 6.20
N THR I 111 -24.03 -57.83 5.46
CA THR I 111 -23.58 -57.43 4.13
C THR I 111 -23.49 -55.93 4.08
N THR I 112 -22.41 -55.41 3.49
CA THR I 112 -22.24 -53.97 3.32
C THR I 112 -22.24 -53.69 1.84
N LYS I 113 -23.40 -53.42 1.26
CA LYS I 113 -23.47 -53.07 -0.15
C LYS I 113 -22.94 -51.67 -0.36
N LEU I 114 -22.95 -51.23 -1.62
CA LEU I 114 -22.21 -50.03 -1.96
C LEU I 114 -22.74 -49.55 -3.30
N GLU I 115 -23.03 -48.28 -3.43
CA GLU I 115 -23.39 -47.72 -4.72
C GLU I 115 -22.12 -47.16 -5.35
N ASN I 116 -22.25 -46.21 -6.29
CA ASN I 116 -21.18 -45.70 -7.16
C ASN I 116 -19.89 -45.42 -6.42
N ALA I 117 -18.87 -46.20 -6.73
CA ALA I 117 -17.71 -46.32 -5.86
C ALA I 117 -16.45 -46.40 -6.71
N SER I 118 -15.75 -45.29 -6.86
CA SER I 118 -14.48 -45.35 -7.54
C SER I 118 -13.44 -46.04 -6.67
N ILE I 119 -12.29 -46.33 -7.26
CA ILE I 119 -11.18 -46.92 -6.53
C ILE I 119 -10.16 -45.84 -6.25
N VAL I 120 -9.81 -45.67 -4.97
CA VAL I 120 -8.83 -44.65 -4.63
C VAL I 120 -7.42 -45.14 -4.91
N ASP I 121 -7.02 -46.24 -4.28
CA ASP I 121 -5.71 -46.79 -4.58
C ASP I 121 -5.70 -48.29 -4.38
N ILE I 122 -4.71 -48.93 -4.99
CA ILE I 122 -4.52 -50.37 -4.95
C ILE I 122 -3.07 -50.64 -4.60
N HIS I 123 -2.84 -51.36 -3.52
CA HIS I 123 -1.51 -51.56 -2.97
C HIS I 123 -1.10 -53.02 -3.17
N CYS I 124 -0.53 -53.31 -4.35
CA CYS I 124 -0.08 -54.66 -4.66
C CYS I 124 1.30 -54.87 -4.06
N GLU I 125 1.44 -55.90 -3.22
CA GLU I 125 2.73 -56.23 -2.65
C GLU I 125 2.89 -57.73 -2.59
N MET I 126 4.12 -58.17 -2.33
CA MET I 126 4.43 -59.56 -2.16
C MET I 126 5.47 -59.61 -1.05
N PRO I 127 5.28 -60.47 -0.05
CA PRO I 127 6.26 -60.56 1.04
C PRO I 127 7.56 -61.17 0.56
N HIS I 128 8.57 -61.09 1.42
CA HIS I 128 9.93 -61.45 1.04
C HIS I 128 10.06 -62.96 0.91
N CYS I 129 10.62 -63.41 -0.20
CA CYS I 129 10.66 -64.85 -0.49
C CYS I 129 11.68 -65.58 0.38
N GLN I 130 12.74 -64.88 0.81
CA GLN I 130 13.71 -65.48 1.71
C GLN I 130 13.15 -65.71 3.11
N ASP I 131 12.14 -64.95 3.50
CA ASP I 131 11.69 -64.91 4.88
C ASP I 131 10.76 -66.10 5.13
N PRO I 132 11.08 -66.98 6.09
CA PRO I 132 10.21 -68.13 6.34
C PRO I 132 8.99 -67.83 7.20
N ALA I 133 8.94 -66.67 7.85
CA ALA I 133 7.76 -66.32 8.63
C ALA I 133 6.57 -65.97 7.76
N LYS I 134 6.82 -65.51 6.53
CA LYS I 134 5.78 -65.12 5.60
C LYS I 134 5.77 -66.04 4.39
N SER I 135 5.90 -67.35 4.63
CA SER I 135 5.93 -68.32 3.54
C SER I 135 4.55 -68.74 3.10
N ASP I 136 3.56 -68.69 3.99
CA ASP I 136 2.22 -69.11 3.65
C ASP I 136 1.48 -68.09 2.81
N PHE I 137 1.91 -66.83 2.83
CA PHE I 137 1.22 -65.80 2.08
C PHE I 137 1.59 -65.95 0.60
N THR I 138 0.70 -65.46 -0.26
CA THR I 138 0.99 -65.49 -1.69
C THR I 138 1.21 -64.09 -2.24
N GLN I 139 0.20 -63.24 -2.20
CA GLN I 139 0.29 -61.85 -2.58
C GLN I 139 -0.72 -61.08 -1.73
N ASN I 140 -0.70 -59.77 -1.88
CA ASN I 140 -1.63 -58.91 -1.16
C ASN I 140 -1.98 -57.75 -2.07
N VAL I 141 -3.21 -57.73 -2.56
CA VAL I 141 -3.69 -56.64 -3.40
C VAL I 141 -4.81 -55.96 -2.63
N THR I 142 -4.49 -54.85 -1.99
CA THR I 142 -5.43 -54.15 -1.11
C THR I 142 -6.11 -53.06 -1.91
N VAL I 143 -7.32 -53.31 -2.35
CA VAL I 143 -8.04 -52.38 -3.20
C VAL I 143 -8.89 -51.47 -2.34
N SER I 144 -8.74 -50.16 -2.49
CA SER I 144 -9.55 -49.24 -1.73
C SER I 144 -10.77 -48.80 -2.52
N LEU I 145 -11.74 -48.25 -1.83
CA LEU I 145 -12.97 -47.80 -2.48
C LEU I 145 -13.49 -46.59 -1.74
N SER I 146 -13.40 -45.42 -2.34
CA SER I 146 -14.32 -44.37 -1.93
C SER I 146 -15.63 -44.63 -2.63
N TYR I 147 -16.70 -44.00 -2.15
CA TYR I 147 -18.02 -44.47 -2.50
C TYR I 147 -19.05 -43.38 -2.24
N ARG I 148 -20.09 -43.36 -3.06
CA ARG I 148 -21.18 -42.42 -2.81
C ARG I 148 -22.08 -42.92 -1.69
N LYS I 149 -22.73 -44.05 -1.90
CA LYS I 149 -23.75 -44.56 -1.00
C LYS I 149 -23.37 -45.94 -0.50
N ILE I 150 -23.41 -46.12 0.81
CA ILE I 150 -23.09 -47.37 1.45
C ILE I 150 -24.29 -47.80 2.28
N THR I 151 -24.61 -49.08 2.28
CA THR I 151 -25.73 -49.61 3.06
C THR I 151 -25.26 -50.83 3.82
N TRP I 152 -25.02 -50.67 5.11
CA TRP I 152 -24.83 -51.82 5.98
C TRP I 152 -26.14 -52.56 6.13
N ASP I 153 -26.06 -53.87 6.36
CA ASP I 153 -27.26 -54.67 6.43
C ASP I 153 -26.93 -55.94 7.22
N HIS I 154 -27.43 -56.02 8.44
CA HIS I 154 -27.30 -57.26 9.19
C HIS I 154 -28.47 -58.16 8.82
N VAL I 155 -28.16 -59.37 8.36
CA VAL I 155 -29.19 -60.23 7.78
C VAL I 155 -29.94 -61.01 8.86
N ASN I 156 -29.23 -61.63 9.80
CA ASN I 156 -29.87 -62.48 10.80
C ASN I 156 -30.66 -61.72 11.85
N ALA I 157 -30.55 -60.40 11.91
CA ALA I 157 -31.37 -59.61 12.80
C ALA I 157 -32.11 -58.50 12.08
N GLY I 158 -31.96 -58.41 10.77
CA GLY I 158 -32.79 -57.54 9.97
C GLY I 158 -32.49 -56.07 10.02
N THR I 159 -31.56 -55.61 10.87
CA THR I 159 -31.25 -54.19 10.91
C THR I 159 -30.53 -53.75 9.66
N SER I 160 -30.62 -52.47 9.35
CA SER I 160 -30.01 -51.95 8.14
C SER I 160 -29.69 -50.48 8.32
N GLY I 161 -28.43 -50.13 8.18
CA GLY I 161 -28.04 -48.74 8.18
C GLY I 161 -27.84 -48.28 6.76
N SER I 162 -27.72 -46.98 6.55
CA SER I 162 -27.52 -46.46 5.20
C SER I 162 -26.92 -45.07 5.29
N ASP I 163 -26.02 -44.77 4.39
CA ASP I 163 -25.54 -43.41 4.21
C ASP I 163 -25.55 -43.11 2.72
N ASP I 164 -25.84 -41.86 2.39
CA ASP I 164 -25.85 -41.47 1.00
C ASP I 164 -25.54 -40.00 0.88
N TRP I 165 -24.66 -39.67 -0.05
CA TRP I 165 -24.49 -38.27 -0.39
C TRP I 165 -25.63 -37.76 -1.24
N ARG I 166 -26.26 -38.64 -2.02
CA ARG I 166 -27.32 -38.24 -2.93
C ARG I 166 -28.55 -37.80 -2.17
N LYS I 167 -28.90 -38.52 -1.12
CA LYS I 167 -30.10 -38.25 -0.34
C LYS I 167 -29.76 -38.19 1.14
N PRO I 168 -29.21 -37.07 1.61
CA PRO I 168 -29.02 -36.91 3.05
C PRO I 168 -30.36 -36.72 3.71
N ILE I 169 -30.39 -36.89 5.03
CA ILE I 169 -31.66 -37.09 5.72
C ILE I 169 -32.34 -35.74 5.86
N GLU I 170 -33.23 -35.45 4.90
CA GLU I 170 -33.94 -34.19 4.63
C GLU I 170 -33.17 -32.88 4.79
N GLY J 1 -89.59 -31.33 -61.42
CA GLY J 1 -88.18 -31.52 -61.14
C GLY J 1 -87.47 -30.25 -60.71
N SER J 2 -88.19 -29.40 -59.96
CA SER J 2 -87.61 -28.16 -59.47
C SER J 2 -86.60 -28.38 -58.35
N LEU J 3 -86.70 -29.51 -57.64
CA LEU J 3 -85.71 -29.81 -56.61
C LEU J 3 -84.36 -30.17 -57.24
N LEU J 4 -84.38 -30.76 -58.44
CA LEU J 4 -83.14 -30.98 -59.16
C LEU J 4 -82.55 -29.68 -59.68
N ASP J 5 -83.41 -28.69 -59.94
CA ASP J 5 -82.93 -27.38 -60.38
C ASP J 5 -82.23 -26.63 -59.25
N GLU J 6 -82.64 -26.85 -58.00
CA GLU J 6 -81.96 -26.21 -56.88
C GLU J 6 -80.61 -26.84 -56.59
N ILE J 7 -80.45 -28.13 -56.92
CA ILE J 7 -79.15 -28.77 -56.75
C ILE J 7 -78.19 -28.34 -57.85
N MET J 8 -78.69 -28.25 -59.10
CA MET J 8 -77.85 -27.82 -60.21
C MET J 8 -77.50 -26.34 -60.14
N ALA J 9 -78.37 -25.50 -59.55
CA ALA J 9 -78.00 -24.12 -59.30
C ALA J 9 -77.04 -23.99 -58.14
N GLN J 10 -77.01 -24.97 -57.25
CA GLN J 10 -76.03 -25.03 -56.15
C GLN J 10 -74.72 -25.55 -56.71
N THR J 11 -73.80 -24.64 -57.02
CA THR J 11 -72.59 -24.99 -57.77
C THR J 11 -71.56 -25.77 -56.96
N ARG J 12 -71.76 -25.94 -55.66
CA ARG J 12 -70.83 -26.73 -54.86
C ARG J 12 -70.96 -28.22 -55.11
N CYS J 13 -72.18 -28.72 -55.33
CA CYS J 13 -72.42 -30.14 -55.57
C CYS J 13 -73.43 -30.31 -56.71
N ALA J 14 -73.22 -29.58 -57.81
CA ALA J 14 -74.21 -29.57 -58.88
C ALA J 14 -74.21 -30.85 -59.72
N PRO J 15 -73.09 -31.27 -60.42
CA PRO J 15 -73.28 -32.29 -61.46
C PRO J 15 -73.30 -33.73 -60.96
N SER J 16 -73.99 -33.99 -59.84
CA SER J 16 -74.26 -35.33 -59.29
C SER J 16 -72.98 -36.14 -59.08
N GLU J 17 -72.11 -35.62 -58.20
CA GLU J 17 -70.81 -36.24 -57.97
C GLU J 17 -70.71 -36.87 -56.59
N GLU J 18 -70.92 -36.09 -55.53
CA GLU J 18 -70.80 -36.61 -54.17
C GLU J 18 -71.60 -35.73 -53.23
N GLY J 19 -72.40 -36.35 -52.37
CA GLY J 19 -73.21 -35.62 -51.41
C GLY J 19 -74.47 -35.01 -51.96
N TYR J 20 -74.92 -35.44 -53.13
CA TYR J 20 -76.14 -34.90 -53.72
C TYR J 20 -77.40 -35.57 -53.21
N ASP J 21 -77.28 -36.77 -52.63
CA ASP J 21 -78.45 -37.42 -52.03
C ASP J 21 -78.67 -37.00 -50.59
N ILE J 22 -77.61 -36.57 -49.91
CA ILE J 22 -77.74 -36.10 -48.53
C ILE J 22 -78.32 -34.69 -48.51
N ALA J 23 -77.82 -33.80 -49.37
CA ALA J 23 -78.31 -32.43 -49.44
C ALA J 23 -79.72 -32.35 -50.01
N LYS J 24 -80.12 -33.32 -50.83
CA LYS J 24 -81.51 -33.40 -51.28
C LYS J 24 -82.44 -33.72 -50.12
N LYS J 25 -81.98 -34.56 -49.17
CA LYS J 25 -82.74 -34.81 -47.97
C LYS J 25 -82.75 -33.61 -47.03
N GLY J 26 -81.78 -32.71 -47.17
CA GLY J 26 -81.72 -31.53 -46.33
C GLY J 26 -82.71 -30.45 -46.71
N VAL J 27 -82.92 -30.29 -48.02
CA VAL J 27 -83.87 -29.29 -48.51
C VAL J 27 -85.30 -29.74 -48.20
N ALA J 28 -85.61 -31.01 -48.47
CA ALA J 28 -86.98 -31.50 -48.34
C ALA J 28 -87.41 -31.63 -46.88
N ALA J 29 -86.46 -31.78 -45.96
CA ALA J 29 -86.81 -31.86 -44.55
C ALA J 29 -87.14 -30.50 -43.96
N PHE J 30 -86.48 -29.44 -44.44
CA PHE J 30 -86.70 -28.10 -43.89
C PHE J 30 -88.01 -27.51 -44.36
N ILE J 31 -88.49 -27.89 -45.55
CA ILE J 31 -89.74 -27.35 -46.07
C ILE J 31 -90.93 -27.95 -45.31
N GLU J 32 -90.80 -29.19 -44.84
CA GLU J 32 -91.90 -29.85 -44.13
C GLU J 32 -92.17 -29.22 -42.76
N ASN J 33 -91.16 -28.60 -42.15
CA ASN J 33 -91.33 -27.89 -40.89
C ASN J 33 -91.42 -26.39 -41.07
N LEU J 34 -91.30 -25.89 -42.30
CA LEU J 34 -91.32 -24.45 -42.55
C LEU J 34 -92.71 -23.86 -42.41
N MET J 35 -93.76 -24.68 -42.54
CA MET J 35 -95.13 -24.18 -42.56
C MET J 35 -95.63 -23.73 -41.20
N GLY J 36 -94.88 -23.99 -40.12
CA GLY J 36 -95.26 -23.45 -38.82
C GLY J 36 -95.06 -21.96 -38.71
N SER J 37 -94.10 -21.42 -39.45
CA SER J 37 -93.84 -19.97 -39.47
C SER J 37 -93.23 -19.64 -40.82
N GLN J 38 -94.00 -19.00 -41.69
CA GLN J 38 -93.54 -18.67 -43.03
C GLN J 38 -92.63 -17.45 -42.99
N HIS J 39 -91.42 -17.60 -43.53
CA HIS J 39 -90.45 -16.52 -43.59
C HIS J 39 -89.49 -16.79 -44.74
N SER J 40 -89.03 -15.71 -45.39
CA SER J 40 -88.18 -15.82 -46.57
C SER J 40 -86.96 -14.92 -46.40
N ALA J 41 -85.93 -15.45 -45.72
CA ALA J 41 -84.64 -14.79 -45.56
C ALA J 41 -83.64 -15.83 -45.08
N GLU J 42 -82.53 -15.97 -45.80
CA GLU J 42 -81.49 -16.95 -45.44
C GLU J 42 -80.84 -16.74 -44.07
N PRO J 43 -80.44 -15.53 -43.64
CA PRO J 43 -79.81 -15.44 -42.29
C PRO J 43 -80.80 -15.64 -41.15
N VAL J 44 -82.07 -15.34 -41.34
CA VAL J 44 -83.07 -15.74 -40.37
C VAL J 44 -83.28 -17.25 -40.44
N ASN J 45 -83.21 -17.81 -41.65
CA ASN J 45 -83.26 -19.26 -41.81
C ASN J 45 -82.05 -19.95 -41.21
N LYS J 46 -80.88 -19.28 -41.21
CA LYS J 46 -79.74 -19.81 -40.47
C LYS J 46 -80.00 -19.82 -38.98
N SER J 47 -80.86 -18.92 -38.50
CA SER J 47 -81.36 -19.03 -37.14
C SER J 47 -82.57 -19.98 -37.07
N LEU J 48 -83.39 -20.03 -38.12
CA LEU J 48 -84.54 -20.94 -38.10
C LEU J 48 -84.12 -22.39 -38.24
N VAL J 49 -82.99 -22.67 -38.89
CA VAL J 49 -82.41 -24.01 -38.81
C VAL J 49 -81.97 -24.30 -37.39
N ASP J 50 -81.32 -23.33 -36.74
CA ASP J 50 -80.91 -23.49 -35.35
C ASP J 50 -82.11 -23.53 -34.40
N GLN J 51 -83.20 -22.84 -34.73
CA GLN J 51 -84.41 -22.97 -33.94
C GLN J 51 -85.14 -24.28 -34.20
N MET J 52 -84.81 -24.97 -35.28
CA MET J 52 -85.26 -26.35 -35.48
C MET J 52 -84.25 -27.37 -34.98
N LEU J 53 -83.11 -26.92 -34.45
CA LEU J 53 -82.17 -27.82 -33.79
C LEU J 53 -82.29 -27.79 -32.27
N VAL J 54 -82.64 -26.63 -31.70
CA VAL J 54 -82.87 -26.54 -30.27
C VAL J 54 -84.15 -27.28 -29.88
N GLU J 55 -85.20 -27.13 -30.69
CA GLU J 55 -86.43 -27.89 -30.46
C GLU J 55 -86.24 -29.37 -30.77
N LEU J 56 -85.30 -29.70 -31.66
CA LEU J 56 -84.97 -31.09 -31.93
C LEU J 56 -84.22 -31.72 -30.76
N ASP J 57 -83.28 -30.98 -30.16
CA ASP J 57 -82.54 -31.49 -29.02
C ASP J 57 -83.41 -31.62 -27.78
N LYS J 58 -84.51 -30.87 -27.70
CA LYS J 58 -85.48 -31.11 -26.64
C LYS J 58 -86.23 -32.42 -26.87
N LYS J 59 -86.34 -32.85 -28.12
CA LYS J 59 -86.96 -34.13 -28.41
C LYS J 59 -86.00 -35.29 -28.22
N ILE J 60 -84.71 -35.10 -28.49
CA ILE J 60 -83.78 -36.21 -28.46
C ILE J 60 -83.22 -36.41 -27.05
N SER J 61 -82.78 -35.33 -26.40
CA SER J 61 -82.15 -35.46 -25.09
C SER J 61 -83.16 -35.84 -24.01
N ALA J 62 -84.43 -35.52 -24.21
CA ALA J 62 -85.45 -36.03 -23.30
C ALA J 62 -85.69 -37.52 -23.49
N GLN J 63 -85.38 -38.05 -24.67
CA GLN J 63 -85.43 -39.49 -24.88
C GLN J 63 -84.15 -40.16 -24.39
N MET J 64 -83.01 -39.51 -24.58
CA MET J 64 -81.74 -40.05 -24.10
C MET J 64 -81.50 -39.80 -22.62
N ASP J 65 -82.39 -39.11 -21.93
CA ASP J 65 -82.45 -39.18 -20.48
C ASP J 65 -83.45 -40.22 -20.02
N GLU J 66 -83.99 -41.01 -20.93
CA GLU J 66 -84.88 -42.10 -20.58
C GLU J 66 -84.41 -43.44 -21.09
N ILE J 67 -83.66 -43.49 -22.20
CA ILE J 67 -82.98 -44.71 -22.57
C ILE J 67 -81.81 -44.96 -21.63
N LEU J 68 -81.14 -43.89 -21.22
CA LEU J 68 -80.25 -43.96 -20.07
C LEU J 68 -81.09 -43.86 -18.80
N HIS J 69 -80.42 -43.87 -17.65
CA HIS J 69 -81.01 -43.63 -16.33
C HIS J 69 -82.08 -44.65 -15.96
N ASN J 70 -81.98 -45.85 -16.52
CA ASN J 70 -82.93 -46.93 -16.27
C ASN J 70 -82.32 -47.90 -15.27
N SER J 71 -83.20 -48.55 -14.48
CA SER J 71 -82.73 -49.42 -13.41
C SER J 71 -82.03 -50.67 -13.93
N GLN J 72 -82.35 -51.09 -15.15
CA GLN J 72 -81.59 -52.17 -15.78
C GLN J 72 -80.31 -51.66 -16.42
N PHE J 73 -80.33 -50.44 -16.96
CA PHE J 73 -79.15 -49.91 -17.63
C PHE J 73 -78.13 -49.39 -16.62
N GLN J 74 -78.56 -48.52 -15.71
CA GLN J 74 -77.64 -47.82 -14.82
C GLN J 74 -76.99 -48.76 -13.80
N ALA J 75 -77.74 -49.76 -13.32
CA ALA J 75 -77.15 -50.74 -12.42
C ALA J 75 -76.18 -51.66 -13.14
N MET J 76 -76.35 -51.83 -14.44
CA MET J 76 -75.42 -52.57 -15.27
C MET J 76 -74.43 -51.65 -15.98
N GLU J 77 -74.50 -50.35 -15.74
CA GLU J 77 -73.45 -49.44 -16.18
C GLU J 77 -72.46 -49.14 -15.05
N SER J 78 -72.99 -48.93 -13.84
CA SER J 78 -72.13 -48.68 -12.69
C SER J 78 -71.33 -49.92 -12.30
N ALA J 79 -71.90 -51.11 -12.50
CA ALA J 79 -71.21 -52.34 -12.22
C ALA J 79 -70.16 -52.69 -13.27
N TRP J 80 -70.11 -51.96 -14.39
CA TRP J 80 -69.17 -52.25 -15.45
C TRP J 80 -68.24 -51.10 -15.75
N ARG J 81 -68.71 -49.85 -15.72
CA ARG J 81 -67.79 -48.72 -15.84
C ARG J 81 -66.98 -48.55 -14.57
N GLY J 82 -67.54 -48.94 -13.41
CA GLY J 82 -66.77 -48.97 -12.18
C GLY J 82 -65.65 -50.00 -12.20
N LEU J 83 -65.79 -51.05 -13.01
CA LEU J 83 -64.67 -51.94 -13.23
C LEU J 83 -63.56 -51.25 -14.01
N LYS J 84 -63.92 -50.39 -14.97
CA LYS J 84 -62.92 -49.66 -15.74
C LYS J 84 -62.14 -48.69 -14.87
N LEU J 85 -62.78 -48.15 -13.83
CA LEU J 85 -62.06 -47.37 -12.83
C LEU J 85 -61.15 -48.24 -11.99
N PHE J 86 -61.41 -49.54 -11.90
CA PHE J 86 -60.48 -50.42 -11.22
C PHE J 86 -59.41 -50.95 -12.17
N VAL J 87 -59.64 -50.92 -13.48
CA VAL J 87 -58.62 -51.36 -14.42
C VAL J 87 -57.66 -50.23 -14.77
N ASP J 88 -58.18 -49.01 -14.90
CA ASP J 88 -57.33 -47.89 -15.34
C ASP J 88 -56.36 -47.42 -14.26
N ARG J 89 -56.72 -47.55 -12.99
CA ARG J 89 -55.85 -47.04 -11.94
C ARG J 89 -54.74 -48.02 -11.58
N THR J 90 -55.04 -49.31 -11.54
CA THR J 90 -54.09 -50.32 -11.09
C THR J 90 -53.08 -50.61 -12.17
N ASP J 91 -51.80 -50.55 -11.81
CA ASP J 91 -50.73 -50.71 -12.78
C ASP J 91 -50.49 -52.21 -12.98
N PHE J 92 -50.96 -52.74 -14.11
CA PHE J 92 -50.80 -54.16 -14.39
C PHE J 92 -49.38 -54.54 -14.77
N ARG J 93 -48.53 -53.56 -15.06
CA ARG J 93 -47.11 -53.88 -15.26
C ARG J 93 -46.41 -54.20 -13.94
N GLU J 94 -46.93 -53.70 -12.83
CA GLU J 94 -46.30 -53.93 -11.52
C GLU J 94 -46.90 -55.13 -10.80
N ASN J 95 -46.98 -56.27 -11.52
CA ASN J 95 -47.38 -57.57 -10.98
C ASN J 95 -48.76 -57.55 -10.33
N ASN J 96 -49.77 -57.29 -11.16
CA ASN J 96 -51.15 -57.29 -10.70
C ASN J 96 -52.01 -57.96 -11.75
N LYS J 97 -52.94 -58.81 -11.29
CA LYS J 97 -53.95 -59.38 -12.16
C LYS J 97 -55.28 -59.33 -11.43
N VAL J 98 -56.37 -59.36 -12.20
CA VAL J 98 -57.70 -59.31 -11.59
C VAL J 98 -58.63 -60.24 -12.35
N GLU J 99 -59.28 -61.13 -11.63
CA GLU J 99 -60.24 -62.05 -12.21
C GLU J 99 -61.64 -61.47 -12.11
N ILE J 100 -62.47 -61.81 -13.10
CA ILE J 100 -63.82 -61.28 -13.24
C ILE J 100 -64.79 -62.45 -13.24
N LEU J 101 -65.65 -62.50 -12.24
CA LEU J 101 -66.61 -63.58 -12.10
C LEU J 101 -68.03 -63.05 -12.21
N HIS J 102 -68.81 -63.63 -13.13
CA HIS J 102 -70.23 -63.30 -13.28
C HIS J 102 -71.03 -64.19 -12.36
N VAL J 103 -71.47 -63.63 -11.24
CA VAL J 103 -72.54 -64.22 -10.45
C VAL J 103 -73.65 -63.20 -10.38
N THR J 104 -74.77 -63.60 -9.81
CA THR J 104 -75.70 -62.63 -9.26
C THR J 104 -75.80 -62.86 -7.76
N LYS J 105 -76.22 -61.81 -7.05
CA LYS J 105 -76.20 -61.84 -5.59
C LYS J 105 -77.21 -62.83 -5.03
N ASP J 106 -78.31 -63.06 -5.74
CA ASP J 106 -79.26 -64.07 -5.30
C ASP J 106 -78.80 -65.47 -5.67
N GLU J 107 -77.97 -65.60 -6.69
CA GLU J 107 -77.44 -66.91 -7.06
C GLU J 107 -76.40 -67.37 -6.06
N LEU J 108 -75.68 -66.44 -5.43
CA LEU J 108 -74.51 -66.80 -4.66
C LEU J 108 -74.90 -67.44 -3.33
N LEU J 109 -75.96 -66.94 -2.69
CA LEU J 109 -76.44 -67.58 -1.47
C LEU J 109 -77.04 -68.95 -1.74
N GLU J 110 -77.69 -69.10 -2.90
CA GLU J 110 -78.17 -70.41 -3.32
C GLU J 110 -77.02 -71.38 -3.57
N ASP J 111 -75.88 -70.87 -4.04
CA ASP J 111 -74.72 -71.70 -4.26
C ASP J 111 -74.04 -72.10 -2.95
N PHE J 112 -74.21 -71.32 -1.90
CA PHE J 112 -73.80 -71.78 -0.58
C PHE J 112 -74.84 -72.67 0.07
N GLU J 113 -76.10 -72.54 -0.34
CA GLU J 113 -77.13 -73.51 0.03
C GLU J 113 -76.98 -74.79 -0.80
N PHE J 114 -76.29 -74.70 -1.93
CA PHE J 114 -76.07 -75.85 -2.81
C PHE J 114 -75.22 -76.92 -2.15
N ALA J 115 -74.06 -76.53 -1.63
CA ALA J 115 -73.17 -77.51 -1.01
C ALA J 115 -73.48 -77.66 0.49
N PRO J 116 -73.30 -78.85 1.04
CA PRO J 116 -73.51 -79.03 2.49
C PRO J 116 -72.45 -78.37 3.33
N GLU J 117 -71.27 -78.12 2.78
CA GLU J 117 -70.18 -77.48 3.49
C GLU J 117 -69.59 -76.40 2.60
N THR J 118 -69.10 -75.31 3.22
CA THR J 118 -68.46 -74.23 2.48
C THR J 118 -67.21 -74.67 1.75
N ALA J 119 -66.57 -75.76 2.20
CA ALA J 119 -65.40 -76.33 1.55
C ALA J 119 -65.75 -77.19 0.34
N GLN J 120 -67.02 -77.22 -0.08
CA GLN J 120 -67.38 -77.87 -1.32
C GLN J 120 -68.25 -76.98 -2.21
N SER J 121 -68.28 -75.68 -1.94
CA SER J 121 -69.15 -74.77 -2.66
C SER J 121 -68.62 -74.50 -4.06
N GLY J 122 -69.39 -73.74 -4.84
CA GLY J 122 -68.94 -73.34 -6.16
C GLY J 122 -68.10 -72.09 -6.14
N LEU J 123 -68.31 -71.22 -5.16
CA LEU J 123 -67.44 -70.06 -5.01
C LEU J 123 -66.11 -70.45 -4.38
N TYR J 124 -66.11 -71.50 -3.55
CA TYR J 124 -64.88 -72.05 -3.01
C TYR J 124 -63.99 -72.62 -4.09
N LYS J 125 -64.56 -73.04 -5.22
CA LYS J 125 -63.75 -73.52 -6.31
C LYS J 125 -62.98 -72.39 -6.98
N HIS J 126 -63.58 -71.20 -7.07
CA HIS J 126 -62.94 -70.11 -7.79
C HIS J 126 -62.06 -69.24 -6.89
N VAL J 127 -62.34 -69.22 -5.59
CA VAL J 127 -61.52 -68.42 -4.68
C VAL J 127 -60.32 -69.23 -4.20
N TYR J 128 -60.56 -70.46 -3.75
CA TYR J 128 -59.51 -71.27 -3.16
C TYR J 128 -58.81 -72.15 -4.19
N SER J 129 -59.55 -73.06 -4.82
CA SER J 129 -58.91 -74.17 -5.51
C SER J 129 -58.39 -73.80 -6.89
N ALA J 130 -59.08 -72.92 -7.61
CA ALA J 130 -58.55 -72.52 -8.92
C ALA J 130 -57.42 -71.51 -8.79
N GLY J 131 -57.29 -70.89 -7.62
CA GLY J 131 -56.25 -69.92 -7.36
C GLY J 131 -55.25 -70.45 -6.38
N TYR J 132 -55.50 -70.13 -5.11
CA TYR J 132 -54.60 -70.42 -4.00
C TYR J 132 -54.32 -71.90 -3.83
N GLY J 133 -55.36 -72.73 -3.82
CA GLY J 133 -55.15 -74.15 -3.67
C GLY J 133 -54.83 -74.84 -4.98
N GLN J 134 -53.70 -74.48 -5.57
CA GLN J 134 -53.32 -74.94 -6.89
C GLN J 134 -51.82 -74.87 -7.02
N PHE J 135 -51.21 -75.92 -7.54
CA PHE J 135 -49.77 -75.92 -7.74
C PHE J 135 -49.40 -74.94 -8.85
N GLY J 136 -48.68 -73.89 -8.48
CA GLY J 136 -48.24 -72.87 -9.41
C GLY J 136 -49.24 -71.79 -9.70
N GLY J 137 -50.51 -71.97 -9.34
CA GLY J 137 -51.50 -70.95 -9.61
C GLY J 137 -51.35 -69.75 -8.71
N GLU J 138 -51.68 -68.59 -9.26
CA GLU J 138 -51.56 -67.36 -8.49
C GLU J 138 -52.68 -67.27 -7.46
N PRO J 139 -52.38 -66.92 -6.22
CA PRO J 139 -53.39 -66.96 -5.16
C PRO J 139 -54.15 -65.65 -5.10
N VAL J 140 -55.28 -65.69 -4.39
CA VAL J 140 -56.26 -64.62 -4.38
C VAL J 140 -55.98 -63.68 -3.22
N GLY J 141 -55.81 -62.40 -3.52
CA GLY J 141 -55.57 -61.41 -2.49
C GLY J 141 -56.82 -60.95 -1.79
N ALA J 142 -57.84 -60.56 -2.54
CA ALA J 142 -59.08 -60.06 -1.94
C ALA J 142 -60.24 -60.30 -2.90
N ILE J 143 -61.45 -60.30 -2.35
CA ILE J 143 -62.67 -60.50 -3.13
C ILE J 143 -63.46 -59.21 -3.09
N ILE J 144 -63.59 -58.57 -4.26
CA ILE J 144 -64.42 -57.38 -4.38
C ILE J 144 -65.88 -57.83 -4.50
N GLY J 145 -66.68 -57.42 -3.53
CA GLY J 145 -68.10 -57.68 -3.60
C GLY J 145 -68.85 -56.50 -4.18
N ASN J 146 -69.41 -56.67 -5.37
CA ASN J 146 -70.13 -55.59 -6.06
C ASN J 146 -71.60 -55.61 -5.68
N TYR J 147 -71.84 -55.58 -4.36
CA TYR J 147 -73.13 -55.90 -3.79
C TYR J 147 -73.67 -54.71 -3.00
N ALA J 148 -74.92 -54.82 -2.57
CA ALA J 148 -75.56 -53.83 -1.72
C ALA J 148 -76.22 -54.60 -0.58
N PHE J 149 -75.54 -54.65 0.56
CA PHE J 149 -75.95 -55.53 1.63
C PHE J 149 -77.04 -54.90 2.50
N THR J 150 -78.04 -55.69 2.79
CA THR J 150 -79.09 -55.44 3.76
C THR J 150 -78.72 -56.11 5.08
N PRO J 151 -79.37 -55.78 6.19
CA PRO J 151 -79.12 -56.53 7.41
C PRO J 151 -80.04 -57.73 7.58
N SER J 152 -80.72 -58.15 6.52
CA SER J 152 -81.68 -59.24 6.60
C SER J 152 -80.96 -60.59 6.65
N THR J 153 -81.74 -61.64 6.87
CA THR J 153 -81.26 -63.01 6.95
C THR J 153 -80.65 -63.54 5.64
N PRO J 154 -81.17 -63.24 4.43
CA PRO J 154 -80.42 -63.67 3.23
C PRO J 154 -79.15 -62.87 2.95
N ASP J 155 -78.78 -61.89 3.77
CA ASP J 155 -77.50 -61.21 3.63
C ASP J 155 -76.60 -61.33 4.85
N MET J 156 -77.11 -61.83 5.97
CA MET J 156 -76.24 -62.25 7.05
C MET J 156 -75.91 -63.73 6.97
N LYS J 157 -76.66 -64.50 6.20
CA LYS J 157 -76.28 -65.88 5.92
C LYS J 157 -75.19 -65.93 4.85
N LEU J 158 -75.19 -64.95 3.94
CA LEU J 158 -74.14 -64.89 2.94
C LEU J 158 -72.80 -64.53 3.58
N LEU J 159 -72.79 -63.50 4.44
CA LEU J 159 -71.54 -63.06 5.04
C LEU J 159 -71.01 -64.05 6.06
N GLN J 160 -71.88 -64.86 6.67
CA GLN J 160 -71.39 -65.95 7.49
C GLN J 160 -70.69 -67.00 6.64
N TYR J 161 -71.15 -67.18 5.41
CA TYR J 161 -70.53 -68.09 4.46
C TYR J 161 -69.48 -67.41 3.61
N MET J 162 -69.23 -66.12 3.81
CA MET J 162 -68.08 -65.46 3.20
C MET J 162 -66.95 -65.21 4.19
N GLY J 163 -67.28 -65.10 5.48
CA GLY J 163 -66.23 -65.07 6.48
C GLY J 163 -65.55 -66.42 6.64
N ALA J 164 -66.31 -67.50 6.47
CA ALA J 164 -65.70 -68.82 6.51
C ALA J 164 -64.94 -69.12 5.23
N LEU J 165 -65.37 -68.56 4.10
CA LEU J 165 -64.58 -68.69 2.88
C LEU J 165 -63.33 -67.84 2.95
N GLY J 166 -63.43 -66.64 3.54
CA GLY J 166 -62.26 -65.78 3.68
C GLY J 166 -61.24 -66.29 4.67
N ALA J 167 -61.65 -67.15 5.60
CA ALA J 167 -60.71 -67.73 6.54
C ALA J 167 -60.05 -68.98 6.01
N MET J 168 -60.49 -69.49 4.87
CA MET J 168 -59.85 -70.65 4.27
C MET J 168 -58.84 -70.26 3.21
N ALA J 169 -59.15 -69.28 2.38
CA ALA J 169 -58.25 -68.86 1.32
C ALA J 169 -57.42 -67.65 1.70
N HIS J 170 -57.55 -67.17 2.95
CA HIS J 170 -56.80 -66.03 3.49
C HIS J 170 -57.00 -64.77 2.65
N ALA J 171 -58.24 -64.48 2.32
CA ALA J 171 -58.50 -63.31 1.51
C ALA J 171 -59.75 -62.63 2.03
N PRO J 172 -59.68 -61.38 2.46
CA PRO J 172 -60.87 -60.71 2.99
C PRO J 172 -61.83 -60.33 1.89
N PHE J 173 -63.12 -60.46 2.18
CA PHE J 173 -64.19 -60.14 1.25
C PHE J 173 -64.63 -58.71 1.49
N ILE J 174 -64.34 -57.82 0.54
CA ILE J 174 -64.70 -56.41 0.65
C ILE J 174 -65.92 -56.13 -0.22
N SER J 175 -66.93 -55.53 0.38
CA SER J 175 -68.18 -55.19 -0.29
C SER J 175 -68.70 -53.92 0.39
N SER J 176 -69.98 -53.61 0.18
CA SER J 176 -70.52 -52.40 0.78
C SER J 176 -71.91 -52.65 1.32
N VAL J 177 -72.27 -51.86 2.32
CA VAL J 177 -73.62 -51.83 2.85
C VAL J 177 -74.41 -50.79 2.08
N GLY J 178 -75.73 -50.93 2.11
CA GLY J 178 -76.59 -50.04 1.37
C GLY J 178 -77.16 -48.94 2.24
N PRO J 179 -77.97 -48.07 1.64
CA PRO J 179 -78.71 -47.09 2.46
C PRO J 179 -79.64 -47.75 3.44
N GLU J 180 -80.35 -48.79 3.00
CA GLU J 180 -81.31 -49.50 3.84
C GLU J 180 -80.64 -50.29 4.96
N PHE J 181 -79.32 -50.44 4.92
CA PHE J 181 -78.60 -51.06 6.03
C PHE J 181 -78.69 -50.19 7.27
N PHE J 182 -78.54 -48.88 7.10
CA PHE J 182 -78.66 -47.97 8.23
C PHE J 182 -80.10 -47.63 8.56
N GLY J 183 -81.05 -48.00 7.70
CA GLY J 183 -82.46 -47.73 7.94
C GLY J 183 -82.85 -46.31 7.62
N ILE J 184 -82.43 -45.81 6.45
CA ILE J 184 -82.76 -44.46 6.05
C ILE J 184 -83.47 -44.39 4.71
N ASP J 185 -83.35 -45.41 3.85
CA ASP J 185 -84.10 -45.60 2.59
C ASP J 185 -83.83 -44.54 1.52
N SER J 186 -82.94 -43.60 1.81
CA SER J 186 -82.53 -42.51 0.94
C SER J 186 -81.26 -41.97 1.56
N PHE J 187 -80.16 -41.88 0.79
CA PHE J 187 -78.87 -41.93 1.45
C PHE J 187 -78.40 -40.59 2.00
N GLU J 188 -78.80 -39.46 1.40
CA GLU J 188 -78.22 -38.18 1.77
C GLU J 188 -78.64 -37.66 3.14
N GLU J 189 -79.43 -38.42 3.90
CA GLU J 189 -79.76 -38.08 5.27
C GLU J 189 -78.92 -38.85 6.28
N LEU J 190 -77.68 -39.17 5.94
CA LEU J 190 -76.82 -39.87 6.88
C LEU J 190 -76.20 -38.97 7.95
N PRO J 191 -75.71 -37.75 7.68
CA PRO J 191 -75.23 -36.91 8.80
C PRO J 191 -76.33 -36.43 9.73
N ASN J 192 -77.60 -36.57 9.35
CA ASN J 192 -78.69 -36.23 10.24
C ASN J 192 -78.82 -37.22 11.39
N ILE J 193 -78.20 -38.40 11.27
CA ILE J 193 -78.20 -39.38 12.35
C ILE J 193 -77.39 -38.84 13.52
N LYS J 194 -78.06 -38.65 14.65
CA LYS J 194 -77.43 -38.03 15.80
C LYS J 194 -76.87 -39.05 16.80
N ASP J 195 -77.22 -40.32 16.67
CA ASP J 195 -76.65 -41.36 17.52
C ASP J 195 -76.68 -42.66 16.72
N LEU J 196 -75.53 -43.04 16.17
CA LEU J 196 -75.43 -44.24 15.36
C LEU J 196 -75.02 -45.45 16.18
N LYS J 197 -74.53 -45.24 17.40
CA LYS J 197 -74.21 -46.36 18.27
C LYS J 197 -75.47 -47.07 18.74
N SER J 198 -76.52 -46.31 19.04
CA SER J 198 -77.77 -46.93 19.49
C SER J 198 -78.54 -47.58 18.36
N THR J 199 -78.28 -47.18 17.11
CA THR J 199 -78.95 -47.79 15.97
C THR J 199 -78.52 -49.24 15.79
N PHE J 200 -77.24 -49.52 16.06
CA PHE J 200 -76.70 -50.86 15.86
C PHE J 200 -77.02 -51.80 17.01
N GLU J 201 -77.53 -51.29 18.13
CA GLU J 201 -77.95 -52.11 19.27
C GLU J 201 -79.45 -52.33 19.30
N SER J 202 -80.07 -52.46 18.10
CA SER J 202 -81.47 -52.75 17.79
C SER J 202 -81.66 -54.24 17.54
N PRO J 203 -82.84 -54.79 17.87
CA PRO J 203 -83.07 -56.22 17.64
C PRO J 203 -83.23 -56.61 16.19
N LYS J 204 -83.25 -55.65 15.25
CA LYS J 204 -83.18 -56.01 13.84
C LYS J 204 -81.79 -56.54 13.47
N TYR J 205 -80.78 -56.16 14.23
CA TYR J 205 -79.38 -56.48 13.93
C TYR J 205 -78.85 -57.60 14.84
N THR J 206 -79.68 -58.59 15.17
CA THR J 206 -79.19 -59.70 15.97
C THR J 206 -78.31 -60.62 15.14
N LYS J 207 -78.59 -60.72 13.84
CA LYS J 207 -77.71 -61.44 12.92
C LYS J 207 -76.54 -60.60 12.43
N TRP J 208 -76.42 -59.36 12.89
CA TRP J 208 -75.24 -58.53 12.65
C TRP J 208 -74.29 -58.54 13.84
N ARG J 209 -74.82 -58.34 15.05
CA ARG J 209 -73.99 -58.34 16.24
C ARG J 209 -73.51 -59.73 16.61
N SER J 210 -74.12 -60.78 16.07
CA SER J 210 -73.57 -62.12 16.20
C SER J 210 -72.59 -62.43 15.09
N LEU J 211 -72.68 -61.76 13.96
CA LEU J 211 -71.66 -61.87 12.93
C LEU J 211 -70.36 -61.22 13.37
N ARG J 212 -70.46 -60.08 14.06
CA ARG J 212 -69.28 -59.32 14.46
C ARG J 212 -68.47 -60.06 15.53
N GLU J 213 -69.14 -60.76 16.44
CA GLU J 213 -68.43 -61.48 17.48
C GLU J 213 -67.74 -62.72 16.97
N SER J 214 -68.08 -63.20 15.77
CA SER J 214 -67.57 -64.46 15.27
C SER J 214 -66.10 -64.35 14.91
N GLU J 215 -65.43 -65.50 14.88
CA GLU J 215 -63.99 -65.53 14.69
C GLU J 215 -63.61 -65.30 13.23
N ASP J 216 -64.35 -65.89 12.31
CA ASP J 216 -64.03 -65.75 10.89
C ASP J 216 -64.53 -64.45 10.28
N ALA J 217 -65.08 -63.53 11.08
CA ALA J 217 -65.48 -62.22 10.59
C ALA J 217 -64.29 -61.31 10.34
N ARG J 218 -63.09 -61.76 10.72
CA ARG J 218 -61.87 -61.00 10.54
C ARG J 218 -61.58 -60.74 9.07
N TYR J 219 -62.07 -61.60 8.19
CA TYR J 219 -61.85 -61.52 6.75
C TYR J 219 -63.06 -60.91 6.04
N LEU J 220 -63.70 -59.93 6.67
CA LEU J 220 -64.86 -59.27 6.08
C LEU J 220 -64.79 -57.78 6.40
N GLY J 221 -64.50 -56.98 5.38
CA GLY J 221 -64.62 -55.54 5.46
C GLY J 221 -65.80 -55.09 4.62
N LEU J 222 -66.57 -54.13 5.14
CA LEU J 222 -67.69 -53.59 4.41
C LEU J 222 -67.50 -52.08 4.26
N THR J 223 -67.53 -51.61 3.02
CA THR J 223 -66.94 -50.32 2.68
C THR J 223 -67.96 -49.20 2.78
N ALA J 224 -67.62 -48.09 2.15
CA ALA J 224 -68.04 -46.69 2.18
C ALA J 224 -69.48 -46.45 1.73
N PRO J 225 -69.95 -45.19 1.74
CA PRO J 225 -71.24 -44.88 1.09
C PRO J 225 -71.41 -45.33 -0.35
N ARG J 226 -70.79 -44.63 -1.30
CA ARG J 226 -70.83 -44.81 -2.76
C ARG J 226 -69.93 -43.71 -3.32
N PHE J 227 -69.67 -43.78 -4.63
CA PHE J 227 -68.88 -42.73 -5.24
C PHE J 227 -69.29 -42.57 -6.69
N LEU J 228 -69.01 -41.40 -7.24
CA LEU J 228 -69.45 -41.01 -8.57
C LEU J 228 -68.52 -41.57 -9.64
N LEU J 229 -69.08 -41.93 -10.79
CA LEU J 229 -68.33 -42.50 -11.90
C LEU J 229 -68.31 -41.62 -13.13
N ARG J 230 -69.46 -41.13 -13.58
CA ARG J 230 -69.57 -40.44 -14.85
C ARG J 230 -70.05 -39.01 -14.64
N VAL J 231 -69.26 -38.06 -15.11
CA VAL J 231 -69.73 -36.68 -15.22
C VAL J 231 -70.83 -36.62 -16.28
N PRO J 232 -71.99 -36.03 -15.97
CA PRO J 232 -73.02 -35.86 -17.01
C PRO J 232 -72.54 -34.94 -18.11
N TYR J 233 -72.90 -35.29 -19.34
CA TYR J 233 -72.29 -34.69 -20.52
C TYR J 233 -72.78 -33.26 -20.74
N ASP J 234 -72.06 -32.54 -21.60
CA ASP J 234 -72.30 -31.12 -21.79
C ASP J 234 -71.78 -30.76 -23.18
N PRO J 235 -72.47 -29.89 -23.93
CA PRO J 235 -71.97 -29.53 -25.26
C PRO J 235 -70.73 -28.65 -25.28
N ILE J 236 -70.23 -28.20 -24.13
CA ILE J 236 -69.01 -27.42 -24.04
C ILE J 236 -67.90 -28.19 -23.31
N GLU J 237 -68.24 -28.78 -22.16
CA GLU J 237 -67.23 -29.42 -21.33
C GLU J 237 -66.82 -30.79 -21.86
N ASN J 238 -67.76 -31.72 -21.91
CA ASN J 238 -67.52 -33.08 -22.38
C ASN J 238 -68.48 -33.37 -23.51
N PRO J 239 -68.15 -32.96 -24.73
CA PRO J 239 -69.09 -33.09 -25.84
C PRO J 239 -69.13 -34.50 -26.40
N VAL J 240 -70.11 -34.72 -27.28
CA VAL J 240 -70.23 -35.97 -28.01
C VAL J 240 -70.11 -35.65 -29.51
N LYS J 241 -69.78 -36.68 -30.28
CA LYS J 241 -69.44 -36.50 -31.69
C LYS J 241 -70.68 -36.23 -32.52
N SER J 242 -70.68 -35.10 -33.22
CA SER J 242 -71.73 -34.67 -34.15
C SER J 242 -73.09 -34.53 -33.49
N PHE J 243 -73.09 -34.15 -32.20
CA PHE J 243 -74.31 -33.99 -31.44
C PHE J 243 -74.02 -33.12 -30.23
N ASN J 244 -75.03 -32.43 -29.73
CA ASN J 244 -74.93 -31.63 -28.52
C ASN J 244 -75.87 -32.24 -27.48
N TYR J 245 -75.29 -32.80 -26.43
CA TYR J 245 -76.04 -33.58 -25.43
C TYR J 245 -75.88 -32.93 -24.06
N ALA J 246 -76.94 -32.30 -23.58
CA ALA J 246 -76.99 -31.76 -22.22
C ALA J 246 -77.83 -32.71 -21.39
N GLU J 247 -77.18 -33.49 -20.54
CA GLU J 247 -77.86 -34.50 -19.72
C GLU J 247 -78.56 -33.79 -18.57
N ASN J 248 -79.87 -33.63 -18.68
CA ASN J 248 -80.66 -32.92 -17.68
C ASN J 248 -80.80 -33.78 -16.44
N VAL J 249 -79.93 -33.57 -15.46
CA VAL J 249 -79.98 -34.31 -14.20
C VAL J 249 -80.96 -33.61 -13.27
N SER J 250 -81.98 -34.34 -12.83
CA SER J 250 -83.05 -33.78 -12.01
C SER J 250 -82.61 -33.67 -10.57
N ALA J 251 -83.56 -33.36 -9.69
CA ALA J 251 -83.26 -33.26 -8.26
C ALA J 251 -83.03 -34.63 -7.62
N SER J 252 -83.48 -35.70 -8.27
CA SER J 252 -83.15 -37.04 -7.80
C SER J 252 -81.69 -37.34 -8.09
N HIS J 253 -80.91 -37.57 -7.05
CA HIS J 253 -79.50 -37.89 -7.19
C HIS J 253 -79.25 -39.37 -7.44
N GLU J 254 -80.29 -40.14 -7.75
CA GLU J 254 -80.12 -41.51 -8.18
C GLU J 254 -79.79 -41.63 -9.66
N HIS J 255 -79.92 -40.54 -10.42
CA HIS J 255 -79.65 -40.59 -11.85
C HIS J 255 -78.17 -40.45 -12.17
N TYR J 256 -77.38 -39.91 -11.25
CA TYR J 256 -75.93 -39.98 -11.38
C TYR J 256 -75.47 -41.42 -11.35
N LEU J 257 -74.43 -41.72 -12.12
CA LEU J 257 -73.91 -43.08 -12.19
C LEU J 257 -73.09 -43.35 -10.93
N TRP J 258 -73.78 -43.76 -9.88
CA TRP J 258 -73.11 -44.02 -8.61
C TRP J 258 -72.55 -45.43 -8.60
N GLY J 259 -71.24 -45.55 -8.43
CA GLY J 259 -70.58 -46.84 -8.41
C GLY J 259 -70.62 -47.49 -7.03
N ASN J 260 -69.93 -48.62 -6.93
CA ASN J 260 -69.78 -49.35 -5.68
C ASN J 260 -68.36 -49.18 -5.17
N THR J 261 -68.21 -48.84 -3.89
CA THR J 261 -66.92 -48.41 -3.38
C THR J 261 -65.98 -49.59 -3.06
N ALA J 262 -66.46 -50.83 -3.21
CA ALA J 262 -65.56 -51.97 -3.16
C ALA J 262 -64.59 -51.95 -4.33
N PHE J 263 -64.99 -51.33 -5.45
CA PHE J 263 -64.04 -50.97 -6.50
C PHE J 263 -63.00 -50.00 -5.98
N ALA J 264 -63.44 -48.92 -5.34
CA ALA J 264 -62.54 -47.84 -4.98
C ALA J 264 -61.66 -48.15 -3.79
N PHE J 265 -62.11 -49.04 -2.89
CA PHE J 265 -61.24 -49.44 -1.79
C PHE J 265 -60.21 -50.44 -2.22
N ALA J 266 -60.53 -51.30 -3.18
CA ALA J 266 -59.54 -52.19 -3.74
C ALA J 266 -58.60 -51.49 -4.70
N THR J 267 -58.91 -50.26 -5.10
CA THR J 267 -57.92 -49.44 -5.79
C THR J 267 -56.75 -49.14 -4.89
N ARG J 268 -57.01 -48.93 -3.59
CA ARG J 268 -55.95 -48.66 -2.64
C ARG J 268 -55.24 -49.90 -2.13
N LEU J 269 -55.88 -51.07 -2.24
CA LEU J 269 -55.15 -52.31 -1.99
C LEU J 269 -54.12 -52.55 -3.07
N THR J 270 -54.40 -52.14 -4.29
CA THR J 270 -53.53 -52.48 -5.39
C THR J 270 -52.52 -51.38 -5.68
N ASP J 271 -52.92 -50.11 -5.52
CA ASP J 271 -51.95 -49.04 -5.66
C ASP J 271 -50.99 -48.96 -4.49
N SER J 272 -51.29 -49.63 -3.38
CA SER J 272 -50.26 -49.86 -2.37
C SER J 272 -49.36 -51.02 -2.73
N PHE J 273 -49.88 -52.02 -3.44
CA PHE J 273 -49.05 -53.14 -3.83
C PHE J 273 -48.14 -52.79 -5.01
N ALA J 274 -48.58 -51.89 -5.87
CA ALA J 274 -47.77 -51.55 -7.03
C ALA J 274 -46.58 -50.67 -6.67
N LYS J 275 -46.52 -50.15 -5.45
CA LYS J 275 -45.44 -49.29 -5.00
C LYS J 275 -44.47 -49.98 -4.05
N TYR J 276 -44.99 -50.73 -3.08
CA TYR J 276 -44.17 -51.30 -2.03
C TYR J 276 -44.18 -52.82 -2.01
N ARG J 277 -44.97 -53.47 -2.88
CA ARG J 277 -45.16 -54.93 -2.95
C ARG J 277 -45.67 -55.51 -1.64
N TRP J 278 -46.42 -54.71 -0.88
CA TRP J 278 -47.18 -55.16 0.26
C TRP J 278 -48.45 -54.33 0.31
N CYS J 279 -49.27 -54.56 1.32
CA CYS J 279 -50.45 -53.73 1.54
C CYS J 279 -50.81 -53.61 3.02
N PRO J 280 -50.06 -52.80 3.79
CA PRO J 280 -50.69 -52.19 4.96
C PRO J 280 -51.09 -50.75 4.71
N ASN J 281 -50.71 -50.20 3.57
CA ASN J 281 -50.81 -48.76 3.31
C ASN J 281 -52.14 -48.45 2.61
N ILE J 282 -53.21 -48.42 3.40
CA ILE J 282 -54.53 -48.15 2.87
C ILE J 282 -55.32 -47.13 3.68
N ILE J 283 -54.73 -46.54 4.71
CA ILE J 283 -55.52 -45.68 5.59
C ILE J 283 -54.97 -44.26 5.68
N GLY J 284 -54.31 -43.76 4.64
CA GLY J 284 -53.70 -42.47 4.70
C GLY J 284 -54.15 -41.47 3.65
N PRO J 285 -54.62 -40.30 4.08
CA PRO J 285 -54.89 -39.21 3.12
C PRO J 285 -53.64 -38.70 2.44
N GLN J 286 -52.47 -38.86 3.07
CA GLN J 286 -51.20 -38.64 2.41
C GLN J 286 -50.32 -39.88 2.48
N SER J 287 -50.91 -41.04 2.75
CA SER J 287 -50.12 -42.25 2.94
C SER J 287 -50.77 -43.47 2.33
N GLY J 288 -51.56 -43.29 1.29
CA GLY J 288 -52.07 -44.40 0.52
C GLY J 288 -53.50 -44.82 0.75
N GLY J 289 -54.34 -43.94 1.29
CA GLY J 289 -55.75 -44.25 1.40
C GLY J 289 -56.57 -43.14 0.77
N ALA J 290 -55.94 -42.40 -0.14
CA ALA J 290 -56.56 -41.23 -0.76
C ALA J 290 -57.06 -41.59 -2.14
N VAL J 291 -58.39 -41.75 -2.27
CA VAL J 291 -59.01 -41.99 -3.57
C VAL J 291 -59.03 -40.66 -4.30
N GLU J 292 -58.09 -40.47 -5.22
CA GLU J 292 -57.97 -39.22 -5.94
C GLU J 292 -58.70 -39.32 -7.28
N ASP J 293 -58.80 -38.15 -7.94
CA ASP J 293 -59.36 -38.00 -9.28
C ASP J 293 -60.82 -38.47 -9.35
N LEU J 294 -61.61 -37.99 -8.41
CA LEU J 294 -63.02 -38.29 -8.47
C LEU J 294 -63.72 -37.38 -9.48
N PRO J 295 -64.81 -37.84 -10.08
CA PRO J 295 -65.61 -36.96 -10.94
C PRO J 295 -66.35 -35.91 -10.13
N VAL J 296 -66.35 -34.68 -10.63
CA VAL J 296 -67.10 -33.60 -10.02
C VAL J 296 -68.06 -33.03 -11.05
N HIS J 297 -69.14 -32.43 -10.55
CA HIS J 297 -70.18 -31.87 -11.42
C HIS J 297 -70.59 -30.52 -10.83
N VAL J 298 -70.01 -29.45 -11.36
CA VAL J 298 -70.32 -28.10 -10.91
C VAL J 298 -71.66 -27.69 -11.50
N PHE J 299 -72.67 -27.53 -10.65
CA PHE J 299 -73.97 -27.09 -11.09
C PHE J 299 -74.38 -25.86 -10.28
N GLU J 300 -75.51 -25.26 -10.69
CA GLU J 300 -76.01 -24.06 -10.04
C GLU J 300 -76.95 -24.44 -8.90
N SER J 301 -76.60 -24.00 -7.70
CA SER J 301 -77.46 -24.19 -6.53
C SER J 301 -78.45 -23.03 -6.45
N MET J 302 -79.08 -22.88 -5.28
CA MET J 302 -80.02 -21.78 -5.04
C MET J 302 -79.24 -20.47 -4.86
N GLY J 303 -78.76 -19.95 -5.99
CA GLY J 303 -78.02 -18.70 -6.02
C GLY J 303 -76.53 -18.85 -6.23
N ALA J 304 -75.91 -19.83 -5.57
CA ALA J 304 -74.47 -19.99 -5.60
C ALA J 304 -74.05 -21.02 -6.64
N LEU J 305 -72.75 -21.14 -6.81
CA LEU J 305 -72.14 -22.12 -7.72
C LEU J 305 -71.41 -23.14 -6.87
N GLN J 306 -72.02 -24.31 -6.67
CA GLN J 306 -71.44 -25.35 -5.86
C GLN J 306 -71.10 -26.56 -6.73
N SER J 307 -70.54 -27.57 -6.10
CA SER J 307 -70.18 -28.82 -6.77
C SER J 307 -70.94 -29.98 -6.15
N LYS J 308 -71.35 -30.92 -6.98
CA LYS J 308 -71.95 -32.14 -6.48
C LYS J 308 -70.91 -32.98 -5.77
N ILE J 309 -71.23 -33.42 -4.57
CA ILE J 309 -70.27 -34.17 -3.76
C ILE J 309 -70.06 -35.56 -4.36
N PRO J 310 -68.81 -35.96 -4.64
CA PRO J 310 -68.60 -37.24 -5.32
C PRO J 310 -68.91 -38.45 -4.48
N THR J 311 -68.88 -38.36 -3.16
CA THR J 311 -69.55 -39.34 -2.31
C THR J 311 -70.84 -38.70 -1.83
N GLU J 312 -71.87 -39.52 -1.62
CA GLU J 312 -73.22 -38.97 -1.51
C GLU J 312 -73.48 -38.24 -0.21
N VAL J 313 -72.64 -38.44 0.81
CA VAL J 313 -72.74 -37.67 2.03
C VAL J 313 -71.36 -37.12 2.35
N LEU J 314 -71.33 -36.05 3.14
CA LEU J 314 -70.10 -35.52 3.71
C LEU J 314 -69.96 -36.14 5.09
N ILE J 315 -69.11 -37.15 5.19
CA ILE J 315 -68.89 -37.84 6.45
C ILE J 315 -68.01 -36.97 7.33
N THR J 316 -68.53 -36.62 8.51
CA THR J 316 -67.76 -35.84 9.44
C THR J 316 -66.70 -36.72 10.12
N ASP J 317 -65.88 -36.10 10.96
CA ASP J 317 -64.85 -36.87 11.63
C ASP J 317 -65.42 -37.68 12.79
N ARG J 318 -66.47 -37.19 13.44
CA ARG J 318 -67.09 -37.95 14.52
C ARG J 318 -67.93 -39.07 13.96
N LYS J 319 -68.60 -38.85 12.83
CA LYS J 319 -69.37 -39.90 12.18
C LYS J 319 -68.45 -41.01 11.66
N GLU J 320 -67.27 -40.64 11.19
CA GLU J 320 -66.36 -41.65 10.67
C GLU J 320 -65.71 -42.43 11.82
N PHE J 321 -65.43 -41.77 12.93
CA PHE J 321 -64.91 -42.48 14.08
C PHE J 321 -65.95 -43.39 14.70
N GLU J 322 -67.23 -43.01 14.61
CA GLU J 322 -68.28 -43.89 15.10
C GLU J 322 -68.52 -45.06 14.16
N LEU J 323 -68.27 -44.86 12.86
CA LEU J 323 -68.26 -45.98 11.93
C LEU J 323 -67.02 -46.84 12.10
N ALA J 324 -65.91 -46.26 12.55
CA ALA J 324 -64.69 -47.03 12.72
C ALA J 324 -64.79 -47.97 13.91
N GLU J 325 -65.46 -47.54 14.98
CA GLU J 325 -65.66 -48.41 16.12
C GLU J 325 -66.68 -49.50 15.82
N GLU J 326 -67.63 -49.24 14.93
CA GLU J 326 -68.67 -50.20 14.60
C GLU J 326 -68.35 -51.01 13.36
N GLY J 327 -67.11 -51.01 12.92
CA GLY J 327 -66.67 -51.91 11.85
C GLY J 327 -67.10 -51.50 10.47
N PHE J 328 -66.64 -50.34 10.00
CA PHE J 328 -66.96 -49.87 8.66
C PHE J 328 -65.76 -49.13 8.09
N ILE J 329 -65.55 -49.27 6.80
CA ILE J 329 -64.47 -48.59 6.10
C ILE J 329 -65.12 -47.41 5.39
N ALA J 330 -65.19 -46.27 6.07
CA ALA J 330 -65.86 -45.10 5.53
C ALA J 330 -64.90 -44.26 4.70
N LEU J 331 -65.47 -43.49 3.78
CA LEU J 331 -64.71 -42.63 2.87
C LEU J 331 -65.15 -41.20 3.04
N THR J 332 -64.41 -40.45 3.84
CA THR J 332 -64.67 -39.03 3.94
C THR J 332 -64.16 -38.32 2.69
N MET J 333 -64.90 -37.32 2.25
CA MET J 333 -64.62 -36.63 0.99
C MET J 333 -64.01 -35.28 1.31
N ARG J 334 -62.98 -34.90 0.56
CA ARG J 334 -62.32 -33.62 0.77
C ARG J 334 -63.22 -32.52 0.22
N LYS J 335 -63.96 -31.88 1.12
CA LYS J 335 -65.06 -30.99 0.75
C LYS J 335 -64.57 -29.79 -0.04
N GLY J 336 -64.93 -29.76 -1.32
CA GLY J 336 -64.55 -28.67 -2.21
C GLY J 336 -63.59 -29.07 -3.30
N SER J 337 -63.28 -30.35 -3.43
CA SER J 337 -62.35 -30.79 -4.46
C SER J 337 -62.75 -32.19 -4.93
N ASP J 338 -61.86 -32.83 -5.68
CA ASP J 338 -62.12 -34.12 -6.27
C ASP J 338 -61.30 -35.23 -5.61
N ASN J 339 -61.11 -35.13 -4.30
CA ASN J 339 -60.33 -36.12 -3.56
C ASN J 339 -61.16 -36.67 -2.42
N ALA J 340 -60.71 -37.79 -1.88
CA ALA J 340 -61.34 -38.40 -0.73
C ALA J 340 -60.25 -39.11 0.05
N ALA J 341 -60.63 -39.76 1.14
CA ALA J 341 -59.63 -40.40 1.99
C ALA J 341 -60.29 -41.47 2.84
N PHE J 342 -59.57 -42.57 3.03
CA PHE J 342 -59.88 -43.52 4.08
C PHE J 342 -59.05 -43.17 5.30
N PHE J 343 -59.55 -43.52 6.47
CA PHE J 343 -58.83 -43.26 7.70
C PHE J 343 -58.61 -44.48 8.57
N SER J 344 -59.45 -45.52 8.43
CA SER J 344 -59.32 -46.71 9.25
C SER J 344 -60.00 -47.84 8.51
N ALA J 345 -59.28 -48.92 8.25
CA ALA J 345 -59.79 -50.02 7.45
C ALA J 345 -60.29 -51.16 8.31
N ASN J 346 -60.89 -50.87 9.46
CA ASN J 346 -61.27 -51.88 10.43
C ASN J 346 -62.31 -52.85 9.88
N SER J 347 -62.03 -54.14 10.04
CA SER J 347 -63.00 -55.16 9.66
C SER J 347 -64.12 -55.20 10.69
N ILE J 348 -65.15 -55.98 10.39
CA ILE J 348 -66.36 -55.97 11.21
C ILE J 348 -66.20 -56.69 12.53
N GLN J 349 -65.03 -57.27 12.81
CA GLN J 349 -64.87 -58.05 14.03
C GLN J 349 -64.77 -57.13 15.23
N LYS J 350 -65.33 -57.57 16.35
CA LYS J 350 -65.28 -56.72 17.53
C LYS J 350 -64.12 -57.10 18.44
N PRO J 351 -63.43 -56.12 19.01
CA PRO J 351 -62.38 -56.43 19.97
C PRO J 351 -62.97 -56.98 21.25
N LYS J 352 -62.72 -58.26 21.50
CA LYS J 352 -63.36 -58.93 22.63
C LYS J 352 -62.72 -58.48 23.94
N VAL J 353 -63.56 -58.09 24.89
CA VAL J 353 -63.06 -57.63 26.18
C VAL J 353 -62.61 -58.84 26.99
N PHE J 354 -61.37 -58.86 27.31
CA PHE J 354 -60.72 -59.89 28.10
C PHE J 354 -60.60 -59.43 29.54
N PRO J 355 -60.59 -60.35 30.51
CA PRO J 355 -60.57 -59.94 31.93
C PRO J 355 -59.26 -59.28 32.33
N ASN J 356 -59.31 -58.55 33.44
CA ASN J 356 -58.22 -57.67 33.83
C ASN J 356 -57.08 -58.37 34.54
N THR J 357 -56.55 -59.41 33.92
CA THR J 357 -55.35 -60.06 34.43
C THR J 357 -54.12 -59.45 33.76
N LYS J 358 -52.96 -60.04 34.00
CA LYS J 358 -51.76 -59.60 33.29
C LYS J 358 -51.80 -60.06 31.83
N GLU J 359 -52.20 -61.32 31.60
CA GLU J 359 -52.32 -61.81 30.25
C GLU J 359 -53.58 -61.31 29.56
N GLY J 360 -54.64 -61.03 30.30
CA GLY J 360 -55.87 -60.59 29.70
C GLY J 360 -55.78 -59.16 29.18
N LYS J 361 -55.12 -58.30 29.94
CA LYS J 361 -54.86 -56.94 29.45
C LYS J 361 -53.85 -56.95 28.31
N GLU J 362 -53.02 -57.98 28.24
CA GLU J 362 -52.10 -58.12 27.12
C GLU J 362 -52.80 -58.67 25.89
N ALA J 363 -53.51 -59.79 26.04
CA ALA J 363 -54.13 -60.45 24.89
C ALA J 363 -55.29 -59.64 24.31
N GLU J 364 -55.85 -58.70 25.07
CA GLU J 364 -56.84 -57.78 24.50
C GLU J 364 -56.20 -56.88 23.45
N THR J 365 -54.99 -56.42 23.73
CA THR J 365 -54.27 -55.62 22.74
C THR J 365 -53.72 -56.51 21.63
N ASN J 366 -53.54 -57.79 21.92
CA ASN J 366 -53.12 -58.72 20.88
C ASN J 366 -54.27 -59.06 19.94
N TYR J 367 -55.46 -59.30 20.49
CA TYR J 367 -56.62 -59.59 19.68
C TYR J 367 -57.13 -58.37 18.93
N LYS J 368 -56.81 -57.17 19.42
CA LYS J 368 -57.21 -55.95 18.73
C LYS J 368 -56.47 -55.79 17.42
N LEU J 369 -55.24 -56.27 17.34
CA LEU J 369 -54.48 -56.13 16.11
C LEU J 369 -54.99 -57.05 15.01
N GLY J 370 -55.73 -58.09 15.36
CA GLY J 370 -56.27 -58.96 14.34
C GLY J 370 -57.37 -58.33 13.54
N THR J 371 -58.18 -57.49 14.18
CA THR J 371 -59.40 -57.02 13.56
C THR J 371 -59.18 -55.88 12.57
N GLN J 372 -58.00 -55.27 12.56
CA GLN J 372 -57.92 -53.93 11.99
C GLN J 372 -57.81 -53.92 10.48
N LEU J 373 -57.27 -54.97 9.87
CA LEU J 373 -57.15 -55.20 8.43
C LEU J 373 -56.36 -54.12 7.67
N PRO J 374 -55.22 -53.63 8.18
CA PRO J 374 -54.13 -53.63 7.22
C PRO J 374 -53.16 -54.73 7.60
N TYR J 375 -53.31 -55.20 8.83
CA TYR J 375 -52.39 -56.17 9.39
C TYR J 375 -52.73 -57.59 8.97
N MET J 376 -53.99 -57.86 8.60
CA MET J 376 -54.28 -59.12 7.96
C MET J 376 -53.59 -59.22 6.61
N MET J 377 -53.48 -58.10 5.90
CA MET J 377 -52.95 -58.18 4.56
C MET J 377 -51.43 -58.30 4.55
N ILE J 378 -50.76 -58.08 5.69
CA ILE J 378 -49.35 -58.42 5.76
C ILE J 378 -49.11 -59.83 6.30
N ILE J 379 -50.17 -60.55 6.69
CA ILE J 379 -50.04 -61.97 7.00
C ILE J 379 -50.87 -62.84 6.08
N ASN J 380 -51.81 -62.29 5.33
CA ASN J 380 -52.37 -63.06 4.23
C ASN J 380 -51.30 -63.32 3.18
N ARG J 381 -50.43 -62.33 2.95
CA ARG J 381 -49.27 -62.57 2.10
C ARG J 381 -48.29 -63.53 2.75
N LEU J 382 -48.25 -63.58 4.08
CA LEU J 382 -47.51 -64.62 4.76
C LEU J 382 -48.32 -65.89 4.91
N ALA J 383 -49.43 -66.01 4.21
CA ALA J 383 -50.05 -67.30 3.97
C ALA J 383 -50.04 -67.65 2.49
N HIS J 384 -49.83 -66.67 1.63
CA HIS J 384 -49.78 -66.99 0.22
C HIS J 384 -48.36 -67.28 -0.24
N TYR J 385 -47.37 -66.54 0.26
CA TYR J 385 -45.98 -66.88 -0.05
C TYR J 385 -45.60 -68.23 0.53
N VAL J 386 -46.00 -68.49 1.77
CA VAL J 386 -45.43 -69.63 2.47
C VAL J 386 -46.11 -70.91 2.03
N LYS J 387 -47.36 -70.81 1.57
CA LYS J 387 -48.02 -71.93 0.92
C LYS J 387 -47.35 -72.29 -0.39
N VAL J 388 -46.95 -71.29 -1.16
CA VAL J 388 -46.29 -71.55 -2.44
C VAL J 388 -44.86 -72.00 -2.22
N LEU J 389 -44.15 -71.41 -1.25
CA LEU J 389 -42.73 -71.66 -1.09
C LEU J 389 -42.47 -73.04 -0.52
N GLN J 390 -43.34 -73.51 0.38
CA GLN J 390 -43.24 -74.85 0.93
C GLN J 390 -44.10 -75.86 0.16
N ARG J 391 -44.53 -75.51 -1.05
CA ARG J 391 -45.12 -76.50 -1.94
C ARG J 391 -44.09 -77.10 -2.87
N GLU J 392 -43.14 -76.29 -3.32
CA GLU J 392 -42.05 -76.78 -4.15
C GLU J 392 -41.16 -77.75 -3.41
N GLN J 393 -41.10 -77.64 -2.09
CA GLN J 393 -40.13 -78.38 -1.31
C GLN J 393 -40.52 -79.82 -1.06
N ILE J 394 -41.76 -80.23 -1.37
CA ILE J 394 -42.24 -81.58 -1.03
C ILE J 394 -41.47 -82.61 -1.81
N GLY J 395 -40.85 -83.55 -1.10
CA GLY J 395 -39.99 -84.52 -1.73
C GLY J 395 -38.51 -84.25 -1.60
N ALA J 396 -38.12 -83.20 -0.90
CA ALA J 396 -36.72 -82.86 -0.78
C ALA J 396 -36.04 -83.73 0.26
N TRP J 397 -34.82 -83.36 0.59
CA TRP J 397 -34.06 -83.99 1.65
C TRP J 397 -33.78 -82.93 2.70
N LYS J 398 -34.63 -82.88 3.71
CA LYS J 398 -34.64 -81.73 4.61
C LYS J 398 -34.49 -82.27 6.02
N GLU J 399 -34.45 -81.38 7.01
CA GLU J 399 -34.49 -81.74 8.41
C GLU J 399 -35.34 -80.71 9.13
N ARG J 400 -35.57 -80.95 10.42
CA ARG J 400 -36.21 -79.93 11.25
C ARG J 400 -35.32 -78.72 11.40
N GLN J 401 -34.02 -78.93 11.59
CA GLN J 401 -33.06 -77.84 11.60
C GLN J 401 -32.97 -77.16 10.25
N ASP J 402 -33.17 -77.91 9.17
CA ASP J 402 -33.19 -77.31 7.85
C ASP J 402 -34.52 -76.61 7.61
N LEU J 403 -35.59 -77.08 8.25
CA LEU J 403 -36.87 -76.39 8.11
C LEU J 403 -36.86 -75.07 8.88
N GLU J 404 -36.19 -75.03 10.03
CA GLU J 404 -36.06 -73.79 10.79
C GLU J 404 -35.28 -72.75 10.02
N ARG J 405 -34.32 -73.17 9.21
CA ARG J 405 -33.41 -72.27 8.54
C ARG J 405 -33.95 -71.75 7.21
N GLU J 406 -34.68 -72.58 6.46
CA GLU J 406 -35.27 -72.12 5.22
C GLU J 406 -36.42 -71.16 5.44
N LEU J 407 -36.93 -71.04 6.66
CA LEU J 407 -37.93 -70.03 7.00
C LEU J 407 -37.35 -68.82 7.70
N ASN J 408 -36.38 -69.01 8.59
CA ASN J 408 -35.80 -67.87 9.29
C ASN J 408 -34.94 -67.02 8.38
N SER J 409 -34.17 -67.65 7.49
CA SER J 409 -33.42 -66.87 6.52
C SER J 409 -34.31 -66.33 5.40
N TRP J 410 -35.55 -66.80 5.32
CA TRP J 410 -36.48 -66.26 4.34
C TRP J 410 -37.23 -65.03 4.84
N ILE J 411 -37.82 -65.10 6.04
CA ILE J 411 -38.66 -63.99 6.48
C ILE J 411 -37.83 -62.83 7.03
N LYS J 412 -36.54 -63.04 7.30
CA LYS J 412 -35.72 -61.93 7.77
C LYS J 412 -35.18 -61.07 6.63
N GLN J 413 -35.78 -61.16 5.44
CA GLN J 413 -35.70 -60.07 4.48
C GLN J 413 -36.97 -59.23 4.49
N TYR J 414 -37.95 -59.61 5.30
CA TYR J 414 -39.16 -58.82 5.52
C TYR J 414 -39.17 -58.17 6.89
N VAL J 415 -38.16 -58.42 7.70
CA VAL J 415 -38.11 -57.97 9.09
C VAL J 415 -37.05 -56.88 9.19
N ALA J 416 -37.45 -55.70 9.65
CA ALA J 416 -36.52 -54.62 9.95
C ALA J 416 -36.68 -54.27 11.41
N ASP J 417 -36.00 -55.03 12.27
CA ASP J 417 -36.14 -54.90 13.71
C ASP J 417 -35.38 -53.66 14.15
N GLN J 418 -36.04 -52.52 14.05
CA GLN J 418 -35.38 -51.24 14.15
C GLN J 418 -36.42 -50.23 14.59
N GLU J 419 -36.02 -49.33 15.50
CA GLU J 419 -36.99 -48.46 16.13
C GLU J 419 -37.46 -47.37 15.17
N ASN J 420 -36.55 -46.79 14.40
CA ASN J 420 -36.90 -45.76 13.43
C ASN J 420 -36.13 -45.96 12.14
N PRO J 421 -36.57 -46.89 11.29
CA PRO J 421 -35.99 -47.00 9.97
C PRO J 421 -36.58 -45.94 9.05
N PRO J 422 -35.99 -45.70 7.88
CA PRO J 422 -36.58 -44.74 6.94
C PRO J 422 -37.94 -45.21 6.41
N ALA J 423 -38.61 -44.28 5.73
CA ALA J 423 -39.98 -44.51 5.29
C ALA J 423 -40.10 -45.55 4.19
N ASP J 424 -38.99 -45.94 3.55
CA ASP J 424 -39.03 -47.00 2.57
C ASP J 424 -38.74 -48.36 3.18
N VAL J 425 -37.94 -48.41 4.24
CA VAL J 425 -37.64 -49.67 4.91
C VAL J 425 -38.84 -50.15 5.69
N ARG J 426 -39.70 -49.23 6.12
CA ARG J 426 -40.90 -49.62 6.87
C ARG J 426 -41.92 -50.31 6.01
N SER J 427 -42.01 -49.97 4.73
CA SER J 427 -43.05 -50.52 3.90
C SER J 427 -42.57 -51.63 2.98
N ARG J 428 -41.30 -51.62 2.58
CA ARG J 428 -40.76 -52.80 1.92
C ARG J 428 -40.62 -53.97 2.89
N ARG J 429 -40.34 -53.68 4.15
CA ARG J 429 -40.22 -54.69 5.20
C ARG J 429 -41.28 -54.39 6.26
N PRO J 430 -42.52 -54.83 6.04
CA PRO J 430 -43.62 -54.39 6.91
C PRO J 430 -43.61 -55.02 8.27
N LEU J 431 -42.93 -56.15 8.45
CA LEU J 431 -42.86 -56.78 9.75
C LEU J 431 -41.82 -56.05 10.59
N ARG J 432 -41.79 -56.40 11.87
CA ARG J 432 -40.81 -55.85 12.80
C ARG J 432 -40.07 -56.91 13.56
N ALA J 433 -40.72 -58.01 13.91
CA ALA J 433 -40.03 -59.15 14.49
C ALA J 433 -40.83 -60.40 14.19
N ALA J 434 -40.14 -61.53 14.06
CA ALA J 434 -40.79 -62.77 13.67
C ALA J 434 -40.13 -63.94 14.38
N ARG J 435 -40.94 -64.76 15.04
CA ARG J 435 -40.47 -65.92 15.78
C ARG J 435 -40.97 -67.16 15.07
N ILE J 436 -40.10 -68.14 14.87
CA ILE J 436 -40.47 -69.40 14.24
C ILE J 436 -39.99 -70.55 15.10
N GLU J 437 -40.92 -71.34 15.60
CA GLU J 437 -40.63 -72.44 16.52
C GLU J 437 -41.14 -73.72 15.87
N VAL J 438 -40.25 -74.45 15.24
CA VAL J 438 -40.62 -75.69 14.56
C VAL J 438 -40.59 -76.83 15.57
N MET J 439 -41.69 -77.58 15.65
CA MET J 439 -41.83 -78.73 16.52
C MET J 439 -42.05 -79.97 15.67
N ASP J 440 -42.32 -81.09 16.31
CA ASP J 440 -42.55 -82.34 15.60
C ASP J 440 -43.97 -82.81 15.80
N VAL J 441 -44.30 -83.92 15.15
CA VAL J 441 -45.52 -84.67 15.44
C VAL J 441 -45.11 -86.12 15.67
N GLU J 442 -45.36 -86.61 16.87
CA GLU J 442 -45.02 -87.98 17.19
C GLU J 442 -46.08 -88.93 16.66
N GLY J 443 -45.72 -90.20 16.59
CA GLY J 443 -46.62 -91.20 16.02
C GLY J 443 -46.36 -91.38 14.53
N ASN J 444 -46.60 -90.33 13.75
CA ASN J 444 -46.22 -90.27 12.36
C ASN J 444 -45.08 -89.27 12.25
N PRO J 445 -43.83 -89.72 12.25
CA PRO J 445 -42.72 -88.76 12.35
C PRO J 445 -42.46 -88.09 11.01
N GLY J 446 -42.15 -86.79 11.09
CA GLY J 446 -41.93 -85.97 9.93
C GLY J 446 -43.14 -85.12 9.54
N TRP J 447 -43.72 -84.46 10.53
CA TRP J 447 -44.86 -83.57 10.33
C TRP J 447 -44.66 -82.45 11.34
N TYR J 448 -44.68 -81.20 10.88
CA TYR J 448 -43.99 -80.13 11.58
C TYR J 448 -44.90 -78.98 11.97
N GLN J 449 -45.19 -78.86 13.24
CA GLN J 449 -46.09 -77.82 13.73
C GLN J 449 -45.24 -76.59 14.04
N VAL J 450 -45.05 -75.71 13.07
CA VAL J 450 -44.19 -74.56 13.28
C VAL J 450 -45.10 -73.39 13.63
N SER J 451 -44.58 -72.40 14.33
CA SER J 451 -45.41 -71.29 14.79
C SER J 451 -44.78 -69.95 14.39
N LEU J 452 -45.08 -69.51 13.18
CA LEU J 452 -44.62 -68.20 12.72
C LEU J 452 -45.37 -67.09 13.41
N SER J 453 -44.65 -66.26 14.17
CA SER J 453 -45.24 -65.24 15.03
C SER J 453 -44.70 -63.86 14.64
N VAL J 454 -45.32 -63.25 13.64
CA VAL J 454 -44.85 -61.96 13.13
C VAL J 454 -45.37 -60.83 13.98
N ARG J 455 -44.86 -59.62 13.74
CA ARG J 455 -45.22 -58.46 14.52
C ARG J 455 -45.03 -57.24 13.63
N PRO J 456 -46.01 -56.36 13.55
CA PRO J 456 -45.95 -55.27 12.58
C PRO J 456 -45.45 -53.97 13.17
N HIS J 457 -45.26 -52.96 12.33
CA HIS J 457 -45.09 -51.60 12.83
C HIS J 457 -46.44 -50.96 13.07
N PHE J 458 -46.43 -49.80 13.72
CA PHE J 458 -47.64 -49.17 14.21
C PHE J 458 -47.77 -47.76 13.64
N LYS J 459 -48.94 -47.49 13.06
CA LYS J 459 -49.23 -46.25 12.36
C LYS J 459 -49.71 -45.17 13.34
N TYR J 460 -50.27 -44.10 12.80
CA TYR J 460 -50.53 -42.84 13.49
C TYR J 460 -52.03 -42.62 13.57
N MET J 461 -52.60 -42.60 14.77
CA MET J 461 -54.05 -42.44 14.92
C MET J 461 -54.39 -41.81 16.26
N GLY J 462 -54.80 -40.54 16.23
CA GLY J 462 -55.26 -39.81 17.39
C GLY J 462 -54.22 -39.29 18.38
N ALA J 463 -54.47 -38.11 18.92
CA ALA J 463 -53.61 -37.50 19.95
C ALA J 463 -54.49 -36.57 20.80
N ASN J 464 -53.86 -35.68 21.57
CA ASN J 464 -54.72 -34.84 22.42
C ASN J 464 -54.52 -33.34 22.29
N PHE J 465 -53.27 -32.85 22.27
CA PHE J 465 -52.92 -31.44 22.00
C PHE J 465 -53.60 -30.47 22.98
N GLU J 466 -53.27 -30.64 24.27
CA GLU J 466 -53.95 -29.91 25.35
C GLU J 466 -53.33 -28.54 25.57
N LEU J 467 -53.78 -27.54 24.81
CA LEU J 467 -53.17 -26.22 24.80
C LEU J 467 -53.38 -25.47 26.11
N SER J 468 -52.56 -24.43 26.30
CA SER J 468 -52.49 -23.59 27.47
C SER J 468 -51.59 -22.41 27.11
N LEU J 469 -51.50 -21.43 27.99
CA LEU J 469 -50.38 -20.51 27.89
C LEU J 469 -49.58 -20.53 29.19
N VAL J 470 -48.27 -20.33 29.05
CA VAL J 470 -47.36 -20.27 30.19
C VAL J 470 -47.09 -18.83 30.60
N GLY J 471 -46.85 -17.95 29.62
CA GLY J 471 -46.63 -16.55 29.88
C GLY J 471 -45.18 -16.13 29.93
N ARG J 472 -44.32 -16.94 30.55
CA ARG J 472 -42.89 -16.67 30.60
C ARG J 472 -42.08 -17.60 29.71
N LEU J 473 -42.35 -18.90 29.76
CA LEU J 473 -41.60 -19.86 28.97
C LEU J 473 -42.17 -19.97 27.56
N PRO K 1 -8.37 -59.09 31.72
CA PRO K 1 -9.41 -58.14 32.12
C PRO K 1 -10.80 -58.61 31.73
N THR K 2 -11.81 -58.20 32.48
CA THR K 2 -13.15 -58.69 32.17
C THR K 2 -13.85 -57.71 31.24
N PRO K 3 -14.64 -58.21 30.29
CA PRO K 3 -15.33 -57.32 29.36
C PRO K 3 -16.42 -56.52 30.04
N CYS K 4 -16.65 -55.34 29.52
CA CYS K 4 -17.62 -54.40 30.03
C CYS K 4 -18.92 -54.54 29.26
N TYR K 5 -19.87 -53.62 29.48
CA TYR K 5 -21.14 -53.65 28.78
C TYR K 5 -21.59 -52.23 28.54
N ILE K 6 -22.13 -51.96 27.36
CA ILE K 6 -22.56 -50.61 26.98
C ILE K 6 -23.99 -50.66 26.49
N SER K 7 -24.83 -49.78 27.02
CA SER K 7 -26.20 -49.63 26.59
C SER K 7 -26.39 -48.25 26.00
N ILE K 8 -26.61 -48.18 24.70
CA ILE K 8 -26.72 -46.92 23.97
C ILE K 8 -28.19 -46.63 23.71
N GLU K 9 -28.63 -45.41 23.99
CA GLU K 9 -29.97 -44.99 23.64
C GLU K 9 -29.91 -43.74 22.77
N GLY K 10 -30.47 -43.82 21.57
CA GLY K 10 -30.38 -42.73 20.62
C GLY K 10 -31.47 -41.69 20.81
N GLN K 11 -31.37 -40.63 20.02
CA GLN K 11 -32.45 -39.64 19.97
C GLN K 11 -33.67 -40.23 19.29
N THR K 12 -33.53 -40.62 18.03
CA THR K 12 -34.66 -41.09 17.25
C THR K 12 -34.75 -42.60 17.14
N GLN K 13 -33.66 -43.31 17.34
CA GLN K 13 -33.64 -44.75 17.13
C GLN K 13 -33.88 -45.54 18.40
N GLY K 14 -34.39 -44.89 19.44
CA GLY K 14 -34.78 -45.61 20.64
C GLY K 14 -33.57 -46.16 21.37
N LEU K 15 -33.75 -47.34 21.94
CA LEU K 15 -32.63 -48.07 22.54
C LEU K 15 -31.91 -48.79 21.43
N ILE K 16 -30.70 -48.35 21.11
CA ILE K 16 -29.98 -48.91 19.97
C ILE K 16 -29.53 -50.33 20.24
N THR K 17 -28.99 -50.57 21.41
CA THR K 17 -28.47 -51.89 21.68
C THR K 17 -29.52 -52.85 22.20
N ALA K 18 -30.81 -52.60 21.99
CA ALA K 18 -31.86 -53.50 22.46
C ALA K 18 -31.84 -54.75 21.60
N GLY K 19 -31.24 -55.81 22.12
CA GLY K 19 -31.10 -57.02 21.37
C GLY K 19 -29.73 -57.27 20.79
N ALA K 20 -28.72 -56.53 21.22
CA ALA K 20 -27.38 -56.71 20.67
C ALA K 20 -26.61 -57.82 21.35
N CYS K 21 -27.23 -58.56 22.25
CA CYS K 21 -26.72 -59.82 22.77
C CYS K 21 -27.81 -60.87 22.79
N THR K 22 -28.48 -61.05 21.66
CA THR K 22 -29.35 -62.18 21.47
C THR K 22 -28.62 -63.26 20.70
N ALA K 23 -29.33 -64.32 20.35
CA ALA K 23 -28.74 -65.37 19.52
C ALA K 23 -28.68 -64.97 18.06
N ASP K 24 -29.42 -63.95 17.65
CA ASP K 24 -29.33 -63.49 16.28
C ASP K 24 -28.16 -62.55 16.06
N SER K 25 -27.74 -61.83 17.08
CA SER K 25 -26.65 -60.88 16.91
C SER K 25 -25.31 -61.59 16.83
N ILE K 26 -24.93 -62.30 17.88
CA ILE K 26 -23.57 -62.80 18.00
C ILE K 26 -23.52 -64.31 18.18
N GLY K 27 -24.54 -65.03 17.70
CA GLY K 27 -24.48 -66.47 17.72
C GLY K 27 -24.65 -67.08 19.10
N ASP K 28 -23.67 -67.85 19.55
CA ASP K 28 -23.75 -68.53 20.82
C ASP K 28 -22.98 -67.85 21.92
N SER K 29 -22.41 -66.67 21.67
CA SER K 29 -21.67 -65.96 22.69
C SER K 29 -22.51 -64.88 23.34
N PHE K 30 -23.83 -65.03 23.34
CA PHE K 30 -24.64 -64.04 24.01
C PHE K 30 -24.82 -64.44 25.45
N VAL K 31 -25.18 -63.46 26.27
CA VAL K 31 -25.29 -63.64 27.71
C VAL K 31 -26.70 -63.30 28.12
N GLU K 32 -27.33 -64.19 28.87
CA GLU K 32 -28.65 -63.89 29.43
C GLU K 32 -28.54 -62.80 30.47
N GLY K 33 -29.58 -61.97 30.55
CA GLY K 33 -29.60 -60.85 31.46
C GLY K 33 -28.98 -59.58 30.91
N HIS K 34 -28.16 -59.68 29.89
CA HIS K 34 -27.55 -58.53 29.25
C HIS K 34 -28.07 -58.41 27.84
N GLU K 35 -29.39 -58.57 27.69
CA GLU K 35 -29.98 -58.58 26.37
C GLU K 35 -30.00 -57.23 25.71
N ASP K 36 -29.80 -56.15 26.46
CA ASP K 36 -29.87 -54.81 25.90
C ASP K 36 -28.51 -54.14 25.84
N GLU K 37 -27.43 -54.89 26.04
CA GLU K 37 -26.12 -54.30 26.25
C GLU K 37 -25.11 -55.02 25.40
N MET K 38 -24.33 -54.28 24.61
CA MET K 38 -23.28 -54.89 23.81
C MET K 38 -22.16 -55.39 24.71
N LEU K 39 -21.28 -56.19 24.15
CA LEU K 39 -20.16 -56.75 24.90
C LEU K 39 -18.89 -56.05 24.44
N VAL K 40 -18.31 -55.24 25.32
CA VAL K 40 -17.23 -54.34 24.96
C VAL K 40 -15.90 -54.98 25.31
N GLN K 41 -15.02 -55.08 24.33
CA GLN K 41 -13.76 -55.78 24.53
C GLN K 41 -12.66 -54.85 25.01
N GLN K 42 -12.32 -53.85 24.21
CA GLN K 42 -11.18 -52.97 24.45
C GLN K 42 -11.71 -51.58 24.76
N PHE K 43 -10.90 -50.77 25.42
CA PHE K 43 -11.35 -49.44 25.83
C PHE K 43 -10.17 -48.47 25.81
N ASP K 44 -10.47 -47.19 25.55
CA ASP K 44 -9.47 -46.14 25.50
C ASP K 44 -10.10 -44.75 25.54
N HIS K 45 -9.59 -43.84 26.36
CA HIS K 45 -10.28 -42.58 26.59
C HIS K 45 -9.34 -41.57 27.22
N VAL K 46 -9.16 -40.42 26.58
CA VAL K 46 -8.24 -39.38 27.03
C VAL K 46 -9.04 -38.12 27.31
N VAL K 47 -8.68 -37.39 28.36
CA VAL K 47 -9.30 -36.09 28.65
C VAL K 47 -8.16 -35.12 28.92
N THR K 48 -7.82 -34.29 27.93
CA THR K 48 -6.68 -33.40 28.10
C THR K 48 -7.11 -32.06 28.68
N VAL K 49 -6.12 -31.32 29.21
CA VAL K 49 -6.30 -29.95 29.61
C VAL K 49 -5.10 -29.16 29.11
N PRO K 50 -5.28 -28.14 28.30
CA PRO K 50 -4.14 -27.36 27.83
C PRO K 50 -3.53 -26.50 28.90
N THR K 51 -2.32 -26.83 29.32
CA THR K 51 -1.60 -26.06 30.33
C THR K 51 -0.47 -25.30 29.67
N ASP K 52 -0.18 -24.11 30.16
CA ASP K 52 0.88 -23.33 29.56
C ASP K 52 2.24 -23.85 30.00
N PRO K 53 3.30 -23.59 29.22
CA PRO K 53 4.64 -23.87 29.71
C PRO K 53 5.04 -22.86 30.77
N GLN K 54 6.22 -23.12 31.36
CA GLN K 54 6.89 -22.29 32.39
C GLN K 54 5.97 -21.89 33.54
N SER K 55 4.99 -22.73 33.85
CA SER K 55 4.01 -22.49 34.90
C SER K 55 3.43 -23.84 35.25
N GLY K 56 2.31 -23.82 35.95
CA GLY K 56 1.57 -25.05 36.15
C GLY K 56 0.09 -24.87 35.91
N GLN K 57 -0.33 -23.65 35.63
CA GLN K 57 -1.75 -23.37 35.64
C GLN K 57 -2.41 -23.86 34.35
N PRO K 58 -3.67 -24.31 34.44
CA PRO K 58 -4.38 -24.72 33.23
C PRO K 58 -4.78 -23.50 32.39
N SER K 59 -4.18 -23.41 31.20
CA SER K 59 -4.44 -22.29 30.30
C SER K 59 -5.55 -22.66 29.33
N GLY K 60 -6.73 -22.88 29.88
CA GLY K 60 -7.87 -23.23 29.06
C GLY K 60 -8.70 -24.35 29.63
N GLN K 61 -9.92 -24.50 29.15
CA GLN K 61 -10.78 -25.54 29.64
C GLN K 61 -10.38 -26.88 29.06
N ARG K 62 -10.93 -27.95 29.64
CA ARG K 62 -10.61 -29.31 29.24
C ARG K 62 -11.06 -29.59 27.81
N VAL K 63 -10.41 -30.59 27.20
CA VAL K 63 -10.70 -31.00 25.82
C VAL K 63 -10.92 -32.50 25.84
N HIS K 64 -12.13 -32.94 25.55
CA HIS K 64 -12.46 -34.35 25.64
C HIS K 64 -12.08 -35.07 24.36
N LYS K 65 -11.02 -35.84 24.41
CA LYS K 65 -10.72 -36.79 23.36
C LYS K 65 -11.70 -37.96 23.47
N PRO K 66 -12.00 -38.67 22.38
CA PRO K 66 -13.16 -39.55 22.39
C PRO K 66 -12.93 -40.87 23.10
N PHE K 67 -14.05 -41.45 23.57
CA PHE K 67 -14.19 -42.88 23.82
C PHE K 67 -13.67 -43.71 22.67
N LYS K 68 -13.17 -44.91 22.97
CA LYS K 68 -12.88 -45.90 21.93
C LYS K 68 -13.19 -47.27 22.51
N PHE K 69 -14.40 -47.77 22.29
CA PHE K 69 -14.77 -49.08 22.77
C PHE K 69 -14.98 -50.01 21.58
N THR K 70 -14.61 -51.28 21.73
CA THR K 70 -14.58 -52.23 20.63
C THR K 70 -15.58 -53.35 20.86
N VAL K 71 -16.52 -53.51 19.93
CA VAL K 71 -17.46 -54.61 19.96
C VAL K 71 -17.36 -55.38 18.66
N ALA K 72 -17.93 -56.58 18.63
CA ALA K 72 -17.94 -57.35 17.41
C ALA K 72 -19.08 -56.88 16.52
N LEU K 73 -19.17 -57.43 15.31
CA LEU K 73 -20.29 -57.12 14.44
C LEU K 73 -21.56 -57.78 14.97
N ASN K 74 -22.58 -56.97 15.21
CA ASN K 74 -23.82 -57.48 15.75
C ASN K 74 -24.96 -56.60 15.26
N LYS K 75 -26.10 -56.70 15.95
CA LYS K 75 -27.33 -56.05 15.51
C LYS K 75 -27.20 -54.53 15.59
N ALA K 76 -26.53 -54.03 16.60
CA ALA K 76 -26.47 -52.60 16.83
C ALA K 76 -25.50 -51.87 15.92
N VAL K 77 -24.65 -52.57 15.18
CA VAL K 77 -23.65 -51.90 14.33
C VAL K 77 -24.27 -51.22 13.11
N PRO K 78 -25.26 -51.77 12.39
CA PRO K 78 -25.94 -50.93 11.40
C PRO K 78 -26.74 -49.80 12.00
N LEU K 79 -27.15 -49.91 13.25
CA LEU K 79 -27.82 -48.80 13.91
C LEU K 79 -26.83 -47.72 14.31
N LEU K 80 -25.59 -48.10 14.61
CA LEU K 80 -24.58 -47.10 14.93
C LEU K 80 -23.96 -46.47 13.70
N TYR K 81 -24.21 -47.00 12.51
CA TYR K 81 -23.78 -46.29 11.32
C TYR K 81 -24.85 -45.37 10.77
N ASN K 82 -25.94 -45.15 11.50
CA ASN K 82 -26.79 -44.01 11.22
C ASN K 82 -26.70 -42.93 12.27
N ALA K 83 -26.33 -43.28 13.49
CA ALA K 83 -25.97 -42.25 14.44
C ALA K 83 -24.70 -41.55 14.03
N LEU K 84 -23.84 -42.24 13.28
CA LEU K 84 -22.60 -41.66 12.78
C LEU K 84 -22.85 -40.77 11.58
N SER K 85 -23.37 -41.34 10.51
CA SER K 85 -23.44 -40.64 9.24
C SER K 85 -24.52 -39.58 9.19
N SER K 86 -25.35 -39.45 10.21
CA SER K 86 -26.33 -38.38 10.24
C SER K 86 -26.15 -37.47 11.45
N GLY K 87 -25.15 -37.71 12.28
CA GLY K 87 -24.88 -36.83 13.40
C GLY K 87 -25.91 -36.90 14.50
N GLU K 88 -26.57 -38.03 14.66
CA GLU K 88 -27.59 -38.17 15.68
C GLU K 88 -26.95 -38.27 17.05
N LYS K 89 -27.40 -37.45 17.99
CA LYS K 89 -26.89 -37.56 19.33
C LYS K 89 -27.51 -38.78 19.99
N LEU K 90 -26.81 -39.29 20.99
CA LEU K 90 -27.26 -40.47 21.73
C LEU K 90 -27.56 -40.00 23.14
N LYS K 91 -28.75 -40.32 23.64
CA LYS K 91 -29.18 -39.75 24.92
C LYS K 91 -28.35 -40.28 26.07
N THR K 92 -27.93 -41.54 26.02
CA THR K 92 -27.10 -42.07 27.08
C THR K 92 -26.25 -43.22 26.59
N VAL K 93 -25.13 -43.42 27.25
CA VAL K 93 -24.24 -44.55 27.02
C VAL K 93 -23.73 -44.94 28.40
N GLU K 94 -24.11 -46.10 28.88
CA GLU K 94 -23.76 -46.48 30.24
C GLU K 94 -22.79 -47.64 30.20
N LEU K 95 -21.51 -47.33 30.12
CA LEU K 95 -20.48 -48.34 30.27
C LEU K 95 -20.49 -48.86 31.69
N LYS K 96 -20.25 -50.15 31.86
CA LYS K 96 -20.22 -50.77 33.18
C LYS K 96 -19.03 -51.70 33.28
N TRP K 97 -18.06 -51.33 34.10
CA TRP K 97 -16.84 -52.11 34.25
C TRP K 97 -17.09 -53.23 35.23
N TYR K 98 -17.01 -54.47 34.78
CA TYR K 98 -17.19 -55.57 35.71
C TYR K 98 -15.87 -56.01 36.27
N ARG K 99 -15.94 -56.72 37.39
CA ARG K 99 -14.78 -57.41 37.93
C ARG K 99 -15.29 -58.54 38.80
N THR K 100 -14.41 -59.49 39.06
CA THR K 100 -14.76 -60.66 39.85
C THR K 100 -14.47 -60.37 41.31
N SER K 101 -15.51 -60.41 42.14
CA SER K 101 -15.37 -60.04 43.54
C SER K 101 -14.84 -61.22 44.34
N ILE K 102 -14.85 -61.08 45.66
CA ILE K 102 -14.27 -62.09 46.53
C ILE K 102 -15.21 -63.28 46.64
N GLU K 103 -16.51 -63.03 46.76
CA GLU K 103 -17.48 -64.10 46.92
C GLU K 103 -17.69 -64.91 45.65
N GLY K 104 -17.17 -64.45 44.52
CA GLY K 104 -17.25 -65.20 43.29
C GLY K 104 -18.29 -64.72 42.31
N LYS K 105 -18.71 -63.48 42.41
CA LYS K 105 -19.78 -62.99 41.57
C LYS K 105 -19.31 -61.73 40.85
N GLN K 106 -19.73 -61.60 39.60
CA GLN K 106 -19.45 -60.41 38.82
C GLN K 106 -20.18 -59.22 39.43
N GLU K 107 -19.55 -58.05 39.38
CA GLU K 107 -20.21 -56.85 39.86
C GLU K 107 -19.59 -55.64 39.15
N ASN K 108 -20.41 -54.62 38.92
CA ASN K 108 -19.87 -53.40 38.36
C ASN K 108 -19.27 -52.58 39.47
N PHE K 109 -17.97 -52.38 39.40
CA PHE K 109 -17.34 -51.56 40.41
C PHE K 109 -17.18 -50.11 39.95
N PHE K 110 -17.58 -49.80 38.72
CA PHE K 110 -17.23 -48.53 38.11
C PHE K 110 -18.11 -48.36 36.88
N THR K 111 -18.90 -47.30 36.82
CA THR K 111 -19.71 -47.04 35.64
C THR K 111 -19.42 -45.64 35.16
N THR K 112 -19.26 -45.47 33.85
CA THR K 112 -19.05 -44.16 33.25
C THR K 112 -20.23 -43.85 32.37
N LYS K 113 -21.25 -43.21 32.92
CA LYS K 113 -22.40 -42.82 32.12
C LYS K 113 -22.03 -41.66 31.22
N LEU K 114 -23.00 -41.20 30.44
CA LEU K 114 -22.69 -40.29 29.36
C LEU K 114 -23.99 -39.63 28.93
N GLU K 115 -23.99 -38.32 28.78
CA GLU K 115 -25.14 -37.64 28.21
C GLU K 115 -24.93 -37.51 26.72
N ASN K 116 -25.59 -36.53 26.07
CA ASN K 116 -25.68 -36.37 24.62
C ASN K 116 -24.35 -36.54 23.91
N ALA K 117 -24.24 -37.59 23.13
CA ALA K 117 -22.94 -38.10 22.70
C ALA K 117 -23.04 -38.55 21.25
N SER K 118 -22.58 -37.72 20.33
CA SER K 118 -22.53 -38.16 18.95
C SER K 118 -21.40 -39.16 18.77
N ILE K 119 -21.36 -39.79 17.61
CA ILE K 119 -20.30 -40.73 17.26
C ILE K 119 -19.34 -40.03 16.33
N VAL K 120 -18.06 -40.02 16.70
CA VAL K 120 -17.07 -39.37 15.84
C VAL K 120 -16.68 -40.27 14.69
N ASP K 121 -16.16 -41.47 14.97
CA ASP K 121 -15.86 -42.39 13.91
C ASP K 121 -15.99 -43.82 14.39
N ILE K 122 -16.12 -44.72 13.43
CA ILE K 122 -16.26 -46.15 13.68
C ILE K 122 -15.29 -46.88 12.76
N HIS K 123 -14.40 -47.67 13.35
CA HIS K 123 -13.31 -48.30 12.63
C HIS K 123 -13.55 -49.81 12.56
N CYS K 124 -14.30 -50.23 11.55
CA CYS K 124 -14.59 -51.64 11.35
C CYS K 124 -13.43 -52.30 10.63
N GLU K 125 -12.86 -53.33 11.23
CA GLU K 125 -11.79 -54.07 10.59
C GLU K 125 -11.95 -55.56 10.89
N MET K 126 -11.20 -56.36 10.15
CA MET K 126 -11.16 -57.79 10.34
C MET K 126 -9.72 -58.20 10.13
N PRO K 127 -9.13 -58.98 11.04
CA PRO K 127 -7.74 -59.41 10.87
C PRO K 127 -7.60 -60.39 9.72
N HIS K 128 -6.35 -60.65 9.36
CA HIS K 128 -6.06 -61.42 8.16
C HIS K 128 -6.39 -62.89 8.37
N CYS K 129 -7.12 -63.47 7.43
CA CYS K 129 -7.61 -64.83 7.61
C CYS K 129 -6.53 -65.86 7.45
N GLN K 130 -5.48 -65.56 6.67
CA GLN K 130 -4.35 -66.45 6.53
C GLN K 130 -3.52 -66.54 7.80
N ASP K 131 -3.54 -65.50 8.62
CA ASP K 131 -2.62 -65.36 9.72
C ASP K 131 -3.10 -66.20 10.90
N PRO K 132 -2.31 -67.15 11.40
CA PRO K 132 -2.76 -67.98 12.51
C PRO K 132 -2.61 -67.34 13.87
N ALA K 133 -1.86 -66.23 13.98
CA ALA K 133 -1.74 -65.56 15.26
C ALA K 133 -3.00 -64.82 15.65
N LYS K 134 -3.81 -64.43 14.67
CA LYS K 134 -5.06 -63.71 14.90
C LYS K 134 -6.26 -64.54 14.47
N SER K 135 -6.24 -65.81 14.83
CA SER K 135 -7.33 -66.71 14.46
C SER K 135 -8.48 -66.67 15.43
N ASP K 136 -8.22 -66.33 16.69
CA ASP K 136 -9.28 -66.30 17.69
C ASP K 136 -10.15 -65.06 17.56
N PHE K 137 -9.67 -64.01 16.92
CA PHE K 137 -10.46 -62.80 16.79
C PHE K 137 -11.53 -63.00 15.74
N THR K 138 -12.62 -62.25 15.85
CA THR K 138 -13.67 -62.33 14.86
C THR K 138 -13.74 -61.06 14.02
N GLN K 139 -14.07 -59.93 14.65
CA GLN K 139 -14.07 -58.63 14.02
C GLN K 139 -13.72 -57.60 15.09
N ASN K 140 -13.58 -56.35 14.66
CA ASN K 140 -13.28 -55.27 15.58
C ASN K 140 -14.00 -54.04 15.07
N VAL K 141 -15.02 -53.61 15.79
CA VAL K 141 -15.77 -52.41 15.43
C VAL K 141 -15.56 -51.43 16.57
N THR K 142 -14.63 -50.49 16.39
CA THR K 142 -14.25 -49.55 17.43
C THR K 142 -15.04 -48.28 17.26
N VAL K 143 -16.08 -48.12 18.06
CA VAL K 143 -16.98 -46.98 17.94
C VAL K 143 -16.51 -45.87 18.87
N SER K 144 -16.31 -44.68 18.33
CA SER K 144 -15.90 -43.57 19.15
C SER K 144 -17.10 -42.75 19.58
N LEU K 145 -16.91 -41.94 20.61
CA LEU K 145 -17.99 -41.10 21.12
C LEU K 145 -17.40 -39.81 21.64
N SER K 146 -17.62 -38.71 20.93
CA SER K 146 -17.54 -37.44 21.63
C SER K 146 -18.85 -37.25 22.37
N TYR K 147 -18.86 -36.33 23.32
CA TYR K 147 -19.93 -36.33 24.31
C TYR K 147 -20.01 -34.99 25.00
N ARG K 148 -21.23 -34.61 25.38
CA ARG K 148 -21.39 -33.38 26.14
C ARG K 148 -21.01 -33.59 27.60
N LYS K 149 -21.74 -34.46 28.29
CA LYS K 149 -21.60 -34.65 29.73
C LYS K 149 -21.26 -36.08 30.04
N ILE K 150 -20.21 -36.28 30.83
CA ILE K 150 -19.76 -37.58 31.25
C ILE K 150 -19.76 -37.62 32.77
N THR K 151 -20.17 -38.74 33.35
CA THR K 151 -20.19 -38.91 34.80
C THR K 151 -19.55 -40.23 35.15
N TRP K 152 -18.31 -40.19 35.62
CA TRP K 152 -17.71 -41.36 36.23
C TRP K 152 -18.40 -41.66 37.55
N ASP K 153 -18.41 -42.93 37.93
CA ASP K 153 -19.12 -43.31 39.14
C ASP K 153 -18.54 -44.63 39.62
N HIS K 154 -17.78 -44.59 40.71
CA HIS K 154 -17.33 -45.82 41.33
C HIS K 154 -18.42 -46.30 42.29
N VAL K 155 -18.87 -47.53 42.10
CA VAL K 155 -20.05 -48.00 42.83
C VAL K 155 -19.68 -48.53 44.21
N ASN K 156 -18.64 -49.37 44.30
CA ASN K 156 -18.31 -50.00 45.58
C ASN K 156 -17.68 -49.05 46.59
N ALA K 157 -17.31 -47.84 46.20
CA ALA K 157 -16.83 -46.85 47.15
C ALA K 157 -17.59 -45.55 47.05
N GLY K 158 -18.61 -45.47 46.20
CA GLY K 158 -19.53 -44.37 46.21
C GLY K 158 -19.03 -43.07 45.62
N THR K 159 -17.77 -42.95 45.22
CA THR K 159 -17.30 -41.70 44.65
C THR K 159 -17.90 -41.49 43.28
N SER K 160 -17.95 -40.23 42.86
CA SER K 160 -18.56 -39.90 41.58
C SER K 160 -17.96 -38.61 41.05
N GLY K 161 -17.37 -38.68 39.88
CA GLY K 161 -16.90 -37.49 39.21
C GLY K 161 -17.90 -37.07 38.17
N SER K 162 -17.76 -35.87 37.62
CA SER K 162 -18.69 -35.41 36.60
C SER K 162 -18.04 -34.29 35.82
N ASP K 163 -18.27 -34.26 34.52
CA ASP K 163 -17.92 -33.13 33.70
C ASP K 163 -19.11 -32.79 32.84
N ASP K 164 -19.29 -31.51 32.56
CA ASP K 164 -20.39 -31.10 31.71
C ASP K 164 -20.04 -29.80 31.02
N TRP K 165 -20.31 -29.74 29.74
CA TRP K 165 -20.23 -28.46 29.06
C TRP K 165 -21.44 -27.60 29.39
N ARG K 166 -22.58 -28.21 29.67
CA ARG K 166 -23.80 -27.46 29.93
C ARG K 166 -23.71 -26.67 31.22
N LYS K 167 -23.14 -27.27 32.26
CA LYS K 167 -23.04 -26.65 33.58
C LYS K 167 -21.61 -26.75 34.09
N PRO K 168 -20.72 -25.88 33.62
CA PRO K 168 -19.39 -25.83 34.21
C PRO K 168 -19.47 -25.22 35.59
N ILE K 169 -18.42 -25.42 36.38
CA ILE K 169 -18.54 -25.23 37.82
C ILE K 169 -18.49 -23.73 38.10
N GLU K 170 -19.69 -23.15 38.21
CA GLU K 170 -20.04 -21.72 38.32
C GLU K 170 -19.25 -20.73 37.46
N GLY L 1 -103.17 0.49 46.19
CA GLY L 1 -102.26 -0.14 45.26
C GLY L 1 -101.29 0.83 44.62
N SER L 2 -100.86 1.83 45.38
CA SER L 2 -99.92 2.82 44.87
C SER L 2 -98.51 2.26 44.74
N LEU L 3 -98.18 1.20 45.49
CA LEU L 3 -96.88 0.56 45.32
C LEU L 3 -96.78 -0.19 44.00
N LEU L 4 -97.91 -0.71 43.51
CA LEU L 4 -97.93 -1.31 42.17
C LEU L 4 -97.82 -0.23 41.10
N ASP L 5 -98.27 0.99 41.39
CA ASP L 5 -98.15 2.09 40.44
C ASP L 5 -96.70 2.55 40.30
N GLU L 6 -95.90 2.42 41.37
CA GLU L 6 -94.50 2.79 41.27
C GLU L 6 -93.69 1.76 40.50
N ILE L 7 -94.12 0.50 40.52
CA ILE L 7 -93.45 -0.54 39.74
C ILE L 7 -93.81 -0.40 38.26
N MET L 8 -95.09 -0.12 37.96
CA MET L 8 -95.51 0.05 36.58
C MET L 8 -94.99 1.34 35.96
N ALA L 9 -94.77 2.39 36.76
CA ALA L 9 -94.11 3.58 36.25
C ALA L 9 -92.61 3.36 36.07
N GLN L 10 -92.04 2.40 36.79
CA GLN L 10 -90.64 2.01 36.62
C GLN L 10 -90.54 1.10 35.40
N THR L 11 -90.16 1.68 34.26
CA THR L 11 -90.24 0.99 32.98
C THR L 11 -89.19 -0.10 32.79
N ARG L 12 -88.23 -0.23 33.71
CA ARG L 12 -87.23 -1.29 33.59
C ARG L 12 -87.80 -2.66 33.94
N CYS L 13 -88.71 -2.74 34.92
CA CYS L 13 -89.31 -4.00 35.34
C CYS L 13 -90.80 -3.81 35.57
N ALA L 14 -91.48 -3.15 34.61
CA ALA L 14 -92.89 -2.81 34.82
C ALA L 14 -93.84 -4.00 34.70
N PRO L 15 -93.93 -4.74 33.54
CA PRO L 15 -95.10 -5.62 33.38
C PRO L 15 -94.97 -6.98 34.02
N SER L 16 -94.44 -7.04 35.25
CA SER L 16 -94.37 -8.23 36.11
C SER L 16 -93.71 -9.42 35.40
N GLU L 17 -92.43 -9.23 35.05
CA GLU L 17 -91.70 -10.24 34.29
C GLU L 17 -90.60 -10.90 35.12
N GLU L 18 -89.67 -10.12 35.68
CA GLU L 18 -88.56 -10.69 36.44
C GLU L 18 -88.01 -9.62 37.38
N GLY L 19 -87.83 -9.99 38.65
CA GLY L 19 -87.28 -9.06 39.61
C GLY L 19 -88.27 -8.06 40.18
N TYR L 20 -89.57 -8.30 40.01
CA TYR L 20 -90.57 -7.38 40.52
C TYR L 20 -90.92 -7.63 41.98
N ASP L 21 -90.60 -8.82 42.51
CA ASP L 21 -90.83 -9.08 43.93
C ASP L 21 -89.65 -8.65 44.79
N ILE L 22 -88.45 -8.60 44.21
CA ILE L 22 -87.27 -8.14 44.94
C ILE L 22 -87.27 -6.63 45.06
N ALA L 23 -87.56 -5.92 43.96
CA ALA L 23 -87.60 -4.47 43.97
C ALA L 23 -88.79 -3.93 44.76
N LYS L 24 -89.88 -4.71 44.88
CA LYS L 24 -90.97 -4.31 45.77
C LYS L 24 -90.53 -4.37 47.23
N LYS L 25 -89.67 -5.32 47.59
CA LYS L 25 -89.09 -5.35 48.92
C LYS L 25 -88.07 -4.25 49.14
N GLY L 26 -87.52 -3.68 48.06
CA GLY L 26 -86.55 -2.61 48.16
C GLY L 26 -87.17 -1.26 48.47
N VAL L 27 -88.34 -1.01 47.88
CA VAL L 27 -89.04 0.25 48.13
C VAL L 27 -89.60 0.27 49.55
N ALA L 28 -90.23 -0.83 49.97
CA ALA L 28 -90.91 -0.85 51.27
C ALA L 28 -89.93 -0.88 52.44
N ALA L 29 -88.70 -1.35 52.22
CA ALA L 29 -87.72 -1.35 53.29
C ALA L 29 -87.12 0.03 53.52
N PHE L 30 -86.99 0.84 52.47
CA PHE L 30 -86.38 2.14 52.59
C PHE L 30 -87.32 3.15 53.25
N ILE L 31 -88.64 2.97 53.08
CA ILE L 31 -89.61 3.88 53.67
C ILE L 31 -89.69 3.68 55.18
N GLU L 32 -89.47 2.45 55.65
CA GLU L 32 -89.55 2.16 57.08
C GLU L 32 -88.43 2.81 57.88
N ASN L 33 -87.28 3.05 57.25
CA ASN L 33 -86.18 3.74 57.89
C ASN L 33 -86.08 5.21 57.48
N LEU L 34 -86.95 5.67 56.58
CA LEU L 34 -86.90 7.04 56.10
C LEU L 34 -87.37 8.05 57.15
N MET L 35 -88.17 7.61 58.12
CA MET L 35 -88.79 8.52 59.08
C MET L 35 -87.80 9.06 60.12
N GLY L 36 -86.57 8.55 60.16
CA GLY L 36 -85.56 9.14 61.03
C GLY L 36 -85.08 10.49 60.56
N SER L 37 -85.11 10.72 59.24
CA SER L 37 -84.72 12.00 58.67
C SER L 37 -85.47 12.16 57.35
N GLN L 38 -86.48 13.03 57.35
CA GLN L 38 -87.30 13.23 56.15
C GLN L 38 -86.56 14.11 55.14
N HIS L 39 -86.43 13.59 53.92
CA HIS L 39 -85.78 14.32 52.84
C HIS L 39 -86.30 13.79 51.52
N SER L 40 -86.40 14.67 50.53
CA SER L 40 -86.98 14.34 49.22
C SER L 40 -86.05 14.80 48.11
N ALA L 41 -85.05 13.95 47.79
CA ALA L 41 -84.13 14.16 46.68
C ALA L 41 -83.42 12.84 46.41
N GLU L 42 -83.50 12.37 45.15
CA GLU L 42 -82.86 11.11 44.78
C GLU L 42 -81.33 11.05 44.95
N PRO L 43 -80.52 12.07 44.55
CA PRO L 43 -79.07 11.92 44.76
C PRO L 43 -78.65 12.00 46.21
N VAL L 44 -79.40 12.71 47.06
CA VAL L 44 -79.17 12.62 48.49
C VAL L 44 -79.64 11.26 49.00
N ASN L 45 -80.72 10.74 48.42
CA ASN L 45 -81.16 9.38 48.75
C ASN L 45 -80.18 8.32 48.27
N LYS L 46 -79.45 8.59 47.17
CA LYS L 46 -78.36 7.70 46.79
C LYS L 46 -77.23 7.74 47.81
N SER L 47 -77.10 8.85 48.54
CA SER L 47 -76.23 8.87 49.72
C SER L 47 -76.96 8.35 50.95
N LEU L 48 -78.28 8.59 51.05
CA LEU L 48 -79.02 8.10 52.20
C LEU L 48 -79.22 6.59 52.17
N VAL L 49 -79.24 5.98 50.98
CA VAL L 49 -79.14 4.52 50.89
C VAL L 49 -77.77 4.06 51.40
N ASP L 50 -76.71 4.77 50.98
CA ASP L 50 -75.37 4.44 51.46
C ASP L 50 -75.19 4.76 52.93
N GLN L 51 -75.89 5.78 53.45
CA GLN L 51 -75.86 6.02 54.89
C GLN L 51 -76.70 5.02 55.66
N MET L 52 -77.58 4.28 54.99
CA MET L 52 -78.25 3.13 55.58
C MET L 52 -77.51 1.83 55.31
N LEU L 53 -76.40 1.87 54.57
CA LEU L 53 -75.54 0.70 54.40
C LEU L 53 -74.32 0.74 55.32
N VAL L 54 -73.80 1.93 55.61
CA VAL L 54 -72.69 2.04 56.55
C VAL L 54 -73.17 1.74 57.97
N GLU L 55 -74.35 2.24 58.34
CA GLU L 55 -74.92 1.90 59.64
C GLU L 55 -75.39 0.45 59.69
N LEU L 56 -75.72 -0.14 58.54
CA LEU L 56 -76.05 -1.55 58.48
C LEU L 56 -74.81 -2.42 58.67
N ASP L 57 -73.69 -2.04 58.07
CA ASP L 57 -72.45 -2.79 58.22
C ASP L 57 -71.88 -2.66 59.62
N LYS L 58 -72.22 -1.60 60.36
CA LYS L 58 -71.86 -1.56 61.77
C LYS L 58 -72.69 -2.55 62.58
N LYS L 59 -73.89 -2.89 62.09
CA LYS L 59 -74.69 -3.90 62.77
C LYS L 59 -74.28 -5.31 62.39
N ILE L 60 -73.81 -5.53 61.15
CA ILE L 60 -73.52 -6.88 60.71
C ILE L 60 -72.10 -7.29 61.08
N SER L 61 -71.12 -6.42 60.81
CA SER L 61 -69.73 -6.79 61.05
C SER L 61 -69.41 -6.84 62.54
N ALA L 62 -70.17 -6.13 63.38
CA ALA L 62 -70.02 -6.32 64.81
C ALA L 62 -70.58 -7.65 65.27
N GLN L 63 -71.52 -8.22 64.52
CA GLN L 63 -72.00 -9.56 64.81
C GLN L 63 -71.07 -10.62 64.23
N MET L 64 -70.52 -10.37 63.04
CA MET L 64 -69.58 -11.29 62.42
C MET L 64 -68.17 -11.17 62.96
N ASP L 65 -67.91 -10.24 63.88
CA ASP L 65 -66.75 -10.33 64.73
C ASP L 65 -67.05 -11.02 66.06
N GLU L 66 -68.25 -11.57 66.20
CA GLU L 66 -68.62 -12.34 67.37
C GLU L 66 -69.08 -13.74 67.05
N ILE L 67 -69.64 -13.98 65.86
CA ILE L 67 -69.84 -15.36 65.43
C ILE L 67 -68.50 -15.99 65.06
N LEU L 68 -67.61 -15.19 64.48
CA LEU L 68 -66.21 -15.57 64.41
C LEU L 68 -65.55 -15.26 65.75
N HIS L 69 -64.24 -15.50 65.83
CA HIS L 69 -63.38 -15.12 66.97
C HIS L 69 -63.82 -15.76 68.28
N ASN L 70 -64.48 -16.91 68.21
CA ASN L 70 -64.96 -17.64 69.36
C ASN L 70 -64.00 -18.78 69.68
N SER L 71 -63.92 -19.14 70.97
CA SER L 71 -62.94 -20.14 71.40
C SER L 71 -63.27 -21.54 70.87
N GLN L 72 -64.54 -21.79 70.56
CA GLN L 72 -64.89 -23.04 69.90
C GLN L 72 -64.67 -22.95 68.40
N PHE L 73 -64.90 -21.78 67.81
CA PHE L 73 -64.75 -21.63 66.36
C PHE L 73 -63.29 -21.49 65.96
N GLN L 74 -62.58 -20.55 66.59
CA GLN L 74 -61.23 -20.20 66.15
C GLN L 74 -60.23 -21.33 66.43
N ALA L 75 -60.40 -22.05 67.55
CA ALA L 75 -59.53 -23.19 67.81
C ALA L 75 -59.82 -24.35 66.88
N MET L 76 -61.05 -24.43 66.35
CA MET L 76 -61.40 -25.40 65.33
C MET L 76 -61.31 -24.82 63.92
N GLU L 77 -60.89 -23.57 63.79
CA GLU L 77 -60.56 -23.04 62.47
C GLU L 77 -59.06 -23.10 62.23
N SER L 78 -58.26 -22.77 63.25
CA SER L 78 -56.80 -22.84 63.11
C SER L 78 -56.32 -24.28 63.01
N ALA L 79 -57.01 -25.21 63.66
CA ALA L 79 -56.65 -26.62 63.57
C ALA L 79 -57.07 -27.24 62.25
N TRP L 80 -57.85 -26.54 61.42
CA TRP L 80 -58.32 -27.08 60.16
C TRP L 80 -57.87 -26.28 58.95
N ARG L 81 -57.84 -24.94 59.04
CA ARG L 81 -57.25 -24.16 57.95
C ARG L 81 -55.73 -24.30 57.95
N GLY L 82 -55.13 -24.52 59.12
CA GLY L 82 -53.71 -24.83 59.18
C GLY L 82 -53.36 -26.15 58.54
N LEU L 83 -54.31 -27.09 58.47
CA LEU L 83 -54.11 -28.29 57.68
C LEU L 83 -54.06 -27.96 56.20
N LYS L 84 -54.88 -27.00 55.75
CA LYS L 84 -54.87 -26.61 54.34
C LYS L 84 -53.55 -25.96 53.96
N LEU L 85 -52.90 -25.27 54.89
CA LEU L 85 -51.55 -24.79 54.67
C LEU L 85 -50.55 -25.93 54.61
N PHE L 86 -50.86 -27.08 55.20
CA PHE L 86 -49.99 -28.23 55.04
C PHE L 86 -50.34 -29.04 53.80
N VAL L 87 -51.55 -28.91 53.27
CA VAL L 87 -51.91 -29.62 52.05
C VAL L 87 -51.50 -28.85 50.81
N ASP L 88 -51.62 -27.52 50.84
CA ASP L 88 -51.36 -26.72 49.64
C ASP L 88 -49.87 -26.61 49.33
N ARG L 89 -49.00 -26.66 50.35
CA ARG L 89 -47.58 -26.48 50.09
C ARG L 89 -46.91 -27.78 49.65
N THR L 90 -47.29 -28.90 50.23
CA THR L 90 -46.61 -30.16 49.98
C THR L 90 -47.07 -30.74 48.65
N ASP L 91 -46.10 -31.09 47.81
CA ASP L 91 -46.40 -31.57 46.46
C ASP L 91 -46.73 -33.05 46.55
N PHE L 92 -48.02 -33.38 46.45
CA PHE L 92 -48.46 -34.77 46.52
C PHE L 92 -48.12 -35.57 45.28
N ARG L 93 -47.74 -34.91 44.18
CA ARG L 93 -47.26 -35.65 43.03
C ARG L 93 -45.86 -36.21 43.27
N GLU L 94 -45.08 -35.61 44.15
CA GLU L 94 -43.72 -36.06 44.42
C GLU L 94 -43.65 -37.03 45.60
N ASN L 95 -44.51 -38.06 45.56
CA ASN L 95 -44.52 -39.18 46.50
C ASN L 95 -44.67 -38.73 47.96
N ASN L 96 -45.83 -38.15 48.25
CA ASN L 96 -46.15 -37.72 49.60
C ASN L 96 -47.60 -38.06 49.90
N LYS L 97 -47.85 -38.57 51.09
CA LYS L 97 -49.20 -38.77 51.58
C LYS L 97 -49.26 -38.32 53.03
N VAL L 98 -50.45 -37.98 53.49
CA VAL L 98 -50.61 -37.53 54.86
C VAL L 98 -51.92 -38.09 55.43
N GLU L 99 -51.81 -38.75 56.57
CA GLU L 99 -52.96 -39.30 57.25
C GLU L 99 -53.48 -38.31 58.28
N ILE L 100 -54.80 -38.34 58.50
CA ILE L 100 -55.50 -37.41 59.36
C ILE L 100 -56.22 -38.21 60.43
N LEU L 101 -55.82 -38.00 61.69
CA LEU L 101 -56.41 -38.72 62.81
C LEU L 101 -57.12 -37.77 63.74
N HIS L 102 -58.39 -38.04 64.01
CA HIS L 102 -59.18 -37.28 64.97
C HIS L 102 -58.99 -37.90 66.35
N VAL L 103 -58.16 -37.25 67.17
CA VAL L 103 -58.17 -37.49 68.60
C VAL L 103 -58.47 -36.17 69.26
N THR L 104 -58.64 -36.21 70.58
CA THR L 104 -58.46 -35.00 71.37
C THR L 104 -57.30 -35.23 72.33
N LYS L 105 -56.71 -34.13 72.78
CA LYS L 105 -55.49 -34.20 73.57
C LYS L 105 -55.72 -34.83 74.93
N ASP L 106 -56.92 -34.67 75.49
CA ASP L 106 -57.23 -35.35 76.75
C ASP L 106 -57.57 -36.82 76.53
N GLU L 107 -58.04 -37.17 75.34
CA GLU L 107 -58.34 -38.57 75.05
C GLU L 107 -57.06 -39.38 74.88
N LEU L 108 -55.99 -38.73 74.41
CA LEU L 108 -54.81 -39.46 73.99
C LEU L 108 -54.02 -39.99 75.18
N LEU L 109 -53.93 -39.21 76.25
CA LEU L 109 -53.26 -39.67 77.46
C LEU L 109 -54.06 -40.78 78.13
N GLU L 110 -55.40 -40.68 78.06
CA GLU L 110 -56.26 -41.75 78.55
C GLU L 110 -56.06 -43.04 77.74
N ASP L 111 -55.79 -42.90 76.44
CA ASP L 111 -55.54 -44.06 75.61
C ASP L 111 -54.18 -44.68 75.88
N PHE L 112 -53.22 -43.92 76.39
CA PHE L 112 -51.99 -44.52 76.89
C PHE L 112 -52.16 -45.05 78.29
N GLU L 113 -53.11 -44.51 79.06
CA GLU L 113 -53.52 -45.12 80.31
C GLU L 113 -54.39 -46.36 80.08
N PHE L 114 -54.97 -46.46 78.88
CA PHE L 114 -55.82 -47.59 78.51
C PHE L 114 -55.04 -48.89 78.47
N ALA L 115 -53.93 -48.92 77.73
CA ALA L 115 -53.15 -50.14 77.61
C ALA L 115 -52.09 -50.22 78.70
N PRO L 116 -51.76 -51.43 79.16
CA PRO L 116 -50.70 -51.57 80.16
C PRO L 116 -49.31 -51.30 79.61
N GLU L 117 -49.13 -51.42 78.30
CA GLU L 117 -47.85 -51.18 77.66
C GLU L 117 -48.10 -50.32 76.42
N THR L 118 -47.11 -49.47 76.09
CA THR L 118 -47.20 -48.62 74.90
C THR L 118 -47.26 -49.42 73.62
N ALA L 119 -46.76 -50.66 73.63
CA ALA L 119 -46.83 -51.56 72.48
C ALA L 119 -48.18 -52.23 72.32
N GLN L 120 -49.18 -51.85 73.11
CA GLN L 120 -50.55 -52.31 72.90
C GLN L 120 -51.55 -51.16 72.89
N SER L 121 -51.09 -49.94 72.72
CA SER L 121 -51.96 -48.78 72.80
C SER L 121 -52.81 -48.65 71.54
N GLY L 122 -53.72 -47.67 71.54
CA GLY L 122 -54.51 -47.40 70.36
C GLY L 122 -53.82 -46.48 69.38
N LEU L 123 -52.94 -45.61 69.87
CA LEU L 123 -52.14 -44.79 68.95
C LEU L 123 -51.02 -45.60 68.33
N TYR L 124 -50.54 -46.62 69.05
CA TYR L 124 -49.56 -47.55 68.51
C TYR L 124 -50.12 -48.35 67.34
N LYS L 125 -51.43 -48.52 67.30
CA LYS L 125 -52.04 -49.21 66.17
C LYS L 125 -51.98 -48.36 64.91
N HIS L 126 -52.15 -47.05 65.04
CA HIS L 126 -52.20 -46.20 63.86
C HIS L 126 -50.84 -45.68 63.43
N VAL L 127 -49.87 -45.61 64.34
CA VAL L 127 -48.54 -45.13 63.99
C VAL L 127 -47.69 -46.29 63.49
N TYR L 128 -47.68 -47.40 64.23
CA TYR L 128 -46.79 -48.52 63.93
C TYR L 128 -47.48 -49.55 63.03
N SER L 129 -48.57 -50.15 63.51
CA SER L 129 -49.03 -51.39 62.90
C SER L 129 -49.84 -51.16 61.64
N ALA L 130 -50.64 -50.10 61.57
CA ALA L 130 -51.38 -49.85 60.35
C ALA L 130 -50.51 -49.25 59.26
N GLY L 131 -49.34 -48.74 59.62
CA GLY L 131 -48.41 -48.16 58.69
C GLY L 131 -47.17 -49.00 58.55
N TYR L 132 -46.17 -48.65 59.37
CA TYR L 132 -44.84 -49.25 59.31
C TYR L 132 -44.85 -50.74 59.57
N GLY L 133 -45.53 -51.20 60.61
CA GLY L 133 -45.58 -52.62 60.89
C GLY L 133 -46.64 -53.34 60.09
N GLN L 134 -46.48 -53.34 58.78
CA GLN L 134 -47.50 -53.86 57.88
C GLN L 134 -46.82 -54.27 56.58
N PHE L 135 -47.15 -55.44 56.08
CA PHE L 135 -46.59 -55.90 54.81
C PHE L 135 -47.14 -55.05 53.67
N GLY L 136 -46.26 -54.30 53.03
CA GLY L 136 -46.62 -53.45 51.92
C GLY L 136 -47.16 -52.10 52.29
N GLY L 137 -47.53 -51.87 53.54
CA GLY L 137 -48.08 -50.59 53.93
C GLY L 137 -47.01 -49.52 53.99
N GLU L 138 -47.40 -48.31 53.66
CA GLU L 138 -46.47 -47.19 53.67
C GLU L 138 -46.15 -46.78 55.11
N PRO L 139 -44.89 -46.57 55.45
CA PRO L 139 -44.52 -46.32 56.84
C PRO L 139 -44.60 -44.83 57.17
N VAL L 140 -44.59 -44.55 58.46
CA VAL L 140 -44.87 -43.22 58.98
C VAL L 140 -43.57 -42.44 59.15
N GLY L 141 -43.49 -41.28 58.52
CA GLY L 141 -42.31 -40.44 58.64
C GLY L 141 -42.27 -39.63 59.92
N ALA L 142 -43.34 -38.91 60.22
CA ALA L 142 -43.38 -38.07 61.40
C ALA L 142 -44.81 -37.90 61.87
N ILE L 143 -44.97 -37.53 63.14
CA ILE L 143 -46.27 -37.31 63.74
C ILE L 143 -46.40 -35.83 64.06
N ILE L 144 -47.31 -35.15 63.38
CA ILE L 144 -47.62 -33.75 63.67
C ILE L 144 -48.53 -33.71 64.89
N GLY L 145 -48.06 -33.10 65.96
CA GLY L 145 -48.89 -32.89 67.12
C GLY L 145 -49.53 -31.52 67.11
N ASN L 146 -50.84 -31.47 66.96
CA ASN L 146 -51.57 -30.20 66.88
C ASN L 146 -52.00 -29.76 68.28
N TYR L 147 -51.02 -29.69 69.16
CA TYR L 147 -51.26 -29.59 70.60
C TYR L 147 -50.63 -28.32 71.14
N ALA L 148 -50.95 -28.04 72.40
CA ALA L 148 -50.36 -26.92 73.13
C ALA L 148 -49.88 -27.47 74.48
N PHE L 149 -48.59 -27.76 74.57
CA PHE L 149 -48.07 -28.49 75.71
C PHE L 149 -47.78 -27.58 76.88
N THR L 150 -48.19 -28.01 78.05
CA THR L 150 -47.86 -27.47 79.35
C THR L 150 -46.71 -28.26 79.94
N PRO L 151 -46.03 -27.77 80.98
CA PRO L 151 -45.03 -28.60 81.64
C PRO L 151 -45.59 -29.44 82.77
N SER L 152 -46.91 -29.60 82.84
CA SER L 152 -47.54 -30.33 83.93
C SER L 152 -47.40 -31.83 83.72
N THR L 153 -47.80 -32.59 84.73
CA THR L 153 -47.76 -34.04 84.74
C THR L 153 -48.67 -34.70 83.67
N PRO L 154 -49.89 -34.21 83.35
CA PRO L 154 -50.59 -34.83 82.21
C PRO L 154 -50.03 -34.47 80.84
N ASP L 155 -48.96 -33.69 80.74
CA ASP L 155 -48.29 -33.45 79.47
C ASP L 155 -46.84 -33.88 79.44
N MET L 156 -46.25 -34.22 80.58
CA MET L 156 -44.99 -34.93 80.57
C MET L 156 -45.17 -36.43 80.64
N LYS L 157 -46.36 -36.90 81.03
CA LYS L 157 -46.66 -38.32 80.91
C LYS L 157 -47.01 -38.68 79.48
N LEU L 158 -47.58 -37.73 78.73
CA LEU L 158 -47.87 -37.98 77.32
C LEU L 158 -46.59 -38.08 76.51
N LEU L 159 -45.66 -37.14 76.72
CA LEU L 159 -44.44 -37.13 75.94
C LEU L 159 -43.51 -38.27 76.31
N GLN L 160 -43.59 -38.77 77.55
CA GLN L 160 -42.87 -39.98 77.89
C GLN L 160 -43.43 -41.17 77.12
N TYR L 161 -44.73 -41.17 76.87
CA TYR L 161 -45.39 -42.20 76.08
C TYR L 161 -45.44 -41.87 74.60
N MET L 162 -44.88 -40.73 74.19
CA MET L 162 -44.68 -40.47 72.77
C MET L 162 -43.24 -40.60 72.34
N GLY L 163 -42.30 -40.44 73.27
CA GLY L 163 -40.93 -40.76 72.97
C GLY L 163 -40.71 -42.26 72.86
N ALA L 164 -41.44 -43.04 73.65
CA ALA L 164 -41.36 -44.49 73.52
C ALA L 164 -42.09 -44.98 72.28
N LEU L 165 -43.15 -44.28 71.87
CA LEU L 165 -43.80 -44.61 70.61
C LEU L 165 -42.95 -44.21 69.43
N GLY L 166 -42.27 -43.06 69.53
CA GLY L 166 -41.39 -42.62 68.46
C GLY L 166 -40.14 -43.46 68.32
N ALA L 167 -39.74 -44.17 69.35
CA ALA L 167 -38.58 -45.04 69.26
C ALA L 167 -38.94 -46.42 68.77
N MET L 168 -40.22 -46.73 68.63
CA MET L 168 -40.61 -48.02 68.08
C MET L 168 -40.92 -47.95 66.59
N ALA L 169 -41.58 -46.89 66.14
CA ALA L 169 -41.93 -46.75 64.75
C ALA L 169 -40.94 -45.89 63.98
N HIS L 170 -39.88 -45.42 64.63
CA HIS L 170 -38.82 -44.59 64.05
C HIS L 170 -39.38 -43.32 63.43
N ALA L 171 -40.22 -42.63 64.16
CA ALA L 171 -40.82 -41.42 63.65
C ALA L 171 -40.89 -40.39 64.76
N PRO L 172 -40.25 -39.24 64.62
CA PRO L 172 -40.28 -38.24 65.69
C PRO L 172 -41.62 -37.55 65.76
N PHE L 173 -42.05 -37.27 66.98
CA PHE L 173 -43.31 -36.60 67.25
C PHE L 173 -43.06 -35.11 67.37
N ILE L 174 -43.52 -34.33 66.39
CA ILE L 174 -43.35 -32.88 66.40
C ILE L 174 -44.64 -32.21 66.82
N SER L 175 -44.54 -31.34 67.81
CA SER L 175 -45.67 -30.59 68.35
C SER L 175 -45.11 -29.25 68.82
N SER L 176 -45.87 -28.54 69.65
CA SER L 176 -45.42 -27.23 70.10
C SER L 176 -45.72 -27.04 71.58
N VAL L 177 -44.91 -26.21 72.20
CA VAL L 177 -45.15 -25.77 73.56
C VAL L 177 -46.00 -24.51 73.52
N GLY L 178 -46.67 -24.22 74.62
CA GLY L 178 -47.55 -23.09 74.69
C GLY L 178 -46.89 -21.89 75.33
N PRO L 179 -47.63 -20.78 75.44
CA PRO L 179 -47.14 -19.65 76.22
C PRO L 179 -46.92 -20.00 77.67
N GLU L 180 -47.85 -20.75 78.27
CA GLU L 180 -47.77 -21.15 79.67
C GLU L 180 -46.65 -22.13 79.93
N PHE L 181 -46.04 -22.69 78.89
CA PHE L 181 -44.86 -23.54 79.08
C PHE L 181 -43.70 -22.72 79.60
N PHE L 182 -43.51 -21.52 79.06
CA PHE L 182 -42.44 -20.65 79.54
C PHE L 182 -42.83 -19.88 80.80
N GLY L 183 -44.11 -19.91 81.18
CA GLY L 183 -44.56 -19.20 82.37
C GLY L 183 -44.76 -17.72 82.15
N ILE L 184 -45.42 -17.36 81.05
CA ILE L 184 -45.67 -15.96 80.75
C ILE L 184 -47.15 -15.63 80.57
N ASP L 185 -48.00 -16.62 80.28
CA ASP L 185 -49.48 -16.52 80.23
C ASP L 185 -50.03 -15.57 79.17
N SER L 186 -49.15 -14.97 78.37
CA SER L 186 -49.47 -14.05 77.29
C SER L 186 -48.19 -13.96 76.47
N PHE L 187 -48.26 -14.21 75.17
CA PHE L 187 -47.06 -14.68 74.49
C PHE L 187 -46.10 -13.57 74.08
N GLU L 188 -46.59 -12.37 73.80
CA GLU L 188 -45.73 -11.34 73.20
C GLU L 188 -44.70 -10.75 74.16
N GLU L 189 -44.60 -11.24 75.39
CA GLU L 189 -43.55 -10.84 76.32
C GLU L 189 -42.43 -11.87 76.38
N LEU L 190 -42.16 -12.56 75.30
CA LEU L 190 -41.06 -13.53 75.29
C LEU L 190 -39.67 -12.90 75.15
N PRO L 191 -39.41 -11.89 74.30
CA PRO L 191 -38.07 -11.28 74.32
C PRO L 191 -37.76 -10.50 75.58
N ASN L 192 -38.75 -10.21 76.42
CA ASN L 192 -38.48 -9.57 77.69
C ASN L 192 -37.78 -10.50 78.66
N ILE L 193 -37.79 -11.81 78.40
CA ILE L 193 -37.09 -12.77 79.25
C ILE L 193 -35.58 -12.54 79.10
N LYS L 194 -34.94 -12.19 80.19
CA LYS L 194 -33.53 -11.83 80.16
C LYS L 194 -32.61 -13.00 80.52
N ASP L 195 -33.15 -14.09 81.04
CA ASP L 195 -32.35 -15.28 81.32
C ASP L 195 -33.29 -16.48 81.24
N LEU L 196 -33.23 -17.19 80.11
CA LEU L 196 -34.10 -18.34 79.89
C LEU L 196 -33.44 -19.64 80.31
N LYS L 197 -32.13 -19.63 80.53
CA LYS L 197 -31.44 -20.82 81.03
C LYS L 197 -31.82 -21.10 82.48
N SER L 198 -31.98 -20.05 83.29
CA SER L 198 -32.35 -20.26 84.69
C SER L 198 -33.82 -20.59 84.86
N THR L 199 -34.65 -20.27 83.86
CA THR L 199 -36.07 -20.60 83.94
C THR L 199 -36.27 -22.11 83.86
N PHE L 200 -35.46 -22.79 83.06
CA PHE L 200 -35.61 -24.22 82.86
C PHE L 200 -34.99 -25.04 83.98
N GLU L 201 -34.21 -24.43 84.87
CA GLU L 201 -33.63 -25.10 86.03
C GLU L 201 -34.41 -24.83 87.30
N SER L 202 -35.75 -24.73 87.18
CA SER L 202 -36.79 -24.55 88.20
C SER L 202 -37.38 -25.89 88.60
N PRO L 203 -37.81 -26.04 89.86
CA PRO L 203 -38.40 -27.32 90.28
C PRO L 203 -39.78 -27.60 89.71
N LYS L 204 -40.38 -26.66 88.97
CA LYS L 204 -41.61 -26.99 88.25
C LYS L 204 -41.31 -27.92 87.07
N TYR L 205 -40.08 -27.90 86.57
CA TYR L 205 -39.68 -28.64 85.39
C TYR L 205 -38.88 -29.89 85.73
N THR L 206 -39.22 -30.58 86.82
CA THR L 206 -38.50 -31.81 87.15
C THR L 206 -38.93 -32.94 86.21
N LYS L 207 -40.17 -32.91 85.76
CA LYS L 207 -40.65 -33.85 84.75
C LYS L 207 -40.30 -33.41 83.33
N TRP L 208 -39.61 -32.29 83.17
CA TRP L 208 -39.06 -31.86 81.89
C TRP L 208 -37.58 -32.21 81.78
N ARG L 209 -36.80 -31.89 82.80
CA ARG L 209 -35.37 -32.18 82.78
C ARG L 209 -35.09 -33.66 82.95
N SER L 210 -36.06 -34.45 83.41
CA SER L 210 -35.92 -35.89 83.39
C SER L 210 -36.42 -36.48 82.08
N LEU L 211 -37.29 -35.78 81.36
CA LEU L 211 -37.65 -36.18 80.01
C LEU L 211 -36.49 -35.99 79.06
N ARG L 212 -35.75 -34.89 79.22
CA ARG L 212 -34.65 -34.56 78.30
C ARG L 212 -33.51 -35.55 78.42
N GLU L 213 -33.21 -36.02 79.63
CA GLU L 213 -32.11 -36.96 79.82
C GLU L 213 -32.44 -38.34 79.30
N SER L 214 -33.71 -38.65 79.04
CA SER L 214 -34.11 -40.00 78.68
C SER L 214 -33.64 -40.35 77.27
N GLU L 215 -33.55 -41.65 77.01
CA GLU L 215 -32.98 -42.14 75.76
C GLU L 215 -33.97 -42.00 74.61
N ASP L 216 -35.24 -42.30 74.85
CA ASP L 216 -36.23 -42.23 73.79
C ASP L 216 -36.75 -40.82 73.53
N ALA L 217 -36.19 -39.80 74.18
CA ALA L 217 -36.55 -38.42 73.89
C ALA L 217 -35.97 -37.92 72.58
N ARG L 218 -35.12 -38.74 71.93
CA ARG L 218 -34.51 -38.40 70.66
C ARG L 218 -35.54 -38.22 69.56
N TYR L 219 -36.70 -38.85 69.69
CA TYR L 219 -37.78 -38.80 68.72
C TYR L 219 -38.86 -37.82 69.14
N LEU L 220 -38.47 -36.70 69.75
CA LEU L 220 -39.42 -35.69 70.20
C LEU L 220 -38.84 -34.32 69.93
N GLY L 221 -39.39 -33.62 68.94
CA GLY L 221 -39.10 -32.21 68.72
C GLY L 221 -40.32 -31.39 69.09
N LEU L 222 -40.10 -30.26 69.75
CA LEU L 222 -41.16 -29.36 70.12
C LEU L 222 -40.90 -27.99 69.50
N THR L 223 -41.86 -27.50 68.73
CA THR L 223 -41.60 -26.46 67.74
C THR L 223 -41.81 -25.07 68.33
N ALA L 224 -41.95 -24.11 67.43
CA ALA L 224 -41.87 -22.65 67.43
C ALA L 224 -42.93 -21.95 68.28
N PRO L 225 -42.91 -20.61 68.35
CA PRO L 225 -44.06 -19.89 68.95
C PRO L 225 -45.44 -20.22 68.40
N ARG L 226 -45.79 -19.73 67.21
CA ARG L 226 -47.06 -19.85 66.50
C ARG L 226 -46.87 -19.09 65.20
N PHE L 227 -47.83 -19.19 64.29
CA PHE L 227 -47.75 -18.44 63.06
C PHE L 227 -49.15 -18.11 62.58
N LEU L 228 -49.23 -17.08 61.75
CA LEU L 228 -50.50 -16.53 61.28
C LEU L 228 -51.03 -17.33 60.09
N LEU L 229 -52.35 -17.46 60.01
CA LEU L 229 -53.01 -18.21 58.96
C LEU L 229 -53.86 -17.34 58.04
N ARG L 230 -54.72 -16.50 58.59
CA ARG L 230 -55.72 -15.78 57.81
C ARG L 230 -55.50 -14.28 57.95
N VAL L 231 -55.31 -13.61 56.82
CA VAL L 231 -55.37 -12.15 56.80
C VAL L 231 -56.80 -11.72 57.09
N PRO L 232 -57.03 -10.80 58.03
CA PRO L 232 -58.38 -10.28 58.24
C PRO L 232 -58.88 -9.53 57.03
N TYR L 233 -60.17 -9.71 56.73
CA TYR L 233 -60.74 -9.31 55.45
C TYR L 233 -60.89 -7.80 55.37
N ASP L 234 -61.10 -7.31 54.14
CA ASP L 234 -61.11 -5.89 53.86
C ASP L 234 -61.93 -5.68 52.61
N PRO L 235 -62.74 -4.61 52.52
CA PRO L 235 -63.55 -4.39 51.31
C PRO L 235 -62.75 -3.96 50.09
N ILE L 236 -61.45 -3.72 50.20
CA ILE L 236 -60.59 -3.38 49.07
C ILE L 236 -59.57 -4.47 48.79
N GLU L 237 -58.89 -4.96 49.82
CA GLU L 237 -57.79 -5.90 49.63
C GLU L 237 -58.31 -7.32 49.35
N ASN L 238 -59.02 -7.89 50.32
CA ASN L 238 -59.54 -9.25 50.22
C ASN L 238 -61.05 -9.19 50.45
N PRO L 239 -61.82 -8.87 49.41
CA PRO L 239 -63.26 -8.66 49.60
C PRO L 239 -64.02 -9.97 49.69
N VAL L 240 -65.30 -9.85 50.04
CA VAL L 240 -66.22 -10.98 50.06
C VAL L 240 -67.35 -10.67 49.07
N LYS L 241 -68.03 -11.73 48.64
CA LYS L 241 -68.99 -11.64 47.55
C LYS L 241 -70.27 -10.95 48.03
N SER L 242 -70.64 -9.86 47.36
CA SER L 242 -71.88 -9.10 47.58
C SER L 242 -71.97 -8.55 49.00
N PHE L 243 -70.83 -8.22 49.60
CA PHE L 243 -70.78 -7.71 50.96
C PHE L 243 -69.44 -7.01 51.15
N ASN L 244 -69.41 -6.04 52.07
CA ASN L 244 -68.18 -5.35 52.45
C ASN L 244 -67.91 -5.66 53.91
N TYR L 245 -66.84 -6.40 54.16
CA TYR L 245 -66.54 -6.93 55.50
C TYR L 245 -65.18 -6.41 55.96
N ALA L 246 -65.19 -5.49 56.90
CA ALA L 246 -63.97 -5.00 57.54
C ALA L 246 -63.89 -5.64 58.92
N GLU L 247 -63.00 -6.62 59.06
CA GLU L 247 -62.86 -7.38 60.30
C GLU L 247 -62.10 -6.52 61.30
N ASN L 248 -62.84 -5.94 62.25
CA ASN L 248 -62.26 -5.04 63.25
C ASN L 248 -61.46 -5.85 64.26
N VAL L 249 -60.16 -5.95 64.04
CA VAL L 249 -59.27 -6.68 64.95
C VAL L 249 -58.85 -5.72 66.06
N SER L 250 -59.13 -6.10 67.30
CA SER L 250 -58.89 -5.25 68.45
C SER L 250 -57.43 -5.34 68.86
N ALA L 251 -57.11 -4.77 70.03
CA ALA L 251 -55.75 -4.80 70.54
C ALA L 251 -55.36 -6.19 71.04
N SER L 252 -56.34 -7.04 71.32
CA SER L 252 -56.04 -8.42 71.66
C SER L 252 -55.61 -9.17 70.41
N HIS L 253 -54.37 -9.66 70.41
CA HIS L 253 -53.84 -10.41 69.28
C HIS L 253 -54.21 -11.88 69.32
N GLU L 254 -55.15 -12.27 70.18
CA GLU L 254 -55.69 -13.62 70.15
C GLU L 254 -56.78 -13.79 69.11
N HIS L 255 -57.28 -12.70 68.53
CA HIS L 255 -58.35 -12.80 67.55
C HIS L 255 -57.84 -13.13 66.16
N TYR L 256 -56.56 -12.89 65.89
CA TYR L 256 -55.95 -13.41 64.67
C TYR L 256 -55.96 -14.93 64.69
N LEU L 257 -56.14 -15.52 63.51
CA LEU L 257 -56.20 -16.97 63.40
C LEU L 257 -54.78 -17.53 63.50
N TRP L 258 -54.33 -17.72 64.73
CA TRP L 258 -52.99 -18.22 64.95
C TRP L 258 -52.96 -19.73 64.87
N GLY L 259 -52.16 -20.26 63.94
CA GLY L 259 -52.07 -21.69 63.75
C GLY L 259 -51.06 -22.34 64.69
N ASN L 260 -50.84 -23.63 64.47
CA ASN L 260 -49.86 -24.40 65.23
C ASN L 260 -48.68 -24.71 64.32
N THR L 261 -47.46 -24.48 64.81
CA THR L 261 -46.29 -24.49 63.94
C THR L 261 -45.79 -25.91 63.68
N ALA L 262 -46.39 -26.93 64.30
CA ALA L 262 -46.11 -28.30 63.88
C ALA L 262 -46.60 -28.56 62.46
N PHE L 263 -47.62 -27.81 62.02
CA PHE L 263 -47.94 -27.74 60.61
C PHE L 263 -46.79 -27.17 59.80
N ALA L 264 -46.27 -26.02 60.22
CA ALA L 264 -45.30 -25.29 59.43
C ALA L 264 -43.92 -25.91 59.46
N PHE L 265 -43.56 -26.62 60.53
CA PHE L 265 -42.27 -27.31 60.54
C PHE L 265 -42.30 -28.58 59.72
N ALA L 266 -43.44 -29.26 59.69
CA ALA L 266 -43.60 -30.41 58.81
C ALA L 266 -43.78 -30.01 57.36
N THR L 267 -44.02 -28.74 57.08
CA THR L 267 -43.95 -28.26 55.70
C THR L 267 -42.53 -28.38 55.18
N ARG L 268 -41.54 -28.13 56.04
CA ARG L 268 -40.15 -28.23 55.64
C ARG L 268 -39.61 -29.65 55.66
N LEU L 269 -40.24 -30.55 56.41
CA LEU L 269 -39.91 -31.96 56.28
C LEU L 269 -40.33 -32.50 54.93
N THR L 270 -41.42 -31.98 54.39
CA THR L 270 -41.97 -32.56 53.17
C THR L 270 -41.48 -31.82 51.93
N ASP L 271 -41.30 -30.50 52.01
CA ASP L 271 -40.72 -29.79 50.89
C ASP L 271 -39.23 -30.05 50.74
N SER L 272 -38.58 -30.62 51.74
CA SER L 272 -37.26 -31.19 51.53
C SER L 272 -37.34 -32.57 50.90
N PHE L 273 -38.39 -33.33 51.19
CA PHE L 273 -38.51 -34.65 50.60
C PHE L 273 -38.97 -34.57 49.15
N ALA L 274 -39.73 -33.55 48.80
CA ALA L 274 -40.22 -33.45 47.43
C ALA L 274 -39.15 -33.01 46.46
N LYS L 275 -37.99 -32.57 46.94
CA LYS L 275 -36.91 -32.12 46.10
C LYS L 275 -35.75 -33.10 46.03
N TYR L 276 -35.34 -33.67 47.16
CA TYR L 276 -34.16 -34.51 47.21
C TYR L 276 -34.44 -35.94 47.62
N ARG L 277 -35.69 -36.28 47.94
CA ARG L 277 -36.13 -37.60 48.42
C ARG L 277 -35.42 -38.03 49.69
N TRP L 278 -35.00 -37.05 50.50
CA TRP L 278 -34.52 -37.26 51.85
C TRP L 278 -34.97 -36.08 52.68
N CYS L 279 -34.58 -36.06 53.94
CA CYS L 279 -34.83 -34.91 54.80
C CYS L 279 -33.75 -34.70 55.86
N PRO L 280 -32.57 -34.21 55.47
CA PRO L 280 -31.78 -33.46 56.46
C PRO L 280 -31.91 -31.96 56.28
N ASN L 281 -32.58 -31.53 55.20
CA ASN L 281 -32.57 -30.13 54.78
C ASN L 281 -33.76 -29.40 55.39
N ILE L 282 -33.63 -29.04 56.67
CA ILE L 282 -34.71 -28.36 57.37
C ILE L 282 -34.23 -27.16 58.19
N ILE L 283 -32.96 -26.80 58.12
CA ILE L 283 -32.44 -25.78 59.02
C ILE L 283 -31.82 -24.60 58.27
N GLY L 284 -32.26 -24.32 57.04
CA GLY L 284 -31.64 -23.28 56.26
C GLY L 284 -32.56 -22.17 55.80
N PRO L 285 -32.20 -20.92 56.12
CA PRO L 285 -32.93 -19.78 55.53
C PRO L 285 -32.76 -19.67 54.04
N GLN L 286 -31.68 -20.22 53.49
CA GLN L 286 -31.54 -20.39 52.05
C GLN L 286 -31.28 -21.85 51.69
N SER L 287 -31.58 -22.77 52.61
CA SER L 287 -31.25 -24.17 52.38
C SER L 287 -32.34 -25.10 52.88
N GLY L 288 -33.57 -24.65 52.91
CA GLY L 288 -34.70 -25.52 53.18
C GLY L 288 -35.31 -25.47 54.56
N GLY L 289 -35.11 -24.38 55.29
CA GLY L 289 -35.80 -24.23 56.56
C GLY L 289 -36.53 -22.90 56.58
N ALA L 290 -36.83 -22.37 55.40
CA ALA L 290 -37.43 -21.05 55.27
C ALA L 290 -38.92 -21.20 55.01
N VAL L 291 -39.73 -20.93 56.04
CA VAL L 291 -41.18 -20.92 55.90
C VAL L 291 -41.55 -19.63 55.17
N GLU L 292 -41.80 -19.72 53.88
CA GLU L 292 -42.11 -18.56 53.08
C GLU L 292 -43.61 -18.38 52.94
N ASP L 293 -44.00 -17.23 52.37
CA ASP L 293 -45.38 -16.87 52.05
C ASP L 293 -46.25 -16.85 53.31
N LEU L 294 -45.78 -16.17 54.32
CA LEU L 294 -46.61 -16.00 55.50
C LEU L 294 -47.65 -14.89 55.27
N PRO L 295 -48.78 -14.96 55.95
CA PRO L 295 -49.74 -13.85 55.89
C PRO L 295 -49.22 -12.64 56.66
N VAL L 296 -49.41 -11.46 56.07
CA VAL L 296 -49.07 -10.21 56.74
C VAL L 296 -50.31 -9.34 56.79
N HIS L 297 -50.32 -8.44 57.78
CA HIS L 297 -51.47 -7.56 58.00
C HIS L 297 -50.92 -6.16 58.31
N VAL L 298 -50.87 -5.32 57.28
CA VAL L 298 -50.38 -3.96 57.44
C VAL L 298 -51.48 -3.12 58.08
N PHE L 299 -51.25 -2.68 59.30
CA PHE L 299 -52.19 -1.83 60.01
C PHE L 299 -51.49 -0.55 60.46
N GLU L 300 -52.28 0.38 60.99
CA GLU L 300 -51.77 1.66 61.44
C GLU L 300 -51.35 1.57 62.90
N SER L 301 -50.09 1.84 63.18
CA SER L 301 -49.58 1.90 64.53
C SER L 301 -49.78 3.32 65.08
N MET L 302 -49.10 3.63 66.19
CA MET L 302 -49.15 4.96 66.79
C MET L 302 -48.36 5.95 65.93
N GLY L 303 -48.95 6.32 64.80
CA GLY L 303 -48.36 7.27 63.88
C GLY L 303 -47.81 6.66 62.61
N ALA L 304 -47.14 5.52 62.72
CA ALA L 304 -46.46 4.91 61.59
C ALA L 304 -47.32 3.83 60.95
N LEU L 305 -46.83 3.30 59.84
CA LEU L 305 -47.48 2.21 59.11
C LEU L 305 -46.59 0.98 59.25
N GLN L 306 -46.95 0.07 60.14
CA GLN L 306 -46.18 -1.14 60.38
C GLN L 306 -46.98 -2.36 59.94
N SER L 307 -46.36 -3.52 60.09
CA SER L 307 -46.98 -4.79 59.76
C SER L 307 -47.07 -5.66 61.00
N LYS L 308 -48.17 -6.40 61.10
CA LYS L 308 -48.29 -7.39 62.18
C LYS L 308 -47.33 -8.53 61.94
N ILE L 309 -46.57 -8.88 62.96
CA ILE L 309 -45.54 -9.92 62.81
C ILE L 309 -46.21 -11.28 62.68
N PRO L 310 -45.89 -12.06 61.63
CA PRO L 310 -46.60 -13.31 61.41
C PRO L 310 -46.29 -14.39 62.43
N THR L 311 -45.14 -14.35 63.10
CA THR L 311 -44.96 -15.09 64.33
C THR L 311 -45.09 -14.09 65.47
N GLU L 312 -45.61 -14.54 66.62
CA GLU L 312 -46.09 -13.59 67.61
C GLU L 312 -44.99 -12.86 68.35
N VAL L 313 -43.75 -13.34 68.28
CA VAL L 313 -42.62 -12.61 68.83
C VAL L 313 -41.54 -12.53 67.76
N LEU L 314 -40.67 -11.55 67.90
CA LEU L 314 -39.45 -11.46 67.09
C LEU L 314 -38.35 -12.13 67.88
N ILE L 315 -38.03 -13.36 67.51
CA ILE L 315 -37.00 -14.11 68.19
C ILE L 315 -35.64 -13.59 67.76
N THR L 316 -34.85 -13.12 68.72
CA THR L 316 -33.52 -12.66 68.41
C THR L 316 -32.59 -13.84 68.17
N ASP L 317 -31.35 -13.54 67.81
CA ASP L 317 -30.41 -14.62 67.54
C ASP L 317 -29.88 -15.24 68.83
N ARG L 318 -29.77 -14.45 69.90
CA ARG L 318 -29.33 -15.01 71.17
C ARG L 318 -30.45 -15.79 71.83
N LYS L 319 -31.69 -15.33 71.69
CA LYS L 319 -32.83 -16.07 72.22
C LYS L 319 -33.02 -17.39 71.49
N GLU L 320 -32.74 -17.42 70.18
CA GLU L 320 -32.90 -18.65 69.42
C GLU L 320 -31.77 -19.62 69.74
N PHE L 321 -30.56 -19.12 69.94
CA PHE L 321 -29.47 -19.98 70.33
C PHE L 321 -29.67 -20.53 71.74
N GLU L 322 -30.32 -19.76 72.62
CA GLU L 322 -30.60 -20.28 73.95
C GLU L 322 -31.74 -21.28 73.91
N LEU L 323 -32.67 -21.13 72.97
CA LEU L 323 -33.67 -22.18 72.74
C LEU L 323 -33.06 -23.39 72.04
N ALA L 324 -32.00 -23.20 71.26
CA ALA L 324 -31.38 -24.33 70.57
C ALA L 324 -30.63 -25.22 71.55
N GLU L 325 -29.99 -24.62 72.55
CA GLU L 325 -29.30 -25.42 73.55
C GLU L 325 -30.28 -26.12 74.47
N GLU L 326 -31.46 -25.54 74.70
CA GLU L 326 -32.45 -26.11 75.59
C GLU L 326 -33.49 -26.95 74.86
N GLY L 327 -33.24 -27.34 73.61
CA GLY L 327 -34.08 -28.29 72.93
C GLY L 327 -35.39 -27.74 72.40
N PHE L 328 -35.31 -26.77 71.49
CA PHE L 328 -36.50 -26.19 70.89
C PHE L 328 -36.23 -25.85 69.45
N ILE L 329 -37.24 -26.01 68.61
CA ILE L 329 -37.14 -25.69 67.18
C ILE L 329 -37.83 -24.35 67.02
N ALA L 330 -37.06 -23.27 67.16
CA ALA L 330 -37.64 -21.93 67.10
C ALA L 330 -37.69 -21.42 65.68
N LEU L 331 -38.59 -20.48 65.44
CA LEU L 331 -38.81 -19.89 64.11
C LEU L 331 -38.61 -18.39 64.21
N THR L 332 -37.42 -17.94 63.86
CA THR L 332 -37.18 -16.51 63.75
C THR L 332 -37.85 -15.97 62.50
N MET L 333 -38.39 -14.77 62.59
CA MET L 333 -39.16 -14.18 61.51
C MET L 333 -38.32 -13.10 60.85
N ARG L 334 -38.36 -13.04 59.52
CA ARG L 334 -37.60 -12.05 58.78
C ARG L 334 -38.30 -10.71 58.92
N LYS L 335 -37.79 -9.88 59.84
CA LYS L 335 -38.49 -8.68 60.30
C LYS L 335 -38.67 -7.68 59.17
N GLY L 336 -39.92 -7.50 58.76
CA GLY L 336 -40.26 -6.57 57.70
C GLY L 336 -40.77 -7.23 56.44
N SER L 337 -40.97 -8.53 56.43
CA SER L 337 -41.45 -9.22 55.25
C SER L 337 -42.31 -10.39 55.67
N ASP L 338 -42.61 -11.26 54.72
CA ASP L 338 -43.50 -12.40 54.92
C ASP L 338 -42.75 -13.73 54.90
N ASN L 339 -41.53 -13.73 55.44
CA ASN L 339 -40.71 -14.93 55.47
C ASN L 339 -40.28 -15.22 56.90
N ALA L 340 -39.82 -16.44 57.11
CA ALA L 340 -39.29 -16.85 58.39
C ALA L 340 -38.21 -17.89 58.12
N ALA L 341 -37.62 -18.41 59.19
CA ALA L 341 -36.53 -19.36 59.01
C ALA L 341 -36.36 -20.20 60.27
N PHE L 342 -36.05 -21.47 60.08
CA PHE L 342 -35.50 -22.30 61.14
C PHE L 342 -34.00 -22.27 61.05
N PHE L 343 -33.34 -22.47 62.18
CA PHE L 343 -31.89 -22.48 62.20
C PHE L 343 -31.29 -23.73 62.81
N SER L 344 -32.02 -24.45 63.65
CA SER L 344 -31.52 -25.64 64.31
C SER L 344 -32.71 -26.47 64.73
N ALA L 345 -32.75 -27.72 64.29
CA ALA L 345 -33.90 -28.58 64.54
C ALA L 345 -33.65 -29.53 65.69
N ASN L 346 -32.95 -29.09 66.73
CA ASN L 346 -32.52 -29.95 67.82
C ASN L 346 -33.70 -30.53 68.59
N SER L 347 -33.68 -31.84 68.79
CA SER L 347 -34.67 -32.49 69.62
C SER L 347 -34.40 -32.19 71.07
N ILE L 348 -35.33 -32.60 71.94
CA ILE L 348 -35.24 -32.22 73.35
C ILE L 348 -34.20 -33.00 74.12
N GLN L 349 -33.48 -33.92 73.48
CA GLN L 349 -32.53 -34.75 74.22
C GLN L 349 -31.29 -33.94 74.56
N LYS L 350 -30.72 -34.21 75.73
CA LYS L 350 -29.54 -33.46 76.12
C LYS L 350 -28.27 -34.21 75.78
N PRO L 351 -27.26 -33.52 75.29
CA PRO L 351 -25.96 -34.17 75.04
C PRO L 351 -25.30 -34.54 76.35
N LYS L 352 -25.21 -35.84 76.62
CA LYS L 352 -24.72 -36.30 77.91
C LYS L 352 -23.21 -36.11 78.00
N VAL L 353 -22.76 -35.50 79.08
CA VAL L 353 -21.34 -35.26 79.27
C VAL L 353 -20.66 -36.57 79.65
N PHE L 354 -19.77 -36.99 78.85
CA PHE L 354 -18.98 -38.19 79.01
C PHE L 354 -17.61 -37.83 79.60
N PRO L 355 -16.97 -38.74 80.33
CA PRO L 355 -15.70 -38.40 80.98
C PRO L 355 -14.57 -38.20 79.99
N ASN L 356 -13.52 -37.52 80.46
CA ASN L 356 -12.46 -37.04 79.58
C ASN L 356 -11.43 -38.09 79.22
N THR L 357 -11.88 -39.23 78.72
CA THR L 357 -10.97 -40.23 78.20
C THR L 357 -10.79 -40.03 76.71
N LYS L 358 -10.12 -40.97 76.05
CA LYS L 358 -10.02 -40.91 74.59
C LYS L 358 -11.34 -41.29 73.95
N GLU L 359 -11.98 -42.34 74.46
CA GLU L 359 -13.28 -42.75 73.95
C GLU L 359 -14.40 -41.86 74.46
N GLY L 360 -14.26 -41.27 75.64
CA GLY L 360 -15.31 -40.44 76.18
C GLY L 360 -15.42 -39.11 75.47
N LYS L 361 -14.27 -38.52 75.13
CA LYS L 361 -14.29 -37.31 74.32
C LYS L 361 -14.73 -37.60 72.90
N GLU L 362 -14.57 -38.84 72.45
CA GLU L 362 -15.08 -39.22 71.14
C GLU L 362 -16.57 -39.50 71.17
N ALA L 363 -17.02 -40.34 72.11
CA ALA L 363 -18.43 -40.73 72.15
C ALA L 363 -19.35 -39.58 72.54
N GLU L 364 -18.81 -38.53 73.17
CA GLU L 364 -19.61 -37.34 73.42
C GLU L 364 -19.99 -36.66 72.11
N THR L 365 -19.05 -36.62 71.16
CA THR L 365 -19.37 -36.05 69.85
C THR L 365 -20.19 -37.04 69.04
N ASN L 366 -20.10 -38.33 69.36
CA ASN L 366 -20.95 -39.31 68.71
C ASN L 366 -22.38 -39.24 69.20
N TYR L 367 -22.56 -39.11 70.52
CA TYR L 367 -23.90 -38.99 71.08
C TYR L 367 -24.55 -37.65 70.77
N LYS L 368 -23.74 -36.63 70.47
CA LYS L 368 -24.28 -35.33 70.12
C LYS L 368 -24.98 -35.37 68.78
N LEU L 369 -24.50 -36.21 67.86
CA LEU L 369 -25.13 -36.30 66.55
C LEU L 369 -26.49 -36.97 66.59
N GLY L 370 -26.77 -37.74 67.63
CA GLY L 370 -28.07 -38.36 67.73
C GLY L 370 -29.18 -37.38 68.03
N THR L 371 -28.90 -36.35 68.80
CA THR L 371 -29.95 -35.50 69.32
C THR L 371 -30.44 -34.46 68.33
N GLN L 372 -29.73 -34.26 67.21
CA GLN L 372 -29.90 -33.00 66.50
C GLN L 372 -31.11 -32.98 65.59
N LEU L 373 -31.55 -34.14 65.09
CA LEU L 373 -32.75 -34.35 64.27
C LEU L 373 -32.77 -33.56 62.95
N PRO L 374 -31.67 -33.48 62.20
CA PRO L 374 -31.92 -33.79 60.79
C PRO L 374 -31.32 -35.15 60.52
N TYR L 375 -30.45 -35.58 61.42
CA TYR L 375 -29.71 -36.82 61.23
C TYR L 375 -30.51 -38.04 61.63
N MET L 376 -31.50 -37.88 62.51
CA MET L 376 -32.44 -38.97 62.71
C MET L 376 -33.24 -39.24 61.45
N MET L 377 -33.57 -38.20 60.70
CA MET L 377 -34.44 -38.40 59.56
C MET L 377 -33.68 -39.00 58.37
N ILE L 378 -32.36 -39.04 58.40
CA ILE L 378 -31.65 -39.82 57.39
C ILE L 378 -31.34 -41.24 57.86
N ILE L 379 -31.70 -41.60 59.09
CA ILE L 379 -31.66 -42.99 59.52
C ILE L 379 -33.02 -43.53 59.90
N ASN L 380 -34.01 -42.69 60.11
CA ASN L 380 -35.37 -43.21 60.16
C ASN L 380 -35.75 -43.76 58.80
N ARG L 381 -35.32 -43.10 57.72
CA ARG L 381 -35.49 -43.67 56.39
C ARG L 381 -34.63 -44.91 56.21
N LEU L 382 -33.51 -45.00 56.90
CA LEU L 382 -32.76 -46.25 56.94
C LEU L 382 -33.28 -47.20 58.00
N ALA L 383 -34.47 -46.94 58.53
CA ALA L 383 -35.23 -47.96 59.22
C ALA L 383 -36.53 -48.25 58.51
N HIS L 384 -36.96 -47.36 57.63
CA HIS L 384 -38.18 -47.65 56.90
C HIS L 384 -37.90 -48.36 55.58
N TYR L 385 -36.83 -47.99 54.88
CA TYR L 385 -36.46 -48.75 53.69
C TYR L 385 -36.04 -50.15 54.03
N VAL L 386 -35.25 -50.31 55.10
CA VAL L 386 -34.59 -51.60 55.30
C VAL L 386 -35.56 -52.58 55.94
N LYS L 387 -36.56 -52.08 56.65
CA LYS L 387 -37.66 -52.91 57.11
C LYS L 387 -38.49 -53.43 55.95
N VAL L 388 -38.74 -52.59 54.97
CA VAL L 388 -39.52 -53.01 53.81
C VAL L 388 -38.70 -53.90 52.90
N LEU L 389 -37.42 -53.59 52.71
CA LEU L 389 -36.61 -54.29 51.72
C LEU L 389 -36.27 -55.69 52.18
N GLN L 390 -36.04 -55.88 53.47
CA GLN L 390 -35.80 -57.20 54.04
C GLN L 390 -37.07 -57.85 54.56
N ARG L 391 -38.23 -57.36 54.16
CA ARG L 391 -39.47 -58.08 54.40
C ARG L 391 -39.85 -58.95 53.23
N GLU L 392 -39.59 -58.47 52.01
CA GLU L 392 -39.83 -59.26 50.81
C GLU L 392 -38.93 -60.49 50.75
N GLN L 393 -37.78 -60.44 51.39
CA GLN L 393 -36.78 -61.47 51.22
C GLN L 393 -37.05 -62.72 52.04
N ILE L 394 -38.01 -62.70 52.97
CA ILE L 394 -38.24 -63.83 53.88
C ILE L 394 -38.70 -65.04 53.09
N GLY L 395 -37.98 -66.14 53.21
CA GLY L 395 -38.25 -67.32 52.43
C GLY L 395 -37.34 -67.54 51.26
N ALA L 396 -36.34 -66.68 51.07
CA ALA L 396 -35.47 -66.82 49.91
C ALA L 396 -34.41 -67.88 50.15
N TRP L 397 -33.44 -67.93 49.27
CA TRP L 397 -32.30 -68.80 49.40
C TRP L 397 -31.07 -67.91 49.48
N LYS L 398 -30.64 -67.62 50.69
CA LYS L 398 -29.67 -66.55 50.90
C LYS L 398 -28.52 -67.15 51.69
N GLU L 399 -27.50 -66.35 51.96
CA GLU L 399 -26.41 -66.71 52.85
C GLU L 399 -26.04 -65.49 53.66
N ARG L 400 -25.12 -65.67 54.61
CA ARG L 400 -24.55 -64.53 55.31
C ARG L 400 -23.74 -63.67 54.37
N GLN L 401 -22.95 -64.29 53.48
CA GLN L 401 -22.25 -63.54 52.46
C GLN L 401 -23.20 -62.91 51.47
N ASP L 402 -24.35 -63.53 51.23
CA ASP L 402 -25.36 -62.91 50.39
C ASP L 402 -26.10 -61.81 51.14
N LEU L 403 -26.20 -61.94 52.46
CA LEU L 403 -26.83 -60.88 53.23
C LEU L 403 -25.92 -59.65 53.31
N GLU L 404 -24.60 -59.85 53.40
CA GLU L 404 -23.67 -58.74 53.39
C GLU L 404 -23.71 -57.99 52.08
N ARG L 405 -23.98 -58.66 50.98
CA ARG L 405 -23.91 -58.08 49.64
C ARG L 405 -25.19 -57.39 49.24
N GLU L 406 -26.35 -57.93 49.62
CA GLU L 406 -27.61 -57.27 49.30
C GLU L 406 -27.83 -55.99 50.10
N LEU L 407 -27.03 -55.75 51.14
CA LEU L 407 -27.06 -54.49 51.86
C LEU L 407 -25.94 -53.54 51.49
N ASN L 408 -24.73 -54.05 51.23
CA ASN L 408 -23.63 -53.18 50.87
C ASN L 408 -23.79 -52.62 49.46
N SER L 409 -24.28 -53.44 48.54
CA SER L 409 -24.56 -52.91 47.20
C SER L 409 -25.83 -52.09 47.17
N TRP L 410 -26.63 -52.12 48.23
CA TRP L 410 -27.81 -51.29 48.30
C TRP L 410 -27.54 -49.91 48.87
N ILE L 411 -26.85 -49.81 50.01
CA ILE L 411 -26.69 -48.51 50.64
C ILE L 411 -25.58 -47.70 49.98
N LYS L 412 -24.75 -48.31 49.16
CA LYS L 412 -23.72 -47.53 48.47
C LYS L 412 -24.23 -46.86 47.21
N GLN L 413 -25.55 -46.72 47.06
CA GLN L 413 -26.10 -45.69 46.20
C GLN L 413 -26.57 -44.48 47.01
N TYR L 414 -26.47 -44.55 48.33
CA TYR L 414 -26.75 -43.43 49.21
C TYR L 414 -25.48 -42.84 49.81
N VAL L 415 -24.32 -43.43 49.50
CA VAL L 415 -23.06 -43.05 50.09
C VAL L 415 -22.22 -42.36 49.04
N ALA L 416 -21.80 -41.13 49.30
CA ALA L 416 -20.87 -40.41 48.45
C ALA L 416 -19.66 -40.07 49.29
N ASP L 417 -18.74 -41.03 49.40
CA ASP L 417 -17.57 -40.89 50.26
C ASP L 417 -16.58 -39.98 49.57
N GLN L 418 -16.77 -38.69 49.77
CA GLN L 418 -16.12 -37.69 48.96
C GLN L 418 -16.07 -36.41 49.78
N GLU L 419 -14.93 -35.71 49.73
CA GLU L 419 -14.73 -34.58 50.63
C GLU L 419 -15.55 -33.38 50.21
N ASN L 420 -15.63 -33.10 48.92
CA ASN L 420 -16.41 -31.98 48.41
C ASN L 420 -17.15 -32.39 47.14
N PRO L 421 -18.27 -33.09 47.27
CA PRO L 421 -19.09 -33.36 46.10
C PRO L 421 -19.95 -32.14 45.81
N PRO L 422 -20.60 -32.07 44.64
CA PRO L 422 -21.50 -30.95 44.36
C PRO L 422 -22.72 -30.94 45.27
N ALA L 423 -23.46 -29.83 45.20
CA ALA L 423 -24.56 -29.60 46.13
C ALA L 423 -25.76 -30.52 45.88
N ASP L 424 -25.80 -31.22 44.75
CA ASP L 424 -26.85 -32.19 44.52
C ASP L 424 -26.45 -33.59 44.96
N VAL L 425 -25.16 -33.91 44.91
CA VAL L 425 -24.70 -35.23 45.34
C VAL L 425 -24.74 -35.32 46.86
N ARG L 426 -24.65 -34.18 47.56
CA ARG L 426 -24.70 -34.19 49.00
C ARG L 426 -26.08 -34.50 49.54
N SER L 427 -27.12 -34.11 48.82
CA SER L 427 -28.47 -34.28 49.36
C SER L 427 -29.21 -35.46 48.75
N ARG L 428 -28.90 -35.84 47.51
CA ARG L 428 -29.40 -37.12 47.01
C ARG L 428 -28.74 -38.29 47.72
N ARG L 429 -27.48 -38.14 48.12
CA ARG L 429 -26.75 -39.17 48.84
C ARG L 429 -26.34 -38.57 50.19
N PRO L 430 -27.24 -38.59 51.17
CA PRO L 430 -26.98 -37.85 52.41
C PRO L 430 -25.96 -38.49 53.30
N LEU L 431 -25.69 -39.77 53.14
CA LEU L 431 -24.67 -40.43 53.95
C LEU L 431 -23.30 -40.10 53.40
N ARG L 432 -22.28 -40.47 54.15
CA ARG L 432 -20.91 -40.27 53.74
C ARG L 432 -20.08 -41.55 53.82
N ALA L 433 -20.34 -42.40 54.82
CA ALA L 433 -19.73 -43.71 54.88
C ALA L 433 -20.64 -44.63 55.67
N ALA L 434 -20.60 -45.92 55.32
CA ALA L 434 -21.51 -46.87 55.95
C ALA L 434 -20.81 -48.21 56.10
N ARG L 435 -20.82 -48.75 57.32
CA ARG L 435 -20.19 -50.02 57.64
C ARG L 435 -21.27 -51.02 57.97
N ILE L 436 -21.19 -52.22 57.40
CA ILE L 436 -22.16 -53.27 57.67
C ILE L 436 -21.41 -54.53 58.06
N GLU L 437 -21.63 -55.00 59.28
CA GLU L 437 -20.92 -56.16 59.82
C GLU L 437 -21.97 -57.19 60.20
N VAL L 438 -22.19 -58.16 59.32
CA VAL L 438 -23.18 -59.19 59.57
C VAL L 438 -22.55 -60.31 60.38
N MET L 439 -23.19 -60.68 61.48
CA MET L 439 -22.74 -61.74 62.37
C MET L 439 -23.82 -62.83 62.39
N ASP L 440 -23.64 -63.82 63.24
CA ASP L 440 -24.60 -64.91 63.36
C ASP L 440 -25.24 -64.91 64.73
N VAL L 441 -26.17 -65.83 64.92
CA VAL L 441 -26.69 -66.17 66.24
C VAL L 441 -26.57 -67.68 66.40
N GLU L 442 -25.79 -68.10 67.38
CA GLU L 442 -25.61 -69.52 67.63
C GLU L 442 -26.79 -70.06 68.43
N GLY L 443 -26.91 -71.38 68.43
CA GLY L 443 -28.04 -72.03 69.07
C GLY L 443 -29.19 -72.24 68.12
N ASN L 444 -29.76 -71.14 67.63
CA ASN L 444 -30.73 -71.17 66.53
C ASN L 444 -30.04 -70.59 65.32
N PRO L 445 -29.49 -71.40 64.43
CA PRO L 445 -28.67 -70.85 63.36
C PRO L 445 -29.51 -70.26 62.25
N GLY L 446 -29.04 -69.14 61.71
CA GLY L 446 -29.75 -68.39 60.70
C GLY L 446 -30.52 -67.20 61.23
N TRP L 447 -29.86 -66.41 62.07
CA TRP L 447 -30.43 -65.20 62.65
C TRP L 447 -29.26 -64.23 62.75
N TYR L 448 -29.42 -63.03 62.22
CA TYR L 448 -28.27 -62.25 61.76
C TYR L 448 -28.19 -60.87 62.42
N GLN L 449 -27.23 -60.71 63.30
CA GLN L 449 -27.08 -59.44 64.03
C GLN L 449 -26.15 -58.57 63.22
N VAL L 450 -26.70 -57.76 62.31
CA VAL L 450 -25.86 -56.96 61.45
C VAL L 450 -25.80 -55.57 62.06
N SER L 451 -24.75 -54.81 61.77
CA SER L 451 -24.58 -53.51 62.41
C SER L 451 -24.34 -52.43 61.36
N LEU L 452 -25.42 -51.88 60.82
CA LEU L 452 -25.31 -50.78 59.86
C LEU L 452 -24.89 -49.50 60.57
N SER L 453 -23.73 -48.97 60.19
CA SER L 453 -23.10 -47.83 60.87
C SER L 453 -22.90 -46.69 59.89
N VAL L 454 -23.93 -45.88 59.68
CA VAL L 454 -23.86 -44.81 58.70
C VAL L 454 -23.19 -43.59 59.29
N ARG L 455 -22.90 -42.59 58.45
CA ARG L 455 -22.21 -41.40 58.86
C ARG L 455 -22.62 -40.28 57.93
N PRO L 456 -23.01 -39.14 58.44
CA PRO L 456 -23.58 -38.10 57.58
C PRO L 456 -22.58 -37.04 57.18
N HIS L 457 -22.99 -36.12 56.32
CA HIS L 457 -22.23 -34.90 56.10
C HIS L 457 -22.58 -33.87 57.16
N PHE L 458 -21.80 -32.79 57.20
CA PHE L 458 -21.88 -31.82 58.29
C PHE L 458 -22.16 -30.43 57.72
N LYS L 459 -23.19 -29.79 58.27
CA LYS L 459 -23.68 -28.50 57.81
C LYS L 459 -22.89 -27.35 58.45
N TYR L 460 -23.42 -26.14 58.34
CA TYR L 460 -22.73 -24.88 58.60
C TYR L 460 -23.38 -24.19 59.79
N MET L 461 -22.66 -24.03 60.89
CA MET L 461 -23.23 -23.42 62.09
C MET L 461 -22.16 -22.75 62.94
N GLY L 462 -22.15 -21.42 62.92
CA GLY L 462 -21.27 -20.61 63.74
C GLY L 462 -19.81 -20.48 63.31
N ALA L 463 -19.24 -19.30 63.50
CA ALA L 463 -17.83 -19.02 63.23
C ALA L 463 -17.39 -17.89 64.15
N ASN L 464 -16.25 -17.25 63.86
CA ASN L 464 -15.82 -16.21 64.79
C ASN L 464 -15.53 -14.85 64.18
N PHE L 465 -14.81 -14.78 63.05
CA PHE L 465 -14.58 -13.55 62.26
C PHE L 465 -13.91 -12.44 63.09
N GLU L 466 -12.71 -12.73 63.57
CA GLU L 466 -12.01 -11.86 64.52
C GLU L 466 -11.23 -10.77 63.79
N LEU L 467 -11.90 -9.67 63.48
CA LEU L 467 -11.34 -8.60 62.66
C LEU L 467 -10.21 -7.86 63.35
N SER L 468 -9.44 -7.14 62.53
CA SER L 468 -8.25 -6.39 62.90
C SER L 468 -7.86 -5.56 61.69
N LEU L 469 -6.89 -4.68 61.85
CA LEU L 469 -6.22 -4.17 60.66
C LEU L 469 -4.73 -4.48 60.74
N VAL L 470 -4.14 -4.70 59.57
CA VAL L 470 -2.72 -4.95 59.44
C VAL L 470 -1.95 -3.69 59.08
N GLY L 471 -2.48 -2.91 58.14
CA GLY L 471 -1.87 -1.66 57.75
C GLY L 471 -1.01 -1.73 56.50
N ARG L 472 -0.21 -2.78 56.36
CA ARG L 472 0.61 -2.98 55.17
C ARG L 472 0.08 -4.09 54.28
N LEU L 473 -0.26 -5.25 54.86
CA LEU L 473 -0.73 -6.37 54.06
C LEU L 473 -2.21 -6.25 53.79
N SER M 1 -9.60 -2.07 79.29
CA SER M 1 -8.96 -2.61 78.09
C SER M 1 -9.67 -3.87 77.64
N LYS M 2 -10.98 -3.79 77.46
CA LYS M 2 -11.79 -4.92 77.01
C LYS M 2 -12.77 -4.42 75.95
N GLU M 3 -12.75 -5.06 74.79
CA GLU M 3 -13.73 -4.77 73.76
C GLU M 3 -15.10 -5.26 74.20
N GLY M 4 -16.12 -4.41 74.06
CA GLY M 4 -17.47 -4.84 74.31
C GLY M 4 -17.91 -5.82 73.24
N SER M 5 -18.25 -7.04 73.64
CA SER M 5 -18.70 -8.07 72.72
C SER M 5 -20.04 -8.61 73.21
N VAL M 6 -20.63 -9.47 72.40
CA VAL M 6 -21.92 -10.06 72.69
C VAL M 6 -21.71 -11.48 73.17
N ALA M 7 -22.79 -12.11 73.61
CA ALA M 7 -22.72 -13.51 73.95
C ALA M 7 -22.51 -14.34 72.69
N PRO M 8 -21.64 -15.35 72.72
CA PRO M 8 -21.41 -16.17 71.53
C PRO M 8 -22.61 -17.07 71.25
N LYS M 9 -22.72 -17.48 69.99
CA LYS M 9 -23.94 -18.11 69.52
C LYS M 9 -23.73 -18.74 68.14
N GLU M 10 -24.81 -19.36 67.60
CA GLU M 10 -24.85 -19.93 66.25
C GLU M 10 -24.92 -18.83 65.22
N ARG M 11 -25.27 -17.65 65.66
CA ARG M 11 -25.08 -16.51 64.80
C ARG M 11 -23.64 -16.10 64.93
N ILE M 12 -23.22 -15.20 64.06
CA ILE M 12 -21.83 -14.91 63.88
C ILE M 12 -21.47 -13.68 64.72
N ASN M 13 -20.30 -13.69 65.33
CA ASN M 13 -20.01 -12.65 66.31
C ASN M 13 -18.79 -11.80 65.93
N ILE M 14 -19.06 -10.79 65.11
CA ILE M 14 -18.04 -9.86 64.63
C ILE M 14 -17.58 -8.96 65.77
N LYS M 15 -16.27 -8.87 65.97
CA LYS M 15 -15.70 -7.91 66.90
C LYS M 15 -14.50 -7.24 66.25
N TYR M 16 -14.78 -5.92 66.12
CA TYR M 16 -13.78 -5.05 65.53
C TYR M 16 -12.55 -5.33 66.36
N ILE M 17 -11.55 -5.85 65.68
CA ILE M 17 -10.30 -6.01 66.38
C ILE M 17 -9.57 -4.72 66.17
N PRO M 18 -9.66 -3.82 67.18
CA PRO M 18 -8.81 -2.65 67.01
C PRO M 18 -7.38 -3.07 66.94
N ALA M 19 -7.10 -4.24 67.46
CA ALA M 19 -5.78 -4.77 67.37
C ALA M 19 -5.51 -5.13 65.94
N THR M 20 -4.18 -5.25 65.68
CA THR M 20 -3.60 -5.91 64.53
C THR M 20 -3.23 -7.29 65.06
N GLY M 21 -2.39 -8.12 64.37
CA GLY M 21 -2.15 -9.42 64.98
C GLY M 21 -0.85 -10.07 64.53
N ASP M 22 -0.33 -10.99 65.39
CA ASP M 22 0.89 -11.75 65.19
C ASP M 22 0.59 -13.14 64.72
N ALA M 23 1.57 -14.07 64.97
CA ALA M 23 1.55 -15.47 64.60
C ALA M 23 2.33 -16.27 65.63
N GLN M 24 2.37 -17.63 65.49
CA GLN M 24 3.06 -18.49 66.43
C GLN M 24 3.73 -19.66 65.71
N ALA M 25 4.57 -20.45 66.44
CA ALA M 25 5.29 -21.59 65.90
C ALA M 25 5.45 -22.65 66.97
N GLU M 26 5.81 -23.91 66.59
CA GLU M 26 6.01 -25.01 67.53
C GLU M 26 7.14 -25.93 67.07
N VAL M 27 7.66 -26.80 67.99
CA VAL M 27 8.78 -27.71 67.78
C VAL M 27 8.58 -29.02 68.54
N GLU M 28 9.69 -29.77 68.82
CA GLU M 28 9.77 -31.04 69.55
C GLU M 28 9.91 -30.67 71.01
N LEU M 29 10.75 -31.32 71.81
CA LEU M 29 11.07 -30.75 73.11
C LEU M 29 11.68 -29.37 72.84
N PRO M 30 11.08 -28.28 73.34
CA PRO M 30 11.56 -26.94 73.06
C PRO M 30 13.02 -26.84 73.52
N LEU M 31 13.79 -25.98 72.85
CA LEU M 31 15.11 -25.57 73.32
C LEU M 31 14.94 -24.91 74.66
N LYS M 32 14.98 -25.68 75.74
CA LYS M 32 14.78 -25.12 77.08
C LYS M 32 16.11 -24.64 77.64
N THR M 33 16.14 -23.39 78.08
CA THR M 33 17.29 -22.81 78.74
C THR M 33 16.96 -22.58 80.20
N LEU M 34 18.00 -22.59 81.03
CA LEU M 34 17.83 -22.35 82.46
C LEU M 34 18.63 -21.10 82.79
N VAL M 35 17.93 -19.99 83.01
CA VAL M 35 18.59 -18.75 83.38
C VAL M 35 18.85 -18.80 84.88
N VAL M 36 20.12 -18.82 85.26
CA VAL M 36 20.49 -18.95 86.66
C VAL M 36 21.21 -17.67 87.07
N GLY M 37 20.97 -17.23 88.30
CA GLY M 37 21.56 -15.99 88.75
C GLY M 37 20.69 -15.30 89.78
N ASP M 38 21.31 -14.34 90.47
CA ASP M 38 20.73 -13.63 91.61
C ASP M 38 19.57 -12.77 91.14
N PHE M 39 18.36 -13.12 91.55
CA PHE M 39 17.17 -12.44 91.07
C PHE M 39 16.41 -11.71 92.16
N LYS M 40 16.83 -11.84 93.42
CA LYS M 40 16.19 -11.14 94.53
C LYS M 40 17.28 -10.45 95.35
N GLY M 41 16.87 -9.81 96.44
CA GLY M 41 17.79 -8.96 97.17
C GLY M 41 18.35 -9.55 98.44
N HIS M 42 18.47 -10.88 98.51
CA HIS M 42 19.00 -11.53 99.71
C HIS M 42 19.57 -12.87 99.31
N ALA M 43 19.84 -13.71 100.31
CA ALA M 43 20.26 -15.09 100.13
C ALA M 43 19.30 -15.99 100.89
N GLU M 44 18.57 -16.83 100.16
CA GLU M 44 17.53 -17.66 100.76
C GLU M 44 18.13 -18.75 101.62
N GLN M 45 17.50 -19.02 102.76
CA GLN M 45 18.05 -19.98 103.72
C GLN M 45 17.80 -21.43 103.34
N THR M 46 16.90 -21.71 102.39
CA THR M 46 16.71 -23.11 102.02
C THR M 46 17.88 -23.58 101.14
N PRO M 47 18.31 -24.83 101.28
CA PRO M 47 19.38 -25.34 100.41
C PRO M 47 18.88 -25.49 98.98
N LEU M 48 19.84 -25.68 98.09
CA LEU M 48 19.54 -25.57 96.66
C LEU M 48 18.68 -26.72 96.16
N GLU M 49 18.85 -27.91 96.73
CA GLU M 49 18.16 -29.09 96.22
C GLU M 49 16.67 -29.10 96.53
N GLU M 50 16.14 -28.14 97.28
CA GLU M 50 14.72 -28.10 97.59
C GLU M 50 13.97 -26.99 96.91
N ARG M 51 14.64 -25.89 96.56
CA ARG M 51 13.95 -24.80 95.89
C ARG M 51 13.67 -25.17 94.44
N ALA M 52 12.76 -24.43 93.83
CA ALA M 52 12.20 -24.83 92.55
C ALA M 52 12.58 -23.87 91.45
N THR M 53 12.39 -24.31 90.21
CA THR M 53 12.55 -23.50 89.01
C THR M 53 11.18 -23.14 88.47
N VAL M 54 10.99 -21.88 88.12
CA VAL M 54 9.72 -21.40 87.62
C VAL M 54 9.85 -21.15 86.11
N THR M 55 8.80 -21.47 85.37
CA THR M 55 8.78 -21.32 83.92
C THR M 55 8.10 -20.02 83.56
N VAL M 56 8.79 -19.21 82.75
CA VAL M 56 8.36 -17.85 82.41
C VAL M 56 8.16 -17.77 80.91
N ASP M 57 6.98 -17.35 80.48
CA ASP M 57 6.88 -16.87 79.10
C ASP M 57 6.29 -15.47 79.10
N LYS M 58 5.93 -14.96 77.92
CA LYS M 58 5.51 -13.57 77.80
C LYS M 58 4.19 -13.31 78.52
N ASN M 59 3.34 -14.31 78.63
CA ASN M 59 2.03 -14.11 79.25
C ASN M 59 2.07 -14.16 80.76
N ASN M 60 3.00 -14.93 81.35
CA ASN M 60 3.02 -15.07 82.79
C ASN M 60 4.18 -14.35 83.45
N PHE M 61 4.83 -13.42 82.75
CA PHE M 61 5.93 -12.70 83.37
C PHE M 61 5.45 -11.74 84.44
N GLU M 62 4.23 -11.24 84.31
CA GLU M 62 3.67 -10.35 85.33
C GLU M 62 3.26 -11.10 86.59
N ALA M 63 3.01 -12.41 86.48
CA ALA M 63 2.65 -13.22 87.63
C ALA M 63 3.87 -13.81 88.33
N VAL M 64 4.95 -14.07 87.59
CA VAL M 64 6.19 -14.53 88.21
C VAL M 64 6.84 -13.39 88.99
N MET M 65 6.74 -12.16 88.47
CA MET M 65 7.31 -11.02 89.18
C MET M 65 6.53 -10.68 90.44
N ARG M 66 5.20 -10.88 90.42
CA ARG M 66 4.40 -10.55 91.57
C ARG M 66 4.60 -11.55 92.71
N GLU M 67 4.70 -12.83 92.38
CA GLU M 67 4.84 -13.86 93.41
C GLU M 67 6.27 -14.03 93.90
N SER M 68 7.24 -13.36 93.29
CA SER M 68 8.59 -13.39 93.82
C SER M 68 8.71 -12.57 95.10
N GLU M 69 7.94 -11.50 95.19
CA GLU M 69 8.01 -10.48 96.25
C GLU M 69 9.41 -9.88 96.35
N LEU M 70 9.81 -9.20 95.28
CA LEU M 70 11.08 -8.49 95.28
C LEU M 70 10.96 -7.27 96.19
N LYS M 71 11.39 -7.42 97.44
CA LYS M 71 11.30 -6.36 98.44
C LYS M 71 12.70 -5.79 98.65
N ILE M 72 12.95 -4.61 98.09
CA ILE M 72 14.25 -3.97 98.16
C ILE M 72 14.20 -2.93 99.27
N THR M 73 14.93 -3.19 100.36
CA THR M 73 15.02 -2.29 101.51
C THR M 73 16.46 -1.83 101.63
N ALA M 74 16.70 -0.54 101.41
CA ALA M 74 18.04 0.00 101.49
C ALA M 74 17.98 1.43 102.03
N THR M 75 19.13 1.90 102.49
CA THR M 75 19.27 3.25 103.01
C THR M 75 19.96 4.10 101.95
N VAL M 76 19.26 5.12 101.44
CA VAL M 76 19.78 5.97 100.40
C VAL M 76 19.92 7.40 100.94
N LYS M 77 20.53 8.25 100.13
CA LYS M 77 20.84 9.61 100.55
C LYS M 77 19.60 10.49 100.51
N ASN M 78 19.48 11.35 101.52
CA ASN M 78 18.35 12.27 101.65
C ASN M 78 18.71 13.58 100.93
N LYS M 79 18.03 13.84 99.82
CA LYS M 79 18.20 15.10 99.08
C LYS M 79 16.91 15.92 99.06
N LEU M 80 16.06 15.74 100.07
CA LEU M 80 14.80 16.48 100.17
C LEU M 80 14.92 17.69 101.09
N THR M 81 16.06 17.90 101.72
CA THR M 81 16.25 19.05 102.61
C THR M 81 17.63 19.66 102.37
N ASP M 82 18.04 20.60 103.21
CA ASP M 82 19.32 21.27 103.05
C ASP M 82 20.48 20.51 103.69
N ASP M 83 20.27 19.27 104.12
CA ASP M 83 21.30 18.47 104.75
C ASP M 83 21.98 17.59 103.71
N GLU M 84 23.31 17.63 103.68
CA GLU M 84 24.10 16.75 102.84
C GLU M 84 24.35 15.40 103.50
N ASN M 85 24.52 15.40 104.83
CA ASN M 85 24.85 14.19 105.58
C ASN M 85 23.62 13.49 106.15
N ALA M 86 22.47 13.63 105.50
CA ALA M 86 21.26 12.95 105.92
C ALA M 86 21.00 11.73 105.05
N GLU M 87 20.41 10.71 105.66
CA GLU M 87 20.07 9.47 104.96
C GLU M 87 18.60 9.15 105.18
N LEU M 88 18.03 8.39 104.25
CA LEU M 88 16.61 8.09 104.33
C LEU M 88 16.33 6.70 103.77
N PRO M 89 16.04 5.71 104.62
CA PRO M 89 15.71 4.38 104.10
C PRO M 89 14.35 4.36 103.43
N VAL M 90 14.18 3.40 102.51
CA VAL M 90 12.96 3.26 101.72
C VAL M 90 12.39 1.86 101.94
N GLU M 91 11.19 1.65 101.40
CA GLU M 91 10.50 0.38 101.46
C GLU M 91 9.78 0.16 100.13
N LEU M 92 10.20 -0.87 99.39
CA LEU M 92 9.73 -1.09 98.03
C LEU M 92 9.03 -2.44 97.92
N ASN M 93 7.90 -2.44 97.21
CA ASN M 93 7.15 -3.66 96.94
C ASN M 93 6.82 -3.67 95.46
N PHE M 94 7.37 -4.63 94.72
CA PHE M 94 7.29 -4.66 93.28
C PHE M 94 6.37 -5.80 92.85
N LYS M 95 5.35 -5.48 92.07
CA LYS M 95 4.41 -6.47 91.58
C LYS M 95 4.24 -6.47 90.07
N SER M 96 4.70 -5.44 89.37
CA SER M 96 4.62 -5.37 87.92
C SER M 96 5.87 -4.71 87.37
N LEU M 97 6.03 -4.78 86.06
CA LEU M 97 7.17 -4.13 85.41
C LEU M 97 7.10 -2.61 85.49
N ALA M 98 5.89 -2.05 85.63
CA ALA M 98 5.72 -0.61 85.83
C ALA M 98 6.08 -0.16 87.24
N ASP M 99 6.35 -1.09 88.17
CA ASP M 99 6.80 -0.70 89.50
C ASP M 99 8.26 -0.29 89.53
N PHE M 100 9.03 -0.55 88.47
CA PHE M 100 10.37 0.03 88.37
C PHE M 100 10.32 1.51 88.02
N ALA M 101 9.22 1.97 87.41
CA ALA M 101 9.10 3.35 86.97
C ALA M 101 8.95 4.29 88.16
N PRO M 102 9.41 5.54 88.04
CA PRO M 102 9.33 6.48 89.17
C PRO M 102 7.92 6.92 89.55
N ASP M 103 6.90 6.56 88.78
CA ASP M 103 5.53 6.82 89.22
C ASP M 103 5.15 5.90 90.37
N ALA M 104 5.60 4.65 90.33
CA ALA M 104 5.27 3.68 91.38
C ALA M 104 6.37 3.55 92.42
N VAL M 105 7.59 4.01 92.16
CA VAL M 105 8.61 4.01 93.19
C VAL M 105 8.37 5.15 94.17
N ALA M 106 8.07 6.34 93.65
CA ALA M 106 7.75 7.48 94.51
C ALA M 106 6.42 7.32 95.23
N SER M 107 5.49 6.54 94.66
CA SER M 107 4.23 6.26 95.34
C SER M 107 4.41 5.34 96.54
N GLN M 108 5.48 4.57 96.57
CA GLN M 108 5.77 3.69 97.69
C GLN M 108 6.68 4.34 98.72
N VAL M 109 7.16 5.54 98.47
CA VAL M 109 7.93 6.31 99.43
C VAL M 109 7.02 7.37 100.02
N PRO M 110 6.72 7.32 101.32
CA PRO M 110 5.77 8.30 101.90
C PRO M 110 6.31 9.73 101.92
N GLU M 111 7.63 9.92 101.88
CA GLU M 111 8.16 11.27 101.78
C GLU M 111 7.97 11.86 100.39
N LEU M 112 7.72 11.01 99.39
CA LEU M 112 7.43 11.47 98.04
C LEU M 112 5.96 11.38 97.69
N LYS M 113 5.13 10.76 98.53
CA LYS M 113 3.69 10.80 98.33
C LYS M 113 3.14 12.19 98.59
N LYS M 114 3.77 12.95 99.49
CA LYS M 114 3.36 14.32 99.78
C LYS M 114 3.90 15.31 98.77
N LEU M 115 4.89 14.93 97.97
CA LEU M 115 5.41 15.85 96.96
C LEU M 115 4.71 15.72 95.62
N ILE M 116 4.24 14.53 95.27
CA ILE M 116 3.38 14.40 94.10
C ILE M 116 2.01 14.99 94.40
N GLU M 117 1.52 14.80 95.62
CA GLU M 117 0.28 15.45 96.06
C GLU M 117 0.45 16.96 96.11
N LEU M 118 1.66 17.43 96.40
CA LEU M 118 1.94 18.86 96.29
C LEU M 118 1.86 19.33 94.84
N ARG M 119 2.38 18.52 93.91
CA ARG M 119 2.34 18.91 92.50
C ARG M 119 0.94 18.81 91.92
N GLU M 120 0.19 17.78 92.31
CA GLU M 120 -1.19 17.63 91.88
C GLU M 120 -2.07 18.77 92.38
N ALA M 121 -1.75 19.31 93.55
CA ALA M 121 -2.41 20.51 94.04
C ALA M 121 -2.00 21.76 93.28
N LEU M 122 -0.81 21.78 92.68
CA LEU M 122 -0.37 22.93 91.91
C LEU M 122 -0.82 22.88 90.45
N VAL M 123 -0.97 21.67 89.88
CA VAL M 123 -1.55 21.55 88.55
C VAL M 123 -3.03 21.88 88.59
N ALA M 124 -3.70 21.57 89.70
CA ALA M 124 -5.11 21.92 89.86
C ALA M 124 -5.31 23.43 89.97
N LEU M 125 -4.29 24.16 90.45
CA LEU M 125 -4.42 25.60 90.60
C LEU M 125 -4.32 26.31 89.26
N LYS M 126 -3.46 25.82 88.36
CA LYS M 126 -3.07 26.56 87.16
C LYS M 126 -4.24 26.74 86.18
N GLY M 127 -5.19 25.81 86.18
CA GLY M 127 -6.36 25.89 85.33
C GLY M 127 -7.24 27.10 85.62
N PRO M 128 -7.85 27.14 86.80
CA PRO M 128 -8.65 28.31 87.19
C PRO M 128 -7.85 29.51 87.67
N LEU M 129 -6.53 29.56 87.46
CA LEU M 129 -5.74 30.69 87.95
C LEU M 129 -5.86 31.89 87.02
N GLY M 130 -5.40 31.75 85.78
CA GLY M 130 -5.38 32.85 84.83
C GLY M 130 -6.68 33.11 84.11
N ASN M 131 -7.74 32.37 84.43
CA ASN M 131 -9.03 32.58 83.78
C ASN M 131 -9.84 33.67 84.48
N ILE M 132 -9.87 33.66 85.80
CA ILE M 132 -10.58 34.67 86.58
C ILE M 132 -9.55 35.68 87.08
N PRO M 133 -9.60 36.94 86.64
CA PRO M 133 -8.64 37.95 87.11
C PRO M 133 -8.96 38.55 88.46
N ALA M 134 -9.91 38.00 89.22
CA ALA M 134 -10.22 38.47 90.56
C ALA M 134 -9.42 37.74 91.64
N PHE M 135 -8.54 36.82 91.25
CA PHE M 135 -7.70 36.13 92.22
C PHE M 135 -6.63 37.05 92.77
N ARG M 136 -6.00 37.86 91.90
CA ARG M 136 -4.99 38.81 92.36
C ARG M 136 -5.58 39.97 93.14
N GLU M 137 -6.88 40.21 93.01
CA GLU M 137 -7.54 41.24 93.80
C GLU M 137 -7.60 40.85 95.27
N ARG M 138 -7.72 39.56 95.56
CA ARG M 138 -7.75 39.08 96.93
C ARG M 138 -6.40 38.57 97.42
N LEU M 139 -5.38 38.52 96.54
CA LEU M 139 -4.02 38.34 97.02
C LEU M 139 -3.54 39.58 97.76
N GLN M 140 -3.98 40.76 97.32
CA GLN M 140 -3.67 41.98 98.05
C GLN M 140 -4.51 42.11 99.31
N SER M 141 -5.68 41.48 99.34
CA SER M 141 -6.47 41.43 100.57
C SER M 141 -5.83 40.48 101.58
N LEU M 142 -5.26 39.37 101.10
CA LEU M 142 -4.42 38.54 101.96
C LEU M 142 -3.11 39.22 102.31
N LEU M 143 -2.64 40.14 101.47
CA LEU M 143 -1.52 41.00 101.84
C LEU M 143 -1.93 41.99 102.93
N ASN M 144 -3.20 42.43 102.91
CA ASN M 144 -3.70 43.31 103.96
C ASN M 144 -4.05 42.53 105.22
N SER M 145 -4.87 41.49 105.08
CA SER M 145 -5.31 40.68 106.22
C SER M 145 -4.26 39.60 106.46
N GLU M 146 -3.24 39.95 107.25
CA GLU M 146 -2.18 39.00 107.58
C GLU M 146 -2.52 38.12 108.77
N GLU M 147 -3.41 38.57 109.65
CA GLU M 147 -3.72 37.81 110.85
C GLU M 147 -4.65 36.63 110.54
N SER M 148 -5.71 36.88 109.77
CA SER M 148 -6.64 35.81 109.42
C SER M 148 -6.08 34.85 108.39
N ARG M 149 -5.04 35.24 107.65
CA ARG M 149 -4.45 34.35 106.67
C ARG M 149 -3.63 33.25 107.34
N GLU M 150 -2.81 33.62 108.33
CA GLU M 150 -1.95 32.66 109.02
C GLU M 150 -2.73 31.74 109.93
N LYS M 151 -3.94 32.14 110.36
CA LYS M 151 -4.78 31.24 111.14
C LYS M 151 -5.37 30.13 110.27
N LEU M 152 -5.51 30.38 108.98
CA LEU M 152 -6.08 29.40 108.06
C LEU M 152 -5.03 28.53 107.39
N LEU M 153 -3.76 28.94 107.41
CA LEU M 153 -2.70 28.10 106.83
C LEU M 153 -2.41 26.88 107.67
N ALA M 154 -2.62 26.97 108.99
CA ALA M 154 -2.41 25.82 109.86
C ALA M 154 -3.50 24.77 109.72
N GLU M 155 -4.67 25.15 109.24
CA GLU M 155 -5.77 24.22 109.03
C GLU M 155 -5.52 23.37 107.78
N SER N 1 61.23 -1.06 51.32
CA SER N 1 60.43 -1.74 50.30
C SER N 1 59.45 -2.72 50.94
N LYS N 2 58.65 -2.21 51.88
CA LYS N 2 57.64 -3.01 52.56
C LYS N 2 56.35 -2.20 52.65
N GLU N 3 55.26 -2.77 52.16
CA GLU N 3 53.95 -2.16 52.31
C GLU N 3 53.54 -2.20 53.78
N GLY N 4 53.07 -1.07 54.29
CA GLY N 4 52.49 -1.05 55.62
C GLY N 4 51.19 -1.81 55.64
N SER N 5 51.13 -2.87 56.43
CA SER N 5 49.92 -3.67 56.57
C SER N 5 49.53 -3.78 58.03
N VAL N 6 48.39 -4.38 58.28
CA VAL N 6 47.85 -4.54 59.63
C VAL N 6 48.10 -5.97 60.07
N ALA N 7 47.79 -6.23 61.33
CA ALA N 7 47.85 -7.59 61.82
C ALA N 7 46.73 -8.41 61.19
N PRO N 8 47.01 -9.64 60.75
CA PRO N 8 45.96 -10.46 60.13
C PRO N 8 44.95 -10.93 61.16
N LYS N 9 43.74 -11.24 60.67
CA LYS N 9 42.60 -11.44 61.56
C LYS N 9 41.43 -12.06 60.79
N GLU N 10 40.32 -12.30 61.53
CA GLU N 10 39.05 -12.78 60.96
C GLU N 10 38.37 -11.69 60.17
N ARG N 11 38.77 -10.47 60.39
CA ARG N 11 38.38 -9.44 59.50
C ARG N 11 39.31 -9.50 58.30
N ILE N 12 38.96 -8.76 57.27
CA ILE N 12 39.58 -8.92 55.98
C ILE N 12 40.69 -7.90 55.85
N ASN N 13 41.81 -8.29 55.24
CA ASN N 13 42.99 -7.42 55.27
C ASN N 13 43.44 -7.00 53.88
N ILE N 14 42.82 -5.94 53.38
CA ILE N 14 43.12 -5.36 52.08
C ILE N 14 44.48 -4.69 52.11
N LYS N 15 45.33 -5.02 51.15
CA LYS N 15 46.59 -4.32 50.94
C LYS N 15 46.79 -4.05 49.46
N TYR N 16 46.79 -2.71 49.29
CA TYR N 16 46.98 -2.18 47.94
C TYR N 16 48.24 -2.86 47.48
N ILE N 17 48.08 -3.67 46.45
CA ILE N 17 49.26 -4.23 45.88
C ILE N 17 49.71 -3.23 44.84
N PRO N 18 50.70 -2.37 45.23
CA PRO N 18 51.22 -1.53 44.17
C PRO N 18 51.79 -2.38 43.09
N ALA N 19 52.14 -3.60 43.44
CA ALA N 19 52.64 -4.52 42.48
C ALA N 19 51.51 -4.91 41.57
N THR N 20 51.94 -5.44 40.40
CA THR N 20 51.15 -6.23 39.47
C THR N 20 51.51 -7.65 39.81
N GLY N 21 51.20 -8.69 38.98
CA GLY N 21 51.57 -10.01 39.44
C GLY N 21 51.72 -11.03 38.33
N ASP N 22 52.54 -12.08 38.61
CA ASP N 22 52.85 -13.19 37.72
C ASP N 22 52.02 -14.40 38.05
N ALA N 23 52.56 -15.60 37.64
CA ALA N 23 51.96 -16.90 37.82
C ALA N 23 53.06 -17.95 37.94
N GLN N 24 52.70 -19.24 38.19
CA GLN N 24 53.67 -20.31 38.36
C GLN N 24 53.18 -21.61 37.73
N ALA N 25 54.07 -22.64 37.64
CA ALA N 25 53.76 -23.94 37.08
C ALA N 25 54.54 -25.02 37.80
N GLU N 26 54.15 -26.33 37.62
CA GLU N 26 54.82 -27.45 38.25
C GLU N 26 54.83 -28.66 37.34
N VAL N 27 55.70 -29.69 37.64
CA VAL N 27 55.92 -30.91 36.86
C VAL N 27 56.19 -32.09 37.77
N GLU N 28 56.85 -33.17 37.22
CA GLU N 28 57.25 -34.41 37.86
C GLU N 28 58.62 -34.15 38.45
N LEU N 29 59.59 -35.06 38.39
CA LEU N 29 60.96 -34.66 38.68
C LEU N 29 61.30 -33.54 37.70
N PRO N 30 61.64 -32.32 38.18
CA PRO N 30 61.91 -31.21 37.30
C PRO N 30 63.05 -31.58 36.36
N LEU N 31 63.04 -30.99 35.17
CA LEU N 31 64.19 -31.04 34.26
C LEU N 31 65.37 -30.40 34.96
N LYS N 32 66.15 -31.17 35.71
CA LYS N 32 67.27 -30.61 36.44
C LYS N 32 68.50 -30.59 35.57
N THR N 33 69.13 -29.42 35.47
CA THR N 33 70.39 -29.26 34.77
C THR N 33 71.50 -28.97 35.77
N LEU N 34 72.71 -29.34 35.39
CA LEU N 34 73.87 -29.10 36.24
C LEU N 34 74.80 -28.18 35.47
N VAL N 35 74.84 -26.91 35.86
CA VAL N 35 75.73 -25.95 35.22
C VAL N 35 77.11 -26.13 35.83
N VAL N 36 78.08 -26.56 35.04
CA VAL N 36 79.41 -26.84 35.53
C VAL N 36 80.37 -25.86 34.86
N GLY N 37 81.37 -25.41 35.60
CA GLY N 37 82.30 -24.43 35.07
C GLY N 37 82.84 -23.53 36.15
N ASP N 38 83.93 -22.84 35.78
CA ASP N 38 84.72 -22.01 36.69
C ASP N 38 83.92 -20.82 37.14
N PHE N 39 83.56 -20.77 38.42
CA PHE N 39 82.70 -19.74 38.94
C PHE N 39 83.36 -18.83 39.96
N LYS N 40 84.60 -19.12 40.34
CA LYS N 40 85.35 -18.28 41.27
C LYS N 40 86.73 -18.01 40.67
N GLY N 41 87.55 -17.29 41.43
CA GLY N 41 88.80 -16.81 40.88
C GLY N 41 90.04 -17.57 41.27
N HIS N 42 89.91 -18.87 41.55
CA HIS N 42 91.05 -19.68 41.95
C HIS N 42 90.75 -21.14 41.61
N ALA N 43 91.56 -22.03 42.15
CA ALA N 43 91.35 -23.48 42.06
C ALA N 43 91.33 -24.04 43.47
N GLU N 44 90.18 -24.59 43.88
CA GLU N 44 89.99 -25.06 45.24
C GLU N 44 90.80 -26.32 45.50
N GLN N 45 91.38 -26.40 46.70
CA GLN N 45 92.28 -27.50 47.03
C GLN N 45 91.56 -28.79 47.38
N THR N 46 90.25 -28.75 47.66
CA THR N 46 89.56 -30.00 47.95
C THR N 46 89.33 -30.79 46.67
N PRO N 47 89.42 -32.11 46.71
CA PRO N 47 89.13 -32.92 45.52
C PRO N 47 87.66 -32.86 45.18
N LEU N 48 87.35 -33.32 43.97
CA LEU N 48 86.03 -33.08 43.41
C LEU N 48 84.95 -33.88 44.12
N GLU N 49 85.27 -35.08 44.59
CA GLU N 49 84.27 -35.97 45.17
C GLU N 49 83.76 -35.52 46.53
N GLU N 50 84.31 -34.46 47.11
CA GLU N 50 83.87 -33.98 48.42
C GLU N 50 83.12 -32.66 48.35
N ARG N 51 83.39 -31.82 47.36
CA ARG N 51 82.69 -30.56 47.26
C ARG N 51 81.26 -30.77 46.80
N ALA N 52 80.42 -29.76 47.00
CA ALA N 52 79.00 -29.94 46.87
C ALA N 52 78.45 -29.11 45.71
N THR N 53 77.23 -29.45 45.31
CA THR N 53 76.47 -28.69 44.32
C THR N 53 75.38 -27.90 45.03
N VAL N 54 75.24 -26.63 44.66
CA VAL N 54 74.25 -25.76 45.30
C VAL N 54 73.12 -25.52 44.31
N THR N 55 71.89 -25.47 44.83
CA THR N 55 70.70 -25.28 44.02
C THR N 55 70.31 -23.82 44.03
N VAL N 56 70.13 -23.25 42.84
CA VAL N 56 69.89 -21.83 42.65
C VAL N 56 68.55 -21.64 41.97
N ASP N 57 67.67 -20.86 42.58
CA ASP N 57 66.56 -20.34 41.79
C ASP N 57 66.53 -18.82 41.90
N LYS N 58 65.46 -18.18 41.43
CA LYS N 58 65.41 -16.73 41.34
C LYS N 58 65.39 -16.09 42.72
N ASN N 59 64.86 -16.78 43.72
CA ASN N 59 64.75 -16.18 45.04
C ASN N 59 66.04 -16.29 45.85
N ASN N 60 66.85 -17.31 45.62
CA ASN N 60 68.04 -17.50 46.42
C ASN N 60 69.33 -17.20 45.67
N PHE N 61 69.25 -16.51 44.55
CA PHE N 61 70.46 -16.20 43.81
C PHE N 61 71.31 -15.16 44.53
N GLU N 62 70.68 -14.29 45.32
CA GLU N 62 71.42 -13.30 46.08
C GLU N 62 72.12 -13.92 47.29
N ALA N 63 71.65 -15.07 47.77
CA ALA N 63 72.28 -15.76 48.89
C ALA N 63 73.36 -16.73 48.43
N VAL N 64 73.24 -17.29 47.23
CA VAL N 64 74.30 -18.14 46.70
C VAL N 64 75.50 -17.29 46.31
N MET N 65 75.26 -16.08 45.80
CA MET N 65 76.37 -15.20 45.44
C MET N 65 77.09 -14.66 46.67
N ARG N 66 76.35 -14.43 47.76
CA ARG N 66 76.99 -13.89 48.96
C ARG N 66 77.86 -14.93 49.67
N GLU N 67 77.38 -16.18 49.72
CA GLU N 67 78.12 -17.22 50.44
C GLU N 67 79.22 -17.85 49.60
N SER N 68 79.33 -17.50 48.34
CA SER N 68 80.45 -17.99 47.55
C SER N 68 81.74 -17.29 47.93
N GLU N 69 81.64 -16.01 48.34
CA GLU N 69 82.76 -15.10 48.59
C GLU N 69 83.68 -14.99 47.37
N LEU N 70 83.12 -14.44 46.30
CA LEU N 70 83.89 -14.17 45.10
C LEU N 70 84.84 -13.01 45.39
N LYS N 71 86.07 -13.31 45.76
CA LYS N 71 87.08 -12.30 46.11
C LYS N 71 88.08 -12.22 44.96
N ILE N 72 87.96 -11.16 44.16
CA ILE N 72 88.81 -10.98 43.00
C ILE N 72 89.91 -10.00 43.37
N THR N 73 91.15 -10.50 43.44
CA THR N 73 92.32 -9.71 43.77
C THR N 73 93.27 -9.74 42.57
N ALA N 74 93.45 -8.59 41.93
CA ALA N 74 94.30 -8.50 40.76
C ALA N 74 95.00 -7.15 40.74
N THR N 75 96.06 -7.08 39.96
CA THR N 75 96.83 -5.86 39.78
C THR N 75 96.46 -5.24 38.43
N VAL N 76 95.88 -4.04 38.47
CA VAL N 76 95.43 -3.37 37.26
C VAL N 76 96.24 -2.09 37.09
N LYS N 77 96.04 -1.44 35.94
CA LYS N 77 96.80 -0.27 35.58
C LYS N 77 96.32 0.96 36.33
N ASN N 78 97.27 1.80 36.76
CA ASN N 78 96.97 3.02 37.50
C ASN N 78 96.82 4.15 36.49
N LYS N 79 95.60 4.66 36.35
CA LYS N 79 95.31 5.82 35.51
C LYS N 79 94.78 6.99 36.32
N LEU N 80 95.16 7.08 37.59
CA LEU N 80 94.76 8.18 38.46
C LEU N 80 95.81 9.27 38.58
N THR N 81 96.97 9.08 37.94
CA THR N 81 98.05 10.08 37.98
C THR N 81 98.66 10.23 36.59
N ASP N 82 99.76 10.97 36.49
CA ASP N 82 100.42 11.20 35.21
C ASP N 82 101.38 10.09 34.81
N ASP N 83 101.39 8.98 35.53
CA ASP N 83 102.30 7.86 35.26
C ASP N 83 101.59 6.84 34.37
N GLU N 84 102.25 6.46 33.28
CA GLU N 84 101.77 5.40 32.41
C GLU N 84 102.20 4.03 32.92
N ASN N 85 103.39 3.93 33.50
CA ASN N 85 103.96 2.66 33.95
C ASN N 85 103.67 2.37 35.42
N ALA N 86 102.57 2.88 35.94
CA ALA N 86 102.19 2.61 37.33
C ALA N 86 101.08 1.57 37.36
N GLU N 87 101.08 0.76 38.43
CA GLU N 87 100.08 -0.28 38.62
C GLU N 87 99.46 -0.11 40.01
N LEU N 88 98.24 -0.62 40.15
CA LEU N 88 97.53 -0.46 41.41
C LEU N 88 96.65 -1.67 41.68
N PRO N 89 97.02 -2.55 42.62
CA PRO N 89 96.16 -3.68 42.94
C PRO N 89 94.89 -3.26 43.66
N VAL N 90 93.85 -4.08 43.55
CA VAL N 90 92.55 -3.81 44.13
C VAL N 90 92.16 -4.96 45.06
N GLU N 91 91.06 -4.75 45.78
CA GLU N 91 90.51 -5.76 46.69
C GLU N 91 89.00 -5.69 46.59
N LEU N 92 88.38 -6.77 46.11
CA LEU N 92 86.96 -6.80 45.80
C LEU N 92 86.25 -7.85 46.64
N ASN N 93 85.08 -7.48 47.17
CA ASN N 93 84.24 -8.39 47.94
C ASN N 93 82.82 -8.25 47.39
N PHE N 94 82.30 -9.31 46.79
CA PHE N 94 81.03 -9.29 46.08
C PHE N 94 79.98 -10.05 46.87
N LYS N 95 78.88 -9.40 47.18
CA LYS N 95 77.79 -10.02 47.92
C LYS N 95 76.44 -9.93 47.23
N SER N 96 76.28 -9.08 46.22
CA SER N 96 75.04 -8.96 45.49
C SER N 96 75.36 -8.70 44.02
N LEU N 97 74.32 -8.79 43.19
CA LEU N 97 74.48 -8.52 41.76
C LEU N 97 74.80 -7.06 41.48
N ALA N 98 74.41 -6.15 42.38
CA ALA N 98 74.78 -4.75 42.26
C ALA N 98 76.24 -4.47 42.63
N ASP N 99 76.97 -5.46 43.14
CA ASP N 99 78.39 -5.27 43.41
C ASP N 99 79.24 -5.34 42.16
N PHE N 100 78.69 -5.80 41.03
CA PHE N 100 79.40 -5.67 39.77
C PHE N 100 79.37 -4.25 39.23
N ALA N 101 78.39 -3.45 39.67
CA ALA N 101 78.22 -2.09 39.17
C ALA N 101 79.33 -1.18 39.70
N PRO N 102 79.70 -0.14 38.95
CA PRO N 102 80.80 0.74 39.39
C PRO N 102 80.49 1.59 40.62
N ASP N 103 79.26 1.61 41.11
CA ASP N 103 78.98 2.27 42.38
C ASP N 103 79.57 1.49 43.54
N ALA N 104 79.52 0.16 43.48
CA ALA N 104 80.04 -0.68 44.55
C ALA N 104 81.45 -1.19 44.27
N VAL N 105 81.94 -1.12 43.04
CA VAL N 105 83.32 -1.47 42.78
C VAL N 105 84.25 -0.34 43.22
N ALA N 106 83.89 0.90 42.88
CA ALA N 106 84.67 2.05 43.31
C ALA N 106 84.56 2.30 44.80
N SER N 107 83.46 1.87 45.44
CA SER N 107 83.34 1.99 46.89
C SER N 107 84.25 1.03 47.63
N GLN N 108 84.68 -0.06 46.98
CA GLN N 108 85.59 -1.01 47.59
C GLN N 108 87.05 -0.71 47.25
N VAL N 109 87.31 0.29 46.42
CA VAL N 109 88.66 0.74 46.13
C VAL N 109 88.89 2.03 46.92
N PRO N 110 89.83 2.04 47.88
CA PRO N 110 90.03 3.25 48.70
C PRO N 110 90.60 4.44 47.93
N GLU N 111 91.26 4.20 46.81
CA GLU N 111 91.71 5.31 45.97
C GLU N 111 90.57 5.95 45.22
N LEU N 112 89.43 5.27 45.09
CA LEU N 112 88.24 5.83 44.47
C LEU N 112 87.18 6.22 45.48
N LYS N 113 87.35 5.87 46.76
CA LYS N 113 86.46 6.38 47.79
C LYS N 113 86.67 7.87 48.02
N LYS N 114 87.90 8.35 47.81
CA LYS N 114 88.19 9.77 47.96
C LYS N 114 87.82 10.58 46.73
N LEU N 115 87.57 9.92 45.59
CA LEU N 115 87.17 10.66 44.39
C LEU N 115 85.66 10.80 44.26
N ILE N 116 84.90 9.82 44.74
CA ILE N 116 83.45 10.00 44.83
C ILE N 116 83.12 10.99 45.93
N GLU N 117 83.86 10.94 47.05
CA GLU N 117 83.72 11.93 48.11
C GLU N 117 84.15 13.31 47.62
N LEU N 118 85.09 13.36 46.68
CA LEU N 118 85.43 14.63 46.05
C LEU N 118 84.27 15.13 45.20
N ARG N 119 83.59 14.23 44.49
CA ARG N 119 82.46 14.66 43.64
C ARG N 119 81.25 15.02 44.49
N GLU N 120 80.99 14.26 45.56
CA GLU N 120 79.89 14.57 46.46
C GLU N 120 80.10 15.92 47.15
N ALA N 121 81.35 16.30 47.39
CA ALA N 121 81.64 17.64 47.90
C ALA N 121 81.46 18.72 46.83
N LEU N 122 81.57 18.37 45.55
CA LEU N 122 81.36 19.34 44.48
C LEU N 122 79.91 19.48 44.07
N VAL N 123 79.12 18.40 44.18
CA VAL N 123 77.69 18.50 43.94
C VAL N 123 77.03 19.29 45.07
N ALA N 124 77.55 19.17 46.29
CA ALA N 124 77.05 19.96 47.42
C ALA N 124 77.34 21.44 47.25
N LEU N 125 78.40 21.79 46.52
CA LEU N 125 78.74 23.19 46.34
C LEU N 125 77.81 23.88 45.34
N LYS N 126 77.39 23.17 44.29
CA LYS N 126 76.71 23.77 43.14
C LYS N 126 75.34 24.34 43.50
N GLY N 127 74.67 23.75 44.49
CA GLY N 127 73.38 24.24 44.95
C GLY N 127 73.41 25.64 45.51
N PRO N 128 74.10 25.86 46.63
CA PRO N 128 74.25 27.20 47.19
C PRO N 128 75.29 28.08 46.49
N LEU N 129 75.80 27.71 45.32
CA LEU N 129 76.83 28.50 44.67
C LEU N 129 76.22 29.71 43.95
N GLY N 130 75.40 29.47 42.95
CA GLY N 130 74.82 30.52 42.14
C GLY N 130 73.61 31.21 42.71
N ASN N 131 73.19 30.84 43.92
CA ASN N 131 72.03 31.46 44.55
C ASN N 131 72.41 32.74 45.29
N ILE N 132 73.50 32.70 46.05
CA ILE N 132 74.00 33.86 46.78
C ILE N 132 75.14 34.48 45.97
N PRO N 133 74.99 35.70 45.45
CA PRO N 133 76.06 36.33 44.69
C PRO N 133 77.16 36.97 45.52
N ALA N 134 77.20 36.74 46.84
CA ALA N 134 78.26 37.24 47.70
C ALA N 134 79.42 36.26 47.83
N PHE N 135 79.37 35.12 47.14
CA PHE N 135 80.48 34.18 47.18
C PHE N 135 81.67 34.69 46.39
N ARG N 136 81.41 35.29 45.21
CA ARG N 136 82.49 35.84 44.40
C ARG N 136 83.08 37.10 45.01
N GLU N 137 82.35 37.76 45.92
CA GLU N 137 82.88 38.93 46.62
C GLU N 137 84.01 38.53 47.56
N ARG N 138 83.93 37.33 48.14
CA ARG N 138 84.98 36.86 49.03
C ARG N 138 85.98 35.93 48.33
N LEU N 139 85.75 35.59 47.07
CA LEU N 139 86.80 34.97 46.28
C LEU N 139 87.92 35.97 45.99
N GLN N 140 87.55 37.25 45.80
CA GLN N 140 88.55 38.29 45.64
C GLN N 140 89.21 38.63 46.97
N SER N 141 88.52 38.40 48.09
CA SER N 141 89.14 38.58 49.39
C SER N 141 90.13 37.45 49.67
N LEU N 142 89.80 36.23 49.23
CA LEU N 142 90.79 35.14 49.24
C LEU N 142 91.88 35.37 48.21
N LEU N 143 91.59 36.12 47.14
CA LEU N 143 92.64 36.56 46.23
C LEU N 143 93.54 37.60 46.90
N ASN N 144 92.96 38.42 47.79
CA ASN N 144 93.76 39.39 48.53
C ASN N 144 94.48 38.73 49.71
N SER N 145 93.75 38.01 50.56
CA SER N 145 94.32 37.35 51.72
C SER N 145 94.85 35.98 51.29
N GLU N 146 96.09 35.97 50.82
CA GLU N 146 96.72 34.72 50.38
C GLU N 146 97.37 33.97 51.53
N GLU N 147 97.76 34.65 52.60
CA GLU N 147 98.46 33.98 53.70
C GLU N 147 97.49 33.18 54.57
N SER N 148 96.35 33.77 54.94
CA SER N 148 95.38 33.07 55.77
C SER N 148 94.61 32.01 55.00
N ARG N 149 94.60 32.07 53.67
CA ARG N 149 93.90 31.05 52.88
C ARG N 149 94.67 29.73 52.87
N GLU N 150 95.99 29.81 52.66
CA GLU N 150 96.81 28.60 52.59
C GLU N 150 97.00 27.95 53.95
N LYS N 151 96.83 28.70 55.04
CA LYS N 151 96.88 28.09 56.37
C LYS N 151 95.64 27.25 56.65
N LEU N 152 94.51 27.57 55.99
CA LEU N 152 93.27 26.85 56.20
C LEU N 152 93.07 25.71 55.20
N LEU N 153 93.82 25.68 54.10
CA LEU N 153 93.70 24.58 53.16
C LEU N 153 94.33 23.31 53.69
N ALA N 154 95.35 23.42 54.55
CA ALA N 154 95.95 22.24 55.14
C ALA N 154 95.07 21.59 56.20
N GLU N 155 94.15 22.35 56.79
CA GLU N 155 93.23 21.81 57.78
C GLU N 155 92.15 20.97 57.12
N SER O 1 73.97 -21.88 -20.82
CA SER O 1 72.58 -22.25 -20.57
C SER O 1 72.42 -22.87 -19.18
N LYS O 2 72.89 -22.16 -18.16
CA LYS O 2 72.80 -22.62 -16.78
C LYS O 2 72.39 -21.45 -15.91
N GLU O 3 71.30 -21.63 -15.16
CA GLU O 3 70.89 -20.64 -14.17
C GLU O 3 71.89 -20.58 -13.04
N GLY O 4 72.31 -19.38 -12.67
CA GLY O 4 73.14 -19.21 -11.50
C GLY O 4 72.34 -19.52 -10.26
N SER O 5 72.77 -20.53 -9.49
CA SER O 5 72.10 -20.90 -8.25
C SER O 5 73.13 -20.91 -7.12
N VAL O 6 72.63 -21.13 -5.92
CA VAL O 6 73.46 -21.15 -4.73
C VAL O 6 73.69 -22.59 -4.31
N ALA O 7 74.54 -22.77 -3.31
CA ALA O 7 74.70 -24.10 -2.75
C ALA O 7 73.44 -24.50 -2.00
N PRO O 8 72.98 -25.74 -2.14
CA PRO O 8 71.77 -26.17 -1.43
C PRO O 8 72.02 -26.32 0.05
N LYS O 9 70.95 -26.23 0.84
CA LYS O 9 71.07 -26.07 2.28
C LYS O 9 69.70 -26.26 2.96
N GLU O 10 69.71 -26.16 4.31
CA GLU O 10 68.50 -26.19 5.13
C GLU O 10 67.70 -24.92 4.98
N ARG O 11 68.34 -23.91 4.46
CA ARG O 11 67.58 -22.77 4.03
C ARG O 11 67.04 -23.09 2.65
N ILE O 12 66.15 -22.26 2.19
CA ILE O 12 65.34 -22.57 1.03
C ILE O 12 66.00 -21.96 -0.19
N ASN O 13 65.98 -22.66 -1.31
CA ASN O 13 66.77 -22.21 -2.46
C ASN O 13 65.92 -21.92 -3.69
N ILE O 14 65.40 -20.70 -3.73
CA ILE O 14 64.56 -20.22 -4.82
C ILE O 14 65.41 -20.01 -6.07
N LYS O 15 64.97 -20.57 -7.19
CA LYS O 15 65.58 -20.30 -8.48
C LYS O 15 64.49 -20.07 -9.52
N TYR O 16 64.61 -18.80 -9.95
CA TYR O 16 63.67 -18.33 -10.97
C TYR O 16 63.79 -19.35 -12.06
N ILE O 17 62.70 -20.04 -12.28
CA ILE O 17 62.70 -20.92 -13.41
C ILE O 17 62.27 -20.10 -14.57
N PRO O 18 63.25 -19.61 -15.38
CA PRO O 18 62.79 -18.96 -16.58
C PRO O 18 62.01 -19.91 -17.42
N ALA O 19 62.25 -21.19 -17.19
CA ALA O 19 61.51 -22.19 -17.88
C ALA O 19 60.10 -22.16 -17.37
N THR O 20 59.23 -22.77 -18.22
CA THR O 20 57.91 -23.24 -17.89
C THR O 20 58.09 -24.73 -17.63
N GLY O 21 57.03 -25.58 -17.58
CA GLY O 21 57.35 -26.97 -17.29
C GLY O 21 56.31 -27.96 -17.75
N ASP O 22 56.74 -29.23 -17.99
CA ASP O 22 55.94 -30.34 -18.44
C ASP O 22 55.56 -31.24 -17.29
N ALA O 23 55.26 -32.53 -17.64
CA ALA O 23 54.84 -33.59 -16.73
C ALA O 23 55.31 -34.92 -17.28
N GLN O 24 55.08 -36.04 -16.54
CA GLN O 24 55.51 -37.37 -16.95
C GLN O 24 54.47 -38.42 -16.57
N ALA O 25 54.66 -39.69 -17.06
CA ALA O 25 53.77 -40.80 -16.80
C ALA O 25 54.56 -42.10 -16.75
N GLU O 26 53.96 -43.19 -16.21
CA GLU O 26 54.61 -44.49 -16.12
C GLU O 26 53.61 -45.63 -16.32
N VAL O 27 54.11 -46.88 -16.60
CA VAL O 27 53.33 -48.08 -16.88
C VAL O 27 54.00 -49.33 -16.30
N GLU O 28 53.66 -50.54 -16.85
CA GLU O 28 54.16 -51.86 -16.51
C GLU O 28 55.40 -52.05 -17.35
N LEU O 29 55.66 -53.23 -17.93
CA LEU O 29 56.69 -53.29 -18.97
C LEU O 29 56.25 -52.31 -20.07
N PRO O 30 57.07 -51.29 -20.38
CA PRO O 30 56.68 -50.28 -21.35
C PRO O 30 56.41 -50.98 -22.68
N LEU O 31 55.52 -50.39 -23.48
CA LEU O 31 55.32 -50.77 -24.88
C LEU O 31 56.65 -50.55 -25.60
N LYS O 32 57.51 -51.56 -25.61
CA LYS O 32 58.82 -51.41 -26.26
C LYS O 32 58.71 -51.75 -27.73
N THR O 33 59.17 -50.84 -28.58
CA THR O 33 59.25 -51.08 -30.01
C THR O 33 60.71 -51.19 -30.43
N LEU O 34 60.94 -51.91 -31.51
CA LEU O 34 62.28 -52.07 -32.05
C LEU O 34 62.29 -51.48 -33.44
N VAL O 35 62.89 -50.30 -33.57
CA VAL O 35 63.00 -49.65 -34.88
C VAL O 35 64.18 -50.28 -35.60
N VAL O 36 63.91 -50.97 -36.69
CA VAL O 36 64.95 -51.67 -37.42
C VAL O 36 65.06 -51.03 -38.81
N GLY O 37 66.28 -50.94 -39.31
CA GLY O 37 66.50 -50.29 -40.59
C GLY O 37 67.86 -49.65 -40.68
N ASP O 38 68.23 -49.32 -41.92
CA ASP O 38 69.56 -48.82 -42.27
C ASP O 38 69.76 -47.44 -41.68
N PHE O 39 70.66 -47.33 -40.71
CA PHE O 39 70.86 -46.08 -39.99
C PHE O 39 72.23 -45.46 -40.21
N LYS O 40 73.13 -46.13 -40.92
CA LYS O 40 74.45 -45.60 -41.22
C LYS O 40 74.71 -45.76 -42.72
N GLY O 41 75.90 -45.38 -43.15
CA GLY O 41 76.16 -45.30 -44.57
C GLY O 41 76.97 -46.43 -45.15
N HIS O 42 76.88 -47.62 -44.56
CA HIS O 42 77.64 -48.76 -45.06
C HIS O 42 76.92 -50.04 -44.64
N ALA O 43 77.62 -51.17 -44.76
CA ALA O 43 77.16 -52.46 -44.28
C ALA O 43 78.22 -53.03 -43.35
N GLU O 44 77.87 -53.20 -42.07
CA GLU O 44 78.82 -53.61 -41.07
C GLU O 44 79.21 -55.07 -41.25
N GLN O 45 80.49 -55.37 -41.04
CA GLN O 45 81.01 -56.70 -41.31
C GLN O 45 80.69 -57.71 -40.21
N THR O 46 80.26 -57.25 -39.03
CA THR O 46 79.91 -58.23 -37.99
C THR O 46 78.57 -58.87 -38.31
N PRO O 47 78.40 -60.16 -38.02
CA PRO O 47 77.09 -60.80 -38.23
C PRO O 47 76.06 -60.26 -37.26
N LEU O 48 74.81 -60.57 -37.55
CA LEU O 48 73.71 -59.91 -36.86
C LEU O 48 73.59 -60.34 -35.41
N GLU O 49 73.92 -61.59 -35.11
CA GLU O 49 73.72 -62.13 -33.77
C GLU O 49 74.70 -61.58 -32.74
N GLU O 50 75.68 -60.76 -33.12
CA GLU O 50 76.63 -60.20 -32.17
C GLU O 50 76.47 -58.72 -31.95
N ARG O 51 75.92 -57.98 -32.91
CA ARG O 51 75.73 -56.56 -32.73
C ARG O 51 74.57 -56.30 -31.78
N ALA O 52 74.53 -55.08 -31.26
CA ALA O 52 73.64 -54.78 -30.14
C ALA O 52 72.55 -53.79 -30.55
N THR O 53 71.54 -53.71 -29.71
CA THR O 53 70.47 -52.73 -29.82
C THR O 53 70.66 -51.65 -28.77
N VAL O 54 70.53 -50.39 -29.17
CA VAL O 54 70.72 -49.27 -28.27
C VAL O 54 69.37 -48.65 -27.95
N THR O 55 69.19 -48.24 -26.70
CA THR O 55 67.94 -47.66 -26.23
C THR O 55 68.04 -46.14 -26.28
N VAL O 56 67.07 -45.52 -26.94
CA VAL O 56 67.06 -44.08 -27.22
C VAL O 56 65.85 -43.46 -26.55
N ASP O 57 66.05 -42.45 -25.72
CA ASP O 57 64.93 -41.59 -25.39
C ASP O 57 65.31 -40.14 -25.69
N LYS O 58 64.48 -39.19 -25.24
CA LYS O 58 64.67 -37.79 -25.61
C LYS O 58 65.95 -37.21 -25.03
N ASN O 59 66.38 -37.72 -23.88
CA ASN O 59 67.55 -37.16 -23.22
C ASN O 59 68.86 -37.69 -23.79
N ASN O 60 68.88 -38.92 -24.30
CA ASN O 60 70.13 -39.49 -24.78
C ASN O 60 70.21 -39.60 -26.28
N PHE O 61 69.35 -38.89 -27.01
CA PHE O 61 69.42 -38.97 -28.47
C PHE O 61 70.65 -38.27 -29.00
N GLU O 62 71.16 -37.26 -28.29
CA GLU O 62 72.38 -36.58 -28.72
C GLU O 62 73.62 -37.42 -28.47
N ALA O 63 73.56 -38.38 -27.54
CA ALA O 63 74.68 -39.26 -27.26
C ALA O 63 74.67 -40.51 -28.13
N VAL O 64 73.49 -40.97 -28.54
CA VAL O 64 73.42 -42.10 -29.48
C VAL O 64 73.87 -41.66 -30.85
N MET O 65 73.55 -40.44 -31.25
CA MET O 65 73.98 -39.94 -32.55
C MET O 65 75.48 -39.69 -32.59
N ARG O 66 76.07 -39.27 -31.47
CA ARG O 66 77.51 -38.99 -31.46
C ARG O 66 78.32 -40.27 -31.51
N GLU O 67 77.91 -41.31 -30.79
CA GLU O 67 78.67 -42.55 -30.72
C GLU O 67 78.41 -43.48 -31.90
N SER O 68 77.47 -43.14 -32.77
CA SER O 68 77.28 -43.94 -33.97
C SER O 68 78.41 -43.69 -34.96
N GLU O 69 78.93 -42.46 -34.99
CA GLU O 69 79.89 -41.96 -35.98
C GLU O 69 79.36 -42.12 -37.40
N LEU O 70 78.28 -41.40 -37.68
CA LEU O 70 77.72 -41.35 -39.03
C LEU O 70 78.67 -40.55 -39.92
N LYS O 71 79.55 -41.25 -40.61
CA LYS O 71 80.55 -40.63 -41.49
C LYS O 71 80.11 -40.82 -42.94
N ILE O 72 79.59 -39.78 -43.54
CA ILE O 72 79.08 -39.83 -44.90
C ILE O 72 80.14 -39.27 -45.83
N THR O 73 80.74 -40.15 -46.65
CA THR O 73 81.76 -39.77 -47.62
C THR O 73 81.24 -40.07 -49.01
N ALA O 74 81.01 -39.01 -49.80
CA ALA O 74 80.47 -39.17 -51.14
C ALA O 74 81.08 -38.12 -52.04
N THR O 75 80.98 -38.36 -53.35
CA THR O 75 81.46 -37.44 -54.37
C THR O 75 80.26 -36.71 -54.96
N VAL O 76 80.23 -35.39 -54.78
CA VAL O 76 79.12 -34.57 -55.25
C VAL O 76 79.63 -33.61 -56.31
N LYS O 77 78.69 -32.91 -56.93
CA LYS O 77 79.01 -32.02 -58.05
C LYS O 77 79.63 -30.72 -57.56
N ASN O 78 80.63 -30.25 -58.30
CA ASN O 78 81.34 -29.01 -57.98
C ASN O 78 80.64 -27.86 -58.69
N LYS O 79 80.00 -26.99 -57.91
CA LYS O 79 79.38 -25.79 -58.42
C LYS O 79 80.02 -24.52 -57.87
N LEU O 80 81.29 -24.59 -57.50
CA LEU O 80 82.03 -23.45 -56.98
C LEU O 80 82.88 -22.76 -58.04
N THR O 81 82.90 -23.28 -59.27
CA THR O 81 83.67 -22.68 -60.35
C THR O 81 82.84 -22.69 -61.64
N ASP O 82 83.46 -22.34 -62.77
CA ASP O 82 82.76 -22.29 -64.04
C ASP O 82 82.71 -23.65 -64.75
N ASP O 83 83.09 -24.73 -64.07
CA ASP O 83 83.11 -26.06 -64.67
C ASP O 83 81.81 -26.77 -64.33
N GLU O 84 81.15 -27.31 -65.36
CA GLU O 84 79.99 -28.16 -65.17
C GLU O 84 80.35 -29.61 -64.90
N ASN O 85 81.43 -30.09 -65.52
CA ASN O 85 81.85 -31.49 -65.40
C ASN O 85 82.88 -31.70 -64.30
N ALA O 86 82.87 -30.89 -63.25
CA ALA O 86 83.77 -31.06 -62.13
C ALA O 86 83.03 -31.70 -60.96
N GLU O 87 83.77 -32.49 -60.18
CA GLU O 87 83.23 -33.16 -59.01
C GLU O 87 84.11 -32.84 -57.80
N LEU O 88 83.51 -32.94 -56.62
CA LEU O 88 84.23 -32.61 -55.41
C LEU O 88 83.77 -33.47 -54.24
N PRO O 89 84.58 -34.44 -53.81
CA PRO O 89 84.19 -35.26 -52.66
C PRO O 89 84.24 -34.47 -51.35
N VAL O 90 83.45 -34.92 -50.38
CA VAL O 90 83.33 -34.26 -49.10
C VAL O 90 83.68 -35.24 -47.99
N GLU O 91 83.77 -34.72 -46.77
CA GLU O 91 84.06 -35.53 -45.58
C GLU O 91 83.22 -34.99 -44.43
N LEU O 92 82.30 -35.80 -43.93
CA LEU O 92 81.31 -35.36 -42.96
C LEU O 92 81.44 -36.15 -41.66
N ASN O 93 81.37 -35.45 -40.53
CA ASN O 93 81.40 -36.06 -39.22
C ASN O 93 80.25 -35.47 -38.41
N PHE O 94 79.28 -36.29 -38.05
CA PHE O 94 78.04 -35.83 -37.43
C PHE O 94 78.02 -36.26 -35.98
N LYS O 95 77.85 -35.28 -35.08
CA LYS O 95 77.79 -35.55 -33.65
C LYS O 95 76.55 -35.02 -32.97
N SER O 96 75.79 -34.15 -33.61
CA SER O 96 74.56 -33.61 -33.04
C SER O 96 73.54 -33.43 -34.16
N LEU O 97 72.29 -33.15 -33.76
CA LEU O 97 71.23 -32.91 -34.73
C LEU O 97 71.45 -31.62 -35.51
N ALA O 98 72.19 -30.66 -34.94
CA ALA O 98 72.54 -29.44 -35.66
C ALA O 98 73.65 -29.66 -36.69
N ASP O 99 74.25 -30.84 -36.74
CA ASP O 99 75.24 -31.12 -37.78
C ASP O 99 74.61 -31.42 -39.13
N PHE O 100 73.29 -31.65 -39.18
CA PHE O 100 72.62 -31.73 -40.47
C PHE O 100 72.43 -30.35 -41.10
N ALA O 101 72.45 -29.30 -40.29
CA ALA O 101 72.22 -27.95 -40.76
C ALA O 101 73.40 -27.45 -41.59
N PRO O 102 73.17 -26.55 -42.57
CA PRO O 102 74.27 -26.09 -43.42
C PRO O 102 75.31 -25.21 -42.73
N ASP O 103 75.09 -24.81 -41.47
CA ASP O 103 76.14 -24.14 -40.72
C ASP O 103 77.27 -25.10 -40.36
N ALA O 104 76.93 -26.34 -40.02
CA ALA O 104 77.93 -27.32 -39.65
C ALA O 104 78.32 -28.25 -40.80
N VAL O 105 77.54 -28.30 -41.88
CA VAL O 105 77.96 -29.07 -43.04
C VAL O 105 79.01 -28.31 -43.83
N ALA O 106 78.78 -27.01 -44.04
CA ALA O 106 79.77 -26.18 -44.72
C ALA O 106 81.02 -25.96 -43.88
N SER O 107 80.91 -26.03 -42.55
CA SER O 107 82.09 -25.91 -41.70
C SER O 107 82.98 -27.14 -41.77
N GLN O 108 82.45 -28.28 -42.20
CA GLN O 108 83.24 -29.49 -42.37
C GLN O 108 83.75 -29.66 -43.78
N VAL O 109 83.38 -28.77 -44.69
CA VAL O 109 83.91 -28.76 -46.05
C VAL O 109 84.95 -27.64 -46.14
N PRO O 110 86.23 -27.95 -46.36
CA PRO O 110 87.26 -26.89 -46.37
C PRO O 110 87.13 -25.93 -47.55
N GLU O 111 86.47 -26.34 -48.64
CA GLU O 111 86.22 -25.41 -49.74
C GLU O 111 85.13 -24.41 -49.39
N LEU O 112 84.32 -24.70 -48.38
CA LEU O 112 83.30 -23.77 -47.90
C LEU O 112 83.69 -23.08 -46.61
N LYS O 113 84.78 -23.51 -45.96
CA LYS O 113 85.28 -22.77 -44.81
C LYS O 113 85.87 -21.43 -45.22
N LYS O 114 86.41 -21.35 -46.45
CA LYS O 114 86.97 -20.11 -46.96
C LYS O 114 85.90 -19.19 -47.54
N LEU O 115 84.70 -19.70 -47.79
CA LEU O 115 83.63 -18.85 -48.31
C LEU O 115 82.78 -18.24 -47.21
N ILE O 116 82.60 -18.93 -46.09
CA ILE O 116 81.98 -18.30 -44.93
C ILE O 116 82.93 -17.28 -44.31
N GLU O 117 84.23 -17.61 -44.28
CA GLU O 117 85.25 -16.64 -43.85
C GLU O 117 85.32 -15.45 -44.81
N LEU O 118 85.03 -15.68 -46.09
CA LEU O 118 84.91 -14.58 -47.02
C LEU O 118 83.71 -13.70 -46.68
N ARG O 119 82.59 -14.32 -46.29
CA ARG O 119 81.39 -13.55 -45.96
C ARG O 119 81.55 -12.83 -44.62
N GLU O 120 82.17 -13.50 -43.65
CA GLU O 120 82.43 -12.88 -42.35
C GLU O 120 83.37 -11.68 -42.48
N ALA O 121 84.28 -11.72 -43.44
CA ALA O 121 85.12 -10.56 -43.75
C ALA O 121 84.34 -9.45 -44.45
N LEU O 122 83.26 -9.79 -45.14
CA LEU O 122 82.44 -8.77 -45.82
C LEU O 122 81.38 -8.17 -44.91
N VAL O 123 80.86 -8.94 -43.95
CA VAL O 123 79.96 -8.38 -42.95
C VAL O 123 80.72 -7.45 -42.01
N ALA O 124 82.00 -7.77 -41.74
CA ALA O 124 82.83 -6.90 -40.93
C ALA O 124 83.12 -5.57 -41.62
N LEU O 125 83.12 -5.57 -42.94
CA LEU O 125 83.41 -4.34 -43.68
C LEU O 125 82.24 -3.36 -43.65
N LYS O 126 81.00 -3.89 -43.70
CA LYS O 126 79.82 -3.06 -43.95
C LYS O 126 79.53 -2.11 -42.80
N GLY O 127 79.91 -2.46 -41.57
CA GLY O 127 79.74 -1.61 -40.41
C GLY O 127 80.49 -0.30 -40.49
N PRO O 128 81.83 -0.36 -40.48
CA PRO O 128 82.62 0.86 -40.65
C PRO O 128 82.74 1.39 -42.07
N LEU O 129 81.94 0.91 -43.02
CA LEU O 129 82.08 1.35 -44.41
C LEU O 129 81.40 2.70 -44.62
N GLY O 130 80.09 2.76 -44.44
CA GLY O 130 79.33 3.97 -44.68
C GLY O 130 79.32 4.99 -43.57
N ASN O 131 80.05 4.74 -42.49
CA ASN O 131 80.12 5.68 -41.38
C ASN O 131 81.18 6.74 -41.60
N ILE O 132 82.36 6.35 -42.06
CA ILE O 132 83.45 7.26 -42.35
C ILE O 132 83.48 7.51 -43.85
N PRO O 133 83.21 8.72 -44.33
CA PRO O 133 83.24 9.01 -45.76
C PRO O 133 84.61 9.25 -46.35
N ALA O 134 85.68 8.97 -45.61
CA ALA O 134 87.04 9.08 -46.11
C ALA O 134 87.56 7.79 -46.72
N PHE O 135 86.73 6.74 -46.77
CA PHE O 135 87.14 5.49 -47.40
C PHE O 135 87.18 5.62 -48.91
N ARG O 136 86.19 6.30 -49.49
CA ARG O 136 86.16 6.50 -50.94
C ARG O 136 87.21 7.50 -51.40
N GLU O 137 87.74 8.33 -50.49
CA GLU O 137 88.82 9.25 -50.83
C GLU O 137 90.10 8.49 -51.11
N ARG O 138 90.33 7.36 -50.43
CA ARG O 138 91.50 6.55 -50.66
C ARG O 138 91.26 5.38 -51.60
N LEU O 139 90.00 5.16 -52.03
CA LEU O 139 89.76 4.25 -53.15
C LEU O 139 90.28 4.86 -54.45
N GLN O 140 90.18 6.18 -54.57
CA GLN O 140 90.76 6.86 -55.73
C GLN O 140 92.27 6.95 -55.62
N SER O 141 92.81 6.92 -54.40
CA SER O 141 94.26 6.84 -54.24
C SER O 141 94.78 5.46 -54.59
N LEU O 142 94.00 4.42 -54.27
CA LEU O 142 94.31 3.08 -54.76
C LEU O 142 94.03 2.96 -56.26
N LEU O 143 93.13 3.80 -56.80
CA LEU O 143 93.00 3.91 -58.24
C LEU O 143 94.21 4.59 -58.86
N ASN O 144 94.83 5.53 -58.13
CA ASN O 144 96.05 6.17 -58.60
C ASN O 144 97.27 5.28 -58.38
N SER O 145 97.47 4.81 -57.15
CA SER O 145 98.61 3.97 -56.81
C SER O 145 98.26 2.53 -57.11
N GLU O 146 98.49 2.12 -58.36
CA GLU O 146 98.20 0.76 -58.78
C GLU O 146 99.34 -0.21 -58.50
N GLU O 147 100.58 0.30 -58.40
CA GLU O 147 101.72 -0.59 -58.18
C GLU O 147 101.80 -1.07 -56.74
N SER O 148 101.64 -0.15 -55.78
CA SER O 148 101.71 -0.53 -54.38
C SER O 148 100.46 -1.27 -53.90
N ARG O 149 99.35 -1.18 -54.64
CA ARG O 149 98.15 -1.90 -54.24
C ARG O 149 98.28 -3.39 -54.53
N GLU O 150 98.78 -3.73 -55.72
CA GLU O 150 98.90 -5.14 -56.11
C GLU O 150 100.01 -5.85 -55.36
N LYS O 151 100.99 -5.11 -54.81
CA LYS O 151 102.01 -5.74 -53.98
C LYS O 151 101.44 -6.15 -52.62
N LEU O 152 100.39 -5.47 -52.16
CA LEU O 152 99.78 -5.77 -50.88
C LEU O 152 98.64 -6.75 -50.96
N LEU O 153 98.09 -6.99 -52.16
CA LEU O 153 97.02 -7.97 -52.30
C LEU O 153 97.54 -9.39 -52.18
N ALA O 154 98.79 -9.63 -52.55
CA ALA O 154 99.37 -10.96 -52.43
C ALA O 154 99.68 -11.32 -50.98
N GLU O 155 99.85 -10.33 -50.11
CA GLU O 155 100.11 -10.57 -48.71
C GLU O 155 98.84 -11.00 -47.99
N SER P 1 15.89 -43.69 -64.95
CA SER P 1 15.33 -43.61 -63.62
C SER P 1 16.28 -44.19 -62.58
N LYS P 2 17.52 -43.69 -62.58
CA LYS P 2 18.54 -44.13 -61.64
C LYS P 2 19.29 -42.91 -61.12
N GLU P 3 19.34 -42.76 -59.80
CA GLU P 3 20.14 -41.72 -59.19
C GLU P 3 21.61 -42.02 -59.39
N GLY P 4 22.37 -41.02 -59.83
CA GLY P 4 23.80 -41.16 -59.90
C GLY P 4 24.38 -41.23 -58.50
N SER P 5 25.04 -42.34 -58.17
CA SER P 5 25.67 -42.52 -56.87
C SER P 5 27.14 -42.88 -57.07
N VAL P 6 27.86 -42.97 -55.96
CA VAL P 6 29.27 -43.28 -55.97
C VAL P 6 29.45 -44.73 -55.57
N ALA P 7 30.68 -45.20 -55.66
CA ALA P 7 30.99 -46.52 -55.15
C ALA P 7 30.89 -46.53 -53.63
N PRO P 8 30.30 -47.55 -53.02
CA PRO P 8 30.19 -47.59 -51.55
C PRO P 8 31.54 -47.85 -50.92
N LYS P 9 31.66 -47.44 -49.66
CA LYS P 9 32.96 -47.37 -49.01
C LYS P 9 32.80 -47.15 -47.50
N GLU P 10 33.96 -47.07 -46.80
CA GLU P 10 34.03 -46.75 -45.37
C GLU P 10 33.74 -45.29 -45.14
N ARG P 11 33.83 -44.51 -46.18
CA ARG P 11 33.30 -43.18 -46.10
C ARG P 11 31.81 -43.28 -46.33
N ILE P 12 31.13 -42.19 -46.08
CA ILE P 12 29.69 -42.20 -45.99
C ILE P 12 29.12 -41.79 -47.34
N ASN P 13 28.02 -42.43 -47.75
CA ASN P 13 27.56 -42.22 -49.12
C ASN P 13 26.15 -41.64 -49.18
N ILE P 14 26.09 -40.32 -49.10
CA ILE P 14 24.85 -39.56 -49.15
C ILE P 14 24.27 -39.61 -50.56
N LYS P 15 23.00 -39.97 -50.67
CA LYS P 15 22.27 -39.87 -51.93
C LYS P 15 20.90 -39.27 -51.68
N TYR P 16 20.84 -38.09 -52.33
CA TYR P 16 19.61 -37.31 -52.26
C TYR P 16 18.56 -38.30 -52.69
N ILE P 17 17.67 -38.59 -51.75
CA ILE P 17 16.57 -39.41 -52.15
C ILE P 17 15.52 -38.45 -52.63
N PRO P 18 15.45 -38.27 -53.99
CA PRO P 18 14.33 -37.48 -54.44
C PRO P 18 13.05 -38.12 -54.03
N ALA P 19 13.11 -39.41 -53.78
CA ALA P 19 11.96 -40.10 -53.30
C ALA P 19 11.67 -39.65 -51.91
N THR P 20 10.39 -39.92 -51.52
CA THR P 20 9.90 -39.95 -50.16
C THR P 20 9.94 -41.43 -49.79
N GLY P 21 9.27 -41.91 -48.70
CA GLY P 21 9.41 -43.33 -48.45
C GLY P 21 8.29 -43.91 -47.61
N ASP P 22 8.08 -45.25 -47.77
CA ASP P 22 7.07 -46.04 -47.09
C ASP P 22 7.66 -46.80 -45.94
N ALA P 23 6.97 -47.92 -45.56
CA ALA P 23 7.30 -48.81 -44.46
C ALA P 23 6.82 -50.22 -44.80
N GLN P 24 7.11 -51.22 -43.92
CA GLN P 24 6.73 -52.60 -44.16
C GLN P 24 6.31 -53.28 -42.86
N ALA P 25 5.75 -54.52 -42.96
CA ALA P 25 5.30 -55.30 -41.82
C ALA P 25 5.50 -56.78 -42.10
N GLU P 26 5.43 -57.66 -41.04
CA GLU P 26 5.58 -59.10 -41.19
C GLU P 26 4.69 -59.84 -40.21
N VAL P 27 4.46 -61.18 -40.44
CA VAL P 27 3.59 -62.06 -39.67
C VAL P 27 4.17 -63.47 -39.58
N GLU P 28 3.30 -64.49 -39.30
CA GLU P 28 3.58 -65.92 -39.18
C GLU P 28 3.47 -66.48 -40.58
N LEU P 29 2.89 -67.66 -40.81
CA LEU P 29 2.53 -68.02 -42.18
C LEU P 29 1.58 -66.92 -42.68
N PRO P 30 1.94 -66.19 -43.75
CA PRO P 30 1.11 -65.09 -44.23
C PRO P 30 -0.28 -65.63 -44.56
N LEU P 31 -1.29 -64.77 -44.43
CA LEU P 31 -2.63 -65.03 -44.94
C LEU P 31 -2.52 -65.22 -46.44
N LYS P 32 -2.29 -66.45 -46.89
CA LYS P 32 -2.13 -66.70 -48.32
C LYS P 32 -3.49 -66.95 -48.95
N THR P 33 -3.80 -66.22 -50.01
CA THR P 33 -4.99 -66.43 -50.80
C THR P 33 -4.63 -66.98 -52.15
N LEU P 34 -5.57 -67.70 -52.75
CA LEU P 34 -5.36 -68.27 -54.07
C LEU P 34 -6.40 -67.68 -54.99
N VAL P 35 -5.99 -66.75 -55.84
CA VAL P 35 -6.90 -66.14 -56.79
C VAL P 35 -7.02 -67.07 -57.98
N VAL P 36 -8.21 -67.63 -58.19
CA VAL P 36 -8.44 -68.59 -59.24
C VAL P 36 -9.41 -67.98 -60.24
N GLY P 37 -9.19 -68.28 -61.52
CA GLY P 37 -10.04 -67.69 -62.54
C GLY P 37 -9.28 -67.51 -63.85
N ASP P 38 -10.07 -67.29 -64.90
CA ASP P 38 -9.59 -67.24 -66.28
C ASP P 38 -8.72 -66.00 -66.47
N PHE P 39 -7.43 -66.21 -66.70
CA PHE P 39 -6.49 -65.11 -66.78
C PHE P 39 -5.85 -64.95 -68.15
N LYS P 40 -6.13 -65.86 -69.08
CA LYS P 40 -5.61 -65.77 -70.44
C LYS P 40 -6.76 -65.96 -71.41
N GLY P 41 -6.44 -65.96 -72.70
CA GLY P 41 -7.47 -65.93 -73.71
C GLY P 41 -7.78 -67.24 -74.39
N HIS P 42 -7.56 -68.36 -73.69
CA HIS P 42 -7.82 -69.68 -74.28
C HIS P 42 -8.07 -70.67 -73.15
N ALA P 43 -8.04 -71.94 -73.49
CA ALA P 43 -8.13 -73.04 -72.53
C ALA P 43 -6.91 -73.94 -72.73
N GLU P 44 -6.07 -74.02 -71.72
CA GLU P 44 -4.80 -74.75 -71.83
C GLU P 44 -5.05 -76.25 -71.86
N GLN P 45 -4.28 -76.95 -72.70
CA GLN P 45 -4.50 -78.37 -72.92
C GLN P 45 -3.94 -79.25 -71.82
N THR P 46 -3.08 -78.72 -70.95
CA THR P 46 -2.57 -79.56 -69.86
C THR P 46 -3.66 -79.73 -68.79
N PRO P 47 -3.75 -80.90 -68.18
CA PRO P 47 -4.72 -81.08 -67.08
C PRO P 47 -4.31 -80.28 -65.87
N LEU P 48 -5.26 -80.16 -64.94
CA LEU P 48 -5.11 -79.20 -63.86
C LEU P 48 -4.04 -79.62 -62.86
N GLU P 49 -3.86 -80.92 -62.65
CA GLU P 49 -2.94 -81.40 -61.63
C GLU P 49 -1.47 -81.22 -61.98
N GLU P 50 -1.14 -80.74 -63.18
CA GLU P 50 0.24 -80.55 -63.57
C GLU P 50 0.64 -79.08 -63.69
N ARG P 51 -0.30 -78.19 -63.97
CA ARG P 51 0.04 -76.78 -64.08
C ARG P 51 0.29 -76.19 -62.71
N ALA P 52 0.94 -75.04 -62.68
CA ALA P 52 1.48 -74.51 -61.44
C ALA P 52 0.79 -73.21 -61.04
N THR P 53 0.99 -72.83 -59.79
CA THR P 53 0.54 -71.56 -59.25
C THR P 53 1.73 -70.64 -59.10
N VAL P 54 1.58 -69.39 -59.54
CA VAL P 54 2.65 -68.41 -59.49
C VAL P 54 2.35 -67.40 -58.38
N THR P 55 3.39 -66.99 -57.66
CA THR P 55 3.26 -66.06 -56.55
C THR P 55 3.56 -64.65 -57.05
N VAL P 56 2.64 -63.73 -56.77
CA VAL P 56 2.68 -62.36 -57.29
C VAL P 56 2.74 -61.40 -56.11
N ASP P 57 3.75 -60.54 -56.08
CA ASP P 57 3.62 -59.37 -55.22
C ASP P 57 3.84 -58.10 -56.05
N LYS P 58 3.98 -56.96 -55.39
CA LYS P 58 4.03 -55.69 -56.11
C LYS P 58 5.29 -55.55 -56.95
N ASN P 59 6.37 -56.21 -56.54
CA ASN P 59 7.63 -56.07 -57.27
C ASN P 59 7.71 -56.97 -58.48
N ASN P 60 7.06 -58.12 -58.47
CA ASN P 60 7.19 -59.05 -59.58
C ASN P 60 5.94 -59.13 -60.43
N PHE P 61 5.03 -58.17 -60.33
CA PHE P 61 3.83 -58.23 -61.15
C PHE P 61 4.15 -57.95 -62.61
N GLU P 62 5.19 -57.17 -62.88
CA GLU P 62 5.59 -56.91 -64.27
C GLU P 62 6.27 -58.10 -64.91
N ALA P 63 6.83 -59.01 -64.11
CA ALA P 63 7.46 -60.22 -64.63
C ALA P 63 6.48 -61.37 -64.78
N VAL P 64 5.44 -61.42 -63.95
CA VAL P 64 4.41 -62.44 -64.10
C VAL P 64 3.56 -62.14 -65.33
N MET P 65 3.32 -60.85 -65.60
CA MET P 65 2.53 -60.49 -66.78
C MET P 65 3.31 -60.73 -68.07
N ARG P 66 4.64 -60.55 -68.03
CA ARG P 66 5.42 -60.74 -69.25
C ARG P 66 5.56 -62.21 -69.60
N GLU P 67 5.75 -63.08 -68.61
CA GLU P 67 5.95 -64.50 -68.87
C GLU P 67 4.65 -65.26 -69.07
N SER P 68 3.50 -64.63 -68.87
CA SER P 68 2.24 -65.29 -69.17
C SER P 68 2.03 -65.39 -70.68
N GLU P 69 2.51 -64.39 -71.43
CA GLU P 69 2.28 -64.19 -72.86
C GLU P 69 0.78 -64.13 -73.17
N LEU P 70 0.14 -63.09 -72.65
CA LEU P 70 -1.26 -62.84 -72.94
C LEU P 70 -1.38 -62.36 -74.38
N LYS P 71 -1.66 -63.28 -75.29
CA LYS P 71 -1.76 -62.98 -76.72
C LYS P 71 -3.23 -62.99 -77.10
N ILE P 72 -3.80 -61.81 -77.29
CA ILE P 72 -5.21 -61.67 -77.60
C ILE P 72 -5.34 -61.45 -79.10
N THR P 73 -5.89 -62.44 -79.80
CA THR P 73 -6.11 -62.39 -81.24
C THR P 73 -7.61 -62.46 -81.50
N ALA P 74 -8.17 -61.38 -82.01
CA ALA P 74 -9.60 -61.32 -82.28
C ALA P 74 -9.85 -60.48 -83.52
N THR P 75 -11.04 -60.66 -84.09
CA THR P 75 -11.47 -59.90 -85.26
C THR P 75 -12.43 -58.81 -84.81
N VAL P 76 -12.04 -57.56 -85.02
CA VAL P 76 -12.83 -56.42 -84.59
C VAL P 76 -13.29 -55.63 -85.82
N LYS P 77 -14.14 -54.65 -85.59
CA LYS P 77 -14.75 -53.89 -86.67
C LYS P 77 -13.76 -52.87 -87.24
N ASN P 78 -13.79 -52.71 -88.56
CA ASN P 78 -12.91 -51.78 -89.26
C ASN P 78 -13.64 -50.44 -89.38
N LYS P 79 -13.15 -49.44 -88.66
CA LYS P 79 -13.66 -48.08 -88.75
C LYS P 79 -12.62 -47.10 -89.28
N LEU P 80 -11.67 -47.59 -90.08
CA LEU P 80 -10.65 -46.75 -90.68
C LEU P 80 -10.97 -46.33 -92.10
N THR P 81 -12.09 -46.81 -92.66
CA THR P 81 -12.49 -46.45 -94.01
C THR P 81 -13.99 -46.16 -94.05
N ASP P 82 -14.55 -45.99 -95.24
CA ASP P 82 -15.97 -45.69 -95.39
C ASP P 82 -16.85 -46.94 -95.39
N ASP P 83 -16.30 -48.11 -95.07
CA ASP P 83 -17.05 -49.35 -95.06
C ASP P 83 -17.57 -49.63 -93.66
N GLU P 84 -18.86 -49.90 -93.56
CA GLU P 84 -19.47 -50.33 -92.30
C GLU P 84 -19.34 -51.83 -92.09
N ASN P 85 -19.41 -52.62 -93.16
CA ASN P 85 -19.37 -54.08 -93.07
C ASN P 85 -17.97 -54.64 -93.26
N ALA P 86 -16.93 -53.89 -92.88
CA ALA P 86 -15.56 -54.37 -92.95
C ALA P 86 -15.07 -54.78 -91.56
N GLU P 87 -14.21 -55.78 -91.52
CA GLU P 87 -13.63 -56.27 -90.29
C GLU P 87 -12.11 -56.29 -90.41
N LEU P 88 -11.44 -56.22 -89.26
CA LEU P 88 -10.00 -56.17 -89.27
C LEU P 88 -9.42 -56.88 -88.04
N PRO P 89 -8.83 -58.06 -88.21
CA PRO P 89 -8.22 -58.75 -87.07
C PRO P 89 -6.95 -58.05 -86.60
N VAL P 90 -6.63 -58.26 -85.33
CA VAL P 90 -5.48 -57.62 -84.69
C VAL P 90 -4.57 -58.71 -84.12
N GLU P 91 -3.39 -58.27 -83.67
CA GLU P 91 -2.41 -59.15 -83.04
C GLU P 91 -1.76 -58.40 -81.89
N LEU P 92 -1.98 -58.90 -80.67
CA LEU P 92 -1.57 -58.20 -79.46
C LEU P 92 -0.58 -59.03 -78.66
N ASN P 93 0.47 -58.36 -78.17
CA ASN P 93 1.48 -58.99 -77.32
C ASN P 93 1.69 -58.08 -76.12
N PHE P 94 1.32 -58.56 -74.93
CA PHE P 94 1.31 -57.76 -73.71
C PHE P 94 2.44 -58.18 -72.80
N LYS P 95 3.28 -57.24 -72.42
CA LYS P 95 4.41 -57.51 -71.53
C LYS P 95 4.45 -56.63 -70.30
N SER P 96 3.69 -55.53 -70.26
CA SER P 96 3.65 -54.66 -69.10
C SER P 96 2.23 -54.13 -68.94
N LEU P 97 1.99 -53.49 -67.80
CA LEU P 97 0.68 -52.90 -67.54
C LEU P 97 0.39 -51.72 -68.46
N ALA P 98 1.43 -51.06 -68.99
CA ALA P 98 1.24 -50.00 -69.97
C ALA P 98 0.90 -50.52 -71.36
N ASP P 99 0.94 -51.83 -71.58
CA ASP P 99 0.51 -52.38 -72.86
C ASP P 99 -1.01 -52.43 -73.00
N PHE P 100 -1.76 -52.23 -71.93
CA PHE P 100 -3.20 -52.05 -72.07
C PHE P 100 -3.56 -50.67 -72.62
N ALA P 101 -2.65 -49.71 -72.46
CA ALA P 101 -2.90 -48.33 -72.87
C ALA P 101 -2.90 -48.22 -74.40
N PRO P 102 -3.67 -47.27 -74.95
CA PRO P 102 -3.74 -47.15 -76.43
C PRO P 102 -2.46 -46.67 -77.09
N ASP P 103 -1.43 -46.26 -76.34
CA ASP P 103 -0.14 -45.97 -76.95
C ASP P 103 0.54 -47.25 -77.41
N ALA P 104 0.42 -48.33 -76.65
CA ALA P 104 1.05 -49.59 -76.99
C ALA P 104 0.10 -50.56 -77.69
N VAL P 105 -1.20 -50.34 -77.64
CA VAL P 105 -2.12 -51.17 -78.42
C VAL P 105 -2.09 -50.76 -79.88
N ALA P 106 -2.13 -49.45 -80.14
CA ALA P 106 -2.05 -48.96 -81.51
C ALA P 106 -0.66 -49.16 -82.11
N SER P 107 0.38 -49.23 -81.28
CA SER P 107 1.72 -49.52 -81.78
C SER P 107 1.87 -50.96 -82.23
N GLN P 108 1.02 -51.86 -81.75
CA GLN P 108 1.05 -53.25 -82.16
C GLN P 108 0.09 -53.54 -83.30
N VAL P 109 -0.68 -52.56 -83.72
CA VAL P 109 -1.55 -52.69 -84.89
C VAL P 109 -0.88 -51.95 -86.05
N PRO P 110 -0.48 -52.65 -87.12
CA PRO P 110 0.24 -51.96 -88.22
C PRO P 110 -0.62 -50.98 -88.99
N GLU P 111 -1.95 -51.13 -88.97
CA GLU P 111 -2.82 -50.14 -89.59
C GLU P 111 -2.89 -48.85 -88.79
N LEU P 112 -2.51 -48.89 -87.51
CA LEU P 112 -2.44 -47.70 -86.68
C LEU P 112 -1.02 -47.22 -86.45
N LYS P 113 -0.01 -47.98 -86.87
CA LYS P 113 1.35 -47.47 -86.83
C LYS P 113 1.56 -46.39 -87.87
N LYS P 114 0.83 -46.44 -88.98
CA LYS P 114 0.92 -45.42 -90.02
C LYS P 114 0.07 -44.21 -89.71
N LEU P 115 -0.85 -44.30 -88.75
CA LEU P 115 -1.67 -43.14 -88.41
C LEU P 115 -1.05 -42.31 -87.28
N ILE P 116 -0.33 -42.95 -86.35
CA ILE P 116 0.44 -42.18 -85.38
C ILE P 116 1.64 -41.54 -86.06
N GLU P 117 2.26 -42.26 -87.01
CA GLU P 117 3.33 -41.68 -87.83
C GLU P 117 2.80 -40.56 -88.70
N LEU P 118 1.53 -40.64 -89.11
CA LEU P 118 0.90 -39.53 -89.80
C LEU P 118 0.75 -38.33 -88.88
N ARG P 119 0.38 -38.56 -87.61
CA ARG P 119 0.20 -37.46 -86.68
C ARG P 119 1.54 -36.87 -86.26
N GLU P 120 2.55 -37.72 -86.05
CA GLU P 120 3.89 -37.25 -85.71
C GLU P 120 4.50 -36.42 -86.83
N ALA P 121 4.14 -36.72 -88.08
CA ALA P 121 4.53 -35.89 -89.21
C ALA P 121 3.77 -34.57 -89.25
N LEU P 122 2.56 -34.51 -88.67
CA LEU P 122 1.80 -33.28 -88.65
C LEU P 122 2.13 -32.40 -87.46
N VAL P 123 2.52 -32.99 -86.32
CA VAL P 123 3.00 -32.20 -85.19
C VAL P 123 4.36 -31.59 -85.53
N ALA P 124 5.18 -32.30 -86.33
CA ALA P 124 6.46 -31.76 -86.77
C ALA P 124 6.28 -30.58 -87.71
N LEU P 125 5.16 -30.53 -88.44
CA LEU P 125 4.93 -29.44 -89.38
C LEU P 125 4.56 -28.15 -88.67
N LYS P 126 3.78 -28.24 -87.58
CA LYS P 126 3.13 -27.09 -86.97
C LYS P 126 4.14 -26.11 -86.35
N GLY P 127 5.30 -26.61 -85.91
CA GLY P 127 6.34 -25.78 -85.34
C GLY P 127 6.92 -24.78 -86.32
N PRO P 128 7.59 -25.25 -87.38
CA PRO P 128 8.10 -24.34 -88.42
C PRO P 128 7.06 -23.86 -89.42
N LEU P 129 5.76 -24.03 -89.17
CA LEU P 129 4.75 -23.61 -90.14
C LEU P 129 4.51 -22.10 -90.06
N GLY P 130 4.00 -21.64 -88.92
CA GLY P 130 3.64 -20.25 -88.76
C GLY P 130 4.77 -19.31 -88.41
N ASN P 131 6.00 -19.81 -88.35
CA ASN P 131 7.14 -18.97 -88.02
C ASN P 131 7.71 -18.28 -89.26
N ILE P 132 7.86 -19.03 -90.36
CA ILE P 132 8.34 -18.50 -91.62
C ILE P 132 7.13 -18.23 -92.52
N PRO P 133 6.85 -16.98 -92.87
CA PRO P 133 5.70 -16.68 -93.74
C PRO P 133 5.97 -16.88 -95.23
N ALA P 134 7.08 -17.51 -95.61
CA ALA P 134 7.37 -17.81 -97.01
C ALA P 134 6.86 -19.19 -97.41
N PHE P 135 6.20 -19.92 -96.51
CA PHE P 135 5.65 -21.22 -96.87
C PHE P 135 4.41 -21.06 -97.76
N ARG P 136 3.55 -20.08 -97.45
CA ARG P 136 2.37 -19.84 -98.27
C ARG P 136 2.71 -19.22 -99.62
N GLU P 137 3.90 -18.63 -99.74
CA GLU P 137 4.35 -18.10 -101.02
C GLU P 137 4.61 -19.22 -102.02
N ARG P 138 5.07 -20.37 -101.54
CA ARG P 138 5.32 -21.51 -102.41
C ARG P 138 4.17 -22.51 -102.42
N LEU P 139 3.15 -22.32 -101.59
CA LEU P 139 1.90 -23.07 -101.78
C LEU P 139 1.20 -22.61 -103.06
N GLN P 140 1.30 -21.33 -103.38
CA GLN P 140 0.75 -20.83 -104.64
C GLN P 140 1.63 -21.24 -105.82
N SER P 141 2.93 -21.47 -105.57
CA SER P 141 3.78 -22.01 -106.63
C SER P 141 3.48 -23.47 -106.88
N LEU P 142 3.16 -24.23 -105.82
CA LEU P 142 2.62 -25.58 -106.00
C LEU P 142 1.22 -25.56 -106.57
N LEU P 143 0.47 -24.47 -106.35
CA LEU P 143 -0.78 -24.29 -107.05
C LEU P 143 -0.56 -24.00 -108.54
N ASN P 144 0.55 -23.34 -108.86
CA ASN P 144 0.90 -23.09 -110.27
C ASN P 144 1.53 -24.33 -110.89
N SER P 145 2.58 -24.87 -110.26
CA SER P 145 3.28 -26.04 -110.78
C SER P 145 2.56 -27.29 -110.30
N GLU P 146 1.55 -27.71 -111.06
CA GLU P 146 0.78 -28.90 -110.71
C GLU P 146 1.41 -30.18 -111.23
N GLU P 147 2.23 -30.10 -112.28
CA GLU P 147 2.82 -31.32 -112.87
C GLU P 147 3.97 -31.83 -112.02
N SER P 148 4.88 -30.94 -111.60
CA SER P 148 6.02 -31.36 -110.79
C SER P 148 5.64 -31.68 -109.36
N ARG P 149 4.48 -31.22 -108.89
CA ARG P 149 4.05 -31.53 -107.54
C ARG P 149 3.58 -32.97 -107.41
N GLU P 150 2.77 -33.42 -108.37
CA GLU P 150 2.24 -34.78 -108.33
C GLU P 150 3.30 -35.84 -108.63
N LYS P 151 4.39 -35.47 -109.30
CA LYS P 151 5.48 -36.41 -109.50
C LYS P 151 6.26 -36.65 -108.21
N LEU P 152 6.23 -35.68 -107.29
CA LEU P 152 6.95 -35.81 -106.03
C LEU P 152 6.11 -36.38 -104.91
N LEU P 153 4.77 -36.39 -105.06
CA LEU P 153 3.92 -36.97 -104.03
C LEU P 153 4.01 -38.50 -104.02
N ALA P 154 4.28 -39.11 -105.18
CA ALA P 154 4.43 -40.55 -105.24
C ALA P 154 5.73 -41.03 -104.61
N GLU P 155 6.74 -40.17 -104.52
CA GLU P 155 8.01 -40.53 -103.90
C GLU P 155 7.87 -40.55 -102.39
N SER Q 1 -54.92 -44.70 -36.98
CA SER Q 1 -54.07 -44.47 -35.83
C SER Q 1 -52.82 -45.35 -35.88
N LYS Q 2 -52.11 -45.27 -36.99
CA LYS Q 2 -50.88 -46.04 -37.19
C LYS Q 2 -49.83 -45.14 -37.82
N GLU Q 3 -48.68 -45.04 -37.17
CA GLU Q 3 -47.55 -44.33 -37.75
C GLU Q 3 -47.02 -45.07 -38.96
N GLY Q 4 -46.81 -44.36 -40.05
CA GLY Q 4 -46.16 -44.94 -41.21
C GLY Q 4 -44.71 -45.24 -40.89
N SER Q 5 -44.32 -46.51 -40.97
CA SER Q 5 -42.95 -46.92 -40.71
C SER Q 5 -42.44 -47.72 -41.90
N VAL Q 6 -41.16 -48.06 -41.85
CA VAL Q 6 -40.51 -48.80 -42.92
C VAL Q 6 -40.36 -50.25 -42.47
N ALA Q 7 -39.90 -51.07 -43.38
CA ALA Q 7 -39.58 -52.45 -43.02
C ALA Q 7 -38.35 -52.46 -42.12
N PRO Q 8 -38.35 -53.26 -41.05
CA PRO Q 8 -37.18 -53.30 -40.16
C PRO Q 8 -36.00 -54.00 -40.83
N LYS Q 9 -34.80 -53.68 -40.34
CA LYS Q 9 -33.59 -54.05 -41.04
C LYS Q 9 -32.35 -53.82 -40.15
N GLU Q 10 -31.17 -54.14 -40.72
CA GLU Q 10 -29.87 -53.90 -40.08
C GLU Q 10 -29.54 -52.42 -40.09
N ARG Q 11 -30.22 -51.69 -40.93
CA ARG Q 11 -30.16 -50.27 -40.80
C ARG Q 11 -31.13 -49.88 -39.71
N ILE Q 12 -31.06 -48.63 -39.30
CA ILE Q 12 -31.71 -48.18 -38.09
C ILE Q 12 -33.05 -47.58 -38.47
N ASN Q 13 -34.08 -47.83 -37.66
CA ASN Q 13 -35.43 -47.44 -38.09
C ASN Q 13 -36.09 -46.44 -37.14
N ILE Q 14 -35.78 -45.17 -37.38
CA ILE Q 14 -36.30 -44.06 -36.60
C ILE Q 14 -37.79 -43.88 -36.89
N LYS Q 15 -38.60 -43.81 -35.85
CA LYS Q 15 -40.01 -43.45 -35.98
C LYS Q 15 -40.38 -42.46 -34.90
N TYR Q 16 -40.73 -41.30 -35.50
CA TYR Q 16 -41.14 -40.18 -34.68
C TYR Q 16 -42.22 -40.77 -33.82
N ILE Q 17 -41.95 -40.78 -32.53
CA ILE Q 17 -43.01 -41.19 -31.64
C ILE Q 17 -43.76 -39.95 -31.32
N PRO Q 18 -44.90 -39.71 -32.04
CA PRO Q 18 -45.68 -38.59 -31.59
C PRO Q 18 -46.12 -38.80 -30.18
N ALA Q 19 -46.14 -40.05 -29.77
CA ALA Q 19 -46.45 -40.36 -28.41
C ALA Q 19 -45.34 -39.88 -27.53
N THR Q 20 -45.71 -39.73 -26.24
CA THR Q 20 -44.83 -39.65 -25.10
C THR Q 20 -44.79 -41.06 -24.55
N GLY Q 21 -44.30 -41.34 -23.31
CA GLY Q 21 -44.31 -42.74 -22.92
C GLY Q 21 -44.28 -42.95 -21.42
N ASP Q 22 -44.79 -44.15 -21.00
CA ASP Q 22 -44.88 -44.60 -19.62
C ASP Q 22 -43.77 -45.54 -19.27
N ALA Q 23 -44.02 -46.39 -18.23
CA ALA Q 23 -43.10 -47.37 -17.68
C ALA Q 23 -43.90 -48.53 -17.12
N GLN Q 24 -43.21 -49.61 -16.61
CA GLN Q 24 -43.88 -50.78 -16.09
C GLN Q 24 -43.13 -51.34 -14.88
N ALA Q 25 -43.74 -52.33 -14.17
CA ALA Q 25 -43.16 -52.96 -12.99
C ALA Q 25 -43.59 -54.41 -12.92
N GLU Q 26 -42.90 -55.25 -12.07
CA GLU Q 26 -43.23 -56.66 -11.91
C GLU Q 26 -43.01 -57.11 -10.48
N VAL Q 27 -43.59 -58.29 -10.09
CA VAL Q 27 -43.55 -58.87 -8.75
C VAL Q 27 -43.45 -60.40 -8.80
N GLU Q 28 -43.86 -61.10 -7.70
CA GLU Q 28 -43.89 -62.54 -7.50
C GLU Q 28 -45.24 -63.00 -8.03
N LEU Q 29 -45.96 -63.92 -7.39
CA LEU Q 29 -47.35 -64.10 -7.75
C LEU Q 29 -48.03 -62.76 -7.54
N PRO Q 30 -48.63 -62.15 -8.59
CA PRO Q 30 -49.23 -60.83 -8.47
C PRO Q 30 -50.31 -60.89 -7.41
N LEU Q 31 -50.54 -59.75 -6.74
CA LEU Q 31 -51.70 -59.56 -5.89
C LEU Q 31 -52.96 -59.74 -6.73
N LYS Q 32 -53.45 -60.96 -6.86
CA LYS Q 32 -54.61 -61.21 -7.68
C LYS Q 32 -55.89 -61.01 -6.88
N THR Q 33 -56.79 -60.18 -7.41
CA THR Q 33 -58.10 -59.98 -6.82
C THR Q 33 -59.15 -60.58 -7.71
N LEU Q 34 -60.27 -60.94 -7.10
CA LEU Q 34 -61.39 -61.52 -7.84
C LEU Q 34 -62.57 -60.60 -7.65
N VAL Q 35 -62.89 -59.82 -8.69
CA VAL Q 35 -64.04 -58.93 -8.63
C VAL Q 35 -65.28 -59.76 -8.93
N VAL Q 36 -66.16 -59.89 -7.96
CA VAL Q 36 -67.35 -60.71 -8.10
C VAL Q 36 -68.56 -59.80 -8.03
N GLY Q 37 -69.58 -60.10 -8.82
CA GLY Q 37 -70.76 -59.25 -8.86
C GLY Q 37 -71.44 -59.28 -10.21
N ASP Q 38 -72.67 -58.80 -10.21
CA ASP Q 38 -73.58 -58.86 -11.35
C ASP Q 38 -73.06 -57.96 -12.46
N PHE Q 39 -72.64 -58.56 -13.57
CA PHE Q 39 -72.00 -57.82 -14.65
C PHE Q 39 -72.80 -57.84 -15.94
N LYS Q 40 -73.90 -58.58 -16.01
CA LYS Q 40 -74.76 -58.62 -17.18
C LYS Q 40 -76.19 -58.41 -16.74
N GLY Q 41 -77.12 -58.48 -17.69
CA GLY Q 41 -78.48 -58.09 -17.42
C GLY Q 41 -79.46 -59.23 -17.21
N HIS Q 42 -78.98 -60.36 -16.72
CA HIS Q 42 -79.86 -61.51 -16.50
C HIS Q 42 -79.24 -62.40 -15.44
N ALA Q 43 -79.76 -63.62 -15.32
CA ALA Q 43 -79.20 -64.65 -14.46
C ALA Q 43 -78.93 -65.89 -15.31
N GLU Q 44 -77.66 -66.27 -15.41
CA GLU Q 44 -77.27 -67.35 -16.30
C GLU Q 44 -77.71 -68.70 -15.75
N GLN Q 45 -78.16 -69.58 -16.64
CA GLN Q 45 -78.73 -70.84 -16.22
C GLN Q 45 -77.69 -71.88 -15.85
N THR Q 46 -76.42 -71.68 -16.20
CA THR Q 46 -75.42 -72.67 -15.80
C THR Q 46 -75.10 -72.51 -14.31
N PRO Q 47 -74.86 -73.61 -13.60
CA PRO Q 47 -74.47 -73.51 -12.19
C PRO Q 47 -73.09 -72.91 -12.06
N LEU Q 48 -72.77 -72.52 -10.83
CA LEU Q 48 -71.60 -71.68 -10.59
C LEU Q 48 -70.30 -72.45 -10.81
N GLU Q 49 -70.28 -73.75 -10.51
CA GLU Q 49 -69.06 -74.53 -10.56
C GLU Q 49 -68.57 -74.81 -11.98
N GLU Q 50 -69.32 -74.43 -13.01
CA GLU Q 50 -68.90 -74.68 -14.39
C GLU Q 50 -68.51 -73.42 -15.13
N ARG Q 51 -69.05 -72.26 -14.76
CA ARG Q 51 -68.70 -71.03 -15.45
C ARG Q 51 -67.30 -70.59 -15.05
N ALA Q 52 -66.72 -69.71 -15.85
CA ALA Q 52 -65.31 -69.41 -15.74
C ALA Q 52 -65.08 -67.97 -15.30
N THR Q 53 -63.84 -67.71 -14.88
CA THR Q 53 -63.37 -66.36 -14.55
C THR Q 53 -62.46 -65.88 -15.66
N VAL Q 54 -62.66 -64.63 -16.08
CA VAL Q 54 -61.89 -64.05 -17.17
C VAL Q 54 -60.92 -63.03 -16.58
N THR Q 55 -59.71 -62.99 -17.12
CA THR Q 55 -58.66 -62.09 -16.65
C THR Q 55 -58.64 -60.84 -17.51
N VAL Q 56 -58.71 -59.68 -16.86
CA VAL Q 56 -58.84 -58.39 -17.53
C VAL Q 56 -57.64 -57.53 -17.18
N ASP Q 57 -56.93 -57.03 -18.18
CA ASP Q 57 -56.06 -55.91 -17.91
C ASP Q 57 -56.39 -54.76 -18.86
N LYS Q 58 -55.54 -53.73 -18.90
CA LYS Q 58 -55.86 -52.53 -19.66
C LYS Q 58 -55.91 -52.78 -21.15
N ASN Q 59 -55.14 -53.75 -21.63
CA ASN Q 59 -55.08 -54.00 -23.06
C ASN Q 59 -56.24 -54.85 -23.56
N ASN Q 60 -56.79 -55.73 -22.74
CA ASN Q 60 -57.83 -56.62 -23.21
C ASN Q 60 -59.21 -56.29 -22.65
N PHE Q 61 -59.38 -55.08 -22.12
CA PHE Q 61 -60.69 -54.74 -21.59
C PHE Q 61 -61.71 -54.53 -22.71
N GLU Q 62 -61.25 -54.12 -23.88
CA GLU Q 62 -62.16 -53.95 -25.02
C GLU Q 62 -62.58 -55.28 -25.61
N ALA Q 63 -61.81 -56.35 -25.39
CA ALA Q 63 -62.16 -57.68 -25.87
C ALA Q 63 -63.01 -58.45 -24.89
N VAL Q 64 -62.84 -58.20 -23.59
CA VAL Q 64 -63.70 -58.83 -22.59
C VAL Q 64 -65.10 -58.24 -22.65
N MET Q 65 -65.21 -56.94 -22.93
CA MET Q 65 -66.52 -56.31 -23.04
C MET Q 65 -67.25 -56.75 -24.30
N ARG Q 66 -66.52 -57.00 -25.39
CA ARG Q 66 -67.17 -57.41 -26.63
C ARG Q 66 -67.68 -58.83 -26.56
N GLU Q 67 -66.93 -59.74 -25.94
CA GLU Q 67 -67.32 -61.14 -25.89
C GLU Q 67 -68.29 -61.45 -24.77
N SER Q 68 -68.59 -60.48 -23.90
CA SER Q 68 -69.61 -60.70 -22.90
C SER Q 68 -70.99 -60.68 -23.51
N GLU Q 69 -71.18 -59.87 -24.56
CA GLU Q 69 -72.47 -59.57 -25.20
C GLU Q 69 -73.48 -59.03 -24.19
N LEU Q 70 -73.16 -57.85 -23.65
CA LEU Q 70 -74.07 -57.16 -22.76
C LEU Q 70 -75.25 -56.63 -23.56
N LYS Q 71 -76.34 -57.39 -23.61
CA LYS Q 71 -77.53 -57.04 -24.38
C LYS Q 71 -78.59 -56.57 -23.40
N ILE Q 72 -78.81 -55.26 -23.35
CA ILE Q 72 -79.76 -54.67 -22.43
C ILE Q 72 -81.05 -54.38 -23.19
N THR Q 73 -82.11 -55.12 -22.88
CA THR Q 73 -83.41 -54.97 -23.50
C THR Q 73 -84.40 -54.55 -22.43
N ALA Q 74 -84.91 -53.33 -22.53
CA ALA Q 74 -85.84 -52.81 -21.55
C ALA Q 74 -86.87 -51.91 -22.23
N THR Q 75 -87.97 -51.67 -21.54
CA THR Q 75 -89.03 -50.80 -22.02
C THR Q 75 -88.93 -49.46 -21.29
N VAL Q 76 -88.66 -48.39 -22.03
CA VAL Q 76 -88.48 -47.07 -21.45
C VAL Q 76 -89.59 -46.16 -21.96
N LYS Q 77 -89.64 -44.96 -21.40
CA LYS Q 77 -90.70 -44.01 -21.69
C LYS Q 77 -90.48 -43.35 -23.04
N ASN Q 78 -91.57 -43.16 -23.78
CA ASN Q 78 -91.53 -42.53 -25.10
C ASN Q 78 -91.74 -41.04 -24.93
N LYS Q 79 -90.69 -40.25 -25.19
CA LYS Q 79 -90.76 -38.80 -25.17
C LYS Q 79 -90.49 -38.20 -26.53
N LEU Q 80 -90.77 -38.93 -27.61
CA LEU Q 80 -90.58 -38.45 -28.96
C LEU Q 80 -91.87 -37.91 -29.58
N THR Q 81 -92.99 -37.99 -28.87
CA THR Q 81 -94.26 -37.49 -29.38
C THR Q 81 -95.00 -36.74 -28.27
N ASP Q 82 -96.25 -36.36 -28.51
CA ASP Q 82 -97.04 -35.63 -27.53
C ASP Q 82 -97.74 -36.52 -26.51
N ASP Q 83 -97.41 -37.81 -26.48
CA ASP Q 83 -98.03 -38.75 -25.56
C ASP Q 83 -97.16 -38.88 -24.31
N GLU Q 84 -97.80 -38.75 -23.15
CA GLU Q 84 -97.14 -38.98 -21.87
C GLU Q 84 -97.18 -40.45 -21.49
N ASN Q 85 -98.26 -41.15 -21.82
CA ASN Q 85 -98.46 -42.55 -21.44
C ASN Q 85 -98.00 -43.53 -22.51
N ALA Q 86 -97.02 -43.15 -23.32
CA ALA Q 86 -96.47 -44.05 -24.33
C ALA Q 86 -95.14 -44.62 -23.87
N GLU Q 87 -94.87 -45.85 -24.29
CA GLU Q 87 -93.63 -46.54 -23.95
C GLU Q 87 -92.96 -47.03 -25.23
N LEU Q 88 -91.65 -47.21 -25.16
CA LEU Q 88 -90.91 -47.62 -26.33
C LEU Q 88 -89.73 -48.51 -25.95
N PRO Q 89 -89.81 -49.81 -26.20
CA PRO Q 89 -88.66 -50.68 -25.90
C PRO Q 89 -87.49 -50.44 -26.85
N VAL Q 90 -86.30 -50.77 -26.36
CA VAL Q 90 -85.06 -50.56 -27.09
C VAL Q 90 -84.32 -51.89 -27.24
N GLU Q 91 -83.26 -51.86 -28.03
CA GLU Q 91 -82.42 -53.02 -28.26
C GLU Q 91 -80.97 -52.56 -28.33
N LEU Q 92 -80.15 -52.99 -27.39
CA LEU Q 92 -78.80 -52.49 -27.23
C LEU Q 92 -77.78 -53.61 -27.38
N ASN Q 93 -76.71 -53.32 -28.11
CA ASN Q 93 -75.61 -54.26 -28.30
C ASN Q 93 -74.31 -53.50 -28.04
N PHE Q 94 -73.59 -53.88 -26.99
CA PHE Q 94 -72.43 -53.14 -26.53
C PHE Q 94 -71.17 -53.94 -26.82
N LYS Q 95 -70.23 -53.31 -27.53
CA LYS Q 95 -68.97 -53.96 -27.88
C LYS Q 95 -67.75 -53.17 -27.47
N SER Q 96 -67.89 -51.90 -27.12
CA SER Q 96 -66.77 -51.08 -26.67
C SER Q 96 -67.24 -50.13 -25.59
N LEU Q 97 -66.29 -49.47 -24.93
CA LEU Q 97 -66.62 -48.50 -23.89
C LEU Q 97 -67.31 -47.27 -24.46
N ALA Q 98 -67.10 -46.96 -25.73
CA ALA Q 98 -67.80 -45.87 -26.40
C ALA Q 98 -69.26 -46.22 -26.74
N ASP Q 99 -69.67 -47.47 -26.56
CA ASP Q 99 -71.07 -47.81 -26.77
C ASP Q 99 -71.98 -47.38 -25.63
N PHE Q 100 -71.41 -46.98 -24.49
CA PHE Q 100 -72.23 -46.34 -23.46
C PHE Q 100 -72.60 -44.91 -23.82
N ALA Q 101 -71.82 -44.29 -24.71
CA ALA Q 101 -72.02 -42.90 -25.07
C ALA Q 101 -73.28 -42.75 -25.93
N PRO Q 102 -73.96 -41.59 -25.87
CA PRO Q 102 -75.20 -41.41 -26.64
C PRO Q 102 -75.02 -41.35 -28.15
N ASP Q 103 -73.78 -41.31 -28.66
CA ASP Q 103 -73.58 -41.42 -30.10
C ASP Q 103 -73.87 -42.84 -30.58
N ALA Q 104 -73.50 -43.85 -29.79
CA ALA Q 104 -73.72 -45.23 -30.16
C ALA Q 104 -74.97 -45.83 -29.53
N VAL Q 105 -75.56 -45.20 -28.52
CA VAL Q 105 -76.83 -45.68 -28.00
C VAL Q 105 -77.97 -45.26 -28.93
N ALA Q 106 -77.95 -44.00 -29.36
CA ALA Q 106 -78.95 -43.52 -30.30
C ALA Q 106 -78.80 -44.14 -31.69
N SER Q 107 -77.58 -44.56 -32.05
CA SER Q 107 -77.38 -45.25 -33.33
C SER Q 107 -77.97 -46.65 -33.33
N GLN Q 108 -78.16 -47.25 -32.15
CA GLN Q 108 -78.76 -48.57 -32.05
C GLN Q 108 -80.26 -48.50 -31.82
N VAL Q 109 -80.83 -47.31 -31.68
CA VAL Q 109 -82.28 -47.12 -31.59
C VAL Q 109 -82.75 -46.61 -32.94
N PRO Q 110 -83.58 -47.36 -33.67
CA PRO Q 110 -84.01 -46.92 -35.01
C PRO Q 110 -84.90 -45.69 -34.99
N GLU Q 111 -85.59 -45.41 -33.88
CA GLU Q 111 -86.36 -44.18 -33.78
C GLU Q 111 -85.46 -42.96 -33.62
N LEU Q 112 -84.22 -43.15 -33.21
CA LEU Q 112 -83.25 -42.07 -33.11
C LEU Q 112 -82.24 -42.06 -34.24
N LYS Q 113 -82.23 -43.10 -35.09
CA LYS Q 113 -81.41 -43.05 -36.29
C LYS Q 113 -81.96 -42.06 -37.30
N LYS Q 114 -83.27 -41.86 -37.30
CA LYS Q 114 -83.90 -40.90 -38.20
C LYS Q 114 -83.84 -39.47 -37.65
N LEU Q 115 -83.52 -39.29 -36.38
CA LEU Q 115 -83.41 -37.94 -35.83
C LEU Q 115 -82.00 -37.38 -35.92
N ILE Q 116 -80.98 -38.24 -35.83
CA ILE Q 116 -79.62 -37.79 -36.11
C ILE Q 116 -79.46 -37.54 -37.61
N GLU Q 117 -80.07 -38.40 -38.43
CA GLU Q 117 -80.11 -38.17 -39.87
C GLU Q 117 -80.90 -36.91 -40.21
N LEU Q 118 -81.90 -36.58 -39.40
CA LEU Q 118 -82.58 -35.31 -39.56
C LEU Q 118 -81.64 -34.15 -39.23
N ARG Q 119 -80.82 -34.29 -38.19
CA ARG Q 119 -79.91 -33.20 -37.82
C ARG Q 119 -78.75 -33.09 -38.81
N GLU Q 120 -78.24 -34.22 -39.29
CA GLU Q 120 -77.18 -34.21 -40.30
C GLU Q 120 -77.66 -33.58 -41.60
N ALA Q 121 -78.95 -33.73 -41.92
CA ALA Q 121 -79.53 -33.02 -43.06
C ALA Q 121 -79.69 -31.53 -42.81
N LEU Q 122 -79.81 -31.11 -41.55
CA LEU Q 122 -79.94 -29.69 -41.22
C LEU Q 122 -78.60 -28.99 -41.06
N VAL Q 123 -77.56 -29.71 -40.61
CA VAL Q 123 -76.21 -29.15 -40.59
C VAL Q 123 -75.69 -29.00 -42.01
N ALA Q 124 -76.08 -29.90 -42.91
CA ALA Q 124 -75.70 -29.79 -44.32
C ALA Q 124 -76.34 -28.59 -44.99
N LEU Q 125 -77.51 -28.17 -44.51
CA LEU Q 125 -78.21 -27.05 -45.11
C LEU Q 125 -77.55 -25.71 -44.75
N LYS Q 126 -77.05 -25.59 -43.52
CA LYS Q 126 -76.64 -24.30 -42.96
C LYS Q 126 -75.43 -23.71 -43.67
N GLY Q 127 -74.56 -24.56 -44.22
CA GLY Q 127 -73.40 -24.13 -44.96
C GLY Q 127 -73.72 -23.33 -46.22
N PRO Q 128 -74.36 -23.96 -47.20
CA PRO Q 128 -74.80 -23.24 -48.41
C PRO Q 128 -76.07 -22.42 -48.24
N LEU Q 129 -76.56 -22.18 -47.02
CA LEU Q 129 -77.80 -21.44 -46.86
C LEU Q 129 -77.57 -19.94 -46.99
N GLY Q 130 -76.78 -19.36 -46.09
CA GLY Q 130 -76.56 -17.93 -46.06
C GLY Q 130 -75.50 -17.41 -47.01
N ASN Q 131 -74.92 -18.27 -47.83
CA ASN Q 131 -73.90 -17.85 -48.79
C ASN Q 131 -74.53 -17.35 -50.09
N ILE Q 132 -75.52 -18.07 -50.60
CA ILE Q 132 -76.23 -17.69 -51.82
C ILE Q 132 -77.54 -17.03 -51.41
N PRO Q 133 -77.73 -15.74 -51.69
CA PRO Q 133 -78.99 -15.08 -51.32
C PRO Q 133 -80.14 -15.31 -52.29
N ALA Q 134 -80.02 -16.24 -53.23
CA ALA Q 134 -81.10 -16.58 -54.14
C ALA Q 134 -81.98 -17.72 -53.62
N PHE Q 135 -81.69 -18.22 -52.41
CA PHE Q 135 -82.53 -19.26 -51.83
C PHE Q 135 -83.87 -18.70 -51.36
N ARG Q 136 -83.85 -17.51 -50.76
CA ARG Q 136 -85.11 -16.89 -50.32
C ARG Q 136 -85.93 -16.37 -51.48
N GLU Q 137 -85.31 -16.18 -52.65
CA GLU Q 137 -86.06 -15.78 -53.84
C GLU Q 137 -86.98 -16.90 -54.31
N ARG Q 138 -86.57 -18.15 -54.13
CA ARG Q 138 -87.39 -19.29 -54.50
C ARG Q 138 -88.18 -19.88 -53.34
N LEU Q 139 -87.98 -19.38 -52.12
CA LEU Q 139 -88.91 -19.69 -51.04
C LEU Q 139 -90.24 -19.01 -51.28
N GLN Q 140 -90.22 -17.81 -51.86
CA GLN Q 140 -91.46 -17.14 -52.24
C GLN Q 140 -92.08 -17.77 -53.48
N SER Q 141 -91.27 -18.40 -54.32
CA SER Q 141 -91.81 -19.16 -55.44
C SER Q 141 -92.47 -20.45 -54.96
N LEU Q 142 -91.88 -21.09 -53.94
CA LEU Q 142 -92.58 -22.19 -53.28
C LEU Q 142 -93.76 -21.70 -52.46
N LEU Q 143 -93.74 -20.44 -52.02
CA LEU Q 143 -94.94 -19.85 -51.45
C LEU Q 143 -96.00 -19.61 -52.51
N ASN Q 144 -95.59 -19.33 -53.75
CA ASN Q 144 -96.55 -19.18 -54.84
C ASN Q 144 -96.98 -20.54 -55.37
N SER Q 145 -96.03 -21.39 -55.74
CA SER Q 145 -96.33 -22.72 -56.28
C SER Q 145 -96.54 -23.68 -55.12
N GLU Q 146 -97.78 -23.74 -54.62
CA GLU Q 146 -98.11 -24.63 -53.51
C GLU Q 146 -98.46 -26.03 -53.98
N GLU Q 147 -98.93 -26.19 -55.23
CA GLU Q 147 -99.34 -27.50 -55.71
C GLU Q 147 -98.15 -28.39 -56.04
N SER Q 148 -97.17 -27.84 -56.76
CA SER Q 148 -95.99 -28.62 -57.13
C SER Q 148 -95.04 -28.85 -55.97
N ARG Q 149 -95.16 -28.05 -54.90
CA ARG Q 149 -94.29 -28.24 -53.74
C ARG Q 149 -94.71 -29.46 -52.93
N GLU Q 150 -96.01 -29.61 -52.69
CA GLU Q 150 -96.51 -30.72 -51.90
C GLU Q 150 -96.43 -32.05 -52.64
N LYS Q 151 -96.37 -32.03 -53.97
CA LYS Q 151 -96.16 -33.26 -54.73
C LYS Q 151 -94.74 -33.78 -54.58
N LEU Q 152 -93.78 -32.89 -54.31
CA LEU Q 152 -92.39 -33.26 -54.17
C LEU Q 152 -91.99 -33.56 -52.73
N LEU Q 153 -92.80 -33.14 -51.75
CA LEU Q 153 -92.48 -33.46 -50.36
C LEU Q 153 -92.72 -34.92 -50.03
N ALA Q 154 -93.67 -35.56 -50.72
CA ALA Q 154 -93.93 -36.98 -50.51
C ALA Q 154 -92.83 -37.87 -51.09
N GLU Q 155 -92.08 -37.37 -52.06
CA GLU Q 155 -90.99 -38.13 -52.66
C GLU Q 155 -89.78 -38.15 -51.71
N SER R 1 -67.65 -23.88 35.13
CA SER R 1 -66.20 -23.96 35.02
C SER R 1 -65.79 -25.18 34.23
N LYS R 2 -66.35 -25.31 33.02
CA LYS R 2 -66.04 -26.43 32.13
C LYS R 2 -65.85 -25.89 30.72
N GLU R 3 -64.71 -26.19 30.12
CA GLU R 3 -64.48 -25.85 28.72
C GLU R 3 -65.37 -26.69 27.84
N GLY R 4 -66.04 -26.05 26.88
CA GLY R 4 -66.79 -26.77 25.89
C GLY R 4 -65.85 -27.53 24.98
N SER R 5 -65.96 -28.85 24.95
CA SER R 5 -65.12 -29.69 24.08
C SER R 5 -66.02 -30.57 23.24
N VAL R 6 -65.40 -31.31 22.33
CA VAL R 6 -66.10 -32.19 21.42
C VAL R 6 -65.93 -33.62 21.90
N ALA R 7 -66.63 -34.52 21.24
CA ALA R 7 -66.42 -35.93 21.54
C ALA R 7 -65.04 -36.37 21.04
N PRO R 8 -64.31 -37.15 21.82
CA PRO R 8 -62.97 -37.58 21.39
C PRO R 8 -63.07 -38.60 20.26
N LYS R 9 -61.99 -38.69 19.49
CA LYS R 9 -62.03 -39.41 18.22
C LYS R 9 -60.62 -39.62 17.66
N GLU R 10 -60.54 -40.28 16.50
CA GLU R 10 -59.31 -40.48 15.73
C GLU R 10 -58.86 -39.19 15.09
N ARG R 11 -59.76 -38.25 14.99
CA ARG R 11 -59.34 -36.93 14.65
C ARG R 11 -58.85 -36.28 15.93
N ILE R 12 -58.23 -35.13 15.77
CA ILE R 12 -57.46 -34.53 16.84
C ILE R 12 -58.35 -33.52 17.56
N ASN R 13 -58.23 -33.45 18.88
CA ASN R 13 -59.20 -32.64 19.63
C ASN R 13 -58.55 -31.51 20.42
N ILE R 14 -58.34 -30.40 19.73
CA ILE R 14 -57.74 -29.20 20.29
C ILE R 14 -58.71 -28.55 21.27
N LYS R 15 -58.24 -28.26 22.47
CA LYS R 15 -58.99 -27.47 23.44
C LYS R 15 -58.07 -26.44 24.07
N TYR R 16 -58.53 -25.21 23.72
CA TYR R 16 -57.83 -24.04 24.23
C TYR R 16 -57.78 -24.28 25.71
N ILE R 17 -56.56 -24.41 26.19
CA ILE R 17 -56.44 -24.49 27.62
C ILE R 17 -56.31 -23.08 28.08
N PRO R 18 -57.44 -22.48 28.54
CA PRO R 18 -57.25 -21.17 29.13
C PRO R 18 -56.32 -21.27 30.30
N ALA R 19 -56.23 -22.46 30.85
CA ALA R 19 -55.31 -22.69 31.92
C ALA R 19 -53.93 -22.60 31.38
N THR R 20 -52.99 -22.39 32.35
CA THR R 20 -51.58 -22.62 32.24
C THR R 20 -51.37 -23.99 32.88
N GLY R 21 -50.13 -24.44 33.23
CA GLY R 21 -50.07 -25.78 33.79
C GLY R 21 -48.86 -26.03 34.65
N ASP R 22 -48.99 -27.01 35.59
CA ASP R 22 -47.97 -27.44 36.52
C ASP R 22 -47.29 -28.70 36.05
N ALA R 23 -46.71 -29.45 37.04
CA ALA R 23 -45.98 -30.69 36.85
C ALA R 23 -46.14 -31.55 38.10
N GLN R 24 -45.58 -32.81 38.08
CA GLN R 24 -45.70 -33.72 39.20
C GLN R 24 -44.41 -34.52 39.40
N ALA R 25 -44.31 -35.28 40.53
CA ALA R 25 -43.16 -36.10 40.86
C ALA R 25 -43.60 -37.34 41.61
N GLU R 26 -42.71 -38.37 41.74
CA GLU R 26 -43.02 -39.61 42.44
C GLU R 26 -41.79 -40.14 43.17
N VAL R 27 -41.98 -41.09 44.13
CA VAL R 27 -40.95 -41.69 44.98
C VAL R 27 -41.24 -43.16 45.26
N GLU R 28 -40.66 -43.73 46.36
CA GLU R 28 -40.80 -45.10 46.86
C GLU R 28 -42.01 -45.09 47.76
N LEU R 29 -42.02 -45.75 48.92
CA LEU R 29 -43.07 -45.47 49.88
C LEU R 29 -42.98 -43.98 50.21
N PRO R 30 -44.04 -43.19 49.95
CA PRO R 30 -43.99 -41.75 50.16
C PRO R 30 -43.66 -41.49 51.63
N LEU R 31 -42.99 -40.36 51.89
CA LEU R 31 -42.83 -39.83 53.23
C LEU R 31 -44.21 -39.57 53.82
N LYS R 32 -44.81 -40.57 54.46
CA LYS R 32 -46.14 -40.42 55.00
C LYS R 32 -46.08 -39.85 56.40
N THR R 33 -46.81 -38.76 56.62
CA THR R 33 -46.95 -38.16 57.94
C THR R 33 -48.36 -38.37 58.46
N LEU R 34 -48.49 -38.39 59.78
CA LEU R 34 -49.79 -38.55 60.41
C LEU R 34 -50.05 -37.31 61.23
N VAL R 35 -50.92 -36.44 60.73
CA VAL R 35 -51.29 -35.23 61.45
C VAL R 35 -52.33 -35.61 62.49
N VAL R 36 -51.99 -35.48 63.76
CA VAL R 36 -52.88 -35.88 64.84
C VAL R 36 -53.25 -34.63 65.62
N GLY R 37 -54.49 -34.57 66.08
CA GLY R 37 -54.96 -33.40 66.80
C GLY R 37 -56.44 -33.17 66.60
N ASP R 38 -56.97 -32.31 67.47
CA ASP R 38 -58.41 -32.05 67.58
C ASP R 38 -58.90 -31.34 66.33
N PHE R 39 -59.72 -32.01 65.55
CA PHE R 39 -60.16 -31.48 64.28
C PHE R 39 -61.65 -31.21 64.21
N LYS R 40 -62.42 -31.56 65.24
CA LYS R 40 -63.84 -31.30 65.30
C LYS R 40 -64.17 -30.65 66.64
N GLY R 41 -65.45 -30.40 66.87
CA GLY R 41 -65.83 -29.60 68.02
C GLY R 41 -66.38 -30.37 69.20
N HIS R 42 -65.95 -31.61 69.37
CA HIS R 42 -66.44 -32.43 70.47
C HIS R 42 -65.40 -33.50 70.78
N ALA R 43 -65.81 -34.49 71.57
CA ALA R 43 -65.00 -35.67 71.87
C ALA R 43 -65.82 -36.90 71.50
N GLU R 44 -65.33 -37.66 70.52
CA GLU R 44 -66.08 -38.79 69.99
C GLU R 44 -66.11 -39.94 70.99
N GLN R 45 -67.26 -40.61 71.08
CA GLN R 45 -67.45 -41.64 72.10
C GLN R 45 -66.80 -42.98 71.72
N THR R 46 -66.41 -43.17 70.46
CA THR R 46 -65.76 -44.44 70.13
C THR R 46 -64.32 -44.43 70.65
N PRO R 47 -63.82 -45.57 71.12
CA PRO R 47 -62.41 -45.64 71.56
C PRO R 47 -61.48 -45.50 70.36
N LEU R 48 -60.21 -45.27 70.69
CA LEU R 48 -59.26 -44.86 69.66
C LEU R 48 -58.93 -45.99 68.69
N GLU R 49 -58.92 -47.23 69.17
CA GLU R 49 -58.49 -48.36 68.35
C GLU R 49 -59.49 -48.74 67.27
N GLU R 50 -60.66 -48.12 67.21
CA GLU R 50 -61.64 -48.45 66.19
C GLU R 50 -61.84 -47.36 65.16
N ARG R 51 -61.56 -46.11 65.50
CA ARG R 51 -61.73 -45.03 64.53
C ARG R 51 -60.59 -45.07 63.52
N ALA R 52 -60.81 -44.39 62.40
CA ALA R 52 -59.94 -44.56 61.24
C ALA R 52 -59.17 -43.29 60.94
N THR R 53 -58.13 -43.44 60.11
CA THR R 53 -57.36 -42.33 59.58
C THR R 53 -57.73 -42.13 58.12
N VAL R 54 -57.95 -40.87 57.74
CA VAL R 54 -58.34 -40.54 56.38
C VAL R 54 -57.16 -39.89 55.67
N THR R 55 -56.99 -40.22 54.40
CA THR R 55 -55.89 -39.72 53.59
C THR R 55 -56.37 -38.52 52.78
N VAL R 56 -55.62 -37.42 52.90
CA VAL R 56 -56.00 -36.13 52.32
C VAL R 56 -54.92 -35.71 51.34
N ASP R 57 -55.31 -35.43 50.09
CA ASP R 57 -54.42 -34.65 49.25
C ASP R 57 -55.16 -33.43 48.71
N LYS R 58 -54.56 -32.73 47.76
CA LYS R 58 -55.12 -31.46 47.30
C LYS R 58 -56.45 -31.65 46.58
N ASN R 59 -56.66 -32.80 45.95
CA ASN R 59 -57.87 -33.02 45.18
C ASN R 59 -59.05 -33.44 46.05
N ASN R 60 -58.80 -34.12 47.16
CA ASN R 60 -59.91 -34.62 47.97
C ASN R 60 -60.07 -33.88 49.29
N PHE R 61 -59.48 -32.70 49.42
CA PHE R 61 -59.64 -31.97 50.67
C PHE R 61 -61.04 -31.42 50.81
N GLU R 62 -61.72 -31.14 49.71
CA GLU R 62 -63.10 -30.68 49.77
C GLU R 62 -64.08 -31.78 50.13
N ALA R 63 -63.71 -33.03 49.89
CA ALA R 63 -64.55 -34.17 50.25
C ALA R 63 -64.30 -34.66 51.67
N VAL R 64 -63.08 -34.51 52.18
CA VAL R 64 -62.80 -34.86 53.56
C VAL R 64 -63.45 -33.85 54.50
N MET R 65 -63.48 -32.58 54.10
CA MET R 65 -64.12 -31.57 54.93
C MET R 65 -65.63 -31.72 54.95
N ARG R 66 -66.22 -32.16 53.83
CA ARG R 66 -67.67 -32.30 53.78
C ARG R 66 -68.15 -33.49 54.59
N GLU R 67 -67.44 -34.61 54.55
CA GLU R 67 -67.86 -35.81 55.25
C GLU R 67 -67.47 -35.82 56.72
N SER R 68 -66.71 -34.84 57.18
CA SER R 68 -66.43 -34.74 58.60
C SER R 68 -67.65 -34.27 59.37
N GLU R 69 -68.47 -33.41 58.75
CA GLU R 69 -69.60 -32.70 59.35
C GLU R 69 -69.15 -31.90 60.57
N LEU R 70 -68.31 -30.90 60.31
CA LEU R 70 -67.89 -29.97 61.35
C LEU R 70 -69.06 -29.08 61.72
N LYS R 71 -69.79 -29.46 62.75
CA LYS R 71 -70.98 -28.72 63.20
C LYS R 71 -70.63 -27.96 64.46
N ILE R 72 -70.43 -26.65 64.33
CA ILE R 72 -70.02 -25.81 65.45
C ILE R 72 -71.26 -25.11 65.98
N THR R 73 -71.68 -25.50 67.19
CA THR R 73 -72.83 -24.91 67.86
C THR R 73 -72.35 -24.23 69.14
N ALA R 74 -72.46 -22.90 69.17
CA ALA R 74 -72.01 -22.14 70.32
C ALA R 74 -72.93 -20.95 70.54
N THR R 75 -72.87 -20.39 71.74
CA THR R 75 -73.64 -19.21 72.09
C THR R 75 -72.72 -18.00 72.08
N VAL R 76 -72.99 -17.06 71.19
CA VAL R 76 -72.16 -15.87 71.03
C VAL R 76 -72.97 -14.64 71.41
N LYS R 77 -72.29 -13.50 71.45
CA LYS R 77 -72.89 -12.26 71.90
C LYS R 77 -73.78 -11.66 70.82
N ASN R 78 -74.92 -11.11 71.24
CA ASN R 78 -75.89 -10.49 70.34
C ASN R 78 -75.55 -9.01 70.22
N LYS R 79 -75.09 -8.60 69.04
CA LYS R 79 -74.81 -7.21 68.75
C LYS R 79 -75.71 -6.68 67.63
N LEU R 80 -76.90 -7.25 67.46
CA LEU R 80 -77.85 -6.82 66.45
C LEU R 80 -78.91 -5.89 67.00
N THR R 81 -78.90 -5.63 68.31
CA THR R 81 -79.88 -4.73 68.93
C THR R 81 -79.18 -3.82 69.93
N ASP R 82 -79.95 -3.05 70.71
CA ASP R 82 -79.38 -2.13 71.68
C ASP R 82 -79.05 -2.79 73.02
N ASP R 83 -79.11 -4.11 73.10
CA ASP R 83 -78.84 -4.84 74.34
C ASP R 83 -77.38 -5.28 74.35
N GLU R 84 -76.70 -4.96 75.46
CA GLU R 84 -75.34 -5.43 75.69
C GLU R 84 -75.32 -6.84 76.30
N ASN R 85 -76.28 -7.14 77.16
CA ASN R 85 -76.34 -8.41 77.88
C ASN R 85 -77.20 -9.45 77.18
N ALA R 86 -77.31 -9.38 75.86
CA ALA R 86 -78.05 -10.38 75.09
C ALA R 86 -77.09 -11.36 74.43
N GLU R 87 -77.54 -12.60 74.29
CA GLU R 87 -76.76 -13.65 73.66
C GLU R 87 -77.59 -14.29 72.56
N LEU R 88 -76.91 -14.89 71.59
CA LEU R 88 -77.59 -15.48 70.45
C LEU R 88 -76.84 -16.71 69.95
N PRO R 89 -77.35 -17.92 70.19
CA PRO R 89 -76.69 -19.11 69.68
C PRO R 89 -76.83 -19.23 68.17
N VAL R 90 -75.88 -19.93 67.56
CA VAL R 90 -75.83 -20.11 66.11
C VAL R 90 -75.84 -21.59 65.78
N GLU R 91 -75.96 -21.89 64.48
CA GLU R 91 -75.95 -23.26 63.98
C GLU R 91 -75.18 -23.27 62.67
N LEU R 92 -74.06 -23.97 62.64
CA LEU R 92 -73.13 -23.92 61.51
C LEU R 92 -72.96 -25.30 60.90
N ASN R 93 -72.97 -25.36 59.57
CA ASN R 93 -72.76 -26.59 58.82
C ASN R 93 -71.74 -26.30 57.73
N PHE R 94 -70.55 -26.90 57.84
CA PHE R 94 -69.43 -26.59 56.97
C PHE R 94 -69.20 -27.74 56.00
N LYS R 95 -69.20 -27.42 54.70
CA LYS R 95 -68.97 -28.42 53.68
C LYS R 95 -67.84 -28.08 52.71
N SER R 96 -67.38 -26.84 52.70
CA SER R 96 -66.27 -26.43 51.83
C SER R 96 -65.42 -25.41 52.57
N LEU R 97 -64.26 -25.11 51.99
CA LEU R 97 -63.36 -24.12 52.58
C LEU R 97 -63.96 -22.71 52.51
N ALA R 98 -64.86 -22.45 51.57
CA ALA R 98 -65.56 -21.17 51.50
C ALA R 98 -66.65 -21.03 52.56
N ASP R 99 -66.95 -22.09 53.31
CA ASP R 99 -67.91 -21.97 54.40
C ASP R 99 -67.34 -21.30 55.63
N PHE R 100 -66.01 -21.12 55.70
CA PHE R 100 -65.44 -20.29 56.75
C PHE R 100 -65.64 -18.81 56.48
N ALA R 101 -65.87 -18.44 55.23
CA ALA R 101 -66.01 -17.05 54.84
C ALA R 101 -67.34 -16.49 55.34
N PRO R 102 -67.40 -15.17 55.62
CA PRO R 102 -68.65 -14.59 56.14
C PRO R 102 -69.81 -14.55 55.16
N ASP R 103 -69.60 -14.88 53.89
CA ASP R 103 -70.73 -15.02 52.98
C ASP R 103 -71.55 -16.26 53.32
N ALA R 104 -70.90 -17.35 53.70
CA ALA R 104 -71.59 -18.58 54.01
C ALA R 104 -71.83 -18.77 55.51
N VAL R 105 -71.15 -18.02 56.37
CA VAL R 105 -71.45 -18.08 57.79
C VAL R 105 -72.72 -17.29 58.09
N ALA R 106 -72.84 -16.09 57.53
CA ALA R 106 -74.05 -15.30 57.70
C ALA R 106 -75.24 -15.90 56.98
N SER R 107 -75.02 -16.68 55.91
CA SER R 107 -76.12 -17.35 55.23
C SER R 107 -76.68 -18.50 56.05
N GLN R 108 -75.92 -19.03 57.00
CA GLN R 108 -76.39 -20.09 57.87
C GLN R 108 -76.96 -19.56 59.18
N VAL R 109 -76.90 -18.25 59.41
CA VAL R 109 -77.51 -17.62 60.56
C VAL R 109 -78.79 -16.94 60.08
N PRO R 110 -79.98 -17.37 60.54
CA PRO R 110 -81.23 -16.78 60.05
C PRO R 110 -81.43 -15.32 60.46
N GLU R 111 -80.78 -14.87 61.54
CA GLU R 111 -80.86 -13.47 61.90
C GLU R 111 -80.03 -12.60 60.96
N LEU R 112 -79.09 -13.19 60.23
CA LEU R 112 -78.30 -12.48 59.24
C LEU R 112 -78.74 -12.76 57.82
N LYS R 113 -79.64 -13.72 57.61
CA LYS R 113 -80.22 -13.91 56.28
C LYS R 113 -81.15 -12.76 55.93
N LYS R 114 -81.79 -12.15 56.93
CA LYS R 114 -82.66 -11.01 56.70
C LYS R 114 -81.90 -9.70 56.57
N LEU R 115 -80.64 -9.66 56.98
CA LEU R 115 -79.86 -8.44 56.86
C LEU R 115 -79.11 -8.36 55.52
N ILE R 116 -78.67 -9.49 54.98
CA ILE R 116 -78.14 -9.49 53.63
C ILE R 116 -79.26 -9.27 52.62
N GLU R 117 -80.44 -9.87 52.88
CA GLU R 117 -81.62 -9.59 52.07
C GLU R 117 -82.06 -8.14 52.19
N LEU R 118 -81.81 -7.53 53.34
CA LEU R 118 -82.04 -6.10 53.49
C LEU R 118 -81.07 -5.31 52.63
N ARG R 119 -79.81 -5.73 52.56
CA ARG R 119 -78.82 -5.01 51.76
C ARG R 119 -79.04 -5.24 50.27
N GLU R 120 -79.41 -6.46 49.89
CA GLU R 120 -79.71 -6.76 48.49
C GLU R 120 -80.93 -5.98 48.00
N ALA R 121 -81.87 -5.70 48.90
CA ALA R 121 -82.99 -4.82 48.56
C ALA R 121 -82.57 -3.35 48.45
N LEU R 122 -81.49 -2.96 49.13
CA LEU R 122 -81.01 -1.58 49.05
C LEU R 122 -80.05 -1.35 47.88
N VAL R 123 -79.30 -2.37 47.48
CA VAL R 123 -78.48 -2.27 46.27
C VAL R 123 -79.37 -2.25 45.04
N ALA R 124 -80.50 -2.97 45.10
CA ALA R 124 -81.47 -2.94 44.00
C ALA R 124 -82.13 -1.57 43.85
N LEU R 125 -82.23 -0.82 44.93
CA LEU R 125 -82.87 0.49 44.88
C LEU R 125 -81.98 1.53 44.22
N LYS R 126 -80.66 1.46 44.45
CA LYS R 126 -79.74 2.54 44.11
C LYS R 126 -79.60 2.72 42.59
N GLY R 127 -79.79 1.65 41.81
CA GLY R 127 -79.74 1.71 40.37
C GLY R 127 -80.80 2.61 39.76
N PRO R 128 -82.07 2.23 39.88
CA PRO R 128 -83.16 3.09 39.40
C PRO R 128 -83.51 4.28 40.29
N LEU R 129 -82.70 4.62 41.28
CA LEU R 129 -83.04 5.71 42.18
C LEU R 129 -82.75 7.07 41.54
N GLY R 130 -81.47 7.34 41.26
CA GLY R 130 -81.05 8.62 40.73
C GLY R 130 -81.21 8.81 39.25
N ASN R 131 -81.78 7.83 38.55
CA ASN R 131 -81.98 7.93 37.11
C ASN R 131 -83.29 8.63 36.78
N ILE R 132 -84.37 8.28 37.46
CA ILE R 132 -85.67 8.90 37.28
C ILE R 132 -85.87 9.94 38.38
N PRO R 133 -85.95 11.23 38.06
CA PRO R 133 -86.15 12.25 39.10
C PRO R 133 -87.59 12.43 39.55
N ALA R 134 -88.50 11.53 39.18
CA ALA R 134 -89.88 11.57 39.64
C ALA R 134 -90.10 10.76 40.90
N PHE R 135 -89.05 10.16 41.46
CA PHE R 135 -89.19 9.42 42.72
C PHE R 135 -89.37 10.36 43.90
N ARG R 136 -88.63 11.47 43.91
CA ARG R 136 -88.76 12.45 45.00
C ARG R 136 -90.06 13.23 44.90
N GLU R 137 -90.69 13.25 43.72
CA GLU R 137 -91.99 13.90 43.57
C GLU R 137 -93.08 13.14 44.33
N ARG R 138 -92.96 11.81 44.42
CA ARG R 138 -93.92 11.01 45.16
C ARG R 138 -93.45 10.67 46.56
N LEU R 139 -92.22 11.05 46.95
CA LEU R 139 -91.86 11.02 48.36
C LEU R 139 -92.60 12.10 49.12
N GLN R 140 -92.85 13.25 48.48
CA GLN R 140 -93.66 14.28 49.10
C GLN R 140 -95.14 13.91 49.08
N SER R 141 -95.56 13.07 48.13
CA SER R 141 -96.93 12.57 48.15
C SER R 141 -97.10 11.54 49.26
N LEU R 142 -96.08 10.73 49.52
CA LEU R 142 -96.08 9.88 50.70
C LEU R 142 -95.91 10.70 51.97
N LEU R 143 -95.29 11.87 51.88
CA LEU R 143 -95.30 12.80 53.00
C LEU R 143 -96.68 13.39 53.22
N ASN R 144 -97.45 13.57 52.14
CA ASN R 144 -98.82 14.04 52.27
C ASN R 144 -99.77 12.91 52.68
N SER R 145 -99.74 11.80 51.93
CA SER R 145 -100.62 10.66 52.22
C SER R 145 -99.93 9.78 53.25
N GLU R 146 -100.15 10.11 54.52
CA GLU R 146 -99.57 9.34 55.62
C GLU R 146 -100.42 8.14 56.01
N GLU R 147 -101.73 8.17 55.74
CA GLU R 147 -102.61 7.07 56.14
C GLU R 147 -102.44 5.86 55.23
N SER R 148 -102.44 6.08 53.91
CA SER R 148 -102.30 4.98 52.97
C SER R 148 -100.89 4.43 52.90
N ARG R 149 -99.90 5.19 53.37
CA ARG R 149 -98.52 4.70 53.35
C ARG R 149 -98.30 3.67 54.43
N GLU R 150 -98.79 3.93 55.65
CA GLU R 150 -98.59 3.00 56.77
C GLU R 150 -99.43 1.75 56.63
N LYS R 151 -100.51 1.78 55.84
CA LYS R 151 -101.28 0.56 55.59
C LYS R 151 -100.54 -0.38 54.66
N LEU R 152 -99.65 0.16 53.82
CA LEU R 152 -98.89 -0.65 52.88
C LEU R 152 -97.54 -1.10 53.41
N LEU R 153 -97.04 -0.48 54.49
CA LEU R 153 -95.78 -0.90 55.07
C LEU R 153 -95.92 -2.22 55.80
N ALA R 154 -97.11 -2.51 56.35
CA ALA R 154 -97.33 -3.78 57.04
C ALA R 154 -97.43 -4.95 56.06
N GLU R 155 -97.77 -4.70 54.81
CA GLU R 155 -97.86 -5.74 53.80
C GLU R 155 -96.46 -6.17 53.35
N PRO S 1 13.97 -18.17 24.76
CA PRO S 1 14.41 -16.95 25.42
C PRO S 1 13.76 -16.78 26.79
N THR S 2 14.44 -16.07 27.68
CA THR S 2 13.88 -15.93 29.02
C THR S 2 13.06 -14.66 29.11
N PRO S 3 11.94 -14.69 29.84
CA PRO S 3 11.12 -13.49 29.95
C PRO S 3 11.79 -12.40 30.76
N CYS S 4 11.47 -11.16 30.43
CA CYS S 4 12.02 -9.99 31.05
C CYS S 4 11.06 -9.49 32.14
N TYR S 5 11.34 -8.32 32.69
CA TYR S 5 10.48 -7.75 33.71
C TYR S 5 10.45 -6.24 33.54
N ILE S 6 9.28 -5.63 33.70
CA ILE S 6 9.11 -4.20 33.51
C ILE S 6 8.44 -3.61 34.72
N SER S 7 9.02 -2.53 35.26
CA SER S 7 8.44 -1.78 36.36
C SER S 7 8.10 -0.38 35.89
N ILE S 8 6.81 -0.08 35.82
CA ILE S 8 6.33 1.20 35.31
C ILE S 8 5.94 2.08 36.48
N GLU S 9 6.38 3.33 36.47
CA GLU S 9 5.94 4.30 37.46
C GLU S 9 5.33 5.50 36.76
N GLY S 10 4.08 5.81 37.08
CA GLY S 10 3.37 6.87 36.40
C GLY S 10 3.60 8.22 37.03
N GLN S 11 3.05 9.25 36.38
CA GLN S 11 3.04 10.58 36.99
C GLN S 11 2.11 10.62 38.18
N THR S 12 0.82 10.37 37.96
CA THR S 12 -0.16 10.49 39.01
C THR S 12 -0.56 9.16 39.64
N GLN S 13 -0.35 8.05 38.96
CA GLN S 13 -0.83 6.76 39.45
C GLN S 13 0.24 5.99 40.20
N GLY S 14 1.30 6.66 40.63
CA GLY S 14 2.28 6.03 41.47
C GLY S 14 3.04 4.96 40.73
N LEU S 15 3.37 3.88 41.44
CA LEU S 15 3.97 2.71 40.82
C LEU S 15 2.83 1.89 40.24
N ILE S 16 2.76 1.83 38.91
CA ILE S 16 1.64 1.18 38.24
C ILE S 16 1.70 -0.32 38.43
N THR S 17 2.86 -0.91 38.25
CA THR S 17 2.95 -2.34 38.34
C THR S 17 3.14 -2.85 39.75
N ALA S 18 2.82 -2.07 40.78
CA ALA S 18 2.98 -2.52 42.16
C ALA S 18 1.91 -3.56 42.45
N GLY S 19 2.30 -4.83 42.41
CA GLY S 19 1.36 -5.89 42.59
C GLY S 19 0.93 -6.61 41.34
N ALA S 20 1.61 -6.40 40.23
CA ALA S 20 1.22 -7.03 38.98
C ALA S 20 1.77 -8.43 38.83
N CYS S 21 2.43 -8.96 39.85
CA CYS S 21 2.77 -10.37 39.95
C CYS S 21 2.46 -10.88 41.35
N THR S 22 1.23 -10.64 41.80
CA THR S 22 0.73 -11.30 42.99
C THR S 22 -0.13 -12.48 42.58
N ALA S 23 -0.76 -13.11 43.55
CA ALA S 23 -1.68 -14.20 43.26
C ALA S 23 -3.02 -13.69 42.77
N ASP S 24 -3.33 -12.41 42.98
CA ASP S 24 -4.56 -11.87 42.47
C ASP S 24 -4.46 -11.47 41.01
N SER S 25 -3.27 -11.09 40.55
CA SER S 25 -3.12 -10.66 39.17
C SER S 25 -3.17 -11.84 38.21
N ILE S 26 -2.22 -12.76 38.34
CA ILE S 26 -2.03 -13.77 37.31
C ILE S 26 -2.12 -15.19 37.87
N GLY S 27 -2.85 -15.36 38.98
CA GLY S 27 -3.09 -16.70 39.48
C GLY S 27 -1.89 -17.35 40.12
N ASP S 28 -1.47 -18.49 39.61
CA ASP S 28 -0.35 -19.24 40.19
C ASP S 28 0.94 -19.05 39.44
N SER S 29 0.98 -18.20 38.43
CA SER S 29 2.20 -17.97 37.68
C SER S 29 2.92 -16.72 38.16
N PHE S 30 2.73 -16.33 39.41
CA PHE S 30 3.46 -15.18 39.90
C PHE S 30 4.77 -15.64 40.48
N VAL S 31 5.70 -14.70 40.60
CA VAL S 31 7.06 -15.00 41.04
C VAL S 31 7.34 -14.17 42.28
N GLU S 32 7.84 -14.81 43.33
CA GLU S 32 8.26 -14.08 44.51
C GLU S 32 9.50 -13.25 44.20
N GLY S 33 9.59 -12.09 44.85
CA GLY S 33 10.68 -11.17 44.62
C GLY S 33 10.46 -10.20 43.47
N HIS S 34 9.54 -10.50 42.56
CA HIS S 34 9.22 -9.64 41.45
C HIS S 34 7.79 -9.14 41.61
N GLU S 35 7.45 -8.75 42.82
CA GLU S 35 6.08 -8.36 43.14
C GLU S 35 5.69 -7.04 42.50
N ASP S 36 6.65 -6.24 42.06
CA ASP S 36 6.35 -4.93 41.51
C ASP S 36 6.59 -4.86 40.01
N GLU S 37 6.77 -5.99 39.35
CA GLU S 37 7.27 -6.02 37.99
C GLU S 37 6.42 -6.98 37.18
N MET S 38 5.89 -6.52 36.04
CA MET S 38 5.15 -7.40 35.17
C MET S 38 6.07 -8.42 34.52
N LEU S 39 5.49 -9.43 33.91
CA LEU S 39 6.25 -10.48 33.26
C LEU S 39 6.10 -10.30 31.75
N VAL S 40 7.18 -9.91 31.09
CA VAL S 40 7.14 -9.48 29.70
C VAL S 40 7.53 -10.64 28.81
N GLN S 41 6.66 -10.97 27.85
CA GLN S 41 6.89 -12.14 27.02
C GLN S 41 7.67 -11.80 25.76
N GLN S 42 7.13 -10.94 24.92
CA GLN S 42 7.67 -10.63 23.61
C GLN S 42 8.15 -9.19 23.62
N PHE S 43 9.06 -8.85 22.70
CA PHE S 43 9.64 -7.52 22.69
C PHE S 43 9.95 -7.11 21.25
N ASP S 44 9.90 -5.81 20.99
CA ASP S 44 10.17 -5.24 19.66
C ASP S 44 10.38 -3.74 19.73
N HIS S 45 11.43 -3.22 19.09
CA HIS S 45 11.79 -1.81 19.27
C HIS S 45 12.70 -1.36 18.15
N VAL S 46 12.32 -0.31 17.44
CA VAL S 46 13.07 0.21 16.30
C VAL S 46 13.48 1.63 16.61
N VAL S 47 14.68 2.04 16.19
CA VAL S 47 15.13 3.43 16.32
C VAL S 47 15.71 3.82 14.97
N THR S 48 14.94 4.55 14.17
CA THR S 48 15.42 4.87 12.84
C THR S 48 16.17 6.20 12.82
N VAL S 49 16.95 6.40 11.75
CA VAL S 49 17.58 7.67 11.46
C VAL S 49 17.39 7.96 9.98
N PRO S 50 16.77 9.06 9.61
CA PRO S 50 16.58 9.36 8.19
C PRO S 50 17.88 9.77 7.51
N THR S 51 18.39 8.93 6.63
CA THR S 51 19.60 9.22 5.88
C THR S 51 19.24 9.53 4.44
N ASP S 52 19.97 10.44 3.83
CA ASP S 52 19.67 10.79 2.45
C ASP S 52 20.18 9.72 1.50
N PRO S 53 19.60 9.61 0.31
CA PRO S 53 20.20 8.76 -0.72
C PRO S 53 21.47 9.39 -1.26
N GLN S 54 22.14 8.61 -2.12
CA GLN S 54 23.39 8.97 -2.84
C GLN S 54 24.47 9.57 -1.94
N SER S 55 24.48 9.16 -0.68
CA SER S 55 25.42 9.65 0.32
C SER S 55 25.45 8.61 1.42
N GLY S 56 25.99 9.00 2.57
CA GLY S 56 25.85 8.17 3.74
C GLY S 56 25.48 8.95 4.96
N GLN S 57 25.38 10.26 4.82
CA GLN S 57 25.25 11.09 6.02
C GLN S 57 23.82 11.06 6.55
N PRO S 58 23.66 11.15 7.87
CA PRO S 58 22.31 11.21 8.45
C PRO S 58 21.67 12.57 8.18
N SER S 59 20.61 12.56 7.38
CA SER S 59 19.91 13.79 7.02
C SER S 59 18.74 14.02 7.98
N GLY S 60 19.10 14.23 9.24
CA GLY S 60 18.08 14.47 10.24
C GLY S 60 18.33 13.72 11.53
N GLN S 61 17.67 14.13 12.60
CA GLN S 61 17.85 13.47 13.88
C GLN S 61 17.09 12.16 13.89
N ARG S 62 17.38 11.35 14.91
CA ARG S 62 16.79 10.03 15.07
C ARG S 62 15.28 10.13 15.30
N VAL S 63 14.57 9.04 14.98
CA VAL S 63 13.13 8.94 15.13
C VAL S 63 12.83 7.67 15.90
N HIS S 64 12.32 7.80 17.11
CA HIS S 64 12.11 6.64 17.96
C HIS S 64 10.77 5.99 17.63
N LYS S 65 10.82 4.86 16.98
CA LYS S 65 9.66 4.00 16.86
C LYS S 65 9.42 3.32 18.21
N PRO S 66 8.20 2.93 18.54
CA PRO S 66 7.89 2.59 19.94
C PRO S 66 8.37 1.21 20.36
N PHE S 67 8.57 1.09 21.68
CA PHE S 67 8.54 -0.19 22.40
C PHE S 67 7.33 -1.02 22.02
N LYS S 68 7.46 -2.33 22.09
CA LYS S 68 6.30 -3.22 21.99
C LYS S 68 6.57 -4.41 22.90
N PHE S 69 6.11 -4.35 24.14
CA PHE S 69 6.29 -5.46 25.08
C PHE S 69 4.93 -6.07 25.38
N THR S 70 4.88 -7.38 25.55
CA THR S 70 3.64 -8.13 25.67
C THR S 70 3.53 -8.77 27.05
N VAL S 71 2.48 -8.42 27.79
CA VAL S 71 2.19 -9.05 29.06
C VAL S 71 0.78 -9.63 29.01
N ALA S 72 0.46 -10.48 29.97
CA ALA S 72 -0.88 -11.03 30.04
C ALA S 72 -1.80 -10.04 30.73
N LEU S 73 -3.09 -10.35 30.78
CA LEU S 73 -4.03 -9.52 31.53
C LEU S 73 -3.79 -9.67 33.01
N ASN S 74 -3.54 -8.55 33.68
CA ASN S 74 -3.26 -8.58 35.10
C ASN S 74 -3.73 -7.27 35.71
N LYS S 75 -3.23 -6.98 36.91
CA LYS S 75 -3.68 -5.83 37.68
C LYS S 75 -3.31 -4.53 37.03
N ALA S 76 -2.14 -4.46 36.41
CA ALA S 76 -1.65 -3.21 35.87
C ALA S 76 -2.28 -2.84 34.54
N VAL S 77 -3.02 -3.73 33.89
CA VAL S 77 -3.60 -3.42 32.58
C VAL S 77 -4.74 -2.41 32.64
N PRO S 78 -5.67 -2.43 33.61
CA PRO S 78 -6.57 -1.27 33.72
C PRO S 78 -5.88 0.01 34.13
N LEU S 79 -4.72 -0.08 34.78
CA LEU S 79 -3.97 1.13 35.09
C LEU S 79 -3.25 1.65 33.86
N LEU S 80 -2.86 0.78 32.93
CA LEU S 80 -2.24 1.24 31.71
C LEU S 80 -3.24 1.70 30.67
N TYR S 81 -4.53 1.46 30.87
CA TYR S 81 -5.52 2.08 29.99
C TYR S 81 -6.01 3.42 30.51
N ASN S 82 -5.39 3.97 31.54
CA ASN S 82 -5.57 5.38 31.84
C ASN S 82 -4.34 6.20 31.54
N ALA S 83 -3.16 5.58 31.57
CA ALA S 83 -1.99 6.26 31.04
C ALA S 83 -2.11 6.43 29.54
N LEU S 84 -2.86 5.54 28.89
CA LEU S 84 -3.08 5.63 27.45
C LEU S 84 -4.11 6.68 27.11
N SER S 85 -5.33 6.50 27.60
CA SER S 85 -6.45 7.31 27.15
C SER S 85 -6.44 8.72 27.72
N SER S 86 -5.52 9.05 28.62
CA SER S 86 -5.42 10.41 29.10
C SER S 86 -4.05 11.02 28.83
N GLY S 87 -3.16 10.30 28.17
CA GLY S 87 -1.88 10.86 27.81
C GLY S 87 -0.95 11.09 28.98
N GLU S 88 -1.10 10.30 30.04
CA GLU S 88 -0.25 10.46 31.21
C GLU S 88 1.15 9.95 30.93
N LYS S 89 2.15 10.77 31.19
CA LYS S 89 3.51 10.29 31.04
C LYS S 89 3.85 9.36 32.18
N LEU S 90 4.82 8.50 31.94
CA LEU S 90 5.26 7.53 32.92
C LEU S 90 6.69 7.90 33.28
N LYS S 91 6.97 8.05 34.59
CA LYS S 91 8.25 8.58 35.00
C LYS S 91 9.39 7.62 34.67
N THR S 92 9.16 6.32 34.76
CA THR S 92 10.20 5.38 34.40
C THR S 92 9.62 4.05 33.99
N VAL S 93 10.37 3.34 33.17
CA VAL S 93 10.06 1.98 32.74
C VAL S 93 11.39 1.26 32.69
N GLU S 94 11.60 0.29 33.58
CA GLU S 94 12.90 -0.35 33.66
C GLU S 94 12.75 -1.80 33.21
N LEU S 95 12.91 -2.01 31.92
CA LEU S 95 12.99 -3.37 31.39
C LEU S 95 14.29 -4.00 31.87
N LYS S 96 14.24 -5.30 32.17
CA LYS S 96 15.42 -6.02 32.64
C LYS S 96 15.50 -7.35 31.92
N TRP S 97 16.49 -7.51 31.06
CA TRP S 97 16.65 -8.72 30.28
C TRP S 97 17.36 -9.77 31.12
N TYR S 98 16.70 -10.86 31.43
CA TYR S 98 17.38 -11.89 32.19
C TYR S 98 18.02 -12.90 31.26
N ARG S 99 18.97 -13.64 31.80
CA ARG S 99 19.52 -14.80 31.13
C ARG S 99 20.09 -15.73 32.17
N THR S 100 20.28 -16.98 31.78
CA THR S 100 20.79 -18.00 32.69
C THR S 100 22.30 -18.02 32.61
N SER S 101 22.97 -17.73 33.71
CA SER S 101 24.42 -17.62 33.72
C SER S 101 25.06 -18.99 33.84
N ILE S 102 26.37 -19.02 34.04
CA ILE S 102 27.10 -20.29 34.08
C ILE S 102 26.86 -21.00 35.39
N GLU S 103 26.87 -20.26 36.50
CA GLU S 103 26.69 -20.85 37.81
C GLU S 103 25.28 -21.35 38.06
N GLY S 104 24.33 -21.01 37.21
CA GLY S 104 22.99 -21.51 37.33
C GLY S 104 21.99 -20.54 37.90
N LYS S 105 22.26 -19.26 37.84
CA LYS S 105 21.38 -18.28 38.45
C LYS S 105 20.99 -17.25 37.42
N GLN S 106 19.73 -16.80 37.51
CA GLN S 106 19.23 -15.74 36.66
C GLN S 106 19.96 -14.44 36.98
N GLU S 107 20.20 -13.64 35.96
CA GLU S 107 20.80 -12.33 36.19
C GLU S 107 20.42 -11.41 35.05
N ASN S 108 20.28 -10.13 35.35
CA ASN S 108 20.02 -9.16 34.30
C ASN S 108 21.34 -8.80 33.65
N PHE S 109 21.48 -9.13 32.39
CA PHE S 109 22.68 -8.76 31.69
C PHE S 109 22.52 -7.46 30.93
N PHE S 110 21.33 -6.87 30.93
CA PHE S 110 21.02 -5.78 30.01
C PHE S 110 19.75 -5.13 30.51
N THR S 111 19.77 -3.84 30.82
CA THR S 111 18.57 -3.13 31.23
C THR S 111 18.39 -1.92 30.34
N THR S 112 17.17 -1.68 29.90
CA THR S 112 16.87 -0.51 29.08
C THR S 112 15.91 0.36 29.87
N LYS S 113 16.44 1.28 30.66
CA LYS S 113 15.58 2.19 31.40
C LYS S 113 14.96 3.21 30.46
N LEU S 114 14.16 4.10 31.02
CA LEU S 114 13.32 4.94 30.17
C LEU S 114 12.86 6.11 31.02
N GLU S 115 12.95 7.32 30.50
CA GLU S 115 12.38 8.47 31.18
C GLU S 115 10.98 8.68 30.65
N ASN S 116 10.44 9.91 30.76
CA ASN S 116 9.04 10.25 30.50
C ASN S 116 8.49 9.66 29.22
N ALA S 117 7.54 8.74 29.37
CA ALA S 117 7.20 7.82 28.31
C ALA S 117 5.70 7.61 28.29
N SER S 118 5.01 8.30 27.39
CA SER S 118 3.59 8.04 27.24
C SER S 118 3.37 6.70 26.56
N ILE S 119 2.13 6.26 26.54
CA ILE S 119 1.76 5.02 25.88
C ILE S 119 1.10 5.37 24.56
N VAL S 120 1.62 4.82 23.46
CA VAL S 120 1.04 5.10 22.16
C VAL S 120 -0.21 4.27 21.94
N ASP S 121 -0.07 2.95 21.97
CA ASP S 121 -1.25 2.11 21.84
C ASP S 121 -1.06 0.80 22.59
N ILE S 122 -2.19 0.15 22.86
CA ILE S 122 -2.23 -1.11 23.58
C ILE S 122 -3.12 -2.06 22.79
N HIS S 123 -2.58 -3.20 22.41
CA HIS S 123 -3.26 -4.13 21.51
C HIS S 123 -3.64 -5.38 22.28
N CYS S 124 -4.79 -5.34 22.94
CA CYS S 124 -5.29 -6.48 23.69
C CYS S 124 -5.97 -7.46 22.75
N GLU S 125 -5.49 -8.71 22.75
CA GLU S 125 -6.12 -9.74 21.94
C GLU S 125 -6.13 -11.04 22.69
N MET S 126 -6.90 -12.00 22.17
CA MET S 126 -6.97 -13.33 22.72
C MET S 126 -7.06 -14.26 21.52
N PRO S 127 -6.24 -15.31 21.46
CA PRO S 127 -6.31 -16.23 20.34
C PRO S 127 -7.60 -17.05 20.36
N HIS S 128 -7.84 -17.75 19.26
CA HIS S 128 -9.11 -18.42 19.05
C HIS S 128 -9.22 -19.64 19.95
N CYS S 129 -10.34 -19.77 20.65
CA CYS S 129 -10.47 -20.81 21.65
C CYS S 129 -10.69 -22.18 21.02
N GLN S 130 -11.26 -22.23 19.81
CA GLN S 130 -11.41 -23.49 19.09
C GLN S 130 -10.09 -24.05 18.62
N ASP S 131 -9.10 -23.20 18.40
CA ASP S 131 -7.87 -23.58 17.72
C ASP S 131 -6.94 -24.28 18.71
N PRO S 132 -6.54 -25.52 18.44
CA PRO S 132 -5.66 -26.22 19.37
C PRO S 132 -4.19 -25.86 19.25
N ALA S 133 -3.79 -25.18 18.18
CA ALA S 133 -2.40 -24.76 18.06
C ALA S 133 -2.05 -23.62 18.99
N LYS S 134 -3.04 -22.83 19.40
CA LYS S 134 -2.84 -21.70 20.30
C LYS S 134 -3.56 -21.92 21.62
N SER S 135 -3.45 -23.13 22.15
CA SER S 135 -4.12 -23.47 23.41
C SER S 135 -3.30 -23.07 24.62
N ASP S 136 -1.98 -23.02 24.50
CA ASP S 136 -1.14 -22.68 25.63
C ASP S 136 -1.15 -21.20 25.94
N PHE S 137 -1.52 -20.36 24.98
CA PHE S 137 -1.53 -18.92 25.20
C PHE S 137 -2.72 -18.56 26.06
N THR S 138 -2.61 -17.44 26.78
CA THR S 138 -3.73 -16.96 27.57
C THR S 138 -4.32 -15.68 27.00
N GLN S 139 -3.54 -14.61 26.99
CA GLN S 139 -3.92 -13.35 26.38
C GLN S 139 -2.65 -12.69 25.88
N ASN S 140 -2.81 -11.57 25.19
CA ASN S 140 -1.67 -10.81 24.69
C ASN S 140 -2.04 -9.34 24.78
N VAL S 141 -1.39 -8.62 25.68
CA VAL S 141 -1.60 -7.20 25.82
C VAL S 141 -0.28 -6.52 25.49
N THR S 142 -0.18 -6.02 24.26
CA THR S 142 1.07 -5.46 23.76
C THR S 142 1.04 -3.96 23.97
N VAL S 143 1.71 -3.49 25.00
CA VAL S 143 1.69 -2.08 25.36
C VAL S 143 2.86 -1.38 24.69
N SER S 144 2.57 -0.31 23.95
CA SER S 144 3.63 0.43 23.32
C SER S 144 4.05 1.62 24.18
N LEU S 145 5.23 2.15 23.89
CA LEU S 145 5.74 3.28 24.65
C LEU S 145 6.55 4.15 23.73
N SER S 146 6.05 5.33 23.38
CA SER S 146 6.96 6.37 22.96
C SER S 146 7.56 6.97 24.22
N TYR S 147 8.66 7.71 24.06
CA TYR S 147 9.48 8.02 25.22
C TYR S 147 10.39 9.19 24.92
N ARG S 148 10.68 9.97 25.95
CA ARG S 148 11.63 11.06 25.78
C ARG S 148 13.05 10.54 25.79
N LYS S 149 13.48 9.96 26.91
CA LYS S 149 14.86 9.58 27.13
C LYS S 149 14.94 8.10 27.42
N ILE S 150 15.81 7.40 26.69
CA ILE S 150 16.04 5.98 26.86
C ILE S 150 17.51 5.77 27.16
N THR S 151 17.82 4.85 28.07
CA THR S 151 19.20 4.54 28.43
C THR S 151 19.38 3.02 28.41
N TRP S 152 20.01 2.52 27.36
CA TRP S 152 20.45 1.14 27.39
C TRP S 152 21.60 0.99 28.37
N ASP S 153 21.73 -0.20 28.93
CA ASP S 153 22.75 -0.40 29.96
C ASP S 153 23.05 -1.90 30.01
N HIS S 154 24.21 -2.29 29.53
CA HIS S 154 24.65 -3.67 29.70
C HIS S 154 25.34 -3.77 31.04
N VAL S 155 24.89 -4.69 31.89
CA VAL S 155 25.35 -4.72 33.27
C VAL S 155 26.65 -5.52 33.41
N ASN S 156 26.72 -6.71 32.79
CA ASN S 156 27.88 -7.57 32.97
C ASN S 156 29.13 -7.08 32.25
N ALA S 157 29.02 -6.09 31.38
CA ALA S 157 30.18 -5.51 30.74
C ALA S 157 30.24 -4.00 30.93
N GLY S 158 29.30 -3.42 31.65
CA GLY S 158 29.39 -2.04 32.07
C GLY S 158 29.12 -0.99 31.02
N THR S 159 28.92 -1.35 29.75
CA THR S 159 28.65 -0.34 28.75
C THR S 159 27.27 0.26 28.94
N SER S 160 27.09 1.48 28.44
CA SER S 160 25.83 2.17 28.61
C SER S 160 25.63 3.16 27.49
N GLY S 161 24.54 2.99 26.75
CA GLY S 161 24.18 3.97 25.75
C GLY S 161 23.11 4.87 26.31
N SER S 162 22.81 5.96 25.62
CA SER S 162 21.79 6.89 26.08
C SER S 162 21.32 7.74 24.92
N ASP S 163 20.03 8.00 24.89
CA ASP S 163 19.48 9.00 23.98
C ASP S 163 18.55 9.88 24.76
N ASP S 164 18.50 11.15 24.39
CA ASP S 164 17.61 12.06 25.07
C ASP S 164 17.22 13.18 24.13
N TRP S 165 15.94 13.50 24.10
CA TRP S 165 15.53 14.71 23.42
C TRP S 165 15.85 15.95 24.24
N ARG S 166 15.88 15.81 25.57
CA ARG S 166 16.11 16.95 26.44
C ARG S 166 17.52 17.47 26.30
N LYS S 167 18.49 16.58 26.22
CA LYS S 167 19.90 16.95 26.14
C LYS S 167 20.56 16.22 24.98
N PRO S 168 20.39 16.72 23.77
CA PRO S 168 21.14 16.15 22.65
C PRO S 168 22.60 16.56 22.76
N ILE S 169 23.45 15.86 22.04
CA ILE S 169 24.88 15.92 22.34
C ILE S 169 25.43 17.23 21.79
N GLU S 170 25.50 18.22 22.67
CA GLU S 170 25.82 19.64 22.47
C GLU S 170 25.26 20.33 21.21
N GLY T 1 26.95 72.41 90.88
CA GLY T 1 26.03 71.58 90.12
C GLY T 1 25.71 72.15 88.76
N SER T 2 26.70 72.79 88.13
CA SER T 2 26.50 73.37 86.80
C SER T 2 26.44 72.30 85.72
N LEU T 3 27.02 71.12 85.95
CA LEU T 3 26.91 70.03 84.99
C LEU T 3 25.50 69.47 84.94
N LEU T 4 24.77 69.52 86.06
CA LEU T 4 23.37 69.15 86.04
C LEU T 4 22.53 70.21 85.34
N ASP T 5 22.98 71.46 85.34
CA ASP T 5 22.28 72.52 84.64
C ASP T 5 22.41 72.37 83.12
N GLU T 6 23.52 71.80 82.64
CA GLU T 6 23.68 71.58 81.22
C GLU T 6 22.84 70.41 80.73
N ILE T 7 22.58 69.43 81.61
CA ILE T 7 21.71 68.32 81.24
C ILE T 7 20.25 68.77 81.23
N MET T 8 19.84 69.57 82.21
CA MET T 8 18.47 70.06 82.27
C MET T 8 18.17 71.10 81.19
N ALA T 9 19.18 71.86 80.76
CA ALA T 9 18.99 72.74 79.61
C ALA T 9 18.97 71.96 78.30
N GLN T 10 19.56 70.76 78.29
CA GLN T 10 19.50 69.87 77.12
C GLN T 10 18.16 69.15 77.15
N THR T 11 17.21 69.66 76.36
CA THR T 11 15.82 69.22 76.45
C THR T 11 15.57 67.83 75.89
N ARG T 12 16.57 67.21 75.24
CA ARG T 12 16.38 65.86 74.71
C ARG T 12 16.39 64.81 75.81
N CYS T 13 17.21 64.99 76.85
CA CYS T 13 17.31 64.04 77.96
C CYS T 13 17.39 64.79 79.28
N ALA T 14 16.49 65.77 79.46
CA ALA T 14 16.57 66.63 80.65
C ALA T 14 16.11 65.94 81.93
N PRO T 15 14.82 65.45 82.07
CA PRO T 15 14.36 65.14 83.44
C PRO T 15 14.76 63.78 83.96
N SER T 16 16.01 63.36 83.73
CA SER T 16 16.63 62.15 84.28
C SER T 16 15.81 60.89 83.99
N GLU T 17 15.66 60.59 82.70
CA GLU T 17 14.84 59.47 82.27
C GLU T 17 15.66 58.32 81.69
N GLU T 18 16.46 58.59 80.66
CA GLU T 18 17.25 57.54 80.01
C GLU T 18 18.43 58.17 79.29
N GLY T 19 19.62 57.61 79.50
CA GLY T 19 20.80 58.12 78.85
C GLY T 19 21.41 59.36 79.47
N TYR T 20 21.03 59.68 80.71
CA TYR T 20 21.58 60.86 81.36
C TYR T 20 22.91 60.60 82.05
N ASP T 21 23.24 59.34 82.31
CA ASP T 21 24.55 59.02 82.89
C ASP T 21 25.61 58.83 81.81
N ILE T 22 25.20 58.46 80.60
CA ILE T 22 26.16 58.31 79.50
C ILE T 22 26.56 59.67 78.96
N ALA T 23 25.58 60.56 78.74
CA ALA T 23 25.85 61.89 78.23
C ALA T 23 26.57 62.77 79.26
N LYS T 24 26.41 62.49 80.55
CA LYS T 24 27.20 63.18 81.56
C LYS T 24 28.68 62.78 81.47
N LYS T 25 28.95 61.52 81.12
CA LYS T 25 30.32 61.10 80.86
C LYS T 25 30.86 61.67 79.55
N GLY T 26 29.99 62.09 78.64
CA GLY T 26 30.41 62.66 77.38
C GLY T 26 30.88 64.09 77.49
N VAL T 27 30.21 64.87 78.34
CA VAL T 27 30.60 66.26 78.55
C VAL T 27 31.91 66.34 79.32
N ALA T 28 32.04 65.54 80.38
CA ALA T 28 33.21 65.64 81.25
C ALA T 28 34.47 65.08 80.60
N ALA T 29 34.33 64.18 79.62
CA ALA T 29 35.50 63.66 78.93
C ALA T 29 36.05 64.64 77.92
N PHE T 30 35.19 65.45 77.29
CA PHE T 30 35.64 66.38 76.26
C PHE T 30 36.34 67.59 76.87
N ILE T 31 35.98 67.97 78.09
CA ILE T 31 36.59 69.13 78.74
C ILE T 31 38.02 68.79 79.18
N GLU T 32 38.27 67.54 79.54
CA GLU T 32 39.60 67.13 80.00
C GLU T 32 40.64 67.17 78.88
N ASN T 33 40.22 67.01 77.63
CA ASN T 33 41.12 67.11 76.49
C ASN T 33 41.01 68.45 75.77
N LEU T 34 40.10 69.32 76.21
CA LEU T 34 39.89 70.60 75.55
C LEU T 34 41.03 71.59 75.80
N MET T 35 41.80 71.40 76.88
CA MET T 35 42.83 72.36 77.28
C MET T 35 44.06 72.32 76.38
N GLY T 36 44.17 71.36 75.47
CA GLY T 36 45.26 71.38 74.51
C GLY T 36 45.10 72.47 73.46
N SER T 37 43.86 72.85 73.15
CA SER T 37 43.59 73.93 72.19
C SER T 37 42.24 74.53 72.56
N GLN T 38 42.26 75.73 73.14
CA GLN T 38 41.04 76.39 73.58
C GLN T 38 40.30 76.99 72.39
N HIS T 39 39.04 76.62 72.24
CA HIS T 39 38.21 77.15 71.17
C HIS T 39 36.75 77.04 71.60
N SER T 40 35.93 78.00 71.16
CA SER T 40 34.53 78.08 71.57
C SER T 40 33.64 78.25 70.32
N ALA T 41 33.31 77.12 69.69
CA ALA T 41 32.38 77.07 68.57
C ALA T 41 31.96 75.62 68.37
N GLU T 42 30.65 75.38 68.37
CA GLU T 42 30.12 74.01 68.20
C GLU T 42 30.48 73.34 66.87
N PRO T 43 30.38 73.97 65.68
CA PRO T 43 30.74 73.22 64.46
C PRO T 43 32.23 72.96 64.32
N VAL T 44 33.08 73.80 64.90
CA VAL T 44 34.50 73.45 64.99
C VAL T 44 34.68 72.34 66.02
N ASN T 45 33.88 72.38 67.09
CA ASN T 45 33.89 71.29 68.07
C ASN T 45 33.36 69.99 67.49
N LYS T 46 32.43 70.07 66.52
CA LYS T 46 32.04 68.86 65.79
C LYS T 46 33.19 68.32 64.95
N SER T 47 34.12 69.19 64.55
CA SER T 47 35.37 68.72 63.99
C SER T 47 36.39 68.40 65.08
N LEU T 48 36.36 69.13 66.20
CA LEU T 48 37.30 68.85 67.28
C LEU T 48 36.96 67.56 68.02
N VAL T 49 35.68 67.16 68.04
CA VAL T 49 35.35 65.82 68.49
C VAL T 49 35.93 64.79 67.52
N ASP T 50 35.79 65.04 66.22
CA ASP T 50 36.36 64.16 65.21
C ASP T 50 37.88 64.19 65.21
N GLN T 51 38.48 65.33 65.55
CA GLN T 51 39.94 65.37 65.72
C GLN T 51 40.39 64.72 67.00
N MET T 52 39.49 64.48 67.94
CA MET T 52 39.78 63.63 69.10
C MET T 52 39.36 62.18 68.88
N LEU T 53 38.79 61.86 67.71
CA LEU T 53 38.52 60.47 67.34
C LEU T 53 39.58 59.90 66.41
N VAL T 54 40.15 60.73 65.53
CA VAL T 54 41.23 60.29 64.67
C VAL T 54 42.49 60.03 65.48
N GLU T 55 42.79 60.92 66.44
CA GLU T 55 43.93 60.69 67.33
C GLU T 55 43.64 59.55 68.31
N LEU T 56 42.38 59.29 68.61
CA LEU T 56 42.01 58.15 69.44
C LEU T 56 42.20 56.84 68.68
N ASP T 57 41.82 56.80 67.40
CA ASP T 57 41.99 55.60 66.59
C ASP T 57 43.46 55.32 66.30
N LYS T 58 44.32 56.33 66.34
CA LYS T 58 45.76 56.07 66.27
C LYS T 58 46.25 55.41 67.55
N LYS T 59 45.56 55.64 68.67
CA LYS T 59 45.93 54.97 69.91
C LYS T 59 45.35 53.56 70.00
N ILE T 60 44.17 53.32 69.42
CA ILE T 60 43.53 52.03 69.58
C ILE T 60 43.99 51.04 68.52
N SER T 61 44.01 51.47 67.25
CA SER T 61 44.36 50.55 66.18
C SER T 61 45.84 50.19 66.19
N ALA T 62 46.69 51.03 66.77
CA ALA T 62 48.08 50.63 66.98
C ALA T 62 48.20 49.61 68.08
N GLN T 63 47.25 49.56 69.00
CA GLN T 63 47.22 48.49 70.00
C GLN T 63 46.57 47.24 69.45
N MET T 64 45.53 47.38 68.63
CA MET T 64 44.88 46.24 68.01
C MET T 64 45.61 45.72 66.78
N ASP T 65 46.72 46.34 66.38
CA ASP T 65 47.67 45.69 65.51
C ASP T 65 48.79 45.03 66.30
N GLU T 66 48.67 45.00 67.63
CA GLU T 66 49.63 44.32 68.48
C GLU T 66 49.01 43.26 69.36
N ILE T 67 47.73 43.41 69.73
CA ILE T 67 47.02 42.29 70.35
C ILE T 67 46.73 41.23 69.31
N LEU T 68 46.41 41.65 68.09
CA LEU T 68 46.46 40.75 66.95
C LEU T 68 47.91 40.62 66.49
N HIS T 69 48.12 39.85 65.41
CA HIS T 69 49.40 39.73 64.71
C HIS T 69 50.50 39.16 65.61
N ASN T 70 50.13 38.38 66.61
CA ASN T 70 51.07 37.79 67.54
C ASN T 70 51.29 36.33 67.16
N SER T 71 52.48 35.81 67.48
CA SER T 71 52.85 34.46 67.05
C SER T 71 52.03 33.40 67.77
N GLN T 72 51.52 33.70 68.97
CA GLN T 72 50.60 32.79 69.63
C GLN T 72 49.17 32.97 69.10
N PHE T 73 48.79 34.20 68.76
CA PHE T 73 47.44 34.44 68.30
C PHE T 73 47.25 34.02 66.84
N GLN T 74 48.13 34.52 65.96
CA GLN T 74 47.94 34.33 64.52
C GLN T 74 48.13 32.88 64.10
N ALA T 75 49.06 32.16 64.73
CA ALA T 75 49.22 30.74 64.43
C ALA T 75 48.06 29.92 64.96
N MET T 76 47.37 30.41 65.99
CA MET T 76 46.16 29.79 66.49
C MET T 76 44.91 30.44 65.92
N GLU T 77 45.05 31.42 65.04
CA GLU T 77 43.91 31.92 64.28
C GLU T 77 43.86 31.29 62.89
N SER T 78 45.01 31.15 62.24
CA SER T 78 45.06 30.52 60.93
C SER T 78 44.75 29.04 61.01
N ALA T 79 45.12 28.39 62.11
CA ALA T 79 44.82 26.98 62.31
C ALA T 79 43.36 26.74 62.68
N TRP T 80 42.60 27.79 62.95
CA TRP T 80 41.20 27.64 63.34
C TRP T 80 40.23 28.33 62.40
N ARG T 81 40.57 29.52 61.88
CA ARG T 81 39.73 30.12 60.85
C ARG T 81 39.89 29.38 59.52
N GLY T 82 41.07 28.80 59.28
CA GLY T 82 41.26 27.93 58.14
C GLY T 82 40.44 26.66 58.19
N LEU T 83 40.08 26.22 59.39
CA LEU T 83 39.10 25.14 59.51
C LEU T 83 37.73 25.59 59.05
N LYS T 84 37.36 26.84 59.36
CA LYS T 84 36.06 27.36 58.93
C LYS T 84 35.97 27.47 57.42
N LEU T 85 37.10 27.73 56.74
CA LEU T 85 37.14 27.64 55.30
C LEU T 85 37.00 26.20 54.80
N PHE T 86 37.33 25.21 55.64
CA PHE T 86 37.07 23.83 55.26
C PHE T 86 35.66 23.39 55.65
N VAL T 87 35.03 24.06 56.59
CA VAL T 87 33.66 23.70 56.95
C VAL T 87 32.64 24.39 56.05
N ASP T 88 32.89 25.64 55.66
CA ASP T 88 31.92 26.40 54.89
C ASP T 88 31.83 25.93 53.44
N ARG T 89 32.91 25.42 52.87
CA ARG T 89 32.88 25.04 51.46
C ARG T 89 32.29 23.66 51.25
N THR T 90 32.62 22.71 52.14
CA THR T 90 32.21 21.32 51.95
C THR T 90 30.76 21.14 52.33
N ASP T 91 29.99 20.53 51.43
CA ASP T 91 28.56 20.38 51.63
C ASP T 91 28.32 19.17 52.50
N PHE T 92 28.00 19.40 53.77
CA PHE T 92 27.76 18.31 54.70
C PHE T 92 26.44 17.60 54.47
N ARG T 93 25.54 18.16 53.67
CA ARG T 93 24.34 17.43 53.28
C ARG T 93 24.65 16.34 52.28
N GLU T 94 25.73 16.46 51.51
CA GLU T 94 26.08 15.47 50.50
C GLU T 94 27.06 14.43 51.04
N ASN T 95 26.72 13.84 52.19
CA ASN T 95 27.43 12.71 52.81
C ASN T 95 28.91 13.01 53.05
N ASN T 96 29.15 13.97 53.94
CA ASN T 96 30.50 14.34 54.33
C ASN T 96 30.54 14.58 55.82
N LYS T 97 31.59 14.06 56.46
CA LYS T 97 31.85 14.37 57.86
C LYS T 97 33.33 14.63 58.02
N VAL T 98 33.70 15.37 59.06
CA VAL T 98 35.10 15.69 59.31
C VAL T 98 35.38 15.63 60.80
N GLU T 99 36.39 14.84 61.17
CA GLU T 99 36.80 14.73 62.56
C GLU T 99 37.92 15.73 62.85
N ILE T 100 37.95 16.19 64.09
CA ILE T 100 38.87 17.22 64.53
C ILE T 100 39.69 16.67 65.70
N LEU T 101 40.99 16.55 65.50
CA LEU T 101 41.87 15.98 66.52
C LEU T 101 42.87 17.04 66.98
N HIS T 102 42.91 17.27 68.29
CA HIS T 102 43.90 18.16 68.90
C HIS T 102 45.15 17.36 69.21
N VAL T 103 46.18 17.51 68.38
CA VAL T 103 47.52 17.12 68.76
C VAL T 103 48.38 18.37 68.65
N THR T 104 49.63 18.25 69.07
CA THR T 104 50.65 19.17 68.61
C THR T 104 51.68 18.38 67.82
N LYS T 105 52.40 19.08 66.96
CA LYS T 105 53.31 18.43 66.03
C LYS T 105 54.49 17.79 66.74
N ASP T 106 54.92 18.35 67.87
CA ASP T 106 55.97 17.73 68.65
C ASP T 106 55.45 16.56 69.47
N GLU T 107 54.16 16.56 69.81
CA GLU T 107 53.58 15.44 70.54
C GLU T 107 53.43 14.22 69.65
N LEU T 108 53.23 14.43 68.35
CA LEU T 108 52.84 13.34 67.48
C LEU T 108 54.01 12.40 67.20
N LEU T 109 55.20 12.96 67.02
CA LEU T 109 56.38 12.11 66.82
C LEU T 109 56.72 11.36 68.10
N GLU T 110 56.51 11.99 69.26
CA GLU T 110 56.68 11.30 70.53
C GLU T 110 55.67 10.17 70.69
N ASP T 111 54.46 10.33 70.14
CA ASP T 111 53.46 9.28 70.19
C ASP T 111 53.79 8.12 69.25
N PHE T 112 54.55 8.38 68.18
CA PHE T 112 55.09 7.28 67.40
C PHE T 112 56.34 6.69 68.02
N GLU T 113 57.06 7.48 68.82
CA GLU T 113 58.12 6.95 69.66
C GLU T 113 57.55 6.20 70.86
N PHE T 114 56.29 6.47 71.21
CA PHE T 114 55.62 5.83 72.34
C PHE T 114 55.44 4.34 72.11
N ALA T 115 54.85 3.97 70.98
CA ALA T 115 54.61 2.56 70.71
C ALA T 115 55.79 1.93 69.98
N PRO T 116 56.06 0.64 70.24
CA PRO T 116 57.15 -0.03 69.50
C PRO T 116 56.83 -0.29 68.05
N GLU T 117 55.56 -0.31 67.68
CA GLU T 117 55.13 -0.53 66.31
C GLU T 117 54.05 0.48 65.97
N THR T 118 54.02 0.91 64.70
CA THR T 118 53.01 1.85 64.22
C THR T 118 51.60 1.29 64.33
N ALA T 119 51.44 -0.02 64.36
CA ALA T 119 50.15 -0.68 64.55
C ALA T 119 49.71 -0.72 65.99
N GLN T 120 50.41 -0.05 66.90
CA GLN T 120 49.94 0.09 68.28
C GLN T 120 50.01 1.54 68.75
N SER T 121 50.15 2.50 67.83
CA SER T 121 50.32 3.89 68.19
C SER T 121 49.00 4.50 68.68
N GLY T 122 49.07 5.74 69.13
CA GLY T 122 47.88 6.45 69.52
C GLY T 122 47.17 7.12 68.36
N LEU T 123 47.93 7.50 67.33
CA LEU T 123 47.29 8.03 66.13
C LEU T 123 46.69 6.91 65.30
N TYR T 124 47.25 5.70 65.38
CA TYR T 124 46.68 4.53 64.73
C TYR T 124 45.32 4.17 65.32
N LYS T 125 45.07 4.56 66.57
CA LYS T 125 43.77 4.31 67.16
C LYS T 125 42.70 5.21 66.55
N HIS T 126 43.05 6.45 66.22
CA HIS T 126 42.06 7.38 65.73
C HIS T 126 41.91 7.35 64.22
N VAL T 127 42.94 6.93 63.49
CA VAL T 127 42.85 6.85 62.04
C VAL T 127 42.26 5.52 61.61
N TYR T 128 42.78 4.43 62.15
CA TYR T 128 42.38 3.10 61.72
C TYR T 128 41.24 2.54 62.56
N SER T 129 41.46 2.38 63.86
CA SER T 129 40.57 1.51 64.64
C SER T 129 39.28 2.19 65.06
N ALA T 130 39.31 3.49 65.35
CA ALA T 130 38.06 4.16 65.70
C ALA T 130 37.23 4.48 64.47
N GLY T 131 37.83 4.43 63.29
CA GLY T 131 37.14 4.69 62.04
C GLY T 131 37.02 3.43 61.22
N TYR T 132 38.00 3.26 60.35
CA TYR T 132 38.01 2.19 59.35
C TYR T 132 37.97 0.80 59.97
N GLY T 133 38.82 0.54 60.96
CA GLY T 133 38.83 -0.77 61.59
C GLY T 133 37.78 -0.89 62.67
N GLN T 134 36.52 -0.79 62.28
CA GLN T 134 35.42 -0.75 63.23
C GLN T 134 34.17 -1.24 62.52
N PHE T 135 33.42 -2.11 63.18
CA PHE T 135 32.17 -2.59 62.59
C PHE T 135 31.15 -1.48 62.55
N GLY T 136 30.77 -1.07 61.34
CA GLY T 136 29.79 -0.03 61.14
C GLY T 136 30.34 1.39 61.19
N GLY T 137 31.56 1.58 61.68
CA GLY T 137 32.10 2.91 61.75
C GLY T 137 32.50 3.44 60.40
N GLU T 138 32.34 4.76 60.24
CA GLU T 138 32.68 5.39 58.97
C GLU T 138 34.20 5.46 58.80
N PRO T 139 34.73 5.09 57.65
CA PRO T 139 36.19 5.00 57.48
C PRO T 139 36.76 6.34 57.05
N VAL T 140 38.08 6.45 57.18
CA VAL T 140 38.79 7.72 57.03
C VAL T 140 39.28 7.86 55.60
N GLY T 141 38.89 8.97 54.96
CA GLY T 141 39.30 9.24 53.60
C GLY T 141 40.70 9.80 53.50
N ALA T 142 40.99 10.86 54.26
CA ALA T 142 42.31 11.49 54.20
C ALA T 142 42.61 12.17 55.52
N ILE T 143 43.89 12.42 55.76
CA ILE T 143 44.35 13.07 56.98
C ILE T 143 44.92 14.43 56.60
N ILE T 144 44.26 15.49 57.04
CA ILE T 144 44.77 16.84 56.84
C ILE T 144 45.83 17.11 57.88
N GLY T 145 47.06 17.34 57.43
CA GLY T 145 48.12 17.74 58.33
C GLY T 145 48.28 19.23 58.37
N ASN T 146 47.97 19.83 59.53
CA ASN T 146 48.03 21.28 59.69
C ASN T 146 49.42 21.69 60.19
N TYR T 147 50.43 21.25 59.44
CA TYR T 147 51.81 21.26 59.89
C TYR T 147 52.66 22.10 58.95
N ALA T 148 53.90 22.32 59.36
CA ALA T 148 54.89 23.03 58.54
C ALA T 148 56.15 22.18 58.58
N PHE T 149 56.37 21.38 57.54
CA PHE T 149 57.41 20.37 57.55
C PHE T 149 58.76 20.94 57.17
N THR T 150 59.76 20.57 57.93
CA THR T 150 61.17 20.78 57.68
C THR T 150 61.75 19.52 57.05
N PRO T 151 62.94 19.58 56.45
CA PRO T 151 63.56 18.34 55.99
C PRO T 151 64.43 17.66 57.03
N SER T 152 64.29 18.05 58.28
CA SER T 152 65.14 17.51 59.34
C SER T 152 64.68 16.12 59.74
N THR T 153 65.47 15.48 60.59
CA THR T 153 65.21 14.13 61.11
C THR T 153 63.94 14.04 61.97
N PRO T 154 63.56 14.99 62.83
CA PRO T 154 62.25 14.87 63.48
C PRO T 154 61.04 15.13 62.57
N ASP T 155 61.23 15.42 61.29
CA ASP T 155 60.13 15.52 60.34
C ASP T 155 60.21 14.55 59.19
N MET T 156 61.33 13.86 59.01
CA MET T 156 61.36 12.71 58.13
C MET T 156 61.13 11.41 58.87
N LYS T 157 61.25 11.41 60.20
CA LYS T 157 60.84 10.27 60.99
C LYS T 157 59.33 10.25 61.17
N LEU T 158 58.71 11.42 61.19
CA LEU T 158 57.26 11.48 61.28
C LEU T 158 56.61 10.98 60.00
N LEU T 159 57.10 11.44 58.84
CA LEU T 159 56.49 11.03 57.58
C LEU T 159 56.78 9.58 57.24
N GLN T 160 57.87 9.02 57.74
CA GLN T 160 58.07 7.58 57.61
C GLN T 160 57.03 6.83 58.42
N TYR T 161 56.62 7.39 59.55
CA TYR T 161 55.58 6.81 60.38
C TYR T 161 54.19 7.31 60.02
N MET T 162 54.06 8.17 59.01
CA MET T 162 52.76 8.49 58.46
C MET T 162 52.51 7.84 57.11
N GLY T 163 53.56 7.50 56.38
CA GLY T 163 53.39 6.67 55.21
C GLY T 163 53.02 5.25 55.55
N ALA T 164 53.57 4.73 56.66
CA ALA T 164 53.18 3.40 57.11
C ALA T 164 51.79 3.40 57.73
N LEU T 165 51.38 4.51 58.35
CA LEU T 165 50.01 4.62 58.82
C LEU T 165 49.04 4.79 57.66
N GLY T 166 49.43 5.54 56.63
CA GLY T 166 48.58 5.71 55.47
C GLY T 166 48.45 4.47 54.61
N ALA T 167 49.39 3.55 54.72
CA ALA T 167 49.28 2.30 53.98
C ALA T 167 48.49 1.24 54.73
N MET T 168 48.15 1.50 55.98
CA MET T 168 47.33 0.55 56.73
C MET T 168 45.85 0.91 56.69
N ALA T 169 45.52 2.19 56.81
CA ALA T 169 44.14 2.63 56.80
C ALA T 169 43.68 3.11 55.44
N HIS T 170 44.54 3.02 54.43
CA HIS T 170 44.26 3.43 53.05
C HIS T 170 43.82 4.88 52.94
N ALA T 171 44.55 5.75 53.60
CA ALA T 171 44.19 7.16 53.58
C ALA T 171 45.46 7.98 53.46
N PRO T 172 45.62 8.79 52.42
CA PRO T 172 46.84 9.57 52.27
C PRO T 172 46.86 10.74 53.24
N PHE T 173 48.06 11.01 53.76
CA PHE T 173 48.27 12.11 54.69
C PHE T 173 48.71 13.34 53.93
N ILE T 174 47.84 14.35 53.87
CA ILE T 174 48.12 15.58 53.16
C ILE T 174 48.50 16.66 54.16
N SER T 175 49.63 17.31 53.93
CA SER T 175 50.16 18.37 54.77
C SER T 175 50.94 19.30 53.86
N SER T 176 51.77 20.17 54.43
CA SER T 176 52.51 21.10 53.61
C SER T 176 53.96 21.22 54.09
N VAL T 177 54.82 21.58 53.16
CA VAL T 177 56.20 21.91 53.46
C VAL T 177 56.27 23.41 53.76
N GLY T 178 57.32 23.80 54.47
CA GLY T 178 57.48 25.18 54.85
C GLY T 178 58.41 25.92 53.92
N PRO T 179 58.62 27.22 54.20
CA PRO T 179 59.66 27.96 53.47
C PRO T 179 61.04 27.37 53.68
N GLU T 180 61.35 27.00 54.92
CA GLU T 180 62.65 26.44 55.27
C GLU T 180 62.88 25.06 54.67
N PHE T 181 61.84 24.43 54.13
CA PHE T 181 62.02 23.17 53.43
C PHE T 181 62.83 23.38 52.16
N PHE T 182 62.55 24.46 51.43
CA PHE T 182 63.31 24.75 50.23
C PHE T 182 64.62 25.46 50.53
N GLY T 183 64.83 25.90 51.77
CA GLY T 183 66.06 26.58 52.14
C GLY T 183 66.10 28.03 51.72
N ILE T 184 65.02 28.76 51.97
CA ILE T 184 64.94 30.17 51.61
C ILE T 184 64.64 31.09 52.78
N ASP T 185 64.06 30.57 53.89
CA ASP T 185 63.85 31.26 55.17
C ASP T 185 62.91 32.46 55.11
N SER T 186 62.36 32.75 53.94
CA SER T 186 61.44 33.84 53.67
C SER T 186 60.82 33.50 52.32
N PHE T 187 59.50 33.47 52.23
CA PHE T 187 58.91 32.64 51.19
C PHE T 187 58.83 33.30 49.83
N GLU T 188 58.71 34.62 49.75
CA GLU T 188 58.43 35.29 48.48
C GLU T 188 59.60 35.29 47.51
N GLU T 189 60.73 34.65 47.84
CA GLU T 189 61.84 34.48 46.91
C GLU T 189 61.87 33.09 46.30
N LEU T 190 60.71 32.48 46.11
CA LEU T 190 60.67 31.16 45.47
C LEU T 190 60.82 31.18 43.94
N PRO T 191 60.21 32.10 43.16
CA PRO T 191 60.52 32.12 41.72
C PRO T 191 61.93 32.54 41.39
N ASN T 192 62.67 33.10 42.34
CA ASN T 192 64.07 33.43 42.10
C ASN T 192 64.94 32.18 42.00
N ILE T 193 64.43 31.04 42.46
CA ILE T 193 65.16 29.78 42.34
C ILE T 193 65.26 29.40 40.87
N LYS T 194 66.48 29.33 40.36
CA LYS T 194 66.69 29.07 38.94
C LYS T 194 66.94 27.61 38.62
N ASP T 195 67.18 26.78 39.62
CA ASP T 195 67.33 25.34 39.40
C ASP T 195 66.91 24.64 40.68
N LEU T 196 65.69 24.12 40.69
CA LEU T 196 65.15 23.45 41.86
C LEU T 196 65.40 21.94 41.84
N LYS T 197 65.79 21.40 40.68
CA LYS T 197 66.15 19.99 40.60
C LYS T 197 67.46 19.71 41.34
N SER T 198 68.43 20.61 41.23
CA SER T 198 69.69 20.42 41.91
C SER T 198 69.61 20.70 43.40
N THR T 199 68.60 21.44 43.85
CA THR T 199 68.43 21.71 45.27
C THR T 199 68.05 20.43 46.01
N PHE T 200 67.24 19.58 45.38
CA PHE T 200 66.77 18.37 46.02
C PHE T 200 67.78 17.24 45.98
N GLU T 201 68.86 17.38 45.22
CA GLU T 201 69.94 16.39 45.16
C GLU T 201 71.13 16.80 46.02
N SER T 202 70.86 17.45 47.17
CA SER T 202 71.75 17.90 48.23
C SER T 202 71.82 16.88 49.36
N PRO T 203 72.96 16.77 50.04
CA PRO T 203 73.07 15.80 51.15
C PRO T 203 72.28 16.17 52.38
N LYS T 204 71.65 17.35 52.44
CA LYS T 204 70.73 17.63 53.53
C LYS T 204 69.46 16.82 53.39
N TYR T 205 69.12 16.39 52.17
CA TYR T 205 67.88 15.70 51.87
C TYR T 205 68.09 14.20 51.67
N THR T 206 68.99 13.58 52.45
CA THR T 206 69.16 12.13 52.33
C THR T 206 68.00 11.40 52.97
N LYS T 207 67.40 11.98 54.00
CA LYS T 207 66.18 11.44 54.59
C LYS T 207 64.92 11.87 53.84
N TRP T 208 65.05 12.63 52.75
CA TRP T 208 63.96 12.93 51.85
C TRP T 208 63.97 12.04 50.61
N ARG T 209 65.14 11.90 49.98
CA ARG T 209 65.26 11.06 48.80
C ARG T 209 65.18 9.58 49.13
N SER T 210 65.36 9.20 50.40
CA SER T 210 65.08 7.84 50.83
C SER T 210 63.62 7.66 51.23
N LEU T 211 62.95 8.74 51.63
CA LEU T 211 61.51 8.67 51.86
C LEU T 211 60.77 8.49 50.55
N ARG T 212 61.23 9.16 49.49
CA ARG T 212 60.53 9.13 48.20
C ARG T 212 60.61 7.76 47.55
N GLU T 213 61.74 7.08 47.69
CA GLU T 213 61.89 5.76 47.09
C GLU T 213 61.08 4.69 47.81
N SER T 214 60.62 4.96 49.02
CA SER T 214 59.97 3.94 49.83
C SER T 214 58.59 3.61 49.27
N GLU T 215 58.11 2.42 49.63
CA GLU T 215 56.87 1.90 49.06
C GLU T 215 55.64 2.56 49.68
N ASP T 216 55.66 2.77 50.98
CA ASP T 216 54.52 3.36 51.67
C ASP T 216 54.46 4.87 51.55
N ALA T 217 55.35 5.50 50.77
CA ALA T 217 55.27 6.93 50.52
C ALA T 217 54.15 7.30 49.56
N ARG T 218 53.49 6.30 48.99
CA ARG T 218 52.39 6.51 48.06
C ARG T 218 51.23 7.22 48.71
N TYR T 219 51.09 7.09 50.03
CA TYR T 219 50.01 7.70 50.80
C TYR T 219 50.46 8.97 51.49
N LEU T 220 51.31 9.76 50.83
CA LEU T 220 51.82 11.00 51.40
C LEU T 220 51.88 12.05 50.30
N GLY T 221 50.98 13.02 50.34
CA GLY T 221 51.06 14.21 49.51
C GLY T 221 51.42 15.40 50.37
N LEU T 222 52.30 16.25 49.86
CA LEU T 222 52.68 17.47 50.57
C LEU T 222 52.37 18.67 49.69
N THR T 223 51.58 19.60 50.22
CA THR T 223 50.85 20.54 49.41
C THR T 223 51.65 21.83 49.18
N ALA T 224 50.94 22.86 48.78
CA ALA T 224 51.21 24.14 48.16
C ALA T 224 52.04 25.11 49.01
N PRO T 225 52.35 26.32 48.50
CA PRO T 225 52.92 27.35 49.38
C PRO T 225 52.16 27.69 50.66
N ARG T 226 51.04 28.41 50.56
CA ARG T 226 50.16 28.90 51.62
C ARG T 226 49.06 29.67 50.90
N PHE T 227 48.04 30.06 51.66
CA PHE T 227 46.99 30.86 51.05
C PHE T 227 46.39 31.78 52.11
N LEU T 228 45.76 32.86 51.63
CA LEU T 228 45.24 33.92 52.48
C LEU T 228 43.87 33.55 53.04
N LEU T 229 43.61 33.98 54.27
CA LEU T 229 42.35 33.69 54.95
C LEU T 229 41.51 34.93 55.22
N ARG T 230 42.09 35.97 55.79
CA ARG T 230 41.34 37.11 56.26
C ARG T 230 41.78 38.37 55.53
N VAL T 231 40.83 39.03 54.89
CA VAL T 231 41.06 40.38 54.38
C VAL T 231 41.24 41.32 55.58
N PRO T 232 42.30 42.13 55.61
CA PRO T 232 42.43 43.12 56.68
C PRO T 232 41.32 44.16 56.62
N TYR T 233 40.83 44.55 57.79
CA TYR T 233 39.59 45.29 57.91
C TYR T 233 39.77 46.73 57.47
N ASP T 234 38.64 47.41 57.25
CA ASP T 234 38.62 48.73 56.66
C ASP T 234 37.34 49.42 57.08
N PRO T 235 37.35 50.71 57.40
CA PRO T 235 36.10 51.38 57.81
C PRO T 235 35.10 51.59 56.69
N ILE T 236 35.42 51.27 55.45
CA ILE T 236 34.49 51.38 54.32
C ILE T 236 34.14 50.01 53.75
N GLU T 237 35.14 49.17 53.52
CA GLU T 237 34.92 47.90 52.85
C GLU T 237 34.33 46.85 53.80
N ASN T 238 35.07 46.49 54.85
CA ASN T 238 34.66 45.48 55.82
C ASN T 238 34.69 46.12 57.20
N PRO T 239 33.65 46.84 57.58
CA PRO T 239 33.68 47.60 58.83
C PRO T 239 33.43 46.70 60.04
N VAL T 240 33.63 47.28 61.21
CA VAL T 240 33.32 46.63 62.48
C VAL T 240 32.28 47.48 63.20
N LYS T 241 31.57 46.85 64.14
CA LYS T 241 30.40 47.46 64.77
C LYS T 241 30.83 48.53 65.76
N SER T 242 30.32 49.76 65.55
CA SER T 242 30.53 50.92 66.43
C SER T 242 32.01 51.28 66.58
N PHE T 243 32.80 51.05 65.54
CA PHE T 243 34.23 51.33 65.55
C PHE T 243 34.71 51.40 64.11
N ASN T 244 35.78 52.16 63.90
CA ASN T 244 36.44 52.25 62.59
C ASN T 244 37.84 51.68 62.74
N TYR T 245 38.09 50.54 62.10
CA TYR T 245 39.34 49.79 62.28
C TYR T 245 40.05 49.65 60.94
N ALA T 246 41.14 50.39 60.79
CA ALA T 246 42.02 50.26 59.62
C ALA T 246 43.24 49.48 60.05
N GLU T 247 43.31 48.22 59.63
CA GLU T 247 44.40 47.33 60.04
C GLU T 247 45.63 47.68 59.22
N ASN T 248 46.57 48.38 59.85
CA ASN T 248 47.78 48.84 59.17
C ASN T 248 48.71 47.68 58.95
N VAL T 249 48.65 47.08 57.76
CA VAL T 249 49.52 45.96 57.40
C VAL T 249 50.83 46.53 56.88
N SER T 250 51.93 46.15 57.52
CA SER T 250 53.25 46.69 57.19
C SER T 250 53.82 45.96 55.98
N ALA T 251 55.10 46.22 55.70
CA ALA T 251 55.77 45.58 54.57
C ALA T 251 56.05 44.11 54.84
N SER T 252 56.04 43.68 56.10
CA SER T 252 56.15 42.27 56.42
C SER T 252 54.85 41.58 56.06
N HIS T 253 54.92 40.62 55.14
CA HIS T 253 53.74 39.86 54.73
C HIS T 253 53.46 38.67 55.62
N GLU T 254 54.11 38.59 56.79
CA GLU T 254 53.76 37.59 57.78
C GLU T 254 52.59 38.00 58.63
N HIS T 255 52.15 39.26 58.56
CA HIS T 255 51.05 39.73 59.38
C HIS T 255 49.68 39.39 58.78
N TYR T 256 49.63 39.12 57.47
CA TYR T 256 48.43 38.55 56.88
C TYR T 256 48.16 37.18 57.48
N LEU T 257 46.88 36.85 57.64
CA LEU T 257 46.50 35.56 58.22
C LEU T 257 46.67 34.48 57.16
N TRP T 258 47.90 33.97 57.06
CA TRP T 258 48.19 32.96 56.07
C TRP T 258 47.83 31.58 56.61
N GLY T 259 46.94 30.88 55.92
CA GLY T 259 46.49 29.58 56.33
C GLY T 259 47.42 28.47 55.84
N ASN T 260 47.00 27.24 56.08
CA ASN T 260 47.72 26.05 55.64
C ASN T 260 46.94 25.40 54.51
N THR T 261 47.60 25.07 53.41
CA THR T 261 46.91 24.67 52.19
C THR T 261 46.45 23.21 52.22
N ALA T 262 46.79 22.46 53.26
CA ALA T 262 46.16 21.16 53.46
C ALA T 262 44.67 21.29 53.72
N PHE T 263 44.25 22.43 54.28
CA PHE T 263 42.84 22.79 54.28
C PHE T 263 42.31 22.94 52.87
N ALA T 264 43.01 23.73 52.03
CA ALA T 264 42.49 24.09 50.73
C ALA T 264 42.59 22.97 49.71
N PHE T 265 43.53 22.04 49.87
CA PHE T 265 43.59 20.91 48.96
C PHE T 265 42.54 19.86 49.32
N ALA T 266 42.24 19.71 50.60
CA ALA T 266 41.16 18.82 51.00
C ALA T 266 39.79 19.43 50.74
N THR T 267 39.73 20.72 50.43
CA THR T 267 38.48 21.29 49.92
C THR T 267 38.13 20.68 48.57
N ARG T 268 39.14 20.40 47.75
CA ARG T 268 38.91 19.80 46.45
C ARG T 268 38.74 18.29 46.50
N LEU T 269 39.23 17.63 47.56
CA LEU T 269 38.88 16.23 47.78
C LEU T 269 37.41 16.08 48.10
N THR T 270 36.84 17.05 48.80
CA THR T 270 35.48 16.90 49.27
C THR T 270 34.47 17.52 48.31
N ASP T 271 34.82 18.63 47.66
CA ASP T 271 33.93 19.18 46.65
C ASP T 271 33.92 18.36 45.37
N SER T 272 34.89 17.45 45.20
CA SER T 272 34.74 16.44 44.17
C SER T 272 33.86 15.29 44.64
N PHE T 273 33.87 14.99 45.93
CA PHE T 273 33.03 13.91 46.43
C PHE T 273 31.57 14.34 46.55
N ALA T 274 31.32 15.62 46.78
CA ALA T 274 29.95 16.07 46.93
C ALA T 274 29.21 16.15 45.60
N LYS T 275 29.92 16.02 44.49
CA LYS T 275 29.32 16.10 43.16
C LYS T 275 29.21 14.75 42.47
N TYR T 276 30.26 13.93 42.53
CA TYR T 276 30.31 12.69 41.79
C TYR T 276 30.41 11.45 42.67
N ARG T 277 30.50 11.61 43.99
CA ARG T 277 30.66 10.54 44.98
C ARG T 277 31.92 9.70 44.73
N TRP T 278 32.94 10.33 44.14
CA TRP T 278 34.27 9.78 44.04
C TRP T 278 35.24 10.94 44.16
N CYS T 279 36.53 10.64 44.05
CA CYS T 279 37.55 11.69 44.01
C CYS T 279 38.75 11.31 43.15
N PRO T 280 38.62 11.34 41.81
CA PRO T 280 39.81 11.58 41.01
C PRO T 280 39.90 13.02 40.52
N ASN T 281 38.85 13.80 40.76
CA ASN T 281 38.71 15.12 40.14
C ASN T 281 39.28 16.19 41.06
N ILE T 282 40.60 16.30 41.06
CA ILE T 282 41.28 17.28 41.90
C ILE T 282 42.35 18.08 41.18
N ILE T 283 42.52 17.89 39.87
CA ILE T 283 43.65 18.51 39.19
C ILE T 283 43.22 19.42 38.04
N GLY T 284 42.01 19.99 38.09
CA GLY T 284 41.53 20.78 36.98
C GLY T 284 41.17 22.22 37.32
N PRO T 285 41.75 23.17 36.59
CA PRO T 285 41.30 24.56 36.70
C PRO T 285 39.89 24.77 36.22
N GLN T 286 39.39 23.91 35.34
CA GLN T 286 37.97 23.86 35.01
C GLN T 286 37.39 22.48 35.25
N SER T 287 38.07 21.65 36.05
CA SER T 287 37.63 20.28 36.23
C SER T 287 37.81 19.81 37.66
N GLY T 288 37.75 20.72 38.63
CA GLY T 288 37.71 20.36 40.02
C GLY T 288 38.99 20.48 40.81
N GLY T 289 39.93 21.30 40.37
CA GLY T 289 41.11 21.57 41.18
C GLY T 289 41.29 23.06 41.34
N ALA T 290 40.20 23.80 41.19
CA ALA T 290 40.23 25.26 41.20
C ALA T 290 39.76 25.76 42.57
N VAL T 291 40.71 26.20 43.39
CA VAL T 291 40.38 26.81 44.68
C VAL T 291 39.87 28.22 44.38
N GLU T 292 38.57 28.39 44.39
CA GLU T 292 37.96 29.67 44.07
C GLU T 292 37.67 30.46 45.36
N ASP T 293 37.28 31.71 45.16
CA ASP T 293 36.85 32.64 46.21
C ASP T 293 37.97 32.86 47.23
N LEU T 294 39.15 33.18 46.75
CA LEU T 294 40.21 33.52 47.66
C LEU T 294 40.07 34.96 48.13
N PRO T 295 40.57 35.29 49.32
CA PRO T 295 40.59 36.68 49.75
C PRO T 295 41.63 37.48 48.98
N VAL T 296 41.26 38.69 48.58
CA VAL T 296 42.17 39.61 47.93
C VAL T 296 42.24 40.90 48.74
N HIS T 297 43.35 41.61 48.60
CA HIS T 297 43.59 42.85 49.35
C HIS T 297 44.21 43.84 48.38
N VAL T 298 43.38 44.72 47.82
CA VAL T 298 43.85 45.73 46.88
C VAL T 298 44.49 46.85 47.69
N PHE T 299 45.79 47.02 47.55
CA PHE T 299 46.51 48.09 48.21
C PHE T 299 47.28 48.90 47.18
N GLU T 300 47.86 50.00 47.65
CA GLU T 300 48.60 50.91 46.78
C GLU T 300 50.06 50.48 46.72
N SER T 301 50.55 50.20 45.53
CA SER T 301 51.95 49.89 45.31
C SER T 301 52.72 51.17 45.06
N MET T 302 53.93 51.06 44.53
CA MET T 302 54.76 52.21 44.20
C MET T 302 54.21 52.89 42.94
N GLY T 303 53.11 53.60 43.12
CA GLY T 303 52.46 54.33 42.04
C GLY T 303 51.17 53.71 41.53
N ALA T 304 51.16 52.39 41.37
CA ALA T 304 50.03 51.69 40.78
C ALA T 304 49.09 51.15 41.84
N LEU T 305 47.98 50.59 41.38
CA LEU T 305 46.98 49.96 42.24
C LEU T 305 47.00 48.47 41.93
N GLN T 306 47.67 47.68 42.78
CA GLN T 306 47.77 46.25 42.57
C GLN T 306 47.02 45.52 43.67
N SER T 307 47.03 44.19 43.59
CA SER T 307 46.39 43.33 44.56
C SER T 307 47.42 42.43 45.22
N LYS T 308 47.25 42.19 46.51
CA LYS T 308 48.09 41.22 47.20
C LYS T 308 47.77 39.82 46.71
N ILE T 309 48.80 39.06 46.35
CA ILE T 309 48.60 37.73 45.78
C ILE T 309 48.13 36.77 46.88
N PRO T 310 47.01 36.08 46.68
CA PRO T 310 46.46 35.24 47.76
C PRO T 310 47.30 34.02 48.08
N THR T 311 48.11 33.53 47.16
CA THR T 311 49.21 32.63 47.50
C THR T 311 50.48 33.46 47.46
N GLU T 312 51.44 33.12 48.32
CA GLU T 312 52.53 34.06 48.60
C GLU T 312 53.52 34.18 47.45
N VAL T 313 53.52 33.26 46.51
CA VAL T 313 54.34 33.40 45.31
C VAL T 313 53.45 33.15 44.09
N LEU T 314 53.88 33.68 42.96
CA LEU T 314 53.26 33.37 41.67
C LEU T 314 54.05 32.23 41.07
N ILE T 315 53.50 31.02 41.18
CA ILE T 315 54.16 29.83 40.67
C ILE T 315 54.01 29.81 39.15
N THR T 316 55.13 29.80 38.44
CA THR T 316 55.09 29.73 36.99
C THR T 316 54.75 28.31 36.55
N ASP T 317 54.62 28.12 35.25
CA ASP T 317 54.27 26.80 34.76
C ASP T 317 55.48 25.87 34.76
N ARG T 318 56.68 26.41 34.56
CA ARG T 318 57.88 25.58 34.62
C ARG T 318 58.24 25.24 36.05
N LYS T 319 58.02 26.18 36.98
CA LYS T 319 58.26 25.90 38.39
C LYS T 319 57.28 24.86 38.92
N GLU T 320 56.03 24.89 38.43
CA GLU T 320 55.06 23.92 38.90
C GLU T 320 55.32 22.55 38.31
N PHE T 321 55.77 22.50 37.05
CA PHE T 321 56.13 21.21 36.47
C PHE T 321 57.38 20.63 37.11
N GLU T 322 58.28 21.49 37.59
CA GLU T 322 59.45 20.97 38.30
C GLU T 322 59.09 20.54 39.71
N LEU T 323 58.07 21.16 40.31
CA LEU T 323 57.53 20.64 41.55
C LEU T 323 56.70 19.38 41.34
N ALA T 324 56.11 19.21 40.15
CA ALA T 324 55.31 18.03 39.88
C ALA T 324 56.19 16.80 39.72
N GLU T 325 57.36 16.96 39.13
CA GLU T 325 58.29 15.84 38.98
C GLU T 325 58.92 15.48 40.32
N GLU T 326 59.09 16.45 41.20
CA GLU T 326 59.73 16.24 42.49
C GLU T 326 58.74 15.98 43.61
N GLY T 327 57.49 15.67 43.29
CA GLY T 327 56.52 15.23 44.28
C GLY T 327 55.96 16.33 45.15
N PHE T 328 55.25 17.28 44.55
CA PHE T 328 54.62 18.36 45.29
C PHE T 328 53.31 18.73 44.64
N ILE T 329 52.33 19.08 45.46
CA ILE T 329 51.03 19.50 44.97
C ILE T 329 51.02 21.03 45.06
N ALA T 330 51.46 21.68 43.98
CA ALA T 330 51.57 23.13 43.99
C ALA T 330 50.27 23.79 43.56
N LEU T 331 50.09 25.04 43.99
CA LEU T 331 48.88 25.81 43.71
C LEU T 331 49.28 27.08 42.97
N THR T 332 49.18 27.06 41.65
CA THR T 332 49.37 28.27 40.88
C THR T 332 48.15 29.18 41.05
N MET T 333 48.40 30.47 41.10
CA MET T 333 47.36 31.44 41.37
C MET T 333 47.02 32.16 40.07
N ARG T 334 45.74 32.38 39.83
CA ARG T 334 45.28 33.07 38.62
C ARG T 334 45.59 34.55 38.78
N LYS T 335 46.71 34.98 38.19
CA LYS T 335 47.28 36.31 38.45
C LYS T 335 46.35 37.43 38.02
N GLY T 336 45.82 38.14 39.01
CA GLY T 336 44.91 39.24 38.75
C GLY T 336 43.50 39.01 39.22
N SER T 337 43.22 37.90 39.90
CA SER T 337 41.87 37.62 40.37
C SER T 337 41.97 36.85 41.67
N ASP T 338 40.84 36.29 42.09
CA ASP T 338 40.72 35.59 43.37
C ASP T 338 40.55 34.09 43.18
N ASN T 339 41.23 33.53 42.18
CA ASN T 339 41.14 32.11 41.90
C ASN T 339 42.53 31.50 41.89
N ALA T 340 42.56 30.19 41.98
CA ALA T 340 43.81 29.45 41.89
C ALA T 340 43.50 28.10 41.27
N ALA T 341 44.52 27.25 41.13
CA ALA T 341 44.31 25.98 40.47
C ALA T 341 45.39 25.01 40.87
N PHE T 342 45.02 23.75 41.02
CA PHE T 342 45.97 22.65 41.06
C PHE T 342 46.08 22.08 39.65
N PHE T 343 47.22 21.50 39.35
CA PHE T 343 47.43 20.90 38.04
C PHE T 343 47.87 19.44 38.10
N SER T 344 48.47 19.00 39.19
CA SER T 344 48.95 17.63 39.31
C SER T 344 49.06 17.31 40.78
N ALA T 345 48.38 16.25 41.21
CA ALA T 345 48.32 15.90 42.62
C ALA T 345 49.31 14.81 42.98
N ASN T 346 50.49 14.80 42.36
CA ASN T 346 51.44 13.71 42.52
C ASN T 346 51.93 13.57 43.96
N SER T 347 51.89 12.35 44.47
CA SER T 347 52.45 12.07 45.77
C SER T 347 53.96 12.05 45.68
N ILE T 348 54.61 11.95 46.85
CA ILE T 348 56.06 12.08 46.91
C ILE T 348 56.80 10.86 46.40
N GLN T 349 56.11 9.82 45.97
CA GLN T 349 56.78 8.60 45.57
C GLN T 349 57.43 8.79 44.20
N LYS T 350 58.59 8.16 44.01
CA LYS T 350 59.26 8.34 42.73
C LYS T 350 58.96 7.18 41.79
N PRO T 351 58.73 7.46 40.52
CA PRO T 351 58.54 6.38 39.54
C PRO T 351 59.83 5.61 39.34
N LYS T 352 59.87 4.37 39.79
CA LYS T 352 61.10 3.60 39.78
C LYS T 352 61.42 3.15 38.36
N VAL T 353 62.64 3.39 37.92
CA VAL T 353 63.05 3.02 36.58
C VAL T 353 63.27 1.51 36.54
N PHE T 354 62.53 0.85 35.74
CA PHE T 354 62.56 -0.57 35.50
C PHE T 354 63.37 -0.86 34.24
N PRO T 355 64.01 -2.03 34.14
CA PRO T 355 64.87 -2.30 32.97
C PRO T 355 64.08 -2.47 31.69
N ASN T 356 64.79 -2.33 30.58
CA ASN T 356 64.16 -2.21 29.27
C ASN T 356 63.76 -3.55 28.66
N THR T 357 62.99 -4.34 29.40
CA THR T 357 62.42 -5.56 28.86
C THR T 357 61.02 -5.27 28.34
N LYS T 358 60.29 -6.31 27.95
CA LYS T 358 58.91 -6.13 27.57
C LYS T 358 58.04 -5.86 28.79
N GLU T 359 58.26 -6.62 29.86
CA GLU T 359 57.51 -6.40 31.10
C GLU T 359 58.03 -5.19 31.87
N GLY T 360 59.31 -4.86 31.76
CA GLY T 360 59.86 -3.74 32.49
C GLY T 360 59.40 -2.41 31.95
N LYS T 361 59.33 -2.30 30.62
CA LYS T 361 58.75 -1.10 30.03
C LYS T 361 57.25 -1.02 30.27
N GLU T 362 56.61 -2.15 30.50
CA GLU T 362 55.20 -2.15 30.85
C GLU T 362 54.99 -1.80 32.32
N ALA T 363 55.69 -2.48 33.22
CA ALA T 363 55.47 -2.28 34.65
C ALA T 363 55.95 -0.91 35.13
N GLU T 364 56.82 -0.25 34.37
CA GLU T 364 57.18 1.13 34.69
C GLU T 364 55.99 2.05 34.52
N THR T 365 55.20 1.83 33.47
CA THR T 365 53.98 2.62 33.29
C THR T 365 52.90 2.15 34.27
N ASN T 366 52.99 0.91 34.73
CA ASN T 366 52.07 0.44 35.74
C ASN T 366 52.38 1.02 37.10
N TYR T 367 53.65 1.06 37.47
CA TYR T 367 54.05 1.63 38.76
C TYR T 367 53.92 3.15 38.76
N LYS T 368 53.92 3.79 37.59
CA LYS T 368 53.75 5.23 37.53
C LYS T 368 52.34 5.64 37.91
N LEU T 369 51.35 4.79 37.63
CA LEU T 369 49.97 5.12 37.98
C LEU T 369 49.72 5.04 39.47
N GLY T 370 50.57 4.35 40.22
CA GLY T 370 50.37 4.28 41.65
C GLY T 370 50.70 5.59 42.34
N THR T 371 51.69 6.32 41.84
CA THR T 371 52.21 7.46 42.58
C THR T 371 51.37 8.71 42.43
N GLN T 372 50.41 8.75 41.50
CA GLN T 372 49.94 10.04 41.05
C GLN T 372 48.89 10.66 41.96
N LEU T 373 48.14 9.84 42.70
CA LEU T 373 47.14 10.23 43.71
C LEU T 373 46.00 11.12 43.18
N PRO T 374 45.41 10.84 42.00
CA PRO T 374 43.97 10.82 42.08
C PRO T 374 43.52 9.38 42.00
N TYR T 375 44.43 8.53 41.55
CA TYR T 375 44.12 7.13 41.31
C TYR T 375 44.17 6.30 42.58
N MET T 376 44.93 6.74 43.58
CA MET T 376 44.81 6.10 44.88
C MET T 376 43.43 6.33 45.46
N MET T 377 42.85 7.50 45.23
CA MET T 377 41.59 7.80 45.87
C MET T 377 40.42 7.09 45.20
N ILE T 378 40.61 6.51 44.00
CA ILE T 378 39.58 5.64 43.46
C ILE T 378 39.80 4.18 43.82
N ILE T 379 40.90 3.85 44.51
CA ILE T 379 41.06 2.52 45.07
C ILE T 379 41.16 2.52 46.58
N ASN T 380 41.39 3.67 47.22
CA ASN T 380 41.16 3.75 48.65
C ASN T 380 39.69 3.56 48.94
N ARG T 381 38.82 4.11 48.09
CA ARG T 381 37.39 3.82 48.21
C ARG T 381 37.09 2.37 47.86
N LEU T 382 37.91 1.75 47.01
CA LEU T 382 37.80 0.31 46.82
C LEU T 382 38.59 -0.47 47.86
N ALA T 383 39.01 0.19 48.93
CA ALA T 383 39.40 -0.52 50.14
C ALA T 383 38.48 -0.17 51.29
N HIS T 384 37.72 0.92 51.18
CA HIS T 384 36.80 1.23 52.25
C HIS T 384 35.43 0.64 52.02
N TYR T 385 34.94 0.62 50.77
CA TYR T 385 33.68 -0.07 50.49
C TYR T 385 33.82 -1.56 50.72
N VAL T 386 34.93 -2.14 50.26
CA VAL T 386 34.98 -3.60 50.19
C VAL T 386 35.29 -4.18 51.56
N LYS T 387 35.96 -3.40 52.42
CA LYS T 387 36.12 -3.78 53.81
C LYS T 387 34.78 -3.78 54.53
N VAL T 388 33.93 -2.78 54.26
CA VAL T 388 32.63 -2.71 54.90
C VAL T 388 31.68 -3.75 54.32
N LEU T 389 31.73 -3.95 53.01
CA LEU T 389 30.73 -4.80 52.34
C LEU T 389 30.97 -6.27 52.65
N GLN T 390 32.22 -6.69 52.77
CA GLN T 390 32.56 -8.04 53.16
C GLN T 390 32.78 -8.19 54.66
N ARG T 391 32.33 -7.23 55.45
CA ARG T 391 32.28 -7.41 56.90
C ARG T 391 30.92 -7.90 57.34
N GLU T 392 29.86 -7.44 56.68
CA GLU T 392 28.52 -7.90 56.96
C GLU T 392 28.35 -9.37 56.61
N GLN T 393 29.12 -9.87 55.67
CA GLN T 393 28.90 -11.20 55.13
C GLN T 393 29.43 -12.31 56.00
N ILE T 394 30.21 -12.02 57.05
CA ILE T 394 30.86 -13.06 57.84
C ILE T 394 29.81 -13.88 58.58
N GLY T 395 29.83 -15.18 58.36
CA GLY T 395 28.81 -16.05 58.90
C GLY T 395 27.75 -16.47 57.92
N ALA T 396 27.84 -16.08 56.67
CA ALA T 396 26.80 -16.42 55.71
C ALA T 396 26.98 -17.84 55.21
N TRP T 397 26.23 -18.16 54.17
CA TRP T 397 26.34 -19.44 53.49
C TRP T 397 26.74 -19.13 52.05
N LYS T 398 28.03 -19.18 51.78
CA LYS T 398 28.55 -18.63 50.55
C LYS T 398 29.36 -19.74 49.88
N GLU T 399 29.90 -19.44 48.70
CA GLU T 399 30.85 -20.33 48.02
C GLU T 399 31.91 -19.46 47.37
N ARG T 400 32.91 -20.11 46.79
CA ARG T 400 33.89 -19.39 45.99
C ARG T 400 33.23 -18.82 44.74
N GLN T 401 32.36 -19.60 44.10
CA GLN T 401 31.58 -19.09 42.97
C GLN T 401 30.61 -18.00 43.42
N ASP T 402 30.12 -18.08 44.65
CA ASP T 402 29.28 -17.01 45.16
C ASP T 402 30.12 -15.81 45.56
N LEU T 403 31.37 -16.03 45.95
CA LEU T 403 32.25 -14.90 46.27
C LEU T 403 32.66 -14.18 45.00
N GLU T 404 32.88 -14.90 43.90
CA GLU T 404 33.19 -14.27 42.62
C GLU T 404 32.05 -13.41 42.13
N ARG T 405 30.81 -13.79 42.42
CA ARG T 405 29.64 -13.13 41.89
C ARG T 405 29.20 -11.93 42.70
N GLU T 406 29.33 -11.99 44.03
CA GLU T 406 28.98 -10.85 44.85
C GLU T 406 29.96 -9.70 44.72
N LEU T 407 31.13 -9.92 44.10
CA LEU T 407 32.07 -8.86 43.80
C LEU T 407 32.01 -8.40 42.36
N ASN T 408 31.82 -9.32 41.41
CA ASN T 408 31.77 -8.93 40.01
C ASN T 408 30.48 -8.19 39.68
N SER T 409 29.37 -8.62 40.25
CA SER T 409 28.13 -7.87 40.04
C SER T 409 28.09 -6.62 40.89
N TRP T 410 29.01 -6.46 41.82
CA TRP T 410 29.09 -5.23 42.59
C TRP T 410 29.93 -4.16 41.93
N ILE T 411 31.15 -4.48 41.49
CA ILE T 411 32.01 -3.44 40.97
C ILE T 411 31.68 -3.06 39.54
N LYS T 412 30.85 -3.86 38.85
CA LYS T 412 30.47 -3.49 37.50
C LYS T 412 29.29 -2.52 37.46
N GLN T 413 29.01 -1.84 38.56
CA GLN T 413 28.29 -0.58 38.52
C GLN T 413 29.24 0.59 38.64
N TYR T 414 30.53 0.33 38.83
CA TYR T 414 31.56 1.36 38.83
C TYR T 414 32.41 1.31 37.57
N VAL T 415 32.16 0.36 36.69
CA VAL T 415 32.97 0.11 35.51
C VAL T 415 32.16 0.53 34.29
N ALA T 416 32.71 1.45 33.51
CA ALA T 416 32.13 1.83 32.22
C ALA T 416 33.17 1.55 31.16
N ASP T 417 33.21 0.29 30.70
CA ASP T 417 34.24 -0.16 29.76
C ASP T 417 33.85 0.35 28.38
N GLN T 418 34.25 1.58 28.11
CA GLN T 418 33.74 2.31 26.98
C GLN T 418 34.78 3.35 26.61
N GLU T 419 35.01 3.53 25.31
CA GLU T 419 36.12 4.37 24.86
C GLU T 419 35.82 5.84 25.08
N ASN T 420 34.61 6.28 24.80
CA ASN T 420 34.22 7.68 24.99
C ASN T 420 32.82 7.76 25.57
N PRO T 421 32.66 7.54 26.87
CA PRO T 421 31.38 7.79 27.50
C PRO T 421 31.20 9.27 27.76
N PRO T 422 29.99 9.73 28.09
CA PRO T 422 29.81 11.15 28.43
C PRO T 422 30.55 11.53 29.71
N ALA T 423 30.59 12.85 29.95
CA ALA T 423 31.39 13.40 31.03
C ALA T 423 30.83 13.07 32.42
N ASP T 424 29.59 12.59 32.50
CA ASP T 424 29.05 12.16 33.79
C ASP T 424 29.27 10.68 34.03
N VAL T 425 29.33 9.87 32.98
CA VAL T 425 29.57 8.44 33.14
C VAL T 425 31.03 8.20 33.50
N ARG T 426 31.92 9.10 33.12
CA ARG T 426 33.34 8.94 33.44
C ARG T 426 33.61 9.15 34.92
N SER T 427 32.86 10.02 35.57
CA SER T 427 33.16 10.35 36.96
C SER T 427 32.26 9.65 37.96
N ARG T 428 31.03 9.31 37.59
CA ARG T 428 30.24 8.42 38.43
C ARG T 428 30.80 7.01 38.42
N ARG T 429 31.38 6.58 37.30
CA ARG T 429 31.99 5.27 37.15
C ARG T 429 33.46 5.49 36.81
N PRO T 430 34.30 5.72 37.82
CA PRO T 430 35.68 6.14 37.54
C PRO T 430 36.56 5.03 37.03
N LEU T 431 36.21 3.78 37.24
CA LEU T 431 37.00 2.69 36.72
C LEU T 431 36.70 2.50 35.25
N ARG T 432 37.50 1.66 34.61
CA ARG T 432 37.31 1.32 33.21
C ARG T 432 37.26 -0.17 32.97
N ALA T 433 38.04 -0.95 33.70
CA ALA T 433 37.93 -2.40 33.66
C ALA T 433 38.42 -2.96 34.98
N ALA T 434 37.84 -4.10 35.38
CA ALA T 434 38.16 -4.68 36.67
C ALA T 434 38.15 -6.19 36.57
N ARG T 435 39.23 -6.82 37.02
CA ARG T 435 39.40 -8.26 36.99
C ARG T 435 39.40 -8.77 38.41
N ILE T 436 38.63 -9.82 38.68
CA ILE T 436 38.57 -10.42 40.01
C ILE T 436 38.81 -11.92 39.89
N GLU T 437 39.88 -12.40 40.49
CA GLU T 437 40.29 -13.80 40.39
C GLU T 437 40.34 -14.36 41.80
N VAL T 438 39.28 -15.04 42.20
CA VAL T 438 39.19 -15.61 43.54
C VAL T 438 39.86 -16.97 43.54
N MET T 439 40.79 -17.18 44.47
CA MET T 439 41.51 -18.43 44.64
C MET T 439 41.19 -18.98 46.03
N ASP T 440 41.87 -20.06 46.41
CA ASP T 440 41.64 -20.67 47.70
C ASP T 440 42.91 -20.58 48.55
N VAL T 441 42.80 -21.06 49.78
CA VAL T 441 43.95 -21.31 50.63
C VAL T 441 43.85 -22.75 51.12
N GLU T 442 44.82 -23.56 50.76
CA GLU T 442 44.84 -24.95 51.17
C GLU T 442 45.35 -25.07 52.60
N GLY T 443 45.10 -26.21 53.22
CA GLY T 443 45.47 -26.42 54.60
C GLY T 443 44.35 -26.04 55.55
N ASN T 444 44.00 -24.75 55.55
CA ASN T 444 42.80 -24.26 56.23
C ASN T 444 41.81 -23.85 55.16
N PRO T 445 40.87 -24.71 54.80
CA PRO T 445 40.03 -24.43 53.64
C PRO T 445 38.95 -23.41 53.97
N GLY T 446 38.70 -22.52 53.02
CA GLY T 446 37.76 -21.44 53.18
C GLY T 446 38.40 -20.10 53.52
N TRP T 447 39.45 -19.75 52.80
CA TRP T 447 40.16 -18.49 52.96
C TRP T 447 40.59 -18.10 51.56
N TYR T 448 40.27 -16.88 51.14
CA TYR T 448 40.11 -16.58 49.73
C TYR T 448 41.02 -15.45 49.25
N GLN T 449 42.04 -15.79 48.49
CA GLN T 449 42.99 -14.80 48.01
C GLN T 449 42.48 -14.27 46.68
N VAL T 450 41.68 -13.22 46.71
CA VAL T 450 41.09 -12.72 45.47
C VAL T 450 41.96 -11.56 45.03
N SER T 451 41.95 -11.27 43.73
CA SER T 451 42.83 -10.22 43.19
C SER T 451 42.05 -9.21 42.37
N LEU T 452 41.48 -8.22 43.04
CA LEU T 452 40.77 -7.15 42.34
C LEU T 452 41.74 -6.24 41.62
N SER T 453 41.63 -6.18 40.28
CA SER T 453 42.58 -5.49 39.42
C SER T 453 41.85 -4.42 38.61
N VAL T 454 41.66 -3.24 39.20
CA VAL T 454 40.92 -2.17 38.56
C VAL T 454 41.81 -1.41 37.60
N ARG T 455 41.21 -0.54 36.79
CA ARG T 455 41.93 0.22 35.80
C ARG T 455 41.17 1.52 35.57
N PRO T 456 41.83 2.66 35.59
CA PRO T 456 41.11 3.93 35.55
C PRO T 456 41.05 4.53 34.16
N HIS T 457 40.32 5.64 34.02
CA HIS T 457 40.43 6.46 32.83
C HIS T 457 41.61 7.41 32.96
N PHE T 458 41.94 8.07 31.86
CA PHE T 458 43.17 8.85 31.77
C PHE T 458 42.85 10.29 31.39
N LYS T 459 43.37 11.23 32.18
CA LYS T 459 43.09 12.65 32.04
C LYS T 459 44.03 13.29 31.02
N TYR T 460 44.07 14.62 31.02
CA TYR T 460 44.66 15.44 29.97
C TYR T 460 45.85 16.19 30.54
N MET T 461 47.05 15.92 30.02
CA MET T 461 48.26 16.56 30.55
C MET T 461 49.35 16.64 29.48
N GLY T 462 49.58 17.84 28.97
CA GLY T 462 50.64 18.12 28.01
C GLY T 462 50.43 17.71 26.57
N ALA T 463 50.91 18.53 25.64
CA ALA T 463 50.87 18.24 24.21
C ALA T 463 52.04 18.98 23.56
N ASN T 464 52.01 19.13 22.22
CA ASN T 464 53.17 19.79 21.62
C ASN T 464 52.87 20.99 20.72
N PHE T 465 51.87 20.89 19.83
CA PHE T 465 51.35 22.01 19.01
C PHE T 465 52.45 22.64 18.15
N GLU T 466 53.03 21.84 17.26
CA GLU T 466 54.20 22.23 16.47
C GLU T 466 53.79 23.00 15.21
N LEU T 467 53.61 24.31 15.34
CA LEU T 467 53.08 25.14 14.28
C LEU T 467 54.04 25.27 13.10
N SER T 468 53.47 25.71 11.97
CA SER T 468 54.13 25.87 10.68
C SER T 468 53.14 26.61 9.79
N LEU T 469 53.58 27.01 8.60
CA LEU T 469 52.61 27.34 7.57
C LEU T 469 52.81 26.44 6.36
N VAL T 470 51.71 26.14 5.69
CA VAL T 470 51.73 25.35 4.47
C VAL T 470 51.70 26.23 3.23
N GLY T 471 50.86 27.26 3.23
CA GLY T 471 50.79 28.20 2.13
C GLY T 471 49.67 27.94 1.15
N ARG T 472 49.44 26.68 0.78
CA ARG T 472 48.35 26.31 -0.11
C ARG T 472 47.21 25.62 0.63
N LEU T 473 47.51 24.64 1.47
CA LEU T 473 46.47 23.90 2.17
C LEU T 473 46.03 24.64 3.42
N PRO U 1 24.33 -22.34 6.89
CA PRO U 1 25.35 -21.33 6.59
C PRO U 1 26.20 -21.01 7.80
N THR U 2 27.43 -20.58 7.57
CA THR U 2 28.29 -20.31 8.71
C THR U 2 28.21 -18.85 9.09
N PRO U 3 28.24 -18.53 10.38
CA PRO U 3 28.15 -17.12 10.80
C PRO U 3 29.39 -16.34 10.44
N CYS U 4 29.18 -15.06 10.20
CA CYS U 4 30.21 -14.13 9.79
C CYS U 4 30.73 -13.39 11.02
N TYR U 5 31.56 -12.38 10.81
CA TYR U 5 32.10 -11.59 11.90
C TYR U 5 32.24 -10.15 11.45
N ILE U 6 31.89 -9.21 12.32
CA ILE U 6 31.92 -7.79 12.00
C ILE U 6 32.72 -7.05 13.04
N SER U 7 33.66 -6.23 12.60
CA SER U 7 34.44 -5.37 13.48
C SER U 7 34.15 -3.92 13.14
N ILE U 8 33.49 -3.22 14.04
CA ILE U 8 33.06 -1.84 13.84
C ILE U 8 34.02 -0.91 14.55
N GLU U 9 34.48 0.13 13.88
CA GLU U 9 35.29 1.17 14.53
C GLU U 9 34.63 2.51 14.33
N GLY U 10 34.30 3.19 15.43
CA GLY U 10 33.58 4.45 15.36
C GLY U 10 34.49 5.63 15.17
N GLN U 11 33.87 6.81 15.00
CA GLN U 11 34.63 8.05 15.01
C GLN U 11 35.17 8.36 16.39
N THR U 12 34.28 8.53 17.36
CA THR U 12 34.69 8.93 18.69
C THR U 12 34.75 7.79 19.69
N GLN U 13 34.07 6.68 19.44
CA GLN U 13 33.99 5.59 20.41
C GLN U 13 35.01 4.52 20.16
N GLY U 14 36.03 4.80 19.37
CA GLY U 14 37.13 3.85 19.20
C GLY U 14 36.68 2.62 18.46
N LEU U 15 37.23 1.48 18.86
CA LEU U 15 36.79 0.20 18.34
C LEU U 15 35.56 -0.21 19.13
N ILE U 16 34.40 -0.20 18.49
CA ILE U 16 33.14 -0.44 19.19
C ILE U 16 33.03 -1.89 19.62
N THR U 17 33.37 -2.81 18.74
CA THR U 17 33.21 -4.20 19.09
C THR U 17 34.39 -4.78 19.82
N ALA U 18 35.24 -3.97 20.44
CA ALA U 18 36.38 -4.48 21.18
C ALA U 18 35.88 -5.14 22.46
N GLY U 19 35.80 -6.45 22.44
CA GLY U 19 35.28 -7.18 23.57
C GLY U 19 33.87 -7.69 23.41
N ALA U 20 33.31 -7.66 22.20
CA ALA U 20 31.95 -8.11 22.00
C ALA U 20 31.83 -9.61 21.84
N CYS U 21 32.91 -10.35 22.00
CA CYS U 21 32.90 -11.80 22.14
C CYS U 21 33.81 -12.22 23.27
N THR U 22 33.61 -11.62 24.44
CA THR U 22 34.23 -12.10 25.64
C THR U 22 33.21 -12.94 26.42
N ALA U 23 33.60 -13.37 27.62
CA ALA U 23 32.67 -14.09 28.46
C ALA U 23 31.68 -13.17 29.15
N ASP U 24 31.95 -11.87 29.18
CA ASP U 24 30.99 -10.96 29.76
C ASP U 24 29.89 -10.57 28.78
N SER U 25 30.19 -10.57 27.48
CA SER U 25 29.19 -10.17 26.50
C SER U 25 28.13 -11.25 26.31
N ILE U 26 28.54 -12.42 25.85
CA ILE U 26 27.59 -13.42 25.40
C ILE U 26 27.73 -14.75 26.14
N GLY U 27 28.25 -14.72 27.36
CA GLY U 27 28.29 -15.92 28.16
C GLY U 27 29.32 -16.93 27.72
N ASP U 28 28.88 -18.14 27.40
CA ASP U 28 29.78 -19.20 27.01
C ASP U 28 29.85 -19.43 25.51
N SER U 29 29.18 -18.61 24.72
CA SER U 29 29.23 -18.74 23.28
C SER U 29 30.24 -17.81 22.64
N PHE U 30 31.26 -17.42 23.38
CA PHE U 30 32.26 -16.57 22.76
C PHE U 30 33.35 -17.44 22.16
N VAL U 31 34.09 -16.85 21.23
CA VAL U 31 35.09 -17.57 20.46
C VAL U 31 36.43 -16.91 20.70
N GLU U 32 37.44 -17.71 21.04
CA GLU U 32 38.79 -17.18 21.16
C GLU U 32 39.32 -16.78 19.80
N GLY U 33 40.14 -15.73 19.77
CA GLY U 33 40.67 -15.19 18.54
C GLY U 33 39.79 -14.18 17.85
N HIS U 34 38.51 -14.15 18.17
CA HIS U 34 37.58 -13.19 17.60
C HIS U 34 37.09 -12.28 18.70
N GLU U 35 38.01 -11.82 19.54
CA GLU U 35 37.65 -11.03 20.71
C GLU U 35 37.18 -9.64 20.34
N ASP U 36 37.45 -9.17 19.14
CA ASP U 36 37.08 -7.82 18.75
C ASP U 36 35.96 -7.79 17.72
N GLU U 37 35.29 -8.91 17.49
CA GLU U 37 34.39 -9.05 16.37
C GLU U 37 33.09 -9.67 16.84
N MET U 38 31.96 -9.03 16.54
CA MET U 38 30.67 -9.61 16.88
C MET U 38 30.41 -10.85 16.05
N LEU U 39 29.40 -11.60 16.44
CA LEU U 39 29.03 -12.83 15.73
C LEU U 39 27.73 -12.57 15.00
N VAL U 40 27.80 -12.52 13.68
CA VAL U 40 26.70 -12.07 12.84
C VAL U 40 25.92 -13.26 12.33
N GLN U 41 24.62 -13.28 12.59
CA GLN U 41 23.81 -14.44 12.25
C GLN U 41 23.21 -14.33 10.86
N GLN U 42 22.39 -13.31 10.62
CA GLN U 42 21.63 -13.15 9.39
C GLN U 42 22.17 -11.94 8.64
N PHE U 43 21.92 -11.89 7.34
CA PHE U 43 22.46 -10.81 6.53
C PHE U 43 21.50 -10.48 5.40
N ASP U 44 21.51 -9.22 4.97
CA ASP U 44 20.65 -8.74 3.88
C ASP U 44 21.10 -7.39 3.37
N HIS U 45 21.19 -7.21 2.05
CA HIS U 45 21.81 -6.00 1.51
C HIS U 45 21.43 -5.83 0.05
N VAL U 46 20.83 -4.69 -0.29
CA VAL U 46 20.35 -4.40 -1.65
C VAL U 46 21.11 -3.19 -2.16
N VAL U 47 21.45 -3.18 -3.45
CA VAL U 47 22.05 -2.01 -4.09
C VAL U 47 21.28 -1.79 -5.39
N THR U 48 20.37 -0.83 -5.40
CA THR U 48 19.55 -0.64 -6.59
C THR U 48 20.19 0.38 -7.54
N VAL U 49 19.73 0.35 -8.79
CA VAL U 49 20.06 1.36 -9.77
C VAL U 49 18.77 1.74 -10.50
N PRO U 50 18.36 2.99 -10.48
CA PRO U 50 17.13 3.37 -11.19
C PRO U 50 17.31 3.37 -12.69
N THR U 51 16.65 2.43 -13.37
CA THR U 51 16.69 2.34 -14.82
C THR U 51 15.36 2.79 -15.39
N ASP U 52 15.41 3.43 -16.55
CA ASP U 52 14.16 3.90 -17.13
C ASP U 52 13.41 2.74 -17.79
N PRO U 53 12.10 2.86 -17.96
CA PRO U 53 11.37 1.89 -18.77
C PRO U 53 11.69 2.10 -20.24
N GLN U 54 11.16 1.17 -21.05
CA GLN U 54 11.25 1.13 -22.53
C GLN U 54 12.68 1.33 -23.05
N SER U 55 13.67 0.91 -22.28
CA SER U 55 15.08 1.04 -22.61
C SER U 55 15.82 0.02 -21.77
N GLY U 56 17.13 0.19 -21.67
CA GLY U 56 17.87 -0.59 -20.73
C GLY U 56 18.86 0.24 -19.95
N GLN U 57 18.95 1.51 -20.27
CA GLN U 57 20.05 2.31 -19.74
C GLN U 57 19.76 2.72 -18.30
N PRO U 58 20.81 2.83 -17.47
CA PRO U 58 20.62 3.29 -16.10
C PRO U 58 20.33 4.79 -16.08
N SER U 59 19.13 5.14 -15.66
CA SER U 59 18.69 6.54 -15.60
C SER U 59 18.96 7.10 -14.21
N GLY U 60 20.23 7.16 -13.86
CA GLY U 60 20.60 7.68 -12.56
C GLY U 60 21.66 6.86 -11.86
N GLN U 61 22.31 7.43 -10.86
CA GLN U 61 23.34 6.72 -10.15
C GLN U 61 22.71 5.70 -9.19
N ARG U 62 23.55 4.82 -8.67
CA ARG U 62 23.13 3.75 -7.78
C ARG U 62 22.57 4.33 -6.47
N VAL U 63 21.74 3.52 -5.81
CA VAL U 63 21.11 3.88 -4.54
C VAL U 63 21.36 2.75 -3.58
N HIS U 64 22.14 3.00 -2.54
CA HIS U 64 22.51 1.95 -1.60
C HIS U 64 21.43 1.77 -0.54
N LYS U 65 20.69 0.70 -0.66
CA LYS U 65 19.84 0.25 0.43
C LYS U 65 20.72 -0.35 1.52
N PRO U 66 20.29 -0.34 2.79
CA PRO U 66 21.24 -0.60 3.87
C PRO U 66 21.57 -2.06 4.07
N PHE U 67 22.76 -2.29 4.66
CA PHE U 67 23.10 -3.50 5.39
C PHE U 67 22.00 -3.89 6.37
N LYS U 68 21.86 -5.19 6.63
CA LYS U 68 21.03 -5.65 7.74
C LYS U 68 21.70 -6.89 8.31
N PHE U 69 22.51 -6.72 9.34
CA PHE U 69 23.17 -7.84 9.99
C PHE U 69 22.62 -8.01 11.40
N THR U 70 22.48 -9.25 11.85
CA THR U 70 21.81 -9.56 13.11
C THR U 70 22.78 -10.16 14.11
N VAL U 71 22.93 -9.52 15.26
CA VAL U 71 23.73 -10.06 16.34
C VAL U 71 22.85 -10.16 17.59
N ALA U 72 23.33 -10.89 18.58
CA ALA U 72 22.61 -10.99 19.83
C ALA U 72 22.91 -9.77 20.69
N LEU U 73 22.23 -9.67 21.83
CA LEU U 73 22.55 -8.60 22.77
C LEU U 73 23.89 -8.85 23.43
N ASN U 74 24.79 -7.90 23.31
CA ASN U 74 26.11 -8.05 23.87
C ASN U 74 26.64 -6.68 24.24
N LYS U 75 27.96 -6.59 24.42
CA LYS U 75 28.60 -5.38 24.92
C LYS U 75 28.50 -4.23 23.93
N ALA U 76 28.58 -4.54 22.64
CA ALA U 76 28.61 -3.49 21.64
C ALA U 76 27.26 -2.90 21.32
N VAL U 77 26.16 -3.50 21.79
CA VAL U 77 24.83 -2.99 21.46
C VAL U 77 24.51 -1.65 22.15
N PRO U 78 24.84 -1.40 23.42
CA PRO U 78 24.70 -0.02 23.91
C PRO U 78 25.64 0.95 23.26
N LEU U 79 26.77 0.48 22.72
CA LEU U 79 27.63 1.38 21.97
C LEU U 79 27.07 1.69 20.59
N LEU U 80 26.32 0.76 20.01
CA LEU U 80 25.70 1.02 18.72
C LEU U 80 24.41 1.81 18.85
N TYR U 81 23.87 2.00 20.04
CA TYR U 81 22.76 2.91 20.20
C TYR U 81 23.20 4.32 20.53
N ASN U 82 24.49 4.62 20.47
CA ASN U 82 24.93 6.01 20.41
C ASN U 82 25.46 6.40 19.06
N ALA U 83 25.96 5.44 18.29
CA ALA U 83 26.25 5.72 16.90
C ALA U 83 24.96 5.96 16.13
N LEU U 84 23.86 5.37 16.59
CA LEU U 84 22.57 5.57 15.96
C LEU U 84 21.95 6.90 16.34
N SER U 85 21.71 7.11 17.63
CA SER U 85 20.93 8.24 18.07
C SER U 85 21.68 9.56 18.03
N SER U 86 22.96 9.56 17.69
CA SER U 86 23.68 10.80 17.53
C SER U 86 24.27 10.95 16.14
N GLY U 87 24.04 10.00 15.24
CA GLY U 87 24.50 10.13 13.88
C GLY U 87 25.99 10.02 13.71
N GLU U 88 26.66 9.29 14.60
CA GLU U 88 28.09 9.15 14.51
C GLU U 88 28.46 8.21 13.38
N LYS U 89 29.36 8.67 12.52
CA LYS U 89 29.83 7.80 11.47
C LYS U 89 30.77 6.77 12.05
N LEU U 90 30.90 5.65 11.36
CA LEU U 90 31.76 4.57 11.79
C LEU U 90 32.86 4.45 10.75
N LYS U 91 34.12 4.46 11.20
CA LYS U 91 35.23 4.54 10.26
C LYS U 91 35.34 3.29 9.41
N THR U 92 35.05 2.13 9.98
CA THR U 92 35.10 0.92 9.19
C THR U 92 34.19 -0.15 9.76
N VAL U 93 33.74 -1.04 8.89
CA VAL U 93 32.96 -2.22 9.25
C VAL U 93 33.46 -3.32 8.35
N GLU U 94 34.12 -4.33 8.91
CA GLU U 94 34.72 -5.35 8.07
C GLU U 94 33.99 -6.66 8.30
N LEU U 95 32.94 -6.88 7.54
CA LEU U 95 32.29 -8.18 7.53
C LEU U 95 33.22 -9.21 6.92
N LYS U 96 33.20 -10.42 7.44
CA LYS U 96 34.05 -11.50 6.94
C LYS U 96 33.22 -12.77 6.83
N TRP U 97 32.97 -13.20 5.61
CA TRP U 97 32.16 -14.39 5.36
C TRP U 97 33.02 -15.62 5.51
N TYR U 98 32.74 -16.46 6.48
CA TYR U 98 33.52 -17.68 6.60
C TYR U 98 32.87 -18.81 5.85
N ARG U 99 33.66 -19.83 5.56
CA ARG U 99 33.15 -21.09 5.06
C ARG U 99 34.14 -22.17 5.40
N THR U 100 33.67 -23.41 5.35
CA THR U 100 34.49 -24.56 5.70
C THR U 100 35.18 -25.06 4.44
N SER U 101 36.50 -25.03 4.45
CA SER U 101 37.26 -25.38 3.26
C SER U 101 37.42 -26.89 3.17
N ILE U 102 38.25 -27.34 2.24
CA ILE U 102 38.40 -28.78 1.99
C ILE U 102 39.26 -29.41 3.06
N GLU U 103 40.33 -28.74 3.48
CA GLU U 103 41.23 -29.28 4.49
C GLU U 103 40.61 -29.31 5.88
N GLY U 104 39.48 -28.67 6.08
CA GLY U 104 38.80 -28.72 7.35
C GLY U 104 38.97 -27.50 8.22
N LYS U 105 39.30 -26.36 7.64
CA LYS U 105 39.57 -25.17 8.43
C LYS U 105 38.69 -24.03 7.93
N GLN U 106 38.22 -23.22 8.86
CA GLN U 106 37.45 -22.04 8.52
C GLN U 106 38.35 -21.04 7.80
N GLU U 107 37.78 -20.32 6.85
CA GLU U 107 38.53 -19.29 6.16
C GLU U 107 37.56 -18.27 5.61
N ASN U 108 38.00 -17.01 5.57
CA ASN U 108 37.16 -15.99 4.95
C ASN U 108 37.36 -16.04 3.45
N PHE U 109 36.31 -16.37 2.74
CA PHE U 109 36.41 -16.38 1.30
C PHE U 109 35.94 -15.07 0.69
N PHE U 110 35.46 -14.14 1.49
CA PHE U 110 34.74 -12.99 0.97
C PHE U 110 34.64 -11.98 2.09
N THR U 111 35.17 -10.77 1.91
CA THR U 111 35.03 -9.72 2.92
C THR U 111 34.44 -8.50 2.27
N THR U 112 33.48 -7.87 2.94
CA THR U 112 32.87 -6.64 2.44
C THR U 112 33.21 -5.53 3.43
N LYS U 113 34.32 -4.85 3.20
CA LYS U 113 34.69 -3.73 4.05
C LYS U 113 33.79 -2.55 3.77
N LEU U 114 34.01 -1.46 4.50
CA LEU U 114 33.05 -0.38 4.50
C LEU U 114 33.75 0.86 5.03
N GLU U 115 33.59 1.98 4.38
CA GLU U 115 34.10 3.23 4.91
C GLU U 115 32.98 3.90 5.69
N ASN U 116 33.04 5.23 5.87
CA ASN U 116 32.19 6.02 6.76
C ASN U 116 30.71 5.66 6.65
N ALA U 117 30.18 5.09 7.72
CA ALA U 117 28.93 4.35 7.65
C ALA U 117 28.10 4.64 8.90
N SER U 118 27.13 5.53 8.79
CA SER U 118 26.23 5.74 9.90
C SER U 118 25.30 4.55 10.05
N ILE U 119 24.57 4.53 11.15
CA ILE U 119 23.57 3.50 11.40
C ILE U 119 22.20 4.07 11.11
N VAL U 120 21.45 3.41 10.25
CA VAL U 120 20.11 3.91 9.93
C VAL U 120 19.13 3.51 11.01
N ASP U 121 18.97 2.23 11.26
CA ASP U 121 18.09 1.80 12.35
C ASP U 121 18.56 0.48 12.93
N ILE U 122 18.09 0.22 14.14
CA ILE U 122 18.43 -0.98 14.88
C ILE U 122 17.13 -1.58 15.41
N HIS U 123 16.86 -2.81 15.06
CA HIS U 123 15.58 -3.46 15.35
C HIS U 123 15.80 -4.55 16.39
N CYS U 124 15.76 -4.16 17.66
CA CYS U 124 15.93 -5.10 18.76
C CYS U 124 14.60 -5.79 19.03
N GLU U 125 14.59 -7.11 18.97
CA GLU U 125 13.38 -7.87 19.28
C GLU U 125 13.77 -9.13 20.04
N MET U 126 12.76 -9.78 20.62
CA MET U 126 12.92 -11.03 21.31
C MET U 126 11.69 -11.85 20.96
N PRO U 127 11.85 -13.11 20.54
CA PRO U 127 10.69 -13.93 20.22
C PRO U 127 9.89 -14.29 21.47
N HIS U 128 8.71 -14.84 21.24
CA HIS U 128 7.76 -15.07 22.31
C HIS U 128 8.22 -16.22 23.20
N CYS U 129 8.21 -15.99 24.51
CA CYS U 129 8.78 -16.98 25.43
C CYS U 129 7.88 -18.19 25.60
N GLN U 130 6.57 -18.02 25.41
CA GLN U 130 5.63 -19.15 25.46
C GLN U 130 5.80 -20.08 24.28
N ASP U 131 6.29 -19.58 23.16
CA ASP U 131 6.27 -20.31 21.90
C ASP U 131 7.43 -21.30 21.87
N PRO U 132 7.17 -22.60 21.72
CA PRO U 132 8.27 -23.57 21.70
C PRO U 132 8.98 -23.69 20.37
N ALA U 133 8.41 -23.15 19.29
CA ALA U 133 9.10 -23.19 18.01
C ALA U 133 10.29 -22.25 17.96
N LYS U 134 10.28 -21.20 18.76
CA LYS U 134 11.35 -20.21 18.81
C LYS U 134 12.04 -20.23 20.15
N SER U 135 12.32 -21.43 20.66
CA SER U 135 12.96 -21.56 21.96
C SER U 135 14.48 -21.48 21.87
N ASP U 136 15.05 -21.85 20.74
CA ASP U 136 16.51 -21.82 20.60
C ASP U 136 17.05 -20.43 20.40
N PHE U 137 16.22 -19.49 19.95
CA PHE U 137 16.68 -18.13 19.71
C PHE U 137 16.86 -17.43 21.05
N THR U 138 17.74 -16.42 21.06
CA THR U 138 17.93 -15.64 22.27
C THR U 138 17.39 -14.22 22.11
N GLN U 139 17.99 -13.45 21.21
CA GLN U 139 17.53 -12.12 20.86
C GLN U 139 17.89 -11.88 19.40
N ASN U 140 17.46 -10.75 18.87
CA ASN U 140 17.75 -10.38 17.50
C ASN U 140 17.92 -8.88 17.47
N VAL U 141 19.15 -8.43 17.25
CA VAL U 141 19.45 -7.00 17.15
C VAL U 141 19.96 -6.78 15.74
N THR U 142 19.08 -6.31 14.86
CA THR U 142 19.40 -6.16 13.44
C THR U 142 19.86 -4.74 13.20
N VAL U 143 21.16 -4.53 13.11
CA VAL U 143 21.73 -3.20 12.97
C VAL U 143 21.89 -2.88 11.49
N SER U 144 21.34 -1.76 11.05
CA SER U 144 21.50 -1.38 9.66
C SER U 144 22.66 -0.42 9.50
N LEU U 145 23.12 -0.27 8.27
CA LEU U 145 24.24 0.62 7.98
C LEU U 145 24.05 1.20 6.60
N SER U 146 23.73 2.49 6.52
CA SER U 146 24.05 3.19 5.30
C SER U 146 25.51 3.54 5.35
N TYR U 147 26.09 3.89 4.20
CA TYR U 147 27.53 3.89 4.09
C TYR U 147 27.98 4.72 2.90
N ARG U 148 29.14 5.34 3.04
CA ARG U 148 29.69 6.08 1.91
C ARG U 148 30.33 5.13 0.91
N LYS U 149 31.37 4.43 1.33
CA LYS U 149 32.17 3.61 0.44
C LYS U 149 32.17 2.17 0.90
N ILE U 150 31.88 1.26 -0.01
CA ILE U 150 31.85 -0.16 0.26
C ILE U 150 32.81 -0.85 -0.70
N THR U 151 33.54 -1.83 -0.21
CA THR U 151 34.49 -2.58 -1.04
C THR U 151 34.27 -4.07 -0.82
N TRP U 152 33.61 -4.73 -1.76
CA TRP U 152 33.59 -6.18 -1.76
C TRP U 152 34.97 -6.71 -2.10
N ASP U 153 35.28 -7.89 -1.59
CA ASP U 153 36.62 -8.44 -1.80
C ASP U 153 36.53 -9.95 -1.63
N HIS U 154 36.63 -10.68 -2.74
CA HIS U 154 36.74 -12.13 -2.64
C HIS U 154 38.19 -12.49 -2.44
N VAL U 155 38.49 -13.23 -1.38
CA VAL U 155 39.88 -13.45 -0.99
C VAL U 155 40.49 -14.62 -1.75
N ASN U 156 39.78 -15.75 -1.85
CA ASN U 156 40.37 -16.94 -2.47
C ASN U 156 40.48 -16.86 -3.98
N ALA U 157 39.88 -15.86 -4.61
CA ALA U 157 40.07 -15.66 -6.04
C ALA U 157 40.54 -14.25 -6.36
N GLY U 158 40.78 -13.43 -5.36
CA GLY U 158 41.44 -12.16 -5.56
C GLY U 158 40.63 -11.05 -6.18
N THR U 159 39.40 -11.29 -6.62
CA THR U 159 38.62 -10.22 -7.20
C THR U 159 38.20 -9.22 -6.14
N SER U 160 37.92 -8.00 -6.58
CA SER U 160 37.56 -6.94 -5.65
C SER U 160 36.70 -5.91 -6.36
N GLY U 161 35.51 -5.70 -5.85
CA GLY U 161 34.67 -4.63 -6.35
C GLY U 161 34.76 -3.45 -5.41
N SER U 162 34.26 -2.31 -5.84
CA SER U 162 34.30 -1.12 -4.99
C SER U 162 33.25 -0.13 -5.46
N ASP U 163 32.62 0.53 -4.52
CA ASP U 163 31.77 1.67 -4.82
C ASP U 163 32.13 2.79 -3.87
N ASP U 164 32.03 4.02 -4.36
CA ASP U 164 32.34 5.15 -3.51
C ASP U 164 31.56 6.35 -3.99
N TRP U 165 30.96 7.07 -3.06
CA TRP U 165 30.42 8.36 -3.41
C TRP U 165 31.50 9.41 -3.53
N ARG U 166 32.60 9.24 -2.80
CA ARG U 166 33.67 10.22 -2.80
C ARG U 166 34.38 10.27 -4.14
N LYS U 167 34.62 9.11 -4.73
CA LYS U 167 35.35 9.02 -6.00
C LYS U 167 34.58 8.15 -6.97
N PRO U 168 33.56 8.70 -7.62
CA PRO U 168 32.89 7.96 -8.68
C PRO U 168 33.81 7.88 -9.89
N ILE U 169 33.50 6.96 -10.79
CA ILE U 169 34.48 6.55 -11.79
C ILE U 169 34.57 7.64 -12.86
N GLU U 170 35.54 8.53 -12.68
CA GLU U 170 35.81 9.79 -13.42
C GLU U 170 34.61 10.65 -13.83
N GLY V 1 104.05 57.57 9.53
CA GLY V 1 102.78 57.09 10.06
C GLY V 1 101.58 57.77 9.44
N SER V 2 101.68 58.08 8.14
CA SER V 2 100.58 58.72 7.43
C SER V 2 99.43 57.77 7.15
N LEU V 3 99.70 56.46 7.12
CA LEU V 3 98.62 55.49 6.95
C LEU V 3 97.74 55.41 8.20
N LEU V 4 98.33 55.65 9.38
CA LEU V 4 97.53 55.74 10.60
C LEU V 4 96.71 57.03 10.62
N ASP V 5 97.20 58.08 9.93
CA ASP V 5 96.44 59.32 9.85
C ASP V 5 95.22 59.18 8.96
N GLU V 6 95.28 58.31 7.95
CA GLU V 6 94.10 58.09 7.09
C GLU V 6 93.05 57.25 7.80
N ILE V 7 93.46 56.40 8.74
CA ILE V 7 92.49 55.63 9.51
C ILE V 7 91.83 56.51 10.56
N MET V 8 92.61 57.38 11.23
CA MET V 8 92.05 58.28 12.22
C MET V 8 91.20 59.37 11.61
N ALA V 9 91.49 59.80 10.38
CA ALA V 9 90.61 60.72 9.68
C ALA V 9 89.35 60.02 9.19
N GLN V 10 89.39 58.70 9.01
CA GLN V 10 88.23 57.91 8.64
C GLN V 10 87.42 57.66 9.93
N THR V 11 86.38 58.46 10.13
CA THR V 11 85.66 58.48 11.40
C THR V 11 84.79 57.25 11.65
N ARG V 12 84.63 56.37 10.66
CA ARG V 12 83.83 55.17 10.85
C ARG V 12 84.55 54.13 11.71
N CYS V 13 85.87 54.02 11.57
CA CYS V 13 86.67 53.04 12.33
C CYS V 13 87.96 53.70 12.81
N ALA V 14 87.85 54.91 13.38
CA ALA V 14 89.05 55.66 13.73
C ALA V 14 89.77 55.13 14.97
N PRO V 15 89.14 55.07 16.20
CA PRO V 15 89.98 54.90 17.40
C PRO V 15 90.36 53.45 17.71
N SER V 16 90.72 52.68 16.69
CA SER V 16 91.27 51.31 16.80
C SER V 16 90.35 50.38 17.62
N GLU V 17 89.13 50.18 17.11
CA GLU V 17 88.13 49.39 17.81
C GLU V 17 87.85 48.06 17.13
N GLU V 18 87.44 48.09 15.86
CA GLU V 18 87.09 46.86 15.15
C GLU V 18 87.22 47.11 13.66
N GLY V 19 87.88 46.19 12.96
CA GLY V 19 88.04 46.30 11.53
C GLY V 19 89.11 47.27 11.07
N TYR V 20 90.02 47.67 11.95
CA TYR V 20 91.08 48.60 11.58
C TYR V 20 92.28 47.90 10.95
N ASP V 21 92.42 46.59 11.15
CA ASP V 21 93.50 45.86 10.50
C ASP V 21 93.11 45.37 9.12
N ILE V 22 91.81 45.18 8.87
CA ILE V 22 91.36 44.76 7.55
C ILE V 22 91.36 45.95 6.59
N ALA V 23 90.85 47.10 7.03
CA ALA V 23 90.83 48.29 6.19
C ALA V 23 92.21 48.87 5.94
N LYS V 24 93.17 48.62 6.86
CA LYS V 24 94.56 48.99 6.60
C LYS V 24 95.15 48.16 5.47
N LYS V 25 94.75 46.89 5.37
CA LYS V 25 95.15 46.06 4.24
C LYS V 25 94.44 46.46 2.95
N GLY V 26 93.30 47.14 3.05
CA GLY V 26 92.58 47.59 1.88
C GLY V 26 93.19 48.79 1.20
N VAL V 27 93.71 49.72 2.01
CA VAL V 27 94.36 50.91 1.46
C VAL V 27 95.68 50.55 0.81
N ALA V 28 96.48 49.72 1.49
CA ALA V 28 97.83 49.42 1.00
C ALA V 28 97.81 48.51 -0.23
N ALA V 29 96.75 47.73 -0.41
CA ALA V 29 96.66 46.87 -1.59
C ALA V 29 96.28 47.67 -2.84
N PHE V 30 95.48 48.71 -2.69
CA PHE V 30 95.03 49.48 -3.84
C PHE V 30 96.13 50.39 -4.38
N ILE V 31 97.04 50.83 -3.52
CA ILE V 31 98.12 51.72 -3.95
C ILE V 31 99.15 50.94 -4.77
N GLU V 32 99.34 49.65 -4.46
CA GLU V 32 100.32 48.83 -5.17
C GLU V 32 99.92 48.57 -6.62
N ASN V 33 98.63 48.58 -6.93
CA ASN V 33 98.14 48.43 -8.28
C ASN V 33 97.74 49.74 -8.92
N LEU V 34 97.83 50.86 -8.19
CA LEU V 34 97.42 52.16 -8.70
C LEU V 34 98.40 52.71 -9.72
N MET V 35 99.65 52.26 -9.71
CA MET V 35 100.69 52.83 -10.55
C MET V 35 100.57 52.44 -12.02
N GLY V 36 99.66 51.51 -12.36
CA GLY V 36 99.41 51.22 -13.76
C GLY V 36 98.67 52.33 -14.49
N SER V 37 97.86 53.09 -13.76
CA SER V 37 97.13 54.22 -14.33
C SER V 37 96.87 55.21 -13.20
N GLN V 38 97.60 56.32 -13.20
CA GLN V 38 97.47 57.32 -12.15
C GLN V 38 96.22 58.16 -12.36
N HIS V 39 95.37 58.21 -11.34
CA HIS V 39 94.16 59.02 -11.39
C HIS V 39 93.75 59.35 -9.97
N SER V 40 93.16 60.54 -9.80
CA SER V 40 92.80 61.06 -8.46
C SER V 40 91.34 61.53 -8.48
N ALA V 41 90.42 60.58 -8.28
CA ALA V 41 89.00 60.86 -8.13
C ALA V 41 88.34 59.62 -7.53
N GLU V 42 87.62 59.81 -6.41
CA GLU V 42 86.94 58.69 -5.75
C GLU V 42 85.88 57.97 -6.59
N PRO V 43 84.95 58.64 -7.31
CA PRO V 43 83.97 57.84 -8.08
C PRO V 43 84.56 57.13 -9.27
N VAL V 44 85.64 57.63 -9.86
CA VAL V 44 86.37 56.86 -10.85
C VAL V 44 87.12 55.73 -10.16
N ASN V 45 87.61 55.98 -8.94
CA ASN V 45 88.22 54.91 -8.14
C ASN V 45 87.20 53.87 -7.70
N LYS V 46 85.94 54.27 -7.51
CA LYS V 46 84.90 53.27 -7.28
C LYS V 46 84.67 52.41 -8.53
N SER V 47 84.97 52.95 -9.71
CA SER V 47 85.05 52.11 -10.90
C SER V 47 86.42 51.47 -11.03
N LEU V 48 87.48 52.14 -10.60
CA LEU V 48 88.82 51.55 -10.68
C LEU V 48 89.02 50.41 -9.68
N VAL V 49 88.30 50.44 -8.55
CA VAL V 49 88.24 49.25 -7.69
C VAL V 49 87.52 48.12 -8.42
N ASP V 50 86.41 48.45 -9.09
CA ASP V 50 85.68 47.45 -9.87
C ASP V 50 86.47 47.00 -11.11
N GLN V 51 87.29 47.88 -11.68
CA GLN V 51 88.16 47.45 -12.77
C GLN V 51 89.35 46.65 -12.26
N MET V 52 89.64 46.68 -10.96
CA MET V 52 90.58 45.75 -10.35
C MET V 52 89.90 44.53 -9.77
N LEU V 53 88.57 44.43 -9.88
CA LEU V 53 87.86 43.21 -9.51
C LEU V 53 87.49 42.37 -10.72
N VAL V 54 87.22 43.00 -11.86
CA VAL V 54 86.96 42.24 -13.08
C VAL V 54 88.23 41.58 -13.59
N GLU V 55 89.36 42.30 -13.53
CA GLU V 55 90.63 41.69 -13.89
C GLU V 55 91.10 40.69 -12.85
N LEU V 56 90.64 40.83 -11.60
CA LEU V 56 90.93 39.83 -10.58
C LEU V 56 90.14 38.56 -10.80
N ASP V 57 88.86 38.69 -11.19
CA ASP V 57 88.05 37.52 -11.46
C ASP V 57 88.48 36.79 -12.72
N LYS V 58 89.16 37.47 -13.64
CA LYS V 58 89.78 36.77 -14.76
C LYS V 58 90.97 35.95 -14.29
N LYS V 59 91.61 36.35 -13.19
CA LYS V 59 92.70 35.56 -12.64
C LYS V 59 92.20 34.41 -11.78
N ILE V 60 91.08 34.58 -11.08
CA ILE V 60 90.63 33.55 -10.15
C ILE V 60 89.79 32.50 -10.86
N SER V 61 88.82 32.93 -11.67
CA SER V 61 87.91 31.98 -12.30
C SER V 61 88.61 31.16 -13.38
N ALA V 62 89.69 31.68 -13.97
CA ALA V 62 90.48 30.86 -14.86
C ALA V 62 91.29 29.82 -14.10
N GLN V 63 91.56 30.05 -12.82
CA GLN V 63 92.18 29.03 -11.98
C GLN V 63 91.14 28.05 -11.45
N MET V 64 89.95 28.54 -11.10
CA MET V 64 88.88 27.68 -10.63
C MET V 64 88.12 26.99 -11.75
N ASP V 65 88.47 27.23 -13.01
CA ASP V 65 88.10 26.34 -14.08
C ASP V 65 89.20 25.34 -14.38
N GLU V 66 90.24 25.31 -13.56
CA GLU V 66 91.31 24.34 -13.69
C GLU V 66 91.53 23.51 -12.44
N ILE V 67 91.22 24.04 -11.25
CA ILE V 67 91.16 23.20 -10.07
C ILE V 67 89.93 22.31 -10.13
N LEU V 68 88.82 22.84 -10.65
CA LEU V 68 87.72 22.01 -11.08
C LEU V 68 88.05 21.43 -12.46
N HIS V 69 87.10 20.67 -13.01
CA HIS V 69 87.14 20.16 -14.39
C HIS V 69 88.33 19.24 -14.64
N ASN V 70 88.84 18.61 -13.60
CA ASN V 70 89.99 17.72 -13.69
C ASN V 70 89.49 16.27 -13.70
N SER V 71 90.26 15.40 -14.36
CA SER V 71 89.83 14.01 -14.54
C SER V 71 89.81 13.24 -13.22
N GLN V 72 90.62 13.66 -12.24
CA GLN V 72 90.51 13.08 -10.92
C GLN V 72 89.39 13.71 -10.10
N PHE V 73 89.15 15.01 -10.30
CA PHE V 73 88.11 15.68 -9.53
C PHE V 73 86.72 15.38 -10.07
N GLN V 74 86.51 15.60 -11.37
CA GLN V 74 85.19 15.52 -11.96
C GLN V 74 84.65 14.10 -11.97
N ALA V 75 85.51 13.10 -12.19
CA ALA V 75 85.06 11.72 -12.13
C ALA V 75 84.75 11.29 -10.70
N MET V 76 85.37 11.94 -9.72
CA MET V 76 85.03 11.73 -8.32
C MET V 76 84.05 12.76 -7.79
N GLU V 77 83.59 13.67 -8.64
CA GLU V 77 82.47 14.52 -8.26
C GLU V 77 81.16 13.98 -8.81
N SER V 78 81.17 13.50 -10.06
CA SER V 78 79.96 12.92 -10.65
C SER V 78 79.59 11.62 -9.97
N ALA V 79 80.57 10.85 -9.52
CA ALA V 79 80.31 9.61 -8.81
C ALA V 79 79.83 9.83 -7.38
N TRP V 80 79.87 11.07 -6.89
CA TRP V 80 79.47 11.35 -5.52
C TRP V 80 78.32 12.35 -5.43
N ARG V 81 78.29 13.37 -6.28
CA ARG V 81 77.11 14.24 -6.32
C ARG V 81 75.94 13.53 -6.99
N GLY V 82 76.22 12.61 -7.91
CA GLY V 82 75.18 11.75 -8.47
C GLY V 82 74.57 10.81 -7.45
N LEU V 83 75.30 10.47 -6.40
CA LEU V 83 74.70 9.75 -5.29
C LEU V 83 73.71 10.63 -4.55
N LYS V 84 74.01 11.93 -4.41
CA LYS V 84 73.10 12.85 -3.73
C LYS V 84 71.81 13.02 -4.52
N LEU V 85 71.86 12.92 -5.84
CA LEU V 85 70.65 12.86 -6.65
C LEU V 85 69.89 11.57 -6.43
N PHE V 86 70.56 10.50 -5.99
CA PHE V 86 69.84 9.29 -5.64
C PHE V 86 69.36 9.30 -4.20
N VAL V 87 69.96 10.11 -3.34
CA VAL V 87 69.50 10.20 -1.96
C VAL V 87 68.36 11.21 -1.81
N ASP V 88 68.41 12.32 -2.55
CA ASP V 88 67.42 13.37 -2.38
C ASP V 88 66.06 12.99 -2.97
N ARG V 89 66.04 12.17 -4.02
CA ARG V 89 64.77 11.86 -4.66
C ARG V 89 64.02 10.74 -3.95
N THR V 90 64.75 9.72 -3.49
CA THR V 90 64.12 8.54 -2.92
C THR V 90 63.65 8.82 -1.50
N ASP V 91 62.39 8.52 -1.22
CA ASP V 91 61.79 8.82 0.07
C ASP V 91 62.17 7.72 1.04
N PHE V 92 63.12 8.01 1.94
CA PHE V 92 63.57 7.03 2.91
C PHE V 92 62.56 6.78 4.01
N ARG V 93 61.55 7.62 4.15
CA ARG V 93 60.47 7.32 5.08
C ARG V 93 59.57 6.21 4.58
N GLU V 94 59.50 6.02 3.26
CA GLU V 94 58.64 4.99 2.68
C GLU V 94 59.38 3.67 2.45
N ASN V 95 60.07 3.20 3.50
CA ASN V 95 60.72 1.88 3.56
C ASN V 95 61.73 1.69 2.43
N ASN V 96 62.79 2.49 2.48
CA ASN V 96 63.87 2.40 1.50
C ASN V 96 65.19 2.58 2.23
N LYS V 97 66.17 1.73 1.88
CA LYS V 97 67.53 1.90 2.35
C LYS V 97 68.47 1.67 1.18
N VAL V 98 69.67 2.23 1.28
CA VAL V 98 70.64 2.08 0.20
C VAL V 98 72.03 1.90 0.80
N GLU V 99 72.70 0.83 0.39
CA GLU V 99 74.05 0.55 0.84
C GLU V 99 75.06 1.12 -0.14
N ILE V 100 76.21 1.53 0.39
CA ILE V 100 77.25 2.20 -0.37
C ILE V 100 78.53 1.38 -0.24
N LEU V 101 79.01 0.85 -1.37
CA LEU V 101 80.20 0.01 -1.37
C LEU V 101 81.30 0.68 -2.19
N HIS V 102 82.47 0.85 -1.57
CA HIS V 102 83.66 1.36 -2.25
C HIS V 102 84.40 0.20 -2.88
N VAL V 103 84.26 0.03 -4.19
CA VAL V 103 85.17 -0.77 -4.96
C VAL V 103 85.77 0.14 -6.02
N THR V 104 86.72 -0.38 -6.77
CA THR V 104 87.03 0.18 -8.06
C THR V 104 86.75 -0.88 -9.12
N LYS V 105 86.53 -0.42 -10.34
CA LYS V 105 86.08 -1.29 -11.42
C LYS V 105 87.15 -2.30 -11.81
N ASP V 106 88.43 -1.94 -11.67
CA ASP V 106 89.49 -2.89 -11.94
C ASP V 106 89.70 -3.85 -10.77
N GLU V 107 89.32 -3.44 -9.57
CA GLU V 107 89.43 -4.34 -8.41
C GLU V 107 88.36 -5.42 -8.46
N LEU V 108 87.22 -5.12 -9.07
CA LEU V 108 86.07 -6.02 -8.95
C LEU V 108 86.24 -7.25 -9.80
N LEU V 109 86.80 -7.12 -11.00
CA LEU V 109 87.08 -8.28 -11.84
C LEU V 109 88.18 -9.14 -11.23
N GLU V 110 89.15 -8.51 -10.58
CA GLU V 110 90.18 -9.25 -9.85
C GLU V 110 89.58 -10.01 -8.67
N ASP V 111 88.54 -9.45 -8.05
CA ASP V 111 87.87 -10.13 -6.96
C ASP V 111 87.02 -11.31 -7.44
N PHE V 112 86.56 -11.28 -8.69
CA PHE V 112 85.97 -12.47 -9.26
C PHE V 112 87.01 -13.44 -9.78
N GLU V 113 88.19 -12.95 -10.12
CA GLU V 113 89.34 -13.81 -10.38
C GLU V 113 89.91 -14.37 -9.08
N PHE V 114 89.62 -13.72 -7.96
CA PHE V 114 90.09 -14.13 -6.64
C PHE V 114 89.51 -15.49 -6.24
N ALA V 115 88.20 -15.63 -6.30
CA ALA V 115 87.57 -16.88 -5.88
C ALA V 115 87.44 -17.84 -7.07
N PRO V 116 87.55 -19.15 -6.82
CA PRO V 116 87.35 -20.11 -7.92
C PRO V 116 85.92 -20.21 -8.39
N GLU V 117 84.95 -19.81 -7.56
CA GLU V 117 83.55 -19.85 -7.92
C GLU V 117 82.92 -18.54 -7.50
N THR V 118 81.91 -18.09 -8.26
CA THR V 118 81.18 -16.86 -7.95
C THR V 118 80.45 -16.94 -6.63
N ALA V 119 80.14 -18.14 -6.15
CA ALA V 119 79.50 -18.36 -4.86
C ALA V 119 80.48 -18.30 -3.69
N GLN V 120 81.74 -17.92 -3.94
CA GLN V 120 82.69 -17.67 -2.85
C GLN V 120 83.39 -16.33 -3.02
N SER V 121 82.88 -15.44 -3.86
CA SER V 121 83.54 -14.19 -4.16
C SER V 121 83.40 -13.21 -3.00
N GLY V 122 84.06 -12.06 -3.13
CA GLY V 122 83.91 -11.02 -2.13
C GLY V 122 82.71 -10.13 -2.37
N LEU V 123 82.30 -9.98 -3.63
CA LEU V 123 81.08 -9.25 -3.91
C LEU V 123 79.84 -10.09 -3.59
N TYR V 124 79.98 -11.40 -3.70
CA TYR V 124 78.91 -12.32 -3.29
C TYR V 124 78.64 -12.24 -1.79
N LYS V 125 79.65 -11.84 -1.01
CA LYS V 125 79.43 -11.67 0.42
C LYS V 125 78.55 -10.47 0.70
N HIS V 126 78.70 -9.40 -0.06
CA HIS V 126 77.95 -8.18 0.22
C HIS V 126 76.60 -8.12 -0.46
N VAL V 127 76.45 -8.83 -1.59
CA VAL V 127 75.16 -8.83 -2.28
C VAL V 127 74.24 -9.90 -1.71
N TYR V 128 74.75 -11.11 -1.54
CA TYR V 128 73.93 -12.24 -1.13
C TYR V 128 73.94 -12.42 0.38
N SER V 129 75.11 -12.68 0.96
CA SER V 129 75.14 -13.24 2.31
C SER V 129 74.96 -12.19 3.39
N ALA V 130 75.48 -10.98 3.21
CA ALA V 130 75.28 -9.95 4.22
C ALA V 130 73.88 -9.36 4.14
N GLY V 131 73.18 -9.57 3.04
CA GLY V 131 71.84 -9.06 2.83
C GLY V 131 70.84 -10.19 2.81
N TYR V 132 70.58 -10.66 1.58
CA TYR V 132 69.53 -11.64 1.30
C TYR V 132 69.77 -12.96 2.03
N GLY V 133 70.98 -13.50 1.94
CA GLY V 133 71.27 -14.76 2.61
C GLY V 133 71.61 -14.57 4.07
N GLN V 134 70.65 -14.07 4.85
CA GLN V 134 70.90 -13.71 6.24
C GLN V 134 69.57 -13.75 6.98
N PHE V 135 69.57 -14.36 8.16
CA PHE V 135 68.35 -14.40 8.96
C PHE V 135 68.01 -13.01 9.47
N GLY V 136 66.89 -12.47 9.01
CA GLY V 136 66.42 -11.17 9.42
C GLY V 136 67.02 -10.01 8.65
N GLY V 137 68.09 -10.22 7.90
CA GLY V 137 68.69 -9.14 7.16
C GLY V 137 67.86 -8.72 5.97
N GLU V 138 67.90 -7.43 5.67
CA GLU V 138 67.13 -6.90 4.56
C GLU V 138 67.78 -7.31 3.23
N PRO V 139 67.01 -7.80 2.27
CA PRO V 139 67.59 -8.33 1.05
C PRO V 139 67.78 -7.23 0.01
N VAL V 140 68.57 -7.57 -1.01
CA VAL V 140 69.07 -6.59 -1.97
C VAL V 140 68.14 -6.55 -3.17
N GLY V 141 67.62 -5.37 -3.49
CA GLY V 141 66.74 -5.21 -4.63
C GLY V 141 67.48 -5.11 -5.96
N ALA V 142 68.47 -4.23 -6.04
CA ALA V 142 69.21 -4.05 -7.28
C ALA V 142 70.61 -3.54 -6.97
N ILE V 143 71.51 -3.72 -7.93
CA ILE V 143 72.89 -3.28 -7.81
C ILE V 143 73.12 -2.17 -8.81
N ILE V 144 73.37 -0.96 -8.32
CA ILE V 144 73.72 0.16 -9.17
C ILE V 144 75.19 0.05 -9.53
N GLY V 145 75.48 -0.11 -10.81
CA GLY V 145 76.85 -0.10 -11.27
C GLY V 145 77.26 1.27 -11.75
N ASN V 146 78.19 1.90 -11.04
CA ASN V 146 78.64 3.25 -11.35
C ASN V 146 79.83 3.19 -12.31
N TYR V 147 79.64 2.46 -13.40
CA TYR V 147 80.73 2.03 -14.26
C TYR V 147 80.53 2.57 -15.67
N ALA V 148 81.55 2.38 -16.49
CA ALA V 148 81.50 2.76 -17.91
C ALA V 148 82.01 1.55 -18.68
N PHE V 149 81.09 0.76 -19.22
CA PHE V 149 81.44 -0.53 -19.78
C PHE V 149 81.92 -0.41 -21.23
N THR V 150 82.99 -1.10 -21.52
CA THR V 150 83.53 -1.35 -22.84
C THR V 150 83.05 -2.71 -23.32
N PRO V 151 83.17 -3.01 -24.61
CA PRO V 151 82.85 -4.38 -25.05
C PRO V 151 84.04 -5.32 -25.02
N SER V 152 85.10 -4.94 -24.31
CA SER V 152 86.31 -5.75 -24.28
C SER V 152 86.14 -6.94 -23.34
N THR V 153 87.13 -7.82 -23.35
CA THR V 153 87.17 -9.02 -22.53
C THR V 153 87.22 -8.74 -21.02
N PRO V 154 87.93 -7.73 -20.48
CA PRO V 154 87.79 -7.45 -19.05
C PRO V 154 86.47 -6.80 -18.64
N ASP V 155 85.55 -6.55 -19.57
CA ASP V 155 84.22 -6.07 -19.21
C ASP V 155 83.10 -6.99 -19.66
N MET V 156 83.38 -7.99 -20.48
CA MET V 156 82.43 -9.07 -20.70
C MET V 156 82.69 -10.24 -19.78
N LYS V 157 83.86 -10.31 -19.17
CA LYS V 157 84.10 -11.29 -18.12
C LYS V 157 83.47 -10.83 -16.80
N LEU V 158 83.40 -9.52 -16.59
CA LEU V 158 82.75 -9.01 -15.40
C LEU V 158 81.25 -9.24 -15.45
N LEU V 159 80.61 -8.94 -16.58
CA LEU V 159 79.17 -9.08 -16.69
C LEU V 159 78.75 -10.55 -16.73
N GLN V 160 79.62 -11.44 -17.19
CA GLN V 160 79.32 -12.85 -17.05
C GLN V 160 79.33 -13.27 -15.60
N TYR V 161 80.17 -12.64 -14.79
CA TYR V 161 80.24 -12.88 -13.36
C TYR V 161 79.32 -11.96 -12.57
N MET V 162 78.59 -11.07 -13.24
CA MET V 162 77.52 -10.33 -12.57
C MET V 162 76.14 -10.84 -12.93
N GLY V 163 75.99 -11.48 -14.09
CA GLY V 163 74.75 -12.17 -14.39
C GLY V 163 74.58 -13.41 -13.54
N ALA V 164 75.68 -14.10 -13.24
CA ALA V 164 75.61 -15.26 -12.36
C ALA V 164 75.41 -14.82 -10.91
N LEU V 165 75.95 -13.66 -10.53
CA LEU V 165 75.66 -13.14 -9.19
C LEU V 165 74.23 -12.64 -9.09
N GLY V 166 73.72 -12.02 -10.16
CA GLY V 166 72.34 -11.56 -10.15
C GLY V 166 71.32 -12.67 -10.20
N ALA V 167 71.70 -13.85 -10.65
CA ALA V 167 70.79 -14.98 -10.66
C ALA V 167 70.81 -15.75 -9.35
N MET V 168 71.73 -15.43 -8.46
CA MET V 168 71.75 -16.08 -7.15
C MET V 168 71.04 -15.26 -6.09
N ALA V 169 71.22 -13.96 -6.08
CA ALA V 169 70.60 -13.10 -5.09
C ALA V 169 69.32 -12.46 -5.58
N HIS V 170 68.89 -12.79 -6.81
CA HIS V 170 67.66 -12.28 -7.43
C HIS V 170 67.63 -10.77 -7.50
N ALA V 171 68.73 -10.18 -7.95
CA ALA V 171 68.80 -8.74 -8.03
C ALA V 171 69.51 -8.36 -9.32
N PRO V 172 68.86 -7.62 -10.21
CA PRO V 172 69.53 -7.27 -11.47
C PRO V 172 70.57 -6.19 -11.26
N PHE V 173 71.66 -6.32 -12.00
CA PHE V 173 72.78 -5.38 -11.94
C PHE V 173 72.60 -4.33 -13.02
N ILE V 174 72.30 -3.10 -12.60
CA ILE V 174 72.10 -2.00 -13.54
C ILE V 174 73.34 -1.11 -13.57
N SER V 175 73.84 -0.87 -14.77
CA SER V 175 75.02 -0.05 -15.00
C SER V 175 74.83 0.62 -16.36
N SER V 176 75.91 1.15 -16.93
CA SER V 176 75.79 1.83 -18.20
C SER V 176 76.94 1.46 -19.12
N VAL V 177 76.67 1.56 -20.41
CA VAL V 177 77.69 1.42 -21.43
C VAL V 177 78.26 2.81 -21.72
N GLY V 178 79.47 2.82 -22.27
CA GLY V 178 80.14 4.08 -22.54
C GLY V 178 79.99 4.52 -23.97
N PRO V 179 80.57 5.66 -24.32
CA PRO V 179 80.64 6.05 -25.74
C PRO V 179 81.40 5.05 -26.57
N GLU V 180 82.53 4.56 -26.06
CA GLU V 180 83.36 3.61 -26.77
C GLU V 180 82.72 2.25 -26.92
N PHE V 181 81.60 2.00 -26.22
CA PHE V 181 80.86 0.76 -26.44
C PHE V 181 80.25 0.74 -27.83
N PHE V 182 79.71 1.87 -28.26
CA PHE V 182 79.14 1.94 -29.60
C PHE V 182 80.21 2.19 -30.67
N GLY V 183 81.43 2.51 -30.28
CA GLY V 183 82.50 2.74 -31.22
C GLY V 183 82.46 4.12 -31.85
N ILE V 184 82.26 5.15 -31.03
CA ILE V 184 82.20 6.51 -31.53
C ILE V 184 83.21 7.45 -30.88
N ASP V 185 83.72 7.11 -29.69
CA ASP V 185 84.83 7.80 -28.99
C ASP V 185 84.55 9.25 -28.59
N SER V 186 83.33 9.72 -28.85
CA SER V 186 82.85 11.05 -28.53
C SER V 186 81.34 10.96 -28.69
N PHE V 187 80.58 11.36 -27.67
CA PHE V 187 79.25 10.79 -27.56
C PHE V 187 78.19 11.48 -28.40
N GLU V 188 78.33 12.77 -28.69
CA GLU V 188 77.25 13.52 -29.33
C GLU V 188 77.03 13.18 -30.79
N GLU V 189 77.75 12.21 -31.34
CA GLU V 189 77.51 11.72 -32.70
C GLU V 189 76.74 10.41 -32.70
N LEU V 190 75.87 10.20 -31.71
CA LEU V 190 75.07 8.99 -31.70
C LEU V 190 73.87 9.00 -32.65
N PRO V 191 73.07 10.08 -32.83
CA PRO V 191 72.02 10.04 -33.86
C PRO V 191 72.54 10.00 -35.28
N ASN V 192 73.83 10.27 -35.50
CA ASN V 192 74.41 10.15 -36.83
C ASN V 192 74.51 8.68 -37.26
N ILE V 193 74.42 7.75 -36.32
CA ILE V 193 74.45 6.33 -36.65
C ILE V 193 73.19 5.97 -37.43
N LYS V 194 73.36 5.53 -38.67
CA LYS V 194 72.23 5.27 -39.54
C LYS V 194 71.80 3.81 -39.55
N ASP V 195 72.61 2.91 -38.98
CA ASP V 195 72.21 1.51 -38.87
C ASP V 195 72.95 0.95 -37.65
N LEU V 196 72.23 0.84 -36.53
CA LEU V 196 72.80 0.34 -35.29
C LEU V 196 72.62 -1.15 -35.13
N LYS V 197 71.75 -1.77 -35.93
CA LYS V 197 71.59 -3.22 -35.91
C LYS V 197 72.82 -3.92 -36.48
N SER V 198 73.40 -3.36 -37.54
CA SER V 198 74.58 -3.97 -38.14
C SER V 198 75.84 -3.73 -37.34
N THR V 199 75.83 -2.70 -36.47
CA THR V 199 76.99 -2.44 -35.63
C THR V 199 77.18 -3.55 -34.59
N PHE V 200 76.07 -4.08 -34.08
CA PHE V 200 76.13 -5.10 -33.04
C PHE V 200 76.40 -6.49 -33.59
N GLU V 201 76.33 -6.68 -34.91
CA GLU V 201 76.64 -7.96 -35.55
C GLU V 201 78.04 -7.97 -36.14
N SER V 202 79.00 -7.30 -35.47
CA SER V 202 80.43 -7.18 -35.71
C SER V 202 81.20 -8.21 -34.90
N PRO V 203 82.34 -8.69 -35.41
CA PRO V 203 83.13 -9.68 -34.64
C PRO V 203 83.85 -9.11 -33.43
N LYS V 204 83.81 -7.79 -33.21
CA LYS V 204 84.30 -7.26 -31.94
C LYS V 204 83.37 -7.63 -30.79
N TYR V 205 82.10 -7.89 -31.08
CA TYR V 205 81.08 -8.14 -30.08
C TYR V 205 80.73 -9.62 -29.98
N THR V 206 81.71 -10.51 -30.11
CA THR V 206 81.43 -11.93 -29.95
C THR V 206 81.23 -12.28 -28.49
N LYS V 207 81.90 -11.57 -27.59
CA LYS V 207 81.67 -11.71 -26.17
C LYS V 207 80.48 -10.88 -25.67
N TRP V 208 79.79 -10.17 -26.56
CA TRP V 208 78.53 -9.50 -26.25
C TRP V 208 77.33 -10.33 -26.71
N ARG V 209 77.36 -10.82 -27.95
CA ARG V 209 76.26 -11.62 -28.47
C ARG V 209 76.22 -13.01 -27.85
N SER V 210 77.30 -13.45 -27.22
CA SER V 210 77.24 -14.67 -26.42
C SER V 210 76.82 -14.38 -24.99
N LEU V 211 77.01 -13.16 -24.50
CA LEU V 211 76.46 -12.78 -23.21
C LEU V 211 74.95 -12.67 -23.28
N ARG V 212 74.42 -12.15 -24.40
CA ARG V 212 72.98 -11.92 -24.54
C ARG V 212 72.22 -13.23 -24.60
N GLU V 213 72.78 -14.24 -25.26
CA GLU V 213 72.09 -15.52 -25.37
C GLU V 213 72.08 -16.30 -24.06
N SER V 214 72.91 -15.93 -23.10
CA SER V 214 73.05 -16.70 -21.88
C SER V 214 71.81 -16.57 -21.00
N GLU V 215 71.65 -17.55 -20.11
CA GLU V 215 70.44 -17.63 -19.30
C GLU V 215 70.46 -16.64 -18.16
N ASP V 216 71.61 -16.48 -17.51
CA ASP V 216 71.71 -15.57 -16.38
C ASP V 216 71.87 -14.12 -16.77
N ALA V 217 71.80 -13.78 -18.06
CA ALA V 217 71.83 -12.40 -18.51
C ALA V 217 70.53 -11.67 -18.23
N ARG V 218 69.51 -12.38 -17.75
CA ARG V 218 68.21 -11.82 -17.43
C ARG V 218 68.32 -10.78 -16.32
N TYR V 219 69.32 -10.90 -15.47
CA TYR V 219 69.54 -10.00 -14.33
C TYR V 219 70.59 -8.96 -14.65
N LEU V 220 70.63 -8.47 -15.89
CA LEU V 220 71.61 -7.47 -16.29
C LEU V 220 70.92 -6.46 -17.21
N GLY V 221 70.68 -5.26 -16.70
CA GLY V 221 70.25 -4.14 -17.52
C GLY V 221 71.39 -3.14 -17.65
N LEU V 222 71.58 -2.60 -18.84
CA LEU V 222 72.61 -1.59 -19.08
C LEU V 222 71.95 -0.33 -19.61
N THR V 223 72.18 0.78 -18.93
CA THR V 223 71.31 1.93 -19.02
C THR V 223 71.77 2.90 -20.11
N ALA V 224 71.27 4.12 -20.02
CA ALA V 224 71.14 5.26 -20.90
C ALA V 224 72.46 5.90 -21.34
N PRO V 225 72.43 6.96 -22.18
CA PRO V 225 73.66 7.73 -22.41
C PRO V 225 74.40 8.26 -21.18
N ARG V 226 73.89 9.30 -20.53
CA ARG V 226 74.43 10.02 -19.37
C ARG V 226 73.42 11.11 -19.08
N PHE V 227 73.61 11.79 -17.95
CA PHE V 227 72.73 12.90 -17.64
C PHE V 227 73.48 13.93 -16.82
N LEU V 228 72.97 15.16 -16.86
CA LEU V 228 73.64 16.31 -16.25
C LEU V 228 73.32 16.38 -14.76
N LEU V 229 74.31 16.84 -13.98
CA LEU V 229 74.19 16.95 -12.53
C LEU V 229 74.23 18.38 -12.03
N ARG V 230 75.20 19.17 -12.45
CA ARG V 230 75.44 20.49 -11.87
C ARG V 230 75.30 21.55 -12.95
N VAL V 231 74.41 22.50 -12.70
CA VAL V 231 74.36 23.72 -13.49
C VAL V 231 75.63 24.52 -13.24
N PRO V 232 76.36 24.95 -14.27
CA PRO V 232 77.53 25.81 -14.05
C PRO V 232 77.11 27.16 -13.45
N TYR V 233 77.92 27.65 -12.52
CA TYR V 233 77.53 28.74 -11.64
C TYR V 233 77.53 30.07 -12.40
N ASP V 234 76.90 31.07 -11.78
CA ASP V 234 76.66 32.35 -12.43
C ASP V 234 76.49 33.39 -11.34
N PRO V 235 77.02 34.60 -11.51
CA PRO V 235 76.86 35.62 -10.45
C PRO V 235 75.46 36.18 -10.31
N ILE V 236 74.51 35.80 -11.17
CA ILE V 236 73.12 36.24 -11.06
C ILE V 236 72.20 35.07 -10.74
N GLU V 237 72.35 33.95 -11.46
CA GLU V 237 71.42 32.83 -11.32
C GLU V 237 71.71 32.01 -10.07
N ASN V 238 72.90 31.40 -10.01
CA ASN V 238 73.30 30.55 -8.88
C ASN V 238 74.61 31.10 -8.33
N PRO V 239 74.54 32.11 -7.47
CA PRO V 239 75.76 32.78 -7.01
C PRO V 239 76.45 31.98 -5.92
N VAL V 240 77.67 32.43 -5.60
CA VAL V 240 78.43 31.89 -4.48
C VAL V 240 78.68 33.00 -3.48
N LYS V 241 78.97 32.61 -2.24
CA LYS V 241 79.03 33.54 -1.12
C LYS V 241 80.30 34.38 -1.20
N SER V 242 80.10 35.72 -1.21
CA SER V 242 81.16 36.73 -1.20
C SER V 242 82.11 36.60 -2.39
N PHE V 243 81.59 36.15 -3.52
CA PHE V 243 82.39 35.96 -4.73
C PHE V 243 81.44 35.91 -5.92
N ASN V 244 81.94 36.31 -7.09
CA ASN V 244 81.21 36.21 -8.34
C ASN V 244 81.94 35.22 -9.24
N TYR V 245 81.31 34.08 -9.50
CA TYR V 245 81.95 32.97 -10.20
C TYR V 245 81.15 32.65 -11.47
N ALA V 246 81.72 33.00 -12.62
CA ALA V 246 81.16 32.64 -13.92
C ALA V 246 82.00 31.50 -14.47
N GLU V 247 81.44 30.28 -14.43
CA GLU V 247 82.15 29.08 -14.85
C GLU V 247 82.16 29.04 -16.37
N ASN V 248 83.30 29.40 -16.96
CA ASN V 248 83.44 29.47 -18.42
C ASN V 248 83.50 28.07 -19.00
N VAL V 249 82.36 27.55 -19.43
CA VAL V 249 82.29 26.23 -20.04
C VAL V 249 82.61 26.36 -21.52
N SER V 250 83.64 25.64 -21.95
CA SER V 250 84.15 25.74 -23.32
C SER V 250 83.28 24.91 -24.26
N ALA V 251 83.74 24.74 -25.50
CA ALA V 251 83.01 23.96 -26.48
C ALA V 251 83.09 22.46 -26.19
N SER V 252 84.06 22.03 -25.38
CA SER V 252 84.12 20.65 -24.94
C SER V 252 83.01 20.41 -23.92
N HIS V 253 82.08 19.51 -24.24
CA HIS V 253 81.00 19.19 -23.33
C HIS V 253 81.37 18.11 -22.32
N GLU V 254 82.67 17.80 -22.18
CA GLU V 254 83.12 16.93 -21.11
C GLU V 254 83.33 17.68 -19.80
N HIS V 255 83.29 19.01 -19.82
CA HIS V 255 83.50 19.79 -18.61
C HIS V 255 82.24 19.91 -17.76
N TYR V 256 81.07 19.71 -18.36
CA TYR V 256 79.85 19.57 -17.58
C TYR V 256 79.95 18.34 -16.68
N LEU V 257 79.36 18.42 -15.50
CA LEU V 257 79.40 17.32 -14.54
C LEU V 257 78.40 16.26 -14.99
N TRP V 258 78.84 15.40 -15.89
CA TRP V 258 77.95 14.36 -16.41
C TRP V 258 77.96 13.16 -15.48
N GLY V 259 76.78 12.81 -14.97
CA GLY V 259 76.65 11.70 -14.06
C GLY V 259 76.50 10.37 -14.79
N ASN V 260 76.26 9.33 -14.00
CA ASN V 260 76.00 7.99 -14.52
C ASN V 260 74.54 7.65 -14.34
N THR V 261 73.89 7.15 -15.39
CA THR V 261 72.44 7.03 -15.40
C THR V 261 71.94 5.79 -14.65
N ALA V 262 72.85 4.95 -14.16
CA ALA V 262 72.44 3.90 -13.23
C ALA V 262 71.93 4.50 -11.92
N PHE V 263 72.40 5.70 -11.57
CA PHE V 263 71.76 6.49 -10.53
C PHE V 263 70.33 6.83 -10.91
N ALA V 264 70.14 7.38 -12.12
CA ALA V 264 68.86 7.93 -12.50
C ALA V 264 67.83 6.86 -12.86
N PHE V 265 68.27 5.69 -13.30
CA PHE V 265 67.31 4.61 -13.54
C PHE V 265 66.88 3.94 -12.25
N ALA V 266 67.76 3.85 -11.27
CA ALA V 266 67.37 3.36 -9.96
C ALA V 266 66.58 4.37 -9.16
N THR V 267 66.54 5.63 -9.61
CA THR V 267 65.59 6.57 -9.03
C THR V 267 64.16 6.14 -9.33
N ARG V 268 63.94 5.57 -10.51
CA ARG V 268 62.60 5.11 -10.89
C ARG V 268 62.27 3.74 -10.34
N LEU V 269 63.27 2.94 -9.99
CA LEU V 269 63.00 1.72 -9.24
C LEU V 269 62.50 2.02 -7.85
N THR V 270 62.98 3.11 -7.26
CA THR V 270 62.66 3.39 -5.88
C THR V 270 61.46 4.31 -5.74
N ASP V 271 61.31 5.28 -6.65
CA ASP V 271 60.11 6.11 -6.63
C ASP V 271 58.88 5.37 -7.11
N SER V 272 59.05 4.21 -7.75
CA SER V 272 57.92 3.32 -7.93
C SER V 272 57.65 2.50 -6.69
N PHE V 273 58.68 2.17 -5.91
CA PHE V 273 58.44 1.41 -4.70
C PHE V 273 57.89 2.28 -3.59
N ALA V 274 58.21 3.56 -3.57
CA ALA V 274 57.72 4.42 -2.51
C ALA V 274 56.25 4.77 -2.66
N LYS V 275 55.64 4.45 -3.80
CA LYS V 275 54.25 4.75 -4.06
C LYS V 275 53.36 3.53 -4.01
N TYR V 276 53.78 2.42 -4.60
CA TYR V 276 52.93 1.24 -4.74
C TYR V 276 53.49 0.01 -4.02
N ARG V 277 54.67 0.11 -3.42
CA ARG V 277 55.37 -1.00 -2.74
C ARG V 277 55.64 -2.17 -3.67
N TRP V 278 55.78 -1.89 -4.96
CA TRP V 278 56.28 -2.84 -5.95
C TRP V 278 57.09 -2.05 -6.95
N CYS V 279 57.59 -2.74 -7.97
CA CYS V 279 58.28 -2.06 -9.08
C CYS V 279 58.10 -2.79 -10.40
N PRO V 280 56.92 -2.68 -11.03
CA PRO V 280 56.89 -2.81 -12.48
C PRO V 280 56.82 -1.47 -13.19
N ASN V 281 56.64 -0.40 -12.41
CA ASN V 281 56.29 0.92 -12.96
C ASN V 281 57.57 1.73 -13.20
N ILE V 282 58.26 1.42 -14.28
CA ILE V 282 59.51 2.10 -14.61
C ILE V 282 59.59 2.53 -16.07
N ILE V 283 58.55 2.33 -16.86
CA ILE V 283 58.67 2.59 -18.30
C ILE V 283 57.66 3.61 -18.80
N GLY V 284 57.21 4.53 -17.96
CA GLY V 284 56.19 5.47 -18.37
C GLY V 284 56.56 6.93 -18.26
N PRO V 285 56.43 7.67 -19.37
CA PRO V 285 56.57 9.14 -19.30
C PRO V 285 55.49 9.79 -18.49
N GLN V 286 54.33 9.16 -18.35
CA GLN V 286 53.31 9.57 -17.38
C GLN V 286 52.97 8.44 -16.43
N SER V 287 53.82 7.42 -16.34
CA SER V 287 53.47 6.25 -15.54
C SER V 287 54.68 5.72 -14.78
N GLY V 288 55.64 6.56 -14.45
CA GLY V 288 56.70 6.20 -13.56
C GLY V 288 58.05 5.89 -14.18
N GLY V 289 58.32 6.37 -15.39
CA GLY V 289 59.64 6.23 -15.96
C GLY V 289 60.16 7.59 -16.39
N ALA V 290 59.63 8.64 -15.79
CA ALA V 290 59.94 10.01 -16.18
C ALA V 290 60.94 10.59 -15.19
N VAL V 291 62.20 10.69 -15.61
CA VAL V 291 63.24 11.34 -14.80
C VAL V 291 62.99 12.84 -14.92
N GLU V 292 62.37 13.41 -13.90
CA GLU V 292 62.05 14.84 -13.91
C GLU V 292 63.12 15.63 -13.18
N ASP V 293 63.01 16.96 -13.30
CA ASP V 293 63.86 17.95 -12.61
C ASP V 293 65.33 17.77 -13.00
N LEU V 294 65.58 17.71 -14.30
CA LEU V 294 66.96 17.67 -14.75
C LEU V 294 67.56 19.07 -14.73
N PRO V 295 68.87 19.18 -14.57
CA PRO V 295 69.51 20.49 -14.70
C PRO V 295 69.55 20.94 -16.16
N VAL V 296 69.27 22.21 -16.38
CA VAL V 296 69.37 22.82 -17.70
C VAL V 296 70.32 23.99 -17.64
N HIS V 297 70.92 24.31 -18.78
CA HIS V 297 71.90 25.39 -18.88
C HIS V 297 71.60 26.16 -20.16
N VAL V 298 70.88 27.27 -20.02
CA VAL V 298 70.54 28.11 -21.16
C VAL V 298 71.75 28.95 -21.51
N PHE V 299 72.33 28.69 -22.69
CA PHE V 299 73.46 29.46 -23.16
C PHE V 299 73.14 30.01 -24.55
N GLU V 300 74.05 30.86 -25.03
CA GLU V 300 73.87 31.50 -26.34
C GLU V 300 74.48 30.63 -27.42
N SER V 301 73.67 30.24 -28.39
CA SER V 301 74.13 29.51 -29.55
C SER V 301 74.57 30.49 -30.63
N MET V 302 74.72 30.01 -31.86
CA MET V 302 75.09 30.85 -33.00
C MET V 302 73.89 31.70 -33.42
N GLY V 303 73.61 32.72 -32.60
CA GLY V 303 72.53 33.65 -32.86
C GLY V 303 71.32 33.48 -31.95
N ALA V 304 70.92 32.24 -31.69
CA ALA V 304 69.72 31.95 -30.94
C ALA V 304 70.03 31.71 -29.47
N LEU V 305 68.97 31.54 -28.68
CA LEU V 305 69.06 31.24 -27.26
C LEU V 305 68.52 29.83 -27.07
N GLN V 306 69.41 28.85 -26.94
CA GLN V 306 69.02 27.46 -26.78
C GLN V 306 69.41 26.98 -25.38
N SER V 307 69.09 25.72 -25.11
CA SER V 307 69.40 25.08 -23.85
C SER V 307 70.30 23.88 -24.09
N LYS V 308 71.26 23.67 -23.20
CA LYS V 308 72.08 22.47 -23.25
C LYS V 308 71.23 21.26 -22.90
N ILE V 309 71.30 20.22 -23.73
CA ILE V 309 70.47 19.04 -23.54
C ILE V 309 70.96 18.26 -22.32
N PRO V 310 70.09 17.95 -21.36
CA PRO V 310 70.55 17.32 -20.13
C PRO V 310 71.01 15.88 -20.31
N THR V 311 70.55 15.17 -21.33
CA THR V 311 71.22 13.97 -21.79
C THR V 311 71.99 14.35 -23.04
N GLU V 312 73.14 13.70 -23.26
CA GLU V 312 74.10 14.23 -24.22
C GLU V 312 73.68 14.07 -25.67
N VAL V 313 72.70 13.22 -25.95
CA VAL V 313 72.14 13.12 -27.29
C VAL V 313 70.63 13.21 -27.17
N LEU V 314 70.00 13.60 -28.27
CA LEU V 314 68.54 13.54 -28.40
C LEU V 314 68.21 12.22 -29.06
N ILE V 315 67.79 11.25 -28.26
CA ILE V 315 67.46 9.92 -28.77
C ILE V 315 66.11 9.99 -29.47
N THR V 316 66.09 9.65 -30.75
CA THR V 316 64.84 9.63 -31.48
C THR V 316 64.02 8.41 -31.09
N ASP V 317 62.81 8.31 -31.65
CA ASP V 317 61.97 7.18 -31.31
C ASP V 317 62.41 5.91 -32.04
N ARG V 318 62.95 6.04 -33.24
CA ARG V 318 63.45 4.87 -33.95
C ARG V 318 64.77 4.40 -33.38
N LYS V 319 65.62 5.33 -32.94
CA LYS V 319 66.87 4.96 -32.29
C LYS V 319 66.61 4.27 -30.96
N GLU V 320 65.58 4.70 -30.24
CA GLU V 320 65.28 4.09 -28.94
C GLU V 320 64.65 2.72 -29.13
N PHE V 321 63.82 2.56 -30.16
CA PHE V 321 63.27 1.24 -30.45
C PHE V 321 64.32 0.28 -30.95
N GLU V 322 65.35 0.79 -31.63
CA GLU V 322 66.44 -0.09 -32.05
C GLU V 322 67.35 -0.42 -30.88
N LEU V 323 67.46 0.47 -29.90
CA LEU V 323 68.13 0.12 -28.65
C LEU V 323 67.28 -0.81 -27.79
N ALA V 324 65.96 -0.75 -27.93
CA ALA V 324 65.10 -1.61 -27.12
C ALA V 324 65.17 -3.05 -27.60
N GLU V 325 65.28 -3.25 -28.92
CA GLU V 325 65.42 -4.60 -29.44
C GLU V 325 66.79 -5.19 -29.14
N GLU V 326 67.81 -4.34 -29.04
CA GLU V 326 69.17 -4.78 -28.79
C GLU V 326 69.56 -4.74 -27.32
N GLY V 327 68.59 -4.63 -26.42
CA GLY V 327 68.84 -4.76 -25.01
C GLY V 327 69.51 -3.56 -24.35
N PHE V 328 68.83 -2.42 -24.36
CA PHE V 328 69.34 -1.21 -23.72
C PHE V 328 68.20 -0.43 -23.12
N ILE V 329 68.45 0.19 -21.98
CA ILE V 329 67.46 1.03 -21.31
C ILE V 329 67.83 2.46 -21.65
N ALA V 330 67.28 2.97 -22.74
CA ALA V 330 67.63 4.30 -23.20
C ALA V 330 66.74 5.35 -22.56
N LEU V 331 67.24 6.58 -22.50
CA LEU V 331 66.55 7.71 -21.88
C LEU V 331 66.37 8.81 -22.91
N THR V 332 65.22 8.85 -23.54
CA THR V 332 64.91 9.96 -24.42
C THR V 332 64.59 11.20 -23.59
N MET V 333 65.03 12.36 -24.09
CA MET V 333 64.90 13.59 -23.35
C MET V 333 63.79 14.42 -23.97
N ARG V 334 62.98 15.05 -23.13
CA ARG V 334 61.87 15.88 -23.60
C ARG V 334 62.44 17.18 -24.14
N LYS V 335 62.60 17.25 -25.46
CA LYS V 335 63.36 18.31 -26.11
C LYS V 335 62.75 19.68 -25.88
N GLY V 336 63.45 20.50 -25.10
CA GLY V 336 63.00 21.83 -24.79
C GLY V 336 62.62 22.05 -23.34
N SER V 337 62.83 21.08 -22.48
CA SER V 337 62.48 21.22 -21.08
C SER V 337 63.48 20.43 -20.24
N ASP V 338 63.15 20.24 -18.97
CA ASP V 338 64.01 19.60 -18.00
C ASP V 338 63.48 18.22 -17.59
N ASN V 339 62.88 17.51 -18.54
CA ASN V 339 62.32 16.19 -18.26
C ASN V 339 62.90 15.17 -19.22
N ALA V 340 62.73 13.91 -18.87
CA ALA V 340 63.16 12.82 -19.72
C ALA V 340 62.20 11.66 -19.47
N ALA V 341 62.45 10.55 -20.15
CA ALA V 341 61.54 9.41 -20.03
C ALA V 341 62.24 8.14 -20.43
N PHE V 342 61.93 7.06 -19.72
CA PHE V 342 62.22 5.72 -20.18
C PHE V 342 60.99 5.18 -20.89
N PHE V 343 61.21 4.27 -21.83
CA PHE V 343 60.11 3.67 -22.55
C PHE V 343 60.08 2.15 -22.50
N SER V 344 61.23 1.51 -22.28
CA SER V 344 61.29 0.06 -22.26
C SER V 344 62.52 -0.33 -21.46
N ALA V 345 62.33 -1.12 -20.42
CA ALA V 345 63.43 -1.47 -19.51
C ALA V 345 64.01 -2.83 -19.82
N ASN V 346 64.10 -3.20 -21.10
CA ASN V 346 64.50 -4.54 -21.51
C ASN V 346 65.92 -4.87 -21.08
N SER V 347 66.09 -6.02 -20.46
CA SER V 347 67.41 -6.50 -20.12
C SER V 347 68.11 -7.00 -21.38
N ILE V 348 69.39 -7.33 -21.24
CA ILE V 348 70.21 -7.67 -22.40
C ILE V 348 69.92 -9.05 -22.97
N GLN V 349 69.00 -9.80 -22.38
CA GLN V 349 68.77 -11.16 -22.83
C GLN V 349 68.00 -11.15 -24.15
N LYS V 350 68.29 -12.11 -25.01
CA LYS V 350 67.60 -12.12 -26.29
C LYS V 350 66.43 -13.10 -26.26
N PRO V 351 65.31 -12.73 -26.85
CA PRO V 351 64.19 -13.66 -26.95
C PRO V 351 64.52 -14.79 -27.90
N LYS V 352 64.68 -16.00 -27.37
CA LYS V 352 65.13 -17.12 -28.17
C LYS V 352 64.01 -17.61 -29.07
N VAL V 353 64.33 -17.75 -30.35
CA VAL V 353 63.33 -18.20 -31.32
C VAL V 353 63.11 -19.70 -31.14
N PHE V 354 61.94 -20.06 -30.81
CA PHE V 354 61.48 -21.42 -30.60
C PHE V 354 60.78 -21.92 -31.87
N PRO V 355 60.78 -23.23 -32.13
CA PRO V 355 60.19 -23.73 -33.38
C PRO V 355 58.68 -23.60 -33.40
N ASN V 356 58.14 -23.66 -34.62
CA ASN V 356 56.74 -23.32 -34.86
C ASN V 356 55.77 -24.43 -34.52
N THR V 357 55.85 -24.96 -33.31
CA THR V 357 54.87 -25.91 -32.84
C THR V 357 53.77 -25.18 -32.09
N LYS V 358 52.88 -25.93 -31.44
CA LYS V 358 51.88 -25.30 -30.59
C LYS V 358 52.52 -24.81 -29.29
N GLU V 359 53.39 -25.63 -28.69
CA GLU V 359 54.09 -25.21 -27.49
C GLU V 359 55.23 -24.26 -27.78
N GLY V 360 55.85 -24.35 -28.96
CA GLY V 360 56.96 -23.48 -29.28
C GLY V 360 56.53 -22.06 -29.54
N LYS V 361 55.40 -21.89 -30.23
CA LYS V 361 54.84 -20.56 -30.40
C LYS V 361 54.31 -20.01 -29.09
N GLU V 362 53.95 -20.88 -28.16
CA GLU V 362 53.53 -20.44 -26.85
C GLU V 362 54.72 -20.08 -25.96
N ALA V 363 55.70 -20.98 -25.86
CA ALA V 363 56.82 -20.76 -24.97
C ALA V 363 57.74 -19.62 -25.43
N GLU V 364 57.67 -19.25 -26.71
CA GLU V 364 58.39 -18.07 -27.18
C GLU V 364 57.82 -16.81 -26.55
N THR V 365 56.50 -16.75 -26.43
CA THR V 365 55.89 -15.60 -25.75
C THR V 365 56.06 -15.73 -24.24
N ASN V 366 56.26 -16.95 -23.75
CA ASN V 366 56.54 -17.13 -22.33
C ASN V 366 57.95 -16.71 -21.99
N TYR V 367 58.92 -17.09 -22.82
CA TYR V 367 60.30 -16.71 -22.58
C TYR V 367 60.55 -15.23 -22.85
N LYS V 368 59.69 -14.59 -23.66
CA LYS V 368 59.83 -13.18 -23.92
C LYS V 368 59.51 -12.35 -22.69
N LEU V 369 58.61 -12.83 -21.84
CA LEU V 369 58.26 -12.09 -20.63
C LEU V 369 59.37 -12.12 -19.59
N GLY V 370 60.29 -13.07 -19.68
CA GLY V 370 61.38 -13.09 -18.73
C GLY V 370 62.39 -11.99 -18.95
N THR V 371 62.61 -11.60 -20.20
CA THR V 371 63.71 -10.71 -20.51
C THR V 371 63.41 -9.25 -20.24
N GLN V 372 62.15 -8.89 -19.99
CA GLN V 372 61.78 -7.49 -20.17
C GLN V 372 62.14 -6.60 -18.99
N LEU V 373 62.21 -7.16 -17.79
CA LEU V 373 62.62 -6.50 -16.55
C LEU V 373 61.77 -5.28 -16.14
N PRO V 374 60.44 -5.33 -16.24
CA PRO V 374 59.76 -4.89 -15.03
C PRO V 374 59.19 -6.11 -14.36
N TYR V 375 59.10 -7.19 -15.11
CA TYR V 375 58.47 -8.41 -14.64
C TYR V 375 59.40 -9.25 -13.79
N MET V 376 60.71 -9.10 -13.96
CA MET V 376 61.62 -9.70 -12.99
C MET V 376 61.45 -9.06 -11.62
N MET V 377 61.19 -7.76 -11.59
CA MET V 377 61.15 -7.09 -10.30
C MET V 377 59.84 -7.38 -9.55
N ILE V 378 58.83 -7.95 -10.21
CA ILE V 378 57.68 -8.44 -9.45
C ILE V 378 57.81 -9.90 -9.08
N ILE V 379 58.88 -10.57 -9.49
CA ILE V 379 59.18 -11.91 -8.98
C ILE V 379 60.50 -11.98 -8.23
N ASN V 380 61.36 -10.98 -8.36
CA ASN V 380 62.47 -10.87 -7.42
C ASN V 380 61.92 -10.59 -6.04
N ARG V 381 60.88 -9.77 -5.94
CA ARG V 381 60.19 -9.59 -4.67
C ARG V 381 59.47 -10.86 -4.25
N LEU V 382 59.05 -11.68 -5.20
CA LEU V 382 58.55 -13.01 -4.86
C LEU V 382 59.67 -14.02 -4.73
N ALA V 383 60.91 -13.57 -4.65
CA ALA V 383 61.99 -14.38 -4.12
C ALA V 383 62.55 -13.79 -2.85
N HIS V 384 62.28 -12.53 -2.58
CA HIS V 384 62.79 -11.97 -1.34
C HIS V 384 61.77 -12.08 -0.22
N TYR V 385 60.47 -11.91 -0.50
CA TYR V 385 59.47 -12.16 0.52
C TYR V 385 59.43 -13.63 0.90
N VAL V 386 59.50 -14.52 -0.07
CA VAL V 386 59.19 -15.91 0.21
C VAL V 386 60.38 -16.60 0.85
N LYS V 387 61.59 -16.09 0.59
CA LYS V 387 62.77 -16.53 1.33
C LYS V 387 62.69 -16.13 2.78
N VAL V 388 62.22 -14.92 3.06
CA VAL V 388 62.11 -14.45 4.43
C VAL V 388 60.94 -15.12 5.14
N LEU V 389 59.83 -15.29 4.44
CA LEU V 389 58.61 -15.75 5.09
C LEU V 389 58.69 -17.23 5.45
N GLN V 390 59.35 -18.02 4.61
CA GLN V 390 59.58 -19.43 4.90
C GLN V 390 60.91 -19.68 5.57
N ARG V 391 61.54 -18.64 6.12
CA ARG V 391 62.69 -18.83 6.98
C ARG V 391 62.28 -18.89 8.44
N GLU V 392 61.27 -18.09 8.81
CA GLU V 392 60.74 -18.12 10.16
C GLU V 392 60.08 -19.44 10.48
N GLN V 393 59.58 -20.14 9.46
CA GLN V 393 58.75 -21.31 9.69
C GLN V 393 59.54 -22.56 10.02
N ILE V 394 60.86 -22.55 9.88
CA ILE V 394 61.66 -23.77 10.07
C ILE V 394 61.59 -24.22 11.52
N GLY V 395 61.15 -25.47 11.72
CA GLY V 395 60.93 -25.97 13.04
C GLY V 395 59.49 -26.01 13.48
N ALA V 396 58.55 -25.63 12.62
CA ALA V 396 57.16 -25.60 13.01
C ALA V 396 56.54 -26.99 12.95
N TRP V 397 55.23 -27.03 13.07
CA TRP V 397 54.47 -28.26 12.93
C TRP V 397 53.53 -28.06 11.76
N LYS V 398 53.96 -28.51 10.58
CA LYS V 398 53.28 -28.12 9.35
C LYS V 398 52.92 -29.40 8.63
N GLU V 399 52.26 -29.27 7.48
CA GLU V 399 52.01 -30.38 6.58
C GLU V 399 52.18 -29.89 5.15
N ARG V 400 52.07 -30.81 4.20
CA ARG V 400 52.03 -30.40 2.81
C ARG V 400 50.76 -29.63 2.51
N GLN V 401 49.62 -30.07 3.06
CA GLN V 401 48.39 -29.31 2.93
C GLN V 401 48.48 -27.98 3.67
N ASP V 402 49.24 -27.94 4.76
CA ASP V 402 49.45 -26.66 5.44
C ASP V 402 50.45 -25.81 4.67
N LEU V 403 51.38 -26.43 3.95
CA LEU V 403 52.29 -25.65 3.13
C LEU V 403 51.60 -25.05 1.93
N GLU V 404 50.64 -25.78 1.34
CA GLU V 404 49.85 -25.24 0.23
C GLU V 404 49.02 -24.05 0.66
N ARG V 405 48.56 -24.02 1.90
CA ARG V 405 47.64 -23.01 2.38
C ARG V 405 48.35 -21.76 2.88
N GLU V 406 49.50 -21.90 3.51
CA GLU V 406 50.25 -20.73 3.95
C GLU V 406 50.86 -19.95 2.80
N LEU V 407 50.89 -20.51 1.60
CA LEU V 407 51.32 -19.79 0.41
C LEU V 407 50.17 -19.30 -0.45
N ASN V 408 49.10 -20.08 -0.58
CA ASN V 408 47.97 -19.66 -1.40
C ASN V 408 47.19 -18.55 -0.75
N SER V 409 47.00 -18.62 0.57
CA SER V 409 46.37 -17.50 1.26
C SER V 409 47.29 -16.32 1.44
N TRP V 410 48.57 -16.49 1.17
CA TRP V 410 49.50 -15.38 1.21
C TRP V 410 49.58 -14.60 -0.10
N ILE V 411 49.77 -15.29 -1.23
CA ILE V 411 49.98 -14.56 -2.47
C ILE V 411 48.67 -14.06 -3.07
N LYS V 412 47.52 -14.53 -2.59
CA LYS V 412 46.26 -14.02 -3.10
C LYS V 412 45.83 -12.73 -2.43
N GLN V 413 46.75 -12.03 -1.77
CA GLN V 413 46.59 -10.60 -1.54
C GLN V 413 47.40 -9.79 -2.53
N TYR V 414 48.16 -10.45 -3.40
CA TYR V 414 48.88 -9.82 -4.48
C TYR V 414 48.24 -10.09 -5.83
N VAL V 415 47.19 -10.89 -5.87
CA VAL V 415 46.57 -11.35 -7.10
C VAL V 415 45.22 -10.67 -7.22
N ALA V 416 45.02 -9.95 -8.32
CA ALA V 416 43.71 -9.37 -8.64
C ALA V 416 43.30 -9.94 -9.99
N ASP V 417 42.69 -11.13 -9.95
CA ASP V 417 42.34 -11.86 -11.17
C ASP V 417 41.09 -11.22 -11.73
N GLN V 418 41.31 -10.17 -12.52
CA GLN V 418 40.24 -9.28 -12.92
C GLN V 418 40.66 -8.61 -14.21
N GLU V 419 39.72 -8.48 -15.14
CA GLU V 419 40.08 -8.03 -16.48
C GLU V 419 40.39 -6.55 -16.51
N ASN V 420 39.63 -5.73 -15.80
CA ASN V 420 39.86 -4.30 -15.74
C ASN V 420 39.65 -3.79 -14.31
N PRO V 421 40.62 -3.98 -13.43
CA PRO V 421 40.53 -3.36 -12.12
C PRO V 421 40.95 -1.90 -12.22
N PRO V 422 40.71 -1.09 -11.19
CA PRO V 422 41.19 0.30 -11.21
C PRO V 422 42.70 0.40 -11.21
N ALA V 423 43.18 1.63 -11.44
CA ALA V 423 44.60 1.86 -11.63
C ALA V 423 45.42 1.69 -10.35
N ASP V 424 44.77 1.63 -9.19
CA ASP V 424 45.48 1.36 -7.95
C ASP V 424 45.51 -0.12 -7.62
N VAL V 425 44.49 -0.88 -8.04
CA VAL V 425 44.48 -2.31 -7.78
C VAL V 425 45.48 -3.02 -8.68
N ARG V 426 45.79 -2.44 -9.83
CA ARG V 426 46.74 -3.04 -10.74
C ARG V 426 48.16 -2.98 -10.22
N SER V 427 48.51 -1.93 -9.48
CA SER V 427 49.88 -1.76 -9.06
C SER V 427 50.13 -2.16 -7.61
N ARG V 428 49.12 -2.07 -6.75
CA ARG V 428 49.25 -2.68 -5.43
C ARG V 428 49.25 -4.20 -5.53
N ARG V 429 48.52 -4.75 -6.49
CA ARG V 429 48.45 -6.20 -6.72
C ARG V 429 48.96 -6.45 -8.14
N PRO V 430 50.28 -6.53 -8.33
CA PRO V 430 50.83 -6.56 -9.69
C PRO V 430 50.64 -7.86 -10.40
N LEU V 431 50.38 -8.95 -9.68
CA LEU V 431 50.14 -10.23 -10.31
C LEU V 431 48.72 -10.27 -10.83
N ARG V 432 48.42 -11.30 -11.60
CA ARG V 432 47.09 -11.52 -12.12
C ARG V 432 46.57 -12.91 -11.84
N ALA V 433 47.43 -13.93 -11.87
CA ALA V 433 47.05 -15.26 -11.43
C ALA V 433 48.29 -15.98 -10.96
N ALA V 434 48.12 -16.89 -10.01
CA ALA V 434 49.26 -17.57 -9.41
C ALA V 434 48.87 -19.00 -9.07
N ARG V 435 49.67 -19.95 -9.53
CA ARG V 435 49.45 -21.37 -9.31
C ARG V 435 50.55 -21.89 -8.41
N ILE V 436 50.18 -22.66 -7.38
CA ILE V 436 51.15 -23.24 -6.46
C ILE V 436 50.87 -24.73 -6.35
N GLU V 437 51.83 -25.54 -6.75
CA GLU V 437 51.68 -26.99 -6.77
C GLU V 437 52.77 -27.58 -5.90
N VAL V 438 52.45 -27.90 -4.66
CA VAL V 438 53.42 -28.45 -3.72
C VAL V 438 53.48 -29.95 -3.92
N MET V 439 54.70 -30.47 -4.11
CA MET V 439 54.96 -31.89 -4.27
C MET V 439 55.86 -32.34 -3.12
N ASP V 440 56.30 -33.59 -3.18
CA ASP V 440 57.16 -34.14 -2.15
C ASP V 440 58.53 -34.48 -2.72
N VAL V 441 59.41 -34.93 -1.84
CA VAL V 441 60.67 -35.56 -2.24
C VAL V 441 60.74 -36.90 -1.53
N GLU V 442 60.78 -37.98 -2.30
CA GLU V 442 60.86 -39.30 -1.72
C GLU V 442 62.30 -39.62 -1.34
N GLY V 443 62.46 -40.64 -0.51
CA GLY V 443 63.77 -40.99 0.01
C GLY V 443 64.07 -40.30 1.32
N ASN V 444 64.14 -38.97 1.28
CA ASN V 444 64.20 -38.13 2.47
C ASN V 444 62.88 -37.41 2.58
N PRO V 445 61.93 -37.91 3.36
CA PRO V 445 60.58 -37.34 3.32
C PRO V 445 60.51 -36.05 4.11
N GLY V 446 59.76 -35.09 3.57
CA GLY V 446 59.63 -33.77 4.13
C GLY V 446 60.49 -32.73 3.47
N TRP V 447 60.50 -32.71 2.14
CA TRP V 447 61.24 -31.75 1.35
C TRP V 447 60.36 -31.47 0.15
N TYR V 448 60.09 -30.20 -0.13
CA TYR V 448 58.88 -29.84 -0.86
C TYR V 448 59.16 -29.04 -2.11
N GLN V 449 58.98 -29.66 -3.27
CA GLN V 449 59.25 -29.01 -4.54
C GLN V 449 57.97 -28.32 -4.99
N VAL V 450 57.79 -27.07 -4.60
CA VAL V 450 56.56 -26.37 -4.93
C VAL V 450 56.85 -25.53 -6.17
N SER V 451 55.81 -25.21 -6.94
CA SER V 451 56.02 -24.49 -8.20
C SER V 451 55.12 -23.27 -8.27
N LEU V 452 55.58 -22.16 -7.71
CA LEU V 452 54.85 -20.90 -7.79
C LEU V 452 54.91 -20.33 -9.19
N SER V 453 53.75 -20.20 -9.82
CA SER V 453 53.65 -19.82 -11.24
C SER V 453 52.81 -18.55 -11.37
N VAL V 454 53.44 -17.40 -11.20
CA VAL V 454 52.72 -16.13 -11.22
C VAL V 454 52.52 -15.67 -12.65
N ARG V 455 51.71 -14.62 -12.83
CA ARG V 455 51.39 -14.11 -14.14
C ARG V 455 51.06 -12.63 -13.98
N PRO V 456 51.64 -11.76 -14.78
CA PRO V 456 51.49 -10.33 -14.56
C PRO V 456 50.40 -9.70 -15.41
N HIS V 457 50.14 -8.42 -15.18
CA HIS V 457 49.35 -7.64 -16.12
C HIS V 457 50.25 -7.12 -17.23
N PHE V 458 49.62 -6.57 -18.28
CA PHE V 458 50.33 -6.21 -19.50
C PHE V 458 50.12 -4.74 -19.83
N LYS V 459 51.23 -4.04 -20.04
CA LYS V 459 51.26 -2.60 -20.25
C LYS V 459 51.00 -2.26 -21.72
N TYR V 460 51.28 -1.02 -22.09
CA TYR V 460 50.85 -0.40 -23.34
C TYR V 460 52.08 -0.08 -24.19
N MET V 461 52.21 -0.70 -25.35
CA MET V 461 53.39 -0.50 -26.19
C MET V 461 53.06 -0.74 -27.66
N GLY V 462 52.99 0.34 -28.43
CA GLY V 462 52.78 0.30 -29.87
C GLY V 462 51.38 0.01 -30.38
N ALA V 463 51.00 0.66 -31.48
CA ALA V 463 49.73 0.44 -32.16
C ALA V 463 49.92 0.78 -33.64
N ASN V 464 48.81 0.97 -34.38
CA ASN V 464 49.03 1.24 -35.79
C ASN V 464 48.35 2.49 -36.34
N PHE V 465 47.08 2.75 -36.01
CA PHE V 465 46.35 4.00 -36.32
C PHE V 465 46.30 4.26 -37.84
N GLU V 466 45.69 3.34 -38.57
CA GLU V 466 45.71 3.37 -40.04
C GLU V 466 44.59 4.26 -40.59
N LEU V 467 44.86 5.55 -40.71
CA LEU V 467 43.86 6.54 -41.07
C LEU V 467 43.39 6.40 -42.51
N SER V 468 42.24 7.02 -42.78
CA SER V 468 41.52 7.00 -44.04
C SER V 468 40.42 8.03 -43.94
N LEU V 469 39.72 8.29 -45.03
CA LEU V 469 38.43 8.95 -44.90
C LEU V 469 37.34 8.07 -45.49
N VAL V 470 36.15 8.16 -44.90
CA VAL V 470 34.99 7.44 -45.37
C VAL V 470 34.11 8.31 -46.25
N GLY V 471 33.88 9.56 -45.85
CA GLY V 471 33.12 10.50 -46.62
C GLY V 471 31.67 10.63 -46.20
N ARG V 472 31.00 9.52 -45.88
CA ARG V 472 29.63 9.54 -45.41
C ARG V 472 29.52 9.23 -43.92
N LEU V 473 30.20 8.18 -43.45
CA LEU V 473 30.11 7.80 -42.05
C LEU V 473 31.08 8.61 -41.20
N PRO W 1 13.80 -29.10 -10.08
CA PRO W 1 14.26 -28.46 -11.31
C PRO W 1 15.78 -28.46 -11.41
N THR W 2 16.30 -28.44 -12.63
CA THR W 2 17.75 -28.48 -12.77
C THR W 2 18.31 -27.08 -12.86
N PRO W 3 19.46 -26.83 -12.27
CA PRO W 3 20.04 -25.48 -12.32
C PRO W 3 20.52 -25.12 -13.71
N CYS W 4 20.46 -23.83 -13.99
CA CYS W 4 20.83 -23.27 -15.27
C CYS W 4 22.27 -22.77 -15.21
N TYR W 5 22.71 -22.07 -16.25
CA TYR W 5 24.06 -21.53 -16.28
C TYR W 5 24.03 -20.19 -17.00
N ILE W 6 24.76 -19.21 -16.49
CA ILE W 6 24.77 -17.88 -17.05
C ILE W 6 26.21 -17.44 -17.31
N SER W 7 26.47 -16.96 -18.51
CA SER W 7 27.78 -16.42 -18.88
C SER W 7 27.63 -14.94 -19.19
N ILE W 8 28.19 -14.09 -18.35
CA ILE W 8 28.06 -12.64 -18.47
C ILE W 8 29.34 -12.09 -19.08
N GLU W 9 29.22 -11.23 -20.08
CA GLU W 9 30.36 -10.52 -20.63
C GLU W 9 30.12 -9.03 -20.55
N GLY W 10 31.01 -8.31 -19.87
CA GLY W 10 30.83 -6.89 -19.65
C GLY W 10 31.37 -6.04 -20.78
N GLN W 11 31.14 -4.74 -20.67
CA GLN W 11 31.76 -3.80 -21.59
C GLN W 11 33.26 -3.71 -21.35
N THR W 12 33.66 -3.30 -20.15
CA THR W 12 35.06 -3.08 -19.86
C THR W 12 35.70 -4.21 -19.07
N GLN W 13 34.93 -5.05 -18.39
CA GLN W 13 35.49 -6.06 -17.52
C GLN W 13 35.60 -7.41 -18.20
N GLY W 14 35.51 -7.45 -19.53
CA GLY W 14 35.74 -8.68 -20.25
C GLY W 14 34.65 -9.70 -19.98
N LEU W 15 35.04 -10.95 -19.92
CA LEU W 15 34.14 -12.02 -19.52
C LEU W 15 34.10 -12.03 -18.00
N ILE W 16 32.96 -11.63 -17.43
CA ILE W 16 32.87 -11.49 -15.98
C ILE W 16 32.89 -12.83 -15.29
N THR W 17 32.14 -13.79 -15.80
CA THR W 17 32.07 -15.06 -15.13
C THR W 17 33.19 -16.01 -15.53
N ALA W 18 34.30 -15.53 -16.07
CA ALA W 18 35.40 -16.41 -16.47
C ALA W 18 36.09 -16.90 -15.21
N GLY W 19 35.78 -18.12 -14.81
CA GLY W 19 36.31 -18.66 -13.60
C GLY W 19 35.36 -18.69 -12.43
N ALA W 20 34.07 -18.47 -12.64
CA ALA W 20 33.12 -18.45 -11.55
C ALA W 20 32.63 -19.82 -11.17
N CYS W 21 33.17 -20.87 -11.76
CA CYS W 21 33.01 -22.25 -11.30
C CYS W 21 34.34 -22.97 -11.31
N THR W 22 35.33 -22.37 -10.68
CA THR W 22 36.56 -23.06 -10.38
C THR W 22 36.54 -23.54 -8.94
N ALA W 23 37.64 -24.10 -8.48
CA ALA W 23 37.75 -24.52 -7.10
C ALA W 23 37.99 -23.35 -6.17
N ASP W 24 38.41 -22.21 -6.70
CA ASP W 24 38.59 -21.05 -5.84
C ASP W 24 37.28 -20.30 -5.60
N SER W 25 36.34 -20.38 -6.54
CA SER W 25 35.10 -19.65 -6.38
C SER W 25 34.19 -20.32 -5.36
N ILE W 26 33.79 -21.56 -5.64
CA ILE W 26 32.73 -22.19 -4.87
C ILE W 26 33.16 -23.51 -4.25
N GLY W 27 34.46 -23.68 -4.01
CA GLY W 27 34.91 -24.85 -3.29
C GLY W 27 34.87 -26.12 -4.11
N ASP W 28 34.13 -27.13 -3.62
CA ASP W 28 34.06 -28.41 -4.28
C ASP W 28 32.80 -28.60 -5.09
N SER W 29 31.96 -27.58 -5.20
CA SER W 29 30.74 -27.70 -5.99
C SER W 29 30.91 -27.12 -7.38
N PHE W 30 32.12 -27.09 -7.90
CA PHE W 30 32.28 -26.59 -9.25
C PHE W 30 32.14 -27.74 -10.22
N VAL W 31 31.87 -27.40 -11.47
CA VAL W 31 31.59 -28.38 -12.51
C VAL W 31 32.60 -28.18 -13.62
N GLU W 32 33.24 -29.26 -14.04
CA GLU W 32 34.14 -29.20 -15.18
C GLU W 32 33.33 -28.95 -16.46
N GLY W 33 33.94 -28.22 -17.38
CA GLY W 33 33.28 -27.85 -18.62
C GLY W 33 32.45 -26.59 -18.55
N HIS W 34 32.07 -26.16 -17.35
CA HIS W 34 31.31 -24.93 -17.16
C HIS W 34 32.16 -23.94 -16.40
N GLU W 35 33.43 -23.83 -16.80
CA GLU W 35 34.37 -23.00 -16.08
C GLU W 35 34.09 -21.52 -16.24
N ASP W 36 33.31 -21.13 -17.25
CA ASP W 36 33.06 -19.72 -17.51
C ASP W 36 31.64 -19.31 -17.17
N GLU W 37 30.88 -20.15 -16.47
CA GLU W 37 29.45 -19.96 -16.33
C GLU W 37 29.08 -20.15 -14.87
N MET W 38 28.37 -19.18 -14.29
CA MET W 38 27.89 -19.33 -12.93
C MET W 38 26.81 -20.39 -12.85
N LEU W 39 26.48 -20.80 -11.65
CA LEU W 39 25.47 -21.82 -11.43
C LEU W 39 24.24 -21.15 -10.86
N VAL W 40 23.17 -21.08 -11.64
CA VAL W 40 22.00 -20.28 -11.33
C VAL W 40 20.94 -21.15 -10.68
N GLN W 41 20.50 -20.76 -9.50
CA GLN W 41 19.58 -21.59 -8.73
C GLN W 41 18.12 -21.26 -9.04
N GLN W 42 17.71 -20.03 -8.77
CA GLN W 42 16.33 -19.60 -8.88
C GLN W 42 16.20 -18.61 -10.02
N PHE W 43 15.00 -18.44 -10.55
CA PHE W 43 14.79 -17.57 -11.69
C PHE W 43 13.42 -16.93 -11.62
N ASP W 44 13.31 -15.72 -12.18
CA ASP W 44 12.07 -14.96 -12.20
C ASP W 44 12.13 -13.81 -13.19
N HIS W 45 11.10 -13.63 -14.02
CA HIS W 45 11.19 -12.67 -15.12
C HIS W 45 9.81 -12.34 -15.65
N VAL W 46 9.44 -11.06 -15.64
CA VAL W 46 8.12 -10.62 -16.07
C VAL W 46 8.29 -9.69 -17.26
N VAL W 47 7.39 -9.74 -18.23
CA VAL W 47 7.39 -8.82 -19.36
C VAL W 47 5.96 -8.32 -19.52
N THR W 48 5.67 -7.13 -19.03
CA THR W 48 4.30 -6.65 -19.08
C THR W 48 4.02 -5.87 -20.35
N VAL W 49 2.73 -5.71 -20.66
CA VAL W 49 2.27 -4.83 -21.71
C VAL W 49 1.08 -4.04 -21.17
N PRO W 50 1.13 -2.73 -21.15
CA PRO W 50 -0.01 -1.95 -20.64
C PRO W 50 -1.19 -1.98 -21.60
N THR W 51 -2.27 -2.64 -21.22
CA THR W 51 -3.48 -2.70 -22.00
C THR W 51 -4.55 -1.83 -21.37
N ASP W 52 -5.37 -1.20 -22.20
CA ASP W 52 -6.41 -0.36 -21.63
C ASP W 52 -7.57 -1.19 -21.10
N PRO W 53 -8.35 -0.66 -20.16
CA PRO W 53 -9.59 -1.31 -19.79
C PRO W 53 -10.62 -1.19 -20.89
N GLN W 54 -11.75 -1.88 -20.68
CA GLN W 54 -12.95 -1.91 -21.54
C GLN W 54 -12.63 -2.15 -23.03
N SER W 55 -11.56 -2.88 -23.29
CA SER W 55 -11.09 -3.20 -24.63
C SER W 55 -10.21 -4.42 -24.51
N GLY W 56 -9.43 -4.69 -25.54
CA GLY W 56 -8.41 -5.70 -25.42
C GLY W 56 -7.10 -5.24 -26.00
N GLN W 57 -7.08 -4.05 -26.58
CA GLN W 57 -5.92 -3.66 -27.36
C GLN W 57 -4.77 -3.22 -26.46
N PRO W 58 -3.52 -3.48 -26.87
CA PRO W 58 -2.37 -3.00 -26.09
C PRO W 58 -2.21 -1.50 -26.23
N SER W 59 -2.41 -0.79 -25.12
CA SER W 59 -2.30 0.67 -25.10
C SER W 59 -0.90 1.08 -24.70
N GLY W 60 0.06 0.72 -25.54
CA GLY W 60 1.44 1.06 -25.27
C GLY W 60 2.40 -0.09 -25.53
N GLN W 61 3.67 0.23 -25.64
CA GLN W 61 4.66 -0.80 -25.90
C GLN W 61 4.95 -1.58 -24.62
N ARG W 62 5.65 -2.69 -24.79
CA ARG W 62 5.98 -3.59 -23.69
C ARG W 62 6.90 -2.92 -22.68
N VAL W 63 6.87 -3.42 -21.45
CA VAL W 63 7.68 -2.92 -20.35
C VAL W 63 8.41 -4.09 -19.73
N HIS W 64 9.73 -4.13 -19.86
CA HIS W 64 10.49 -5.28 -19.38
C HIS W 64 10.79 -5.14 -17.90
N LYS W 65 10.11 -5.91 -17.10
CA LYS W 65 10.50 -6.08 -15.70
C LYS W 65 11.75 -6.97 -15.67
N PRO W 66 12.60 -6.85 -14.64
CA PRO W 66 13.93 -7.43 -14.74
C PRO W 66 13.98 -8.93 -14.53
N PHE W 67 15.03 -9.54 -15.10
CA PHE W 67 15.59 -10.82 -14.66
C PHE W 67 15.78 -10.86 -13.16
N LYS W 68 15.67 -12.05 -12.58
CA LYS W 68 16.09 -12.26 -11.19
C LYS W 68 16.67 -13.66 -11.10
N PHE W 69 17.98 -13.79 -11.25
CA PHE W 69 18.64 -15.08 -11.12
C PHE W 69 19.51 -15.10 -9.88
N THR W 70 19.58 -16.24 -9.21
CA THR W 70 20.23 -16.36 -7.90
C THR W 70 21.44 -17.26 -7.99
N VAL W 71 22.61 -16.74 -7.64
CA VAL W 71 23.82 -17.53 -7.56
C VAL W 71 24.40 -17.38 -6.16
N ALA W 72 25.34 -18.25 -5.82
CA ALA W 72 25.99 -18.15 -4.52
C ALA W 72 27.11 -17.12 -4.61
N LEU W 73 27.74 -16.83 -3.47
CA LEU W 73 28.89 -15.94 -3.48
C LEU W 73 30.08 -16.63 -4.13
N ASN W 74 30.62 -16.00 -5.17
CA ASN W 74 31.75 -16.58 -5.88
C ASN W 74 32.59 -15.46 -6.45
N LYS W 75 33.42 -15.81 -7.43
CA LYS W 75 34.40 -14.88 -7.98
C LYS W 75 33.74 -13.74 -8.72
N ALA W 76 32.65 -14.01 -9.42
CA ALA W 76 32.03 -13.00 -10.25
C ALA W 76 31.18 -12.00 -9.49
N VAL W 77 30.91 -12.22 -8.21
CA VAL W 77 30.05 -11.31 -7.45
C VAL W 77 30.72 -9.97 -7.15
N PRO W 78 32.01 -9.87 -6.78
CA PRO W 78 32.62 -8.53 -6.76
C PRO W 78 32.74 -7.89 -8.12
N LEU W 79 32.76 -8.67 -9.19
CA LEU W 79 32.75 -8.08 -10.52
C LEU W 79 31.37 -7.58 -10.89
N LEU W 80 30.31 -8.21 -10.38
CA LEU W 80 28.98 -7.71 -10.65
C LEU W 80 28.58 -6.56 -9.75
N TYR W 81 29.34 -6.26 -8.72
CA TYR W 81 29.09 -5.04 -7.98
C TYR W 81 29.87 -3.85 -8.50
N ASN W 82 30.52 -3.97 -9.65
CA ASN W 82 30.97 -2.80 -10.37
C ASN W 82 30.18 -2.56 -11.63
N ALA W 83 29.61 -3.60 -12.21
CA ALA W 83 28.64 -3.39 -13.27
C ALA W 83 27.39 -2.73 -12.71
N LEU W 84 27.10 -2.95 -11.44
CA LEU W 84 25.95 -2.34 -10.79
C LEU W 84 26.21 -0.89 -10.43
N SER W 85 27.22 -0.65 -9.60
CA SER W 85 27.41 0.67 -9.01
C SER W 85 28.01 1.67 -9.98
N SER W 86 28.38 1.28 -11.17
CA SER W 86 28.85 2.22 -12.17
C SER W 86 28.01 2.22 -13.42
N GLY W 87 26.96 1.42 -13.48
CA GLY W 87 26.07 1.42 -14.63
C GLY W 87 26.67 0.85 -15.88
N GLU W 88 27.61 -0.07 -15.74
CA GLU W 88 28.24 -0.66 -16.91
C GLU W 88 27.30 -1.64 -17.58
N LYS W 89 27.12 -1.47 -18.88
CA LYS W 89 26.30 -2.41 -19.61
C LYS W 89 27.08 -3.70 -19.80
N LEU W 90 26.35 -4.78 -19.98
CA LEU W 90 26.92 -6.11 -20.17
C LEU W 90 26.60 -6.54 -21.58
N LYS W 91 27.61 -6.94 -22.35
CA LYS W 91 27.41 -7.19 -23.77
C LYS W 91 26.51 -8.39 -24.00
N THR W 92 26.61 -9.41 -23.16
CA THR W 92 25.73 -10.55 -23.33
C THR W 92 25.55 -11.29 -22.01
N VAL W 93 24.42 -11.97 -21.90
CA VAL W 93 24.10 -12.85 -20.79
C VAL W 93 23.38 -14.03 -21.40
N GLU W 94 23.98 -15.20 -21.36
CA GLU W 94 23.39 -16.34 -22.04
C GLU W 94 22.96 -17.35 -21.00
N LEU W 95 21.74 -17.21 -20.52
CA LEU W 95 21.15 -18.24 -19.68
C LEU W 95 20.90 -19.49 -20.50
N LYS W 96 21.10 -20.65 -19.88
CA LYS W 96 20.90 -21.92 -20.57
C LYS W 96 20.14 -22.86 -19.64
N TRP W 97 18.90 -23.16 -20.00
CA TRP W 97 18.05 -24.01 -19.18
C TRP W 97 18.38 -25.47 -19.48
N TYR W 98 18.89 -26.19 -18.51
CA TYR W 98 19.15 -27.60 -18.76
C TYR W 98 17.96 -28.44 -18.36
N ARG W 99 17.93 -29.66 -18.89
CA ARG W 99 17.00 -30.67 -18.44
C ARG W 99 17.58 -32.03 -18.76
N THR W 100 17.06 -33.05 -18.10
CA THR W 100 17.54 -34.40 -18.29
C THR W 100 16.75 -35.07 -19.39
N SER W 101 17.43 -35.47 -20.46
CA SER W 101 16.75 -36.00 -21.62
C SER W 101 16.45 -37.49 -21.41
N ILE W 102 16.00 -38.15 -22.48
CA ILE W 102 15.60 -39.54 -22.37
C ILE W 102 16.81 -40.45 -22.30
N GLU W 103 17.84 -40.16 -23.10
CA GLU W 103 19.03 -40.99 -23.14
C GLU W 103 19.88 -40.86 -21.89
N GLY W 104 19.61 -39.89 -21.03
CA GLY W 104 20.31 -39.77 -19.79
C GLY W 104 21.35 -38.68 -19.75
N LYS W 105 21.27 -37.70 -20.63
CA LYS W 105 22.28 -36.68 -20.71
C LYS W 105 21.65 -35.30 -20.57
N GLN W 106 22.35 -34.41 -19.88
CA GLN W 106 21.91 -33.04 -19.76
C GLN W 106 21.95 -32.36 -21.12
N GLU W 107 21.00 -31.47 -21.37
CA GLU W 107 21.01 -30.71 -22.60
C GLU W 107 20.25 -29.42 -22.38
N ASN W 108 20.69 -28.37 -23.07
CA ASN W 108 19.94 -27.12 -23.00
C ASN W 108 18.78 -27.20 -23.96
N PHE W 109 17.58 -27.14 -23.43
CA PHE W 109 16.42 -27.15 -24.29
C PHE W 109 15.92 -25.75 -24.57
N PHE W 110 16.53 -24.73 -23.98
CA PHE W 110 15.96 -23.39 -23.98
C PHE W 110 17.04 -22.43 -23.54
N THR W 111 17.40 -21.46 -24.37
CA THR W 111 18.36 -20.44 -23.99
C THR W 111 17.77 -19.07 -24.17
N THR W 112 17.96 -18.19 -23.21
CA THR W 112 17.47 -16.82 -23.29
C THR W 112 18.69 -15.91 -23.32
N LYS W 113 19.19 -15.61 -24.50
CA LYS W 113 20.31 -14.69 -24.61
C LYS W 113 19.85 -13.27 -24.33
N LEU W 114 20.79 -12.34 -24.41
CA LEU W 114 20.51 -11.00 -23.91
C LEU W 114 21.55 -10.07 -24.49
N GLU W 115 21.14 -8.94 -25.01
CA GLU W 115 22.10 -7.92 -25.44
C GLU W 115 22.30 -6.95 -24.29
N ASN W 116 22.75 -5.72 -24.58
CA ASN W 116 23.21 -4.72 -23.60
C ASN W 116 22.30 -4.60 -22.40
N ALA W 117 22.82 -4.99 -21.24
CA ALA W 117 21.98 -5.29 -20.09
C ALA W 117 22.66 -4.80 -18.84
N SER W 118 22.24 -3.64 -18.34
CA SER W 118 22.77 -3.18 -17.07
C SER W 118 22.19 -4.01 -15.94
N ILE W 119 22.73 -3.83 -14.74
CA ILE W 119 22.23 -4.50 -13.56
C ILE W 119 21.41 -3.51 -12.76
N VAL W 120 20.17 -3.87 -12.46
CA VAL W 120 19.32 -2.96 -11.69
C VAL W 120 19.65 -3.06 -10.21
N ASP W 121 19.53 -4.24 -9.63
CA ASP W 121 19.91 -4.39 -8.22
C ASP W 121 20.38 -5.79 -7.95
N ILE W 122 21.11 -5.94 -6.84
CA ILE W 122 21.66 -7.20 -6.41
C ILE W 122 21.34 -7.36 -4.93
N HIS W 123 20.66 -8.44 -4.59
CA HIS W 123 20.13 -8.66 -3.25
C HIS W 123 20.90 -9.79 -2.58
N CYS W 124 22.02 -9.44 -1.96
CA CYS W 124 22.84 -10.42 -1.26
C CYS W 124 22.27 -10.65 0.13
N GLU W 125 21.95 -11.90 0.44
CA GLU W 125 21.46 -12.24 1.76
C GLU W 125 22.04 -13.58 2.19
N MET W 126 21.88 -13.88 3.47
CA MET W 126 22.30 -15.14 4.04
C MET W 126 21.22 -15.52 5.04
N PRO W 127 20.71 -16.74 5.01
CA PRO W 127 19.69 -17.15 5.97
C PRO W 127 20.26 -17.28 7.37
N HIS W 128 19.36 -17.42 8.33
CA HIS W 128 19.73 -17.36 9.74
C HIS W 128 20.48 -18.62 10.14
N CYS W 129 21.62 -18.44 10.80
CA CYS W 129 22.49 -19.57 11.10
C CYS W 129 21.94 -20.43 12.22
N GLN W 130 21.15 -19.86 13.12
CA GLN W 130 20.50 -20.63 14.18
C GLN W 130 19.41 -21.54 13.64
N ASP W 131 18.82 -21.18 12.52
CA ASP W 131 17.61 -21.84 12.02
C ASP W 131 17.98 -23.15 11.33
N PRO W 132 17.47 -24.29 11.79
CA PRO W 132 17.83 -25.56 11.15
C PRO W 132 17.04 -25.86 9.89
N ALA W 133 15.96 -25.13 9.61
CA ALA W 133 15.22 -25.36 8.37
C ALA W 133 15.97 -24.85 7.15
N LYS W 134 16.85 -23.87 7.34
CA LYS W 134 17.62 -23.28 6.25
C LYS W 134 19.10 -23.55 6.43
N SER W 135 19.43 -24.79 6.80
CA SER W 135 20.82 -25.15 7.02
C SER W 135 21.54 -25.56 5.75
N ASP W 136 20.80 -26.06 4.76
CA ASP W 136 21.42 -26.49 3.52
C ASP W 136 21.80 -25.34 2.62
N PHE W 137 21.19 -24.17 2.80
CA PHE W 137 21.49 -23.03 1.95
C PHE W 137 22.84 -22.44 2.36
N THR W 138 23.50 -21.78 1.42
CA THR W 138 24.76 -21.13 1.73
C THR W 138 24.62 -19.61 1.70
N GLN W 139 24.32 -19.05 0.54
CA GLN W 139 24.06 -17.63 0.38
C GLN W 139 23.05 -17.48 -0.76
N ASN W 140 22.62 -16.26 -0.99
CA ASN W 140 21.69 -15.96 -2.06
C ASN W 140 22.04 -14.60 -2.61
N VAL W 141 22.58 -14.55 -3.81
CA VAL W 141 22.92 -13.29 -4.46
C VAL W 141 22.04 -13.21 -5.70
N THR W 142 20.95 -12.46 -5.60
CA THR W 142 19.95 -12.38 -6.66
C THR W 142 20.26 -11.17 -7.52
N VAL W 143 20.87 -11.39 -8.66
CA VAL W 143 21.30 -10.30 -9.53
C VAL W 143 20.21 -10.01 -10.54
N SER W 144 19.78 -8.76 -10.63
CA SER W 144 18.77 -8.41 -11.60
C SER W 144 19.41 -7.87 -12.87
N LEU W 145 18.63 -7.84 -13.94
CA LEU W 145 19.15 -7.35 -15.21
C LEU W 145 18.01 -6.69 -15.96
N SER W 146 18.02 -5.37 -16.08
CA SER W 146 17.30 -4.77 -17.18
C SER W 146 18.16 -4.91 -18.41
N TYR W 147 17.55 -4.73 -19.58
CA TYR W 147 18.20 -5.19 -20.79
C TYR W 147 17.59 -4.51 -22.01
N ARG W 148 18.41 -4.29 -23.02
CA ARG W 148 17.89 -3.74 -24.27
C ARG W 148 17.19 -4.82 -25.08
N LYS W 149 17.92 -5.83 -25.50
CA LYS W 149 17.43 -6.84 -26.43
C LYS W 149 17.55 -8.21 -25.81
N ILE W 150 16.45 -8.95 -25.83
CA ILE W 150 16.39 -10.31 -25.31
C ILE W 150 15.93 -11.23 -26.43
N THR W 151 16.52 -12.42 -26.50
CA THR W 151 16.16 -13.40 -27.52
C THR W 151 15.95 -14.75 -26.85
N TRP W 152 14.71 -15.14 -26.66
CA TRP W 152 14.40 -16.50 -26.27
C TRP W 152 14.72 -17.43 -27.43
N ASP W 153 15.07 -18.67 -27.11
CA ASP W 153 15.46 -19.61 -28.15
C ASP W 153 15.27 -21.01 -27.60
N HIS W 154 14.26 -21.72 -28.10
CA HIS W 154 14.11 -23.11 -27.76
C HIS W 154 14.94 -23.92 -28.73
N VAL W 155 15.84 -24.75 -28.21
CA VAL W 155 16.82 -25.42 -29.05
C VAL W 155 16.27 -26.70 -29.65
N ASN W 156 15.62 -27.55 -28.85
CA ASN W 156 15.16 -28.84 -29.35
C ASN W 156 13.96 -28.75 -30.28
N ALA W 157 13.33 -27.60 -30.41
CA ALA W 157 12.26 -27.42 -31.38
C ALA W 157 12.50 -26.24 -32.30
N GLY W 158 13.63 -25.55 -32.15
CA GLY W 158 14.04 -24.56 -33.11
C GLY W 158 13.33 -23.24 -33.09
N THR W 159 12.29 -23.06 -32.27
CA THR W 159 11.61 -21.78 -32.24
C THR W 159 12.48 -20.72 -31.57
N SER W 160 12.20 -19.47 -31.90
CA SER W 160 13.01 -18.38 -31.38
C SER W 160 12.18 -17.12 -31.34
N GLY W 161 12.04 -16.54 -30.15
CA GLY W 161 11.41 -15.26 -30.03
C GLY W 161 12.46 -14.20 -29.90
N SER W 162 12.08 -12.93 -30.00
CA SER W 162 13.04 -11.84 -29.88
C SER W 162 12.31 -10.57 -29.55
N ASP W 163 12.90 -9.76 -28.70
CA ASP W 163 12.44 -8.41 -28.48
C ASP W 163 13.63 -7.48 -28.52
N ASP W 164 13.41 -6.27 -29.03
CA ASP W 164 14.51 -5.32 -29.09
C ASP W 164 13.94 -3.92 -29.04
N TRP W 165 14.55 -3.07 -28.23
CA TRP W 165 14.24 -1.66 -28.31
C TRP W 165 14.89 -1.02 -29.52
N ARG W 166 16.03 -1.55 -29.95
CA ARG W 166 16.76 -0.96 -31.06
C ARG W 166 16.02 -1.10 -32.37
N LYS W 167 15.41 -2.26 -32.60
CA LYS W 167 14.70 -2.55 -33.84
C LYS W 167 13.32 -3.09 -33.52
N PRO W 168 12.36 -2.24 -33.20
CA PRO W 168 10.99 -2.69 -33.07
C PRO W 168 10.44 -3.02 -34.43
N ILE W 169 9.34 -3.77 -34.45
CA ILE W 169 8.93 -4.44 -35.67
C ILE W 169 8.27 -3.41 -36.58
N GLU W 170 9.10 -2.88 -37.50
CA GLU W 170 8.86 -1.77 -38.43
C GLU W 170 8.07 -0.55 -37.91
N GLY X 1 72.11 21.18 -92.65
CA GLY X 1 71.81 21.12 -91.23
C GLY X 1 70.80 22.16 -90.77
N SER X 2 69.83 22.46 -91.65
CA SER X 2 68.81 23.44 -91.31
C SER X 2 67.81 22.90 -90.30
N LEU X 3 67.66 21.58 -90.20
CA LEU X 3 66.78 21.01 -89.18
C LEU X 3 67.37 21.17 -87.79
N LEU X 4 68.69 21.19 -87.68
CA LEU X 4 69.33 21.50 -86.40
C LEU X 4 69.18 22.98 -86.06
N ASP X 5 69.06 23.84 -87.08
CA ASP X 5 68.85 25.26 -86.85
C ASP X 5 67.44 25.54 -86.31
N GLU X 6 66.46 24.72 -86.68
CA GLU X 6 65.11 24.90 -86.16
C GLU X 6 65.01 24.42 -84.71
N ILE X 7 65.83 23.46 -84.31
CA ILE X 7 65.84 23.02 -82.92
C ILE X 7 66.56 24.04 -82.05
N MET X 8 67.67 24.60 -82.53
CA MET X 8 68.41 25.60 -81.77
C MET X 8 67.67 26.93 -81.69
N ALA X 9 66.87 27.27 -82.71
CA ALA X 9 66.01 28.44 -82.61
C ALA X 9 64.82 28.19 -81.70
N GLN X 10 64.44 26.94 -81.50
CA GLN X 10 63.39 26.56 -80.55
C GLN X 10 64.00 26.55 -79.16
N THR X 11 63.79 27.63 -78.41
CA THR X 11 64.51 27.84 -77.15
C THR X 11 64.02 26.96 -76.01
N ARG X 12 62.94 26.20 -76.20
CA ARG X 12 62.47 25.30 -75.14
C ARG X 12 63.35 24.07 -75.00
N CYS X 13 63.88 23.54 -76.10
CA CYS X 13 64.74 22.36 -76.07
C CYS X 13 65.93 22.54 -77.02
N ALA X 14 66.58 23.72 -76.93
CA ALA X 14 67.63 24.04 -77.89
C ALA X 14 68.94 23.27 -77.64
N PRO X 15 69.63 23.37 -76.46
CA PRO X 15 71.03 22.92 -76.44
C PRO X 15 71.20 21.42 -76.21
N SER X 16 70.38 20.59 -76.85
CA SER X 16 70.49 19.12 -76.88
C SER X 16 70.52 18.51 -75.48
N GLU X 17 69.44 18.72 -74.73
CA GLU X 17 69.37 18.27 -73.34
C GLU X 17 68.39 17.13 -73.15
N GLU X 18 67.12 17.31 -73.52
CA GLU X 18 66.11 16.27 -73.31
C GLU X 18 64.97 16.51 -74.29
N GLY X 19 64.54 15.44 -74.97
CA GLY X 19 63.44 15.55 -75.90
C GLY X 19 63.79 16.13 -77.26
N TYR X 20 65.08 16.19 -77.61
CA TYR X 20 65.49 16.75 -78.89
C TYR X 20 65.43 15.73 -80.02
N ASP X 21 65.41 14.44 -79.69
CA ASP X 21 65.27 13.42 -80.73
C ASP X 21 63.82 13.12 -81.05
N ILE X 22 62.91 13.35 -80.09
CA ILE X 22 61.50 13.15 -80.33
C ILE X 22 60.92 14.29 -81.16
N ALA X 23 61.27 15.53 -80.81
CA ALA X 23 60.78 16.69 -81.54
C ALA X 23 61.40 16.80 -82.93
N LYS X 24 62.59 16.23 -83.14
CA LYS X 24 63.15 16.15 -84.48
C LYS X 24 62.34 15.20 -85.35
N LYS X 25 61.80 14.12 -84.77
CA LYS X 25 60.90 13.25 -85.49
C LYS X 25 59.54 13.88 -85.72
N GLY X 26 59.19 14.90 -84.95
CA GLY X 26 57.92 15.58 -85.10
C GLY X 26 57.89 16.55 -86.27
N VAL X 27 59.02 17.24 -86.48
CA VAL X 27 59.11 18.18 -87.59
C VAL X 27 59.16 17.43 -88.92
N ALA X 28 59.99 16.37 -89.00
CA ALA X 28 60.20 15.66 -90.25
C ALA X 28 58.99 14.85 -90.68
N ALA X 29 58.15 14.45 -89.72
CA ALA X 29 56.94 13.70 -90.08
C ALA X 29 55.86 14.60 -90.66
N PHE X 30 55.78 15.84 -90.20
CA PHE X 30 54.73 16.75 -90.66
C PHE X 30 55.01 17.28 -92.06
N ILE X 31 56.29 17.39 -92.44
CA ILE X 31 56.64 17.89 -93.76
C ILE X 31 56.33 16.85 -94.83
N GLU X 32 56.43 15.55 -94.49
CA GLU X 32 56.18 14.49 -95.45
C GLU X 32 54.71 14.40 -95.85
N ASN X 33 53.79 14.83 -94.99
CA ASN X 33 52.38 14.88 -95.30
C ASN X 33 51.90 16.27 -95.66
N LEU X 34 52.78 17.27 -95.61
CA LEU X 34 52.38 18.66 -95.88
C LEU X 34 52.13 18.90 -97.38
N MET X 35 52.70 18.06 -98.25
CA MET X 35 52.63 18.30 -99.69
C MET X 35 51.25 18.01 -100.28
N GLY X 36 50.33 17.43 -99.52
CA GLY X 36 48.97 17.27 -100.00
C GLY X 36 48.21 18.58 -100.08
N SER X 37 48.55 19.54 -99.22
CA SER X 37 47.93 20.85 -99.23
C SER X 37 48.93 21.84 -98.67
N GLN X 38 49.51 22.67 -99.53
CA GLN X 38 50.52 23.62 -99.12
C GLN X 38 49.88 24.82 -98.45
N HIS X 39 50.30 25.12 -97.22
CA HIS X 39 49.81 26.26 -96.48
C HIS X 39 50.86 26.68 -95.46
N SER X 40 50.93 27.98 -95.20
CA SER X 40 51.97 28.55 -94.32
C SER X 40 51.31 29.46 -93.28
N ALA X 41 50.83 28.86 -92.19
CA ALA X 41 50.28 29.56 -91.04
C ALA X 41 50.20 28.60 -89.88
N GLU X 42 50.81 28.96 -88.74
CA GLU X 42 50.81 28.10 -87.56
C GLU X 42 49.43 27.78 -86.98
N PRO X 43 48.47 28.73 -86.80
CA PRO X 43 47.18 28.31 -86.23
C PRO X 43 46.33 27.47 -87.17
N VAL X 44 46.49 27.63 -88.49
CA VAL X 44 45.88 26.68 -89.41
C VAL X 44 46.62 25.36 -89.34
N ASN X 45 47.95 25.40 -89.15
CA ASN X 45 48.72 24.18 -88.93
C ASN X 45 48.37 23.50 -87.62
N LYS X 46 47.97 24.27 -86.60
CA LYS X 46 47.43 23.66 -85.38
C LYS X 46 46.10 22.96 -85.66
N SER X 47 45.37 23.39 -86.69
CA SER X 47 44.25 22.61 -87.18
C SER X 47 44.70 21.56 -88.18
N LEU X 48 45.75 21.85 -88.97
CA LEU X 48 46.23 20.87 -89.93
C LEU X 48 46.95 19.70 -89.25
N VAL X 49 47.54 19.92 -88.08
CA VAL X 49 48.00 18.79 -87.27
C VAL X 49 46.81 17.97 -86.81
N ASP X 50 45.74 18.65 -86.36
CA ASP X 50 44.52 17.96 -85.94
C ASP X 50 43.80 17.32 -87.13
N GLN X 51 43.91 17.90 -88.32
CA GLN X 51 43.35 17.25 -89.51
C GLN X 51 44.22 16.10 -89.98
N MET X 52 45.47 16.00 -89.51
CA MET X 52 46.28 14.82 -89.69
C MET X 52 46.19 13.85 -88.52
N LEU X 53 45.40 14.18 -87.50
CA LEU X 53 45.11 13.24 -86.41
C LEU X 53 43.74 12.59 -86.57
N VAL X 54 42.77 13.31 -87.13
CA VAL X 54 41.47 12.71 -87.39
C VAL X 54 41.56 11.69 -88.51
N GLU X 55 42.32 12.01 -89.57
CA GLU X 55 42.55 11.04 -90.63
C GLU X 55 43.46 9.91 -90.18
N LEU X 56 44.31 10.15 -89.18
CA LEU X 56 45.13 9.09 -88.60
C LEU X 56 44.28 8.14 -87.76
N ASP X 57 43.33 8.69 -86.99
CA ASP X 57 42.46 7.84 -86.18
C ASP X 57 41.48 7.04 -87.03
N LYS X 58 41.18 7.50 -88.25
CA LYS X 58 40.43 6.67 -89.18
C LYS X 58 41.26 5.50 -89.68
N LYS X 59 42.59 5.65 -89.68
CA LYS X 59 43.46 4.54 -90.06
C LYS X 59 43.70 3.58 -88.90
N ILE X 60 43.74 4.08 -87.67
CA ILE X 60 44.10 3.22 -86.54
C ILE X 60 42.88 2.51 -85.99
N SER X 61 41.79 3.26 -85.76
CA SER X 61 40.61 2.66 -85.13
C SER X 61 39.90 1.69 -86.07
N ALA X 62 40.06 1.85 -87.38
CA ALA X 62 39.55 0.84 -88.30
C ALA X 62 40.39 -0.42 -88.26
N GLN X 63 41.65 -0.32 -87.84
CA GLN X 63 42.46 -1.51 -87.62
C GLN X 63 42.19 -2.12 -86.25
N MET X 64 41.98 -1.28 -85.24
CA MET X 64 41.67 -1.77 -83.90
C MET X 64 40.21 -2.15 -83.73
N ASP X 65 39.38 -1.99 -84.76
CA ASP X 65 38.11 -2.70 -84.82
C ASP X 65 38.23 -3.99 -85.62
N GLU X 66 39.44 -4.37 -85.99
CA GLU X 66 39.69 -5.63 -86.67
C GLU X 66 40.69 -6.51 -85.96
N ILE X 67 41.62 -5.95 -85.21
CA ILE X 67 42.42 -6.76 -84.29
C ILE X 67 41.57 -7.21 -83.12
N LEU X 68 40.68 -6.34 -82.65
CA LEU X 68 39.60 -6.76 -81.79
C LEU X 68 38.49 -7.38 -82.65
N HIS X 69 37.39 -7.78 -82.01
CA HIS X 69 36.16 -8.25 -82.65
C HIS X 69 36.38 -9.48 -83.52
N ASN X 70 37.39 -10.28 -83.20
CA ASN X 70 37.72 -11.48 -83.93
C ASN X 70 37.18 -12.69 -83.18
N SER X 71 36.85 -13.75 -83.93
CA SER X 71 36.21 -14.92 -83.33
C SER X 71 37.15 -15.67 -82.41
N GLN X 72 38.47 -15.56 -82.63
CA GLN X 72 39.42 -16.13 -81.67
C GLN X 72 39.65 -15.19 -80.50
N PHE X 73 39.61 -13.87 -80.73
CA PHE X 73 39.86 -12.93 -79.66
C PHE X 73 38.65 -12.75 -78.77
N GLN X 74 37.49 -12.44 -79.36
CA GLN X 74 36.30 -12.08 -78.59
C GLN X 74 35.75 -13.26 -77.81
N ALA X 75 35.80 -14.47 -78.37
CA ALA X 75 35.36 -15.65 -77.62
C ALA X 75 36.32 -15.99 -76.49
N MET X 76 37.58 -15.59 -76.62
CA MET X 76 38.54 -15.72 -75.54
C MET X 76 38.69 -14.45 -74.73
N GLU X 77 37.92 -13.41 -75.04
CA GLU X 77 37.83 -12.26 -74.16
C GLU X 77 36.60 -12.34 -73.27
N SER X 78 35.47 -12.77 -73.84
CA SER X 78 34.24 -12.92 -73.05
C SER X 78 34.36 -14.05 -72.05
N ALA X 79 35.10 -15.11 -72.40
CA ALA X 79 35.32 -16.22 -71.48
C ALA X 79 36.32 -15.89 -70.39
N TRP X 80 36.99 -14.74 -70.45
CA TRP X 80 37.99 -14.38 -69.46
C TRP X 80 37.68 -13.08 -68.75
N ARG X 81 37.15 -12.07 -69.44
CA ARG X 81 36.68 -10.88 -68.75
C ARG X 81 35.38 -11.16 -67.99
N GLY X 82 34.57 -12.09 -68.49
CA GLY X 82 33.42 -12.56 -67.74
C GLY X 82 33.77 -13.28 -66.46
N LEU X 83 34.96 -13.87 -66.39
CA LEU X 83 35.45 -14.39 -65.12
C LEU X 83 35.73 -13.26 -64.15
N LYS X 84 36.26 -12.14 -64.64
CA LYS X 84 36.54 -10.99 -63.77
C LYS X 84 35.26 -10.40 -63.21
N LEU X 85 34.16 -10.47 -63.96
CA LEU X 85 32.86 -10.11 -63.40
C LEU X 85 32.39 -11.12 -62.35
N PHE X 86 32.90 -12.35 -62.38
CA PHE X 86 32.59 -13.28 -61.31
C PHE X 86 33.56 -13.15 -60.14
N VAL X 87 34.74 -12.59 -60.36
CA VAL X 87 35.69 -12.40 -59.27
C VAL X 87 35.42 -11.10 -58.52
N ASP X 88 35.05 -10.03 -59.25
CA ASP X 88 34.89 -8.72 -58.63
C ASP X 88 33.63 -8.63 -57.77
N ARG X 89 32.58 -9.37 -58.11
CA ARG X 89 31.33 -9.25 -57.36
C ARG X 89 31.33 -10.09 -56.10
N THR X 90 31.89 -11.30 -56.17
CA THR X 90 31.82 -12.23 -55.05
C THR X 90 32.83 -11.86 -53.99
N ASP X 91 32.36 -11.75 -52.75
CA ASP X 91 33.20 -11.31 -51.64
C ASP X 91 33.99 -12.50 -51.14
N PHE X 92 35.28 -12.55 -51.48
CA PHE X 92 36.14 -13.65 -51.07
C PHE X 92 36.50 -13.60 -49.59
N ARG X 93 36.26 -12.48 -48.92
CA ARG X 93 36.44 -12.45 -47.48
C ARG X 93 35.33 -13.20 -46.76
N GLU X 94 34.16 -13.33 -47.37
CA GLU X 94 33.03 -14.01 -46.73
C GLU X 94 32.97 -15.49 -47.12
N ASN X 95 34.10 -16.18 -46.97
CA ASN X 95 34.23 -17.64 -47.13
C ASN X 95 33.76 -18.11 -48.50
N ASN X 96 34.49 -17.69 -49.52
CA ASN X 96 34.21 -18.09 -50.89
C ASN X 96 35.52 -18.37 -51.61
N LYS X 97 35.56 -19.47 -52.37
CA LYS X 97 36.68 -19.76 -53.24
C LYS X 97 36.12 -20.24 -54.57
N VAL X 98 36.93 -20.10 -55.62
CA VAL X 98 36.50 -20.52 -56.95
C VAL X 98 37.67 -21.15 -57.68
N GLU X 99 37.46 -22.37 -58.17
CA GLU X 99 38.47 -23.07 -58.94
C GLU X 99 38.26 -22.82 -60.43
N ILE X 100 39.37 -22.81 -61.16
CA ILE X 100 39.40 -22.50 -62.59
C ILE X 100 40.00 -23.68 -63.32
N LEU X 101 39.19 -24.30 -64.18
CA LEU X 101 39.63 -25.48 -64.93
C LEU X 101 39.63 -25.18 -66.42
N HIS X 102 40.78 -25.40 -67.06
CA HIS X 102 40.91 -25.27 -68.50
C HIS X 102 40.54 -26.59 -69.14
N VAL X 103 39.33 -26.67 -69.70
CA VAL X 103 38.99 -27.70 -70.66
C VAL X 103 38.59 -26.99 -71.94
N THR X 104 38.35 -27.78 -72.98
CA THR X 104 37.52 -27.31 -74.07
C THR X 104 36.29 -28.20 -74.16
N LYS X 105 35.24 -27.65 -74.76
CA LYS X 105 33.94 -28.32 -74.76
C LYS X 105 33.96 -29.60 -75.59
N ASP X 106 34.80 -29.66 -76.62
CA ASP X 106 34.93 -30.89 -77.38
C ASP X 106 35.82 -31.90 -76.66
N GLU X 107 36.72 -31.43 -75.80
CA GLU X 107 37.56 -32.34 -75.03
C GLU X 107 36.77 -33.03 -73.95
N LEU X 108 35.74 -32.37 -73.43
CA LEU X 108 35.09 -32.85 -72.21
C LEU X 108 34.21 -34.06 -72.49
N LEU X 109 33.53 -34.07 -73.64
CA LEU X 109 32.74 -35.25 -74.02
C LEU X 109 33.63 -36.42 -74.35
N GLU X 110 34.80 -36.15 -74.94
CA GLU X 110 35.80 -37.20 -75.18
C GLU X 110 36.32 -37.76 -73.87
N ASP X 111 36.42 -36.93 -72.83
CA ASP X 111 36.87 -37.38 -71.53
C ASP X 111 35.81 -38.21 -70.82
N PHE X 112 34.53 -38.01 -71.13
CA PHE X 112 33.51 -38.93 -70.67
C PHE X 112 33.42 -40.17 -71.54
N GLU X 113 33.84 -40.07 -72.79
CA GLU X 113 34.03 -41.24 -73.64
C GLU X 113 35.31 -41.99 -73.25
N PHE X 114 36.22 -41.31 -72.57
CA PHE X 114 37.49 -41.89 -72.12
C PHE X 114 37.27 -43.00 -71.10
N ALA X 115 36.53 -42.71 -70.04
CA ALA X 115 36.30 -43.70 -69.00
C ALA X 115 35.07 -44.54 -69.31
N PRO X 116 35.07 -45.82 -68.91
CA PRO X 116 33.86 -46.65 -69.10
C PRO X 116 32.72 -46.27 -68.20
N GLU X 117 32.99 -45.62 -67.07
CA GLU X 117 31.98 -45.19 -66.14
C GLU X 117 32.27 -43.75 -65.73
N THR X 118 31.19 -42.99 -65.46
CA THR X 118 31.32 -41.61 -65.02
C THR X 118 32.06 -41.48 -63.69
N ALA X 119 32.06 -42.54 -62.88
CA ALA X 119 32.78 -42.57 -61.62
C ALA X 119 34.26 -42.85 -61.78
N GLN X 120 34.77 -42.88 -63.01
CA GLN X 120 36.20 -42.98 -63.24
C GLN X 120 36.69 -41.94 -64.24
N SER X 121 35.89 -40.90 -64.51
CA SER X 121 36.23 -39.92 -65.52
C SER X 121 37.32 -38.98 -65.03
N GLY X 122 37.77 -38.09 -65.91
CA GLY X 122 38.73 -37.09 -65.52
C GLY X 122 38.10 -35.86 -64.92
N LEU X 123 36.86 -35.56 -65.31
CA LEU X 123 36.15 -34.46 -64.66
C LEU X 123 35.63 -34.88 -63.30
N TYR X 124 35.34 -36.17 -63.11
CA TYR X 124 34.97 -36.70 -61.81
C TYR X 124 36.11 -36.59 -60.81
N LYS X 125 37.34 -36.54 -61.29
CA LYS X 125 38.46 -36.35 -60.38
C LYS X 125 38.50 -34.94 -59.83
N HIS X 126 38.13 -33.95 -60.62
CA HIS X 126 38.24 -32.57 -60.18
C HIS X 126 36.98 -32.06 -59.50
N VAL X 127 35.83 -32.65 -59.80
CA VAL X 127 34.59 -32.23 -59.15
C VAL X 127 34.40 -32.96 -57.83
N TYR X 128 34.55 -34.28 -57.84
CA TYR X 128 34.26 -35.09 -56.68
C TYR X 128 35.50 -35.31 -55.81
N SER X 129 36.53 -35.94 -56.37
CA SER X 129 37.56 -36.53 -55.52
C SER X 129 38.59 -35.50 -55.06
N ALA X 130 38.94 -34.52 -55.89
CA ALA X 130 39.87 -33.50 -55.42
C ALA X 130 39.22 -32.49 -54.50
N GLY X 131 37.89 -32.44 -54.49
CA GLY X 131 37.14 -31.53 -53.66
C GLY X 131 36.39 -32.28 -52.58
N TYR X 132 35.15 -32.60 -52.92
CA TYR X 132 34.19 -33.19 -51.98
C TYR X 132 34.65 -34.54 -51.44
N GLY X 133 35.10 -35.43 -52.32
CA GLY X 133 35.55 -36.74 -51.86
C GLY X 133 37.00 -36.71 -51.39
N GLN X 134 37.27 -35.95 -50.34
CA GLN X 134 38.62 -35.72 -49.87
C GLN X 134 38.56 -35.36 -48.39
N PHE X 135 39.42 -35.97 -47.60
CA PHE X 135 39.47 -35.65 -46.18
C PHE X 135 40.00 -34.23 -45.98
N GLY X 136 39.14 -33.36 -45.47
CA GLY X 136 39.50 -31.99 -45.21
C GLY X 136 39.39 -31.05 -46.39
N GLY X 137 39.26 -31.57 -47.60
CA GLY X 137 39.16 -30.72 -48.77
C GLY X 137 37.82 -30.02 -48.85
N GLU X 138 37.83 -28.80 -49.36
CA GLU X 138 36.62 -28.03 -49.50
C GLU X 138 35.75 -28.59 -50.63
N PRO X 139 34.46 -28.78 -50.41
CA PRO X 139 33.63 -29.44 -51.41
C PRO X 139 33.06 -28.44 -52.41
N VAL X 140 32.56 -28.97 -53.51
CA VAL X 140 32.19 -28.17 -54.67
C VAL X 140 30.70 -27.82 -54.59
N GLY X 141 30.40 -26.52 -54.65
CA GLY X 141 29.03 -26.06 -54.61
C GLY X 141 28.32 -26.17 -55.94
N ALA X 142 28.92 -25.64 -57.00
CA ALA X 142 28.30 -25.67 -58.31
C ALA X 142 29.36 -25.64 -59.40
N ILE X 143 28.98 -26.08 -60.59
CA ILE X 143 29.88 -26.09 -61.74
C ILE X 143 29.37 -25.09 -62.76
N ILE X 144 30.14 -24.04 -62.99
CA ILE X 144 29.82 -23.06 -64.02
C ILE X 144 30.26 -23.62 -65.36
N GLY X 145 29.30 -23.83 -66.25
CA GLY X 145 29.59 -24.25 -67.60
C GLY X 145 29.68 -23.07 -68.54
N ASN X 146 30.87 -22.79 -69.04
CA ASN X 146 31.09 -21.64 -69.93
C ASN X 146 30.90 -22.06 -71.38
N TYR X 147 29.74 -22.65 -71.64
CA TYR X 147 29.48 -23.38 -72.86
C TYR X 147 28.30 -22.76 -73.61
N ALA X 148 28.10 -23.25 -74.83
CA ALA X 148 26.96 -22.85 -75.66
C ALA X 148 26.33 -24.14 -76.18
N PHE X 149 25.26 -24.58 -75.53
CA PHE X 149 24.71 -25.90 -75.79
C PHE X 149 23.77 -25.89 -76.98
N THR X 150 23.94 -26.88 -77.83
CA THR X 150 23.06 -27.25 -78.91
C THR X 150 22.14 -28.36 -78.45
N PRO X 151 21.06 -28.66 -79.16
CA PRO X 151 20.26 -29.83 -78.81
C PRO X 151 20.71 -31.11 -79.50
N SER X 152 21.91 -31.12 -80.06
CA SER X 152 22.40 -32.27 -80.81
C SER X 152 22.87 -33.36 -79.86
N THR X 153 23.20 -34.51 -80.44
CA THR X 153 23.68 -35.68 -79.71
C THR X 153 25.02 -35.47 -79.01
N PRO X 154 26.03 -34.76 -79.55
CA PRO X 154 27.22 -34.49 -78.72
C PRO X 154 27.01 -33.46 -77.61
N ASP X 155 25.81 -32.90 -77.44
CA ASP X 155 25.52 -32.03 -76.30
C ASP X 155 24.39 -32.54 -75.42
N MET X 156 23.66 -33.56 -75.84
CA MET X 156 22.79 -34.27 -74.92
C MET X 156 23.46 -35.49 -74.32
N LYS X 157 24.56 -35.95 -74.91
CA LYS X 157 25.37 -36.98 -74.28
C LYS X 157 26.24 -36.38 -73.18
N LEU X 158 26.64 -35.12 -73.34
CA LEU X 158 27.42 -34.45 -72.30
C LEU X 158 26.55 -34.21 -71.07
N LEU X 159 25.35 -33.68 -71.27
CA LEU X 159 24.49 -33.36 -70.13
C LEU X 159 23.96 -34.60 -69.44
N GLN X 160 23.84 -35.72 -70.15
CA GLN X 160 23.53 -36.97 -69.50
C GLN X 160 24.68 -37.41 -68.60
N TYR X 161 25.91 -37.10 -68.99
CA TYR X 161 27.09 -37.38 -68.20
C TYR X 161 27.46 -36.23 -67.28
N MET X 162 26.70 -35.14 -67.28
CA MET X 162 26.86 -34.12 -66.25
C MET X 162 25.76 -34.16 -65.21
N GLY X 163 24.59 -34.67 -65.56
CA GLY X 163 23.57 -34.93 -64.56
C GLY X 163 23.95 -36.09 -63.65
N ALA X 164 24.63 -37.09 -64.19
CA ALA X 164 25.12 -38.18 -63.36
C ALA X 164 26.32 -37.76 -62.52
N LEU X 165 27.12 -36.83 -63.03
CA LEU X 165 28.20 -36.28 -62.22
C LEU X 165 27.66 -35.35 -61.15
N GLY X 166 26.62 -34.58 -61.47
CA GLY X 166 26.02 -33.70 -60.48
C GLY X 166 25.25 -34.42 -59.41
N ALA X 167 24.83 -35.66 -59.66
CA ALA X 167 24.14 -36.44 -58.65
C ALA X 167 25.10 -37.20 -57.76
N MET X 168 26.38 -37.22 -58.09
CA MET X 168 27.35 -37.89 -57.23
C MET X 168 28.05 -36.92 -56.29
N ALA X 169 28.40 -35.73 -56.76
CA ALA X 169 29.08 -34.74 -55.94
C ALA X 169 28.14 -33.71 -55.35
N HIS X 170 26.83 -33.86 -55.59
CA HIS X 170 25.78 -32.98 -55.07
C HIS X 170 26.00 -31.52 -55.47
N ALA X 171 26.29 -31.32 -56.74
CA ALA X 171 26.54 -29.96 -57.22
C ALA X 171 25.90 -29.80 -58.57
N PRO X 172 24.96 -28.87 -58.73
CA PRO X 172 24.32 -28.70 -60.03
C PRO X 172 25.24 -28.02 -61.03
N PHE X 173 25.14 -28.47 -62.27
CA PHE X 173 25.94 -27.95 -63.37
C PHE X 173 25.15 -26.85 -64.08
N ILE X 174 25.58 -25.61 -63.93
CA ILE X 174 24.92 -24.47 -64.55
C ILE X 174 25.70 -24.03 -65.77
N SER X 175 25.00 -23.92 -66.90
CA SER X 175 25.55 -23.51 -68.17
C SER X 175 24.45 -22.79 -68.93
N SER X 176 24.63 -22.62 -70.24
CA SER X 176 23.62 -21.89 -71.00
C SER X 176 23.37 -22.58 -72.33
N VAL X 177 22.17 -22.37 -72.85
CA VAL X 177 21.81 -22.80 -74.19
C VAL X 177 22.12 -21.66 -75.14
N GLY X 178 22.29 -22.01 -76.41
CA GLY X 178 22.64 -21.04 -77.41
C GLY X 178 21.44 -20.53 -78.19
N PRO X 179 21.67 -19.62 -79.13
CA PRO X 179 20.59 -19.24 -80.04
C PRO X 179 20.09 -20.40 -80.86
N GLU X 180 21.00 -21.24 -81.36
CA GLU X 180 20.63 -22.39 -82.18
C GLU X 180 19.92 -23.47 -81.39
N PHE X 181 19.88 -23.38 -80.07
CA PHE X 181 19.09 -24.30 -79.27
C PHE X 181 17.62 -24.09 -79.53
N PHE X 182 17.19 -22.84 -79.63
CA PHE X 182 15.79 -22.55 -79.92
C PHE X 182 15.49 -22.63 -81.41
N GLY X 183 16.50 -22.72 -82.26
CA GLY X 183 16.29 -22.82 -83.69
C GLY X 183 16.01 -21.48 -84.35
N ILE X 184 16.80 -20.47 -84.00
CA ILE X 184 16.61 -19.14 -84.56
C ILE X 184 17.86 -18.59 -85.25
N ASP X 185 19.06 -19.11 -84.94
CA ASP X 185 20.33 -18.83 -85.62
C ASP X 185 20.80 -17.38 -85.54
N SER X 186 20.05 -16.53 -84.84
CA SER X 186 20.34 -15.12 -84.62
C SER X 186 19.44 -14.72 -83.47
N PHE X 187 19.97 -14.13 -82.40
CA PHE X 187 19.28 -14.26 -81.13
C PHE X 187 18.16 -13.24 -80.92
N GLU X 188 18.26 -12.05 -81.51
CA GLU X 188 17.31 -10.98 -81.18
C GLU X 188 15.91 -11.20 -81.72
N GLU X 189 15.62 -12.33 -82.36
CA GLU X 189 14.27 -12.68 -82.77
C GLU X 189 13.62 -13.68 -81.82
N LEU X 190 13.95 -13.62 -80.54
CA LEU X 190 13.33 -14.52 -79.58
C LEU X 190 11.91 -14.09 -79.15
N PRO X 191 11.59 -12.82 -78.88
CA PRO X 191 10.18 -12.50 -78.58
C PRO X 191 9.24 -12.66 -79.76
N ASN X 192 9.76 -12.81 -80.98
CA ASN X 192 8.92 -13.07 -82.13
C ASN X 192 8.33 -14.47 -82.09
N ILE X 193 8.89 -15.36 -81.26
CA ILE X 193 8.34 -16.71 -81.11
C ILE X 193 6.98 -16.62 -80.42
N LYS X 194 5.95 -17.06 -81.13
CA LYS X 194 4.58 -16.93 -80.64
C LYS X 194 4.08 -18.18 -79.93
N ASP X 195 4.79 -19.30 -80.04
CA ASP X 195 4.41 -20.50 -79.31
C ASP X 195 5.70 -21.30 -79.08
N LEU X 196 6.24 -21.21 -77.88
CA LEU X 196 7.48 -21.89 -77.53
C LEU X 196 7.23 -23.26 -76.93
N LYS X 197 5.99 -23.54 -76.51
CA LYS X 197 5.66 -24.87 -76.00
C LYS X 197 5.66 -25.90 -77.11
N SER X 198 5.18 -25.53 -78.29
CA SER X 198 5.16 -26.47 -79.41
C SER X 198 6.52 -26.66 -80.04
N THR X 199 7.44 -25.72 -79.83
CA THR X 199 8.79 -25.86 -80.37
C THR X 199 9.54 -26.99 -79.67
N PHE X 200 9.30 -27.16 -78.36
CA PHE X 200 10.00 -28.17 -77.60
C PHE X 200 9.41 -29.56 -77.75
N GLU X 201 8.23 -29.68 -78.37
CA GLU X 201 7.60 -30.97 -78.64
C GLU X 201 7.81 -31.42 -80.08
N SER X 202 9.00 -31.10 -80.65
CA SER X 202 9.54 -31.44 -81.96
C SER X 202 10.42 -32.68 -81.88
N PRO X 203 10.47 -33.49 -82.94
CA PRO X 203 11.32 -34.69 -82.90
C PRO X 203 12.81 -34.41 -82.97
N LYS X 204 13.24 -33.16 -83.13
CA LYS X 204 14.66 -32.84 -82.99
C LYS X 204 15.09 -32.93 -81.52
N TYR X 205 14.14 -32.77 -80.61
CA TYR X 205 14.41 -32.71 -79.17
C TYR X 205 14.04 -34.01 -78.46
N THR X 206 14.24 -35.16 -79.10
CA THR X 206 13.95 -36.42 -78.43
C THR X 206 15.01 -36.72 -77.37
N LYS X 207 16.25 -36.28 -77.61
CA LYS X 207 17.30 -36.38 -76.61
C LYS X 207 17.27 -35.23 -75.60
N TRP X 208 16.32 -34.32 -75.72
CA TRP X 208 16.06 -33.29 -74.71
C TRP X 208 14.91 -33.68 -73.79
N ARG X 209 13.79 -34.12 -74.36
CA ARG X 209 12.64 -34.51 -73.56
C ARG X 209 12.86 -35.83 -72.84
N SER X 210 13.86 -36.61 -73.25
CA SER X 210 14.27 -37.77 -72.46
C SER X 210 15.30 -37.41 -71.41
N LEU X 211 16.05 -36.32 -71.62
CA LEU X 211 16.92 -35.81 -70.57
C LEU X 211 16.12 -35.22 -69.43
N ARG X 212 15.01 -34.54 -69.75
CA ARG X 212 14.21 -33.86 -68.73
C ARG X 212 13.51 -34.85 -67.81
N GLU X 213 13.05 -35.98 -68.36
CA GLU X 213 12.36 -36.97 -67.55
C GLU X 213 13.29 -37.73 -66.63
N SER X 214 14.60 -37.67 -66.87
CA SER X 214 15.55 -38.49 -66.13
C SER X 214 15.68 -38.00 -64.69
N GLU X 215 16.14 -38.90 -63.82
CA GLU X 215 16.19 -38.61 -62.40
C GLU X 215 17.36 -37.71 -62.04
N ASP X 216 18.52 -37.93 -62.65
CA ASP X 216 19.70 -37.14 -62.35
C ASP X 216 19.73 -35.80 -63.06
N ALA X 217 18.68 -35.43 -63.79
CA ALA X 217 18.59 -34.11 -64.39
C ALA X 217 18.30 -33.01 -63.40
N ARG X 218 18.05 -33.39 -62.14
CA ARG X 218 17.77 -32.44 -61.07
C ARG X 218 18.95 -31.51 -60.81
N TYR X 219 20.15 -31.97 -61.12
CA TYR X 219 21.39 -31.23 -60.91
C TYR X 219 21.86 -30.56 -62.19
N LEU X 220 20.94 -30.07 -63.00
CA LEU X 220 21.29 -29.42 -64.27
C LEU X 220 20.37 -28.23 -64.47
N GLY X 221 20.91 -27.02 -64.32
CA GLY X 221 20.22 -25.81 -64.70
C GLY X 221 20.89 -25.23 -65.93
N LEU X 222 20.08 -24.73 -66.87
CA LEU X 222 20.61 -24.10 -68.07
C LEU X 222 20.07 -22.68 -68.14
N THR X 223 20.98 -21.72 -68.25
CA THR X 223 20.68 -20.34 -67.89
C THR X 223 20.19 -19.55 -69.10
N ALA X 224 20.26 -18.23 -68.96
CA ALA X 224 19.67 -17.08 -69.62
C ALA X 224 20.09 -16.89 -71.08
N PRO X 225 19.58 -15.86 -71.78
CA PRO X 225 20.16 -15.51 -73.09
C PRO X 225 21.66 -15.28 -73.15
N ARG X 226 22.16 -14.15 -72.65
CA ARG X 226 23.54 -13.67 -72.63
C ARG X 226 23.49 -12.33 -71.94
N PHE X 227 24.66 -11.77 -71.65
CA PHE X 227 24.70 -10.45 -71.06
C PHE X 227 25.96 -9.73 -71.48
N LEU X 228 25.93 -8.39 -71.40
CA LEU X 228 26.99 -7.54 -71.89
C LEU X 228 28.11 -7.41 -70.85
N LEU X 229 29.34 -7.31 -71.34
CA LEU X 229 30.51 -7.21 -70.47
C LEU X 229 31.24 -5.88 -70.59
N ARG X 230 31.53 -5.43 -71.80
CA ARG X 230 32.39 -4.28 -72.01
C ARG X 230 31.63 -3.19 -72.75
N VAL X 231 31.57 -2.02 -72.14
CA VAL X 231 31.11 -0.82 -72.85
C VAL X 231 32.13 -0.48 -73.93
N PRO X 232 31.72 -0.27 -75.18
CA PRO X 232 32.67 0.17 -76.21
C PRO X 232 33.22 1.55 -75.89
N TYR X 233 34.51 1.74 -76.16
CA TYR X 233 35.25 2.88 -75.65
C TYR X 233 34.87 4.16 -76.40
N ASP X 234 35.27 5.28 -75.81
CA ASP X 234 34.85 6.59 -76.29
C ASP X 234 35.88 7.60 -75.83
N PRO X 235 36.24 8.59 -76.64
CA PRO X 235 37.25 9.57 -76.21
C PRO X 235 36.77 10.55 -75.14
N ILE X 236 35.49 10.51 -74.76
CA ILE X 236 34.96 11.36 -73.70
C ILE X 236 34.52 10.54 -72.49
N GLU X 237 33.78 9.46 -72.72
CA GLU X 237 33.21 8.69 -71.62
C GLU X 237 34.25 7.78 -70.97
N ASN X 238 34.78 6.82 -71.73
CA ASN X 238 35.77 5.86 -71.22
C ASN X 238 37.00 5.95 -72.11
N PRO X 239 37.89 6.91 -71.84
CA PRO X 239 39.03 7.15 -72.72
C PRO X 239 40.13 6.13 -72.50
N VAL X 240 41.12 6.17 -73.40
CA VAL X 240 42.33 5.38 -73.27
C VAL X 240 43.52 6.33 -73.20
N LYS X 241 44.62 5.82 -72.67
CA LYS X 241 45.77 6.66 -72.34
C LYS X 241 46.52 7.07 -73.61
N SER X 242 46.66 8.38 -73.80
CA SER X 242 47.42 9.01 -74.90
C SER X 242 46.88 8.62 -76.27
N PHE X 243 45.57 8.38 -76.36
CA PHE X 243 44.93 8.00 -77.60
C PHE X 243 43.44 8.27 -77.48
N ASN X 244 42.79 8.51 -78.62
CA ASN X 244 41.35 8.70 -78.69
C ASN X 244 40.77 7.55 -79.50
N TYR X 245 40.01 6.67 -78.86
CA TYR X 245 39.53 5.43 -79.47
C TYR X 245 38.00 5.42 -79.44
N ALA X 246 37.40 5.61 -80.61
CA ALA X 246 35.95 5.48 -80.78
C ALA X 246 35.69 4.13 -81.45
N GLU X 247 35.21 3.17 -80.68
CA GLU X 247 34.97 1.82 -81.18
C GLU X 247 33.70 1.81 -82.01
N ASN X 248 33.85 1.80 -83.33
CA ASN X 248 32.72 1.87 -84.24
C ASN X 248 31.99 0.53 -84.25
N VAL X 249 30.94 0.43 -83.44
CA VAL X 249 30.14 -0.79 -83.38
C VAL X 249 29.09 -0.73 -84.49
N SER X 250 29.11 -1.74 -85.36
CA SER X 250 28.23 -1.76 -86.53
C SER X 250 26.84 -2.25 -86.13
N ALA X 251 26.02 -2.51 -87.14
CA ALA X 251 24.67 -3.01 -86.89
C ALA X 251 24.66 -4.45 -86.42
N SER X 252 25.74 -5.19 -86.65
CA SER X 252 25.87 -6.53 -86.10
C SER X 252 26.13 -6.44 -84.60
N HIS X 253 25.20 -6.98 -83.81
CA HIS X 253 25.35 -6.97 -82.35
C HIS X 253 26.19 -8.13 -81.84
N GLU X 254 26.90 -8.84 -82.72
CA GLU X 254 27.85 -9.83 -82.28
C GLU X 254 29.20 -9.23 -81.92
N HIS X 255 29.42 -7.96 -82.24
CA HIS X 255 30.70 -7.32 -81.94
C HIS X 255 30.79 -6.82 -80.51
N TYR X 256 29.66 -6.62 -79.84
CA TYR X 256 29.67 -6.39 -78.40
C TYR X 256 30.22 -7.62 -77.68
N LEU X 257 30.94 -7.38 -76.59
CA LEU X 257 31.55 -8.47 -75.83
C LEU X 257 30.45 -9.13 -75.01
N TRP X 258 29.76 -10.07 -75.62
CA TRP X 258 28.67 -10.75 -74.94
C TRP X 258 29.22 -11.93 -74.13
N GLY X 259 28.98 -11.90 -72.82
CA GLY X 259 29.46 -12.93 -71.94
C GLY X 259 28.51 -14.12 -71.88
N ASN X 260 28.85 -15.05 -71.00
CA ASN X 260 28.02 -16.24 -70.74
C ASN X 260 27.36 -16.08 -69.38
N THR X 261 26.05 -16.32 -69.30
CA THR X 261 25.29 -15.97 -68.11
C THR X 261 25.42 -17.01 -67.00
N ALA X 262 26.13 -18.12 -67.24
CA ALA X 262 26.50 -19.00 -66.14
C ALA X 262 27.45 -18.31 -65.18
N PHE X 263 28.22 -17.34 -65.67
CA PHE X 263 28.91 -16.41 -64.78
C PHE X 263 27.94 -15.61 -63.94
N ALA X 264 26.94 -15.00 -64.59
CA ALA X 264 26.06 -14.06 -63.90
C ALA X 264 25.05 -14.74 -63.00
N PHE X 265 24.67 -15.99 -63.29
CA PHE X 265 23.77 -16.68 -62.39
C PHE X 265 24.50 -17.23 -61.17
N ALA X 266 25.75 -17.61 -61.33
CA ALA X 266 26.56 -17.99 -60.18
C ALA X 266 27.03 -16.80 -59.37
N THR X 267 26.87 -15.59 -59.89
CA THR X 267 27.06 -14.40 -59.06
C THR X 267 26.00 -14.36 -57.97
N ARG X 268 24.78 -14.78 -58.29
CA ARG X 268 23.70 -14.78 -57.31
C ARG X 268 23.72 -16.00 -56.40
N LEU X 269 24.37 -17.09 -56.80
CA LEU X 269 24.62 -18.18 -55.88
C LEU X 269 25.59 -17.76 -54.78
N THR X 270 26.55 -16.90 -55.13
CA THR X 270 27.59 -16.58 -54.19
C THR X 270 27.28 -15.32 -53.40
N ASP X 271 26.63 -14.33 -54.01
CA ASP X 271 26.20 -13.16 -53.26
C ASP X 271 25.03 -13.46 -52.35
N SER X 272 24.35 -14.60 -52.53
CA SER X 272 23.44 -15.07 -51.50
C SER X 272 24.18 -15.80 -50.39
N PHE X 273 25.30 -16.45 -50.72
CA PHE X 273 26.05 -17.15 -49.68
C PHE X 273 26.88 -16.18 -48.84
N ALA X 274 27.30 -15.06 -49.43
CA ALA X 274 28.11 -14.12 -48.68
C ALA X 274 27.30 -13.31 -47.67
N LYS X 275 25.98 -13.39 -47.72
CA LYS X 275 25.10 -12.65 -46.82
C LYS X 275 24.46 -13.53 -45.77
N TYR X 276 23.95 -14.70 -46.15
CA TYR X 276 23.19 -15.54 -45.25
C TYR X 276 23.82 -16.90 -44.99
N ARG X 277 24.96 -17.21 -45.63
CA ARG X 277 25.66 -18.49 -45.54
C ARG X 277 24.79 -19.68 -45.96
N TRP X 278 23.84 -19.41 -46.86
CA TRP X 278 23.07 -20.44 -47.54
C TRP X 278 22.80 -19.93 -48.94
N CYS X 279 22.07 -20.71 -49.73
CA CYS X 279 21.62 -20.27 -51.05
C CYS X 279 20.27 -20.85 -51.45
N PRO X 280 19.17 -20.37 -50.87
CA PRO X 280 17.91 -20.45 -51.61
C PRO X 280 17.54 -19.12 -52.27
N ASN X 281 18.31 -18.06 -51.97
CA ASN X 281 17.93 -16.70 -52.34
C ASN X 281 18.54 -16.33 -53.67
N ILE X 282 17.92 -16.82 -54.74
CA ILE X 282 18.41 -16.55 -56.09
C ILE X 282 17.32 -16.14 -57.07
N ILE X 283 16.08 -15.97 -56.62
CA ILE X 283 14.99 -15.73 -57.56
C ILE X 283 14.25 -14.42 -57.29
N GLY X 284 14.91 -13.43 -56.70
CA GLY X 284 14.23 -12.20 -56.34
C GLY X 284 14.79 -10.94 -56.95
N PRO X 285 13.94 -10.17 -57.64
CA PRO X 285 14.35 -8.83 -58.08
C PRO X 285 14.62 -7.88 -56.93
N GLN X 286 14.02 -8.11 -55.77
CA GLN X 286 14.40 -7.43 -54.55
C GLN X 286 14.79 -8.41 -53.45
N SER X 287 15.10 -9.66 -53.83
CA SER X 287 15.38 -10.67 -52.82
C SER X 287 16.52 -11.59 -53.24
N GLY X 288 17.45 -11.10 -54.04
CA GLY X 288 18.67 -11.82 -54.33
C GLY X 288 18.77 -12.51 -55.66
N GLY X 289 17.99 -12.11 -56.65
CA GLY X 289 18.15 -12.64 -57.98
C GLY X 289 18.32 -11.52 -58.98
N ALA X 290 18.76 -10.36 -58.49
CA ALA X 290 18.86 -9.15 -59.29
C ALA X 290 20.31 -8.94 -59.71
N VAL X 291 20.62 -9.24 -60.97
CA VAL X 291 21.95 -8.98 -61.52
C VAL X 291 22.02 -7.48 -61.77
N GLU X 292 22.67 -6.76 -60.86
CA GLU X 292 22.78 -5.31 -60.97
C GLU X 292 24.09 -4.92 -61.64
N ASP X 293 24.19 -3.62 -61.94
CA ASP X 293 25.39 -2.98 -62.51
C ASP X 293 25.78 -3.60 -63.86
N LEU X 294 24.81 -3.71 -64.73
CA LEU X 294 25.12 -4.17 -66.07
C LEU X 294 25.70 -3.03 -66.90
N PRO X 295 26.53 -3.35 -67.89
CA PRO X 295 27.00 -2.31 -68.81
C PRO X 295 25.89 -1.86 -69.75
N VAL X 296 25.80 -0.55 -69.96
CA VAL X 296 24.87 0.01 -70.92
C VAL X 296 25.64 0.82 -71.94
N HIS X 297 25.03 0.97 -73.11
CA HIS X 297 25.66 1.68 -74.23
C HIS X 297 24.59 2.55 -74.88
N VAL X 298 24.56 3.82 -74.51
CA VAL X 298 23.59 4.75 -75.06
C VAL X 298 24.07 5.17 -76.45
N PHE X 299 23.33 4.78 -77.48
CA PHE X 299 23.66 5.16 -78.84
C PHE X 299 22.44 5.82 -79.48
N GLU X 300 22.66 6.35 -80.68
CA GLU X 300 21.61 7.05 -81.40
C GLU X 300 20.83 6.07 -82.27
N SER X 301 19.53 5.97 -82.04
CA SER X 301 18.65 5.16 -82.86
C SER X 301 18.17 5.99 -84.05
N MET X 302 17.12 5.51 -84.71
CA MET X 302 16.51 6.23 -85.84
C MET X 302 15.71 7.42 -85.32
N GLY X 303 16.45 8.46 -84.92
CA GLY X 303 15.86 9.69 -84.42
C GLY X 303 15.99 9.89 -82.92
N ALA X 304 15.76 8.83 -82.15
CA ALA X 304 15.72 8.93 -80.71
C ALA X 304 17.06 8.55 -80.09
N LEU X 305 17.15 8.72 -78.78
CA LEU X 305 18.32 8.35 -78.00
C LEU X 305 17.93 7.18 -77.09
N GLN X 306 18.31 5.98 -77.50
CA GLN X 306 17.99 4.78 -76.74
C GLN X 306 19.25 4.16 -76.18
N SER X 307 19.08 3.07 -75.45
CA SER X 307 20.17 2.33 -74.86
C SER X 307 20.19 0.91 -75.40
N LYS X 308 21.39 0.38 -75.62
CA LYS X 308 21.52 -1.02 -76.00
C LYS X 308 21.15 -1.91 -74.83
N ILE X 309 20.29 -2.88 -75.08
CA ILE X 309 19.80 -3.75 -74.01
C ILE X 309 20.92 -4.68 -73.54
N PRO X 310 21.22 -4.72 -72.24
CA PRO X 310 22.36 -5.51 -71.78
C PRO X 310 22.16 -7.01 -71.89
N THR X 311 20.94 -7.50 -71.90
CA THR X 311 20.65 -8.84 -72.39
C THR X 311 20.07 -8.70 -73.77
N GLU X 312 20.34 -9.67 -74.64
CA GLU X 312 20.13 -9.45 -76.07
C GLU X 312 18.68 -9.42 -76.48
N VAL X 313 17.77 -9.92 -75.64
CA VAL X 313 16.35 -9.78 -75.89
C VAL X 313 15.69 -9.22 -74.63
N LEU X 314 14.52 -8.63 -74.83
CA LEU X 314 13.66 -8.21 -73.72
C LEU X 314 12.68 -9.35 -73.48
N ILE X 315 12.95 -10.15 -72.46
CA ILE X 315 12.10 -11.28 -72.14
C ILE X 315 10.84 -10.77 -71.46
N THR X 316 9.69 -11.06 -72.05
CA THR X 316 8.43 -10.66 -71.44
C THR X 316 8.11 -11.57 -70.26
N ASP X 317 7.01 -11.26 -69.57
CA ASP X 317 6.64 -12.08 -68.43
C ASP X 317 6.01 -13.40 -68.85
N ARG X 318 5.30 -13.41 -69.99
CA ARG X 318 4.73 -14.65 -70.48
C ARG X 318 5.79 -15.54 -71.09
N LYS X 319 6.78 -14.94 -71.77
CA LYS X 319 7.89 -15.72 -72.33
C LYS X 319 8.74 -16.32 -71.22
N GLU X 320 8.90 -15.60 -70.11
CA GLU X 320 9.71 -16.12 -69.02
C GLU X 320 8.97 -17.21 -68.26
N PHE X 321 7.65 -17.07 -68.12
CA PHE X 321 6.87 -18.14 -67.50
C PHE X 321 6.81 -19.37 -68.37
N GLU X 322 6.85 -19.20 -69.70
CA GLU X 322 6.88 -20.36 -70.57
C GLU X 322 8.26 -21.00 -70.58
N LEU X 323 9.32 -20.22 -70.36
CA LEU X 323 10.64 -20.80 -70.13
C LEU X 323 10.74 -21.43 -68.75
N ALA X 324 9.97 -20.95 -67.78
CA ALA X 324 10.04 -21.51 -66.43
C ALA X 324 9.39 -22.89 -66.38
N GLU X 325 8.31 -23.08 -67.14
CA GLU X 325 7.68 -24.39 -67.19
C GLU X 325 8.51 -25.39 -67.98
N GLU X 326 9.28 -24.90 -68.96
CA GLU X 326 10.09 -25.77 -69.79
C GLU X 326 11.54 -25.89 -69.32
N GLY X 327 11.81 -25.49 -68.08
CA GLY X 327 13.10 -25.75 -67.48
C GLY X 327 14.22 -24.84 -67.96
N PHE X 328 14.10 -23.54 -67.71
CA PHE X 328 15.12 -22.58 -68.08
C PHE X 328 15.19 -21.50 -67.03
N ILE X 329 16.40 -21.01 -66.78
CA ILE X 329 16.63 -19.93 -65.83
C ILE X 329 16.82 -18.68 -66.67
N ALA X 330 15.73 -17.98 -66.95
CA ALA X 330 15.77 -16.81 -67.82
C ALA X 330 16.06 -15.55 -67.03
N LEU X 331 16.61 -14.56 -67.71
CA LEU X 331 17.00 -13.28 -67.10
C LEU X 331 16.25 -12.17 -67.80
N THR X 332 15.14 -11.74 -67.23
CA THR X 332 14.45 -10.55 -67.74
C THR X 332 15.23 -9.31 -67.36
N MET X 333 15.26 -8.34 -68.26
CA MET X 333 16.07 -7.14 -68.08
C MET X 333 15.13 -5.99 -67.73
N ARG X 334 15.55 -5.16 -66.78
CA ARG X 334 14.76 -4.01 -66.36
C ARG X 334 14.85 -2.94 -67.44
N LYS X 335 13.84 -2.89 -68.31
CA LYS X 335 13.88 -2.12 -69.54
C LYS X 335 14.04 -0.63 -69.28
N GLY X 336 15.20 -0.10 -69.61
CA GLY X 336 15.49 1.31 -69.42
C GLY X 336 16.55 1.60 -68.39
N SER X 337 17.20 0.58 -67.84
CA SER X 337 18.23 0.80 -66.84
C SER X 337 19.28 -0.30 -66.97
N ASP X 338 20.14 -0.40 -65.97
CA ASP X 338 21.27 -1.32 -65.97
C ASP X 338 21.07 -2.45 -64.97
N ASN X 339 19.84 -2.93 -64.83
CA ASN X 339 19.52 -3.99 -63.90
C ASN X 339 18.82 -5.12 -64.62
N ALA X 340 18.78 -6.28 -63.99
CA ALA X 340 18.07 -7.43 -64.51
C ALA X 340 17.57 -8.22 -63.32
N ALA X 341 16.90 -9.34 -63.59
CA ALA X 341 16.33 -10.12 -62.51
C ALA X 341 16.10 -11.55 -62.97
N PHE X 342 16.33 -12.49 -62.07
CA PHE X 342 15.82 -13.84 -62.22
C PHE X 342 14.50 -13.95 -61.48
N PHE X 343 13.65 -14.85 -61.92
CA PHE X 343 12.36 -15.05 -61.29
C PHE X 343 12.10 -16.47 -60.86
N SER X 344 12.74 -17.45 -61.48
CA SER X 344 12.52 -18.85 -61.16
C SER X 344 13.73 -19.63 -61.62
N ALA X 345 14.36 -20.35 -60.69
CA ALA X 345 15.60 -21.05 -60.99
C ALA X 345 15.37 -22.52 -61.28
N ASN X 346 14.27 -22.86 -61.95
CA ASN X 346 13.87 -24.25 -62.15
C ASN X 346 14.88 -25.02 -62.99
N SER X 347 15.27 -26.19 -62.48
CA SER X 347 16.13 -27.08 -63.24
C SER X 347 15.33 -27.74 -64.35
N ILE X 348 16.04 -28.46 -65.23
CA ILE X 348 15.41 -29.00 -66.42
C ILE X 348 14.52 -30.20 -66.15
N GLN X 349 14.41 -30.65 -64.90
CA GLN X 349 13.64 -31.85 -64.62
C GLN X 349 12.15 -31.56 -64.71
N LYS X 350 11.40 -32.53 -65.19
CA LYS X 350 9.96 -32.29 -65.32
C LYS X 350 9.21 -32.84 -64.12
N PRO X 351 8.21 -32.12 -63.63
CA PRO X 351 7.37 -32.65 -62.56
C PRO X 351 6.53 -33.80 -63.05
N LYS X 352 6.82 -35.01 -62.58
CA LYS X 352 6.16 -36.19 -63.10
C LYS X 352 4.74 -36.27 -62.58
N VAL X 353 3.79 -36.48 -63.48
CA VAL X 353 2.39 -36.56 -63.10
C VAL X 353 2.14 -37.91 -62.44
N PHE X 354 1.76 -37.88 -61.24
CA PHE X 354 1.42 -39.04 -60.42
C PHE X 354 -0.08 -39.25 -60.41
N PRO X 355 -0.56 -40.49 -60.24
CA PRO X 355 -2.00 -40.74 -60.31
C PRO X 355 -2.77 -40.14 -59.15
N ASN X 356 -4.08 -39.99 -59.36
CA ASN X 356 -4.91 -39.21 -58.46
C ASN X 356 -5.35 -39.97 -57.22
N THR X 357 -4.40 -40.53 -56.49
CA THR X 357 -4.70 -41.14 -55.20
C THR X 357 -4.47 -40.11 -54.10
N LYS X 358 -4.53 -40.55 -52.84
CA LYS X 358 -4.19 -39.66 -51.75
C LYS X 358 -2.70 -39.43 -51.67
N GLU X 359 -1.91 -40.50 -51.83
CA GLU X 359 -0.47 -40.36 -51.85
C GLU X 359 0.06 -39.82 -53.16
N GLY X 360 -0.63 -40.06 -54.26
CA GLY X 360 -0.17 -39.59 -55.55
C GLY X 360 -0.33 -38.10 -55.72
N LYS X 361 -1.44 -37.56 -55.23
CA LYS X 361 -1.61 -36.11 -55.21
C LYS X 361 -0.68 -35.46 -54.21
N GLU X 362 -0.25 -36.20 -53.19
CA GLU X 362 0.73 -35.68 -52.25
C GLU X 362 2.14 -35.74 -52.82
N ALA X 363 2.55 -36.91 -53.32
CA ALA X 363 3.92 -37.07 -53.80
C ALA X 363 4.20 -36.29 -55.06
N GLU X 364 3.17 -35.88 -55.80
CA GLU X 364 3.38 -34.98 -56.93
C GLU X 364 3.87 -33.62 -56.45
N THR X 365 3.31 -33.13 -55.35
CA THR X 365 3.78 -31.88 -54.78
C THR X 365 5.11 -32.10 -54.06
N ASN X 366 5.39 -33.32 -53.64
CA ASN X 366 6.69 -33.62 -53.05
C ASN X 366 7.77 -33.69 -54.10
N TYR X 367 7.49 -34.33 -55.23
CA TYR X 367 8.47 -34.41 -56.31
C TYR X 367 8.65 -33.09 -57.02
N LYS X 368 7.66 -32.19 -56.93
CA LYS X 368 7.79 -30.88 -57.54
C LYS X 368 8.84 -30.03 -56.83
N LEU X 369 8.99 -30.22 -55.52
CA LEU X 369 9.97 -29.45 -54.78
C LEU X 369 11.40 -29.84 -55.09
N GLY X 370 11.61 -31.04 -55.64
CA GLY X 370 12.95 -31.44 -55.99
C GLY X 370 13.50 -30.71 -57.19
N THR X 371 12.63 -30.38 -58.15
CA THR X 371 13.10 -29.88 -59.42
C THR X 371 13.47 -28.40 -59.40
N GLN X 372 13.11 -27.66 -58.35
CA GLN X 372 13.03 -26.22 -58.51
C GLN X 372 14.38 -25.52 -58.37
N LEU X 373 15.32 -26.09 -57.64
CA LEU X 373 16.70 -25.65 -57.46
C LEU X 373 16.84 -24.23 -56.87
N PRO X 374 16.08 -23.85 -55.84
CA PRO X 374 16.83 -23.25 -54.75
C PRO X 374 16.88 -24.24 -53.62
N TYR X 375 15.99 -25.22 -53.69
CA TYR X 375 15.81 -26.19 -52.62
C TYR X 375 16.83 -27.30 -52.69
N MET X 376 17.40 -27.57 -53.86
CA MET X 376 18.55 -28.46 -53.91
C MET X 376 19.73 -27.84 -53.20
N MET X 377 19.88 -26.52 -53.29
CA MET X 377 21.07 -25.91 -52.73
C MET X 377 20.98 -25.78 -51.22
N ILE X 378 19.81 -25.98 -50.61
CA ILE X 378 19.75 -26.09 -49.16
C ILE X 378 19.85 -27.53 -48.68
N ILE X 379 19.93 -28.50 -49.60
CA ILE X 379 20.25 -29.88 -49.22
C ILE X 379 21.53 -30.38 -49.85
N ASN X 380 22.04 -29.71 -50.88
CA ASN X 380 23.42 -29.98 -51.26
C ASN X 380 24.36 -29.57 -50.15
N ARG X 381 24.08 -28.47 -49.48
CA ARG X 381 24.83 -28.12 -48.28
C ARG X 381 24.56 -29.10 -47.15
N LEU X 382 23.38 -29.72 -47.12
CA LEU X 382 23.16 -30.83 -46.21
C LEU X 382 23.64 -32.16 -46.78
N ALA X 383 24.44 -32.12 -47.83
CA ALA X 383 25.27 -33.26 -48.20
C ALA X 383 26.74 -32.91 -48.11
N HIS X 384 27.07 -31.63 -48.07
CA HIS X 384 28.47 -31.29 -47.94
C HIS X 384 28.88 -31.10 -46.48
N TYR X 385 28.01 -30.53 -45.65
CA TYR X 385 28.31 -30.47 -44.22
C TYR X 385 28.33 -31.85 -43.61
N VAL X 386 27.37 -32.70 -43.98
CA VAL X 386 27.18 -33.92 -43.22
C VAL X 386 28.20 -34.97 -43.65
N LYS X 387 28.68 -34.86 -44.88
CA LYS X 387 29.81 -35.68 -45.32
C LYS X 387 31.08 -35.31 -44.56
N VAL X 388 31.30 -34.02 -44.35
CA VAL X 388 32.49 -33.58 -43.64
C VAL X 388 32.37 -33.86 -42.14
N LEU X 389 31.17 -33.65 -41.58
CA LEU X 389 31.01 -33.71 -40.14
C LEU X 389 31.06 -35.16 -39.63
N GLN X 390 30.54 -36.09 -40.43
CA GLN X 390 30.61 -37.51 -40.09
C GLN X 390 31.82 -38.19 -40.74
N ARG X 391 32.80 -37.42 -41.20
CA ARG X 391 34.07 -38.00 -41.60
C ARG X 391 35.08 -37.95 -40.46
N GLU X 392 35.03 -36.88 -39.66
CA GLU X 392 35.88 -36.78 -38.50
C GLU X 392 35.55 -37.83 -37.45
N GLN X 393 34.32 -38.30 -37.43
CA GLN X 393 33.86 -39.15 -36.35
C GLN X 393 34.28 -40.59 -36.48
N ILE X 394 34.85 -41.02 -37.61
CA ILE X 394 35.18 -42.42 -37.85
C ILE X 394 36.26 -42.87 -36.89
N GLY X 395 35.97 -43.92 -36.11
CA GLY X 395 36.87 -44.36 -35.08
C GLY X 395 36.49 -43.95 -33.68
N ALA X 396 35.37 -43.27 -33.51
CA ALA X 396 34.99 -42.80 -32.18
C ALA X 396 34.36 -43.92 -31.38
N TRP X 397 33.79 -43.55 -30.25
CA TRP X 397 33.04 -44.47 -29.40
C TRP X 397 31.62 -43.95 -29.35
N LYS X 398 30.76 -44.47 -30.21
CA LYS X 398 29.47 -43.85 -30.43
C LYS X 398 28.42 -44.94 -30.21
N GLU X 399 27.15 -44.57 -30.35
CA GLU X 399 26.05 -45.53 -30.35
C GLU X 399 25.04 -45.07 -31.38
N ARG X 400 24.00 -45.89 -31.58
CA ARG X 400 22.89 -45.46 -32.41
C ARG X 400 22.15 -44.30 -31.75
N GLN X 401 21.95 -44.38 -30.44
CA GLN X 401 21.36 -43.25 -29.70
C GLN X 401 22.28 -42.05 -29.71
N ASP X 402 23.60 -42.27 -29.74
CA ASP X 402 24.52 -41.16 -29.86
C ASP X 402 24.56 -40.64 -31.30
N LEU X 403 24.29 -41.50 -32.28
CA LEU X 403 24.23 -41.03 -33.65
C LEU X 403 22.98 -40.21 -33.90
N GLU X 404 21.86 -40.58 -33.27
CA GLU X 404 20.63 -39.79 -33.37
C GLU X 404 20.80 -38.41 -32.79
N ARG X 405 21.62 -38.28 -31.75
CA ARG X 405 21.74 -37.04 -31.01
C ARG X 405 22.76 -36.08 -31.62
N GLU X 406 23.86 -36.60 -32.17
CA GLU X 406 24.83 -35.74 -32.82
C GLU X 406 24.33 -35.16 -34.13
N LEU X 407 23.22 -35.67 -34.67
CA LEU X 407 22.59 -35.10 -35.84
C LEU X 407 21.38 -34.24 -35.50
N ASN X 408 20.57 -34.65 -34.52
CA ASN X 408 19.39 -33.86 -34.18
C ASN X 408 19.77 -32.57 -33.47
N SER X 409 20.76 -32.62 -32.59
CA SER X 409 21.22 -31.38 -31.98
C SER X 409 22.07 -30.56 -32.92
N TRP X 410 22.47 -31.12 -34.06
CA TRP X 410 23.20 -30.36 -35.06
C TRP X 410 22.30 -29.62 -36.02
N ILE X 411 21.31 -30.29 -36.62
CA ILE X 411 20.51 -29.64 -37.65
C ILE X 411 19.44 -28.74 -37.06
N LYS X 412 19.17 -28.83 -35.76
CA LYS X 412 18.19 -27.94 -35.15
C LYS X 412 18.79 -26.59 -34.76
N GLN X 413 19.94 -26.23 -35.32
CA GLN X 413 20.33 -24.84 -35.44
C GLN X 413 20.08 -24.30 -36.83
N TYR X 414 19.61 -25.15 -37.74
CA TYR X 414 19.18 -24.74 -39.07
C TYR X 414 17.68 -24.76 -39.23
N VAL X 415 16.96 -25.18 -38.20
CA VAL X 415 15.52 -25.39 -38.25
C VAL X 415 14.86 -24.30 -37.41
N ALA X 416 13.98 -23.53 -38.03
CA ALA X 416 13.16 -22.55 -37.31
C ALA X 416 11.71 -22.94 -37.56
N ASP X 417 11.21 -23.88 -36.76
CA ASP X 417 9.86 -24.42 -36.95
C ASP X 417 8.87 -23.39 -36.42
N GLN X 418 8.53 -22.45 -37.29
CA GLN X 418 7.82 -21.25 -36.88
C GLN X 418 7.08 -20.72 -38.09
N GLU X 419 5.85 -20.27 -37.87
CA GLU X 419 4.99 -19.93 -39.00
C GLU X 419 5.42 -18.61 -39.64
N ASN X 420 5.78 -17.62 -38.84
CA ASN X 420 6.24 -16.34 -39.36
C ASN X 420 7.41 -15.83 -38.55
N PRO X 421 8.61 -16.33 -38.80
CA PRO X 421 9.80 -15.75 -38.18
C PRO X 421 10.21 -14.51 -38.94
N PRO X 422 11.11 -13.68 -38.39
CA PRO X 422 11.59 -12.52 -39.13
C PRO X 422 12.39 -12.91 -40.36
N ALA X 423 12.68 -11.90 -41.19
CA ALA X 423 13.29 -12.13 -42.49
C ALA X 423 14.75 -12.56 -42.39
N ASP X 424 15.37 -12.45 -41.23
CA ASP X 424 16.72 -12.97 -41.06
C ASP X 424 16.73 -14.39 -40.53
N VAL X 425 15.72 -14.78 -39.76
CA VAL X 425 15.65 -16.13 -39.23
C VAL X 425 15.26 -17.11 -40.35
N ARG X 426 14.56 -16.61 -41.37
CA ARG X 426 14.16 -17.47 -42.48
C ARG X 426 15.34 -17.87 -43.34
N SER X 427 16.34 -17.01 -43.48
CA SER X 427 17.43 -17.30 -44.39
C SER X 427 18.68 -17.79 -43.71
N ARG X 428 18.92 -17.42 -42.44
CA ARG X 428 19.97 -18.08 -41.69
C ARG X 428 19.59 -19.51 -41.35
N ARG X 429 18.30 -19.78 -41.15
CA ARG X 429 17.79 -21.12 -40.87
C ARG X 429 16.82 -21.48 -41.97
N PRO X 430 17.31 -21.97 -43.10
CA PRO X 430 16.45 -22.13 -44.28
C PRO X 430 15.50 -23.29 -44.18
N LEU X 431 15.76 -24.25 -43.31
CA LEU X 431 14.86 -25.37 -43.14
C LEU X 431 13.69 -24.94 -42.27
N ARG X 432 12.69 -25.81 -42.19
CA ARG X 432 11.53 -25.58 -41.35
C ARG X 432 11.24 -26.74 -40.43
N ALA X 433 11.45 -27.98 -40.88
CA ALA X 433 11.36 -29.13 -40.00
C ALA X 433 12.26 -30.23 -40.56
N ALA X 434 12.79 -31.05 -39.67
CA ALA X 434 13.74 -32.08 -40.07
C ALA X 434 13.54 -33.32 -39.23
N ARG X 435 13.38 -34.46 -39.88
CA ARG X 435 13.17 -35.74 -39.23
C ARG X 435 14.38 -36.61 -39.48
N ILE X 436 14.91 -37.24 -38.44
CA ILE X 436 16.06 -38.13 -38.56
C ILE X 436 15.73 -39.45 -37.89
N GLU X 437 15.71 -40.52 -38.68
CA GLU X 437 15.35 -41.84 -38.20
C GLU X 437 16.52 -42.77 -38.46
N VAL X 438 17.32 -43.01 -37.44
CA VAL X 438 18.50 -43.86 -37.57
C VAL X 438 18.08 -45.31 -37.34
N MET X 439 18.45 -46.17 -38.29
CA MET X 439 18.16 -47.60 -38.23
C MET X 439 19.48 -48.34 -38.21
N ASP X 440 19.42 -49.66 -38.28
CA ASP X 440 20.62 -50.50 -38.26
C ASP X 440 20.77 -51.23 -39.59
N VAL X 441 21.87 -51.96 -39.71
CA VAL X 441 22.06 -52.95 -40.76
C VAL X 441 22.43 -54.26 -40.10
N GLU X 442 21.58 -55.27 -40.27
CA GLU X 442 21.85 -56.56 -39.69
C GLU X 442 22.85 -57.33 -40.56
N GLY X 443 23.42 -58.38 -39.97
CA GLY X 443 24.45 -59.14 -40.65
C GLY X 443 25.84 -58.61 -40.35
N ASN X 444 26.10 -57.37 -40.77
CA ASN X 444 27.29 -56.64 -40.38
C ASN X 444 26.85 -55.53 -39.44
N PRO X 445 26.92 -55.73 -38.13
CA PRO X 445 26.33 -54.76 -37.21
C PRO X 445 27.20 -53.53 -37.06
N GLY X 446 26.55 -52.38 -36.99
CA GLY X 446 27.22 -51.10 -36.91
C GLY X 446 27.31 -50.36 -38.23
N TRP X 447 26.19 -50.30 -38.96
CA TRP X 447 26.09 -49.62 -40.24
C TRP X 447 24.69 -49.04 -40.25
N TYR X 448 24.56 -47.74 -40.51
CA TYR X 448 23.41 -46.99 -40.03
C TYR X 448 22.65 -46.29 -41.14
N GLN X 449 21.48 -46.79 -41.46
CA GLN X 449 20.67 -46.23 -42.53
C GLN X 449 19.79 -45.15 -41.94
N VAL X 450 20.26 -43.92 -41.90
CA VAL X 450 19.49 -42.85 -41.26
C VAL X 450 18.76 -42.13 -42.38
N SER X 451 17.66 -41.47 -42.05
CA SER X 451 16.84 -40.82 -43.08
C SER X 451 16.58 -39.37 -42.71
N LEU X 452 17.49 -38.48 -43.06
CA LEU X 452 17.29 -37.06 -42.83
C LEU X 452 16.26 -36.50 -43.80
N SER X 453 15.16 -35.98 -43.25
CA SER X 453 14.00 -35.55 -44.02
C SER X 453 13.71 -34.09 -43.74
N VAL X 454 14.39 -33.20 -44.45
CA VAL X 454 14.26 -31.77 -44.21
C VAL X 454 13.05 -31.21 -44.94
N ARG X 455 12.69 -29.97 -44.65
CA ARG X 455 11.53 -29.34 -45.24
C ARG X 455 11.78 -27.84 -45.27
N PRO X 456 11.57 -27.19 -46.38
CA PRO X 456 11.96 -25.77 -46.50
C PRO X 456 10.82 -24.81 -46.26
N HIS X 457 11.12 -23.52 -46.24
CA HIS X 457 10.08 -22.51 -46.33
C HIS X 457 9.70 -22.27 -47.78
N PHE X 458 8.62 -21.53 -47.99
CA PHE X 458 8.02 -21.38 -49.30
C PHE X 458 7.94 -19.91 -49.69
N LYS X 459 8.46 -19.59 -50.87
CA LYS X 459 8.57 -18.22 -51.37
C LYS X 459 7.28 -17.79 -52.05
N TYR X 460 7.35 -16.69 -52.79
CA TYR X 460 6.21 -15.92 -53.28
C TYR X 460 6.18 -15.99 -54.81
N MET X 461 5.14 -16.60 -55.39
CA MET X 461 5.08 -16.75 -56.84
C MET X 461 3.64 -16.85 -57.32
N GLY X 462 3.17 -15.77 -57.95
CA GLY X 462 1.84 -15.71 -58.55
C GLY X 462 0.64 -15.52 -57.64
N ALA X 463 -0.34 -14.76 -58.10
CA ALA X 463 -1.61 -14.55 -57.39
C ALA X 463 -2.68 -14.24 -58.43
N ASN X 464 -3.82 -13.69 -57.99
CA ASN X 464 -4.86 -13.46 -59.02
C ASN X 464 -5.42 -12.04 -59.09
N PHE X 465 -5.73 -11.41 -57.94
CA PHE X 465 -6.13 -9.99 -57.85
C PHE X 465 -7.36 -9.67 -58.71
N GLU X 466 -8.47 -10.34 -58.39
CA GLU X 466 -9.68 -10.28 -59.21
C GLU X 466 -10.54 -9.06 -58.83
N LEU X 467 -10.25 -7.92 -59.44
CA LEU X 467 -10.86 -6.65 -59.09
C LEU X 467 -12.35 -6.60 -59.45
N SER X 468 -13.03 -5.64 -58.84
CA SER X 468 -14.47 -5.39 -58.95
C SER X 468 -14.73 -4.06 -58.27
N LEU X 469 -15.95 -3.57 -58.37
CA LEU X 469 -16.37 -2.54 -57.44
C LEU X 469 -17.59 -3.00 -56.67
N VAL X 470 -17.68 -2.56 -55.42
CA VAL X 470 -18.82 -2.86 -54.55
C VAL X 470 -19.83 -1.73 -54.55
N GLY X 471 -19.36 -0.49 -54.47
CA GLY X 471 -20.22 0.67 -54.51
C GLY X 471 -20.57 1.25 -53.15
N ARG X 472 -20.86 0.40 -52.16
CA ARG X 472 -21.16 0.84 -50.82
C ARG X 472 -20.03 0.54 -49.84
N LEU X 473 -19.50 -0.67 -49.87
CA LEU X 473 -18.44 -1.06 -48.94
C LEU X 473 -17.08 -0.62 -49.46
N PRO Y 1 -7.11 -31.69 -9.15
CA PRO Y 1 -7.78 -31.20 -10.35
C PRO Y 1 -7.09 -31.67 -11.61
N THR Y 2 -7.85 -31.79 -12.70
CA THR Y 2 -7.24 -32.29 -13.92
C THR Y 2 -6.75 -31.14 -14.78
N PRO Y 3 -5.62 -31.28 -15.44
CA PRO Y 3 -5.11 -30.20 -16.28
C PRO Y 3 -5.96 -29.96 -17.50
N CYS Y 4 -5.97 -28.71 -17.94
CA CYS Y 4 -6.75 -28.26 -19.08
C CYS Y 4 -5.87 -28.25 -20.32
N TYR Y 5 -6.38 -27.69 -21.40
CA TYR Y 5 -5.61 -27.61 -22.64
C TYR Y 5 -5.98 -26.31 -23.35
N ILE Y 6 -4.98 -25.63 -23.90
CA ILE Y 6 -5.19 -24.35 -24.56
C ILE Y 6 -4.59 -24.40 -25.96
N SER Y 7 -5.36 -23.99 -26.95
CA SER Y 7 -4.90 -23.88 -28.32
C SER Y 7 -4.97 -22.42 -28.75
N ILE Y 8 -3.80 -21.82 -28.96
CA ILE Y 8 -3.68 -20.41 -29.29
C ILE Y 8 -3.44 -20.27 -30.78
N GLU Y 9 -4.18 -19.38 -31.43
CA GLU Y 9 -3.92 -19.07 -32.84
C GLU Y 9 -3.68 -17.58 -32.98
N GLY Y 10 -2.51 -17.20 -33.50
CA GLY Y 10 -2.13 -15.80 -33.60
C GLY Y 10 -2.65 -15.15 -34.86
N GLN Y 11 -2.42 -13.83 -34.95
CA GLN Y 11 -2.69 -13.12 -36.18
C GLN Y 11 -1.72 -13.52 -37.27
N THR Y 12 -0.43 -13.28 -37.03
CA THR Y 12 0.57 -13.54 -38.06
C THR Y 12 1.34 -14.83 -37.87
N GLN Y 13 1.36 -15.39 -36.66
CA GLN Y 13 2.17 -16.57 -36.38
C GLN Y 13 1.40 -17.85 -36.49
N GLY Y 14 0.23 -17.82 -37.13
CA GLY Y 14 -0.50 -19.04 -37.40
C GLY Y 14 -1.02 -19.66 -36.12
N LEU Y 15 -1.02 -20.99 -36.09
CA LEU Y 15 -1.36 -21.72 -34.87
C LEU Y 15 -0.10 -21.75 -34.01
N ILE Y 16 -0.12 -21.04 -32.89
CA ILE Y 16 1.08 -20.90 -32.06
C ILE Y 16 1.39 -22.21 -31.38
N THR Y 17 0.40 -22.87 -30.81
CA THR Y 17 0.69 -24.07 -30.07
C THR Y 17 0.73 -25.30 -30.93
N ALA Y 18 0.93 -25.19 -32.25
CA ALA Y 18 0.99 -26.36 -33.12
C ALA Y 18 2.30 -27.08 -32.85
N GLY Y 19 2.24 -28.15 -32.08
CA GLY Y 19 3.43 -28.87 -31.71
C GLY Y 19 3.92 -28.63 -30.30
N ALA Y 20 3.12 -28.00 -29.46
CA ALA Y 20 3.56 -27.71 -28.10
C ALA Y 20 3.36 -28.87 -27.15
N CYS Y 21 2.94 -30.02 -27.64
CA CYS Y 21 2.97 -31.28 -26.91
C CYS Y 21 3.50 -32.38 -27.79
N THR Y 22 4.65 -32.15 -28.40
CA THR Y 22 5.39 -33.20 -29.05
C THR Y 22 6.50 -33.70 -28.12
N ALA Y 23 7.33 -34.60 -28.62
CA ALA Y 23 8.46 -35.05 -27.84
C ALA Y 23 9.60 -34.05 -27.83
N ASP Y 24 9.59 -33.09 -28.74
CA ASP Y 24 10.62 -32.07 -28.71
C ASP Y 24 10.30 -30.95 -27.73
N SER Y 25 9.03 -30.69 -27.47
CA SER Y 25 8.67 -29.61 -26.56
C SER Y 25 8.93 -30.00 -25.11
N ILE Y 26 8.25 -31.02 -24.62
CA ILE Y 26 8.23 -31.31 -23.20
C ILE Y 26 8.72 -32.71 -22.88
N GLY Y 27 9.55 -33.29 -23.74
CA GLY Y 27 10.15 -34.57 -23.42
C GLY Y 27 9.19 -35.74 -23.50
N ASP Y 28 9.03 -36.47 -22.41
CA ASP Y 28 8.19 -37.64 -22.39
C ASP Y 28 6.83 -37.40 -21.76
N SER Y 29 6.51 -36.17 -21.40
CA SER Y 29 5.21 -35.86 -20.83
C SER Y 29 4.24 -35.33 -21.87
N PHE Y 30 4.43 -35.68 -23.13
CA PHE Y 30 3.48 -35.22 -24.12
C PHE Y 30 2.37 -36.24 -24.24
N VAL Y 31 1.25 -35.79 -24.79
CA VAL Y 31 0.04 -36.60 -24.88
C VAL Y 31 -0.34 -36.71 -26.34
N GLU Y 32 -0.57 -37.93 -26.81
CA GLU Y 32 -1.07 -38.12 -28.17
C GLU Y 32 -2.49 -37.60 -28.28
N GLY Y 33 -2.83 -37.06 -29.46
CA GLY Y 33 -4.12 -36.47 -29.70
C GLY Y 33 -4.23 -35.01 -29.31
N HIS Y 34 -3.35 -34.52 -28.47
CA HIS Y 34 -3.33 -33.13 -28.06
C HIS Y 34 -2.06 -32.47 -28.58
N GLU Y 35 -1.74 -32.76 -29.83
CA GLU Y 35 -0.49 -32.29 -30.40
C GLU Y 35 -0.49 -30.79 -30.65
N ASP Y 36 -1.64 -30.15 -30.67
CA ASP Y 36 -1.72 -28.74 -30.97
C ASP Y 36 -2.08 -27.90 -29.76
N GLU Y 37 -2.04 -28.47 -28.56
CA GLU Y 37 -2.60 -27.84 -27.39
C GLU Y 37 -1.61 -27.94 -26.24
N MET Y 38 -1.30 -26.81 -25.61
CA MET Y 38 -0.43 -26.83 -24.44
C MET Y 38 -1.12 -27.50 -23.28
N LEU Y 39 -0.36 -27.82 -22.25
CA LEU Y 39 -0.89 -28.47 -21.06
C LEU Y 39 -0.90 -27.45 -19.94
N VAL Y 40 -2.09 -27.03 -19.52
CA VAL Y 40 -2.27 -25.91 -18.62
C VAL Y 40 -2.43 -26.42 -17.20
N GLN Y 41 -1.59 -25.93 -16.30
CA GLN Y 41 -1.58 -26.45 -14.94
C GLN Y 41 -2.51 -25.67 -14.02
N GLN Y 42 -2.26 -24.37 -13.86
CA GLN Y 42 -2.96 -23.53 -12.91
C GLN Y 42 -3.79 -22.51 -13.69
N PHE Y 43 -4.81 -21.96 -13.05
CA PHE Y 43 -5.71 -21.04 -13.74
C PHE Y 43 -6.22 -19.99 -12.77
N ASP Y 44 -6.51 -18.80 -13.29
CA ASP Y 44 -7.02 -17.68 -12.49
C ASP Y 44 -7.59 -16.58 -13.37
N HIS Y 45 -8.77 -16.06 -13.04
CA HIS Y 45 -9.45 -15.15 -13.96
C HIS Y 45 -10.54 -14.40 -13.22
N VAL Y 46 -10.48 -13.06 -13.24
CA VAL Y 46 -11.42 -12.20 -12.53
C VAL Y 46 -12.14 -11.34 -13.56
N VAL Y 47 -13.43 -11.10 -13.35
CA VAL Y 47 -14.20 -10.18 -14.20
C VAL Y 47 -14.95 -9.25 -13.26
N THR Y 48 -14.47 -8.04 -13.07
CA THR Y 48 -15.11 -7.15 -12.12
C THR Y 48 -16.16 -6.29 -12.79
N VAL Y 49 -17.05 -5.72 -11.97
CA VAL Y 49 -18.00 -4.70 -12.39
C VAL Y 49 -18.00 -3.60 -11.34
N PRO Y 50 -17.70 -2.37 -11.70
CA PRO Y 50 -17.71 -1.29 -10.71
C PRO Y 50 -19.10 -0.91 -10.29
N THR Y 51 -19.46 -1.20 -9.04
CA THR Y 51 -20.76 -0.85 -8.49
C THR Y 51 -20.59 0.30 -7.51
N ASP Y 52 -21.58 1.18 -7.46
CA ASP Y 52 -21.48 2.30 -6.53
C ASP Y 52 -21.78 1.85 -5.11
N PRO Y 53 -21.29 2.58 -4.12
CA PRO Y 53 -21.73 2.34 -2.75
C PRO Y 53 -23.16 2.82 -2.56
N GLN Y 54 -23.68 2.52 -1.36
CA GLN Y 54 -25.03 2.90 -0.86
C GLN Y 54 -26.15 2.62 -1.87
N SER Y 55 -25.97 1.58 -2.68
CA SER Y 55 -26.92 1.18 -3.70
C SER Y 55 -26.61 -0.27 -4.03
N GLY Y 56 -27.13 -0.74 -5.15
CA GLY Y 56 -26.71 -2.03 -5.65
C GLY Y 56 -26.43 -2.00 -7.13
N GLN Y 57 -26.68 -0.85 -7.76
CA GLN Y 57 -26.67 -0.84 -9.21
C GLN Y 57 -25.24 -0.82 -9.75
N PRO Y 58 -25.00 -1.44 -10.90
CA PRO Y 58 -23.67 -1.37 -11.52
C PRO Y 58 -23.41 0.00 -12.11
N SER Y 59 -22.44 0.71 -11.53
CA SER Y 59 -22.09 2.05 -11.97
C SER Y 59 -20.95 1.99 -12.99
N GLY Y 60 -21.25 1.36 -14.12
CA GLY Y 60 -20.24 1.23 -15.14
C GLY Y 60 -20.20 -0.15 -15.77
N GLN Y 61 -19.59 -0.25 -16.94
CA GLN Y 61 -19.50 -1.53 -17.61
C GLN Y 61 -18.44 -2.40 -16.95
N ARG Y 62 -18.45 -3.67 -17.31
CA ARG Y 62 -17.53 -4.66 -16.74
C ARG Y 62 -16.08 -4.34 -17.10
N VAL Y 63 -15.16 -4.84 -16.28
CA VAL Y 63 -13.72 -4.65 -16.47
C VAL Y 63 -13.07 -6.02 -16.41
N HIS Y 64 -12.51 -6.46 -17.52
CA HIS Y 64 -11.94 -7.81 -17.59
C HIS Y 64 -10.53 -7.82 -17.05
N LYS Y 65 -10.34 -8.35 -15.88
CA LYS Y 65 -9.01 -8.68 -15.39
C LYS Y 65 -8.52 -9.91 -16.15
N PRO Y 66 -7.20 -10.10 -16.29
CA PRO Y 66 -6.73 -11.07 -17.27
C PRO Y 66 -6.81 -12.53 -16.82
N PHE Y 67 -6.88 -13.41 -17.82
CA PHE Y 67 -6.49 -14.82 -17.70
C PHE Y 67 -5.13 -14.96 -17.02
N LYS Y 68 -4.93 -16.06 -16.32
CA LYS Y 68 -3.60 -16.44 -15.84
C LYS Y 68 -3.50 -17.95 -15.90
N PHE Y 69 -2.98 -18.48 -17.00
CA PHE Y 69 -2.79 -19.92 -17.12
C PHE Y 69 -1.30 -20.24 -17.15
N THR Y 70 -0.93 -21.37 -16.55
CA THR Y 70 0.47 -21.72 -16.33
C THR Y 70 0.83 -22.97 -17.11
N VAL Y 71 1.82 -22.85 -18.00
CA VAL Y 71 2.36 -23.98 -18.72
C VAL Y 71 3.85 -24.06 -18.46
N ALA Y 72 4.45 -25.20 -18.79
CA ALA Y 72 5.88 -25.35 -18.65
C ALA Y 72 6.58 -24.72 -19.85
N LEU Y 73 7.90 -24.68 -19.82
CA LEU Y 73 8.67 -24.20 -20.96
C LEU Y 73 8.58 -25.21 -22.09
N ASN Y 74 8.12 -24.77 -23.25
CA ASN Y 74 7.98 -25.66 -24.38
C ASN Y 74 8.15 -24.85 -25.65
N LYS Y 75 7.68 -25.41 -26.77
CA LYS Y 75 7.91 -24.83 -28.09
C LYS Y 75 7.17 -23.51 -28.25
N ALA Y 76 5.97 -23.41 -27.68
CA ALA Y 76 5.16 -22.23 -27.90
C ALA Y 76 5.56 -21.04 -27.06
N VAL Y 77 6.45 -21.20 -26.08
CA VAL Y 77 6.83 -20.08 -25.21
C VAL Y 77 7.68 -19.04 -25.93
N PRO Y 78 8.66 -19.35 -26.79
CA PRO Y 78 9.25 -18.27 -27.59
C PRO Y 78 8.30 -17.67 -28.59
N LEU Y 79 7.26 -18.40 -29.00
CA LEU Y 79 6.26 -17.79 -29.87
C LEU Y 79 5.34 -16.87 -29.09
N LEU Y 80 5.12 -17.14 -27.82
CA LEU Y 80 4.30 -16.25 -27.01
C LEU Y 80 5.08 -15.05 -26.50
N TYR Y 81 6.39 -15.03 -26.61
CA TYR Y 81 7.12 -13.81 -26.32
C TYR Y 81 7.31 -12.92 -27.53
N ASN Y 82 6.67 -13.21 -28.65
CA ASN Y 82 6.51 -12.22 -29.70
C ASN Y 82 5.09 -11.71 -29.81
N ALA Y 83 4.11 -12.51 -29.40
CA ALA Y 83 2.77 -11.96 -29.25
C ALA Y 83 2.73 -10.96 -28.12
N LEU Y 84 3.62 -11.11 -27.15
CA LEU Y 84 3.69 -10.18 -26.03
C LEU Y 84 4.41 -8.90 -26.40
N SER Y 85 5.68 -9.02 -26.81
CA SER Y 85 6.51 -7.85 -26.98
C SER Y 85 6.21 -7.06 -28.24
N SER Y 86 5.30 -7.52 -29.09
CA SER Y 86 4.90 -6.74 -30.24
C SER Y 86 3.42 -6.45 -30.26
N GLY Y 87 2.68 -6.87 -29.24
CA GLY Y 87 1.27 -6.55 -29.16
C GLY Y 87 0.41 -7.25 -30.18
N GLU Y 88 0.83 -8.43 -30.62
CA GLU Y 88 0.06 -9.15 -31.61
C GLU Y 88 -1.18 -9.76 -30.98
N LYS Y 89 -2.33 -9.50 -31.58
CA LYS Y 89 -3.54 -10.12 -31.09
C LYS Y 89 -3.55 -11.59 -31.48
N LEU Y 90 -4.30 -12.38 -30.72
CA LEU Y 90 -4.41 -13.80 -30.96
C LEU Y 90 -5.85 -14.07 -31.35
N LYS Y 91 -6.04 -14.75 -32.48
CA LYS Y 91 -7.40 -14.88 -33.03
C LYS Y 91 -8.29 -15.73 -32.13
N THR Y 92 -7.72 -16.75 -31.49
CA THR Y 92 -8.54 -17.55 -30.59
C THR Y 92 -7.67 -18.23 -29.54
N VAL Y 93 -8.29 -18.51 -28.41
CA VAL Y 93 -7.68 -19.27 -27.32
C VAL Y 93 -8.80 -20.15 -26.78
N GLU Y 94 -8.68 -21.45 -26.95
CA GLU Y 94 -9.77 -22.33 -26.56
C GLU Y 94 -9.32 -23.19 -25.39
N LEU Y 95 -9.51 -22.67 -24.19
CA LEU Y 95 -9.31 -23.47 -22.99
C LEU Y 95 -10.36 -24.56 -22.93
N LYS Y 96 -9.97 -25.74 -22.46
CA LYS Y 96 -10.90 -26.86 -22.35
C LYS Y 96 -10.69 -27.53 -21.01
N TRP Y 97 -11.68 -27.41 -20.13
CA TRP Y 97 -11.59 -27.98 -18.79
C TRP Y 97 -11.96 -29.45 -18.83
N TYR Y 98 -11.03 -30.32 -18.53
CA TYR Y 98 -11.38 -31.73 -18.52
C TYR Y 98 -11.82 -32.16 -17.15
N ARG Y 99 -12.51 -33.29 -17.10
CA ARG Y 99 -12.79 -33.96 -15.85
C ARG Y 99 -13.04 -35.44 -16.16
N THR Y 100 -12.95 -36.25 -15.12
CA THR Y 100 -13.12 -37.68 -15.26
C THR Y 100 -14.59 -38.03 -15.06
N SER Y 101 -15.21 -38.60 -16.08
CA SER Y 101 -16.64 -38.85 -16.04
C SER Y 101 -16.90 -40.17 -15.31
N ILE Y 102 -18.15 -40.63 -15.37
CA ILE Y 102 -18.54 -41.83 -14.63
C ILE Y 102 -18.03 -43.07 -15.34
N GLU Y 103 -18.14 -43.10 -16.66
CA GLU Y 103 -17.72 -44.27 -17.42
C GLU Y 103 -16.22 -44.45 -17.46
N GLY Y 104 -15.46 -43.47 -17.02
CA GLY Y 104 -14.02 -43.60 -16.94
C GLY Y 104 -13.25 -42.91 -18.04
N LYS Y 105 -13.84 -41.93 -18.69
CA LYS Y 105 -13.19 -41.28 -19.80
C LYS Y 105 -13.12 -39.79 -19.56
N GLN Y 106 -12.02 -39.18 -19.99
CA GLN Y 106 -11.88 -37.74 -19.91
C GLN Y 106 -12.86 -37.07 -20.86
N GLU Y 107 -13.37 -35.93 -20.45
CA GLU Y 107 -14.26 -35.17 -21.33
C GLU Y 107 -14.21 -33.71 -20.93
N ASN Y 108 -14.36 -32.83 -21.91
CA ASN Y 108 -14.44 -31.41 -21.59
C ASN Y 108 -15.84 -31.09 -21.17
N PHE Y 109 -15.99 -30.67 -19.93
CA PHE Y 109 -17.31 -30.28 -19.46
C PHE Y 109 -17.53 -28.79 -19.57
N PHE Y 110 -16.53 -28.04 -20.00
CA PHE Y 110 -16.56 -26.58 -19.89
C PHE Y 110 -15.45 -26.04 -20.76
N THR Y 111 -15.78 -25.20 -21.73
CA THR Y 111 -14.76 -24.56 -22.56
C THR Y 111 -14.96 -23.07 -22.52
N THR Y 112 -13.87 -22.32 -22.38
CA THR Y 112 -13.92 -20.86 -22.38
C THR Y 112 -13.16 -20.38 -23.59
N LYS Y 113 -13.83 -20.23 -24.72
CA LYS Y 113 -13.17 -19.72 -25.91
C LYS Y 113 -12.90 -18.22 -25.75
N LEU Y 114 -12.31 -17.64 -26.77
CA LEU Y 114 -11.76 -16.30 -26.62
C LEU Y 114 -11.54 -15.73 -28.01
N GLU Y 115 -11.97 -14.51 -28.24
CA GLU Y 115 -11.64 -13.84 -29.50
C GLU Y 115 -10.38 -13.03 -29.28
N ASN Y 116 -10.16 -11.99 -30.10
CA ASN Y 116 -8.92 -11.22 -30.19
C ASN Y 116 -8.34 -10.84 -28.86
N ALA Y 117 -7.19 -11.42 -28.54
CA ALA Y 117 -6.70 -11.46 -27.16
C ALA Y 117 -5.21 -11.25 -27.14
N SER Y 118 -4.77 -10.02 -26.84
CA SER Y 118 -3.35 -9.80 -26.68
C SER Y 118 -2.86 -10.43 -25.39
N ILE Y 119 -1.56 -10.46 -25.23
CA ILE Y 119 -0.94 -10.98 -24.01
C ILE Y 119 -0.49 -9.80 -23.17
N VAL Y 120 -0.95 -9.74 -21.92
CA VAL Y 120 -0.56 -8.64 -21.05
C VAL Y 120 0.84 -8.87 -20.49
N ASP Y 121 1.03 -9.97 -19.76
CA ASP Y 121 2.37 -10.27 -19.28
C ASP Y 121 2.56 -11.76 -19.15
N ILE Y 122 3.83 -12.15 -19.09
CA ILE Y 122 4.24 -13.54 -18.98
C ILE Y 122 5.28 -13.63 -17.88
N HIS Y 123 5.02 -14.46 -16.88
CA HIS Y 123 5.82 -14.53 -15.67
C HIS Y 123 6.56 -15.85 -15.64
N CYS Y 124 7.72 -15.89 -16.28
CA CYS Y 124 8.53 -17.10 -16.31
C CYS Y 124 9.36 -17.18 -15.03
N GLU Y 125 9.21 -18.28 -14.29
CA GLU Y 125 10.01 -18.48 -13.09
C GLU Y 125 10.39 -19.94 -13.00
N MET Y 126 11.34 -20.21 -12.09
CA MET Y 126 11.77 -21.55 -11.79
C MET Y 126 11.99 -21.60 -10.29
N PRO Y 127 11.47 -22.60 -9.60
CA PRO Y 127 11.68 -22.68 -8.15
C PRO Y 127 13.11 -23.02 -7.82
N HIS Y 128 13.43 -22.90 -6.53
CA HIS Y 128 14.81 -22.99 -6.08
C HIS Y 128 15.29 -24.43 -6.14
N CYS Y 129 16.46 -24.65 -6.75
CA CYS Y 129 16.92 -26.01 -6.99
C CYS Y 129 17.42 -26.68 -5.73
N GLN Y 130 17.89 -25.90 -4.74
CA GLN Y 130 18.30 -26.46 -3.46
C GLN Y 130 17.11 -26.95 -2.64
N ASP Y 131 15.93 -26.41 -2.87
CA ASP Y 131 14.79 -26.63 -2.01
C ASP Y 131 14.14 -27.97 -2.34
N PRO Y 132 14.03 -28.90 -1.39
CA PRO Y 132 13.43 -30.20 -1.71
C PRO Y 132 11.92 -30.20 -1.70
N ALA Y 133 11.28 -29.16 -1.17
CA ALA Y 133 9.82 -29.11 -1.20
C ALA Y 133 9.28 -28.82 -2.58
N LYS Y 134 10.07 -28.18 -3.44
CA LYS Y 134 9.67 -27.83 -4.79
C LYS Y 134 10.52 -28.57 -5.80
N SER Y 135 10.75 -29.86 -5.57
CA SER Y 135 11.58 -30.66 -6.46
C SER Y 135 10.78 -31.23 -7.63
N ASP Y 136 9.49 -31.44 -7.45
CA ASP Y 136 8.67 -32.03 -8.51
C ASP Y 136 8.34 -31.02 -9.59
N PHE Y 137 8.42 -29.73 -9.30
CA PHE Y 137 8.08 -28.72 -10.29
C PHE Y 137 9.21 -28.61 -11.30
N THR Y 138 8.89 -28.15 -12.51
CA THR Y 138 9.92 -27.95 -13.51
C THR Y 138 10.13 -26.46 -13.80
N GLN Y 139 9.10 -25.81 -14.33
CA GLN Y 139 9.11 -24.37 -14.57
C GLN Y 139 7.68 -23.89 -14.42
N ASN Y 140 7.51 -22.58 -14.51
CA ASN Y 140 6.18 -21.97 -14.42
C ASN Y 140 6.18 -20.77 -15.35
N VAL Y 141 5.45 -20.87 -16.44
CA VAL Y 141 5.32 -19.77 -17.38
C VAL Y 141 3.85 -19.37 -17.38
N THR Y 142 3.52 -18.32 -16.64
CA THR Y 142 2.14 -17.89 -16.44
C THR Y 142 1.82 -16.82 -17.46
N VAL Y 143 1.13 -17.20 -18.52
CA VAL Y 143 0.84 -16.28 -19.61
C VAL Y 143 -0.51 -15.63 -19.36
N SER Y 144 -0.57 -14.31 -19.38
CA SER Y 144 -1.83 -13.63 -19.19
C SER Y 144 -2.46 -13.28 -20.52
N LEU Y 145 -3.74 -12.98 -20.49
CA LEU Y 145 -4.45 -12.65 -21.72
C LEU Y 145 -5.53 -11.63 -21.38
N SER Y 146 -5.36 -10.39 -21.79
CA SER Y 146 -6.54 -9.56 -21.97
C SER Y 146 -7.16 -9.93 -23.28
N TYR Y 147 -8.42 -9.53 -23.49
CA TYR Y 147 -9.19 -10.14 -24.54
C TYR Y 147 -10.39 -9.28 -24.88
N ARG Y 148 -10.78 -9.30 -26.15
CA ARG Y 148 -11.98 -8.58 -26.55
C ARG Y 148 -13.23 -9.35 -26.16
N LYS Y 149 -13.41 -10.53 -26.72
CA LYS Y 149 -14.63 -11.30 -26.58
C LYS Y 149 -14.32 -12.66 -25.99
N ILE Y 150 -15.04 -13.01 -24.94
CA ILE Y 150 -14.90 -14.29 -24.26
C ILE Y 150 -16.25 -14.98 -24.26
N THR Y 151 -16.24 -16.30 -24.47
CA THR Y 151 -17.47 -17.08 -24.49
C THR Y 151 -17.28 -18.32 -23.62
N TRP Y 152 -17.83 -18.29 -22.42
CA TRP Y 152 -17.93 -19.50 -21.63
C TRP Y 152 -18.92 -20.45 -22.27
N ASP Y 153 -18.70 -21.75 -22.06
CA ASP Y 153 -19.57 -22.73 -22.70
C ASP Y 153 -19.48 -24.01 -21.89
N HIS Y 154 -20.54 -24.35 -21.18
CA HIS Y 154 -20.61 -25.63 -20.53
C HIS Y 154 -21.16 -26.64 -21.52
N VAL Y 155 -20.43 -27.73 -21.74
CA VAL Y 155 -20.76 -28.65 -22.81
C VAL Y 155 -21.80 -29.67 -22.38
N ASN Y 156 -21.62 -30.29 -21.21
CA ASN Y 156 -22.53 -31.35 -20.79
C ASN Y 156 -23.90 -30.86 -20.36
N ALA Y 157 -24.11 -29.56 -20.21
CA ALA Y 157 -25.43 -29.03 -19.93
C ALA Y 157 -25.84 -27.96 -20.92
N GLY Y 158 -25.01 -27.68 -21.92
CA GLY Y 158 -25.42 -26.84 -23.02
C GLY Y 158 -25.50 -25.36 -22.77
N THR Y 159 -25.31 -24.88 -21.54
CA THR Y 159 -25.37 -23.45 -21.30
C THR Y 159 -24.18 -22.75 -21.90
N SER Y 160 -24.34 -21.46 -22.18
CA SER Y 160 -23.28 -20.70 -22.81
C SER Y 160 -23.42 -19.24 -22.45
N GLY Y 161 -22.39 -18.68 -21.83
CA GLY Y 161 -22.36 -17.27 -21.58
C GLY Y 161 -21.49 -16.60 -22.63
N SER Y 162 -21.54 -15.28 -22.70
CA SER Y 162 -20.75 -14.56 -23.68
C SER Y 162 -20.59 -13.12 -23.23
N ASP Y 163 -19.41 -12.57 -23.45
CA ASP Y 163 -19.19 -11.15 -23.30
C ASP Y 163 -18.45 -10.64 -24.52
N ASP Y 164 -18.75 -9.42 -24.92
CA ASP Y 164 -18.05 -8.86 -26.07
C ASP Y 164 -18.03 -7.35 -25.95
N TRP Y 165 -16.87 -6.77 -26.21
CA TRP Y 165 -16.82 -5.33 -26.36
C TRP Y 165 -17.37 -4.90 -27.70
N ARG Y 166 -17.27 -5.75 -28.71
CA ARG Y 166 -17.71 -5.39 -30.06
C ARG Y 166 -19.22 -5.25 -30.12
N LYS Y 167 -19.94 -6.15 -29.47
CA LYS Y 167 -21.40 -6.16 -29.51
C LYS Y 167 -21.94 -6.25 -28.09
N PRO Y 168 -21.99 -5.15 -27.38
CA PRO Y 168 -22.66 -5.15 -26.08
C PRO Y 168 -24.16 -5.25 -26.30
N ILE Y 169 -24.87 -5.60 -25.24
CA ILE Y 169 -26.24 -6.08 -25.41
C ILE Y 169 -27.14 -4.87 -25.65
N GLU Y 170 -27.38 -4.60 -26.93
CA GLU Y 170 -28.06 -3.44 -27.54
C GLU Y 170 -27.79 -2.05 -26.93
N GLY Z 1 -36.89 -0.34 -113.43
CA GLY Z 1 -35.87 -0.34 -112.40
C GLY Z 1 -35.80 0.96 -111.62
N SER Z 2 -36.96 1.56 -111.40
CA SER Z 2 -37.01 2.81 -110.64
C SER Z 2 -36.79 2.60 -109.15
N LEU Z 3 -37.03 1.38 -108.64
CA LEU Z 3 -36.73 1.10 -107.24
C LEU Z 3 -35.23 1.04 -106.99
N LEU Z 4 -34.45 0.61 -108.00
CA LEU Z 4 -33.00 0.68 -107.89
C LEU Z 4 -32.51 2.11 -107.96
N ASP Z 5 -33.26 2.99 -108.64
CA ASP Z 5 -32.89 4.41 -108.70
C ASP Z 5 -33.09 5.10 -107.35
N GLU Z 6 -34.07 4.65 -106.57
CA GLU Z 6 -34.28 5.23 -105.25
C GLU Z 6 -33.22 4.78 -104.25
N ILE Z 7 -32.64 3.59 -104.45
CA ILE Z 7 -31.57 3.13 -103.59
C ILE Z 7 -30.27 3.84 -103.95
N MET Z 8 -30.00 4.03 -105.24
CA MET Z 8 -28.79 4.73 -105.67
C MET Z 8 -28.85 6.23 -105.38
N ALA Z 9 -30.03 6.82 -105.38
CA ALA Z 9 -30.16 8.20 -104.93
C ALA Z 9 -30.04 8.32 -103.42
N GLN Z 10 -30.32 7.24 -102.69
CA GLN Z 10 -30.14 7.19 -101.24
C GLN Z 10 -28.66 6.95 -100.97
N THR Z 11 -27.92 8.03 -100.67
CA THR Z 11 -26.47 7.97 -100.61
C THR Z 11 -25.93 7.25 -99.38
N ARG Z 12 -26.79 6.88 -98.43
CA ARG Z 12 -26.31 6.15 -97.24
C ARG Z 12 -25.98 4.70 -97.56
N CYS Z 13 -26.73 4.06 -98.44
CA CYS Z 13 -26.51 2.66 -98.82
C CYS Z 13 -26.66 2.50 -100.33
N ALA Z 14 -26.03 3.39 -101.10
CA ALA Z 14 -26.23 3.38 -102.54
C ALA Z 14 -25.52 2.24 -103.26
N PRO Z 15 -24.14 2.09 -103.20
CA PRO Z 15 -23.51 1.20 -104.19
C PRO Z 15 -23.52 -0.28 -103.82
N SER Z 16 -24.64 -0.78 -103.31
CA SER Z 16 -24.89 -2.21 -103.04
C SER Z 16 -23.83 -2.84 -102.15
N GLU Z 17 -23.71 -2.32 -100.93
CA GLU Z 17 -22.67 -2.75 -100.01
C GLU Z 17 -23.22 -3.54 -98.82
N GLU Z 18 -24.14 -2.95 -98.07
CA GLU Z 18 -24.69 -3.62 -96.88
C GLU Z 18 -26.04 -3.00 -96.55
N GLY Z 19 -27.04 -3.85 -96.32
CA GLY Z 19 -28.36 -3.38 -95.97
C GLY Z 19 -29.20 -2.90 -97.13
N TYR Z 20 -28.83 -3.24 -98.36
CA TYR Z 20 -29.59 -2.81 -99.53
C TYR Z 20 -30.76 -3.73 -99.85
N ASP Z 21 -30.75 -4.96 -99.33
CA ASP Z 21 -31.89 -5.86 -99.52
C ASP Z 21 -32.95 -5.67 -98.45
N ILE Z 22 -32.56 -5.18 -97.27
CA ILE Z 22 -33.53 -4.92 -96.21
C ILE Z 22 -34.30 -3.63 -96.48
N ALA Z 23 -33.58 -2.57 -96.89
CA ALA Z 23 -34.22 -1.29 -97.19
C ALA Z 23 -35.05 -1.36 -98.47
N LYS Z 24 -34.72 -2.25 -99.39
CA LYS Z 24 -35.58 -2.48 -100.55
C LYS Z 24 -36.91 -3.10 -100.14
N LYS Z 25 -36.89 -3.97 -99.12
CA LYS Z 25 -38.13 -4.50 -98.57
C LYS Z 25 -38.90 -3.44 -97.77
N GLY Z 26 -38.23 -2.39 -97.31
CA GLY Z 26 -38.88 -1.34 -96.57
C GLY Z 26 -39.68 -0.39 -97.43
N VAL Z 27 -39.15 -0.08 -98.61
CA VAL Z 27 -39.85 0.81 -99.53
C VAL Z 27 -41.09 0.11 -100.11
N ALA Z 28 -40.93 -1.14 -100.53
CA ALA Z 28 -42.02 -1.84 -101.21
C ALA Z 28 -43.14 -2.22 -100.27
N ALA Z 29 -42.86 -2.35 -98.96
CA ALA Z 29 -43.92 -2.68 -98.01
C ALA Z 29 -44.77 -1.47 -97.69
N PHE Z 30 -44.19 -0.27 -97.68
CA PHE Z 30 -44.93 0.94 -97.33
C PHE Z 30 -45.86 1.38 -98.45
N ILE Z 31 -45.49 1.09 -99.70
CA ILE Z 31 -46.34 1.49 -100.83
C ILE Z 31 -47.60 0.62 -100.90
N GLU Z 32 -47.50 -0.63 -100.47
CA GLU Z 32 -48.65 -1.54 -100.52
C GLU Z 32 -49.76 -1.14 -99.54
N ASN Z 33 -49.40 -0.46 -98.46
CA ASN Z 33 -50.38 0.04 -97.49
C ASN Z 33 -50.66 1.53 -97.66
N LEU Z 34 -49.97 2.19 -98.59
CA LEU Z 34 -50.13 3.62 -98.78
C LEU Z 34 -51.47 3.98 -99.45
N MET Z 35 -52.08 3.04 -100.17
CA MET Z 35 -53.27 3.33 -100.95
C MET Z 35 -54.52 3.49 -100.10
N GLY Z 36 -54.46 3.22 -98.80
CA GLY Z 36 -55.59 3.51 -97.93
C GLY Z 36 -55.79 4.99 -97.69
N SER Z 37 -54.71 5.77 -97.75
CA SER Z 37 -54.78 7.23 -97.59
C SER Z 37 -53.60 7.83 -98.33
N GLN Z 38 -53.87 8.45 -99.49
CA GLN Z 38 -52.82 9.02 -100.30
C GLN Z 38 -52.35 10.35 -99.73
N HIS Z 39 -51.05 10.46 -99.48
CA HIS Z 39 -50.46 11.68 -98.96
C HIS Z 39 -48.99 11.71 -99.36
N SER Z 40 -48.48 12.91 -99.61
CA SER Z 40 -47.10 13.10 -100.09
C SER Z 40 -46.40 14.14 -99.24
N ALA Z 41 -45.83 13.69 -98.10
CA ALA Z 41 -45.02 14.51 -97.21
C ALA Z 41 -44.26 13.58 -96.28
N GLU Z 42 -42.93 13.71 -96.24
CA GLU Z 42 -42.11 12.86 -95.37
C GLU Z 42 -42.39 12.98 -93.87
N PRO Z 43 -42.54 14.17 -93.26
CA PRO Z 43 -42.80 14.17 -91.81
C PRO Z 43 -44.18 13.67 -91.42
N VAL Z 44 -45.17 13.81 -92.31
CA VAL Z 44 -46.44 13.13 -92.08
C VAL Z 44 -46.27 11.63 -92.29
N ASN Z 45 -45.42 11.25 -93.27
CA ASN Z 45 -45.09 9.84 -93.46
C ASN Z 45 -44.29 9.27 -92.29
N LYS Z 46 -43.50 10.10 -91.61
CA LYS Z 46 -42.88 9.66 -90.36
C LYS Z 46 -43.91 9.42 -89.28
N SER Z 47 -45.07 10.10 -89.36
CA SER Z 47 -46.19 9.73 -88.53
C SER Z 47 -47.01 8.62 -89.17
N LEU Z 48 -47.08 8.58 -90.51
CA LEU Z 48 -47.84 7.51 -91.18
C LEU Z 48 -47.14 6.17 -91.09
N VAL Z 49 -45.80 6.15 -90.98
CA VAL Z 49 -45.11 4.93 -90.62
C VAL Z 49 -45.49 4.52 -89.20
N ASP Z 50 -45.51 5.48 -88.28
CA ASP Z 50 -45.93 5.21 -86.91
C ASP Z 50 -47.41 4.85 -86.81
N GLN Z 51 -48.24 5.41 -87.69
CA GLN Z 51 -49.65 5.00 -87.73
C GLN Z 51 -49.83 3.63 -88.39
N MET Z 52 -48.83 3.15 -89.10
CA MET Z 52 -48.80 1.76 -89.55
C MET Z 52 -48.05 0.84 -88.59
N LEU Z 53 -47.52 1.38 -87.50
CA LEU Z 53 -46.95 0.56 -86.44
C LEU Z 53 -47.90 0.37 -85.27
N VAL Z 54 -48.72 1.38 -84.96
CA VAL Z 54 -49.72 1.24 -83.92
C VAL Z 54 -50.82 0.27 -84.35
N GLU Z 55 -51.25 0.36 -85.61
CA GLU Z 55 -52.22 -0.60 -86.12
C GLU Z 55 -51.59 -1.98 -86.32
N LEU Z 56 -50.27 -2.03 -86.51
CA LEU Z 56 -49.58 -3.32 -86.59
C LEU Z 56 -49.49 -3.97 -85.21
N ASP Z 57 -49.22 -3.19 -84.18
CA ASP Z 57 -49.15 -3.73 -82.82
C ASP Z 57 -50.52 -4.14 -82.30
N LYS Z 58 -51.60 -3.58 -82.84
CA LYS Z 58 -52.92 -4.11 -82.53
C LYS Z 58 -53.15 -5.47 -83.17
N LYS Z 59 -52.45 -5.75 -84.28
CA LYS Z 59 -52.54 -7.06 -84.90
C LYS Z 59 -51.63 -8.08 -84.23
N ILE Z 60 -50.48 -7.65 -83.71
CA ILE Z 60 -49.52 -8.61 -83.16
C ILE Z 60 -49.82 -8.91 -81.70
N SER Z 61 -50.04 -7.87 -80.89
CA SER Z 61 -50.22 -8.08 -79.46
C SER Z 61 -51.56 -8.74 -79.16
N ALA Z 62 -52.55 -8.60 -80.05
CA ALA Z 62 -53.77 -9.37 -79.89
C ALA Z 62 -53.56 -10.84 -80.20
N GLN Z 63 -52.55 -11.15 -81.02
CA GLN Z 63 -52.18 -12.55 -81.24
C GLN Z 63 -51.29 -13.08 -80.13
N MET Z 64 -50.39 -12.24 -79.62
CA MET Z 64 -49.52 -12.64 -78.52
C MET Z 64 -50.20 -12.55 -77.16
N ASP Z 65 -51.44 -12.10 -77.09
CA ASP Z 65 -52.28 -12.37 -75.93
C ASP Z 65 -53.14 -13.60 -76.13
N GLU Z 66 -52.91 -14.35 -77.21
CA GLU Z 66 -53.60 -15.59 -77.46
C GLU Z 66 -52.66 -16.77 -77.65
N ILE Z 67 -51.45 -16.55 -78.13
CA ILE Z 67 -50.43 -17.60 -78.07
C ILE Z 67 -49.97 -17.79 -76.64
N LEU Z 68 -49.87 -16.68 -75.89
CA LEU Z 68 -49.78 -16.78 -74.44
C LEU Z 68 -51.18 -16.98 -73.87
N HIS Z 69 -51.27 -17.02 -72.55
CA HIS Z 69 -52.54 -17.06 -71.80
C HIS Z 69 -53.40 -18.28 -72.13
N ASN Z 70 -52.76 -19.36 -72.56
CA ASN Z 70 -53.44 -20.59 -72.92
C ASN Z 70 -53.32 -21.59 -71.77
N SER Z 71 -54.33 -22.46 -71.65
CA SER Z 71 -54.38 -23.38 -70.51
C SER Z 71 -53.28 -24.43 -70.57
N GLN Z 72 -52.77 -24.72 -71.77
CA GLN Z 72 -51.60 -25.59 -71.88
C GLN Z 72 -50.31 -24.80 -71.66
N PHE Z 73 -50.27 -23.55 -72.08
CA PHE Z 73 -49.05 -22.76 -71.95
C PHE Z 73 -48.88 -22.23 -70.53
N GLN Z 74 -49.92 -21.56 -70.01
CA GLN Z 74 -49.81 -20.85 -68.73
C GLN Z 74 -49.67 -21.81 -67.55
N ALA Z 75 -50.34 -22.97 -67.60
CA ALA Z 75 -50.17 -23.95 -66.54
C ALA Z 75 -48.80 -24.61 -66.61
N MET Z 76 -48.18 -24.64 -67.78
CA MET Z 76 -46.81 -25.10 -67.94
C MET Z 76 -45.80 -23.97 -67.94
N GLU Z 77 -46.26 -22.73 -67.75
CA GLU Z 77 -45.34 -21.63 -67.49
C GLU Z 77 -45.24 -21.33 -66.00
N SER Z 78 -46.37 -21.36 -65.30
CA SER Z 78 -46.37 -21.14 -63.85
C SER Z 78 -45.69 -22.28 -63.11
N ALA Z 79 -45.81 -23.51 -63.63
CA ALA Z 79 -45.15 -24.66 -63.02
C ALA Z 79 -43.66 -24.69 -63.31
N TRP Z 80 -43.15 -23.82 -64.18
CA TRP Z 80 -41.74 -23.82 -64.53
C TRP Z 80 -41.04 -22.51 -64.22
N ARG Z 81 -41.70 -21.36 -64.42
CA ARG Z 81 -41.12 -20.10 -63.98
C ARG Z 81 -41.19 -19.98 -62.45
N GLY Z 82 -42.21 -20.59 -61.84
CA GLY Z 82 -42.26 -20.68 -60.40
C GLY Z 82 -41.16 -21.51 -59.80
N LEU Z 83 -40.60 -22.45 -60.56
CA LEU Z 83 -39.39 -23.13 -60.12
C LEU Z 83 -38.20 -22.17 -60.11
N LYS Z 84 -38.13 -21.27 -61.09
CA LYS Z 84 -37.05 -20.30 -61.13
C LYS Z 84 -37.11 -19.34 -59.95
N LEU Z 85 -38.31 -19.05 -59.46
CA LEU Z 85 -38.43 -18.31 -58.21
C LEU Z 85 -37.99 -19.13 -57.00
N PHE Z 86 -37.99 -20.46 -57.12
CA PHE Z 86 -37.43 -21.27 -56.05
C PHE Z 86 -35.94 -21.50 -56.23
N VAL Z 87 -35.41 -21.33 -57.44
CA VAL Z 87 -33.97 -21.49 -57.64
C VAL Z 87 -33.23 -20.18 -57.36
N ASP Z 88 -33.82 -19.05 -57.72
CA ASP Z 88 -33.12 -17.77 -57.58
C ASP Z 88 -33.02 -17.30 -56.13
N ARG Z 89 -33.99 -17.66 -55.29
CA ARG Z 89 -33.97 -17.16 -53.92
C ARG Z 89 -33.08 -18.00 -53.02
N THR Z 90 -33.09 -19.32 -53.19
CA THR Z 90 -32.37 -20.21 -52.29
C THR Z 90 -30.89 -20.21 -52.61
N ASP Z 91 -30.07 -19.99 -51.60
CA ASP Z 91 -28.64 -19.87 -51.78
C ASP Z 91 -28.04 -21.27 -51.83
N PHE Z 92 -27.68 -21.71 -53.04
CA PHE Z 92 -27.12 -23.04 -53.22
C PHE Z 92 -25.68 -23.15 -52.73
N ARG Z 93 -25.02 -22.02 -52.45
CA ARG Z 93 -23.71 -22.09 -51.82
C ARG Z 93 -23.81 -22.47 -50.35
N GLU Z 94 -24.95 -22.21 -49.71
CA GLU Z 94 -25.12 -22.51 -48.29
C GLU Z 94 -25.76 -23.88 -48.07
N ASN Z 95 -25.20 -24.90 -48.73
CA ASN Z 95 -25.56 -26.32 -48.54
C ASN Z 95 -27.04 -26.58 -48.79
N ASN Z 96 -27.45 -26.38 -50.05
CA ASN Z 96 -28.81 -26.64 -50.47
C ASN Z 96 -28.80 -27.30 -51.83
N LYS Z 97 -29.63 -28.32 -52.00
CA LYS Z 97 -29.85 -28.94 -53.30
C LYS Z 97 -31.33 -29.18 -53.46
N VAL Z 98 -31.79 -29.27 -54.70
CA VAL Z 98 -33.20 -29.50 -54.97
C VAL Z 98 -33.35 -30.45 -56.16
N GLU Z 99 -34.10 -31.53 -55.94
CA GLU Z 99 -34.36 -32.49 -56.99
C GLU Z 99 -35.66 -32.15 -57.70
N ILE Z 100 -35.71 -32.48 -58.98
CA ILE Z 100 -36.83 -32.15 -59.86
C ILE Z 100 -37.38 -33.44 -60.44
N LEU Z 101 -38.63 -33.75 -60.11
CA LEU Z 101 -39.26 -34.98 -60.56
C LEU Z 101 -40.45 -34.66 -61.46
N HIS Z 102 -40.45 -35.21 -62.66
CA HIS Z 102 -41.57 -35.09 -63.59
C HIS Z 102 -42.55 -36.21 -63.31
N VAL Z 103 -43.65 -35.88 -62.63
CA VAL Z 103 -44.83 -36.72 -62.61
C VAL Z 103 -45.97 -35.90 -63.15
N THR Z 104 -47.12 -36.53 -63.34
CA THR Z 104 -48.37 -35.79 -63.39
C THR Z 104 -49.22 -36.24 -62.22
N LYS Z 105 -50.17 -35.37 -61.86
CA LYS Z 105 -50.96 -35.59 -60.65
C LYS Z 105 -51.89 -36.79 -60.79
N ASP Z 106 -52.34 -37.08 -62.00
CA ASP Z 106 -53.15 -38.28 -62.21
C ASP Z 106 -52.29 -39.54 -62.28
N GLU Z 107 -51.02 -39.40 -62.66
CA GLU Z 107 -50.13 -40.55 -62.68
C GLU Z 107 -49.75 -40.99 -61.27
N LEU Z 108 -49.71 -40.04 -60.33
CA LEU Z 108 -49.13 -40.31 -59.03
C LEU Z 108 -50.05 -41.18 -58.18
N LEU Z 109 -51.35 -40.94 -58.24
CA LEU Z 109 -52.29 -41.79 -57.53
C LEU Z 109 -52.35 -43.19 -58.13
N GLU Z 110 -52.20 -43.29 -59.45
CA GLU Z 110 -52.10 -44.58 -60.11
C GLU Z 110 -50.83 -45.33 -59.67
N ASP Z 111 -49.75 -44.59 -59.41
CA ASP Z 111 -48.52 -45.20 -58.94
C ASP Z 111 -48.63 -45.66 -57.49
N PHE Z 112 -49.51 -45.06 -56.69
CA PHE Z 112 -49.81 -45.62 -55.38
C PHE Z 112 -50.83 -46.74 -55.47
N GLU Z 113 -51.66 -46.75 -56.53
CA GLU Z 113 -52.48 -47.90 -56.83
C GLU Z 113 -51.66 -49.03 -57.45
N PHE Z 114 -50.48 -48.68 -57.99
CA PHE Z 114 -49.59 -49.65 -58.61
C PHE Z 114 -49.06 -50.67 -57.60
N ALA Z 115 -48.49 -50.18 -56.50
CA ALA Z 115 -47.93 -51.08 -55.51
C ALA Z 115 -48.97 -51.47 -54.47
N PRO Z 116 -48.89 -52.69 -53.94
CA PRO Z 116 -49.84 -53.09 -52.87
C PRO Z 116 -49.58 -52.39 -51.55
N GLU Z 117 -48.37 -51.89 -51.33
CA GLU Z 117 -48.01 -51.19 -50.11
C GLU Z 117 -47.25 -49.93 -50.49
N THR Z 118 -47.42 -48.88 -49.67
CA THR Z 118 -46.71 -47.61 -49.88
C THR Z 118 -45.20 -47.76 -49.79
N ALA Z 119 -44.73 -48.79 -49.08
CA ALA Z 119 -43.30 -49.08 -48.96
C ALA Z 119 -42.74 -49.83 -50.16
N GLN Z 120 -43.52 -49.98 -51.24
CA GLN Z 120 -43.01 -50.52 -52.49
C GLN Z 120 -43.39 -49.66 -53.68
N SER Z 121 -43.82 -48.42 -53.45
CA SER Z 121 -44.30 -47.57 -54.51
C SER Z 121 -43.15 -47.04 -55.35
N GLY Z 122 -43.49 -46.31 -56.42
CA GLY Z 122 -42.48 -45.68 -57.23
C GLY Z 122 -42.06 -44.32 -56.71
N LEU Z 123 -42.95 -43.63 -56.00
CA LEU Z 123 -42.57 -42.38 -55.37
C LEU Z 123 -41.76 -42.65 -54.10
N TYR Z 124 -42.01 -43.79 -53.45
CA TYR Z 124 -41.21 -44.22 -52.31
C TYR Z 124 -39.78 -44.49 -52.69
N LYS Z 125 -39.53 -44.83 -53.95
CA LYS Z 125 -38.17 -45.04 -54.40
C LYS Z 125 -37.40 -43.72 -54.49
N HIS Z 126 -38.08 -42.64 -54.89
CA HIS Z 126 -37.38 -41.38 -55.08
C HIS Z 126 -37.34 -40.53 -53.82
N VAL Z 127 -38.30 -40.71 -52.91
CA VAL Z 127 -38.30 -39.94 -51.68
C VAL Z 127 -37.43 -40.61 -50.62
N TYR Z 128 -37.63 -41.90 -50.42
CA TYR Z 128 -36.95 -42.61 -49.35
C TYR Z 128 -35.63 -43.23 -49.82
N SER Z 129 -35.70 -44.15 -50.78
CA SER Z 129 -34.58 -45.04 -51.00
C SER Z 129 -33.47 -44.42 -51.83
N ALA Z 130 -33.79 -43.57 -52.79
CA ALA Z 130 -32.73 -42.93 -53.56
C ALA Z 130 -32.09 -41.78 -52.78
N GLY Z 131 -32.75 -41.31 -51.73
CA GLY Z 131 -32.26 -40.24 -50.92
C GLY Z 131 -31.88 -40.73 -49.54
N TYR Z 132 -32.86 -40.63 -48.64
CA TYR Z 132 -32.68 -40.91 -47.22
C TYR Z 132 -32.26 -42.36 -46.96
N GLY Z 133 -32.93 -43.32 -47.56
CA GLY Z 133 -32.58 -44.70 -47.35
C GLY Z 133 -31.44 -45.15 -48.25
N GLN Z 134 -30.27 -44.55 -48.08
CA GLN Z 134 -29.14 -44.78 -48.98
C GLN Z 134 -27.88 -44.46 -48.21
N PHE Z 135 -26.89 -45.32 -48.32
CA PHE Z 135 -25.61 -45.08 -47.66
C PHE Z 135 -24.89 -43.91 -48.34
N GLY Z 136 -24.73 -42.82 -47.60
CA GLY Z 136 -24.06 -41.64 -48.09
C GLY Z 136 -24.92 -40.69 -48.88
N GLY Z 137 -26.11 -41.11 -49.30
CA GLY Z 137 -26.97 -40.24 -50.07
C GLY Z 137 -27.58 -39.14 -49.21
N GLU Z 138 -27.77 -37.99 -49.82
CA GLU Z 138 -28.36 -36.86 -49.11
C GLU Z 138 -29.85 -37.09 -48.90
N PRO Z 139 -30.36 -36.85 -47.70
CA PRO Z 139 -31.75 -37.19 -47.41
C PRO Z 139 -32.68 -36.03 -47.76
N VAL Z 140 -33.96 -36.35 -47.81
CA VAL Z 140 -34.98 -35.44 -48.34
C VAL Z 140 -35.58 -34.63 -47.21
N GLY Z 141 -35.54 -33.31 -47.33
CA GLY Z 141 -36.11 -32.44 -46.33
C GLY Z 141 -37.61 -32.28 -46.46
N ALA Z 142 -38.09 -31.94 -47.65
CA ALA Z 142 -39.52 -31.74 -47.85
C ALA Z 142 -39.87 -32.02 -49.30
N ILE Z 143 -41.16 -32.27 -49.54
CA ILE Z 143 -41.67 -32.55 -50.88
C ILE Z 143 -42.58 -31.40 -51.28
N ILE Z 144 -42.18 -30.65 -52.28
CA ILE Z 144 -43.02 -29.59 -52.84
C ILE Z 144 -44.03 -30.23 -53.77
N GLY Z 145 -45.31 -30.09 -53.43
CA GLY Z 145 -46.36 -30.55 -54.31
C GLY Z 145 -46.88 -29.44 -55.18
N ASN Z 146 -46.64 -29.53 -56.48
CA ASN Z 146 -47.05 -28.48 -57.42
C ASN Z 146 -48.46 -28.78 -57.96
N TYR Z 147 -49.37 -28.96 -57.02
CA TYR Z 147 -50.68 -29.54 -57.30
C TYR Z 147 -51.77 -28.56 -56.92
N ALA Z 148 -53.00 -28.93 -57.28
CA ALA Z 148 -54.20 -28.16 -56.93
C ALA Z 148 -55.20 -29.16 -56.39
N PHE Z 149 -55.29 -29.26 -55.07
CA PHE Z 149 -56.04 -30.32 -54.43
C PHE Z 149 -57.52 -29.99 -54.33
N THR Z 150 -58.34 -30.95 -54.68
CA THR Z 150 -59.77 -31.00 -54.47
C THR Z 150 -60.06 -31.77 -53.20
N PRO Z 151 -61.28 -31.69 -52.65
CA PRO Z 151 -61.61 -32.57 -51.52
C PRO Z 151 -62.20 -33.90 -51.93
N SER Z 152 -62.07 -34.27 -53.21
CA SER Z 152 -62.67 -35.49 -53.71
C SER Z 152 -61.85 -36.71 -53.29
N THR Z 153 -62.39 -37.88 -53.57
CA THR Z 153 -61.77 -39.16 -53.27
C THR Z 153 -60.45 -39.41 -54.01
N PRO Z 154 -60.25 -39.05 -55.30
CA PRO Z 154 -58.90 -39.19 -55.86
C PRO Z 154 -57.88 -38.18 -55.35
N ASP Z 155 -58.23 -37.28 -54.44
CA ASP Z 155 -57.26 -36.40 -53.81
C ASP Z 155 -57.18 -36.54 -52.30
N MET Z 156 -58.11 -37.25 -51.68
CA MET Z 156 -57.93 -37.67 -50.30
C MET Z 156 -57.32 -39.06 -50.20
N LYS Z 157 -57.35 -39.83 -51.29
CA LYS Z 157 -56.61 -41.08 -51.34
C LYS Z 157 -55.12 -40.82 -51.59
N LEU Z 158 -54.81 -39.76 -52.31
CA LEU Z 158 -53.42 -39.40 -52.53
C LEU Z 158 -52.77 -38.92 -51.24
N LEU Z 159 -53.44 -38.03 -50.51
CA LEU Z 159 -52.86 -37.48 -49.29
C LEU Z 159 -52.80 -38.52 -48.17
N GLN Z 160 -53.67 -39.51 -48.19
CA GLN Z 160 -53.52 -40.62 -47.26
C GLN Z 160 -52.27 -41.42 -47.58
N TYR Z 161 -51.93 -41.51 -48.86
CA TYR Z 161 -50.71 -42.18 -49.31
C TYR Z 161 -49.52 -41.24 -49.38
N MET Z 162 -49.69 -39.96 -49.06
CA MET Z 162 -48.55 -39.08 -48.88
C MET Z 162 -48.25 -38.78 -47.43
N GLY Z 163 -49.24 -38.89 -46.54
CA GLY Z 163 -48.96 -38.84 -45.13
C GLY Z 163 -48.23 -40.07 -44.65
N ALA Z 164 -48.53 -41.23 -45.23
CA ALA Z 164 -47.81 -42.44 -44.89
C ALA Z 164 -46.42 -42.44 -45.51
N LEU Z 165 -46.25 -41.81 -46.66
CA LEU Z 165 -44.91 -41.66 -47.22
C LEU Z 165 -44.11 -40.63 -46.43
N GLY Z 166 -44.75 -39.56 -45.97
CA GLY Z 166 -44.06 -38.57 -45.18
C GLY Z 166 -43.70 -39.03 -43.79
N ALA Z 167 -44.36 -40.05 -43.28
CA ALA Z 167 -44.01 -40.60 -41.99
C ALA Z 167 -42.93 -41.67 -42.08
N MET Z 168 -42.55 -42.07 -43.28
CA MET Z 168 -41.48 -43.04 -43.42
C MET Z 168 -40.14 -42.36 -43.71
N ALA Z 169 -40.13 -41.35 -44.55
CA ALA Z 169 -38.90 -40.65 -44.89
C ALA Z 169 -38.68 -39.39 -44.08
N HIS Z 170 -39.58 -39.10 -43.13
CA HIS Z 170 -39.51 -37.94 -42.23
C HIS Z 170 -39.44 -36.63 -43.00
N ALA Z 171 -40.32 -36.49 -43.96
CA ALA Z 171 -40.32 -35.28 -44.76
C ALA Z 171 -41.76 -34.88 -45.04
N PRO Z 172 -42.19 -33.69 -44.61
CA PRO Z 172 -43.57 -33.30 -44.84
C PRO Z 172 -43.81 -32.92 -46.29
N PHE Z 173 -44.99 -33.29 -46.77
CA PHE Z 173 -45.40 -33.00 -48.15
C PHE Z 173 -46.18 -31.70 -48.17
N ILE Z 174 -45.59 -30.66 -48.76
CA ILE Z 174 -46.23 -29.36 -48.84
C ILE Z 174 -46.78 -29.15 -50.25
N SER Z 175 -48.06 -28.79 -50.32
CA SER Z 175 -48.76 -28.55 -51.57
C SER Z 175 -49.81 -27.49 -51.29
N SER Z 176 -50.79 -27.34 -52.18
CA SER Z 176 -51.81 -26.32 -51.97
C SER Z 176 -53.18 -26.86 -52.32
N VAL Z 177 -54.19 -26.26 -51.69
CA VAL Z 177 -55.57 -26.52 -52.02
C VAL Z 177 -55.99 -25.51 -53.09
N GLY Z 178 -57.04 -25.86 -53.81
CA GLY Z 178 -57.51 -25.02 -54.89
C GLY Z 178 -58.66 -24.14 -54.47
N PRO Z 179 -59.17 -23.33 -55.41
CA PRO Z 179 -60.41 -22.59 -55.15
C PRO Z 179 -61.58 -23.51 -54.88
N GLU Z 180 -61.69 -24.58 -55.67
CA GLU Z 180 -62.78 -25.53 -55.53
C GLU Z 180 -62.71 -26.35 -54.26
N PHE Z 181 -61.59 -26.29 -53.54
CA PHE Z 181 -61.51 -26.94 -52.24
C PHE Z 181 -62.44 -26.26 -51.25
N PHE Z 182 -62.49 -24.93 -51.27
CA PHE Z 182 -63.40 -24.21 -50.39
C PHE Z 182 -64.82 -24.14 -50.94
N GLY Z 183 -65.03 -24.54 -52.19
CA GLY Z 183 -66.35 -24.52 -52.78
C GLY Z 183 -66.78 -23.14 -53.24
N ILE Z 184 -65.89 -22.44 -53.94
CA ILE Z 184 -66.20 -21.11 -54.44
C ILE Z 184 -66.04 -20.96 -55.94
N ASP Z 185 -65.28 -21.85 -56.61
CA ASP Z 185 -65.13 -21.97 -58.07
C ASP Z 185 -64.55 -20.74 -58.77
N SER Z 186 -64.17 -19.73 -58.00
CA SER Z 186 -63.56 -18.49 -58.46
C SER Z 186 -62.98 -17.85 -57.21
N PHE Z 187 -61.71 -17.50 -57.22
CA PHE Z 187 -61.02 -17.43 -55.94
C PHE Z 187 -61.20 -16.12 -55.20
N GLU Z 188 -61.43 -15.00 -55.88
CA GLU Z 188 -61.41 -13.70 -55.23
C GLU Z 188 -62.63 -13.44 -54.34
N GLU Z 189 -63.53 -14.41 -54.16
CA GLU Z 189 -64.63 -14.29 -53.22
C GLU Z 189 -64.36 -15.06 -51.94
N LEU Z 190 -63.10 -15.15 -51.52
CA LEU Z 190 -62.79 -15.82 -50.26
C LEU Z 190 -63.06 -14.99 -49.00
N PRO Z 191 -62.75 -13.67 -48.93
CA PRO Z 191 -63.17 -12.93 -47.72
C PRO Z 191 -64.66 -12.75 -47.57
N ASN Z 192 -65.45 -13.04 -48.61
CA ASN Z 192 -66.89 -12.98 -48.50
C ASN Z 192 -67.43 -14.13 -47.64
N ILE Z 193 -66.63 -15.17 -47.41
CA ILE Z 193 -67.03 -16.27 -46.56
C ILE Z 193 -67.14 -15.77 -45.12
N LYS Z 194 -68.34 -15.84 -44.56
CA LYS Z 194 -68.60 -15.30 -43.24
C LYS Z 194 -68.51 -16.33 -42.14
N ASP Z 195 -68.45 -17.62 -42.47
CA ASP Z 195 -68.26 -18.66 -41.48
C ASP Z 195 -67.58 -19.83 -42.18
N LEU Z 196 -66.27 -19.95 -41.99
CA LEU Z 196 -65.49 -21.01 -42.62
C LEU Z 196 -65.36 -22.24 -41.73
N LYS Z 197 -65.70 -22.12 -40.45
CA LYS Z 197 -65.70 -23.28 -39.56
C LYS Z 197 -66.84 -24.24 -39.92
N SER Z 198 -68.01 -23.70 -40.26
CA SER Z 198 -69.14 -24.55 -40.61
C SER Z 198 -69.00 -25.14 -42.00
N THR Z 199 -68.17 -24.55 -42.86
CA THR Z 199 -67.97 -25.11 -44.20
C THR Z 199 -67.23 -26.43 -44.12
N PHE Z 200 -66.29 -26.55 -43.19
CA PHE Z 200 -65.48 -27.76 -43.07
C PHE Z 200 -66.18 -28.88 -42.33
N GLU Z 201 -67.32 -28.60 -41.69
CA GLU Z 201 -68.12 -29.62 -41.01
C GLU Z 201 -69.31 -30.07 -41.85
N SER Z 202 -69.12 -30.13 -43.19
CA SER Z 202 -70.01 -30.59 -44.25
C SER Z 202 -69.74 -32.05 -44.60
N PRO Z 203 -70.76 -32.80 -45.02
CA PRO Z 203 -70.53 -34.21 -45.37
C PRO Z 203 -69.77 -34.43 -46.67
N LYS Z 204 -69.45 -33.37 -47.42
CA LYS Z 204 -68.55 -33.52 -48.54
C LYS Z 204 -67.12 -33.77 -48.07
N TYR Z 205 -66.79 -33.34 -46.85
CA TYR Z 205 -65.45 -33.41 -46.31
C TYR Z 205 -65.30 -34.55 -45.30
N THR Z 206 -65.95 -35.69 -45.52
CA THR Z 206 -65.77 -36.81 -44.60
C THR Z 206 -64.41 -37.46 -44.80
N LYS Z 207 -63.89 -37.43 -46.02
CA LYS Z 207 -62.54 -37.88 -46.30
C LYS Z 207 -61.49 -36.81 -46.02
N TRP Z 208 -61.89 -35.64 -45.54
CA TRP Z 208 -60.98 -34.62 -45.05
C TRP Z 208 -60.87 -34.64 -43.54
N ARG Z 209 -62.00 -34.68 -42.84
CA ARG Z 209 -61.99 -34.72 -41.38
C ARG Z 209 -61.53 -36.05 -40.84
N SER Z 210 -61.52 -37.10 -41.66
CA SER Z 210 -60.88 -38.35 -41.27
C SER Z 210 -59.40 -38.36 -41.62
N LEU Z 211 -58.99 -37.56 -42.59
CA LEU Z 211 -57.56 -37.39 -42.85
C LEU Z 211 -56.90 -36.61 -41.73
N ARG Z 212 -57.59 -35.60 -41.20
CA ARG Z 212 -57.01 -34.74 -40.18
C ARG Z 212 -56.80 -35.48 -38.87
N GLU Z 213 -57.71 -36.37 -38.51
CA GLU Z 213 -57.57 -37.12 -37.27
C GLU Z 213 -56.47 -38.17 -37.32
N SER Z 214 -55.99 -38.51 -38.51
CA SER Z 214 -55.05 -39.61 -38.66
C SER Z 214 -53.69 -39.22 -38.11
N GLU Z 215 -52.91 -40.25 -37.78
CA GLU Z 215 -51.62 -40.03 -37.11
C GLU Z 215 -50.55 -39.55 -38.09
N ASP Z 216 -50.53 -40.13 -39.29
CA ASP Z 216 -49.51 -39.75 -40.26
C ASP Z 216 -49.83 -38.48 -41.01
N ALA Z 217 -50.91 -37.77 -40.66
CA ALA Z 217 -51.21 -36.48 -41.27
C ALA Z 217 -50.29 -35.37 -40.77
N ARG Z 218 -49.45 -35.68 -39.79
CA ARG Z 218 -48.51 -34.72 -39.22
C ARG Z 218 -47.51 -34.23 -40.26
N TYR Z 219 -47.24 -35.04 -41.27
CA TYR Z 219 -46.29 -34.73 -42.33
C TYR Z 219 -46.99 -34.22 -43.58
N LEU Z 220 -48.05 -33.44 -43.42
CA LEU Z 220 -48.80 -32.90 -44.53
C LEU Z 220 -49.21 -31.47 -44.21
N GLY Z 221 -48.57 -30.51 -44.86
CA GLY Z 221 -49.01 -29.12 -44.83
C GLY Z 221 -49.58 -28.74 -46.18
N LEU Z 222 -50.68 -28.01 -46.17
CA LEU Z 222 -51.30 -27.54 -47.41
C LEU Z 222 -51.36 -26.02 -47.38
N THR Z 223 -50.79 -25.39 -48.40
CA THR Z 223 -50.38 -24.01 -48.31
C THR Z 223 -51.49 -23.06 -48.79
N ALA Z 224 -51.09 -21.84 -49.09
CA ALA Z 224 -51.72 -20.55 -49.28
C ALA Z 224 -52.68 -20.46 -50.46
N PRO Z 225 -53.33 -19.30 -50.69
CA PRO Z 225 -54.06 -19.12 -51.95
C PRO Z 225 -53.31 -19.38 -53.25
N ARG Z 226 -52.41 -18.48 -53.66
CA ARG Z 226 -51.60 -18.46 -54.88
C ARG Z 226 -50.79 -17.18 -54.80
N PHE Z 227 -49.84 -17.04 -55.72
CA PHE Z 227 -49.07 -15.81 -55.76
C PHE Z 227 -48.64 -15.52 -57.18
N LEU Z 228 -48.33 -14.26 -57.45
CA LEU Z 228 -48.03 -13.77 -58.78
C LEU Z 228 -46.57 -14.03 -59.14
N LEU Z 229 -46.33 -14.32 -60.41
CA LEU Z 229 -44.99 -14.62 -60.91
C LEU Z 229 -44.46 -13.58 -61.88
N ARG Z 230 -45.25 -13.21 -62.90
CA ARG Z 230 -44.76 -12.39 -63.99
C ARG Z 230 -45.54 -11.10 -64.06
N VAL Z 231 -44.84 -9.98 -63.98
CA VAL Z 231 -45.44 -8.68 -64.30
C VAL Z 231 -45.75 -8.65 -65.79
N PRO Z 232 -46.97 -8.29 -66.19
CA PRO Z 232 -47.26 -8.15 -67.62
C PRO Z 232 -46.45 -7.02 -68.24
N TYR Z 233 -45.98 -7.25 -69.45
CA TYR Z 233 -44.96 -6.43 -70.07
C TYR Z 233 -45.53 -5.08 -70.50
N ASP Z 234 -44.61 -4.14 -70.78
CA ASP Z 234 -44.97 -2.76 -71.04
C ASP Z 234 -43.87 -2.15 -71.87
N PRO Z 235 -44.17 -1.29 -72.86
CA PRO Z 235 -43.10 -0.69 -73.67
C PRO Z 235 -42.27 0.36 -72.94
N ILE Z 236 -42.59 0.71 -71.70
CA ILE Z 236 -41.81 1.66 -70.92
C ILE Z 236 -41.18 0.98 -69.71
N GLU Z 237 -41.96 0.20 -68.97
CA GLU Z 237 -41.48 -0.38 -67.72
C GLU Z 237 -40.58 -1.59 -67.96
N ASN Z 238 -41.13 -2.64 -68.56
CA ASN Z 238 -40.40 -3.88 -68.83
C ASN Z 238 -40.49 -4.16 -70.32
N PRO Z 239 -39.62 -3.54 -71.13
CA PRO Z 239 -39.75 -3.66 -72.58
C PRO Z 239 -39.19 -4.98 -73.09
N VAL Z 240 -39.44 -5.23 -74.37
CA VAL Z 240 -38.87 -6.37 -75.07
C VAL Z 240 -38.03 -5.85 -76.22
N LYS Z 241 -37.11 -6.70 -76.69
CA LYS Z 241 -36.09 -6.29 -77.64
C LYS Z 241 -36.70 -6.10 -79.04
N SER Z 242 -36.52 -4.89 -79.58
CA SER Z 242 -36.94 -4.51 -80.95
C SER Z 242 -38.44 -4.67 -81.16
N PHE Z 243 -39.23 -4.48 -80.11
CA PHE Z 243 -40.68 -4.60 -80.17
C PHE Z 243 -41.27 -3.86 -78.98
N ASN Z 244 -42.51 -3.40 -79.15
CA ASN Z 244 -43.27 -2.77 -78.07
C ASN Z 244 -44.48 -3.65 -77.77
N TYR Z 245 -44.49 -4.25 -76.59
CA TYR Z 245 -45.48 -5.25 -76.22
C TYR Z 245 -46.25 -4.78 -74.98
N ALA Z 246 -47.49 -4.39 -75.17
CA ALA Z 246 -48.39 -4.04 -74.08
C ALA Z 246 -49.35 -5.21 -73.90
N GLU Z 247 -49.14 -5.99 -72.84
CA GLU Z 247 -49.93 -7.19 -72.58
C GLU Z 247 -51.28 -6.76 -72.02
N ASN Z 248 -52.31 -6.78 -72.86
CA ASN Z 248 -53.65 -6.33 -72.46
C ASN Z 248 -54.28 -7.37 -71.55
N VAL Z 249 -54.16 -7.17 -70.24
CA VAL Z 249 -54.76 -8.06 -69.25
C VAL Z 249 -56.20 -7.64 -69.03
N SER Z 250 -57.12 -8.57 -69.27
CA SER Z 250 -58.55 -8.29 -69.19
C SER Z 250 -59.02 -8.32 -67.75
N ALA Z 251 -60.34 -8.28 -67.56
CA ALA Z 251 -60.90 -8.32 -66.22
C ALA Z 251 -60.80 -9.70 -65.59
N SER Z 252 -60.58 -10.74 -66.40
CA SER Z 252 -60.32 -12.06 -65.87
C SER Z 252 -58.92 -12.09 -65.29
N HIS Z 253 -58.82 -12.35 -63.98
CA HIS Z 253 -57.53 -12.42 -63.31
C HIS Z 253 -56.90 -13.79 -63.40
N GLU Z 254 -57.42 -14.67 -64.27
CA GLU Z 254 -56.75 -15.93 -64.55
C GLU Z 254 -55.65 -15.80 -65.57
N HIS Z 255 -55.55 -14.65 -66.26
CA HIS Z 255 -54.53 -14.47 -67.27
C HIS Z 255 -53.19 -14.07 -66.69
N TYR Z 256 -53.16 -13.54 -65.47
CA TYR Z 256 -51.91 -13.36 -64.75
C TYR Z 256 -51.27 -14.72 -64.50
N LEU Z 257 -49.94 -14.75 -64.55
CA LEU Z 257 -49.20 -15.99 -64.34
C LEU Z 257 -49.19 -16.30 -62.84
N TRP Z 258 -50.25 -16.95 -62.38
CA TRP Z 258 -50.36 -17.27 -60.98
C TRP Z 258 -49.64 -18.57 -60.67
N GLY Z 259 -48.65 -18.50 -59.78
CA GLY Z 259 -47.88 -19.66 -59.42
C GLY Z 259 -48.53 -20.49 -58.33
N ASN Z 260 -47.80 -21.51 -57.88
CA ASN Z 260 -48.24 -22.37 -56.79
C ASN Z 260 -47.40 -22.05 -55.55
N THR Z 261 -48.06 -21.87 -54.40
CA THR Z 261 -47.38 -21.33 -53.23
C THR Z 261 -46.57 -22.37 -52.47
N ALA Z 262 -46.64 -23.64 -52.89
CA ALA Z 262 -45.70 -24.63 -52.36
C ALA Z 262 -44.26 -24.30 -52.77
N PHE Z 263 -44.09 -23.61 -53.90
CA PHE Z 263 -42.83 -22.97 -54.21
C PHE Z 263 -42.47 -21.93 -53.17
N ALA Z 264 -43.39 -21.03 -52.88
CA ALA Z 264 -43.08 -19.88 -52.04
C ALA Z 264 -42.97 -20.21 -50.57
N PHE Z 265 -43.65 -21.26 -50.11
CA PHE Z 265 -43.49 -21.67 -48.71
C PHE Z 265 -42.20 -22.44 -48.50
N ALA Z 266 -41.77 -23.21 -49.49
CA ALA Z 266 -40.47 -23.85 -49.43
C ALA Z 266 -39.32 -22.90 -49.65
N THR Z 267 -39.60 -21.68 -50.12
CA THR Z 267 -38.57 -20.65 -50.12
C THR Z 267 -38.20 -20.29 -48.69
N ARG Z 268 -39.16 -20.30 -47.78
CA ARG Z 268 -38.89 -19.99 -46.38
C ARG Z 268 -38.35 -21.17 -45.59
N LEU Z 269 -38.58 -22.39 -46.06
CA LEU Z 269 -37.88 -23.53 -45.48
C LEU Z 269 -36.39 -23.48 -45.77
N THR Z 270 -36.03 -22.96 -46.94
CA THR Z 270 -34.64 -23.00 -47.35
C THR Z 270 -33.89 -21.74 -46.98
N ASP Z 271 -34.56 -20.57 -47.05
CA ASP Z 271 -33.91 -19.36 -46.59
C ASP Z 271 -33.80 -19.29 -45.07
N SER Z 272 -34.52 -20.14 -44.35
CA SER Z 272 -34.21 -20.34 -42.94
C SER Z 272 -33.04 -21.29 -42.75
N PHE Z 273 -32.88 -22.26 -43.65
CA PHE Z 273 -31.76 -23.17 -43.52
C PHE Z 273 -30.45 -22.54 -43.97
N ALA Z 274 -30.50 -21.60 -44.90
CA ALA Z 274 -29.28 -20.99 -45.38
C ALA Z 274 -28.69 -20.00 -44.39
N LYS Z 275 -29.42 -19.65 -43.34
CA LYS Z 275 -28.96 -18.70 -42.34
C LYS Z 275 -28.58 -19.35 -41.02
N TYR Z 276 -29.39 -20.29 -40.53
CA TYR Z 276 -29.18 -20.87 -39.22
C TYR Z 276 -28.91 -22.37 -39.24
N ARG Z 277 -28.94 -23.00 -40.42
CA ARG Z 277 -28.75 -24.45 -40.61
C ARG Z 277 -29.78 -25.27 -39.85
N TRP Z 278 -30.96 -24.70 -39.64
CA TRP Z 278 -32.13 -25.41 -39.14
C TRP Z 278 -33.34 -24.80 -39.82
N CYS Z 279 -34.52 -25.29 -39.45
CA CYS Z 279 -35.77 -24.69 -39.93
C CYS Z 279 -36.90 -24.81 -38.92
N PRO Z 280 -36.88 -24.00 -37.84
CA PRO Z 280 -38.15 -23.65 -37.22
C PRO Z 280 -38.64 -22.27 -37.62
N ASN Z 281 -37.80 -21.52 -38.33
CA ASN Z 281 -38.03 -20.10 -38.57
C ASN Z 281 -38.77 -19.91 -39.89
N ILE Z 282 -40.08 -20.15 -39.85
CA ILE Z 282 -40.91 -20.01 -41.04
C ILE Z 282 -42.19 -19.24 -40.81
N ILE Z 283 -42.41 -18.70 -39.61
CA ILE Z 283 -43.71 -18.10 -39.31
C ILE Z 283 -43.61 -16.64 -38.90
N GLY Z 284 -42.58 -15.92 -39.36
CA GLY Z 284 -42.40 -14.56 -38.93
C GLY Z 284 -42.37 -13.51 -40.03
N PRO Z 285 -43.22 -12.50 -39.92
CA PRO Z 285 -43.13 -11.35 -40.82
C PRO Z 285 -41.85 -10.56 -40.66
N GLN Z 286 -41.22 -10.63 -39.49
CA GLN Z 286 -39.86 -10.12 -39.29
C GLN Z 286 -38.95 -11.22 -38.77
N SER Z 287 -39.34 -12.49 -38.91
CA SER Z 287 -38.56 -13.56 -38.32
C SER Z 287 -38.50 -14.79 -39.23
N GLY Z 288 -38.61 -14.59 -40.53
CA GLY Z 288 -38.37 -15.66 -41.48
C GLY Z 288 -39.57 -16.30 -42.11
N GLY Z 289 -40.73 -15.64 -42.13
CA GLY Z 289 -41.86 -16.18 -42.86
C GLY Z 289 -42.39 -15.13 -43.82
N ALA Z 290 -41.53 -14.19 -44.19
CA ALA Z 290 -41.92 -13.05 -45.01
C ALA Z 290 -41.49 -13.31 -46.45
N VAL Z 291 -42.45 -13.66 -47.31
CA VAL Z 291 -42.19 -13.81 -48.73
C VAL Z 291 -42.06 -12.40 -49.32
N GLU Z 292 -40.84 -11.96 -49.53
CA GLU Z 292 -40.59 -10.62 -50.03
C GLU Z 292 -40.40 -10.64 -51.54
N ASP Z 293 -40.35 -9.44 -52.12
CA ASP Z 293 -40.09 -9.19 -53.55
C ASP Z 293 -41.14 -9.87 -54.42
N LEU Z 294 -42.40 -9.64 -54.11
CA LEU Z 294 -43.44 -10.14 -54.97
C LEU Z 294 -43.62 -9.23 -56.17
N PRO Z 295 -44.09 -9.76 -57.30
CA PRO Z 295 -44.43 -8.90 -58.43
C PRO Z 295 -45.69 -8.10 -58.17
N VAL Z 296 -45.65 -6.83 -58.55
CA VAL Z 296 -46.82 -5.95 -58.46
C VAL Z 296 -47.13 -5.41 -59.84
N HIS Z 297 -48.40 -5.05 -60.04
CA HIS Z 297 -48.87 -4.54 -61.32
C HIS Z 297 -49.80 -3.37 -61.04
N VAL Z 298 -49.26 -2.16 -61.13
CA VAL Z 298 -50.03 -0.94 -60.90
C VAL Z 298 -50.86 -0.67 -62.14
N PHE Z 299 -52.17 -0.77 -62.01
CA PHE Z 299 -53.08 -0.48 -63.11
C PHE Z 299 -54.10 0.55 -62.66
N GLU Z 300 -54.90 1.02 -63.61
CA GLU Z 300 -55.91 2.03 -63.34
C GLU Z 300 -57.22 1.37 -62.94
N SER Z 301 -57.70 1.69 -61.76
CA SER Z 301 -58.99 1.23 -61.29
C SER Z 301 -60.08 2.19 -61.76
N MET Z 302 -61.27 2.10 -61.15
CA MET Z 302 -62.38 3.00 -61.46
C MET Z 302 -62.11 4.37 -60.85
N GLY Z 303 -61.20 5.10 -61.48
CA GLY Z 303 -60.84 6.44 -61.06
C GLY Z 303 -59.49 6.56 -60.39
N ALA Z 304 -59.16 5.60 -59.52
CA ALA Z 304 -57.95 5.66 -58.72
C ALA Z 304 -56.82 4.86 -59.37
N LEU Z 305 -55.64 4.95 -58.76
CA LEU Z 305 -54.46 4.22 -59.19
C LEU Z 305 -54.14 3.21 -58.10
N GLN Z 306 -54.51 1.95 -58.30
CA GLN Z 306 -54.28 0.91 -57.33
C GLN Z 306 -53.28 -0.10 -57.88
N SER Z 307 -52.97 -1.10 -57.07
CA SER Z 307 -52.06 -2.17 -57.44
C SER Z 307 -52.79 -3.50 -57.38
N LYS Z 308 -52.47 -4.38 -58.33
CA LYS Z 308 -53.00 -5.74 -58.29
C LYS Z 308 -52.37 -6.49 -57.13
N ILE Z 309 -53.21 -7.14 -56.33
CA ILE Z 309 -52.73 -7.83 -55.13
C ILE Z 309 -51.95 -9.08 -55.54
N PRO Z 310 -50.71 -9.24 -55.07
CA PRO Z 310 -49.90 -10.37 -55.54
C PRO Z 310 -50.38 -11.73 -55.05
N THR Z 311 -51.10 -11.80 -53.94
CA THR Z 311 -51.92 -12.97 -53.65
C THR Z 311 -53.35 -12.61 -53.98
N GLU Z 312 -54.14 -13.59 -54.42
CA GLU Z 312 -55.40 -13.28 -55.09
C GLU Z 312 -56.48 -12.78 -54.14
N VAL Z 313 -56.33 -12.98 -52.84
CA VAL Z 313 -57.24 -12.40 -51.87
C VAL Z 313 -56.41 -11.70 -50.80
N LEU Z 314 -57.05 -10.75 -50.13
CA LEU Z 314 -56.47 -10.12 -48.94
C LEU Z 314 -57.00 -10.89 -47.74
N ILE Z 315 -56.16 -11.76 -47.20
CA ILE Z 315 -56.55 -12.57 -46.05
C ILE Z 315 -56.50 -11.70 -44.81
N THR Z 316 -57.64 -11.59 -44.13
CA THR Z 316 -57.70 -10.83 -42.90
C THR Z 316 -57.05 -11.62 -41.77
N ASP Z 317 -56.98 -11.00 -40.60
CA ASP Z 317 -56.37 -11.69 -39.47
C ASP Z 317 -57.30 -12.73 -38.86
N ARG Z 318 -58.61 -12.48 -38.91
CA ARG Z 318 -59.55 -13.47 -38.40
C ARG Z 318 -59.70 -14.63 -39.36
N LYS Z 319 -59.65 -14.35 -40.67
CA LYS Z 319 -59.71 -15.42 -41.66
C LYS Z 319 -58.47 -16.29 -41.60
N GLU Z 320 -57.32 -15.69 -41.30
CA GLU Z 320 -56.09 -16.48 -41.22
C GLU Z 320 -56.05 -17.30 -39.94
N PHE Z 321 -56.57 -16.75 -38.84
CA PHE Z 321 -56.64 -17.52 -37.62
C PHE Z 321 -57.66 -18.65 -37.73
N GLU Z 322 -58.71 -18.46 -38.52
CA GLU Z 322 -59.65 -19.56 -38.73
C GLU Z 322 -59.09 -20.60 -39.68
N LEU Z 323 -58.21 -20.21 -40.60
CA LEU Z 323 -57.46 -21.17 -41.38
C LEU Z 323 -56.36 -21.85 -40.55
N ALA Z 324 -55.85 -21.16 -39.53
CA ALA Z 324 -54.81 -21.76 -38.71
C ALA Z 324 -55.36 -22.85 -37.82
N GLU Z 325 -56.58 -22.68 -37.33
CA GLU Z 325 -57.20 -23.71 -36.51
C GLU Z 325 -57.63 -24.90 -37.36
N GLU Z 326 -57.97 -24.67 -38.62
CA GLU Z 326 -58.42 -25.72 -39.51
C GLU Z 326 -57.31 -26.31 -40.37
N GLY Z 327 -56.06 -26.06 -40.02
CA GLY Z 327 -54.94 -26.72 -40.66
C GLY Z 327 -54.60 -26.21 -42.05
N PHE Z 328 -54.20 -24.94 -42.14
CA PHE Z 328 -53.80 -24.36 -43.40
C PHE Z 328 -52.67 -23.37 -43.17
N ILE Z 329 -51.75 -23.31 -44.12
CA ILE Z 329 -50.64 -22.37 -44.06
C ILE Z 329 -51.00 -21.22 -44.99
N ALA Z 330 -51.66 -20.21 -44.44
CA ALA Z 330 -52.14 -19.10 -45.25
C ALA Z 330 -51.08 -18.02 -45.35
N LEU Z 331 -51.18 -17.22 -46.43
CA LEU Z 331 -50.23 -16.16 -46.72
C LEU Z 331 -50.97 -14.84 -46.79
N THR Z 332 -50.97 -14.10 -45.70
CA THR Z 332 -51.51 -12.75 -45.73
C THR Z 332 -50.55 -11.82 -46.46
N MET Z 333 -51.10 -10.89 -47.22
CA MET Z 333 -50.31 -10.02 -48.06
C MET Z 333 -50.27 -8.64 -47.43
N ARG Z 334 -49.10 -8.01 -47.45
CA ARG Z 334 -48.94 -6.68 -46.87
C ARG Z 334 -49.57 -5.67 -47.81
N LYS Z 335 -50.81 -5.28 -47.48
CA LYS Z 335 -51.67 -4.51 -48.38
C LYS Z 335 -51.08 -3.16 -48.74
N GLY Z 336 -50.67 -3.02 -49.99
CA GLY Z 336 -50.08 -1.79 -50.47
C GLY Z 336 -48.62 -1.88 -50.84
N SER Z 337 -48.03 -3.07 -50.80
CA SER Z 337 -46.63 -3.22 -51.13
C SER Z 337 -46.42 -4.59 -51.77
N ASP Z 338 -45.16 -4.99 -51.88
CA ASP Z 338 -44.77 -6.21 -52.56
C ASP Z 338 -44.25 -7.26 -51.57
N ASN Z 339 -44.85 -7.31 -50.38
CA ASN Z 339 -44.43 -8.25 -49.36
C ASN Z 339 -45.62 -9.08 -48.91
N ALA Z 340 -45.34 -10.17 -48.23
CA ALA Z 340 -46.36 -11.02 -47.66
C ALA Z 340 -45.77 -11.65 -46.41
N ALA Z 341 -46.56 -12.50 -45.74
CA ALA Z 341 -46.10 -13.08 -44.49
C ALA Z 341 -46.87 -14.34 -44.20
N PHE Z 342 -46.19 -15.33 -43.65
CA PHE Z 342 -46.83 -16.45 -42.99
C PHE Z 342 -46.90 -16.15 -41.50
N PHE Z 343 -47.89 -16.72 -40.84
CA PHE Z 343 -48.04 -16.51 -39.41
C PHE Z 343 -48.10 -17.80 -38.60
N SER Z 344 -48.49 -18.91 -39.21
CA SER Z 344 -48.61 -20.17 -38.50
C SER Z 344 -48.52 -21.28 -39.53
N ALA Z 345 -47.57 -22.19 -39.34
CA ALA Z 345 -47.32 -23.25 -40.32
C ALA Z 345 -47.97 -24.56 -39.92
N ASN Z 346 -49.15 -24.51 -39.32
CA ASN Z 346 -49.80 -25.69 -38.76
C ASN Z 346 -50.12 -26.72 -39.83
N SER Z 347 -49.75 -27.97 -39.57
CA SER Z 347 -50.11 -29.06 -40.44
C SER Z 347 -51.58 -29.40 -40.24
N ILE Z 348 -52.08 -30.29 -41.10
CA ILE Z 348 -53.52 -30.57 -41.11
C ILE Z 348 -53.98 -31.44 -39.95
N GLN Z 349 -53.08 -31.85 -39.06
CA GLN Z 349 -53.46 -32.76 -38.00
C GLN Z 349 -54.25 -32.00 -36.94
N LYS Z 350 -55.21 -32.67 -36.33
CA LYS Z 350 -56.01 -31.98 -35.32
C LYS Z 350 -55.51 -32.30 -33.93
N PRO Z 351 -55.45 -31.31 -33.05
CA PRO Z 351 -55.08 -31.57 -31.66
C PRO Z 351 -56.15 -32.38 -30.95
N LYS Z 352 -55.85 -33.63 -30.63
CA LYS Z 352 -56.85 -34.53 -30.08
C LYS Z 352 -57.14 -34.17 -28.64
N VAL Z 353 -58.43 -34.03 -28.33
CA VAL Z 353 -58.83 -33.68 -26.98
C VAL Z 353 -58.67 -34.90 -26.08
N PHE Z 354 -57.85 -34.79 -25.12
CA PHE Z 354 -57.56 -35.79 -24.12
C PHE Z 354 -58.36 -35.51 -22.85
N PRO Z 355 -58.69 -36.55 -22.06
CA PRO Z 355 -59.55 -36.32 -20.89
C PRO Z 355 -58.84 -35.53 -19.79
N ASN Z 356 -59.65 -34.98 -18.89
CA ASN Z 356 -59.17 -33.99 -17.93
C ASN Z 356 -58.50 -34.61 -16.71
N THR Z 357 -57.51 -35.47 -16.94
CA THR Z 357 -56.70 -35.98 -15.86
C THR Z 357 -55.47 -35.10 -15.70
N LYS Z 358 -54.54 -35.54 -14.85
CA LYS Z 358 -53.26 -34.84 -14.75
C LYS Z 358 -52.39 -35.10 -15.97
N GLU Z 359 -52.33 -36.35 -16.41
CA GLU Z 359 -51.59 -36.68 -17.61
C GLU Z 359 -52.32 -36.29 -18.87
N GLY Z 360 -53.64 -36.29 -18.87
CA GLY Z 360 -54.39 -35.95 -20.06
C GLY Z 360 -54.32 -34.48 -20.40
N LYS Z 361 -54.38 -33.62 -19.37
CA LYS Z 361 -54.17 -32.19 -19.59
C LYS Z 361 -52.72 -31.89 -19.96
N GLU Z 362 -51.80 -32.78 -19.57
CA GLU Z 362 -50.41 -32.62 -19.97
C GLU Z 362 -50.18 -33.10 -21.39
N ALA Z 363 -50.62 -34.33 -21.69
CA ALA Z 363 -50.35 -34.91 -23.01
C ALA Z 363 -51.11 -34.22 -24.12
N GLU Z 364 -52.18 -33.49 -23.80
CA GLU Z 364 -52.84 -32.67 -24.80
C GLU Z 364 -51.93 -31.55 -25.29
N THR Z 365 -51.19 -30.94 -24.36
CA THR Z 365 -50.23 -29.92 -24.75
C THR Z 365 -49.00 -30.56 -25.37
N ASN Z 366 -48.74 -31.83 -25.04
CA ASN Z 366 -47.65 -32.54 -25.69
C ASN Z 366 -47.99 -32.91 -27.12
N TYR Z 367 -49.20 -33.40 -27.34
CA TYR Z 367 -49.63 -33.77 -28.69
C TYR Z 367 -49.86 -32.54 -29.56
N LYS Z 368 -50.13 -31.39 -28.95
CA LYS Z 368 -50.32 -30.17 -29.71
C LYS Z 368 -49.03 -29.71 -30.37
N LEU Z 369 -47.88 -29.98 -29.74
CA LEU Z 369 -46.61 -29.57 -30.32
C LEU Z 369 -46.23 -30.40 -31.52
N GLY Z 370 -46.81 -31.59 -31.68
CA GLY Z 370 -46.50 -32.39 -32.84
C GLY Z 370 -47.09 -31.82 -34.13
N THR Z 371 -48.26 -31.22 -34.04
CA THR Z 371 -49.00 -30.85 -35.24
C THR Z 371 -48.51 -29.57 -35.89
N GLN Z 372 -47.66 -28.79 -35.22
CA GLN Z 372 -47.55 -27.39 -35.61
C GLN Z 372 -46.62 -27.16 -36.78
N LEU Z 373 -45.64 -28.03 -37.00
CA LEU Z 373 -44.69 -28.04 -38.12
C LEU Z 373 -43.85 -26.77 -38.27
N PRO Z 374 -43.31 -26.19 -37.20
CA PRO Z 374 -41.90 -25.88 -37.35
C PRO Z 374 -41.12 -26.87 -36.52
N TYR Z 375 -41.82 -27.52 -35.60
CA TYR Z 375 -41.19 -28.40 -34.65
C TYR Z 375 -40.94 -29.79 -35.22
N MET Z 376 -41.71 -30.19 -36.23
CA MET Z 376 -41.33 -31.39 -36.95
C MET Z 376 -40.00 -31.20 -37.67
N MET Z 377 -39.75 -30.00 -38.18
CA MET Z 377 -38.56 -29.81 -38.98
C MET Z 377 -37.31 -29.70 -38.11
N ILE Z 378 -37.44 -29.54 -36.79
CA ILE Z 378 -36.26 -29.67 -35.93
C ILE Z 378 -36.10 -31.08 -35.40
N ILE Z 379 -37.02 -31.99 -35.70
CA ILE Z 379 -36.81 -33.40 -35.39
C ILE Z 379 -36.78 -34.28 -36.65
N ASN Z 380 -37.25 -33.78 -37.78
CA ASN Z 380 -36.94 -34.46 -39.02
C ASN Z 380 -35.43 -34.41 -39.28
N ARG Z 381 -34.80 -33.29 -38.96
CA ARG Z 381 -33.34 -33.23 -38.99
C ARG Z 381 -32.73 -34.11 -37.93
N LEU Z 382 -33.42 -34.32 -36.81
CA LEU Z 382 -32.98 -35.32 -35.85
C LEU Z 382 -33.47 -36.71 -36.21
N ALA Z 383 -33.95 -36.90 -37.43
CA ALA Z 383 -34.05 -38.24 -38.00
C ALA Z 383 -33.16 -38.38 -39.22
N HIS Z 384 -32.71 -37.27 -39.79
CA HIS Z 384 -31.83 -37.40 -40.93
C HIS Z 384 -30.36 -37.40 -40.51
N TYR Z 385 -30.00 -36.58 -39.50
CA TYR Z 385 -28.63 -36.67 -38.99
C TYR Z 385 -28.38 -38.01 -38.32
N VAL Z 386 -29.34 -38.49 -37.54
CA VAL Z 386 -29.03 -39.61 -36.66
C VAL Z 386 -29.09 -40.92 -37.44
N LYS Z 387 -29.84 -40.94 -38.53
CA LYS Z 387 -29.80 -42.06 -39.46
C LYS Z 387 -28.45 -42.14 -40.16
N VAL Z 388 -27.91 -40.99 -40.55
CA VAL Z 388 -26.62 -40.97 -41.22
C VAL Z 388 -25.49 -41.23 -40.24
N LEU Z 389 -25.58 -40.67 -39.03
CA LEU Z 389 -24.47 -40.72 -38.09
C LEU Z 389 -24.30 -42.12 -37.51
N GLN Z 390 -25.41 -42.81 -37.28
CA GLN Z 390 -25.37 -44.19 -36.81
C GLN Z 390 -25.43 -45.20 -37.94
N ARG Z 391 -25.17 -44.77 -39.17
CA ARG Z 391 -24.97 -45.70 -40.26
C ARG Z 391 -23.49 -46.02 -40.46
N GLU Z 392 -22.64 -45.01 -40.27
CA GLU Z 392 -21.20 -45.22 -40.34
C GLU Z 392 -20.70 -46.14 -39.24
N GLN Z 393 -21.41 -46.19 -38.12
CA GLN Z 393 -20.90 -46.87 -36.94
C GLN Z 393 -21.08 -48.38 -37.00
N ILE Z 394 -21.82 -48.92 -37.96
CA ILE Z 394 -22.13 -50.36 -37.99
C ILE Z 394 -20.86 -51.16 -38.22
N GLY Z 395 -20.56 -52.08 -37.30
CA GLY Z 395 -19.33 -52.81 -37.35
C GLY Z 395 -18.26 -52.34 -36.39
N ALA Z 396 -18.54 -51.34 -35.56
CA ALA Z 396 -17.54 -50.81 -34.66
C ALA Z 396 -17.40 -51.70 -33.43
N TRP Z 397 -16.67 -51.20 -32.46
CA TRP Z 397 -16.52 -51.85 -31.17
C TRP Z 397 -17.10 -50.91 -30.13
N LYS Z 398 -18.36 -51.11 -29.77
CA LYS Z 398 -19.09 -50.10 -29.02
C LYS Z 398 -19.65 -50.80 -27.79
N GLU Z 399 -20.33 -50.05 -26.95
CA GLU Z 399 -21.08 -50.59 -25.82
C GLU Z 399 -22.37 -49.82 -25.69
N ARG Z 400 -23.22 -50.25 -24.76
CA ARG Z 400 -24.40 -49.47 -24.43
C ARG Z 400 -24.01 -48.16 -23.77
N GLN Z 401 -23.01 -48.20 -22.87
CA GLN Z 401 -22.48 -46.98 -22.29
C GLN Z 401 -21.78 -46.13 -23.34
N ASP Z 402 -21.19 -46.75 -24.35
CA ASP Z 402 -20.60 -45.99 -25.44
C ASP Z 402 -21.68 -45.47 -26.38
N LEU Z 403 -22.80 -46.17 -26.48
CA LEU Z 403 -23.90 -45.68 -27.30
C LEU Z 403 -24.58 -44.49 -26.64
N GLU Z 404 -24.70 -44.50 -25.30
CA GLU Z 404 -25.26 -43.36 -24.58
C GLU Z 404 -24.41 -42.12 -24.74
N ARG Z 405 -23.10 -42.29 -24.87
CA ARG Z 405 -22.17 -41.17 -24.88
C ARG Z 405 -21.98 -40.57 -26.27
N GLU Z 406 -21.97 -41.39 -27.31
CA GLU Z 406 -21.86 -40.87 -28.66
C GLU Z 406 -23.11 -40.13 -29.12
N LEU Z 407 -24.22 -40.25 -28.40
CA LEU Z 407 -25.40 -39.47 -28.67
C LEU Z 407 -25.58 -38.28 -27.74
N ASN Z 408 -25.25 -38.44 -26.45
CA ASN Z 408 -25.41 -37.33 -25.53
C ASN Z 408 -24.37 -36.24 -25.77
N SER Z 409 -23.13 -36.62 -26.07
CA SER Z 409 -22.14 -35.62 -26.43
C SER Z 409 -22.35 -35.08 -27.82
N TRP Z 410 -23.20 -35.71 -28.62
CA TRP Z 410 -23.53 -35.19 -29.94
C TRP Z 410 -24.66 -34.18 -29.93
N ILE Z 411 -25.78 -34.48 -29.28
CA ILE Z 411 -26.92 -33.58 -29.38
C ILE Z 411 -26.79 -32.41 -28.42
N LYS Z 412 -25.86 -32.44 -27.48
CA LYS Z 412 -25.68 -31.30 -26.60
C LYS Z 412 -24.79 -30.23 -27.20
N GLN Z 413 -24.59 -30.24 -28.52
CA GLN Z 413 -24.22 -29.03 -29.24
C GLN Z 413 -25.41 -28.41 -29.94
N TYR Z 414 -26.58 -29.04 -29.84
CA TYR Z 414 -27.83 -28.48 -30.33
C TYR Z 414 -28.73 -28.02 -29.20
N VAL Z 415 -28.32 -28.22 -27.96
CA VAL Z 415 -29.14 -27.95 -26.79
C VAL Z 415 -28.56 -26.74 -26.09
N ALA Z 416 -29.37 -25.71 -25.90
CA ALA Z 416 -29.00 -24.54 -25.10
C ALA Z 416 -30.02 -24.43 -23.98
N ASP Z 417 -29.79 -25.18 -22.91
CA ASP Z 417 -30.73 -25.26 -21.79
C ASP Z 417 -30.60 -23.99 -20.98
N GLN Z 418 -31.32 -22.96 -21.42
CA GLN Z 418 -31.09 -21.62 -20.92
C GLN Z 418 -32.37 -20.84 -21.12
N GLU Z 419 -32.74 -20.03 -20.14
CA GLU Z 419 -34.05 -19.40 -20.15
C GLU Z 419 -34.12 -18.28 -21.18
N ASN Z 420 -33.07 -17.48 -21.29
CA ASN Z 420 -33.03 -16.39 -22.26
C ASN Z 420 -31.65 -16.30 -22.88
N PRO Z 421 -31.34 -17.16 -23.85
CA PRO Z 421 -30.11 -17.00 -24.61
C PRO Z 421 -30.29 -15.93 -25.67
N PRO Z 422 -29.21 -15.45 -26.29
CA PRO Z 422 -29.36 -14.48 -27.38
C PRO Z 422 -30.07 -15.07 -28.59
N ALA Z 423 -30.42 -14.19 -29.52
CA ALA Z 423 -31.24 -14.55 -30.67
C ALA Z 423 -30.51 -15.44 -31.67
N ASP Z 424 -29.19 -15.57 -31.57
CA ASP Z 424 -28.46 -16.49 -32.42
C ASP Z 424 -28.29 -17.86 -31.78
N VAL Z 425 -28.23 -17.92 -30.45
CA VAL Z 425 -28.09 -19.19 -29.76
C VAL Z 425 -29.41 -19.96 -29.81
N ARG Z 426 -30.53 -19.25 -29.94
CA ARG Z 426 -31.83 -19.90 -30.00
C ARG Z 426 -32.03 -20.64 -31.31
N SER Z 427 -31.48 -20.13 -32.41
CA SER Z 427 -31.74 -20.72 -33.70
C SER Z 427 -30.62 -21.61 -34.21
N ARG Z 428 -29.38 -21.37 -33.81
CA ARG Z 428 -28.33 -22.35 -34.06
C ARG Z 428 -28.52 -23.59 -33.22
N ARG Z 429 -29.06 -23.44 -32.01
CA ARG Z 429 -29.34 -24.55 -31.10
C ARG Z 429 -30.84 -24.55 -30.83
N PRO Z 430 -31.64 -25.14 -31.73
CA PRO Z 430 -33.09 -24.99 -31.63
C PRO Z 430 -33.71 -25.80 -30.53
N LEU Z 431 -33.04 -26.82 -30.02
CA LEU Z 431 -33.57 -27.59 -28.92
C LEU Z 431 -33.35 -26.84 -27.62
N ARG Z 432 -33.96 -27.34 -26.56
CA ARG Z 432 -33.81 -26.78 -25.24
C ARG Z 432 -33.41 -27.81 -24.20
N ALA Z 433 -33.92 -29.03 -24.31
CA ALA Z 433 -33.46 -30.13 -23.47
C ALA Z 433 -33.68 -31.44 -24.21
N ALA Z 434 -32.82 -32.41 -23.94
CA ALA Z 434 -32.88 -33.67 -24.67
C ALA Z 434 -32.51 -34.82 -23.73
N ARG Z 435 -33.37 -35.82 -23.67
CA ARG Z 435 -33.17 -36.99 -22.82
C ARG Z 435 -32.94 -38.19 -23.71
N ILE Z 436 -31.91 -38.98 -23.41
CA ILE Z 436 -31.60 -40.19 -24.17
C ILE Z 436 -31.48 -41.35 -23.20
N GLU Z 437 -32.35 -42.34 -23.35
CA GLU Z 437 -32.39 -43.49 -22.46
C GLU Z 437 -32.19 -44.74 -23.30
N VAL Z 438 -30.97 -45.25 -23.33
CA VAL Z 438 -30.65 -46.42 -24.12
C VAL Z 438 -30.97 -47.67 -23.31
N MET Z 439 -31.73 -48.57 -23.89
CA MET Z 439 -32.10 -49.83 -23.27
C MET Z 439 -31.57 -50.97 -24.13
N ASP Z 440 -31.91 -52.20 -23.79
CA ASP Z 440 -31.45 -53.36 -24.52
C ASP Z 440 -32.63 -54.07 -25.18
N VAL Z 441 -32.31 -55.11 -25.94
CA VAL Z 441 -33.29 -56.07 -26.41
C VAL Z 441 -32.80 -57.46 -26.01
N GLU Z 442 -33.58 -58.14 -25.18
CA GLU Z 442 -33.20 -59.47 -24.75
C GLU Z 442 -33.57 -60.49 -25.82
N GLY Z 443 -32.99 -61.69 -25.70
CA GLY Z 443 -33.19 -62.71 -26.70
C GLY Z 443 -32.13 -62.66 -27.78
N ASN Z 444 -32.11 -61.56 -28.53
CA ASN Z 444 -31.02 -61.26 -29.46
C ASN Z 444 -30.25 -60.09 -28.87
N PRO Z 445 -29.16 -60.34 -28.17
CA PRO Z 445 -28.50 -59.26 -27.45
C PRO Z 445 -27.68 -58.37 -28.37
N GLY Z 446 -27.74 -57.06 -28.10
CA GLY Z 446 -27.08 -56.08 -28.92
C GLY Z 446 -28.00 -55.37 -29.90
N TRP Z 447 -29.16 -54.94 -29.41
CA TRP Z 447 -30.14 -54.22 -30.20
C TRP Z 447 -30.76 -53.23 -29.23
N TYR Z 448 -30.78 -51.95 -29.59
CA TYR Z 448 -30.83 -50.88 -28.60
C TYR Z 448 -32.01 -49.95 -28.78
N GLN Z 449 -32.97 -50.03 -27.88
CA GLN Z 449 -34.17 -49.22 -27.97
C GLN Z 449 -33.92 -47.93 -27.21
N VAL Z 450 -33.40 -46.92 -27.88
CA VAL Z 450 -33.05 -45.68 -27.19
C VAL Z 450 -34.21 -44.73 -27.39
N SER Z 451 -34.37 -43.77 -26.50
CA SER Z 451 -35.52 -42.86 -26.58
C SER Z 451 -35.07 -41.42 -26.52
N LEU Z 452 -34.72 -40.85 -27.67
CA LEU Z 452 -34.36 -39.44 -27.74
C LEU Z 452 -35.57 -38.57 -27.58
N SER Z 453 -35.58 -37.74 -26.54
CA SER Z 453 -36.73 -36.94 -26.14
C SER Z 453 -36.36 -35.47 -26.12
N VAL Z 454 -36.43 -34.83 -27.28
CA VAL Z 454 -36.02 -33.43 -27.40
C VAL Z 454 -37.14 -32.50 -26.97
N ARG Z 455 -36.84 -31.22 -26.85
CA ARG Z 455 -37.79 -30.24 -26.40
C ARG Z 455 -37.40 -28.89 -26.99
N PRO Z 456 -38.32 -28.17 -27.59
CA PRO Z 456 -37.94 -26.96 -28.33
C PRO Z 456 -38.13 -25.69 -27.53
N HIS Z 457 -37.71 -24.56 -28.09
CA HIS Z 457 -38.11 -23.28 -27.56
C HIS Z 457 -39.47 -22.89 -28.11
N PHE Z 458 -40.05 -21.83 -27.55
CA PHE Z 458 -41.44 -21.46 -27.82
C PHE Z 458 -41.51 -20.03 -28.33
N LYS Z 459 -42.18 -19.86 -29.47
CA LYS Z 459 -42.28 -18.60 -30.18
C LYS Z 459 -43.42 -17.74 -29.62
N TYR Z 460 -43.79 -16.70 -30.36
CA TYR Z 460 -44.64 -15.61 -29.91
C TYR Z 460 -45.94 -15.63 -30.70
N MET Z 461 -47.06 -15.86 -30.03
CA MET Z 461 -48.35 -15.94 -30.73
C MET Z 461 -49.50 -15.54 -29.81
N GLY Z 462 -50.06 -14.36 -30.05
CA GLY Z 462 -51.23 -13.88 -29.34
C GLY Z 462 -51.04 -13.34 -27.93
N ALA Z 463 -51.77 -12.28 -27.58
CA ALA Z 463 -51.78 -11.70 -26.25
C ALA Z 463 -53.14 -11.05 -26.03
N ASN Z 464 -53.25 -10.16 -25.02
CA ASN Z 464 -54.58 -9.59 -24.81
C ASN Z 464 -54.65 -8.07 -24.75
N PHE Z 465 -53.73 -7.40 -24.04
CA PHE Z 465 -53.58 -5.93 -24.03
C PHE Z 465 -54.87 -5.21 -23.58
N GLU Z 466 -55.28 -5.50 -22.35
CA GLU Z 466 -56.58 -5.03 -21.84
C GLU Z 466 -56.47 -3.63 -21.27
N LEU Z 467 -56.60 -2.62 -22.12
CA LEU Z 467 -56.38 -1.22 -21.76
C LEU Z 467 -57.42 -0.70 -20.78
N SER Z 468 -57.07 0.41 -20.14
CA SER Z 468 -57.85 1.11 -19.11
C SER Z 468 -57.15 2.43 -18.87
N LEU Z 469 -57.77 3.30 -18.08
CA LEU Z 469 -56.99 4.38 -17.49
C LEU Z 469 -57.06 4.31 -15.97
N VAL Z 470 -55.96 4.72 -15.33
CA VAL Z 470 -55.88 4.76 -13.89
C VAL Z 470 -56.17 6.17 -13.36
N GLY Z 471 -55.61 7.19 -14.00
CA GLY Z 471 -55.86 8.56 -13.63
C GLY Z 471 -54.79 9.19 -12.76
N ARG Z 472 -54.29 8.45 -11.77
CA ARG Z 472 -53.21 8.92 -10.91
C ARG Z 472 -51.88 8.25 -11.21
N LEU Z 473 -51.87 6.93 -11.35
CA LEU Z 473 -50.63 6.20 -11.59
C LEU Z 473 -50.29 6.20 -13.07
N PRO AA 1 -17.47 -27.53 8.72
CA PRO AA 1 -18.72 -26.81 8.48
C PRO AA 1 -19.52 -27.44 7.36
N THR AA 2 -20.84 -27.28 7.40
CA THR AA 2 -21.65 -27.91 6.39
C THR AA 2 -21.90 -26.95 5.24
N PRO AA 3 -21.91 -27.44 4.00
CA PRO AA 3 -22.13 -26.55 2.87
C PRO AA 3 -23.55 -26.02 2.82
N CYS AA 4 -23.68 -24.82 2.28
CA CYS AA 4 -24.94 -24.12 2.18
C CYS AA 4 -25.54 -24.35 0.79
N TYR AA 5 -26.60 -23.63 0.47
CA TYR AA 5 -27.23 -23.76 -0.84
C TYR AA 5 -27.75 -22.40 -1.27
N ILE AA 6 -27.58 -22.06 -2.53
CA ILE AA 6 -27.99 -20.77 -3.06
C ILE AA 6 -28.86 -20.96 -4.28
N SER AA 7 -30.01 -20.29 -4.30
CA SER AA 7 -30.92 -20.30 -5.44
C SER AA 7 -31.02 -18.89 -6.00
N ILE AA 8 -30.48 -18.68 -7.19
CA ILE AA 8 -30.42 -17.37 -7.82
C ILE AA 8 -31.52 -17.28 -8.86
N GLU AA 9 -32.28 -16.19 -8.86
CA GLU AA 9 -33.26 -15.93 -9.90
C GLU AA 9 -32.97 -14.59 -10.56
N GLY AA 10 -32.74 -14.59 -11.87
CA GLY AA 10 -32.35 -13.38 -12.57
C GLY AA 10 -33.54 -12.56 -13.01
N GLN AA 11 -33.24 -11.39 -13.57
CA GLN AA 11 -34.28 -10.59 -14.21
C GLN AA 11 -34.77 -11.26 -15.48
N THR AA 12 -33.88 -11.45 -16.45
CA THR AA 12 -34.27 -11.98 -17.74
C THR AA 12 -33.98 -13.45 -17.92
N GLN AA 13 -33.06 -14.02 -17.14
CA GLN AA 13 -32.64 -15.40 -17.34
C GLN AA 13 -33.39 -16.37 -16.45
N GLY AA 14 -34.51 -15.95 -15.88
CA GLY AA 14 -35.33 -16.87 -15.12
C GLY AA 14 -34.66 -17.33 -13.86
N LEU AA 15 -34.88 -18.59 -13.50
CA LEU AA 15 -34.18 -19.20 -12.39
C LEU AA 15 -32.83 -19.67 -12.91
N ILE AA 16 -31.75 -19.01 -12.47
CA ILE AA 16 -30.43 -19.28 -13.02
C ILE AA 16 -29.94 -20.65 -12.56
N THR AA 17 -30.10 -20.96 -11.30
CA THR AA 17 -29.57 -22.22 -10.82
C THR AA 17 -30.51 -23.38 -11.01
N ALA AA 18 -31.48 -23.29 -11.91
CA ALA AA 18 -32.41 -24.40 -12.14
C ALA AA 18 -31.67 -25.50 -12.87
N GLY AA 19 -31.26 -26.52 -12.12
CA GLY AA 19 -30.49 -27.59 -12.69
C GLY AA 19 -29.01 -27.56 -12.38
N ALA AA 20 -28.58 -26.73 -11.43
CA ALA AA 20 -27.17 -26.62 -11.13
C ALA AA 20 -26.70 -27.69 -10.16
N CYS AA 21 -27.55 -28.63 -9.79
CA CYS AA 21 -27.16 -29.86 -9.10
C CYS AA 21 -27.86 -31.05 -9.73
N THR AA 22 -27.73 -31.18 -11.04
CA THR AA 22 -28.10 -32.39 -11.72
C THR AA 22 -26.86 -33.24 -11.96
N ALA AA 23 -27.03 -34.34 -12.68
CA ALA AA 23 -25.89 -35.15 -13.05
C ALA AA 23 -25.11 -34.56 -14.20
N ASP AA 24 -25.69 -33.62 -14.93
CA ASP AA 24 -24.94 -32.99 -16.00
C ASP AA 24 -24.06 -31.85 -15.50
N SER AA 25 -24.44 -31.21 -14.40
CA SER AA 25 -23.64 -30.10 -13.90
C SER AA 25 -22.37 -30.58 -13.22
N ILE AA 26 -22.51 -31.35 -12.15
CA ILE AA 26 -21.38 -31.66 -11.29
C ILE AA 26 -21.14 -33.15 -11.15
N GLY AA 27 -21.56 -33.94 -12.13
CA GLY AA 27 -21.23 -35.35 -12.12
C GLY AA 27 -22.01 -36.16 -11.10
N ASP AA 28 -21.31 -36.82 -10.19
CA ASP AA 28 -21.95 -37.67 -9.20
C ASP AA 28 -22.07 -37.03 -7.84
N SER AA 29 -21.70 -35.77 -7.71
CA SER AA 29 -21.82 -35.08 -6.43
C SER AA 29 -23.07 -34.23 -6.35
N PHE AA 30 -24.10 -34.59 -7.11
CA PHE AA 30 -25.33 -33.83 -7.00
C PHE AA 30 -26.20 -34.43 -5.92
N VAL AA 31 -27.14 -33.64 -5.43
CA VAL AA 31 -27.98 -34.02 -4.31
C VAL AA 31 -29.43 -33.96 -4.77
N GLU AA 32 -30.18 -35.03 -4.53
CA GLU AA 32 -31.61 -35.01 -4.82
C GLU AA 32 -32.32 -34.07 -3.88
N GLY AA 33 -33.37 -33.42 -4.38
CA GLY AA 33 -34.12 -32.44 -3.63
C GLY AA 33 -33.57 -31.03 -3.70
N HIS AA 34 -32.31 -30.87 -4.07
CA HIS AA 34 -31.69 -29.58 -4.23
C HIS AA 34 -31.36 -29.34 -5.68
N GLU AA 35 -32.30 -29.68 -6.55
CA GLU AA 35 -32.05 -29.62 -7.98
C GLU AA 35 -31.96 -28.19 -8.50
N ASP AA 36 -32.44 -27.22 -7.74
CA ASP AA 36 -32.45 -25.84 -8.20
C ASP AA 36 -31.45 -24.97 -7.47
N GLU AA 37 -30.54 -25.56 -6.71
CA GLU AA 37 -29.73 -24.81 -5.77
C GLU AA 37 -28.28 -25.25 -5.92
N MET AA 38 -27.38 -24.30 -6.11
CA MET AA 38 -25.96 -24.63 -6.17
C MET AA 38 -25.46 -25.07 -4.80
N LEU AA 39 -24.28 -25.64 -4.78
CA LEU AA 39 -23.67 -26.12 -3.54
C LEU AA 39 -22.53 -25.19 -3.18
N VAL AA 40 -22.71 -24.42 -2.11
CA VAL AA 40 -21.82 -23.32 -1.76
C VAL AA 40 -20.82 -23.79 -0.73
N GLN AA 41 -19.54 -23.63 -1.04
CA GLN AA 41 -18.50 -24.16 -0.18
C GLN AA 41 -18.05 -23.14 0.87
N GLN AA 42 -17.53 -22.01 0.42
CA GLN AA 42 -16.93 -21.00 1.29
C GLN AA 42 -17.80 -19.76 1.28
N PHE AA 43 -17.69 -18.92 2.30
CA PHE AA 43 -18.53 -17.75 2.40
C PHE AA 43 -17.77 -16.62 3.08
N ASP AA 44 -18.12 -15.38 2.73
CA ASP AA 44 -17.50 -14.18 3.29
C ASP AA 44 -18.31 -12.94 2.99
N HIS AA 45 -18.53 -12.08 3.98
CA HIS AA 45 -19.47 -10.96 3.80
C HIS AA 45 -19.25 -9.92 4.88
N VAL AA 46 -18.99 -8.68 4.47
CA VAL AA 46 -18.70 -7.58 5.40
C VAL AA 46 -19.77 -6.52 5.20
N VAL AA 47 -20.20 -5.87 6.28
CA VAL AA 47 -21.12 -4.73 6.20
C VAL AA 47 -20.54 -3.65 7.09
N THR AA 48 -19.89 -2.66 6.49
CA THR AA 48 -19.24 -1.64 7.30
C THR AA 48 -20.17 -0.46 7.56
N VAL AA 49 -19.83 0.34 8.57
CA VAL AA 49 -20.46 1.60 8.84
C VAL AA 49 -19.38 2.63 9.13
N PRO AA 50 -19.27 3.71 8.38
CA PRO AA 50 -18.24 4.71 8.66
C PRO AA 50 -18.53 5.50 9.92
N THR AA 51 -17.72 5.30 10.94
CA THR AA 51 -17.85 6.04 12.19
C THR AA 51 -16.72 7.04 12.31
N ASP AA 52 -17.01 8.18 12.91
CA ASP AA 52 -15.96 9.18 13.04
C ASP AA 52 -15.00 8.83 14.16
N PRO AA 53 -13.78 9.34 14.13
CA PRO AA 53 -12.90 9.21 15.29
C PRO AA 53 -13.37 10.12 16.41
N GLN AA 54 -12.70 9.97 17.56
CA GLN AA 54 -12.89 10.74 18.81
C GLN AA 54 -14.36 10.85 19.23
N SER AA 55 -15.15 9.83 18.91
CA SER AA 55 -16.56 9.78 19.22
C SER AA 55 -16.97 8.32 19.15
N GLY AA 56 -18.27 8.07 19.08
CA GLY AA 56 -18.72 6.73 18.80
C GLY AA 56 -19.82 6.72 17.77
N GLN AA 57 -20.25 7.89 17.33
CA GLN AA 57 -21.46 7.94 16.53
C GLN AA 57 -21.18 7.52 15.09
N PRO AA 58 -22.15 6.89 14.42
CA PRO AA 58 -21.97 6.54 13.01
C PRO AA 58 -22.06 7.78 12.14
N SER AA 59 -20.95 8.12 11.50
CA SER AA 59 -20.88 9.30 10.63
C SER AA 59 -21.17 8.90 9.19
N GLY AA 60 -22.38 8.43 8.97
CA GLY AA 60 -22.77 8.02 7.64
C GLY AA 60 -23.53 6.73 7.61
N GLN AA 61 -24.22 6.46 6.51
CA GLN AA 61 -24.99 5.23 6.41
C GLN AA 61 -24.06 4.06 6.13
N ARG AA 62 -24.61 2.86 6.26
CA ARG AA 62 -23.87 1.62 6.09
C ARG AA 62 -23.37 1.47 4.65
N VAL AA 63 -22.32 0.68 4.49
CA VAL AA 63 -21.71 0.41 3.20
C VAL AA 63 -21.59 -1.09 3.05
N HIS AA 64 -22.33 -1.67 2.11
CA HIS AA 64 -22.35 -3.11 1.96
C HIS AA 64 -21.18 -3.59 1.11
N LYS AA 65 -20.21 -4.18 1.74
CA LYS AA 65 -19.19 -4.93 1.03
C LYS AA 65 -19.81 -6.24 0.53
N PRO AA 66 -19.30 -6.84 -0.54
CA PRO AA 66 -20.07 -7.88 -1.22
C PRO AA 66 -20.02 -9.24 -0.53
N PHE AA 67 -21.06 -10.04 -0.80
CA PHE AA 67 -21.04 -11.49 -0.71
C PHE AA 67 -19.80 -12.07 -1.38
N LYS AA 68 -19.33 -13.21 -0.87
CA LYS AA 68 -18.33 -14.00 -1.59
C LYS AA 68 -18.62 -15.46 -1.32
N PHE AA 69 -19.38 -16.10 -2.19
CA PHE AA 69 -19.67 -17.52 -2.05
C PHE AA 69 -18.99 -18.30 -3.17
N THR AA 70 -18.52 -19.50 -2.86
CA THR AA 70 -17.70 -20.29 -3.77
C THR AA 70 -18.41 -21.56 -4.18
N VAL AA 71 -18.62 -21.74 -5.48
CA VAL AA 71 -19.18 -22.97 -6.02
C VAL AA 71 -18.21 -23.53 -7.04
N ALA AA 72 -18.43 -24.79 -7.42
CA ALA AA 72 -17.60 -25.39 -8.45
C ALA AA 72 -18.12 -24.98 -9.81
N LEU AA 73 -17.41 -25.37 -10.87
CA LEU AA 73 -17.90 -25.13 -12.22
C LEU AA 73 -19.08 -26.03 -12.52
N ASN AA 74 -20.20 -25.43 -12.88
CA ASN AA 74 -21.40 -26.19 -13.16
C ASN AA 74 -22.23 -25.44 -14.19
N LYS AA 75 -23.50 -25.80 -14.29
CA LYS AA 75 -24.38 -25.28 -15.32
C LYS AA 75 -24.64 -23.80 -15.16
N ALA AA 76 -24.75 -23.33 -13.92
CA ALA AA 76 -25.12 -21.95 -13.68
C ALA AA 76 -23.97 -20.97 -13.85
N VAL AA 77 -22.74 -21.43 -13.99
CA VAL AA 77 -21.60 -20.52 -14.10
C VAL AA 77 -21.55 -19.77 -15.44
N PRO AA 78 -21.84 -20.37 -16.61
CA PRO AA 78 -22.00 -19.51 -17.80
C PRO AA 78 -23.22 -18.61 -17.73
N LEU AA 79 -24.22 -18.96 -16.94
CA LEU AA 79 -25.34 -18.04 -16.76
C LEU AA 79 -24.98 -16.89 -15.84
N LEU AA 80 -24.08 -17.11 -14.89
CA LEU AA 80 -23.64 -16.03 -14.02
C LEU AA 80 -22.58 -15.16 -14.67
N TYR AA 81 -22.01 -15.55 -15.80
CA TYR AA 81 -21.15 -14.64 -16.53
C TYR AA 81 -21.90 -13.82 -17.57
N ASN AA 82 -23.23 -13.86 -17.58
CA ASN AA 82 -23.99 -12.84 -18.27
C ASN AA 82 -24.71 -11.91 -17.34
N ALA AA 83 -25.02 -12.36 -16.12
CA ALA AA 83 -25.46 -11.42 -15.12
C ALA AA 83 -24.34 -10.49 -14.72
N LEU AA 84 -23.10 -10.94 -14.85
CA LEU AA 84 -21.94 -10.11 -14.54
C LEU AA 84 -21.65 -9.12 -15.65
N SER AA 85 -21.37 -9.62 -16.85
CA SER AA 85 -20.86 -8.78 -17.91
C SER AA 85 -21.92 -7.90 -18.55
N SER AA 86 -23.18 -8.03 -18.17
CA SER AA 86 -24.20 -7.13 -18.67
C SER AA 86 -24.91 -6.38 -17.58
N GLY AA 87 -24.51 -6.57 -16.32
CA GLY AA 87 -25.09 -5.82 -15.23
C GLY AA 87 -26.52 -6.18 -14.92
N GLU AA 88 -26.92 -7.41 -15.19
CA GLU AA 88 -28.28 -7.83 -14.93
C GLU AA 88 -28.50 -8.03 -13.44
N LYS AA 89 -29.54 -7.41 -12.92
CA LYS AA 89 -29.86 -7.62 -11.53
C LYS AA 89 -30.48 -8.99 -11.35
N LEU AA 90 -30.37 -9.53 -10.15
CA LEU AA 90 -30.91 -10.83 -9.82
C LEU AA 90 -32.02 -10.62 -8.82
N LYS AA 91 -33.20 -11.17 -9.10
CA LYS AA 91 -34.37 -10.85 -8.28
C LYS AA 91 -34.24 -11.39 -6.87
N THR AA 92 -33.62 -12.56 -6.71
CA THR AA 92 -33.43 -13.09 -5.38
C THR AA 92 -32.24 -14.03 -5.33
N VAL AA 93 -31.65 -14.14 -4.14
CA VAL AA 93 -30.58 -15.08 -3.84
C VAL AA 93 -30.87 -15.56 -2.43
N GLU AA 94 -31.20 -16.83 -2.28
CA GLU AA 94 -31.61 -17.32 -0.97
C GLU AA 94 -30.55 -18.31 -0.48
N LEU AA 95 -29.54 -17.80 0.18
CA LEU AA 95 -28.60 -18.66 0.87
C LEU AA 95 -29.29 -19.35 2.02
N LYS AA 96 -28.93 -20.61 2.27
CA LYS AA 96 -29.52 -21.38 3.35
C LYS AA 96 -28.42 -22.12 4.09
N TRP AA 97 -28.16 -21.71 5.33
CA TRP AA 97 -27.11 -22.31 6.13
C TRP AA 97 -27.63 -23.59 6.77
N TYR AA 98 -27.07 -24.72 6.41
CA TYR AA 98 -27.51 -25.95 7.05
C TYR AA 98 -26.66 -26.25 8.26
N ARG AA 99 -27.20 -27.10 9.13
CA ARG AA 99 -26.43 -27.68 10.21
C ARG AA 99 -27.09 -28.98 10.61
N THR AA 100 -26.34 -29.81 11.31
CA THR AA 100 -26.82 -31.12 11.73
C THR AA 100 -27.46 -30.99 13.10
N SER AA 101 -28.74 -31.30 13.18
CA SER AA 101 -29.48 -31.09 14.42
C SER AA 101 -29.26 -32.26 15.36
N ILE AA 102 -30.03 -32.30 16.44
CA ILE AA 102 -29.85 -33.34 17.45
C ILE AA 102 -30.43 -34.65 16.99
N GLU AA 103 -31.60 -34.62 16.35
CA GLU AA 103 -32.26 -35.84 15.89
C GLU AA 103 -31.56 -36.49 14.73
N GLY AA 104 -30.60 -35.81 14.10
CA GLY AA 104 -29.84 -36.40 13.03
C GLY AA 104 -30.22 -35.96 11.65
N LYS AA 105 -30.87 -34.82 11.51
CA LYS AA 105 -31.36 -34.38 10.22
C LYS AA 105 -30.83 -33.00 9.92
N GLN AA 106 -30.51 -32.76 8.66
CA GLN AA 106 -30.09 -31.45 8.21
C GLN AA 106 -31.25 -30.47 8.32
N GLU AA 107 -30.95 -29.23 8.67
CA GLU AA 107 -31.99 -28.21 8.70
C GLU AA 107 -31.34 -26.85 8.51
N ASN AA 108 -32.07 -25.95 7.88
CA ASN AA 108 -31.57 -24.59 7.75
C ASN AA 108 -31.87 -23.85 9.03
N PHE AA 109 -30.83 -23.44 9.71
CA PHE AA 109 -31.03 -22.66 10.92
C PHE AA 109 -30.95 -21.17 10.66
N PHE AA 110 -30.65 -20.76 9.43
CA PHE AA 110 -30.28 -19.38 9.16
C PHE AA 110 -30.35 -19.19 7.66
N THR AA 111 -31.17 -18.27 7.18
CA THR AA 111 -31.22 -17.96 5.76
C THR AA 111 -30.99 -16.48 5.56
N THR AA 112 -30.18 -16.13 4.57
CA THR AA 112 -29.93 -14.73 4.24
C THR AA 112 -30.46 -14.49 2.84
N LYS AA 113 -31.72 -14.10 2.74
CA LYS AA 113 -32.28 -13.78 1.43
C LYS AA 113 -31.72 -12.46 0.93
N LEU AA 114 -32.16 -12.07 -0.26
CA LEU AA 114 -31.49 -10.98 -0.94
C LEU AA 114 -32.43 -10.47 -2.03
N GLU AA 115 -32.60 -9.17 -2.12
CA GLU AA 115 -33.37 -8.61 -3.23
C GLU AA 115 -32.39 -8.25 -4.33
N ASN AA 116 -32.76 -7.31 -5.22
CA ASN AA 116 -32.05 -6.97 -6.46
C ASN AA 116 -30.56 -6.84 -6.28
N ALA AA 117 -29.82 -7.75 -6.90
CA ALA AA 117 -28.43 -7.99 -6.52
C ALA AA 117 -27.62 -8.26 -7.76
N SER AA 118 -26.91 -7.25 -8.25
CA SER AA 118 -26.00 -7.49 -9.36
C SER AA 118 -24.79 -8.28 -8.89
N ILE AA 119 -24.00 -8.74 -9.84
CA ILE AA 119 -22.76 -9.45 -9.53
C ILE AA 119 -21.60 -8.49 -9.73
N VAL AA 120 -20.78 -8.34 -8.71
CA VAL AA 120 -19.63 -7.44 -8.83
C VAL AA 120 -18.50 -8.12 -9.58
N ASP AA 121 -18.00 -9.23 -9.07
CA ASP AA 121 -16.97 -9.96 -9.80
C ASP AA 121 -17.06 -11.45 -9.50
N ILE AA 122 -16.45 -12.22 -10.38
CA ILE AA 122 -16.41 -13.67 -10.30
C ILE AA 122 -14.98 -14.12 -10.50
N HIS AA 123 -14.43 -14.83 -9.54
CA HIS AA 123 -13.02 -15.19 -9.51
C HIS AA 123 -12.88 -16.69 -9.75
N CYS AA 124 -12.84 -17.08 -11.02
CA CYS AA 124 -12.68 -18.48 -11.38
C CYS AA 124 -11.20 -18.85 -11.32
N GLU AA 125 -10.87 -19.86 -10.54
CA GLU AA 125 -9.51 -20.34 -10.46
C GLU AA 125 -9.50 -21.85 -10.34
N MET AA 126 -8.32 -22.43 -10.53
CA MET AA 126 -8.12 -23.85 -10.39
C MET AA 126 -6.75 -24.00 -9.74
N PRO AA 127 -6.63 -24.81 -8.69
CA PRO AA 127 -5.33 -24.99 -8.05
C PRO AA 127 -4.38 -25.78 -8.93
N HIS AA 128 -3.12 -25.79 -8.52
CA HIS AA 128 -2.05 -26.34 -9.35
C HIS AA 128 -2.15 -27.86 -9.40
N CYS AA 129 -2.10 -28.41 -10.61
CA CYS AA 129 -2.33 -29.84 -10.77
C CYS AA 129 -1.14 -30.67 -10.30
N GLN AA 130 0.06 -30.11 -10.35
CA GLN AA 130 1.24 -30.80 -9.83
C GLN AA 130 1.22 -30.92 -8.31
N ASP AA 131 0.53 -30.01 -7.64
CA ASP AA 131 0.64 -29.88 -6.20
C ASP AA 131 -0.24 -30.93 -5.53
N PRO AA 132 0.33 -31.81 -4.69
CA PRO AA 132 -0.50 -32.84 -4.04
C PRO AA 132 -1.25 -32.36 -2.82
N ALA AA 133 -0.94 -31.19 -2.29
CA ALA AA 133 -1.68 -30.67 -1.16
C ALA AA 133 -3.06 -30.19 -1.54
N LYS AA 134 -3.26 -29.81 -2.80
CA LYS AA 134 -4.53 -29.32 -3.30
C LYS AA 134 -5.09 -30.27 -4.36
N SER AA 135 -5.03 -31.57 -4.08
CA SER AA 135 -5.51 -32.55 -5.03
C SER AA 135 -7.00 -32.82 -4.88
N ASP AA 136 -7.56 -32.62 -3.69
CA ASP AA 136 -8.97 -32.87 -3.48
C ASP AA 136 -9.85 -31.79 -4.06
N PHE AA 137 -9.32 -30.59 -4.28
CA PHE AA 137 -10.13 -29.51 -4.81
C PHE AA 137 -10.37 -29.74 -6.29
N THR AA 138 -11.46 -29.17 -6.79
CA THR AA 138 -11.74 -29.27 -8.21
C THR AA 138 -11.59 -27.93 -8.92
N GLN AA 139 -12.42 -26.96 -8.56
CA GLN AA 139 -12.34 -25.60 -9.05
C GLN AA 139 -12.85 -24.68 -7.95
N ASN AA 140 -12.76 -23.39 -8.19
CA ASN AA 140 -13.23 -22.40 -7.24
C ASN AA 140 -13.78 -21.23 -8.04
N VAL AA 141 -15.09 -21.06 -8.03
CA VAL AA 141 -15.74 -19.95 -8.72
C VAL AA 141 -16.40 -19.11 -7.64
N THR AA 142 -15.74 -18.03 -7.24
CA THR AA 142 -16.19 -17.20 -6.13
C THR AA 142 -17.00 -16.05 -6.71
N VAL AA 143 -18.32 -16.15 -6.63
CA VAL AA 143 -19.21 -15.16 -7.22
C VAL AA 143 -19.54 -14.13 -6.17
N SER AA 144 -19.34 -12.85 -6.47
CA SER AA 144 -19.69 -11.81 -5.53
C SER AA 144 -21.05 -11.24 -5.85
N LEU AA 145 -21.63 -10.56 -4.88
CA LEU AA 145 -22.95 -9.97 -5.07
C LEU AA 145 -23.02 -8.68 -4.26
N SER AA 146 -23.03 -7.54 -4.94
CA SER AA 146 -23.61 -6.38 -4.30
C SER AA 146 -25.12 -6.50 -4.43
N TYR AA 147 -25.84 -5.72 -3.64
CA TYR AA 147 -27.24 -6.01 -3.43
C TYR AA 147 -27.97 -4.80 -2.88
N ARG AA 148 -29.23 -4.67 -3.25
CA ARG AA 148 -30.03 -3.59 -2.69
C ARG AA 148 -30.49 -3.94 -1.28
N LYS AA 149 -31.29 -4.99 -1.15
CA LYS AA 149 -31.94 -5.33 0.11
C LYS AA 149 -31.55 -6.73 0.52
N ILE AA 150 -31.10 -6.87 1.76
CA ILE AA 150 -30.72 -8.13 2.33
C ILE AA 150 -31.55 -8.37 3.59
N THR AA 151 -31.97 -9.61 3.80
CA THR AA 151 -32.77 -9.97 4.97
C THR AA 151 -32.17 -11.22 5.60
N TRP AA 152 -31.44 -11.04 6.69
CA TRP AA 152 -31.06 -12.18 7.50
C TRP AA 152 -32.29 -12.75 8.19
N ASP AA 153 -32.26 -14.05 8.47
CA ASP AA 153 -33.43 -14.69 9.05
C ASP AA 153 -32.96 -15.96 9.75
N HIS AA 154 -32.97 -15.95 11.07
CA HIS AA 154 -32.70 -17.17 11.81
C HIS AA 154 -34.00 -17.92 11.96
N VAL AA 155 -34.02 -19.19 11.53
CA VAL AA 155 -35.28 -19.92 11.45
C VAL AA 155 -35.64 -20.57 12.77
N ASN AA 156 -34.69 -21.23 13.42
CA ASN AA 156 -35.01 -21.97 14.65
C ASN AA 156 -35.25 -21.09 15.85
N ALA AA 157 -34.97 -19.79 15.78
CA ALA AA 157 -35.31 -18.88 16.85
C ALA AA 157 -36.13 -17.70 16.37
N GLY AA 158 -36.50 -17.67 15.10
CA GLY AA 158 -37.47 -16.72 14.60
C GLY AA 158 -37.01 -15.30 14.43
N THR AA 159 -35.78 -14.94 14.83
CA THR AA 159 -35.34 -13.57 14.65
C THR AA 159 -35.10 -13.27 13.18
N SER AA 160 -35.16 -11.99 12.84
CA SER AA 160 -35.01 -11.59 11.45
C SER AA 160 -34.49 -10.17 11.39
N GLY AA 161 -33.34 -9.99 10.76
CA GLY AA 161 -32.84 -8.67 10.51
C GLY AA 161 -33.15 -8.28 9.09
N SER AA 162 -32.97 -7.01 8.75
CA SER AA 162 -33.25 -6.55 7.39
C SER AA 162 -32.51 -5.25 7.14
N ASP AA 163 -31.99 -5.09 5.95
CA ASP AA 163 -31.48 -3.81 5.50
C ASP AA 163 -32.02 -3.55 4.11
N ASP AA 164 -32.27 -2.28 3.82
CA ASP AA 164 -32.78 -1.95 2.50
C ASP AA 164 -32.38 -0.53 2.17
N TRP AA 165 -31.89 -0.33 0.96
CA TRP AA 165 -31.71 1.02 0.48
C TRP AA 165 -33.04 1.64 0.07
N ARG AA 166 -33.99 0.83 -0.35
CA ARG AA 166 -35.27 1.34 -0.82
C ARG AA 166 -36.06 1.95 0.31
N LYS AA 167 -36.07 1.31 1.47
CA LYS AA 167 -36.84 1.77 2.62
C LYS AA 167 -35.95 1.82 3.85
N PRO AA 168 -35.15 2.87 4.00
CA PRO AA 168 -34.42 3.05 5.25
C PRO AA 168 -35.38 3.43 6.35
N ILE AA 169 -34.91 3.29 7.59
CA ILE AA 169 -35.85 3.28 8.71
C ILE AA 169 -36.27 4.72 9.00
N GLU AA 170 -37.41 5.09 8.42
CA GLU AA 170 -38.04 6.42 8.34
C GLU AA 170 -37.12 7.63 8.11
N GLY BA 1 -113.98 14.49 -32.08
CA GLY BA 1 -112.59 14.14 -32.34
C GLY BA 1 -111.65 15.32 -32.30
N SER BA 2 -111.93 16.27 -31.40
CA SER BA 2 -111.08 17.44 -31.26
C SER BA 2 -109.75 17.13 -30.59
N LEU BA 3 -109.69 16.04 -29.80
CA LEU BA 3 -108.43 15.64 -29.22
C LEU BA 3 -107.47 15.09 -30.27
N LEU BA 4 -107.99 14.48 -31.32
CA LEU BA 4 -107.16 14.07 -32.44
C LEU BA 4 -106.69 15.27 -33.24
N ASP BA 5 -107.46 16.36 -33.23
CA ASP BA 5 -107.05 17.58 -33.91
C ASP BA 5 -105.89 18.27 -33.20
N GLU BA 6 -105.82 18.13 -31.87
CA GLU BA 6 -104.70 18.72 -31.13
C GLU BA 6 -103.42 17.93 -31.33
N ILE BA 7 -103.53 16.63 -31.59
CA ILE BA 7 -102.34 15.82 -31.88
C ILE BA 7 -101.84 16.10 -33.29
N MET BA 8 -102.76 16.22 -34.25
CA MET BA 8 -102.36 16.51 -35.63
C MET BA 8 -101.86 17.93 -35.81
N ALA BA 9 -102.35 18.88 -35.01
CA ALA BA 9 -101.76 20.22 -35.01
C ALA BA 9 -100.41 20.25 -34.31
N GLN BA 10 -100.16 19.30 -33.42
CA GLN BA 10 -98.85 19.16 -32.77
C GLN BA 10 -97.91 18.45 -33.74
N THR BA 11 -97.08 19.22 -34.44
CA THR BA 11 -96.30 18.71 -35.56
C THR BA 11 -95.14 17.82 -35.13
N ARG BA 12 -94.85 17.71 -33.84
CA ARG BA 12 -93.76 16.85 -33.39
C ARG BA 12 -94.14 15.37 -33.46
N CYS BA 13 -95.39 15.03 -33.18
CA CYS BA 13 -95.86 13.64 -33.20
C CYS BA 13 -97.24 13.57 -33.85
N ALA BA 14 -97.38 14.23 -35.02
CA ALA BA 14 -98.70 14.34 -35.63
C ALA BA 14 -99.17 13.05 -36.31
N PRO BA 15 -98.44 12.47 -37.33
CA PRO BA 15 -99.12 11.45 -38.15
C PRO BA 15 -99.11 10.03 -37.58
N SER BA 16 -99.34 9.91 -36.27
CA SER BA 16 -99.53 8.63 -35.55
C SER BA 16 -98.36 7.66 -35.78
N GLU BA 17 -97.18 8.09 -35.34
CA GLU BA 17 -95.95 7.32 -35.56
C GLU BA 17 -95.40 6.72 -34.27
N GLU BA 18 -95.11 7.55 -33.27
CA GLU BA 18 -94.52 7.06 -32.02
C GLU BA 18 -94.82 8.07 -30.92
N GLY BA 19 -95.29 7.57 -29.78
CA GLY BA 19 -95.59 8.42 -28.64
C GLY BA 19 -96.89 9.18 -28.73
N TYR BA 20 -97.81 8.78 -29.61
CA TYR BA 20 -99.08 9.46 -29.74
C TYR BA 20 -100.12 8.96 -28.75
N ASP BA 21 -99.92 7.78 -28.15
CA ASP BA 21 -100.84 7.30 -27.13
C ASP BA 21 -100.44 7.79 -25.74
N ILE BA 22 -99.16 8.09 -25.54
CA ILE BA 22 -98.71 8.62 -24.25
C ILE BA 22 -99.09 10.09 -24.11
N ALA BA 23 -98.85 10.88 -25.17
CA ALA BA 23 -99.19 12.30 -25.15
C ALA BA 23 -100.68 12.55 -25.17
N LYS BA 24 -101.47 11.61 -25.70
CA LYS BA 24 -102.93 11.70 -25.58
C LYS BA 24 -103.38 11.53 -24.14
N LYS BA 25 -102.68 10.68 -23.38
CA LYS BA 25 -102.95 10.55 -21.95
C LYS BA 25 -102.47 11.77 -21.18
N GLY BA 26 -101.53 12.54 -21.73
CA GLY BA 26 -101.03 13.72 -21.07
C GLY BA 26 -101.98 14.90 -21.14
N VAL BA 27 -102.65 15.06 -22.28
CA VAL BA 27 -103.60 16.15 -22.45
C VAL BA 27 -104.84 15.91 -21.60
N ALA BA 28 -105.36 14.67 -21.63
CA ALA BA 28 -106.62 14.37 -20.95
C ALA BA 28 -106.47 14.34 -19.44
N ALA BA 29 -105.27 14.09 -18.93
CA ALA BA 29 -105.07 14.10 -17.49
C ALA BA 29 -104.99 15.52 -16.93
N PHE BA 30 -104.46 16.46 -17.70
CA PHE BA 30 -104.31 17.83 -17.22
C PHE BA 30 -105.63 18.57 -17.19
N ILE BA 31 -106.56 18.22 -18.09
CA ILE BA 31 -107.85 18.90 -18.14
C ILE BA 31 -108.73 18.49 -16.95
N GLU BA 32 -108.56 17.25 -16.46
CA GLU BA 32 -109.36 16.76 -15.35
C GLU BA 32 -109.02 17.45 -14.04
N ASN BA 33 -107.79 17.95 -13.90
CA ASN BA 33 -107.40 18.72 -12.72
C ASN BA 33 -107.38 20.22 -12.96
N LEU BA 34 -107.68 20.66 -14.19
CA LEU BA 34 -107.65 22.08 -14.52
C LEU BA 34 -108.81 22.85 -13.91
N MET BA 35 -109.91 22.17 -13.59
CA MET BA 35 -111.12 22.84 -13.12
C MET BA 35 -111.02 23.39 -11.70
N GLY BA 36 -109.94 23.07 -10.97
CA GLY BA 36 -109.73 23.67 -9.67
C GLY BA 36 -109.35 25.13 -9.76
N SER BA 37 -108.68 25.53 -10.84
CA SER BA 37 -108.30 26.93 -11.07
C SER BA 37 -108.22 27.15 -12.57
N GLN BA 38 -109.20 27.85 -13.13
CA GLN BA 38 -109.24 28.08 -14.57
C GLN BA 38 -108.26 29.17 -14.96
N HIS BA 39 -107.37 28.85 -15.90
CA HIS BA 39 -106.40 29.81 -16.40
C HIS BA 39 -105.98 29.38 -17.80
N SER BA 40 -105.69 30.37 -18.66
CA SER BA 40 -105.36 30.12 -20.06
C SER BA 40 -104.07 30.86 -20.43
N ALA BA 41 -102.94 30.22 -20.14
CA ALA BA 41 -101.62 30.71 -20.52
C ALA BA 41 -100.63 29.56 -20.37
N GLU BA 42 -99.90 29.26 -21.46
CA GLU BA 42 -98.91 28.17 -21.43
C GLU BA 42 -97.77 28.34 -20.42
N PRO BA 43 -97.10 29.49 -20.26
CA PRO BA 43 -96.01 29.54 -19.27
C PRO BA 43 -96.50 29.50 -17.83
N VAL BA 44 -97.72 29.96 -17.56
CA VAL BA 44 -98.30 29.72 -16.24
C VAL BA 44 -98.69 28.25 -16.11
N ASN BA 45 -99.13 27.65 -17.23
CA ASN BA 45 -99.41 26.21 -17.25
C ASN BA 45 -98.13 25.40 -17.10
N LYS BA 46 -96.99 25.90 -17.58
CA LYS BA 46 -95.72 25.25 -17.28
C LYS BA 46 -95.39 25.32 -15.80
N SER BA 47 -95.91 26.34 -15.10
CA SER BA 47 -95.86 26.32 -13.65
C SER BA 47 -97.03 25.55 -13.06
N LEU BA 48 -98.20 25.57 -13.73
CA LEU BA 48 -99.34 24.82 -13.21
C LEU BA 48 -99.17 23.32 -13.38
N VAL BA 49 -98.41 22.88 -14.39
CA VAL BA 49 -97.99 21.48 -14.44
C VAL BA 49 -97.08 21.18 -13.25
N ASP BA 50 -96.13 22.08 -12.98
CA ASP BA 50 -95.24 21.90 -11.83
C ASP BA 50 -95.98 22.04 -10.51
N GLN BA 51 -97.04 22.86 -10.45
CA GLN BA 51 -97.85 22.91 -9.25
C GLN BA 51 -98.77 21.71 -9.12
N MET BA 52 -98.96 20.94 -10.19
CA MET BA 52 -99.59 19.62 -10.11
C MET BA 52 -98.59 18.49 -9.95
N LEU BA 53 -97.29 18.81 -9.92
CA LEU BA 53 -96.26 17.82 -9.59
C LEU BA 53 -95.81 17.91 -8.14
N VAL BA 54 -95.78 19.13 -7.57
CA VAL BA 54 -95.43 19.28 -6.17
C VAL BA 54 -96.54 18.71 -5.28
N GLU BA 55 -97.81 18.98 -5.65
CA GLU BA 55 -98.91 18.39 -4.91
C GLU BA 55 -99.03 16.89 -5.16
N LEU BA 56 -98.53 16.42 -6.31
CA LEU BA 56 -98.49 14.99 -6.58
C LEU BA 56 -97.42 14.30 -5.73
N ASP BA 57 -96.26 14.93 -5.59
CA ASP BA 57 -95.19 14.36 -4.77
C ASP BA 57 -95.53 14.38 -3.30
N LYS BA 58 -96.43 15.27 -2.85
CA LYS BA 58 -96.94 15.20 -1.49
C LYS BA 58 -97.86 13.99 -1.33
N LYS BA 59 -98.49 13.53 -2.41
CA LYS BA 59 -99.31 12.33 -2.34
C LYS BA 59 -98.47 11.06 -2.45
N ILE BA 60 -97.37 11.08 -3.20
CA ILE BA 60 -96.61 9.86 -3.43
C ILE BA 60 -95.60 9.63 -2.31
N SER BA 61 -94.83 10.67 -1.97
CA SER BA 61 -93.77 10.49 -0.98
C SER BA 61 -94.32 10.28 0.42
N ALA BA 62 -95.54 10.75 0.69
CA ALA BA 62 -96.17 10.40 1.95
C ALA BA 62 -96.62 8.96 1.98
N GLN BA 63 -96.85 8.35 0.81
CA GLN BA 63 -97.13 6.92 0.75
C GLN BA 63 -95.84 6.11 0.77
N MET BA 64 -94.79 6.60 0.12
CA MET BA 64 -93.51 5.91 0.13
C MET BA 64 -92.69 6.18 1.37
N ASP BA 65 -93.18 7.00 2.30
CA ASP BA 65 -92.69 6.99 3.66
C ASP BA 65 -93.54 6.09 4.55
N GLU BA 66 -94.47 5.35 3.97
CA GLU BA 66 -95.27 4.39 4.70
C GLU BA 66 -95.18 2.98 4.15
N ILE BA 67 -94.93 2.81 2.86
CA ILE BA 67 -94.57 1.50 2.35
C ILE BA 67 -93.16 1.14 2.81
N LEU BA 68 -92.27 2.12 2.85
CA LEU BA 68 -91.03 1.97 3.58
C LEU BA 68 -91.30 2.21 5.07
N HIS BA 69 -90.24 2.15 5.88
CA HIS BA 69 -90.26 2.50 7.31
C HIS BA 69 -91.21 1.63 8.12
N ASN BA 70 -91.46 0.41 7.65
CA ASN BA 70 -92.35 -0.52 8.32
C ASN BA 70 -91.53 -1.53 9.10
N SER BA 71 -92.10 -2.05 10.20
CA SER BA 71 -91.36 -2.94 11.08
C SER BA 71 -91.06 -4.28 10.42
N GLN BA 72 -91.85 -4.69 9.45
CA GLN BA 72 -91.51 -5.88 8.67
C GLN BA 72 -90.52 -5.55 7.57
N PHE BA 73 -90.62 -4.36 6.99
CA PHE BA 73 -89.73 -4.00 5.88
C PHE BA 73 -88.35 -3.59 6.39
N GLN BA 74 -88.30 -2.65 7.33
CA GLN BA 74 -87.04 -2.04 7.75
C GLN BA 74 -86.17 -3.03 8.51
N ALA BA 75 -86.77 -3.90 9.32
CA ALA BA 75 -85.99 -4.93 10.01
C ALA BA 75 -85.49 -5.99 9.05
N MET BA 76 -86.16 -6.17 7.92
CA MET BA 76 -85.68 -7.04 6.86
C MET BA 76 -84.95 -6.29 5.77
N GLU BA 77 -84.78 -4.97 5.92
CA GLU BA 77 -83.88 -4.23 5.04
C GLU BA 77 -82.53 -4.03 5.70
N SER BA 78 -82.52 -3.72 7.00
CA SER BA 78 -81.26 -3.55 7.72
C SER BA 78 -80.52 -4.86 7.87
N ALA BA 79 -81.25 -5.97 8.00
CA ALA BA 79 -80.63 -7.28 8.08
C ALA BA 79 -80.11 -7.79 6.75
N TRP BA 80 -80.42 -7.10 5.65
CA TRP BA 80 -79.99 -7.53 4.33
C TRP BA 80 -79.12 -6.52 3.61
N ARG BA 81 -79.41 -5.22 3.73
CA ARG BA 81 -78.49 -4.23 3.19
C ARG BA 81 -77.23 -4.12 4.05
N GLY BA 82 -77.36 -4.40 5.35
CA GLY BA 82 -76.19 -4.51 6.21
C GLY BA 82 -75.28 -5.67 5.85
N LEU BA 83 -75.82 -6.71 5.23
CA LEU BA 83 -74.97 -7.75 4.67
C LEU BA 83 -74.18 -7.23 3.49
N LYS BA 84 -74.79 -6.36 2.67
CA LYS BA 84 -74.08 -5.79 1.53
C LYS BA 84 -72.92 -4.90 1.98
N LEU BA 85 -73.07 -4.24 3.13
CA LEU BA 85 -71.94 -3.54 3.73
C LEU BA 85 -70.87 -4.50 4.23
N PHE BA 86 -71.22 -5.75 4.51
CA PHE BA 86 -70.20 -6.73 4.85
C PHE BA 86 -69.62 -7.41 3.61
N VAL BA 87 -70.34 -7.39 2.49
CA VAL BA 87 -69.81 -7.99 1.27
C VAL BA 87 -68.95 -7.00 0.50
N ASP BA 88 -69.32 -5.71 0.49
CA ASP BA 88 -68.61 -4.74 -0.33
C ASP BA 88 -67.26 -4.37 0.27
N ARG BA 89 -67.11 -4.42 1.59
CA ARG BA 89 -65.85 -3.99 2.20
C ARG BA 89 -64.81 -5.10 2.19
N THR BA 90 -65.21 -6.33 2.44
CA THR BA 90 -64.27 -7.43 2.57
C THR BA 90 -63.78 -7.89 1.22
N ASP BA 91 -62.47 -7.98 1.06
CA ASP BA 91 -61.86 -8.31 -0.22
C ASP BA 91 -61.89 -9.82 -0.37
N PHE BA 92 -62.80 -10.32 -1.21
CA PHE BA 92 -62.92 -11.76 -1.42
C PHE BA 92 -61.80 -12.33 -2.27
N ARG BA 93 -61.01 -11.48 -2.94
CA ARG BA 93 -59.83 -11.98 -3.63
C ARG BA 93 -58.73 -12.35 -2.65
N GLU BA 94 -58.71 -11.76 -1.46
CA GLU BA 94 -57.66 -12.03 -0.47
C GLU BA 94 -58.07 -13.12 0.51
N ASN BA 95 -58.54 -14.25 -0.04
CA ASN BA 95 -58.84 -15.49 0.71
C ASN BA 95 -59.86 -15.26 1.82
N ASN BA 96 -61.08 -14.91 1.42
CA ASN BA 96 -62.18 -14.71 2.34
C ASN BA 96 -63.45 -15.30 1.76
N LYS BA 97 -64.20 -16.00 2.60
CA LYS BA 97 -65.52 -16.47 2.22
C LYS BA 97 -66.46 -16.23 3.38
N VAL BA 98 -67.76 -16.14 3.09
CA VAL BA 98 -68.75 -15.90 4.13
C VAL BA 98 -69.99 -16.72 3.84
N GLU BA 99 -70.40 -17.51 4.83
CA GLU BA 99 -71.60 -18.32 4.72
C GLU BA 99 -72.79 -17.55 5.29
N ILE BA 100 -73.96 -17.81 4.71
CA ILE BA 100 -75.21 -17.11 5.05
C ILE BA 100 -76.22 -18.15 5.50
N LEU BA 101 -76.64 -18.05 6.76
CA LEU BA 101 -77.58 -19.01 7.33
C LEU BA 101 -78.87 -18.30 7.71
N HIS BA 102 -79.99 -18.79 7.19
CA HIS BA 102 -81.32 -18.30 7.56
C HIS BA 102 -81.79 -19.05 8.79
N VAL BA 103 -81.72 -18.41 9.94
CA VAL BA 103 -82.47 -18.84 11.11
C VAL BA 103 -83.35 -17.67 11.51
N THR BA 104 -84.21 -17.90 12.50
CA THR BA 104 -84.74 -16.81 13.28
C THR BA 104 -84.29 -16.98 14.72
N LYS BA 105 -84.29 -15.88 15.46
CA LYS BA 105 -83.71 -15.86 16.80
C LYS BA 105 -84.54 -16.70 17.77
N ASP BA 106 -85.85 -16.80 17.55
CA ASP BA 106 -86.67 -17.67 18.38
C ASP BA 106 -86.53 -19.13 17.97
N GLU BA 107 -86.17 -19.40 16.72
CA GLU BA 107 -85.96 -20.77 16.29
C GLU BA 107 -84.68 -21.34 16.86
N LEU BA 108 -83.69 -20.48 17.09
CA LEU BA 108 -82.35 -20.97 17.40
C LEU BA 108 -82.27 -21.52 18.83
N LEU BA 109 -82.95 -20.87 19.77
CA LEU BA 109 -82.99 -21.39 21.13
C LEU BA 109 -83.79 -22.69 21.20
N GLU BA 110 -84.85 -22.79 20.39
CA GLU BA 110 -85.59 -24.04 20.27
C GLU BA 110 -84.73 -25.15 19.69
N ASP BA 111 -83.81 -24.80 18.79
CA ASP BA 111 -82.92 -25.78 18.21
C ASP BA 111 -81.85 -26.24 19.20
N PHE BA 112 -81.51 -25.40 20.18
CA PHE BA 112 -80.67 -25.88 21.28
C PHE BA 112 -81.49 -26.61 22.33
N GLU BA 113 -82.79 -26.33 22.43
CA GLU BA 113 -83.69 -27.14 23.21
C GLU BA 113 -84.01 -28.45 22.49
N PHE BA 114 -83.80 -28.50 21.18
CA PHE BA 114 -84.05 -29.68 20.37
C PHE BA 114 -83.14 -30.83 20.75
N ALA BA 115 -81.83 -30.58 20.77
CA ALA BA 115 -80.89 -31.65 21.08
C ALA BA 115 -80.61 -31.71 22.59
N PRO BA 116 -80.37 -32.91 23.13
CA PRO BA 116 -80.04 -33.01 24.56
C PRO BA 116 -78.67 -32.47 24.89
N GLU BA 117 -77.77 -32.39 23.92
CA GLU BA 117 -76.43 -31.87 24.12
C GLU BA 117 -76.10 -30.91 22.99
N THR BA 118 -75.30 -29.88 23.30
CA THR BA 118 -74.88 -28.91 22.29
C THR BA 118 -74.05 -29.53 21.19
N ALA BA 119 -73.41 -30.67 21.44
CA ALA BA 119 -72.64 -31.41 20.45
C ALA BA 119 -73.52 -32.25 19.53
N GLN BA 120 -74.85 -32.12 19.60
CA GLN BA 120 -75.73 -32.76 18.65
C GLN BA 120 -76.76 -31.79 18.09
N SER BA 121 -76.55 -30.49 18.25
CA SER BA 121 -77.52 -29.49 17.84
C SER BA 121 -77.54 -29.33 16.32
N GLY BA 122 -78.46 -28.51 15.84
CA GLY BA 122 -78.50 -28.21 14.42
C GLY BA 122 -77.59 -27.08 14.03
N LEU BA 123 -77.33 -26.16 14.95
CA LEU BA 123 -76.34 -25.12 14.67
C LEU BA 123 -74.93 -25.66 14.79
N TYR BA 124 -74.73 -26.68 15.63
CA TYR BA 124 -73.44 -27.36 15.72
C TYR BA 124 -73.10 -28.08 14.43
N LYS BA 125 -74.10 -28.44 13.63
CA LYS BA 125 -73.82 -29.05 12.34
C LYS BA 125 -73.24 -28.05 11.35
N HIS BA 126 -73.71 -26.81 11.40
CA HIS BA 126 -73.27 -25.82 10.43
C HIS BA 126 -72.04 -25.06 10.86
N VAL BA 127 -71.79 -24.95 12.17
CA VAL BA 127 -70.60 -24.25 12.64
C VAL BA 127 -69.41 -25.18 12.70
N TYR BA 128 -69.59 -26.36 13.28
CA TYR BA 128 -68.48 -27.28 13.51
C TYR BA 128 -68.33 -28.27 12.36
N SER BA 129 -69.36 -29.09 12.12
CA SER BA 129 -69.15 -30.30 11.33
C SER BA 129 -69.15 -30.03 9.84
N ALA BA 130 -69.96 -29.10 9.35
CA ALA BA 130 -69.93 -28.80 7.92
C ALA BA 130 -68.73 -27.94 7.54
N GLY BA 131 -68.11 -27.32 8.52
CA GLY BA 131 -66.95 -26.48 8.30
C GLY BA 131 -65.70 -27.11 8.87
N TYR BA 132 -65.42 -26.72 10.12
CA TYR BA 132 -64.20 -27.09 10.81
C TYR BA 132 -64.04 -28.60 10.99
N GLY BA 133 -65.08 -29.28 11.45
CA GLY BA 133 -65.00 -30.71 11.63
C GLY BA 133 -65.26 -31.47 10.34
N GLN BA 134 -64.41 -31.27 9.34
CA GLN BA 134 -64.63 -31.83 8.02
C GLN BA 134 -63.28 -31.95 7.33
N PHE BA 135 -63.03 -33.09 6.70
CA PHE BA 135 -61.79 -33.27 5.97
C PHE BA 135 -61.76 -32.37 4.74
N GLY BA 136 -60.85 -31.41 4.74
CA GLY BA 136 -60.69 -30.50 3.63
C GLY BA 136 -61.61 -29.30 3.65
N GLY BA 137 -62.64 -29.31 4.48
CA GLY BA 137 -63.56 -28.18 4.53
C GLY BA 137 -62.94 -26.98 5.21
N GLU BA 138 -63.32 -25.80 4.74
CA GLU BA 138 -62.80 -24.57 5.31
C GLU BA 138 -63.42 -24.31 6.67
N PRO BA 139 -62.63 -23.97 7.68
CA PRO BA 139 -63.16 -23.85 9.03
C PRO BA 139 -63.70 -22.45 9.29
N VAL BA 140 -64.46 -22.34 10.37
CA VAL BA 140 -65.24 -21.14 10.66
C VAL BA 140 -64.45 -20.22 11.56
N GLY BA 141 -64.27 -18.97 11.12
CA GLY BA 141 -63.55 -17.99 11.91
C GLY BA 141 -64.38 -17.36 12.99
N ALA BA 142 -65.56 -16.85 12.65
CA ALA BA 142 -66.42 -16.20 13.63
C ALA BA 142 -67.87 -16.31 13.19
N ILE BA 143 -68.77 -16.14 14.15
CA ILE BA 143 -70.21 -16.20 13.91
C ILE BA 143 -70.79 -14.81 14.13
N ILE BA 144 -71.28 -14.20 13.07
CA ILE BA 144 -71.97 -12.92 13.17
C ILE BA 144 -73.38 -13.17 13.64
N GLY BA 145 -73.72 -12.65 14.81
CA GLY BA 145 -75.08 -12.72 15.29
C GLY BA 145 -75.86 -11.47 14.95
N ASN BA 146 -76.85 -11.60 14.08
CA ASN BA 146 -77.65 -10.46 13.62
C ASN BA 146 -78.85 -10.28 14.53
N TYR BA 147 -78.58 -10.18 15.83
CA TYR BA 147 -79.58 -10.32 16.87
C TYR BA 147 -79.63 -9.05 17.70
N ALA BA 148 -80.64 -8.99 18.58
CA ALA BA 148 -80.80 -7.90 19.53
C ALA BA 148 -81.04 -8.54 20.89
N PHE BA 149 -80.00 -8.63 21.70
CA PHE BA 149 -80.06 -9.42 22.91
C PHE BA 149 -80.67 -8.64 24.07
N THR BA 150 -81.56 -9.29 24.78
CA THR BA 150 -82.12 -8.87 26.04
C THR BA 150 -81.35 -9.55 27.17
N PRO BA 151 -81.49 -9.10 28.41
CA PRO BA 151 -80.89 -9.86 29.51
C PRO BA 151 -81.80 -10.91 30.11
N SER BA 152 -82.86 -11.28 29.40
CA SER BA 152 -83.83 -12.24 29.92
C SER BA 152 -83.30 -13.66 29.80
N THR BA 153 -84.03 -14.58 30.38
CA THR BA 153 -83.72 -16.01 30.37
C THR BA 153 -83.72 -16.64 28.97
N PRO BA 154 -84.63 -16.32 28.02
CA PRO BA 154 -84.44 -16.87 26.67
C PRO BA 154 -83.30 -16.26 25.87
N ASP BA 155 -82.54 -15.31 26.42
CA ASP BA 155 -81.34 -14.80 25.76
C ASP BA 155 -80.06 -15.01 26.56
N MET BA 156 -80.15 -15.41 27.82
CA MET BA 156 -78.99 -15.90 28.53
C MET BA 156 -78.87 -17.42 28.45
N LYS BA 157 -79.95 -18.10 28.07
CA LYS BA 157 -79.85 -19.52 27.77
C LYS BA 157 -79.26 -19.74 26.38
N LEU BA 158 -79.49 -18.80 25.47
CA LEU BA 158 -78.90 -18.90 24.14
C LEU BA 158 -77.40 -18.69 24.20
N LEU BA 159 -76.96 -17.66 24.92
CA LEU BA 159 -75.52 -17.36 24.97
C LEU BA 159 -74.76 -18.39 25.79
N GLN BA 160 -75.42 -19.05 26.74
CA GLN BA 160 -74.77 -20.18 27.39
C GLN BA 160 -74.57 -21.33 26.43
N TYR BA 161 -75.47 -21.48 25.48
CA TYR BA 161 -75.36 -22.49 24.44
C TYR BA 161 -74.64 -21.97 23.20
N MET BA 162 -74.20 -20.72 23.20
CA MET BA 162 -73.30 -20.25 22.15
C MET BA 162 -71.87 -20.11 22.63
N GLY BA 163 -71.66 -19.92 23.93
CA GLY BA 163 -70.32 -20.00 24.47
C GLY BA 163 -69.79 -21.41 24.45
N ALA BA 164 -70.65 -22.40 24.68
CA ALA BA 164 -70.23 -23.78 24.58
C ALA BA 164 -70.03 -24.21 23.14
N LEU BA 165 -70.80 -23.64 22.21
CA LEU BA 165 -70.56 -23.90 20.80
C LEU BA 165 -69.29 -23.21 20.32
N GLY BA 166 -69.03 -22.00 20.81
CA GLY BA 166 -67.81 -21.29 20.44
C GLY BA 166 -66.56 -21.89 21.02
N ALA BA 167 -66.66 -22.67 22.09
CA ALA BA 167 -65.51 -23.33 22.66
C ALA BA 167 -65.24 -24.68 22.01
N MET BA 168 -66.14 -25.16 21.16
CA MET BA 168 -65.90 -26.40 20.46
C MET BA 168 -65.33 -26.19 19.07
N ALA BA 169 -65.83 -25.20 18.35
CA ALA BA 169 -65.36 -24.92 17.00
C ALA BA 169 -64.32 -23.82 16.94
N HIS BA 170 -63.91 -23.29 18.11
CA HIS BA 170 -62.91 -22.24 18.25
C HIS BA 170 -63.26 -20.99 17.45
N ALA BA 171 -64.49 -20.56 17.58
CA ALA BA 171 -64.92 -19.38 16.84
C ALA BA 171 -65.80 -18.53 17.75
N PRO BA 172 -65.44 -17.29 18.02
CA PRO BA 172 -66.25 -16.47 18.90
C PRO BA 172 -67.52 -15.99 18.21
N PHE BA 173 -68.60 -15.95 18.98
CA PHE BA 173 -69.91 -15.52 18.49
C PHE BA 173 -70.07 -14.03 18.77
N ILE BA 174 -70.05 -13.22 17.73
CA ILE BA 174 -70.20 -11.78 17.85
C ILE BA 174 -71.61 -11.37 17.48
N SER BA 175 -72.26 -10.62 18.36
CA SER BA 175 -73.61 -10.13 18.19
C SER BA 175 -73.71 -8.81 18.93
N SER BA 176 -74.92 -8.34 19.18
CA SER BA 176 -75.06 -7.05 19.85
C SER BA 176 -76.16 -7.10 20.89
N VAL BA 177 -76.03 -6.24 21.89
CA VAL BA 177 -77.06 -6.02 22.88
C VAL BA 177 -77.97 -4.92 22.39
N GLY BA 178 -79.18 -4.89 22.92
CA GLY BA 178 -80.16 -3.92 22.50
C GLY BA 178 -80.22 -2.73 23.43
N PRO BA 179 -81.11 -1.77 23.11
CA PRO BA 179 -81.37 -0.69 24.06
C PRO BA 179 -81.93 -1.19 25.37
N GLU BA 180 -82.86 -2.14 25.31
CA GLU BA 180 -83.49 -2.70 26.50
C GLU BA 180 -82.54 -3.55 27.34
N PHE BA 181 -81.35 -3.86 26.82
CA PHE BA 181 -80.34 -4.53 27.62
C PHE BA 181 -79.85 -3.62 28.73
N PHE BA 182 -79.64 -2.35 28.43
CA PHE BA 182 -79.22 -1.40 29.44
C PHE BA 182 -80.38 -0.87 30.27
N GLY BA 183 -81.62 -1.14 29.85
CA GLY BA 183 -82.78 -0.68 30.58
C GLY BA 183 -83.13 0.77 30.33
N ILE BA 184 -83.13 1.17 29.06
CA ILE BA 184 -83.44 2.55 28.70
C ILE BA 184 -84.60 2.66 27.72
N ASP BA 185 -84.92 1.61 26.96
CA ASP BA 185 -86.11 1.48 26.10
C ASP BA 185 -86.16 2.47 24.93
N SER BA 186 -85.12 3.30 24.79
CA SER BA 186 -84.96 4.29 23.73
C SER BA 186 -83.50 4.69 23.80
N PHE BA 187 -82.78 4.61 22.68
CA PHE BA 187 -81.34 4.42 22.81
C PHE BA 187 -80.56 5.70 23.03
N GLU BA 188 -81.03 6.85 22.55
CA GLU BA 188 -80.22 8.07 22.57
C GLU BA 188 -80.03 8.67 23.96
N GLU BA 189 -80.55 8.04 25.01
CA GLU BA 189 -80.29 8.46 26.38
C GLU BA 189 -79.22 7.63 27.06
N LEU BA 190 -78.26 7.13 26.31
CA LEU BA 190 -77.17 6.36 26.91
C LEU BA 190 -76.09 7.20 27.60
N PRO BA 191 -75.61 8.35 27.06
CA PRO BA 191 -74.67 9.15 27.86
C PRO BA 191 -75.27 9.79 29.09
N ASN BA 192 -76.59 9.80 29.22
CA ASN BA 192 -77.22 10.31 30.43
C ASN BA 192 -77.00 9.37 31.62
N ILE BA 193 -76.60 8.12 31.36
CA ILE BA 193 -76.31 7.17 32.43
C ILE BA 193 -75.06 7.65 33.17
N LYS BA 194 -75.22 7.96 34.45
CA LYS BA 194 -74.13 8.51 35.24
C LYS BA 194 -73.36 7.47 36.02
N ASP BA 195 -73.86 6.24 36.12
CA ASP BA 195 -73.13 5.16 36.78
C ASP BA 195 -73.60 3.86 36.15
N LEU BA 196 -72.80 3.33 35.24
CA LEU BA 196 -73.14 2.10 34.53
C LEU BA 196 -72.58 0.86 35.23
N LYS BA 197 -71.64 1.05 36.16
CA LYS BA 197 -71.13 -0.08 36.94
C LYS BA 197 -72.19 -0.61 37.91
N SER BA 198 -72.97 0.28 38.51
CA SER BA 198 -74.00 -0.16 39.44
C SER BA 198 -75.22 -0.72 38.73
N THR BA 199 -75.40 -0.41 37.45
CA THR BA 199 -76.52 -0.96 36.70
C THR BA 199 -76.34 -2.46 36.49
N PHE BA 200 -75.10 -2.90 36.26
CA PHE BA 200 -74.83 -4.30 35.99
C PHE BA 200 -74.79 -5.16 37.24
N GLU BA 201 -74.77 -4.55 38.44
CA GLU BA 201 -74.81 -5.27 39.70
C GLU BA 201 -76.21 -5.29 40.30
N SER BA 202 -77.25 -5.38 39.44
CA SER BA 202 -78.68 -5.50 39.69
C SER BA 202 -79.11 -6.96 39.66
N PRO BA 203 -80.13 -7.35 40.43
CA PRO BA 203 -80.58 -8.73 40.42
C PRO BA 203 -81.32 -9.14 39.16
N LYS BA 204 -81.59 -8.23 38.22
CA LYS BA 204 -82.11 -8.63 36.93
C LYS BA 204 -81.03 -9.34 36.11
N TYR BA 205 -79.76 -9.07 36.40
CA TYR BA 205 -78.63 -9.58 35.63
C TYR BA 205 -77.93 -10.72 36.35
N THR BA 206 -78.66 -11.60 37.04
CA THR BA 206 -78.02 -12.73 37.69
C THR BA 206 -77.63 -13.78 36.65
N LYS BA 207 -78.39 -13.88 35.56
CA LYS BA 207 -78.01 -14.73 34.45
C LYS BA 207 -77.03 -14.07 33.49
N TRP BA 208 -76.62 -12.84 33.77
CA TRP BA 208 -75.54 -12.18 33.05
C TRP BA 208 -74.22 -12.27 33.79
N ARG BA 209 -74.22 -11.97 35.09
CA ARG BA 209 -73.00 -12.05 35.88
C ARG BA 209 -72.56 -13.48 36.15
N SER BA 210 -73.45 -14.44 35.96
CA SER BA 210 -73.04 -15.84 35.98
C SER BA 210 -72.59 -16.32 34.61
N LEU BA 211 -73.04 -15.66 33.53
CA LEU BA 211 -72.50 -15.95 32.21
C LEU BA 211 -71.07 -15.45 32.09
N ARG BA 212 -70.78 -14.29 32.68
CA ARG BA 212 -69.45 -13.68 32.55
C ARG BA 212 -68.39 -14.49 33.28
N GLU BA 213 -68.74 -15.05 34.44
CA GLU BA 213 -67.77 -15.83 35.19
C GLU BA 213 -67.46 -17.18 34.55
N SER BA 214 -68.28 -17.63 33.61
CA SER BA 214 -68.14 -18.96 33.05
C SER BA 214 -66.90 -19.04 32.15
N GLU BA 215 -66.43 -20.28 31.96
CA GLU BA 215 -65.18 -20.49 31.25
C GLU BA 215 -65.36 -20.37 29.75
N ASP BA 216 -66.46 -20.88 29.21
CA ASP BA 216 -66.70 -20.82 27.78
C ASP BA 216 -67.24 -19.49 27.30
N ALA BA 217 -67.35 -18.49 28.17
CA ALA BA 217 -67.76 -17.15 27.76
C ALA BA 217 -66.66 -16.41 27.02
N ARG BA 218 -65.46 -16.99 26.95
CA ARG BA 218 -64.32 -16.40 26.27
C ARG BA 218 -64.59 -16.22 24.78
N TYR BA 219 -65.47 -17.05 24.22
CA TYR BA 219 -65.81 -17.02 22.80
C TYR BA 219 -67.12 -16.29 22.55
N LEU BA 220 -67.36 -15.22 23.31
CA LEU BA 220 -68.59 -14.43 23.15
C LEU BA 220 -68.24 -12.96 23.29
N GLY BA 221 -68.27 -12.23 22.18
CA GLY BA 221 -68.19 -10.78 22.20
C GLY BA 221 -69.55 -10.21 21.83
N LEU BA 222 -69.96 -9.15 22.52
CA LEU BA 222 -71.22 -8.48 22.23
C LEU BA 222 -70.93 -7.02 21.91
N THR BA 223 -71.38 -6.59 20.75
CA THR BA 223 -70.83 -5.40 20.10
C THR BA 223 -71.60 -4.14 20.50
N ALA BA 224 -71.40 -3.10 19.70
CA ALA BA 224 -71.64 -1.67 19.78
C ALA BA 224 -73.10 -1.25 19.89
N PRO BA 225 -73.40 0.06 19.99
CA PRO BA 225 -74.79 0.50 19.84
C PRO BA 225 -75.55 0.05 18.59
N ARG BA 226 -75.26 0.63 17.43
CA ARG BA 226 -75.87 0.42 16.11
C ARG BA 226 -75.14 1.37 15.18
N PHE BA 227 -75.41 1.23 13.89
CA PHE BA 227 -74.80 2.14 12.94
C PHE BA 227 -75.73 2.32 11.74
N LEU BA 228 -75.54 3.44 11.04
CA LEU BA 228 -76.41 3.84 9.94
C LEU BA 228 -76.02 3.13 8.66
N LEU BA 229 -77.02 2.82 7.83
CA LEU BA 229 -76.81 2.12 6.57
C LEU BA 229 -77.16 2.96 5.35
N ARG BA 230 -78.34 3.58 5.34
CA ARG BA 230 -78.86 4.23 4.14
C ARG BA 230 -79.05 5.72 4.41
N VAL BA 231 -78.41 6.55 3.61
CA VAL BA 231 -78.73 7.98 3.59
C VAL BA 231 -80.14 8.14 3.02
N PRO BA 232 -81.02 8.88 3.68
CA PRO BA 232 -82.34 9.15 3.10
C PRO BA 232 -82.23 9.98 1.83
N TYR BA 233 -83.06 9.64 0.85
CA TYR BA 233 -82.89 10.12 -0.52
C TYR BA 233 -83.27 11.59 -0.63
N ASP BA 234 -82.87 12.19 -1.76
CA ASP BA 234 -82.99 13.62 -1.95
C ASP BA 234 -83.00 13.88 -3.45
N PRO BA 235 -83.83 14.80 -3.95
CA PRO BA 235 -83.85 15.06 -5.40
C PRO BA 235 -82.61 15.76 -5.95
N ILE BA 236 -81.67 16.18 -5.10
CA ILE BA 236 -80.43 16.81 -5.53
C ILE BA 236 -79.22 15.93 -5.22
N GLU BA 237 -79.15 15.42 -3.99
CA GLU BA 237 -77.97 14.68 -3.55
C GLU BA 237 -77.96 13.26 -4.09
N ASN BA 238 -78.94 12.45 -3.72
CA ASN BA 238 -79.04 11.05 -4.13
C ASN BA 238 -80.39 10.85 -4.80
N PRO BA 239 -80.50 11.19 -6.08
CA PRO BA 239 -81.81 11.15 -6.75
C PRO BA 239 -82.21 9.73 -7.13
N VAL BA 240 -83.46 9.61 -7.56
CA VAL BA 240 -83.98 8.38 -8.12
C VAL BA 240 -84.42 8.63 -9.55
N LYS BA 241 -84.51 7.55 -10.32
CA LYS BA 241 -84.71 7.64 -11.77
C LYS BA 241 -86.14 8.04 -12.08
N SER BA 242 -86.28 9.15 -12.83
CA SER BA 242 -87.56 9.68 -13.32
C SER BA 242 -88.54 10.01 -12.20
N PHE BA 243 -88.01 10.42 -11.04
CA PHE BA 243 -88.83 10.76 -9.89
C PHE BA 243 -88.00 11.62 -8.95
N ASN BA 244 -88.67 12.45 -8.17
CA ASN BA 244 -88.03 13.27 -7.13
C ASN BA 244 -88.56 12.81 -5.79
N TYR BA 245 -87.68 12.21 -4.98
CA TYR BA 245 -88.09 11.56 -3.72
C TYR BA 245 -87.34 12.22 -2.57
N ALA BA 246 -88.06 13.00 -1.77
CA ALA BA 246 -87.53 13.58 -0.54
C ALA BA 246 -88.10 12.77 0.62
N GLU BA 247 -87.26 11.93 1.22
CA GLU BA 247 -87.69 11.05 2.30
C GLU BA 247 -87.80 11.87 3.58
N ASN BA 248 -89.03 12.20 3.95
CA ASN BA 248 -89.29 13.03 5.12
C ASN BA 248 -89.05 12.23 6.39
N VAL BA 249 -87.87 12.35 6.94
CA VAL BA 249 -87.51 11.67 8.18
C VAL BA 249 -87.98 12.52 9.35
N SER BA 250 -88.82 11.93 10.20
CA SER BA 250 -89.43 12.66 11.30
C SER BA 250 -88.46 12.74 12.48
N ALA BA 251 -88.97 13.20 13.63
CA ALA BA 251 -88.14 13.31 14.83
C ALA BA 251 -87.83 11.94 15.42
N SER BA 252 -88.60 10.91 15.08
CA SER BA 252 -88.27 9.56 15.50
C SER BA 252 -87.08 9.07 14.70
N HIS BA 253 -85.98 8.76 15.39
CA HIS BA 253 -84.77 8.26 14.75
C HIS BA 253 -84.81 6.75 14.54
N GLU BA 254 -85.96 6.11 14.70
CA GLU BA 254 -86.11 4.71 14.34
C GLU BA 254 -86.38 4.52 12.86
N HIS BA 255 -86.68 5.59 12.13
CA HIS BA 255 -86.98 5.47 10.71
C HIS BA 255 -85.73 5.41 9.84
N TYR BA 256 -84.59 5.87 10.35
CA TYR BA 256 -83.32 5.62 9.69
C TYR BA 256 -83.03 4.12 9.67
N LEU BA 257 -82.41 3.67 8.59
CA LEU BA 257 -82.10 2.25 8.43
C LEU BA 257 -80.90 1.92 9.30
N TRP BA 258 -81.19 1.63 10.57
CA TRP BA 258 -80.12 1.32 11.51
C TRP BA 258 -79.75 -0.16 11.41
N GLY BA 259 -78.49 -0.43 11.10
CA GLY BA 259 -78.02 -1.78 10.96
C GLY BA 259 -77.59 -2.39 12.29
N ASN BA 260 -77.04 -3.59 12.21
CA ASN BA 260 -76.52 -4.30 13.37
C ASN BA 260 -75.00 -4.30 13.30
N THR BA 261 -74.34 -3.95 14.40
CA THR BA 261 -72.90 -3.68 14.36
C THR BA 261 -72.05 -4.96 14.39
N ALA BA 262 -72.68 -6.12 14.53
CA ALA BA 262 -71.96 -7.37 14.32
C ALA BA 262 -71.51 -7.51 12.87
N PHE BA 263 -72.24 -6.88 11.94
CA PHE BA 263 -71.73 -6.68 10.59
C PHE BA 263 -70.47 -5.83 10.61
N ALA BA 264 -70.52 -4.68 11.28
CA ALA BA 264 -69.43 -3.71 11.19
C ALA BA 264 -68.21 -4.11 12.00
N PHE BA 265 -68.37 -4.90 13.05
CA PHE BA 265 -67.20 -5.37 13.78
C PHE BA 265 -66.52 -6.52 13.07
N ALA BA 266 -67.29 -7.36 12.37
CA ALA BA 266 -66.68 -8.39 11.54
C ALA BA 266 -66.10 -7.84 10.25
N THR BA 267 -66.40 -6.59 9.91
CA THR BA 267 -65.68 -5.93 8.83
C THR BA 267 -64.22 -5.74 9.21
N ARG BA 268 -63.95 -5.48 10.49
CA ARG BA 268 -62.58 -5.30 10.94
C ARG BA 268 -61.88 -6.61 11.25
N LEU BA 269 -62.62 -7.70 11.49
CA LEU BA 269 -62.00 -9.01 11.53
C LEU BA 269 -61.48 -9.42 10.16
N THR BA 270 -62.17 -9.01 9.11
CA THR BA 270 -61.82 -9.50 7.78
C THR BA 270 -60.88 -8.54 7.06
N ASP BA 271 -61.05 -7.23 7.27
CA ASP BA 271 -60.10 -6.29 6.68
C ASP BA 271 -58.76 -6.30 7.40
N SER BA 272 -58.68 -6.90 8.59
CA SER BA 272 -57.38 -7.22 9.16
C SER BA 272 -56.82 -8.50 8.57
N PHE BA 273 -57.67 -9.44 8.19
CA PHE BA 273 -57.17 -10.68 7.61
C PHE BA 273 -56.76 -10.48 6.15
N ALA BA 274 -57.39 -9.54 5.45
CA ALA BA 274 -57.04 -9.34 4.05
C ALA BA 274 -55.72 -8.61 3.87
N LYS BA 275 -55.15 -8.08 4.94
CA LYS BA 275 -53.89 -7.35 4.88
C LYS BA 275 -52.72 -8.13 5.45
N TYR BA 276 -52.91 -8.78 6.60
CA TYR BA 276 -51.81 -9.42 7.30
C TYR BA 276 -51.98 -10.93 7.45
N ARG BA 277 -53.10 -11.49 6.99
CA ARG BA 277 -53.46 -12.91 7.10
C ARG BA 277 -53.50 -13.40 8.54
N TRP BA 278 -53.81 -12.48 9.46
CA TRP BA 278 -54.12 -12.79 10.85
C TRP BA 278 -55.18 -11.81 11.30
N CYS BA 279 -55.57 -11.91 12.55
CA CYS BA 279 -56.49 -10.93 13.14
C CYS BA 279 -56.24 -10.71 14.63
N PRO BA 280 -55.17 -9.99 15.00
CA PRO BA 280 -55.24 -9.26 16.27
C PRO BA 280 -55.55 -7.79 16.08
N ASN BA 281 -55.57 -7.33 14.84
CA ASN BA 281 -55.61 -5.89 14.53
C ASN BA 281 -57.05 -5.45 14.37
N ILE BA 282 -57.73 -5.25 15.49
CA ILE BA 282 -59.13 -4.83 15.47
C ILE BA 282 -59.44 -3.69 16.43
N ILE BA 283 -58.43 -3.15 17.12
CA ILE BA 283 -58.73 -2.17 18.17
C ILE BA 283 -58.05 -0.83 17.94
N GLY BA 284 -57.77 -0.46 16.69
CA GLY BA 284 -57.05 0.76 16.43
C GLY BA 284 -57.76 1.77 15.55
N PRO BA 285 -57.90 3.00 16.04
CA PRO BA 285 -58.39 4.08 15.16
C PRO BA 285 -57.45 4.41 14.03
N GLN BA 286 -56.16 4.12 14.19
CA GLN BA 286 -55.22 4.15 13.09
C GLN BA 286 -54.52 2.82 12.91
N SER BA 287 -55.08 1.74 13.47
CA SER BA 287 -54.41 0.46 13.44
C SER BA 287 -55.37 -0.69 13.21
N GLY BA 288 -56.48 -0.43 12.54
CA GLY BA 288 -57.36 -1.50 12.10
C GLY BA 288 -58.63 -1.71 12.88
N GLY BA 289 -59.10 -0.73 13.63
CA GLY BA 289 -60.39 -0.84 14.28
C GLY BA 289 -61.25 0.34 13.91
N ALA BA 290 -60.95 0.97 12.78
CA ALA BA 290 -61.62 2.19 12.36
C ALA BA 290 -62.65 1.86 11.29
N VAL BA 291 -63.93 1.85 11.68
CA VAL BA 291 -65.03 1.66 10.74
C VAL BA 291 -65.18 2.97 9.97
N GLU BA 292 -64.65 3.01 8.76
CA GLU BA 292 -64.68 4.22 7.95
C GLU BA 292 -65.86 4.18 6.99
N ASP BA 293 -66.08 5.31 6.33
CA ASP BA 293 -67.10 5.50 5.28
C ASP BA 293 -68.50 5.22 5.81
N LEU BA 294 -68.83 5.83 6.93
CA LEU BA 294 -70.18 5.71 7.43
C LEU BA 294 -71.10 6.67 6.68
N PRO BA 295 -72.38 6.33 6.59
CA PRO BA 295 -73.35 7.29 6.02
C PRO BA 295 -73.60 8.45 6.97
N VAL BA 296 -73.66 9.65 6.41
CA VAL BA 296 -74.00 10.84 7.18
C VAL BA 296 -75.22 11.50 6.54
N HIS BA 297 -75.96 12.25 7.35
CA HIS BA 297 -77.18 12.91 6.90
C HIS BA 297 -77.18 14.32 7.50
N VAL BA 298 -76.75 15.29 6.70
CA VAL BA 298 -76.70 16.68 7.14
C VAL BA 298 -78.12 17.24 7.07
N PHE BA 299 -78.70 17.55 8.21
CA PHE BA 299 -80.02 18.15 8.27
C PHE BA 299 -79.96 19.44 9.07
N GLU BA 300 -81.07 20.16 9.07
CA GLU BA 300 -81.16 21.43 9.77
C GLU BA 300 -81.63 21.21 11.19
N SER BA 301 -80.81 21.64 12.15
CA SER BA 301 -81.18 21.59 13.56
C SER BA 301 -81.93 22.87 13.93
N MET BA 302 -82.05 23.14 15.23
CA MET BA 302 -82.69 24.35 15.72
C MET BA 302 -81.77 25.56 15.49
N GLY BA 303 -81.69 25.98 14.24
CA GLY BA 303 -80.90 27.12 13.84
C GLY BA 303 -79.62 26.78 13.09
N ALA BA 304 -78.92 25.76 13.54
CA ALA BA 304 -77.62 25.41 12.99
C ALA BA 304 -77.75 24.31 11.95
N LEU BA 305 -76.62 24.00 11.31
CA LEU BA 305 -76.52 22.93 10.31
C LEU BA 305 -75.63 21.84 10.90
N GLN BA 306 -76.25 20.78 11.40
CA GLN BA 306 -75.51 19.69 12.02
C GLN BA 306 -75.67 18.44 11.18
N SER BA 307 -75.02 17.37 11.63
CA SER BA 307 -75.08 16.07 10.97
C SER BA 307 -75.67 15.04 11.92
N LYS BA 308 -76.46 14.14 11.36
CA LYS BA 308 -76.96 13.01 12.15
C LYS BA 308 -75.82 12.07 12.47
N ILE BA 309 -75.70 11.70 13.74
CA ILE BA 309 -74.58 10.86 14.18
C ILE BA 309 -74.78 9.43 13.66
N PRO BA 310 -73.78 8.88 12.96
CA PRO BA 310 -73.99 7.56 12.35
C PRO BA 310 -74.08 6.41 13.33
N THR BA 311 -73.54 6.54 14.54
CA THR BA 311 -73.93 5.69 15.65
C THR BA 311 -74.87 6.50 16.52
N GLU BA 312 -75.82 5.82 17.17
CA GLU BA 312 -76.96 6.55 17.72
C GLU BA 312 -76.62 7.34 18.98
N VAL BA 313 -75.50 7.06 19.61
CA VAL BA 313 -75.03 7.88 20.72
C VAL BA 313 -73.58 8.25 20.46
N LEU BA 314 -73.15 9.33 21.10
CA LEU BA 314 -71.74 9.72 21.13
C LEU BA 314 -71.14 9.12 22.40
N ILE BA 315 -70.44 8.01 22.24
CA ILE BA 315 -69.83 7.33 23.37
C ILE BA 315 -68.60 8.11 23.80
N THR BA 316 -68.59 8.56 25.05
CA THR BA 316 -67.44 9.27 25.58
C THR BA 316 -66.32 8.28 25.87
N ASP BA 317 -65.17 8.81 26.29
CA ASP BA 317 -64.04 7.93 26.59
C ASP BA 317 -64.22 7.23 27.93
N ARG BA 318 -64.87 7.88 28.88
CA ARG BA 318 -65.12 7.23 30.17
C ARG BA 318 -66.23 6.20 30.06
N LYS BA 319 -67.24 6.48 29.25
CA LYS BA 319 -68.31 5.52 29.02
C LYS BA 319 -67.79 4.30 28.27
N GLU BA 320 -66.84 4.48 27.37
CA GLU BA 320 -66.30 3.35 26.62
C GLU BA 320 -65.37 2.53 27.49
N PHE BA 321 -64.61 3.19 28.37
CA PHE BA 321 -63.77 2.44 29.30
C PHE BA 321 -64.59 1.70 30.33
N GLU BA 322 -65.76 2.24 30.69
CA GLU BA 322 -66.63 1.51 31.61
C GLU BA 322 -67.34 0.35 30.91
N LEU BA 323 -67.59 0.48 29.60
CA LEU BA 323 -68.05 -0.65 28.83
C LEU BA 323 -66.93 -1.66 28.57
N ALA BA 324 -65.69 -1.21 28.54
CA ALA BA 324 -64.58 -2.12 28.30
C ALA BA 324 -64.33 -3.01 29.50
N GLU BA 325 -64.49 -2.46 30.71
CA GLU BA 325 -64.33 -3.27 31.91
C GLU BA 325 -65.49 -4.24 32.09
N GLU BA 326 -66.68 -3.88 31.62
CA GLU BA 326 -67.86 -4.70 31.76
C GLU BA 326 -68.14 -5.59 30.56
N GLY BA 327 -67.15 -5.76 29.68
CA GLY BA 327 -67.25 -6.73 28.61
C GLY BA 327 -68.14 -6.31 27.45
N PHE BA 328 -67.77 -5.24 26.76
CA PHE BA 328 -68.52 -4.78 25.61
C PHE BA 328 -67.56 -4.21 24.58
N ILE BA 329 -67.87 -4.41 23.31
CA ILE BA 329 -67.06 -3.89 22.21
C ILE BA 329 -67.81 -2.65 21.71
N ALA BA 330 -67.48 -1.50 22.28
CA ALA BA 330 -68.18 -0.27 21.94
C ALA BA 330 -67.53 0.42 20.76
N LEU BA 331 -68.32 1.22 20.06
CA LEU BA 331 -67.88 1.94 18.87
C LEU BA 331 -68.07 3.43 19.09
N THR BA 332 -67.00 4.11 19.49
CA THR BA 332 -67.04 5.55 19.57
C THR BA 332 -66.98 6.14 18.16
N MET BA 333 -67.72 7.23 17.97
CA MET BA 333 -67.86 7.83 16.65
C MET BA 333 -67.04 9.10 16.62
N ARG BA 334 -66.34 9.32 15.50
CA ARG BA 334 -65.51 10.52 15.34
C ARG BA 334 -66.42 11.70 15.09
N LYS BA 335 -66.69 12.46 16.16
CA LYS BA 335 -67.74 13.48 16.16
C LYS BA 335 -67.47 14.59 15.16
N GLY BA 336 -68.29 14.62 14.11
CA GLY BA 336 -68.16 15.62 13.07
C GLY BA 336 -67.74 15.07 11.73
N SER BA 337 -67.64 13.75 11.58
CA SER BA 337 -67.23 13.18 10.32
C SER BA 337 -67.92 11.83 10.15
N ASP BA 338 -67.45 11.06 9.17
CA ASP BA 338 -68.06 9.78 8.82
C ASP BA 338 -67.17 8.61 9.20
N ASN BA 339 -66.49 8.71 10.34
CA ASN BA 339 -65.60 7.67 10.80
C ASN BA 339 -65.99 7.25 12.20
N ALA BA 340 -65.49 6.10 12.61
CA ALA BA 340 -65.69 5.60 13.96
C ALA BA 340 -64.47 4.79 14.33
N ALA BA 341 -64.48 4.22 15.53
CA ALA BA 341 -63.31 3.49 15.99
C ALA BA 341 -63.71 2.53 17.09
N PHE BA 342 -63.09 1.36 17.09
CA PHE BA 342 -63.08 0.49 18.25
C PHE BA 342 -61.81 0.75 19.04
N PHE BA 343 -61.86 0.50 20.34
CA PHE BA 343 -60.71 0.72 21.18
C PHE BA 343 -60.30 -0.51 21.99
N SER BA 344 -61.24 -1.42 22.25
CA SER BA 344 -60.94 -2.61 23.06
C SER BA 344 -61.97 -3.65 22.71
N ALA BA 345 -61.51 -4.82 22.27
CA ALA BA 345 -62.41 -5.87 21.81
C ALA BA 345 -62.66 -6.93 22.88
N ASN BA 346 -62.75 -6.51 24.15
CA ASN BA 346 -62.84 -7.45 25.27
C ASN BA 346 -64.11 -8.29 25.21
N SER BA 347 -63.93 -9.60 25.36
CA SER BA 347 -65.06 -10.50 25.45
C SER BA 347 -65.72 -10.35 26.82
N ILE BA 348 -66.86 -11.01 26.99
CA ILE BA 348 -67.66 -10.82 28.20
C ILE BA 348 -67.08 -11.52 29.42
N GLN BA 349 -65.96 -12.23 29.29
CA GLN BA 349 -65.43 -13.00 30.40
C GLN BA 349 -64.80 -12.05 31.42
N LYS BA 350 -64.91 -12.40 32.68
CA LYS BA 350 -64.34 -11.52 33.70
C LYS BA 350 -62.97 -12.03 34.13
N PRO BA 351 -62.01 -11.12 34.31
CA PRO BA 351 -60.71 -11.53 34.84
C PRO BA 351 -60.82 -11.98 36.28
N LYS BA 352 -60.64 -13.27 36.53
CA LYS BA 352 -60.87 -13.82 37.86
C LYS BA 352 -59.74 -13.41 38.79
N VAL BA 353 -60.10 -12.89 39.95
CA VAL BA 353 -59.10 -12.46 40.92
C VAL BA 353 -58.51 -13.69 41.59
N PHE BA 354 -57.26 -13.87 41.43
CA PHE BA 354 -56.47 -14.94 41.99
C PHE BA 354 -55.76 -14.46 43.25
N PRO BA 355 -55.47 -15.34 44.21
CA PRO BA 355 -54.87 -14.89 45.48
C PRO BA 355 -53.44 -14.40 45.31
N ASN BA 356 -52.99 -13.65 46.30
CA ASN BA 356 -51.75 -12.89 46.19
C ASN BA 356 -50.51 -13.72 46.47
N THR BA 357 -50.36 -14.84 45.77
CA THR BA 357 -49.14 -15.62 45.85
C THR BA 357 -48.20 -15.19 44.72
N LYS BA 358 -47.11 -15.92 44.55
CA LYS BA 358 -46.24 -15.66 43.41
C LYS BA 358 -46.87 -16.15 42.12
N GLU BA 359 -47.45 -17.35 42.15
CA GLU BA 359 -48.15 -17.86 40.98
C GLU BA 359 -49.50 -17.22 40.77
N GLY BA 360 -50.17 -16.80 41.84
CA GLY BA 360 -51.49 -16.21 41.71
C GLY BA 360 -51.45 -14.83 41.10
N LYS BA 361 -50.45 -14.03 41.48
CA LYS BA 361 -50.25 -12.74 40.82
C LYS BA 361 -49.76 -12.90 39.40
N GLU BA 362 -49.14 -14.04 39.10
CA GLU BA 362 -48.73 -14.32 37.72
C GLU BA 362 -49.90 -14.82 36.89
N ALA BA 363 -50.62 -15.83 37.38
CA ALA BA 363 -51.70 -16.43 36.60
C ALA BA 363 -52.89 -15.51 36.43
N GLU BA 364 -53.02 -14.48 37.28
CA GLU BA 364 -54.04 -13.46 37.06
C GLU BA 364 -53.75 -12.68 35.79
N THR BA 365 -52.49 -12.36 35.54
CA THR BA 365 -52.12 -11.70 34.30
C THR BA 365 -52.14 -12.68 33.13
N ASN BA 366 -52.00 -13.97 33.44
CA ASN BA 366 -52.11 -14.98 32.38
C ASN BA 366 -53.56 -15.18 31.98
N TYR BA 367 -54.46 -15.25 32.94
CA TYR BA 367 -55.87 -15.42 32.65
C TYR BA 367 -56.49 -14.16 32.06
N LYS BA 368 -55.89 -13.01 32.31
CA LYS BA 368 -56.39 -11.77 31.74
C LYS BA 368 -56.19 -11.72 30.23
N LEU BA 369 -55.14 -12.36 29.72
CA LEU BA 369 -54.89 -12.36 28.29
C LEU BA 369 -55.88 -13.24 27.54
N GLY BA 370 -56.53 -14.18 28.22
CA GLY BA 370 -57.51 -15.00 27.53
C GLY BA 370 -58.77 -14.25 27.17
N THR BA 371 -59.18 -13.30 28.00
CA THR BA 371 -60.49 -12.68 27.84
C THR BA 371 -60.53 -11.62 26.77
N GLN BA 372 -59.39 -11.16 26.26
CA GLN BA 372 -59.38 -9.86 25.61
C GLN BA 372 -59.85 -9.90 24.16
N LEU BA 373 -59.71 -11.03 23.48
CA LEU BA 373 -60.17 -11.31 22.12
C LEU BA 373 -59.61 -10.37 21.05
N PRO BA 374 -58.32 -10.02 21.05
CA PRO BA 374 -57.69 -10.18 19.76
C PRO BA 374 -56.78 -11.38 19.83
N TYR BA 375 -56.48 -11.80 21.06
CA TYR BA 375 -55.54 -12.87 21.30
C TYR BA 375 -56.16 -14.24 21.14
N MET BA 376 -57.48 -14.35 21.30
CA MET BA 376 -58.13 -15.59 20.91
C MET BA 376 -58.02 -15.81 19.42
N MET BA 377 -58.08 -14.74 18.64
CA MET BA 377 -58.11 -14.92 17.20
C MET BA 377 -56.73 -15.24 16.64
N ILE BA 378 -55.66 -15.08 17.42
CA ILE BA 378 -54.36 -15.60 16.98
C ILE BA 378 -54.11 -17.00 17.49
N ILE BA 379 -55.00 -17.57 18.30
CA ILE BA 379 -54.92 -18.99 18.66
C ILE BA 379 -56.12 -19.78 18.18
N ASN BA 380 -57.22 -19.13 17.80
CA ASN BA 380 -58.23 -19.84 17.05
C ASN BA 380 -57.67 -20.26 15.70
N ARG BA 381 -56.86 -19.41 15.08
CA ARG BA 381 -56.14 -19.82 13.87
C ARG BA 381 -55.10 -20.88 14.18
N LEU BA 382 -54.56 -20.88 15.41
CA LEU BA 382 -53.74 -22.00 15.83
C LEU BA 382 -54.55 -23.16 16.38
N ALA BA 383 -55.86 -23.16 16.15
CA ALA BA 383 -56.65 -24.36 16.25
C ALA BA 383 -57.24 -24.75 14.91
N HIS BA 384 -57.28 -23.83 13.96
CA HIS BA 384 -57.80 -24.20 12.67
C HIS BA 384 -56.71 -24.67 11.73
N TYR BA 385 -55.52 -24.06 11.77
CA TYR BA 385 -54.41 -24.58 10.98
C TYR BA 385 -53.98 -25.94 11.48
N VAL BA 386 -53.90 -26.11 12.80
CA VAL BA 386 -53.23 -27.30 13.31
C VAL BA 386 -54.17 -28.50 13.26
N LYS BA 387 -55.48 -28.25 13.29
CA LYS BA 387 -56.45 -29.30 13.02
C LYS BA 387 -56.36 -29.78 11.60
N VAL BA 388 -56.20 -28.86 10.65
CA VAL BA 388 -56.09 -29.23 9.25
C VAL BA 388 -54.75 -29.87 8.94
N LEU BA 389 -53.68 -29.33 9.53
CA LEU BA 389 -52.33 -29.76 9.16
C LEU BA 389 -52.02 -31.16 9.70
N GLN BA 390 -52.53 -31.47 10.88
CA GLN BA 390 -52.38 -32.80 11.46
C GLN BA 390 -53.56 -33.71 11.14
N ARG BA 391 -54.38 -33.35 10.17
CA ARG BA 391 -55.38 -34.28 9.65
C ARG BA 391 -54.85 -35.03 8.43
N GLU BA 392 -54.06 -34.36 7.61
CA GLU BA 392 -53.43 -35.01 6.46
C GLU BA 392 -52.43 -36.06 6.90
N GLN BA 393 -51.86 -35.92 8.09
CA GLN BA 393 -50.75 -36.77 8.49
C GLN BA 393 -51.18 -38.13 8.99
N ILE BA 394 -52.47 -38.39 9.20
CA ILE BA 394 -52.93 -39.65 9.79
C ILE BA 394 -52.62 -40.80 8.85
N GLY BA 395 -51.88 -41.79 9.34
CA GLY BA 395 -51.44 -42.88 8.51
C GLY BA 395 -50.01 -42.80 8.06
N ALA BA 396 -49.27 -41.78 8.50
CA ALA BA 396 -47.90 -41.64 8.04
C ALA BA 396 -46.97 -42.54 8.82
N TRP BA 397 -45.67 -42.32 8.64
CA TRP BA 397 -44.65 -43.03 9.39
C TRP BA 397 -43.88 -41.98 10.17
N LYS BA 398 -44.27 -41.78 11.42
CA LYS BA 398 -43.81 -40.62 12.16
C LYS BA 398 -43.20 -41.14 13.46
N GLU BA 399 -42.69 -40.22 14.28
CA GLU BA 399 -42.23 -40.54 15.62
C GLU BA 399 -42.63 -39.39 16.53
N ARG BA 400 -42.38 -39.57 17.83
CA ARG BA 400 -42.54 -38.45 18.76
C ARG BA 400 -41.53 -37.35 18.46
N GLN BA 401 -40.28 -37.73 18.18
CA GLN BA 401 -39.29 -36.75 17.75
C GLN BA 401 -39.64 -36.15 16.40
N ASP BA 402 -40.31 -36.90 15.54
CA ASP BA 402 -40.77 -36.33 14.28
C ASP BA 402 -42.02 -35.47 14.51
N LEU BA 403 -42.81 -35.78 15.53
CA LEU BA 403 -43.95 -34.93 15.83
C LEU BA 403 -43.51 -33.61 16.44
N GLU BA 404 -42.45 -33.62 17.26
CA GLU BA 404 -41.91 -32.38 17.81
C GLU BA 404 -41.37 -31.47 16.73
N ARG BA 405 -40.83 -32.04 15.65
CA ARG BA 405 -40.16 -31.28 14.61
C ARG BA 405 -41.11 -30.74 13.57
N GLU BA 406 -42.15 -31.49 13.20
CA GLU BA 406 -43.12 -30.99 12.25
C GLU BA 406 -44.00 -29.88 12.80
N LEU BA 407 -43.98 -29.66 14.11
CA LEU BA 407 -44.66 -28.54 14.73
C LEU BA 407 -43.73 -27.38 15.07
N ASN BA 408 -42.51 -27.67 15.54
CA ASN BA 408 -41.60 -26.59 15.89
C ASN BA 408 -41.07 -25.89 14.65
N SER BA 409 -40.78 -26.64 13.59
CA SER BA 409 -40.37 -25.98 12.36
C SER BA 409 -41.54 -25.38 11.62
N TRP BA 410 -42.77 -25.67 12.04
CA TRP BA 410 -43.94 -25.05 11.44
C TRP BA 410 -44.30 -23.73 12.09
N ILE BA 411 -44.40 -23.68 13.42
CA ILE BA 411 -44.88 -22.46 14.05
C ILE BA 411 -43.78 -21.41 14.17
N LYS BA 412 -42.53 -21.77 13.95
CA LYS BA 412 -41.48 -20.76 13.99
C LYS BA 412 -41.32 -20.02 12.68
N GLN BA 413 -42.33 -20.05 11.81
CA GLN BA 413 -42.51 -19.02 10.81
C GLN BA 413 -43.58 -18.02 11.24
N TYR BA 414 -44.21 -18.25 12.38
CA TYR BA 414 -45.15 -17.31 12.97
C TYR BA 414 -44.57 -16.61 14.19
N VAL BA 415 -43.35 -16.97 14.58
CA VAL BA 415 -42.74 -16.49 15.81
C VAL BA 415 -41.61 -15.54 15.42
N ALA BA 416 -41.67 -14.31 15.92
CA ALA BA 416 -40.59 -13.34 15.76
C ALA BA 416 -40.15 -12.95 17.16
N ASP BA 417 -39.27 -13.76 17.74
CA ASP BA 417 -38.84 -13.57 19.13
C ASP BA 417 -37.83 -12.42 19.14
N GLN BA 418 -38.36 -11.21 19.22
CA GLN BA 418 -37.58 -10.03 18.96
C GLN BA 418 -38.25 -8.87 19.69
N GLU BA 419 -37.45 -8.02 20.30
CA GLU BA 419 -38.00 -7.00 21.19
C GLU BA 419 -38.68 -5.89 20.40
N ASN BA 420 -38.08 -5.46 19.31
CA ASN BA 420 -38.65 -4.41 18.46
C ASN BA 420 -38.47 -4.76 17.00
N PRO BA 421 -39.30 -5.64 16.44
CA PRO BA 421 -39.26 -5.86 15.00
C PRO BA 421 -40.04 -4.76 14.30
N PRO BA 422 -39.93 -4.63 12.98
CA PRO BA 422 -40.72 -3.63 12.26
C PRO BA 422 -42.21 -3.94 12.31
N ALA BA 423 -43.00 -2.96 11.87
CA ALA BA 423 -44.45 -3.02 11.99
C ALA BA 423 -45.09 -4.06 11.09
N ASP BA 424 -44.35 -4.60 10.12
CA ASP BA 424 -44.88 -5.69 9.31
C ASP BA 424 -44.52 -7.05 9.86
N VAL BA 425 -43.39 -7.17 10.55
CA VAL BA 425 -42.99 -8.44 11.14
C VAL BA 425 -43.86 -8.75 12.36
N ARG BA 426 -44.39 -7.71 13.01
CA ARG BA 426 -45.23 -7.91 14.18
C ARG BA 426 -46.58 -8.51 13.81
N SER BA 427 -47.11 -8.18 12.65
CA SER BA 427 -48.46 -8.62 12.31
C SER BA 427 -48.48 -9.80 11.36
N ARG BA 428 -47.46 -9.98 10.52
CA ARG BA 428 -47.33 -11.24 9.79
C ARG BA 428 -46.96 -12.37 10.72
N ARG BA 429 -46.20 -12.10 11.77
CA ARG BA 429 -45.79 -13.08 12.77
C ARG BA 429 -46.33 -12.61 14.11
N PRO BA 430 -47.60 -12.89 14.40
CA PRO BA 430 -48.23 -12.29 15.59
C PRO BA 430 -47.78 -12.89 16.90
N LEU BA 431 -47.21 -14.08 16.89
CA LEU BA 431 -46.71 -14.68 18.11
C LEU BA 431 -45.36 -14.07 18.45
N ARG BA 432 -44.88 -14.38 19.63
CA ARG BA 432 -43.58 -13.93 20.09
C ARG BA 432 -42.71 -15.07 20.60
N ALA BA 433 -43.30 -16.05 21.25
CA ALA BA 433 -42.56 -17.27 21.62
C ALA BA 433 -43.56 -18.42 21.73
N ALA BA 434 -43.09 -19.62 21.43
CA ALA BA 434 -43.97 -20.77 21.41
C ALA BA 434 -43.22 -22.00 21.91
N ARG BA 435 -43.80 -22.68 22.88
CA ARG BA 435 -43.21 -23.87 23.49
C ARG BA 435 -44.07 -25.07 23.12
N ILE BA 436 -43.45 -26.15 22.67
CA ILE BA 436 -44.17 -27.36 22.31
C ILE BA 436 -43.52 -28.54 23.03
N GLU BA 437 -44.28 -29.20 23.89
CA GLU BA 437 -43.78 -30.29 24.71
C GLU BA 437 -44.63 -31.52 24.40
N VAL BA 438 -44.14 -32.38 23.54
CA VAL BA 438 -44.87 -33.58 23.15
C VAL BA 438 -44.58 -34.68 24.16
N MET BA 439 -45.64 -35.28 24.69
CA MET BA 439 -45.55 -36.37 25.64
C MET BA 439 -46.22 -37.60 25.03
N ASP BA 440 -46.34 -38.66 25.81
CA ASP BA 440 -46.96 -39.89 25.32
C ASP BA 440 -48.24 -40.17 26.09
N VAL BA 441 -48.92 -41.24 25.69
CA VAL BA 441 -50.01 -41.82 26.46
C VAL BA 441 -49.69 -43.30 26.64
N GLU BA 442 -49.52 -43.73 27.88
CA GLU BA 442 -49.23 -45.12 28.16
C GLU BA 442 -50.51 -45.94 28.12
N GLY BA 443 -50.35 -47.26 28.02
CA GLY BA 443 -51.49 -48.14 27.91
C GLY BA 443 -51.85 -48.40 26.46
N ASN BA 444 -52.24 -47.34 25.75
CA ASN BA 444 -52.42 -47.38 24.30
C ASN BA 444 -51.31 -46.54 23.70
N PRO BA 445 -50.21 -47.13 23.27
CA PRO BA 445 -49.05 -46.34 22.87
C PRO BA 445 -49.24 -45.73 21.49
N GLY BA 446 -48.79 -44.49 21.35
CA GLY BA 446 -48.95 -43.74 20.13
C GLY BA 446 -50.11 -42.74 20.16
N TRP BA 447 -50.20 -41.99 21.24
CA TRP BA 447 -51.22 -40.97 21.42
C TRP BA 447 -50.53 -39.85 22.19
N TYR BA 448 -50.60 -38.62 21.68
CA TYR BA 448 -49.58 -37.63 21.98
C TYR BA 448 -50.15 -36.36 22.59
N GLN BA 449 -49.91 -36.16 23.87
CA GLN BA 449 -50.43 -35.01 24.59
C GLN BA 449 -49.40 -33.89 24.46
N VAL BA 450 -49.51 -33.08 23.43
CA VAL BA 450 -48.52 -32.03 23.21
C VAL BA 450 -49.09 -30.76 23.80
N SER BA 451 -48.23 -29.82 24.16
CA SER BA 451 -48.70 -28.59 24.81
C SER BA 451 -48.15 -27.37 24.11
N LEU BA 452 -48.82 -26.91 23.07
CA LEU BA 452 -48.43 -25.69 22.37
C LEU BA 452 -48.74 -24.48 23.22
N SER BA 453 -47.70 -23.72 23.58
CA SER BA 453 -47.80 -22.61 24.52
C SER BA 453 -47.31 -21.32 23.86
N VAL BA 454 -48.19 -20.67 23.12
CA VAL BA 454 -47.82 -19.48 22.37
C VAL BA 454 -47.84 -18.25 23.26
N ARG BA 455 -47.33 -17.13 22.77
CA ARG BA 455 -47.25 -15.91 23.53
C ARG BA 455 -47.29 -14.74 22.55
N PRO BA 456 -48.12 -13.75 22.78
CA PRO BA 456 -48.31 -12.70 21.77
C PRO BA 456 -47.49 -11.46 22.03
N HIS BA 457 -47.53 -10.51 21.11
CA HIS BA 457 -47.03 -9.18 21.39
C HIS BA 457 -48.11 -8.36 22.09
N PHE BA 458 -47.73 -7.19 22.59
CA PHE BA 458 -48.59 -6.39 23.45
C PHE BA 458 -48.78 -5.01 22.87
N LYS BA 459 -50.04 -4.59 22.75
CA LYS BA 459 -50.43 -3.35 22.12
C LYS BA 459 -50.39 -2.19 23.12
N TYR BA 460 -50.99 -1.07 22.74
CA TYR BA 460 -50.83 0.22 23.40
C TYR BA 460 -52.16 0.64 24.01
N MET BA 461 -52.21 0.77 25.34
CA MET BA 461 -53.47 1.12 26.00
C MET BA 461 -53.21 1.83 27.33
N GLY BA 462 -53.46 3.14 27.35
CA GLY BA 462 -53.36 3.95 28.54
C GLY BA 462 -51.98 4.36 29.02
N ALA BA 463 -51.86 5.58 29.53
CA ALA BA 463 -50.63 6.11 30.11
C ALA BA 463 -51.01 7.15 31.16
N ASN BA 464 -50.04 8.00 31.57
CA ASN BA 464 -50.43 8.95 32.61
C ASN BA 464 -50.12 10.42 32.31
N PHE BA 465 -48.93 10.74 31.78
CA PHE BA 465 -48.56 12.08 31.29
C PHE BA 465 -48.70 13.16 32.38
N GLU BA 466 -47.94 12.99 33.46
CA GLU BA 466 -48.08 13.83 34.66
C GLU BA 466 -47.26 15.11 34.53
N LEU BA 467 -47.85 16.13 33.91
CA LEU BA 467 -47.15 17.38 33.58
C LEU BA 467 -46.77 18.17 34.82
N SER BA 468 -45.84 19.10 34.60
CA SER BA 468 -45.23 19.97 35.60
C SER BA 468 -44.42 21.00 34.84
N LEU BA 469 -43.89 22.00 35.55
CA LEU BA 469 -42.80 22.76 34.96
C LEU BA 469 -41.57 22.67 35.87
N VAL BA 470 -40.40 22.70 35.24
CA VAL BA 470 -39.13 22.68 35.95
C VAL BA 470 -38.57 24.08 36.11
N GLY BA 471 -38.63 24.90 35.05
CA GLY BA 471 -38.17 26.26 35.11
C GLY BA 471 -36.77 26.49 34.57
N ARG BA 472 -35.84 25.60 34.88
CA ARG BA 472 -34.47 25.69 34.37
C ARG BA 472 -34.18 24.63 33.32
N LEU BA 473 -34.54 23.38 33.57
CA LEU BA 473 -34.26 22.31 32.63
C LEU BA 473 -35.33 22.24 31.55
N PRO CA 1 -6.93 -20.77 25.67
CA PRO CA 1 -7.63 -19.68 26.36
C PRO CA 1 -9.10 -19.98 26.57
N THR CA 2 -9.70 -19.42 27.60
CA THR CA 2 -11.09 -19.74 27.86
C THR CA 2 -11.99 -18.71 27.18
N PRO CA 3 -13.14 -19.13 26.64
CA PRO CA 3 -14.02 -18.18 25.98
C PRO CA 3 -14.68 -17.23 26.95
N CYS CA 4 -14.97 -16.05 26.46
CA CYS CA 4 -15.56 -14.98 27.24
C CYS CA 4 -17.07 -14.97 27.01
N TYR CA 5 -17.74 -13.94 27.50
CA TYR CA 5 -19.18 -13.82 27.33
C TYR CA 5 -19.54 -12.36 27.18
N ILE CA 6 -20.45 -12.06 26.26
CA ILE CA 6 -20.85 -10.68 25.98
C ILE CA 6 -22.35 -10.55 26.06
N SER CA 7 -22.82 -9.56 26.80
CA SER CA 7 -24.24 -9.25 26.90
C SER CA 7 -24.49 -7.87 26.33
N ILE CA 8 -25.17 -7.81 25.19
CA ILE CA 8 -25.42 -6.57 24.48
C ILE CA 8 -26.83 -6.10 24.76
N GLU CA 9 -27.00 -4.83 25.10
CA GLU CA 9 -28.32 -4.24 25.25
C GLU CA 9 -28.45 -3.05 24.32
N GLY CA 10 -29.44 -3.09 23.42
CA GLY CA 10 -29.60 -2.05 22.43
C GLY CA 10 -30.42 -0.87 22.93
N GLN CA 11 -30.51 0.15 22.09
CA GLN CA 11 -31.42 1.26 22.37
C GLN CA 11 -32.86 0.82 22.24
N THR CA 12 -33.25 0.38 21.05
CA THR CA 12 -34.64 0.04 20.80
C THR CA 12 -34.93 -1.45 20.83
N GLN CA 13 -33.91 -2.30 20.67
CA GLN CA 13 -34.14 -3.74 20.58
C GLN CA 13 -33.96 -4.44 21.90
N GLY CA 14 -33.97 -3.71 23.00
CA GLY CA 14 -33.94 -4.33 24.31
C GLY CA 14 -32.62 -5.02 24.57
N LEU CA 15 -32.68 -6.15 25.26
CA LEU CA 15 -31.51 -6.99 25.45
C LEU CA 15 -31.36 -7.83 24.21
N ILE CA 16 -30.31 -7.56 23.43
CA ILE CA 16 -30.15 -8.24 22.14
C ILE CA 16 -29.78 -9.69 22.34
N THR CA 17 -28.86 -9.97 23.23
CA THR CA 17 -28.44 -11.34 23.39
C THR CA 17 -29.30 -12.14 24.32
N ALA CA 18 -30.54 -11.73 24.60
CA ALA CA 18 -31.42 -12.48 25.49
C ALA CA 18 -31.86 -13.74 24.79
N GLY CA 19 -31.23 -14.85 25.12
CA GLY CA 19 -31.53 -16.09 24.46
C GLY CA 19 -30.50 -16.53 23.44
N ALA CA 20 -29.33 -15.92 23.41
CA ALA CA 20 -28.34 -16.28 22.41
C ALA CA 20 -27.49 -17.46 22.82
N CYS CA 21 -27.79 -18.09 23.95
CA CYS CA 21 -27.26 -19.40 24.33
C CYS CA 21 -28.37 -20.29 24.85
N THR CA 22 -29.43 -20.42 24.06
CA THR CA 22 -30.44 -21.44 24.30
C THR CA 22 -30.17 -22.62 23.38
N ALA CA 23 -31.06 -23.60 23.41
CA ALA CA 23 -30.95 -24.72 22.50
C ALA CA 23 -31.41 -24.38 21.10
N ASP CA 24 -32.14 -23.29 20.93
CA ASP CA 24 -32.53 -22.89 19.59
C ASP CA 24 -31.43 -22.11 18.87
N SER CA 25 -30.58 -21.41 19.61
CA SER CA 25 -29.54 -20.62 18.98
C SER CA 25 -28.43 -21.50 18.45
N ILE CA 26 -27.75 -22.22 19.33
CA ILE CA 26 -26.51 -22.89 18.97
C ILE CA 26 -26.56 -24.39 19.23
N GLY CA 27 -27.75 -24.98 19.23
CA GLY CA 27 -27.84 -26.42 19.33
C GLY CA 27 -27.55 -26.96 20.71
N ASP CA 28 -26.56 -27.84 20.81
CA ASP CA 28 -26.22 -28.46 22.08
C ASP CA 28 -25.02 -27.85 22.76
N SER CA 29 -24.46 -26.77 22.21
CA SER CA 29 -23.32 -26.12 22.83
C SER CA 29 -23.73 -24.93 23.66
N PHE CA 30 -24.95 -24.92 24.16
CA PHE CA 30 -25.33 -23.81 25.01
C PHE CA 30 -24.99 -24.13 26.45
N VAL CA 31 -24.91 -23.09 27.27
CA VAL CA 31 -24.47 -23.21 28.65
C VAL CA 31 -25.59 -22.69 29.53
N GLU CA 32 -25.97 -23.46 30.54
CA GLU CA 32 -26.94 -22.99 31.52
C GLU CA 32 -26.32 -21.88 32.37
N GLY CA 33 -27.16 -20.93 32.76
CA GLY CA 33 -26.71 -19.79 33.52
C GLY CA 33 -26.22 -18.63 32.69
N HIS CA 34 -25.86 -18.86 31.44
CA HIS CA 34 -25.42 -17.82 30.54
C HIS CA 34 -26.42 -17.67 29.42
N GLU CA 35 -27.70 -17.67 29.78
CA GLU CA 35 -28.76 -17.65 28.79
C GLU CA 35 -28.87 -16.32 28.08
N ASP CA 36 -28.29 -15.25 28.62
CA ASP CA 36 -28.42 -13.94 28.02
C ASP CA 36 -27.12 -13.45 27.41
N GLU CA 37 -26.14 -14.32 27.25
CA GLU CA 37 -24.79 -13.90 26.92
C GLU CA 37 -24.26 -14.77 25.80
N MET CA 38 -23.78 -14.15 24.72
CA MET CA 38 -23.17 -14.91 23.64
C MET CA 38 -21.86 -15.53 24.10
N LEU CA 39 -21.34 -16.45 23.29
CA LEU CA 39 -20.10 -17.13 23.61
C LEU CA 39 -19.03 -16.61 22.66
N VAL CA 40 -18.09 -15.86 23.20
CA VAL CA 40 -17.12 -15.11 22.40
C VAL CA 40 -15.84 -15.91 22.27
N GLN CA 41 -15.41 -16.15 21.04
CA GLN CA 41 -14.25 -17.00 20.81
C GLN CA 41 -12.96 -16.20 20.76
N GLN CA 42 -12.84 -15.28 19.82
CA GLN CA 42 -11.62 -14.55 19.55
C GLN CA 42 -11.83 -13.09 19.93
N PHE CA 43 -10.75 -12.36 20.18
CA PHE CA 43 -10.86 -10.99 20.62
C PHE CA 43 -9.68 -10.18 20.09
N ASP CA 44 -9.92 -8.88 19.86
CA ASP CA 44 -8.90 -7.96 19.37
C ASP CA 44 -9.32 -6.51 19.54
N HIS CA 45 -8.45 -5.65 20.04
CA HIS CA 45 -8.85 -4.30 20.41
C HIS CA 45 -7.63 -3.41 20.56
N VAL CA 46 -7.59 -2.30 19.82
CA VAL CA 46 -6.46 -1.38 19.81
C VAL CA 46 -6.96 -0.02 20.29
N VAL CA 47 -6.15 0.69 21.05
CA VAL CA 47 -6.46 2.06 21.46
C VAL CA 47 -5.21 2.89 21.20
N THR CA 48 -5.19 3.63 20.11
CA THR CA 48 -3.98 4.38 19.77
C THR CA 48 -4.02 5.78 20.36
N VAL CA 49 -2.83 6.40 20.43
CA VAL CA 49 -2.68 7.80 20.76
C VAL CA 49 -1.68 8.40 19.79
N PRO CA 50 -2.05 9.42 19.04
CA PRO CA 50 -1.10 10.03 18.10
C PRO CA 50 -0.04 10.84 18.81
N THR CA 51 1.20 10.36 18.77
CA THR CA 51 2.33 11.07 19.37
C THR CA 51 3.19 11.66 18.28
N ASP CA 52 3.77 12.82 18.54
CA ASP CA 52 4.61 13.43 17.53
C ASP CA 52 5.97 12.76 17.47
N PRO CA 53 6.66 12.85 16.33
CA PRO CA 53 8.06 12.41 16.30
C PRO CA 53 8.94 13.40 17.05
N GLN CA 54 10.21 13.01 17.18
CA GLN CA 54 11.31 13.77 17.81
C GLN CA 54 10.94 14.33 19.19
N SER CA 55 10.07 13.63 19.90
CA SER CA 55 9.60 14.02 21.22
C SER CA 55 9.06 12.77 21.88
N GLY CA 56 8.29 12.94 22.94
CA GLY CA 56 7.56 11.83 23.49
C GLY CA 56 6.14 12.19 23.82
N GLN CA 57 5.77 13.45 23.62
CA GLN CA 57 4.50 13.90 24.14
C GLN CA 57 3.35 13.46 23.24
N PRO CA 58 2.18 13.19 23.81
CA PRO CA 58 1.01 12.84 22.99
C PRO CA 58 0.47 14.06 22.27
N SER CA 59 0.57 14.05 20.95
CA SER CA 59 0.12 15.16 20.13
C SER CA 59 -1.32 14.93 19.66
N GLY CA 60 -2.21 14.87 20.65
CA GLY CA 60 -3.60 14.64 20.33
C GLY CA 60 -4.27 13.66 21.26
N GLN CA 61 -5.59 13.65 21.28
CA GLN CA 61 -6.32 12.74 22.14
C GLN CA 61 -6.30 11.34 21.55
N ARG CA 62 -6.70 10.37 22.37
CA ARG CA 62 -6.71 8.97 21.99
C ARG CA 62 -7.70 8.71 20.85
N VAL CA 63 -7.46 7.63 20.12
CA VAL CA 63 -8.28 7.21 18.99
C VAL CA 63 -8.63 5.75 19.20
N HIS CA 64 -9.91 5.47 19.43
CA HIS CA 64 -10.33 4.11 19.73
C HIS CA 64 -10.54 3.31 18.46
N LYS CA 65 -9.63 2.41 18.16
CA LYS CA 65 -9.86 1.40 17.16
C LYS CA 65 -10.84 0.37 17.71
N PRO CA 66 -11.61 -0.32 16.86
CA PRO CA 66 -12.77 -1.05 17.39
C PRO CA 66 -12.43 -2.37 18.05
N PHE CA 67 -13.34 -2.79 18.95
CA PHE CA 67 -13.53 -4.18 19.34
C PHE CA 67 -13.57 -5.10 18.14
N LYS CA 68 -13.14 -6.34 18.32
CA LYS CA 68 -13.37 -7.39 17.32
C LYS CA 68 -13.58 -8.69 18.08
N PHE CA 69 -14.83 -9.04 18.38
CA PHE CA 69 -15.14 -10.29 19.05
C PHE CA 69 -15.88 -11.21 18.10
N THR CA 70 -15.62 -12.51 18.20
CA THR CA 70 -16.11 -13.49 17.24
C THR CA 70 -17.07 -14.46 17.90
N VAL CA 71 -18.30 -14.53 17.42
CA VAL CA 71 -19.27 -15.50 17.88
C VAL CA 71 -19.75 -16.31 16.69
N ALA CA 72 -20.41 -17.42 16.97
CA ALA CA 72 -20.98 -18.23 15.90
C ALA CA 72 -22.31 -17.64 15.48
N LEU CA 73 -22.91 -18.20 14.43
CA LEU CA 73 -24.25 -17.78 14.03
C LEU CA 73 -25.27 -18.25 15.04
N ASN CA 74 -26.03 -17.32 15.59
CA ASN CA 74 -27.02 -17.65 16.58
C ASN CA 74 -28.16 -16.64 16.49
N LYS CA 75 -28.96 -16.58 17.55
CA LYS CA 75 -30.17 -15.78 17.56
C LYS CA 75 -29.88 -14.30 17.48
N ALA CA 76 -28.81 -13.85 18.13
CA ALA CA 76 -28.52 -12.44 18.21
C ALA CA 76 -27.90 -11.87 16.95
N VAL CA 77 -27.47 -12.69 16.00
CA VAL CA 77 -26.80 -12.19 14.80
C VAL CA 77 -27.77 -11.46 13.84
N PRO CA 78 -29.01 -11.90 13.58
CA PRO CA 78 -29.92 -11.01 12.86
C PRO CA 78 -30.30 -9.77 13.63
N LEU CA 79 -30.22 -9.80 14.96
CA LEU CA 79 -30.46 -8.58 15.72
C LEU CA 79 -29.28 -7.63 15.64
N LEU CA 80 -28.07 -8.15 15.49
CA LEU CA 80 -26.91 -7.29 15.33
C LEU CA 80 -26.74 -6.78 13.92
N TYR CA 81 -27.48 -7.30 12.95
CA TYR CA 81 -27.46 -6.70 11.64
C TYR CA 81 -28.55 -5.65 11.46
N ASN CA 82 -29.25 -5.27 12.52
CA ASN CA 82 -30.03 -4.04 12.50
C ASN CA 82 -29.42 -2.95 13.34
N ALA CA 83 -28.65 -3.31 14.36
CA ALA CA 83 -27.85 -2.31 15.04
C ALA CA 83 -26.77 -1.80 14.12
N LEU CA 84 -26.34 -2.61 13.16
CA LEU CA 84 -25.33 -2.21 12.20
C LEU CA 84 -25.91 -1.33 11.11
N SER CA 85 -26.87 -1.85 10.36
CA SER CA 85 -27.34 -1.19 9.16
C SER CA 85 -28.24 0.00 9.43
N SER CA 86 -28.60 0.26 10.68
CA SER CA 86 -29.35 1.45 11.00
C SER CA 86 -28.65 2.37 11.97
N GLY CA 87 -27.44 2.02 12.39
CA GLY CA 87 -26.67 2.89 13.26
C GLY CA 87 -27.20 2.99 14.66
N GLU CA 88 -27.87 1.95 15.14
CA GLU CA 88 -28.43 1.98 16.48
C GLU CA 88 -27.33 1.82 17.51
N LYS CA 89 -27.30 2.73 18.47
CA LYS CA 89 -26.33 2.60 19.54
C LYS CA 89 -26.77 1.48 20.47
N LEU CA 90 -25.81 0.92 21.18
CA LEU CA 90 -26.06 -0.17 22.12
C LEU CA 90 -25.75 0.36 23.49
N LYS CA 91 -26.69 0.23 24.44
CA LYS CA 91 -26.54 0.88 25.73
C LYS CA 91 -25.39 0.28 26.52
N THR CA 92 -25.17 -1.02 26.41
CA THR CA 92 -24.06 -1.62 27.13
C THR CA 92 -23.59 -2.89 26.43
N VAL CA 93 -22.32 -3.21 26.64
CA VAL CA 93 -21.71 -4.45 26.19
C VAL CA 93 -20.77 -4.86 27.30
N GLU CA 94 -21.07 -5.95 27.97
CA GLU CA 94 -20.26 -6.33 29.13
C GLU CA 94 -19.51 -7.61 28.81
N LEU CA 95 -18.33 -7.47 28.24
CA LEU CA 95 -17.44 -8.59 28.07
C LEU CA 95 -16.97 -9.08 29.42
N LYS CA 96 -16.82 -10.38 29.58
CA LYS CA 96 -16.36 -10.96 30.84
C LYS CA 96 -15.33 -12.03 30.55
N TRP CA 97 -14.08 -11.75 30.91
CA TRP CA 97 -13.00 -12.69 30.66
C TRP CA 97 -12.97 -13.74 31.74
N TYR CA 98 -13.20 -14.98 31.39
CA TYR CA 98 -13.13 -16.03 32.40
C TYR CA 98 -11.74 -16.62 32.46
N ARG CA 99 -11.45 -17.27 33.57
CA ARG CA 99 -10.27 -18.10 33.69
C ARG CA 99 -10.53 -19.13 34.78
N THR CA 100 -9.72 -20.18 34.76
CA THR CA 100 -9.87 -21.27 35.71
C THR CA 100 -9.02 -20.98 36.93
N SER CA 101 -9.66 -20.86 38.08
CA SER CA 101 -8.96 -20.47 39.30
C SER CA 101 -8.29 -21.68 39.92
N ILE CA 102 -7.78 -21.51 41.14
CA ILE CA 102 -7.03 -22.56 41.80
C ILE CA 102 -7.98 -23.62 42.34
N GLU CA 103 -9.10 -23.19 42.93
CA GLU CA 103 -10.04 -24.13 43.52
C GLU CA 103 -10.80 -24.94 42.48
N GLY CA 104 -10.71 -24.58 41.21
CA GLY CA 104 -11.33 -25.35 40.16
C GLY CA 104 -12.60 -24.77 39.61
N LYS CA 105 -12.84 -23.48 39.77
CA LYS CA 105 -14.07 -22.88 39.34
C LYS CA 105 -13.78 -21.72 38.41
N GLN CA 106 -14.62 -21.57 37.40
CA GLN CA 106 -14.54 -20.45 36.50
C GLN CA 106 -14.85 -19.16 37.24
N GLU CA 107 -14.17 -18.08 36.87
CA GLU CA 107 -14.46 -16.78 37.46
C GLU CA 107 -14.03 -15.70 36.49
N ASN CA 108 -14.76 -14.59 36.51
CA ASN CA 108 -14.35 -13.46 35.69
C ASN CA 108 -13.28 -12.69 36.44
N PHE CA 109 -12.09 -12.66 35.88
CA PHE CA 109 -11.04 -11.89 36.49
C PHE CA 109 -10.91 -10.50 35.91
N PHE CA 110 -11.72 -10.18 34.89
CA PHE CA 110 -11.49 -8.98 34.11
C PHE CA 110 -12.75 -8.73 33.29
N THR CA 111 -13.39 -7.58 33.46
CA THR CA 111 -14.55 -7.25 32.64
C THR CA 111 -14.31 -5.91 31.98
N THR CA 112 -14.65 -5.80 30.70
CA THR CA 112 -14.53 -4.55 29.98
C THR CA 112 -15.93 -4.12 29.58
N LYS CA 113 -16.58 -3.34 30.42
CA LYS CA 113 -17.90 -2.83 30.08
C LYS CA 113 -17.79 -1.75 29.02
N LEU CA 114 -18.92 -1.19 28.62
CA LEU CA 114 -18.95 -0.35 27.45
C LEU CA 114 -20.22 0.45 27.48
N GLU CA 115 -20.15 1.75 27.25
CA GLU CA 115 -21.35 2.55 27.10
C GLU CA 115 -21.71 2.61 25.63
N ASN CA 116 -22.46 3.64 25.21
CA ASN CA 116 -23.08 3.77 23.89
C ASN CA 116 -22.14 3.42 22.75
N ALA CA 117 -22.46 2.33 22.06
CA ALA CA 117 -21.48 1.65 21.22
C ALA CA 117 -22.16 1.17 19.95
N SER CA 118 -22.01 1.91 18.87
CA SER CA 118 -22.53 1.43 17.60
C SER CA 118 -21.67 0.29 17.09
N ILE CA 119 -22.16 -0.38 16.05
CA ILE CA 119 -21.41 -1.45 15.41
C ILE CA 119 -20.81 -0.91 14.13
N VAL CA 120 -19.49 -1.05 13.98
CA VAL CA 120 -18.83 -0.56 12.78
C VAL CA 120 -19.02 -1.54 11.64
N ASP CA 121 -18.56 -2.77 11.80
CA ASP CA 121 -18.78 -3.76 10.77
C ASP CA 121 -18.87 -5.15 11.37
N ILE CA 122 -19.45 -6.06 10.59
CA ILE CA 122 -19.65 -7.45 10.98
C ILE CA 122 -19.18 -8.32 9.84
N HIS CA 123 -18.23 -9.20 10.10
CA HIS CA 123 -17.56 -9.99 9.07
C HIS CA 123 -17.97 -11.45 9.21
N CYS CA 124 -19.09 -11.80 8.59
CA CYS CA 124 -19.59 -13.17 8.63
C CYS CA 124 -18.87 -13.99 7.58
N GLU CA 125 -18.23 -15.07 7.99
CA GLU CA 125 -17.57 -15.96 7.05
C GLU CA 125 -17.76 -17.40 7.50
N MET CA 126 -17.44 -18.32 6.59
CA MET CA 126 -17.48 -19.74 6.87
C MET CA 126 -16.29 -20.33 6.16
N PRO CA 127 -15.49 -21.15 6.84
CA PRO CA 127 -14.32 -21.76 6.20
C PRO CA 127 -14.74 -22.79 5.16
N HIS CA 128 -13.75 -23.22 4.38
CA HIS CA 128 -14.02 -24.05 3.22
C HIS CA 128 -14.40 -25.46 3.65
N CYS CA 129 -15.50 -25.97 3.08
CA CYS CA 129 -16.03 -27.24 3.55
C CYS CA 129 -15.20 -28.42 3.06
N GLN CA 130 -14.52 -28.27 1.93
CA GLN CA 130 -13.62 -29.32 1.44
C GLN CA 130 -12.38 -29.47 2.31
N ASP CA 131 -11.98 -28.40 3.00
CA ASP CA 131 -10.69 -28.35 3.67
C ASP CA 131 -10.78 -29.09 5.00
N PRO CA 132 -9.97 -30.12 5.23
CA PRO CA 132 -10.05 -30.86 6.50
C PRO CA 132 -9.32 -30.18 7.65
N ALA CA 133 -8.48 -29.19 7.38
CA ALA CA 133 -7.80 -28.50 8.48
C ALA CA 133 -8.74 -27.59 9.25
N LYS CA 134 -9.81 -27.14 8.62
CA LYS CA 134 -10.79 -26.25 9.23
C LYS CA 134 -12.13 -26.94 9.36
N SER CA 135 -12.13 -28.19 9.78
CA SER CA 135 -13.36 -28.96 9.91
C SER CA 135 -14.05 -28.74 11.24
N ASP CA 136 -13.29 -28.40 12.29
CA ASP CA 136 -13.88 -28.20 13.60
C ASP CA 136 -14.61 -26.87 13.72
N PHE CA 137 -14.29 -25.91 12.86
CA PHE CA 137 -14.92 -24.61 12.94
C PHE CA 137 -16.34 -24.70 12.39
N THR CA 138 -17.20 -23.81 12.85
CA THR CA 138 -18.56 -23.78 12.33
C THR CA 138 -18.81 -22.53 11.49
N GLN CA 139 -18.75 -21.36 12.10
CA GLN CA 139 -18.85 -20.09 11.42
C GLN CA 139 -18.02 -19.08 12.20
N ASN CA 140 -17.91 -17.87 11.66
CA ASN CA 140 -17.16 -16.82 12.32
C ASN CA 140 -17.89 -15.52 12.02
N VAL CA 141 -18.51 -14.94 13.03
CA VAL CA 141 -19.20 -13.66 12.89
C VAL CA 141 -18.47 -12.69 13.79
N THR CA 142 -17.59 -11.88 13.21
CA THR CA 142 -16.73 -10.97 13.96
C THR CA 142 -17.40 -9.61 14.00
N VAL CA 143 -18.03 -9.29 15.12
CA VAL CA 143 -18.78 -8.05 15.26
C VAL CA 143 -17.87 -6.99 15.85
N SER CA 144 -17.76 -5.85 15.19
CA SER CA 144 -16.96 -4.77 15.71
C SER CA 144 -17.80 -3.80 16.50
N LEU CA 145 -17.15 -2.99 17.32
CA LEU CA 145 -17.85 -2.01 18.13
C LEU CA 145 -16.97 -0.79 18.28
N SER CA 146 -17.33 0.31 17.65
CA SER CA 146 -16.85 1.59 18.16
C SER CA 146 -17.75 1.96 19.31
N TYR CA 147 -17.30 2.90 20.13
CA TYR CA 147 -17.90 3.06 21.44
C TYR CA 147 -17.58 4.43 22.01
N ARG CA 148 -18.51 4.97 22.79
CA ARG CA 148 -18.23 6.23 23.47
C ARG CA 148 -17.36 6.01 24.69
N LYS CA 149 -17.85 5.27 25.67
CA LYS CA 149 -17.20 5.11 26.95
C LYS CA 149 -16.92 3.65 27.22
N ILE CA 150 -15.68 3.35 27.57
CA ILE CA 150 -15.25 2.00 27.90
C ILE CA 150 -14.66 2.01 29.29
N THR CA 151 -14.94 0.97 30.07
CA THR CA 151 -14.43 0.84 31.43
C THR CA 151 -13.84 -0.54 31.61
N TRP CA 152 -12.53 -0.64 31.58
CA TRP CA 152 -11.88 -1.87 32.01
C TRP CA 152 -12.03 -2.03 33.51
N ASP CA 153 -12.04 -3.28 33.96
CA ASP CA 153 -12.27 -3.53 35.38
C ASP CA 153 -11.70 -4.91 35.70
N HIS CA 154 -10.59 -4.93 36.42
CA HIS CA 154 -10.06 -6.19 36.92
C HIS CA 154 -10.75 -6.50 38.24
N VAL CA 155 -11.37 -7.66 38.34
CA VAL CA 155 -12.22 -7.96 39.48
C VAL CA 155 -11.42 -8.49 40.66
N ASN CA 156 -10.52 -9.44 40.43
CA ASN CA 156 -9.79 -10.08 41.52
C ASN CA 156 -8.73 -9.20 42.15
N ALA CA 157 -8.41 -8.05 41.56
CA ALA CA 157 -7.50 -7.11 42.18
C ALA CA 157 -8.10 -5.72 42.28
N GLY CA 158 -9.34 -5.53 41.87
CA GLY CA 158 -10.06 -4.32 42.14
C GLY CA 158 -9.69 -3.11 41.32
N THR CA 159 -8.68 -3.18 40.47
CA THR CA 159 -8.33 -2.00 39.67
C THR CA 159 -9.38 -1.76 38.60
N SER CA 160 -9.45 -0.52 38.15
CA SER CA 160 -10.45 -0.15 37.16
C SER CA 160 -9.97 1.03 36.36
N GLY CA 161 -9.88 0.85 35.05
CA GLY CA 161 -9.57 1.96 34.17
C GLY CA 161 -10.84 2.47 33.55
N SER CA 162 -10.80 3.62 32.90
CA SER CA 162 -11.98 4.17 32.28
C SER CA 162 -11.56 5.18 31.22
N ASP CA 163 -12.28 5.20 30.11
CA ASP CA 163 -12.14 6.25 29.13
C ASP CA 163 -13.53 6.71 28.75
N ASP CA 164 -13.65 8.00 28.47
CA ASP CA 164 -14.95 8.52 28.07
C ASP CA 164 -14.75 9.75 27.21
N TRP CA 165 -15.49 9.80 26.11
CA TRP CA 165 -15.53 11.05 25.36
C TRP CA 165 -16.41 12.06 26.04
N ARG CA 166 -17.42 11.61 26.79
CA ARG CA 166 -18.36 12.52 27.42
C ARG CA 166 -17.70 13.33 28.52
N LYS CA 167 -16.85 12.69 29.32
CA LYS CA 167 -16.19 13.32 30.45
C LYS CA 167 -14.70 13.06 30.39
N PRO CA 168 -13.96 13.80 29.57
CA PRO CA 168 -12.51 13.69 29.61
C PRO CA 168 -11.99 14.34 30.87
N ILE CA 169 -10.75 14.03 31.22
CA ILE CA 169 -10.29 14.28 32.57
C ILE CA 169 -9.98 15.77 32.70
N GLU CA 170 -10.97 16.51 33.21
CA GLU CA 170 -11.10 17.97 33.34
C GLU CA 170 -10.60 18.82 32.17
N GLY DA 1 -82.04 50.88 70.07
CA GLY DA 1 -81.63 50.10 68.90
C GLY DA 1 -80.88 50.93 67.88
N SER DA 2 -80.09 51.89 68.36
CA SER DA 2 -79.31 52.73 67.45
C SER DA 2 -78.13 51.99 66.84
N LEU DA 3 -77.65 50.93 67.48
CA LEU DA 3 -76.59 50.12 66.89
C LEU DA 3 -77.09 49.32 65.69
N LEU DA 4 -78.37 48.94 65.70
CA LEU DA 4 -78.96 48.32 64.52
C LEU DA 4 -79.15 49.33 63.40
N ASP DA 5 -79.33 50.61 63.75
CA ASP DA 5 -79.45 51.66 62.74
C ASP DA 5 -78.14 51.91 62.04
N GLU DA 6 -77.01 51.72 62.73
CA GLU DA 6 -75.71 51.91 62.09
C GLU DA 6 -75.37 50.75 61.15
N ILE DA 7 -75.91 49.56 61.43
CA ILE DA 7 -75.70 48.43 60.53
C ILE DA 7 -76.57 48.56 59.29
N MET DA 8 -77.83 49.00 59.48
CA MET DA 8 -78.72 49.18 58.34
C MET DA 8 -78.33 50.38 57.47
N ALA DA 9 -77.73 51.41 58.06
CA ALA DA 9 -77.18 52.49 57.25
C ALA DA 9 -75.90 52.08 56.54
N GLN DA 10 -75.20 51.07 57.06
CA GLN DA 10 -74.01 50.51 56.41
C GLN DA 10 -74.49 49.56 55.31
N THR DA 11 -74.51 50.05 54.07
CA THR DA 11 -75.15 49.34 52.97
C THR DA 11 -74.38 48.11 52.49
N ARG DA 12 -73.16 47.89 52.99
CA ARG DA 12 -72.41 46.71 52.58
C ARG DA 12 -72.94 45.43 53.21
N CYS DA 13 -73.41 45.50 54.46
CA CYS DA 13 -73.94 44.34 55.18
C CYS DA 13 -75.20 44.72 55.94
N ALA DA 14 -76.11 45.43 55.26
CA ALA DA 14 -77.29 45.96 55.95
C ALA DA 14 -78.34 44.91 56.29
N PRO DA 15 -78.94 44.15 55.29
CA PRO DA 15 -80.18 43.43 55.65
C PRO DA 15 -79.97 42.07 56.31
N SER DA 16 -79.01 41.98 57.24
CA SER DA 16 -78.75 40.81 58.10
C SER DA 16 -78.53 39.53 57.29
N GLU DA 17 -77.48 39.54 56.47
CA GLU DA 17 -77.20 38.44 55.58
C GLU DA 17 -75.95 37.66 55.98
N GLU DA 18 -74.80 38.32 56.08
CA GLU DA 18 -73.55 37.65 56.42
C GLU DA 18 -72.58 38.66 57.00
N GLY DA 19 -71.97 38.31 58.12
CA GLY DA 19 -71.00 39.18 58.76
C GLY DA 19 -71.58 40.31 59.56
N TYR DA 20 -72.86 40.24 59.91
CA TYR DA 20 -73.49 41.30 60.70
C TYR DA 20 -73.28 41.13 62.20
N ASP DA 21 -72.91 39.93 62.65
CA ASP DA 21 -72.60 39.74 64.07
C ASP DA 21 -71.15 40.04 64.38
N ILE DA 22 -70.27 39.92 63.40
CA ILE DA 22 -68.86 40.25 63.60
C ILE DA 22 -68.65 41.76 63.60
N ALA DA 23 -69.25 42.45 62.64
CA ALA DA 23 -69.13 43.91 62.55
C ALA DA 23 -69.86 44.62 63.69
N LYS DA 24 -70.90 43.99 64.27
CA LYS DA 24 -71.52 44.53 65.46
C LYS DA 24 -70.57 44.48 66.66
N LYS DA 25 -69.74 43.43 66.72
CA LYS DA 25 -68.71 43.37 67.75
C LYS DA 25 -67.58 44.33 67.48
N GLY DA 26 -67.42 44.78 66.23
CA GLY DA 26 -66.38 45.72 65.89
C GLY DA 26 -66.68 47.15 66.31
N VAL DA 27 -67.95 47.54 66.18
CA VAL DA 27 -68.37 48.88 66.59
C VAL DA 27 -68.33 49.02 68.10
N ALA DA 28 -68.87 48.02 68.81
CA ALA DA 28 -69.00 48.12 70.27
C ALA DA 28 -67.66 48.01 70.97
N ALA DA 29 -66.67 47.37 70.36
CA ALA DA 29 -65.35 47.27 70.97
C ALA DA 29 -64.58 48.57 70.86
N PHE DA 30 -64.77 49.32 69.77
CA PHE DA 30 -64.01 50.55 69.57
C PHE DA 30 -64.52 51.69 70.45
N ILE DA 31 -65.81 51.67 70.80
CA ILE DA 31 -66.38 52.72 71.64
C ILE DA 31 -65.90 52.58 73.08
N GLU DA 32 -65.65 51.33 73.52
CA GLU DA 32 -65.22 51.10 74.90
C GLU DA 32 -63.81 51.61 75.16
N ASN DA 33 -62.98 51.70 74.13
CA ASN DA 33 -61.64 52.26 74.27
C ASN DA 33 -61.54 53.69 73.74
N LEU DA 34 -62.64 54.23 73.20
CA LEU DA 34 -62.62 55.57 72.63
C LEU DA 34 -62.55 56.65 73.70
N MET DA 35 -62.97 56.35 74.93
CA MET DA 35 -63.07 57.36 75.98
C MET DA 35 -61.71 57.81 76.53
N GLY DA 36 -60.61 57.14 76.14
CA GLY DA 36 -59.31 57.62 76.53
C GLY DA 36 -58.89 58.89 75.81
N SER DA 37 -59.40 59.08 74.59
CA SER DA 37 -59.11 60.28 73.81
C SER DA 37 -60.28 60.50 72.87
N GLN DA 38 -61.11 61.50 73.17
CA GLN DA 38 -62.31 61.77 72.36
C GLN DA 38 -61.92 62.50 71.08
N HIS DA 39 -62.32 61.94 69.95
CA HIS DA 39 -62.05 62.55 68.65
C HIS DA 39 -63.09 62.05 67.67
N SER DA 40 -63.48 62.91 66.72
CA SER DA 40 -64.54 62.62 65.76
C SER DA 40 -64.04 62.91 64.34
N ALA DA 41 -63.35 61.95 63.74
CA ALA DA 41 -62.91 62.00 62.36
C ALA DA 41 -62.50 60.60 61.93
N GLU DA 42 -63.09 60.10 60.83
CA GLU DA 42 -62.79 58.75 60.34
C GLU DA 42 -61.32 58.52 59.94
N PRO DA 43 -60.63 59.41 59.19
CA PRO DA 43 -59.23 59.07 58.85
C PRO DA 43 -58.28 59.15 60.04
N VAL DA 44 -58.57 59.97 61.03
CA VAL DA 44 -57.82 59.88 62.28
C VAL DA 44 -58.21 58.62 63.03
N ASN DA 45 -59.48 58.21 62.94
CA ASN DA 45 -59.91 56.94 63.52
C ASN DA 45 -59.30 55.76 62.78
N LYS DA 46 -59.02 55.89 61.48
CA LYS DA 46 -58.25 54.86 60.78
C LYS DA 46 -56.83 54.79 61.30
N SER DA 47 -56.30 55.89 61.84
CA SER DA 47 -55.07 55.82 62.60
C SER DA 47 -55.33 55.44 64.05
N LEU DA 48 -56.47 55.86 64.62
CA LEU DA 48 -56.77 55.50 66.01
C LEU DA 48 -57.12 54.02 66.15
N VAL DA 49 -57.66 53.39 65.11
CA VAL DA 49 -57.75 51.93 65.10
C VAL DA 49 -56.36 51.31 65.09
N ASP DA 50 -55.47 51.86 64.26
CA ASP DA 50 -54.08 51.39 64.22
C ASP DA 50 -53.33 51.72 65.50
N GLN DA 51 -53.67 52.83 66.16
CA GLN DA 51 -53.06 53.11 67.45
C GLN DA 51 -53.65 52.25 68.56
N MET DA 52 -54.79 51.61 68.32
CA MET DA 52 -55.30 50.57 69.21
C MET DA 52 -54.87 49.18 68.78
N LEU DA 53 -54.12 49.05 67.68
CA LEU DA 53 -53.53 47.79 67.29
C LEU DA 53 -52.06 47.69 67.68
N VAL DA 54 -51.34 48.81 67.66
CA VAL DA 54 -49.95 48.81 68.11
C VAL DA 54 -49.87 48.61 69.62
N GLU DA 55 -50.78 49.26 70.37
CA GLU DA 55 -50.84 49.04 71.80
C GLU DA 55 -51.40 47.66 72.14
N LEU DA 56 -52.20 47.09 71.24
CA LEU DA 56 -52.68 45.72 71.42
C LEU DA 56 -51.57 44.70 71.20
N ASP DA 57 -50.73 44.94 70.19
CA ASP DA 57 -49.62 44.03 69.92
C ASP DA 57 -48.54 44.12 71.00
N LYS DA 58 -48.46 45.24 71.71
CA LYS DA 58 -47.59 45.29 72.90
C LYS DA 58 -48.15 44.43 74.02
N LYS DA 59 -49.47 44.22 74.04
CA LYS DA 59 -50.07 43.36 75.05
C LYS DA 59 -49.97 41.88 74.65
N ILE DA 60 -50.04 41.58 73.36
CA ILE DA 60 -50.09 40.18 72.94
C ILE DA 60 -48.68 39.61 72.77
N SER DA 61 -47.80 40.33 72.09
CA SER DA 61 -46.47 39.80 71.82
C SER DA 61 -45.61 39.74 73.08
N ALA DA 62 -45.91 40.56 74.09
CA ALA DA 62 -45.24 40.41 75.37
C ALA DA 62 -45.74 39.18 76.11
N GLN DA 63 -46.95 38.71 75.80
CA GLN DA 63 -47.42 37.45 76.35
C GLN DA 63 -46.90 36.27 75.55
N MET DA 64 -46.83 36.41 74.23
CA MET DA 64 -46.30 35.36 73.37
C MET DA 64 -44.78 35.32 73.33
N ASP DA 65 -44.09 36.23 74.02
CA ASP DA 65 -42.70 36.01 74.37
C ASP DA 65 -42.55 35.41 75.76
N GLU DA 66 -43.67 35.02 76.38
CA GLU DA 66 -43.65 34.34 77.67
C GLU DA 66 -44.34 33.00 77.66
N ILE DA 67 -45.33 32.80 76.78
CA ILE DA 67 -45.83 31.44 76.55
C ILE DA 67 -44.80 30.64 75.76
N LEU DA 68 -44.12 31.29 74.83
CA LEU DA 68 -42.90 30.73 74.27
C LEU DA 68 -41.75 31.00 75.24
N HIS DA 69 -40.54 30.60 74.85
CA HIS DA 69 -39.28 30.90 75.54
C HIS DA 69 -39.26 30.36 76.97
N ASN DA 70 -40.02 29.30 77.23
CA ASN DA 70 -40.10 28.67 78.54
C ASN DA 70 -39.21 27.42 78.55
N SER DA 71 -38.69 27.09 79.73
CA SER DA 71 -37.74 25.99 79.85
C SER DA 71 -38.39 24.64 79.59
N GLN DA 72 -39.70 24.53 79.80
CA GLN DA 72 -40.41 23.32 79.41
C GLN DA 72 -40.77 23.35 77.93
N PHE DA 73 -41.08 24.52 77.39
CA PHE DA 73 -41.47 24.61 75.99
C PHE DA 73 -40.27 24.54 75.06
N GLN DA 74 -39.28 25.40 75.30
CA GLN DA 74 -38.16 25.56 74.36
C GLN DA 74 -37.27 24.32 74.33
N ALA DA 75 -37.07 23.66 75.48
CA ALA DA 75 -36.29 22.42 75.48
C ALA DA 75 -37.05 21.29 74.81
N MET DA 76 -38.37 21.35 74.80
CA MET DA 76 -39.19 20.41 74.06
C MET DA 76 -39.58 20.92 72.69
N GLU DA 77 -39.12 22.11 72.30
CA GLU DA 77 -39.26 22.54 70.92
C GLU DA 77 -37.97 22.30 70.14
N SER DA 78 -36.82 22.55 70.76
CA SER DA 78 -35.54 22.29 70.10
C SER DA 78 -35.29 20.80 69.93
N ALA DA 79 -35.78 19.98 70.86
CA ALA DA 79 -35.64 18.54 70.74
C ALA DA 79 -36.59 17.94 69.73
N TRP DA 80 -37.54 18.71 69.21
CA TRP DA 80 -38.52 18.20 68.25
C TRP DA 80 -38.48 18.90 66.91
N ARG DA 81 -38.26 20.22 66.88
CA ARG DA 81 -38.06 20.89 65.59
C ARG DA 81 -36.68 20.56 65.03
N GLY DA 82 -35.71 20.30 65.90
CA GLY DA 82 -34.42 19.81 65.45
C GLY DA 82 -34.47 18.43 64.83
N LEU DA 83 -35.47 17.63 65.20
CA LEU DA 83 -35.72 16.39 64.48
C LEU DA 83 -36.20 16.67 63.06
N LYS DA 84 -37.03 17.70 62.88
CA LYS DA 84 -37.52 18.04 61.55
C LYS DA 84 -36.38 18.52 60.65
N LEU DA 85 -35.35 19.15 61.22
CA LEU DA 85 -34.14 19.44 60.47
C LEU DA 85 -33.37 18.18 60.13
N PHE DA 86 -33.55 17.10 60.87
CA PHE DA 86 -32.94 15.84 60.49
C PHE DA 86 -33.82 15.04 59.54
N VAL DA 87 -35.12 15.32 59.49
CA VAL DA 87 -35.99 14.61 58.56
C VAL DA 87 -36.00 15.30 57.19
N ASP DA 88 -35.96 16.63 57.16
CA ASP DA 88 -36.09 17.36 55.91
C ASP DA 88 -34.83 17.27 55.05
N ARG DA 89 -33.65 17.12 55.66
CA ARG DA 89 -32.42 17.12 54.89
C ARG DA 89 -32.12 15.74 54.32
N THR DA 90 -32.35 14.69 55.09
CA THR DA 90 -31.97 13.34 54.70
C THR DA 90 -32.95 12.78 53.68
N ASP DA 91 -32.43 12.29 52.56
CA ASP DA 91 -33.26 11.83 51.47
C ASP DA 91 -33.70 10.40 51.79
N PHE DA 92 -34.96 10.23 52.19
CA PHE DA 92 -35.48 8.92 52.53
C PHE DA 92 -35.74 8.04 51.32
N ARG DA 93 -35.72 8.62 50.11
CA ARG DA 93 -35.80 7.78 48.92
C ARG DA 93 -34.49 7.06 48.66
N GLU DA 94 -33.37 7.59 49.15
CA GLU DA 94 -32.07 6.96 48.92
C GLU DA 94 -31.66 6.03 50.06
N ASN DA 95 -32.57 5.12 50.42
CA ASN DA 95 -32.34 4.03 51.38
C ASN DA 95 -31.89 4.54 52.74
N ASN DA 96 -32.78 5.28 53.40
CA ASN DA 96 -32.51 5.79 54.74
C ASN DA 96 -33.76 5.64 55.58
N LYS DA 97 -33.59 5.20 56.81
CA LYS DA 97 -34.67 5.18 57.79
C LYS DA 97 -34.12 5.68 59.12
N VAL DA 98 -35.01 6.19 59.96
CA VAL DA 98 -34.59 6.70 61.26
C VAL DA 98 -35.62 6.33 62.32
N GLU DA 99 -35.16 5.69 63.38
CA GLU DA 99 -36.02 5.31 64.48
C GLU DA 99 -36.00 6.39 65.56
N ILE DA 100 -37.13 6.53 66.24
CA ILE DA 100 -37.34 7.58 67.24
C ILE DA 100 -37.68 6.91 68.56
N LEU DA 101 -36.83 7.09 69.56
CA LEU DA 101 -37.00 6.47 70.86
C LEU DA 101 -37.20 7.55 71.92
N HIS DA 102 -38.30 7.45 72.66
CA HIS DA 102 -38.58 8.34 73.79
C HIS DA 102 -37.93 7.74 75.04
N VAL DA 103 -36.81 8.29 75.44
CA VAL DA 103 -36.29 8.09 76.79
C VAL DA 103 -36.17 9.47 77.42
N THR DA 104 -35.82 9.49 78.69
CA THR DA 104 -35.22 10.68 79.27
C THR DA 104 -33.82 10.32 79.73
N LYS DA 105 -32.99 11.36 79.85
CA LYS DA 105 -31.58 11.16 80.13
C LYS DA 105 -31.34 10.60 81.52
N ASP DA 106 -32.21 10.93 82.47
CA ASP DA 106 -32.10 10.33 83.80
C ASP DA 106 -32.65 8.92 83.84
N GLU DA 107 -33.58 8.59 82.94
CA GLU DA 107 -34.11 7.24 82.89
C GLU DA 107 -33.08 6.27 82.31
N LEU DA 108 -32.21 6.75 81.43
CA LEU DA 108 -31.36 5.87 80.65
C LEU DA 108 -30.25 5.28 81.50
N LEU DA 109 -29.66 6.08 82.39
CA LEU DA 109 -28.65 5.56 83.29
C LEU DA 109 -29.25 4.59 84.30
N GLU DA 110 -30.48 4.85 84.74
CA GLU DA 110 -31.20 3.92 85.59
C GLU DA 110 -31.47 2.59 84.86
N ASP DA 111 -31.70 2.66 83.55
CA ASP DA 111 -31.92 1.45 82.76
C ASP DA 111 -30.63 0.67 82.56
N PHE DA 112 -29.47 1.32 82.61
CA PHE DA 112 -28.22 0.58 82.66
C PHE DA 112 -27.90 0.11 84.06
N GLU DA 113 -28.42 0.79 85.08
CA GLU DA 113 -28.38 0.28 86.44
C GLU DA 113 -29.40 -0.84 86.65
N PHE DA 114 -30.40 -0.91 85.77
CA PHE DA 114 -31.44 -1.93 85.83
C PHE DA 114 -30.88 -3.33 85.60
N ALA DA 115 -30.15 -3.51 84.50
CA ALA DA 115 -29.61 -4.82 84.18
C ALA DA 115 -28.23 -5.01 84.80
N PRO DA 116 -27.88 -6.23 85.20
CA PRO DA 116 -26.53 -6.48 85.73
C PRO DA 116 -25.45 -6.41 84.68
N GLU DA 117 -25.79 -6.59 83.41
CA GLU DA 117 -24.84 -6.53 82.32
C GLU DA 117 -25.45 -5.69 81.20
N THR DA 118 -24.57 -4.98 80.47
CA THR DA 118 -25.01 -4.16 79.34
C THR DA 118 -25.65 -4.99 78.23
N ALA DA 119 -25.33 -6.28 78.15
CA ALA DA 119 -25.91 -7.19 77.19
C ALA DA 119 -27.29 -7.69 77.59
N GLN DA 120 -27.87 -7.16 78.67
CA GLN DA 120 -29.26 -7.45 79.02
C GLN DA 120 -30.06 -6.18 79.29
N SER DA 121 -29.56 -5.03 78.88
CA SER DA 121 -30.20 -3.76 79.19
C SER DA 121 -31.46 -3.57 78.33
N GLY DA 122 -32.17 -2.47 78.60
CA GLY DA 122 -33.32 -2.15 77.78
C GLY DA 122 -32.97 -1.35 76.55
N LEU DA 123 -31.88 -0.59 76.60
CA LEU DA 123 -31.41 0.10 75.40
C LEU DA 123 -30.70 -0.87 74.47
N TYR DA 124 -30.09 -1.92 75.04
CA TYR DA 124 -29.49 -2.98 74.23
C TYR DA 124 -30.53 -3.73 73.42
N LYS DA 125 -31.78 -3.74 73.88
CA LYS DA 125 -32.84 -4.38 73.12
C LYS DA 125 -33.19 -3.58 71.87
N HIS DA 126 -33.14 -2.25 71.95
CA HIS DA 126 -33.55 -1.43 70.82
C HIS DA 126 -32.40 -1.12 69.87
N VAL DA 127 -31.17 -1.13 70.36
CA VAL DA 127 -30.02 -0.86 69.49
C VAL DA 127 -29.56 -2.12 68.80
N TYR DA 128 -29.38 -3.19 69.57
CA TYR DA 128 -28.81 -4.42 69.04
C TYR DA 128 -29.89 -5.38 68.54
N SER DA 129 -30.77 -5.83 69.43
CA SER DA 129 -31.57 -7.01 69.14
C SER DA 129 -32.77 -6.72 68.27
N ALA DA 130 -33.41 -5.57 68.42
CA ALA DA 130 -34.52 -5.26 67.54
C ALA DA 130 -34.07 -4.81 66.16
N GLY DA 131 -32.80 -4.45 66.03
CA GLY DA 131 -32.25 -4.01 64.77
C GLY DA 131 -31.24 -5.01 64.25
N TYR DA 132 -29.99 -4.77 64.61
CA TYR DA 132 -28.85 -5.53 64.10
C TYR DA 132 -28.92 -7.02 64.45
N GLY DA 133 -29.19 -7.34 65.70
CA GLY DA 133 -29.28 -8.73 66.08
C GLY DA 133 -30.64 -9.34 65.80
N GLN DA 134 -31.01 -9.40 64.52
CA GLN DA 134 -32.34 -9.81 64.12
C GLN DA 134 -32.25 -10.33 62.69
N PHE DA 135 -32.88 -11.47 62.44
CA PHE DA 135 -32.89 -12.03 61.09
C PHE DA 135 -33.74 -11.15 60.18
N GLY DA 136 -33.09 -10.54 59.20
CA GLY DA 136 -33.76 -9.68 58.24
C GLY DA 136 -33.98 -8.26 58.68
N GLY DA 137 -33.80 -7.95 59.97
CA GLY DA 137 -34.02 -6.61 60.43
C GLY DA 137 -32.89 -5.68 60.01
N GLU DA 138 -33.26 -4.43 59.76
CA GLU DA 138 -32.27 -3.44 59.34
C GLU DA 138 -31.39 -3.04 60.51
N PRO DA 139 -30.08 -2.99 60.34
CA PRO DA 139 -29.19 -2.74 61.48
C PRO DA 139 -28.98 -1.25 61.69
N VAL DA 140 -28.43 -0.93 62.86
CA VAL DA 140 -28.36 0.44 63.34
C VAL DA 140 -27.02 1.04 62.96
N GLY DA 141 -27.05 2.17 62.26
CA GLY DA 141 -25.84 2.85 61.86
C GLY DA 141 -25.22 3.69 62.96
N ALA DA 142 -26.02 4.55 63.60
CA ALA DA 142 -25.50 5.42 64.64
C ALA DA 142 -26.63 5.79 65.59
N ILE DA 143 -26.24 6.21 66.80
CA ILE DA 143 -27.20 6.61 67.82
C ILE DA 143 -27.03 8.10 68.06
N ILE DA 144 -28.05 8.88 67.72
CA ILE DA 144 -28.06 10.31 67.99
C ILE DA 144 -28.44 10.50 69.45
N GLY DA 145 -27.53 11.08 70.23
CA GLY DA 145 -27.83 11.43 71.60
C GLY DA 145 -28.28 12.87 71.71
N ASN DA 146 -29.54 13.08 72.07
CA ASN DA 146 -30.10 14.43 72.17
C ASN DA 146 -29.91 14.97 73.59
N TYR DA 147 -28.67 14.93 74.04
CA TYR DA 147 -28.33 15.10 75.45
C TYR DA 147 -27.42 16.29 75.62
N ALA DA 148 -27.18 16.65 76.89
CA ALA DA 148 -26.25 17.70 77.25
C ALA DA 148 -25.36 17.14 78.35
N PHE DA 149 -24.17 16.69 77.99
CA PHE DA 149 -23.33 15.93 78.90
C PHE DA 149 -22.52 16.83 79.81
N THR DA 150 -22.50 16.49 81.07
CA THR DA 150 -21.64 17.02 82.11
C THR DA 150 -20.45 16.10 82.28
N PRO DA 151 -19.38 16.53 82.95
CA PRO DA 151 -18.30 15.61 83.26
C PRO DA 151 -18.47 14.88 84.57
N SER DA 152 -19.68 14.88 85.14
CA SER DA 152 -19.92 14.27 86.43
C SER DA 152 -20.03 12.76 86.30
N THR DA 153 -20.10 12.09 87.44
CA THR DA 153 -20.22 10.65 87.54
C THR DA 153 -21.52 10.08 86.94
N PRO DA 154 -22.71 10.71 87.06
CA PRO DA 154 -23.86 10.16 86.33
C PRO DA 154 -23.83 10.40 84.81
N ASP DA 155 -22.79 11.03 84.27
CA ASP DA 155 -22.64 11.16 82.82
C ASP DA 155 -21.37 10.54 82.29
N MET DA 156 -20.43 10.15 83.15
CA MET DA 156 -19.34 9.29 82.72
C MET DA 156 -19.64 7.83 82.97
N LYS DA 157 -20.64 7.53 83.80
CA LYS DA 157 -21.12 6.16 83.92
C LYS DA 157 -22.03 5.80 82.75
N LEU DA 158 -22.73 6.79 82.20
CA LEU DA 158 -23.56 6.54 81.03
C LEU DA 158 -22.71 6.26 79.81
N LEU DA 159 -21.68 7.08 79.58
CA LEU DA 159 -20.84 6.91 78.39
C LEU DA 159 -19.97 5.67 78.49
N GLN DA 160 -19.63 5.22 79.69
CA GLN DA 160 -18.97 3.93 79.82
C GLN DA 160 -19.90 2.80 79.42
N TYR DA 161 -21.20 2.97 79.67
CA TYR DA 161 -22.21 2.00 79.27
C TYR DA 161 -22.78 2.30 77.89
N MET DA 162 -22.31 3.34 77.21
CA MET DA 162 -22.64 3.55 75.81
C MET DA 162 -21.49 3.21 74.89
N GLY DA 163 -20.25 3.28 75.38
CA GLY DA 163 -19.13 2.77 74.61
C GLY DA 163 -19.14 1.25 74.55
N ALA DA 164 -19.59 0.59 75.61
CA ALA DA 164 -19.73 -0.85 75.57
C ALA DA 164 -20.93 -1.28 74.74
N LEU DA 165 -21.98 -0.46 74.70
CA LEU DA 165 -23.09 -0.75 73.81
C LEU DA 165 -22.72 -0.49 72.35
N GLY DA 166 -21.93 0.56 72.10
CA GLY DA 166 -21.49 0.85 70.76
C GLY DA 166 -20.48 -0.14 70.22
N ALA DA 167 -19.79 -0.86 71.09
CA ALA DA 167 -18.86 -1.88 70.63
C ALA DA 167 -19.52 -3.22 70.41
N MET DA 168 -20.79 -3.37 70.78
CA MET DA 168 -21.49 -4.61 70.53
C MET DA 168 -22.33 -4.54 69.26
N ALA DA 169 -23.00 -3.42 69.01
CA ALA DA 169 -23.84 -3.28 67.84
C ALA DA 169 -23.13 -2.57 66.69
N HIS DA 170 -21.86 -2.22 66.87
CA HIS DA 170 -21.02 -1.55 65.87
C HIS DA 170 -21.63 -0.24 65.41
N ALA DA 171 -22.05 0.57 66.35
CA ALA DA 171 -22.66 1.84 66.01
C ALA DA 171 -22.19 2.90 66.99
N PRO DA 172 -21.54 3.95 66.52
CA PRO DA 172 -21.04 4.97 67.44
C PRO DA 172 -22.18 5.83 67.96
N PHE DA 173 -22.08 6.20 69.23
CA PHE DA 173 -23.07 7.04 69.90
C PHE DA 173 -22.61 8.49 69.81
N ILE DA 174 -23.34 9.28 69.02
CA ILE DA 174 -23.02 10.70 68.84
C ILE DA 174 -23.97 11.54 69.68
N SER DA 175 -23.41 12.43 70.48
CA SER DA 175 -24.15 13.32 71.35
C SER DA 175 -23.33 14.60 71.48
N SER DA 176 -23.64 15.43 72.47
CA SER DA 176 -22.90 16.68 72.63
C SER DA 176 -22.59 16.94 74.08
N VAL DA 177 -21.53 17.68 74.30
CA VAL DA 177 -21.17 18.19 75.61
C VAL DA 177 -21.84 19.55 75.79
N GLY DA 178 -22.00 19.95 77.04
CA GLY DA 178 -22.66 21.19 77.35
C GLY DA 178 -21.68 22.31 77.61
N PRO DA 179 -22.21 23.50 77.90
CA PRO DA 179 -21.34 24.59 78.35
C PRO DA 179 -20.62 24.26 79.63
N GLU DA 180 -21.32 23.64 80.59
CA GLU DA 180 -20.76 23.29 81.88
C GLU DA 180 -19.73 22.17 81.79
N PHE DA 181 -19.63 21.51 80.64
CA PHE DA 181 -18.57 20.52 80.44
C PHE DA 181 -17.21 21.20 80.43
N PHE DA 182 -17.11 22.35 79.76
CA PHE DA 182 -15.87 23.08 79.74
C PHE DA 182 -15.66 23.94 80.98
N GLY DA 183 -16.69 24.09 81.82
CA GLY DA 183 -16.58 24.87 83.03
C GLY DA 183 -16.68 26.36 82.80
N ILE DA 184 -17.67 26.78 82.01
CA ILE DA 184 -17.86 28.19 81.71
C ILE DA 184 -19.25 28.70 82.07
N ASP DA 185 -20.25 27.82 82.19
CA ASP DA 185 -21.62 28.10 82.70
C ASP DA 185 -22.42 29.09 81.86
N SER DA 186 -21.85 29.55 80.74
CA SER DA 186 -22.45 30.47 79.79
C SER DA 186 -21.59 30.37 78.55
N PHE DA 187 -22.17 30.10 77.39
CA PHE DA 187 -21.38 29.46 76.36
C PHE DA 187 -20.54 30.42 75.53
N GLU DA 188 -20.96 31.66 75.35
CA GLU DA 188 -20.29 32.56 74.41
C GLU DA 188 -18.91 33.04 74.86
N GLU DA 189 -18.41 32.58 76.00
CA GLU DA 189 -17.05 32.86 76.43
C GLU DA 189 -16.11 31.70 76.16
N LEU DA 190 -16.35 30.95 75.10
CA LEU DA 190 -15.43 29.85 74.76
C LEU DA 190 -14.15 30.29 74.06
N PRO DA 191 -14.13 31.23 73.10
CA PRO DA 191 -12.83 31.67 72.57
C PRO DA 191 -11.97 32.43 73.56
N ASN DA 192 -12.53 32.87 74.69
CA ASN DA 192 -11.74 33.51 75.72
C ASN DA 192 -10.82 32.53 76.42
N ILE DA 193 -11.08 31.22 76.28
CA ILE DA 193 -10.20 30.21 76.87
C ILE DA 193 -8.87 30.24 76.15
N LYS DA 194 -7.81 30.53 76.90
CA LYS DA 194 -6.48 30.70 76.32
C LYS DA 194 -5.63 29.45 76.38
N ASP DA 195 -6.05 28.44 77.16
CA ASP DA 195 -5.34 27.17 77.20
C ASP DA 195 -6.36 26.10 77.56
N LEU DA 196 -6.82 25.36 76.56
CA LEU DA 196 -7.82 24.32 76.76
C LEU DA 196 -7.19 22.96 77.00
N LYS DA 197 -5.90 22.82 76.72
CA LYS DA 197 -5.20 21.57 77.02
C LYS DA 197 -5.04 21.37 78.51
N SER DA 198 -4.75 22.44 79.24
CA SER DA 198 -4.58 22.34 80.69
C SER DA 198 -5.91 22.20 81.42
N THR DA 199 -7.02 22.59 80.79
CA THR DA 199 -8.33 22.45 81.42
C THR DA 199 -8.71 20.98 81.53
N PHE DA 200 -8.35 20.17 80.53
CA PHE DA 200 -8.70 18.77 80.52
C PHE DA 200 -7.80 17.90 81.38
N GLU DA 201 -6.68 18.44 81.87
CA GLU DA 201 -5.77 17.73 82.77
C GLU DA 201 -5.99 18.13 84.22
N SER DA 202 -7.26 18.41 84.61
CA SER DA 202 -7.79 18.75 85.91
C SER DA 202 -8.32 17.50 86.61
N PRO DA 203 -8.26 17.44 87.94
CA PRO DA 203 -8.79 16.27 88.65
C PRO DA 203 -10.29 16.15 88.66
N LYS DA 204 -11.03 17.13 88.14
CA LYS DA 204 -12.47 16.95 87.95
C LYS DA 204 -12.74 15.96 86.83
N TYR DA 205 -11.80 15.81 85.90
CA TYR DA 205 -11.96 14.98 84.71
C TYR DA 205 -11.23 13.66 84.82
N THR DA 206 -11.20 13.04 86.01
CA THR DA 206 -10.55 11.74 86.13
C THR DA 206 -11.42 10.65 85.52
N LYS DA 207 -12.74 10.83 85.56
CA LYS DA 207 -13.65 9.93 84.87
C LYS DA 207 -13.82 10.28 83.40
N TRP DA 208 -13.14 11.30 82.91
CA TRP DA 208 -13.07 11.61 81.49
C TRP DA 208 -11.79 11.07 80.85
N ARG DA 209 -10.64 11.33 81.48
CA ARG DA 209 -9.37 10.84 80.96
C ARG DA 209 -9.20 9.34 81.12
N SER DA 210 -10.02 8.70 81.97
CA SER DA 210 -10.06 7.26 82.01
C SER DA 210 -11.06 6.70 81.01
N LEU DA 211 -12.07 7.49 80.63
CA LEU DA 211 -12.95 7.09 79.55
C LEU DA 211 -12.23 7.11 78.22
N ARG DA 212 -11.37 8.10 78.01
CA ARG DA 212 -10.68 8.26 76.73
C ARG DA 212 -9.69 7.14 76.48
N GLU DA 213 -9.00 6.68 77.52
CA GLU DA 213 -8.03 5.61 77.36
C GLU DA 213 -8.67 4.26 77.10
N SER DA 214 -9.97 4.11 77.37
CA SER DA 214 -10.63 2.82 77.28
C SER DA 214 -10.77 2.36 75.83
N GLU DA 215 -10.92 1.06 75.65
CA GLU DA 215 -10.93 0.48 74.32
C GLU DA 215 -12.25 0.69 73.61
N ASP DA 216 -13.36 0.58 74.34
CA ASP DA 216 -14.68 0.74 73.73
C ASP DA 216 -15.09 2.19 73.57
N ALA DA 217 -14.22 3.15 73.87
CA ALA DA 217 -14.52 4.56 73.64
C ALA DA 217 -14.44 4.93 72.17
N ARG DA 218 -13.99 4.00 71.34
CA ARG DA 218 -13.87 4.21 69.90
C ARG DA 218 -15.22 4.51 69.26
N TYR DA 219 -16.29 4.03 69.86
CA TYR DA 219 -17.66 4.19 69.36
C TYR DA 219 -18.38 5.31 70.08
N LEU DA 220 -17.67 6.39 70.41
CA LEU DA 220 -18.28 7.53 71.11
C LEU DA 220 -17.69 8.80 70.54
N GLY DA 221 -18.49 9.53 69.78
CA GLY DA 221 -18.16 10.88 69.36
C GLY DA 221 -19.05 11.87 70.09
N LEU DA 222 -18.46 12.98 70.53
CA LEU DA 222 -19.22 14.03 71.20
C LEU DA 222 -19.06 15.32 70.43
N THR DA 223 -20.18 15.92 70.05
CA THR DA 223 -20.21 16.88 68.96
C THR DA 223 -20.02 18.31 69.48
N ALA DA 224 -20.39 19.24 68.62
CA ALA DA 224 -20.16 20.68 68.49
C ALA DA 224 -20.74 21.55 69.61
N PRO DA 225 -20.56 22.88 69.56
CA PRO DA 225 -21.30 23.74 70.50
C PRO DA 225 -22.81 23.59 70.53
N ARG DA 226 -23.53 24.07 69.53
CA ARG DA 226 -24.98 24.10 69.35
C ARG DA 226 -25.22 24.80 68.03
N PHE DA 227 -26.46 24.79 67.56
CA PHE DA 227 -26.77 25.49 66.33
C PHE DA 227 -28.21 25.98 66.38
N LEU DA 228 -28.48 26.99 65.57
CA LEU DA 228 -29.77 27.68 65.56
C LEU DA 228 -30.79 26.93 64.72
N LEU DA 229 -32.05 26.97 65.16
CA LEU DA 229 -33.15 26.27 64.48
C LEU DA 229 -34.17 27.21 63.89
N ARG DA 230 -34.67 28.18 64.67
CA ARG DA 230 -35.80 29.00 64.26
C ARG DA 230 -35.39 30.46 64.20
N VAL DA 231 -35.57 31.07 63.03
CA VAL DA 231 -35.48 32.52 62.91
C VAL DA 231 -36.64 33.14 63.69
N PRO DA 232 -36.39 34.11 64.57
CA PRO DA 232 -37.49 34.80 65.24
C PRO DA 232 -38.34 35.58 64.25
N TYR DA 233 -39.64 35.55 64.46
CA TYR DA 233 -40.61 35.98 63.47
C TYR DA 233 -40.62 37.50 63.34
N ASP DA 234 -41.24 37.98 62.25
CA ASP DA 234 -41.19 39.38 61.89
C ASP DA 234 -42.40 39.66 61.02
N PRO DA 235 -43.06 40.81 61.16
CA PRO DA 235 -44.24 41.10 60.32
C PRO DA 235 -43.93 41.39 58.86
N ILE DA 236 -42.66 41.46 58.46
CA ILE DA 236 -42.27 41.67 57.08
C ILE DA 236 -41.56 40.45 56.51
N GLU DA 237 -40.59 39.90 57.25
CA GLU DA 237 -39.76 38.82 56.72
C GLU DA 237 -40.49 37.48 56.78
N ASN DA 238 -40.83 37.02 57.98
CA ASN DA 238 -41.50 35.74 58.18
C ASN DA 238 -42.79 35.99 58.96
N PRO DA 239 -43.86 36.39 58.26
CA PRO DA 239 -45.09 36.78 58.95
C PRO DA 239 -45.89 35.58 59.42
N VAL DA 240 -46.92 35.87 60.22
CA VAL DA 240 -47.88 34.88 60.65
C VAL DA 240 -49.26 35.30 60.15
N LYS DA 241 -50.16 34.33 60.09
CA LYS DA 241 -51.45 34.51 59.43
C LYS DA 241 -52.37 35.37 60.30
N SER DA 242 -52.85 36.48 59.74
CA SER DA 242 -53.82 37.40 60.35
C SER DA 242 -53.30 38.00 61.66
N PHE DA 243 -51.99 38.18 61.76
CA PHE DA 243 -51.37 38.74 62.96
C PHE DA 243 -50.00 39.26 62.59
N ASN DA 244 -49.52 40.24 63.34
CA ASN DA 244 -48.17 40.78 63.18
C ASN DA 244 -47.40 40.48 64.45
N TYR DA 245 -46.39 39.61 64.35
CA TYR DA 245 -45.67 39.10 65.51
C TYR DA 245 -44.19 39.44 65.38
N ALA DA 246 -43.74 40.39 66.19
CA ALA DA 246 -42.32 40.74 66.29
C ALA DA 246 -41.79 40.13 67.58
N GLU DA 247 -41.03 39.05 67.44
CA GLU DA 247 -40.51 38.31 68.60
C GLU DA 247 -39.34 39.10 69.18
N ASN DA 248 -39.59 39.79 70.28
CA ASN DA 248 -38.58 40.63 70.91
C ASN DA 248 -37.55 39.76 71.62
N VAL DA 249 -36.44 39.48 70.93
CA VAL DA 249 -35.36 38.68 71.50
C VAL DA 249 -34.46 39.61 72.30
N SER DA 250 -34.29 39.30 73.58
CA SER DA 250 -33.53 40.15 74.49
C SER DA 250 -32.04 39.89 74.33
N ALA DA 251 -31.24 40.44 75.24
CA ALA DA 251 -29.80 40.25 75.21
C ALA DA 251 -29.40 38.84 75.64
N SER DA 252 -30.28 38.12 76.32
CA SER DA 252 -30.03 36.73 76.63
C SER DA 252 -30.18 35.90 75.36
N HIS DA 253 -29.11 35.25 74.94
CA HIS DA 253 -29.14 34.41 73.75
C HIS DA 253 -29.61 33.00 74.04
N GLU DA 254 -30.19 32.76 75.21
CA GLU DA 254 -30.84 31.48 75.49
C GLU DA 254 -32.26 31.43 74.95
N HIS DA 255 -32.82 32.56 74.52
CA HIS DA 255 -34.19 32.57 74.02
C HIS DA 255 -34.29 32.14 72.57
N TYR DA 256 -33.19 32.20 71.82
CA TYR DA 256 -33.14 31.57 70.50
C TYR DA 256 -33.32 30.07 70.64
N LEU DA 257 -33.99 29.47 69.66
CA LEU DA 257 -34.25 28.04 69.69
C LEU DA 257 -32.96 27.31 69.30
N TRP DA 258 -32.11 27.09 70.28
CA TRP DA 258 -30.84 26.43 70.01
C TRP DA 258 -31.01 24.93 70.05
N GLY DA 259 -30.69 24.27 68.93
CA GLY DA 259 -30.83 22.84 68.83
C GLY DA 259 -29.61 22.10 69.36
N ASN DA 260 -29.63 20.78 69.19
CA ASN DA 260 -28.53 19.91 69.57
C ASN DA 260 -27.82 19.43 68.32
N THR DA 261 -26.50 19.52 68.30
CA THR DA 261 -25.75 19.32 67.06
C THR DA 261 -25.54 17.84 66.72
N ALA DA 262 -25.97 16.93 67.59
CA ALA DA 262 -26.02 15.53 67.22
C ALA DA 262 -27.04 15.29 66.11
N PHE DA 263 -28.06 16.15 66.02
CA PHE DA 263 -28.89 16.22 64.83
C PHE DA 263 -28.07 16.62 63.61
N ALA DA 264 -27.31 17.70 63.72
CA ALA DA 264 -26.65 18.27 62.57
C ALA DA 264 -25.42 17.49 62.13
N PHE DA 265 -24.77 16.77 63.04
CA PHE DA 265 -23.66 15.92 62.61
C PHE DA 265 -24.15 14.63 61.97
N ALA DA 266 -25.28 14.11 62.41
CA ALA DA 266 -25.86 12.97 61.74
C ALA DA 266 -26.54 13.34 60.43
N THR DA 267 -26.74 14.63 60.18
CA THR DA 267 -27.14 15.05 58.85
C THR DA 267 -26.05 14.74 57.83
N ARG DA 268 -24.79 14.88 58.24
CA ARG DA 268 -23.68 14.60 57.35
C ARG DA 268 -23.32 13.11 57.29
N LEU DA 269 -23.72 12.33 58.28
CA LEU DA 269 -23.62 10.88 58.15
C LEU DA 269 -24.58 10.37 57.09
N THR DA 270 -25.73 11.00 56.96
CA THR DA 270 -26.76 10.47 56.09
C THR DA 270 -26.70 11.10 54.70
N ASP DA 271 -26.36 12.39 54.61
CA ASP DA 271 -26.18 12.98 53.30
C ASP DA 271 -24.89 12.53 52.62
N SER DA 272 -23.97 11.91 53.36
CA SER DA 272 -22.90 11.17 52.71
C SER DA 272 -23.36 9.79 52.26
N PHE DA 273 -24.29 9.19 52.97
CA PHE DA 273 -24.78 7.87 52.57
C PHE DA 273 -25.75 7.97 51.41
N ALA DA 274 -26.47 9.07 51.28
CA ALA DA 274 -27.43 9.20 50.20
C ALA DA 274 -26.77 9.46 48.85
N LYS DA 275 -25.48 9.76 48.84
CA LYS DA 275 -24.75 10.05 47.62
C LYS DA 275 -23.82 8.92 47.20
N TYR DA 276 -23.08 8.34 48.13
CA TYR DA 276 -22.06 7.36 47.80
C TYR DA 276 -22.32 5.99 48.39
N ARG DA 277 -23.39 5.82 49.19
CA ARG DA 277 -23.75 4.58 49.89
C ARG DA 277 -22.65 4.11 50.83
N TRP DA 278 -21.86 5.04 51.35
CA TRP DA 278 -20.92 4.81 52.43
C TRP DA 278 -20.89 6.06 53.27
N CYS DA 279 -20.05 6.07 54.30
CA CYS DA 279 -19.83 7.27 55.10
C CYS DA 279 -18.42 7.36 55.66
N PRO DA 280 -17.42 7.69 54.82
CA PRO DA 280 -16.24 8.35 55.37
C PRO DA 280 -16.27 9.86 55.15
N ASN DA 281 -17.24 10.33 54.37
CA ASN DA 281 -17.24 11.71 53.88
C ASN DA 281 -18.03 12.61 54.83
N ILE DA 282 -17.39 12.98 55.93
CA ILE DA 282 -18.03 13.82 56.94
C ILE DA 282 -17.16 14.97 57.42
N ILE DA 283 -15.96 15.16 56.86
CA ILE DA 283 -15.04 16.13 57.41
C ILE DA 283 -14.64 17.20 56.40
N GLY DA 284 -15.47 17.50 55.41
CA GLY DA 284 -15.08 18.42 54.38
C GLY DA 284 -15.99 19.63 54.22
N PRO DA 285 -15.41 20.84 54.28
CA PRO DA 285 -16.18 22.04 53.93
C PRO DA 285 -16.58 22.08 52.47
N GLN DA 286 -15.85 21.40 51.60
CA GLN DA 286 -16.30 21.15 50.23
C GLN DA 286 -16.34 19.66 49.92
N SER DA 287 -16.37 18.82 50.94
CA SER DA 287 -16.30 17.38 50.71
C SER DA 287 -17.21 16.61 51.65
N GLY DA 288 -18.29 17.21 52.10
CA GLY DA 288 -19.31 16.51 52.84
C GLY DA 288 -19.34 16.69 54.33
N GLY DA 289 -18.76 17.75 54.87
CA GLY DA 289 -18.90 18.04 56.28
C GLY DA 289 -19.42 19.44 56.49
N ALA DA 290 -20.08 19.97 55.47
CA ALA DA 290 -20.54 21.35 55.46
C ALA DA 290 -22.03 21.39 55.80
N VAL DA 291 -22.34 21.79 57.02
CA VAL DA 291 -23.73 21.98 57.43
C VAL DA 291 -24.21 23.29 56.81
N GLU DA 292 -24.94 23.19 55.71
CA GLU DA 292 -25.41 24.36 54.99
C GLU DA 292 -26.82 24.72 55.43
N ASP DA 293 -27.27 25.90 54.95
CA ASP DA 293 -28.62 26.43 55.15
C ASP DA 293 -28.94 26.59 56.63
N LEU DA 294 -28.04 27.24 57.35
CA LEU DA 294 -28.34 27.55 58.73
C LEU DA 294 -29.25 28.76 58.83
N PRO DA 295 -30.05 28.86 59.88
CA PRO DA 295 -30.83 30.09 60.10
C PRO DA 295 -29.93 31.24 60.53
N VAL DA 296 -30.20 32.42 59.96
CA VAL DA 296 -29.50 33.63 60.36
C VAL DA 296 -30.53 34.66 60.81
N HIS DA 297 -30.08 35.58 61.66
CA HIS DA 297 -30.94 36.61 62.23
C HIS DA 297 -30.17 37.93 62.19
N VAL DA 298 -30.43 38.73 61.17
CA VAL DA 298 -29.76 40.02 61.03
C VAL DA 298 -30.44 41.00 61.97
N PHE DA 299 -29.71 41.45 62.98
CA PHE DA 299 -30.23 42.44 63.92
C PHE DA 299 -29.26 43.62 63.98
N GLU DA 300 -29.70 44.67 64.69
CA GLU DA 300 -28.90 45.88 64.81
C GLU DA 300 -27.98 45.78 66.02
N SER DA 301 -26.69 45.89 65.78
CA SER DA 301 -25.70 45.93 66.84
C SER DA 301 -25.53 47.37 67.33
N MET DA 302 -24.44 47.63 68.06
CA MET DA 302 -24.13 48.97 68.53
C MET DA 302 -23.61 49.82 67.37
N GLY DA 303 -24.54 50.24 66.52
CA GLY DA 303 -24.24 51.07 65.38
C GLY DA 303 -24.30 50.36 64.04
N ALA DA 304 -23.75 49.15 63.98
CA ALA DA 304 -23.63 48.43 62.72
C ALA DA 304 -24.78 47.45 62.54
N LEU DA 305 -24.81 46.83 61.37
CA LEU DA 305 -25.80 45.81 61.02
C LEU DA 305 -25.06 44.48 60.90
N GLN DA 306 -25.16 43.66 61.94
CA GLN DA 306 -24.49 42.36 61.97
C GLN DA 306 -25.52 41.24 61.94
N SER DA 307 -25.02 40.01 61.94
CA SER DA 307 -25.85 38.82 61.95
C SER DA 307 -25.56 38.01 63.20
N LYS DA 308 -26.60 37.42 63.77
CA LYS DA 308 -26.41 36.49 64.88
C LYS DA 308 -25.75 35.22 64.39
N ILE DA 309 -24.69 34.81 65.07
CA ILE DA 309 -23.92 33.65 64.63
C ILE DA 309 -24.73 32.37 64.86
N PRO DA 310 -24.92 31.54 63.83
CA PRO DA 310 -25.79 30.37 63.98
C PRO DA 310 -25.24 29.30 64.89
N THR DA 311 -23.93 29.21 65.09
CA THR DA 311 -23.36 28.49 66.21
C THR DA 311 -22.94 29.53 67.23
N GLU DA 312 -23.03 29.18 68.52
CA GLU DA 312 -23.00 30.21 69.56
C GLU DA 312 -21.62 30.81 69.76
N VAL DA 313 -20.57 30.18 69.28
CA VAL DA 313 -19.24 30.78 69.30
C VAL DA 313 -18.65 30.68 67.90
N LEU DA 314 -17.68 31.55 67.63
CA LEU DA 314 -16.87 31.47 66.42
C LEU DA 314 -15.63 30.68 66.79
N ILE DA 315 -15.61 29.40 66.42
CA ILE DA 315 -14.48 28.54 66.71
C ILE DA 315 -13.34 28.88 65.77
N THR DA 316 -12.20 29.26 66.33
CA THR DA 316 -11.04 29.55 65.51
C THR DA 316 -10.41 28.25 65.02
N ASP DA 317 -9.37 28.38 64.20
CA ASP DA 317 -8.73 27.18 63.69
C ASP DA 317 -7.82 26.53 64.72
N ARG DA 318 -7.22 27.33 65.61
CA ARG DA 318 -6.41 26.76 66.67
C ARG DA 318 -7.26 26.14 67.76
N LYS DA 319 -8.40 26.75 68.05
CA LYS DA 319 -9.32 26.18 69.03
C LYS DA 319 -9.93 24.87 68.53
N GLU DA 320 -10.16 24.78 67.22
CA GLU DA 320 -10.74 23.56 66.67
C GLU DA 320 -9.69 22.45 66.60
N PHE DA 321 -8.44 22.81 66.31
CA PHE DA 321 -7.38 21.82 66.33
C PHE DA 321 -7.08 21.34 67.74
N GLU DA 322 -7.27 22.21 68.73
CA GLU DA 322 -7.08 21.78 70.11
C GLU DA 322 -8.25 20.93 70.58
N LEU DA 323 -9.44 21.17 70.04
CA LEU DA 323 -10.56 20.25 70.28
C LEU DA 323 -10.40 18.95 69.51
N ALA DA 324 -9.70 18.99 68.37
CA ALA DA 324 -9.52 17.77 67.59
C ALA DA 324 -8.55 16.81 68.27
N GLU DA 325 -7.53 17.35 68.92
CA GLU DA 325 -6.59 16.51 69.64
C GLU DA 325 -7.22 15.95 70.92
N GLU DA 326 -8.14 16.69 71.51
CA GLU DA 326 -8.78 16.27 72.76
C GLU DA 326 -10.11 15.56 72.53
N GLY DA 327 -10.38 15.11 71.32
CA GLY DA 327 -11.52 14.26 71.06
C GLY DA 327 -12.86 14.95 71.04
N PHE DA 328 -13.03 15.88 70.09
CA PHE DA 328 -14.30 16.59 69.94
C PHE DA 328 -14.56 16.84 68.47
N ILE DA 329 -15.82 16.79 68.09
CA ILE DA 329 -16.23 17.05 66.71
C ILE DA 329 -16.79 18.47 66.72
N ALA DA 330 -15.92 19.44 66.48
CA ALA DA 330 -16.32 20.85 66.54
C ALA DA 330 -16.85 21.32 65.20
N LEU DA 331 -17.68 22.36 65.25
CA LEU DA 331 -18.32 22.93 64.06
C LEU DA 331 -17.94 24.39 63.96
N THR DA 332 -16.92 24.68 63.16
CA THR DA 332 -16.60 26.06 62.87
C THR DA 332 -17.63 26.64 61.90
N MET DA 333 -17.96 27.91 62.12
CA MET DA 333 -19.02 28.56 61.36
C MET DA 333 -18.38 29.51 60.35
N ARG DA 334 -18.91 29.53 59.14
CA ARG DA 334 -18.39 30.39 58.08
C ARG DA 334 -18.83 31.82 58.38
N LYS DA 335 -17.93 32.60 58.99
CA LYS DA 335 -18.26 33.90 59.58
C LYS DA 335 -18.75 34.88 58.52
N GLY DA 336 -20.04 35.20 58.60
CA GLY DA 336 -20.66 36.14 57.68
C GLY DA 336 -21.67 35.52 56.75
N SER DA 337 -22.00 34.24 56.92
CA SER DA 337 -22.97 33.60 56.06
C SER DA 337 -23.72 32.55 56.86
N ASP DA 338 -24.45 31.70 56.15
CA ASP DA 338 -25.32 30.69 56.76
C ASP DA 338 -24.77 29.28 56.56
N ASN DA 339 -23.45 29.14 56.61
CA ASN DA 339 -22.82 27.85 56.42
C ASN DA 339 -21.92 27.54 57.59
N ALA DA 340 -21.54 26.28 57.71
CA ALA DA 340 -20.61 25.84 58.73
C ALA DA 340 -19.83 24.67 58.15
N ALA DA 341 -18.94 24.10 58.96
CA ALA DA 341 -18.11 23.02 58.45
C ALA DA 341 -17.56 22.20 59.62
N PHE DA 342 -17.49 20.90 59.42
CA PHE DA 342 -16.68 20.05 60.26
C PHE DA 342 -15.32 19.87 59.61
N PHE DA 343 -14.31 19.62 60.43
CA PHE DA 343 -12.97 19.42 59.90
C PHE DA 343 -12.33 18.12 60.33
N SER DA 344 -12.75 17.53 61.44
CA SER DA 344 -12.16 16.30 61.94
C SER DA 344 -13.18 15.64 62.85
N ALA DA 345 -13.53 14.40 62.55
CA ALA DA 345 -14.59 13.70 63.28
C ALA DA 345 -14.03 12.76 64.32
N ASN DA 346 -12.92 13.14 64.98
CA ASN DA 346 -12.22 12.26 65.90
C ASN DA 346 -13.07 11.86 67.09
N SER DA 347 -13.12 10.56 67.36
CA SER DA 347 -13.78 10.07 68.55
C SER DA 347 -12.94 10.37 69.78
N ILE DA 348 -13.51 10.12 70.95
CA ILE DA 348 -12.86 10.51 72.19
C ILE DA 348 -11.69 9.63 72.57
N GLN DA 349 -11.36 8.61 71.78
CA GLN DA 349 -10.31 7.69 72.17
C GLN DA 349 -8.96 8.35 71.97
N LYS DA 350 -8.01 8.03 72.85
CA LYS DA 350 -6.70 8.64 72.71
C LYS DA 350 -5.74 7.72 71.98
N PRO DA 351 -4.92 8.27 71.08
CA PRO DA 351 -3.89 7.45 70.43
C PRO DA 351 -2.83 7.02 71.42
N LYS DA 352 -2.78 5.74 71.74
CA LYS DA 352 -1.89 5.25 72.78
C LYS DA 352 -0.46 5.25 72.27
N VAL DA 353 0.43 5.83 73.07
CA VAL DA 353 1.84 5.89 72.68
C VAL DA 353 2.47 4.53 72.89
N PHE DA 354 2.93 3.96 71.85
CA PHE DA 354 3.59 2.67 71.79
C PHE DA 354 5.10 2.87 71.79
N PRO DA 355 5.88 1.91 72.30
CA PRO DA 355 7.34 2.12 72.40
C PRO DA 355 8.01 2.13 71.04
N ASN DA 356 9.23 2.68 71.02
CA ASN DA 356 9.91 3.01 69.78
C ASN DA 356 10.62 1.81 69.16
N THR DA 357 9.89 0.72 68.94
CA THR DA 357 10.42 -0.40 68.19
C THR DA 357 10.03 -0.26 66.72
N LYS DA 358 10.31 -1.30 65.94
CA LYS DA 358 9.84 -1.31 64.55
C LYS DA 358 8.34 -1.53 64.49
N GLU DA 359 7.84 -2.47 65.28
CA GLU DA 359 6.40 -2.72 65.32
C GLU DA 359 5.67 -1.67 66.14
N GLY DA 360 6.31 -1.09 67.14
CA GLY DA 360 5.65 -0.11 67.96
C GLY DA 360 5.42 1.20 67.25
N LYS DA 361 6.40 1.64 66.46
CA LYS DA 361 6.21 2.82 65.62
C LYS DA 361 5.22 2.54 64.49
N GLU DA 362 5.06 1.27 64.12
CA GLU DA 362 4.07 0.92 63.12
C GLU DA 362 2.68 0.84 63.74
N ALA DA 363 2.53 0.10 64.84
CA ALA DA 363 1.21 -0.11 65.42
C ALA DA 363 0.64 1.15 66.05
N GLU DA 364 1.48 2.14 66.35
CA GLU DA 364 0.98 3.44 66.79
C GLU DA 364 0.20 4.12 65.68
N THR DA 365 0.71 4.03 64.44
CA THR DA 365 -0.02 4.58 63.31
C THR DA 365 -1.20 3.69 62.94
N ASN DA 366 -1.12 2.40 63.30
CA ASN DA 366 -2.25 1.52 63.09
C ASN DA 366 -3.38 1.79 64.08
N TYR DA 367 -3.04 1.98 65.35
CA TYR DA 367 -4.04 2.28 66.35
C TYR DA 367 -4.60 3.68 66.21
N LYS DA 368 -3.86 4.59 65.57
CA LYS DA 368 -4.36 5.94 65.34
C LYS DA 368 -5.51 5.95 64.36
N LEU DA 369 -5.51 5.02 63.40
CA LEU DA 369 -6.60 4.98 62.42
C LEU DA 369 -7.89 4.49 63.02
N GLY DA 370 -7.85 3.80 64.16
CA GLY DA 370 -9.07 3.34 64.77
C GLY DA 370 -9.88 4.47 65.40
N THR DA 371 -9.20 5.47 65.93
CA THR DA 371 -9.87 6.47 66.73
C THR DA 371 -10.59 7.53 65.92
N GLN DA 372 -10.35 7.62 64.61
CA GLN DA 372 -10.64 8.87 63.93
C GLN DA 372 -12.10 9.00 63.53
N LEU DA 373 -12.82 7.90 63.32
CA LEU DA 373 -14.24 7.82 63.02
C LEU DA 373 -14.69 8.57 61.76
N PRO DA 374 -13.96 8.49 60.64
CA PRO DA 374 -14.75 8.17 59.47
C PRO DA 374 -14.46 6.74 59.08
N TYR DA 375 -13.36 6.22 59.62
CA TYR DA 375 -12.88 4.90 59.27
C TYR DA 375 -13.60 3.81 60.03
N MET DA 376 -14.16 4.11 61.20
CA MET DA 376 -15.06 3.16 61.81
C MET DA 376 -16.31 2.96 60.98
N MET DA 377 -16.78 4.01 60.32
CA MET DA 377 -18.03 3.89 59.62
C MET DA 377 -17.87 3.16 58.28
N ILE DA 378 -16.63 2.96 57.81
CA ILE DA 378 -16.45 2.06 56.67
C ILE DA 378 -16.15 0.63 57.10
N ILE DA 379 -16.04 0.36 58.40
CA ILE DA 379 -15.98 -1.02 58.88
C ILE DA 379 -17.15 -1.37 59.78
N ASN DA 380 -17.90 -0.40 60.29
CA ASN DA 380 -19.18 -0.74 60.87
C ASN DA 380 -20.11 -1.28 59.81
N ARG DA 381 -20.05 -0.71 58.59
CA ARG DA 381 -20.77 -1.29 57.48
C ARG DA 381 -20.18 -2.64 57.08
N LEU DA 382 -18.89 -2.84 57.30
CA LEU DA 382 -18.34 -4.19 57.16
C LEU DA 382 -18.52 -5.02 58.40
N ALA DA 383 -19.37 -4.60 59.32
CA ALA DA 383 -19.93 -5.50 60.32
C ALA DA 383 -21.42 -5.64 60.16
N HIS DA 384 -22.05 -4.72 59.44
CA HIS DA 384 -23.48 -4.87 59.25
C HIS DA 384 -23.81 -5.65 57.98
N TYR DA 385 -23.05 -5.44 56.90
CA TYR DA 385 -23.24 -6.27 55.72
C TYR DA 385 -22.88 -7.71 55.99
N VAL DA 386 -21.77 -7.94 56.69
CA VAL DA 386 -21.22 -9.29 56.74
C VAL DA 386 -21.97 -10.12 57.75
N LYS DA 387 -22.57 -9.48 58.75
CA LYS DA 387 -23.49 -10.15 59.66
C LYS DA 387 -24.74 -10.59 58.93
N VAL DA 388 -25.26 -9.75 58.04
CA VAL DA 388 -26.47 -10.10 57.30
C VAL DA 388 -26.16 -11.12 56.22
N LEU DA 389 -25.02 -10.98 55.55
CA LEU DA 389 -24.73 -11.80 54.38
C LEU DA 389 -24.39 -13.23 54.78
N GLN DA 390 -23.71 -13.40 55.90
CA GLN DA 390 -23.42 -14.73 56.44
C GLN DA 390 -24.45 -15.20 57.44
N ARG DA 391 -25.63 -14.57 57.47
CA ARG DA 391 -26.74 -15.11 58.22
C ARG DA 391 -27.64 -15.97 57.33
N GLU DA 392 -27.80 -15.56 56.08
CA GLU DA 392 -28.56 -16.35 55.11
C GLU DA 392 -27.90 -17.68 54.82
N GLN DA 393 -26.58 -17.76 54.97
CA GLN DA 393 -25.85 -18.92 54.52
C GLN DA 393 -25.91 -20.10 55.47
N ILE DA 394 -26.45 -19.93 56.69
CA ILE DA 394 -26.43 -21.00 57.70
C ILE DA 394 -27.29 -22.16 57.24
N GLY DA 395 -26.69 -23.34 57.16
CA GLY DA 395 -27.37 -24.49 56.63
C GLY DA 395 -27.00 -24.86 55.22
N ALA DA 396 -26.07 -24.14 54.60
CA ALA DA 396 -25.72 -24.42 53.22
C ALA DA 396 -24.77 -25.61 53.14
N TRP DA 397 -24.22 -25.81 51.96
CA TRP DA 397 -23.21 -26.81 51.71
C TRP DA 397 -21.96 -26.09 51.27
N LYS DA 398 -21.07 -25.82 52.20
CA LYS DA 398 -19.99 -24.88 51.94
C LYS DA 398 -18.70 -25.60 52.29
N GLU DA 399 -17.57 -24.92 52.10
CA GLU DA 399 -16.27 -25.40 52.53
C GLU DA 399 -15.48 -24.21 53.06
N ARG DA 400 -14.30 -24.49 53.60
CA ARG DA 400 -13.39 -23.41 53.95
C ARG DA 400 -12.91 -22.68 52.71
N GLN DA 401 -12.60 -23.42 51.65
CA GLN DA 401 -12.25 -22.80 50.37
C GLN DA 401 -13.44 -22.08 49.78
N ASP DA 402 -14.66 -22.56 50.03
CA ASP DA 402 -15.83 -21.83 49.58
C ASP DA 402 -16.11 -20.63 50.47
N LEU DA 403 -15.71 -20.71 51.74
CA LEU DA 403 -15.88 -19.55 52.61
C LEU DA 403 -14.89 -18.45 52.25
N GLU DA 404 -13.67 -18.81 51.86
CA GLU DA 404 -12.68 -17.84 51.41
C GLU DA 404 -13.14 -17.12 50.15
N ARG DA 405 -13.89 -17.79 49.29
CA ARG DA 405 -14.26 -17.25 47.99
C ARG DA 405 -15.52 -16.41 48.05
N GLU DA 406 -16.50 -16.79 48.87
CA GLU DA 406 -17.69 -15.98 49.00
C GLU DA 406 -17.46 -14.67 49.72
N LEU DA 407 -16.30 -14.50 50.37
CA LEU DA 407 -15.93 -13.23 50.95
C LEU DA 407 -14.94 -12.44 50.11
N ASN DA 408 -13.99 -13.11 49.46
CA ASN DA 408 -13.01 -12.39 48.64
C ASN DA 408 -13.64 -11.86 47.37
N SER DA 409 -14.52 -12.64 46.75
CA SER DA 409 -15.23 -12.12 45.58
C SER DA 409 -16.33 -11.14 45.97
N TRP DA 410 -16.65 -11.05 47.26
CA TRP DA 410 -17.62 -10.07 47.71
C TRP DA 410 -17.00 -8.71 48.02
N ILE DA 411 -15.93 -8.67 48.80
CA ILE DA 411 -15.41 -7.37 49.23
C ILE DA 411 -14.55 -6.74 48.15
N LYS DA 412 -14.17 -7.47 47.11
CA LYS DA 412 -13.40 -6.86 46.04
C LYS DA 412 -14.27 -6.16 45.01
N GLN DA 413 -15.52 -5.85 45.35
CA GLN DA 413 -16.25 -4.79 44.69
C GLN DA 413 -16.24 -3.51 45.52
N TYR DA 414 -15.65 -3.56 46.71
CA TYR DA 414 -15.45 -2.38 47.54
C TYR DA 414 -14.00 -1.95 47.57
N VAL DA 415 -13.12 -2.68 46.91
CA VAL DA 415 -11.69 -2.45 46.95
C VAL DA 415 -11.24 -1.91 45.61
N ALA DA 416 -10.63 -0.73 45.61
CA ALA DA 416 -10.02 -0.16 44.41
C ALA DA 416 -8.55 0.04 44.72
N ASP DA 417 -7.77 -1.02 44.55
CA ASP DA 417 -6.35 -1.01 44.90
C ASP DA 417 -5.61 -0.26 43.82
N GLN DA 418 -5.57 1.05 43.97
CA GLN DA 418 -5.16 1.94 42.91
C GLN DA 418 -4.67 3.23 43.54
N GLU DA 419 -3.57 3.77 43.02
CA GLU DA 419 -2.92 4.88 43.69
C GLU DA 419 -3.70 6.18 43.53
N ASN DA 420 -4.24 6.42 42.33
CA ASN DA 420 -5.03 7.62 42.07
C ASN DA 420 -6.23 7.27 41.20
N PRO DA 421 -7.29 6.72 41.80
CA PRO DA 421 -8.52 6.54 41.05
C PRO DA 421 -9.29 7.84 41.00
N PRO DA 422 -10.32 7.96 40.17
CA PRO DA 422 -11.14 9.19 40.16
C PRO DA 422 -11.91 9.37 41.46
N ALA DA 423 -12.49 10.56 41.59
CA ALA DA 423 -13.13 10.96 42.84
C ALA DA 423 -14.42 10.19 43.13
N ASP DA 424 -14.96 9.48 42.16
CA ASP DA 424 -16.13 8.64 42.40
C ASP DA 424 -15.73 7.21 42.77
N VAL DA 425 -14.61 6.74 42.26
CA VAL DA 425 -14.17 5.39 42.59
C VAL DA 425 -13.63 5.34 44.01
N ARG DA 426 -13.16 6.47 44.53
CA ARG DA 426 -12.65 6.52 45.90
C ARG DA 426 -13.76 6.39 46.92
N SER DA 427 -14.94 6.90 46.63
CA SER DA 427 -15.99 6.92 47.64
C SER DA 427 -17.04 5.84 47.44
N ARG DA 428 -17.25 5.37 46.21
CA ARG DA 428 -18.05 4.15 46.03
C ARG DA 428 -17.30 2.93 46.53
N ARG DA 429 -15.98 2.92 46.41
CA ARG DA 429 -15.13 1.83 46.88
C ARG DA 429 -14.18 2.41 47.93
N PRO DA 430 -14.64 2.53 49.17
CA PRO DA 430 -13.84 3.27 50.17
C PRO DA 430 -12.63 2.54 50.67
N LEU DA 431 -12.58 1.23 50.51
CA LEU DA 431 -11.42 0.47 50.92
C LEU DA 431 -10.34 0.60 49.88
N ARG DA 432 -9.15 0.12 50.22
CA ARG DA 432 -8.02 0.13 49.30
C ARG DA 432 -7.37 -1.24 49.18
N ALA DA 433 -7.32 -2.02 50.26
CA ALA DA 433 -6.88 -3.40 50.18
C ALA DA 433 -7.51 -4.17 51.32
N ALA DA 434 -7.75 -5.46 51.09
CA ALA DA 434 -8.45 -6.27 52.07
C ALA DA 434 -7.89 -7.68 52.05
N ARG DA 435 -7.50 -8.19 53.22
CA ARG DA 435 -6.93 -9.50 53.38
C ARG DA 435 -7.91 -10.35 54.17
N ILE DA 436 -8.18 -11.57 53.70
CA ILE DA 436 -9.08 -12.49 54.39
C ILE DA 436 -8.38 -13.81 54.56
N GLU DA 437 -8.17 -14.22 55.80
CA GLU DA 437 -7.45 -15.44 56.13
C GLU DA 437 -8.37 -16.32 56.95
N VAL DA 438 -9.01 -17.28 56.30
CA VAL DA 438 -9.94 -18.17 56.98
C VAL DA 438 -9.17 -19.33 57.57
N MET DA 439 -9.37 -19.58 58.86
CA MET DA 439 -8.75 -20.67 59.59
C MET DA 439 -9.84 -21.60 60.10
N ASP DA 440 -9.45 -22.59 60.89
CA ASP DA 440 -10.41 -23.55 61.43
C ASP DA 440 -10.47 -23.42 62.95
N VAL DA 441 -11.36 -24.21 63.54
CA VAL DA 441 -11.38 -24.44 64.98
C VAL DA 441 -11.36 -25.94 65.19
N GLU DA 442 -10.32 -26.44 65.84
CA GLU DA 442 -10.21 -27.86 66.11
C GLU DA 442 -11.04 -28.22 67.33
N GLY DA 443 -11.30 -29.51 67.48
CA GLY DA 443 -12.16 -29.99 68.55
C GLY DA 443 -13.61 -30.08 68.11
N ASN DA 444 -14.20 -28.93 67.78
CA ASN DA 444 -15.50 -28.87 67.14
C ASN DA 444 -15.28 -28.42 65.71
N PRO DA 445 -15.20 -29.32 64.75
CA PRO DA 445 -14.79 -28.92 63.40
C PRO DA 445 -15.93 -28.25 62.65
N GLY DA 446 -15.57 -27.21 61.90
CA GLY DA 446 -16.53 -26.41 61.17
C GLY DA 446 -16.90 -25.11 61.85
N TRP DA 447 -15.89 -24.39 62.33
CA TRP DA 447 -16.06 -23.10 62.99
C TRP DA 447 -14.85 -22.28 62.57
N TYR DA 448 -15.07 -21.08 62.04
CA TYR DA 448 -14.10 -20.48 61.14
C TYR DA 448 -13.63 -19.11 61.61
N GLN DA 449 -12.39 -19.04 62.06
CA GLN DA 449 -11.84 -17.79 62.57
C GLN DA 449 -11.20 -17.06 61.40
N VAL DA 450 -11.96 -16.22 60.72
CA VAL DA 450 -11.43 -15.55 59.54
C VAL DA 450 -11.01 -14.17 60.00
N SER DA 451 -10.07 -13.56 59.27
CA SER DA 451 -9.53 -12.27 59.69
C SER DA 451 -9.59 -11.26 58.55
N LEU DA 452 -10.72 -10.58 58.42
CA LEU DA 452 -10.86 -9.55 57.41
C LEU DA 452 -10.08 -8.31 57.81
N SER DA 453 -9.10 -7.95 56.98
CA SER DA 453 -8.14 -6.87 57.30
C SER DA 453 -8.20 -5.80 56.22
N VAL DA 454 -9.14 -4.87 56.35
CA VAL DA 454 -9.35 -3.84 55.34
C VAL DA 454 -8.37 -2.70 55.54
N ARG DA 455 -8.31 -1.78 54.58
CA ARG DA 455 -7.39 -0.67 54.62
C ARG DA 455 -8.00 0.46 53.82
N PRO DA 456 -8.04 1.66 54.36
CA PRO DA 456 -8.79 2.75 53.70
C PRO DA 456 -7.90 3.65 52.87
N HIS DA 457 -8.51 4.60 52.16
CA HIS DA 457 -7.76 5.69 51.58
C HIS DA 457 -7.57 6.79 52.61
N PHE DA 458 -6.72 7.76 52.28
CA PHE DA 458 -6.28 8.77 53.23
C PHE DA 458 -6.60 10.16 52.72
N LYS DA 459 -7.26 10.95 53.56
CA LYS DA 459 -7.75 12.28 53.21
C LYS DA 459 -6.66 13.32 53.43
N TYR DA 460 -7.06 14.60 53.43
CA TYR DA 460 -6.18 15.76 53.33
C TYR DA 460 -6.27 16.56 54.62
N MET DA 461 -5.16 16.66 55.35
CA MET DA 461 -5.17 17.38 56.63
C MET DA 461 -3.78 17.93 56.97
N GLY DA 462 -3.64 19.25 56.84
CA GLY DA 462 -2.43 19.95 57.20
C GLY DA 462 -1.24 19.89 56.26
N ALA DA 463 -0.52 21.00 56.13
CA ALA DA 463 0.70 21.09 55.33
C ALA DA 463 1.58 22.17 55.93
N ASN DA 464 2.58 22.65 55.17
CA ASN DA 464 3.44 23.64 55.80
C ASN DA 464 3.63 24.95 55.03
N PHE DA 465 3.86 24.89 53.71
CA PHE DA 465 3.91 26.05 52.80
C PHE DA 465 4.95 27.09 53.23
N GLU DA 466 6.22 26.66 53.26
CA GLU DA 466 7.32 27.47 53.80
C GLU DA 466 7.87 28.42 52.75
N LEU DA 467 7.25 29.60 52.64
CA LEU DA 467 7.57 30.56 51.58
C LEU DA 467 8.96 31.16 51.75
N SER DA 468 9.43 31.75 50.65
CA SER DA 468 10.75 32.36 50.49
C SER DA 468 10.73 33.09 49.16
N LEU DA 469 11.78 33.85 48.87
CA LEU DA 469 12.00 34.24 47.49
C LEU DA 469 13.36 33.75 47.02
N VAL DA 470 13.44 33.42 45.74
CA VAL DA 470 14.67 32.97 45.11
C VAL DA 470 15.37 34.12 44.40
N GLY DA 471 14.61 34.93 43.66
CA GLY DA 471 15.15 36.09 42.98
C GLY DA 471 15.45 35.87 41.52
N ARG DA 472 16.02 34.72 41.16
CA ARG DA 472 16.30 34.37 39.77
C ARG DA 472 15.36 33.31 39.23
N LEU DA 473 15.14 32.24 39.97
CA LEU DA 473 14.29 31.15 39.50
C LEU DA 473 12.82 31.46 39.79
N SER EA 1 16.21 37.30 65.81
CA SER EA 1 16.28 36.64 64.51
C SER EA 1 15.33 35.46 64.44
N LYS EA 2 14.06 35.71 64.77
CA LYS EA 2 13.02 34.68 64.74
C LYS EA 2 11.78 35.26 64.10
N GLU EA 3 11.28 34.60 63.06
CA GLU EA 3 10.01 34.98 62.45
C GLU EA 3 8.88 34.69 63.41
N GLY EA 4 7.98 35.65 63.59
CA GLY EA 4 6.78 35.41 64.37
C GLY EA 4 5.87 34.45 63.61
N SER EA 5 5.58 33.30 64.20
CA SER EA 5 4.70 32.31 63.61
C SER EA 5 3.60 31.97 64.59
N VAL EA 6 2.65 31.16 64.13
CA VAL EA 6 1.51 30.76 64.93
C VAL EA 6 1.74 29.33 65.41
N ALA EA 7 0.84 28.87 66.26
CA ALA EA 7 0.89 27.47 66.66
C ALA EA 7 0.51 26.58 65.48
N PRO EA 8 1.22 25.49 65.24
CA PRO EA 8 0.88 24.60 64.12
C PRO EA 8 -0.41 23.85 64.38
N LYS EA 9 -1.05 23.42 63.29
CA LYS EA 9 -2.42 22.94 63.36
C LYS EA 9 -2.81 22.25 62.04
N GLU EA 10 -4.07 21.76 62.01
CA GLU EA 10 -4.68 21.16 60.82
C GLU EA 10 -5.02 22.24 59.80
N ARG EA 11 -5.06 23.46 60.25
CA ARG EA 11 -5.09 24.53 59.30
C ARG EA 11 -3.66 24.77 58.85
N ILE EA 12 -3.53 25.58 57.83
CA ILE EA 12 -2.27 25.68 57.11
C ILE EA 12 -1.50 26.87 57.67
N ASN EA 13 -0.18 26.74 57.80
CA ASN EA 13 0.57 27.77 58.51
C ASN EA 13 1.63 28.44 57.64
N ILE EA 14 1.18 29.44 56.90
CA ILE EA 14 2.03 30.22 56.01
C ILE EA 14 2.99 31.09 56.83
N LYS EA 15 4.28 31.02 56.51
CA LYS EA 15 5.26 31.92 57.08
C LYS EA 15 6.19 32.41 55.98
N TYR EA 16 6.02 33.75 55.87
CA TYR EA 16 6.81 34.47 54.89
C TYR EA 16 8.22 34.07 55.21
N ILE EA 17 8.82 33.39 54.26
CA ILE EA 17 10.21 33.10 54.44
C ILE EA 17 10.94 34.28 53.87
N PRO EA 18 11.36 35.22 54.77
CA PRO EA 18 12.19 36.26 54.21
C PRO EA 18 13.43 35.66 53.64
N ALA EA 19 13.77 34.47 54.10
CA ALA EA 19 14.88 33.77 53.57
C ALA EA 19 14.56 33.35 52.17
N THR EA 20 15.66 33.05 51.44
CA THR EA 20 15.70 32.28 50.21
C THR EA 20 16.08 30.88 50.67
N GLY EA 21 16.50 29.94 49.79
CA GLY EA 21 16.81 28.64 50.34
C GLY EA 21 17.75 27.80 49.50
N ASP EA 22 18.46 26.86 50.16
CA ASP EA 22 19.43 25.95 49.59
C ASP EA 22 18.83 24.58 49.36
N ALA EA 23 19.73 23.55 49.30
CA ALA EA 23 19.41 22.15 49.07
C ALA EA 23 20.43 21.29 49.79
N GLN EA 24 20.27 19.93 49.75
CA GLN EA 24 21.17 19.01 50.42
C GLN EA 24 21.38 17.75 49.59
N ALA EA 25 22.35 16.88 50.01
CA ALA EA 25 22.68 15.63 49.34
C ALA EA 25 23.12 14.60 50.35
N GLU EA 26 23.16 13.29 49.95
CA GLU EA 26 23.59 12.21 50.83
C GLU EA 26 24.35 11.13 50.05
N VAL EA 27 25.09 10.23 50.78
CA VAL EA 27 25.94 9.18 50.24
C VAL EA 27 25.90 7.92 51.11
N GLU EA 28 26.94 7.05 51.00
CA GLU EA 28 27.17 5.80 51.74
C GLU EA 28 27.88 6.20 53.00
N LEU EA 29 28.89 5.45 53.49
CA LEU EA 29 29.75 6.02 54.52
C LEU EA 29 30.35 7.30 53.93
N PRO EA 30 30.11 8.47 54.55
CA PRO EA 30 30.59 9.73 54.01
C PRO EA 30 32.10 9.66 53.88
N LEU EA 31 32.65 10.40 52.90
CA LEU EA 31 34.08 10.65 52.81
C LEU EA 31 34.52 11.36 54.08
N LYS EA 32 34.89 10.62 55.12
CA LYS EA 32 35.27 11.24 56.37
C LYS EA 32 36.75 11.57 56.36
N THR EA 33 37.08 12.82 56.66
CA THR EA 33 38.45 13.25 56.80
C THR EA 33 38.74 13.57 58.26
N LEU EA 34 40.00 13.46 58.64
CA LEU EA 34 40.43 13.75 60.00
C LEU EA 34 41.42 14.90 59.91
N VAL EA 35 40.97 16.10 60.29
CA VAL EA 35 41.86 17.26 60.29
C VAL EA 35 42.66 17.21 61.58
N VAL EA 36 43.96 17.03 61.46
CA VAL EA 36 44.83 16.91 62.63
C VAL EA 36 45.77 18.10 62.65
N GLY EA 37 46.08 18.60 63.83
CA GLY EA 37 46.93 19.76 63.95
C GLY EA 37 46.60 20.59 65.17
N ASP EA 38 47.53 21.48 65.50
CA ASP EA 38 47.51 22.28 66.72
C ASP EA 38 46.36 23.27 66.65
N PHE EA 39 45.36 23.08 67.51
CA PHE EA 39 44.16 23.91 67.46
C PHE EA 39 43.95 24.76 68.69
N LYS EA 40 44.79 24.62 69.72
CA LYS EA 40 44.73 25.43 70.92
C LYS EA 40 46.10 25.99 71.22
N GLY EA 41 46.21 26.71 72.34
CA GLY EA 41 47.43 27.45 72.60
C GLY EA 41 48.37 26.84 73.61
N HIS EA 42 48.36 25.51 73.73
CA HIS EA 42 49.23 24.83 74.69
C HIS EA 42 49.46 23.40 74.21
N ALA EA 43 49.99 22.58 75.10
CA ALA EA 43 50.16 21.15 74.87
C ALA EA 43 49.48 20.41 76.01
N GLU EA 44 48.44 19.64 75.68
CA GLU EA 44 47.61 18.97 76.68
C GLU EA 44 48.38 17.82 77.33
N GLN EA 45 48.20 17.67 78.64
CA GLN EA 45 48.97 16.69 79.39
C GLN EA 45 48.45 15.27 79.24
N THR EA 46 47.22 15.08 78.72
CA THR EA 46 46.76 13.71 78.55
C THR EA 46 47.45 13.07 77.33
N PRO EA 47 47.76 11.78 77.40
CA PRO EA 47 48.35 11.10 76.24
C PRO EA 47 47.34 10.98 75.12
N LEU EA 48 47.86 10.64 73.94
CA LEU EA 48 47.05 10.76 72.73
C LEU EA 48 45.95 9.71 72.67
N GLU EA 49 46.19 8.52 73.23
CA GLU EA 49 45.23 7.42 73.11
C GLU EA 49 43.98 7.61 73.95
N GLU EA 50 43.88 8.65 74.77
CA GLU EA 50 42.71 8.88 75.59
C GLU EA 50 41.88 10.07 75.14
N ARG EA 51 42.47 11.06 74.49
CA ARG EA 51 41.71 12.21 74.05
C ARG EA 51 40.86 11.84 72.85
N ALA EA 52 39.86 12.67 72.57
CA ALA EA 52 38.82 12.30 71.63
C ALA EA 52 38.86 13.19 70.39
N THR EA 53 38.16 12.72 69.35
CA THR EA 53 37.95 13.48 68.13
C THR EA 53 36.52 13.99 68.11
N VAL EA 54 36.35 15.26 67.75
CA VAL EA 54 35.03 15.89 67.73
C VAL EA 54 34.61 16.08 66.27
N THR EA 55 33.33 15.86 66.01
CA THR EA 55 32.77 15.97 64.67
C THR EA 55 32.15 17.35 64.49
N VAL EA 56 32.56 18.04 63.42
CA VAL EA 56 32.19 19.42 63.17
C VAL EA 56 31.44 19.50 61.84
N ASP EA 57 30.23 20.04 61.85
CA ASP EA 57 29.67 20.49 60.59
C ASP EA 57 29.28 21.96 60.70
N LYS EA 58 28.55 22.48 59.71
CA LYS EA 58 28.27 23.90 59.65
C LYS EA 58 27.37 24.35 60.78
N ASN EA 59 26.51 23.46 61.28
CA ASN EA 59 25.58 23.85 62.32
C ASN EA 59 26.19 23.84 63.71
N ASN EA 60 27.17 22.99 63.97
CA ASN EA 60 27.73 22.88 65.31
C ASN EA 60 29.13 23.47 65.42
N PHE EA 61 29.55 24.28 64.46
CA PHE EA 61 30.87 24.87 64.57
C PHE EA 61 30.95 25.91 65.67
N GLU EA 62 29.83 26.57 65.97
CA GLU EA 62 29.80 27.55 67.05
C GLU EA 62 29.83 26.89 68.42
N ALA EA 63 29.41 25.63 68.52
CA ALA EA 63 29.44 24.90 69.78
C ALA EA 63 30.76 24.18 70.01
N VAL EA 64 31.44 23.77 68.94
CA VAL EA 64 32.76 23.17 69.08
C VAL EA 64 33.77 24.23 69.47
N MET EA 65 33.62 25.46 68.94
CA MET EA 65 34.53 26.53 69.30
C MET EA 65 34.33 27.00 70.73
N ARG EA 66 33.09 26.97 71.22
CA ARG EA 66 32.82 27.43 72.57
C ARG EA 66 33.34 26.45 73.61
N GLU EA 67 33.18 25.15 73.37
CA GLU EA 67 33.58 24.15 74.35
C GLU EA 67 35.06 23.81 74.28
N SER EA 68 35.78 24.34 73.30
CA SER EA 68 37.23 24.14 73.29
C SER EA 68 37.91 24.97 74.36
N GLU EA 69 37.35 26.15 74.66
CA GLU EA 69 37.93 27.18 75.53
C GLU EA 69 39.33 27.59 75.05
N LEU EA 70 39.36 28.19 73.86
CA LEU EA 70 40.60 28.73 73.34
C LEU EA 70 40.97 29.97 74.13
N LYS EA 71 41.82 29.81 75.13
CA LYS EA 71 42.23 30.91 76.01
C LYS EA 71 43.66 31.29 75.64
N ILE EA 72 43.80 32.41 74.94
CA ILE EA 72 45.09 32.88 74.47
C ILE EA 72 45.58 33.96 75.43
N THR EA 73 46.63 33.64 76.19
CA THR EA 73 47.25 34.55 77.14
C THR EA 73 48.67 34.83 76.69
N ALA EA 74 48.95 36.06 76.30
CA ALA EA 74 50.27 36.44 75.83
C ALA EA 74 50.57 37.87 76.25
N THR EA 75 51.86 38.20 76.20
CA THR EA 75 52.33 39.54 76.52
C THR EA 75 52.65 40.26 75.22
N VAL EA 76 51.93 41.35 74.94
CA VAL EA 76 52.09 42.09 73.71
C VAL EA 76 52.58 43.50 74.06
N LYS EA 77 52.93 44.25 73.02
CA LYS EA 77 53.52 45.57 73.18
C LYS EA 77 52.46 46.60 73.56
N ASN EA 78 52.82 47.50 74.47
CA ASN EA 78 51.94 48.56 74.92
C ASN EA 78 52.14 49.78 74.04
N LYS EA 79 51.12 50.11 73.24
CA LYS EA 79 51.13 51.30 72.41
C LYS EA 79 50.02 52.27 72.81
N LEU EA 80 49.60 52.25 74.07
CA LEU EA 80 48.58 53.14 74.57
C LEU EA 80 49.15 54.36 75.30
N THR EA 81 50.47 54.43 75.44
CA THR EA 81 51.11 55.57 76.10
C THR EA 81 52.34 56.00 75.31
N ASP EA 82 53.14 56.90 75.87
CA ASP EA 82 54.34 57.40 75.19
C ASP EA 82 55.56 56.51 75.39
N ASP EA 83 55.39 55.32 75.97
CA ASP EA 83 56.50 54.42 76.23
C ASP EA 83 56.62 53.43 75.07
N GLU EA 84 57.84 53.29 74.56
CA GLU EA 84 58.15 52.29 73.55
C GLU EA 84 58.49 50.95 74.17
N ASN EA 85 59.16 50.96 75.33
CA ASN EA 85 59.61 49.74 75.99
C ASN EA 85 58.63 49.22 77.03
N ALA EA 86 57.33 49.48 76.85
CA ALA EA 86 56.31 48.98 77.75
C ALA EA 86 55.61 47.78 77.13
N GLU EA 87 55.19 46.86 77.98
CA GLU EA 87 54.48 45.65 77.56
C GLU EA 87 53.17 45.54 78.33
N LEU EA 88 52.21 44.83 77.75
CA LEU EA 88 50.90 44.71 78.39
C LEU EA 88 50.28 43.36 78.07
N PRO EA 89 50.24 42.44 79.04
CA PRO EA 89 49.59 41.15 78.78
C PRO EA 89 48.08 41.28 78.67
N VAL EA 90 47.48 40.32 77.96
CA VAL EA 90 46.04 40.32 77.70
C VAL EA 90 45.45 39.01 78.21
N GLU EA 91 44.12 38.95 78.19
CA GLU EA 91 43.38 37.77 78.59
C GLU EA 91 42.19 37.61 77.65
N LEU EA 92 42.18 36.52 76.88
CA LEU EA 92 41.21 36.32 75.82
C LEU EA 92 40.38 35.07 76.08
N ASN EA 93 39.07 35.19 75.86
CA ASN EA 93 38.14 34.06 75.98
C ASN EA 93 37.26 34.06 74.73
N PHE EA 94 37.40 33.02 73.92
CA PHE EA 94 36.76 32.94 72.61
C PHE EA 94 35.63 31.93 72.65
N LYS EA 95 34.43 32.36 72.28
CA LYS EA 95 33.28 31.49 72.26
C LYS EA 95 32.54 31.46 70.93
N SER EA 96 32.81 32.40 70.02
CA SER EA 96 32.18 32.43 68.72
C SER EA 96 33.20 32.92 67.69
N LEU EA 97 32.85 32.79 66.41
CA LEU EA 97 33.72 33.26 65.34
C LEU EA 97 33.84 34.79 65.34
N ALA EA 98 32.84 35.50 65.87
CA ALA EA 98 32.93 36.95 66.01
C ALA EA 98 33.84 37.39 67.16
N ASP EA 99 34.34 36.46 67.97
CA ASP EA 99 35.30 36.83 68.99
C ASP EA 99 36.70 37.06 68.45
N PHE EA 100 36.98 36.67 67.21
CA PHE EA 100 38.23 37.07 66.57
C PHE EA 100 38.21 38.53 66.15
N ALA EA 101 37.02 39.10 65.97
CA ALA EA 101 36.88 40.47 65.50
C ALA EA 101 37.31 41.47 66.58
N PRO EA 102 37.81 42.65 66.21
CA PRO EA 102 38.28 43.62 67.21
C PRO EA 102 37.18 44.24 68.06
N ASP EA 103 35.90 44.00 67.75
CA ASP EA 103 34.85 44.44 68.65
C ASP EA 103 34.83 43.61 69.93
N ALA EA 104 35.10 42.32 69.82
CA ALA EA 104 35.09 41.43 70.98
C ALA EA 104 36.48 41.18 71.56
N VAL EA 105 37.55 41.48 70.81
CA VAL EA 105 38.88 41.38 71.39
C VAL EA 105 39.15 42.57 72.30
N ALA EA 106 38.81 43.78 71.84
CA ALA EA 106 38.96 44.97 72.67
C ALA EA 106 37.99 45.00 73.84
N SER EA 107 36.85 44.33 73.72
CA SER EA 107 35.92 44.23 74.85
C SER EA 107 36.44 43.33 75.94
N GLN EA 108 37.36 42.42 75.64
CA GLN EA 108 37.96 41.55 76.64
C GLN EA 108 39.26 42.10 77.20
N VAL EA 109 39.72 43.23 76.69
CA VAL EA 109 40.88 43.92 77.23
C VAL EA 109 40.38 45.11 78.04
N PRO EA 110 40.59 45.14 79.37
CA PRO EA 110 40.06 46.24 80.18
C PRO EA 110 40.70 47.59 79.89
N GLU EA 111 41.92 47.61 79.35
CA GLU EA 111 42.53 48.88 78.94
C GLU EA 111 41.88 49.43 77.69
N LEU EA 112 41.18 48.61 76.92
CA LEU EA 112 40.45 49.06 75.75
C LEU EA 112 38.95 49.15 75.98
N LYS EA 113 38.45 48.67 77.12
CA LYS EA 113 37.06 48.89 77.46
C LYS EA 113 36.79 50.34 77.80
N LYS EA 114 37.80 51.03 78.34
CA LYS EA 114 37.68 52.45 78.66
C LYS EA 114 37.90 53.35 77.46
N LEU EA 115 38.46 52.82 76.37
CA LEU EA 115 38.67 53.64 75.17
C LEU EA 115 37.48 53.56 74.21
N ILE EA 116 36.80 52.42 74.14
CA ILE EA 116 35.55 52.37 73.40
C ILE EA 116 34.46 53.15 74.14
N GLU EA 117 34.46 53.05 75.48
CA GLU EA 117 33.56 53.86 76.29
C GLU EA 117 33.89 55.35 76.17
N LEU EA 118 35.17 55.67 75.94
CA LEU EA 118 35.54 57.04 75.63
C LEU EA 118 34.97 57.47 74.29
N ARG EA 119 34.99 56.58 73.29
CA ARG EA 119 34.47 56.94 71.97
C ARG EA 119 32.95 56.99 71.97
N GLU EA 120 32.30 56.07 72.69
CA GLU EA 120 30.84 56.09 72.81
C GLU EA 120 30.36 57.35 73.52
N ALA EA 121 31.16 57.89 74.44
CA ALA EA 121 30.86 59.17 75.06
C ALA EA 121 31.07 60.34 74.11
N LEU EA 122 31.94 60.18 73.11
CA LEU EA 122 32.18 61.25 72.13
C LEU EA 122 31.21 61.21 70.96
N VAL EA 123 30.73 60.02 70.58
CA VAL EA 123 29.68 59.93 69.57
C VAL EA 123 28.36 60.46 70.14
N ALA EA 124 28.14 60.26 71.44
CA ALA EA 124 26.95 60.80 72.10
C ALA EA 124 26.97 62.32 72.15
N LEU EA 125 28.16 62.93 72.17
CA LEU EA 125 28.27 64.37 72.25
C LEU EA 125 27.93 65.04 70.92
N LYS EA 126 28.31 64.41 69.80
CA LYS EA 126 28.28 65.05 68.48
C LYS EA 126 26.87 65.35 68.00
N GLY EA 127 25.89 64.55 68.43
CA GLY EA 127 24.50 64.76 68.08
C GLY EA 127 23.93 66.07 68.59
N PRO EA 128 23.82 66.23 69.91
CA PRO EA 128 23.37 67.51 70.47
C PRO EA 128 24.41 68.61 70.51
N LEU EA 129 25.55 68.48 69.83
CA LEU EA 129 26.58 69.50 69.90
C LEU EA 129 26.25 70.69 69.01
N GLY EA 130 26.18 70.46 67.70
CA GLY EA 130 25.96 71.51 66.73
C GLY EA 130 24.53 71.92 66.52
N ASN EA 131 23.59 71.34 67.27
CA ASN EA 131 22.18 71.69 67.14
C ASN EA 131 21.81 72.90 68.00
N ILE EA 132 22.29 72.93 69.24
CA ILE EA 132 22.05 74.04 70.16
C ILE EA 132 23.29 74.93 70.15
N PRO EA 133 23.21 76.16 69.67
CA PRO EA 133 24.39 77.05 69.67
C PRO EA 133 24.67 77.74 71.00
N ALA EA 134 24.03 77.34 72.09
CA ALA EA 134 24.31 77.87 73.40
C ALA EA 134 25.37 77.08 74.16
N PHE EA 135 25.94 76.05 73.54
CA PHE EA 135 26.99 75.28 74.18
C PHE EA 135 28.29 76.08 74.21
N ARG EA 136 28.62 76.77 73.12
CA ARG EA 136 29.83 77.58 73.08
C ARG EA 136 29.71 78.83 73.95
N GLU EA 137 28.48 79.24 74.29
CA GLU EA 137 28.30 80.38 75.19
C GLU EA 137 28.76 80.04 76.61
N ARG EA 138 28.62 78.77 77.01
CA ARG EA 138 29.06 78.35 78.32
C ARG EA 138 30.43 77.68 78.30
N LEU EA 139 31.02 77.48 77.12
CA LEU EA 139 32.44 77.14 77.07
C LEU EA 139 33.30 78.33 77.48
N GLN EA 140 32.86 79.55 77.14
CA GLN EA 140 33.54 80.74 77.61
C GLN EA 140 33.27 81.00 79.08
N SER EA 141 32.13 80.52 79.59
CA SER EA 141 31.88 80.62 81.02
C SER EA 141 32.75 79.62 81.80
N LEU EA 142 32.98 78.44 81.23
CA LEU EA 142 33.98 77.54 81.77
C LEU EA 142 35.39 78.05 81.55
N LEU EA 143 35.59 78.88 80.53
CA LEU EA 143 36.86 79.59 80.39
C LEU EA 143 37.01 80.66 81.47
N ASN EA 144 35.89 81.26 81.89
CA ASN EA 144 35.92 82.23 82.98
C ASN EA 144 35.99 81.54 84.34
N SER EA 145 35.06 80.61 84.60
CA SER EA 145 35.01 79.89 85.88
C SER EA 145 35.95 78.70 85.79
N GLU EA 146 37.22 78.93 86.11
CA GLU EA 146 38.22 77.86 86.08
C GLU EA 146 38.26 77.07 87.38
N GLU EA 147 37.84 77.66 88.50
CA GLU EA 147 37.93 76.97 89.78
C GLU EA 147 36.83 75.92 89.93
N SER EA 148 35.59 76.27 89.59
CA SER EA 148 34.48 75.33 89.71
C SER EA 148 34.50 74.27 88.61
N ARG EA 149 35.22 74.51 87.52
CA ARG EA 149 35.29 73.51 86.44
C ARG EA 149 36.19 72.35 86.84
N GLU EA 150 37.35 72.64 87.43
CA GLU EA 150 38.29 71.58 87.80
C GLU EA 150 37.82 70.80 89.02
N LYS EA 151 36.93 71.37 89.83
CA LYS EA 151 36.36 70.60 90.94
C LYS EA 151 35.36 69.56 90.45
N LEU EA 152 34.76 69.78 89.27
CA LEU EA 152 33.79 68.86 88.71
C LEU EA 152 34.40 67.84 87.76
N LEU EA 153 35.63 68.07 87.29
CA LEU EA 153 36.28 67.11 86.41
C LEU EA 153 36.74 65.88 87.18
N ALA EA 154 37.06 66.03 88.47
CA ALA EA 154 37.46 64.89 89.28
C ALA EA 154 36.29 63.99 89.63
N GLU EA 155 35.07 64.51 89.60
CA GLU EA 155 33.89 63.71 89.88
C GLU EA 155 33.56 62.81 88.69
N SER FA 1 70.71 28.39 13.37
CA SER FA 1 69.53 27.79 12.78
C SER FA 1 68.76 26.96 13.81
N LYS FA 2 68.43 27.60 14.93
CA LYS FA 2 67.68 26.96 16.01
C LYS FA 2 66.62 27.93 16.51
N GLU FA 3 65.37 27.48 16.51
CA GLU FA 3 64.29 28.27 17.09
C GLU FA 3 64.46 28.32 18.61
N GLY FA 4 64.34 29.52 19.17
CA GLY FA 4 64.33 29.65 20.61
C GLY FA 4 63.06 29.05 21.17
N SER FA 5 63.18 28.04 22.02
CA SER FA 5 62.03 27.40 22.65
C SER FA 5 62.23 27.39 24.15
N VAL FA 6 61.21 26.94 24.87
CA VAL FA 6 61.23 26.89 26.31
C VAL FA 6 61.46 25.47 26.75
N ALA FA 7 61.63 25.28 28.04
CA ALA FA 7 61.72 23.94 28.58
C ALA FA 7 60.36 23.25 28.47
N PRO FA 8 60.31 21.99 28.06
CA PRO FA 8 59.03 21.29 27.94
C PRO FA 8 58.45 20.98 29.30
N LYS FA 9 57.12 20.81 29.33
CA LYS FA 9 56.39 20.79 30.59
C LYS FA 9 54.95 20.30 30.36
N GLU FA 10 54.19 20.23 31.47
CA GLU FA 10 52.75 19.90 31.47
C GLU FA 10 51.94 21.04 30.91
N ARG FA 11 52.54 22.20 30.87
CA ARG FA 11 51.94 23.25 30.11
C ARG FA 11 52.33 23.04 28.67
N ILE FA 12 51.69 23.78 27.79
CA ILE FA 12 51.76 23.52 26.37
C ILE FA 12 52.85 24.37 25.76
N ASN FA 13 53.59 23.83 24.81
CA ASN FA 13 54.78 24.54 24.34
C ASN FA 13 54.71 24.85 22.84
N ILE FA 14 54.07 25.97 22.54
CA ILE FA 14 53.90 26.48 21.19
C ILE FA 14 55.25 26.97 20.65
N LYS FA 15 55.62 26.50 19.46
CA LYS FA 15 56.77 27.03 18.75
C LYS FA 15 56.42 27.23 17.29
N TYR FA 16 56.50 28.54 17.02
CA TYR FA 16 56.23 29.01 15.67
C TYR FA 16 57.13 28.16 14.82
N ILE FA 17 56.50 27.35 13.99
CA ILE FA 17 57.31 26.63 13.05
C ILE FA 17 57.44 27.53 11.86
N PRO FA 18 58.59 28.27 11.79
CA PRO FA 18 58.74 29.00 10.54
C PRO FA 18 58.77 28.05 9.39
N ALA FA 19 59.10 26.81 9.68
CA ALA FA 19 59.09 25.81 8.68
C ALA FA 19 57.66 25.55 8.29
N THR FA 20 57.55 24.93 7.08
CA THR FA 20 56.39 24.22 6.59
C THR FA 20 56.70 22.76 6.88
N GLY FA 21 55.97 21.76 6.29
CA GLY FA 21 56.36 20.41 6.68
C GLY FA 21 55.97 19.36 5.68
N ASP FA 22 56.70 18.21 5.71
CA ASP FA 22 56.53 17.05 4.85
C ASP FA 22 55.77 15.95 5.56
N ALA FA 23 55.97 14.70 5.07
CA ALA FA 23 55.35 13.48 5.55
C ALA FA 23 56.30 12.31 5.34
N GLN FA 24 55.91 11.08 5.79
CA GLN FA 24 56.77 9.90 5.67
C GLN FA 24 55.93 8.66 5.36
N ALA FA 25 56.61 7.52 5.03
CA ALA FA 25 55.96 6.26 4.72
C ALA FA 25 56.83 5.11 5.18
N GLU FA 26 56.27 3.86 5.26
CA GLU FA 26 57.01 2.68 5.68
C GLU FA 26 56.54 1.44 4.92
N VAL FA 27 57.34 0.33 4.95
CA VAL FA 27 57.11 -0.93 4.24
C VAL FA 27 57.58 -2.12 5.06
N GLU FA 28 57.86 -3.28 4.40
CA GLU FA 28 58.34 -4.56 4.94
C GLU FA 28 59.84 -4.44 4.95
N LEU FA 29 60.62 -5.47 4.59
CA LEU FA 29 62.03 -5.25 4.33
C LEU FA 29 62.10 -4.21 3.20
N PRO FA 30 62.72 -3.03 3.43
CA PRO FA 30 62.75 -1.99 2.44
C PRO FA 30 63.40 -2.53 1.16
N LEU FA 31 63.00 -1.98 0.02
CA LEU FA 31 63.70 -2.19 -1.24
C LEU FA 31 65.13 -1.69 -1.09
N LYS FA 32 66.04 -2.54 -0.63
CA LYS FA 32 67.41 -2.11 -0.41
C LYS FA 32 68.21 -2.27 -1.68
N THR FA 33 68.87 -1.20 -2.09
CA THR FA 33 69.78 -1.22 -3.23
C THR FA 33 71.21 -1.05 -2.75
N LEU FA 34 72.14 -1.57 -3.52
CA LEU FA 34 73.56 -1.47 -3.19
C LEU FA 34 74.22 -0.69 -4.33
N VAL FA 35 74.54 0.57 -4.07
CA VAL FA 35 75.22 1.39 -5.06
C VAL FA 35 76.70 1.05 -5.00
N VAL FA 36 77.23 0.48 -6.06
CA VAL FA 36 78.62 0.05 -6.08
C VAL FA 36 79.35 0.88 -7.14
N GLY FA 37 80.59 1.22 -6.86
CA GLY FA 37 81.35 2.05 -7.78
C GLY FA 37 82.37 2.91 -7.05
N ASP FA 38 83.29 3.44 -7.85
CA ASP FA 38 84.46 4.18 -7.37
C ASP FA 38 84.01 5.49 -6.74
N PHE FA 39 84.19 5.61 -5.43
CA PHE FA 39 83.69 6.76 -4.70
C PHE FA 39 84.79 7.61 -4.07
N LYS FA 40 86.06 7.17 -4.16
CA LYS FA 40 87.18 7.93 -3.65
C LYS FA 40 88.24 8.02 -4.73
N GLY FA 41 89.38 8.63 -4.40
CA GLY FA 41 90.36 8.95 -5.41
C GLY FA 41 91.56 8.03 -5.46
N HIS FA 42 91.41 6.77 -5.06
CA HIS FA 42 92.52 5.84 -5.05
C HIS FA 42 91.96 4.42 -5.14
N ALA FA 43 92.81 3.44 -4.87
CA ALA FA 43 92.43 2.04 -4.77
C ALA FA 43 92.89 1.52 -3.41
N GLU FA 44 91.93 1.13 -2.57
CA GLU FA 44 92.23 0.74 -1.20
C GLU FA 44 92.93 -0.61 -1.17
N GLN FA 45 93.91 -0.73 -0.28
CA GLN FA 45 94.74 -1.93 -0.23
C GLN FA 45 94.08 -3.11 0.46
N THR FA 46 92.98 -2.89 1.21
CA THR FA 46 92.32 -4.03 1.84
C THR FA 46 91.54 -4.82 0.79
N PRO FA 47 91.50 -6.15 0.90
CA PRO FA 47 90.70 -6.94 -0.04
C PRO FA 47 89.22 -6.70 0.20
N LEU FA 48 88.43 -7.16 -0.77
CA LEU FA 48 87.02 -6.76 -0.81
C LEU FA 48 86.21 -7.40 0.31
N GLU FA 49 86.56 -8.62 0.71
CA GLU FA 49 85.77 -9.35 1.68
C GLU FA 49 85.87 -8.79 3.10
N GLU FA 50 86.71 -7.80 3.35
CA GLU FA 50 86.85 -7.23 4.69
C GLU FA 50 86.29 -5.83 4.81
N ARG FA 51 86.24 -5.07 3.73
CA ARG FA 51 85.69 -3.72 3.81
C ARG FA 51 84.18 -3.77 3.93
N ALA FA 52 83.61 -2.65 4.36
CA ALA FA 52 82.21 -2.64 4.77
C ALA FA 52 81.36 -1.79 3.85
N THR FA 53 80.05 -1.97 3.96
CA THR FA 53 79.06 -1.15 3.28
C THR FA 53 78.42 -0.21 4.28
N VAL FA 54 78.29 1.05 3.91
CA VAL FA 54 77.72 2.06 4.78
C VAL FA 54 76.32 2.42 4.28
N THR FA 55 75.40 2.64 5.21
CA THR FA 55 74.01 2.95 4.90
C THR FA 55 73.82 4.45 4.95
N VAL FA 56 73.27 5.01 3.87
CA VAL FA 56 73.13 6.45 3.67
C VAL FA 56 71.66 6.78 3.54
N ASP FA 57 71.17 7.69 4.37
CA ASP FA 57 69.90 8.32 4.02
C ASP FA 57 70.08 9.84 4.03
N LYS FA 58 68.97 10.59 3.93
CA LYS FA 58 69.06 12.03 3.76
C LYS FA 58 69.64 12.71 5.00
N ASN FA 59 69.45 12.14 6.18
CA ASN FA 59 69.93 12.77 7.39
C ASN FA 59 71.40 12.53 7.65
N ASN FA 60 71.95 11.39 7.22
CA ASN FA 60 73.34 11.08 7.53
C ASN FA 60 74.26 11.19 6.34
N PHE FA 61 73.83 11.85 5.27
CA PHE FA 61 74.71 11.98 4.11
C PHE FA 61 75.86 12.92 4.38
N GLU FA 62 75.68 13.89 5.28
CA GLU FA 62 76.76 14.79 5.64
C GLU FA 62 77.79 14.13 6.53
N ALA FA 63 77.42 13.06 7.25
CA ALA FA 63 78.35 12.33 8.09
C ALA FA 63 79.07 11.22 7.34
N VAL FA 64 78.44 10.64 6.32
CA VAL FA 64 79.12 9.65 5.50
C VAL FA 64 80.17 10.32 4.62
N MET FA 65 79.88 11.54 4.15
CA MET FA 65 80.85 12.26 3.34
C MET FA 65 82.04 12.73 4.17
N ARG FA 66 81.81 13.09 5.43
CA ARG FA 66 82.90 13.58 6.26
C ARG FA 66 83.85 12.45 6.66
N GLU FA 67 83.31 11.29 6.99
CA GLU FA 67 84.14 10.17 7.45
C GLU FA 67 84.77 9.39 6.32
N SER FA 68 84.42 9.69 5.07
CA SER FA 68 85.10 9.04 3.96
C SER FA 68 86.51 9.58 3.78
N GLU FA 69 86.70 10.86 4.10
CA GLU FA 69 87.93 11.63 3.85
C GLU FA 69 88.32 11.59 2.37
N LEU FA 70 87.46 12.17 1.54
CA LEU FA 70 87.75 12.31 0.13
C LEU FA 70 88.85 13.35 -0.06
N LYS FA 71 90.10 12.90 -0.14
CA LYS FA 71 91.25 13.78 -0.27
C LYS FA 71 91.75 13.70 -1.72
N ILE FA 72 91.44 14.73 -2.49
CA ILE FA 72 91.80 14.79 -3.91
C ILE FA 72 93.06 15.62 -4.04
N THR FA 73 94.17 14.96 -4.40
CA THR FA 73 95.46 15.60 -4.60
C THR FA 73 95.86 15.42 -6.05
N ALA FA 74 95.91 16.53 -6.80
CA ALA FA 74 96.25 16.47 -8.21
C ALA FA 74 97.05 17.71 -8.58
N THR FA 75 97.73 17.62 -9.72
CA THR FA 75 98.50 18.74 -10.27
C THR FA 75 97.72 19.35 -11.41
N VAL FA 76 97.32 20.61 -11.26
CA VAL FA 76 96.52 21.30 -12.25
C VAL FA 76 97.33 22.47 -12.81
N LYS FA 77 96.77 23.10 -13.84
CA LYS FA 77 97.48 24.16 -14.55
C LYS FA 77 97.45 25.46 -13.77
N ASN FA 78 98.57 26.18 -13.80
CA ASN FA 78 98.72 27.45 -13.09
C ASN FA 78 98.31 28.57 -14.05
N LYS FA 79 97.19 29.22 -13.76
CA LYS FA 79 96.73 30.37 -14.51
C LYS FA 79 96.69 31.64 -13.67
N LEU FA 80 97.53 31.71 -12.63
CA LEU FA 80 97.60 32.88 -11.76
C LEU FA 80 98.73 33.83 -12.14
N THR FA 81 99.54 33.47 -13.14
CA THR FA 81 100.65 34.32 -13.58
C THR FA 81 100.70 34.36 -15.11
N ASP FA 82 101.75 34.94 -15.66
CA ASP FA 82 101.88 35.06 -17.11
C ASP FA 82 102.51 33.81 -17.76
N ASP FA 83 102.66 32.72 -17.01
CA ASP FA 83 103.26 31.51 -17.52
C ASP FA 83 102.17 30.56 -18.00
N GLU FA 84 102.33 30.07 -19.23
CA GLU FA 84 101.44 29.04 -19.77
C GLU FA 84 101.88 27.64 -19.36
N ASN FA 85 103.19 27.41 -19.27
CA ASN FA 85 103.74 26.09 -18.96
C ASN FA 85 104.01 25.90 -17.48
N ALA FA 86 103.26 26.55 -16.61
CA ALA FA 86 103.39 26.37 -15.17
C ALA FA 86 102.27 25.48 -14.64
N GLU FA 87 102.60 24.71 -13.60
CA GLU FA 87 101.65 23.82 -12.96
C GLU FA 87 101.61 24.10 -11.46
N LEU FA 88 100.50 23.76 -10.85
CA LEU FA 88 100.34 24.03 -9.42
C LEU FA 88 99.50 22.95 -8.75
N PRO FA 89 100.10 22.08 -7.96
CA PRO FA 89 99.32 21.06 -7.25
C PRO FA 89 98.48 21.68 -6.14
N VAL FA 90 97.40 20.98 -5.80
CA VAL FA 90 96.44 21.44 -4.80
C VAL FA 90 96.31 20.38 -3.70
N GLU FA 91 95.60 20.75 -2.64
CA GLU FA 91 95.34 19.85 -1.52
C GLU FA 91 93.92 20.10 -1.04
N LEU FA 92 93.05 19.09 -1.18
CA LEU FA 92 91.63 19.23 -0.93
C LEU FA 92 91.18 18.31 0.19
N ASN FA 93 90.35 18.85 1.09
CA ASN FA 93 89.77 18.07 2.18
C ASN FA 93 88.27 18.38 2.20
N PHE FA 94 87.45 17.37 1.92
CA PHE FA 94 86.02 17.55 1.74
C PHE FA 94 85.27 16.94 2.91
N LYS FA 95 84.44 17.75 3.56
CA LYS FA 95 83.66 17.28 4.70
C LYS FA 95 82.17 17.53 4.57
N SER FA 96 81.73 18.35 3.62
CA SER FA 96 80.32 18.62 3.41
C SER FA 96 80.09 18.79 1.91
N LEU FA 97 78.80 18.81 1.53
CA LEU FA 97 78.43 19.02 0.13
C LEU FA 97 78.78 20.41 -0.35
N ALA FA 98 78.87 21.40 0.55
CA ALA FA 98 79.32 22.74 0.20
C ALA FA 98 80.82 22.84 -0.02
N ASP FA 99 81.58 21.77 0.25
CA ASP FA 99 83.00 21.79 -0.05
C ASP FA 99 83.30 21.57 -1.52
N PHE FA 100 82.32 21.15 -2.32
CA PHE FA 100 82.50 21.15 -3.76
C PHE FA 100 82.42 22.55 -4.35
N ALA FA 101 81.79 23.48 -3.64
CA ALA FA 101 81.58 24.83 -4.14
C ALA FA 101 82.90 25.61 -4.14
N PRO FA 102 83.07 26.57 -5.05
CA PRO FA 102 84.34 27.32 -5.12
C PRO FA 102 84.62 28.23 -3.94
N ASP FA 103 83.66 28.42 -3.02
CA ASP FA 103 83.97 29.15 -1.79
C ASP FA 103 84.87 28.34 -0.88
N ALA FA 104 84.65 27.03 -0.82
CA ALA FA 104 85.45 26.16 0.04
C ALA FA 104 86.58 25.47 -0.70
N VAL FA 105 86.57 25.43 -2.03
CA VAL FA 105 87.71 24.89 -2.76
C VAL FA 105 88.84 25.91 -2.78
N ALA FA 106 88.52 27.17 -3.06
CA ALA FA 106 89.52 28.24 -3.05
C ALA FA 106 90.02 28.53 -1.64
N SER FA 107 89.20 28.27 -0.61
CA SER FA 107 89.66 28.45 0.77
C SER FA 107 90.67 27.39 1.18
N GLN FA 108 90.70 26.25 0.50
CA GLN FA 108 91.67 25.21 0.79
C GLN FA 108 92.91 25.31 -0.09
N VAL FA 109 92.94 26.23 -1.02
CA VAL FA 109 94.12 26.50 -1.83
C VAL FA 109 94.78 27.77 -1.29
N PRO FA 110 96.01 27.70 -0.74
CA PRO FA 110 96.62 28.89 -0.16
C PRO FA 110 96.98 29.97 -1.16
N GLU FA 111 97.14 29.62 -2.44
CA GLU FA 111 97.36 30.63 -3.47
C GLU FA 111 96.09 31.41 -3.78
N LEU FA 112 94.93 30.86 -3.42
CA LEU FA 112 93.66 31.55 -3.59
C LEU FA 112 93.11 32.11 -2.29
N LYS FA 113 93.72 31.78 -1.14
CA LYS FA 113 93.33 32.42 0.11
C LYS FA 113 93.78 33.88 0.13
N LYS FA 114 94.88 34.20 -0.57
CA LYS FA 114 95.36 35.58 -0.64
C LYS FA 114 94.64 36.38 -1.71
N LEU FA 115 93.90 35.73 -2.62
CA LEU FA 115 93.17 36.47 -3.63
C LEU FA 115 91.74 36.80 -3.19
N ILE FA 116 91.12 35.95 -2.39
CA ILE FA 116 89.84 36.32 -1.78
C ILE FA 116 90.07 37.37 -0.70
N GLU FA 117 91.17 37.25 0.05
CA GLU FA 117 91.55 38.29 1.00
C GLU FA 117 91.90 39.59 0.30
N LEU FA 118 92.43 39.49 -0.94
CA LEU FA 118 92.63 40.69 -1.74
C LEU FA 118 91.29 41.32 -2.12
N ARG FA 119 90.29 40.49 -2.46
CA ARG FA 119 88.99 41.02 -2.85
C ARG FA 119 88.23 41.57 -1.66
N GLU FA 120 88.32 40.88 -0.51
CA GLU FA 120 87.69 41.36 0.72
C GLU FA 120 88.29 42.68 1.18
N ALA FA 121 89.56 42.91 0.90
CA ALA FA 121 90.17 44.21 1.16
C ALA FA 121 89.71 45.27 0.16
N LEU FA 122 89.29 44.88 -1.03
CA LEU FA 122 88.81 45.83 -2.03
C LEU FA 122 87.32 46.14 -1.87
N VAL FA 123 86.52 45.18 -1.40
CA VAL FA 123 85.13 45.45 -1.08
C VAL FA 123 85.03 46.35 0.15
N ALA FA 124 85.97 46.21 1.08
CA ALA FA 124 86.02 47.08 2.26
C ALA FA 124 86.38 48.51 1.88
N LEU FA 125 87.11 48.70 0.79
CA LEU FA 125 87.52 50.04 0.38
C LEU FA 125 86.35 50.81 -0.24
N LYS FA 126 85.49 50.13 -1.00
CA LYS FA 126 84.51 50.78 -1.86
C LYS FA 126 83.43 51.52 -1.06
N GLY FA 127 83.14 51.07 0.16
CA GLY FA 127 82.18 51.72 1.03
C GLY FA 127 82.57 53.13 1.43
N PRO FA 128 83.66 53.28 2.19
CA PRO FA 128 84.15 54.62 2.54
C PRO FA 128 84.93 55.33 1.44
N LEU FA 129 84.91 54.86 0.20
CA LEU FA 129 85.70 55.51 -0.84
C LEU FA 129 85.01 56.76 -1.37
N GLY FA 130 83.83 56.59 -1.97
CA GLY FA 130 83.10 57.68 -2.58
C GLY FA 130 82.28 58.54 -1.65
N ASN FA 131 82.32 58.27 -0.34
CA ASN FA 131 81.56 59.05 0.62
C ASN FA 131 82.33 60.28 1.07
N ILE FA 132 83.62 60.13 1.36
CA ILE FA 132 84.48 61.23 1.76
C ILE FA 132 85.29 61.68 0.54
N PRO FA 133 85.08 62.90 0.03
CA PRO FA 133 85.84 63.37 -1.13
C PRO FA 133 87.24 63.88 -0.81
N ALA FA 134 87.75 63.68 0.40
CA ALA FA 134 89.11 64.07 0.76
C ALA FA 134 90.12 62.95 0.52
N PHE FA 135 89.68 61.81 0.00
CA PHE FA 135 90.62 60.73 -0.31
C PHE FA 135 91.45 61.06 -1.54
N ARG FA 136 90.85 61.65 -2.57
CA ARG FA 136 91.59 62.04 -3.76
C ARG FA 136 92.49 63.24 -3.52
N GLU FA 137 92.24 64.00 -2.45
CA GLU FA 137 93.12 65.11 -2.09
C GLU FA 137 94.47 64.60 -1.62
N ARG FA 138 94.49 63.45 -0.96
CA ARG FA 138 95.74 62.86 -0.49
C ARG FA 138 96.29 61.80 -1.43
N LEU FA 139 95.56 61.44 -2.50
CA LEU FA 139 96.17 60.67 -3.57
C LEU FA 139 97.19 61.52 -4.34
N GLN FA 140 96.92 62.82 -4.47
CA GLN FA 140 97.88 63.73 -5.07
C GLN FA 140 99.03 64.03 -4.11
N SER FA 141 98.80 63.92 -2.81
CA SER FA 141 99.89 64.04 -1.84
C SER FA 141 100.78 62.81 -1.87
N LEU FA 142 100.18 61.62 -2.07
CA LEU FA 142 100.97 60.43 -2.34
C LEU FA 142 101.60 60.48 -3.73
N LEU FA 143 101.01 61.22 -4.66
CA LEU FA 143 101.68 61.50 -5.92
C LEU FA 143 102.87 62.45 -5.72
N ASN FA 144 102.77 63.35 -4.74
CA ASN FA 144 103.89 64.23 -4.42
C ASN FA 144 104.93 63.51 -3.57
N SER FA 145 104.50 62.92 -2.45
CA SER FA 145 105.40 62.22 -1.53
C SER FA 145 105.57 60.79 -2.03
N GLU FA 146 106.53 60.60 -2.94
CA GLU FA 146 106.81 59.28 -3.47
C GLU FA 146 107.77 58.47 -2.61
N GLU FA 147 108.60 59.13 -1.81
CA GLU FA 147 109.60 58.43 -1.00
C GLU FA 147 108.94 57.77 0.22
N SER FA 148 108.10 58.51 0.94
CA SER FA 148 107.46 57.97 2.12
C SER FA 148 106.34 56.99 1.79
N ARG FA 149 105.82 57.01 0.55
CA ARG FA 149 104.77 56.08 0.17
C ARG FA 149 105.34 54.67 -0.04
N GLU FA 150 106.48 54.56 -0.73
CA GLU FA 150 107.07 53.27 -1.01
C GLU FA 150 107.69 52.63 0.23
N LYS FA 151 108.02 53.43 1.25
CA LYS FA 151 108.52 52.86 2.50
C LYS FA 151 107.40 52.20 3.28
N LEU FA 152 106.15 52.63 3.07
CA LEU FA 152 105.01 52.08 3.78
C LEU FA 152 104.33 50.95 3.03
N LEU FA 153 104.59 50.80 1.73
CA LEU FA 153 104.01 49.69 0.98
C LEU FA 153 104.64 48.36 1.34
N ALA FA 154 105.92 48.37 1.75
CA ALA FA 154 106.58 47.14 2.15
C ALA FA 154 106.10 46.64 3.51
N GLU FA 155 105.55 47.53 4.33
CA GLU FA 155 105.03 47.14 5.64
C GLU FA 155 103.69 46.42 5.49
N SER GA 1 52.70 4.03 -56.50
CA SER GA 1 51.48 3.85 -55.71
C SER GA 1 51.80 3.30 -54.34
N LYS GA 2 52.70 3.97 -53.62
CA LYS GA 2 53.09 3.57 -52.28
C LYS GA 2 53.16 4.81 -51.40
N GLU GA 3 52.43 4.79 -50.29
CA GLU GA 3 52.54 5.86 -49.30
C GLU GA 3 53.90 5.82 -48.64
N GLY GA 4 54.55 6.97 -48.54
CA GLY GA 4 55.78 7.07 -47.78
C GLY GA 4 55.48 6.90 -46.30
N SER GA 5 56.05 5.86 -45.68
CA SER GA 5 55.88 5.60 -44.27
C SER GA 5 57.24 5.50 -43.60
N VAL GA 6 57.23 5.38 -42.29
CA VAL GA 6 58.44 5.29 -41.49
C VAL GA 6 58.65 3.84 -41.08
N ALA GA 7 59.79 3.59 -40.47
CA ALA GA 7 60.02 2.27 -39.92
C ALA GA 7 59.10 2.06 -38.71
N PRO GA 8 58.48 0.88 -38.57
CA PRO GA 8 57.60 0.63 -37.44
C PRO GA 8 58.38 0.49 -36.14
N LYS GA 9 57.70 0.74 -35.03
CA LYS GA 9 58.38 0.92 -33.75
C LYS GA 9 57.37 0.92 -32.60
N GLU GA 10 57.90 1.07 -31.37
CA GLU GA 10 57.10 1.21 -30.14
C GLU GA 10 56.43 2.57 -30.09
N ARG GA 11 56.94 3.48 -30.88
CA ARG GA 11 56.19 4.69 -31.08
C ARG GA 11 55.14 4.40 -32.12
N ILE GA 12 54.23 5.33 -32.28
CA ILE GA 12 53.03 5.09 -33.02
C ILE GA 12 53.23 5.58 -34.46
N ASN GA 13 52.70 4.84 -35.43
CA ASN GA 13 53.05 5.17 -36.82
C ASN GA 13 51.82 5.52 -37.66
N ILE GA 14 51.46 6.80 -37.59
CA ILE GA 14 50.33 7.35 -38.32
C ILE GA 14 50.66 7.41 -39.81
N LYS GA 15 49.77 6.88 -40.64
CA LYS GA 15 49.86 7.03 -42.08
C LYS GA 15 48.49 7.37 -42.64
N TYR GA 16 48.57 8.61 -43.19
CA TYR GA 16 47.38 9.17 -43.82
C TYR GA 16 46.97 8.10 -44.78
N ILE GA 17 45.79 7.56 -44.53
CA ILE GA 17 45.28 6.65 -45.50
C ILE GA 17 44.52 7.49 -46.48
N PRO GA 18 45.18 7.83 -47.63
CA PRO GA 18 44.36 8.50 -48.62
C PRO GA 18 43.22 7.62 -49.02
N ALA GA 19 43.40 6.33 -48.82
CA ALA GA 19 42.34 5.42 -49.10
C ALA GA 19 41.25 5.63 -48.10
N THR GA 20 40.06 5.11 -48.51
CA THR GA 20 38.91 4.83 -47.69
C THR GA 20 39.03 3.34 -47.40
N GLY GA 21 37.98 2.63 -46.88
CA GLY GA 21 38.24 1.22 -46.63
C GLY GA 21 36.99 0.37 -46.60
N ASP GA 22 37.17 -0.95 -46.88
CA ASP GA 22 36.14 -1.96 -46.92
C ASP GA 22 36.12 -2.78 -45.65
N ALA GA 23 35.58 -4.03 -45.76
CA ALA GA 23 35.43 -4.99 -44.68
C ALA GA 23 35.50 -6.40 -45.26
N GLN GA 24 35.45 -7.46 -44.41
CA GLN GA 24 35.55 -8.83 -44.84
C GLN GA 24 34.63 -9.74 -44.04
N ALA GA 25 34.47 -11.02 -44.46
CA ALA GA 25 33.64 -12.01 -43.79
C ALA GA 25 34.25 -13.39 -43.96
N GLU GA 26 33.78 -14.39 -43.14
CA GLU GA 26 34.28 -15.76 -43.20
C GLU GA 26 33.16 -16.76 -42.93
N VAL GA 27 33.38 -18.07 -43.27
CA VAL GA 27 32.42 -19.17 -43.16
C VAL GA 27 33.12 -20.47 -42.79
N GLU GA 28 32.47 -21.64 -43.08
CA GLU GA 28 32.91 -23.02 -42.85
C GLU GA 28 33.72 -23.39 -44.07
N LEU GA 29 33.61 -24.61 -44.63
CA LEU GA 29 34.14 -24.83 -45.96
C LEU GA 29 33.44 -23.83 -46.88
N PRO GA 30 34.18 -22.93 -47.55
CA PRO GA 30 33.56 -21.92 -48.39
C PRO GA 30 32.72 -22.61 -49.46
N LEU GA 31 31.66 -21.93 -49.91
CA LEU GA 31 30.92 -22.32 -51.10
C LEU GA 31 31.87 -22.30 -52.27
N LYS GA 32 32.56 -23.41 -52.54
CA LYS GA 32 33.53 -23.44 -53.63
C LYS GA 32 32.83 -23.81 -54.93
N THR GA 33 33.03 -23.00 -55.96
CA THR GA 33 32.54 -23.28 -57.28
C THR GA 33 33.70 -23.59 -58.21
N LEU GA 34 33.42 -24.36 -59.24
CA LEU GA 34 34.44 -24.71 -60.23
C LEU GA 34 33.97 -24.16 -61.57
N VAL GA 35 34.59 -23.07 -62.00
CA VAL GA 35 34.27 -22.49 -63.30
C VAL GA 35 35.02 -23.28 -64.36
N VAL GA 36 34.28 -23.96 -65.22
CA VAL GA 36 34.88 -24.81 -66.24
C VAL GA 36 34.53 -24.23 -67.60
N GLY GA 37 35.47 -24.31 -68.53
CA GLY GA 37 35.24 -23.74 -69.84
C GLY GA 37 36.53 -23.27 -70.48
N ASP GA 38 36.44 -23.04 -71.79
CA ASP GA 38 37.58 -22.73 -72.65
C ASP GA 38 38.14 -21.36 -72.28
N PHE GA 39 39.34 -21.33 -71.74
CA PHE GA 39 39.93 -20.10 -71.24
C PHE GA 39 41.18 -19.67 -71.99
N LYS GA 40 41.66 -20.48 -72.94
CA LYS GA 40 42.82 -20.13 -73.76
C LYS GA 40 42.47 -20.36 -75.22
N GLY GA 41 43.43 -20.15 -76.10
CA GLY GA 41 43.15 -20.14 -77.51
C GLY GA 41 43.55 -21.38 -78.27
N HIS GA 42 43.56 -22.54 -77.60
CA HIS GA 42 43.94 -23.79 -78.25
C HIS GA 42 43.31 -24.94 -77.49
N ALA GA 43 43.78 -26.15 -77.80
CA ALA GA 43 43.40 -27.36 -77.07
C ALA GA 43 44.66 -28.03 -76.57
N GLU GA 44 44.80 -28.12 -75.25
CA GLU GA 44 46.03 -28.62 -74.63
C GLU GA 44 46.15 -30.12 -74.85
N GLN GA 45 47.38 -30.57 -75.11
CA GLN GA 45 47.60 -31.98 -75.44
C GLN GA 45 47.62 -32.90 -74.23
N THR GA 46 47.73 -32.36 -73.02
CA THR GA 46 47.70 -33.25 -71.86
C THR GA 46 46.27 -33.72 -71.60
N PRO GA 47 46.09 -34.97 -71.18
CA PRO GA 47 44.74 -35.44 -70.84
C PRO GA 47 44.22 -34.75 -69.59
N LEU GA 48 42.93 -34.90 -69.36
CA LEU GA 48 42.25 -34.08 -68.37
C LEU GA 48 42.65 -34.46 -66.94
N GLU GA 49 42.94 -35.74 -66.70
CA GLU GA 49 43.21 -36.20 -65.34
C GLU GA 49 44.55 -35.74 -64.80
N GLU GA 50 45.39 -35.08 -65.58
CA GLU GA 50 46.69 -34.62 -65.11
C GLU GA 50 46.78 -33.12 -64.95
N ARG GA 51 45.99 -32.35 -65.70
CA ARG GA 51 46.04 -30.91 -65.56
C ARG GA 51 45.36 -30.47 -64.28
N ALA GA 52 45.65 -29.24 -63.85
CA ALA GA 52 45.30 -28.80 -62.52
C ALA GA 52 44.26 -27.70 -62.57
N THR GA 53 43.65 -27.45 -61.41
CA THR GA 53 42.73 -26.35 -61.19
C THR GA 53 43.43 -25.27 -60.37
N VAL GA 54 43.29 -24.03 -60.78
CA VAL GA 54 43.93 -22.91 -60.11
C VAL GA 54 42.87 -22.12 -59.36
N THR GA 55 43.22 -21.64 -58.17
CA THR GA 55 42.32 -20.90 -57.31
C THR GA 55 42.55 -19.41 -57.51
N VAL GA 56 41.48 -18.68 -57.79
CA VAL GA 56 41.52 -17.27 -58.16
C VAL GA 56 40.73 -16.48 -57.14
N ASP GA 57 41.35 -15.49 -56.51
CA ASP GA 57 40.54 -14.47 -55.85
C ASP GA 57 40.92 -13.09 -56.38
N LYS GA 58 40.44 -12.03 -55.74
CA LYS GA 58 40.62 -10.68 -56.26
C LYS GA 58 42.08 -10.25 -56.23
N ASN GA 59 42.86 -10.78 -55.30
CA ASN GA 59 44.25 -10.35 -55.17
C ASN GA 59 45.16 -11.06 -56.14
N ASN GA 60 44.87 -12.30 -56.53
CA ASN GA 60 45.77 -13.05 -57.40
C ASN GA 60 45.25 -13.20 -58.81
N PHE GA 61 44.27 -12.41 -59.21
CA PHE GA 61 43.77 -12.53 -60.58
C PHE GA 61 44.78 -12.02 -61.59
N GLU GA 62 45.62 -11.07 -61.20
CA GLU GA 62 46.65 -10.57 -62.10
C GLU GA 62 47.79 -11.55 -62.27
N ALA GA 63 47.99 -12.46 -61.32
CA ALA GA 63 49.03 -13.47 -61.42
C ALA GA 63 48.55 -14.74 -62.12
N VAL GA 64 47.25 -15.05 -62.03
CA VAL GA 64 46.72 -16.19 -62.77
C VAL GA 64 46.65 -15.85 -64.26
N MET GA 65 46.35 -14.60 -64.59
CA MET GA 65 46.30 -14.21 -65.99
C MET GA 65 47.69 -14.16 -66.61
N ARG GA 66 48.70 -13.79 -65.83
CA ARG GA 66 50.05 -13.69 -66.38
C ARG GA 66 50.66 -15.07 -66.62
N GLU GA 67 50.43 -16.01 -65.73
CA GLU GA 67 51.01 -17.33 -65.85
C GLU GA 67 50.23 -18.26 -66.78
N SER GA 68 49.06 -17.83 -67.25
CA SER GA 68 48.36 -18.63 -68.24
C SER GA 68 49.02 -18.56 -69.59
N GLU GA 69 49.64 -17.42 -69.91
CA GLU GA 69 50.21 -17.07 -71.22
C GLU GA 69 49.15 -17.19 -72.32
N LEU GA 70 48.14 -16.34 -72.23
CA LEU GA 70 47.12 -16.27 -73.27
C LEU GA 70 47.73 -15.62 -74.51
N LYS GA 71 48.20 -16.45 -75.43
CA LYS GA 71 48.85 -15.98 -76.66
C LYS GA 71 47.88 -16.17 -77.81
N ILE GA 72 47.28 -15.07 -78.26
CA ILE GA 72 46.28 -15.11 -79.32
C ILE GA 72 46.97 -14.71 -80.62
N THR GA 73 47.11 -15.68 -81.53
CA THR GA 73 47.73 -15.47 -82.84
C THR GA 73 46.67 -15.73 -83.90
N ALA GA 74 46.28 -14.68 -84.63
CA ALA GA 74 45.26 -14.80 -85.66
C ALA GA 74 45.59 -13.87 -86.81
N THR GA 75 44.97 -14.14 -87.95
CA THR GA 75 45.13 -13.32 -89.14
C THR GA 75 43.88 -12.45 -89.29
N VAL GA 76 44.06 -11.14 -89.21
CA VAL GA 76 42.96 -10.20 -89.30
C VAL GA 76 43.12 -9.33 -90.54
N LYS GA 77 42.09 -8.54 -90.82
CA LYS GA 77 42.06 -7.74 -92.03
C LYS GA 77 42.96 -6.52 -91.91
N ASN GA 78 43.64 -6.20 -93.01
CA ASN GA 78 44.55 -5.06 -93.07
C ASN GA 78 43.77 -3.83 -93.54
N LYS GA 79 43.57 -2.87 -92.65
CA LYS GA 79 42.92 -1.61 -92.99
C LYS GA 79 43.86 -0.42 -92.81
N LEU GA 80 45.17 -0.65 -92.94
CA LEU GA 80 46.16 0.41 -92.82
C LEU GA 80 46.61 0.95 -94.17
N THR GA 81 46.11 0.39 -95.28
CA THR GA 81 46.46 0.86 -96.61
C THR GA 81 45.22 0.92 -97.49
N ASP GA 82 45.40 1.16 -98.78
CA ASP GA 82 44.27 1.25 -99.71
C ASP GA 82 43.80 -0.10 -100.24
N ASP GA 83 44.31 -1.20 -99.69
CA ASP GA 83 43.94 -2.53 -100.14
C ASP GA 83 42.80 -3.07 -99.29
N GLU GA 84 41.76 -3.56 -99.94
CA GLU GA 84 40.66 -4.23 -99.28
C GLU GA 84 40.94 -5.70 -99.05
N ASN GA 85 41.64 -6.34 -99.99
CA ASN GA 85 41.93 -7.78 -99.93
C ASN GA 85 43.27 -8.10 -99.29
N ALA GA 86 43.74 -7.25 -98.38
CA ALA GA 86 44.98 -7.50 -97.66
C ALA GA 86 44.68 -8.01 -96.26
N GLU GA 87 45.57 -8.86 -95.75
CA GLU GA 87 45.45 -9.43 -94.41
C GLU GA 87 46.74 -9.20 -93.65
N LEU GA 88 46.64 -9.19 -92.32
CA LEU GA 88 47.80 -8.91 -91.50
C LEU GA 88 47.73 -9.68 -90.19
N PRO GA 89 48.52 -10.73 -90.02
CA PRO GA 89 48.52 -11.45 -88.75
C PRO GA 89 49.14 -10.64 -87.63
N VAL GA 90 48.74 -10.96 -86.40
CA VAL GA 90 49.19 -10.24 -85.21
C VAL GA 90 49.83 -11.24 -84.24
N GLU GA 91 50.44 -10.70 -83.19
CA GLU GA 91 51.06 -11.50 -82.13
C GLU GA 91 50.79 -10.82 -80.81
N LEU GA 92 50.04 -11.50 -79.94
CA LEU GA 92 49.55 -10.90 -78.70
C LEU GA 92 50.08 -11.67 -77.49
N ASN GA 93 50.52 -10.93 -76.48
CA ASN GA 93 50.98 -11.50 -75.21
C ASN GA 93 50.31 -10.74 -74.08
N PHE GA 94 49.46 -11.42 -73.34
CA PHE GA 94 48.61 -10.79 -72.33
C PHE GA 94 49.10 -11.17 -70.94
N LYS GA 95 49.38 -10.16 -70.13
CA LYS GA 95 49.85 -10.38 -68.76
C LYS GA 95 49.03 -9.67 -67.71
N SER GA 96 48.17 -8.72 -68.08
CA SER GA 96 47.33 -8.01 -67.14
C SER GA 96 45.99 -7.74 -67.80
N LEU GA 97 45.02 -7.30 -66.98
CA LEU GA 97 43.70 -6.95 -67.51
C LEU GA 97 43.74 -5.71 -68.41
N ALA GA 98 44.74 -4.84 -68.23
CA ALA GA 98 44.93 -3.70 -69.11
C ALA GA 98 45.53 -4.08 -70.47
N ASP GA 99 45.93 -5.34 -70.65
CA ASP GA 99 46.40 -5.77 -71.96
C ASP GA 99 45.29 -6.03 -72.94
N PHE GA 100 44.04 -6.09 -72.49
CA PHE GA 100 42.91 -6.12 -73.42
C PHE GA 100 42.65 -4.75 -74.03
N ALA GA 101 43.10 -3.69 -73.37
CA ALA GA 101 42.85 -2.32 -73.82
C ALA GA 101 43.68 -2.00 -75.07
N PRO GA 102 43.18 -1.12 -75.95
CA PRO GA 102 43.92 -0.82 -77.19
C PRO GA 102 45.22 -0.06 -77.00
N ASP GA 103 45.55 0.39 -75.78
CA ASP GA 103 46.86 0.95 -75.55
C ASP GA 103 47.94 -0.14 -75.57
N ALA GA 104 47.63 -1.31 -75.03
CA ALA GA 104 48.57 -2.41 -74.98
C ALA GA 104 48.39 -3.40 -76.12
N VAL GA 105 47.27 -3.39 -76.82
CA VAL GA 105 47.13 -4.25 -77.99
C VAL GA 105 47.88 -3.65 -79.17
N ALA GA 106 47.73 -2.33 -79.38
CA ALA GA 106 48.47 -1.65 -80.44
C ALA GA 106 49.96 -1.57 -80.15
N SER GA 107 50.35 -1.59 -78.87
CA SER GA 107 51.77 -1.60 -78.53
C SER GA 107 52.43 -2.93 -78.85
N GLN GA 108 51.65 -4.00 -78.96
CA GLN GA 108 52.18 -5.31 -79.31
C GLN GA 108 52.10 -5.59 -80.80
N VAL GA 109 51.52 -4.68 -81.57
CA VAL GA 109 51.49 -4.78 -83.03
C VAL GA 109 52.53 -3.82 -83.57
N PRO GA 110 53.58 -4.29 -84.24
CA PRO GA 110 54.63 -3.37 -84.72
C PRO GA 110 54.17 -2.44 -85.82
N GLU GA 111 53.11 -2.78 -86.56
CA GLU GA 111 52.56 -1.87 -87.55
C GLU GA 111 51.81 -0.72 -86.90
N LEU GA 112 51.40 -0.88 -85.64
CA LEU GA 112 50.76 0.19 -84.88
C LEU GA 112 51.67 0.86 -83.88
N LYS GA 113 52.88 0.31 -83.66
CA LYS GA 113 53.86 1.01 -82.85
C LYS GA 113 54.39 2.25 -83.55
N LYS GA 114 54.42 2.23 -84.89
CA LYS GA 114 54.87 3.38 -85.66
C LYS GA 114 53.77 4.40 -85.87
N LEU GA 115 52.51 4.04 -85.61
CA LEU GA 115 51.43 5.01 -85.76
C LEU GA 115 51.13 5.76 -84.47
N ILE GA 116 51.32 5.13 -83.31
CA ILE GA 116 51.26 5.87 -82.05
C ILE GA 116 52.48 6.77 -81.92
N GLU GA 117 53.65 6.28 -82.36
CA GLU GA 117 54.85 7.12 -82.41
C GLU GA 117 54.68 8.25 -83.41
N LEU GA 118 53.91 8.04 -84.46
CA LEU GA 118 53.55 9.12 -85.36
C LEU GA 118 52.68 10.15 -84.67
N ARG GA 119 51.72 9.70 -83.84
CA ARG GA 119 50.84 10.63 -83.15
C ARG GA 119 51.57 11.35 -82.02
N GLU GA 120 52.44 10.64 -81.30
CA GLU GA 120 53.24 11.26 -80.25
C GLU GA 120 54.18 12.32 -80.81
N ALA GA 121 54.65 12.13 -82.04
CA ALA GA 121 55.42 13.16 -82.72
C ALA GA 121 54.57 14.34 -83.17
N LEU GA 122 53.27 14.13 -83.38
CA LEU GA 122 52.38 15.22 -83.76
C LEU GA 122 51.81 15.98 -82.57
N VAL GA 123 51.61 15.32 -81.44
CA VAL GA 123 51.23 16.00 -80.22
C VAL GA 123 52.39 16.87 -79.70
N ALA GA 124 53.63 16.39 -79.91
CA ALA GA 124 54.80 17.18 -79.53
C ALA GA 124 54.95 18.43 -80.37
N LEU GA 125 54.44 18.40 -81.61
CA LEU GA 125 54.56 19.56 -82.49
C LEU GA 125 53.60 20.67 -82.09
N LYS GA 126 52.39 20.32 -81.65
CA LYS GA 126 51.29 21.28 -81.48
C LYS GA 126 51.57 22.30 -80.38
N GLY GA 127 52.35 21.93 -79.37
CA GLY GA 127 52.71 22.83 -78.29
C GLY GA 127 53.53 24.03 -78.75
N PRO GA 128 54.75 23.80 -79.24
CA PRO GA 128 55.55 24.91 -79.78
C PRO GA 128 55.17 25.37 -81.18
N LEU GA 129 54.03 24.96 -81.72
CA LEU GA 129 53.66 25.34 -83.09
C LEU GA 129 53.12 26.77 -83.13
N GLY GA 130 51.98 27.01 -82.48
CA GLY GA 130 51.32 28.29 -82.51
C GLY GA 130 51.85 29.33 -81.56
N ASN GA 131 52.91 29.03 -80.82
CA ASN GA 131 53.49 29.98 -79.89
C ASN GA 131 54.50 30.89 -80.56
N ILE GA 132 55.37 30.34 -81.40
CA ILE GA 132 56.36 31.09 -82.15
C ILE GA 132 55.83 31.30 -83.56
N PRO GA 133 55.53 32.52 -83.99
CA PRO GA 133 55.04 32.75 -85.36
C PRO GA 133 56.11 32.79 -86.43
N ALA GA 134 57.35 32.41 -86.13
CA ALA GA 134 58.41 32.33 -87.10
C ALA GA 134 58.52 30.96 -87.77
N PHE GA 135 57.63 30.03 -87.42
CA PHE GA 135 57.64 28.71 -88.06
C PHE GA 135 57.10 28.80 -89.48
N ARG GA 136 56.04 29.59 -89.70
CA ARG GA 136 55.50 29.75 -91.04
C ARG GA 136 56.40 30.58 -91.94
N GLU GA 137 57.31 31.37 -91.35
CA GLU GA 137 58.26 32.12 -92.14
C GLU GA 137 59.26 31.20 -92.83
N ARG GA 138 59.60 30.07 -92.20
CA ARG GA 138 60.51 29.11 -92.80
C ARG GA 138 59.79 27.95 -93.48
N LEU GA 139 58.46 27.88 -93.39
CA LEU GA 139 57.71 26.98 -94.26
C LEU GA 139 57.75 27.49 -95.70
N GLN GA 140 57.76 28.80 -95.88
CA GLN GA 140 57.92 29.37 -97.22
C GLN GA 140 59.36 29.26 -97.69
N SER GA 141 60.32 29.20 -96.76
CA SER GA 141 61.70 28.94 -97.14
C SER GA 141 61.89 27.49 -97.56
N LEU GA 142 61.20 26.57 -96.89
CA LEU GA 142 61.14 25.19 -97.37
C LEU GA 142 60.32 25.07 -98.64
N LEU GA 143 59.38 25.99 -98.86
CA LEU GA 143 58.71 26.08 -100.16
C LEU GA 143 59.66 26.59 -101.23
N ASN GA 144 60.61 27.46 -100.86
CA ASN GA 144 61.62 27.92 -101.80
C ASN GA 144 62.73 26.89 -101.98
N SER GA 145 63.32 26.44 -100.88
CA SER GA 145 64.41 25.47 -100.93
C SER GA 145 63.81 24.07 -100.98
N GLU GA 146 63.50 23.61 -102.19
CA GLU GA 146 62.93 22.28 -102.37
C GLU GA 146 63.99 21.18 -102.46
N GLU GA 147 65.21 21.53 -102.86
CA GLU GA 147 66.26 20.51 -103.03
C GLU GA 147 66.82 20.07 -101.68
N SER GA 148 67.14 21.02 -100.81
CA SER GA 148 67.70 20.68 -99.51
C SER GA 148 66.66 20.12 -98.55
N ARG GA 149 65.37 20.33 -98.82
CA ARG GA 149 64.34 19.78 -97.95
C ARG GA 149 64.17 18.28 -98.15
N GLU GA 150 64.15 17.84 -99.41
CA GLU GA 150 63.96 16.42 -99.70
C GLU GA 150 65.19 15.59 -99.38
N LYS GA 151 66.37 16.21 -99.30
CA LYS GA 151 67.56 15.48 -98.87
C LYS GA 151 67.52 15.19 -97.37
N LEU GA 152 66.80 16.01 -96.60
CA LEU GA 152 66.71 15.84 -95.16
C LEU GA 152 65.51 14.99 -94.73
N LEU GA 153 64.52 14.80 -95.62
CA LEU GA 153 63.38 13.97 -95.27
C LEU GA 153 63.74 12.48 -95.25
N ALA GA 154 64.74 12.09 -96.05
CA ALA GA 154 65.17 10.69 -96.05
C ALA GA 154 65.97 10.34 -94.80
N GLU GA 155 66.56 11.33 -94.14
CA GLU GA 155 67.31 11.10 -92.91
C GLU GA 155 66.37 10.85 -91.75
N SER HA 1 -19.79 -11.40 -73.91
CA SER HA 1 -19.79 -11.20 -72.47
C SER HA 1 -18.59 -11.87 -71.82
N LYS HA 2 -17.40 -11.54 -72.33
CA LYS HA 2 -16.15 -12.08 -71.81
C LYS HA 2 -15.14 -10.95 -71.70
N GLU HA 3 -14.57 -10.77 -70.51
CA GLU HA 3 -13.49 -9.82 -70.32
C GLU HA 3 -12.24 -10.32 -71.03
N GLY HA 4 -11.60 -9.43 -71.79
CA GLY HA 4 -10.32 -9.75 -72.39
C GLY HA 4 -9.27 -9.85 -71.31
N SER HA 5 -8.66 -11.04 -71.17
CA SER HA 5 -7.61 -11.26 -70.19
C SER HA 5 -6.38 -11.81 -70.89
N VAL HA 6 -5.30 -11.96 -70.13
CA VAL HA 6 -4.04 -12.45 -70.65
C VAL HA 6 -3.88 -13.90 -70.24
N ALA HA 7 -2.84 -14.52 -70.74
CA ALA HA 7 -2.51 -15.85 -70.29
C ALA HA 7 -2.00 -15.81 -68.84
N PRO HA 8 -2.44 -16.73 -67.99
CA PRO HA 8 -1.98 -16.72 -66.59
C PRO HA 8 -0.53 -17.13 -66.48
N LYS HA 9 0.11 -16.70 -65.39
CA LYS HA 9 1.56 -16.78 -65.28
C LYS HA 9 2.01 -16.49 -63.85
N GLU HA 10 3.35 -16.55 -63.64
CA GLU HA 10 3.99 -16.20 -62.36
C GLU HA 10 3.97 -14.70 -62.16
N ARG HA 11 3.74 -13.97 -63.22
CA ARG HA 11 3.43 -12.59 -63.04
C ARG HA 11 1.96 -12.50 -62.69
N ILE HA 12 1.55 -11.32 -62.29
CA ILE HA 12 0.26 -11.14 -61.66
C ILE HA 12 -0.74 -10.71 -62.72
N ASN HA 13 -1.96 -11.21 -62.65
CA ASN HA 13 -2.89 -10.99 -63.76
C ASN HA 13 -4.15 -10.23 -63.33
N ILE HA 14 -4.03 -8.90 -63.32
CA ILE HA 14 -5.10 -8.00 -62.97
C ILE HA 14 -6.18 -8.01 -64.05
N LYS HA 15 -7.43 -8.21 -63.64
CA LYS HA 15 -8.56 -8.05 -64.54
C LYS HA 15 -9.66 -7.28 -63.85
N TYR HA 16 -9.84 -6.12 -64.51
CA TYR HA 16 -10.86 -5.19 -64.05
C TYR HA 16 -12.09 -6.05 -63.98
N ILE HA 17 -12.58 -6.19 -62.76
CA ILE HA 17 -13.84 -6.87 -62.65
C ILE HA 17 -14.87 -5.80 -62.78
N PRO HA 18 -15.44 -5.65 -64.02
CA PRO HA 18 -16.55 -4.73 -64.07
C PRO HA 18 -17.65 -5.19 -63.16
N ALA HA 19 -17.64 -6.47 -62.86
CA ALA HA 19 -18.58 -7.00 -61.94
C ALA HA 19 -18.27 -6.48 -60.57
N THR HA 20 -19.32 -6.57 -59.72
CA THR HA 20 -19.26 -6.50 -58.28
C THR HA 20 -19.24 -7.95 -57.84
N GLY HA 21 -19.48 -8.31 -56.55
CA GLY HA 21 -19.42 -9.73 -56.25
C GLY HA 21 -20.19 -10.14 -55.02
N ASP HA 22 -20.60 -11.44 -54.99
CA ASP HA 22 -21.35 -12.08 -53.92
C ASP HA 22 -20.45 -12.88 -53.02
N ALA HA 23 -21.07 -13.89 -52.32
CA ALA HA 23 -20.43 -14.78 -51.37
C ALA HA 23 -21.15 -16.12 -51.39
N GLN HA 24 -20.66 -17.13 -50.62
CA GLN HA 24 -21.25 -18.45 -50.59
C GLN HA 24 -21.21 -19.04 -49.18
N ALA HA 25 -21.90 -20.20 -48.96
CA ALA HA 25 -21.96 -20.89 -47.69
C ALA HA 25 -22.05 -22.38 -47.91
N GLU HA 26 -21.81 -23.21 -46.84
CA GLU HA 26 -21.88 -24.66 -46.92
C GLU HA 26 -22.41 -25.26 -45.63
N VAL HA 27 -22.84 -26.57 -45.66
CA VAL HA 27 -23.45 -27.31 -44.55
C VAL HA 27 -23.03 -28.77 -44.58
N GLU HA 28 -23.83 -29.67 -43.92
CA GLU HA 28 -23.68 -31.11 -43.81
C GLU HA 28 -24.38 -31.69 -45.02
N LEU HA 29 -25.14 -32.79 -44.93
CA LEU HA 29 -26.02 -33.14 -46.03
C LEU HA 29 -26.96 -31.95 -46.21
N PRO HA 30 -26.97 -31.30 -47.39
CA PRO HA 30 -27.79 -30.12 -47.61
C PRO HA 30 -29.24 -30.48 -47.35
N LEU HA 31 -30.03 -29.49 -46.92
CA LEU HA 31 -31.47 -29.59 -46.87
C LEU HA 31 -31.98 -29.84 -48.29
N LYS HA 32 -32.07 -31.10 -48.70
CA LYS HA 32 -32.50 -31.42 -50.05
C LYS HA 32 -34.01 -31.52 -50.11
N THR HA 33 -34.61 -30.78 -51.03
CA THR HA 33 -36.04 -30.85 -51.29
C THR HA 33 -36.28 -31.48 -52.65
N LEU HA 34 -37.43 -32.10 -52.79
CA LEU HA 34 -37.82 -32.72 -54.05
C LEU HA 34 -39.06 -32.03 -54.54
N VAL HA 35 -38.90 -31.18 -55.56
CA VAL HA 35 -40.04 -30.49 -56.15
C VAL HA 35 -40.71 -31.44 -57.13
N VAL HA 36 -41.94 -31.84 -56.83
CA VAL HA 36 -42.65 -32.80 -57.65
C VAL HA 36 -43.85 -32.10 -58.25
N GLY HA 37 -44.17 -32.45 -59.49
CA GLY HA 37 -45.28 -31.80 -60.17
C GLY HA 37 -45.06 -31.75 -61.66
N ASP HA 38 -46.16 -31.46 -62.37
CA ASP HA 38 -46.24 -31.50 -63.82
C ASP HA 38 -45.39 -30.40 -64.41
N PHE HA 39 -44.31 -30.78 -65.09
CA PHE HA 39 -43.35 -29.81 -65.61
C PHE HA 39 -43.27 -29.78 -67.12
N LYS HA 40 -43.97 -30.67 -67.82
CA LYS HA 40 -44.01 -30.68 -69.27
C LYS HA 40 -45.45 -30.75 -69.72
N GLY HA 41 -45.65 -30.84 -71.04
CA GLY HA 41 -46.99 -30.69 -71.57
C GLY HA 41 -47.67 -31.98 -71.99
N HIS HA 42 -47.32 -33.09 -71.36
CA HIS HA 42 -47.92 -34.38 -71.69
C HIS HA 42 -47.83 -35.30 -70.48
N ALA HA 43 -48.07 -36.59 -70.71
CA ALA HA 43 -47.90 -37.62 -69.71
C ALA HA 43 -46.97 -38.68 -70.28
N GLU HA 44 -45.80 -38.85 -69.65
CA GLU HA 44 -44.76 -39.73 -70.18
C GLU HA 44 -45.17 -41.19 -70.01
N GLN HA 45 -44.85 -42.00 -71.01
CA GLN HA 45 -45.30 -43.39 -71.03
C GLN HA 45 -44.45 -44.30 -70.14
N THR HA 46 -43.27 -43.86 -69.71
CA THR HA 46 -42.49 -44.73 -68.83
C THR HA 46 -43.10 -44.72 -67.42
N PRO HA 47 -43.07 -45.85 -66.73
CA PRO HA 47 -43.57 -45.88 -65.35
C PRO HA 47 -42.64 -45.10 -64.43
N LEU HA 48 -43.14 -44.83 -63.23
CA LEU HA 48 -42.50 -43.87 -62.36
C LEU HA 48 -41.18 -44.39 -61.81
N GLU HA 49 -41.07 -45.70 -61.58
CA GLU HA 49 -39.89 -46.27 -60.95
C GLU HA 49 -38.65 -46.28 -61.84
N GLU HA 50 -38.76 -45.89 -63.10
CA GLU HA 50 -37.61 -45.88 -64.00
C GLU HA 50 -37.14 -44.50 -64.37
N ARG HA 51 -38.01 -43.50 -64.33
CA ARG HA 51 -37.59 -42.14 -64.68
C ARG HA 51 -36.77 -41.55 -63.54
N ALA HA 52 -36.04 -40.49 -63.85
CA ALA HA 52 -35.01 -40.00 -62.95
C ALA HA 52 -35.37 -38.61 -62.42
N THR HA 53 -34.65 -38.23 -61.37
CA THR HA 53 -34.73 -36.89 -60.79
C THR HA 53 -33.47 -36.12 -61.17
N VAL HA 54 -33.65 -34.88 -61.62
CA VAL HA 54 -32.53 -34.04 -62.04
C VAL HA 54 -32.29 -32.97 -60.98
N THR HA 55 -31.01 -32.68 -60.74
CA THR HA 55 -30.61 -31.70 -59.73
C THR HA 55 -30.37 -30.36 -60.41
N VAL HA 56 -31.02 -29.32 -59.88
CA VAL HA 56 -31.01 -27.99 -60.48
C VAL HA 56 -30.41 -27.01 -59.48
N ASP HA 57 -29.38 -26.28 -59.90
CA ASP HA 57 -29.05 -25.08 -59.15
C ASP HA 57 -29.02 -23.88 -60.09
N LYS HA 58 -28.52 -22.74 -59.62
CA LYS HA 58 -28.61 -21.51 -60.39
C LYS HA 58 -27.76 -21.56 -61.64
N ASN HA 59 -26.68 -22.34 -61.63
CA ASN HA 59 -25.79 -22.38 -62.77
C ASN HA 59 -26.26 -23.32 -63.86
N ASN HA 60 -26.99 -24.39 -63.52
CA ASN HA 60 -27.40 -25.36 -64.52
C ASN HA 60 -28.89 -25.31 -64.84
N PHE HA 61 -29.57 -24.22 -64.48
CA PHE HA 61 -30.99 -24.15 -64.78
C PHE HA 61 -31.23 -23.95 -66.27
N GLU HA 62 -30.28 -23.33 -66.97
CA GLU HA 62 -30.42 -23.15 -68.42
C GLU HA 62 -30.17 -24.45 -69.18
N ALA HA 63 -29.45 -25.40 -68.58
CA ALA HA 63 -29.20 -26.69 -69.21
C ALA HA 63 -30.28 -27.71 -68.89
N VAL HA 64 -30.92 -27.60 -67.73
CA VAL HA 64 -32.03 -28.48 -67.41
C VAL HA 64 -33.25 -28.11 -68.25
N MET HA 65 -33.44 -26.82 -68.51
CA MET HA 65 -34.57 -26.39 -69.33
C MET HA 65 -34.37 -26.77 -70.79
N ARG HA 66 -33.13 -26.76 -71.27
CA ARG HA 66 -32.88 -27.09 -72.68
C ARG HA 66 -33.06 -28.57 -72.95
N GLU HA 67 -32.60 -29.42 -72.03
CA GLU HA 67 -32.67 -30.86 -72.24
C GLU HA 67 -34.01 -31.46 -71.87
N SER HA 68 -34.92 -30.67 -71.32
CA SER HA 68 -36.26 -31.17 -71.08
C SER HA 68 -37.05 -31.28 -72.37
N GLU HA 69 -36.77 -30.38 -73.32
CA GLU HA 69 -37.52 -30.20 -74.57
C GLU HA 69 -39.01 -29.96 -74.30
N LEU HA 70 -39.28 -28.83 -73.65
CA LEU HA 70 -40.65 -28.40 -73.43
C LEU HA 70 -41.25 -27.96 -74.75
N LYS HA 71 -41.96 -28.87 -75.42
CA LYS HA 71 -42.57 -28.60 -76.72
C LYS HA 71 -44.06 -28.43 -76.53
N ILE HA 72 -44.53 -27.18 -76.57
CA ILE HA 72 -45.92 -26.87 -76.34
C ILE HA 72 -46.60 -26.68 -77.70
N THR HA 73 -47.48 -27.61 -78.06
CA THR HA 73 -48.22 -27.58 -79.32
C THR HA 73 -49.70 -27.46 -78.99
N ALA HA 74 -50.30 -26.33 -79.34
CA ALA HA 74 -51.71 -26.10 -79.05
C ALA HA 74 -52.32 -25.28 -80.18
N THR HA 75 -53.64 -25.30 -80.23
CA THR HA 75 -54.40 -24.54 -81.21
C THR HA 75 -55.00 -23.32 -80.52
N VAL HA 76 -54.58 -22.13 -80.95
CA VAL HA 76 -55.03 -20.89 -80.34
C VAL HA 76 -55.82 -20.10 -81.37
N LYS HA 77 -56.42 -19.00 -80.91
CA LYS HA 77 -57.30 -18.20 -81.74
C LYS HA 77 -56.50 -17.33 -82.71
N ASN HA 78 -57.01 -17.21 -83.93
CA ASN HA 78 -56.37 -16.42 -84.98
C ASN HA 78 -56.94 -15.01 -84.92
N LYS HA 79 -56.10 -14.05 -84.51
CA LYS HA 79 -56.46 -12.64 -84.50
C LYS HA 79 -55.60 -11.82 -85.46
N LEU HA 80 -55.10 -12.45 -86.52
CA LEU HA 80 -54.28 -11.77 -87.52
C LEU HA 80 -55.09 -11.35 -88.74
N THR HA 81 -56.37 -11.70 -88.80
CA THR HA 81 -57.22 -11.33 -89.93
C THR HA 81 -58.58 -10.86 -89.43
N ASP HA 82 -59.53 -10.65 -90.34
CA ASP HA 82 -60.86 -10.17 -89.96
C ASP HA 82 -61.81 -11.29 -89.54
N ASP HA 83 -61.30 -12.51 -89.36
CA ASP HA 83 -62.13 -13.66 -88.98
C ASP HA 83 -62.10 -13.82 -87.46
N GLU HA 84 -63.27 -13.92 -86.86
CA GLU HA 84 -63.40 -14.23 -85.45
C GLU HA 84 -63.35 -15.72 -85.19
N ASN HA 85 -63.90 -16.54 -86.09
CA ASN HA 85 -64.00 -17.98 -85.92
C ASN HA 85 -62.84 -18.73 -86.56
N ALA HA 86 -61.67 -18.10 -86.66
CA ALA HA 86 -60.49 -18.76 -87.20
C ALA HA 86 -59.56 -19.17 -86.06
N GLU HA 87 -58.85 -20.29 -86.29
CA GLU HA 87 -57.90 -20.82 -85.32
C GLU HA 87 -56.56 -21.02 -86.00
N LEU HA 88 -55.51 -21.02 -85.19
CA LEU HA 88 -54.17 -21.15 -85.75
C LEU HA 88 -53.26 -21.89 -84.78
N PRO HA 89 -52.91 -23.15 -85.07
CA PRO HA 89 -51.98 -23.86 -84.18
C PRO HA 89 -50.57 -23.33 -84.28
N VAL HA 90 -49.81 -23.53 -83.21
CA VAL HA 90 -48.44 -23.03 -83.10
C VAL HA 90 -47.50 -24.21 -82.84
N GLU HA 91 -46.20 -23.92 -82.89
CA GLU HA 91 -45.16 -24.90 -82.61
C GLU HA 91 -44.05 -24.21 -81.83
N LEU HA 92 -43.83 -24.63 -80.61
CA LEU HA 92 -42.92 -23.95 -79.68
C LEU HA 92 -41.79 -24.88 -79.26
N ASN HA 93 -40.57 -24.34 -79.24
CA ASN HA 93 -39.39 -25.07 -78.79
C ASN HA 93 -38.64 -24.16 -77.83
N PHE HA 94 -38.57 -24.56 -76.56
CA PHE HA 94 -38.04 -23.72 -75.49
C PHE HA 94 -36.70 -24.27 -75.04
N LYS HA 95 -35.68 -23.42 -75.07
CA LYS HA 95 -34.34 -23.82 -74.65
C LYS HA 95 -33.74 -22.92 -73.60
N SER HA 96 -34.29 -21.74 -73.36
CA SER HA 96 -33.80 -20.82 -72.34
C SER HA 96 -34.98 -20.11 -71.70
N LEU HA 97 -34.70 -19.40 -70.59
CA LEU HA 97 -35.74 -18.65 -69.91
C LEU HA 97 -36.23 -17.47 -70.75
N ALA HA 98 -35.41 -16.96 -71.66
CA ALA HA 98 -35.83 -15.91 -72.59
C ALA HA 98 -36.74 -16.43 -73.71
N ASP HA 99 -36.94 -17.74 -73.82
CA ASP HA 99 -37.87 -18.27 -74.81
C ASP HA 99 -39.32 -18.13 -74.37
N PHE HA 100 -39.58 -17.80 -73.11
CA PHE HA 100 -40.94 -17.45 -72.71
C PHE HA 100 -41.32 -16.05 -73.18
N ALA HA 101 -40.33 -15.20 -73.45
CA ALA HA 101 -40.57 -13.82 -73.84
C ALA HA 101 -41.13 -13.75 -75.25
N PRO HA 102 -41.95 -12.72 -75.56
CA PRO HA 102 -42.56 -12.64 -76.90
C PRO HA 102 -41.59 -12.35 -78.04
N ASP HA 103 -40.32 -12.05 -77.74
CA ASP HA 103 -39.33 -11.94 -78.82
C ASP HA 103 -39.02 -13.31 -79.41
N ALA HA 104 -38.96 -14.35 -78.57
CA ALA HA 104 -38.64 -15.69 -79.04
C ALA HA 104 -39.88 -16.55 -79.26
N VAL HA 105 -41.04 -16.16 -78.73
CA VAL HA 105 -42.26 -16.89 -79.04
C VAL HA 105 -42.75 -16.52 -80.44
N ALA HA 106 -42.75 -15.23 -80.77
CA ALA HA 106 -43.13 -14.79 -82.09
C ALA HA 106 -42.11 -15.18 -83.16
N SER HA 107 -40.85 -15.38 -82.78
CA SER HA 107 -39.84 -15.84 -83.72
C SER HA 107 -40.03 -17.30 -84.08
N GLN HA 108 -40.73 -18.08 -83.25
CA GLN HA 108 -41.00 -19.47 -83.54
C GLN HA 108 -42.35 -19.67 -84.21
N VAL HA 109 -43.13 -18.60 -84.38
CA VAL HA 109 -44.38 -18.65 -85.13
C VAL HA 109 -44.12 -18.04 -86.50
N PRO HA 110 -44.23 -18.81 -87.60
CA PRO HA 110 -43.93 -18.27 -88.92
C PRO HA 110 -44.90 -17.19 -89.39
N GLU HA 111 -46.13 -17.18 -88.86
CA GLU HA 111 -47.06 -16.10 -89.19
C GLU HA 111 -46.67 -14.80 -88.52
N LEU HA 112 -45.85 -14.84 -87.48
CA LEU HA 112 -45.33 -13.64 -86.82
C LEU HA 112 -43.90 -13.34 -87.18
N LYS HA 113 -43.21 -14.24 -87.88
CA LYS HA 113 -41.88 -13.91 -88.40
C LYS HA 113 -41.97 -12.89 -89.52
N LYS HA 114 -43.07 -12.89 -90.27
CA LYS HA 114 -43.27 -11.92 -91.34
C LYS HA 114 -43.80 -10.59 -90.83
N LEU HA 115 -44.30 -10.54 -89.59
CA LEU HA 115 -44.78 -9.27 -89.05
C LEU HA 115 -43.70 -8.50 -88.31
N ILE HA 116 -42.77 -9.19 -87.67
CA ILE HA 116 -41.60 -8.51 -87.12
C ILE HA 116 -40.69 -8.04 -88.25
N GLU HA 117 -40.55 -8.87 -89.30
CA GLU HA 117 -39.83 -8.46 -90.49
C GLU HA 117 -40.53 -7.30 -91.20
N LEU HA 118 -41.86 -7.23 -91.09
CA LEU HA 118 -42.57 -6.07 -91.57
C LEU HA 118 -42.23 -4.83 -90.75
N ARG HA 119 -42.12 -4.98 -89.43
CA ARG HA 119 -41.80 -3.83 -88.58
C ARG HA 119 -40.35 -3.41 -88.73
N GLU HA 120 -39.44 -4.38 -88.86
CA GLU HA 120 -38.02 -4.08 -89.09
C GLU HA 120 -37.81 -3.35 -90.41
N ALA HA 121 -38.65 -3.66 -91.41
CA ALA HA 121 -38.62 -2.90 -92.66
C ALA HA 121 -39.19 -1.50 -92.51
N LEU HA 122 -40.07 -1.27 -91.53
CA LEU HA 122 -40.64 0.05 -91.31
C LEU HA 122 -39.78 0.92 -90.41
N VAL HA 123 -39.05 0.31 -89.46
CA VAL HA 123 -38.10 1.07 -88.65
C VAL HA 123 -36.91 1.49 -89.52
N ALA HA 124 -36.55 0.66 -90.50
CA ALA HA 124 -35.48 1.01 -91.44
C ALA HA 124 -35.87 2.18 -92.33
N LEU HA 125 -37.16 2.35 -92.59
CA LEU HA 125 -37.62 3.42 -93.45
C LEU HA 125 -37.56 4.78 -92.76
N LYS HA 126 -37.86 4.82 -91.45
CA LYS HA 126 -38.10 6.07 -90.73
C LYS HA 126 -36.84 6.93 -90.61
N GLY HA 127 -35.66 6.29 -90.59
CA GLY HA 127 -34.40 6.99 -90.53
C GLY HA 127 -34.13 7.89 -91.73
N PRO HA 128 -33.97 7.31 -92.92
CA PRO HA 128 -33.80 8.10 -94.13
C PRO HA 128 -35.08 8.70 -94.71
N LEU HA 129 -36.20 8.70 -93.98
CA LEU HA 129 -37.44 9.21 -94.54
C LEU HA 129 -37.48 10.73 -94.48
N GLY HA 130 -37.46 11.30 -93.28
CA GLY HA 130 -37.58 12.73 -93.09
C GLY HA 130 -36.31 13.53 -93.26
N ASN HA 131 -35.21 12.88 -93.62
CA ASN HA 131 -33.94 13.57 -93.82
C ASN HA 131 -33.82 14.14 -95.23
N ILE HA 132 -34.20 13.35 -96.24
CA ILE HA 132 -34.17 13.77 -97.62
C ILE HA 132 -35.59 14.17 -98.03
N PRO HA 133 -35.86 15.44 -98.34
CA PRO HA 133 -37.20 15.85 -98.73
C PRO HA 133 -37.55 15.58 -100.19
N ALA HA 134 -36.74 14.81 -100.92
CA ALA HA 134 -37.04 14.43 -102.28
C ALA HA 134 -37.81 13.12 -102.38
N PHE HA 135 -38.15 12.51 -101.24
CA PHE HA 135 -38.94 11.28 -101.27
C PHE HA 135 -40.38 11.57 -101.64
N ARG HA 136 -40.95 12.65 -101.10
CA ARG HA 136 -42.32 13.02 -101.44
C ARG HA 136 -42.45 13.54 -102.86
N GLU HA 137 -41.35 13.98 -103.46
CA GLU HA 137 -41.37 14.42 -104.85
C GLU HA 137 -41.63 13.25 -105.79
N ARG HA 138 -41.15 12.06 -105.43
CA ARG HA 138 -41.37 10.87 -106.24
C ARG HA 138 -42.54 10.02 -105.74
N LEU HA 139 -43.14 10.37 -104.61
CA LEU HA 139 -44.44 9.79 -104.26
C LEU HA 139 -45.52 10.28 -105.20
N GLN HA 140 -45.42 11.54 -105.64
CA GLN HA 140 -46.34 12.05 -106.64
C GLN HA 140 -46.03 11.51 -108.03
N SER HA 141 -44.78 11.12 -108.27
CA SER HA 141 -44.45 10.45 -109.52
C SER HA 141 -44.98 9.02 -109.54
N LEU HA 142 -44.95 8.35 -108.38
CA LEU HA 142 -45.65 7.08 -108.24
C LEU HA 142 -47.16 7.27 -108.24
N LEU HA 143 -47.64 8.44 -107.84
CA LEU HA 143 -49.05 8.77 -108.04
C LEU HA 143 -49.37 8.98 -109.51
N ASN HA 144 -48.41 9.49 -110.29
CA ASN HA 144 -48.59 9.63 -111.73
C ASN HA 144 -48.38 8.31 -112.45
N SER HA 145 -47.24 7.66 -112.22
CA SER HA 145 -46.91 6.39 -112.87
C SER HA 145 -47.53 5.26 -112.06
N GLU HA 146 -48.80 4.95 -112.36
CA GLU HA 146 -49.49 3.88 -111.66
C GLU HA 146 -49.25 2.51 -112.28
N GLU HA 147 -48.90 2.45 -113.56
CA GLU HA 147 -48.71 1.17 -114.23
C GLU HA 147 -47.38 0.54 -113.84
N SER HA 148 -46.29 1.31 -113.85
CA SER HA 148 -44.99 0.77 -113.51
C SER HA 148 -44.82 0.54 -112.01
N ARG HA 149 -45.67 1.16 -111.18
CA ARG HA 149 -45.57 0.96 -109.75
C ARG HA 149 -46.12 -0.41 -109.35
N GLU HA 150 -47.27 -0.79 -109.90
CA GLU HA 150 -47.89 -2.06 -109.56
C GLU HA 150 -47.15 -3.26 -110.16
N LYS HA 151 -46.35 -3.04 -111.20
CA LYS HA 151 -45.53 -4.12 -111.74
C LYS HA 151 -44.36 -4.43 -110.81
N LEU HA 152 -43.92 -3.45 -110.03
CA LEU HA 152 -42.80 -3.62 -109.13
C LEU HA 152 -43.20 -4.04 -107.72
N LEU HA 153 -44.49 -3.89 -107.37
CA LEU HA 153 -44.94 -4.33 -106.05
C LEU HA 153 -45.02 -5.84 -105.95
N ALA HA 154 -45.27 -6.53 -107.08
CA ALA HA 154 -45.32 -7.98 -107.08
C ALA HA 154 -43.93 -8.61 -106.96
N GLU HA 155 -42.89 -7.87 -107.32
CA GLU HA 155 -41.53 -8.37 -107.19
C GLU HA 155 -41.07 -8.34 -105.74
N SER IA 1 -74.29 -2.50 -21.47
CA SER IA 1 -73.04 -2.35 -20.74
C SER IA 1 -72.01 -3.39 -21.19
N LYS IA 2 -71.77 -3.44 -22.49
CA LYS IA 2 -70.80 -4.36 -23.07
C LYS IA 2 -69.97 -3.61 -24.11
N GLU IA 3 -68.66 -3.66 -23.96
CA GLU IA 3 -67.77 -3.10 -24.97
C GLU IA 3 -67.83 -3.95 -26.23
N GLY IA 4 -67.96 -3.29 -27.38
CA GLY IA 4 -67.88 -3.99 -28.64
C GLY IA 4 -66.45 -4.46 -28.87
N SER IA 5 -66.26 -5.77 -28.98
CA SER IA 5 -64.94 -6.34 -29.24
C SER IA 5 -65.02 -7.24 -30.46
N VAL IA 6 -63.86 -7.74 -30.87
CA VAL IA 6 -63.75 -8.60 -32.03
C VAL IA 6 -63.60 -10.03 -31.58
N ALA IA 7 -63.62 -10.94 -32.53
CA ALA IA 7 -63.33 -12.32 -32.21
C ALA IA 7 -61.86 -12.47 -31.85
N PRO IA 8 -61.53 -13.23 -30.80
CA PRO IA 8 -60.13 -13.40 -30.41
C PRO IA 8 -59.38 -14.27 -31.41
N LYS IA 9 -58.06 -14.08 -31.44
CA LYS IA 9 -57.24 -14.62 -32.51
C LYS IA 9 -55.76 -14.53 -32.16
N GLU IA 10 -54.91 -15.03 -33.10
CA GLU IA 10 -53.45 -14.93 -33.02
C GLU IA 10 -52.99 -13.51 -33.26
N ARG IA 11 -53.86 -12.72 -33.84
CA ARG IA 11 -53.59 -11.32 -33.85
C ARG IA 11 -54.02 -10.76 -32.50
N ILE IA 12 -53.67 -9.54 -32.26
CA ILE IA 12 -53.77 -8.97 -30.93
C ILE IA 12 -55.08 -8.21 -30.82
N ASN IA 13 -55.74 -8.29 -29.67
CA ASN IA 13 -57.10 -7.76 -29.58
C ASN IA 13 -57.23 -6.66 -28.54
N ILE IA 14 -56.91 -5.44 -28.96
CA ILE IA 14 -56.97 -4.24 -28.14
C ILE IA 14 -58.43 -3.88 -27.87
N LYS IA 15 -58.77 -3.68 -26.60
CA LYS IA 15 -60.07 -3.15 -26.22
C LYS IA 15 -59.89 -2.08 -25.15
N TYR IA 16 -60.31 -0.92 -25.66
CA TYR IA 16 -60.27 0.28 -24.84
C TYR IA 16 -60.99 -0.14 -23.59
N ILE IA 17 -60.26 -0.16 -22.50
CA ILE IA 17 -60.93 -0.41 -21.27
C ILE IA 17 -61.36 0.94 -20.78
N PRO IA 18 -62.67 1.29 -21.03
CA PRO IA 18 -63.09 2.52 -20.40
C PRO IA 18 -62.98 2.41 -18.93
N ALA IA 19 -62.96 1.19 -18.44
CA ALA IA 19 -62.77 0.96 -17.05
C ALA IA 19 -61.37 1.32 -16.69
N THR IA 20 -61.20 1.54 -15.37
CA THR IA 20 -59.95 1.55 -14.65
C THR IA 20 -59.86 0.15 -14.04
N GLY IA 21 -58.96 -0.14 -13.07
CA GLY IA 21 -58.96 -1.51 -12.59
C GLY IA 21 -58.41 -1.69 -11.20
N ASP IA 22 -58.83 -2.79 -10.53
CA ASP IA 22 -58.45 -3.19 -9.19
C ASP IA 22 -57.39 -4.26 -9.22
N ALA IA 23 -57.31 -5.03 -8.09
CA ALA IA 23 -56.36 -6.12 -7.85
C ALA IA 23 -57.01 -7.15 -6.95
N GLN IA 24 -56.31 -8.28 -6.67
CA GLN IA 24 -56.84 -9.36 -5.84
C GLN IA 24 -55.76 -9.96 -4.96
N ALA IA 25 -56.15 -10.84 -4.00
CA ALA IA 25 -55.24 -11.51 -3.08
C ALA IA 25 -55.77 -12.89 -2.75
N GLU IA 26 -54.91 -13.78 -2.15
CA GLU IA 26 -55.29 -15.13 -1.78
C GLU IA 26 -54.59 -15.56 -0.49
N VAL IA 27 -55.10 -16.66 0.17
CA VAL IA 27 -54.62 -17.20 1.44
C VAL IA 27 -54.71 -18.73 1.46
N GLU IA 28 -54.74 -19.33 2.69
CA GLU IA 28 -54.86 -20.76 3.00
C GLU IA 28 -56.34 -21.05 3.04
N LEU IA 29 -56.85 -21.86 3.98
CA LEU IA 29 -58.29 -21.87 4.17
C LEU IA 29 -58.70 -20.43 4.52
N PRO IA 30 -59.57 -19.80 3.73
CA PRO IA 30 -59.94 -18.41 3.96
C PRO IA 30 -60.53 -18.29 5.36
N LEU IA 31 -60.37 -17.12 5.97
CA LEU IA 31 -61.09 -16.75 7.18
C LEU IA 31 -62.58 -16.80 6.88
N LYS IA 32 -63.21 -17.95 7.05
CA LYS IA 32 -64.64 -18.07 6.73
C LYS IA 32 -65.47 -17.68 7.94
N THR IA 33 -66.41 -16.76 7.73
CA THR IA 33 -67.36 -16.38 8.74
C THR IA 33 -68.75 -16.86 8.36
N LEU IA 34 -69.58 -17.07 9.37
CA LEU IA 34 -70.94 -17.51 9.14
C LEU IA 34 -71.86 -16.43 9.69
N VAL IA 35 -72.46 -15.66 8.80
CA VAL IA 35 -73.40 -14.62 9.21
C VAL IA 35 -74.74 -15.29 9.46
N VAL IA 36 -75.20 -15.28 10.70
CA VAL IA 36 -76.43 -15.95 11.07
C VAL IA 36 -77.42 -14.88 11.53
N GLY IA 37 -78.69 -15.07 11.21
CA GLY IA 37 -79.69 -14.09 11.56
C GLY IA 37 -80.83 -14.07 10.56
N ASP IA 38 -81.91 -13.43 10.98
CA ASP IA 38 -83.19 -13.41 10.26
C ASP IA 38 -83.04 -12.62 8.98
N PHE IA 39 -83.13 -13.30 7.84
CA PHE IA 39 -82.89 -12.67 6.56
C PHE IA 39 -84.10 -12.62 5.66
N LYS IA 40 -85.22 -13.23 6.07
CA LYS IA 40 -86.46 -13.19 5.30
C LYS IA 40 -87.59 -12.78 6.23
N GLY IA 41 -88.81 -12.76 5.70
CA GLY IA 41 -89.91 -12.19 6.44
C GLY IA 41 -90.86 -13.18 7.08
N HIS IA 42 -90.36 -14.36 7.44
CA HIS IA 42 -91.20 -15.39 8.05
C HIS IA 42 -90.31 -16.31 8.88
N ALA IA 43 -90.89 -17.45 9.26
CA ALA IA 43 -90.16 -18.52 9.94
C ALA IA 43 -90.37 -19.80 9.15
N GLU IA 44 -89.28 -20.34 8.60
CA GLU IA 44 -89.37 -21.50 7.71
C GLU IA 44 -89.72 -22.76 8.50
N GLN IA 45 -90.56 -23.60 7.90
CA GLN IA 45 -91.07 -24.77 8.60
C GLN IA 45 -90.07 -25.92 8.63
N THR IA 46 -89.02 -25.90 7.81
CA THR IA 46 -88.06 -26.99 7.88
C THR IA 46 -87.18 -26.84 9.13
N PRO IA 47 -86.81 -27.94 9.78
CA PRO IA 47 -85.90 -27.84 10.93
C PRO IA 47 -84.52 -27.42 10.49
N LEU IA 48 -83.71 -27.04 11.49
CA LEU IA 48 -82.46 -26.35 11.20
C LEU IA 48 -81.44 -27.29 10.57
N GLU IA 49 -81.44 -28.57 10.94
CA GLU IA 49 -80.41 -29.50 10.48
C GLU IA 49 -80.54 -29.88 9.01
N GLU IA 50 -81.58 -29.44 8.32
CA GLU IA 50 -81.74 -29.78 6.90
C GLU IA 50 -81.54 -28.59 5.97
N ARG IA 51 -81.77 -27.37 6.43
CA ARG IA 51 -81.57 -26.22 5.58
C ARG IA 51 -80.09 -25.95 5.38
N ALA IA 52 -79.77 -25.16 4.36
CA ALA IA 52 -78.40 -25.05 3.91
C ALA IA 52 -77.86 -23.64 4.13
N THR IA 53 -76.54 -23.53 4.03
CA THR IA 53 -75.84 -22.26 4.06
C THR IA 53 -75.37 -21.92 2.65
N VAL IA 54 -75.58 -20.67 2.24
CA VAL IA 54 -75.22 -20.23 0.91
C VAL IA 54 -73.99 -19.32 1.01
N THR IA 55 -73.08 -19.45 0.06
CA THR IA 55 -71.85 -18.69 0.03
C THR IA 55 -72.02 -17.47 -0.87
N VAL IA 56 -71.72 -16.29 -0.33
CA VAL IA 56 -71.95 -15.01 -0.99
C VAL IA 56 -70.62 -14.30 -1.18
N ASP IA 57 -70.30 -13.93 -2.41
CA ASP IA 57 -69.27 -12.92 -2.57
C ASP IA 57 -69.82 -11.77 -3.41
N LYS IA 58 -68.94 -10.85 -3.84
CA LYS IA 58 -69.40 -9.65 -4.51
C LYS IA 58 -70.03 -9.93 -5.86
N ASN IA 59 -69.62 -11.01 -6.52
CA ASN IA 59 -70.13 -11.30 -7.85
C ASN IA 59 -71.48 -12.01 -7.81
N ASN IA 60 -71.76 -12.79 -6.78
CA ASN IA 60 -73.00 -13.56 -6.75
C ASN IA 60 -74.01 -13.03 -5.75
N PHE IA 61 -73.84 -11.80 -5.28
CA PHE IA 61 -74.81 -11.26 -4.33
C PHE IA 61 -76.14 -10.97 -4.99
N GLU IA 62 -76.13 -10.65 -6.29
CA GLU IA 62 -77.38 -10.41 -7.01
C GLU IA 62 -78.14 -11.69 -7.30
N ALA IA 63 -77.45 -12.84 -7.31
CA ALA IA 63 -78.11 -14.11 -7.52
C ALA IA 63 -78.59 -14.76 -6.23
N VAL IA 64 -77.91 -14.48 -5.11
CA VAL IA 64 -78.39 -14.97 -3.82
C VAL IA 64 -79.64 -14.21 -3.40
N MET IA 65 -79.69 -12.91 -3.72
CA MET IA 65 -80.88 -12.13 -3.37
C MET IA 65 -82.07 -12.51 -4.23
N ARG IA 66 -81.85 -12.88 -5.48
CA ARG IA 66 -82.96 -13.23 -6.37
C ARG IA 66 -83.57 -14.58 -5.99
N GLU IA 67 -82.73 -15.56 -5.65
CA GLU IA 67 -83.22 -16.89 -5.34
C GLU IA 67 -83.72 -17.03 -3.92
N SER IA 68 -83.56 -16.02 -3.08
CA SER IA 68 -84.14 -16.07 -1.75
C SER IA 68 -85.64 -15.90 -1.80
N GLU IA 69 -86.13 -15.10 -2.76
CA GLU IA 69 -87.52 -14.66 -2.89
C GLU IA 69 -88.00 -13.96 -1.62
N LEU IA 70 -87.37 -12.82 -1.33
CA LEU IA 70 -87.80 -11.99 -0.22
C LEU IA 70 -89.13 -11.34 -0.56
N LYS IA 71 -90.22 -11.95 -0.14
CA LYS IA 71 -91.57 -11.47 -0.43
C LYS IA 71 -92.14 -10.84 0.83
N ILE IA 72 -92.17 -9.51 0.87
CA ILE IA 72 -92.63 -8.78 2.03
C ILE IA 72 -94.07 -8.35 1.78
N THR IA 73 -95.00 -8.94 2.52
CA THR IA 73 -96.43 -8.64 2.43
C THR IA 73 -96.88 -8.06 3.76
N ALA IA 74 -97.25 -6.79 3.76
CA ALA IA 74 -97.68 -6.13 4.99
C ALA IA 74 -98.78 -5.12 4.66
N THR IA 75 -99.50 -4.73 5.69
CA THR IA 75 -100.56 -3.74 5.58
C THR IA 75 -100.04 -2.41 6.12
N VAL IA 76 -99.97 -1.41 5.25
CA VAL IA 76 -99.45 -0.11 5.62
C VAL IA 76 -100.56 0.93 5.49
N LYS IA 77 -100.26 2.14 5.95
CA LYS IA 77 -101.25 3.21 6.00
C LYS IA 77 -101.49 3.80 4.61
N ASN IA 78 -102.75 4.10 4.33
CA ASN IA 78 -103.15 4.69 3.05
C ASN IA 78 -103.11 6.20 3.18
N LYS IA 79 -102.16 6.83 2.48
CA LYS IA 79 -102.06 8.29 2.43
C LYS IA 79 -102.26 8.81 1.01
N LEU IA 80 -103.02 8.09 0.19
CA LEU IA 80 -103.31 8.50 -1.18
C LEU IA 80 -104.66 9.18 -1.31
N THR IA 81 -105.43 9.26 -0.23
CA THR IA 81 -106.74 9.91 -0.25
C THR IA 81 -106.92 10.78 0.98
N ASP IA 82 -108.12 11.31 1.20
CA ASP IA 82 -108.39 12.17 2.35
C ASP IA 82 -108.73 11.40 3.62
N ASP IA 83 -108.56 10.08 3.62
CA ASP IA 83 -108.89 9.25 4.77
C ASP IA 83 -107.63 9.05 5.62
N GLU IA 84 -107.76 9.30 6.92
CA GLU IA 84 -106.69 9.02 7.87
C GLU IA 84 -106.73 7.57 8.35
N ASN IA 85 -107.93 7.01 8.50
CA ASN IA 85 -108.12 5.66 9.03
C ASN IA 85 -108.22 4.60 7.95
N ALA IA 86 -107.57 4.83 6.80
CA ALA IA 86 -107.56 3.85 5.73
C ALA IA 86 -106.22 3.12 5.71
N GLU IA 87 -106.26 1.85 5.30
CA GLU IA 87 -105.07 1.02 5.20
C GLU IA 87 -104.99 0.41 3.81
N LEU IA 88 -103.79 0.06 3.40
CA LEU IA 88 -103.59 -0.47 2.06
C LEU IA 88 -102.46 -1.49 2.05
N PRO IA 89 -102.77 -2.79 1.93
CA PRO IA 89 -101.70 -3.79 1.85
C PRO IA 89 -100.95 -3.72 0.53
N VAL IA 90 -99.70 -4.19 0.55
CA VAL IA 90 -98.83 -4.16 -0.61
C VAL IA 90 -98.36 -5.58 -0.92
N GLU IA 91 -97.68 -5.70 -2.06
CA GLU IA 91 -97.11 -6.98 -2.49
C GLU IA 91 -95.76 -6.70 -3.14
N LEU IA 92 -94.70 -7.21 -2.53
CA LEU IA 92 -93.33 -6.88 -2.93
C LEU IA 92 -92.59 -8.13 -3.37
N ASN IA 93 -91.85 -8.00 -4.47
CA ASN IA 93 -91.00 -9.08 -4.99
C ASN IA 93 -89.64 -8.48 -5.29
N PHE IA 94 -88.62 -8.91 -4.55
CA PHE IA 94 -87.29 -8.32 -4.61
C PHE IA 94 -86.33 -9.28 -5.30
N LYS IA 95 -85.68 -8.81 -6.36
CA LYS IA 95 -84.72 -9.62 -7.09
C LYS IA 95 -83.36 -8.98 -7.24
N SER IA 96 -83.21 -7.68 -6.95
CA SER IA 96 -81.92 -7.00 -7.04
C SER IA 96 -81.85 -5.98 -5.92
N LEU IA 97 -80.65 -5.43 -5.71
CA LEU IA 97 -80.46 -4.39 -4.70
C LEU IA 97 -81.18 -3.10 -5.06
N ALA IA 98 -81.43 -2.86 -6.35
CA ALA IA 98 -82.21 -1.71 -6.78
C ALA IA 98 -83.71 -1.88 -6.53
N ASP IA 99 -84.16 -3.06 -6.10
CA ASP IA 99 -85.57 -3.23 -5.76
C ASP IA 99 -85.91 -2.65 -4.40
N PHE IA 100 -84.92 -2.29 -3.58
CA PHE IA 100 -85.21 -1.52 -2.37
C PHE IA 100 -85.53 -0.07 -2.68
N ALA IA 101 -85.09 0.42 -3.83
CA ALA IA 101 -85.26 1.82 -4.20
C ALA IA 101 -86.73 2.11 -4.53
N PRO IA 102 -87.20 3.34 -4.31
CA PRO IA 102 -88.62 3.66 -4.57
C PRO IA 102 -89.01 3.65 -6.04
N ASP IA 103 -88.07 3.52 -6.98
CA ASP IA 103 -88.45 3.34 -8.37
C ASP IA 103 -89.05 1.96 -8.60
N ALA IA 104 -88.51 0.94 -7.93
CA ALA IA 104 -89.00 -0.42 -8.08
C ALA IA 104 -89.99 -0.83 -7.00
N VAL IA 105 -90.06 -0.11 -5.88
CA VAL IA 105 -91.09 -0.41 -4.89
C VAL IA 105 -92.44 0.13 -5.36
N ALA IA 106 -92.46 1.36 -5.86
CA ALA IA 106 -93.68 1.94 -6.39
C ALA IA 106 -94.13 1.27 -7.69
N SER IA 107 -93.20 0.68 -8.45
CA SER IA 107 -93.58 -0.06 -9.64
C SER IA 107 -94.27 -1.38 -9.32
N GLN IA 108 -94.06 -1.90 -8.12
CA GLN IA 108 -94.72 -3.14 -7.69
C GLN IA 108 -96.01 -2.88 -6.93
N VAL IA 109 -96.34 -1.62 -6.68
CA VAL IA 109 -97.61 -1.24 -6.07
C VAL IA 109 -98.51 -0.71 -7.18
N PRO IA 110 -99.64 -1.37 -7.48
CA PRO IA 110 -100.49 -0.91 -8.60
C PRO IA 110 -101.17 0.42 -8.34
N GLU IA 111 -101.34 0.82 -7.07
CA GLU IA 111 -101.88 2.14 -6.78
C GLU IA 111 -100.87 3.24 -7.06
N LEU IA 112 -99.58 2.90 -7.13
CA LEU IA 112 -98.54 3.85 -7.48
C LEU IA 112 -98.05 3.69 -8.91
N LYS IA 113 -98.46 2.64 -9.62
CA LYS IA 113 -98.16 2.55 -11.05
C LYS IA 113 -98.95 3.57 -11.84
N LYS IA 114 -100.14 3.95 -11.37
CA LYS IA 114 -100.95 4.95 -12.03
C LYS IA 114 -100.53 6.37 -11.66
N LEU IA 115 -99.73 6.54 -10.61
CA LEU IA 115 -99.28 7.88 -10.25
C LEU IA 115 -97.96 8.25 -10.90
N ILE IA 116 -97.08 7.28 -11.13
CA ILE IA 116 -95.89 7.54 -11.94
C ILE IA 116 -96.28 7.72 -13.40
N GLU IA 117 -97.26 6.93 -13.87
CA GLU IA 117 -97.81 7.12 -15.21
C GLU IA 117 -98.52 8.46 -15.32
N LEU IA 118 -99.10 8.94 -14.22
CA LEU IA 118 -99.64 10.29 -14.20
C LEU IA 118 -98.55 11.33 -14.34
N ARG IA 119 -97.41 11.11 -13.68
CA ARG IA 119 -96.31 12.07 -13.76
C ARG IA 119 -95.62 12.02 -15.11
N GLU IA 120 -95.45 10.82 -15.66
CA GLU IA 120 -94.86 10.65 -16.99
C GLU IA 120 -95.73 11.31 -18.06
N ALA IA 121 -97.04 11.32 -17.87
CA ALA IA 121 -97.93 12.05 -18.76
C ALA IA 121 -97.82 13.56 -18.57
N LEU IA 122 -97.41 14.03 -17.39
CA LEU IA 122 -97.25 15.46 -17.16
C LEU IA 122 -95.89 15.99 -17.56
N VAL IA 123 -94.84 15.15 -17.48
CA VAL IA 123 -93.53 15.54 -18.00
C VAL IA 123 -93.57 15.58 -19.53
N ALA IA 124 -94.37 14.71 -20.15
CA ALA IA 124 -94.54 14.73 -21.60
C ALA IA 124 -95.27 15.98 -22.06
N LEU IA 125 -96.11 16.56 -21.21
CA LEU IA 125 -96.86 17.76 -21.59
C LEU IA 125 -95.97 19.00 -21.61
N LYS IA 126 -95.03 19.09 -20.67
CA LYS IA 126 -94.30 20.34 -20.39
C LYS IA 126 -93.39 20.74 -21.56
N GLY IA 127 -92.91 19.77 -22.33
CA GLY IA 127 -92.07 20.04 -23.48
C GLY IA 127 -92.76 20.83 -24.57
N PRO IA 128 -93.80 20.25 -25.20
CA PRO IA 128 -94.57 21.00 -26.20
C PRO IA 128 -95.59 21.97 -25.64
N LEU IA 129 -95.55 22.31 -24.35
CA LEU IA 129 -96.55 23.21 -23.79
C LEU IA 129 -96.23 24.67 -24.11
N GLY IA 130 -95.10 25.16 -23.62
CA GLY IA 130 -94.71 26.54 -23.78
C GLY IA 130 -94.06 26.90 -25.09
N ASN IA 131 -93.93 25.95 -26.00
CA ASN IA 131 -93.32 26.20 -27.30
C ASN IA 131 -94.33 26.74 -28.31
N ILE IA 132 -95.52 26.14 -28.35
CA ILE IA 132 -96.59 26.57 -29.24
C ILE IA 132 -97.57 27.41 -28.43
N PRO IA 133 -97.72 28.71 -28.70
CA PRO IA 133 -98.65 29.55 -27.95
C PRO IA 133 -100.10 29.43 -28.39
N ALA IA 134 -100.45 28.46 -29.23
CA ALA IA 134 -101.83 28.24 -29.64
C ALA IA 134 -102.55 27.24 -28.74
N PHE IA 135 -101.89 26.74 -27.71
CA PHE IA 135 -102.55 25.83 -26.78
C PHE IA 135 -103.55 26.57 -25.89
N ARG IA 136 -103.17 27.76 -25.42
CA ARG IA 136 -104.07 28.56 -24.59
C ARG IA 136 -105.23 29.14 -25.40
N GLU IA 137 -105.09 29.21 -26.72
CA GLU IA 137 -106.18 29.68 -27.57
C GLU IA 137 -107.33 28.67 -27.58
N ARG IA 138 -107.02 27.38 -27.47
CA ARG IA 138 -108.04 26.35 -27.42
C ARG IA 138 -108.38 25.90 -26.01
N LEU IA 139 -107.67 26.40 -24.99
CA LEU IA 139 -108.15 26.24 -23.62
C LEU IA 139 -109.40 27.08 -23.39
N GLN IA 140 -109.47 28.26 -24.04
CA GLN IA 140 -110.67 29.06 -23.97
C GLN IA 140 -111.78 28.49 -24.83
N SER IA 141 -111.43 27.73 -25.87
CA SER IA 141 -112.44 27.02 -26.65
C SER IA 141 -112.99 25.84 -25.86
N LEU IA 142 -112.14 25.16 -25.09
CA LEU IA 142 -112.64 24.18 -24.13
C LEU IA 142 -113.36 24.83 -22.97
N LEU IA 143 -113.05 26.09 -22.67
CA LEU IA 143 -113.86 26.85 -21.72
C LEU IA 143 -115.22 27.19 -22.32
N ASN IA 144 -115.28 27.39 -23.65
CA ASN IA 144 -116.55 27.63 -24.32
C ASN IA 144 -117.31 26.32 -24.55
N SER IA 145 -116.66 25.34 -25.16
CA SER IA 145 -117.30 24.05 -25.46
C SER IA 145 -117.14 23.15 -24.23
N GLU IA 146 -118.09 23.27 -23.31
CA GLU IA 146 -118.08 22.46 -22.10
C GLU IA 146 -118.73 21.10 -22.29
N GLU IA 147 -119.65 20.97 -23.25
CA GLU IA 147 -120.36 19.71 -23.45
C GLU IA 147 -119.49 18.67 -24.13
N SER IA 148 -118.79 19.06 -25.20
CA SER IA 148 -117.94 18.13 -25.93
C SER IA 148 -116.65 17.82 -25.19
N ARG IA 149 -116.26 18.65 -24.22
CA ARG IA 149 -115.05 18.39 -23.47
C ARG IA 149 -115.26 17.26 -22.47
N GLU IA 150 -116.38 17.27 -21.75
CA GLU IA 150 -116.65 16.25 -20.74
C GLU IA 150 -117.00 14.91 -21.35
N LYS IA 151 -117.45 14.89 -22.61
CA LYS IA 151 -117.68 13.61 -23.29
C LYS IA 151 -116.37 12.92 -23.66
N LEU IA 152 -115.30 13.70 -23.82
CA LEU IA 152 -114.00 13.15 -24.19
C LEU IA 152 -113.12 12.84 -22.98
N LEU IA 153 -113.45 13.39 -21.81
CA LEU IA 153 -112.66 13.08 -20.61
C LEU IA 153 -112.91 11.67 -20.12
N ALA IA 154 -114.12 11.13 -20.36
CA ALA IA 154 -114.42 9.77 -19.95
C ALA IA 154 -113.74 8.73 -20.83
N GLU IA 155 -113.36 9.10 -22.05
CA GLU IA 155 -112.66 8.19 -22.95
C GLU IA 155 -111.20 8.04 -22.53
N SER JA 1 -56.27 21.85 48.38
CA SER JA 1 -54.99 21.57 47.74
C SER JA 1 -55.05 20.29 46.94
N LYS JA 2 -56.03 20.19 46.05
CA LYS JA 2 -56.20 19.02 45.19
C LYS JA 2 -56.51 19.50 43.77
N GLU JA 3 -55.72 19.03 42.82
CA GLU JA 3 -56.00 19.30 41.41
C GLU JA 3 -57.25 18.56 40.99
N GLY JA 4 -58.16 19.25 40.31
CA GLY JA 4 -59.32 18.60 39.73
C GLY JA 4 -58.88 17.71 38.59
N SER JA 5 -59.12 16.41 38.70
CA SER JA 5 -58.78 15.45 37.66
C SER JA 5 -60.03 14.65 37.28
N VAL JA 6 -59.87 13.83 36.26
CA VAL JA 6 -60.96 13.01 35.74
C VAL JA 6 -60.78 11.59 36.24
N ALA JA 7 -61.77 10.76 35.96
CA ALA JA 7 -61.62 9.35 36.26
C ALA JA 7 -60.59 8.73 35.31
N PRO JA 8 -59.69 7.88 35.82
CA PRO JA 8 -58.69 7.26 34.95
C PRO JA 8 -59.31 6.24 34.03
N LYS JA 9 -58.63 5.98 32.91
CA LYS JA 9 -59.23 5.24 31.81
C LYS JA 9 -58.16 4.84 30.78
N GLU JA 10 -58.62 4.14 29.73
CA GLU JA 10 -57.78 3.76 28.57
C GLU JA 10 -57.48 4.96 27.72
N ARG JA 11 -58.25 6.01 27.89
CA ARG JA 11 -57.84 7.25 27.33
C ARG JA 11 -56.83 7.88 28.26
N ILE JA 12 -56.20 8.93 27.80
CA ILE JA 12 -55.02 9.45 28.46
C ILE JA 12 -55.46 10.59 29.38
N ASN JA 13 -54.84 10.68 30.55
CA ASN JA 13 -55.36 11.62 31.54
C ASN JA 13 -54.33 12.68 31.95
N ILE JA 14 -54.29 13.74 31.14
CA ILE JA 14 -53.40 14.87 31.35
C ILE JA 14 -53.84 15.67 32.56
N LYS JA 15 -52.91 15.94 33.48
CA LYS JA 15 -53.15 16.84 34.59
C LYS JA 15 -51.96 17.77 34.76
N TYR JA 16 -52.38 19.03 34.52
CA TYR JA 16 -51.42 20.12 34.63
C TYR JA 16 -50.83 19.92 36.00
N ILE JA 17 -49.55 19.64 36.00
CA ILE JA 17 -48.90 19.58 37.28
C ILE JA 17 -48.45 20.98 37.55
N PRO JA 18 -49.26 21.73 38.36
CA PRO JA 18 -48.71 23.02 38.73
C PRO JA 18 -47.43 22.84 39.47
N ALA JA 19 -47.25 21.66 40.03
CA ALA JA 19 -46.04 21.35 40.70
C ALA JA 19 -44.95 21.23 39.67
N THR JA 20 -43.71 21.35 40.21
CA THR JA 20 -42.47 20.95 39.59
C THR JA 20 -42.19 19.58 40.21
N GLY JA 21 -40.97 18.99 40.10
CA GLY JA 21 -40.84 17.67 40.70
C GLY JA 21 -39.43 17.29 41.06
N ASP JA 22 -39.30 16.36 42.04
CA ASP JA 22 -38.05 15.83 42.56
C ASP JA 22 -37.74 14.48 41.97
N ALA JA 23 -36.91 13.69 42.72
CA ALA JA 23 -36.44 12.36 42.36
C ALA JA 23 -36.22 11.55 43.63
N GLN JA 24 -35.84 10.25 43.52
CA GLN JA 24 -35.62 9.39 44.66
C GLN JA 24 -34.45 8.44 44.42
N ALA JA 25 -34.02 7.70 45.49
CA ALA JA 25 -32.91 6.76 45.42
C ALA JA 25 -33.17 5.60 46.38
N GLU JA 26 -32.41 4.47 46.24
CA GLU JA 26 -32.55 3.30 47.09
C GLU JA 26 -31.21 2.63 47.33
N VAL JA 27 -31.12 1.74 48.38
CA VAL JA 27 -29.92 1.04 48.83
C VAL JA 27 -30.25 -0.37 49.30
N GLU JA 28 -29.35 -0.97 50.15
CA GLU JA 28 -29.43 -2.30 50.76
C GLU JA 28 -30.19 -2.10 52.04
N LEU JA 29 -29.84 -2.73 53.17
CA LEU JA 29 -30.41 -2.29 54.43
C LEU JA 29 -30.04 -0.81 54.59
N PRO JA 30 -31.02 0.10 54.69
CA PRO JA 30 -30.75 1.52 54.76
C PRO JA 30 -29.85 1.78 55.97
N LEU JA 31 -29.03 2.83 55.87
CA LEU JA 31 -28.31 3.37 57.02
C LEU JA 31 -29.32 3.82 58.05
N LYS JA 32 -29.73 2.92 58.95
CA LYS JA 32 -30.74 3.26 59.93
C LYS JA 32 -30.08 3.86 61.16
N THR JA 33 -30.55 5.04 61.56
CA THR JA 33 -30.11 5.69 62.78
C THR JA 33 -31.22 5.68 63.81
N LEU JA 34 -30.85 5.72 65.07
CA LEU JA 34 -31.82 5.74 66.15
C LEU JA 34 -31.62 7.03 66.92
N VAL JA 35 -32.52 7.98 66.71
CA VAL JA 35 -32.45 9.25 67.42
C VAL JA 35 -33.05 9.04 68.80
N VAL JA 36 -32.23 9.16 69.84
CA VAL JA 36 -32.68 8.91 71.20
C VAL JA 36 -32.60 10.22 71.97
N GLY JA 37 -33.55 10.45 72.86
CA GLY JA 37 -33.59 11.69 73.60
C GLY JA 37 -34.99 12.10 73.97
N ASP JA 38 -35.06 13.05 74.90
CA ASP JA 38 -36.30 13.49 75.52
C ASP JA 38 -37.15 14.23 74.50
N PHE JA 39 -38.29 13.64 74.13
CA PHE JA 39 -39.12 14.19 73.08
C PHE JA 39 -40.49 14.65 73.55
N LYS JA 40 -40.83 14.43 74.82
CA LYS JA 40 -42.09 14.87 75.39
C LYS JA 40 -41.80 15.60 76.69
N GLY JA 41 -42.87 16.01 77.38
CA GLY JA 41 -42.70 16.89 78.51
C GLY JA 41 -42.83 16.23 79.87
N HIS JA 42 -42.51 14.94 79.96
CA HIS JA 42 -42.62 14.23 81.24
C HIS JA 42 -41.66 13.05 81.21
N ALA JA 43 -41.84 12.14 82.16
CA ALA JA 43 -41.12 10.88 82.21
C ALA JA 43 -42.14 9.74 82.28
N GLU JA 44 -42.15 8.90 81.25
CA GLU JA 44 -43.17 7.86 81.13
C GLU JA 44 -42.93 6.76 82.14
N GLN JA 45 -44.02 6.25 82.71
CA GLN JA 45 -43.93 5.28 83.80
C GLN JA 45 -43.62 3.86 83.32
N THR JA 46 -43.76 3.57 82.01
CA THR JA 46 -43.42 2.23 81.56
C THR JA 46 -41.91 2.07 81.50
N PRO JA 47 -41.38 0.89 81.84
CA PRO JA 47 -39.94 0.65 81.71
C PRO JA 47 -39.52 0.63 80.25
N LEU JA 48 -38.21 0.71 80.06
CA LEU JA 48 -37.68 0.96 78.73
C LEU JA 48 -37.86 -0.23 77.80
N GLU JA 49 -37.81 -1.45 78.33
CA GLU JA 49 -37.85 -2.64 77.50
C GLU JA 49 -39.21 -2.92 76.89
N GLU JA 50 -40.25 -2.16 77.23
CA GLU JA 50 -41.58 -2.38 76.69
C GLU JA 50 -42.03 -1.31 75.71
N ARG JA 51 -41.52 -0.09 75.83
CA ARG JA 51 -41.91 0.96 74.92
C ARG JA 51 -41.27 0.75 73.57
N ALA JA 52 -41.82 1.42 72.56
CA ALA JA 52 -41.48 1.11 71.18
C ALA JA 52 -40.75 2.26 70.51
N THR JA 53 -40.13 1.95 69.37
CA THR JA 53 -39.50 2.93 68.51
C THR JA 53 -40.37 3.15 67.29
N VAL JA 54 -40.58 4.41 66.92
CA VAL JA 54 -41.43 4.74 65.78
C VAL JA 54 -40.54 5.21 64.64
N THR JA 55 -40.91 4.83 63.42
CA THR JA 55 -40.15 5.16 62.22
C THR JA 55 -40.76 6.40 61.57
N VAL JA 56 -39.92 7.40 61.31
CA VAL JA 56 -40.35 8.70 60.82
C VAL JA 56 -39.69 8.95 59.47
N ASP JA 57 -40.49 9.23 58.45
CA ASP JA 57 -39.91 9.88 57.29
C ASP JA 57 -40.66 11.16 56.98
N LYS JA 58 -40.40 11.76 55.81
CA LYS JA 58 -40.95 13.08 55.50
C LYS JA 58 -42.46 13.03 55.35
N ASN JA 59 -43.01 11.90 54.93
CA ASN JA 59 -44.44 11.83 54.70
C ASN JA 59 -45.24 11.58 55.97
N ASN JA 60 -44.67 10.89 56.96
CA ASN JA 60 -45.43 10.56 58.16
C ASN JA 60 -45.00 11.36 59.38
N PHE JA 61 -44.28 12.46 59.18
CA PHE JA 61 -43.86 13.25 60.33
C PHE JA 61 -45.04 13.98 60.97
N GLU JA 62 -46.06 14.31 60.18
CA GLU JA 62 -47.25 14.95 60.71
C GLU JA 62 -48.13 13.98 61.49
N ALA JA 63 -48.02 12.68 61.23
CA ALA JA 63 -48.78 11.68 61.96
C ALA JA 63 -48.06 11.19 63.21
N VAL JA 64 -46.73 11.22 63.21
CA VAL JA 64 -45.98 10.87 64.42
C VAL JA 64 -46.11 11.98 65.45
N MET JA 65 -46.16 13.23 65.00
CA MET JA 65 -46.32 14.33 65.93
C MET JA 65 -47.72 14.39 66.52
N ARG JA 66 -48.73 13.99 65.75
CA ARG JA 66 -50.10 14.04 66.25
C ARG JA 66 -50.36 12.94 67.28
N GLU JA 67 -49.83 11.75 67.05
CA GLU JA 67 -50.08 10.63 67.94
C GLU JA 67 -49.17 10.61 69.16
N SER JA 68 -48.19 11.50 69.22
CA SER JA 68 -47.38 11.60 70.42
C SER JA 68 -48.16 12.25 71.55
N GLU JA 69 -49.05 13.18 71.21
CA GLU JA 69 -49.78 14.05 72.15
C GLU JA 69 -48.82 14.82 73.06
N LEU JA 70 -48.04 15.69 72.42
CA LEU JA 70 -47.17 16.59 73.15
C LEU JA 70 -48.00 17.64 73.86
N LYS JA 71 -48.33 17.39 75.13
CA LYS JA 71 -49.17 18.29 75.93
C LYS JA 71 -48.28 19.03 76.90
N ILE JA 72 -48.00 20.29 76.61
CA ILE JA 72 -47.11 21.11 77.43
C ILE JA 72 -47.97 21.97 78.34
N THR JA 73 -47.94 21.69 79.64
CA THR JA 73 -48.68 22.44 80.64
C THR JA 73 -47.69 23.09 81.59
N ALA JA 74 -47.63 24.42 81.57
CA ALA JA 74 -46.69 25.15 82.40
C ALA JA 74 -47.32 26.45 82.85
N THR JA 75 -46.75 27.03 83.90
CA THR JA 75 -47.19 28.31 84.42
C THR JA 75 -46.21 29.38 83.98
N VAL JA 76 -46.71 30.34 83.19
CA VAL JA 76 -45.87 31.40 82.64
C VAL JA 76 -46.35 32.73 83.20
N LYS JA 77 -45.58 33.78 82.90
CA LYS JA 77 -45.83 35.10 83.45
C LYS JA 77 -46.99 35.78 82.73
N ASN JA 78 -47.82 36.48 83.51
CA ASN JA 78 -48.98 37.19 82.99
C ASN JA 78 -48.56 38.61 82.64
N LYS JA 79 -48.54 38.92 81.34
CA LYS JA 79 -48.25 40.26 80.87
C LYS JA 79 -49.44 40.87 80.13
N LEU JA 80 -50.66 40.45 80.46
CA LEU JA 80 -51.87 40.97 79.85
C LEU JA 80 -52.54 42.05 80.69
N THR JA 81 -52.00 42.34 81.87
CA THR JA 81 -52.56 43.37 82.74
C THR JA 81 -51.45 44.22 83.34
N ASP JA 82 -51.77 45.09 84.29
CA ASP JA 82 -50.78 45.97 84.91
C ASP JA 82 -50.04 45.31 86.07
N ASP JA 83 -50.20 44.00 86.27
CA ASP JA 83 -49.57 43.29 87.37
C ASP JA 83 -48.26 42.67 86.87
N GLU JA 84 -47.19 42.92 87.61
CA GLU JA 84 -45.90 42.29 87.35
C GLU JA 84 -45.80 40.91 88.01
N ASN JA 85 -46.39 40.76 89.20
CA ASN JA 85 -46.30 39.53 89.97
C ASN JA 85 -47.47 38.59 89.72
N ALA JA 86 -48.07 38.62 88.54
CA ALA JA 86 -49.14 37.71 88.18
C ALA JA 86 -48.63 36.60 87.29
N GLU JA 87 -49.23 35.42 87.42
CA GLU JA 87 -48.87 34.26 86.63
C GLU JA 87 -50.12 33.70 85.96
N LEU JA 88 -49.91 33.00 84.86
CA LEU JA 88 -51.04 32.46 84.11
C LEU JA 88 -50.68 31.14 83.45
N PRO JA 89 -51.18 30.02 83.97
CA PRO JA 89 -50.90 28.72 83.33
C PRO JA 89 -51.62 28.59 81.99
N VAL JA 90 -51.06 27.75 81.13
CA VAL JA 90 -51.57 27.53 79.78
C VAL JA 90 -51.88 26.04 79.59
N GLU JA 91 -52.51 25.73 78.47
CA GLU JA 91 -52.83 24.36 78.09
C GLU JA 91 -52.63 24.21 76.60
N LEU JA 92 -51.68 23.37 76.20
CA LEU JA 92 -51.26 23.27 74.81
C LEU JA 92 -51.49 21.86 74.28
N ASN JA 93 -52.02 21.76 73.07
CA ASN JA 93 -52.23 20.49 72.38
C ASN JA 93 -51.68 20.63 70.98
N PHE JA 94 -50.62 19.88 70.67
CA PHE JA 94 -49.88 20.02 69.43
C PHE JA 94 -50.16 18.82 68.53
N LYS JA 95 -50.61 19.10 67.31
CA LYS JA 95 -50.91 18.04 66.35
C LYS JA 95 -50.21 18.21 65.02
N SER JA 96 -49.65 19.38 64.73
CA SER JA 96 -48.93 19.62 63.48
C SER JA 96 -47.75 20.54 63.77
N LEU JA 97 -46.87 20.67 62.78
CA LEU JA 97 -45.71 21.57 62.91
C LEU JA 97 -46.13 23.04 62.97
N ALA JA 98 -47.30 23.38 62.41
CA ALA JA 98 -47.83 24.73 62.51
C ALA JA 98 -48.41 25.04 63.89
N ASP JA 99 -48.51 24.05 64.78
CA ASP JA 99 -48.97 24.33 66.14
C ASP JA 99 -47.90 24.95 67.01
N PHE JA 100 -46.63 24.96 66.56
CA PHE JA 100 -45.62 25.73 67.26
C PHE JA 100 -45.75 27.22 66.98
N ALA JA 101 -46.40 27.59 65.87
CA ALA JA 101 -46.53 28.97 65.46
C ALA JA 101 -47.49 29.72 66.37
N PRO JA 102 -47.30 31.04 66.56
CA PRO JA 102 -48.19 31.79 67.47
C PRO JA 102 -49.62 31.96 66.99
N ASP JA 103 -49.95 31.56 65.76
CA ASP JA 103 -51.34 31.53 65.36
C ASP JA 103 -52.11 30.42 66.07
N ALA JA 104 -51.48 29.27 66.26
CA ALA JA 104 -52.12 28.14 66.91
C ALA JA 104 -51.79 28.04 68.39
N VAL JA 105 -50.75 28.72 68.87
CA VAL JA 105 -50.51 28.74 70.30
C VAL JA 105 -51.47 29.69 71.00
N ALA JA 106 -51.67 30.88 70.43
CA ALA JA 106 -52.63 31.83 70.98
C ALA JA 106 -54.07 31.36 70.80
N SER JA 107 -54.35 30.53 69.80
CA SER JA 107 -55.68 29.98 69.63
C SER JA 107 -56.02 28.94 70.69
N GLN JA 108 -55.01 28.35 71.32
CA GLN JA 108 -55.23 27.38 72.38
C GLN JA 108 -55.19 28.02 73.76
N VAL JA 109 -54.91 29.31 73.84
CA VAL JA 109 -54.97 30.06 75.10
C VAL JA 109 -56.25 30.88 75.08
N PRO JA 110 -57.21 30.61 75.99
CA PRO JA 110 -58.49 31.35 75.94
C PRO JA 110 -58.36 32.82 76.30
N GLU JA 111 -57.31 33.22 77.01
CA GLU JA 111 -57.08 34.63 77.27
C GLU JA 111 -56.58 35.36 76.03
N LEU JA 112 -56.06 34.63 75.06
CA LEU JA 112 -55.64 35.21 73.79
C LEU JA 112 -56.61 34.95 72.65
N LYS JA 113 -57.63 34.10 72.87
CA LYS JA 113 -58.68 33.95 71.89
C LYS JA 113 -59.55 35.20 71.81
N LYS JA 114 -59.69 35.91 72.92
CA LYS JA 114 -60.46 37.15 72.96
C LYS JA 114 -59.67 38.34 72.47
N LEU JA 115 -58.34 38.23 72.36
CA LEU JA 115 -57.54 39.34 71.86
C LEU JA 115 -57.35 39.28 70.34
N ILE JA 116 -57.28 38.09 69.76
CA ILE JA 116 -57.31 37.99 68.31
C ILE JA 116 -58.70 38.32 67.78
N GLU JA 117 -59.74 37.89 68.51
CA GLU JA 117 -61.11 38.29 68.18
C GLU JA 117 -61.30 39.79 68.35
N LEU JA 118 -60.59 40.40 69.28
CA LEU JA 118 -60.58 41.85 69.39
C LEU JA 118 -59.94 42.48 68.16
N ARG JA 119 -58.84 41.90 67.67
CA ARG JA 119 -58.16 42.46 66.51
C ARG JA 119 -58.96 42.23 65.23
N GLU JA 120 -59.57 41.05 65.10
CA GLU JA 120 -60.41 40.75 63.95
C GLU JA 120 -61.62 41.66 63.89
N ALA JA 121 -62.13 42.09 65.04
CA ALA JA 121 -63.19 43.09 65.09
C ALA JA 121 -62.69 44.48 64.73
N LEU JA 122 -61.39 44.77 64.92
CA LEU JA 122 -60.83 46.06 64.56
C LEU JA 122 -60.38 46.14 63.11
N VAL JA 123 -59.94 45.01 62.53
CA VAL JA 123 -59.64 44.97 61.10
C VAL JA 123 -60.93 45.07 60.29
N ALA JA 124 -62.03 44.51 60.82
CA ALA JA 124 -63.33 44.63 60.17
C ALA JA 124 -63.84 46.06 60.17
N LEU JA 125 -63.44 46.86 61.16
CA LEU JA 125 -63.91 48.24 61.25
C LEU JA 125 -63.23 49.13 60.21
N LYS JA 126 -61.94 48.90 59.95
CA LYS JA 126 -61.10 49.83 59.20
C LYS JA 126 -61.53 49.96 57.74
N GLY JA 127 -62.12 48.91 57.17
CA GLY JA 127 -62.61 48.92 55.82
C GLY JA 127 -63.73 49.93 55.57
N PRO JA 128 -64.89 49.72 56.20
CA PRO JA 128 -65.98 50.70 56.09
C PRO JA 128 -65.83 51.94 56.95
N LEU JA 129 -64.67 52.21 57.55
CA LEU JA 129 -64.53 53.37 58.42
C LEU JA 129 -64.35 54.65 57.62
N GLY JA 130 -63.27 54.75 56.86
CA GLY JA 130 -62.94 55.95 56.11
C GLY JA 130 -63.64 56.10 54.79
N ASN JA 131 -64.53 55.18 54.43
CA ASN JA 131 -65.25 55.28 53.17
C ASN JA 131 -66.51 56.13 53.30
N ILE JA 132 -67.26 55.94 54.37
CA ILE JA 132 -68.47 56.72 54.64
C ILE JA 132 -68.12 57.79 55.65
N PRO JA 133 -68.17 59.08 55.29
CA PRO JA 133 -67.85 60.15 56.24
C PRO JA 133 -68.98 60.52 57.19
N ALA JA 134 -70.06 59.73 57.25
CA ALA JA 134 -71.15 59.97 58.19
C ALA JA 134 -70.96 59.23 59.51
N PHE JA 135 -69.84 58.51 59.68
CA PHE JA 135 -69.58 57.83 60.94
C PHE JA 135 -69.19 58.83 62.03
N ARG JA 136 -68.38 59.84 61.69
CA ARG JA 136 -67.98 60.85 62.66
C ARG JA 136 -69.13 61.79 62.99
N GLU JA 137 -70.16 61.86 62.14
CA GLU JA 137 -71.34 62.66 62.44
C GLU JA 137 -72.12 62.07 63.61
N ARG JA 138 -72.12 60.75 63.74
CA ARG JA 138 -72.81 60.09 64.84
C ARG JA 138 -71.88 59.74 66.00
N LEU JA 139 -70.57 59.96 65.86
CA LEU JA 139 -69.70 59.92 67.03
C LEU JA 139 -69.98 61.11 67.94
N GLN JA 140 -70.32 62.26 67.35
CA GLN JA 140 -70.72 63.42 68.14
C GLN JA 140 -72.12 63.25 68.71
N SER JA 141 -72.96 62.44 68.05
CA SER JA 141 -74.27 62.11 68.62
C SER JA 141 -74.13 61.15 69.79
N LEU JA 142 -73.17 60.21 69.71
CA LEU JA 142 -72.81 59.41 70.86
C LEU JA 142 -72.08 60.23 71.91
N LEU JA 143 -71.41 61.31 71.51
CA LEU JA 143 -70.89 62.28 72.47
C LEU JA 143 -72.03 63.04 73.15
N ASN JA 144 -73.12 63.28 72.43
CA ASN JA 144 -74.29 63.93 73.02
C ASN JA 144 -75.11 62.95 73.84
N SER JA 145 -75.50 61.83 73.23
CA SER JA 145 -76.32 60.82 73.90
C SER JA 145 -75.39 59.88 74.67
N GLU JA 146 -75.07 60.26 75.91
CA GLU JA 146 -74.21 59.46 76.75
C GLU JA 146 -74.96 58.38 77.52
N GLU JA 147 -76.26 58.57 77.76
CA GLU JA 147 -77.03 57.62 78.55
C GLU JA 147 -77.36 56.38 77.73
N SER JA 148 -77.84 56.55 76.51
CA SER JA 148 -78.19 55.41 75.66
C SER JA 148 -76.98 54.69 75.11
N ARG JA 149 -75.81 55.33 75.12
CA ARG JA 149 -74.60 54.67 74.62
C ARG JA 149 -74.10 53.64 75.62
N GLU JA 150 -74.05 54.00 76.90
CA GLU JA 150 -73.55 53.09 77.93
C GLU JA 150 -74.51 51.94 78.21
N LYS JA 151 -75.79 52.09 77.89
CA LYS JA 151 -76.73 50.99 78.03
C LYS JA 151 -76.50 49.93 76.96
N LEU JA 152 -75.95 50.31 75.81
CA LEU JA 152 -75.70 49.39 74.72
C LEU JA 152 -74.30 48.79 74.75
N LEU JA 153 -73.38 49.38 75.50
CA LEU JA 153 -72.03 48.80 75.61
C LEU JA 153 -72.02 47.53 76.43
N ALA JA 154 -72.94 47.42 77.40
CA ALA JA 154 -73.02 46.21 78.22
C ALA JA 154 -73.61 45.04 77.44
N GLU JA 155 -74.38 45.30 76.39
CA GLU JA 155 -74.94 44.24 75.58
C GLU JA 155 -73.88 43.62 74.67
N PRO KA 1 15.38 16.71 7.80
CA PRO KA 1 16.16 17.89 8.15
C PRO KA 1 16.11 18.18 9.64
N THR KA 2 17.15 18.82 10.17
CA THR KA 2 17.15 19.07 11.60
C THR KA 2 16.58 20.43 11.90
N PRO KA 3 15.83 20.57 12.98
CA PRO KA 3 15.24 21.87 13.31
C PRO KA 3 16.28 22.89 13.73
N CYS KA 4 15.99 24.15 13.44
CA CYS KA 4 16.86 25.26 13.72
C CYS KA 4 16.46 25.91 15.04
N TYR KA 5 17.04 27.05 15.36
CA TYR KA 5 16.71 27.75 16.59
C TYR KA 5 16.79 29.25 16.33
N ILE KA 6 15.83 30.00 16.86
CA ILE KA 6 15.76 31.44 16.65
C ILE KA 6 15.67 32.15 17.98
N SER KA 7 16.51 33.16 18.17
CA SER KA 7 16.49 33.99 19.37
C SER KA 7 16.15 35.42 18.95
N ILE KA 8 14.98 35.88 19.34
CA ILE KA 8 14.47 37.20 18.95
C ILE KA 8 14.66 38.16 20.10
N GLU KA 9 15.19 39.33 19.84
CA GLU KA 9 15.27 40.39 20.85
C GLU KA 9 14.58 41.63 20.34
N GLY KA 10 13.58 42.11 21.08
CA GLY KA 10 12.78 43.23 20.64
C GLY KA 10 13.38 44.56 21.04
N GLN KA 11 12.73 45.64 20.56
CA GLN KA 11 13.09 46.97 21.03
C GLN KA 11 12.71 47.17 22.48
N THR KA 12 11.42 47.07 22.77
CA THR KA 12 10.93 47.35 24.10
C THR KA 12 10.66 46.11 24.93
N GLN KA 13 10.46 44.95 24.31
CA GLN KA 13 10.08 43.76 25.04
C GLN KA 13 11.26 42.88 25.39
N GLY KA 14 12.47 43.42 25.33
CA GLY KA 14 13.64 42.69 25.79
C GLY KA 14 13.93 41.50 24.91
N LEU KA 15 14.38 40.42 25.52
CA LEU KA 15 14.57 39.16 24.82
C LEU KA 15 13.22 38.48 24.76
N ILE KA 16 12.64 38.39 23.56
CA ILE KA 16 11.28 37.88 23.42
C ILE KA 16 11.25 36.38 23.68
N THR KA 17 12.19 35.65 23.13
CA THR KA 17 12.14 34.21 23.29
C THR KA 17 12.80 33.73 24.56
N ALA KA 18 12.98 34.56 25.57
CA ALA KA 18 13.61 34.13 26.82
C ALA KA 18 12.62 33.25 27.56
N GLY KA 19 12.83 31.95 27.48
CA GLY KA 19 11.92 31.02 28.08
C GLY KA 19 10.97 30.33 27.14
N ALA KA 20 11.19 30.42 25.83
CA ALA KA 20 10.29 29.80 24.88
C ALA KA 20 10.58 28.34 24.64
N CYS KA 21 11.52 27.76 25.37
CA CYS KA 21 11.72 26.32 25.45
C CYS KA 21 11.91 25.89 26.89
N THR KA 22 10.99 26.30 27.75
CA THR KA 22 10.90 25.75 29.09
C THR KA 22 9.83 24.68 29.12
N ALA KA 23 9.56 24.16 30.31
CA ALA KA 23 8.49 23.20 30.46
C ALA KA 23 7.13 23.86 30.47
N ASP KA 24 7.07 25.17 30.69
CA ASP KA 24 5.79 25.85 30.63
C ASP KA 24 5.37 26.19 29.21
N SER KA 25 6.32 26.39 28.32
CA SER KA 25 5.98 26.77 26.95
C SER KA 25 5.45 25.58 26.17
N ILE KA 26 6.27 24.55 26.01
CA ILE KA 26 5.95 23.49 25.07
C ILE KA 26 5.92 22.12 25.72
N GLY KA 27 5.66 22.06 27.02
CA GLY KA 27 5.48 20.78 27.68
C GLY KA 27 6.76 20.01 27.87
N ASP KA 28 6.82 18.81 27.33
CA ASP KA 28 7.98 17.94 27.50
C ASP KA 28 8.91 17.94 26.31
N SER KA 29 8.65 18.75 25.30
CA SER KA 29 9.52 18.80 24.13
C SER KA 29 10.50 19.96 24.21
N PHE KA 30 10.84 20.41 25.41
CA PHE KA 30 11.81 21.47 25.50
C PHE KA 30 13.20 20.85 25.59
N VAL KA 31 14.20 21.66 25.27
CA VAL KA 31 15.58 21.21 25.19
C VAL KA 31 16.40 22.03 26.17
N GLU KA 32 17.18 21.37 27.00
CA GLU KA 32 18.11 22.08 27.88
C GLU KA 32 19.21 22.73 27.07
N GLY KA 33 19.67 23.88 27.54
CA GLY KA 33 20.67 24.64 26.85
C GLY KA 33 20.14 25.60 25.80
N HIS KA 34 18.92 25.39 25.33
CA HIS KA 34 18.29 26.26 24.36
C HIS KA 34 17.10 26.94 25.00
N GLU KA 35 17.29 27.42 26.23
CA GLU KA 35 16.20 27.98 26.99
C GLU KA 35 15.74 29.33 26.45
N ASP KA 36 16.54 29.98 25.63
CA ASP KA 36 16.19 31.30 25.14
C ASP KA 36 15.85 31.30 23.66
N GLU KA 37 15.64 30.13 23.06
CA GLU KA 37 15.58 30.00 21.62
C GLU KA 37 14.38 29.14 21.25
N MET KA 38 13.51 29.63 20.38
CA MET KA 38 12.39 28.82 19.91
C MET KA 38 12.89 27.68 19.04
N LEU KA 39 12.02 26.73 18.78
CA LEU KA 39 12.35 25.58 17.97
C LEU KA 39 11.66 25.73 16.62
N VAL KA 40 12.45 25.96 15.58
CA VAL KA 40 11.92 26.35 14.27
C VAL KA 40 11.82 25.13 13.38
N GLN KA 41 10.63 24.88 12.86
CA GLN KA 41 10.39 23.67 12.09
C GLN KA 41 10.65 23.86 10.60
N GLN KA 42 9.92 24.77 9.97
CA GLN KA 42 9.96 24.97 8.53
C GLN KA 42 10.57 26.34 8.25
N PHE KA 43 11.09 26.52 7.03
CA PHE KA 43 11.75 27.77 6.71
C PHE KA 43 11.53 28.09 5.23
N ASP KA 44 11.53 29.39 4.91
CA ASP KA 44 11.34 29.87 3.54
C ASP KA 44 11.72 31.33 3.41
N HIS KA 45 12.49 31.70 2.38
CA HIS KA 45 13.04 33.05 2.32
C HIS KA 45 13.51 33.35 0.90
N VAL KA 46 12.99 34.42 0.31
CA VAL KA 46 13.30 34.80 -1.07
C VAL KA 46 13.95 36.17 -1.05
N VAL KA 47 14.94 36.41 -1.91
CA VAL KA 47 15.54 37.73 -2.07
C VAL KA 47 15.60 38.00 -3.56
N THR KA 48 14.69 38.81 -4.07
CA THR KA 48 14.64 39.03 -5.50
C THR KA 48 15.47 40.25 -5.89
N VAL KA 49 15.80 40.32 -7.19
CA VAL KA 49 16.42 41.48 -7.79
C VAL KA 49 15.70 41.75 -9.11
N PRO KA 50 15.10 42.91 -9.30
CA PRO KA 50 14.44 43.19 -10.57
C PRO KA 50 15.41 43.42 -11.70
N THR KA 51 15.45 42.49 -12.65
CA THR KA 51 16.30 42.60 -13.82
C THR KA 51 15.44 42.92 -15.04
N ASP KA 52 15.99 43.70 -15.95
CA ASP KA 52 15.23 44.04 -17.13
C ASP KA 52 15.21 42.89 -18.13
N PRO KA 53 14.22 42.83 -19.01
CA PRO KA 53 14.28 41.88 -20.11
C PRO KA 53 15.31 42.32 -21.13
N GLN KA 54 15.53 41.44 -22.13
CA GLN KA 54 16.43 41.60 -23.29
C GLN KA 54 17.83 42.09 -22.91
N SER KA 55 18.28 41.73 -21.71
CA SER KA 55 19.58 42.11 -21.18
C SER KA 55 19.91 41.12 -20.09
N GLY KA 56 20.88 41.47 -19.26
CA GLY KA 56 21.11 40.69 -18.07
C GLY KA 56 21.32 41.55 -16.85
N GLN KA 57 21.31 42.86 -17.04
CA GLN KA 57 21.74 43.73 -15.96
C GLN KA 57 20.63 43.90 -14.92
N PRO KA 58 20.99 44.05 -13.65
CA PRO KA 58 19.98 44.30 -12.62
C PRO KA 58 19.44 45.72 -12.73
N SER KA 59 18.16 45.82 -13.07
CA SER KA 59 17.50 47.12 -13.23
C SER KA 59 16.83 47.53 -11.92
N GLY KA 60 17.66 47.73 -10.91
CA GLY KA 60 17.13 48.12 -9.62
C GLY KA 60 17.77 47.39 -8.47
N GLN KA 61 17.62 47.91 -7.27
CA GLN KA 61 18.20 47.27 -6.10
C GLN KA 61 17.37 46.06 -5.70
N ARG KA 62 17.93 45.26 -4.81
CA ARG KA 62 17.30 44.03 -4.34
C ARG KA 62 16.02 44.32 -3.57
N VAL KA 63 15.14 43.33 -3.52
CA VAL KA 63 13.86 43.42 -2.84
C VAL KA 63 13.75 42.23 -1.92
N HIS KA 64 13.75 42.45 -0.61
CA HIS KA 64 13.75 41.35 0.34
C HIS KA 64 12.32 40.87 0.59
N LYS KA 65 12.00 39.72 0.05
CA LYS KA 65 10.79 39.02 0.44
C LYS KA 65 11.02 38.42 1.84
N PRO KA 66 9.97 38.19 2.62
CA PRO KA 66 10.19 37.94 4.05
C PRO KA 66 10.64 36.52 4.37
N PHE KA 67 11.32 36.41 5.52
CA PHE KA 67 11.43 35.17 6.30
C PHE KA 67 10.08 34.49 6.46
N LYS KA 68 10.08 33.17 6.57
CA LYS KA 68 8.89 32.44 6.99
C LYS KA 68 9.36 31.26 7.82
N PHE KA 69 9.41 31.41 9.13
CA PHE KA 69 9.81 30.31 10.01
C PHE KA 69 8.62 29.89 10.85
N THR KA 70 8.50 28.60 11.12
CA THR KA 70 7.32 28.03 11.76
C THR KA 70 7.68 27.44 13.12
N VAL KA 71 7.03 27.95 14.17
CA VAL KA 71 7.18 27.39 15.51
C VAL KA 71 5.80 27.00 16.02
N ALA KA 72 5.79 26.22 17.10
CA ALA KA 72 4.53 25.86 17.71
C ALA KA 72 4.05 26.97 18.61
N LEU KA 73 2.85 26.83 19.17
CA LEU KA 73 2.36 27.80 20.14
C LEU KA 73 3.14 27.66 21.44
N ASN KA 74 3.74 28.75 21.88
CA ASN KA 74 4.52 28.74 23.09
C ASN KA 74 4.48 30.11 23.73
N LYS KA 75 5.43 30.36 24.62
CA LYS KA 75 5.42 31.58 25.43
C LYS KA 75 5.66 32.82 24.59
N ALA KA 76 6.51 32.71 23.57
CA ALA KA 76 6.88 33.87 22.79
C ALA KA 76 5.83 34.28 21.76
N VAL KA 77 4.81 33.48 21.51
CA VAL KA 77 3.82 33.82 20.49
C VAL KA 77 2.90 34.97 20.90
N PRO KA 78 2.42 35.11 22.15
CA PRO KA 78 1.76 36.37 22.50
C PRO KA 78 2.69 37.55 22.52
N LEU KA 79 3.99 37.34 22.70
CA LEU KA 79 4.92 38.45 22.61
C LEU KA 79 5.18 38.84 21.17
N LEU KA 80 5.08 37.90 20.23
CA LEU KA 80 5.24 38.24 18.83
C LEU KA 80 3.97 38.80 18.22
N TYR KA 81 2.84 38.73 18.89
CA TYR KA 81 1.66 39.44 18.41
C TYR KA 81 1.55 40.85 18.97
N ASN KA 82 2.57 41.34 19.66
CA ASN KA 82 2.67 42.78 19.89
C ASN KA 82 3.77 43.42 19.09
N ALA KA 83 4.80 42.66 18.73
CA ALA KA 83 5.75 43.16 17.75
C ALA KA 83 5.09 43.31 16.39
N LEU KA 84 4.06 42.50 16.13
CA LEU KA 84 3.32 42.57 14.88
C LEU KA 84 2.35 43.74 14.87
N SER KA 85 1.40 43.74 15.80
CA SER KA 85 0.30 44.67 15.74
C SER KA 85 0.67 46.08 16.16
N SER KA 86 1.89 46.32 16.61
CA SER KA 86 2.31 47.67 16.92
C SER KA 86 3.52 48.09 16.11
N GLY KA 87 4.02 47.24 15.23
CA GLY KA 87 5.13 47.62 14.37
C GLY KA 87 6.44 47.76 15.09
N GLU KA 88 6.63 47.03 16.18
CA GLU KA 88 7.88 47.11 16.92
C GLU KA 88 8.99 46.41 16.19
N LYS KA 89 10.10 47.11 15.99
CA LYS KA 89 11.24 46.46 15.38
C LYS KA 89 11.89 45.52 16.37
N LEU KA 90 12.59 44.53 15.85
CA LEU KA 90 13.27 43.54 16.66
C LEU KA 90 14.75 43.74 16.44
N LYS KA 91 15.51 43.88 17.52
CA LYS KA 91 16.93 44.25 17.39
C LYS KA 91 17.74 43.16 16.73
N THR KA 92 17.41 41.90 16.99
CA THR KA 92 18.14 40.82 16.34
C THR KA 92 17.29 39.57 16.28
N VAL KA 93 17.60 38.74 15.29
CA VAL KA 93 17.00 37.42 15.12
C VAL KA 93 18.13 36.52 14.63
N GLU KA 94 18.55 35.57 15.44
CA GLU KA 94 19.71 34.78 15.08
C GLU KA 94 19.25 33.35 14.83
N LEU KA 95 18.87 33.07 13.59
CA LEU KA 95 18.61 31.71 13.18
C LEU KA 95 19.90 30.92 13.18
N LYS KA 96 19.84 29.65 13.58
CA LYS KA 96 21.02 28.81 13.62
C LYS KA 96 20.67 27.45 13.03
N TRP KA 97 21.24 27.14 11.87
CA TRP KA 97 20.95 25.90 11.18
C TRP KA 97 21.81 24.79 11.77
N TYR KA 98 21.21 23.80 12.38
CA TYR KA 98 22.02 22.71 12.91
C TYR KA 98 22.13 21.61 11.89
N ARG KA 99 23.14 20.76 12.09
CA ARG KA 99 23.25 19.52 11.34
C ARG KA 99 24.08 18.56 12.17
N THR KA 100 23.97 17.29 11.84
CA THR KA 100 24.67 16.24 12.56
C THR KA 100 26.03 16.01 11.91
N SER KA 101 27.09 16.24 12.67
CA SER KA 101 28.44 16.18 12.12
C SER KA 101 28.92 14.73 12.09
N ILE KA 102 30.20 14.54 11.80
CA ILE KA 102 30.75 13.20 11.64
C ILE KA 102 30.96 12.56 13.00
N GLU KA 103 31.46 13.33 13.97
CA GLU KA 103 31.74 12.80 15.30
C GLU KA 103 30.48 12.49 16.08
N GLY KA 104 29.32 12.93 15.63
CA GLY KA 104 28.08 12.60 16.28
C GLY KA 104 27.49 13.71 17.11
N LYS KA 105 27.85 14.95 16.86
CA LYS KA 105 27.39 16.05 17.67
C LYS KA 105 26.73 17.09 16.80
N GLN KA 106 25.67 17.69 17.31
CA GLN KA 106 25.00 18.78 16.63
C GLN KA 106 25.93 19.99 16.56
N GLU KA 107 25.85 20.73 15.47
CA GLU KA 107 26.64 21.95 15.36
C GLU KA 107 25.94 22.88 14.37
N ASN KA 108 26.07 24.18 14.62
CA ASN KA 108 25.53 25.14 13.66
C ASN KA 108 26.54 25.31 12.55
N PHE KA 109 26.15 24.93 11.35
CA PHE KA 109 27.03 25.13 10.23
C PHE KA 109 26.73 26.41 9.48
N PHE KA 110 25.71 27.15 9.89
CA PHE KA 110 25.19 28.24 9.08
C PHE KA 110 24.27 29.06 9.97
N THR KA 111 24.57 30.34 10.15
CA THR KA 111 23.68 31.22 10.91
C THR KA 111 23.32 32.42 10.07
N THR KA 112 22.05 32.80 10.10
CA THR KA 112 21.58 33.98 9.37
C THR KA 112 21.10 34.98 10.39
N LYS KA 113 21.99 35.85 10.85
CA LYS KA 113 21.58 36.88 11.79
C LYS KA 113 20.76 37.95 11.08
N LEU KA 114 20.33 38.95 11.82
CA LEU KA 114 19.33 39.86 11.30
C LEU KA 114 19.36 41.11 12.17
N GLU KA 115 19.37 42.27 11.56
CA GLU KA 115 19.23 43.51 12.32
C GLU KA 115 17.77 43.88 12.34
N ASN KA 116 17.44 45.17 12.55
CA ASN KA 116 16.11 45.69 12.81
C ASN KA 116 15.05 45.14 11.87
N ALA KA 117 14.14 44.35 12.44
CA ALA KA 117 13.32 43.46 11.65
C ALA KA 117 11.91 43.44 12.21
N SER KA 118 11.01 44.18 11.58
CA SER KA 118 9.61 44.10 12.00
C SER KA 118 9.01 42.78 11.56
N ILE KA 119 7.82 42.50 12.05
CA ILE KA 119 7.09 41.30 11.66
C ILE KA 119 6.02 41.69 10.66
N VAL KA 120 6.03 41.06 9.50
CA VAL KA 120 5.02 41.37 8.49
C VAL KA 120 3.70 40.70 8.81
N ASP KA 121 3.69 39.37 8.89
CA ASP KA 121 2.47 38.69 9.27
C ASP KA 121 2.79 37.39 9.99
N ILE KA 122 1.79 36.90 10.71
CA ILE KA 122 1.90 35.68 11.49
C ILE KA 122 0.68 34.83 11.17
N HIS KA 123 0.90 33.62 10.70
CA HIS KA 123 -0.16 32.75 10.19
C HIS KA 123 -0.36 31.58 11.15
N CYS KA 124 -1.17 31.80 12.18
CA CYS KA 124 -1.46 30.75 13.15
C CYS KA 124 -2.54 29.84 12.61
N GLU KA 125 -2.25 28.54 12.52
CA GLU KA 125 -3.24 27.58 12.08
C GLU KA 125 -3.10 26.31 12.88
N MET KA 126 -4.10 25.44 12.76
CA MET KA 126 -4.11 24.15 13.40
C MET KA 126 -4.75 23.20 12.39
N PRO KA 127 -4.13 22.06 12.12
CA PRO KA 127 -4.74 21.12 11.17
C PRO KA 127 -5.99 20.48 11.74
N HIS KA 128 -6.69 19.78 10.86
CA HIS KA 128 -8.02 19.27 11.19
C HIS KA 128 -7.91 18.10 12.15
N CYS KA 129 -8.69 18.14 13.23
CA CYS KA 129 -8.54 17.15 14.29
C CYS KA 129 -9.14 15.80 13.88
N GLN KA 130 -10.11 15.80 12.99
CA GLN KA 130 -10.67 14.55 12.48
C GLN KA 130 -9.70 13.81 11.58
N ASP KA 131 -8.78 14.52 10.95
CA ASP KA 131 -7.95 13.96 9.89
C ASP KA 131 -6.80 13.17 10.50
N PRO KA 132 -6.66 11.88 10.20
CA PRO KA 132 -5.57 11.11 10.79
C PRO KA 132 -4.24 11.27 10.09
N ALA KA 133 -4.20 11.87 8.91
CA ALA KA 133 -2.92 12.09 8.24
C ALA KA 133 -2.13 13.21 8.89
N LYS KA 134 -2.80 14.13 9.57
CA LYS KA 134 -2.15 15.25 10.24
C LYS KA 134 -2.33 15.16 11.75
N SER KA 135 -2.15 13.96 12.29
CA SER KA 135 -2.33 13.75 13.72
C SER KA 135 -1.07 14.07 14.52
N ASP KA 136 0.10 13.95 13.90
CA ASP KA 136 1.34 14.21 14.61
C ASP KA 136 1.61 15.69 14.79
N PHE KA 137 1.00 16.54 13.97
CA PHE KA 137 1.24 17.97 14.08
C PHE KA 137 0.50 18.52 15.29
N THR KA 138 1.00 19.62 15.83
CA THR KA 138 0.32 20.27 16.93
C THR KA 138 -0.30 21.60 16.53
N GLN KA 139 0.53 22.56 16.15
CA GLN KA 139 0.09 23.84 15.63
C GLN KA 139 1.14 24.31 14.64
N ASN KA 140 0.85 25.43 13.99
CA ASN KA 140 1.77 26.02 13.03
C ASN KA 140 1.64 27.53 13.15
N VAL KA 141 2.65 28.18 13.68
CA VAL KA 141 2.66 29.63 13.80
C VAL KA 141 3.82 30.12 12.94
N THR KA 142 3.50 30.56 11.72
CA THR KA 142 4.52 30.95 10.74
C THR KA 142 4.73 32.44 10.84
N VAL KA 143 5.79 32.85 11.50
CA VAL KA 143 6.06 34.26 11.74
C VAL KA 143 6.95 34.79 10.63
N SER KA 144 6.53 35.86 9.98
CA SER KA 144 7.35 36.44 8.93
C SER KA 144 8.19 37.59 9.49
N LEU KA 145 9.20 37.96 8.74
CA LEU KA 145 10.09 39.04 9.17
C LEU KA 145 10.59 39.77 7.93
N SER KA 146 10.12 40.98 7.72
CA SER KA 146 10.91 41.89 6.91
C SER KA 146 12.00 42.45 7.80
N TYR KA 147 13.02 43.03 7.19
CA TYR KA 147 14.26 43.26 7.92
C TYR KA 147 15.11 44.29 7.22
N ARG KA 148 15.85 45.07 8.00
CA ARG KA 148 16.77 46.02 7.41
C ARG KA 148 18.03 45.32 6.93
N LYS KA 149 18.78 44.73 7.85
CA LYS KA 149 20.09 44.17 7.56
C LYS KA 149 20.12 42.70 7.91
N ILE KA 150 20.57 41.89 6.97
CA ILE KA 150 20.69 40.45 7.14
C ILE KA 150 22.13 40.06 6.88
N THR KA 151 22.65 39.13 7.67
CA THR KA 151 24.02 38.66 7.51
C THR KA 151 24.02 37.14 7.55
N TRP KA 152 24.13 36.51 6.39
CA TRP KA 152 24.41 35.10 6.33
C TRP KA 152 25.82 34.83 6.82
N ASP KA 153 26.03 33.65 7.40
CA ASP KA 153 27.33 33.35 7.97
C ASP KA 153 27.47 31.83 8.03
N HIS KA 154 28.30 31.27 7.17
CA HIS KA 154 28.62 29.86 7.27
C HIS KA 154 29.77 29.70 8.25
N VAL KA 155 29.58 28.89 9.28
CA VAL KA 155 30.52 28.81 10.38
C VAL KA 155 31.67 27.87 10.08
N ASN KA 156 31.38 26.67 9.57
CA ASN KA 156 32.42 25.67 9.37
C ASN KA 156 33.34 25.97 8.19
N ALA KA 157 33.02 26.94 7.36
CA ALA KA 157 33.91 27.35 6.29
C ALA KA 157 34.19 28.84 6.32
N GLY KA 158 33.67 29.56 7.30
CA GLY KA 158 34.06 30.93 7.56
C GLY KA 158 33.53 31.98 6.61
N THR KA 159 32.82 31.61 5.54
CA THR KA 159 32.29 32.62 4.64
C THR KA 159 31.17 33.40 5.29
N SER KA 160 30.94 34.61 4.80
CA SER KA 160 29.93 35.46 5.38
C SER KA 160 29.42 36.43 4.34
N GLY KA 161 28.13 36.39 4.08
CA GLY KA 161 27.52 37.37 3.22
C GLY KA 161 26.84 38.43 4.06
N SER KA 162 26.43 39.53 3.46
CA SER KA 162 25.76 40.59 4.20
C SER KA 162 24.98 41.46 3.24
N ASP KA 163 23.81 41.89 3.67
CA ASP KA 163 23.07 42.90 2.96
C ASP KA 163 22.61 43.94 3.97
N ASP KA 164 22.55 45.19 3.54
CA ASP KA 164 22.10 46.23 4.45
C ASP KA 164 21.51 47.36 3.63
N TRP KA 165 20.35 47.84 4.07
CA TRP KA 165 19.85 49.07 3.50
C TRP KA 165 20.59 50.28 4.05
N ARG KA 166 21.10 50.18 5.27
CA ARG KA 166 21.77 51.31 5.90
C ARG KA 166 23.07 51.64 5.21
N LYS KA 167 23.84 50.62 4.83
CA LYS KA 167 25.14 50.81 4.20
C LYS KA 167 25.22 49.97 2.94
N PRO KA 168 24.65 50.43 1.84
CA PRO KA 168 24.86 49.76 0.57
C PRO KA 168 26.29 49.98 0.11
N ILE KA 169 26.72 49.15 -0.84
CA ILE KA 169 28.15 49.03 -1.10
C ILE KA 169 28.58 50.24 -1.92
N GLU KA 170 29.09 51.24 -1.20
CA GLU KA 170 29.47 52.60 -1.61
C GLU KA 170 28.54 53.33 -2.62
N GLY LA 1 62.29 106.74 57.20
CA GLY LA 1 61.07 106.01 56.90
C GLY LA 1 60.31 106.57 55.72
N SER LA 2 61.05 107.07 54.71
CA SER LA 2 60.42 107.63 53.53
C SER LA 2 59.84 106.54 52.63
N LEU LA 3 60.33 105.31 52.71
CA LEU LA 3 59.75 104.22 51.95
C LEU LA 3 58.37 103.84 52.47
N LEU LA 4 58.14 104.02 53.77
CA LEU LA 4 56.80 103.83 54.32
C LEU LA 4 55.87 104.96 53.89
N ASP LA 5 56.43 106.15 53.64
CA ASP LA 5 55.63 107.26 53.17
C ASP LA 5 55.15 107.06 51.73
N GLU LA 6 55.93 106.34 50.92
CA GLU LA 6 55.51 106.05 49.56
C GLU LA 6 54.43 104.99 49.50
N ILE LA 7 54.41 104.08 50.50
CA ILE LA 7 53.35 103.08 50.56
C ILE LA 7 52.06 103.71 51.06
N MET LA 8 52.16 104.59 52.07
CA MET LA 8 50.97 105.25 52.60
C MET LA 8 50.39 106.28 51.63
N ALA LA 9 51.24 106.91 50.80
CA ALA LA 9 50.72 107.77 49.74
C ALA LA 9 50.12 106.95 48.60
N GLN LA 10 50.52 105.69 48.45
CA GLN LA 10 49.93 104.78 47.47
C GLN LA 10 48.63 104.25 48.06
N THR LA 11 47.50 104.85 47.64
CA THR LA 11 46.23 104.59 48.28
C THR LA 11 45.63 103.23 47.95
N ARG LA 12 46.23 102.46 47.04
CA ARG LA 12 45.71 101.14 46.72
C ARG LA 12 46.02 100.12 47.80
N CYS LA 13 47.19 100.23 48.44
CA CYS LA 13 47.60 99.30 49.49
C CYS LA 13 48.25 100.07 50.64
N ALA LA 14 47.61 101.17 51.06
CA ALA LA 14 48.23 102.04 52.06
C ALA LA 14 48.22 101.46 53.49
N PRO LA 15 47.04 101.14 54.13
CA PRO LA 15 47.10 100.94 55.59
C PRO LA 15 47.51 99.54 56.03
N SER LA 16 48.54 98.97 55.37
CA SER LA 16 49.19 97.70 55.75
C SER LA 16 48.19 96.55 55.88
N GLU LA 17 47.52 96.24 54.77
CA GLU LA 17 46.48 95.21 54.76
C GLU LA 17 46.90 93.96 54.00
N GLU LA 18 47.27 94.08 52.73
CA GLU LA 18 47.63 92.93 51.91
C GLU LA 18 48.51 93.39 50.76
N GLY LA 19 49.61 92.68 50.55
CA GLY LA 19 50.51 93.01 49.46
C GLY LA 19 51.44 94.17 49.72
N TYR LA 20 51.60 94.59 50.97
CA TYR LA 20 52.47 95.70 51.29
C TYR LA 20 53.93 95.30 51.44
N ASP LA 21 54.21 94.01 51.66
CA ASP LA 21 55.59 93.54 51.72
C ASP LA 21 56.13 93.19 50.35
N ILE LA 22 55.26 92.84 49.40
CA ILE LA 22 55.70 92.53 48.04
C ILE LA 22 56.01 93.82 47.28
N ALA LA 23 55.12 94.82 47.39
CA ALA LA 23 55.33 96.09 46.71
C ALA LA 23 56.47 96.89 47.32
N LYS LA 24 56.78 96.67 48.60
CA LYS LA 24 57.97 97.28 49.18
C LYS LA 24 59.24 96.70 48.58
N LYS LA 25 59.23 95.41 48.24
CA LYS LA 25 60.34 94.81 47.52
C LYS LA 25 60.40 95.26 46.08
N GLY LA 26 59.29 95.76 45.52
CA GLY LA 26 59.27 96.24 44.16
C GLY LA 26 59.90 97.60 43.97
N VAL LA 27 59.68 98.48 44.95
CA VAL LA 27 60.27 99.82 44.90
C VAL LA 27 61.77 99.74 45.11
N ALA LA 28 62.21 98.97 46.10
CA ALA LA 28 63.64 98.94 46.46
C ALA LA 28 64.48 98.21 45.43
N ALA LA 29 63.88 97.31 44.65
CA ALA LA 29 64.63 96.62 43.62
C ALA LA 29 64.87 97.49 42.39
N PHE LA 30 63.91 98.38 42.08
CA PHE LA 30 64.04 99.22 40.89
C PHE LA 30 65.05 100.34 41.10
N ILE LA 31 65.21 100.81 42.34
CA ILE LA 31 66.15 101.89 42.61
C ILE LA 31 67.60 101.39 42.51
N GLU LA 32 67.83 100.12 42.84
CA GLU LA 32 69.18 99.57 42.80
C GLU LA 32 69.72 99.44 41.38
N ASN LA 33 68.83 99.29 40.40
CA ASN LA 33 69.23 99.25 38.99
C ASN LA 33 69.00 100.56 38.27
N LEU LA 34 68.43 101.56 38.94
CA LEU LA 34 68.13 102.85 38.31
C LEU LA 34 69.38 103.68 38.05
N MET LA 35 70.47 103.42 38.77
CA MET LA 35 71.67 104.25 38.68
C MET LA 35 72.46 104.04 37.38
N GLY LA 36 72.10 103.04 36.58
CA GLY LA 36 72.74 102.89 35.28
C GLY LA 36 72.32 103.96 34.29
N SER LA 37 71.10 104.48 34.44
CA SER LA 37 70.60 105.56 33.58
C SER LA 37 69.56 106.35 34.38
N GLN LA 38 69.94 107.55 34.81
CA GLN LA 38 69.06 108.37 35.63
C GLN LA 38 68.00 109.03 34.76
N HIS LA 39 66.73 108.82 35.12
CA HIS LA 39 65.61 109.42 34.40
C HIS LA 39 64.43 109.50 35.35
N SER LA 40 63.62 110.56 35.19
CA SER LA 40 62.49 110.83 36.08
C SER LA 40 61.22 111.07 35.25
N ALA LA 41 60.55 109.97 34.88
CA ALA LA 41 59.27 110.01 34.18
C ALA LA 41 58.65 108.62 34.27
N GLU LA 42 57.41 108.55 34.79
CA GLU LA 42 56.73 107.26 34.92
C GLU LA 42 56.47 106.51 33.61
N PRO LA 43 56.00 107.12 32.51
CA PRO LA 43 55.78 106.29 31.30
C PRO LA 43 57.06 105.84 30.63
N VAL LA 44 58.16 106.58 30.78
CA VAL LA 44 59.45 106.05 30.36
C VAL LA 44 59.90 104.96 31.34
N ASN LA 45 59.58 105.13 32.62
CA ASN LA 45 59.85 104.08 33.60
C ASN LA 45 58.99 102.84 33.36
N LYS LA 46 57.78 103.01 32.82
CA LYS LA 46 57.01 101.84 32.37
C LYS LA 46 57.69 101.14 31.21
N SER LA 47 58.48 101.87 30.42
CA SER LA 47 59.37 101.22 29.47
C SER LA 47 60.68 100.81 30.12
N LEU LA 48 61.17 101.57 31.11
CA LEU LA 48 62.41 101.19 31.77
C LEU LA 48 62.23 99.99 32.69
N VAL LA 49 61.03 99.75 33.21
CA VAL LA 49 60.75 98.48 33.85
C VAL LA 49 60.80 97.36 32.82
N ASP LA 50 60.20 97.59 31.64
CA ASP LA 50 60.24 96.61 30.57
C ASP LA 50 61.65 96.44 29.99
N GLN LA 51 62.45 97.51 30.01
CA GLN LA 51 63.86 97.36 29.60
C GLN LA 51 64.70 96.69 30.67
N MET LA 52 64.20 96.60 31.91
CA MET LA 52 64.80 95.75 32.92
C MET LA 52 64.18 94.37 32.99
N LEU LA 53 63.19 94.09 32.14
CA LEU LA 53 62.65 92.74 32.00
C LEU LA 53 63.20 92.01 30.79
N VAL LA 54 63.48 92.75 29.71
CA VAL LA 54 64.10 92.13 28.54
C VAL LA 54 65.54 91.73 28.83
N GLU LA 55 66.27 92.60 29.54
CA GLU LA 55 67.63 92.25 29.95
C GLU LA 55 67.62 91.20 31.05
N LEU LA 56 66.53 91.10 31.82
CA LEU LA 56 66.40 90.04 32.81
C LEU LA 56 66.13 88.70 32.14
N ASP LA 57 65.30 88.68 31.10
CA ASP LA 57 65.02 87.44 30.38
C ASP LA 57 66.21 86.96 29.58
N LYS LA 58 67.14 87.86 29.22
CA LYS LA 58 68.40 87.42 28.65
C LYS LA 58 69.27 86.73 29.69
N LYS LA 59 69.10 87.08 30.96
CA LYS LA 59 69.83 86.40 32.03
C LYS LA 59 69.18 85.08 32.43
N ILE LA 60 67.86 84.98 32.35
CA ILE LA 60 67.18 83.79 32.84
C ILE LA 60 67.10 82.72 31.76
N SER LA 61 66.68 83.11 30.55
CA SER LA 61 66.49 82.11 29.49
C SER LA 61 67.82 81.56 28.98
N ALA LA 62 68.91 82.31 29.13
CA ALA LA 62 70.21 81.74 28.84
C ALA LA 62 70.65 80.75 29.88
N GLN LA 63 70.11 80.84 31.10
CA GLN LA 63 70.35 79.83 32.11
C GLN LA 63 69.41 78.64 31.93
N MET LA 64 68.16 78.90 31.56
CA MET LA 64 67.20 77.83 31.32
C MET LA 64 67.35 77.18 29.94
N ASP LA 65 68.28 77.65 29.12
CA ASP LA 65 68.76 76.85 28.00
C ASP LA 65 70.02 76.09 28.37
N GLU LA 66 70.40 76.10 29.63
CA GLU LA 66 71.53 75.33 30.11
C GLU LA 66 71.18 74.39 31.25
N ILE LA 67 70.17 74.71 32.06
CA ILE LA 67 69.63 73.71 32.97
C ILE LA 67 68.85 72.67 32.20
N LEU LA 68 68.14 73.09 31.16
CA LEU LA 68 67.66 72.16 30.16
C LEU LA 68 68.80 71.82 29.20
N HIS LA 69 68.50 71.01 28.18
CA HIS LA 69 69.39 70.70 27.06
C HIS LA 69 70.68 70.01 27.51
N ASN LA 70 70.64 69.33 28.65
CA ASN LA 70 71.78 68.64 29.20
C ASN LA 70 71.68 67.15 28.88
N SER LA 71 72.85 66.50 28.76
CA SER LA 71 72.87 65.11 28.34
C SER LA 71 72.29 64.17 29.39
N GLN LA 72 72.31 64.57 30.66
CA GLN LA 72 71.61 63.80 31.68
C GLN LA 72 70.12 64.15 31.72
N PHE LA 73 69.77 65.41 31.45
CA PHE LA 73 68.38 65.81 31.51
C PHE LA 73 67.61 65.38 30.27
N GLN LA 74 68.13 65.74 29.09
CA GLN LA 74 67.39 65.53 27.84
C GLN LA 74 67.24 64.06 27.49
N ALA LA 75 68.26 63.24 27.78
CA ALA LA 75 68.14 61.81 27.55
C ALA LA 75 67.19 61.15 28.54
N MET LA 76 67.01 61.76 29.71
CA MET LA 76 66.01 61.32 30.67
C MET LA 76 64.72 62.10 30.57
N GLU LA 77 64.62 63.04 29.62
CA GLU LA 77 63.35 63.66 29.32
C GLU LA 77 62.70 63.01 28.10
N SER LA 78 63.49 62.69 27.07
CA SER LA 78 62.97 62.02 25.89
C SER LA 78 62.56 60.60 26.20
N ALA LA 79 63.25 59.93 27.12
CA ALA LA 79 62.89 58.58 27.52
C ALA LA 79 61.67 58.54 28.43
N TRP LA 80 61.18 59.69 28.88
CA TRP LA 80 60.04 59.73 29.78
C TRP LA 80 58.85 60.52 29.23
N ARG LA 81 59.10 61.63 28.53
CA ARG LA 81 57.99 62.30 27.85
C ARG LA 81 57.57 61.52 26.61
N GLY LA 82 58.49 60.79 26.00
CA GLY LA 82 58.13 59.86 24.93
C GLY LA 82 57.26 58.71 25.39
N LEU LA 83 57.34 58.35 26.66
CA LEU LA 83 56.38 57.41 27.21
C LEU LA 83 54.99 58.02 27.28
N LYS LA 84 54.91 59.32 27.60
CA LYS LA 84 53.60 59.99 27.66
C LYS LA 84 52.96 60.06 26.28
N LEU LA 85 53.77 60.16 25.22
CA LEU LA 85 53.24 60.02 23.87
C LEU LA 85 52.76 58.60 23.58
N PHE LA 86 53.28 57.60 24.30
CA PHE LA 86 52.75 56.27 24.15
C PHE LA 86 51.56 56.01 25.06
N VAL LA 87 51.40 56.79 26.13
CA VAL LA 87 50.25 56.62 27.01
C VAL LA 87 49.04 57.40 26.50
N ASP LA 88 49.27 58.60 25.95
CA ASP LA 88 48.16 59.46 25.55
C ASP LA 88 47.46 58.96 24.28
N ARG LA 89 48.20 58.30 23.38
CA ARG LA 89 47.58 57.88 22.12
C ARG LA 89 46.82 56.57 22.26
N THR LA 90 47.35 55.63 23.03
CA THR LA 90 46.76 54.30 23.11
C THR LA 90 45.54 54.31 24.02
N ASP LA 91 44.43 53.79 23.52
CA ASP LA 91 43.16 53.82 24.24
C ASP LA 91 43.16 52.68 25.24
N PHE LA 92 43.37 52.99 26.52
CA PHE LA 92 43.39 51.96 27.55
C PHE LA 92 42.01 51.42 27.88
N ARG LA 93 40.95 52.08 27.43
CA ARG LA 93 39.62 51.50 27.58
C ARG LA 93 39.40 50.34 26.62
N GLU LA 94 40.11 50.31 25.50
CA GLU LA 94 39.94 49.24 24.50
C GLU LA 94 40.92 48.09 24.71
N ASN LA 95 41.00 47.59 25.95
CA ASN LA 95 41.75 46.40 26.35
C ASN LA 95 43.24 46.52 25.99
N ASN LA 96 43.90 47.46 26.64
CA ASN LA 96 45.33 47.67 26.47
C ASN LA 96 45.97 47.94 27.81
N LYS LA 97 47.11 47.31 28.06
CA LYS LA 97 47.92 47.62 29.23
C LYS LA 97 49.37 47.69 28.80
N VAL LA 98 50.19 48.41 29.57
CA VAL LA 98 51.60 48.55 29.24
C VAL LA 98 52.42 48.51 30.52
N GLU LA 99 53.40 47.60 30.55
CA GLU LA 99 54.29 47.49 31.68
C GLU LA 99 55.54 48.33 31.45
N ILE LA 100 56.09 48.84 32.56
CA ILE LA 100 57.23 49.74 32.54
C ILE LA 100 58.35 49.12 33.36
N LEU LA 101 59.47 48.83 32.70
CA LEU LA 101 60.60 48.18 33.34
C LEU LA 101 61.81 49.11 33.31
N HIS LA 102 62.37 49.38 34.49
CA HIS LA 102 63.61 50.15 34.62
C HIS LA 102 64.79 49.21 34.51
N VAL LA 103 65.43 49.19 33.34
CA VAL LA 103 66.76 48.65 33.21
C VAL LA 103 67.64 49.78 32.71
N THR LA 104 68.93 49.51 32.63
CA THR LA 104 69.80 50.27 31.75
C THR LA 104 70.36 49.33 30.70
N LYS LA 105 70.78 49.91 29.57
CA LYS LA 105 71.19 49.12 28.42
C LYS LA 105 72.47 48.36 28.68
N ASP LA 106 73.35 48.90 29.53
CA ASP LA 106 74.54 48.16 29.90
C ASP LA 106 74.26 47.09 30.95
N GLU LA 107 73.20 47.27 31.74
CA GLU LA 107 72.83 46.25 32.72
C GLU LA 107 72.22 45.04 32.04
N LEU LA 108 71.56 45.24 30.90
CA LEU LA 108 70.75 44.18 30.33
C LEU LA 108 71.61 43.09 29.69
N LEU LA 109 72.70 43.48 29.04
CA LEU LA 109 73.62 42.49 28.48
C LEU LA 109 74.34 41.73 29.58
N GLU LA 110 74.65 42.42 30.70
CA GLU LA 110 75.22 41.75 31.87
C GLU LA 110 74.23 40.76 32.47
N ASP LA 111 72.93 41.07 32.40
CA ASP LA 111 71.92 40.15 32.90
C ASP LA 111 71.73 38.93 31.99
N PHE LA 112 72.05 39.06 30.70
CA PHE LA 112 72.13 37.88 29.86
C PHE LA 112 73.45 37.15 30.01
N GLU LA 113 74.50 37.86 30.42
CA GLU LA 113 75.74 37.22 30.84
C GLU LA 113 75.60 36.59 32.23
N PHE LA 114 74.60 37.03 32.99
CA PHE LA 114 74.34 36.52 34.34
C PHE LA 114 73.92 35.06 34.31
N ALA LA 115 72.92 34.73 33.51
CA ALA LA 115 72.43 33.36 33.46
C ALA LA 115 73.18 32.56 32.39
N PRO LA 116 73.39 31.25 32.62
CA PRO LA 116 74.04 30.43 31.59
C PRO LA 116 73.16 30.17 30.39
N GLU LA 117 71.85 30.31 30.52
CA GLU LA 117 70.92 30.10 29.43
C GLU LA 117 69.90 31.23 29.44
N THR LA 118 69.43 31.62 28.25
CA THR LA 118 68.42 32.68 28.11
C THR LA 118 67.12 32.32 28.79
N ALA LA 119 66.84 31.02 28.97
CA ALA LA 119 65.65 30.54 29.67
C ALA LA 119 65.79 30.60 31.19
N GLN LA 120 66.85 31.20 31.72
CA GLN LA 120 66.96 31.44 33.14
C GLN LA 120 67.37 32.88 33.45
N SER LA 121 67.24 33.78 32.48
CA SER LA 121 67.69 35.16 32.64
C SER LA 121 66.73 35.94 33.54
N GLY LA 122 67.10 37.18 33.83
CA GLY LA 122 66.23 38.05 34.59
C GLY LA 122 65.22 38.77 33.73
N LEU LA 123 65.55 39.01 32.47
CA LEU LA 123 64.57 39.59 31.56
C LEU LA 123 63.57 38.53 31.09
N TYR LA 124 64.00 37.27 31.05
CA TYR LA 124 63.09 36.16 30.76
C TYR LA 124 62.03 36.00 31.84
N LYS LA 125 62.33 36.45 33.06
CA LYS LA 125 61.32 36.39 34.11
C LYS LA 125 60.21 37.40 33.88
N HIS LA 126 60.55 38.57 33.35
CA HIS LA 126 59.53 39.61 33.20
C HIS LA 126 58.82 39.56 31.86
N VAL LA 127 59.46 38.98 30.84
CA VAL LA 127 58.80 38.88 29.54
C VAL LA 127 57.96 37.62 29.46
N TYR LA 128 58.52 36.48 29.85
CA TYR LA 128 57.85 35.20 29.70
C TYR LA 128 57.05 34.83 30.94
N SER LA 129 57.73 34.67 32.07
CA SER LA 129 57.13 33.94 33.19
C SER LA 129 56.17 34.81 34.01
N ALA LA 130 56.45 36.09 34.17
CA ALA LA 130 55.52 36.94 34.91
C ALA LA 130 54.31 37.32 34.07
N GLY LA 131 54.41 37.16 32.76
CA GLY LA 131 53.34 37.47 31.84
C GLY LA 131 52.77 36.22 31.22
N TYR LA 132 53.32 35.88 30.05
CA TYR LA 132 52.83 34.80 29.21
C TYR LA 132 52.89 33.44 29.90
N GLY LA 133 54.01 33.11 30.51
CA GLY LA 133 54.12 31.83 31.20
C GLY LA 133 53.56 31.87 32.60
N GLN LA 134 52.26 32.12 32.71
CA GLN LA 134 51.61 32.33 33.99
C GLN LA 134 50.14 31.98 33.85
N PHE LA 135 49.60 31.23 34.80
CA PHE LA 135 48.19 30.90 34.76
C PHE LA 135 47.35 32.13 35.02
N GLY LA 136 46.59 32.56 34.01
CA GLY LA 136 45.74 33.71 34.12
C GLY LA 136 46.40 35.04 33.85
N GLY LA 137 47.72 35.09 33.83
CA GLY LA 137 48.40 36.35 33.60
C GLY LA 137 48.30 36.79 32.14
N GLU LA 138 48.24 38.10 31.96
CA GLU LA 138 48.15 38.64 30.61
C GLU LA 138 49.48 38.52 29.88
N PRO LA 139 49.49 38.05 28.65
CA PRO LA 139 50.75 37.77 27.96
C PRO LA 139 51.26 39.01 27.24
N VAL LA 140 52.52 38.95 26.86
CA VAL LA 140 53.26 40.11 26.36
C VAL LA 140 53.17 40.16 24.84
N GLY LA 141 52.70 41.28 24.31
CA GLY LA 141 52.59 41.45 22.88
C GLY LA 141 53.89 41.84 22.23
N ALA LA 142 54.56 42.86 22.73
CA ALA LA 142 55.82 43.32 22.14
C ALA LA 142 56.67 43.99 23.20
N ILE LA 143 57.96 44.08 22.92
CA ILE LA 143 58.92 44.70 23.82
C ILE LA 143 59.45 45.96 23.16
N ILE LA 144 59.13 47.11 23.73
CA ILE LA 144 59.66 48.39 23.25
C ILE LA 144 61.06 48.54 23.80
N GLY LA 145 62.04 48.61 22.89
CA GLY LA 145 63.40 48.88 23.30
C GLY LA 145 63.73 50.34 23.18
N ASN LA 146 63.95 51.01 24.30
CA ASN LA 146 64.23 52.44 24.33
C ASN LA 146 65.74 52.68 24.23
N TYR LA 147 66.33 52.09 23.20
CA TYR LA 147 67.77 51.94 23.10
C TYR LA 147 68.28 52.64 21.85
N ALA LA 148 69.60 52.72 21.75
CA ALA LA 148 70.28 53.26 20.57
C ALA LA 148 71.36 52.26 20.20
N PHE LA 149 71.07 51.41 19.21
CA PHE LA 149 71.92 50.27 18.91
C PHE LA 149 73.08 50.66 18.01
N THR LA 150 74.25 50.19 18.36
CA THR LA 150 75.47 50.20 17.58
C THR LA 150 75.62 48.86 16.88
N PRO LA 151 76.49 48.75 15.88
CA PRO LA 151 76.76 47.42 15.31
C PRO LA 151 77.88 46.67 15.99
N SER LA 152 78.27 47.11 17.18
CA SER LA 152 79.40 46.50 17.88
C SER LA 152 78.97 45.19 18.53
N THR LA 153 79.95 44.47 19.06
CA THR LA 153 79.77 43.20 19.74
C THR LA 153 78.91 43.28 21.01
N PRO LA 154 79.00 44.31 21.89
CA PRO LA 154 78.03 44.37 22.99
C PRO LA 154 76.61 44.75 22.58
N ASP LA 155 76.32 44.98 21.30
CA ASP LA 155 74.95 45.20 20.84
C ASP LA 155 74.49 44.19 19.82
N MET LA 156 75.38 43.36 19.27
CA MET LA 156 74.94 42.19 18.54
C MET LA 156 74.86 40.95 19.41
N LYS LA 157 75.49 40.98 20.58
CA LYS LA 157 75.29 39.92 21.56
C LYS LA 157 73.98 40.10 22.29
N LEU LA 158 73.54 41.34 22.45
CA LEU LA 158 72.24 41.59 23.08
C LEU LA 158 71.10 41.14 22.17
N LEU LA 159 71.16 41.50 20.89
CA LEU LA 159 70.08 41.15 19.97
C LEU LA 159 70.06 39.66 19.66
N GLN LA 160 71.20 38.97 19.77
CA GLN LA 160 71.17 37.53 19.68
C GLN LA 160 70.45 36.92 20.87
N TYR LA 161 70.55 37.56 22.03
CA TYR LA 161 69.86 37.15 23.23
C TYR LA 161 68.50 37.81 23.38
N MET LA 162 68.09 38.65 22.42
CA MET LA 162 66.71 39.13 22.39
C MET LA 162 65.89 38.47 21.29
N GLY LA 163 66.55 37.97 20.24
CA GLY LA 163 65.86 37.14 19.27
C GLY LA 163 65.50 35.79 19.84
N ALA LA 164 66.36 35.25 20.70
CA ALA LA 164 66.04 33.99 21.37
C ALA LA 164 64.99 34.18 22.46
N LEU LA 165 64.97 35.36 23.09
CA LEU LA 165 63.91 35.65 24.04
C LEU LA 165 62.59 35.91 23.32
N GLY LA 166 62.64 36.57 22.17
CA GLY LA 166 61.44 36.82 21.39
C GLY LA 166 60.86 35.59 20.75
N ALA LA 167 61.66 34.55 20.56
CA ALA LA 167 61.15 33.30 20.02
C ALA LA 167 60.59 32.38 21.09
N MET LA 168 60.78 32.72 22.36
CA MET LA 168 60.20 31.90 23.42
C MET LA 168 58.88 32.45 23.91
N ALA LA 169 58.75 33.76 24.05
CA ALA LA 169 57.53 34.38 24.53
C ALA LA 169 56.64 34.87 23.41
N HIS LA 170 57.04 34.65 22.15
CA HIS LA 170 56.29 35.04 20.94
C HIS LA 170 56.00 36.53 20.91
N ALA LA 171 57.02 37.32 21.18
CA ALA LA 171 56.84 38.76 21.19
C ALA LA 171 58.05 39.41 20.54
N PRO LA 172 57.88 40.16 19.46
CA PRO LA 172 59.04 40.77 18.81
C PRO LA 172 59.55 41.96 19.60
N PHE LA 173 60.87 42.09 19.61
CA PHE LA 173 61.55 43.18 20.32
C PHE LA 173 61.79 44.32 19.35
N ILE LA 174 61.08 45.43 19.54
CA ILE LA 174 61.21 46.59 18.70
C ILE LA 174 62.04 47.66 19.40
N SER LA 175 63.07 48.13 18.70
CA SER LA 175 63.98 49.14 19.20
C SER LA 175 64.46 49.95 18.00
N SER LA 176 65.53 50.71 18.15
CA SER LA 176 66.01 51.53 17.05
C SER LA 176 67.52 51.46 16.94
N VAL LA 177 68.00 51.69 15.73
CA VAL LA 177 69.42 51.84 15.48
C VAL LA 177 69.76 53.32 15.59
N GLY LA 178 71.03 53.60 15.84
CA GLY LA 178 71.48 54.96 16.02
C GLY LA 178 72.06 55.56 14.76
N PRO LA 179 72.49 56.81 14.84
CA PRO LA 179 73.25 57.39 13.72
C PRO LA 179 74.53 56.64 13.45
N GLU LA 180 75.26 56.26 14.50
CA GLU LA 180 76.52 55.55 14.37
C GLU LA 180 76.35 54.14 13.84
N PHE LA 181 75.12 53.63 13.78
CA PHE LA 181 74.89 52.34 13.16
C PHE LA 181 75.17 52.40 11.66
N PHE LA 182 74.75 53.48 11.01
CA PHE LA 182 75.02 53.65 9.60
C PHE LA 182 76.41 54.19 9.33
N GLY LA 183 77.13 54.65 10.37
CA GLY LA 183 78.47 55.16 10.20
C GLY LA 183 78.50 56.59 9.68
N ILE LA 184 77.69 57.45 10.27
CA ILE LA 184 77.64 58.85 9.86
C ILE LA 184 77.90 59.83 10.99
N ASP LA 185 77.73 59.42 12.26
CA ASP LA 185 78.10 60.17 13.48
C ASP LA 185 77.36 61.49 13.68
N SER LA 186 76.42 61.80 12.77
CA SER LA 186 75.59 62.99 12.80
C SER LA 186 74.48 62.71 11.80
N PHE LA 187 73.22 62.84 12.22
CA PHE LA 187 72.20 62.06 11.54
C PHE LA 187 71.67 62.69 10.26
N GLU LA 188 71.68 64.01 10.14
CA GLU LA 188 71.02 64.67 9.02
C GLU LA 188 71.71 64.49 7.67
N GLU LA 189 72.81 63.72 7.61
CA GLU LA 189 73.46 63.39 6.35
C GLU LA 189 73.10 61.99 5.88
N LEU LA 190 71.89 61.52 6.18
CA LEU LA 190 71.47 60.21 5.71
C LEU LA 190 71.03 60.17 4.23
N PRO LA 191 70.27 61.13 3.68
CA PRO LA 191 70.01 61.06 2.23
C PRO LA 191 71.23 61.30 1.36
N ASN LA 192 72.33 61.78 1.91
CA ASN LA 192 73.55 61.92 1.15
C ASN LA 192 74.18 60.57 0.83
N ILE LA 193 73.77 59.51 1.52
CA ILE LA 193 74.26 58.16 1.23
C ILE LA 193 73.73 57.73 -0.13
N LYS LA 194 74.65 57.49 -1.06
CA LYS LA 194 74.29 57.18 -2.43
C LYS LA 194 74.23 55.69 -2.71
N ASP LA 195 74.75 54.85 -1.80
CA ASP LA 195 74.64 53.40 -1.97
C ASP LA 195 74.67 52.81 -0.56
N LEU LA 196 73.50 52.44 -0.06
CA LEU LA 196 73.38 51.88 1.28
C LEU LA 196 73.43 50.36 1.27
N LYS LA 197 73.30 49.73 0.10
CA LYS LA 197 73.45 48.29 0.00
C LYS LA 197 74.90 47.87 0.21
N SER LA 198 75.84 48.64 -0.32
CA SER LA 198 77.25 48.29 -0.15
C SER LA 198 77.77 48.62 1.24
N THR LA 199 77.08 49.51 1.97
CA THR LA 199 77.50 49.83 3.33
C THR LA 199 77.30 48.63 4.26
N PHE LA 200 76.22 47.88 4.03
CA PHE LA 200 75.90 46.75 4.90
C PHE LA 200 76.69 45.50 4.56
N GLU LA 201 77.41 45.48 3.44
CA GLU LA 201 78.27 44.36 3.06
C GLU LA 201 79.73 44.64 3.37
N SER LA 202 80.01 45.35 4.49
CA SER LA 202 81.27 45.72 5.10
C SER LA 202 81.65 44.72 6.19
N PRO LA 203 82.95 44.49 6.41
CA PRO LA 203 83.36 43.54 7.46
C PRO LA 203 83.15 44.05 8.88
N LYS LA 204 82.73 45.30 9.07
CA LYS LA 204 82.33 45.73 10.40
C LYS LA 204 81.01 45.08 10.82
N TYR LA 205 80.20 44.67 9.85
CA TYR LA 205 78.86 44.13 10.08
C TYR LA 205 78.83 42.61 9.94
N THR LA 206 79.87 41.91 10.36
CA THR LA 206 79.83 40.45 10.29
C THR LA 206 78.92 39.89 11.38
N LYS LA 207 78.82 40.58 12.51
CA LYS LA 207 77.88 40.21 13.55
C LYS LA 207 76.48 40.77 13.30
N TRP LA 208 76.28 41.48 12.19
CA TRP LA 208 74.96 41.91 11.74
C TRP LA 208 74.41 40.97 10.67
N ARG LA 209 75.21 40.66 9.65
CA ARG LA 209 74.77 39.78 8.58
C ARG LA 209 74.67 38.33 9.03
N SER LA 210 75.29 37.98 10.16
CA SER LA 210 75.05 36.68 10.76
C SER LA 210 73.85 36.70 11.69
N LEU LA 211 73.49 37.86 12.23
CA LEU LA 211 72.26 37.98 12.99
C LEU LA 211 71.05 37.87 12.07
N ARG LA 212 71.14 38.45 10.86
CA ARG LA 212 70.01 38.47 9.94
C ARG LA 212 69.68 37.08 9.41
N GLU LA 213 70.71 36.26 9.18
CA GLU LA 213 70.47 34.91 8.66
C GLU LA 213 69.89 33.97 9.71
N SER LA 214 69.95 34.34 10.99
CA SER LA 214 69.55 33.45 12.06
C SER LA 214 68.03 33.27 12.08
N GLU LA 215 67.59 32.16 12.68
CA GLU LA 215 66.19 31.79 12.65
C GLU LA 215 65.38 32.62 13.64
N ASP LA 216 65.91 32.86 14.83
CA ASP LA 216 65.19 33.62 15.83
C ASP LA 216 65.24 35.12 15.63
N ALA LA 217 65.83 35.61 14.54
CA ALA LA 217 65.83 37.03 14.23
C ALA LA 217 64.48 37.51 13.73
N ARG LA 218 63.54 36.59 13.52
CA ARG LA 218 62.20 36.90 13.07
C ARG LA 218 61.45 37.79 14.05
N TYR LA 219 61.82 37.72 15.32
CA TYR LA 219 61.18 38.47 16.39
C TYR LA 219 62.00 39.69 16.77
N LEU LA 220 62.62 40.35 15.78
CA LEU LA 220 63.42 41.53 16.03
C LEU LA 220 63.18 42.53 14.90
N GLY LA 221 62.48 43.61 15.21
CA GLY LA 221 62.36 44.75 14.31
C GLY LA 221 63.14 45.91 14.89
N LEU LA 222 63.85 46.63 14.02
CA LEU LA 222 64.61 47.80 14.45
C LEU LA 222 64.11 49.01 13.66
N THR LA 223 63.70 50.04 14.37
CA THR LA 223 62.82 51.06 13.83
C THR LA 223 63.61 52.22 13.22
N ALA LA 224 62.91 53.32 13.04
CA ALA LA 224 63.06 54.55 12.26
C ALA LA 224 64.24 55.42 12.67
N PRO LA 225 64.47 56.56 12.00
CA PRO LA 225 65.44 57.54 12.52
C PRO LA 225 65.26 58.00 13.96
N ARG LA 226 64.28 58.86 14.22
CA ARG LA 226 63.92 59.49 15.49
C ARG LA 226 62.72 60.38 15.20
N PHE LA 227 62.12 60.92 16.24
CA PHE LA 227 61.00 61.84 16.02
C PHE LA 227 60.96 62.86 17.14
N LEU LA 228 60.32 63.98 16.86
CA LEU LA 228 60.28 65.12 17.76
C LEU LA 228 59.20 64.95 18.81
N LEU LA 229 59.47 65.45 20.02
CA LEU LA 229 58.54 65.34 21.14
C LEU LA 229 58.01 66.68 21.61
N ARG LA 230 58.88 67.66 21.84
CA ARG LA 230 58.49 68.91 22.48
C ARG LA 230 58.74 70.07 21.54
N VAL LA 231 57.70 70.83 21.26
CA VAL LA 231 57.86 72.13 20.60
C VAL LA 231 58.59 73.07 21.56
N PRO LA 232 59.66 73.74 21.14
CA PRO LA 232 60.30 74.73 22.00
C PRO LA 232 59.37 75.90 22.28
N TYR LA 233 59.40 76.38 23.53
CA TYR LA 233 58.39 77.28 24.04
C TYR LA 233 58.54 78.68 23.45
N ASP LA 234 57.49 79.48 23.62
CA ASP LA 234 57.40 80.78 22.99
C ASP LA 234 56.45 81.63 23.80
N PRO LA 235 56.73 82.92 23.99
CA PRO LA 235 55.81 83.76 24.79
C PRO LA 235 54.48 84.07 24.13
N ILE LA 236 54.27 83.67 22.87
CA ILE LA 236 53.00 83.87 22.18
C ILE LA 236 52.31 82.54 21.88
N GLU LA 237 53.06 81.57 21.35
CA GLU LA 237 52.45 80.32 20.92
C GLU LA 237 52.16 79.39 22.09
N ASN LA 238 53.20 78.96 22.81
CA ASN LA 238 53.08 78.04 23.94
C ASN LA 238 53.71 78.71 25.15
N PRO LA 239 52.98 79.57 25.84
CA PRO LA 239 53.57 80.36 26.94
C PRO LA 239 53.70 79.53 28.21
N VAL LA 240 54.40 80.12 29.17
CA VAL LA 240 54.52 79.56 30.51
C VAL LA 240 53.93 80.55 31.50
N LYS LA 241 53.57 80.04 32.68
CA LYS LA 241 52.80 80.81 33.65
C LYS LA 241 53.69 81.84 34.33
N SER LA 242 53.28 83.12 34.23
CA SER LA 242 53.93 84.27 34.87
C SER LA 242 55.38 84.45 34.44
N PHE LA 243 55.68 84.08 33.20
CA PHE LA 243 57.03 84.18 32.65
C PHE LA 243 56.94 84.14 31.13
N ASN LA 244 57.91 84.75 30.47
CA ASN LA 244 58.04 84.72 29.02
C ASN LA 244 59.32 83.98 28.68
N TYR LA 245 59.18 82.80 28.07
CA TYR LA 245 60.31 81.90 27.84
C TYR LA 245 60.43 81.63 26.34
N ALA LA 246 61.47 82.22 25.73
CA ALA LA 246 61.80 81.95 24.32
C ALA LA 246 63.01 81.02 24.33
N GLU LA 247 62.79 79.75 24.02
CA GLU LA 247 63.83 78.74 24.04
C GLU LA 247 64.70 78.91 22.80
N ASN LA 248 65.87 79.50 22.98
CA ASN LA 248 66.77 79.78 21.86
C ASN LA 248 67.42 78.50 21.39
N VAL LA 249 66.85 77.88 20.37
CA VAL LA 249 67.38 76.65 19.80
C VAL LA 249 68.45 77.03 18.77
N SER LA 250 69.67 76.53 18.98
CA SER LA 250 70.81 76.89 18.15
C SER LA 250 70.79 76.07 16.87
N ALA LA 251 71.89 76.14 16.11
CA ALA LA 251 72.00 75.39 14.87
C ALA LA 251 72.21 73.90 15.12
N SER LA 252 72.64 73.52 16.32
CA SER LA 252 72.70 72.11 16.69
C SER LA 252 71.29 71.58 16.90
N HIS LA 253 70.90 70.60 16.08
CA HIS LA 253 69.58 70.00 16.20
C HIS LA 253 69.54 68.86 17.22
N GLU LA 254 70.57 68.74 18.06
CA GLU LA 254 70.52 67.82 19.18
C GLU LA 254 69.81 68.40 20.39
N HIS LA 255 69.52 69.70 20.38
CA HIS LA 255 68.86 70.34 21.52
C HIS LA 255 67.36 70.15 21.50
N TYR LA 256 66.77 69.86 20.34
CA TYR LA 256 65.38 69.43 20.29
C TYR LA 256 65.22 68.12 21.04
N LEU LA 257 64.07 67.96 21.69
CA LEU LA 257 63.80 66.76 22.47
C LEU LA 257 63.45 65.63 21.50
N TRP LA 258 64.48 64.97 20.99
CA TRP LA 258 64.25 63.89 20.04
C TRP LA 258 63.98 62.59 20.78
N GLY LA 259 62.82 62.00 20.53
CA GLY LA 259 62.43 60.77 21.17
C GLY LA 259 62.98 59.54 20.45
N ASN LA 260 62.55 58.38 20.94
CA ASN LA 260 62.91 57.10 20.34
C ASN LA 260 61.69 56.52 19.64
N THR LA 261 61.85 56.07 18.40
CA THR LA 261 60.70 55.74 17.57
C THR LA 261 60.13 54.36 17.87
N ALA LA 262 60.76 53.59 18.77
CA ALA LA 262 60.13 52.39 19.28
C ALA LA 262 58.87 52.72 20.07
N PHE LA 263 58.82 53.92 20.66
CA PHE LA 263 57.56 54.46 21.16
C PHE LA 263 56.55 54.64 20.04
N ALA LA 264 56.97 55.30 18.96
CA ALA LA 264 56.02 55.69 17.92
C ALA LA 264 55.60 54.54 17.02
N PHE LA 265 56.44 53.50 16.89
CA PHE LA 265 56.02 52.34 16.11
C PHE LA 265 55.09 51.45 16.91
N ALA LA 266 55.27 51.37 18.22
CA ALA LA 266 54.34 50.65 19.06
C ALA LA 266 53.05 51.42 19.29
N THR LA 267 53.01 52.70 18.92
CA THR LA 267 51.73 53.40 18.88
C THR LA 267 50.83 52.80 17.81
N ARG LA 268 51.42 52.37 16.70
CA ARG LA 268 50.64 51.77 15.63
C ARG LA 268 50.35 50.30 15.85
N LEU LA 269 51.12 49.62 16.69
CA LEU LA 269 50.73 48.27 17.13
C LEU LA 269 49.49 48.32 18.00
N THR LA 270 49.33 49.38 18.77
CA THR LA 270 48.26 49.42 19.74
C THR LA 270 47.03 50.13 19.18
N ASP LA 271 47.22 51.17 18.37
CA ASP LA 271 46.08 51.80 17.72
C ASP LA 271 45.49 50.95 16.61
N SER LA 272 46.21 49.92 16.15
CA SER LA 272 45.58 48.91 15.33
C SER LA 272 44.83 47.90 16.19
N PHE LA 273 45.30 47.63 17.40
CA PHE LA 273 44.60 46.69 18.25
C PHE LA 273 43.36 47.30 18.88
N ALA LA 274 43.35 48.61 19.09
CA ALA LA 274 42.19 49.24 19.71
C ALA LA 274 41.02 49.38 18.76
N LYS LA 275 41.23 49.12 17.47
CA LYS LA 275 40.19 49.25 16.47
C LYS LA 275 39.68 47.90 15.97
N TYR LA 276 40.58 46.95 15.69
CA TYR LA 276 40.20 45.70 15.08
C TYR LA 276 40.49 44.48 15.95
N ARG LA 277 41.10 44.66 17.13
CA ARG LA 277 41.51 43.61 18.06
C ARG LA 277 42.48 42.62 17.42
N TRP LA 278 43.26 43.09 16.45
CA TRP LA 278 44.39 42.36 15.89
C TRP LA 278 45.44 43.40 15.55
N CYS LA 279 46.55 42.93 14.99
CA CYS LA 279 47.58 43.83 14.49
C CYS LA 279 48.32 43.28 13.27
N PRO LA 280 47.69 43.29 12.09
CA PRO LA 280 48.50 43.35 10.88
C PRO LA 280 48.56 44.75 10.29
N ASN LA 281 47.77 45.67 10.84
CA ASN LA 281 47.54 46.97 10.22
C ASN LA 281 48.53 47.99 10.78
N ILE LA 282 49.76 47.93 10.28
CA ILE LA 282 50.81 48.84 10.73
C ILE LA 282 51.61 49.47 9.59
N ILE LA 283 51.24 49.22 8.34
CA ILE LA 283 52.09 49.68 7.24
C ILE LA 283 51.35 50.59 6.27
N GLY LA 284 50.33 51.31 6.73
CA GLY LA 284 49.55 52.13 5.83
C GLY LA 284 49.49 53.61 6.16
N PRO LA 285 49.85 54.46 5.19
CA PRO LA 285 49.63 55.90 5.37
C PRO LA 285 48.17 56.28 5.43
N GLN LA 286 47.29 55.46 4.87
CA GLN LA 286 45.85 55.59 5.10
C GLN LA 286 45.26 54.30 5.65
N SER LA 287 46.11 53.42 6.19
CA SER LA 287 45.62 52.11 6.63
C SER LA 287 46.28 51.67 7.92
N GLY LA 288 46.70 52.60 8.76
CA GLY LA 288 47.15 52.29 10.09
C GLY LA 288 48.64 52.28 10.34
N GLY LA 289 49.43 52.95 9.51
CA GLY LA 289 50.84 53.09 9.80
C GLY LA 289 51.23 54.55 9.77
N ALA LA 290 50.26 55.42 9.98
CA ALA LA 290 50.44 56.86 9.87
C ALA LA 290 50.59 57.45 11.26
N VAL LA 291 51.82 57.79 11.64
CA VAL LA 291 52.08 58.48 12.91
C VAL LA 291 51.64 59.93 12.72
N GLU LA 292 50.47 60.27 13.21
CA GLU LA 292 49.92 61.61 13.05
C GLU LA 292 50.23 62.46 14.28
N ASP LA 293 49.94 63.75 14.15
CA ASP LA 293 50.04 64.77 15.21
C ASP LA 293 51.48 64.86 15.73
N LEU LA 294 52.41 65.01 14.81
CA LEU LA 294 53.79 65.24 15.22
C LEU LA 294 53.98 66.70 15.61
N PRO LA 295 54.92 66.99 16.49
CA PRO LA 295 55.27 68.38 16.77
C PRO LA 295 56.01 69.02 15.61
N VAL LA 296 55.65 70.26 15.30
CA VAL LA 296 56.34 71.04 14.28
C VAL LA 296 56.84 72.33 14.91
N HIS LA 297 57.90 72.88 14.31
CA HIS LA 297 58.52 74.09 14.81
C HIS LA 297 58.84 74.98 13.61
N VAL LA 298 57.96 75.93 13.34
CA VAL LA 298 58.14 76.85 12.22
C VAL LA 298 59.16 77.90 12.64
N PHE LA 299 60.31 77.90 12.01
CA PHE LA 299 61.35 78.89 12.28
C PHE LA 299 61.75 79.56 10.98
N GLU LA 300 62.57 80.60 11.11
CA GLU LA 300 63.03 81.37 9.96
C GLU LA 300 64.30 80.76 9.39
N SER LA 301 64.26 80.38 8.12
CA SER LA 301 65.42 79.88 7.41
C SER LA 301 66.18 81.05 6.80
N MET LA 302 67.08 80.77 5.86
CA MET LA 302 67.83 81.80 5.16
C MET LA 302 66.93 82.50 4.15
N GLY LA 303 66.06 83.35 4.68
CA GLY LA 303 65.12 84.13 3.87
C GLY LA 303 63.69 83.67 3.94
N ALA LA 304 63.47 82.36 3.89
CA ALA LA 304 62.14 81.80 3.81
C ALA LA 304 61.62 81.40 5.19
N LEU LA 305 60.37 80.98 5.23
CA LEU LA 305 59.71 80.50 6.44
C LEU LA 305 59.44 79.01 6.25
N GLN LA 306 60.29 78.18 6.86
CA GLN LA 306 60.16 76.74 6.73
C GLN LA 306 59.80 76.14 8.09
N SER LA 307 59.64 74.82 8.09
CA SER LA 307 59.32 74.08 9.31
C SER LA 307 60.43 73.07 9.58
N LYS LA 308 60.75 72.89 10.87
CA LYS LA 308 61.67 71.84 11.26
C LYS LA 308 61.03 70.48 11.04
N ILE LA 309 61.77 69.59 10.37
CA ILE LA 309 61.22 68.28 10.03
C ILE LA 309 61.11 67.43 11.29
N PRO LA 310 59.92 66.87 11.57
CA PRO LA 310 59.75 66.14 12.84
C PRO LA 310 60.50 64.83 12.92
N THR LA 311 60.84 64.21 11.80
CA THR LA 311 61.88 63.20 11.78
C THR LA 311 63.12 63.85 11.19
N GLU LA 312 64.30 63.42 11.65
CA GLU LA 312 65.50 64.21 11.43
C GLU LA 312 66.00 64.18 10.00
N VAL LA 313 65.53 63.24 9.19
CA VAL LA 313 65.84 63.24 7.76
C VAL LA 313 64.53 63.08 6.99
N LEU LA 314 64.55 63.50 5.75
CA LEU LA 314 63.46 63.24 4.81
C LEU LA 314 63.83 61.98 4.04
N ILE LA 315 63.24 60.87 4.44
CA ILE LA 315 63.52 59.60 3.81
C ILE LA 315 62.80 59.55 2.46
N THR LA 316 63.56 59.37 1.39
CA THR LA 316 62.97 59.26 0.08
C THR LA 316 62.33 57.88 -0.09
N ASP LA 317 61.68 57.68 -1.24
CA ASP LA 317 61.04 56.40 -1.47
C ASP LA 317 62.05 55.32 -1.85
N ARG LA 318 63.14 55.69 -2.52
CA ARG LA 318 64.17 54.73 -2.85
C ARG LA 318 65.01 54.38 -1.63
N LYS LA 319 65.27 55.36 -0.77
CA LYS LA 319 65.99 55.09 0.47
C LYS LA 319 65.18 54.21 1.40
N GLU LA 320 63.86 54.38 1.41
CA GLU LA 320 63.03 53.57 2.29
C GLU LA 320 62.90 52.15 1.74
N PHE LA 321 62.83 52.00 0.42
CA PHE LA 321 62.80 50.67 -0.15
C PHE LA 321 64.13 49.95 0.02
N GLU LA 322 65.24 50.70 0.05
CA GLU LA 322 66.51 50.06 0.30
C GLU LA 322 66.67 49.71 1.77
N LEU LA 323 66.04 50.47 2.66
CA LEU LA 323 65.96 50.07 4.06
C LEU LA 323 64.98 48.92 4.26
N ALA LA 324 63.98 48.79 3.40
CA ALA LA 324 63.01 47.71 3.55
C ALA LA 324 63.62 46.38 3.17
N GLU LA 325 64.48 46.37 2.16
CA GLU LA 325 65.15 45.13 1.76
C GLU LA 325 66.21 44.73 2.78
N GLU LA 326 66.81 45.70 3.46
CA GLU LA 326 67.86 45.44 4.43
C GLU LA 326 67.34 45.35 5.87
N GLY LA 327 66.04 45.20 6.05
CA GLY LA 327 65.49 44.91 7.35
C GLY LA 327 65.42 46.09 8.29
N PHE LA 328 64.65 47.12 7.93
CA PHE LA 328 64.48 48.29 8.77
C PHE LA 328 63.05 48.80 8.63
N ILE LA 329 62.51 49.30 9.73
CA ILE LA 329 61.17 49.88 9.73
C ILE LA 329 61.37 51.39 9.70
N ALA LA 330 61.42 51.95 8.50
CA ALA LA 330 61.69 53.37 8.35
C ALA LA 330 60.41 54.18 8.40
N LEU LA 331 60.53 55.45 8.77
CA LEU LA 331 59.40 56.37 8.91
C LEU LA 331 59.62 57.55 7.97
N THR LA 332 59.02 57.50 6.80
CA THR LA 332 59.03 58.66 5.92
C THR LA 332 58.08 59.72 6.46
N MET LA 333 58.47 60.98 6.32
CA MET LA 333 57.72 62.08 6.89
C MET LA 333 57.00 62.80 5.76
N ARG LA 334 55.75 63.17 6.00
CA ARG LA 334 54.94 63.88 5.00
C ARG LA 334 55.45 65.31 4.92
N LYS LA 335 56.29 65.59 3.92
CA LYS LA 335 57.06 66.82 3.84
C LYS LA 335 56.16 68.04 3.72
N GLY LA 336 56.13 68.85 4.78
CA GLY LA 336 55.32 70.04 4.80
C GLY LA 336 54.17 70.01 5.79
N SER LA 337 54.07 68.97 6.59
CA SER LA 337 52.98 68.88 7.55
C SER LA 337 53.46 68.14 8.78
N ASP LA 338 52.53 67.74 9.64
CA ASP LA 338 52.83 67.11 10.91
C ASP LA 338 52.44 65.63 10.91
N ASN LA 339 52.62 64.96 9.78
CA ASN LA 339 52.28 63.56 9.66
C ASN LA 339 53.49 62.78 9.17
N ALA LA 340 53.41 61.47 9.33
CA ALA LA 340 54.45 60.57 8.85
C ALA LA 340 53.77 59.25 8.49
N ALA LA 341 54.57 58.29 8.05
CA ALA LA 341 53.98 57.03 7.61
C ALA LA 341 55.03 55.94 7.64
N PHE LA 342 54.61 54.74 8.03
CA PHE LA 342 55.37 53.53 7.78
C PHE LA 342 54.88 52.91 6.49
N PHE LA 343 55.75 52.18 5.83
CA PHE LA 343 55.38 51.52 4.59
C PHE LA 343 55.64 50.02 4.58
N SER LA 344 56.56 49.54 5.40
CA SER LA 344 56.90 48.12 5.42
C SER LA 344 57.53 47.83 6.77
N ALA LA 345 56.96 46.88 7.51
CA ALA LA 345 57.41 46.58 8.86
C ALA LA 345 58.32 45.38 8.90
N ASN LA 346 59.17 45.20 7.89
CA ASN LA 346 59.99 44.01 7.76
C ASN LA 346 60.97 43.85 8.90
N SER LA 347 61.00 42.66 9.49
CA SER LA 347 61.98 42.34 10.51
C SER LA 347 63.33 42.13 9.86
N ILE LA 348 64.36 41.98 10.70
CA ILE LA 348 65.73 41.93 10.20
C ILE LA 348 66.08 40.62 9.54
N GLN LA 349 65.17 39.65 9.49
CA GLN LA 349 65.51 38.34 8.95
C GLN LA 349 65.61 38.41 7.44
N LYS LA 350 66.52 37.64 6.87
CA LYS LA 350 66.67 37.68 5.42
C LYS LA 350 65.91 36.55 4.77
N PRO LA 351 65.25 36.82 3.65
CA PRO LA 351 64.58 35.74 2.90
C PRO LA 351 65.60 34.81 2.28
N LYS LA 352 65.68 33.58 2.79
CA LYS LA 352 66.72 32.67 2.37
C LYS LA 352 66.42 32.14 0.97
N VAL LA 353 67.41 32.21 0.09
CA VAL LA 353 67.23 31.74 -1.28
C VAL LA 353 67.25 30.22 -1.29
N PHE LA 354 66.19 29.65 -1.69
CA PHE LA 354 65.98 28.22 -1.82
C PHE LA 354 66.21 27.79 -3.26
N PRO LA 355 66.63 26.54 -3.51
CA PRO LA 355 66.95 26.14 -4.88
C PRO LA 355 65.71 26.04 -5.76
N ASN LA 356 65.96 26.05 -7.07
CA ASN LA 356 64.90 26.22 -8.05
C ASN LA 356 64.15 24.92 -8.36
N THR LA 357 63.65 24.25 -7.33
CA THR LA 357 62.78 23.11 -7.52
C THR LA 357 61.33 23.57 -7.51
N LYS LA 358 60.40 22.61 -7.51
CA LYS LA 358 59.00 22.96 -7.36
C LYS LA 358 58.70 23.36 -5.93
N GLU LA 359 59.22 22.62 -4.95
CA GLU LA 359 59.04 22.97 -3.56
C GLU LA 359 59.94 24.11 -3.13
N GLY LA 360 61.10 24.27 -3.74
CA GLY LA 360 62.01 25.33 -3.35
C GLY LA 360 61.52 26.70 -3.78
N LYS LA 361 60.96 26.79 -4.99
CA LYS LA 361 60.34 28.03 -5.41
C LYS LA 361 59.07 28.31 -4.63
N GLU LA 362 58.44 27.27 -4.09
CA GLU LA 362 57.28 27.48 -3.24
C GLU LA 362 57.68 27.89 -1.83
N ALA LA 363 58.59 27.14 -1.21
CA ALA LA 363 58.97 27.43 0.18
C ALA LA 363 59.73 28.72 0.34
N GLU LA 364 60.32 29.25 -0.74
CA GLU LA 364 60.92 30.57 -0.68
C GLU LA 364 59.86 31.64 -0.46
N THR LA 365 58.71 31.50 -1.12
CA THR LA 365 57.61 32.42 -0.88
C THR LA 365 56.95 32.13 0.46
N ASN LA 366 57.07 30.90 0.94
CA ASN LA 366 56.55 30.58 2.26
C ASN LA 366 57.41 31.16 3.36
N TYR LA 367 58.73 31.04 3.22
CA TYR LA 367 59.64 31.59 4.21
C TYR LA 367 59.69 33.11 4.16
N LYS LA 368 59.32 33.71 3.03
CA LYS LA 368 59.29 35.16 2.91
C LYS LA 368 58.19 35.76 3.78
N LEU LA 369 57.08 35.03 3.94
CA LEU LA 369 55.99 35.55 4.75
C LEU LA 369 56.31 35.56 6.23
N GLY LA 370 57.29 34.77 6.67
CA GLY LA 370 57.65 34.78 8.07
C GLY LA 370 58.37 36.05 8.48
N THR LA 371 59.16 36.63 7.60
CA THR LA 371 60.04 37.71 7.99
C THR LA 371 59.35 39.06 8.07
N GLN LA 372 58.13 39.19 7.57
CA GLN LA 372 57.65 40.53 7.23
C GLN LA 372 57.10 41.29 8.43
N LEU LA 373 56.60 40.60 9.45
CA LEU LA 373 56.12 41.15 10.72
C LEU LA 373 54.97 42.15 10.60
N PRO LA 374 53.96 41.92 9.76
CA PRO LA 374 52.65 42.09 10.37
C PRO LA 374 52.05 40.72 10.58
N TYR LA 375 52.62 39.74 9.88
CA TYR LA 375 52.09 38.39 9.88
C TYR LA 375 52.54 37.60 11.09
N MET LA 376 53.66 37.96 11.70
CA MET LA 376 53.97 37.39 13.00
C MET LA 376 52.96 37.81 14.04
N MET LA 377 52.46 39.03 13.95
CA MET LA 377 51.59 39.51 14.99
C MET LA 377 50.17 38.94 14.86
N ILE LA 378 49.84 38.31 13.74
CA ILE LA 378 48.58 37.57 13.68
C ILE LA 378 48.78 36.10 14.04
N ILE LA 379 50.00 35.65 14.30
CA ILE LA 379 50.22 34.32 14.85
C ILE LA 379 50.89 34.36 16.22
N ASN LA 380 51.47 35.48 16.62
CA ASN LA 380 51.81 35.63 18.02
C ASN LA 380 50.55 35.65 18.87
N ARG LA 381 49.48 36.27 18.37
CA ARG LA 381 48.20 36.18 19.03
C ARG LA 381 47.63 34.77 18.93
N LEU LA 382 47.98 34.02 17.88
CA LEU LA 382 47.66 32.60 17.85
C LEU LA 382 48.70 31.76 18.58
N ALA LA 383 49.56 32.39 19.36
CA ALA LA 383 50.30 31.67 20.39
C ALA LA 383 49.93 32.17 21.77
N HIS LA 384 49.32 33.34 21.87
CA HIS LA 384 48.92 33.80 23.18
C HIS LA 384 47.50 33.39 23.53
N TYR LA 385 46.57 33.39 22.55
CA TYR LA 385 45.24 32.87 22.83
C TYR LA 385 45.29 31.37 23.09
N VAL LA 386 46.07 30.64 22.30
CA VAL LA 386 45.93 29.19 22.32
C VAL LA 386 46.68 28.61 23.51
N LYS LA 387 47.70 29.32 24.00
CA LYS LA 387 48.33 28.97 25.26
C LYS LA 387 47.38 29.16 26.43
N VAL LA 388 46.61 30.25 26.41
CA VAL LA 388 45.67 30.51 27.49
C VAL LA 388 44.46 29.58 27.39
N LEU LA 389 43.98 29.33 26.17
CA LEU LA 389 42.73 28.61 26.00
C LEU LA 389 42.90 27.12 26.31
N GLN LA 390 44.05 26.55 25.97
CA GLN LA 390 44.36 25.18 26.31
C GLN LA 390 45.12 25.05 27.61
N ARG LA 391 45.11 26.08 28.44
CA ARG LA 391 45.59 25.95 29.81
C ARG LA 391 44.46 25.65 30.77
N GLU LA 392 43.29 26.24 30.53
CA GLU LA 392 42.12 25.95 31.32
C GLU LA 392 41.66 24.50 31.17
N GLN LA 393 41.97 23.89 30.05
CA GLN LA 393 41.41 22.58 29.74
C GLN LA 393 42.11 21.43 30.42
N ILE LA 394 43.26 21.65 31.07
CA ILE LA 394 44.05 20.57 31.65
C ILE LA 394 43.27 19.90 32.78
N GLY LA 395 43.06 18.60 32.67
CA GLY LA 395 42.24 17.90 33.62
C GLY LA 395 40.84 17.58 33.15
N ALA LA 396 40.49 17.92 31.93
CA ALA LA 396 39.14 17.69 31.45
C ALA LA 396 38.96 16.24 31.02
N TRP LA 397 37.84 15.99 30.38
CA TRP LA 397 37.55 14.69 29.80
C TRP LA 397 37.40 14.90 28.30
N LYS LA 398 38.48 14.68 27.57
CA LYS LA 398 38.54 15.13 26.19
C LYS LA 398 38.91 13.91 25.35
N GLU LA 399 39.00 14.09 24.04
CA GLU LA 399 39.50 13.07 23.13
C GLU LA 399 40.34 13.78 22.07
N ARG LA 400 40.95 12.98 21.21
CA ARG LA 400 41.62 13.56 20.04
C ARG LA 400 40.60 14.17 19.09
N GLN LA 401 39.47 13.48 18.88
CA GLN LA 401 38.39 14.06 18.10
C GLN LA 401 37.79 15.28 18.78
N ASP LA 402 37.79 15.30 20.12
CA ASP LA 402 37.33 16.49 20.82
C ASP LA 402 38.39 17.58 20.79
N LEU LA 403 39.66 17.20 20.69
CA LEU LA 403 40.70 18.22 20.57
C LEU LA 403 40.68 18.85 19.20
N GLU LA 404 40.38 18.07 18.15
CA GLU LA 404 40.25 18.63 16.81
C GLU LA 404 39.11 19.61 16.71
N ARG LA 405 38.04 19.40 17.47
CA ARG LA 405 36.84 20.19 17.37
C ARG LA 405 36.88 21.46 18.19
N GLU LA 406 37.49 21.42 19.37
CA GLU LA 406 37.61 22.62 20.18
C GLU LA 406 38.58 23.63 19.60
N LEU LA 407 39.40 23.24 18.62
CA LEU LA 407 40.25 24.16 17.91
C LEU LA 407 39.70 24.58 16.56
N ASN LA 408 39.07 23.67 15.82
CA ASN LA 408 38.53 24.02 14.51
C ASN LA 408 37.30 24.91 14.64
N SER LA 409 36.44 24.64 15.61
CA SER LA 409 35.32 25.54 15.84
C SER LA 409 35.73 26.82 16.53
N TRP LA 410 36.96 26.88 17.04
CA TRP LA 410 37.45 28.11 17.63
C TRP LA 410 38.08 29.04 16.62
N ILE LA 411 39.00 28.56 15.78
CA ILE LA 411 39.72 29.47 14.91
C ILE LA 411 38.89 29.83 13.67
N LYS LA 412 37.80 29.14 13.41
CA LYS LA 412 36.96 29.51 12.28
C LYS LA 412 35.97 30.62 12.61
N GLN LA 413 36.21 31.36 13.69
CA GLN LA 413 35.67 32.70 13.82
C GLN LA 413 36.71 33.76 13.49
N TYR LA 414 37.94 33.33 13.20
CA TYR LA 414 38.99 34.22 12.73
C TYR LA 414 39.29 34.02 11.25
N VAL LA 415 38.62 33.08 10.60
CA VAL LA 415 38.88 32.70 9.23
C VAL LA 415 37.73 33.19 8.38
N ALA LA 416 38.03 34.00 7.37
CA ALA LA 416 37.05 34.42 6.38
C ALA LA 416 37.56 33.97 5.03
N ASP LA 417 37.30 32.71 4.69
CA ASP LA 417 37.83 32.10 3.46
C ASP LA 417 37.01 32.62 2.30
N GLN LA 418 37.41 33.78 1.80
CA GLN LA 418 36.59 34.54 0.89
C GLN LA 418 37.50 35.43 0.08
N GLU LA 419 37.23 35.54 -1.22
CA GLU LA 419 38.18 36.21 -2.11
C GLU LA 419 38.16 37.72 -1.91
N ASN LA 420 36.98 38.30 -1.75
CA ASN LA 420 36.85 39.74 -1.53
C ASN LA 420 35.78 40.01 -0.48
N PRO LA 421 36.12 39.86 0.80
CA PRO LA 421 35.20 40.28 1.85
C PRO LA 421 35.31 41.78 2.04
N PRO LA 422 34.37 42.41 2.76
CA PRO LA 422 34.48 43.85 3.05
C PRO LA 422 35.69 44.17 3.91
N ALA LA 423 35.96 45.46 4.02
CA ALA LA 423 37.18 45.95 4.69
C ALA LA 423 37.15 45.74 6.20
N ASP LA 424 35.99 45.42 6.78
CA ASP LA 424 35.93 45.11 8.19
C ASP LA 424 36.08 43.61 8.45
N VAL LA 425 35.64 42.77 7.51
CA VAL LA 425 35.77 41.33 7.68
C VAL LA 425 37.22 40.91 7.49
N ARG LA 426 37.99 41.68 6.73
CA ARG LA 426 39.39 41.35 6.51
C ARG LA 426 40.23 41.56 7.76
N SER LA 427 39.89 42.54 8.59
CA SER LA 427 40.73 42.87 9.72
C SER LA 427 40.20 42.32 11.04
N ARG LA 428 38.90 42.13 11.19
CA ARG LA 428 38.39 41.37 12.32
C ARG LA 428 38.75 39.90 12.20
N ARG LA 429 38.80 39.37 10.99
CA ARG LA 429 39.17 37.99 10.72
C ARG LA 429 40.41 38.01 9.84
N PRO LA 430 41.60 38.16 10.44
CA PRO LA 430 42.81 38.39 9.64
C PRO LA 430 43.30 37.16 8.91
N LEU LA 431 42.92 35.97 9.33
CA LEU LA 431 43.33 34.77 8.64
C LEU LA 431 42.47 34.58 7.41
N ARG LA 432 42.86 33.63 6.59
CA ARG LA 432 42.12 33.28 5.39
C ARG LA 432 41.83 31.80 5.30
N ALA LA 433 42.74 30.95 5.74
CA ALA LA 433 42.47 29.52 5.85
C ALA LA 433 43.35 28.94 6.93
N ALA LA 434 42.86 27.90 7.60
CA ALA LA 434 43.58 27.33 8.72
C ALA LA 434 43.37 25.82 8.75
N ARG LA 435 44.47 25.07 8.80
CA ARG LA 435 44.45 23.62 8.82
C ARG LA 435 44.94 23.16 10.17
N ILE LA 436 44.23 22.22 10.79
CA ILE LA 436 44.62 21.67 12.09
C ILE LA 436 44.62 20.15 11.99
N GLU LA 437 45.78 19.56 12.18
CA GLU LA 437 45.97 18.11 12.05
C GLU LA 437 46.48 17.59 13.38
N VAL LA 438 45.60 17.06 14.19
CA VAL LA 438 45.96 16.55 15.51
C VAL LA 438 46.44 15.11 15.36
N MET LA 439 47.61 14.82 15.88
CA MET LA 439 48.20 13.49 15.86
C MET LA 439 48.40 13.03 17.31
N ASP LA 440 49.03 11.88 17.49
CA ASP LA 440 49.26 11.33 18.81
C ASP LA 440 50.75 11.28 19.11
N VAL LA 441 51.07 10.86 20.33
CA VAL LA 441 52.42 10.49 20.70
C VAL LA 441 52.36 9.09 21.30
N GLU LA 442 53.03 8.15 20.66
CA GLU LA 442 53.04 6.78 21.15
C GLU LA 442 54.06 6.64 22.28
N GLY LA 443 53.93 5.56 23.03
CA GLY LA 443 54.78 5.34 24.19
C GLY LA 443 54.15 5.89 25.45
N ASN LA 444 53.97 7.21 25.49
CA ASN LA 444 53.19 7.88 26.53
C ASN LA 444 51.91 8.37 25.88
N PRO LA 445 50.81 7.64 25.97
CA PRO LA 445 49.63 8.00 25.18
C PRO LA 445 48.88 9.15 25.82
N GLY LA 446 48.38 10.04 24.96
CA GLY LA 446 47.69 11.23 25.39
C GLY LA 446 48.55 12.48 25.36
N TRP LA 447 49.28 12.67 24.27
CA TRP LA 447 50.14 13.84 24.07
C TRP LA 447 50.04 14.13 22.58
N TYR LA 448 49.71 15.37 22.21
CA TYR LA 448 49.06 15.64 20.94
C TYR LA 448 49.83 16.63 20.09
N GLN LA 449 50.45 16.15 19.02
CA GLN LA 449 51.25 16.99 18.15
C GLN LA 449 50.33 17.54 17.08
N VAL LA 450 49.72 18.68 17.31
CA VAL LA 450 48.76 19.23 16.36
C VAL LA 450 49.52 20.25 15.53
N SER LA 451 49.04 20.52 14.31
CA SER LA 451 49.76 21.41 13.41
C SER LA 451 48.83 22.49 12.87
N LEU LA 452 48.67 23.57 13.62
CA LEU LA 452 47.87 24.70 13.16
C LEU LA 452 48.58 25.46 12.06
N SER LA 453 47.98 25.49 10.88
CA SER LA 453 48.60 26.03 9.67
C SER LA 453 47.74 27.16 9.10
N VAL LA 454 47.92 28.37 9.64
CA VAL LA 454 47.10 29.50 9.24
C VAL LA 454 47.63 30.12 7.96
N ARG LA 455 46.87 31.04 7.38
CA ARG LA 455 47.23 31.67 6.13
C ARG LA 455 46.59 33.05 6.10
N PRO LA 456 47.33 34.09 5.80
CA PRO LA 456 46.79 35.44 5.92
C PRO LA 456 46.26 36.01 4.62
N HIS LA 457 45.67 37.19 4.68
CA HIS LA 457 45.39 37.96 3.47
C HIS LA 457 46.63 38.76 3.09
N PHE LA 458 46.59 39.33 1.89
CA PHE LA 458 47.77 39.95 1.29
C PHE LA 458 47.49 41.41 0.95
N LYS LA 459 48.36 42.29 1.41
CA LYS LA 459 48.21 43.73 1.29
C LYS LA 459 48.75 44.22 -0.06
N TYR LA 460 48.94 45.53 -0.17
CA TYR LA 460 49.15 46.24 -1.43
C TYR LA 460 50.56 46.85 -1.41
N MET LA 461 51.44 46.41 -2.32
CA MET LA 461 52.81 46.91 -2.33
C MET LA 461 53.42 46.81 -3.73
N GLY LA 462 53.56 47.95 -4.38
CA GLY LA 462 54.20 48.07 -5.67
C GLY LA 462 53.41 47.65 -6.91
N ALA LA 463 53.59 48.37 -8.01
CA ALA LA 463 52.98 48.05 -9.30
C ALA LA 463 53.88 48.61 -10.39
N ASN LA 464 53.35 48.73 -11.62
CA ASN LA 464 54.26 49.21 -12.67
C ASN LA 464 53.77 50.41 -13.47
N PHE LA 465 52.51 50.42 -13.91
CA PHE LA 465 51.84 51.57 -14.56
C PHE LA 465 52.60 52.04 -15.83
N GLU LA 466 52.69 51.13 -16.80
CA GLU LA 466 53.51 51.36 -18.00
C GLU LA 466 52.74 52.12 -19.06
N LEU LA 467 52.76 53.45 -18.97
CA LEU LA 467 51.96 54.32 -19.82
C LEU LA 467 52.40 54.29 -21.27
N SER LA 468 51.50 54.76 -22.13
CA SER LA 468 51.63 54.80 -23.59
C SER LA 468 50.47 55.64 -24.09
N LEU LA 469 50.46 55.94 -25.39
CA LEU LA 469 49.21 56.37 -26.00
C LEU LA 469 48.83 55.41 -27.13
N VAL LA 470 47.53 55.24 -27.32
CA VAL LA 470 47.00 54.42 -28.39
C VAL LA 470 46.61 55.25 -29.59
N GLY LA 471 45.94 56.39 -29.36
CA GLY LA 471 45.56 57.29 -30.41
C GLY LA 471 44.13 57.16 -30.89
N ARG LA 472 43.64 55.93 -31.03
CA ARG LA 472 42.27 55.67 -31.42
C ARG LA 472 41.42 55.15 -30.26
N LEU LA 473 41.92 54.17 -29.52
CA LEU LA 473 41.15 53.59 -28.43
C LEU LA 473 41.30 54.41 -27.16
N PRO MA 1 17.62 10.73 -12.29
CA PRO MA 1 18.54 11.59 -13.02
C PRO MA 1 19.82 11.85 -12.25
N THR MA 2 20.92 12.10 -12.95
CA THR MA 2 22.17 12.29 -12.25
C THR MA 2 22.40 13.76 -11.97
N PRO MA 3 22.95 14.12 -10.81
CA PRO MA 3 23.18 15.53 -10.50
C PRO MA 3 24.26 16.13 -11.36
N CYS MA 4 24.12 17.43 -11.60
CA CYS MA 4 25.02 18.20 -12.42
C CYS MA 4 26.03 18.90 -11.54
N TYR MA 5 26.83 19.80 -12.12
CA TYR MA 5 27.82 20.53 -11.37
C TYR MA 5 27.93 21.93 -11.94
N ILE MA 6 28.05 22.94 -11.08
CA ILE MA 6 28.10 24.32 -11.51
C ILE MA 6 29.32 24.99 -10.89
N SER MA 7 30.11 25.67 -11.72
CA SER MA 7 31.25 26.45 -11.27
C SER MA 7 31.02 27.91 -11.58
N ILE MA 8 30.82 28.72 -10.55
CA ILE MA 8 30.50 30.13 -10.69
C ILE MA 8 31.76 30.95 -10.45
N GLU MA 9 32.04 31.91 -11.32
CA GLU MA 9 33.13 32.85 -11.11
C GLU MA 9 32.60 34.26 -11.14
N GLY MA 10 32.79 35.01 -10.06
CA GLY MA 10 32.24 36.34 -9.94
C GLY MA 10 33.14 37.40 -10.54
N GLN MA 11 32.62 38.63 -10.56
CA GLN MA 11 33.45 39.77 -10.94
C GLN MA 11 34.51 40.05 -9.88
N THR MA 12 34.08 40.35 -8.67
CA THR MA 12 35.01 40.74 -7.63
C THR MA 12 35.33 39.63 -6.64
N GLN MA 13 34.48 38.61 -6.52
CA GLN MA 13 34.66 37.57 -5.52
C GLN MA 13 35.38 36.37 -6.05
N GLY MA 14 36.05 36.49 -7.19
CA GLY MA 14 36.89 35.42 -7.69
C GLY MA 14 36.06 34.22 -8.11
N LEU MA 15 36.60 33.03 -7.86
CA LEU MA 15 35.86 31.80 -8.07
C LEU MA 15 34.99 31.58 -6.84
N ILE MA 16 33.67 31.73 -7.01
CA ILE MA 16 32.76 31.66 -5.87
C ILE MA 16 32.68 30.25 -5.33
N THR MA 17 32.54 29.27 -6.20
CA THR MA 17 32.38 27.92 -5.71
C THR MA 17 33.68 27.23 -5.43
N ALA MA 18 34.78 27.94 -5.23
CA ALA MA 18 36.07 27.30 -4.94
C ALA MA 18 36.02 26.75 -3.53
N GLY MA 19 35.80 25.46 -3.41
CA GLY MA 19 35.67 24.84 -2.11
C GLY MA 19 34.26 24.51 -1.70
N ALA MA 20 33.29 24.57 -2.61
CA ALA MA 20 31.92 24.30 -2.25
C ALA MA 20 31.58 22.82 -2.24
N CYS MA 21 32.55 21.95 -2.45
CA CYS MA 21 32.44 20.52 -2.20
C CYS MA 21 33.66 20.02 -1.47
N THR MA 22 34.00 20.68 -0.36
CA THR MA 22 34.96 20.15 0.57
C THR MA 22 34.24 19.48 1.72
N ALA MA 23 34.99 19.03 2.71
CA ALA MA 23 34.39 18.46 3.91
C ALA MA 23 33.84 19.52 4.83
N ASP MA 24 34.24 20.77 4.66
CA ASP MA 24 33.68 21.82 5.49
C ASP MA 24 32.34 22.32 4.97
N SER MA 25 32.11 22.24 3.66
CA SER MA 25 30.88 22.73 3.09
C SER MA 25 29.72 21.80 3.40
N ILE MA 26 29.79 20.57 2.92
CA ILE MA 26 28.63 19.69 2.92
C ILE MA 26 28.91 18.38 3.66
N GLY MA 27 29.85 18.38 4.59
CA GLY MA 27 30.06 17.20 5.40
C GLY MA 27 30.72 16.06 4.69
N ASP MA 28 30.07 14.91 4.64
CA ASP MA 28 30.64 13.72 4.03
C ASP MA 28 30.10 13.45 2.64
N SER MA 29 29.27 14.32 2.09
CA SER MA 29 28.75 14.14 0.75
C SER MA 29 29.54 14.92 -0.29
N PHE MA 30 30.81 15.20 -0.01
CA PHE MA 30 31.58 15.89 -1.02
C PHE MA 30 32.25 14.87 -1.93
N VAL MA 31 32.64 15.33 -3.10
CA VAL MA 31 33.19 14.47 -4.14
C VAL MA 31 34.58 14.96 -4.47
N GLU MA 32 35.55 14.05 -4.47
CA GLU MA 32 36.89 14.40 -4.91
C GLU MA 32 36.90 14.69 -6.39
N GLY MA 33 37.76 15.63 -6.80
CA GLY MA 33 37.85 16.05 -8.18
C GLY MA 33 36.88 17.15 -8.56
N HIS MA 34 35.82 17.35 -7.80
CA HIS MA 34 34.86 18.41 -8.04
C HIS MA 34 34.93 19.41 -6.91
N GLU MA 35 36.14 19.76 -6.51
CA GLU MA 35 36.34 20.63 -5.36
C GLU MA 35 35.91 22.06 -5.63
N ASP MA 36 35.76 22.45 -6.88
CA ASP MA 36 35.41 23.83 -7.21
C ASP MA 36 34.00 23.97 -7.73
N GLU MA 37 33.17 22.95 -7.60
CA GLU MA 37 31.90 22.89 -8.30
C GLU MA 37 30.83 22.46 -7.32
N MET MA 38 29.74 23.22 -7.23
CA MET MA 38 28.62 22.83 -6.39
C MET MA 38 27.93 21.61 -6.97
N LEU MA 39 27.07 21.00 -6.17
CA LEU MA 39 26.34 19.82 -6.59
C LEU MA 39 24.89 20.22 -6.81
N VAL MA 40 24.46 20.22 -8.06
CA VAL MA 40 23.17 20.79 -8.44
C VAL MA 40 22.13 19.68 -8.54
N GLN MA 41 21.04 19.85 -7.81
CA GLN MA 41 20.04 18.79 -7.73
C GLN MA 41 18.97 18.93 -8.79
N GLN MA 42 18.24 20.04 -8.78
CA GLN MA 42 17.09 20.26 -9.64
C GLN MA 42 17.43 21.37 -10.63
N PHE MA 43 16.72 21.42 -11.75
CA PHE MA 43 17.02 22.39 -12.79
C PHE MA 43 15.73 22.81 -13.50
N ASP MA 44 15.71 24.05 -13.99
CA ASP MA 44 14.57 24.60 -14.71
C ASP MA 44 14.93 25.87 -15.45
N HIS MA 45 14.53 26.00 -16.72
CA HIS MA 45 15.02 27.11 -17.54
C HIS MA 45 14.12 27.28 -18.76
N VAL MA 46 13.57 28.48 -18.95
CA VAL MA 46 12.65 28.78 -20.03
C VAL MA 46 13.27 29.87 -20.89
N VAL MA 47 13.10 29.80 -22.20
CA VAL MA 47 13.54 30.87 -23.12
C VAL MA 47 12.36 31.15 -24.03
N THR MA 48 11.62 32.21 -23.79
CA THR MA 48 10.44 32.48 -24.58
C THR MA 48 10.77 33.37 -25.77
N VAL MA 49 9.86 33.37 -26.75
CA VAL MA 49 9.90 34.30 -27.86
C VAL MA 49 8.49 34.82 -28.09
N PRO MA 50 8.25 36.11 -28.00
CA PRO MA 50 6.90 36.63 -28.23
C PRO MA 50 6.48 36.56 -29.68
N THR MA 51 5.52 35.70 -29.99
CA THR MA 51 5.00 35.56 -31.34
C THR MA 51 3.61 36.16 -31.41
N ASP MA 52 3.27 36.75 -32.54
CA ASP MA 52 1.95 37.35 -32.65
C ASP MA 52 0.89 36.29 -32.89
N PRO MA 53 -0.36 36.58 -32.55
CA PRO MA 53 -1.45 35.68 -32.97
C PRO MA 53 -1.69 35.81 -34.46
N GLN MA 54 -2.59 34.93 -34.94
CA GLN MA 54 -3.06 34.83 -36.33
C GLN MA 54 -1.94 34.84 -37.37
N SER MA 55 -0.78 34.31 -36.99
CA SER MA 55 0.40 34.25 -37.84
C SER MA 55 1.29 33.17 -37.27
N GLY MA 56 2.55 33.18 -37.67
CA GLY MA 56 3.52 32.33 -37.02
C GLY MA 56 4.80 33.05 -36.74
N GLN MA 57 4.90 34.29 -37.17
CA GLN MA 57 6.19 34.95 -37.15
C GLN MA 57 6.53 35.44 -35.73
N PRO MA 58 7.81 35.44 -35.37
CA PRO MA 58 8.22 35.96 -34.06
C PRO MA 58 8.12 37.49 -34.05
N SER MA 59 7.20 38.00 -33.23
CA SER MA 59 6.99 39.44 -33.13
C SER MA 59 7.83 40.01 -31.98
N GLY MA 60 9.14 39.91 -32.14
CA GLY MA 60 10.02 40.41 -31.12
C GLY MA 60 11.17 39.48 -30.82
N GLN MA 61 12.21 39.99 -30.17
CA GLN MA 61 13.35 39.17 -29.85
C GLN MA 61 13.03 38.28 -28.65
N ARG MA 62 13.90 37.31 -28.42
CA ARG MA 62 13.74 36.33 -27.35
C ARG MA 62 13.79 37.01 -25.98
N VAL MA 63 13.20 36.34 -25.00
CA VAL MA 63 13.14 36.82 -23.62
C VAL MA 63 13.61 35.69 -22.72
N HIS MA 64 14.76 35.87 -22.08
CA HIS MA 64 15.34 34.81 -21.28
C HIS MA 64 14.73 34.79 -19.88
N LYS MA 65 13.89 33.82 -19.63
CA LYS MA 65 13.47 33.53 -18.27
C LYS MA 65 14.63 32.85 -17.54
N PRO MA 66 14.73 32.95 -16.22
CA PRO MA 66 15.98 32.60 -15.56
C PRO MA 66 16.20 31.11 -15.38
N PHE MA 67 17.49 30.75 -15.27
CA PHE MA 67 17.95 29.53 -14.62
C PHE MA 67 17.27 29.30 -13.28
N LYS MA 68 17.11 28.05 -12.89
CA LYS MA 68 16.71 27.73 -11.52
C LYS MA 68 17.42 26.43 -11.15
N PHE MA 69 18.58 26.52 -10.52
CA PHE MA 69 19.30 25.34 -10.08
C PHE MA 69 19.31 25.29 -8.55
N THR MA 70 19.23 24.10 -7.99
CA THR MA 70 19.06 23.91 -6.55
C THR MA 70 20.26 23.21 -5.96
N VAL MA 71 20.90 23.86 -4.99
CA VAL MA 71 22.00 23.26 -4.25
C VAL MA 71 21.66 23.30 -2.77
N ALA MA 72 22.40 22.55 -1.97
CA ALA MA 72 22.20 22.58 -0.53
C ALA MA 72 22.93 23.77 0.05
N LEU MA 73 22.76 24.00 1.35
CA LEU MA 73 23.52 25.04 2.02
C LEU MA 73 24.97 24.64 2.15
N ASN MA 74 25.86 25.46 1.62
CA ASN MA 74 27.27 25.16 1.67
C ASN MA 74 28.05 26.47 1.71
N LYS MA 75 29.34 26.39 1.37
CA LYS MA 75 30.25 27.52 1.49
C LYS MA 75 29.90 28.64 0.54
N ALA MA 76 29.45 28.29 -0.67
CA ALA MA 76 29.22 29.29 -1.69
C ALA MA 76 27.91 30.05 -1.52
N VAL MA 77 27.03 29.61 -0.63
CA VAL MA 77 25.72 30.27 -0.47
C VAL MA 77 25.83 31.66 0.20
N PRO MA 78 26.65 31.90 1.22
CA PRO MA 78 26.85 33.30 1.63
C PRO MA 78 27.58 34.12 0.59
N LEU MA 79 28.35 33.50 -0.29
CA LEU MA 79 28.96 34.26 -1.37
C LEU MA 79 27.96 34.60 -2.46
N LEU MA 80 26.95 33.75 -2.65
CA LEU MA 80 25.91 34.06 -3.63
C LEU MA 80 24.87 35.01 -3.09
N TYR MA 81 24.85 35.29 -1.80
CA TYR MA 81 23.98 36.35 -1.30
C TYR MA 81 24.66 37.70 -1.27
N ASN MA 82 25.86 37.83 -1.83
CA ASN MA 82 26.38 39.15 -2.15
C ASN MA 82 26.40 39.42 -3.64
N ALA MA 83 26.47 38.39 -4.45
CA ALA MA 83 26.23 38.60 -5.87
C ALA MA 83 24.77 38.97 -6.12
N LEU MA 84 23.89 38.55 -5.23
CA LEU MA 84 22.47 38.89 -5.35
C LEU MA 84 22.19 40.30 -4.86
N SER MA 85 22.48 40.58 -3.60
CA SER MA 85 22.07 41.81 -2.98
C SER MA 85 22.87 43.02 -3.41
N SER MA 86 23.92 42.84 -4.20
CA SER MA 86 24.66 43.97 -4.72
C SER MA 86 24.68 44.02 -6.23
N GLY MA 87 24.02 43.08 -6.90
CA GLY MA 87 23.94 43.10 -8.34
C GLY MA 87 25.24 42.80 -9.04
N GLU MA 88 26.11 42.02 -8.42
CA GLU MA 88 27.38 41.69 -9.02
C GLU MA 88 27.19 40.68 -10.14
N LYS MA 89 27.73 40.99 -11.31
CA LYS MA 89 27.67 40.04 -12.39
C LYS MA 89 28.65 38.91 -12.13
N LEU MA 90 28.38 37.76 -12.73
CA LEU MA 90 29.21 36.59 -12.57
C LEU MA 90 29.82 36.30 -13.93
N LYS MA 91 31.15 36.17 -13.99
CA LYS MA 91 31.82 36.08 -15.29
C LYS MA 91 31.46 34.80 -16.02
N THR MA 92 31.28 33.70 -15.29
CA THR MA 92 30.90 32.47 -15.96
C THR MA 92 30.16 31.54 -15.00
N VAL MA 93 29.32 30.69 -15.57
CA VAL MA 93 28.62 29.64 -14.85
C VAL MA 93 28.61 28.45 -15.79
N GLU MA 94 29.32 27.39 -15.45
CA GLU MA 94 29.45 26.28 -16.36
C GLU MA 94 28.73 25.08 -15.78
N LEU MA 95 27.44 24.97 -16.08
CA LEU MA 95 26.70 23.76 -15.74
C LEU MA 95 27.21 22.61 -16.58
N LYS MA 96 27.26 21.43 -16.00
CA LYS MA 96 27.73 20.23 -16.70
C LYS MA 96 26.79 19.08 -16.40
N TRP MA 97 26.06 18.64 -17.40
CA TRP MA 97 25.09 17.57 -17.23
C TRP MA 97 25.80 16.24 -17.33
N TYR MA 98 25.82 15.47 -16.26
CA TYR MA 98 26.46 14.17 -16.35
C TYR MA 98 25.44 13.11 -16.72
N ARG MA 99 25.95 11.98 -17.19
CA ARG MA 99 25.15 10.79 -17.37
C ARG MA 99 26.08 9.60 -17.35
N THR MA 100 25.49 8.43 -17.12
CA THR MA 100 26.26 7.20 -17.02
C THR MA 100 26.36 6.58 -18.41
N SER MA 101 27.57 6.43 -18.90
CA SER MA 101 27.78 5.95 -20.26
C SER MA 101 27.72 4.43 -20.29
N ILE MA 102 28.09 3.85 -21.42
CA ILE MA 102 27.97 2.41 -21.61
C ILE MA 102 29.10 1.70 -20.88
N GLU MA 103 30.32 2.23 -20.95
CA GLU MA 103 31.47 1.61 -20.32
C GLU MA 103 31.43 1.70 -18.80
N GLY MA 104 30.54 2.49 -18.23
CA GLY MA 104 30.40 2.56 -16.80
C GLY MA 104 31.00 3.78 -16.16
N LYS MA 105 31.22 4.84 -16.90
CA LYS MA 105 31.88 6.01 -16.36
C LYS MA 105 31.02 7.24 -16.58
N GLN MA 106 31.02 8.13 -15.60
CA GLN MA 106 30.32 9.39 -15.72
C GLN MA 106 30.98 10.25 -16.79
N GLU MA 107 30.17 11.00 -17.52
CA GLU MA 107 30.71 11.91 -18.51
C GLU MA 107 29.72 13.04 -18.73
N ASN MA 108 30.24 14.22 -19.02
CA ASN MA 108 29.35 15.32 -19.37
C ASN MA 108 28.96 15.20 -20.82
N PHE MA 109 27.68 14.99 -21.06
CA PHE MA 109 27.23 14.93 -22.43
C PHE MA 109 26.69 16.26 -22.92
N PHE MA 110 26.66 17.28 -22.06
CA PHE MA 110 25.93 18.50 -22.36
C PHE MA 110 26.37 19.54 -21.36
N THR MA 111 26.92 20.67 -21.82
CA THR MA 111 27.29 21.75 -20.92
C THR MA 111 26.63 23.02 -21.39
N THR MA 112 26.08 23.79 -20.46
CA THR MA 112 25.46 25.07 -20.77
C THR MA 112 26.27 26.15 -20.08
N LYS MA 113 27.28 26.68 -20.76
CA LYS MA 113 28.05 27.77 -20.19
C LYS MA 113 27.25 29.05 -20.20
N LEU MA 114 27.86 30.12 -19.70
CA LEU MA 114 27.09 31.31 -19.42
C LEU MA 114 28.07 32.46 -19.28
N GLU MA 115 27.79 33.58 -19.91
CA GLU MA 115 28.60 34.77 -19.71
C GLU MA 115 27.94 35.59 -18.61
N ASN MA 116 28.20 36.91 -18.57
CA ASN MA 116 27.84 37.83 -17.49
C ASN MA 116 26.41 37.66 -17.01
N ALA MA 117 26.27 37.20 -15.77
CA ALA MA 117 25.01 36.62 -15.32
C ALA MA 117 24.76 37.05 -13.88
N SER MA 118 23.92 38.05 -13.68
CA SER MA 118 23.55 38.40 -12.33
C SER MA 118 22.62 37.37 -11.76
N ILE MA 119 22.37 37.46 -10.46
CA ILE MA 119 21.44 36.57 -9.79
C ILE MA 119 20.13 37.31 -9.58
N VAL MA 120 19.04 36.73 -10.05
CA VAL MA 120 17.74 37.38 -9.88
C VAL MA 120 17.21 37.15 -8.48
N ASP MA 121 17.01 35.89 -8.08
CA ASP MA 121 16.58 35.62 -6.73
C ASP MA 121 17.09 34.28 -6.27
N ILE MA 122 17.10 34.11 -4.95
CA ILE MA 122 17.56 32.90 -4.29
C ILE MA 122 16.51 32.50 -3.28
N HIS MA 123 15.98 31.29 -3.41
CA HIS MA 123 14.85 30.82 -2.61
C HIS MA 123 15.33 29.74 -1.65
N CYS MA 124 15.82 30.17 -0.48
CA CYS MA 124 16.29 29.24 0.53
C CYS MA 124 15.10 28.74 1.34
N GLU MA 125 14.93 27.42 1.39
CA GLU MA 125 13.86 26.84 2.18
C GLU MA 125 14.37 25.57 2.83
N MET MA 126 13.58 25.07 3.79
CA MET MA 126 13.86 23.83 4.46
C MET MA 126 12.51 23.17 4.67
N PRO MA 127 12.36 21.90 4.32
CA PRO MA 127 11.08 21.21 4.52
C PRO MA 127 10.80 20.99 5.99
N HIS MA 128 9.56 20.58 6.26
CA HIS MA 128 9.07 20.51 7.62
C HIS MA 128 9.70 19.34 8.36
N CYS MA 129 10.22 19.61 9.55
CA CYS MA 129 10.98 18.58 10.26
C CYS MA 129 10.09 17.50 10.86
N GLN MA 130 8.84 17.84 11.16
CA GLN MA 130 7.88 16.84 11.65
C GLN MA 130 7.48 15.85 10.56
N ASP MA 131 7.55 16.26 9.31
CA ASP MA 131 6.98 15.50 8.20
C ASP MA 131 7.93 14.37 7.81
N PRO MA 132 7.49 13.10 7.88
CA PRO MA 132 8.38 12.00 7.51
C PRO MA 132 8.52 11.76 6.03
N ALA MA 133 7.66 12.34 5.20
CA ALA MA 133 7.79 12.17 3.76
C ALA MA 133 8.96 12.95 3.20
N LYS MA 134 9.37 14.02 3.87
CA LYS MA 134 10.47 14.86 3.43
C LYS MA 134 11.63 14.79 4.42
N SER MA 135 11.95 13.58 4.87
CA SER MA 135 13.02 13.41 5.84
C SER MA 135 14.38 13.29 5.19
N ASP MA 136 14.44 12.81 3.95
CA ASP MA 136 15.71 12.65 3.27
C ASP MA 136 16.29 13.96 2.79
N PHE MA 137 15.46 14.98 2.61
CA PHE MA 137 15.94 16.26 2.11
C PHE MA 137 16.69 16.97 3.23
N THR MA 138 17.61 17.85 2.83
CA THR MA 138 18.33 18.64 3.82
C THR MA 138 17.93 20.11 3.76
N GLN MA 139 18.22 20.78 2.65
CA GLN MA 139 17.81 22.14 2.39
C GLN MA 139 17.60 22.29 0.90
N ASN MA 140 17.13 23.45 0.49
CA ASN MA 140 16.91 23.74 -0.92
C ASN MA 140 17.23 25.21 -1.13
N VAL MA 141 18.32 25.49 -1.82
CA VAL MA 141 18.71 26.85 -2.13
C VAL MA 141 18.67 26.98 -3.64
N THR MA 142 17.57 27.53 -4.17
CA THR MA 142 17.34 27.59 -5.60
C THR MA 142 17.83 28.94 -6.10
N VAL MA 143 19.00 28.97 -6.70
CA VAL MA 143 19.62 30.22 -7.14
C VAL MA 143 19.23 30.47 -8.58
N SER MA 144 18.68 31.64 -8.87
CA SER MA 144 18.34 31.96 -10.24
C SER MA 144 19.44 32.76 -10.90
N LEU MA 145 19.41 32.80 -12.23
CA LEU MA 145 20.43 33.54 -12.96
C LEU MA 145 19.79 34.10 -14.21
N SER MA 146 19.61 35.41 -14.27
CA SER MA 146 19.51 36.04 -15.58
C SER MA 146 20.92 36.20 -16.10
N TYR MA 147 21.04 36.44 -17.40
CA TYR MA 147 22.33 36.24 -18.05
C TYR MA 147 22.37 36.98 -19.37
N ARG MA 148 23.56 37.45 -19.73
CA ARG MA 148 23.71 38.08 -21.04
C ARG MA 148 23.81 37.02 -22.13
N LYS MA 149 24.85 36.20 -22.08
CA LYS MA 149 25.17 35.26 -23.14
C LYS MA 149 25.20 33.85 -22.60
N ILE MA 150 24.47 32.96 -23.27
CA ILE MA 150 24.40 31.56 -22.90
C ILE MA 150 24.83 30.73 -24.10
N THR MA 151 25.59 29.67 -23.85
CA THR MA 151 26.06 28.78 -24.92
C THR MA 151 25.79 27.35 -24.51
N TRP MA 152 24.75 26.75 -25.08
CA TRP MA 152 24.56 25.32 -24.97
C TRP MA 152 25.64 24.61 -25.76
N ASP MA 153 26.00 23.41 -25.32
CA ASP MA 153 27.09 22.68 -25.98
C ASP MA 153 26.90 21.20 -25.67
N HIS MA 154 26.50 20.43 -26.67
CA HIS MA 154 26.48 18.99 -26.50
C HIS MA 154 27.86 18.45 -26.85
N VAL MA 155 28.45 17.71 -25.93
CA VAL MA 155 29.85 17.32 -26.07
C VAL MA 155 29.99 16.06 -26.92
N ASN MA 156 29.19 15.03 -26.65
CA ASN MA 156 29.36 13.75 -27.35
C ASN MA 156 28.89 13.78 -28.79
N ALA MA 157 28.21 14.82 -29.23
CA ALA MA 157 27.86 14.97 -30.63
C ALA MA 157 28.32 16.29 -31.22
N GLY MA 158 29.01 17.11 -30.44
CA GLY MA 158 29.68 18.27 -30.97
C GLY MA 158 28.82 19.45 -31.33
N THR MA 159 27.50 19.36 -31.24
CA THR MA 159 26.67 20.51 -31.57
C THR MA 159 26.80 21.58 -30.52
N SER MA 160 26.51 22.82 -30.91
CA SER MA 160 26.65 23.94 -29.99
C SER MA 160 25.70 25.05 -30.41
N GLY MA 161 24.82 25.42 -29.50
CA GLY MA 161 23.98 26.58 -29.73
C GLY MA 161 24.54 27.76 -28.99
N SER MA 162 24.04 28.96 -29.27
CA SER MA 162 24.54 30.15 -28.60
C SER MA 162 23.50 31.25 -28.72
N ASP MA 163 23.36 32.01 -27.66
CA ASP MA 163 22.58 33.24 -27.71
C ASP MA 163 23.38 34.33 -27.05
N ASP MA 164 23.25 35.55 -27.56
CA ASP MA 164 23.98 36.66 -26.96
C ASP MA 164 23.21 37.94 -27.22
N TRP MA 165 23.09 38.75 -26.18
CA TRP MA 165 22.60 40.09 -26.40
C TRP MA 165 23.67 40.98 -27.00
N ARG MA 166 24.93 40.69 -26.72
CA ARG MA 166 26.02 41.53 -27.19
C ARG MA 166 26.17 41.46 -28.70
N LYS MA 167 26.04 40.26 -29.26
CA LYS MA 167 26.22 40.03 -30.69
C LYS MA 167 25.03 39.24 -31.23
N PRO MA 168 23.91 39.90 -31.49
CA PRO MA 168 22.82 39.22 -32.18
C PRO MA 168 23.19 38.99 -33.62
N ILE MA 169 22.46 38.10 -34.28
CA ILE MA 169 22.95 37.54 -35.53
C ILE MA 169 22.72 38.57 -36.63
N GLU MA 170 23.78 39.33 -36.90
CA GLU MA 170 23.89 40.52 -37.77
C GLU MA 170 22.72 41.52 -37.76
N GLY NA 1 100.44 79.78 -45.75
CA GLY NA 1 99.44 79.47 -44.75
C GLY NA 1 98.17 80.29 -44.93
N SER NA 2 97.81 80.54 -46.19
CA SER NA 2 96.59 81.31 -46.48
C SER NA 2 95.33 80.49 -46.23
N LEU NA 3 95.41 79.16 -46.27
CA LEU NA 3 94.26 78.33 -45.94
C LEU NA 3 93.92 78.40 -44.46
N LEU NA 4 94.94 78.61 -43.61
CA LEU NA 4 94.68 78.84 -42.19
C LEU NA 4 94.07 80.22 -41.96
N ASP NA 5 94.37 81.18 -42.85
CA ASP NA 5 93.78 82.50 -42.74
C ASP NA 5 92.30 82.50 -43.09
N GLU NA 6 91.87 81.59 -43.98
CA GLU NA 6 90.45 81.49 -44.31
C GLU NA 6 89.66 80.82 -43.20
N ILE NA 7 90.30 79.95 -42.43
CA ILE NA 7 89.62 79.33 -41.29
C ILE NA 7 89.51 80.33 -40.13
N MET NA 8 90.57 81.11 -39.89
CA MET NA 8 90.54 82.09 -38.82
C MET NA 8 89.64 83.28 -39.14
N ALA NA 9 89.49 83.62 -40.43
CA ALA NA 9 88.50 84.62 -40.81
C ALA NA 9 87.08 84.08 -40.73
N GLN NA 10 86.92 82.76 -40.82
CA GLN NA 10 85.63 82.12 -40.66
C GLN NA 10 85.35 82.01 -39.17
N THR NA 11 84.55 82.94 -38.64
CA THR NA 11 84.38 83.09 -37.20
C THR NA 11 83.54 81.99 -36.56
N ARG NA 12 82.92 81.11 -37.34
CA ARG NA 12 82.13 80.03 -36.77
C ARG NA 12 83.01 78.93 -36.18
N CYS NA 13 84.16 78.64 -36.79
CA CYS NA 13 85.06 77.61 -36.31
C CYS NA 13 86.51 78.10 -36.40
N ALA NA 14 86.76 79.34 -35.93
CA ALA NA 14 88.08 79.94 -36.11
C ALA NA 14 89.15 79.35 -35.19
N PRO NA 15 89.03 79.41 -33.80
CA PRO NA 15 90.24 79.15 -33.01
C PRO NA 15 90.56 77.69 -32.75
N SER NA 16 90.41 76.84 -33.77
CA SER NA 16 90.80 75.42 -33.77
C SER NA 16 90.18 74.64 -32.61
N GLU NA 17 88.86 74.58 -32.60
CA GLU NA 17 88.12 73.95 -31.52
C GLU NA 17 87.45 72.65 -31.94
N GLU NA 18 86.59 72.68 -32.97
CA GLU NA 18 85.87 71.50 -33.40
C GLU NA 18 85.44 71.68 -34.85
N GLY NA 19 85.69 70.67 -35.67
CA GLY NA 19 85.30 70.73 -37.06
C GLY NA 19 86.21 71.52 -37.95
N TYR NA 20 87.42 71.83 -37.51
CA TYR NA 20 88.36 72.60 -38.33
C TYR NA 20 89.15 71.74 -39.30
N ASP NA 21 89.21 70.43 -39.08
CA ASP NA 21 89.87 69.55 -40.02
C ASP NA 21 88.93 69.08 -41.12
N ILE NA 22 87.62 69.05 -40.84
CA ILE NA 22 86.65 68.66 -41.86
C ILE NA 22 86.41 69.80 -42.84
N ALA NA 23 86.25 71.03 -42.33
CA ALA NA 23 86.03 72.19 -43.19
C ALA NA 23 87.28 72.57 -43.98
N LYS NA 24 88.47 72.22 -43.47
CA LYS NA 24 89.69 72.40 -44.25
C LYS NA 24 89.71 71.46 -45.45
N LYS NA 25 89.17 70.25 -45.30
CA LYS NA 25 89.02 69.35 -46.44
C LYS NA 25 87.93 69.80 -47.38
N GLY NA 26 87.00 70.63 -46.92
CA GLY NA 26 85.92 71.13 -47.76
C GLY NA 26 86.36 72.24 -48.71
N VAL NA 27 87.24 73.11 -48.24
CA VAL NA 27 87.76 74.19 -49.07
C VAL NA 27 88.68 73.64 -50.15
N ALA NA 28 89.60 72.73 -49.76
CA ALA NA 28 90.61 72.24 -50.69
C ALA NA 28 90.03 71.31 -51.75
N ALA NA 29 88.90 70.67 -51.45
CA ALA NA 29 88.28 69.81 -52.45
C ALA NA 29 87.54 70.60 -53.52
N PHE NA 30 86.97 71.74 -53.16
CA PHE NA 30 86.19 72.53 -54.12
C PHE NA 30 87.10 73.28 -55.10
N ILE NA 31 88.31 73.63 -54.68
CA ILE NA 31 89.24 74.35 -55.55
C ILE NA 31 89.78 73.42 -56.63
N GLU NA 32 89.93 72.13 -56.32
CA GLU NA 32 90.48 71.17 -57.29
C GLU NA 32 89.53 70.92 -58.45
N ASN NA 33 88.23 71.09 -58.25
CA ASN NA 33 87.25 70.96 -59.32
C ASN NA 33 86.78 72.30 -59.86
N LEU NA 34 87.26 73.40 -59.28
CA LEU NA 34 86.82 74.73 -59.70
C LEU NA 34 87.39 75.12 -61.07
N MET NA 35 88.51 74.53 -61.48
CA MET NA 35 89.20 74.94 -62.70
C MET NA 35 88.48 74.51 -63.98
N GLY NA 36 87.42 73.71 -63.88
CA GLY NA 36 86.63 73.40 -65.07
C GLY NA 36 85.79 74.57 -65.53
N SER NA 37 85.40 75.46 -64.60
CA SER NA 37 84.63 76.65 -64.95
C SER NA 37 84.93 77.70 -63.89
N GLN NA 38 85.72 78.71 -64.26
CA GLN NA 38 86.12 79.74 -63.31
C GLN NA 38 84.98 80.74 -63.10
N HIS NA 39 84.60 80.92 -61.84
CA HIS NA 39 83.54 81.87 -61.48
C HIS NA 39 83.76 82.30 -60.04
N SER NA 40 83.41 83.56 -59.75
CA SER NA 40 83.63 84.16 -58.43
C SER NA 40 82.34 84.81 -57.93
N ALA NA 41 81.47 84.00 -57.32
CA ALA NA 41 80.26 84.46 -56.67
C ALA NA 41 79.73 83.35 -55.78
N GLU NA 42 79.53 83.64 -54.50
CA GLU NA 42 79.04 82.65 -53.55
C GLU NA 42 77.67 82.04 -53.86
N PRO NA 43 76.61 82.80 -54.24
CA PRO NA 43 75.34 82.12 -54.52
C PRO NA 43 75.33 81.30 -55.80
N VAL NA 44 76.16 81.65 -56.77
CA VAL NA 44 76.37 80.75 -57.90
C VAL NA 44 77.19 79.55 -57.46
N ASN NA 45 78.14 79.77 -56.54
CA ASN NA 45 78.89 78.67 -55.95
C ASN NA 45 78.02 77.78 -55.09
N LYS NA 46 76.98 78.34 -54.46
CA LYS NA 46 75.99 77.49 -53.79
C LYS NA 46 75.22 76.64 -54.79
N SER NA 47 75.10 77.10 -56.03
CA SER NA 47 74.63 76.23 -57.09
C SER NA 47 75.76 75.39 -57.69
N LEU NA 48 76.98 75.94 -57.73
CA LEU NA 48 78.11 75.18 -58.27
C LEU NA 48 78.54 74.06 -57.33
N VAL NA 49 78.33 74.21 -56.02
CA VAL NA 49 78.47 73.06 -55.12
C VAL NA 49 77.41 72.01 -55.44
N ASP NA 50 76.18 72.46 -55.66
CA ASP NA 50 75.09 71.54 -56.03
C ASP NA 50 75.30 70.96 -57.43
N GLN NA 51 75.92 71.71 -58.34
CA GLN NA 51 76.27 71.14 -59.64
C GLN NA 51 77.47 70.20 -59.56
N MET NA 52 78.22 70.25 -58.47
CA MET NA 52 79.23 69.23 -58.19
C MET NA 52 78.69 68.11 -57.31
N LEU NA 53 77.43 68.18 -56.89
CA LEU NA 53 76.77 67.08 -56.19
C LEU NA 53 75.89 66.25 -57.11
N VAL NA 54 75.27 66.88 -58.11
CA VAL NA 54 74.47 66.13 -59.09
C VAL NA 54 75.39 65.29 -59.98
N GLU NA 55 76.52 65.86 -60.40
CA GLU NA 55 77.49 65.08 -61.17
C GLU NA 55 78.20 64.06 -60.30
N LEU NA 56 78.28 64.30 -58.99
CA LEU NA 56 78.83 63.30 -58.08
C LEU NA 56 77.87 62.12 -57.89
N ASP NA 57 76.57 62.41 -57.78
CA ASP NA 57 75.59 61.35 -57.64
C ASP NA 57 75.43 60.53 -58.91
N LYS NA 58 75.77 61.09 -60.06
CA LYS NA 58 75.84 60.29 -61.28
C LYS NA 58 77.03 59.34 -61.23
N LYS NA 59 78.07 59.69 -60.48
CA LYS NA 59 79.20 58.79 -60.33
C LYS NA 59 78.95 57.73 -59.26
N ILE NA 60 78.20 58.06 -58.21
CA ILE NA 60 78.03 57.13 -57.10
C ILE NA 60 76.88 56.17 -57.36
N SER NA 61 75.72 56.70 -57.78
CA SER NA 61 74.55 55.85 -57.95
C SER NA 61 74.69 54.92 -59.14
N ALA NA 62 75.51 55.29 -60.13
CA ALA NA 62 75.82 54.34 -61.19
C ALA NA 62 76.73 53.22 -60.71
N GLN NA 63 77.49 53.46 -59.65
CA GLN NA 63 78.26 52.38 -59.03
C GLN NA 63 77.41 51.56 -58.07
N MET NA 64 76.51 52.21 -57.35
CA MET NA 64 75.61 51.52 -56.44
C MET NA 64 74.40 50.89 -57.13
N ASP NA 65 74.27 51.07 -58.44
CA ASP NA 65 73.43 50.18 -59.24
C ASP NA 65 74.22 49.04 -59.85
N GLU NA 66 75.48 48.90 -59.48
CA GLU NA 66 76.32 47.80 -59.93
C GLU NA 66 76.91 46.99 -58.79
N ILE NA 67 77.13 47.60 -57.62
CA ILE NA 67 77.43 46.79 -56.44
C ILE NA 67 76.18 46.07 -55.97
N LEU NA 68 75.03 46.73 -56.08
CA LEU NA 68 73.75 46.03 -55.99
C LEU NA 68 73.47 45.37 -57.35
N HIS NA 69 72.30 44.73 -57.45
CA HIS NA 69 71.76 44.17 -58.70
C HIS NA 69 72.66 43.11 -59.32
N ASN NA 70 73.46 42.44 -58.48
CA ASN NA 70 74.38 41.40 -58.94
C ASN NA 70 73.77 40.04 -58.65
N SER NA 71 74.12 39.05 -59.48
CA SER NA 71 73.52 37.73 -59.38
C SER NA 71 73.91 37.01 -58.10
N GLN NA 72 75.07 37.35 -57.53
CA GLN NA 72 75.42 36.82 -56.22
C GLN NA 72 74.77 37.62 -55.10
N PHE NA 73 74.60 38.92 -55.29
CA PHE NA 73 74.03 39.75 -54.23
C PHE NA 73 72.51 39.62 -54.19
N GLN NA 74 71.86 39.82 -55.33
CA GLN NA 74 70.39 39.90 -55.37
C GLN NA 74 69.74 38.55 -55.07
N ALA NA 75 70.34 37.45 -55.52
CA ALA NA 75 69.80 36.13 -55.19
C ALA NA 75 70.03 35.80 -53.72
N MET NA 76 71.03 36.39 -53.09
CA MET NA 76 71.23 36.26 -51.67
C MET NA 76 70.65 37.43 -50.88
N GLU NA 77 69.99 38.37 -51.55
CA GLU NA 77 69.21 39.36 -50.86
C GLU NA 77 67.73 38.99 -50.83
N SER NA 78 67.21 38.47 -51.95
CA SER NA 78 65.82 38.03 -52.00
C SER NA 78 65.59 36.80 -51.14
N ALA NA 79 66.59 35.93 -51.03
CA ALA NA 79 66.48 34.75 -50.18
C ALA NA 79 66.61 35.08 -48.70
N TRP NA 80 66.97 36.31 -48.35
CA TRP NA 80 67.15 36.69 -46.96
C TRP NA 80 66.24 37.82 -46.52
N ARG NA 81 65.99 38.82 -47.37
CA ARG NA 81 64.99 39.82 -47.03
C ARG NA 81 63.59 39.25 -47.15
N GLY NA 82 63.40 38.28 -48.05
CA GLY NA 82 62.14 37.56 -48.11
C GLY NA 82 61.85 36.72 -46.87
N LEU NA 83 62.90 36.32 -46.15
CA LEU NA 83 62.69 35.72 -44.84
C LEU NA 83 62.15 36.75 -43.85
N LYS NA 84 62.62 37.99 -43.93
CA LYS NA 84 62.15 39.03 -43.03
C LYS NA 84 60.68 39.35 -43.29
N LEU NA 85 60.22 39.21 -44.53
CA LEU NA 85 58.79 39.28 -44.80
C LEU NA 85 58.03 38.10 -44.23
N PHE NA 86 58.70 36.98 -44.00
CA PHE NA 86 58.04 35.87 -43.31
C PHE NA 86 58.16 35.99 -41.80
N VAL NA 87 59.12 36.75 -41.29
CA VAL NA 87 59.23 36.93 -39.84
C VAL NA 87 58.35 38.07 -39.36
N ASP NA 88 58.24 39.15 -40.14
CA ASP NA 88 57.50 40.33 -39.68
C ASP NA 88 56.00 40.12 -39.70
N ARG NA 89 55.48 39.28 -40.60
CA ARG NA 89 54.04 39.11 -40.69
C ARG NA 89 53.50 38.11 -39.67
N THR NA 90 54.24 37.02 -39.44
CA THR NA 90 53.74 35.95 -38.59
C THR NA 90 53.89 36.32 -37.13
N ASP NA 91 52.80 36.20 -36.37
CA ASP NA 91 52.78 36.62 -34.98
C ASP NA 91 53.38 35.50 -34.14
N PHE NA 92 54.62 35.69 -33.69
CA PHE NA 92 55.30 34.68 -32.89
C PHE NA 92 54.77 34.60 -31.47
N ARG NA 93 53.97 35.58 -31.03
CA ARG NA 93 53.31 35.44 -29.74
C ARG NA 93 52.17 34.44 -29.79
N GLU NA 94 51.59 34.21 -30.96
CA GLU NA 94 50.46 33.29 -31.09
C GLU NA 94 50.92 31.89 -31.48
N ASN NA 95 51.89 31.36 -30.74
CA ASN NA 95 52.38 29.97 -30.83
C ASN NA 95 52.86 29.61 -32.24
N ASN NA 96 53.92 30.29 -32.65
CA ASN NA 96 54.54 30.02 -33.94
C ASN NA 96 56.05 30.04 -33.79
N LYS NA 97 56.72 29.08 -34.41
CA LYS NA 97 58.17 29.08 -34.50
C LYS NA 97 58.56 28.70 -35.91
N VAL NA 98 59.75 29.10 -36.33
CA VAL NA 98 60.23 28.79 -37.67
C VAL NA 98 61.72 28.45 -37.62
N GLU NA 99 62.05 27.29 -38.17
CA GLU NA 99 63.44 26.86 -38.23
C GLU NA 99 64.05 27.27 -39.56
N ILE NA 100 65.35 27.54 -39.54
CA ILE NA 100 66.10 28.04 -40.68
C ILE NA 100 67.22 27.07 -40.98
N LEU NA 101 67.18 26.45 -42.15
CA LEU NA 101 68.17 25.47 -42.55
C LEU NA 101 68.95 25.96 -43.76
N HIS NA 102 70.27 26.00 -43.65
CA HIS NA 102 71.15 26.34 -44.76
C HIS NA 102 71.47 25.08 -45.52
N VAL NA 103 70.83 24.90 -46.67
CA VAL NA 103 71.28 23.96 -47.67
C VAL NA 103 71.53 24.75 -48.93
N THR NA 104 72.07 24.09 -49.94
CA THR NA 104 71.91 24.57 -51.31
C THR NA 104 71.14 23.52 -52.09
N LYS NA 105 70.52 23.98 -53.19
CA LYS NA 105 69.61 23.13 -53.93
C LYS NA 105 70.33 21.99 -54.63
N ASP NA 106 71.60 22.19 -55.00
CA ASP NA 106 72.38 21.10 -55.57
C ASP NA 106 72.90 20.15 -54.51
N GLU NA 107 73.06 20.64 -53.27
CA GLU NA 107 73.50 19.77 -52.19
C GLU NA 107 72.38 18.83 -51.75
N LEU NA 108 71.13 19.25 -51.90
CA LEU NA 108 70.03 18.53 -51.30
C LEU NA 108 69.71 17.24 -52.05
N LEU NA 109 69.80 17.29 -53.38
CA LEU NA 109 69.61 16.06 -54.16
C LEU NA 109 70.76 15.08 -53.95
N GLU NA 110 71.97 15.61 -53.77
CA GLU NA 110 73.12 14.77 -53.42
C GLU NA 110 72.92 14.11 -52.05
N ASP NA 111 72.26 14.82 -51.14
CA ASP NA 111 72.00 14.27 -49.81
C ASP NA 111 70.90 13.20 -49.86
N PHE NA 112 70.01 13.25 -50.84
CA PHE NA 112 69.10 12.12 -51.06
C PHE NA 112 69.77 11.02 -51.85
N GLU NA 113 70.79 11.34 -52.65
CA GLU NA 113 71.64 10.33 -53.25
C GLU NA 113 72.61 9.74 -52.23
N PHE NA 114 72.83 10.46 -51.13
CA PHE NA 114 73.72 10.02 -50.06
C PHE NA 114 73.20 8.77 -49.38
N ALA NA 115 71.96 8.79 -48.91
CA ALA NA 115 71.40 7.65 -48.21
C ALA NA 115 70.73 6.68 -49.17
N PRO NA 116 70.77 5.38 -48.89
CA PRO NA 116 70.08 4.41 -49.75
C PRO NA 116 68.57 4.49 -49.65
N GLU NA 117 68.04 5.03 -48.55
CA GLU NA 117 66.61 5.15 -48.36
C GLU NA 117 66.33 6.56 -47.83
N THR NA 118 65.16 7.11 -48.20
CA THR NA 118 64.74 8.42 -47.73
C THR NA 118 64.57 8.48 -46.21
N ALA NA 119 64.34 7.34 -45.57
CA ALA NA 119 64.22 7.25 -44.13
C ALA NA 119 65.58 7.22 -43.42
N GLN NA 120 66.68 7.42 -44.14
CA GLN NA 120 67.98 7.59 -43.52
C GLN NA 120 68.72 8.82 -44.04
N SER NA 121 68.02 9.73 -44.69
CA SER NA 121 68.65 10.89 -45.30
C SER NA 121 69.08 11.91 -44.25
N GLY NA 122 69.74 12.97 -44.70
CA GLY NA 122 70.11 14.04 -43.81
C GLY NA 122 69.02 15.08 -43.65
N LEU NA 123 68.17 15.23 -44.67
CA LEU NA 123 67.02 16.12 -44.52
C LEU NA 123 65.92 15.45 -43.71
N TYR NA 124 65.85 14.11 -43.76
CA TYR NA 124 64.93 13.36 -42.90
C TYR NA 124 65.27 13.51 -41.43
N LYS NA 125 66.52 13.81 -41.11
CA LYS NA 125 66.90 14.04 -39.73
C LYS NA 125 66.32 15.35 -39.22
N HIS NA 126 66.28 16.37 -40.07
CA HIS NA 126 65.84 17.69 -39.61
C HIS NA 126 64.34 17.90 -39.75
N VAL NA 127 63.69 17.18 -40.67
CA VAL NA 127 62.26 17.32 -40.83
C VAL NA 127 61.51 16.41 -39.87
N TYR NA 128 61.91 15.14 -39.83
CA TYR NA 128 61.19 14.14 -39.05
C TYR NA 128 61.75 14.00 -37.64
N SER NA 129 63.02 13.61 -37.52
CA SER NA 129 63.50 13.09 -36.25
C SER NA 129 63.87 14.18 -35.26
N ALA NA 130 64.41 15.31 -35.72
CA ALA NA 130 64.71 16.38 -34.78
C ALA NA 130 63.47 17.15 -34.37
N GLY NA 131 62.39 17.00 -35.12
CA GLY NA 131 61.13 17.67 -34.84
C GLY NA 131 60.07 16.69 -34.41
N TYR NA 132 59.31 16.23 -35.40
CA TYR NA 132 58.16 15.37 -35.19
C TYR NA 132 58.50 14.05 -34.51
N GLY NA 133 59.52 13.36 -35.00
CA GLY NA 133 59.89 12.10 -34.40
C GLY NA 133 60.79 12.27 -33.19
N GLN NA 134 60.27 12.92 -32.15
CA GLN NA 134 61.06 13.28 -30.99
C GLN NA 134 60.12 13.44 -29.81
N PHE NA 135 60.49 12.87 -28.67
CA PHE NA 135 59.68 13.00 -27.47
C PHE NA 135 59.72 14.44 -26.98
N GLY NA 136 58.57 15.10 -27.02
CA GLY NA 136 58.44 16.47 -26.57
C GLY NA 136 58.82 17.52 -27.58
N GLY NA 137 59.49 17.15 -28.67
CA GLY NA 137 59.88 18.13 -29.65
C GLY NA 137 58.70 18.61 -30.48
N GLU NA 138 58.76 19.88 -30.87
CA GLU NA 138 57.69 20.46 -31.65
C GLU NA 138 57.74 19.94 -33.09
N PRO NA 139 56.61 19.53 -33.64
CA PRO NA 139 56.62 18.89 -34.96
C PRO NA 139 56.53 19.92 -36.08
N VAL NA 140 56.83 19.47 -37.29
CA VAL NA 140 57.01 20.34 -38.43
C VAL NA 140 55.71 20.46 -39.20
N GLY NA 141 55.24 21.69 -39.39
CA GLY NA 141 54.02 21.92 -40.12
C GLY NA 141 54.20 21.89 -41.62
N ALA NA 142 55.17 22.63 -42.15
CA ALA NA 142 55.40 22.69 -43.58
C ALA NA 142 56.85 23.02 -43.87
N ILE NA 143 57.29 22.70 -45.07
CA ILE NA 143 58.66 22.96 -45.50
C ILE NA 143 58.61 24.01 -46.60
N ILE NA 144 59.15 25.19 -46.33
CA ILE NA 144 59.27 26.24 -47.33
C ILE NA 144 60.48 25.92 -48.21
N GLY NA 145 60.23 25.69 -49.49
CA GLY NA 145 61.31 25.50 -50.43
C GLY NA 145 61.67 26.79 -51.13
N ASN NA 146 62.85 27.33 -50.86
CA ASN NA 146 63.28 28.60 -51.43
C ASN NA 146 64.02 28.35 -52.76
N TYR NA 147 63.35 27.63 -53.64
CA TYR NA 147 63.96 27.04 -54.81
C TYR NA 147 63.31 27.56 -56.07
N ALA NA 148 63.91 27.22 -57.21
CA ALA NA 148 63.37 27.54 -58.53
C ALA NA 148 63.40 26.26 -59.34
N PHE NA 149 62.27 25.58 -59.42
CA PHE NA 149 62.23 24.24 -59.98
C PHE NA 149 62.15 24.26 -61.50
N THR NA 150 62.94 23.43 -62.12
CA THR NA 150 62.91 23.07 -63.53
C THR NA 150 62.13 21.78 -63.69
N PRO NA 151 61.71 21.42 -64.90
CA PRO NA 151 61.11 20.10 -65.09
C PRO NA 151 62.11 19.00 -65.43
N SER NA 152 63.40 19.26 -65.20
CA SER NA 152 64.43 18.31 -65.57
C SER NA 152 64.51 17.18 -64.54
N THR NA 153 65.32 16.18 -64.86
CA THR NA 153 65.54 15.02 -64.02
C THR NA 153 66.19 15.33 -62.67
N PRO NA 154 67.16 16.26 -62.52
CA PRO NA 154 67.60 16.59 -61.16
C PRO NA 154 66.62 17.42 -60.34
N ASP NA 155 65.44 17.75 -60.87
CA ASP NA 155 64.41 18.42 -60.08
C ASP NA 155 63.10 17.63 -60.01
N MET NA 156 62.95 16.58 -60.80
CA MET NA 156 61.88 15.63 -60.55
C MET NA 156 62.33 14.45 -59.71
N LYS NA 157 63.64 14.25 -59.58
CA LYS NA 157 64.16 13.28 -58.62
C LYS NA 157 64.13 13.85 -57.22
N LEU NA 158 64.28 15.17 -57.09
CA LEU NA 158 64.19 15.81 -55.77
C LEU NA 158 62.77 15.76 -55.24
N LEU NA 159 61.80 16.11 -56.09
CA LEU NA 159 60.42 16.14 -55.63
C LEU NA 159 59.85 14.75 -55.40
N GLN NA 160 60.38 13.74 -56.08
CA GLN NA 160 60.01 12.38 -55.73
C GLN NA 160 60.53 12.00 -54.36
N TYR NA 161 61.68 12.54 -53.98
CA TYR NA 161 62.25 12.34 -52.66
C TYR NA 161 61.81 13.39 -51.66
N MET NA 162 60.97 14.35 -52.06
CA MET NA 162 60.33 15.24 -51.11
C MET NA 162 58.87 14.90 -50.89
N GLY NA 163 58.22 14.25 -51.86
CA GLY NA 163 56.90 13.73 -51.61
C GLY NA 163 56.93 12.53 -50.68
N ALA NA 164 57.98 11.72 -50.76
CA ALA NA 164 58.13 10.62 -49.82
C ALA NA 164 58.55 11.11 -48.45
N LEU NA 165 59.30 12.20 -48.38
CA LEU NA 165 59.61 12.80 -47.08
C LEU NA 165 58.38 13.47 -46.49
N GLY NA 166 57.57 14.13 -47.32
CA GLY NA 166 56.37 14.75 -46.84
C GLY NA 166 55.29 13.79 -46.42
N ALA NA 167 55.34 12.56 -46.89
CA ALA NA 167 54.38 11.55 -46.47
C ALA NA 167 54.82 10.83 -45.21
N MET NA 168 56.04 11.05 -44.74
CA MET NA 168 56.48 10.43 -43.51
C MET NA 168 56.32 11.37 -42.32
N ALA NA 169 56.63 12.65 -42.48
CA ALA NA 169 56.53 13.60 -41.39
C ALA NA 169 55.23 14.39 -41.41
N HIS NA 170 54.34 14.08 -42.36
CA HIS NA 170 53.03 14.72 -42.52
C HIS NA 170 53.14 16.23 -42.68
N ALA NA 171 54.03 16.64 -43.56
CA ALA NA 171 54.22 18.06 -43.77
C ALA NA 171 54.43 18.31 -45.26
N PRO NA 172 53.58 19.11 -45.89
CA PRO NA 172 53.74 19.34 -47.33
C PRO NA 172 54.90 20.27 -47.60
N PHE NA 173 55.61 19.99 -48.69
CA PHE NA 173 56.76 20.77 -49.13
C PHE NA 173 56.29 21.81 -50.13
N ILE NA 174 56.30 23.08 -49.74
CA ILE NA 174 55.88 24.18 -50.60
C ILE NA 174 57.11 24.89 -51.16
N SER NA 175 57.14 25.03 -52.47
CA SER NA 175 58.22 25.68 -53.19
C SER NA 175 57.61 26.33 -54.42
N SER NA 176 58.44 26.70 -55.39
CA SER NA 176 57.90 27.36 -56.58
C SER NA 176 58.58 26.82 -57.84
N VAL NA 177 57.85 26.91 -58.93
CA VAL NA 177 58.38 26.61 -60.25
C VAL NA 177 58.95 27.91 -60.83
N GLY NA 178 59.84 27.76 -61.79
CA GLY NA 178 60.49 28.90 -62.39
C GLY NA 178 59.84 29.31 -63.69
N PRO NA 179 60.38 30.36 -64.32
CA PRO NA 179 59.94 30.70 -65.67
C PRO NA 179 60.21 29.59 -66.66
N GLU NA 180 61.40 28.97 -66.57
CA GLU NA 180 61.79 27.90 -67.48
C GLU NA 180 60.99 26.63 -67.27
N PHE NA 181 60.21 26.54 -66.19
CA PHE NA 181 59.31 25.41 -66.01
C PHE NA 181 58.21 25.42 -67.06
N PHE NA 182 57.67 26.59 -67.36
CA PHE NA 182 56.66 26.70 -68.39
C PHE NA 182 57.25 26.78 -69.78
N GLY NA 183 58.56 26.95 -69.91
CA GLY NA 183 59.21 27.03 -71.20
C GLY NA 183 59.07 28.38 -71.87
N ILE NA 184 59.32 29.44 -71.12
CA ILE NA 184 59.21 30.79 -71.65
C ILE NA 184 60.49 31.61 -71.50
N ASP NA 185 61.39 31.24 -70.57
CA ASP NA 185 62.74 31.80 -70.39
C ASP NA 185 62.79 33.28 -70.02
N SER NA 186 61.62 33.90 -69.85
CA SER NA 186 61.45 35.30 -69.47
C SER NA 186 59.99 35.40 -69.04
N PHE NA 187 59.73 35.91 -67.85
CA PHE NA 187 58.48 35.52 -67.20
C PHE NA 187 57.27 36.32 -67.64
N GLU NA 188 57.43 37.57 -68.05
CA GLU NA 188 56.27 38.43 -68.29
C GLU NA 188 55.47 38.08 -69.53
N GLU NA 189 55.83 37.02 -70.25
CA GLU NA 189 55.03 36.52 -71.37
C GLU NA 189 54.18 35.32 -70.98
N LEU NA 190 53.73 35.26 -69.74
CA LEU NA 190 52.87 34.15 -69.32
C LEU NA 190 51.40 34.30 -69.76
N PRO NA 191 50.74 35.47 -69.69
CA PRO NA 191 49.37 35.53 -70.25
C PRO NA 191 49.30 35.38 -71.76
N ASN NA 192 50.43 35.47 -72.47
CA ASN NA 192 50.44 35.24 -73.90
C ASN NA 192 50.22 33.77 -74.24
N ILE NA 193 50.39 32.87 -73.26
CA ILE NA 193 50.13 31.45 -73.47
C ILE NA 193 48.63 31.24 -73.68
N LYS NA 194 48.28 30.75 -74.86
CA LYS NA 194 46.88 30.61 -75.23
C LYS NA 194 46.32 29.21 -74.96
N ASP NA 195 47.18 28.24 -74.68
CA ASP NA 195 46.72 26.90 -74.31
C ASP NA 195 47.79 26.29 -73.42
N LEU NA 196 47.54 26.30 -72.11
CA LEU NA 196 48.49 25.77 -71.14
C LEU NA 196 48.22 24.31 -70.82
N LYS NA 197 47.05 23.80 -71.18
CA LYS NA 197 46.76 22.39 -70.99
C LYS NA 197 47.59 21.51 -71.92
N SER NA 198 47.78 21.96 -73.17
CA SER NA 198 48.57 21.19 -74.11
C SER NA 198 50.06 21.29 -73.86
N THR NA 199 50.49 22.33 -73.14
CA THR NA 199 51.91 22.46 -72.81
C THR NA 199 52.35 21.37 -71.84
N PHE NA 200 51.48 21.00 -70.91
CA PHE NA 200 51.81 20.02 -69.89
C PHE NA 200 51.70 18.58 -70.40
N GLU NA 201 51.11 18.37 -71.57
CA GLU NA 201 51.01 17.04 -72.19
C GLU NA 201 52.08 16.83 -73.26
N SER NA 202 53.29 17.39 -73.05
CA SER NA 202 54.52 17.33 -73.83
C SER NA 202 55.43 16.23 -73.29
N PRO NA 203 56.22 15.58 -74.14
CA PRO NA 203 57.13 14.53 -73.66
C PRO NA 203 58.32 15.04 -72.86
N LYS NA 204 58.51 16.35 -72.72
CA LYS NA 204 59.50 16.86 -71.78
C LYS NA 204 59.05 16.65 -70.34
N TYR NA 205 57.75 16.54 -70.12
CA TYR NA 205 57.16 16.45 -68.79
C TYR NA 205 56.73 15.03 -68.44
N THR NA 206 57.47 14.01 -68.87
CA THR NA 206 57.12 12.65 -68.51
C THR NA 206 57.45 12.37 -67.05
N LYS NA 207 58.49 13.02 -66.53
CA LYS NA 207 58.80 12.95 -65.12
C LYS NA 207 57.99 13.94 -64.28
N TRP NA 208 57.09 14.70 -64.89
CA TRP NA 208 56.13 15.54 -64.19
C TRP NA 208 54.77 14.86 -64.10
N ARG NA 209 54.27 14.33 -65.22
CA ARG NA 209 52.98 13.67 -65.23
C ARG NA 209 53.02 12.31 -64.54
N SER NA 210 54.21 11.75 -64.32
CA SER NA 210 54.34 10.59 -63.48
C SER NA 210 54.52 10.95 -62.01
N LEU NA 211 55.02 12.16 -61.73
CA LEU NA 211 55.04 12.65 -60.36
C LEU NA 211 53.63 12.95 -59.87
N ARG NA 212 52.78 13.50 -60.74
CA ARG NA 212 51.44 13.91 -60.35
C ARG NA 212 50.56 12.70 -60.02
N GLU NA 213 50.71 11.61 -60.76
CA GLU NA 213 49.91 10.43 -60.51
C GLU NA 213 50.30 9.70 -59.24
N SER NA 214 51.49 9.98 -58.68
CA SER NA 214 52.00 9.23 -57.55
C SER NA 214 51.21 9.55 -56.28
N GLU NA 215 51.28 8.62 -55.33
CA GLU NA 215 50.47 8.72 -54.13
C GLU NA 215 51.04 9.73 -53.15
N ASP NA 216 52.36 9.77 -53.00
CA ASP NA 216 52.98 10.68 -52.06
C ASP NA 216 53.13 12.10 -52.59
N ALA NA 217 52.61 12.39 -53.78
CA ALA NA 217 52.62 13.75 -54.31
C ALA NA 217 51.61 14.65 -53.62
N ARG NA 218 50.79 14.08 -52.75
CA ARG NA 218 49.78 14.82 -52.00
C ARG NA 218 50.40 15.87 -51.10
N TYR NA 219 51.64 15.65 -50.67
CA TYR NA 219 52.36 16.54 -49.78
C TYR NA 219 53.33 17.43 -50.54
N LEU NA 220 52.94 17.88 -51.72
CA LEU NA 220 53.79 18.73 -52.54
C LEU NA 220 52.92 19.79 -53.21
N GLY NA 221 53.03 21.03 -52.75
CA GLY NA 221 52.44 22.17 -53.43
C GLY NA 221 53.55 23.01 -54.05
N LEU NA 222 53.32 23.49 -55.26
CA LEU NA 222 54.28 24.35 -55.93
C LEU NA 222 53.61 25.67 -56.27
N THR NA 223 54.21 26.76 -55.82
CA THR NA 223 53.49 28.02 -55.66
C THR NA 223 53.61 28.88 -56.92
N ALA NA 224 53.32 30.15 -56.74
CA ALA NA 224 52.98 31.29 -57.59
C ALA NA 224 54.09 31.74 -58.54
N PRO NA 225 53.86 32.75 -59.38
CA PRO NA 225 54.99 33.36 -60.12
C PRO NA 225 56.19 33.82 -59.31
N ARG NA 226 56.08 34.94 -58.58
CA ARG NA 226 57.10 35.61 -57.77
C ARG NA 226 56.41 36.84 -57.21
N PHE NA 227 57.08 37.52 -56.29
CA PHE NA 227 56.51 38.75 -55.75
C PHE NA 227 57.63 39.70 -55.37
N LEU NA 228 57.28 40.97 -55.29
CA LEU NA 228 58.25 42.04 -55.06
C LEU NA 228 58.54 42.20 -53.57
N LEU NA 229 59.78 42.55 -53.25
CA LEU NA 229 60.23 42.71 -51.88
C LEU NA 229 60.62 44.14 -51.53
N ARG NA 230 61.44 44.79 -52.35
CA ARG NA 230 62.02 46.08 -52.01
C ARG NA 230 61.60 47.13 -53.03
N VAL NA 231 60.97 48.19 -52.54
CA VAL NA 231 60.76 49.38 -53.36
C VAL NA 231 62.11 50.02 -53.65
N PRO NA 232 62.43 50.32 -54.90
CA PRO NA 232 63.68 51.03 -55.20
C PRO NA 232 63.67 52.43 -54.59
N TYR NA 233 64.82 52.83 -54.08
CA TYR NA 233 64.93 54.00 -53.20
C TYR NA 233 64.77 55.29 -54.01
N ASP NA 234 64.54 56.39 -53.27
CA ASP NA 234 64.20 57.66 -53.88
C ASP NA 234 64.58 58.74 -52.89
N PRO NA 235 65.13 59.88 -53.32
CA PRO NA 235 65.50 60.94 -52.37
C PRO NA 235 64.32 61.68 -51.75
N ILE NA 236 63.08 61.40 -52.16
CA ILE NA 236 61.89 62.02 -51.58
C ILE NA 236 61.04 60.98 -50.84
N GLU NA 237 60.79 59.83 -51.48
CA GLU NA 237 59.87 58.85 -50.92
C GLU NA 237 60.53 58.03 -49.81
N ASN NA 238 61.57 57.28 -50.15
CA ASN NA 238 62.28 56.41 -49.20
C ASN NA 238 63.75 56.81 -49.22
N PRO NA 239 64.12 57.85 -48.48
CA PRO NA 239 65.49 58.37 -48.55
C PRO NA 239 66.46 57.51 -47.76
N VAL NA 240 67.74 57.81 -47.94
CA VAL NA 240 68.81 57.21 -47.17
C VAL NA 240 69.54 58.30 -46.41
N LYS NA 241 70.24 57.91 -45.35
CA LYS NA 241 70.82 58.86 -44.40
C LYS NA 241 72.04 59.54 -45.01
N SER NA 242 72.00 60.88 -45.05
CA SER NA 242 73.09 61.75 -45.51
C SER NA 242 73.50 61.47 -46.96
N PHE NA 243 72.54 61.05 -47.78
CA PHE NA 243 72.79 60.74 -49.18
C PHE NA 243 71.46 60.78 -49.92
N ASN NA 244 71.52 61.05 -51.22
CA ASN NA 244 70.36 61.02 -52.10
C ASN NA 244 70.58 59.93 -53.13
N TYR NA 245 69.77 58.87 -53.04
CA TYR NA 245 69.97 57.66 -53.85
C TYR NA 245 68.73 57.42 -54.70
N ALA NA 246 68.86 57.65 -56.00
CA ALA NA 246 67.80 57.33 -56.96
C ALA NA 246 68.24 56.07 -57.69
N GLU NA 247 67.61 54.95 -57.36
CA GLU NA 247 67.97 53.65 -57.93
C GLU NA 247 67.40 53.57 -59.34
N ASN NA 248 68.26 53.76 -60.33
CA ASN NA 248 67.84 53.77 -61.73
C ASN NA 248 67.53 52.35 -62.18
N VAL NA 249 66.25 51.98 -62.12
CA VAL NA 249 65.81 50.65 -62.55
C VAL NA 249 65.56 50.70 -64.06
N SER NA 250 66.26 49.84 -64.78
CA SER NA 250 66.21 49.83 -66.24
C SER NA 250 64.96 49.09 -66.72
N ALA NA 251 64.90 48.85 -68.03
CA ALA NA 251 63.78 48.12 -68.61
C ALA NA 251 63.80 46.64 -68.25
N SER NA 252 64.95 46.12 -67.85
CA SER NA 252 65.01 44.75 -67.35
C SER NA 252 64.38 44.68 -65.98
N HIS NA 253 63.30 43.91 -65.85
CA HIS NA 253 62.61 43.74 -64.58
C HIS NA 253 63.22 42.66 -63.71
N GLU NA 254 64.43 42.20 -64.05
CA GLU NA 254 65.17 41.31 -63.16
C GLU NA 254 65.93 42.06 -62.08
N HIS NA 255 66.03 43.38 -62.19
CA HIS NA 255 66.77 44.15 -61.20
C HIS NA 255 65.96 44.46 -59.96
N TYR NA 256 64.63 44.39 -60.05
CA TYR NA 256 63.79 44.43 -58.86
C TYR NA 256 64.09 43.23 -57.98
N LEU NA 257 64.01 43.42 -56.66
CA LEU NA 257 64.30 42.35 -55.72
C LEU NA 257 63.09 41.42 -55.68
N TRP NA 258 63.06 40.48 -56.62
CA TRP NA 258 61.93 39.55 -56.68
C TRP NA 258 62.17 38.39 -55.73
N GLY NA 259 61.25 38.21 -54.79
CA GLY NA 259 61.35 37.14 -53.82
C GLY NA 259 60.78 35.83 -54.33
N ASN NA 260 60.75 34.84 -53.43
CA ASN NA 260 60.18 33.53 -53.72
C ASN NA 260 58.86 33.39 -52.98
N THR NA 261 57.82 32.95 -53.67
CA THR NA 261 56.46 33.02 -53.12
C THR NA 261 56.16 31.89 -52.15
N ALA NA 262 57.08 30.94 -51.98
CA ALA NA 262 56.95 29.98 -50.88
C ALA NA 262 57.05 30.67 -49.53
N PHE NA 263 57.74 31.81 -49.47
CA PHE NA 263 57.63 32.72 -48.33
C PHE NA 263 56.21 33.23 -48.18
N ALA NA 264 55.65 33.76 -49.26
CA ALA NA 264 54.37 34.45 -49.18
C ALA NA 264 53.18 33.52 -49.04
N PHE NA 265 53.28 32.29 -49.51
CA PHE NA 265 52.20 31.34 -49.29
C PHE NA 265 52.22 30.76 -47.90
N ALA NA 266 53.40 30.60 -47.32
CA ALA NA 266 53.49 30.19 -45.93
C ALA NA 266 53.17 31.33 -44.97
N THR NA 267 53.10 32.56 -45.46
CA THR NA 267 52.56 33.63 -44.65
C THR NA 267 51.08 33.38 -44.35
N ARG NA 268 50.36 32.82 -45.31
CA ARG NA 268 48.95 32.51 -45.12
C ARG NA 268 48.70 31.21 -44.39
N LEU NA 269 49.67 30.30 -44.39
CA LEU NA 269 49.57 29.14 -43.50
C LEU NA 269 49.67 29.56 -42.05
N THR NA 270 50.46 30.58 -41.76
CA THR NA 270 50.72 30.94 -40.38
C THR NA 270 49.77 32.02 -39.88
N ASP NA 271 49.40 32.97 -40.74
CA ASP NA 271 48.40 33.95 -40.34
C ASP NA 271 47.00 33.35 -40.26
N SER NA 272 46.78 32.17 -40.83
CA SER NA 272 45.57 31.42 -40.50
C SER NA 272 45.71 30.68 -39.19
N PHE NA 273 46.91 30.25 -38.83
CA PHE NA 273 47.09 29.56 -37.58
C PHE NA 273 47.10 30.52 -36.40
N ALA NA 274 47.53 31.75 -36.60
CA ALA NA 274 47.58 32.69 -35.50
C ALA NA 274 46.22 33.23 -35.12
N LYS NA 275 45.19 32.96 -35.93
CA LYS NA 275 43.84 33.43 -35.66
C LYS NA 275 42.91 32.33 -35.19
N TYR NA 276 42.95 31.16 -35.81
CA TYR NA 276 42.00 30.10 -35.53
C TYR NA 276 42.64 28.83 -34.99
N ARG NA 277 43.97 28.79 -34.88
CA ARG NA 277 44.76 27.62 -34.42
C ARG NA 277 44.51 26.40 -35.30
N TRP NA 278 44.19 26.62 -36.57
CA TRP NA 278 44.15 25.59 -37.59
C TRP NA 278 44.61 26.24 -38.89
N CYS NA 279 44.61 25.47 -39.96
CA CYS NA 279 44.89 26.01 -41.29
C CYS NA 279 44.14 25.27 -42.40
N PRO NA 280 42.83 25.51 -42.54
CA PRO NA 280 42.24 25.34 -43.87
C PRO NA 280 42.05 26.67 -44.59
N ASN NA 281 42.29 27.78 -43.89
CA ASN NA 281 41.90 29.10 -44.37
C ASN NA 281 43.07 29.74 -45.12
N ILE NA 282 43.26 29.31 -46.36
CA ILE NA 282 44.35 29.82 -47.18
C ILE NA 282 43.93 30.20 -48.59
N ILE NA 283 42.65 30.11 -48.92
CA ILE NA 283 42.24 30.30 -50.31
C ILE NA 283 41.23 31.43 -50.48
N GLY NA 284 41.23 32.44 -49.60
CA GLY NA 284 40.25 33.47 -49.67
C GLY NA 284 40.78 34.88 -49.82
N PRO NA 285 40.32 35.60 -50.84
CA PRO NA 285 40.63 37.04 -50.94
C PRO NA 285 40.02 37.85 -49.83
N GLN NA 286 38.94 37.38 -49.22
CA GLN NA 286 38.43 37.95 -47.99
C GLN NA 286 38.34 36.89 -46.89
N SER NA 287 39.05 35.78 -47.04
CA SER NA 287 38.92 34.68 -46.09
C SER NA 287 40.25 34.02 -45.80
N GLY NA 288 41.35 34.75 -45.92
CA GLY NA 288 42.63 34.27 -45.47
C GLY NA 288 43.60 33.78 -46.53
N GLY NA 289 43.43 34.19 -47.78
CA GLY NA 289 44.41 33.87 -48.79
C GLY NA 289 44.87 35.12 -49.48
N ALA NA 290 44.72 36.25 -48.81
CA ALA NA 290 45.01 37.56 -49.38
C ALA NA 290 46.37 38.04 -48.90
N VAL NA 291 47.38 37.96 -49.76
CA VAL NA 291 48.70 38.50 -49.46
C VAL NA 291 48.61 40.01 -49.58
N GLU NA 292 48.49 40.70 -48.45
CA GLU NA 292 48.34 42.14 -48.45
C GLU NA 292 49.70 42.81 -48.24
N ASP NA 293 49.68 44.14 -48.40
CA ASP NA 293 50.82 45.03 -48.16
C ASP NA 293 52.01 44.66 -49.06
N LEU NA 294 51.74 44.52 -50.34
CA LEU NA 294 52.83 44.29 -51.27
C LEU NA 294 53.53 45.61 -51.58
N PRO NA 295 54.81 45.55 -51.94
CA PRO NA 295 55.49 46.76 -52.41
C PRO NA 295 55.02 47.15 -53.80
N VAL NA 296 54.81 48.46 -53.99
CA VAL NA 296 54.47 48.99 -55.30
C VAL NA 296 55.50 50.04 -55.68
N HIS NA 297 55.64 50.25 -56.99
CA HIS NA 297 56.62 51.18 -57.53
C HIS NA 297 55.95 51.96 -58.65
N VAL NA 298 55.46 53.15 -58.34
CA VAL NA 298 54.80 53.99 -59.33
C VAL NA 298 55.87 54.66 -60.17
N PHE NA 299 55.92 54.30 -61.45
CA PHE NA 299 56.86 54.90 -62.38
C PHE NA 299 56.11 55.45 -63.58
N GLU NA 300 56.84 56.16 -64.43
CA GLU NA 300 56.26 56.78 -65.61
C GLU NA 300 56.31 55.82 -66.79
N SER NA 301 55.15 55.49 -67.34
CA SER NA 301 55.05 54.68 -68.53
C SER NA 301 55.15 55.57 -69.78
N MET NA 302 54.76 55.03 -70.93
CA MET NA 302 54.75 55.79 -72.18
C MET NA 302 53.59 56.77 -72.18
N GLY NA 303 53.75 57.84 -71.40
CA GLY NA 303 52.76 58.89 -71.30
C GLY NA 303 51.99 58.91 -70.00
N ALA NA 304 51.58 57.74 -69.52
CA ALA NA 304 50.73 57.64 -68.35
C ALA NA 304 51.55 57.38 -67.08
N LEU NA 305 50.86 57.39 -65.96
CA LEU NA 305 51.45 57.11 -64.65
C LEU NA 305 50.87 55.79 -64.16
N GLN NA 306 51.64 54.72 -64.30
CA GLN NA 306 51.19 53.39 -63.90
C GLN NA 306 52.03 52.90 -62.72
N SER NA 307 51.70 51.71 -62.25
CA SER NA 307 52.40 51.06 -61.16
C SER NA 307 53.02 49.75 -61.63
N LYS NA 308 54.20 49.45 -61.14
CA LYS NA 308 54.80 48.14 -61.41
C LYS NA 308 54.03 47.06 -60.68
N ILE NA 309 53.67 46.01 -61.40
CA ILE NA 309 52.85 44.94 -60.81
C ILE NA 309 53.68 44.14 -59.82
N PRO NA 310 53.21 43.98 -58.58
CA PRO NA 310 54.04 43.32 -57.56
C PRO NA 310 54.23 41.84 -57.80
N THR NA 311 53.35 41.16 -58.51
CA THR NA 311 53.66 39.87 -59.10
C THR NA 311 53.93 40.11 -60.58
N GLU NA 312 54.83 39.31 -61.16
CA GLU NA 312 55.40 39.69 -62.44
C GLU NA 312 54.45 39.54 -63.61
N VAL NA 313 53.35 38.82 -63.45
CA VAL NA 313 52.31 38.76 -64.46
C VAL NA 313 50.98 39.05 -63.80
N LEU NA 314 50.02 39.48 -64.60
CA LEU NA 314 48.63 39.60 -64.17
C LEU NA 314 47.93 38.31 -64.56
N ILE NA 315 47.74 37.43 -63.59
CA ILE NA 315 47.10 36.15 -63.84
C ILE NA 315 45.61 36.38 -63.98
N THR NA 316 45.06 36.00 -65.13
CA THR NA 316 43.63 36.12 -65.33
C THR NA 316 42.89 35.02 -64.57
N ASP NA 317 41.57 35.06 -64.63
CA ASP NA 317 40.80 34.06 -63.92
C ASP NA 317 40.79 32.72 -64.66
N ARG NA 318 40.85 32.76 -65.99
CA ARG NA 318 40.90 31.51 -66.75
C ARG NA 318 42.28 30.89 -66.66
N LYS NA 319 43.34 31.71 -66.65
CA LYS NA 319 44.69 31.20 -66.49
C LYS NA 319 44.89 30.59 -65.11
N GLU NA 320 44.26 31.17 -64.10
CA GLU NA 320 44.41 30.64 -62.74
C GLU NA 320 43.61 29.36 -62.58
N PHE NA 321 42.44 29.27 -63.20
CA PHE NA 321 41.67 28.04 -63.16
C PHE NA 321 42.36 26.93 -63.94
N GLU NA 322 43.09 27.28 -65.00
CA GLU NA 322 43.83 26.27 -65.73
C GLU NA 322 45.08 25.84 -64.97
N LEU NA 323 45.65 26.74 -64.16
CA LEU NA 323 46.71 26.34 -63.23
C LEU NA 323 46.16 25.56 -62.06
N ALA NA 324 44.90 25.79 -61.68
CA ALA NA 324 44.31 25.06 -60.56
C ALA NA 324 44.04 23.61 -60.92
N GLU NA 325 43.63 23.36 -62.15
CA GLU NA 325 43.40 21.99 -62.59
C GLU NA 325 44.73 21.24 -62.78
N GLU NA 326 45.79 21.96 -63.14
CA GLU NA 326 47.08 21.35 -63.39
C GLU NA 326 48.00 21.39 -62.18
N GLY NA 327 47.47 21.65 -60.99
CA GLY NA 327 48.22 21.52 -59.76
C GLY NA 327 49.20 22.64 -59.50
N PHE NA 328 48.71 23.86 -59.34
CA PHE NA 328 49.56 25.01 -59.04
C PHE NA 328 48.81 25.94 -58.11
N ILE NA 329 49.56 26.56 -57.20
CA ILE NA 329 49.00 27.54 -56.27
C ILE NA 329 49.36 28.90 -56.83
N ALA NA 330 48.49 29.45 -57.67
CA ALA NA 330 48.79 30.71 -58.32
C ALA NA 330 48.32 31.89 -57.47
N LEU NA 331 48.94 33.04 -57.70
CA LEU NA 331 48.66 34.27 -56.96
C LEU NA 331 48.23 35.35 -57.93
N THR NA 332 46.92 35.52 -58.08
CA THR NA 332 46.42 36.64 -58.86
C THR NA 332 46.59 37.93 -58.07
N MET NA 333 46.92 39.00 -58.78
CA MET NA 333 47.22 40.28 -58.15
C MET NA 333 46.05 41.21 -58.37
N ARG NA 334 45.69 41.96 -57.33
CA ARG NA 334 44.59 42.91 -57.42
C ARG NA 334 45.05 44.12 -58.22
N LYS NA 335 44.70 44.13 -59.50
CA LYS NA 335 45.26 45.06 -60.48
C LYS NA 335 44.95 46.51 -60.14
N GLY NA 336 45.96 47.25 -59.74
CA GLY NA 336 45.81 48.65 -59.38
C GLY NA 336 46.04 48.95 -57.92
N SER NA 337 46.46 47.97 -57.13
CA SER NA 337 46.69 48.21 -55.71
C SER NA 337 47.84 47.31 -55.25
N ASP NA 338 47.99 47.22 -53.94
CA ASP NA 338 49.09 46.48 -53.32
C ASP NA 338 48.61 45.20 -52.64
N ASN NA 339 47.62 44.54 -53.23
CA ASN NA 339 47.07 43.33 -52.67
C ASN NA 339 47.13 42.22 -53.69
N ALA NA 340 46.97 40.99 -53.21
CA ALA NA 340 46.91 39.83 -54.08
C ALA NA 340 46.01 38.81 -53.40
N ALA NA 341 45.85 37.65 -54.04
CA ALA NA 341 44.94 36.66 -53.49
C ALA NA 341 45.30 35.29 -54.04
N PHE NA 342 45.17 34.28 -53.18
CA PHE NA 342 45.12 32.90 -53.62
C PHE NA 342 43.66 32.50 -53.78
N PHE NA 343 43.41 31.55 -54.64
CA PHE NA 343 42.05 31.07 -54.86
C PHE NA 343 41.88 29.58 -54.70
N SER NA 344 42.95 28.80 -54.86
CA SER NA 344 42.87 27.35 -54.76
C SER NA 344 44.26 26.83 -54.46
N ALA NA 345 44.40 26.10 -53.35
CA ALA NA 345 45.71 25.63 -52.91
C ALA NA 345 45.97 24.20 -53.31
N ASN NA 346 45.51 23.79 -54.50
CA ASN NA 346 45.59 22.40 -54.92
C ASN NA 346 47.02 21.90 -55.04
N SER NA 347 47.30 20.75 -54.44
CA SER NA 347 48.58 20.11 -54.58
C SER NA 347 48.69 19.49 -55.97
N ILE NA 348 49.89 19.01 -56.30
CA ILE NA 348 50.15 18.54 -57.65
C ILE NA 348 49.52 17.20 -57.96
N GLN NA 349 48.83 16.57 -57.02
CA GLN NA 349 48.29 15.24 -57.25
C GLN NA 349 47.08 15.32 -58.17
N LYS NA 350 46.92 14.31 -59.01
CA LYS NA 350 45.80 14.34 -59.94
C LYS NA 350 44.63 13.53 -59.39
N PRO NA 351 43.41 14.03 -59.53
CA PRO NA 351 42.24 13.24 -59.15
C PRO NA 351 42.06 12.05 -60.06
N LYS NA 352 42.29 10.85 -59.54
CA LYS NA 352 42.28 9.66 -60.36
C LYS NA 352 40.85 9.29 -60.75
N VAL NA 353 40.64 9.07 -62.04
CA VAL NA 353 39.30 8.72 -62.52
C VAL NA 353 39.01 7.27 -62.16
N PHE NA 354 38.02 7.08 -61.38
CA PHE NA 354 37.53 5.79 -60.92
C PHE NA 354 36.35 5.35 -61.78
N PRO NA 355 36.12 4.05 -61.94
CA PRO NA 355 35.05 3.59 -62.84
C PRO NA 355 33.66 3.92 -62.30
N ASN NA 356 32.69 3.88 -63.21
CA ASN NA 356 31.36 4.40 -62.93
C ASN NA 356 30.47 3.42 -62.18
N THR NA 357 30.95 2.92 -61.05
CA THR NA 357 30.12 2.12 -60.17
C THR NA 357 29.49 3.01 -59.12
N LYS NA 358 28.82 2.40 -58.13
CA LYS NA 358 28.31 3.18 -57.02
C LYS NA 358 29.44 3.62 -56.10
N GLU NA 359 30.37 2.72 -55.81
CA GLU NA 359 31.52 3.07 -54.99
C GLU NA 359 32.56 3.86 -55.75
N GLY NA 360 32.66 3.66 -57.07
CA GLY NA 360 33.66 4.36 -57.85
C GLY NA 360 33.32 5.82 -58.04
N LYS NA 361 32.04 6.12 -58.26
CA LYS NA 361 31.61 7.51 -58.31
C LYS NA 361 31.67 8.16 -56.95
N GLU NA 362 31.61 7.36 -55.89
CA GLU NA 362 31.76 7.90 -54.54
C GLU NA 362 33.24 8.12 -54.20
N ALA NA 363 34.07 7.11 -54.40
CA ALA NA 363 35.48 7.22 -54.02
C ALA NA 363 36.26 8.20 -54.88
N GLU NA 364 35.75 8.54 -56.06
CA GLU NA 364 36.37 9.60 -56.85
C GLU NA 364 36.22 10.95 -56.15
N THR NA 365 35.05 11.19 -55.55
CA THR NA 365 34.88 12.41 -54.78
C THR NA 365 35.60 12.31 -53.44
N ASN NA 366 35.83 11.09 -52.97
CA ASN NA 366 36.61 10.92 -51.75
C ASN NA 366 38.09 11.16 -52.00
N TYR NA 367 38.62 10.63 -53.10
CA TYR NA 367 40.02 10.85 -53.43
C TYR NA 367 40.30 12.27 -53.88
N LYS NA 368 39.28 12.99 -54.36
CA LYS NA 368 39.44 14.37 -54.75
C LYS NA 368 39.73 15.26 -53.55
N LEU NA 369 39.17 14.93 -52.39
CA LEU NA 369 39.39 15.74 -51.20
C LEU NA 369 40.80 15.61 -50.66
N GLY NA 370 41.50 14.54 -51.02
CA GLY NA 370 42.86 14.39 -50.55
C GLY NA 370 43.82 15.36 -51.20
N THR NA 371 43.59 15.68 -52.47
CA THR NA 371 44.58 16.41 -53.24
C THR NA 371 44.57 17.91 -52.99
N GLN NA 372 43.56 18.43 -52.31
CA GLN NA 372 43.29 19.86 -52.45
C GLN NA 372 44.16 20.73 -51.56
N LEU NA 373 44.62 20.20 -50.43
CA LEU NA 373 45.55 20.84 -49.49
C LEU NA 373 45.06 22.17 -48.88
N PRO NA 374 43.79 22.29 -48.47
CA PRO NA 374 43.68 22.85 -47.14
C PRO NA 374 43.28 21.73 -46.20
N TYR NA 375 42.79 20.65 -46.79
CA TYR NA 375 42.26 19.54 -46.02
C TYR NA 375 43.35 18.61 -45.52
N MET NA 376 44.51 18.58 -46.18
CA MET NA 376 45.64 17.90 -45.58
C MET NA 376 46.08 18.59 -44.30
N MET NA 377 45.99 19.91 -44.26
CA MET NA 377 46.51 20.62 -43.12
C MET NA 377 45.57 20.54 -41.92
N ILE NA 378 44.32 20.06 -42.10
CA ILE NA 378 43.51 19.77 -40.94
C ILE NA 378 43.61 18.31 -40.52
N ILE NA 379 44.36 17.48 -41.25
CA ILE NA 379 44.69 16.14 -40.79
C ILE NA 379 46.18 15.93 -40.60
N ASN NA 380 47.03 16.80 -41.12
CA ASN NA 380 48.41 16.79 -40.67
C ASN NA 380 48.48 17.18 -39.21
N ARG NA 381 47.64 18.14 -38.79
CA ARG NA 381 47.51 18.42 -37.37
C ARG NA 381 46.87 17.27 -36.61
N LEU NA 382 46.03 16.49 -37.28
CA LEU NA 382 45.57 15.24 -36.68
C LEU NA 382 46.53 14.10 -36.90
N ALA NA 383 47.76 14.39 -37.32
CA ALA NA 383 48.86 13.46 -37.17
C ALA NA 383 49.92 14.01 -36.26
N HIS NA 384 49.92 15.31 -36.00
CA HIS NA 384 50.91 15.84 -35.08
C HIS NA 384 50.39 15.88 -33.66
N TYR NA 385 49.11 16.21 -33.45
CA TYR NA 385 48.55 16.12 -32.11
C TYR NA 385 48.51 14.69 -31.62
N VAL NA 386 48.10 13.76 -32.49
CA VAL NA 386 47.77 12.44 -32.00
C VAL NA 386 49.04 11.62 -31.81
N LYS NA 387 50.09 11.96 -32.54
CA LYS NA 387 51.41 11.39 -32.27
C LYS NA 387 51.94 11.84 -30.92
N VAL NA 388 51.75 13.11 -30.59
CA VAL NA 388 52.22 13.63 -29.31
C VAL NA 388 51.35 13.13 -28.17
N LEU NA 389 50.03 13.09 -28.38
CA LEU NA 389 49.11 12.81 -27.29
C LEU NA 389 49.17 11.35 -26.88
N GLN NA 390 49.36 10.45 -27.84
CA GLN NA 390 49.54 9.03 -27.56
C GLN NA 390 50.99 8.63 -27.42
N ARG NA 391 51.89 9.59 -27.23
CA ARG NA 391 53.26 9.28 -26.84
C ARG NA 391 53.43 9.32 -25.33
N GLU NA 392 52.73 10.25 -24.68
CA GLU NA 392 52.76 10.33 -23.23
C GLU NA 392 52.12 9.12 -22.58
N GLN NA 393 51.20 8.46 -23.28
CA GLN NA 393 50.40 7.42 -22.68
C GLN NA 393 51.12 6.08 -22.57
N ILE NA 394 52.28 5.91 -23.19
CA ILE NA 394 52.96 4.61 -23.24
C ILE NA 394 53.38 4.21 -21.83
N GLY NA 395 52.92 3.03 -21.39
CA GLY NA 395 53.17 2.60 -20.04
C GLY NA 395 52.01 2.76 -19.10
N ALA NA 396 50.86 3.23 -19.58
CA ALA NA 396 49.74 3.46 -18.70
C ALA NA 396 49.01 2.16 -18.41
N TRP NA 397 47.84 2.29 -17.80
CA TRP NA 397 46.96 1.16 -17.55
C TRP NA 397 45.67 1.45 -18.30
N LYS NA 398 45.56 0.92 -19.51
CA LYS NA 398 44.52 1.36 -20.42
C LYS NA 398 43.77 0.11 -20.87
N GLU NA 399 42.74 0.29 -21.69
CA GLU NA 399 42.05 -0.80 -22.34
C GLU NA 399 41.70 -0.37 -23.76
N ARG NA 400 41.14 -1.30 -24.52
CA ARG NA 400 40.62 -0.94 -25.83
C ARG NA 400 39.43 -0.01 -25.69
N GLN NA 401 38.55 -0.30 -24.73
CA GLN NA 401 37.45 0.62 -24.43
C GLN NA 401 37.95 1.95 -23.88
N ASP NA 402 39.08 1.92 -23.17
CA ASP NA 402 39.67 3.18 -22.72
C ASP NA 402 40.39 3.88 -23.86
N LEU NA 403 40.89 3.12 -24.83
CA LEU NA 403 41.51 3.75 -25.99
C LEU NA 403 40.46 4.41 -26.89
N GLU NA 404 39.29 3.79 -27.02
CA GLU NA 404 38.20 4.38 -27.78
C GLU NA 404 37.73 5.68 -27.17
N ARG NA 405 37.79 5.81 -25.85
CA ARG NA 405 37.23 6.94 -25.13
C ARG NA 405 38.20 8.11 -25.04
N GLU NA 406 39.50 7.84 -24.88
CA GLU NA 406 40.46 8.92 -24.84
C GLU NA 406 40.67 9.58 -26.19
N LEU NA 407 40.19 8.98 -27.28
CA LEU NA 407 40.20 9.61 -28.58
C LEU NA 407 38.87 10.21 -28.98
N ASN NA 408 37.76 9.57 -28.65
CA ASN NA 408 36.46 10.11 -29.02
C ASN NA 408 36.11 11.33 -28.19
N SER NA 409 36.44 11.33 -26.90
CA SER NA 409 36.22 12.53 -26.10
C SER NA 409 37.26 13.59 -26.38
N TRP NA 410 38.32 13.25 -27.10
CA TRP NA 410 39.32 14.24 -27.49
C TRP NA 410 38.97 14.96 -28.79
N ILE NA 411 38.64 14.22 -29.84
CA ILE NA 411 38.44 14.88 -31.13
C ILE NA 411 37.06 15.52 -31.23
N LYS NA 412 36.15 15.22 -30.32
CA LYS NA 412 34.85 15.87 -30.36
C LYS NA 412 34.84 17.22 -29.68
N GLN NA 413 36.01 17.82 -29.47
CA GLN NA 413 36.10 19.26 -29.30
C GLN NA 413 36.57 19.94 -30.59
N TYR NA 414 36.86 19.16 -31.62
CA TYR NA 414 37.18 19.68 -32.94
C TYR NA 414 36.05 19.43 -33.93
N VAL NA 415 34.99 18.78 -33.50
CA VAL NA 415 33.89 18.37 -34.37
C VAL NA 415 32.68 19.21 -34.03
N ALA NA 416 32.15 19.92 -35.03
CA ALA NA 416 30.90 20.65 -34.88
C ALA NA 416 29.94 20.10 -35.92
N ASP NA 417 29.28 19.00 -35.57
CA ASP NA 417 28.41 18.29 -36.51
C ASP NA 417 27.10 19.07 -36.61
N GLN NA 418 27.12 20.06 -37.50
CA GLN NA 418 26.08 21.06 -37.53
C GLN NA 418 26.05 21.63 -38.93
N GLU NA 419 24.84 21.86 -39.46
CA GLU NA 419 24.71 22.22 -40.86
C GLU NA 419 25.15 23.65 -41.12
N ASN NA 420 24.81 24.58 -40.24
CA ASN NA 420 25.20 25.97 -40.37
C ASN NA 420 25.60 26.55 -39.01
N PRO NA 421 26.81 26.26 -38.55
CA PRO NA 421 27.30 26.92 -37.35
C PRO NA 421 27.81 28.30 -37.71
N PRO NA 422 28.06 29.17 -36.73
CA PRO NA 422 28.64 30.49 -37.03
C PRO NA 422 30.04 30.39 -37.61
N ALA NA 423 30.52 31.54 -38.10
CA ALA NA 423 31.79 31.58 -38.83
C ALA NA 423 33.00 31.35 -37.93
N ASP NA 424 32.83 31.41 -36.61
CA ASP NA 424 33.93 31.09 -35.71
C ASP NA 424 33.93 29.62 -35.31
N VAL NA 425 32.76 28.99 -35.25
CA VAL NA 425 32.68 27.58 -34.90
C VAL NA 425 33.18 26.72 -36.06
N ARG NA 426 33.09 27.23 -37.28
CA ARG NA 426 33.56 26.48 -38.44
C ARG NA 426 35.07 26.38 -38.49
N SER NA 427 35.77 27.38 -38.01
CA SER NA 427 37.21 27.39 -38.15
C SER NA 427 37.95 27.00 -36.88
N ARG NA 428 37.37 27.25 -35.70
CA ARG NA 428 37.92 26.66 -34.49
C ARG NA 428 37.72 25.15 -34.47
N ARG NA 429 36.63 24.67 -35.04
CA ARG NA 429 36.32 23.25 -35.13
C ARG NA 429 36.22 22.89 -36.60
N PRO NA 430 37.35 22.64 -37.26
CA PRO NA 430 37.34 22.50 -38.72
C PRO NA 430 36.74 21.20 -39.21
N LEU NA 431 36.66 20.18 -38.37
CA LEU NA 431 36.06 18.93 -38.76
C LEU NA 431 34.55 19.05 -38.70
N ARG NA 432 33.88 18.05 -39.22
CA ARG NA 432 32.43 17.99 -39.20
C ARG NA 432 31.91 16.68 -38.63
N ALA NA 433 32.59 15.57 -38.91
CA ALA NA 433 32.25 14.31 -38.27
C ALA NA 433 33.51 13.44 -38.24
N ALA NA 434 33.60 12.59 -37.23
CA ALA NA 434 34.80 11.79 -37.04
C ALA NA 434 34.42 10.43 -36.49
N ARG NA 435 34.88 9.37 -37.14
CA ARG NA 435 34.61 7.99 -36.74
C ARG NA 435 35.90 7.37 -36.28
N ILE NA 436 35.87 6.68 -35.14
CA ILE NA 436 37.05 6.01 -34.60
C ILE NA 436 36.67 4.58 -34.29
N GLU NA 437 37.31 3.63 -34.96
CA GLU NA 437 37.02 2.21 -34.81
C GLU NA 437 38.29 1.51 -34.37
N VAL NA 438 38.42 1.28 -33.08
CA VAL NA 438 39.61 0.64 -32.54
C VAL NA 438 39.45 -0.87 -32.63
N MET NA 439 40.43 -1.54 -33.21
CA MET NA 439 40.46 -2.99 -33.35
C MET NA 439 41.67 -3.53 -32.60
N ASP NA 440 41.92 -4.82 -32.73
CA ASP NA 440 43.04 -5.45 -32.05
C ASP NA 440 44.04 -5.97 -33.07
N VAL NA 441 45.14 -6.51 -32.56
CA VAL NA 441 46.07 -7.30 -33.34
C VAL NA 441 46.26 -8.62 -32.61
N GLU NA 442 45.89 -9.72 -33.26
CA GLU NA 442 46.04 -11.03 -32.66
C GLU NA 442 47.47 -11.51 -32.81
N GLY NA 443 47.83 -12.52 -32.03
CA GLY NA 443 49.19 -13.03 -32.02
C GLY NA 443 50.04 -12.34 -30.98
N ASN NA 444 50.23 -11.02 -31.14
CA ASN NA 444 50.84 -10.18 -30.13
C ASN NA 444 49.73 -9.29 -29.58
N PRO NA 445 49.11 -9.64 -28.47
CA PRO NA 445 47.93 -8.90 -28.04
C PRO NA 445 48.30 -7.59 -27.38
N GLY NA 446 47.50 -6.56 -27.68
CA GLY NA 446 47.74 -5.22 -27.20
C GLY NA 446 48.40 -4.31 -28.21
N TRP NA 447 47.89 -4.33 -29.44
CA TRP NA 447 48.38 -3.50 -30.53
C TRP NA 447 47.14 -3.15 -31.33
N TYR NA 448 46.92 -1.86 -31.58
CA TYR NA 448 45.57 -1.36 -31.83
C TYR NA 448 45.44 -0.64 -33.15
N GLN NA 449 44.77 -1.27 -34.10
CA GLN NA 449 44.60 -0.70 -35.43
C GLN NA 449 43.34 0.14 -35.43
N VAL NA 450 43.45 1.43 -35.09
CA VAL NA 450 42.27 2.26 -34.99
C VAL NA 450 42.15 3.01 -36.30
N SER NA 451 40.94 3.45 -36.65
CA SER NA 451 40.73 4.09 -37.94
C SER NA 451 40.01 5.42 -37.75
N LEU NA 452 40.78 6.47 -37.50
CA LEU NA 452 40.21 7.81 -37.39
C LEU NA 452 39.79 8.33 -38.76
N SER NA 453 38.49 8.59 -38.92
CA SER NA 453 37.89 8.94 -40.21
C SER NA 453 37.20 10.30 -40.12
N VAL NA 454 37.98 11.37 -40.28
CA VAL NA 454 37.45 12.72 -40.13
C VAL NA 454 36.77 13.16 -41.41
N ARG NA 455 36.07 14.30 -41.35
CA ARG NA 455 35.34 14.81 -42.48
C ARG NA 455 35.25 16.33 -42.32
N PRO NA 456 35.57 17.08 -43.35
CA PRO NA 456 35.68 18.53 -43.19
C PRO NA 456 34.42 19.27 -43.62
N HIS NA 457 34.40 20.58 -43.41
CA HIS NA 457 33.40 21.43 -44.04
C HIS NA 457 33.86 21.81 -45.44
N PHE NA 458 32.95 22.39 -46.21
CA PHE NA 458 33.16 22.62 -47.63
C PHE NA 458 33.02 24.10 -47.96
N LYS NA 459 34.02 24.64 -48.64
CA LYS NA 459 34.12 26.06 -48.95
C LYS NA 459 33.36 26.39 -50.23
N TYR NA 460 33.62 27.57 -50.77
CA TYR NA 460 32.82 28.22 -51.81
C TYR NA 460 33.65 28.35 -53.08
N MET NA 461 33.26 27.67 -54.16
CA MET NA 461 34.05 27.71 -55.39
C MET NA 461 33.16 27.46 -56.62
N GLY NA 462 32.91 28.52 -57.37
CA GLY NA 462 32.16 28.46 -58.62
C GLY NA 462 30.66 28.33 -58.55
N ALA NA 463 29.97 29.00 -59.48
CA ALA NA 463 28.51 28.92 -59.61
C ALA NA 463 28.16 29.20 -61.07
N ASN NA 464 26.88 29.52 -61.35
CA ASN NA 464 26.56 29.71 -62.77
C ASN NA 464 25.87 31.03 -63.11
N PHE NA 465 24.86 31.45 -62.34
CA PHE NA 465 24.21 32.77 -62.46
C PHE NA 465 23.61 33.01 -63.86
N GLU NA 466 22.67 32.14 -64.24
CA GLU NA 466 22.13 32.12 -65.60
C GLU NA 466 21.00 33.13 -65.75
N LEU NA 467 21.34 34.38 -66.07
CA LEU NA 467 20.39 35.47 -66.10
C LEU NA 467 19.39 35.35 -67.24
N SER NA 468 18.30 36.11 -67.10
CA SER NA 468 17.15 36.14 -68.01
C SER NA 468 16.30 37.31 -67.57
N LEU NA 469 15.27 37.63 -68.34
CA LEU NA 469 14.20 38.45 -67.78
C LEU NA 469 12.88 37.71 -67.86
N VAL NA 470 12.02 37.97 -66.87
CA VAL NA 470 10.70 37.38 -66.81
C VAL NA 470 9.64 38.33 -67.37
N GLY NA 471 9.73 39.61 -67.00
CA GLY NA 471 8.83 40.62 -67.50
C GLY NA 471 7.67 40.95 -66.57
N ARG NA 472 7.07 39.95 -65.95
CA ARG NA 472 5.99 40.16 -64.99
C ARG NA 472 6.43 39.91 -63.56
N LEU NA 473 7.11 38.80 -63.31
CA LEU NA 473 7.52 38.46 -61.95
C LEU NA 473 8.82 39.16 -61.59
N PRO OA 1 0.76 4.90 -23.50
CA PRO OA 1 0.78 5.44 -24.86
C PRO OA 1 2.13 5.25 -25.52
N THR OA 2 2.14 5.16 -26.84
CA THR OA 2 3.41 4.93 -27.52
C THR OA 2 4.05 6.24 -27.92
N PRO OA 3 5.37 6.36 -27.82
CA PRO OA 3 6.02 7.62 -28.19
C PRO OA 3 5.97 7.88 -29.68
N CYS OA 4 5.95 9.15 -30.02
CA CYS OA 4 5.85 9.62 -31.38
C CYS OA 4 7.26 9.94 -31.90
N TYR OA 5 7.34 10.56 -33.07
CA TYR OA 5 8.62 10.91 -33.65
C TYR OA 5 8.47 12.22 -34.41
N ILE OA 6 9.44 13.11 -34.28
CA ILE OA 6 9.39 14.42 -34.91
C ILE OA 6 10.64 14.65 -35.72
N SER OA 7 10.49 15.06 -36.97
CA SER OA 7 11.60 15.42 -37.83
C SER OA 7 11.50 16.89 -38.19
N ILE OA 8 12.43 17.69 -37.67
CA ILE OA 8 12.42 19.14 -37.84
C ILE OA 8 13.42 19.51 -38.93
N GLU OA 9 13.02 20.35 -39.88
CA GLU OA 9 13.94 20.88 -40.86
C GLU OA 9 13.91 22.40 -40.82
N GLY OA 10 15.06 23.01 -40.57
CA GLY OA 10 15.14 24.45 -40.40
C GLY OA 10 15.29 25.19 -41.72
N GLN OA 11 15.26 26.51 -41.63
CA GLN OA 11 15.60 27.34 -42.78
C GLN OA 11 17.07 27.23 -43.13
N THR OA 12 17.92 27.63 -42.20
CA THR OA 12 19.35 27.68 -42.48
C THR OA 12 20.12 26.49 -41.91
N GLN OA 13 19.58 25.80 -40.92
CA GLN OA 13 20.32 24.73 -40.26
C GLN OA 13 20.01 23.36 -40.81
N GLY OA 14 19.42 23.30 -42.00
CA GLY OA 14 19.22 22.03 -42.67
C GLY OA 14 18.21 21.17 -41.92
N LEU OA 15 18.46 19.87 -41.93
CA LEU OA 15 17.67 18.95 -41.14
C LEU OA 15 18.21 18.98 -39.73
N ILE OA 16 17.43 19.54 -38.80
CA ILE OA 16 17.90 19.74 -37.43
C ILE OA 16 18.05 18.42 -36.71
N THR OA 17 17.06 17.56 -36.83
CA THR OA 17 17.12 16.32 -36.09
C THR OA 17 17.88 15.23 -36.80
N ALA OA 18 18.75 15.54 -37.75
CA ALA OA 18 19.52 14.52 -38.46
C ALA OA 18 20.57 13.98 -37.52
N GLY OA 19 20.31 12.82 -36.95
CA GLY OA 19 21.21 12.25 -35.98
C GLY OA 19 20.77 12.38 -34.54
N ALA OA 20 19.54 12.76 -34.28
CA ALA OA 20 19.09 12.93 -32.92
C ALA OA 20 18.63 11.64 -32.27
N CYS OA 21 18.79 10.51 -32.94
CA CYS OA 21 18.65 9.19 -32.36
C CYS OA 21 19.80 8.30 -32.80
N THR OA 22 21.02 8.78 -32.63
CA THR OA 22 22.19 7.95 -32.77
C THR OA 22 22.66 7.52 -31.39
N ALA OA 23 23.79 6.83 -31.35
CA ALA OA 23 24.37 6.44 -30.08
C ALA OA 23 25.07 7.60 -29.40
N ASP OA 24 25.38 8.66 -30.13
CA ASP OA 24 25.99 9.82 -29.49
C ASP OA 24 24.97 10.73 -28.84
N SER OA 25 23.74 10.75 -29.34
CA SER OA 25 22.73 11.64 -28.78
C SER OA 25 22.22 11.11 -27.45
N ILE OA 26 21.60 9.93 -27.46
CA ILE OA 26 20.87 9.46 -26.31
C ILE OA 26 21.36 8.12 -25.79
N GLY OA 27 22.62 7.79 -26.04
CA GLY OA 27 23.18 6.59 -25.47
C GLY OA 27 22.69 5.31 -26.10
N ASP OA 28 22.09 4.44 -25.31
CA ASP OA 28 21.64 3.14 -25.80
C ASP OA 28 20.15 3.09 -26.06
N SER OA 29 19.44 4.21 -25.92
CA SER OA 29 18.02 4.23 -26.18
C SER OA 29 17.70 4.74 -27.58
N PHE OA 30 18.62 4.60 -28.51
CA PHE OA 30 18.31 5.03 -29.85
C PHE OA 30 17.69 3.88 -30.62
N VAL OA 31 16.99 4.22 -31.69
CA VAL OA 31 16.24 3.26 -32.47
C VAL OA 31 16.76 3.29 -33.89
N GLU OA 32 17.08 2.13 -34.44
CA GLU OA 32 17.46 2.05 -35.84
C GLU OA 32 16.27 2.35 -36.74
N GLY OA 33 16.55 2.98 -37.87
CA GLY OA 33 15.52 3.39 -38.79
C GLY OA 33 14.92 4.75 -38.51
N HIS OA 34 15.07 5.26 -37.30
CA HIS OA 34 14.58 6.57 -36.93
C HIS OA 34 15.75 7.47 -36.62
N GLU OA 35 16.78 7.40 -37.47
CA GLU OA 35 18.01 8.13 -37.22
C GLU OA 35 17.85 9.63 -37.38
N ASP OA 36 16.79 10.09 -38.04
CA ASP OA 36 16.62 11.51 -38.29
C ASP OA 36 15.48 12.10 -37.49
N GLU OA 37 14.97 11.39 -36.50
CA GLU OA 37 13.73 11.77 -35.84
C GLU OA 37 13.91 11.67 -34.34
N MET OA 38 13.59 12.74 -33.61
CA MET OA 38 13.65 12.69 -32.16
C MET OA 38 12.58 11.78 -31.61
N LEU OA 39 12.69 11.45 -30.34
CA LEU OA 39 11.74 10.58 -29.68
C LEU OA 39 10.90 11.42 -28.74
N VAL OA 40 9.63 11.60 -29.07
CA VAL OA 40 8.76 12.55 -28.40
C VAL OA 40 7.93 11.84 -27.34
N GLN OA 41 8.03 12.32 -26.11
CA GLN OA 41 7.39 11.64 -25.00
C GLN OA 41 5.97 12.15 -24.76
N GLN OA 42 5.82 13.43 -24.45
CA GLN OA 42 4.55 14.02 -24.05
C GLN OA 42 4.11 14.99 -25.14
N PHE OA 43 2.82 15.30 -25.19
CA PHE OA 43 2.30 16.15 -26.24
C PHE OA 43 1.14 16.97 -25.71
N ASP OA 44 0.95 18.17 -26.27
CA ASP OA 44 -0.13 19.08 -25.88
C ASP OA 44 -0.32 20.18 -26.90
N HIS OA 45 -1.57 20.47 -27.30
CA HIS OA 45 -1.79 21.38 -28.41
C HIS OA 45 -3.23 21.87 -28.41
N VAL OA 46 -3.43 23.17 -28.37
CA VAL OA 46 -4.76 23.78 -28.30
C VAL OA 46 -4.94 24.65 -29.55
N VAL OA 47 -6.15 24.67 -30.11
CA VAL OA 47 -6.49 25.56 -31.21
C VAL OA 47 -7.80 26.23 -30.85
N THR OA 48 -7.75 27.46 -30.39
CA THR OA 48 -8.98 28.12 -29.95
C THR OA 48 -9.63 28.89 -31.08
N VAL OA 49 -10.92 29.20 -30.90
CA VAL OA 49 -11.65 30.11 -31.76
C VAL OA 49 -12.45 31.06 -30.87
N PRO OA 50 -12.26 32.36 -30.96
CA PRO OA 50 -13.03 33.28 -30.14
C PRO OA 50 -14.48 33.38 -30.58
N THR OA 51 -15.39 32.88 -29.76
CA THR OA 51 -16.81 32.95 -30.05
C THR OA 51 -17.46 33.97 -29.11
N ASP OA 52 -18.46 34.67 -29.62
CA ASP OA 52 -19.11 35.66 -28.78
C ASP OA 52 -20.06 35.00 -27.79
N PRO OA 53 -20.36 35.65 -26.68
CA PRO OA 53 -21.43 35.16 -25.81
C PRO OA 53 -22.78 35.40 -26.45
N GLN OA 54 -23.81 34.87 -25.78
CA GLN OA 54 -25.25 34.97 -26.12
C GLN OA 54 -25.54 34.64 -27.59
N SER OA 55 -24.74 33.77 -28.19
CA SER OA 55 -24.86 33.35 -29.57
C SER OA 55 -24.13 32.04 -29.70
N GLY OA 56 -23.83 31.64 -30.92
CA GLY OA 56 -22.96 30.52 -31.12
C GLY OA 56 -21.93 30.78 -32.19
N GLN OA 57 -22.00 31.95 -32.82
CA GLN OA 57 -21.19 32.15 -34.00
C GLN OA 57 -19.74 32.47 -33.63
N PRO OA 58 -18.79 32.05 -34.46
CA PRO OA 58 -17.38 32.39 -34.20
C PRO OA 58 -17.12 33.86 -34.51
N SER OA 59 -16.80 34.62 -33.47
CA SER OA 59 -16.55 36.05 -33.60
C SER OA 59 -15.05 36.29 -33.78
N GLY OA 60 -14.54 35.78 -34.90
CA GLY OA 60 -13.13 35.94 -35.18
C GLY OA 60 -12.47 34.68 -35.70
N GLN OA 61 -11.31 34.83 -36.30
CA GLN OA 61 -10.60 33.68 -36.83
C GLN OA 61 -9.94 32.91 -35.71
N ARG OA 62 -9.49 31.70 -36.04
CA ARG OA 62 -8.87 30.80 -35.06
C ARG OA 62 -7.57 31.38 -34.54
N VAL OA 63 -7.18 30.92 -33.35
CA VAL OA 63 -5.95 31.35 -32.68
C VAL OA 63 -5.18 30.11 -32.29
N HIS OA 64 -4.02 29.90 -32.90
CA HIS OA 64 -3.26 28.67 -32.65
C HIS OA 64 -2.40 28.82 -31.41
N LYS OA 65 -2.80 28.16 -30.35
CA LYS OA 65 -1.94 27.98 -29.20
C LYS OA 65 -0.87 26.94 -29.57
N PRO OA 66 0.31 26.98 -28.94
CA PRO OA 66 1.44 26.23 -29.50
C PRO OA 66 1.40 24.74 -29.21
N PHE OA 67 2.08 23.99 -30.09
CA PHE OA 67 2.62 22.65 -29.79
C PHE OA 67 3.36 22.63 -28.46
N LYS OA 68 3.36 21.49 -27.80
CA LYS OA 68 4.25 21.27 -26.66
C LYS OA 68 4.66 19.80 -26.69
N PHE OA 69 5.80 19.51 -27.30
CA PHE OA 69 6.30 18.15 -27.33
C PHE OA 69 7.58 18.05 -26.51
N THR OA 70 7.78 16.93 -25.84
CA THR OA 70 8.86 16.77 -24.87
C THR OA 70 9.84 15.71 -25.33
N VAL OA 71 11.10 16.09 -25.49
CA VAL OA 71 12.17 15.15 -25.81
C VAL OA 71 13.24 15.27 -24.73
N ALA OA 72 14.13 14.29 -24.71
CA ALA OA 72 15.25 14.35 -23.77
C ALA OA 72 16.34 15.23 -24.35
N LEU OA 73 17.40 15.46 -23.56
CA LEU OA 73 18.54 16.19 -24.06
C LEU OA 73 19.30 15.34 -25.05
N ASN OA 74 19.49 15.86 -26.27
CA ASN OA 74 20.18 15.13 -27.30
C ASN OA 74 20.86 16.11 -28.23
N LYS OA 75 21.21 15.63 -29.41
CA LYS OA 75 22.01 16.41 -30.36
C LYS OA 75 21.23 17.61 -30.88
N ALA OA 76 19.94 17.45 -31.10
CA ALA OA 76 19.16 18.51 -31.71
C ALA OA 76 18.79 19.63 -30.77
N VAL OA 77 18.99 19.48 -29.46
CA VAL OA 77 18.59 20.52 -28.51
C VAL OA 77 19.47 21.77 -28.58
N PRO OA 78 20.81 21.72 -28.74
CA PRO OA 78 21.51 22.97 -29.04
C PRO OA 78 21.17 23.54 -30.39
N LEU OA 79 20.70 22.74 -31.34
CA LEU OA 79 20.26 23.28 -32.60
C LEU OA 79 18.90 23.95 -32.47
N LEU OA 80 18.06 23.48 -31.55
CA LEU OA 80 16.78 24.13 -31.33
C LEU OA 80 16.88 25.34 -30.44
N TYR OA 81 18.01 25.59 -29.79
CA TYR OA 81 18.18 26.85 -29.11
C TYR OA 81 18.83 27.91 -29.97
N ASN OA 82 18.99 27.67 -31.27
CA ASN OA 82 19.24 28.77 -32.20
C ASN OA 82 18.07 29.06 -33.09
N ALA OA 83 17.20 28.08 -33.32
CA ALA OA 83 15.93 28.39 -33.95
C ALA OA 83 15.07 29.21 -33.02
N LEU OA 84 15.28 29.08 -31.72
CA LEU OA 84 14.53 29.84 -30.74
C LEU OA 84 15.07 31.26 -30.61
N SER OA 85 16.33 31.39 -30.23
CA SER OA 85 16.86 32.69 -29.86
C SER OA 85 17.16 33.58 -31.05
N SER OA 86 17.00 33.10 -32.28
CA SER OA 86 17.16 33.96 -33.44
C SER OA 86 15.91 34.03 -34.29
N GLY OA 87 14.83 33.36 -33.88
CA GLY OA 87 13.58 33.46 -34.61
C GLY OA 87 13.60 32.77 -35.95
N GLU OA 88 14.40 31.74 -36.11
CA GLU OA 88 14.48 31.04 -37.37
C GLU OA 88 13.25 30.17 -37.57
N LYS OA 89 12.61 30.32 -38.72
CA LYS OA 89 11.48 29.47 -39.02
C LYS OA 89 11.99 28.09 -39.37
N LEU OA 90 11.12 27.10 -39.19
CA LEU OA 90 11.45 25.72 -39.48
C LEU OA 90 10.55 25.29 -40.64
N LYS OA 91 11.16 24.74 -41.69
CA LYS OA 91 10.40 24.48 -42.91
C LYS OA 91 9.35 23.40 -42.70
N THR OA 92 9.65 22.39 -41.88
CA THR OA 92 8.66 21.37 -41.62
C THR OA 92 8.91 20.70 -40.28
N VAL OA 93 7.84 20.18 -39.70
CA VAL OA 93 7.88 19.38 -38.48
C VAL OA 93 6.85 18.29 -38.69
N GLU OA 94 7.30 17.04 -38.80
CA GLU OA 94 6.38 15.97 -39.12
C GLU OA 94 6.26 15.05 -37.92
N LEU OA 95 5.34 15.36 -37.02
CA LEU OA 95 5.01 14.45 -35.95
C LEU OA 95 4.34 13.22 -36.51
N LYS OA 96 4.63 12.05 -35.94
CA LYS OA 96 4.04 10.80 -36.40
C LYS OA 96 3.59 10.00 -35.19
N TRP OA 97 2.30 9.85 -35.03
CA TRP OA 97 1.73 9.13 -33.89
C TRP OA 97 1.76 7.64 -34.18
N TYR OA 98 2.52 6.88 -33.43
CA TYR OA 98 2.51 5.45 -33.64
C TYR OA 98 1.48 4.78 -32.77
N ARG OA 99 1.12 3.56 -33.16
CA ARG OA 99 0.33 2.70 -32.30
C ARG OA 99 0.60 1.26 -32.72
N THR OA 100 0.26 0.34 -31.85
CA THR OA 100 0.49 -1.07 -32.09
C THR OA 100 -0.74 -1.66 -32.76
N SER OA 101 -0.57 -2.18 -33.97
CA SER OA 101 -1.70 -2.65 -34.76
C SER OA 101 -2.04 -4.08 -34.34
N ILE OA 102 -2.93 -4.71 -35.11
CA ILE OA 102 -3.42 -6.03 -34.74
C ILE OA 102 -2.37 -7.09 -35.07
N GLU OA 103 -1.71 -6.96 -36.22
CA GLU OA 103 -0.71 -7.93 -36.64
C GLU OA 103 0.56 -7.88 -35.81
N GLY OA 104 0.73 -6.86 -34.99
CA GLY OA 104 1.88 -6.79 -34.11
C GLY OA 104 2.96 -5.85 -34.55
N LYS OA 105 2.65 -4.89 -35.40
CA LYS OA 105 3.67 -4.01 -35.94
C LYS OA 105 3.28 -2.56 -35.67
N GLN OA 106 4.29 -1.74 -35.37
CA GLN OA 106 4.08 -0.32 -35.19
C GLN OA 106 3.68 0.31 -36.51
N GLU OA 107 2.81 1.30 -36.45
CA GLU OA 107 2.42 2.02 -37.65
C GLU OA 107 1.95 3.40 -37.27
N ASN OA 108 2.19 4.37 -38.14
CA ASN OA 108 1.68 5.71 -37.89
C ASN OA 108 0.23 5.75 -38.34
N PHE OA 109 -0.65 5.97 -37.41
CA PHE OA 109 -2.05 6.09 -37.76
C PHE OA 109 -2.46 7.53 -37.94
N PHE OA 110 -1.57 8.48 -37.70
CA PHE OA 110 -1.96 9.89 -37.60
C PHE OA 110 -0.69 10.71 -37.67
N THR OA 111 -0.58 11.60 -38.64
CA THR OA 111 0.58 12.49 -38.72
C THR OA 111 0.10 13.92 -38.77
N THR OA 112 0.74 14.80 -38.01
CA THR OA 112 0.41 16.22 -38.02
C THR OA 112 1.62 16.97 -38.57
N LYS OA 113 1.66 17.17 -39.88
CA LYS OA 113 2.75 17.93 -40.46
C LYS OA 113 2.58 19.41 -40.14
N LEU OA 114 3.51 20.21 -40.63
CA LEU OA 114 3.60 21.58 -40.16
C LEU OA 114 4.43 22.36 -41.16
N GLU OA 115 3.97 23.52 -41.58
CA GLU OA 115 4.79 24.38 -42.41
C GLU OA 115 5.53 25.34 -41.49
N ASN OA 116 5.96 26.50 -42.02
CA ASN OA 116 6.86 27.47 -41.37
C ASN OA 116 6.51 27.74 -39.93
N ALA OA 117 7.38 27.32 -39.02
CA ALA OA 117 7.02 27.16 -37.63
C ALA OA 117 8.17 27.60 -36.75
N SER OA 118 8.11 28.81 -36.23
CA SER OA 118 9.12 29.24 -35.29
C SER OA 118 8.92 28.53 -33.95
N ILE OA 119 9.90 28.66 -33.08
CA ILE OA 119 9.83 28.10 -31.73
C ILE OA 119 9.48 29.21 -30.76
N VAL OA 120 8.41 29.02 -29.99
CA VAL OA 120 8.02 30.05 -29.04
C VAL OA 120 8.88 29.96 -27.79
N ASP OA 121 8.86 28.83 -27.10
CA ASP OA 121 9.73 28.67 -25.95
C ASP OA 121 10.12 27.22 -25.76
N ILE OA 122 11.19 27.01 -25.01
CA ILE OA 122 11.74 25.70 -24.72
C ILE OA 122 11.99 25.63 -23.22
N HIS OA 123 11.38 24.65 -22.57
CA HIS OA 123 11.37 24.55 -21.11
C HIS OA 123 12.22 23.35 -20.69
N CYS OA 124 13.52 23.57 -20.57
CA CYS OA 124 14.44 22.51 -20.15
C CYS OA 124 14.41 22.39 -18.63
N GLU OA 125 14.10 21.20 -18.14
CA GLU OA 125 14.12 20.97 -16.71
C GLU OA 125 14.67 19.58 -16.43
N MET OA 126 14.98 19.34 -15.16
CA MET OA 126 15.44 18.05 -14.69
C MET OA 126 14.80 17.85 -13.34
N PRO OA 127 14.19 16.70 -13.09
CA PRO OA 127 13.57 16.45 -11.79
C PRO OA 127 14.62 16.29 -10.70
N HIS OA 128 14.13 16.29 -9.46
CA HIS OA 128 15.02 16.35 -8.30
C HIS OA 128 15.72 15.01 -8.12
N CYS OA 129 17.04 15.07 -7.95
CA CYS OA 129 17.83 13.84 -7.92
C CYS OA 129 17.66 13.09 -6.61
N GLN OA 130 17.34 13.78 -5.52
CA GLN OA 130 17.07 13.14 -4.25
C GLN OA 130 15.76 12.36 -4.26
N ASP OA 131 14.83 12.75 -5.12
CA ASP OA 131 13.47 12.25 -5.05
C ASP OA 131 13.40 10.88 -5.73
N PRO OA 132 12.97 9.83 -5.03
CA PRO OA 132 12.92 8.50 -5.67
C PRO OA 132 11.69 8.27 -6.52
N ALA OA 133 10.67 9.13 -6.42
CA ALA OA 133 9.50 8.96 -7.27
C ALA OA 133 9.77 9.33 -8.71
N LYS OA 134 10.75 10.20 -8.95
CA LYS OA 134 11.11 10.65 -10.29
C LYS OA 134 12.52 10.19 -10.65
N SER OA 135 12.82 8.94 -10.35
CA SER OA 135 14.14 8.40 -10.64
C SER OA 135 14.27 7.87 -12.05
N ASP OA 136 13.17 7.45 -12.65
CA ASP OA 136 13.21 6.90 -13.99
C ASP OA 136 13.35 7.97 -15.06
N PHE OA 137 12.98 9.21 -14.75
CA PHE OA 137 13.06 10.28 -15.73
C PHE OA 137 14.51 10.68 -15.90
N THR OA 138 14.83 11.24 -17.07
CA THR OA 138 16.17 11.73 -17.31
C THR OA 138 16.21 13.25 -17.40
N GLN OA 139 15.55 13.82 -18.39
CA GLN OA 139 15.39 15.25 -18.55
C GLN OA 139 14.05 15.49 -19.24
N ASN OA 140 13.70 16.76 -19.39
CA ASN OA 140 12.47 17.14 -20.04
C ASN OA 140 12.74 18.43 -20.79
N VAL OA 141 12.77 18.38 -22.10
CA VAL OA 141 12.97 19.56 -22.92
C VAL OA 141 11.70 19.72 -23.75
N THR OA 142 10.82 20.61 -23.30
CA THR OA 142 9.51 20.78 -23.92
C THR OA 142 9.60 21.92 -24.91
N VAL OA 143 9.70 21.59 -26.19
CA VAL OA 143 9.88 22.59 -27.23
C VAL OA 143 8.52 22.99 -27.78
N SER OA 144 8.23 24.27 -27.79
CA SER OA 144 6.97 24.72 -28.34
C SER OA 144 7.13 25.15 -29.79
N LEU OA 145 6.02 25.24 -30.49
CA LEU OA 145 6.06 25.63 -31.89
C LEU OA 145 4.79 26.40 -32.20
N SER OA 146 4.90 27.70 -32.42
CA SER OA 146 3.88 28.36 -33.21
C SER OA 146 4.18 28.09 -34.66
N TYR OA 147 3.21 28.31 -35.53
CA TYR OA 147 3.28 27.73 -36.86
C TYR OA 147 2.33 28.45 -37.80
N ARG OA 148 2.73 28.53 -39.06
CA ARG OA 148 1.83 29.11 -40.05
C ARG OA 148 0.77 28.10 -40.46
N LYS OA 149 1.18 26.99 -41.06
CA LYS OA 149 0.26 26.04 -41.65
C LYS OA 149 0.45 24.67 -41.02
N ILE OA 150 -0.65 24.08 -40.58
CA ILE OA 150 -0.64 22.76 -39.97
C ILE OA 150 -1.59 21.87 -40.76
N THR OA 151 -1.20 20.62 -40.96
CA THR OA 151 -2.03 19.66 -41.68
C THR OA 151 -2.11 18.37 -40.89
N TRP OA 152 -3.23 18.15 -40.22
CA TRP OA 152 -3.50 16.85 -39.65
C TRP OA 152 -3.76 15.86 -40.76
N ASP OA 153 -3.45 14.59 -40.50
CA ASP OA 153 -3.59 13.58 -41.54
C ASP OA 153 -3.71 12.23 -40.86
N HIS OA 154 -4.90 11.65 -40.88
CA HIS OA 154 -5.06 10.29 -40.41
C HIS OA 154 -4.75 9.35 -41.56
N VAL OA 155 -3.82 8.43 -41.34
CA VAL OA 155 -3.31 7.62 -42.44
C VAL OA 155 -4.18 6.40 -42.70
N ASN OA 156 -4.57 5.67 -41.66
CA ASN OA 156 -5.32 4.44 -41.85
C ASN OA 156 -6.77 4.65 -42.27
N ALA OA 157 -7.27 5.87 -42.23
CA ALA OA 157 -8.61 6.15 -42.74
C ALA OA 157 -8.60 7.27 -43.76
N GLY OA 158 -7.44 7.80 -44.10
CA GLY OA 158 -7.32 8.71 -45.22
C GLY OA 158 -7.82 10.11 -45.03
N THR OA 159 -8.44 10.44 -43.90
CA THR OA 159 -8.92 11.80 -43.71
C THR OA 159 -7.76 12.76 -43.50
N SER OA 160 -8.00 14.02 -43.80
CA SER OA 160 -6.94 15.02 -43.69
C SER OA 160 -7.54 16.38 -43.44
N GLY OA 161 -7.16 17.00 -42.34
CA GLY OA 161 -7.55 18.36 -42.08
C GLY OA 161 -6.42 19.28 -42.43
N SER OA 162 -6.67 20.58 -42.49
CA SER OA 162 -5.63 21.54 -42.83
C SER OA 162 -6.04 22.90 -42.34
N ASP OA 163 -5.08 23.65 -41.84
CA ASP OA 163 -5.28 25.06 -41.55
C ASP OA 163 -4.11 25.83 -42.12
N ASP OA 164 -4.35 27.04 -42.59
CA ASP OA 164 -3.28 27.83 -43.13
C ASP OA 164 -3.63 29.30 -42.98
N TRP OA 165 -2.67 30.08 -42.52
CA TRP OA 165 -2.84 31.52 -42.59
C TRP OA 165 -2.62 32.04 -43.99
N ARG OA 166 -1.80 31.35 -44.78
CA ARG OA 166 -1.49 31.81 -46.12
C ARG OA 166 -2.69 31.73 -47.04
N LYS OA 167 -3.45 30.65 -46.94
CA LYS OA 167 -4.61 30.42 -47.80
C LYS OA 167 -5.82 30.07 -46.95
N PRO OA 168 -6.48 31.05 -46.36
CA PRO OA 168 -7.74 30.78 -45.68
C PRO OA 168 -8.81 30.48 -46.72
N ILE OA 169 -9.90 29.88 -46.26
CA ILE OA 169 -10.82 29.23 -47.19
C ILE OA 169 -11.65 30.31 -47.87
N GLU OA 170 -11.19 30.71 -49.04
CA GLU OA 170 -11.64 31.82 -49.91
C GLU OA 170 -12.03 33.14 -49.22
N GLY PA 1 28.23 44.87 -125.45
CA GLY PA 1 28.50 44.89 -124.03
C GLY PA 1 27.86 46.06 -123.31
N SER PA 2 26.66 46.46 -123.77
CA SER PA 2 25.96 47.57 -123.15
C SER PA 2 25.36 47.20 -121.80
N LEU PA 3 25.12 45.91 -121.55
CA LEU PA 3 24.64 45.49 -120.24
C LEU PA 3 25.74 45.61 -119.18
N LEU PA 4 27.00 45.46 -119.58
CA LEU PA 4 28.10 45.72 -118.66
C LEU PA 4 28.25 47.22 -118.40
N ASP PA 5 27.85 48.06 -119.36
CA ASP PA 5 27.89 49.50 -119.17
C ASP PA 5 26.85 49.97 -118.17
N GLU PA 6 25.71 49.27 -118.09
CA GLU PA 6 24.69 49.65 -117.11
C GLU PA 6 25.09 49.24 -115.69
N ILE PA 7 25.89 48.18 -115.57
CA ILE PA 7 26.39 47.78 -114.26
C ILE PA 7 27.49 48.73 -113.78
N MET PA 8 28.39 49.12 -114.70
CA MET PA 8 29.46 50.04 -114.34
C MET PA 8 28.96 51.45 -114.10
N ALA PA 9 27.88 51.87 -114.76
CA ALA PA 9 27.25 53.14 -114.44
C ALA PA 9 26.48 53.08 -113.12
N GLN PA 10 26.06 51.88 -112.71
CA GLN PA 10 25.43 51.67 -111.42
C GLN PA 10 26.51 51.62 -110.35
N THR PA 11 26.73 52.75 -109.66
CA THR PA 11 27.88 52.91 -108.78
C THR PA 11 27.78 52.11 -107.48
N ARG PA 12 26.63 51.50 -107.19
CA ARG PA 12 26.51 50.70 -105.98
C ARG PA 12 27.24 49.37 -106.07
N CYS PA 13 27.24 48.74 -107.25
CA CYS PA 13 27.92 47.46 -107.46
C CYS PA 13 28.66 47.47 -108.79
N ALA PA 14 29.43 48.55 -109.04
CA ALA PA 14 30.06 48.70 -110.35
C ALA PA 14 31.27 47.79 -110.56
N PRO PA 15 32.37 47.84 -109.72
CA PRO PA 15 33.61 47.19 -110.20
C PRO PA 15 33.70 45.69 -109.93
N SER PA 16 32.60 44.96 -110.15
CA SER PA 16 32.54 43.49 -110.12
C SER PA 16 33.04 42.92 -108.79
N GLU PA 17 32.35 43.29 -107.71
CA GLU PA 17 32.77 42.90 -106.37
C GLU PA 17 31.82 41.89 -105.74
N GLU PA 18 30.54 42.22 -105.62
CA GLU PA 18 29.58 41.33 -104.97
C GLU PA 18 28.18 41.68 -105.46
N GLY PA 19 27.41 40.67 -105.85
CA GLY PA 19 26.06 40.88 -106.31
C GLY PA 19 25.92 41.38 -107.73
N TYR PA 20 26.98 41.26 -108.54
CA TYR PA 20 26.92 41.72 -109.92
C TYR PA 20 26.34 40.69 -110.87
N ASP PA 21 26.30 39.41 -110.46
CA ASP PA 21 25.66 38.39 -111.29
C ASP PA 21 24.18 38.28 -111.01
N ILE PA 22 23.74 38.65 -109.80
CA ILE PA 22 22.31 38.62 -109.48
C ILE PA 22 21.60 39.80 -110.12
N ALA PA 23 22.18 41.00 -110.02
CA ALA PA 23 21.58 42.20 -110.61
C ALA PA 23 21.63 42.18 -112.12
N LYS PA 24 22.59 41.46 -112.72
CA LYS PA 24 22.58 41.27 -114.16
C LYS PA 24 21.40 40.41 -114.59
N LYS PA 25 21.02 39.43 -113.77
CA LYS PA 25 19.82 38.65 -114.04
C LYS PA 25 18.55 39.45 -113.79
N GLY PA 26 18.63 40.53 -113.01
CA GLY PA 26 17.48 41.36 -112.74
C GLY PA 26 17.12 42.29 -113.88
N VAL PA 27 18.14 42.82 -114.55
CA VAL PA 27 17.91 43.70 -115.69
C VAL PA 27 17.37 42.92 -116.87
N ALA PA 28 17.97 41.77 -117.17
CA ALA PA 28 17.62 41.01 -118.36
C ALA PA 28 16.26 40.34 -118.23
N ALA PA 29 15.80 40.07 -117.00
CA ALA PA 29 14.49 39.48 -116.83
C ALA PA 29 13.36 40.49 -117.02
N PHE PA 30 13.61 41.75 -116.66
CA PHE PA 30 12.56 42.77 -116.76
C PHE PA 30 12.34 43.22 -118.20
N ILE PA 31 13.38 43.15 -119.04
CA ILE PA 31 13.25 43.56 -120.43
C ILE PA 31 12.44 42.54 -121.23
N GLU PA 32 12.53 41.26 -120.84
CA GLU PA 32 11.81 40.21 -121.56
C GLU PA 32 10.30 40.30 -121.38
N ASN PA 33 9.85 40.87 -120.27
CA ASN PA 33 8.43 41.08 -120.02
C ASN PA 33 8.00 42.51 -120.29
N LEU PA 34 8.93 43.40 -120.65
CA LEU PA 34 8.62 44.81 -120.86
C LEU PA 34 7.84 45.04 -122.16
N MET PA 35 7.95 44.12 -123.11
CA MET PA 35 7.35 44.32 -124.44
C MET PA 35 5.83 44.19 -124.45
N GLY PA 36 5.22 43.75 -123.34
CA GLY PA 36 3.76 43.75 -123.28
C GLY PA 36 3.18 45.15 -123.16
N SER PA 37 3.93 46.08 -122.57
CA SER PA 37 3.49 47.46 -122.45
C SER PA 37 4.73 48.33 -122.37
N GLN PA 38 5.02 49.05 -123.46
CA GLN PA 38 6.21 49.88 -123.52
C GLN PA 38 6.00 51.18 -122.75
N HIS PA 39 6.90 51.44 -121.80
CA HIS PA 39 6.84 52.67 -121.01
C HIS PA 39 8.24 52.97 -120.50
N SER PA 40 8.56 54.26 -120.38
CA SER PA 40 9.91 54.72 -120.01
C SER PA 40 9.79 55.73 -118.86
N ALA PA 41 9.70 55.23 -117.63
CA ALA PA 41 9.71 56.03 -116.41
C ALA PA 41 9.98 55.12 -115.24
N GLU PA 42 11.01 55.43 -114.45
CA GLU PA 42 11.37 54.62 -113.29
C GLU PA 42 10.29 54.49 -112.21
N PRO PA 43 9.59 55.56 -111.76
CA PRO PA 43 8.57 55.32 -110.71
C PRO PA 43 7.34 54.58 -111.20
N VAL PA 44 7.00 54.68 -112.49
CA VAL PA 44 5.99 53.79 -113.04
C VAL PA 44 6.55 52.38 -113.16
N ASN PA 45 7.84 52.26 -113.47
CA ASN PA 45 8.50 50.96 -113.48
C ASN PA 45 8.61 50.37 -112.07
N LYS PA 46 8.72 51.22 -111.04
CA LYS PA 46 8.61 50.71 -109.67
C LYS PA 46 7.22 50.18 -109.38
N SER PA 47 6.20 50.67 -110.09
CA SER PA 47 4.90 50.03 -110.05
C SER PA 47 4.82 48.90 -111.08
N LEU PA 48 5.51 49.03 -112.22
CA LEU PA 48 5.48 47.96 -113.22
C LEU PA 48 6.27 46.74 -112.78
N VAL PA 49 7.29 46.91 -111.93
CA VAL PA 49 7.90 45.76 -111.26
C VAL PA 49 6.88 45.11 -110.33
N ASP PA 50 6.15 45.94 -109.57
CA ASP PA 50 5.12 45.42 -108.67
C ASP PA 50 3.94 44.84 -109.44
N GLN PA 51 3.64 45.38 -110.64
CA GLN PA 51 2.61 44.77 -111.47
C GLN PA 51 3.10 43.49 -112.14
N MET PA 52 4.41 43.26 -112.17
CA MET PA 52 4.96 41.97 -112.57
C MET PA 52 5.21 41.05 -111.37
N LEU PA 53 4.93 41.51 -110.15
CA LEU PA 53 4.97 40.65 -108.97
C LEU PA 53 3.58 40.18 -108.55
N VAL PA 54 2.55 41.00 -108.76
CA VAL PA 54 1.19 40.57 -108.46
C VAL PA 54 0.74 39.51 -109.46
N GLU PA 55 1.07 39.70 -110.75
CA GLU PA 55 0.77 38.68 -111.74
C GLU PA 55 1.66 37.46 -111.58
N LEU PA 56 2.85 37.61 -110.99
CA LEU PA 56 3.70 36.47 -110.68
C LEU PA 56 3.14 35.66 -109.52
N ASP PA 57 2.62 36.35 -108.49
CA ASP PA 57 2.03 35.65 -107.35
C ASP PA 57 0.73 34.96 -107.71
N LYS PA 58 0.04 35.41 -108.76
CA LYS PA 58 -1.10 34.66 -109.27
C LYS PA 58 -0.64 33.38 -109.95
N LYS PA 59 0.59 33.35 -110.47
CA LYS PA 59 1.12 32.14 -111.06
C LYS PA 59 1.68 31.19 -110.01
N ILE PA 60 2.25 31.71 -108.93
CA ILE PA 60 2.91 30.85 -107.95
C ILE PA 60 1.92 30.31 -106.93
N SER PA 61 1.09 31.20 -106.36
CA SER PA 61 0.18 30.77 -105.30
C SER PA 61 -0.94 29.89 -105.82
N ALA PA 62 -1.27 29.98 -107.12
CA ALA PA 62 -2.19 29.02 -107.69
C ALA PA 62 -1.55 27.67 -107.88
N GLN PA 63 -0.22 27.61 -107.96
CA GLN PA 63 0.49 26.34 -107.98
C GLN PA 63 0.69 25.81 -106.57
N MET PA 64 0.97 26.69 -105.62
CA MET PA 64 1.14 26.28 -104.23
C MET PA 64 -0.18 26.10 -103.49
N ASP PA 65 -1.31 26.34 -104.14
CA ASP PA 65 -2.57 25.80 -103.67
C ASP PA 65 -2.91 24.48 -104.36
N GLU PA 66 -1.98 23.94 -105.13
CA GLU PA 66 -2.15 22.64 -105.75
C GLU PA 66 -1.06 21.65 -105.40
N ILE PA 67 0.16 22.11 -105.10
CA ILE PA 67 1.15 21.23 -104.50
C ILE PA 67 0.77 20.94 -103.05
N LEU PA 68 0.21 21.92 -102.36
CA LEU PA 68 -0.50 21.66 -101.12
C LEU PA 68 -1.91 21.17 -101.46
N HIS PA 69 -2.71 20.94 -100.41
CA HIS PA 69 -4.14 20.62 -100.52
C HIS PA 69 -4.41 19.33 -101.32
N ASN PA 70 -3.44 18.42 -101.32
CA ASN PA 70 -3.55 17.17 -102.05
C ASN PA 70 -3.89 16.06 -101.06
N SER PA 71 -4.59 15.03 -101.54
CA SER PA 71 -5.08 13.97 -100.66
C SER PA 71 -3.94 13.13 -100.11
N GLN PA 72 -2.80 13.06 -100.80
CA GLN PA 72 -1.63 12.41 -100.24
C GLN PA 72 -0.86 13.34 -99.31
N PHE PA 73 -0.85 14.64 -99.62
CA PHE PA 73 -0.10 15.58 -98.79
C PHE PA 73 -0.86 15.94 -97.51
N GLN PA 74 -2.11 16.37 -97.66
CA GLN PA 74 -2.87 16.90 -96.54
C GLN PA 74 -3.22 15.84 -95.51
N ALA PA 75 -3.51 14.61 -95.96
CA ALA PA 75 -3.75 13.52 -95.02
C ALA PA 75 -2.48 13.09 -94.30
N MET PA 76 -1.32 13.32 -94.92
CA MET PA 76 -0.05 13.09 -94.28
C MET PA 76 0.54 14.36 -93.67
N GLU PA 77 -0.18 15.48 -93.76
CA GLU PA 77 0.21 16.66 -93.00
C GLU PA 77 -0.60 16.77 -91.71
N SER PA 78 -1.90 16.47 -91.77
CA SER PA 78 -2.74 16.50 -90.58
C SER PA 78 -2.38 15.39 -89.61
N ALA PA 79 -1.94 14.24 -90.13
CA ALA PA 79 -1.52 13.14 -89.28
C ALA PA 79 -0.15 13.36 -88.66
N TRP PA 80 0.57 14.41 -89.08
CA TRP PA 80 1.91 14.67 -88.56
C TRP PA 80 2.03 16.02 -87.88
N ARG PA 81 1.38 17.07 -88.39
CA ARG PA 81 1.35 18.33 -87.66
C ARG PA 81 0.43 18.24 -86.46
N GLY PA 82 -0.61 17.41 -86.55
CA GLY PA 82 -1.44 17.11 -85.39
C GLY PA 82 -0.71 16.39 -84.28
N LEU PA 83 0.35 15.66 -84.62
CA LEU PA 83 1.23 15.12 -83.59
C LEU PA 83 1.99 16.23 -82.88
N LYS PA 84 2.40 17.27 -83.62
CA LYS PA 84 3.11 18.38 -83.02
C LYS PA 84 2.22 19.15 -82.05
N LEU PA 85 0.92 19.20 -82.33
CA LEU PA 85 -0.03 19.74 -81.35
C LEU PA 85 -0.16 18.83 -80.14
N PHE PA 86 0.16 17.55 -80.26
CA PHE PA 86 0.18 16.70 -79.08
C PHE PA 86 1.52 16.73 -78.38
N VAL PA 87 2.59 17.13 -79.06
CA VAL PA 87 3.90 17.22 -78.42
C VAL PA 87 4.07 18.57 -77.73
N ASP PA 88 3.58 19.65 -78.34
CA ASP PA 88 3.81 21.00 -77.81
C ASP PA 88 2.99 21.27 -76.55
N ARG PA 89 1.81 20.66 -76.41
CA ARG PA 89 0.97 20.96 -75.27
C ARG PA 89 1.36 20.16 -74.04
N THR PA 90 1.71 18.89 -74.21
CA THR PA 90 1.97 18.01 -73.09
C THR PA 90 3.34 18.28 -72.50
N ASP PA 91 3.39 18.48 -71.20
CA ASP PA 91 4.63 18.85 -70.52
C ASP PA 91 5.43 17.58 -70.27
N PHE PA 92 6.47 17.35 -71.06
CA PHE PA 92 7.30 16.16 -70.92
C PHE PA 92 8.19 16.21 -69.69
N ARG PA 93 8.36 17.37 -69.07
CA ARG PA 93 9.08 17.42 -67.81
C ARG PA 93 8.26 16.84 -66.67
N GLU PA 94 6.93 16.85 -66.78
CA GLU PA 94 6.07 16.33 -65.72
C GLU PA 94 5.70 14.87 -65.94
N ASN PA 95 6.72 14.03 -66.18
CA ASN PA 95 6.61 12.57 -66.26
C ASN PA 95 5.62 12.12 -67.32
N ASN PA 96 5.93 12.43 -68.58
CA ASN PA 96 5.12 12.01 -69.70
C ASN PA 96 6.02 11.55 -70.83
N LYS PA 97 5.65 10.45 -71.47
CA LYS PA 97 6.32 9.98 -72.67
C LYS PA 97 5.24 9.53 -73.66
N VAL PA 98 5.60 9.54 -74.94
CA VAL PA 98 4.64 9.14 -75.97
C VAL PA 98 5.37 8.35 -77.04
N GLU PA 99 4.86 7.14 -77.31
CA GLU PA 99 5.43 6.30 -78.36
C GLU PA 99 4.70 6.53 -79.67
N ILE PA 100 5.44 6.38 -80.76
CA ILE PA 100 4.95 6.65 -82.11
C ILE PA 100 5.09 5.37 -82.93
N LEU PA 101 3.96 4.83 -83.38
CA LEU PA 101 3.95 3.59 -84.13
C LEU PA 101 3.41 3.85 -85.54
N HIS PA 102 4.20 3.46 -86.55
CA HIS PA 102 3.78 3.54 -87.94
C HIS PA 102 3.05 2.25 -88.30
N VAL PA 103 1.73 2.31 -88.35
CA VAL PA 103 0.94 1.31 -89.03
C VAL PA 103 0.15 2.02 -90.12
N THR PA 104 -0.55 1.25 -90.93
CA THR PA 104 -1.68 1.78 -91.66
C THR PA 104 -2.94 1.06 -91.21
N LYS PA 105 -4.07 1.72 -91.42
CA LYS PA 105 -5.33 1.22 -90.89
C LYS PA 105 -5.77 -0.07 -91.56
N ASP PA 106 -5.41 -0.27 -92.81
CA ASP PA 106 -5.70 -1.53 -93.48
C ASP PA 106 -4.72 -2.62 -93.07
N GLU PA 107 -3.51 -2.25 -92.65
CA GLU PA 107 -2.55 -3.24 -92.20
C GLU PA 107 -2.93 -3.78 -90.83
N LEU PA 108 -3.60 -2.98 -90.01
CA LEU PA 108 -3.80 -3.34 -88.62
C LEU PA 108 -4.85 -4.44 -88.46
N LEU PA 109 -5.91 -4.39 -89.26
CA LEU PA 109 -6.90 -5.47 -89.22
C LEU PA 109 -6.33 -6.76 -89.78
N GLU PA 110 -5.46 -6.66 -90.78
CA GLU PA 110 -4.75 -7.83 -91.29
C GLU PA 110 -3.82 -8.41 -90.23
N ASP PA 111 -3.25 -7.56 -89.39
CA ASP PA 111 -2.39 -8.04 -88.30
C ASP PA 111 -3.19 -8.71 -87.19
N PHE PA 112 -4.46 -8.35 -87.02
CA PHE PA 112 -5.32 -9.12 -86.13
C PHE PA 112 -5.87 -10.36 -86.81
N GLU PA 113 -5.95 -10.36 -88.14
CA GLU PA 113 -6.22 -11.56 -88.90
C GLU PA 113 -4.99 -12.46 -88.96
N PHE PA 114 -3.81 -11.88 -88.72
CA PHE PA 114 -2.54 -12.61 -88.75
C PHE PA 114 -2.47 -13.65 -87.64
N ALA PA 115 -2.72 -13.24 -86.40
CA ALA PA 115 -2.63 -14.16 -85.29
C ALA PA 115 -3.97 -14.84 -85.04
N PRO PA 116 -3.97 -16.10 -84.58
CA PRO PA 116 -5.23 -16.77 -84.25
C PRO PA 116 -5.90 -16.22 -83.00
N GLU PA 117 -5.14 -15.58 -82.12
CA GLU PA 117 -5.67 -15.00 -80.90
C GLU PA 117 -5.10 -13.60 -80.74
N THR PA 118 -5.90 -12.70 -80.15
CA THR PA 118 -5.46 -11.33 -79.89
C THR PA 118 -4.27 -11.26 -78.95
N ALA PA 119 -4.08 -12.29 -78.12
CA ALA PA 119 -2.93 -12.38 -77.23
C ALA PA 119 -1.67 -12.85 -77.92
N GLN PA 120 -1.66 -12.98 -79.24
CA GLN PA 120 -0.45 -13.27 -79.98
C GLN PA 120 -0.27 -12.32 -81.16
N SER PA 121 -1.00 -11.21 -81.19
CA SER PA 121 -0.97 -10.30 -82.33
C SER PA 121 0.33 -9.49 -82.35
N GLY PA 122 0.50 -8.70 -83.40
CA GLY PA 122 1.65 -7.82 -83.47
C GLY PA 122 1.42 -6.50 -82.77
N LEU PA 123 0.16 -6.05 -82.69
CA LEU PA 123 -0.13 -4.86 -81.91
C LEU PA 123 -0.12 -5.16 -80.42
N TYR PA 124 -0.46 -6.40 -80.06
CA TYR PA 124 -0.36 -6.84 -78.67
C TYR PA 124 1.08 -6.85 -78.18
N LYS PA 125 2.04 -6.97 -79.09
CA LYS PA 125 3.43 -6.90 -78.68
C LYS PA 125 3.82 -5.49 -78.29
N HIS PA 126 3.29 -4.49 -78.97
CA HIS PA 126 3.71 -3.12 -78.70
C HIS PA 126 2.87 -2.44 -77.63
N VAL PA 127 1.63 -2.88 -77.43
CA VAL PA 127 0.79 -2.29 -76.40
C VAL PA 127 1.03 -2.95 -75.06
N TYR PA 128 1.02 -4.27 -75.03
CA TYR PA 128 1.12 -5.01 -73.78
C TYR PA 128 2.57 -5.36 -73.43
N SER PA 129 3.23 -6.14 -74.28
CA SER PA 129 4.44 -6.83 -73.84
C SER PA 129 5.68 -5.93 -73.87
N ALA PA 130 5.78 -5.02 -74.84
CA ALA PA 130 6.93 -4.12 -74.84
C ALA PA 130 6.79 -3.01 -73.82
N GLY PA 131 5.58 -2.79 -73.33
CA GLY PA 131 5.30 -1.77 -72.34
C GLY PA 131 4.94 -2.37 -71.01
N TYR PA 132 3.64 -2.55 -70.83
CA TYR PA 132 3.05 -2.98 -69.56
C TYR PA 132 3.53 -4.37 -69.13
N GLY PA 133 3.51 -5.33 -70.04
CA GLY PA 133 3.97 -6.66 -69.69
C GLY PA 133 5.47 -6.81 -69.80
N GLN PA 134 6.20 -6.07 -68.99
CA GLN PA 134 7.64 -6.00 -69.08
C GLN PA 134 8.19 -5.60 -67.72
N PHE PA 135 9.22 -6.27 -67.27
CA PHE PA 135 9.85 -5.93 -65.99
C PHE PA 135 10.56 -4.59 -66.11
N GLY PA 136 10.07 -3.59 -65.38
CA GLY PA 136 10.65 -2.28 -65.38
C GLY PA 136 10.19 -1.37 -66.50
N GLY PA 137 9.55 -1.90 -67.53
CA GLY PA 137 9.11 -1.07 -68.64
C GLY PA 137 7.92 -0.21 -68.26
N GLU PA 138 7.87 0.97 -68.84
CA GLU PA 138 6.78 1.89 -68.56
C GLU PA 138 5.50 1.42 -69.24
N PRO PA 139 4.37 1.41 -68.55
CA PRO PA 139 3.16 0.83 -69.10
C PRO PA 139 2.37 1.86 -69.89
N VAL PA 140 1.42 1.37 -70.67
CA VAL PA 140 0.72 2.18 -71.67
C VAL PA 140 -0.56 2.72 -71.07
N GLY PA 141 -0.72 4.04 -71.12
CA GLY PA 141 -1.91 4.68 -70.59
C GLY PA 141 -3.08 4.62 -71.55
N ALA PA 142 -2.88 5.04 -72.80
CA ALA PA 142 -3.96 5.05 -73.77
C ALA PA 142 -3.39 4.91 -75.17
N ILE PA 143 -4.24 4.49 -76.10
CA ILE PA 143 -3.86 4.33 -77.50
C ILE PA 143 -4.60 5.36 -78.32
N ILE PA 144 -3.87 6.30 -78.90
CA ILE PA 144 -4.45 7.28 -79.81
C ILE PA 144 -4.63 6.63 -81.17
N GLY PA 145 -5.87 6.52 -81.61
CA GLY PA 145 -6.15 6.02 -82.94
C GLY PA 145 -6.31 7.16 -83.93
N ASN PA 146 -5.37 7.27 -84.87
CA ASN PA 146 -5.38 8.35 -85.85
C ASN PA 146 -6.17 7.92 -87.09
N TYR PA 147 -7.40 7.48 -86.85
CA TYR PA 147 -8.18 6.75 -87.83
C TYR PA 147 -9.47 7.49 -88.13
N ALA PA 148 -10.19 7.00 -89.13
CA ALA PA 148 -11.50 7.52 -89.50
C ALA PA 148 -12.41 6.31 -89.66
N PHE PA 149 -13.20 6.04 -88.62
CA PHE PA 149 -13.94 4.78 -88.56
C PHE PA 149 -15.25 4.88 -89.31
N THR PA 150 -15.53 3.86 -90.07
CA THR PA 150 -16.80 3.57 -90.72
C THR PA 150 -17.58 2.59 -89.86
N PRO PA 151 -18.88 2.42 -90.10
CA PRO PA 151 -19.61 1.37 -89.38
C PRO PA 151 -19.59 0.02 -90.09
N SER PA 152 -18.69 -0.15 -91.06
CA SER PA 152 -18.67 -1.38 -91.85
C SER PA 152 -17.98 -2.50 -91.06
N THR PA 153 -18.03 -3.69 -91.62
CA THR PA 153 -17.44 -4.89 -91.06
C THR PA 153 -15.91 -4.84 -90.93
N PRO PA 154 -15.12 -4.27 -91.85
CA PRO PA 154 -13.68 -4.14 -91.55
C PRO PA 154 -13.34 -3.06 -90.52
N ASP PA 155 -14.32 -2.34 -89.96
CA ASP PA 155 -14.06 -1.42 -88.87
C ASP PA 155 -14.80 -1.75 -87.59
N MET PA 156 -15.75 -2.68 -87.63
CA MET PA 156 -16.29 -3.24 -86.40
C MET PA 156 -15.57 -4.52 -86.00
N LYS PA 157 -14.83 -5.14 -86.94
CA LYS PA 157 -13.96 -6.23 -86.57
C LYS PA 157 -12.68 -5.73 -85.93
N LEU PA 158 -12.24 -4.53 -86.32
CA LEU PA 158 -11.06 -3.94 -85.70
C LEU PA 158 -11.35 -3.55 -84.26
N LEU PA 159 -12.47 -2.88 -84.02
CA LEU PA 159 -12.79 -2.42 -82.68
C LEU PA 159 -13.15 -3.56 -81.74
N GLN PA 160 -13.65 -4.68 -82.28
CA GLN PA 160 -13.82 -5.86 -81.46
C GLN PA 160 -12.48 -6.42 -81.03
N TYR PA 161 -11.46 -6.28 -81.88
CA TYR PA 161 -10.10 -6.68 -81.57
C TYR PA 161 -9.29 -5.57 -80.94
N MET PA 162 -9.87 -4.39 -80.73
CA MET PA 162 -9.22 -3.37 -79.92
C MET PA 162 -9.84 -3.24 -78.55
N GLY PA 163 -11.11 -3.61 -78.39
CA GLY PA 163 -11.68 -3.70 -77.07
C GLY PA 163 -11.11 -4.87 -76.28
N ALA PA 164 -10.80 -5.97 -76.96
CA ALA PA 164 -10.16 -7.09 -76.30
C ALA PA 164 -8.69 -6.80 -76.00
N LEU PA 165 -8.04 -6.00 -76.85
CA LEU PA 165 -6.68 -5.57 -76.54
C LEU PA 165 -6.68 -4.55 -75.42
N GLY PA 166 -7.66 -3.66 -75.38
CA GLY PA 166 -7.75 -2.68 -74.31
C GLY PA 166 -8.13 -3.26 -72.97
N ALA PA 167 -8.73 -4.44 -72.96
CA ALA PA 167 -9.06 -5.10 -71.71
C ALA PA 167 -7.94 -5.96 -71.19
N MET PA 168 -6.88 -6.15 -71.97
CA MET PA 168 -5.74 -6.91 -71.50
C MET PA 168 -4.63 -6.01 -70.95
N ALA PA 169 -4.37 -4.89 -71.62
CA ALA PA 169 -3.32 -3.98 -71.19
C ALA PA 169 -3.84 -2.82 -70.36
N HIS PA 170 -5.15 -2.80 -70.08
CA HIS PA 170 -5.82 -1.78 -69.28
C HIS PA 170 -5.61 -0.37 -69.84
N ALA PA 171 -5.80 -0.25 -71.14
CA ALA PA 171 -5.61 1.05 -71.77
C ALA PA 171 -6.70 1.27 -72.80
N PRO PA 172 -7.52 2.29 -72.67
CA PRO PA 172 -8.60 2.51 -73.64
C PRO PA 172 -8.06 3.04 -74.96
N PHE PA 173 -8.66 2.56 -76.03
CA PHE PA 173 -8.29 2.95 -77.39
C PHE PA 173 -9.17 4.12 -77.83
N ILE PA 174 -8.59 5.29 -77.95
CA ILE PA 174 -9.31 6.49 -78.35
C ILE PA 174 -9.02 6.79 -79.82
N SER PA 175 -10.08 6.96 -80.59
CA SER PA 175 -10.00 7.26 -82.02
C SER PA 175 -11.23 8.09 -82.36
N SER PA 176 -11.54 8.21 -83.64
CA SER PA 176 -12.68 9.03 -84.02
C SER PA 176 -13.50 8.35 -85.10
N VAL PA 177 -14.77 8.69 -85.15
CA VAL PA 177 -15.65 8.27 -86.22
C VAL PA 177 -15.61 9.33 -87.31
N GLY PA 178 -15.98 8.93 -88.52
CA GLY PA 178 -15.94 9.82 -89.65
C GLY PA 178 -17.28 10.45 -89.94
N PRO PA 179 -17.33 11.30 -90.98
CA PRO PA 179 -18.62 11.79 -91.45
C PRO PA 179 -19.53 10.68 -91.93
N GLU PA 180 -18.98 9.72 -92.66
CA GLU PA 180 -19.74 8.60 -93.19
C GLU PA 180 -20.22 7.64 -92.12
N PHE PA 181 -19.73 7.78 -90.89
CA PHE PA 181 -20.25 6.99 -89.78
C PHE PA 181 -21.69 7.38 -89.49
N PHE PA 182 -21.98 8.67 -89.51
CA PHE PA 182 -23.34 9.13 -89.28
C PHE PA 182 -24.20 9.05 -90.54
N GLY PA 183 -23.60 8.80 -91.69
CA GLY PA 183 -24.35 8.70 -92.93
C GLY PA 183 -24.72 10.04 -93.53
N ILE PA 184 -23.75 10.96 -93.59
CA ILE PA 184 -23.99 12.27 -94.13
C ILE PA 184 -23.05 12.64 -95.28
N ASP PA 185 -21.89 11.99 -95.41
CA ASP PA 185 -20.95 12.07 -96.53
C ASP PA 185 -20.33 13.45 -96.74
N SER PA 186 -20.65 14.41 -95.88
CA SER PA 186 -20.15 15.78 -95.88
C SER PA 186 -20.51 16.33 -94.51
N PHE PA 187 -19.54 16.86 -93.78
CA PHE PA 187 -19.71 16.86 -92.33
C PHE PA 187 -20.54 18.03 -91.80
N GLU PA 188 -20.55 19.17 -92.47
CA GLU PA 188 -21.17 20.36 -91.89
C GLU PA 188 -22.70 20.31 -91.84
N GLU PA 189 -23.32 19.21 -92.25
CA GLU PA 189 -24.76 19.02 -92.09
C GLU PA 189 -25.10 18.15 -90.89
N LEU PA 190 -24.30 18.20 -89.84
CA LEU PA 190 -24.60 17.42 -88.64
C LEU PA 190 -25.69 18.02 -87.75
N PRO PA 191 -25.75 19.35 -87.48
CA PRO PA 191 -26.90 19.85 -86.70
C PRO PA 191 -28.23 19.78 -87.43
N ASN PA 192 -28.23 19.53 -88.74
CA ASN PA 192 -29.47 19.34 -89.47
C ASN PA 192 -30.15 18.03 -89.10
N ILE PA 193 -29.42 17.10 -88.48
CA ILE PA 193 -30.00 15.84 -88.02
C ILE PA 193 -30.99 16.12 -86.90
N LYS PA 194 -32.25 15.80 -87.13
CA LYS PA 194 -33.30 16.12 -86.17
C LYS PA 194 -33.63 14.97 -85.23
N ASP PA 195 -33.14 13.77 -85.51
CA ASP PA 195 -33.33 12.64 -84.60
C ASP PA 195 -32.15 11.69 -84.82
N LEU PA 196 -31.18 11.75 -83.91
CA LEU PA 196 -30.00 10.92 -84.01
C LEU PA 196 -30.14 9.62 -83.25
N LYS PA 197 -31.14 9.50 -82.38
CA LYS PA 197 -31.39 8.25 -81.68
C LYS PA 197 -31.93 7.19 -82.64
N SER PA 198 -32.78 7.58 -83.58
CA SER PA 198 -33.33 6.63 -84.53
C SER PA 198 -32.34 6.25 -85.61
N THR PA 199 -31.32 7.07 -85.83
CA THR PA 199 -30.30 6.74 -86.82
C THR PA 199 -29.47 5.54 -86.37
N PHE PA 200 -29.20 5.44 -85.07
CA PHE PA 200 -28.38 4.37 -84.54
C PHE PA 200 -29.13 3.07 -84.35
N GLU PA 201 -30.46 3.08 -84.47
CA GLU PA 201 -31.28 1.87 -84.39
C GLU PA 201 -31.69 1.36 -85.77
N SER PA 202 -30.78 1.50 -86.77
CA SER PA 202 -30.81 1.06 -88.15
C SER PA 202 -30.11 -0.28 -88.32
N PRO PA 203 -30.56 -1.12 -89.25
CA PRO PA 203 -29.90 -2.42 -89.45
C PRO PA 203 -28.52 -2.33 -90.09
N LYS PA 204 -28.06 -1.15 -90.50
CA LYS PA 204 -26.67 -1.03 -90.91
C LYS PA 204 -25.73 -1.11 -89.71
N TYR PA 205 -26.23 -0.81 -88.52
CA TYR PA 205 -25.42 -0.74 -87.31
C TYR PA 205 -25.63 -1.96 -86.41
N THR PA 206 -25.81 -3.15 -86.99
CA THR PA 206 -25.96 -4.34 -86.17
C THR PA 206 -24.61 -4.74 -85.57
N LYS PA 207 -23.53 -4.47 -86.27
CA LYS PA 207 -22.19 -4.68 -85.74
C LYS PA 207 -21.71 -3.51 -84.89
N TRP PA 208 -22.53 -2.49 -84.70
CA TRP PA 208 -22.27 -1.40 -83.75
C TRP PA 208 -23.02 -1.61 -82.45
N ARG PA 209 -24.31 -1.92 -82.52
CA ARG PA 209 -25.11 -2.14 -81.32
C ARG PA 209 -24.77 -3.45 -80.64
N SER PA 210 -24.09 -4.37 -81.33
CA SER PA 210 -23.54 -5.55 -80.67
C SER PA 210 -22.15 -5.29 -80.12
N LEU PA 211 -21.44 -4.32 -80.67
CA LEU PA 211 -20.18 -3.90 -80.06
C LEU PA 211 -20.41 -3.17 -78.75
N ARG PA 212 -21.47 -2.36 -78.68
CA ARG PA 212 -21.74 -1.56 -77.49
C ARG PA 212 -22.15 -2.43 -76.31
N GLU PA 213 -22.91 -3.50 -76.56
CA GLU PA 213 -23.33 -4.37 -75.48
C GLU PA 213 -22.20 -5.21 -74.92
N SER PA 214 -21.09 -5.33 -75.63
CA SER PA 214 -20.02 -6.24 -75.24
C SER PA 214 -19.30 -5.73 -74.00
N GLU PA 215 -18.65 -6.66 -73.30
CA GLU PA 215 -18.03 -6.33 -72.03
C GLU PA 215 -16.73 -5.58 -72.21
N ASP PA 216 -15.92 -5.97 -73.18
CA ASP PA 216 -14.63 -5.33 -73.40
C ASP PA 216 -14.73 -4.02 -74.18
N ALA PA 217 -15.93 -3.54 -74.48
CA ALA PA 217 -16.11 -2.25 -75.12
C ALA PA 217 -15.86 -1.09 -74.16
N ARG PA 218 -15.66 -1.39 -72.88
CA ARG PA 218 -15.41 -0.39 -71.86
C ARG PA 218 -14.13 0.39 -72.14
N TYR PA 219 -13.19 -0.23 -72.83
CA TYR PA 219 -11.90 0.35 -73.16
C TYR PA 219 -11.87 0.91 -74.57
N LEU PA 220 -12.98 1.50 -75.01
CA LEU PA 220 -13.07 2.07 -76.36
C LEU PA 220 -13.86 3.35 -76.29
N GLY PA 221 -13.18 4.48 -76.44
CA GLY PA 221 -13.83 5.76 -76.63
C GLY PA 221 -13.62 6.22 -78.06
N LEU PA 222 -14.66 6.79 -78.67
CA LEU PA 222 -14.56 7.32 -80.02
C LEU PA 222 -14.94 8.79 -80.00
N THR PA 223 -14.04 9.62 -80.49
CA THR PA 223 -14.03 11.03 -80.17
C THR PA 223 -14.85 11.85 -81.16
N ALA PA 224 -14.60 13.15 -81.15
CA ALA PA 224 -15.27 14.35 -81.64
C ALA PA 224 -15.42 14.44 -83.15
N PRO PA 225 -16.03 15.51 -83.69
CA PRO PA 225 -15.96 15.74 -85.13
C PRO PA 225 -14.58 15.78 -85.78
N ARG PA 226 -13.82 16.85 -85.58
CA ARG PA 226 -12.48 17.14 -86.12
C ARG PA 226 -12.12 18.51 -85.56
N PHE PA 227 -10.88 18.92 -85.78
CA PHE PA 227 -10.47 20.24 -85.34
C PHE PA 227 -9.40 20.78 -86.27
N LEU PA 228 -9.26 22.10 -86.27
CA LEU PA 228 -8.38 22.81 -87.18
C LEU PA 228 -6.94 22.81 -86.66
N LEU PA 229 -5.99 22.74 -87.57
CA LEU PA 229 -4.56 22.72 -87.23
C LEU PA 229 -3.81 23.94 -87.71
N ARG PA 230 -3.95 24.31 -88.97
CA ARG PA 230 -3.11 25.33 -89.57
C ARG PA 230 -3.98 26.49 -90.05
N VAL PA 231 -3.67 27.68 -89.56
CA VAL PA 231 -4.24 28.90 -90.13
C VAL PA 231 -3.67 29.08 -91.53
N PRO PA 232 -4.51 29.30 -92.56
CA PRO PA 232 -3.97 29.59 -93.89
C PRO PA 232 -3.21 30.90 -93.91
N TYR PA 233 -2.10 30.91 -94.65
CA TYR PA 233 -1.10 31.95 -94.55
C TYR PA 233 -1.60 33.25 -95.19
N ASP PA 234 -0.89 34.33 -94.88
CA ASP PA 234 -1.31 35.67 -95.27
C ASP PA 234 -0.08 36.55 -95.31
N PRO PA 235 0.05 37.46 -96.28
CA PRO PA 235 1.24 38.32 -96.32
C PRO PA 235 1.31 39.38 -95.22
N ILE PA 236 0.28 39.52 -94.39
CA ILE PA 236 0.29 40.46 -93.28
C ILE PA 236 0.26 39.74 -91.93
N GLU PA 237 -0.62 38.75 -91.78
CA GLU PA 237 -0.81 38.09 -90.49
C GLU PA 237 0.30 37.08 -90.21
N ASN PA 238 0.39 36.04 -91.04
CA ASN PA 238 1.38 34.97 -90.87
C ASN PA 238 2.20 34.88 -92.16
N PRO PA 239 3.20 35.73 -92.32
CA PRO PA 239 3.94 35.79 -93.58
C PRO PA 239 4.94 34.65 -93.71
N VAL PA 240 5.50 34.53 -94.91
CA VAL PA 240 6.57 33.59 -95.20
C VAL PA 240 7.80 34.38 -95.64
N LYS PA 241 8.96 33.75 -95.53
CA LYS PA 241 10.23 34.44 -95.72
C LYS PA 241 10.47 34.72 -97.20
N SER PA 242 10.68 36.00 -97.53
CA SER PA 242 11.02 36.49 -98.87
C SER PA 242 9.96 36.13 -99.91
N PHE PA 243 8.70 36.06 -99.49
CA PHE PA 243 7.59 35.73 -100.37
C PHE PA 243 6.30 36.20 -99.72
N ASN PA 244 5.30 36.49 -100.55
CA ASN PA 244 3.96 36.85 -100.07
C ASN PA 244 3.00 35.76 -100.53
N TYR PA 245 2.46 35.01 -99.58
CA TYR PA 245 1.65 33.84 -99.87
C TYR PA 245 0.25 34.01 -99.28
N ALA PA 246 -0.73 34.24 -100.14
CA ALA PA 246 -2.14 34.30 -99.75
C ALA PA 246 -2.78 32.98 -100.16
N GLU PA 247 -3.02 32.11 -99.20
CA GLU PA 247 -3.58 30.78 -99.48
C GLU PA 247 -5.07 30.92 -99.76
N ASN PA 248 -5.43 30.85 -101.04
CA ASN PA 248 -6.81 31.03 -101.46
C ASN PA 248 -7.63 29.81 -101.10
N VAL PA 249 -8.29 29.85 -99.95
CA VAL PA 249 -9.15 28.76 -99.50
C VAL PA 249 -10.52 28.92 -100.14
N SER PA 250 -10.94 27.89 -100.86
CA SER PA 250 -12.19 27.95 -101.62
C SER PA 250 -13.36 27.66 -100.69
N ALA PA 251 -14.54 27.47 -101.29
CA ALA PA 251 -15.75 27.16 -100.52
C ALA PA 251 -15.73 25.75 -99.97
N SER PA 252 -14.90 24.87 -100.54
CA SER PA 252 -14.71 23.54 -99.98
C SER PA 252 -13.90 23.64 -98.69
N HIS PA 253 -14.50 23.24 -97.57
CA HIS PA 253 -13.82 23.28 -96.29
C HIS PA 253 -12.98 22.03 -96.04
N GLU PA 254 -12.74 21.22 -97.06
CA GLU PA 254 -11.79 20.11 -96.95
C GLU PA 254 -10.35 20.55 -97.16
N HIS PA 255 -10.13 21.78 -97.64
CA HIS PA 255 -8.78 22.25 -97.89
C HIS PA 255 -8.09 22.77 -96.64
N TYR PA 256 -8.85 23.13 -95.61
CA TYR PA 256 -8.27 23.39 -94.30
C TYR PA 256 -7.63 22.13 -93.75
N LEU PA 257 -6.53 22.31 -93.03
CA LEU PA 257 -5.79 21.18 -92.48
C LEU PA 257 -6.55 20.69 -91.25
N TRP PA 258 -7.54 19.83 -91.49
CA TRP PA 258 -8.34 19.31 -90.40
C TRP PA 258 -7.66 18.11 -89.76
N GLY PA 259 -7.37 18.20 -88.47
CA GLY PA 259 -6.71 17.13 -87.75
C GLY PA 259 -7.69 16.08 -87.25
N ASN PA 260 -7.14 15.14 -86.50
CA ASN PA 260 -7.93 14.09 -85.86
C ASN PA 260 -8.00 14.35 -84.37
N THR PA 261 -9.20 14.28 -83.79
CA THR PA 261 -9.41 14.77 -82.43
C THR PA 261 -8.97 13.75 -81.37
N ALA PA 262 -8.53 12.56 -81.77
CA ALA PA 262 -7.88 11.66 -80.83
C ALA PA 262 -6.56 12.26 -80.35
N PHE PA 263 -5.94 13.11 -81.16
CA PHE PA 263 -4.86 13.97 -80.68
C PHE PA 263 -5.35 14.91 -79.59
N ALA PA 264 -6.45 15.62 -79.86
CA ALA PA 264 -6.89 16.68 -78.98
C ALA PA 264 -7.55 16.16 -77.71
N PHE PA 265 -8.14 14.97 -77.74
CA PHE PA 265 -8.71 14.42 -76.51
C PHE PA 265 -7.63 13.83 -75.62
N ALA PA 266 -6.57 13.28 -76.21
CA ALA PA 266 -5.44 12.83 -75.42
C ALA PA 266 -4.57 13.98 -74.93
N THR PA 267 -4.79 15.19 -75.45
CA THR PA 267 -4.16 16.35 -74.85
C THR PA 267 -4.72 16.57 -73.44
N ARG PA 268 -6.01 16.29 -73.24
CA ARG PA 268 -6.62 16.46 -71.94
C ARG PA 268 -6.39 15.28 -71.02
N LEU PA 269 -6.06 14.10 -71.56
CA LEU PA 269 -5.60 13.02 -70.70
C LEU PA 269 -4.24 13.34 -70.09
N THR PA 270 -3.41 14.06 -70.83
CA THR PA 270 -2.05 14.27 -70.38
C THR PA 270 -1.90 15.58 -69.62
N ASP PA 271 -2.63 16.62 -70.03
CA ASP PA 271 -2.61 17.86 -69.25
C ASP PA 271 -3.37 17.75 -67.94
N SER PA 272 -4.18 16.70 -67.78
CA SER PA 272 -4.67 16.38 -66.45
C SER PA 272 -3.65 15.59 -65.65
N PHE PA 273 -2.82 14.79 -66.31
CA PHE PA 273 -1.81 14.05 -65.59
C PHE PA 273 -0.62 14.91 -65.20
N ALA PA 274 -0.35 15.95 -65.98
CA ALA PA 274 0.79 16.80 -65.66
C ALA PA 274 0.52 17.73 -64.49
N LYS PA 275 -0.72 17.82 -64.04
CA LYS PA 275 -1.10 18.70 -62.93
C LYS PA 275 -1.39 17.94 -61.65
N TYR PA 276 -2.13 16.83 -61.73
CA TYR PA 276 -2.58 16.12 -60.55
C TYR PA 276 -2.04 14.70 -60.45
N ARG PA 277 -1.28 14.23 -61.43
CA ARG PA 277 -0.73 12.87 -61.53
C ARG PA 277 -1.83 11.80 -61.50
N TRP PA 278 -3.01 12.16 -61.99
CA TRP PA 278 -4.08 11.22 -62.26
C TRP PA 278 -4.81 11.72 -63.48
N CYS PA 279 -5.87 11.02 -63.87
CA CYS PA 279 -6.74 11.48 -64.95
C CYS PA 279 -8.19 11.06 -64.77
N PRO PA 280 -8.93 11.70 -63.86
CA PRO PA 280 -10.37 11.76 -64.07
C PRO PA 280 -10.81 13.10 -64.64
N ASN PA 281 -9.89 14.06 -64.73
CA ASN PA 281 -10.23 15.44 -65.02
C ASN PA 281 -10.14 15.69 -66.53
N ILE PA 282 -11.17 15.26 -67.25
CA ILE PA 282 -11.21 15.42 -68.70
C ILE PA 282 -12.53 15.95 -69.22
N ILE PA 283 -13.49 16.29 -68.35
CA ILE PA 283 -14.81 16.63 -68.83
C ILE PA 283 -15.25 18.04 -68.40
N GLY PA 284 -14.31 18.95 -68.19
CA GLY PA 284 -14.67 20.26 -67.69
C GLY PA 284 -14.25 21.43 -68.55
N PRO PA 285 -15.21 22.29 -68.93
CA PRO PA 285 -14.85 23.54 -69.59
C PRO PA 285 -14.07 24.49 -68.70
N GLN PA 286 -14.20 24.37 -67.39
CA GLN PA 286 -13.31 25.02 -66.45
C GLN PA 286 -12.65 24.03 -65.52
N SER PA 287 -12.63 22.75 -65.89
CA SER PA 287 -12.11 21.74 -64.98
C SER PA 287 -11.32 20.66 -65.72
N GLY PA 288 -10.71 21.01 -66.85
CA GLY PA 288 -9.78 20.14 -67.52
C GLY PA 288 -10.28 19.40 -68.74
N GLY PA 289 -11.33 19.86 -69.39
CA GLY PA 289 -11.74 19.28 -70.65
C GLY PA 289 -11.84 20.35 -71.71
N ALA PA 290 -11.13 21.45 -71.51
CA ALA PA 290 -11.22 22.61 -72.38
C ALA PA 290 -10.01 22.61 -73.32
N VAL PA 291 -10.25 22.24 -74.58
CA VAL PA 291 -9.21 22.32 -75.61
C VAL PA 291 -9.07 23.79 -75.98
N GLU PA 292 -8.05 24.44 -75.45
CA GLU PA 292 -7.85 25.86 -75.70
C GLU PA 292 -6.86 26.07 -76.83
N ASP PA 293 -6.73 27.33 -77.24
CA ASP PA 293 -5.78 27.80 -78.26
C ASP PA 293 -6.00 27.09 -79.60
N LEU PA 294 -7.24 27.09 -80.05
CA LEU PA 294 -7.51 26.54 -81.37
C LEU PA 294 -7.16 27.58 -82.44
N PRO PA 295 -6.81 27.13 -83.64
CA PRO PA 295 -6.63 28.07 -84.74
C PRO PA 295 -7.96 28.63 -85.23
N VAL PA 296 -7.97 29.93 -85.50
CA VAL PA 296 -9.14 30.59 -86.07
C VAL PA 296 -8.73 31.26 -87.36
N HIS PA 297 -9.73 31.45 -88.23
CA HIS PA 297 -9.49 32.05 -89.55
C HIS PA 297 -10.62 33.02 -89.82
N VAL PA 298 -10.38 34.30 -89.55
CA VAL PA 298 -11.38 35.34 -89.78
C VAL PA 298 -11.43 35.64 -91.27
N PHE PA 299 -12.54 35.32 -91.91
CA PHE PA 299 -12.71 35.62 -93.32
C PHE PA 299 -14.01 36.41 -93.51
N GLU PA 300 -14.21 36.87 -94.74
CA GLU PA 300 -15.37 37.68 -95.07
C GLU PA 300 -16.51 36.78 -95.50
N SER PA 301 -17.63 36.86 -94.79
CA SER PA 301 -18.85 36.15 -95.16
C SER PA 301 -19.65 37.00 -96.14
N MET PA 302 -20.92 36.64 -96.33
CA MET PA 302 -21.83 37.39 -97.19
C MET PA 302 -22.24 38.69 -96.50
N GLY PA 303 -21.29 39.63 -96.49
CA GLY PA 303 -21.51 40.95 -95.90
C GLY PA 303 -20.80 41.18 -94.57
N ALA PA 304 -20.83 40.18 -93.69
CA ALA PA 304 -20.31 40.32 -92.35
C ALA PA 304 -18.89 39.80 -92.26
N LEU PA 305 -18.29 39.98 -91.09
CA LEU PA 305 -16.95 39.49 -90.79
C LEU PA 305 -17.09 38.41 -89.72
N GLN PA 306 -17.02 37.16 -90.14
CA GLN PA 306 -17.16 36.04 -89.22
C GLN PA 306 -15.85 35.28 -89.13
N SER PA 307 -15.85 34.23 -88.31
CA SER PA 307 -14.70 33.37 -88.13
C SER PA 307 -15.05 31.95 -88.52
N LYS PA 308 -14.09 31.26 -89.14
CA LYS PA 308 -14.27 29.85 -89.44
C LYS PA 308 -14.25 29.05 -88.14
N ILE PA 309 -15.24 28.19 -87.98
CA ILE PA 309 -15.38 27.43 -86.73
C ILE PA 309 -14.28 26.36 -86.66
N PRO PA 310 -13.51 26.34 -85.57
CA PRO PA 310 -12.37 25.41 -85.51
C PRO PA 310 -12.75 23.95 -85.42
N THR PA 311 -13.94 23.61 -84.93
CA THR PA 311 -14.53 22.31 -85.17
C THR PA 311 -15.57 22.49 -86.25
N GLU PA 312 -15.76 21.46 -87.08
CA GLU PA 312 -16.48 21.67 -88.34
C GLU PA 312 -17.96 21.86 -88.17
N VAL PA 313 -18.53 21.52 -87.02
CA VAL PA 313 -19.91 21.84 -86.72
C VAL PA 313 -19.98 22.50 -85.37
N LEU PA 314 -21.06 23.24 -85.15
CA LEU PA 314 -21.38 23.80 -83.84
C LEU PA 314 -22.32 22.80 -83.16
N ILE PA 315 -21.76 22.00 -82.26
CA ILE PA 315 -22.55 21.00 -81.56
C ILE PA 315 -23.38 21.69 -80.49
N THR PA 316 -24.70 21.54 -80.58
CA THR PA 316 -25.58 22.11 -79.58
C THR PA 316 -25.52 21.28 -78.31
N ASP PA 317 -26.23 21.74 -77.28
CA ASP PA 317 -26.22 21.02 -76.03
C ASP PA 317 -27.12 19.78 -76.08
N ARG PA 318 -28.20 19.83 -76.86
CA ARG PA 318 -29.05 18.64 -77.00
C ARG PA 318 -28.40 17.61 -77.91
N LYS PA 319 -27.69 18.07 -78.94
CA LYS PA 319 -26.96 17.14 -79.81
C LYS PA 319 -25.82 16.47 -79.07
N GLU PA 320 -25.18 17.19 -78.15
CA GLU PA 320 -24.08 16.60 -77.41
C GLU PA 320 -24.58 15.64 -76.35
N PHE PA 321 -25.73 15.94 -75.74
CA PHE PA 321 -26.32 15.01 -74.79
C PHE PA 321 -26.85 13.77 -75.49
N GLU PA 322 -27.29 13.90 -76.73
CA GLU PA 322 -27.72 12.72 -77.47
C GLU PA 322 -26.53 11.90 -77.94
N LEU PA 323 -25.39 12.55 -78.19
CA LEU PA 323 -24.16 11.81 -78.43
C LEU PA 323 -23.60 11.21 -77.15
N ALA PA 324 -23.88 11.82 -76.00
CA ALA PA 324 -23.37 11.29 -74.74
C ALA PA 324 -24.10 10.01 -74.35
N GLU PA 325 -25.40 9.94 -74.62
CA GLU PA 325 -26.14 8.72 -74.34
C GLU PA 325 -25.78 7.60 -75.30
N GLU PA 326 -25.40 7.95 -76.53
CA GLU PA 326 -25.06 6.96 -77.54
C GLU PA 326 -23.57 6.67 -77.64
N GLY PA 327 -22.80 7.07 -76.62
CA GLY PA 327 -21.41 6.66 -76.53
C GLY PA 327 -20.47 7.40 -77.46
N PHE PA 328 -20.35 8.72 -77.28
CA PHE PA 328 -19.45 9.52 -78.09
C PHE PA 328 -18.86 10.62 -77.23
N ILE PA 329 -17.60 10.96 -77.48
CA ILE PA 329 -16.91 12.03 -76.77
C ILE PA 329 -16.93 13.22 -77.72
N ALA PA 330 -17.97 14.04 -77.62
CA ALA PA 330 -18.13 15.17 -78.52
C ALA PA 330 -17.42 16.41 -77.99
N LEU PA 331 -17.08 17.30 -78.90
CA LEU PA 331 -16.36 18.53 -78.59
C LEU PA 331 -17.18 19.72 -79.05
N THR PA 332 -17.94 20.30 -78.12
CA THR PA 332 -18.63 21.54 -78.43
C THR PA 332 -17.63 22.69 -78.45
N MET PA 333 -17.84 23.62 -79.37
CA MET PA 333 -16.91 24.71 -79.60
C MET PA 333 -17.51 25.98 -79.02
N ARG PA 334 -16.68 26.78 -78.36
CA ARG PA 334 -17.12 28.03 -77.76
C ARG PA 334 -17.33 29.05 -78.87
N LYS PA 335 -18.59 29.21 -79.30
CA LYS PA 335 -18.93 29.93 -80.51
C LYS PA 335 -18.53 31.39 -80.44
N GLY PA 336 -17.53 31.76 -81.22
CA GLY PA 336 -17.04 33.13 -81.26
C GLY PA 336 -15.64 33.30 -80.73
N SER PA 337 -14.95 32.22 -80.39
CA SER PA 337 -13.59 32.34 -79.86
C SER PA 337 -12.81 31.11 -80.30
N ASP PA 338 -11.64 30.93 -79.69
CA ASP PA 338 -10.70 29.87 -80.05
C ASP PA 338 -10.63 28.80 -78.96
N ASN PA 339 -11.75 28.49 -78.33
CA ASN PA 339 -11.80 27.51 -77.28
C ASN PA 339 -12.85 26.46 -77.60
N ALA PA 340 -12.77 25.34 -76.90
CA ALA PA 340 -13.74 24.27 -77.04
C ALA PA 340 -13.83 23.58 -75.69
N ALA PA 341 -14.67 22.55 -75.61
CA ALA PA 341 -14.87 21.89 -74.34
C ALA PA 341 -15.41 20.48 -74.56
N PHE PA 342 -14.96 19.54 -73.75
CA PHE PA 342 -15.62 18.27 -73.59
C PHE PA 342 -16.57 18.36 -72.40
N PHE PA 343 -17.62 17.56 -72.44
CA PHE PA 343 -18.58 17.55 -71.34
C PHE PA 343 -18.81 16.18 -70.74
N SER PA 344 -18.57 15.10 -71.49
CA SER PA 344 -18.81 13.75 -71.00
C SER PA 344 -17.94 12.82 -71.81
N ALA PA 345 -17.09 12.04 -71.14
CA ALA PA 345 -16.14 11.19 -71.83
C ALA PA 345 -16.62 9.74 -71.91
N ASN PA 346 -17.93 9.53 -72.08
CA ASN PA 346 -18.51 8.20 -72.01
C ASN PA 346 -17.98 7.28 -73.10
N SER PA 347 -17.57 6.09 -72.69
CA SER PA 347 -17.16 5.07 -73.66
C SER PA 347 -18.39 4.49 -74.33
N ILE PA 348 -18.15 3.67 -75.35
CA ILE PA 348 -19.24 3.17 -76.18
C ILE PA 348 -20.08 2.11 -75.50
N GLN PA 349 -19.76 1.71 -74.28
CA GLN PA 349 -20.49 0.63 -73.63
C GLN PA 349 -21.86 1.11 -73.19
N LYS PA 350 -22.84 0.23 -73.27
CA LYS PA 350 -24.19 0.64 -72.87
C LYS PA 350 -24.47 0.23 -71.44
N PRO PA 351 -25.12 1.08 -70.67
CA PRO PA 351 -25.54 0.70 -69.32
C PRO PA 351 -26.63 -0.34 -69.37
N LYS PA 352 -26.32 -1.56 -68.95
CA LYS PA 352 -27.25 -2.67 -69.10
C LYS PA 352 -28.36 -2.55 -68.08
N VAL PA 353 -29.60 -2.66 -68.54
CA VAL PA 353 -30.75 -2.55 -67.65
C VAL PA 353 -30.87 -3.84 -66.86
N PHE PA 354 -30.77 -3.74 -65.59
CA PHE PA 354 -30.88 -4.80 -64.63
C PHE PA 354 -32.29 -4.82 -64.04
N PRO PA 355 -32.79 -5.98 -63.61
CA PRO PA 355 -34.18 -6.05 -63.12
C PRO PA 355 -34.36 -5.32 -61.81
N ASN PA 356 -35.63 -5.02 -61.51
CA ASN PA 356 -35.98 -4.11 -60.43
C ASN PA 356 -35.99 -4.77 -59.06
N THR PA 357 -34.89 -5.42 -58.70
CA THR PA 357 -34.73 -5.95 -57.36
C THR PA 357 -34.00 -4.93 -56.51
N LYS PA 358 -33.63 -5.33 -55.29
CA LYS PA 358 -32.80 -4.45 -54.47
C LYS PA 358 -31.38 -4.42 -54.98
N GLU PA 359 -30.83 -5.58 -55.33
CA GLU PA 359 -29.49 -5.63 -55.90
C GLU PA 359 -29.45 -5.19 -57.35
N GLY PA 360 -30.53 -5.38 -58.10
CA GLY PA 360 -30.55 -5.02 -59.49
C GLY PA 360 -30.59 -3.52 -59.70
N LYS PA 361 -31.38 -2.82 -58.87
CA LYS PA 361 -31.37 -1.36 -58.90
C LYS PA 361 -30.06 -0.81 -58.37
N GLU PA 362 -29.36 -1.57 -57.55
CA GLU PA 362 -28.04 -1.16 -57.08
C GLU PA 362 -26.98 -1.42 -58.13
N ALA PA 363 -26.91 -2.64 -58.65
CA ALA PA 363 -25.85 -3.00 -59.59
C ALA PA 363 -25.99 -2.28 -60.93
N GLU PA 364 -27.17 -1.77 -61.26
CA GLU PA 364 -27.32 -0.93 -62.44
C GLU PA 364 -26.54 0.37 -62.29
N THR PA 365 -26.58 0.95 -61.10
CA THR PA 365 -25.79 2.15 -60.84
C THR PA 365 -24.32 1.78 -60.66
N ASN PA 366 -24.04 0.55 -60.28
CA ASN PA 366 -22.66 0.09 -60.21
C ASN PA 366 -22.07 -0.14 -61.58
N TYR PA 367 -22.82 -0.77 -62.46
CA TYR PA 367 -22.34 -1.01 -63.82
C TYR PA 367 -22.30 0.26 -64.65
N LYS PA 368 -23.08 1.28 -64.27
CA LYS PA 368 -23.06 2.55 -64.98
C LYS PA 368 -21.74 3.27 -64.77
N LEU PA 369 -21.11 3.10 -63.61
CA LEU PA 369 -19.85 3.77 -63.35
C LEU PA 369 -18.71 3.18 -64.15
N GLY PA 370 -18.85 1.95 -64.63
CA GLY PA 370 -17.80 1.37 -65.43
C GLY PA 370 -17.67 1.99 -66.80
N THR PA 371 -18.78 2.41 -67.39
CA THR PA 371 -18.78 2.80 -68.78
C THR PA 371 -18.29 4.22 -69.01
N GLN PA 372 -18.13 5.02 -67.96
CA GLN PA 372 -18.11 6.47 -68.19
C GLN PA 372 -16.74 6.98 -68.62
N LEU PA 373 -15.66 6.32 -68.25
CA LEU PA 373 -14.27 6.59 -68.63
C LEU PA 373 -13.77 8.00 -68.25
N PRO PA 374 -14.05 8.49 -67.04
CA PRO PA 374 -12.87 9.03 -66.37
C PRO PA 374 -12.51 8.07 -65.25
N TYR PA 375 -13.46 7.21 -64.91
CA TYR PA 375 -13.30 6.31 -63.79
C TYR PA 375 -12.52 5.07 -64.16
N MET PA 376 -12.48 4.69 -65.43
CA MET PA 376 -11.53 3.67 -65.83
C MET PA 376 -10.11 4.16 -65.67
N MET PA 377 -9.86 5.43 -65.91
CA MET PA 377 -8.50 5.90 -65.88
C MET PA 377 -7.97 6.09 -64.45
N ILE PA 378 -8.86 6.05 -63.45
CA ILE PA 378 -8.36 5.99 -62.08
C ILE PA 378 -8.24 4.57 -61.57
N ILE PA 379 -8.63 3.57 -62.36
CA ILE PA 379 -8.34 2.17 -62.03
C ILE PA 379 -7.46 1.50 -63.06
N ASN PA 380 -7.30 2.07 -64.25
CA ASN PA 380 -6.22 1.61 -65.10
C ASN PA 380 -4.88 1.92 -64.47
N ARG PA 381 -4.78 3.07 -63.81
CA ARG PA 381 -3.58 3.35 -63.01
C ARG PA 381 -3.50 2.45 -61.80
N LEU PA 382 -4.63 1.99 -61.28
CA LEU PA 382 -4.61 0.94 -60.27
C LEU PA 382 -4.53 -0.45 -60.88
N ALA PA 383 -4.21 -0.55 -62.15
CA ALA PA 383 -3.71 -1.79 -62.72
C ALA PA 383 -2.28 -1.63 -63.21
N HIS PA 384 -1.83 -0.40 -63.39
CA HIS PA 384 -0.45 -0.24 -63.82
C HIS PA 384 0.50 -0.07 -62.65
N TYR PA 385 0.08 0.64 -61.59
CA TYR PA 385 0.91 0.70 -60.40
C TYR PA 385 1.01 -0.66 -59.73
N VAL PA 386 -0.10 -1.39 -59.65
CA VAL PA 386 -0.12 -2.55 -58.78
C VAL PA 386 0.53 -3.73 -59.47
N LYS PA 387 0.52 -3.73 -60.81
CA LYS PA 387 1.30 -4.69 -61.57
C LYS PA 387 2.79 -4.47 -61.38
N VAL PA 388 3.22 -3.21 -61.37
CA VAL PA 388 4.63 -2.91 -61.18
C VAL PA 388 5.05 -3.13 -59.73
N LEU PA 389 4.20 -2.75 -58.79
CA LEU PA 389 4.59 -2.75 -57.38
C LEU PA 389 4.67 -4.17 -56.84
N GLN PA 390 3.80 -5.05 -57.29
CA GLN PA 390 3.83 -6.46 -56.91
C GLN PA 390 4.62 -7.31 -57.90
N ARG PA 391 5.42 -6.69 -58.75
CA ARG PA 391 6.38 -7.42 -59.56
C ARG PA 391 7.74 -7.48 -58.89
N GLU PA 392 8.13 -6.39 -58.22
CA GLU PA 392 9.37 -6.37 -57.46
C GLU PA 392 9.34 -7.34 -56.29
N GLN PA 393 8.16 -7.64 -55.78
CA GLN PA 393 8.07 -8.40 -54.54
C GLN PA 393 8.25 -9.89 -54.71
N ILE PA 394 8.29 -10.41 -55.95
CA ILE PA 394 8.34 -11.85 -56.18
C ILE PA 394 9.66 -12.41 -55.66
N GLY PA 395 9.58 -13.38 -54.75
CA GLY PA 395 10.75 -13.91 -54.11
C GLY PA 395 10.98 -13.42 -52.71
N ALA PA 396 10.09 -12.59 -52.17
CA ALA PA 396 10.30 -12.04 -50.85
C ALA PA 396 9.91 -13.05 -49.77
N TRP PA 397 9.85 -12.58 -48.55
CA TRP PA 397 9.39 -13.36 -47.42
C TRP PA 397 8.16 -12.66 -46.87
N LYS PA 398 7.00 -13.10 -47.30
CA LYS PA 398 5.79 -12.33 -47.07
C LYS PA 398 4.79 -13.26 -46.39
N GLU PA 399 3.61 -12.73 -46.07
CA GLU PA 399 2.50 -13.54 -45.59
C GLU PA 399 1.22 -12.99 -46.20
N ARG PA 400 0.11 -13.67 -45.93
CA ARG PA 400 -1.18 -13.12 -46.31
C ARG PA 400 -1.49 -11.86 -45.52
N GLN PA 401 -1.19 -11.88 -44.22
CA GLN PA 401 -1.31 -10.67 -43.41
C GLN PA 401 -0.34 -9.59 -43.85
N ASP PA 402 0.82 -9.98 -44.36
CA ASP PA 402 1.74 -8.99 -44.90
C ASP PA 402 1.29 -8.53 -46.27
N LEU PA 403 0.58 -9.38 -47.01
CA LEU PA 403 0.05 -8.95 -48.30
C LEU PA 403 -1.10 -7.98 -48.11
N GLU PA 404 -1.94 -8.18 -47.09
CA GLU PA 404 -3.01 -7.24 -46.79
C GLU PA 404 -2.49 -5.88 -46.41
N ARG PA 405 -1.33 -5.83 -45.76
CA ARG PA 405 -0.79 -4.59 -45.22
C ARG PA 405 0.01 -3.79 -46.24
N GLU PA 406 0.75 -4.46 -47.11
CA GLU PA 406 1.49 -3.75 -48.15
C GLU PA 406 0.59 -3.15 -49.21
N LEU PA 407 -0.68 -3.54 -49.26
CA LEU PA 407 -1.65 -2.92 -50.15
C LEU PA 407 -2.54 -1.91 -49.45
N ASN PA 408 -2.95 -2.18 -48.21
CA ASN PA 408 -3.83 -1.23 -47.51
C ASN PA 408 -3.07 0.02 -47.09
N SER PA 409 -1.82 -0.13 -46.65
CA SER PA 409 -1.03 1.05 -46.36
C SER PA 409 -0.52 1.74 -47.61
N TRP PA 410 -0.66 1.09 -48.77
CA TRP PA 410 -0.28 1.73 -50.02
C TRP PA 410 -1.39 2.55 -50.62
N ILE PA 411 -2.61 1.99 -50.75
CA ILE PA 411 -3.66 2.71 -51.46
C ILE PA 411 -4.32 3.75 -50.57
N LYS PA 412 -4.09 3.73 -49.27
CA LYS PA 412 -4.64 4.77 -48.41
C LYS PA 412 -3.81 6.04 -48.37
N GLN PA 413 -2.92 6.23 -49.35
CA GLN PA 413 -2.46 7.56 -49.71
C GLN PA 413 -3.17 8.08 -50.94
N TYR PA 414 -4.04 7.27 -51.54
CA TYR PA 414 -4.88 7.70 -52.65
C TYR PA 414 -6.33 7.87 -52.22
N VAL PA 415 -6.65 7.57 -50.96
CA VAL PA 415 -8.01 7.55 -50.47
C VAL PA 415 -8.18 8.73 -49.52
N ALA PA 416 -9.14 9.59 -49.82
CA ALA PA 416 -9.51 10.69 -48.92
C ALA PA 416 -10.98 10.49 -48.58
N ASP PA 417 -11.24 9.65 -47.58
CA ASP PA 417 -12.61 9.28 -47.21
C ASP PA 417 -13.20 10.44 -46.43
N GLN PA 418 -13.75 11.38 -47.17
CA GLN PA 418 -14.10 12.68 -46.62
C GLN PA 418 -15.19 13.27 -47.49
N GLU PA 419 -16.19 13.88 -46.87
CA GLU PA 419 -17.37 14.30 -47.62
C GLU PA 419 -17.09 15.53 -48.47
N ASN PA 420 -16.34 16.48 -47.95
CA ASN PA 420 -15.98 17.68 -48.70
C ASN PA 420 -14.53 18.06 -48.42
N PRO PA 421 -13.58 17.40 -49.07
CA PRO PA 421 -12.20 17.84 -48.98
C PRO PA 421 -11.97 19.00 -49.93
N PRO PA 422 -10.84 19.71 -49.81
CA PRO PA 422 -10.56 20.79 -50.78
C PRO PA 422 -10.35 20.26 -52.18
N ALA PA 423 -10.28 21.20 -53.13
CA ALA PA 423 -10.24 20.86 -54.54
C ALA PA 423 -8.92 20.24 -54.97
N ASP PA 424 -7.89 20.31 -54.13
CA ASP PA 424 -6.64 19.62 -54.44
C ASP PA 424 -6.58 18.23 -53.85
N VAL PA 425 -7.26 18.00 -52.73
CA VAL PA 425 -7.27 16.68 -52.11
C VAL PA 425 -8.16 15.73 -52.92
N ARG PA 426 -9.14 16.28 -53.65
CA ARG PA 426 -10.02 15.45 -54.46
C ARG PA 426 -9.30 14.88 -55.66
N SER PA 427 -8.36 15.60 -56.23
CA SER PA 427 -7.73 15.15 -57.47
C SER PA 427 -6.36 14.52 -57.26
N ARG PA 428 -5.63 14.89 -56.21
CA ARG PA 428 -4.44 14.12 -55.85
C ARG PA 428 -4.82 12.76 -55.30
N ARG PA 429 -5.96 12.67 -54.60
CA ARG PA 429 -6.46 11.42 -54.04
C ARG PA 429 -7.82 11.15 -54.67
N PRO PA 430 -7.85 10.57 -55.88
CA PRO PA 430 -9.11 10.49 -56.62
C PRO PA 430 -10.06 9.46 -56.09
N LEU PA 431 -9.60 8.50 -55.31
CA LEU PA 431 -10.49 7.51 -54.73
C LEU PA 431 -11.18 8.10 -53.52
N ARG PA 432 -12.15 7.38 -53.01
CA ARG PA 432 -12.88 7.79 -51.82
C ARG PA 432 -12.93 6.70 -50.76
N ALA PA 433 -13.02 5.43 -51.17
CA ALA PA 433 -12.90 4.33 -50.24
C ALA PA 433 -12.41 3.11 -51.00
N ALA PA 434 -11.67 2.24 -50.32
CA ALA PA 434 -11.07 1.09 -50.98
C ALA PA 434 -11.05 -0.09 -50.03
N ARG PA 435 -11.58 -1.21 -50.48
CA ARG PA 435 -11.66 -2.43 -49.69
C ARG PA 435 -10.74 -3.47 -50.32
N ILE PA 436 -9.93 -4.12 -49.51
CA ILE PA 436 -9.01 -5.16 -49.98
C ILE PA 436 -9.21 -6.41 -49.15
N GLU PA 437 -9.63 -7.49 -49.79
CA GLU PA 437 -9.93 -8.74 -49.11
C GLU PA 437 -9.05 -9.82 -49.72
N VAL PA 438 -7.95 -10.13 -49.06
CA VAL PA 438 -7.01 -11.12 -49.55
C VAL PA 438 -7.46 -12.50 -49.09
N MET PA 439 -7.59 -13.43 -50.02
CA MET PA 439 -7.98 -14.81 -49.75
C MET PA 439 -6.84 -15.71 -50.18
N ASP PA 440 -7.07 -17.02 -50.12
CA ASP PA 440 -6.05 -18.00 -50.49
C ASP PA 440 -6.49 -18.78 -51.72
N VAL PA 441 -5.61 -19.65 -52.17
CA VAL PA 441 -5.95 -20.68 -53.15
C VAL PA 441 -5.49 -22.01 -52.57
N GLU PA 442 -6.44 -22.91 -52.35
CA GLU PA 442 -6.11 -24.22 -51.80
C GLU PA 442 -5.61 -25.12 -52.92
N GLY PA 443 -4.98 -26.22 -52.52
CA GLY PA 443 -4.37 -27.13 -53.48
C GLY PA 443 -2.93 -26.77 -53.76
N ASN PA 444 -2.71 -25.59 -54.34
CA ASN PA 444 -1.38 -25.01 -54.48
C ASN PA 444 -1.31 -23.82 -53.54
N PRO PA 445 -0.77 -23.99 -52.34
CA PRO PA 445 -0.86 -22.93 -51.34
C PRO PA 445 0.12 -21.81 -51.62
N GLY PA 446 -0.33 -20.59 -51.40
CA GLY PA 446 0.46 -19.40 -51.68
C GLY PA 446 0.12 -18.72 -52.98
N TRP PA 447 -1.17 -18.54 -53.24
CA TRP PA 447 -1.67 -17.89 -54.43
C TRP PA 447 -2.91 -17.13 -53.97
N TYR PA 448 -2.98 -15.83 -54.25
CA TYR PA 448 -3.78 -14.93 -53.43
C TYR PA 448 -4.82 -14.17 -54.23
N GLN PA 449 -6.08 -14.53 -54.04
CA GLN PA 449 -7.16 -13.89 -54.79
C GLN PA 449 -7.63 -12.69 -53.98
N VAL PA 450 -7.05 -11.53 -54.21
CA VAL PA 450 -7.40 -10.36 -53.42
C VAL PA 450 -8.42 -9.58 -54.23
N SER PA 451 -9.23 -8.78 -53.56
CA SER PA 451 -10.30 -8.06 -54.26
C SER PA 451 -10.25 -6.57 -53.92
N LEU PA 452 -9.45 -5.82 -54.66
CA LEU PA 452 -9.38 -4.38 -54.48
C LEU PA 452 -10.64 -3.72 -55.02
N SER PA 453 -11.40 -3.05 -54.14
CA SER PA 453 -12.71 -2.50 -54.46
C SER PA 453 -12.71 -1.00 -54.20
N VAL PA 454 -12.24 -0.22 -55.17
CA VAL PA 454 -12.13 1.22 -55.01
C VAL PA 454 -13.47 1.89 -55.28
N ARG PA 455 -13.55 3.19 -54.97
CA ARG PA 455 -14.76 3.95 -55.13
C ARG PA 455 -14.39 5.39 -55.36
N PRO PA 456 -14.93 6.04 -56.36
CA PRO PA 456 -14.47 7.39 -56.72
C PRO PA 456 -15.32 8.50 -56.15
N HIS PA 457 -14.90 9.74 -56.34
CA HIS PA 457 -15.77 10.87 -56.10
C HIS PA 457 -16.65 11.12 -57.32
N PHE PA 458 -17.64 11.98 -57.16
CA PHE PA 458 -18.68 12.18 -58.17
C PHE PA 458 -18.74 13.63 -58.60
N LYS PA 459 -18.68 13.84 -59.91
CA LYS PA 459 -18.62 15.17 -60.53
C LYS PA 459 -20.02 15.75 -60.69
N TYR PA 460 -20.12 16.80 -61.49
CA TYR PA 460 -21.27 17.70 -61.57
C TYR PA 460 -21.88 17.59 -62.97
N MET PA 461 -23.11 17.10 -63.07
CA MET PA 461 -23.75 16.92 -64.37
C MET PA 461 -25.27 17.00 -64.27
N GLY PA 462 -25.83 18.11 -64.75
CA GLY PA 462 -27.26 18.32 -64.82
C GLY PA 462 -28.00 18.68 -63.54
N ALA PA 463 -28.99 19.55 -63.66
CA ALA PA 463 -29.86 19.95 -62.55
C ALA PA 463 -31.21 20.36 -63.13
N ASN PA 464 -32.04 21.07 -62.34
CA ASN PA 464 -33.35 21.40 -62.90
C ASN PA 464 -33.74 22.87 -62.87
N PHE PA 465 -33.52 23.58 -61.75
CA PHE PA 465 -33.70 25.04 -61.62
C PHE PA 465 -35.12 25.48 -61.98
N GLU PA 466 -36.09 24.98 -61.21
CA GLU PA 466 -37.51 25.17 -61.52
C GLU PA 466 -38.02 26.48 -60.94
N LEU PA 467 -37.86 27.57 -61.70
CA LEU PA 467 -38.16 28.92 -61.24
C LEU PA 467 -39.65 29.15 -61.03
N SER PA 468 -39.94 30.20 -60.27
CA SER PA 468 -41.27 30.63 -59.85
C SER PA 468 -41.11 32.00 -59.22
N LEU PA 469 -42.23 32.65 -58.90
CA LEU PA 469 -42.13 33.75 -57.96
C LEU PA 469 -43.02 33.47 -56.76
N VAL PA 470 -42.58 33.95 -55.60
CA VAL PA 470 -43.32 33.82 -54.35
C VAL PA 470 -44.13 35.08 -54.06
N GLY PA 471 -43.53 36.26 -54.24
CA GLY PA 471 -44.21 37.51 -54.05
C GLY PA 471 -43.95 38.17 -52.71
N ARG PA 472 -43.94 37.39 -51.63
CA ARG PA 472 -43.64 37.91 -50.31
C ARG PA 472 -42.27 37.49 -49.80
N LEU PA 473 -41.92 36.21 -49.94
CA LEU PA 473 -40.64 35.73 -49.44
C LEU PA 473 -39.54 35.97 -50.46
N PRO QA 1 -18.36 5.04 -14.61
CA PRO QA 1 -19.39 5.59 -15.50
C PRO QA 1 -19.29 4.99 -16.90
N THR QA 2 -20.41 4.95 -17.61
CA THR QA 2 -20.38 4.33 -18.92
C THR QA 2 -20.13 5.39 -19.99
N PRO QA 3 -19.36 5.08 -21.02
CA PRO QA 3 -19.09 6.07 -22.06
C PRO QA 3 -20.31 6.38 -22.89
N CYS QA 4 -20.35 7.60 -23.38
CA CYS QA 4 -21.46 8.12 -24.18
C CYS QA 4 -21.12 7.98 -25.65
N TYR QA 5 -21.95 8.56 -26.51
CA TYR QA 5 -21.70 8.52 -27.95
C TYR QA 5 -22.17 9.83 -28.56
N ILE QA 6 -21.39 10.36 -29.51
CA ILE QA 6 -21.69 11.63 -30.13
C ILE QA 6 -21.67 11.47 -31.64
N SER QA 7 -22.72 11.95 -32.30
CA SER QA 7 -22.81 11.95 -33.75
C SER QA 7 -22.88 13.40 -34.23
N ILE QA 8 -21.82 13.84 -34.90
CA ILE QA 8 -21.69 15.22 -35.36
C ILE QA 8 -22.02 15.28 -36.84
N GLU QA 9 -22.84 16.23 -37.24
CA GLU QA 9 -23.11 16.47 -38.65
C GLU QA 9 -22.78 17.91 -38.99
N GLY QA 10 -21.87 18.12 -39.93
CA GLY QA 10 -21.42 19.46 -40.26
C GLY QA 10 -22.29 20.13 -41.29
N GLN QA 11 -21.97 21.41 -41.55
CA GLN QA 11 -22.62 22.11 -42.65
C GLN QA 11 -22.18 21.56 -43.99
N THR QA 12 -20.88 21.63 -44.28
CA THR QA 12 -20.37 21.22 -45.57
C THR QA 12 -19.75 19.85 -45.59
N GLN QA 13 -19.32 19.32 -44.44
CA GLN QA 13 -18.60 18.07 -44.39
C GLN QA 13 -19.50 16.89 -44.11
N GLY QA 14 -20.80 17.05 -44.27
CA GLY QA 14 -21.71 15.93 -44.14
C GLY QA 14 -21.77 15.41 -42.72
N LEU QA 15 -21.90 14.09 -42.59
CA LEU QA 15 -21.82 13.45 -41.30
C LEU QA 15 -20.35 13.27 -40.96
N ILE QA 16 -19.86 14.02 -39.98
CA ILE QA 16 -18.43 14.03 -39.67
C ILE QA 16 -18.01 12.70 -39.05
N THR QA 17 -18.78 12.21 -38.11
CA THR QA 17 -18.37 11.00 -37.44
C THR QA 17 -18.79 9.74 -38.16
N ALA QA 18 -19.09 9.79 -39.46
CA ALA QA 18 -19.50 8.60 -40.20
C ALA QA 18 -18.27 7.73 -40.39
N GLY QA 19 -18.15 6.70 -39.57
CA GLY QA 19 -17.00 5.84 -39.62
C GLY QA 19 -15.98 6.06 -38.52
N ALA QA 20 -16.32 6.80 -37.49
CA ALA QA 20 -15.37 7.08 -36.43
C ALA QA 20 -15.31 5.98 -35.38
N CYS QA 21 -16.02 4.88 -35.59
CA CYS QA 21 -15.85 3.65 -34.83
C CYS QA 21 -15.82 2.46 -35.77
N THR QA 22 -14.96 2.53 -36.78
CA THR QA 22 -14.64 1.37 -37.58
C THR QA 22 -13.33 0.76 -37.09
N ALA QA 23 -12.86 -0.25 -37.80
CA ALA QA 23 -11.57 -0.82 -37.47
C ALA QA 23 -10.42 0.03 -37.96
N ASP QA 24 -10.66 0.95 -38.87
CA ASP QA 24 -9.59 1.83 -39.31
C ASP QA 24 -9.39 3.00 -38.36
N SER QA 25 -10.43 3.44 -37.66
CA SER QA 25 -10.30 4.58 -36.78
C SER QA 25 -9.55 4.21 -35.51
N ILE QA 26 -10.10 3.28 -34.72
CA ILE QA 26 -9.60 3.05 -33.39
C ILE QA 26 -9.18 1.60 -33.16
N GLY QA 27 -8.81 0.90 -34.22
CA GLY QA 27 -8.28 -0.43 -34.06
C GLY QA 27 -9.31 -1.47 -33.68
N ASP QA 28 -9.12 -2.14 -32.55
CA ASP QA 28 -10.01 -3.21 -32.12
C ASP QA 28 -11.00 -2.77 -31.07
N SER QA 29 -11.02 -1.50 -30.71
CA SER QA 29 -11.97 -1.02 -29.70
C SER QA 29 -13.20 -0.38 -30.34
N PHE QA 30 -13.53 -0.79 -31.55
CA PHE QA 30 -14.74 -0.24 -32.15
C PHE QA 30 -15.92 -1.12 -31.77
N VAL QA 31 -17.10 -0.54 -31.89
CA VAL QA 31 -18.33 -1.19 -31.46
C VAL QA 31 -19.26 -1.29 -32.67
N GLU QA 32 -19.78 -2.49 -32.92
CA GLU QA 32 -20.77 -2.65 -33.97
C GLU QA 32 -22.07 -1.95 -33.57
N GLY QA 33 -22.76 -1.41 -34.57
CA GLY QA 33 -23.98 -0.66 -34.36
C GLY QA 33 -23.78 0.81 -34.07
N HIS QA 34 -22.59 1.21 -33.66
CA HIS QA 34 -22.27 2.59 -33.40
C HIS QA 34 -21.24 3.06 -34.40
N GLU QA 35 -21.44 2.70 -35.66
CA GLU QA 35 -20.46 2.99 -36.70
C GLU QA 35 -20.39 4.47 -37.03
N ASP QA 36 -21.39 5.25 -36.67
CA ASP QA 36 -21.42 6.66 -37.02
C ASP QA 36 -21.19 7.57 -35.82
N GLU QA 37 -20.76 7.03 -34.69
CA GLU QA 37 -20.78 7.75 -33.44
C GLU QA 37 -19.44 7.57 -32.75
N MET QA 38 -18.79 8.67 -32.37
CA MET QA 38 -17.54 8.56 -31.62
C MET QA 38 -17.81 8.03 -30.22
N LEU QA 39 -16.74 7.64 -29.54
CA LEU QA 39 -16.85 7.10 -28.19
C LEU QA 39 -16.33 8.14 -27.23
N VAL QA 40 -17.22 8.72 -26.43
CA VAL QA 40 -16.91 9.89 -25.62
C VAL QA 40 -16.58 9.45 -24.20
N GLN QA 41 -15.41 9.83 -23.72
CA GLN QA 41 -14.93 9.36 -22.43
C GLN QA 41 -15.36 10.29 -21.30
N GLN QA 42 -14.93 11.54 -21.34
CA GLN QA 42 -15.12 12.50 -20.26
C GLN QA 42 -16.06 13.59 -20.74
N PHE QA 43 -16.70 14.29 -19.81
CA PHE QA 43 -17.68 15.30 -20.19
C PHE QA 43 -17.67 16.42 -19.17
N ASP QA 44 -18.00 17.64 -19.63
CA ASP QA 44 -18.05 18.82 -18.79
C ASP QA 44 -18.79 19.96 -19.48
N HIS QA 45 -19.70 20.64 -18.77
CA HIS QA 45 -20.57 21.61 -19.42
C HIS QA 45 -21.21 22.52 -18.39
N VAL QA 46 -21.01 23.83 -18.54
CA VAL QA 46 -21.51 24.83 -17.60
C VAL QA 46 -22.48 25.74 -18.34
N VAL QA 47 -23.56 26.16 -17.68
CA VAL QA 47 -24.48 27.14 -18.25
C VAL QA 47 -24.72 28.18 -17.17
N THR QA 48 -24.07 29.32 -17.26
CA THR QA 48 -24.19 30.32 -16.21
C THR QA 48 -25.33 31.29 -16.50
N VAL QA 49 -25.77 32.00 -15.44
CA VAL QA 49 -26.69 33.11 -15.56
C VAL QA 49 -26.17 34.23 -14.67
N PRO QA 50 -25.89 35.40 -15.21
CA PRO QA 50 -25.42 36.50 -14.38
C PRO QA 50 -26.50 37.07 -13.49
N THR QA 51 -26.38 36.86 -12.19
CA THR QA 51 -27.32 37.40 -11.22
C THR QA 51 -26.67 38.54 -10.45
N ASP QA 52 -27.46 39.54 -10.11
CA ASP QA 52 -26.90 40.66 -9.38
C ASP QA 52 -26.68 40.31 -7.91
N PRO QA 53 -25.77 40.99 -7.23
CA PRO QA 53 -25.68 40.85 -5.78
C PRO QA 53 -26.87 41.52 -5.11
N GLN QA 54 -26.92 41.32 -3.78
CA GLN QA 54 -27.93 41.88 -2.84
C GLN QA 54 -29.37 41.71 -3.33
N SER QA 55 -29.63 40.64 -4.07
CA SER QA 55 -30.93 40.33 -4.63
C SER QA 55 -30.93 38.85 -4.94
N GLY QA 56 -31.89 38.42 -5.75
CA GLY QA 56 -31.82 37.08 -6.27
C GLY QA 56 -32.14 37.03 -7.74
N GLN QA 57 -32.48 38.17 -8.33
CA GLN QA 57 -33.02 38.14 -9.67
C GLN QA 57 -31.91 37.97 -10.70
N PRO QA 58 -32.20 37.29 -11.81
CA PRO QA 58 -31.21 37.16 -12.89
C PRO QA 58 -31.04 38.47 -13.63
N SER QA 59 -29.86 39.06 -13.50
CA SER QA 59 -29.55 40.33 -14.15
C SER QA 59 -28.91 40.10 -15.51
N GLY QA 60 -29.68 39.48 -16.39
CA GLY QA 60 -29.16 39.20 -17.71
C GLY QA 60 -29.51 37.81 -18.20
N GLN QA 61 -29.40 37.59 -19.50
CA GLN QA 61 -29.72 36.30 -20.06
C GLN QA 61 -28.58 35.32 -19.78
N ARG QA 62 -28.86 34.05 -20.01
CA ARG QA 62 -27.92 32.97 -19.76
C ARG QA 62 -26.69 33.09 -20.66
N VAL QA 63 -25.58 32.49 -20.21
CA VAL QA 63 -24.32 32.50 -20.93
C VAL QA 63 -23.84 31.05 -21.02
N HIS QA 64 -23.80 30.50 -22.22
CA HIS QA 64 -23.45 29.10 -22.39
C HIS QA 64 -21.95 28.93 -22.43
N LYS QA 65 -21.38 28.41 -21.38
CA LYS QA 65 -20.02 27.92 -21.40
C LYS QA 65 -19.98 26.61 -22.19
N PRO QA 66 -18.85 26.26 -22.81
CA PRO QA 66 -18.89 25.21 -23.82
C PRO QA 66 -18.95 23.79 -23.26
N PHE QA 67 -19.50 22.88 -24.08
CA PHE QA 67 -19.23 21.45 -24.02
C PHE QA 67 -17.75 21.16 -23.89
N LYS QA 68 -17.41 20.06 -23.23
CA LYS QA 68 -16.05 19.52 -23.26
C LYS QA 68 -16.14 18.01 -23.24
N PHE QA 69 -16.14 17.39 -24.41
CA PHE QA 69 -16.17 15.93 -24.49
C PHE QA 69 -14.85 15.43 -25.04
N THR QA 70 -14.41 14.27 -24.55
CA THR QA 70 -13.08 13.75 -24.85
C THR QA 70 -13.17 12.44 -25.61
N VAL QA 71 -12.59 12.41 -26.81
CA VAL QA 71 -12.49 11.19 -27.59
C VAL QA 71 -11.03 10.93 -27.90
N ALA QA 72 -10.74 9.72 -28.35
CA ALA QA 72 -9.38 9.40 -28.74
C ALA QA 72 -9.13 9.89 -30.16
N LEU QA 73 -7.89 9.76 -30.62
CA LEU QA 73 -7.58 10.10 -32.01
C LEU QA 73 -8.19 9.08 -32.95
N ASN QA 74 -9.01 9.54 -33.87
CA ASN QA 74 -9.67 8.65 -34.80
C ASN QA 74 -9.92 9.40 -36.10
N LYS QA 75 -10.83 8.87 -36.92
CA LYS QA 75 -11.06 9.38 -38.26
C LYS QA 75 -11.66 10.76 -38.23
N ALA QA 76 -12.53 11.04 -37.27
CA ALA QA 76 -13.24 12.31 -37.25
C ALA QA 76 -12.41 13.47 -36.72
N VAL QA 77 -11.24 13.22 -36.13
CA VAL QA 77 -10.44 14.30 -35.56
C VAL QA 77 -9.81 15.21 -36.62
N PRO QA 78 -9.28 14.74 -37.75
CA PRO QA 78 -8.93 15.70 -38.81
C PRO QA 78 -10.13 16.40 -39.42
N LEU QA 79 -11.31 15.81 -39.35
CA LEU QA 79 -12.49 16.51 -39.81
C LEU QA 79 -12.95 17.56 -38.82
N LEU QA 80 -12.69 17.37 -37.54
CA LEU QA 80 -13.04 18.38 -36.56
C LEU QA 80 -12.00 19.48 -36.46
N TYR QA 81 -10.84 19.33 -37.08
CA TYR QA 81 -9.92 20.45 -37.16
C TYR QA 81 -10.11 21.27 -38.42
N ASN QA 82 -11.17 21.04 -39.19
CA ASN QA 82 -11.60 22.01 -40.17
C ASN QA 82 -12.89 22.69 -39.79
N ALA QA 83 -13.71 22.04 -38.98
CA ALA QA 83 -14.83 22.76 -38.39
C ALA QA 83 -14.33 23.79 -37.40
N LEU QA 84 -13.16 23.56 -36.81
CA LEU QA 84 -12.56 24.49 -35.88
C LEU QA 84 -11.91 25.66 -36.59
N SER QA 85 -10.92 25.38 -37.44
CA SER QA 85 -10.09 26.42 -37.99
C SER QA 85 -10.76 27.21 -39.10
N SER QA 86 -11.96 26.84 -39.51
CA SER QA 86 -12.69 27.62 -40.49
C SER QA 86 -14.03 28.11 -39.96
N GLY QA 87 -14.36 27.82 -38.72
CA GLY QA 87 -15.59 28.32 -38.14
C GLY QA 87 -16.84 27.71 -38.71
N GLU QA 88 -16.76 26.47 -39.18
CA GLU QA 88 -17.92 25.82 -39.75
C GLU QA 88 -18.89 25.40 -38.66
N LYS QA 89 -20.14 25.79 -38.80
CA LYS QA 89 -21.13 25.33 -37.85
C LYS QA 89 -21.45 23.87 -38.10
N LEU QA 90 -21.93 23.21 -37.06
CA LEU QA 90 -22.27 21.80 -37.13
C LEU QA 90 -23.77 21.72 -36.94
N LYS QA 91 -24.47 21.04 -37.85
CA LYS QA 91 -25.92 21.05 -37.83
C LYS QA 91 -26.49 20.37 -36.61
N THR QA 92 -25.85 19.30 -36.16
CA THR QA 92 -26.34 18.63 -34.96
C THR QA 92 -25.21 17.88 -34.26
N VAL QA 93 -25.37 17.71 -32.96
CA VAL QA 93 -24.49 16.91 -32.12
C VAL QA 93 -25.39 16.19 -31.14
N GLU QA 94 -25.50 14.89 -31.24
CA GLU QA 94 -26.45 14.18 -30.41
C GLU QA 94 -25.67 13.30 -29.43
N LEU QA 95 -25.34 13.87 -28.29
CA LEU QA 95 -24.78 13.08 -27.20
C LEU QA 95 -25.84 12.14 -26.67
N LYS QA 96 -25.43 10.94 -26.28
CA LYS QA 96 -26.36 9.95 -25.75
C LYS QA 96 -25.73 9.30 -24.53
N TRP QA 97 -26.29 9.56 -23.37
CA TRP QA 97 -25.76 9.03 -22.12
C TRP QA 97 -26.28 7.62 -21.92
N TYR QA 98 -25.41 6.64 -21.92
CA TYR QA 98 -25.87 5.29 -21.68
C TYR QA 98 -25.79 4.96 -20.20
N ARG QA 99 -26.53 3.93 -19.82
CA ARG QA 99 -26.40 3.32 -18.50
C ARG QA 99 -26.89 1.90 -18.58
N THR QA 100 -26.50 1.11 -17.60
CA THR QA 100 -26.87 -0.29 -17.56
C THR QA 100 -28.17 -0.44 -16.80
N SER QA 101 -29.20 -0.95 -17.46
CA SER QA 101 -30.52 -1.03 -16.87
C SER QA 101 -30.62 -2.28 -16.00
N ILE QA 102 -31.84 -2.57 -15.55
CA ILE QA 102 -32.05 -3.68 -14.63
C ILE QA 102 -31.99 -5.01 -15.37
N GLU QA 103 -32.59 -5.06 -16.57
CA GLU QA 103 -32.63 -6.30 -17.33
C GLU QA 103 -31.28 -6.67 -17.91
N GLY QA 104 -30.30 -5.78 -17.87
CA GLY QA 104 -28.98 -6.10 -18.32
C GLY QA 104 -28.61 -5.54 -19.68
N LYS QA 105 -29.29 -4.50 -20.13
CA LYS QA 105 -29.04 -3.98 -21.46
C LYS QA 105 -28.74 -2.50 -21.37
N GLN QA 106 -27.82 -2.06 -22.21
CA GLN QA 106 -27.50 -0.64 -22.31
C GLN QA 106 -28.69 0.12 -22.87
N GLU QA 107 -28.89 1.33 -22.38
CA GLU QA 107 -29.95 2.17 -22.91
C GLU QA 107 -29.60 3.63 -22.68
N ASN QA 108 -30.01 4.48 -23.60
CA ASN QA 108 -29.81 5.91 -23.39
C ASN QA 108 -30.91 6.42 -22.49
N PHE QA 109 -30.54 6.89 -21.32
CA PHE QA 109 -31.52 7.46 -20.43
C PHE QA 109 -31.60 8.96 -20.56
N PHE QA 110 -30.76 9.57 -21.38
CA PHE QA 110 -30.59 11.02 -21.37
C PHE QA 110 -29.85 11.39 -22.64
N THR QA 111 -30.43 12.23 -23.48
CA THR QA 111 -29.74 12.71 -24.67
C THR QA 111 -29.75 14.22 -24.68
N THR QA 112 -28.61 14.83 -25.00
CA THR QA 112 -28.51 16.28 -25.10
C THR QA 112 -28.21 16.61 -26.55
N LYS QA 113 -29.25 16.83 -27.35
CA LYS QA 113 -29.04 17.22 -28.73
C LYS QA 113 -28.56 18.67 -28.80
N LEU QA 114 -28.35 19.14 -30.01
CA LEU QA 114 -27.64 20.40 -30.17
C LEU QA 114 -27.90 20.90 -31.58
N GLU QA 115 -28.26 22.16 -31.73
CA GLU QA 115 -28.36 22.74 -33.07
C GLU QA 115 -27.04 23.39 -33.39
N ASN QA 116 -27.03 24.37 -34.32
CA ASN QA 116 -25.84 24.97 -34.92
C ASN QA 116 -24.76 25.31 -33.93
N ALA QA 117 -23.63 24.60 -34.02
CA ALA QA 117 -22.68 24.53 -32.93
C ALA QA 117 -21.27 24.55 -33.50
N SER QA 118 -20.64 25.72 -33.46
CA SER QA 118 -19.25 25.76 -33.87
C SER QA 118 -18.37 25.12 -32.81
N ILE QA 119 -17.11 24.91 -33.15
CA ILE QA 119 -16.14 24.36 -32.21
C ILE QA 119 -15.28 25.50 -31.70
N VAL QA 120 -15.22 25.65 -30.38
CA VAL QA 120 -14.40 26.71 -29.80
C VAL QA 120 -12.93 26.32 -29.79
N ASP QA 121 -12.59 25.23 -29.11
CA ASP QA 121 -11.22 24.78 -29.14
C ASP QA 121 -11.15 23.27 -28.98
N ILE QA 122 -10.01 22.72 -29.38
CA ILE QA 122 -9.74 21.30 -29.32
C ILE QA 122 -8.38 21.10 -28.68
N HIS QA 123 -8.33 20.35 -27.59
CA HIS QA 123 -7.13 20.22 -26.77
C HIS QA 123 -6.59 18.80 -26.93
N CYS QA 124 -5.77 18.60 -27.95
CA CYS QA 124 -5.16 17.29 -28.20
C CYS QA 124 -3.93 17.15 -27.32
N GLU QA 125 -3.90 16.10 -26.50
CA GLU QA 125 -2.74 15.83 -25.67
C GLU QA 125 -2.50 14.34 -25.61
N MET QA 126 -1.32 13.97 -25.11
CA MET QA 126 -0.95 12.60 -24.90
C MET QA 126 -0.17 12.56 -23.60
N PRO QA 127 -0.50 11.66 -22.68
CA PRO QA 127 0.23 11.59 -21.42
C PRO QA 127 1.64 11.09 -21.62
N HIS QA 128 2.44 11.20 -20.56
CA HIS QA 128 3.86 10.94 -20.65
C HIS QA 128 4.12 9.45 -20.78
N CYS QA 129 4.94 9.07 -21.75
CA CYS QA 129 5.13 7.65 -22.06
C CYS QA 129 6.00 6.96 -21.02
N GLN QA 130 6.88 7.70 -20.34
CA GLN QA 130 7.69 7.13 -19.27
C GLN QA 130 6.86 6.82 -18.04
N ASP QA 131 5.75 7.50 -17.85
CA ASP QA 131 5.00 7.45 -16.60
C ASP QA 131 4.13 6.20 -16.57
N PRO QA 132 4.30 5.32 -15.59
CA PRO QA 132 3.48 4.09 -15.55
C PRO QA 132 2.10 4.30 -14.97
N ALA QA 133 1.82 5.42 -14.33
CA ALA QA 133 0.48 5.66 -13.80
C ALA QA 133 -0.51 5.98 -14.90
N LYS QA 134 -0.05 6.48 -16.03
CA LYS QA 134 -0.89 6.84 -17.17
C LYS QA 134 -0.58 5.97 -18.36
N SER QA 135 -0.41 4.67 -18.13
CA SER QA 135 -0.09 3.75 -19.21
C SER QA 135 -1.31 3.24 -19.94
N ASP QA 136 -2.46 3.21 -19.27
CA ASP QA 136 -3.66 2.71 -19.91
C ASP QA 136 -4.28 3.72 -20.87
N PHE QA 137 -3.96 4.99 -20.72
CA PHE QA 137 -4.54 6.00 -21.59
C PHE QA 137 -3.87 5.94 -22.95
N THR QA 138 -4.58 6.39 -23.97
CA THR QA 138 -3.99 6.45 -25.31
C THR QA 138 -3.76 7.88 -25.77
N GLN QA 139 -4.83 8.65 -25.92
CA GLN QA 139 -4.76 10.06 -26.25
C GLN QA 139 -5.96 10.73 -25.62
N ASN QA 140 -6.02 12.05 -25.73
CA ASN QA 140 -7.13 12.82 -25.20
C ASN QA 140 -7.35 13.99 -26.14
N VAL QA 141 -8.46 13.96 -26.87
CA VAL QA 141 -8.81 15.03 -27.78
C VAL QA 141 -10.12 15.62 -27.25
N THR QA 142 -10.02 16.72 -26.53
CA THR QA 142 -11.17 17.32 -25.86
C THR QA 142 -11.74 18.40 -26.76
N VAL QA 143 -12.81 18.09 -27.45
CA VAL QA 143 -13.40 19.00 -28.42
C VAL QA 143 -14.48 19.82 -27.73
N SER QA 144 -14.38 21.14 -27.83
CA SER QA 144 -15.40 21.99 -27.23
C SER QA 144 -16.45 22.38 -28.26
N LEU QA 145 -17.58 22.84 -27.78
CA LEU QA 145 -18.67 23.23 -28.66
C LEU QA 145 -19.42 24.38 -28.01
N SER QA 146 -19.29 25.57 -28.55
CA SER QA 146 -20.34 26.55 -28.33
C SER QA 146 -21.46 26.22 -29.30
N TYR QA 147 -22.64 26.78 -29.04
CA TYR QA 147 -23.83 26.24 -29.68
C TYR QA 147 -24.96 27.24 -29.61
N ARG QA 148 -25.81 27.23 -30.64
CA ARG QA 148 -26.98 28.09 -30.60
C ARG QA 148 -28.06 27.49 -29.72
N LYS QA 149 -28.57 26.33 -30.09
CA LYS QA 149 -29.72 25.73 -29.44
C LYS QA 149 -29.36 24.36 -28.90
N ILE QA 150 -29.66 24.13 -27.64
CA ILE QA 150 -29.41 22.87 -26.96
C ILE QA 150 -30.72 22.35 -26.42
N THR QA 151 -30.94 21.04 -26.52
CA THR QA 151 -32.15 20.42 -26.01
C THR QA 151 -31.77 19.20 -25.18
N TRP QA 152 -31.82 19.33 -23.87
CA TRP QA 152 -31.74 18.17 -23.01
C TRP QA 152 -33.00 17.33 -23.16
N ASP QA 153 -32.87 16.03 -22.95
CA ASP QA 153 -34.01 15.14 -23.14
C ASP QA 153 -33.76 13.88 -22.34
N HIS QA 154 -34.50 13.71 -21.26
CA HIS QA 154 -34.45 12.46 -20.52
C HIS QA 154 -35.44 11.50 -21.16
N VAL QA 155 -34.97 10.33 -21.56
CA VAL QA 155 -35.79 9.43 -22.35
C VAL QA 155 -36.69 8.56 -21.49
N ASN QA 156 -36.15 7.96 -20.43
CA ASN QA 156 -36.93 7.03 -19.61
C ASN QA 156 -37.97 7.71 -18.74
N ALA QA 157 -37.97 9.03 -18.62
CA ALA QA 157 -39.02 9.73 -17.91
C ALA QA 157 -39.65 10.82 -18.75
N GLY QA 158 -39.24 10.97 -20.00
CA GLY QA 158 -39.94 11.82 -20.93
C GLY QA 158 -39.77 13.30 -20.78
N THR QA 159 -39.06 13.77 -19.75
CA THR QA 159 -38.88 15.22 -19.62
C THR QA 159 -37.94 15.74 -20.67
N SER QA 160 -38.06 17.02 -20.96
CA SER QA 160 -37.25 17.62 -22.01
C SER QA 160 -37.08 19.10 -21.73
N GLY QA 161 -35.84 19.54 -21.59
CA GLY QA 161 -35.55 20.95 -21.47
C GLY QA 161 -35.09 21.47 -22.81
N SER QA 162 -35.01 22.79 -22.96
CA SER QA 162 -34.58 23.36 -24.22
C SER QA 162 -34.11 24.78 -23.97
N ASP QA 163 -33.05 25.18 -24.66
CA ASP QA 163 -32.64 26.56 -24.70
C ASP QA 163 -32.37 26.93 -26.15
N ASP QA 164 -32.66 28.16 -26.50
CA ASP QA 164 -32.40 28.60 -27.87
C ASP QA 164 -32.18 30.10 -27.88
N TRP QA 165 -31.14 30.52 -28.60
CA TRP QA 165 -31.01 31.93 -28.86
C TRP QA 165 -31.98 32.40 -29.92
N ARG QA 166 -32.36 31.50 -30.84
CA ARG QA 166 -33.23 31.88 -31.94
C ARG QA 166 -34.62 32.21 -31.45
N LYS QA 167 -35.14 31.43 -30.51
CA LYS QA 167 -36.50 31.60 -30.00
C LYS QA 167 -36.47 31.63 -28.48
N PRO QA 168 -36.12 32.75 -27.87
CA PRO QA 168 -36.25 32.87 -26.43
C PRO QA 168 -37.71 32.97 -26.06
N ILE QA 169 -38.00 32.73 -24.79
CA ILE QA 169 -39.37 32.43 -24.40
C ILE QA 169 -40.16 33.74 -24.37
N GLU QA 170 -40.83 34.01 -25.49
CA GLU QA 170 -41.56 35.22 -25.88
C GLU QA 170 -40.94 36.57 -25.52
N GLY RA 1 -82.09 36.96 -102.17
CA GLY RA 1 -80.76 36.85 -101.61
C GLY RA 1 -80.26 38.15 -101.01
N SER RA 2 -81.17 38.91 -100.41
CA SER RA 2 -80.80 40.18 -99.78
C SER RA 2 -80.04 39.98 -98.48
N LEU RA 3 -80.21 38.82 -97.83
CA LEU RA 3 -79.42 38.54 -96.63
C LEU RA 3 -77.96 38.28 -96.95
N LEU RA 4 -77.68 37.75 -98.14
CA LEU RA 4 -76.30 37.62 -98.59
C LEU RA 4 -75.72 38.98 -98.95
N ASP RA 5 -76.56 39.93 -99.36
CA ASP RA 5 -76.10 41.28 -99.66
C ASP RA 5 -75.70 42.03 -98.40
N GLU RA 6 -76.35 41.73 -97.26
CA GLU RA 6 -75.98 42.38 -96.01
C GLU RA 6 -74.67 41.83 -95.45
N ILE RA 7 -74.35 40.57 -95.77
CA ILE RA 7 -73.08 39.99 -95.34
C ILE RA 7 -71.94 40.53 -96.21
N MET RA 8 -72.17 40.64 -97.52
CA MET RA 8 -71.15 41.16 -98.42
C MET RA 8 -70.92 42.65 -98.25
N ALA RA 9 -71.95 43.41 -97.85
CA ALA RA 9 -71.75 44.81 -97.49
C ALA RA 9 -71.05 44.95 -96.15
N GLN RA 10 -71.14 43.94 -95.28
CA GLN RA 10 -70.43 43.91 -94.01
C GLN RA 10 -68.99 43.48 -94.29
N THR RA 11 -68.08 44.47 -94.37
CA THR RA 11 -66.73 44.22 -94.85
C THR RA 11 -65.85 43.48 -93.87
N ARG RA 12 -66.31 43.24 -92.64
CA ARG RA 12 -65.51 42.50 -91.67
C ARG RA 12 -65.48 41.00 -91.98
N CYS RA 13 -66.57 40.44 -92.47
CA CYS RA 13 -66.67 39.02 -92.78
C CYS RA 13 -67.40 38.83 -94.11
N ALA RA 14 -67.01 39.61 -95.13
CA ALA RA 14 -67.76 39.59 -96.38
C ALA RA 14 -67.49 38.34 -97.23
N PRO RA 15 -66.23 38.02 -97.68
CA PRO RA 15 -66.12 37.03 -98.77
C PRO RA 15 -66.15 35.57 -98.32
N SER RA 16 -67.03 35.23 -97.37
CA SER RA 16 -67.32 33.86 -96.92
C SER RA 16 -66.06 33.12 -96.46
N GLU RA 17 -65.43 33.66 -95.42
CA GLU RA 17 -64.17 33.11 -94.93
C GLU RA 17 -64.32 32.45 -93.56
N GLU RA 18 -64.80 33.18 -92.55
CA GLU RA 18 -64.93 32.62 -91.20
C GLU RA 18 -65.98 33.41 -90.45
N GLY RA 19 -66.90 32.70 -89.79
CA GLY RA 19 -67.93 33.35 -89.00
C GLY RA 19 -69.09 33.90 -89.80
N TYR RA 20 -69.25 33.48 -91.06
CA TYR RA 20 -70.36 33.97 -91.88
C TYR RA 20 -71.64 33.20 -91.66
N ASP RA 21 -71.57 31.99 -91.09
CA ASP RA 21 -72.78 31.25 -90.78
C ASP RA 21 -73.33 31.60 -89.40
N ILE RA 22 -72.47 32.07 -88.49
CA ILE RA 22 -72.93 32.48 -87.17
C ILE RA 22 -73.60 33.85 -87.24
N ALA RA 23 -72.98 34.80 -87.96
CA ALA RA 23 -73.55 36.14 -88.09
C ALA RA 23 -74.81 36.15 -88.96
N LYS RA 24 -74.95 35.18 -89.87
CA LYS RA 24 -76.21 35.04 -90.60
C LYS RA 24 -77.34 34.60 -89.67
N LYS RA 25 -77.03 33.78 -88.67
CA LYS RA 25 -78.02 33.43 -87.65
C LYS RA 25 -78.29 34.58 -86.71
N GLY RA 26 -77.39 35.56 -86.63
CA GLY RA 26 -77.59 36.71 -85.77
C GLY RA 26 -78.55 37.73 -86.34
N VAL RA 27 -78.48 37.93 -87.65
CA VAL RA 27 -79.38 38.87 -88.30
C VAL RA 27 -80.81 38.33 -88.32
N ALA RA 28 -80.96 37.06 -88.67
CA ALA RA 28 -82.30 36.48 -88.85
C ALA RA 28 -83.01 36.27 -87.52
N ALA RA 29 -82.27 36.14 -86.42
CA ALA RA 29 -82.91 35.99 -85.12
C ALA RA 29 -83.45 37.31 -84.59
N PHE RA 30 -82.78 38.42 -84.89
CA PHE RA 30 -83.19 39.72 -84.37
C PHE RA 30 -84.42 40.25 -85.10
N ILE RA 31 -84.61 39.88 -86.37
CA ILE RA 31 -85.75 40.35 -87.13
C ILE RA 31 -87.03 39.66 -86.65
N GLU RA 32 -86.93 38.41 -86.19
CA GLU RA 32 -88.10 37.66 -85.74
C GLU RA 32 -88.69 38.22 -84.46
N ASN RA 33 -87.88 38.88 -83.63
CA ASN RA 33 -88.36 39.52 -82.42
C ASN RA 33 -88.51 41.03 -82.58
N LEU RA 34 -88.16 41.57 -83.74
CA LEU RA 34 -88.23 43.02 -83.96
C LEU RA 34 -89.67 43.51 -84.11
N MET RA 35 -90.61 42.64 -84.48
CA MET RA 35 -91.98 43.06 -84.78
C MET RA 35 -92.78 43.41 -83.54
N GLY RA 36 -92.26 43.17 -82.33
CA GLY RA 36 -92.93 43.63 -81.13
C GLY RA 36 -92.86 45.13 -80.95
N SER RA 37 -91.81 45.76 -81.46
CA SER RA 37 -91.66 47.21 -81.39
C SER RA 37 -90.79 47.63 -82.57
N GLN RA 38 -91.41 48.25 -83.57
CA GLN RA 38 -90.70 48.66 -84.77
C GLN RA 38 -89.90 49.94 -84.52
N HIS RA 39 -88.61 49.87 -84.79
CA HIS RA 39 -87.73 51.03 -84.62
C HIS RA 39 -86.53 50.85 -85.54
N SER RA 40 -86.02 51.98 -86.06
CA SER RA 40 -84.92 51.98 -87.03
C SER RA 40 -83.83 52.94 -86.58
N ALA RA 41 -82.95 52.46 -85.71
CA ALA RA 41 -81.76 53.18 -85.26
C ALA RA 41 -80.81 52.20 -84.61
N GLU RA 42 -79.57 52.15 -85.08
CA GLU RA 42 -78.57 51.23 -84.53
C GLU RA 42 -78.24 51.42 -83.05
N PRO RA 43 -78.01 52.65 -82.51
CA PRO RA 43 -77.71 52.72 -81.07
C PRO RA 43 -78.88 52.42 -80.16
N VAL RA 44 -80.11 52.66 -80.61
CA VAL RA 44 -81.26 52.15 -79.87
C VAL RA 44 -81.35 50.64 -80.04
N ASN RA 45 -80.98 50.12 -81.21
CA ASN RA 45 -80.90 48.68 -81.41
C ASN RA 45 -79.79 48.05 -80.58
N LYS RA 46 -78.70 48.79 -80.33
CA LYS RA 46 -77.70 48.31 -79.37
C LYS RA 46 -78.28 48.23 -77.96
N SER RA 47 -79.28 49.05 -77.65
CA SER RA 47 -80.05 48.85 -76.44
C SER RA 47 -81.17 47.84 -76.64
N LEU RA 48 -81.75 47.77 -77.85
CA LEU RA 48 -82.81 46.79 -78.10
C LEU RA 48 -82.27 45.37 -78.18
N VAL RA 49 -81.01 45.19 -78.58
CA VAL RA 49 -80.37 43.88 -78.41
C VAL RA 49 -80.22 43.57 -76.92
N ASP RA 50 -79.79 44.56 -76.13
CA ASP RA 50 -79.67 44.37 -74.69
C ASP RA 50 -81.04 44.23 -74.02
N GLN RA 51 -82.08 44.86 -74.56
CA GLN RA 51 -83.42 44.63 -74.04
C GLN RA 51 -83.99 43.29 -74.48
N MET RA 52 -83.40 42.65 -75.48
CA MET RA 52 -83.70 41.26 -75.81
C MET RA 52 -82.74 40.28 -75.13
N LEU RA 53 -81.77 40.78 -74.35
CA LEU RA 53 -80.93 39.92 -73.53
C LEU RA 53 -81.38 39.89 -72.08
N VAL RA 54 -81.92 41.01 -71.56
CA VAL RA 54 -82.45 41.03 -70.21
C VAL RA 54 -83.72 40.19 -70.12
N GLU RA 55 -84.58 40.30 -71.13
CA GLU RA 55 -85.78 39.45 -71.17
C GLU RA 55 -85.43 38.01 -71.49
N LEU RA 56 -84.29 37.77 -72.16
CA LEU RA 56 -83.83 36.41 -72.38
C LEU RA 56 -83.29 35.78 -71.09
N ASP RA 57 -82.56 36.57 -70.30
CA ASP RA 57 -82.04 36.06 -69.04
C ASP RA 57 -83.14 35.83 -68.02
N LYS RA 58 -84.28 36.51 -68.15
CA LYS RA 58 -85.43 36.17 -67.32
C LYS RA 58 -86.03 34.83 -67.74
N LYS RA 59 -85.84 34.43 -68.99
CA LYS RA 59 -86.30 33.13 -69.43
C LYS RA 59 -85.32 32.02 -69.07
N ILE RA 60 -84.02 32.32 -69.05
CA ILE RA 60 -83.04 31.25 -68.84
C ILE RA 60 -82.78 31.04 -67.36
N SER RA 61 -82.56 32.12 -66.61
CA SER RA 61 -82.22 31.98 -65.20
C SER RA 61 -83.40 31.50 -64.37
N ALA RA 62 -84.63 31.74 -64.83
CA ALA RA 62 -85.77 31.15 -64.16
C ALA RA 62 -85.86 29.65 -64.43
N GLN RA 63 -85.27 29.18 -65.53
CA GLN RA 63 -85.18 27.75 -65.78
C GLN RA 63 -83.99 27.14 -65.04
N MET RA 64 -82.88 27.87 -64.97
CA MET RA 64 -81.70 27.39 -64.24
C MET RA 64 -81.80 27.61 -62.75
N ASP RA 65 -82.87 28.22 -62.25
CA ASP RA 65 -83.22 28.09 -60.85
C ASP RA 65 -84.22 26.97 -60.62
N GLU RA 66 -84.50 26.18 -61.65
CA GLU RA 66 -85.36 25.02 -61.52
C GLU RA 66 -84.71 23.73 -61.96
N ILE RA 67 -83.74 23.77 -62.88
CA ILE RA 67 -82.91 22.61 -63.12
C ILE RA 67 -81.95 22.41 -61.95
N LEU RA 68 -81.45 23.50 -61.39
CA LEU RA 68 -80.83 23.45 -60.07
C LEU RA 68 -81.92 23.44 -59.02
N HIS RA 69 -81.50 23.44 -57.74
CA HIS RA 69 -82.38 23.60 -56.57
C HIS RA 69 -83.43 22.48 -56.47
N ASN RA 70 -83.13 21.32 -57.02
CA ASN RA 70 -84.03 20.18 -57.01
C ASN RA 70 -83.59 19.21 -55.91
N SER RA 71 -84.56 18.48 -55.36
CA SER RA 71 -84.28 17.59 -54.22
C SER RA 71 -83.40 16.42 -54.61
N GLN RA 72 -83.41 16.02 -55.88
CA GLN RA 72 -82.47 15.02 -56.36
C GLN RA 72 -81.12 15.63 -56.69
N PHE RA 73 -81.11 16.87 -57.20
CA PHE RA 73 -79.86 17.49 -57.59
C PHE RA 73 -79.11 18.03 -56.38
N GLN RA 74 -79.78 18.85 -55.57
CA GLN RA 74 -79.12 19.57 -54.48
C GLN RA 74 -78.64 18.64 -53.37
N ALA RA 75 -79.41 17.58 -53.08
CA ALA RA 75 -78.95 16.61 -52.09
C ALA RA 75 -77.80 15.77 -52.61
N MET RA 76 -77.68 15.64 -53.93
CA MET RA 76 -76.53 15.00 -54.54
C MET RA 76 -75.48 15.99 -55.01
N GLU RA 77 -75.70 17.29 -54.77
CA GLU RA 77 -74.63 18.26 -54.95
C GLU RA 77 -73.94 18.59 -53.64
N SER RA 78 -74.72 18.73 -52.56
CA SER RA 78 -74.13 18.97 -51.24
C SER RA 78 -73.35 17.78 -50.73
N ALA RA 79 -73.79 16.57 -51.07
CA ALA RA 79 -73.08 15.37 -50.67
C ALA RA 79 -71.82 15.13 -51.49
N TRP RA 80 -71.60 15.90 -52.54
CA TRP RA 80 -70.43 15.71 -53.40
C TRP RA 80 -69.53 16.93 -53.47
N ARG RA 81 -70.09 18.15 -53.50
CA ARG RA 81 -69.25 19.33 -53.40
C ARG RA 81 -68.73 19.51 -51.97
N GLY RA 82 -69.50 19.05 -50.98
CA GLY RA 82 -69.00 19.01 -49.62
C GLY RA 82 -67.84 18.06 -49.41
N LEU RA 83 -67.72 17.04 -50.26
CA LEU RA 83 -66.53 16.22 -50.27
C LEU RA 83 -65.33 17.01 -50.77
N LYS RA 84 -65.54 17.88 -51.76
CA LYS RA 84 -64.45 18.69 -52.29
C LYS RA 84 -63.94 19.68 -51.24
N LEU RA 85 -64.83 20.15 -50.36
CA LEU RA 85 -64.39 20.93 -49.21
C LEU RA 85 -63.61 20.09 -48.21
N PHE RA 86 -63.80 18.77 -48.20
CA PHE RA 86 -62.97 17.93 -47.37
C PHE RA 86 -61.68 17.51 -48.08
N VAL RA 87 -61.64 17.56 -49.40
CA VAL RA 87 -60.43 17.22 -50.12
C VAL RA 87 -59.49 18.42 -50.23
N ASP RA 88 -60.04 19.62 -50.44
CA ASP RA 88 -59.22 20.81 -50.67
C ASP RA 88 -58.53 21.29 -49.40
N ARG RA 89 -59.13 21.09 -48.23
CA ARG RA 89 -58.54 21.62 -47.00
C ARG RA 89 -57.46 20.69 -46.45
N THR RA 90 -57.69 19.38 -46.50
CA THR RA 90 -56.79 18.44 -45.88
C THR RA 90 -55.54 18.24 -46.72
N ASP RA 91 -54.38 18.38 -46.11
CA ASP RA 91 -53.11 18.31 -46.83
C ASP RA 91 -52.74 16.85 -47.00
N PHE RA 92 -52.92 16.32 -48.21
CA PHE RA 92 -52.61 14.93 -48.49
C PHE RA 92 -51.12 14.66 -48.56
N ARG RA 93 -50.28 15.69 -48.64
CA ARG RA 93 -48.85 15.47 -48.54
C ARG RA 93 -48.43 15.15 -47.12
N GLU RA 94 -49.19 15.58 -46.12
CA GLU RA 94 -48.84 15.34 -44.72
C GLU RA 94 -49.50 14.06 -44.18
N ASN RA 95 -49.34 12.97 -44.91
CA ASN RA 95 -49.75 11.61 -44.51
C ASN RA 95 -51.24 11.54 -44.16
N ASN RA 96 -52.06 11.76 -45.18
CA ASN RA 96 -53.51 11.66 -45.04
C ASN RA 96 -54.08 10.97 -46.25
N LYS RA 97 -55.02 10.04 -46.02
CA LYS RA 97 -55.78 9.43 -47.10
C LYS RA 97 -57.24 9.38 -46.66
N VAL RA 98 -58.14 9.31 -47.64
CA VAL RA 98 -59.56 9.26 -47.34
C VAL RA 98 -60.24 8.30 -48.30
N GLU RA 99 -60.97 7.33 -47.75
CA GLU RA 99 -61.72 6.38 -48.54
C GLU RA 99 -63.15 6.87 -48.74
N ILE RA 100 -63.72 6.51 -49.88
CA ILE RA 100 -65.04 6.97 -50.29
C ILE RA 100 -65.91 5.74 -50.53
N LEU RA 101 -66.97 5.60 -49.73
CA LEU RA 101 -67.85 4.44 -49.82
C LEU RA 101 -69.25 4.90 -50.22
N HIS RA 102 -69.77 4.31 -51.30
CA HIS RA 102 -71.14 4.55 -51.75
C HIS RA 102 -72.06 3.57 -51.03
N VAL RA 103 -72.76 4.05 -50.01
CA VAL RA 103 -73.94 3.37 -49.49
C VAL RA 103 -75.10 4.33 -49.64
N THR RA 104 -76.29 3.84 -49.32
CA THR RA 104 -77.37 4.72 -48.96
C THR RA 104 -77.77 4.43 -47.52
N LYS RA 105 -78.40 5.42 -46.89
CA LYS RA 105 -78.69 5.34 -45.47
C LYS RA 105 -79.72 4.27 -45.16
N ASP RA 106 -80.63 4.00 -46.09
CA ASP RA 106 -81.59 2.92 -45.88
C ASP RA 106 -80.96 1.56 -46.17
N GLU RA 107 -79.92 1.51 -47.01
CA GLU RA 107 -79.24 0.25 -47.28
C GLU RA 107 -78.40 -0.18 -46.09
N LEU RA 108 -77.90 0.78 -45.32
CA LEU RA 108 -76.89 0.46 -44.30
C LEU RA 108 -77.51 -0.25 -43.11
N LEU RA 109 -78.71 0.16 -42.70
CA LEU RA 109 -79.40 -0.54 -41.62
C LEU RA 109 -79.83 -1.94 -42.05
N GLU RA 110 -80.20 -2.09 -43.32
CA GLU RA 110 -80.49 -3.41 -43.87
C GLU RA 110 -79.25 -4.29 -43.88
N ASP RA 111 -78.08 -3.69 -44.10
CA ASP RA 111 -76.84 -4.45 -44.08
C ASP RA 111 -76.43 -4.85 -42.66
N PHE RA 112 -76.87 -4.11 -41.65
CA PHE RA 112 -76.72 -4.59 -40.28
C PHE RA 112 -77.80 -5.59 -39.90
N GLU RA 113 -78.96 -5.51 -40.56
CA GLU RA 113 -79.97 -6.55 -40.44
C GLU RA 113 -79.56 -7.79 -41.24
N PHE RA 114 -78.65 -7.63 -42.20
CA PHE RA 114 -78.17 -8.72 -43.04
C PHE RA 114 -77.41 -9.76 -42.23
N ALA RA 115 -76.41 -9.32 -41.46
CA ALA RA 115 -75.62 -10.26 -40.70
C ALA RA 115 -76.22 -10.48 -39.30
N PRO RA 116 -76.09 -11.69 -38.75
CA PRO RA 116 -76.58 -11.92 -37.38
C PRO RA 116 -75.77 -11.23 -36.31
N GLU RA 117 -74.52 -10.89 -36.60
CA GLU RA 117 -73.65 -10.20 -35.67
C GLU RA 117 -72.95 -9.06 -36.39
N THR RA 118 -72.69 -7.97 -35.65
CA THR RA 118 -71.99 -6.82 -36.21
C THR RA 118 -70.57 -7.16 -36.67
N ALA RA 119 -69.98 -8.22 -36.12
CA ALA RA 119 -68.66 -8.69 -36.52
C ALA RA 119 -68.69 -9.52 -37.78
N GLN RA 120 -69.82 -9.61 -38.47
CA GLN RA 120 -69.88 -10.25 -39.78
C GLN RA 120 -70.60 -9.38 -40.81
N SER RA 121 -70.78 -8.09 -40.52
CA SER RA 121 -71.54 -7.21 -41.39
C SER RA 121 -70.74 -6.86 -42.65
N GLY RA 122 -71.38 -6.13 -43.55
CA GLY RA 122 -70.69 -5.65 -44.73
C GLY RA 122 -69.96 -4.35 -44.51
N LEU RA 123 -70.43 -3.53 -43.57
CA LEU RA 123 -69.70 -2.33 -43.22
C LEU RA 123 -68.52 -2.66 -42.33
N TYR RA 124 -68.62 -3.74 -41.55
CA TYR RA 124 -67.49 -4.22 -40.75
C TYR RA 124 -66.35 -4.70 -41.64
N LYS RA 125 -66.65 -5.09 -42.87
CA LYS RA 125 -65.58 -5.49 -43.79
C LYS RA 125 -64.78 -4.29 -44.25
N HIS RA 126 -65.43 -3.15 -44.44
CA HIS RA 126 -64.72 -1.99 -44.98
C HIS RA 126 -64.12 -1.10 -43.90
N VAL RA 127 -64.67 -1.14 -42.68
CA VAL RA 127 -64.12 -0.33 -41.60
C VAL RA 127 -63.00 -1.08 -40.89
N TYR RA 128 -63.23 -2.33 -40.54
CA TYR RA 128 -62.28 -3.09 -39.74
C TYR RA 128 -61.31 -3.89 -40.63
N SER RA 129 -61.84 -4.82 -41.43
CA SER RA 129 -61.00 -5.87 -41.98
C SER RA 129 -60.22 -5.40 -43.21
N ALA RA 130 -60.80 -4.55 -44.05
CA ALA RA 130 -60.05 -4.07 -45.19
C ALA RA 130 -59.04 -2.99 -44.81
N GLY RA 131 -59.19 -2.41 -43.63
CA GLY RA 131 -58.31 -1.39 -43.13
C GLY RA 131 -57.49 -1.89 -41.96
N TYR RA 132 -58.04 -1.64 -40.78
CA TYR RA 132 -57.36 -1.90 -39.51
C TYR RA 132 -57.03 -3.38 -39.31
N GLY RA 133 -57.99 -4.26 -39.55
CA GLY RA 133 -57.72 -5.68 -39.38
C GLY RA 133 -57.08 -6.29 -40.61
N GLN RA 134 -55.88 -5.84 -40.93
CA GLN RA 134 -55.21 -6.23 -42.16
C GLN RA 134 -53.71 -6.06 -41.96
N PHE RA 135 -52.93 -7.05 -42.37
CA PHE RA 135 -51.49 -6.95 -42.26
C PHE RA 135 -50.96 -5.90 -43.24
N GLY RA 136 -50.41 -4.82 -42.69
CA GLY RA 136 -49.86 -3.76 -43.49
C GLY RA 136 -50.85 -2.72 -43.97
N GLY RA 137 -52.14 -3.00 -43.88
CA GLY RA 137 -53.12 -2.04 -44.34
C GLY RA 137 -53.25 -0.86 -43.40
N GLU RA 138 -53.53 0.30 -43.97
CA GLU RA 138 -53.68 1.51 -43.19
C GLU RA 138 -54.99 1.48 -42.41
N PRO RA 139 -54.98 1.80 -41.12
CA PRO RA 139 -56.18 1.66 -40.30
C PRO RA 139 -57.04 2.92 -40.37
N VAL RA 140 -58.28 2.77 -39.92
CA VAL RA 140 -59.31 3.79 -40.10
C VAL RA 140 -59.35 4.69 -38.88
N GLY RA 141 -59.21 6.00 -39.11
CA GLY RA 141 -59.26 6.97 -38.05
C GLY RA 141 -60.66 7.31 -37.61
N ALA RA 142 -61.53 7.68 -38.56
CA ALA RA 142 -62.89 8.06 -38.22
C ALA RA 142 -63.80 7.79 -39.41
N ILE RA 143 -65.10 7.69 -39.12
CA ILE RA 143 -66.11 7.45 -40.15
C ILE RA 143 -66.98 8.69 -40.26
N ILE RA 144 -66.91 9.35 -41.40
CA ILE RA 144 -67.77 10.49 -41.68
C ILE RA 144 -69.13 9.97 -42.11
N GLY RA 145 -70.16 10.27 -41.33
CA GLY RA 145 -71.51 9.92 -41.71
C GLY RA 145 -72.20 11.08 -42.40
N ASN RA 146 -72.48 10.91 -43.69
CA ASN RA 146 -73.10 11.97 -44.49
C ASN RA 146 -74.63 11.84 -44.43
N TYR RA 147 -75.13 11.81 -43.20
CA TYR RA 147 -76.49 11.39 -42.92
C TYR RA 147 -77.26 12.52 -42.24
N ALA RA 148 -78.56 12.31 -42.10
CA ALA RA 148 -79.44 13.23 -41.38
C ALA RA 148 -80.27 12.38 -40.41
N PHE RA 149 -79.86 12.34 -39.16
CA PHE RA 149 -80.42 11.40 -38.21
C PHE RA 149 -81.70 11.92 -37.60
N THR RA 150 -82.69 11.05 -37.53
CA THR RA 150 -83.92 11.20 -36.80
C THR RA 150 -83.79 10.50 -35.46
N PRO RA 151 -84.68 10.77 -34.50
CA PRO RA 151 -84.66 9.97 -33.27
C PRO RA 151 -85.51 8.72 -33.32
N SER RA 152 -85.90 8.29 -34.52
CA SER RA 152 -86.78 7.14 -34.67
C SER RA 152 -86.00 5.84 -34.50
N THR RA 153 -86.73 4.75 -34.47
CA THR RA 153 -86.18 3.40 -34.33
C THR RA 153 -85.28 2.97 -35.49
N PRO RA 154 -85.56 3.27 -36.78
CA PRO RA 154 -84.54 2.94 -37.79
C PRO RA 154 -83.29 3.81 -37.78
N ASP RA 155 -83.18 4.79 -36.88
CA ASP RA 155 -81.94 5.55 -36.72
C ASP RA 155 -81.32 5.44 -35.35
N MET RA 156 -82.02 4.87 -34.37
CA MET RA 156 -81.36 4.46 -33.14
C MET RA 156 -80.92 3.01 -33.17
N LYS RA 157 -81.44 2.23 -34.11
CA LYS RA 157 -80.92 0.89 -34.34
C LYS RA 157 -79.63 0.95 -35.14
N LEU RA 158 -79.50 1.95 -36.00
CA LEU RA 158 -78.26 2.12 -36.76
C LEU RA 158 -77.12 2.55 -35.85
N LEU RA 159 -77.37 3.53 -34.98
CA LEU RA 159 -76.30 4.03 -34.11
C LEU RA 159 -75.94 3.04 -33.03
N GLN RA 160 -76.86 2.16 -32.64
CA GLN RA 160 -76.48 1.07 -31.75
C GLN RA 160 -75.55 0.10 -32.46
N TYR RA 161 -75.72 -0.06 -33.76
CA TYR RA 161 -74.85 -0.89 -34.58
C TYR RA 161 -73.69 -0.12 -35.17
N MET RA 162 -73.58 1.18 -34.90
CA MET RA 162 -72.37 1.92 -35.24
C MET RA 162 -71.50 2.20 -34.03
N GLY RA 163 -72.09 2.26 -32.83
CA GLY RA 163 -71.29 2.31 -31.63
C GLY RA 163 -70.57 1.01 -31.36
N ALA RA 164 -71.20 -0.12 -31.70
CA ALA RA 164 -70.53 -1.40 -31.56
C ALA RA 164 -69.48 -1.60 -32.66
N LEU RA 165 -69.71 -1.03 -33.84
CA LEU RA 165 -68.68 -1.06 -34.87
C LEU RA 165 -67.52 -0.13 -34.52
N GLY RA 166 -67.82 1.03 -33.93
CA GLY RA 166 -66.78 1.95 -33.53
C GLY RA 166 -65.97 1.48 -32.35
N ALA RA 167 -66.50 0.56 -31.56
CA ALA RA 167 -65.74 0.01 -30.45
C ALA RA 167 -64.89 -1.18 -30.86
N MET RA 168 -65.06 -1.68 -32.08
CA MET RA 168 -64.22 -2.77 -32.55
C MET RA 168 -63.03 -2.28 -33.35
N ALA RA 169 -63.23 -1.29 -34.22
CA ALA RA 169 -62.16 -0.77 -35.06
C ALA RA 169 -61.51 0.47 -34.48
N HIS RA 170 -61.93 0.89 -33.28
CA HIS RA 170 -61.41 2.07 -32.57
C HIS RA 170 -61.50 3.34 -33.40
N ALA RA 171 -62.65 3.56 -33.97
CA ALA RA 171 -62.84 4.74 -34.80
C ALA RA 171 -64.21 5.32 -34.54
N PRO RA 172 -64.31 6.55 -34.08
CA PRO RA 172 -65.63 7.12 -33.80
C PRO RA 172 -66.36 7.49 -35.08
N PHE RA 173 -67.67 7.26 -35.06
CA PHE RA 173 -68.54 7.55 -36.19
C PHE RA 173 -69.12 8.95 -36.02
N ILE RA 174 -68.69 9.89 -36.86
CA ILE RA 174 -69.17 11.25 -36.80
C ILE RA 174 -70.19 11.49 -37.90
N SER RA 175 -71.35 12.00 -37.53
CA SER RA 175 -72.45 12.30 -38.44
C SER RA 175 -73.20 13.49 -37.86
N SER RA 176 -74.41 13.73 -38.32
CA SER RA 176 -75.16 14.88 -37.83
C SER RA 176 -76.61 14.52 -37.60
N VAL RA 177 -77.23 15.26 -36.68
CA VAL RA 177 -78.65 15.18 -36.45
C VAL RA 177 -79.34 16.19 -37.35
N GLY RA 178 -80.61 15.97 -37.61
CA GLY RA 178 -81.37 16.82 -38.49
C GLY RA 178 -82.17 17.86 -37.74
N PRO RA 179 -82.90 18.70 -38.47
CA PRO RA 179 -83.86 19.60 -37.81
C PRO RA 179 -84.94 18.85 -37.07
N GLU RA 180 -85.46 17.78 -37.68
CA GLU RA 180 -86.51 16.98 -37.07
C GLU RA 180 -86.04 16.19 -35.85
N PHE RA 181 -84.74 16.13 -35.61
CA PHE RA 181 -84.24 15.52 -34.40
C PHE RA 181 -84.64 16.33 -33.18
N PHE RA 182 -84.55 17.66 -33.28
CA PHE RA 182 -84.97 18.51 -32.19
C PHE RA 182 -86.46 18.75 -32.16
N GLY RA 183 -87.19 18.35 -33.22
CA GLY RA 183 -88.62 18.53 -33.26
C GLY RA 183 -89.05 19.93 -33.63
N ILE RA 184 -88.43 20.49 -34.67
CA ILE RA 184 -88.75 21.84 -35.11
C ILE RA 184 -89.16 21.91 -36.57
N ASP RA 185 -88.81 20.93 -37.40
CA ASP RA 185 -89.25 20.74 -38.79
C ASP RA 185 -88.84 21.86 -39.75
N SER RA 186 -88.09 22.84 -39.27
CA SER RA 186 -87.58 23.98 -40.02
C SER RA 186 -86.51 24.57 -39.12
N PHE RA 187 -85.29 24.76 -39.63
CA PHE RA 187 -84.17 24.77 -38.71
C PHE RA 187 -83.91 26.12 -38.06
N GLU RA 188 -84.26 27.24 -38.69
CA GLU RA 188 -83.85 28.54 -38.19
C GLU RA 188 -84.60 28.98 -36.93
N GLU RA 189 -85.47 28.15 -36.36
CA GLU RA 189 -86.11 28.42 -35.08
C GLU RA 189 -85.45 27.67 -33.94
N LEU RA 190 -84.15 27.43 -34.03
CA LEU RA 190 -83.46 26.75 -32.93
C LEU RA 190 -83.13 27.66 -31.73
N PRO RA 191 -82.68 28.93 -31.86
CA PRO RA 191 -82.51 29.74 -30.65
C PRO RA 191 -83.81 30.11 -29.97
N ASN RA 192 -84.96 29.91 -30.61
CA ASN RA 192 -86.24 30.15 -29.97
C ASN RA 192 -86.53 29.11 -28.89
N ILE RA 193 -85.82 27.98 -28.91
CA ILE RA 193 -85.99 26.96 -27.87
C ILE RA 193 -85.49 27.52 -26.55
N LYS RA 194 -86.38 27.62 -25.58
CA LYS RA 194 -86.05 28.23 -24.31
C LYS RA 194 -85.65 27.21 -23.24
N ASP RA 195 -85.88 25.92 -23.47
CA ASP RA 195 -85.43 24.89 -22.54
C ASP RA 195 -85.21 23.63 -23.36
N LEU RA 196 -83.94 23.34 -23.66
CA LEU RA 196 -83.57 22.18 -24.45
C LEU RA 196 -83.27 20.97 -23.59
N LYS RA 197 -83.06 21.17 -22.29
CA LYS RA 197 -82.86 20.05 -21.39
C LYS RA 197 -84.14 19.24 -21.21
N SER RA 198 -85.28 19.91 -21.14
CA SER RA 198 -86.54 19.20 -20.97
C SER RA 198 -87.02 18.55 -22.26
N THR RA 199 -86.53 19.01 -23.40
CA THR RA 199 -86.90 18.40 -24.68
C THR RA 199 -86.33 16.98 -24.80
N PHE RA 200 -85.13 16.77 -24.27
CA PHE RA 200 -84.47 15.48 -24.37
C PHE RA 200 -84.96 14.48 -23.33
N GLU RA 201 -85.73 14.92 -22.34
CA GLU RA 201 -86.31 14.03 -21.34
C GLU RA 201 -87.77 13.71 -21.64
N SER RA 202 -88.12 13.58 -22.94
CA SER RA 202 -89.38 13.23 -23.55
C SER RA 202 -89.43 11.73 -23.86
N PRO RA 203 -90.60 11.10 -23.81
CA PRO RA 203 -90.68 9.66 -24.11
C PRO RA 203 -90.50 9.32 -25.58
N LYS RA 204 -90.39 10.31 -26.47
CA LYS RA 204 -90.00 10.00 -27.85
C LYS RA 204 -88.54 9.58 -27.92
N TYR RA 205 -87.73 10.00 -26.96
CA TYR RA 205 -86.29 9.77 -26.95
C TYR RA 205 -85.89 8.66 -25.99
N THR RA 206 -86.69 7.61 -25.86
CA THR RA 206 -86.30 6.50 -24.99
C THR RA 206 -85.20 5.67 -25.64
N LYS RA 207 -85.18 5.61 -26.97
CA LYS RA 207 -84.10 4.97 -27.69
C LYS RA 207 -82.91 5.90 -27.91
N TRP RA 208 -82.97 7.14 -27.41
CA TRP RA 208 -81.84 8.04 -27.38
C TRP RA 208 -81.16 8.04 -26.01
N ARG RA 209 -81.94 8.18 -24.94
CA ARG RA 209 -81.38 8.18 -23.59
C ARG RA 209 -80.89 6.81 -23.17
N SER RA 210 -81.31 5.75 -23.85
CA SER RA 210 -80.71 4.44 -23.63
C SER RA 210 -79.48 4.22 -24.50
N LEU RA 211 -79.39 4.93 -25.63
CA LEU RA 211 -78.16 4.92 -26.41
C LEU RA 211 -77.04 5.64 -25.68
N ARG RA 212 -77.36 6.75 -25.01
CA ARG RA 212 -76.35 7.56 -24.35
C ARG RA 212 -75.73 6.83 -23.16
N GLU RA 213 -76.54 6.07 -22.43
CA GLU RA 213 -76.02 5.35 -21.28
C GLU RA 213 -75.15 4.17 -21.66
N SER RA 214 -75.20 3.73 -22.91
CA SER RA 214 -74.49 2.51 -23.31
C SER RA 214 -72.99 2.74 -23.35
N GLU RA 215 -72.25 1.63 -23.26
CA GLU RA 215 -70.81 1.70 -23.14
C GLU RA 215 -70.15 2.00 -24.47
N ASP RA 216 -70.63 1.41 -25.55
CA ASP RA 216 -70.03 1.61 -26.86
C ASP RA 216 -70.48 2.90 -27.54
N ALA RA 217 -71.25 3.74 -26.86
CA ALA RA 217 -71.62 5.05 -27.39
C ALA RA 217 -70.48 6.04 -27.37
N ARG RA 218 -69.36 5.66 -26.75
CA ARG RA 218 -68.17 6.50 -26.65
C ARG RA 218 -67.60 6.83 -28.02
N TYR RA 219 -67.84 5.97 -28.99
CA TYR RA 219 -67.32 6.13 -30.35
C TYR RA 219 -68.39 6.67 -31.28
N LEU RA 220 -69.22 7.59 -30.79
CA LEU RA 220 -70.27 8.20 -31.59
C LEU RA 220 -70.37 9.68 -31.24
N GLY RA 221 -69.93 10.53 -32.16
CA GLY RA 221 -70.17 11.96 -32.06
C GLY RA 221 -71.17 12.36 -33.13
N LEU RA 222 -72.10 13.25 -32.76
CA LEU RA 222 -73.08 13.75 -33.72
C LEU RA 222 -72.96 15.26 -33.77
N THR RA 223 -72.77 15.78 -34.98
CA THR RA 223 -72.21 17.11 -35.17
C THR RA 223 -73.30 18.17 -35.26
N ALA RA 224 -72.91 19.32 -35.78
CA ALA RA 224 -73.43 20.68 -35.81
C ALA RA 224 -74.75 20.86 -36.54
N PRO RA 225 -75.31 22.08 -36.61
CA PRO RA 225 -76.44 22.32 -37.52
C PRO RA 225 -76.26 21.93 -38.97
N ARG RA 226 -75.51 22.70 -39.75
CA ARG RA 226 -75.23 22.57 -41.19
C ARG RA 226 -74.31 23.73 -41.51
N PHE RA 227 -73.78 23.73 -42.74
CA PHE RA 227 -72.95 24.84 -43.14
C PHE RA 227 -73.07 25.03 -44.66
N LEU RA 228 -72.76 26.24 -45.10
CA LEU RA 228 -72.93 26.65 -46.48
C LEU RA 228 -71.75 26.19 -47.34
N LEU RA 229 -72.04 25.84 -48.59
CA LEU RA 229 -71.04 25.36 -49.53
C LEU RA 229 -70.81 26.29 -50.71
N ARG RA 230 -71.88 26.71 -51.38
CA ARG RA 230 -71.76 27.44 -52.63
C ARG RA 230 -72.37 28.82 -52.49
N VAL RA 231 -71.58 29.84 -52.77
CA VAL RA 231 -72.10 31.19 -52.94
C VAL RA 231 -72.96 31.22 -54.20
N PRO RA 232 -74.19 31.72 -54.14
CA PRO RA 232 -74.99 31.87 -55.37
C PRO RA 232 -74.36 32.87 -56.32
N TYR RA 233 -74.41 32.54 -57.61
CA TYR RA 233 -73.61 33.21 -58.62
C TYR RA 233 -74.15 34.61 -58.91
N ASP RA 234 -73.32 35.40 -59.58
CA ASP RA 234 -73.60 36.81 -59.78
C ASP RA 234 -72.84 37.26 -61.02
N PRO RA 235 -73.40 38.11 -61.88
CA PRO RA 235 -72.67 38.55 -63.07
C PRO RA 235 -71.51 39.50 -62.80
N ILE RA 236 -71.31 39.93 -61.56
CA ILE RA 236 -70.18 40.80 -61.19
C ILE RA 236 -69.21 40.08 -60.26
N GLU RA 237 -69.73 39.42 -59.23
CA GLU RA 237 -68.88 38.82 -58.21
C GLU RA 237 -68.27 37.50 -58.67
N ASN RA 238 -69.12 36.51 -58.95
CA ASN RA 238 -68.68 35.18 -59.37
C ASN RA 238 -69.37 34.87 -60.70
N PRO RA 239 -68.82 35.35 -61.81
CA PRO RA 239 -69.49 35.21 -63.10
C PRO RA 239 -69.32 33.82 -63.68
N VAL RA 240 -70.07 33.56 -64.75
CA VAL RA 240 -69.94 32.34 -65.53
C VAL RA 240 -69.54 32.71 -66.95
N LYS RA 241 -68.97 31.74 -67.66
CA LYS RA 241 -68.35 31.99 -68.96
C LYS RA 241 -69.41 32.22 -70.03
N SER RA 242 -69.34 33.37 -70.69
CA SER RA 242 -70.20 33.77 -71.82
C SER RA 242 -71.68 33.80 -71.44
N PHE RA 243 -71.97 34.12 -70.19
CA PHE RA 243 -73.35 34.18 -69.69
C PHE RA 243 -73.36 35.02 -68.43
N ASN RA 244 -74.51 35.63 -68.16
CA ASN RA 244 -74.73 36.39 -66.92
C ASN RA 244 -75.81 35.68 -66.12
N TYR RA 245 -75.44 35.11 -64.98
CA TYR RA 245 -76.32 34.27 -64.19
C TYR RA 245 -76.49 34.86 -62.80
N ALA RA 246 -77.68 35.41 -62.54
CA ALA RA 246 -78.04 35.90 -61.22
C ALA RA 246 -78.98 34.88 -60.60
N GLU RA 247 -78.46 34.09 -59.65
CA GLU RA 247 -79.24 33.02 -59.03
C GLU RA 247 -80.20 33.63 -58.02
N ASN RA 248 -81.47 33.72 -58.41
CA ASN RA 248 -82.49 34.34 -57.58
C ASN RA 248 -82.84 33.43 -56.42
N VAL RA 249 -82.22 33.66 -55.27
CA VAL RA 249 -82.48 32.87 -54.08
C VAL RA 249 -83.69 33.48 -53.36
N SER RA 250 -84.72 32.67 -53.16
CA SER RA 250 -85.97 33.14 -52.58
C SER RA 250 -85.85 33.21 -51.06
N ALA RA 251 -86.99 33.43 -50.40
CA ALA RA 251 -87.00 33.50 -48.95
C ALA RA 251 -86.81 32.13 -48.31
N SER RA 252 -87.04 31.05 -49.05
CA SER RA 252 -86.74 29.72 -48.55
C SER RA 252 -85.22 29.53 -48.53
N HIS RA 253 -84.67 29.30 -47.35
CA HIS RA 253 -83.24 29.08 -47.21
C HIS RA 253 -82.84 27.63 -47.42
N GLU RA 254 -83.74 26.80 -47.97
CA GLU RA 254 -83.37 25.46 -48.37
C GLU RA 254 -82.74 25.42 -49.75
N HIS RA 255 -82.78 26.52 -50.51
CA HIS RA 255 -82.22 26.55 -51.84
C HIS RA 255 -80.71 26.79 -51.84
N TYR RA 256 -80.17 27.35 -50.76
CA TYR RA 256 -78.73 27.38 -50.58
C TYR RA 256 -78.18 25.96 -50.48
N LEU RA 257 -76.99 25.76 -51.02
CA LEU RA 257 -76.37 24.43 -51.01
C LEU RA 257 -75.82 24.18 -49.61
N TRP RA 258 -76.69 23.69 -48.74
CA TRP RA 258 -76.28 23.42 -47.37
C TRP RA 258 -75.64 22.05 -47.27
N GLY RA 259 -74.39 22.00 -46.82
CA GLY RA 259 -73.67 20.77 -46.69
C GLY RA 259 -73.94 20.07 -45.37
N ASN RA 260 -73.21 18.98 -45.15
CA ASN RA 260 -73.29 18.22 -43.91
C ASN RA 260 -72.01 18.45 -43.11
N THR RA 261 -72.16 18.75 -41.82
CA THR RA 261 -71.03 19.24 -41.04
C THR RA 261 -70.12 18.11 -40.55
N ALA RA 262 -70.47 16.86 -40.82
CA ALA RA 262 -69.51 15.77 -40.61
C ALA RA 262 -68.32 15.90 -41.55
N PHE RA 263 -68.53 16.52 -42.71
CA PHE RA 263 -67.41 16.98 -43.52
C PHE RA 263 -66.56 18.00 -42.78
N ALA RA 264 -67.21 19.03 -42.23
CA ALA RA 264 -66.48 20.16 -41.66
C ALA RA 264 -65.85 19.84 -40.30
N PHE RA 265 -66.42 18.90 -39.55
CA PHE RA 265 -65.78 18.52 -38.30
C PHE RA 265 -64.60 17.59 -38.52
N ALA RA 266 -64.66 16.76 -39.54
CA ALA RA 266 -63.51 15.94 -39.91
C ALA RA 266 -62.44 16.74 -40.62
N THR RA 267 -62.74 17.98 -41.05
CA THR RA 267 -61.70 18.87 -41.50
C THR RA 267 -60.76 19.21 -40.35
N ARG RA 268 -61.30 19.35 -39.15
CA ARG RA 268 -60.48 19.67 -37.99
C ARG RA 268 -59.82 18.45 -37.37
N LEU RA 269 -60.33 17.25 -37.62
CA LEU RA 269 -59.59 16.04 -37.26
C LEU RA 269 -58.34 15.90 -38.10
N THR RA 270 -58.39 16.34 -39.35
CA THR RA 270 -57.28 16.09 -40.25
C THR RA 270 -56.32 17.27 -40.28
N ASP RA 271 -56.82 18.50 -40.18
CA ASP RA 271 -55.92 19.65 -40.09
C ASP RA 271 -55.23 19.74 -38.74
N SER RA 272 -55.71 19.01 -37.74
CA SER RA 272 -54.91 18.82 -36.53
C SER RA 272 -53.88 17.73 -36.73
N PHE RA 273 -54.17 16.72 -37.55
CA PHE RA 273 -53.19 15.67 -37.77
C PHE RA 273 -52.09 16.11 -38.73
N ALA RA 274 -52.39 17.03 -39.64
CA ALA RA 274 -51.38 17.46 -40.59
C ALA RA 274 -50.36 18.40 -39.97
N LYS RA 275 -50.60 18.87 -38.75
CA LYS RA 275 -49.69 19.79 -38.07
C LYS RA 275 -48.91 19.13 -36.95
N TYR RA 276 -49.57 18.31 -36.12
CA TYR RA 276 -48.94 17.75 -34.94
C TYR RA 276 -48.85 16.23 -34.95
N ARG RA 277 -49.39 15.57 -35.98
CA ARG RA 277 -49.46 14.11 -36.12
C ARG RA 277 -50.20 13.44 -34.97
N TRP RA 278 -51.14 14.16 -34.37
CA TRP RA 278 -52.10 13.63 -33.42
C TRP RA 278 -53.40 14.37 -33.63
N CYS RA 279 -54.40 14.05 -32.83
CA CYS RA 279 -55.65 14.79 -32.84
C CYS RA 279 -56.33 14.85 -31.47
N PRO RA 280 -55.81 15.67 -30.54
CA PRO RA 280 -56.71 16.19 -29.51
C PRO RA 280 -57.15 17.62 -29.81
N ASN RA 281 -56.57 18.24 -30.84
CA ASN RA 281 -56.72 19.66 -31.08
C ASN RA 281 -57.89 19.91 -32.04
N ILE RA 282 -59.10 19.85 -31.49
CA ILE RA 282 -60.30 20.06 -32.29
C ILE RA 282 -61.31 20.99 -31.65
N ILE RA 283 -61.00 21.59 -30.51
CA ILE RA 283 -62.01 22.35 -29.79
C ILE RA 283 -61.60 23.81 -29.56
N GLY RA 284 -60.76 24.38 -30.42
CA GLY RA 284 -60.27 25.72 -30.20
C GLY RA 284 -60.56 26.71 -31.30
N PRO RA 285 -61.19 27.84 -30.95
CA PRO RA 285 -61.32 28.94 -31.92
C PRO RA 285 -60.00 29.56 -32.30
N GLN RA 286 -58.98 29.45 -31.44
CA GLN RA 286 -57.61 29.76 -31.81
C GLN RA 286 -56.69 28.59 -31.59
N SER RA 287 -57.24 27.37 -31.48
CA SER RA 287 -56.42 26.23 -31.15
C SER RA 287 -56.84 24.98 -31.91
N GLY RA 288 -57.41 25.14 -33.10
CA GLY RA 288 -57.66 24.04 -33.98
C GLY RA 288 -59.08 23.53 -34.06
N GLY RA 289 -60.07 24.32 -33.69
CA GLY RA 289 -61.45 23.93 -33.91
C GLY RA 289 -62.19 25.01 -34.67
N ALA RA 290 -61.44 25.82 -35.40
CA ALA RA 290 -61.99 26.97 -36.11
C ALA RA 290 -62.17 26.61 -37.58
N VAL RA 291 -63.41 26.38 -37.98
CA VAL RA 291 -63.73 26.15 -39.39
C VAL RA 291 -63.70 27.50 -40.08
N GLU RA 292 -62.59 27.79 -40.77
CA GLU RA 292 -62.43 29.07 -41.43
C GLU RA 292 -62.84 28.98 -42.90
N ASP RA 293 -62.87 30.15 -43.53
CA ASP RA 293 -63.15 30.31 -44.97
C ASP RA 293 -64.53 29.76 -45.34
N LEU RA 294 -65.53 30.16 -44.59
CA LEU RA 294 -66.87 29.77 -44.95
C LEU RA 294 -67.39 30.66 -46.07
N PRO RA 295 -68.31 30.16 -46.90
CA PRO RA 295 -68.96 31.02 -47.89
C PRO RA 295 -69.93 31.99 -47.23
N VAL RA 296 -69.91 33.24 -47.69
CA VAL RA 296 -70.86 34.24 -47.23
C VAL RA 296 -71.61 34.79 -48.43
N HIS RA 297 -72.80 35.31 -48.16
CA HIS RA 297 -73.67 35.83 -49.21
C HIS RA 297 -74.29 37.12 -48.70
N VAL RA 298 -73.70 38.25 -49.07
CA VAL RA 298 -74.18 39.56 -48.66
C VAL RA 298 -75.40 39.90 -49.52
N PHE RA 299 -76.56 39.96 -48.89
CA PHE RA 299 -77.77 40.35 -49.59
C PHE RA 299 -78.44 41.51 -48.86
N GLU RA 300 -79.48 42.05 -49.49
CA GLU RA 300 -80.19 43.19 -48.94
C GLU RA 300 -81.32 42.72 -48.03
N SER RA 301 -81.28 43.13 -46.77
CA SER RA 301 -82.33 42.85 -45.82
C SER RA 301 -83.40 43.94 -45.92
N MET RA 302 -84.28 44.01 -44.91
CA MET RA 302 -85.31 45.03 -44.85
C MET RA 302 -84.69 46.38 -44.48
N GLY RA 303 -84.02 46.97 -45.47
CA GLY RA 303 -83.37 48.27 -45.31
C GLY RA 303 -81.86 48.22 -45.21
N ALA RA 304 -81.33 47.26 -44.46
CA ALA RA 304 -79.91 47.19 -44.18
C ALA RA 304 -79.21 46.24 -45.14
N LEU RA 305 -77.89 46.19 -45.02
CA LEU RA 305 -77.05 45.29 -45.81
C LEU RA 305 -76.44 44.28 -44.84
N GLN RA 306 -77.00 43.08 -44.81
CA GLN RA 306 -76.53 42.05 -43.91
C GLN RA 306 -75.93 40.90 -44.72
N SER RA 307 -75.45 39.89 -44.00
CA SER RA 307 -74.87 38.71 -44.61
C SER RA 307 -75.66 37.48 -44.19
N LYS RA 308 -75.82 36.54 -45.11
CA LYS RA 308 -76.44 35.26 -44.78
C LYS RA 308 -75.50 34.47 -43.89
N ILE RA 309 -76.04 33.96 -42.78
CA ILE RA 309 -75.21 33.25 -41.80
C ILE RA 309 -74.79 31.89 -42.37
N PRO RA 310 -73.49 31.59 -42.39
CA PRO RA 310 -73.04 30.35 -43.05
C PRO RA 310 -73.44 29.09 -42.31
N THR RA 311 -73.70 29.13 -41.01
CA THR RA 311 -74.46 28.09 -40.35
C THR RA 311 -75.86 28.62 -40.14
N GLU RA 312 -76.86 27.74 -40.18
CA GLU RA 312 -78.23 28.18 -40.35
C GLU RA 312 -78.81 28.85 -39.11
N VAL RA 313 -78.20 28.68 -37.95
CA VAL RA 313 -78.60 29.40 -36.75
C VAL RA 313 -77.36 30.01 -36.13
N LEU RA 314 -77.58 31.05 -35.33
CA LEU RA 314 -76.54 31.64 -34.50
C LEU RA 314 -76.64 30.98 -33.14
N ILE RA 315 -75.76 30.03 -32.89
CA ILE RA 315 -75.77 29.30 -31.62
C ILE RA 315 -75.16 30.19 -30.56
N THR RA 316 -75.94 30.46 -29.51
CA THR RA 316 -75.44 31.26 -28.41
C THR RA 316 -74.50 30.43 -27.55
N ASP RA 317 -73.92 31.06 -26.54
CA ASP RA 317 -73.00 30.34 -25.68
C ASP RA 317 -73.73 29.45 -24.68
N ARG RA 318 -74.93 29.86 -24.25
CA ARG RA 318 -75.71 29.02 -23.35
C ARG RA 318 -76.34 27.85 -24.11
N LYS RA 319 -76.76 28.08 -25.34
CA LYS RA 319 -77.30 27.00 -26.16
C LYS RA 319 -76.22 25.98 -26.50
N GLU RA 320 -74.99 26.43 -26.71
CA GLU RA 320 -73.92 25.50 -27.04
C GLU RA 320 -73.49 24.72 -25.81
N PHE RA 321 -73.49 25.36 -24.64
CA PHE RA 321 -73.17 24.65 -23.41
C PHE RA 321 -74.27 23.65 -23.05
N GLU RA 322 -75.52 23.95 -23.41
CA GLU RA 322 -76.58 22.99 -23.16
C GLU RA 322 -76.54 21.85 -24.17
N LEU RA 323 -76.04 22.11 -25.38
CA LEU RA 323 -75.75 21.02 -26.31
C LEU RA 323 -74.51 20.24 -25.91
N ALA RA 324 -73.57 20.88 -25.21
CA ALA RA 324 -72.36 20.17 -24.80
C ALA RA 324 -72.65 19.18 -23.68
N GLU RA 325 -73.56 19.53 -22.78
CA GLU RA 325 -73.93 18.62 -21.72
C GLU RA 325 -74.77 17.47 -22.25
N GLU RA 326 -75.54 17.71 -23.31
CA GLU RA 326 -76.42 16.69 -23.88
C GLU RA 326 -75.80 15.94 -25.05
N GLY RA 327 -74.47 16.04 -25.22
CA GLY RA 327 -73.77 15.22 -26.18
C GLY RA 327 -73.92 15.65 -27.62
N PHE RA 328 -73.46 16.85 -27.95
CA PHE RA 328 -73.52 17.34 -29.32
C PHE RA 328 -72.28 18.17 -29.60
N ILE RA 329 -71.80 18.10 -30.82
CA ILE RA 329 -70.64 18.88 -31.26
C ILE RA 329 -71.21 20.05 -32.06
N ALA RA 330 -71.49 21.15 -31.39
CA ALA RA 330 -72.11 22.29 -32.03
C ALA RA 330 -71.07 23.22 -32.62
N LEU RA 331 -71.48 23.98 -33.63
CA LEU RA 331 -70.61 24.91 -34.34
C LEU RA 331 -71.18 26.32 -34.22
N THR RA 332 -70.68 27.07 -33.27
CA THR RA 332 -71.05 28.48 -33.20
C THR RA 332 -70.34 29.25 -34.30
N MET RA 333 -71.04 30.22 -34.87
CA MET RA 333 -70.54 30.97 -36.01
C MET RA 333 -70.10 32.35 -35.54
N ARG RA 334 -68.97 32.82 -36.05
CA ARG RA 334 -68.46 34.13 -35.68
C ARG RA 334 -69.29 35.19 -36.38
N LYS RA 335 -70.26 35.75 -35.65
CA LYS RA 335 -71.31 36.59 -36.22
C LYS RA 335 -70.76 37.84 -36.86
N GLY RA 336 -70.84 37.90 -38.19
CA GLY RA 336 -70.35 39.03 -38.95
C GLY RA 336 -69.16 38.73 -39.82
N SER RA 337 -68.73 37.48 -39.92
CA SER RA 337 -67.58 37.15 -40.73
C SER RA 337 -67.78 35.74 -41.30
N ASP RA 338 -66.72 35.19 -41.85
CA ASP RA 338 -66.74 33.89 -42.53
C ASP RA 338 -66.01 32.83 -41.73
N ASN RA 339 -66.11 32.88 -40.40
CA ASN RA 339 -65.43 31.92 -39.54
C ASN RA 339 -66.45 31.28 -38.61
N ALA RA 340 -66.04 30.17 -38.02
CA ALA RA 340 -66.85 29.48 -37.04
C ALA RA 340 -65.91 28.81 -36.06
N ALA RA 341 -66.46 28.10 -35.08
CA ALA RA 341 -65.63 27.50 -34.07
C ALA RA 341 -66.36 26.35 -33.39
N PHE RA 342 -65.63 25.30 -33.08
CA PHE RA 342 -66.09 24.30 -32.14
C PHE RA 342 -65.56 24.64 -30.76
N PHE RA 343 -66.28 24.22 -29.74
CA PHE RA 343 -65.86 24.49 -28.37
C PHE RA 343 -65.74 23.25 -27.51
N SER RA 344 -66.44 22.17 -27.85
CA SER RA 344 -66.42 20.96 -27.04
C SER RA 344 -66.85 19.81 -27.94
N ALA RA 345 -66.01 18.80 -28.07
CA ALA RA 345 -66.26 17.70 -28.98
C ALA RA 345 -66.84 16.49 -28.27
N ASN RA 346 -67.70 16.70 -27.26
CA ASN RA 346 -68.21 15.63 -26.42
C ASN RA 346 -69.03 14.63 -27.21
N SER RA 347 -68.71 13.34 -27.02
CA SER RA 347 -69.50 12.28 -27.61
C SER RA 347 -70.81 12.15 -26.85
N ILE RA 348 -71.70 11.31 -27.38
CA ILE RA 348 -73.05 11.21 -26.84
C ILE RA 348 -73.11 10.45 -25.53
N GLN RA 349 -72.00 9.94 -25.01
CA GLN RA 349 -72.04 9.12 -23.81
C GLN RA 349 -72.27 10.00 -22.59
N LYS RA 350 -73.01 9.48 -21.63
CA LYS RA 350 -73.28 10.29 -20.44
C LYS RA 350 -72.32 9.95 -19.32
N PRO RA 351 -71.83 10.96 -18.60
CA PRO RA 351 -70.98 10.69 -17.43
C PRO RA 351 -71.78 10.04 -16.33
N LYS RA 352 -71.52 8.77 -16.05
CA LYS RA 352 -72.32 8.03 -15.10
C LYS RA 352 -72.01 8.46 -13.68
N VAL RA 353 -73.05 8.77 -12.92
CA VAL RA 353 -72.87 9.21 -11.55
C VAL RA 353 -72.52 8.01 -10.69
N PHE RA 354 -71.39 8.05 -10.11
CA PHE RA 354 -70.84 7.04 -9.22
C PHE RA 354 -71.07 7.45 -7.77
N PRO RA 355 -71.19 6.50 -6.84
CA PRO RA 355 -71.49 6.86 -5.45
C PRO RA 355 -70.35 7.59 -4.77
N ASN RA 356 -70.69 8.27 -3.67
CA ASN RA 356 -69.77 9.21 -3.04
C ASN RA 356 -68.75 8.55 -2.12
N THR RA 357 -68.03 7.57 -2.63
CA THR RA 357 -66.93 6.98 -1.89
C THR RA 357 -65.63 7.69 -2.28
N LYS RA 358 -64.50 7.17 -1.81
CA LYS RA 358 -63.21 7.71 -2.24
C LYS RA 358 -62.92 7.30 -3.68
N GLU RA 359 -63.17 6.04 -4.01
CA GLU RA 359 -62.97 5.57 -5.38
C GLU RA 359 -64.08 6.03 -6.31
N GLY RA 360 -65.30 6.20 -5.80
CA GLY RA 360 -66.40 6.60 -6.65
C GLY RA 360 -66.31 8.03 -7.10
N LYS RA 361 -65.88 8.91 -6.20
CA LYS RA 361 -65.62 10.30 -6.58
C LYS RA 361 -64.40 10.39 -7.48
N GLU RA 362 -63.49 9.42 -7.41
CA GLU RA 362 -62.35 9.40 -8.30
C GLU RA 362 -62.74 8.84 -9.67
N ALA RA 363 -63.39 7.66 -9.70
CA ALA RA 363 -63.70 7.02 -10.96
C ALA RA 363 -64.76 7.77 -11.76
N GLU RA 364 -65.53 8.65 -11.12
CA GLU RA 364 -66.44 9.51 -11.86
C GLU RA 364 -65.66 10.49 -12.73
N THR RA 365 -64.56 11.03 -12.20
CA THR RA 365 -63.72 11.90 -13.00
C THR RA 365 -62.89 11.08 -13.98
N ASN RA 366 -62.68 9.81 -13.68
CA ASN RA 366 -61.98 8.95 -14.63
C ASN RA 366 -62.88 8.57 -15.79
N TYR RA 367 -64.14 8.23 -15.52
CA TYR RA 367 -65.08 7.90 -16.57
C TYR RA 367 -65.51 9.11 -17.37
N LYS RA 368 -65.38 10.31 -16.81
CA LYS RA 368 -65.71 11.53 -17.53
C LYS RA 368 -64.74 11.79 -18.66
N LEU RA 369 -63.48 11.39 -18.48
CA LEU RA 369 -62.49 11.61 -19.52
C LEU RA 369 -62.68 10.72 -20.72
N GLY RA 370 -63.41 9.61 -20.57
CA GLY RA 370 -63.65 8.74 -21.70
C GLY RA 370 -64.62 9.33 -22.69
N THR RA 371 -65.60 10.10 -22.22
CA THR RA 371 -66.68 10.51 -23.08
C THR RA 371 -66.34 11.70 -23.97
N GLN RA 372 -65.24 12.38 -23.72
CA GLN RA 372 -65.13 13.75 -24.22
C GLN RA 372 -64.70 13.83 -25.68
N LEU RA 373 -63.97 12.83 -26.18
CA LEU RA 373 -63.53 12.66 -27.56
C LEU RA 373 -62.67 13.82 -28.12
N PRO RA 374 -61.71 14.35 -27.37
CA PRO RA 374 -60.44 14.47 -28.07
C PRO RA 374 -59.50 13.41 -27.52
N TYR RA 375 -59.87 12.89 -26.35
CA TYR RA 375 -59.03 11.95 -25.64
C TYR RA 375 -59.18 10.54 -26.15
N MET RA 376 -60.30 10.20 -26.78
CA MET RA 376 -60.36 8.94 -27.50
C MET RA 376 -59.41 8.95 -28.67
N MET RA 377 -59.23 10.08 -29.32
CA MET RA 377 -58.42 10.09 -30.52
C MET RA 377 -56.93 10.07 -30.21
N ILE RA 378 -56.53 10.29 -28.94
CA ILE RA 378 -55.14 10.03 -28.59
C ILE RA 378 -54.93 8.63 -28.05
N ILE RA 379 -55.98 7.83 -27.91
CA ILE RA 379 -55.83 6.41 -27.60
C ILE RA 379 -56.38 5.51 -28.70
N ASN RA 380 -57.19 6.03 -29.62
CA ASN RA 380 -57.45 5.28 -30.83
C ASN RA 380 -56.16 5.13 -31.63
N ARG RA 381 -55.33 6.17 -31.66
CA ARG RA 381 -54.01 6.04 -32.24
C ARG RA 381 -53.13 5.12 -31.42
N LEU RA 382 -53.36 5.03 -30.11
CA LEU RA 382 -52.71 4.01 -29.32
C LEU RA 382 -53.44 2.68 -29.36
N ALA RA 383 -54.37 2.51 -30.29
CA ALA RA 383 -54.83 1.19 -30.69
C ALA RA 383 -54.48 0.91 -32.13
N HIS RA 384 -54.16 1.93 -32.91
CA HIS RA 384 -53.80 1.66 -34.28
C HIS RA 384 -52.30 1.49 -34.44
N TYR RA 385 -51.48 2.26 -33.72
CA TYR RA 385 -50.05 2.02 -33.74
C TYR RA 385 -49.70 0.68 -33.12
N VAL RA 386 -50.33 0.35 -32.00
CA VAL RA 386 -49.84 -0.77 -31.21
C VAL RA 386 -50.33 -2.08 -31.82
N LYS RA 387 -51.45 -2.04 -32.54
CA LYS RA 387 -51.88 -3.18 -33.33
C LYS RA 387 -50.92 -3.45 -34.47
N VAL RA 388 -50.44 -2.39 -35.13
CA VAL RA 388 -49.52 -2.56 -36.23
C VAL RA 388 -48.13 -2.94 -35.73
N LEU RA 389 -47.70 -2.33 -34.62
CA LEU RA 389 -46.32 -2.50 -34.17
C LEU RA 389 -46.10 -3.89 -33.59
N GLN RA 390 -47.10 -4.44 -32.90
CA GLN RA 390 -47.03 -5.79 -32.37
C GLN RA 390 -47.62 -6.81 -33.33
N ARG RA 391 -47.81 -6.46 -34.59
CA ARG RA 391 -48.14 -7.44 -35.61
C ARG RA 391 -46.90 -7.94 -36.31
N GLU RA 392 -45.93 -7.05 -36.53
CA GLU RA 392 -44.66 -7.44 -37.13
C GLU RA 392 -43.88 -8.39 -36.23
N GLN RA 393 -44.11 -8.32 -34.93
CA GLN RA 393 -43.28 -9.03 -33.97
C GLN RA 393 -43.62 -10.50 -33.84
N ILE RA 394 -44.73 -10.98 -34.42
CA ILE RA 394 -45.17 -12.35 -34.22
C ILE RA 394 -44.18 -13.32 -34.85
N GLY RA 395 -43.66 -14.24 -34.05
CA GLY RA 395 -42.62 -15.12 -34.50
C GLY RA 395 -41.22 -14.77 -34.04
N ALA RA 396 -41.07 -13.71 -33.25
CA ALA RA 396 -39.74 -13.31 -32.83
C ALA RA 396 -39.25 -14.16 -31.68
N TRP RA 397 -38.15 -13.73 -31.09
CA TRP RA 397 -37.59 -14.36 -29.91
C TRP RA 397 -37.61 -13.32 -28.81
N LYS RA 398 -38.66 -13.34 -27.99
CA LYS RA 398 -38.94 -12.24 -27.10
C LYS RA 398 -39.05 -12.83 -25.70
N GLU RA 399 -39.28 -11.97 -24.72
CA GLU RA 399 -39.60 -12.38 -23.35
C GLU RA 399 -40.65 -11.44 -22.81
N ARG RA 400 -41.13 -11.73 -21.60
CA ARG RA 400 -41.99 -10.79 -20.91
C ARG RA 400 -41.24 -9.52 -20.55
N GLN RA 401 -39.99 -9.67 -20.08
CA GLN RA 401 -39.15 -8.50 -19.85
C GLN RA 401 -38.81 -7.78 -21.14
N ASP RA 402 -38.73 -8.51 -22.25
CA ASP RA 402 -38.52 -7.86 -23.53
C ASP RA 402 -39.81 -7.23 -24.03
N LEU RA 403 -40.95 -7.79 -23.65
CA LEU RA 403 -42.22 -7.17 -24.04
C LEU RA 403 -42.47 -5.90 -23.26
N GLU RA 404 -42.07 -5.85 -21.98
CA GLU RA 404 -42.18 -4.63 -21.20
C GLU RA 404 -41.32 -3.51 -21.75
N ARG RA 405 -40.19 -3.85 -22.34
CA ARG RA 405 -39.21 -2.86 -22.79
C ARG RA 405 -39.51 -2.33 -24.19
N GLU RA 406 -40.00 -3.19 -25.09
CA GLU RA 406 -40.35 -2.72 -26.42
C GLU RA 406 -41.59 -1.83 -26.43
N LEU RA 407 -42.34 -1.80 -25.34
CA LEU RA 407 -43.46 -0.87 -25.20
C LEU RA 407 -43.14 0.35 -24.37
N ASN RA 408 -42.35 0.20 -23.29
CA ASN RA 408 -42.02 1.35 -22.46
C ASN RA 408 -41.04 2.28 -23.15
N SER RA 409 -40.07 1.73 -23.88
CA SER RA 409 -39.19 2.59 -24.65
C SER RA 409 -39.85 3.11 -25.91
N TRP RA 410 -41.01 2.58 -26.27
CA TRP RA 410 -41.74 3.09 -27.41
C TRP RA 410 -42.67 4.24 -27.05
N ILE RA 411 -43.50 4.10 -26.01
CA ILE RA 411 -44.48 5.14 -25.74
C ILE RA 411 -43.87 6.31 -24.99
N LYS RA 412 -42.66 6.18 -24.46
CA LYS RA 412 -42.03 7.32 -23.81
C LYS RA 412 -41.33 8.25 -24.78
N GLN RA 413 -41.66 8.18 -26.07
CA GLN RA 413 -41.46 9.29 -26.97
C GLN RA 413 -42.75 10.06 -27.20
N TYR RA 414 -43.85 9.59 -26.63
CA TYR RA 414 -45.12 10.29 -26.66
C TYR RA 414 -45.48 10.90 -25.32
N VAL RA 415 -44.65 10.68 -24.31
CA VAL RA 415 -44.91 11.08 -22.94
C VAL RA 415 -43.99 12.22 -22.59
N ALA RA 416 -44.55 13.36 -22.20
CA ALA RA 416 -43.78 14.49 -21.68
C ALA RA 416 -44.27 14.76 -20.28
N ASP RA 417 -43.73 14.02 -19.31
CA ASP RA 417 -44.20 14.10 -17.92
C ASP RA 417 -43.62 15.36 -17.31
N GLN RA 418 -44.33 16.45 -17.53
CA GLN RA 418 -43.80 17.77 -17.26
C GLN RA 418 -44.96 18.71 -17.03
N GLU RA 419 -44.83 19.59 -16.04
CA GLU RA 419 -45.98 20.38 -15.60
C GLU RA 419 -46.31 21.47 -16.61
N ASN RA 420 -45.30 22.13 -17.17
CA ASN RA 420 -45.51 23.17 -18.16
C ASN RA 420 -44.47 23.06 -19.27
N PRO RA 421 -44.66 22.15 -20.21
CA PRO RA 421 -43.80 22.12 -21.38
C PRO RA 421 -44.25 23.18 -22.37
N PRO RA 422 -43.45 23.49 -23.39
CA PRO RA 422 -43.89 24.45 -24.42
C PRO RA 422 -45.06 23.92 -25.23
N ALA RA 423 -45.65 24.81 -26.03
CA ALA RA 423 -46.88 24.51 -26.74
C ALA RA 423 -46.69 23.52 -27.88
N ASP RA 424 -45.45 23.23 -28.27
CA ASP RA 424 -45.20 22.19 -29.26
C ASP RA 424 -44.95 20.84 -28.62
N VAL RA 425 -44.40 20.81 -27.41
CA VAL RA 425 -44.15 19.54 -26.74
C VAL RA 425 -45.46 18.95 -26.23
N ARG RA 426 -46.46 19.80 -25.98
CA ARG RA 426 -47.75 19.32 -25.50
C ARG RA 426 -48.52 18.58 -26.59
N SER RA 427 -48.36 18.98 -27.84
CA SER RA 427 -49.17 18.38 -28.89
C SER RA 427 -48.43 17.34 -29.72
N ARG RA 428 -47.10 17.44 -29.83
CA ARG RA 428 -46.34 16.32 -30.39
C ARG RA 428 -46.34 15.14 -29.44
N ARG RA 429 -46.35 15.39 -28.13
CA ARG RA 429 -46.38 14.35 -27.11
C ARG RA 429 -47.65 14.55 -26.29
N PRO RA 430 -48.79 14.04 -26.77
CA PRO RA 430 -50.08 14.38 -26.16
C PRO RA 430 -50.31 13.70 -24.83
N LEU RA 431 -49.61 12.62 -24.54
CA LEU RA 431 -49.77 11.95 -23.28
C LEU RA 431 -48.99 12.69 -22.21
N ARG RA 432 -49.19 12.31 -20.96
CA ARG RA 432 -48.48 12.89 -19.85
C ARG RA 432 -47.84 11.84 -18.96
N ALA RA 433 -48.48 10.69 -18.78
CA ALA RA 433 -47.85 9.58 -18.09
C ALA RA 433 -48.48 8.29 -18.58
N ALA RA 434 -47.69 7.21 -18.58
CA ALA RA 434 -48.16 5.95 -19.14
C ALA RA 434 -47.59 4.80 -18.33
N ARG RA 435 -48.46 3.91 -17.88
CA ARG RA 435 -48.08 2.76 -17.08
C ARG RA 435 -48.34 1.51 -17.90
N ILE RA 436 -47.37 0.60 -17.94
CA ILE RA 436 -47.50 -0.66 -18.66
C ILE RA 436 -47.15 -1.80 -17.74
N GLU RA 437 -48.11 -2.67 -17.47
CA GLU RA 437 -47.94 -3.78 -16.54
C GLU RA 437 -48.21 -5.07 -17.30
N VAL RA 438 -47.15 -5.72 -17.75
CA VAL RA 438 -47.29 -6.96 -18.51
C VAL RA 438 -47.40 -8.13 -17.55
N MET RA 439 -48.42 -8.95 -17.72
CA MET RA 439 -48.67 -10.13 -16.92
C MET RA 439 -48.62 -11.35 -17.84
N ASP RA 440 -48.94 -12.51 -17.29
CA ASP RA 440 -48.92 -13.75 -18.06
C ASP RA 440 -50.33 -14.32 -18.17
N VAL RA 441 -50.43 -15.42 -18.91
CA VAL RA 441 -51.63 -16.25 -18.90
C VAL RA 441 -51.18 -17.67 -18.62
N GLU RA 442 -51.64 -18.23 -17.51
CA GLU RA 442 -51.27 -19.59 -17.15
C GLU RA 442 -52.14 -20.58 -17.93
N GLY RA 443 -51.69 -21.83 -17.94
CA GLY RA 443 -52.36 -22.85 -18.72
C GLY RA 443 -51.79 -22.97 -20.11
N ASN RA 444 -51.94 -21.90 -20.90
CA ASN RA 444 -51.26 -21.77 -22.19
C ASN RA 444 -50.21 -20.70 -22.03
N PRO RA 445 -48.96 -21.06 -21.77
CA PRO RA 445 -47.96 -20.05 -21.42
C PRO RA 445 -47.47 -19.31 -22.65
N GLY RA 446 -47.28 -18.00 -22.48
CA GLY RA 446 -46.88 -17.12 -23.55
C GLY RA 446 -48.02 -16.33 -24.16
N TRP RA 447 -48.86 -15.75 -23.31
CA TRP RA 447 -49.99 -14.93 -23.73
C TRP RA 447 -50.07 -13.83 -22.68
N TYR RA 448 -50.09 -12.57 -23.10
CA TYR RA 448 -49.64 -11.48 -22.25
C TYR RA 448 -50.69 -10.41 -22.05
N GLN RA 449 -51.24 -10.35 -20.84
CA GLN RA 449 -52.29 -9.39 -20.54
C GLN RA 449 -51.62 -8.12 -20.03
N VAL RA 450 -51.29 -7.20 -20.92
CA VAL RA 450 -50.58 -6.00 -20.51
C VAL RA 450 -51.62 -4.92 -20.33
N SER RA 451 -51.32 -3.92 -19.52
CA SER RA 451 -52.31 -2.88 -19.22
C SER RA 451 -51.72 -1.50 -19.45
N LEU RA 452 -51.78 -1.02 -20.69
CA LEU RA 452 -51.31 0.32 -21.00
C LEU RA 452 -52.28 1.37 -20.45
N SER RA 453 -51.79 2.21 -19.55
CA SER RA 453 -52.62 3.17 -18.80
C SER RA 453 -52.10 4.58 -19.04
N VAL RA 454 -52.53 5.19 -20.14
CA VAL RA 454 -52.06 6.51 -20.51
C VAL RA 454 -52.83 7.59 -19.77
N ARG RA 455 -52.36 8.83 -19.86
CA ARG RA 455 -52.96 9.94 -19.16
C ARG RA 455 -52.69 11.20 -19.96
N PRO RA 456 -53.68 12.01 -20.23
CA PRO RA 456 -53.49 13.15 -21.13
C PRO RA 456 -53.21 14.45 -20.42
N HIS RA 457 -52.93 15.51 -21.18
CA HIS RA 457 -52.95 16.85 -20.64
C HIS RA 457 -54.37 17.39 -20.67
N PHE RA 458 -54.56 18.53 -20.00
CA PHE RA 458 -55.91 19.07 -19.76
C PHE RA 458 -56.02 20.48 -20.32
N LYS RA 459 -57.04 20.70 -21.13
CA LYS RA 459 -57.26 21.95 -21.85
C LYS RA 459 -58.00 22.95 -20.97
N TYR RA 460 -58.52 24.00 -21.59
CA TYR RA 460 -59.01 25.22 -20.93
C TYR RA 460 -60.50 25.35 -21.19
N MET RA 461 -61.31 25.28 -20.12
CA MET RA 461 -62.76 25.35 -20.29
C MET RA 461 -63.43 25.90 -19.03
N GLY RA 462 -63.91 27.15 -19.13
CA GLY RA 462 -64.65 27.80 -18.07
C GLY RA 462 -63.88 28.35 -16.88
N ALA RA 463 -64.31 29.49 -16.37
CA ALA RA 463 -63.75 30.11 -15.17
C ALA RA 463 -64.85 30.95 -14.51
N ASN RA 464 -64.46 31.86 -13.60
CA ASN RA 464 -65.53 32.60 -12.94
C ASN RA 464 -65.42 34.13 -12.98
N PHE RA 465 -64.23 34.69 -12.73
CA PHE RA 465 -63.93 36.13 -12.88
C PHE RA 465 -64.86 37.02 -12.05
N GLU RA 466 -64.81 36.82 -10.73
CA GLU RA 466 -65.75 37.47 -9.81
C GLU RA 466 -65.27 38.87 -9.42
N LEU RA 467 -65.62 39.86 -10.24
CA LEU RA 467 -65.12 41.22 -10.09
C LEU RA 467 -65.65 41.91 -8.84
N SER RA 468 -64.97 42.98 -8.46
CA SER RA 468 -65.21 43.80 -7.28
C SER RA 468 -64.34 45.03 -7.41
N LEU RA 469 -64.50 45.98 -6.51
CA LEU RA 469 -63.45 46.98 -6.34
C LEU RA 469 -62.95 46.95 -4.91
N VAL RA 470 -61.66 47.24 -4.76
CA VAL RA 470 -61.02 47.32 -3.45
C VAL RA 470 -60.94 48.76 -2.97
N GLY RA 471 -60.56 49.69 -3.85
CA GLY RA 471 -60.49 51.09 -3.51
C GLY RA 471 -59.11 51.60 -3.15
N ARG RA 472 -58.36 50.82 -2.38
CA ARG RA 472 -56.99 51.18 -2.03
C ARG RA 472 -55.95 50.34 -2.75
N LEU RA 473 -56.13 49.02 -2.77
CA LEU RA 473 -55.16 48.14 -3.41
C LEU RA 473 -55.41 48.05 -4.91
N PRO SA 1 -20.62 11.02 5.46
CA PRO SA 1 -21.78 11.88 5.66
C PRO SA 1 -23.02 11.33 4.98
N THR SA 2 -24.18 11.66 5.50
CA THR SA 2 -25.39 11.10 4.91
C THR SA 2 -25.95 12.06 3.87
N PRO SA 3 -26.49 11.55 2.77
CA PRO SA 3 -27.03 12.43 1.74
C PRO SA 3 -28.30 13.13 2.18
N CYS SA 4 -28.49 14.32 1.64
CA CYS SA 4 -29.61 15.18 1.96
C CYS SA 4 -30.71 14.98 0.92
N TYR SA 5 -31.73 15.82 0.97
CA TYR SA 5 -32.82 15.74 0.01
C TYR SA 5 -33.32 17.14 -0.30
N ILE SA 6 -33.61 17.42 -1.56
CA ILE SA 6 -34.04 18.74 -1.98
C ILE SA 6 -35.33 18.62 -2.77
N SER SA 7 -36.32 19.44 -2.41
CA SER SA 7 -37.58 19.50 -3.12
C SER SA 7 -37.73 20.90 -3.71
N ILE SA 8 -37.68 21.01 -5.03
CA ILE SA 8 -37.73 22.28 -5.73
C ILE SA 8 -39.12 22.49 -6.29
N GLU SA 9 -39.70 23.66 -6.08
CA GLU SA 9 -40.97 24.01 -6.70
C GLU SA 9 -40.80 25.28 -7.51
N GLY SA 10 -41.09 25.22 -8.81
CA GLY SA 10 -40.88 26.34 -9.69
C GLY SA 10 -42.05 27.30 -9.71
N GLN SA 11 -41.86 28.41 -10.43
CA GLN SA 11 -42.97 29.31 -10.70
C GLN SA 11 -43.98 28.68 -11.64
N THR SA 12 -43.55 28.34 -12.84
CA THR SA 12 -44.46 27.84 -13.85
C THR SA 12 -44.41 26.32 -14.02
N GLN SA 13 -43.34 25.67 -13.59
CA GLN SA 13 -43.18 24.24 -13.84
C GLN SA 13 -43.63 23.40 -12.66
N GLY SA 14 -44.40 23.98 -11.75
CA GLY SA 14 -44.97 23.19 -10.67
C GLY SA 14 -43.90 22.69 -9.72
N LEU SA 15 -44.12 21.48 -9.21
CA LEU SA 15 -43.11 20.81 -8.41
C LEU SA 15 -42.12 20.17 -9.36
N ILE SA 16 -40.90 20.69 -9.40
CA ILE SA 16 -39.92 20.24 -10.38
C ILE SA 16 -39.44 18.83 -10.04
N THR SA 17 -39.13 18.58 -8.79
CA THR SA 17 -38.61 17.28 -8.45
C THR SA 17 -39.67 16.24 -8.19
N ALA SA 18 -40.89 16.42 -8.66
CA ALA SA 18 -41.96 15.44 -8.44
C ALA SA 18 -41.67 14.23 -9.31
N GLY SA 19 -41.12 13.19 -8.69
CA GLY SA 19 -40.74 12.02 -9.44
C GLY SA 19 -39.27 11.87 -9.70
N ALA SA 20 -38.42 12.66 -9.05
CA ALA SA 20 -36.99 12.60 -9.31
C ALA SA 20 -36.31 11.50 -8.51
N CYS SA 21 -37.05 10.69 -7.77
CA CYS SA 21 -36.57 9.45 -7.19
C CYS SA 21 -37.57 8.33 -7.41
N THR SA 22 -37.97 8.16 -8.67
CA THR SA 22 -38.70 6.98 -9.07
C THR SA 22 -37.75 5.98 -9.70
N ALA SA 23 -38.29 4.89 -10.21
CA ALA SA 23 -37.48 3.92 -10.92
C ALA SA 23 -37.13 4.36 -12.31
N ASP SA 24 -37.84 5.36 -12.85
CA ASP SA 24 -37.50 5.86 -14.16
C ASP SA 24 -36.37 6.88 -14.12
N SER SA 25 -36.23 7.60 -13.00
CA SER SA 25 -35.20 8.62 -12.92
C SER SA 25 -33.82 8.00 -12.74
N ILE SA 26 -33.62 7.27 -11.64
CA ILE SA 26 -32.29 6.86 -11.25
C ILE SA 26 -32.18 5.35 -11.09
N GLY SA 27 -33.01 4.59 -11.79
CA GLY SA 27 -32.86 3.15 -11.79
C GLY SA 27 -33.28 2.48 -10.50
N ASP SA 28 -32.36 1.76 -9.87
CA ASP SA 28 -32.66 1.02 -8.65
C ASP SA 28 -32.19 1.72 -7.39
N SER SA 29 -31.66 2.93 -7.50
CA SER SA 29 -31.21 3.65 -6.32
C SER SA 29 -32.25 4.66 -5.86
N PHE SA 30 -33.51 4.42 -6.13
CA PHE SA 30 -34.50 5.34 -5.63
C PHE SA 30 -34.96 4.87 -4.26
N VAL SA 31 -35.55 5.79 -3.52
CA VAL SA 31 -35.94 5.56 -2.14
C VAL SA 31 -37.44 5.79 -2.03
N GLU SA 32 -38.16 4.83 -1.45
CA GLU SA 32 -39.57 5.03 -1.18
C GLU SA 32 -39.76 6.09 -0.11
N GLY SA 33 -40.85 6.84 -0.24
CA GLY SA 33 -41.14 7.93 0.66
C GLY SA 33 -40.52 9.26 0.29
N HIS SA 34 -39.48 9.25 -0.54
CA HIS SA 34 -38.83 10.45 -1.00
C HIS SA 34 -39.05 10.60 -2.49
N GLU SA 35 -40.29 10.36 -2.92
CA GLU SA 35 -40.61 10.35 -4.34
C GLU SA 35 -40.56 11.73 -4.96
N ASP SA 36 -40.61 12.78 -4.15
CA ASP SA 36 -40.65 14.13 -4.68
C ASP SA 36 -39.36 14.89 -4.44
N GLU SA 37 -38.29 14.22 -4.03
CA GLU SA 37 -37.10 14.87 -3.53
C GLU SA 37 -35.89 14.25 -4.18
N MET SA 38 -35.01 15.07 -4.76
CA MET SA 38 -33.78 14.56 -5.32
C MET SA 38 -32.85 14.10 -4.22
N LEU SA 39 -31.81 13.37 -4.60
CA LEU SA 39 -30.83 12.86 -3.65
C LEU SA 39 -29.56 13.65 -3.81
N VAL SA 40 -29.23 14.46 -2.81
CA VAL SA 40 -28.16 15.45 -2.91
C VAL SA 40 -26.90 14.88 -2.30
N GLN SA 41 -25.82 14.87 -3.07
CA GLN SA 41 -24.59 14.24 -2.62
C GLN SA 41 -23.68 15.22 -1.90
N GLN SA 42 -23.24 16.27 -2.59
CA GLN SA 42 -22.25 17.20 -2.09
C GLN SA 42 -22.93 18.55 -1.87
N PHE SA 43 -22.33 19.39 -1.03
CA PHE SA 43 -22.95 20.67 -0.71
C PHE SA 43 -21.87 21.71 -0.45
N ASP SA 44 -22.19 22.97 -0.73
CA ASP SA 44 -21.28 24.10 -0.55
C ASP SA 44 -22.00 25.43 -0.61
N HIS SA 45 -21.74 26.34 0.32
CA HIS SA 45 -22.55 27.55 0.43
C HIS SA 45 -21.82 28.60 1.26
N VAL SA 46 -21.60 29.77 0.69
CA VAL SA 46 -20.87 30.85 1.36
C VAL SA 46 -21.81 32.04 1.49
N VAL SA 47 -21.72 32.77 2.61
CA VAL SA 47 -22.47 34.01 2.79
C VAL SA 47 -21.48 35.04 3.31
N THR SA 48 -21.01 35.92 2.44
CA THR SA 48 -20.00 36.87 2.86
C THR SA 48 -20.63 38.16 3.37
N VAL SA 49 -19.83 38.94 4.11
CA VAL SA 49 -20.18 40.29 4.50
C VAL SA 49 -18.95 41.17 4.29
N PRO SA 50 -19.03 42.21 3.47
CA PRO SA 50 -17.87 43.07 3.27
C PRO SA 50 -17.56 43.93 4.47
N THR SA 51 -16.45 43.66 5.13
CA THR SA 51 -16.02 44.44 6.28
C THR SA 51 -14.82 45.30 5.89
N ASP SA 52 -14.74 46.49 6.47
CA ASP SA 52 -13.63 47.34 6.12
C ASP SA 52 -12.35 46.90 6.84
N PRO SA 53 -11.18 47.24 6.30
CA PRO SA 53 -9.96 47.04 7.05
C PRO SA 53 -9.86 48.03 8.20
N GLN SA 54 -8.82 47.82 9.02
CA GLN SA 54 -8.43 48.66 10.19
C GLN SA 54 -9.61 48.97 11.12
N SER SA 55 -10.56 48.05 11.20
CA SER SA 55 -11.75 48.19 12.02
C SER SA 55 -12.31 46.79 12.22
N GLY SA 56 -13.55 46.71 12.65
CA GLY SA 56 -14.22 45.43 12.66
C GLY SA 56 -15.63 45.52 12.13
N GLN SA 57 -16.06 46.73 11.79
CA GLN SA 57 -17.47 46.91 11.50
C GLN SA 57 -17.81 46.43 10.10
N PRO SA 58 -19.02 45.90 9.90
CA PRO SA 58 -19.44 45.50 8.55
C PRO SA 58 -19.72 46.71 7.68
N SER SA 59 -18.90 46.89 6.65
CA SER SA 59 -19.04 48.02 5.74
C SER SA 59 -19.90 47.62 4.54
N GLY SA 60 -21.15 47.31 4.83
CA GLY SA 60 -22.06 46.92 3.77
C GLY SA 60 -22.91 45.72 4.14
N GLN SA 61 -23.99 45.52 3.39
CA GLN SA 61 -24.86 44.40 3.68
C GLN SA 61 -24.25 43.10 3.17
N ARG SA 62 -24.83 41.99 3.58
CA ARG SA 62 -24.35 40.66 3.24
C ARG SA 62 -24.46 40.41 1.74
N VAL SA 63 -23.64 39.48 1.25
CA VAL SA 63 -23.60 39.10 -0.15
C VAL SA 63 -23.71 37.59 -0.23
N HIS SA 64 -24.81 37.09 -0.77
CA HIS SA 64 -25.05 35.65 -0.78
C HIS SA 64 -24.35 35.01 -1.98
N LYS SA 65 -23.27 34.30 -1.72
CA LYS SA 65 -22.69 33.41 -2.69
C LYS SA 65 -23.59 32.19 -2.82
N PRO SA 66 -23.61 31.50 -3.97
CA PRO SA 66 -24.68 30.54 -4.22
C PRO SA 66 -24.51 29.21 -3.51
N PHE SA 67 -25.66 28.55 -3.30
CA PHE SA 67 -25.75 27.10 -3.11
C PHE SA 67 -24.94 26.35 -4.15
N LYS SA 68 -24.44 25.18 -3.79
CA LYS SA 68 -23.88 24.25 -4.76
C LYS SA 68 -24.20 22.84 -4.29
N PHE SA 69 -25.30 22.28 -4.76
CA PHE SA 69 -25.66 20.91 -4.41
C PHE SA 69 -25.56 20.02 -5.64
N THR SA 70 -25.14 18.78 -5.44
CA THR SA 70 -24.82 17.87 -6.53
C THR SA 70 -25.76 16.68 -6.55
N VAL SA 71 -26.47 16.50 -7.65
CA VAL SA 71 -27.32 15.33 -7.84
C VAL SA 71 -26.89 14.63 -9.12
N ALA SA 72 -27.36 13.40 -9.29
CA ALA SA 72 -27.05 12.67 -10.51
C ALA SA 72 -28.01 13.09 -11.61
N LEU SA 73 -27.81 12.59 -12.82
CA LEU SA 73 -28.73 12.86 -13.90
C LEU SA 73 -30.03 12.11 -13.66
N ASN SA 74 -31.14 12.83 -13.63
CA ASN SA 74 -32.42 12.23 -13.38
C ASN SA 74 -33.49 13.04 -14.08
N LYS SA 75 -34.75 12.85 -13.66
CA LYS SA 75 -35.90 13.45 -14.32
C LYS SA 75 -35.90 14.95 -14.18
N ALA SA 76 -35.48 15.46 -13.03
CA ALA SA 76 -35.59 16.89 -12.78
C ALA SA 76 -34.49 17.71 -13.44
N VAL SA 77 -33.46 17.09 -14.00
CA VAL SA 77 -32.35 17.85 -14.60
C VAL SA 77 -32.74 18.53 -15.92
N PRO SA 78 -33.52 17.94 -16.84
CA PRO SA 78 -34.03 18.78 -17.94
C PRO SA 78 -35.02 19.84 -17.49
N LEU SA 79 -35.69 19.65 -16.35
CA LEU SA 79 -36.54 20.70 -15.84
C LEU SA 79 -35.73 21.82 -15.21
N LEU SA 80 -34.56 21.52 -14.66
CA LEU SA 80 -33.71 22.56 -14.10
C LEU SA 80 -32.90 23.27 -15.16
N TYR SA 81 -32.84 22.77 -16.39
CA TYR SA 81 -32.23 23.54 -17.45
C TYR SA 81 -33.22 24.42 -18.19
N ASN SA 82 -34.45 24.54 -17.71
CA ASN SA 82 -35.31 25.64 -18.14
C ASN SA 82 -35.52 26.69 -17.08
N ALA SA 83 -35.38 26.31 -15.81
CA ALA SA 83 -35.31 27.33 -14.78
C ALA SA 83 -34.02 28.12 -14.89
N LEU SA 84 -32.99 27.51 -15.46
CA LEU SA 84 -31.72 28.18 -15.67
C LEU SA 84 -31.75 29.10 -16.87
N SER SA 85 -32.02 28.55 -18.04
CA SER SA 85 -31.86 29.28 -19.28
C SER SA 85 -32.98 30.27 -19.54
N SER SA 86 -34.01 30.31 -18.71
CA SER SA 86 -35.04 31.32 -18.86
C SER SA 86 -35.18 32.19 -17.63
N GLY SA 87 -34.37 31.99 -16.61
CA GLY SA 87 -34.41 32.83 -15.45
C GLY SA 87 -35.64 32.67 -14.59
N GLU SA 88 -36.24 31.48 -14.60
CA GLU SA 88 -37.44 31.26 -13.82
C GLU SA 88 -37.08 31.13 -12.34
N LYS SA 89 -37.77 31.90 -11.52
CA LYS SA 89 -37.56 31.76 -10.09
C LYS SA 89 -38.21 30.48 -9.60
N LEU SA 90 -37.72 29.98 -8.49
CA LEU SA 90 -38.22 28.76 -7.89
C LEU SA 90 -38.84 29.15 -6.57
N LYS SA 91 -40.09 28.75 -6.34
CA LYS SA 91 -40.82 29.23 -5.16
C LYS SA 91 -40.22 28.72 -3.88
N THR SA 92 -39.71 27.50 -3.87
CA THR SA 92 -39.09 26.98 -2.66
C THR SA 92 -38.08 25.90 -2.99
N VAL SA 93 -37.10 25.75 -2.11
CA VAL SA 93 -36.11 24.69 -2.16
C VAL SA 93 -35.88 24.27 -0.72
N GLU SA 94 -36.27 23.07 -0.36
CA GLU SA 94 -36.19 22.68 1.04
C GLU SA 94 -35.16 21.57 1.17
N LEU SA 95 -33.91 21.98 1.37
CA LEU SA 95 -32.87 21.02 1.71
C LEU SA 95 -33.14 20.45 3.09
N LYS SA 96 -32.85 19.17 3.28
CA LYS SA 96 -33.07 18.52 4.56
C LYS SA 96 -31.86 17.66 4.89
N TRP SA 97 -31.10 18.06 5.90
CA TRP SA 97 -29.90 17.36 6.29
C TRP SA 97 -30.27 16.18 7.17
N TYR SA 98 -30.02 14.97 6.72
CA TYR SA 98 -30.31 13.83 7.57
C TYR SA 98 -29.10 13.45 8.39
N ARG SA 99 -29.35 12.71 9.46
CA ARG SA 99 -28.30 12.06 10.21
C ARG SA 99 -28.89 10.86 10.93
N THR SA 100 -28.02 9.96 11.35
CA THR SA 100 -28.45 8.75 12.02
C THR SA 100 -28.50 9.00 13.52
N SER SA 101 -29.68 8.86 14.11
CA SER SA 101 -29.87 9.20 15.50
C SER SA 101 -29.43 8.02 16.38
N ILE SA 102 -29.73 8.12 17.67
CA ILE SA 102 -29.28 7.11 18.61
C ILE SA 102 -30.13 5.86 18.50
N GLU SA 103 -31.45 6.03 18.35
CA GLU SA 103 -32.35 4.89 18.27
C GLU SA 103 -32.23 4.12 16.97
N GLY SA 104 -31.53 4.65 15.99
CA GLY SA 104 -31.29 3.94 14.75
C GLY SA 104 -32.12 4.39 13.59
N LYS SA 105 -32.65 5.60 13.62
CA LYS SA 105 -33.54 6.06 12.58
C LYS SA 105 -33.02 7.36 12.01
N GLN SA 106 -33.18 7.50 10.69
CA GLN SA 106 -32.83 8.75 10.02
C GLN SA 106 -33.75 9.87 10.49
N GLU SA 107 -33.20 11.06 10.60
CA GLU SA 107 -34.03 12.21 10.95
C GLU SA 107 -33.36 13.47 10.42
N ASN SA 108 -34.19 14.44 10.04
CA ASN SA 108 -33.62 15.73 9.64
C ASN SA 108 -33.33 16.54 10.88
N PHE SA 109 -32.06 16.83 11.09
CA PHE SA 109 -31.71 17.65 12.22
C PHE SA 109 -31.57 19.11 11.84
N PHE SA 110 -31.71 19.44 10.56
CA PHE SA 110 -31.33 20.76 10.07
C PHE SA 110 -31.95 20.91 8.69
N THR SA 111 -32.79 21.92 8.48
CA THR SA 111 -33.34 22.19 7.16
C THR SA 111 -33.05 23.62 6.78
N THR SA 112 -32.64 23.84 5.54
CA THR SA 112 -32.39 25.18 5.03
C THR SA 112 -33.38 25.44 3.93
N LYS SA 113 -34.54 26.00 4.27
CA LYS SA 113 -35.51 26.34 3.24
C LYS SA 113 -35.05 27.56 2.47
N LEU SA 114 -35.86 27.97 1.50
CA LEU SA 114 -35.39 28.95 0.55
C LEU SA 114 -36.60 29.54 -0.14
N GLU SA 115 -36.67 30.85 -0.27
CA GLU SA 115 -37.72 31.48 -1.04
C GLU SA 115 -37.21 31.67 -2.46
N ASN SA 116 -37.78 32.63 -3.21
CA ASN SA 116 -37.58 32.83 -4.64
C ASN SA 116 -36.12 32.79 -5.05
N ALA SA 117 -35.77 31.76 -5.82
CA ALA SA 117 -34.38 31.36 -5.97
C ALA SA 117 -34.13 30.95 -7.41
N SER SA 118 -33.56 31.85 -8.21
CA SER SA 118 -33.18 31.45 -9.55
C SER SA 118 -31.98 30.54 -9.51
N ILE SA 119 -31.66 29.95 -10.65
CA ILE SA 119 -30.49 29.10 -10.78
C ILE SA 119 -29.39 29.89 -11.47
N VAL SA 120 -28.22 29.97 -10.84
CA VAL SA 120 -27.12 30.70 -11.45
C VAL SA 120 -26.44 29.87 -12.51
N ASP SA 121 -25.92 28.71 -12.15
CA ASP SA 121 -25.33 27.84 -13.14
C ASP SA 121 -25.45 26.39 -12.73
N ILE SA 122 -25.31 25.52 -13.72
CA ILE SA 122 -25.41 24.08 -13.55
C ILE SA 122 -24.22 23.44 -14.24
N HIS SA 123 -23.42 22.69 -13.49
CA HIS SA 123 -22.15 22.16 -13.98
C HIS SA 123 -22.28 20.65 -14.14
N CYS SA 124 -22.76 20.22 -15.30
CA CYS SA 124 -22.91 18.80 -15.58
C CYS SA 124 -21.58 18.24 -16.06
N GLU SA 125 -21.08 17.21 -15.37
CA GLU SA 125 -19.85 16.57 -15.78
C GLU SA 125 -19.97 15.08 -15.56
N MET SA 126 -19.02 14.34 -16.14
CA MET SA 126 -18.92 12.91 -15.97
C MET SA 126 -17.44 12.61 -15.88
N PRO SA 127 -17.01 11.83 -14.88
CA PRO SA 127 -15.59 11.50 -14.77
C PRO SA 127 -15.15 10.57 -15.88
N HIS SA 128 -13.83 10.40 -15.96
CA HIS SA 128 -13.23 9.70 -17.10
C HIS SA 128 -13.50 8.20 -17.00
N CYS SA 129 -13.98 7.62 -18.09
CA CYS SA 129 -14.40 6.22 -18.04
C CYS SA 129 -13.23 5.25 -18.00
N GLN SA 130 -12.07 5.66 -18.53
CA GLN SA 130 -10.87 4.84 -18.44
C GLN SA 130 -10.32 4.76 -17.03
N ASP SA 131 -10.59 5.77 -16.21
CA ASP SA 131 -9.94 5.93 -14.92
C ASP SA 131 -10.60 5.02 -13.90
N PRO SA 132 -9.85 4.09 -13.27
CA PRO SA 132 -10.48 3.20 -12.29
C PRO SA 132 -10.66 3.81 -10.91
N ALA SA 133 -10.03 4.95 -10.63
CA ALA SA 133 -10.24 5.58 -9.33
C ALA SA 133 -11.60 6.23 -9.22
N LYS SA 134 -12.21 6.60 -10.33
CA LYS SA 134 -13.52 7.24 -10.36
C LYS SA 134 -14.53 6.34 -11.04
N SER SA 135 -14.52 5.05 -10.72
CA SER SA 135 -15.43 4.10 -11.34
C SER SA 135 -16.77 4.04 -10.63
N ASP SA 136 -16.80 4.35 -9.33
CA ASP SA 136 -18.05 4.28 -8.59
C ASP SA 136 -18.96 5.45 -8.87
N PHE SA 137 -18.43 6.56 -9.37
CA PHE SA 137 -19.24 7.73 -9.64
C PHE SA 137 -20.06 7.49 -10.89
N THR SA 138 -21.19 8.18 -11.00
CA THR SA 138 -22.00 8.07 -12.20
C THR SA 138 -22.00 9.36 -13.00
N GLN SA 139 -22.52 10.43 -12.43
CA GLN SA 139 -22.48 11.76 -13.03
C GLN SA 139 -22.43 12.76 -11.88
N ASN SA 140 -22.30 14.03 -12.24
CA ASN SA 140 -22.27 15.10 -11.25
C ASN SA 140 -22.94 16.31 -11.88
N VAL SA 141 -24.13 16.65 -11.38
CA VAL SA 141 -24.86 17.80 -11.86
C VAL SA 141 -24.97 18.76 -10.68
N THR SA 142 -24.09 19.76 -10.65
CA THR SA 142 -24.00 20.67 -9.51
C THR SA 142 -24.83 21.90 -9.82
N VAL SA 143 -26.02 21.97 -9.26
CA VAL SA 143 -26.96 23.05 -9.54
C VAL SA 143 -26.76 24.15 -8.52
N SER SA 144 -26.54 25.36 -8.98
CA SER SA 144 -26.39 26.48 -8.06
C SER SA 144 -27.71 27.21 -7.88
N LEU SA 145 -27.79 27.99 -6.81
CA LEU SA 145 -29.01 28.74 -6.54
C LEU SA 145 -28.63 30.04 -5.88
N SER SA 146 -28.78 31.14 -6.58
CA SER SA 146 -28.94 32.40 -5.86
C SER SA 146 -30.38 32.47 -5.41
N TYR SA 147 -30.66 33.37 -4.46
CA TYR SA 147 -31.90 33.26 -3.72
C TYR SA 147 -32.23 34.56 -3.03
N ARG SA 148 -33.52 34.85 -2.91
CA ARG SA 148 -33.93 36.03 -2.17
C ARG SA 148 -33.84 35.79 -0.67
N LYS SA 149 -34.64 34.86 -0.17
CA LYS SA 149 -34.80 34.64 1.25
C LYS SA 149 -34.43 33.21 1.60
N ILE SA 150 -33.56 33.06 2.59
CA ILE SA 150 -33.12 31.76 3.08
C ILE SA 150 -33.43 31.67 4.55
N THR SA 151 -33.88 30.51 5.00
CA THR SA 151 -34.19 30.29 6.42
C THR SA 151 -33.55 28.99 6.87
N TRP SA 152 -32.45 29.09 7.59
CA TRP SA 152 -31.90 27.95 8.29
C TRP SA 152 -32.83 27.56 9.42
N ASP SA 153 -32.84 26.27 9.76
CA ASP SA 153 -33.76 25.80 10.79
C ASP SA 153 -33.19 24.50 11.35
N HIS SA 154 -32.70 24.55 12.58
CA HIS SA 154 -32.30 23.33 13.25
C HIS SA 154 -33.53 22.75 13.94
N VAL SA 155 -33.85 21.50 13.64
CA VAL SA 155 -35.11 20.93 14.08
C VAL SA 155 -35.01 20.37 15.50
N ASN SA 156 -33.96 19.61 15.80
CA ASN SA 156 -33.85 18.95 17.10
C ASN SA 156 -33.53 19.90 18.24
N ALA SA 157 -33.17 21.14 17.96
CA ALA SA 157 -32.96 22.12 19.01
C ALA SA 157 -33.78 23.38 18.79
N GLY SA 158 -34.60 23.42 17.74
CA GLY SA 158 -35.57 24.48 17.59
C GLY SA 158 -35.05 25.83 17.14
N THR SA 159 -33.74 26.02 17.02
CA THR SA 159 -33.27 27.33 16.59
C THR SA 159 -33.56 27.56 15.12
N SER SA 160 -33.62 28.82 14.74
CA SER SA 160 -33.96 29.16 13.36
C SER SA 160 -33.35 30.50 13.01
N GLY SA 161 -32.53 30.51 11.98
CA GLY SA 161 -32.02 31.75 11.46
C GLY SA 161 -32.80 32.13 10.24
N SER SA 162 -32.63 33.36 9.75
CA SER SA 162 -33.35 33.81 8.57
C SER SA 162 -32.62 34.99 7.97
N ASP SA 163 -32.59 35.05 6.66
CA ASP SA 163 -32.15 36.23 5.96
C ASP SA 163 -33.15 36.53 4.86
N ASP SA 164 -33.36 37.80 4.59
CA ASP SA 164 -34.29 38.17 3.53
C ASP SA 164 -33.89 39.52 2.96
N TRP SA 165 -33.88 39.61 1.64
CA TRP SA 165 -33.76 40.91 1.03
C TRP SA 165 -35.05 41.69 1.10
N ARG SA 166 -36.19 40.99 1.13
CA ARG SA 166 -37.48 41.65 1.15
C ARG SA 166 -37.71 42.40 2.45
N LYS SA 167 -37.35 41.80 3.57
CA LYS SA 167 -37.56 42.38 4.88
C LYS SA 167 -36.28 42.35 5.68
N PRO SA 168 -35.37 43.29 5.44
CA PRO SA 168 -34.19 43.40 6.30
C PRO SA 168 -34.62 43.95 7.65
N ILE SA 169 -33.75 43.78 8.64
CA ILE SA 169 -34.17 43.93 10.02
C ILE SA 169 -34.30 45.41 10.33
N GLU SA 170 -35.52 45.91 10.20
CA GLU SA 170 -35.98 47.30 10.26
C GLU SA 170 -35.10 48.38 9.62
N GLY TA 1 -120.25 63.92 0.78
CA GLY TA 1 -119.11 63.37 0.04
C GLY TA 1 -118.10 64.43 -0.37
N SER TA 2 -117.92 65.43 0.51
CA SER TA 2 -116.96 66.48 0.22
C SER TA 2 -115.52 66.02 0.38
N LEU TA 3 -115.28 64.97 1.15
CA LEU TA 3 -113.92 64.42 1.26
C LEU TA 3 -113.51 63.72 -0.02
N LEU TA 4 -114.46 63.15 -0.76
CA LEU TA 4 -114.17 62.61 -2.08
C LEU TA 4 -113.90 63.72 -3.09
N ASP TA 5 -114.49 64.89 -2.87
CA ASP TA 5 -114.25 66.04 -3.75
C ASP TA 5 -112.84 66.59 -3.57
N GLU TA 6 -112.27 66.48 -2.36
CA GLU TA 6 -110.91 66.94 -2.14
C GLU TA 6 -109.89 65.98 -2.74
N ILE TA 7 -110.23 64.69 -2.85
CA ILE TA 7 -109.34 63.74 -3.50
C ILE TA 7 -109.38 63.91 -5.01
N MET TA 8 -110.58 64.12 -5.56
CA MET TA 8 -110.71 64.31 -7.00
C MET TA 8 -110.16 65.66 -7.47
N ALA TA 9 -110.20 66.68 -6.61
CA ALA TA 9 -109.53 67.93 -6.94
C ALA TA 9 -108.02 67.81 -6.80
N GLN TA 10 -107.54 66.86 -6.01
CA GLN TA 10 -106.12 66.57 -5.88
C GLN TA 10 -105.71 65.72 -7.07
N THR TA 11 -105.12 66.36 -8.09
CA THR TA 11 -104.88 65.71 -9.38
C THR TA 11 -103.75 64.70 -9.36
N ARG TA 12 -103.00 64.59 -8.26
CA ARG TA 12 -101.93 63.61 -8.19
C ARG TA 12 -102.45 62.19 -8.00
N CYS TA 13 -103.54 62.02 -7.25
CA CYS TA 13 -104.13 60.71 -6.99
C CYS TA 13 -105.65 60.79 -7.07
N ALA TA 14 -106.16 61.45 -8.13
CA ALA TA 14 -107.60 61.70 -8.22
C ALA TA 14 -108.42 60.45 -8.58
N PRO TA 15 -108.21 59.75 -9.75
CA PRO TA 15 -109.26 58.81 -10.17
C PRO TA 15 -109.17 57.42 -9.54
N SER TA 16 -108.90 57.36 -8.23
CA SER TA 16 -108.94 56.14 -7.41
C SER TA 16 -108.05 55.03 -7.98
N GLU TA 17 -106.75 55.31 -8.05
CA GLU TA 17 -105.81 54.38 -8.65
C GLU TA 17 -104.86 53.75 -7.63
N GLU TA 18 -104.12 54.57 -6.87
CA GLU TA 18 -103.17 54.05 -5.90
C GLU TA 18 -102.91 55.11 -4.85
N GLY TA 19 -102.96 54.71 -3.58
CA GLY TA 19 -102.70 55.63 -2.49
C GLY TA 19 -103.85 56.54 -2.13
N TYR TA 20 -105.07 56.23 -2.57
CA TYR TA 20 -106.22 57.07 -2.27
C TYR TA 20 -106.85 56.74 -0.92
N ASP TA 21 -106.57 55.57 -0.37
CA ASP TA 21 -107.07 55.23 0.97
C ASP TA 21 -106.12 55.71 2.06
N ILE TA 22 -104.83 55.85 1.76
CA ILE TA 22 -103.88 56.36 2.74
C ILE TA 22 -104.01 57.87 2.88
N ALA TA 23 -104.11 58.59 1.76
CA ALA TA 23 -104.25 60.03 1.81
C ALA TA 23 -105.61 60.47 2.33
N LYS TA 24 -106.64 59.63 2.21
CA LYS TA 24 -107.92 59.91 2.85
C LYS TA 24 -107.80 59.84 4.36
N LYS TA 25 -106.97 58.93 4.87
CA LYS TA 25 -106.68 58.88 6.29
C LYS TA 25 -105.81 60.04 6.75
N GLY TA 26 -105.08 60.68 5.82
CA GLY TA 26 -104.24 61.80 6.16
C GLY TA 26 -105.01 63.09 6.36
N VAL TA 27 -106.05 63.30 5.54
CA VAL TA 27 -106.86 64.50 5.66
C VAL TA 27 -107.71 64.44 6.92
N ALA TA 28 -108.33 63.28 7.19
CA ALA TA 28 -109.26 63.16 8.30
C ALA TA 28 -108.55 63.17 9.66
N ALA TA 29 -107.28 62.77 9.69
CA ALA TA 29 -106.54 62.79 10.95
C ALA TA 29 -106.11 64.21 11.33
N PHE TA 30 -105.82 65.05 10.35
CA PHE TA 30 -105.34 66.40 10.64
C PHE TA 30 -106.47 67.32 11.09
N ILE TA 31 -107.70 67.06 10.64
CA ILE TA 31 -108.83 67.89 11.03
C ILE TA 31 -109.22 67.63 12.48
N GLU TA 32 -109.01 66.39 12.97
CA GLU TA 32 -109.38 66.04 14.33
C GLU TA 32 -108.49 66.74 15.37
N ASN TA 33 -107.26 67.07 15.00
CA ASN TA 33 -106.36 67.81 15.88
C ASN TA 33 -106.28 69.28 15.53
N LEU TA 34 -106.98 69.73 14.49
CA LEU TA 34 -106.91 71.12 14.05
C LEU TA 34 -107.68 72.05 14.99
N MET TA 35 -108.63 71.53 15.77
CA MET TA 35 -109.49 72.37 16.60
C MET TA 35 -108.79 72.93 17.83
N GLY TA 36 -107.57 72.50 18.12
CA GLY TA 36 -106.81 73.12 19.20
C GLY TA 36 -106.33 74.52 18.86
N SER TA 37 -106.10 74.79 17.58
CA SER TA 37 -105.69 76.11 17.13
C SER TA 37 -106.14 76.27 15.69
N GLN TA 38 -107.19 77.08 15.48
CA GLN TA 38 -107.75 77.27 14.16
C GLN TA 38 -106.88 78.22 13.35
N HIS TA 39 -106.45 77.76 12.17
CA HIS TA 39 -105.65 78.57 11.27
C HIS TA 39 -105.84 78.05 9.85
N SER TA 40 -105.80 78.97 8.88
CA SER TA 40 -106.06 78.64 7.48
C SER TA 40 -104.94 79.19 6.60
N ALA TA 41 -103.85 78.43 6.48
CA ALA TA 41 -102.73 78.73 5.59
C ALA TA 41 -101.90 77.48 5.44
N GLU TA 42 -101.66 77.05 4.20
CA GLU TA 42 -100.87 75.85 3.94
C GLU TA 42 -99.43 75.88 4.44
N PRO TA 43 -98.63 76.96 4.23
CA PRO TA 43 -97.24 76.89 4.75
C PRO TA 43 -97.14 76.95 6.25
N VAL TA 44 -98.10 77.58 6.93
CA VAL TA 44 -98.16 77.44 8.39
C VAL TA 44 -98.63 76.04 8.75
N ASN TA 45 -99.53 75.47 7.95
CA ASN TA 45 -99.94 74.08 8.14
C ASN TA 45 -98.81 73.11 7.86
N LYS TA 46 -97.89 73.46 6.94
CA LYS TA 46 -96.68 72.66 6.79
C LYS TA 46 -95.80 72.73 8.03
N SER TA 47 -95.90 73.82 8.80
CA SER TA 47 -95.30 73.84 10.13
C SER TA 47 -96.24 73.24 11.17
N LEU TA 48 -97.56 73.40 10.99
CA LEU TA 48 -98.50 72.82 11.95
C LEU TA 48 -98.57 71.30 11.83
N VAL TA 49 -98.30 70.74 10.65
CA VAL TA 49 -98.08 69.29 10.56
C VAL TA 49 -96.83 68.90 11.33
N ASP TA 50 -95.76 69.68 11.17
CA ASP TA 50 -94.53 69.43 11.91
C ASP TA 50 -94.68 69.70 13.39
N GLN TA 51 -95.54 70.66 13.77
CA GLN TA 51 -95.83 70.85 15.19
C GLN TA 51 -96.75 69.77 15.75
N MET TA 52 -97.41 69.00 14.89
CA MET TA 52 -98.10 67.79 15.30
C MET TA 52 -97.24 66.54 15.16
N LEU TA 53 -96.00 66.68 14.68
CA LEU TA 53 -95.05 65.58 14.67
C LEU TA 53 -94.06 65.66 15.82
N VAL TA 54 -93.69 66.87 16.25
CA VAL TA 54 -92.82 67.02 17.40
C VAL TA 54 -93.56 66.63 18.68
N GLU TA 55 -94.83 67.03 18.80
CA GLU TA 55 -95.64 66.61 19.94
C GLU TA 55 -96.00 65.14 19.86
N LEU TA 56 -96.03 64.58 18.65
CA LEU TA 56 -96.25 63.14 18.50
C LEU TA 56 -95.02 62.34 18.93
N ASP TA 57 -93.83 62.83 18.58
CA ASP TA 57 -92.60 62.15 18.97
C ASP TA 57 -92.34 62.25 20.47
N LYS TA 58 -92.90 63.27 21.14
CA LYS TA 58 -92.86 63.29 22.60
C LYS TA 58 -93.77 62.22 23.19
N LYS TA 59 -94.81 61.82 22.46
CA LYS TA 59 -95.67 60.74 22.91
C LYS TA 59 -95.08 59.36 22.60
N ILE TA 60 -94.36 59.23 21.49
CA ILE TA 60 -93.88 57.91 21.10
C ILE TA 60 -92.55 57.59 21.75
N SER TA 61 -91.60 58.52 21.71
CA SER TA 61 -90.27 58.23 22.24
C SER TA 61 -90.26 58.14 23.76
N ALA TA 62 -91.23 58.77 24.43
CA ALA TA 62 -91.37 58.55 25.85
C ALA TA 62 -91.92 57.17 26.15
N GLN TA 63 -92.64 56.57 25.20
CA GLN TA 63 -93.08 55.19 25.36
C GLN TA 63 -91.98 54.21 24.96
N MET TA 64 -91.21 54.54 23.93
CA MET TA 64 -90.10 53.71 23.51
C MET TA 64 -88.84 53.90 24.34
N ASP TA 65 -88.85 54.80 25.31
CA ASP TA 65 -87.89 54.75 26.39
C ASP TA 65 -88.41 54.00 27.59
N GLU TA 66 -89.57 53.37 27.46
CA GLU TA 66 -90.13 52.54 28.51
C GLU TA 66 -90.42 51.12 28.08
N ILE TA 67 -90.69 50.89 26.80
CA ILE TA 67 -90.70 49.52 26.29
C ILE TA 67 -89.28 48.99 26.21
N LEU TA 68 -88.33 49.85 25.85
CA LEU TA 68 -86.92 49.57 26.07
C LEU TA 68 -86.59 49.88 27.53
N HIS TA 69 -85.32 49.72 27.88
CA HIS TA 69 -84.74 50.11 29.18
C HIS TA 69 -85.41 49.40 30.36
N ASN TA 70 -85.95 48.21 30.12
CA ASN TA 70 -86.61 47.41 31.13
C ASN TA 70 -85.66 46.32 31.62
N SER TA 71 -85.82 45.92 32.88
CA SER TA 71 -84.90 44.97 33.49
C SER TA 71 -85.02 43.58 32.87
N GLN TA 72 -86.16 43.24 32.30
CA GLN TA 72 -86.28 42.01 31.55
C GLN TA 72 -85.76 42.16 30.13
N PHE TA 73 -85.94 43.35 29.53
CA PHE TA 73 -85.50 43.55 28.16
C PHE TA 73 -84.00 43.80 28.07
N GLN TA 74 -83.50 44.76 28.85
CA GLN TA 74 -82.12 45.21 28.73
C GLN TA 74 -81.12 44.13 29.19
N ALA TA 75 -81.47 43.37 30.23
CA ALA TA 75 -80.61 42.27 30.65
C ALA TA 75 -80.61 41.13 29.64
N MET TA 76 -81.68 41.00 28.87
CA MET TA 76 -81.75 40.05 27.78
C MET TA 76 -81.40 40.66 26.43
N GLU TA 77 -81.06 41.95 26.41
CA GLU TA 77 -80.48 42.54 25.21
C GLU TA 77 -78.96 42.60 25.29
N SER TA 78 -78.42 42.95 26.47
CA SER TA 78 -76.98 42.97 26.64
C SER TA 78 -76.38 41.57 26.61
N ALA TA 79 -77.12 40.57 27.08
CA ALA TA 79 -76.66 39.19 27.03
C ALA TA 79 -76.75 38.59 25.63
N TRP TA 80 -77.38 39.28 24.69
CA TRP TA 80 -77.54 38.75 23.34
C TRP TA 80 -76.91 39.62 22.28
N ARG TA 81 -76.98 40.95 22.40
CA ARG TA 81 -76.24 41.80 21.48
C ARG TA 81 -74.74 41.77 21.79
N GLY TA 82 -74.38 41.55 23.06
CA GLY TA 82 -73.00 41.32 23.42
C GLY TA 82 -72.43 40.05 22.84
N LEU TA 83 -73.28 39.06 22.55
CA LEU TA 83 -72.83 37.90 21.80
C LEU TA 83 -72.49 38.29 20.36
N LYS TA 84 -73.26 39.20 19.77
CA LYS TA 84 -72.98 39.64 18.40
C LYS TA 84 -71.65 40.40 18.32
N LEU TA 85 -71.28 41.09 19.39
CA LEU TA 85 -69.94 41.66 19.47
C LEU TA 85 -68.87 40.59 19.59
N PHE TA 86 -69.22 39.40 20.08
CA PHE TA 86 -68.26 38.31 20.08
C PHE TA 86 -68.28 37.53 18.78
N VAL TA 87 -69.36 37.61 18.02
CA VAL TA 87 -69.40 36.91 16.73
C VAL TA 87 -68.80 37.76 15.62
N ASP TA 88 -69.01 39.07 15.65
CA ASP TA 88 -68.56 39.93 14.56
C ASP TA 88 -67.05 40.14 14.57
N ARG TA 89 -66.41 40.11 15.75
CA ARG TA 89 -64.98 40.39 15.80
C ARG TA 89 -64.15 39.16 15.48
N THR TA 90 -64.56 37.99 15.96
CA THR TA 90 -63.76 36.78 15.82
C THR TA 90 -63.88 36.23 14.41
N ASP TA 91 -62.74 35.97 13.78
CA ASP TA 91 -62.72 35.53 12.40
C ASP TA 91 -62.96 34.02 12.38
N PHE TA 92 -64.17 33.61 11.99
CA PHE TA 92 -64.52 32.21 11.94
C PHE TA 92 -63.87 31.47 10.78
N ARG TA 93 -63.31 32.19 9.81
CA ARG TA 93 -62.54 31.53 8.77
C ARG TA 93 -61.19 31.04 9.28
N GLU TA 94 -60.66 31.66 10.33
CA GLU TA 94 -59.36 31.29 10.88
C GLU TA 94 -59.48 30.28 12.02
N ASN TA 95 -60.24 29.20 11.77
CA ASN TA 95 -60.36 28.05 12.66
C ASN TA 95 -60.86 28.44 14.06
N ASN TA 96 -62.08 28.93 14.12
CA ASN TA 96 -62.72 29.30 15.37
C ASN TA 96 -64.16 28.85 15.35
N LYS TA 97 -64.62 28.28 16.45
CA LYS TA 97 -66.03 27.97 16.64
C LYS TA 97 -66.41 28.37 18.05
N VAL TA 98 -67.70 28.62 18.25
CA VAL TA 98 -68.19 29.01 19.57
C VAL TA 98 -69.53 28.34 19.83
N GLU TA 99 -69.63 27.65 20.96
CA GLU TA 99 -70.86 27.01 21.37
C GLU TA 99 -71.65 27.92 22.29
N ILE TA 100 -72.97 27.80 22.21
CA ILE TA 100 -73.90 28.66 22.93
C ILE TA 100 -74.77 27.78 23.81
N LEU TA 101 -74.68 27.96 25.12
CA LEU TA 101 -75.42 27.15 26.07
C LEU TA 101 -76.38 28.04 26.86
N HIS TA 102 -77.67 27.67 26.84
CA HIS TA 102 -78.69 28.35 27.64
C HIS TA 102 -78.74 27.70 29.00
N VAL TA 103 -78.16 28.36 30.00
CA VAL TA 103 -78.45 28.06 31.39
C VAL TA 103 -78.97 29.34 32.01
N THR TA 104 -79.41 29.25 33.25
CA THR TA 104 -79.48 30.43 34.09
C THR TA 104 -78.54 30.23 35.26
N LYS TA 105 -78.13 31.36 35.86
CA LYS TA 105 -77.10 31.34 36.89
C LYS TA 105 -77.58 30.65 38.16
N ASP TA 106 -78.88 30.71 38.45
CA ASP TA 106 -79.40 29.97 39.58
C ASP TA 106 -79.59 28.49 39.28
N GLU TA 107 -79.77 28.15 38.00
CA GLU TA 107 -79.89 26.75 37.63
C GLU TA 107 -78.56 26.03 37.71
N LEU TA 108 -77.46 26.76 37.50
CA LEU TA 108 -76.17 26.11 37.31
C LEU TA 108 -75.62 25.61 38.64
N LEU TA 109 -75.80 26.35 39.73
CA LEU TA 109 -75.38 25.88 41.03
C LEU TA 109 -76.23 24.70 41.50
N GLU TA 110 -77.51 24.71 41.15
CA GLU TA 110 -78.39 23.57 41.42
C GLU TA 110 -77.93 22.34 40.64
N ASP TA 111 -77.41 22.54 39.44
CA ASP TA 111 -76.90 21.43 38.64
C ASP TA 111 -75.59 20.88 39.19
N PHE TA 112 -74.82 21.69 39.90
CA PHE TA 112 -73.69 21.15 40.64
C PHE TA 112 -74.11 20.56 41.97
N GLU TA 113 -75.23 21.01 42.52
CA GLU TA 113 -75.86 20.34 43.65
C GLU TA 113 -76.56 19.05 43.21
N PHE TA 114 -76.87 18.94 41.92
CA PHE TA 114 -77.54 17.79 41.35
C PHE TA 114 -76.68 16.53 41.45
N ALA TA 115 -75.44 16.61 40.96
CA ALA TA 115 -74.57 15.45 40.98
C ALA TA 115 -73.77 15.39 42.27
N PRO TA 116 -73.46 14.19 42.76
CA PRO TA 116 -72.62 14.08 43.96
C PRO TA 116 -71.17 14.46 43.72
N GLU TA 117 -70.71 14.40 42.48
CA GLU TA 117 -69.35 14.74 42.12
C GLU TA 117 -69.38 15.62 40.87
N THR TA 118 -68.41 16.54 40.78
CA THR TA 118 -68.29 17.43 39.63
C THR TA 118 -68.03 16.67 38.34
N ALA TA 119 -67.48 15.47 38.43
CA ALA TA 119 -67.23 14.61 37.28
C ALA TA 119 -68.47 13.86 36.82
N GLN TA 120 -69.64 14.16 37.38
CA GLN TA 120 -70.89 13.61 36.88
C GLN TA 120 -71.95 14.69 36.68
N SER TA 121 -71.55 15.96 36.65
CA SER TA 121 -72.50 17.05 36.55
C SER TA 121 -73.07 17.17 35.15
N GLY TA 122 -74.01 18.10 34.98
CA GLY TA 122 -74.56 18.35 33.67
C GLY TA 122 -73.75 19.35 32.87
N LEU TA 123 -73.05 20.26 33.56
CA LEU TA 123 -72.14 21.15 32.85
C LEU TA 123 -70.86 20.44 32.47
N TYR TA 124 -70.46 19.43 33.26
CA TYR TA 124 -69.32 18.59 32.90
C TYR TA 124 -69.57 17.80 31.63
N LYS TA 125 -70.84 17.54 31.30
CA LYS TA 125 -71.14 16.85 30.06
C LYS TA 125 -70.88 17.75 28.85
N HIS TA 126 -71.16 19.04 28.98
CA HIS TA 126 -71.02 19.94 27.83
C HIS TA 126 -69.64 20.55 27.72
N VAL TA 127 -68.90 20.65 28.82
CA VAL TA 127 -67.56 21.22 28.76
C VAL TA 127 -66.54 20.14 28.43
N TYR TA 128 -66.60 19.01 29.14
CA TYR TA 128 -65.60 17.96 29.00
C TYR TA 128 -66.01 16.93 27.96
N SER TA 129 -67.12 16.24 28.18
CA SER TA 129 -67.37 15.00 27.46
C SER TA 129 -67.91 15.21 26.06
N ALA TA 130 -68.75 16.23 25.85
CA ALA TA 130 -69.23 16.48 24.50
C ALA TA 130 -68.18 17.16 23.63
N GLY TA 131 -67.16 17.73 24.25
CA GLY TA 131 -66.09 18.41 23.55
C GLY TA 131 -64.80 17.65 23.66
N TYR TA 132 -64.03 18.03 24.67
CA TYR TA 132 -62.68 17.52 24.89
C TYR TA 132 -62.63 16.02 25.10
N GLY TA 133 -63.48 15.49 25.97
CA GLY TA 133 -63.49 14.06 26.20
C GLY TA 133 -64.31 13.30 25.18
N GLN TA 134 -63.89 13.36 23.93
CA GLN TA 134 -64.64 12.80 22.82
C GLN TA 134 -63.68 12.50 21.70
N PHE TA 135 -63.83 11.32 21.09
CA PHE TA 135 -62.98 10.95 19.98
C PHE TA 135 -63.32 11.79 18.76
N GLY TA 136 -62.38 12.64 18.33
CA GLY TA 136 -62.57 13.49 17.19
C GLY TA 136 -63.27 14.80 17.47
N GLY TA 137 -63.90 14.95 18.61
CA GLY TA 137 -64.60 16.18 18.92
C GLY TA 137 -63.64 17.31 19.23
N GLU TA 138 -64.05 18.51 18.84
CA GLU TA 138 -63.22 19.68 19.08
C GLU TA 138 -63.24 20.05 20.56
N PRO TA 139 -62.10 20.33 21.17
CA PRO TA 139 -62.05 20.55 22.60
C PRO TA 139 -62.30 22.02 22.94
N VAL TA 140 -62.57 22.26 24.21
CA VAL TA 140 -63.05 23.55 24.69
C VAL TA 140 -61.88 24.39 25.15
N GLY TA 141 -61.75 25.59 24.58
CA GLY TA 141 -60.68 26.49 24.96
C GLY TA 141 -60.96 27.26 26.23
N ALA TA 142 -62.13 27.90 26.32
CA ALA TA 142 -62.46 28.69 27.49
C ALA TA 142 -63.98 28.75 27.65
N ILE TA 143 -64.42 29.06 28.86
CA ILE TA 143 -65.84 29.18 29.17
C ILE TA 143 -66.13 30.63 29.49
N ILE TA 144 -66.92 31.27 28.65
CA ILE TA 144 -67.37 32.64 28.90
C ILE TA 144 -68.53 32.58 29.89
N GLY TA 145 -68.34 33.19 31.06
CA GLY TA 145 -69.41 33.30 32.02
C GLY TA 145 -70.12 34.63 31.90
N ASN TA 146 -71.38 34.60 31.47
CA ASN TA 146 -72.16 35.82 31.27
C ASN TA 146 -72.90 36.18 32.55
N TYR TA 147 -72.14 36.28 33.63
CA TYR TA 147 -72.68 36.31 34.98
C TYR TA 147 -72.28 37.60 35.67
N ALA TA 148 -72.86 37.81 36.85
CA ALA TA 148 -72.52 38.94 37.71
C ALA TA 148 -72.30 38.37 39.11
N PHE TA 149 -71.04 38.16 39.47
CA PHE TA 149 -70.72 37.42 40.68
C PHE TA 149 -70.75 38.31 41.92
N THR TA 150 -71.37 37.81 42.95
CA THR TA 150 -71.36 38.32 44.31
C THR TA 150 -70.31 37.59 45.10
N PRO TA 151 -69.90 38.08 46.27
CA PRO TA 151 -69.01 37.29 47.13
C PRO TA 151 -69.73 36.37 48.09
N SER TA 152 -71.02 36.13 47.86
CA SER TA 152 -71.81 35.33 48.77
C SER TA 152 -71.53 33.84 48.57
N THR TA 153 -72.08 33.03 49.46
CA THR TA 153 -71.95 31.57 49.44
C THR TA 153 -72.55 30.91 48.19
N PRO TA 154 -73.70 31.31 47.63
CA PRO TA 154 -74.11 30.71 46.35
C PRO TA 154 -73.30 31.15 45.13
N ASP TA 155 -72.29 32.00 45.29
CA ASP TA 155 -71.39 32.33 44.19
C ASP TA 155 -69.93 32.00 44.47
N MET TA 156 -69.58 31.65 45.70
CA MET TA 156 -68.30 31.03 45.95
C MET TA 156 -68.38 29.51 45.95
N LYS TA 157 -69.58 28.96 46.05
CA LYS TA 157 -69.77 27.53 45.85
C LYS TA 157 -69.77 27.20 44.36
N LEU TA 158 -70.24 28.13 43.53
CA LEU TA 158 -70.21 27.91 42.09
C LEU TA 158 -68.79 27.93 41.57
N LEU TA 159 -67.99 28.92 41.99
CA LEU TA 159 -66.63 29.03 41.48
C LEU TA 159 -65.72 27.94 42.03
N GLN TA 160 -66.04 27.39 43.20
CA GLN TA 160 -65.31 26.22 43.65
C GLN TA 160 -65.61 25.02 42.77
N TYR TA 161 -66.83 24.95 42.24
CA TYR TA 161 -67.24 23.91 41.31
C TYR TA 161 -66.99 24.29 39.86
N MET TA 162 -66.45 25.48 39.60
CA MET TA 162 -65.97 25.81 38.26
C MET TA 162 -64.46 25.77 38.15
N GLY TA 163 -63.75 25.97 39.27
CA GLY TA 163 -62.32 25.73 39.26
C GLY TA 163 -61.99 24.26 39.16
N ALA TA 164 -62.81 23.41 39.76
CA ALA TA 164 -62.61 21.97 39.62
C ALA TA 164 -63.03 21.49 38.25
N LEU TA 165 -64.02 22.13 37.63
CA LEU TA 165 -64.37 21.80 36.25
C LEU TA 165 -63.31 22.30 35.29
N GLY TA 166 -62.75 23.48 35.55
CA GLY TA 166 -61.70 24.02 34.71
C GLY TA 166 -60.38 23.27 34.82
N ALA TA 167 -60.16 22.55 35.89
CA ALA TA 167 -58.97 21.76 36.03
C ALA TA 167 -59.11 20.37 35.44
N MET TA 168 -60.31 19.99 35.03
CA MET TA 168 -60.49 18.70 34.39
C MET TA 168 -60.47 18.81 32.87
N ALA TA 169 -61.11 19.83 32.31
CA ALA TA 169 -61.16 20.00 30.87
C ALA TA 169 -60.10 20.95 30.35
N HIS TA 170 -59.23 21.47 31.24
CA HIS TA 170 -58.13 22.38 30.90
C HIS TA 170 -58.63 23.64 30.21
N ALA TA 171 -59.66 24.24 30.75
CA ALA TA 171 -60.22 25.43 30.15
C ALA TA 171 -60.59 26.41 31.25
N PRO TA 172 -60.00 27.60 31.27
CA PRO TA 172 -60.34 28.56 32.33
C PRO TA 172 -61.71 29.16 32.13
N PHE TA 173 -62.40 29.37 33.24
CA PHE TA 173 -63.74 29.95 33.25
C PHE TA 173 -63.61 31.45 33.45
N ILE TA 174 -63.92 32.22 32.42
CA ILE TA 174 -63.85 33.68 32.49
C ILE TA 174 -65.25 34.25 32.63
N SER TA 175 -65.42 35.10 33.64
CA SER TA 175 -66.67 35.75 33.95
C SER TA 175 -66.34 37.11 34.56
N SER TA 176 -67.30 37.74 35.22
CA SER TA 176 -67.04 39.05 35.79
C SER TA 176 -67.66 39.16 37.18
N VAL TA 177 -67.06 40.03 37.98
CA VAL TA 177 -67.61 40.40 39.27
C VAL TA 177 -68.52 41.61 39.06
N GLY TA 178 -69.43 41.81 40.01
CA GLY TA 178 -70.37 42.89 39.92
C GLY TA 178 -69.96 44.10 40.71
N PRO TA 179 -70.78 45.15 40.67
CA PRO TA 179 -70.54 46.29 41.58
C PRO TA 179 -70.60 45.89 43.03
N GLU TA 180 -71.59 45.07 43.40
CA GLU TA 180 -71.77 44.63 44.77
C GLU TA 180 -70.67 43.70 45.25
N PHE TA 181 -69.81 43.22 44.35
CA PHE TA 181 -68.65 42.44 44.76
C PHE TA 181 -67.68 43.32 45.55
N PHE TA 182 -67.47 44.54 45.08
CA PHE TA 182 -66.59 45.46 45.79
C PHE TA 182 -67.29 46.16 46.95
N GLY TA 183 -68.61 46.04 47.06
CA GLY TA 183 -69.35 46.66 48.13
C GLY TA 183 -69.60 48.14 47.91
N ILE TA 184 -70.05 48.50 46.72
CA ILE TA 184 -70.31 49.89 46.39
C ILE TA 184 -71.74 50.13 45.91
N ASP TA 185 -72.45 49.10 45.42
CA ASP TA 185 -73.88 49.11 45.06
C ASP TA 185 -74.26 50.06 43.93
N SER TA 186 -73.27 50.75 43.35
CA SER TA 186 -73.42 51.68 42.24
C SER TA 186 -72.01 51.87 41.72
N PHE TA 187 -71.78 51.68 40.42
CA PHE TA 187 -70.44 51.31 40.02
C PHE TA 187 -69.50 52.48 39.83
N GLU TA 188 -69.99 53.67 39.48
CA GLU TA 188 -69.10 54.77 39.11
C GLU TA 188 -68.35 55.39 40.27
N GLU TA 189 -68.47 54.85 41.49
CA GLU TA 189 -67.67 55.29 42.62
C GLU TA 189 -66.53 54.33 42.91
N LEU TA 190 -65.98 53.69 41.88
CA LEU TA 190 -64.84 52.81 42.09
C LEU TA 190 -63.49 53.52 42.27
N PRO TA 191 -63.13 54.58 41.50
CA PRO TA 191 -61.88 55.28 41.82
C PRO TA 191 -61.89 56.03 43.15
N ASN TA 192 -63.05 56.22 43.76
CA ASN TA 192 -63.11 56.83 45.07
C ASN TA 192 -62.56 55.92 46.16
N ILE TA 193 -62.43 54.62 45.87
CA ILE TA 193 -61.85 53.67 46.81
C ILE TA 193 -60.38 54.00 47.00
N LYS TA 194 -59.99 54.36 48.22
CA LYS TA 194 -58.63 54.79 48.49
C LYS TA 194 -57.74 53.68 49.01
N ASP TA 195 -58.30 52.53 49.38
CA ASP TA 195 -57.50 51.39 49.80
C ASP TA 195 -58.31 50.14 49.49
N LEU TA 196 -57.97 49.48 48.38
CA LEU TA 196 -58.68 48.28 47.96
C LEU TA 196 -58.04 47.01 48.48
N LYS TA 197 -56.81 47.10 48.99
CA LYS TA 197 -56.16 45.94 49.60
C LYS TA 197 -56.83 45.59 50.92
N SER TA 198 -57.21 46.58 51.71
CA SER TA 198 -57.86 46.30 52.98
C SER TA 198 -59.30 45.88 52.83
N THR TA 199 -59.92 46.18 51.69
CA THR TA 199 -61.30 45.76 51.45
C THR TA 199 -61.38 44.24 51.29
N PHE TA 200 -60.37 43.65 50.67
CA PHE TA 200 -60.39 42.21 50.41
C PHE TA 200 -59.95 41.39 51.62
N GLU TA 201 -59.42 42.03 52.67
CA GLU TA 201 -59.05 41.35 53.91
C GLU TA 201 -60.11 41.52 54.99
N SER TA 202 -61.40 41.54 54.60
CA SER TA 202 -62.63 41.62 55.37
C SER TA 202 -63.20 40.23 55.60
N PRO TA 203 -63.87 40.00 56.74
CA PRO TA 203 -64.45 38.67 57.00
C PRO TA 203 -65.66 38.33 56.15
N LYS TA 204 -66.16 39.25 55.32
CA LYS TA 204 -67.17 38.87 54.34
C LYS TA 204 -66.57 38.01 53.23
N TYR TA 205 -65.27 38.12 53.01
CA TYR TA 205 -64.57 37.45 51.91
C TYR TA 205 -63.78 36.24 52.39
N THR TA 206 -64.28 35.50 53.37
CA THR TA 206 -63.57 34.31 53.81
C THR TA 206 -63.72 33.19 52.79
N LYS TA 207 -64.84 33.16 52.08
CA LYS TA 207 -65.02 32.22 50.97
C LYS TA 207 -64.42 32.74 49.67
N TRP TA 208 -63.79 33.90 49.68
CA TRP TA 208 -63.00 34.41 48.55
C TRP TA 208 -61.51 34.16 48.75
N ARG TA 209 -60.98 34.50 49.93
CA ARG TA 209 -59.57 34.29 50.21
C ARG TA 209 -59.23 32.83 50.41
N SER TA 210 -60.22 31.97 50.63
CA SER TA 210 -59.99 30.53 50.60
C SER TA 210 -60.14 29.97 49.20
N LEU TA 211 -60.90 30.64 48.34
CA LEU TA 211 -60.94 30.25 46.93
C LEU TA 211 -59.61 30.56 46.24
N ARG TA 212 -59.00 31.69 46.59
CA ARG TA 212 -57.77 32.12 45.94
C ARG TA 212 -56.60 31.21 46.27
N GLU TA 213 -56.53 30.71 47.51
CA GLU TA 213 -55.45 29.83 47.90
C GLU TA 213 -55.56 28.46 47.29
N SER TA 214 -56.72 28.08 46.77
CA SER TA 214 -56.94 26.73 46.29
C SER TA 214 -56.16 26.45 45.01
N GLU TA 215 -55.93 25.17 44.75
CA GLU TA 215 -55.07 24.78 43.63
C GLU TA 215 -55.79 24.89 42.31
N ASP TA 216 -57.07 24.51 42.27
CA ASP TA 216 -57.83 24.54 41.02
C ASP TA 216 -58.37 25.93 40.68
N ALA TA 217 -58.03 26.95 41.45
CA ALA TA 217 -58.41 28.32 41.13
C ALA TA 217 -57.60 28.90 39.98
N ARG TA 218 -56.59 28.16 39.52
CA ARG TA 218 -55.74 28.58 38.41
C ARG TA 218 -56.54 28.74 37.12
N TYR TA 219 -57.65 28.03 37.00
CA TYR TA 219 -58.50 28.05 35.82
C TYR TA 219 -59.71 28.94 36.02
N LEU TA 220 -59.54 30.06 36.71
CA LEU TA 220 -60.64 30.99 36.97
C LEU TA 220 -60.10 32.41 36.87
N GLY TA 221 -60.48 33.10 35.80
CA GLY TA 221 -60.24 34.53 35.68
C GLY TA 221 -61.57 35.27 35.80
N LEU TA 222 -61.56 36.39 36.52
CA LEU TA 222 -62.76 37.20 36.66
C LEU TA 222 -62.46 38.60 36.15
N THR TA 223 -63.27 39.06 35.20
CA THR TA 223 -62.88 40.15 34.32
C THR TA 223 -63.30 41.50 34.89
N ALA TA 224 -63.32 42.48 34.00
CA ALA TA 224 -63.34 43.94 34.04
C ALA TA 224 -64.59 44.54 34.66
N PRO TA 225 -64.69 45.88 34.77
CA PRO TA 225 -65.98 46.50 35.11
C PRO TA 225 -67.20 46.10 34.28
N ARG TA 226 -67.32 46.61 33.06
CA ARG TA 226 -68.40 46.45 32.08
C ARG TA 226 -67.98 47.27 30.87
N PHE TA 227 -68.73 47.13 29.79
CA PHE TA 227 -68.44 47.93 28.61
C PHE TA 227 -69.73 48.19 27.84
N LEU TA 228 -69.71 49.24 27.05
CA LEU TA 228 -70.88 49.72 26.33
C LEU TA 228 -71.09 48.94 25.04
N LEU TA 229 -72.36 48.73 24.68
CA LEU TA 229 -72.73 47.98 23.49
C LEU TA 229 -73.42 48.82 22.43
N ARG TA 230 -74.44 49.59 22.81
CA ARG TA 230 -75.29 50.27 21.85
C ARG TA 230 -75.21 51.77 22.06
N VAL TA 231 -74.84 52.49 21.02
CA VAL TA 231 -74.99 53.95 21.01
C VAL TA 231 -76.48 54.28 21.00
N PRO TA 232 -76.96 55.15 21.89
CA PRO TA 232 -78.37 55.56 21.83
C PRO TA 232 -78.65 56.33 20.54
N TYR TA 233 -79.83 56.08 19.98
CA TYR TA 233 -80.14 56.49 18.61
C TYR TA 233 -80.38 57.99 18.54
N ASP TA 234 -80.36 58.51 17.31
CA ASP TA 234 -80.40 59.94 17.06
C ASP TA 234 -80.96 60.14 15.67
N PRO TA 235 -81.80 61.16 15.43
CA PRO TA 235 -82.35 61.37 14.09
C PRO TA 235 -81.35 61.88 13.07
N ILE TA 236 -80.12 62.20 13.47
CA ILE TA 236 -79.07 62.65 12.55
C ILE TA 236 -77.94 61.64 12.46
N GLU TA 237 -77.46 61.15 13.61
CA GLU TA 237 -76.29 60.28 13.63
C GLU TA 237 -76.63 58.85 13.22
N ASN TA 238 -77.48 58.20 14.01
CA ASN TA 238 -77.88 56.80 13.76
C ASN TA 238 -79.40 56.77 13.67
N PRO TA 239 -79.96 57.08 12.50
CA PRO TA 239 -81.41 57.19 12.38
C PRO TA 239 -82.08 55.83 12.28
N VAL TA 240 -83.40 55.85 12.36
CA VAL TA 240 -84.23 54.68 12.15
C VAL TA 240 -85.14 54.95 10.95
N LYS TA 241 -85.64 53.86 10.36
CA LYS TA 241 -86.37 53.94 9.10
C LYS TA 241 -87.76 54.52 9.30
N SER TA 242 -88.06 55.61 8.59
CA SER TA 242 -89.36 56.29 8.57
C SER TA 242 -89.80 56.78 9.95
N PHE TA 243 -88.83 57.14 10.78
CA PHE TA 243 -89.10 57.62 12.13
C PHE TA 243 -87.88 58.39 12.62
N ASN TA 244 -88.11 59.33 13.54
CA ASN TA 244 -87.04 60.08 14.19
C ASN TA 244 -87.06 59.72 15.67
N TYR TA 245 -86.02 59.05 16.13
CA TYR TA 245 -85.97 58.50 17.48
C TYR TA 245 -84.78 59.09 18.23
N ALA TA 246 -85.06 59.97 19.18
CA ALA TA 246 -84.03 60.52 20.07
C ALA TA 246 -84.20 59.83 21.42
N GLU TA 247 -83.30 58.89 21.72
CA GLU TA 247 -83.37 58.11 22.95
C GLU TA 247 -82.90 58.98 24.10
N ASN TA 248 -83.85 59.46 24.89
CA ASN TA 248 -83.56 60.37 26.00
C ASN TA 248 -82.94 59.57 27.14
N VAL TA 249 -81.61 59.55 27.21
CA VAL TA 249 -80.89 58.87 28.27
C VAL TA 249 -80.79 59.80 29.46
N SER TA 250 -81.30 59.36 30.61
CA SER TA 250 -81.36 60.18 31.80
C SER TA 250 -80.02 60.18 32.51
N ALA TA 251 -79.99 60.72 33.73
CA ALA TA 251 -78.77 60.76 34.52
C ALA TA 251 -78.40 59.38 35.06
N SER TA 252 -79.34 58.45 35.11
CA SER TA 252 -79.04 57.08 35.47
C SER TA 252 -78.29 56.42 34.32
N HIS TA 253 -77.06 55.99 34.58
CA HIS TA 253 -76.25 55.33 33.56
C HIS TA 253 -76.52 53.83 33.50
N GLU TA 254 -77.59 53.36 34.13
CA GLU TA 254 -78.01 51.96 33.96
C GLU TA 254 -78.86 51.76 32.71
N HIS TA 255 -79.28 52.85 32.06
CA HIS TA 255 -80.12 52.73 30.87
C HIS TA 255 -79.30 52.48 29.61
N TYR TA 256 -78.02 52.80 29.62
CA TYR TA 256 -77.13 52.37 28.56
C TYR TA 256 -77.04 50.85 28.53
N LEU TA 257 -76.92 50.30 27.34
CA LEU TA 257 -76.86 48.85 27.17
C LEU TA 257 -75.46 48.38 27.57
N TRP TA 258 -75.26 48.17 28.86
CA TRP TA 258 -73.96 47.75 29.35
C TRP TA 258 -73.82 46.24 29.23
N GLY TA 259 -72.81 45.80 28.49
CA GLY TA 259 -72.57 44.39 28.29
C GLY TA 259 -71.74 43.77 29.41
N ASN TA 260 -71.40 42.50 29.22
CA ASN TA 260 -70.55 41.77 30.15
C ASN TA 260 -69.18 41.57 29.52
N THR TA 261 -68.11 41.86 30.25
CA THR TA 261 -66.79 41.94 29.66
C THR TA 261 -66.14 40.58 29.47
N ALA TA 262 -66.79 39.50 29.92
CA ALA TA 262 -66.33 38.17 29.54
C ALA TA 262 -66.49 37.93 28.05
N PHE TA 263 -67.45 38.63 27.42
CA PHE TA 263 -67.47 38.73 25.97
C PHE TA 263 -66.22 39.40 25.44
N ALA TA 264 -65.88 40.56 25.99
CA ALA TA 264 -64.82 41.38 25.44
C ALA TA 264 -63.43 40.85 25.75
N PHE TA 265 -63.26 40.12 26.85
CA PHE TA 265 -61.96 39.52 27.11
C PHE TA 265 -61.73 38.28 26.29
N ALA TA 266 -62.78 37.53 25.99
CA ALA TA 266 -62.66 36.41 25.08
C ALA TA 266 -62.56 36.84 23.63
N THR TA 267 -62.83 38.11 23.33
CA THR TA 267 -62.51 38.64 22.01
C THR TA 267 -61.00 38.63 21.81
N ARG TA 268 -60.24 38.91 22.85
CA ARG TA 268 -58.79 38.92 22.76
C ARG TA 268 -58.16 37.53 22.87
N LEU TA 269 -58.88 36.57 23.45
CA LEU TA 269 -58.43 35.18 23.35
C LEU TA 269 -58.53 34.67 21.93
N THR TA 270 -59.51 35.14 21.19
CA THR TA 270 -59.75 34.58 19.87
C THR TA 270 -59.06 35.39 18.78
N ASP TA 271 -58.99 36.71 18.93
CA ASP TA 271 -58.23 37.50 17.97
C ASP TA 271 -56.73 37.33 18.13
N SER TA 272 -56.27 36.77 19.24
CA SER TA 272 -54.90 36.29 19.31
C SER TA 272 -54.75 34.94 18.64
N PHE TA 273 -55.78 34.11 18.69
CA PHE TA 273 -55.68 32.80 18.05
C PHE TA 273 -55.83 32.90 16.54
N ALA TA 274 -56.57 33.88 16.06
CA ALA TA 274 -56.77 34.01 14.61
C ALA TA 274 -55.55 34.54 13.90
N LYS TA 275 -54.55 35.04 14.63
CA LYS TA 275 -53.35 35.59 14.05
C LYS TA 275 -52.14 34.69 14.19
N TYR TA 276 -51.94 34.11 15.38
CA TYR TA 276 -50.74 33.34 15.67
C TYR TA 276 -51.00 31.88 15.97
N ARG TA 277 -52.27 31.45 16.01
CA ARG TA 277 -52.70 30.08 16.36
C ARG TA 277 -52.24 29.66 17.74
N TRP TA 278 -52.08 30.63 18.64
CA TRP TA 278 -51.87 30.40 20.05
C TRP TA 278 -52.56 31.52 20.80
N CYS TA 279 -52.46 31.52 22.12
CA CYS TA 279 -52.96 32.62 22.93
C CYS TA 279 -52.15 32.85 24.19
N PRO TA 280 -50.95 33.44 24.08
CA PRO TA 280 -50.44 34.19 25.22
C PRO TA 280 -50.64 35.70 25.06
N ASN TA 281 -51.08 36.11 23.87
CA ASN TA 281 -51.09 37.53 23.50
C ASN TA 281 -52.43 38.16 23.85
N ILE TA 282 -52.60 38.48 25.14
CA ILE TA 282 -53.84 39.07 25.61
C ILE TA 282 -53.63 40.26 26.53
N ILE TA 283 -52.39 40.70 26.75
CA ILE TA 283 -52.16 41.73 27.76
C ILE TA 283 -51.48 42.97 27.18
N GLY TA 284 -51.66 43.27 25.90
CA GLY TA 284 -50.96 44.37 25.29
C GLY TA 284 -51.84 45.43 24.67
N PRO TA 285 -51.66 46.70 25.08
CA PRO TA 285 -52.32 47.80 24.38
C PRO TA 285 -51.84 47.97 22.96
N GLN TA 286 -50.64 47.53 22.64
CA GLN TA 286 -50.18 47.41 21.26
C GLN TA 286 -49.76 45.98 20.94
N SER TA 287 -50.17 45.01 21.75
CA SER TA 287 -49.71 43.64 21.56
C SER TA 287 -50.80 42.63 21.81
N GLY TA 288 -52.06 43.00 21.57
CA GLY TA 288 -53.14 42.06 21.58
C GLY TA 288 -54.04 42.03 22.79
N GLY TA 289 -54.07 43.09 23.59
CA GLY TA 289 -55.02 43.15 24.68
C GLY TA 289 -55.83 44.42 24.58
N ALA TA 290 -55.91 44.97 23.37
CA ALA TA 290 -56.55 46.26 23.14
C ALA TA 290 -57.95 46.03 22.57
N VAL TA 291 -58.97 46.21 23.40
CA VAL TA 291 -60.36 46.13 22.95
C VAL TA 291 -60.65 47.42 22.20
N GLU TA 292 -60.62 47.36 20.89
CA GLU TA 292 -60.83 48.53 20.06
C GLU TA 292 -62.28 48.61 19.61
N ASP TA 293 -62.61 49.76 18.99
CA ASP TA 293 -63.92 50.05 18.40
C ASP TA 293 -65.04 49.97 19.44
N LEU TA 294 -64.85 50.64 20.56
CA LEU TA 294 -65.91 50.71 21.53
C LEU TA 294 -66.95 51.76 21.10
N PRO TA 295 -68.20 51.59 21.52
CA PRO TA 295 -69.19 52.65 21.29
C PRO TA 295 -68.94 53.85 22.18
N VAL TA 296 -69.07 55.03 21.59
CA VAL TA 296 -68.97 56.29 22.34
C VAL TA 296 -70.26 57.07 22.15
N HIS TA 297 -70.54 57.93 23.12
CA HIS TA 297 -71.76 58.73 23.12
C HIS TA 297 -71.39 60.15 23.57
N VAL TA 298 -71.18 61.03 22.60
CA VAL TA 298 -70.83 62.41 22.88
C VAL TA 298 -72.10 63.15 23.30
N PHE TA 299 -72.16 63.57 24.55
CA PHE TA 299 -73.29 64.33 25.06
C PHE TA 299 -72.78 65.63 25.67
N GLU TA 300 -73.74 66.49 26.04
CA GLU TA 300 -73.42 67.78 26.62
C GLU TA 300 -73.32 67.67 28.13
N SER TA 301 -72.16 68.01 28.68
CA SER TA 301 -71.95 68.05 30.12
C SER TA 301 -72.36 69.42 30.64
N MET TA 302 -71.95 69.74 31.87
CA MET TA 302 -72.23 71.05 32.47
C MET TA 302 -71.34 72.11 31.83
N GLY TA 303 -71.71 72.48 30.61
CA GLY TA 303 -71.00 73.50 29.86
C GLY TA 303 -70.16 72.97 28.71
N ALA TA 304 -69.44 71.88 28.94
CA ALA TA 304 -68.50 71.34 27.97
C ALA TA 304 -69.13 70.24 27.13
N LEU TA 305 -68.37 69.78 26.14
CA LEU TA 305 -68.78 68.69 25.27
C LEU TA 305 -67.86 67.51 25.56
N GLN TA 306 -68.34 66.54 26.34
CA GLN TA 306 -67.55 65.38 26.71
C GLN TA 306 -68.15 64.13 26.08
N SER TA 307 -67.50 63.00 26.34
CA SER TA 307 -67.94 61.71 25.85
C SER TA 307 -68.23 60.79 27.03
N LYS TA 308 -69.28 59.98 26.88
CA LYS TA 308 -69.56 58.95 27.88
C LYS TA 308 -68.48 57.88 27.82
N ILE TA 309 -67.93 57.54 28.98
CA ILE TA 309 -66.83 56.57 29.03
C ILE TA 309 -67.35 55.18 28.73
N PRO TA 310 -66.78 54.47 27.76
CA PRO TA 310 -67.34 53.18 27.36
C PRO TA 310 -67.17 52.09 28.40
N THR TA 311 -66.20 52.17 29.30
CA THR TA 311 -66.23 51.40 30.52
C THR TA 311 -66.66 52.35 31.62
N GLU TA 312 -67.37 51.83 32.63
CA GLU TA 312 -68.13 52.70 33.52
C GLU TA 312 -67.26 53.48 34.49
N VAL TA 313 -66.00 53.08 34.68
CA VAL TA 313 -65.07 53.86 35.46
C VAL TA 313 -63.79 54.04 34.66
N LEU TA 314 -63.04 55.07 35.00
CA LEU TA 314 -61.70 55.27 34.47
C LEU TA 314 -60.73 54.65 35.46
N ILE TA 315 -60.26 53.45 35.14
CA ILE TA 315 -59.34 52.74 36.01
C ILE TA 315 -57.96 53.37 35.89
N THR TA 316 -57.43 53.84 37.00
CA THR TA 316 -56.10 54.40 37.00
C THR TA 316 -55.06 53.29 36.92
N ASP TA 317 -53.79 53.68 36.85
CA ASP TA 317 -52.74 52.68 36.76
C ASP TA 317 -52.46 52.04 38.11
N ARG TA 318 -52.63 52.80 39.20
CA ARG TA 318 -52.43 52.23 40.53
C ARG TA 318 -53.61 51.34 40.92
N LYS TA 319 -54.82 51.73 40.52
CA LYS TA 319 -55.99 50.90 40.79
C LYS TA 319 -55.93 49.60 40.00
N GLU TA 320 -55.38 49.64 38.79
CA GLU TA 320 -55.30 48.43 37.99
C GLU TA 320 -54.19 47.52 38.51
N PHE TA 321 -53.09 48.09 38.98
CA PHE TA 321 -52.05 47.28 39.58
C PHE TA 321 -52.49 46.67 40.90
N GLU TA 322 -53.37 47.36 41.63
CA GLU TA 322 -53.89 46.79 42.86
C GLU TA 322 -54.93 45.71 42.56
N LEU TA 323 -55.65 45.84 41.44
CA LEU TA 323 -56.49 44.74 40.98
C LEU TA 323 -55.68 43.59 40.40
N ALA TA 324 -54.49 43.88 39.88
CA ALA TA 324 -53.66 42.82 39.31
C ALA TA 324 -53.06 41.94 40.39
N GLU TA 325 -52.71 42.54 41.52
CA GLU TA 325 -52.18 41.75 42.64
C GLU TA 325 -53.28 40.95 43.31
N GLU TA 326 -54.52 41.46 43.29
CA GLU TA 326 -55.63 40.79 43.93
C GLU TA 326 -56.44 39.91 42.98
N GLY TA 327 -55.89 39.59 41.82
CA GLY TA 327 -56.50 38.61 40.94
C GLY TA 327 -57.71 39.10 40.18
N PHE TA 328 -57.52 40.11 39.32
CA PHE TA 328 -58.59 40.63 38.49
C PHE TA 328 -58.04 41.03 37.13
N ILE TA 329 -58.83 40.84 36.10
CA ILE TA 329 -58.46 41.22 34.74
C ILE TA 329 -59.20 42.52 34.47
N ALA TA 330 -58.55 43.64 34.79
CA ALA TA 330 -59.20 44.94 34.64
C ALA TA 330 -58.97 45.50 33.25
N LEU TA 331 -59.88 46.39 32.84
CA LEU TA 331 -59.85 47.00 31.51
C LEU TA 331 -59.77 48.51 31.67
N THR TA 332 -58.57 49.05 31.60
CA THR TA 332 -58.42 50.50 31.58
C THR TA 332 -58.84 51.04 30.22
N MET TA 333 -59.48 52.20 30.23
CA MET TA 333 -60.04 52.78 29.01
C MET TA 333 -59.16 53.93 28.57
N ARG TA 334 -58.92 54.03 27.28
CA ARG TA 334 -58.08 55.10 26.72
C ARG TA 334 -58.90 56.39 26.75
N LYS TA 335 -58.66 57.21 27.78
CA LYS TA 335 -59.51 58.35 28.10
C LYS TA 335 -59.52 59.38 26.99
N GLY TA 336 -60.67 59.49 26.32
CA GLY TA 336 -60.84 60.44 25.23
C GLY TA 336 -61.02 59.80 23.88
N SER TA 337 -61.13 58.48 23.81
CA SER TA 337 -61.30 57.81 22.52
C SER TA 337 -62.15 56.57 22.73
N ASP TA 338 -62.17 55.71 21.71
CA ASP TA 338 -63.00 54.52 21.70
C ASP TA 338 -62.17 53.24 21.81
N ASN TA 339 -61.10 53.29 22.59
CA ASN TA 339 -60.23 52.15 22.78
C ASN TA 339 -60.09 51.84 24.25
N ALA TA 340 -59.60 50.64 24.53
CA ALA TA 340 -59.32 50.22 25.88
C ALA TA 340 -58.15 49.26 25.83
N ALA TA 341 -57.75 48.74 26.99
CA ALA TA 341 -56.59 47.87 27.03
C ALA TA 341 -56.63 47.00 28.26
N PHE TA 342 -56.20 45.75 28.12
CA PHE TA 342 -55.83 44.92 29.26
C PHE TA 342 -54.34 45.05 29.49
N PHE TA 343 -53.92 44.85 30.72
CA PHE TA 343 -52.51 44.93 31.06
C PHE TA 343 -51.97 43.70 31.75
N SER TA 344 -52.82 42.91 32.41
CA SER TA 344 -52.37 41.73 33.13
C SER TA 344 -53.57 40.81 33.27
N ALA TA 345 -53.44 39.58 32.79
CA ALA TA 345 -54.55 38.64 32.78
C ALA TA 345 -54.48 37.67 33.94
N ASN TA 346 -54.04 38.12 35.11
CA ASN TA 346 -53.80 37.24 36.25
C ASN TA 346 -55.07 36.56 36.74
N SER TA 347 -55.00 35.25 36.91
CA SER TA 347 -56.11 34.51 37.49
C SER TA 347 -56.16 34.77 38.99
N ILE TA 348 -57.22 34.27 39.62
CA ILE TA 348 -57.47 34.60 41.02
C ILE TA 348 -56.55 33.86 41.98
N GLN TA 349 -55.65 33.01 41.49
CA GLN TA 349 -54.83 32.22 42.38
C GLN TA 349 -53.74 33.09 43.01
N LYS TA 350 -53.40 32.81 44.26
CA LYS TA 350 -52.40 33.63 44.91
C LYS TA 350 -51.04 32.97 44.83
N PRO TA 351 -49.99 33.74 44.58
CA PRO TA 351 -48.63 33.19 44.60
C PRO TA 351 -48.24 32.81 46.01
N LYS TA 352 -48.12 31.51 46.27
CA LYS TA 352 -47.88 31.04 47.62
C LYS TA 352 -46.44 31.31 48.04
N VAL TA 353 -46.27 31.91 49.21
CA VAL TA 353 -44.93 32.24 49.69
C VAL TA 353 -44.27 30.96 50.18
N PHE TA 354 -43.20 30.62 49.58
CA PHE TA 354 -42.38 29.46 49.88
C PHE TA 354 -41.20 29.89 50.75
N PRO TA 355 -40.66 29.00 51.59
CA PRO TA 355 -39.59 29.40 52.50
C PRO TA 355 -38.28 29.71 51.76
N ASN TA 356 -37.41 30.43 52.47
CA ASN TA 356 -36.23 31.01 51.83
C ASN TA 356 -35.06 30.04 51.69
N THR TA 357 -35.32 28.89 51.08
CA THR TA 357 -34.25 27.97 50.75
C THR TA 357 -33.78 28.24 49.32
N LYS TA 358 -32.92 27.37 48.81
CA LYS TA 358 -32.52 27.48 47.41
C LYS TA 358 -33.66 27.04 46.49
N GLU TA 359 -34.31 25.93 46.83
CA GLU TA 359 -35.44 25.47 46.04
C GLU TA 359 -36.70 26.28 46.32
N GLY TA 360 -36.85 26.81 47.52
CA GLY TA 360 -38.05 27.57 47.84
C GLY TA 360 -38.10 28.91 47.16
N LYS TA 361 -36.95 29.59 47.08
CA LYS TA 361 -36.88 30.82 46.30
C LYS TA 361 -37.00 30.55 44.82
N GLU TA 362 -36.65 29.34 44.39
CA GLU TA 362 -36.84 28.97 42.99
C GLU TA 362 -38.29 28.61 42.70
N ALA TA 363 -38.87 27.70 43.50
CA ALA TA 363 -40.22 27.23 43.23
C ALA TA 363 -41.27 28.29 43.45
N GLU TA 364 -40.96 29.35 44.20
CA GLU TA 364 -41.88 30.48 44.30
C GLU TA 364 -42.02 31.18 42.96
N THR TA 365 -40.90 31.33 42.23
CA THR TA 365 -40.98 31.91 40.90
C THR TA 365 -41.54 30.90 39.91
N ASN TA 366 -41.43 29.61 40.22
CA ASN TA 366 -42.04 28.60 39.38
C ASN TA 366 -43.56 28.56 39.55
N TYR TA 367 -44.03 28.64 40.80
CA TYR TA 367 -45.45 28.65 41.06
C TYR TA 367 -46.11 29.95 40.65
N LYS TA 368 -45.33 31.04 40.56
CA LYS TA 368 -45.88 32.31 40.13
C LYS TA 368 -46.27 32.28 38.66
N LEU TA 369 -45.55 31.50 37.85
CA LEU TA 369 -45.88 31.42 36.44
C LEU TA 369 -47.16 30.67 36.17
N GLY TA 370 -47.62 29.84 37.12
CA GLY TA 370 -48.85 29.13 36.92
C GLY TA 370 -50.07 30.03 37.00
N THR TA 371 -50.02 31.05 37.84
CA THR TA 371 -51.21 31.81 38.14
C THR TA 371 -51.56 32.85 37.09
N GLN TA 372 -50.65 33.14 36.16
CA GLN TA 372 -50.76 34.42 35.45
C GLN TA 372 -51.74 34.38 34.30
N LEU TA 373 -51.99 33.22 33.70
CA LEU TA 373 -52.96 32.97 32.63
C LEU TA 373 -52.76 33.80 31.36
N PRO TA 374 -51.54 33.98 30.86
CA PRO TA 374 -51.46 33.70 29.42
C PRO TA 374 -50.73 32.39 29.25
N TYR TA 375 -50.04 31.98 30.31
CA TYR TA 375 -49.19 30.81 30.26
C TYR TA 375 -49.97 29.53 30.45
N MET TA 376 -51.14 29.59 31.10
CA MET TA 376 -52.02 28.43 31.08
C MET TA 376 -52.51 28.16 29.67
N MET TA 377 -52.75 29.20 28.89
CA MET TA 377 -53.34 28.99 27.59
C MET TA 377 -52.31 28.48 26.57
N ILE TA 378 -51.02 28.53 26.88
CA ILE TA 378 -50.06 27.83 26.04
C ILE TA 378 -49.76 26.42 26.52
N ILE TA 379 -50.35 25.99 27.64
CA ILE TA 379 -50.29 24.59 28.04
C ILE TA 379 -51.66 23.95 28.11
N ASN TA 380 -52.74 24.72 28.12
CA ASN TA 380 -54.04 24.13 27.86
C ASN TA 380 -54.08 23.59 26.44
N ARG TA 381 -53.48 24.32 25.49
CA ARG TA 381 -53.33 23.78 24.15
C ARG TA 381 -52.37 22.61 24.13
N LEU TA 382 -51.40 22.57 25.04
CA LEU TA 382 -50.61 21.36 25.21
C LEU TA 382 -51.28 20.35 26.12
N ALA TA 383 -52.56 20.51 26.39
CA ALA TA 383 -53.38 19.41 26.87
C ALA TA 383 -54.47 19.07 25.89
N HIS TA 384 -54.77 19.96 24.95
CA HIS TA 384 -55.78 19.63 23.98
C HIS TA 384 -55.19 18.98 22.74
N TYR TA 385 -54.02 19.45 22.29
CA TYR TA 385 -53.36 18.76 21.18
C TYR TA 385 -52.91 17.37 21.58
N VAL TA 386 -52.37 17.22 22.79
CA VAL TA 386 -51.68 15.98 23.10
C VAL TA 386 -52.68 14.91 23.49
N LYS TA 387 -53.85 15.33 23.99
CA LYS TA 387 -54.96 14.41 24.19
C LYS TA 387 -55.48 13.88 22.87
N VAL TA 388 -55.58 14.73 21.86
CA VAL TA 388 -56.07 14.32 20.56
C VAL TA 388 -55.01 13.50 19.82
N LEU TA 389 -53.75 13.90 19.93
CA LEU TA 389 -52.70 13.30 19.12
C LEU TA 389 -52.36 11.90 19.60
N GLN TA 390 -52.41 11.68 20.92
CA GLN TA 390 -52.20 10.37 21.49
C GLN TA 390 -53.50 9.61 21.71
N ARG TA 391 -54.58 10.04 21.07
CA ARG TA 391 -55.80 9.23 21.04
C ARG TA 391 -55.85 8.39 19.79
N GLU TA 392 -55.37 8.92 18.67
CA GLU TA 392 -55.30 8.17 17.43
C GLU TA 392 -54.33 7.00 17.54
N GLN TA 393 -53.34 7.10 18.41
CA GLN TA 393 -52.26 6.13 18.42
C GLN TA 393 -52.61 4.84 19.15
N ILE TA 394 -53.75 4.77 19.85
CA ILE TA 394 -54.08 3.60 20.66
C ILE TA 394 -54.29 2.38 19.77
N GLY TA 395 -53.53 1.33 20.02
CA GLY TA 395 -53.55 0.16 19.17
C GLY TA 395 -52.39 0.05 18.21
N ALA TA 396 -51.44 0.97 18.25
CA ALA TA 396 -50.34 0.93 17.31
C ALA TA 396 -49.28 -0.07 17.75
N TRP TA 397 -48.15 -0.02 17.09
CA TRP TA 397 -47.00 -0.83 17.44
C TRP TA 397 -45.89 0.14 17.80
N LYS TA 398 -45.74 0.42 19.08
CA LYS TA 398 -44.91 1.53 19.51
C LYS TA 398 -43.91 0.98 20.52
N GLU TA 399 -43.03 1.83 21.01
CA GLU TA 399 -42.13 1.51 22.12
C GLU TA 399 -42.03 2.72 23.02
N ARG TA 400 -41.31 2.56 24.12
CA ARG TA 400 -40.99 3.71 24.96
C ARG TA 400 -40.06 4.67 24.23
N GLN TA 401 -39.06 4.11 23.52
CA GLN TA 401 -38.21 4.94 22.68
C GLN TA 401 -38.98 5.55 21.53
N ASP TA 402 -40.01 4.87 21.04
CA ASP TA 402 -40.85 5.45 20.01
C ASP TA 402 -41.80 6.47 20.61
N LEU TA 403 -42.17 6.29 21.88
CA LEU TA 403 -43.02 7.28 22.52
C LEU TA 403 -42.25 8.56 22.82
N GLU TA 404 -40.96 8.44 23.18
CA GLU TA 404 -40.12 9.60 23.39
C GLU TA 404 -39.94 10.42 22.12
N ARG TA 405 -39.92 9.75 20.97
CA ARG TA 405 -39.61 10.39 19.71
C ARG TA 405 -40.84 11.02 19.05
N GLU TA 406 -42.00 10.39 19.17
CA GLU TA 406 -43.21 10.99 18.60
C GLU TA 406 -43.67 12.21 19.36
N LEU TA 407 -43.13 12.46 20.55
CA LEU TA 407 -43.41 13.69 21.28
C LEU TA 407 -42.30 14.72 21.17
N ASN TA 408 -41.04 14.30 21.17
CA ASN TA 408 -39.94 15.26 21.07
C ASN TA 408 -39.85 15.85 19.67
N SER TA 409 -40.06 15.04 18.63
CA SER TA 409 -40.10 15.59 17.29
C SER TA 409 -41.39 16.33 17.00
N TRP TA 410 -42.38 16.21 17.87
CA TRP TA 410 -43.61 16.96 17.71
C TRP TA 410 -43.56 18.33 18.36
N ILE TA 411 -43.13 18.44 19.62
CA ILE TA 411 -43.21 19.73 20.29
C ILE TA 411 -42.04 20.63 19.91
N LYS TA 412 -41.01 20.10 19.27
CA LYS TA 412 -39.92 20.96 18.83
C LYS TA 412 -40.19 21.65 17.50
N GLN TA 413 -41.46 21.72 17.08
CA GLN TA 413 -41.89 22.73 16.15
C GLN TA 413 -42.59 23.88 16.86
N TYR TA 414 -42.77 23.77 18.18
CA TYR TA 414 -43.30 24.84 19.00
C TYR TA 414 -42.24 25.49 19.86
N VAL TA 415 -41.00 24.99 19.80
CA VAL TA 415 -39.92 25.42 20.66
C VAL TA 415 -38.93 26.19 19.81
N ALA TA 416 -38.67 27.44 20.19
CA ALA TA 416 -37.63 28.25 19.56
C ALA TA 416 -36.65 28.63 20.66
N ASP TA 417 -35.70 27.73 20.94
CA ASP TA 417 -34.76 27.91 22.04
C ASP TA 417 -33.71 28.90 21.59
N GLN TA 418 -34.04 30.18 21.76
CA GLN TA 418 -33.28 31.25 21.14
C GLN TA 418 -33.51 32.50 21.98
N GLU TA 419 -32.43 33.26 22.19
CA GLU TA 419 -32.50 34.36 23.13
C GLU TA 419 -33.31 35.54 22.58
N ASN TA 420 -33.13 35.85 21.31
CA ASN TA 420 -33.86 36.94 20.67
C ASN TA 420 -34.29 36.53 19.26
N PRO TA 421 -35.35 35.75 19.13
CA PRO TA 421 -35.90 35.48 17.81
C PRO TA 421 -36.75 36.65 17.37
N PRO TA 422 -37.14 36.72 16.10
CA PRO TA 422 -38.04 37.80 15.65
C PRO TA 422 -39.42 37.69 16.28
N ALA TA 423 -40.21 38.75 16.08
CA ALA TA 423 -41.49 38.88 16.76
C ALA TA 423 -42.54 37.90 16.24
N ASP TA 424 -42.29 37.25 15.12
CA ASP TA 424 -43.21 36.21 14.64
C ASP TA 424 -42.81 34.83 15.12
N VAL TA 425 -41.51 34.59 15.34
CA VAL TA 425 -41.07 33.30 15.83
C VAL TA 425 -41.43 33.14 17.31
N ARG TA 426 -41.56 34.26 18.03
CA ARG TA 426 -41.91 34.19 19.44
C ARG TA 426 -43.35 33.77 19.66
N SER TA 427 -44.25 34.13 18.75
CA SER TA 427 -45.65 33.85 18.97
C SER TA 427 -46.17 32.66 18.20
N ARG TA 428 -45.58 32.33 17.04
CA ARG TA 428 -45.87 31.04 16.43
C ARG TA 428 -45.30 29.88 17.23
N ARG TA 429 -44.17 30.10 17.89
CA ARG TA 429 -43.52 29.10 18.73
C ARG TA 429 -43.45 29.67 20.14
N PRO TA 430 -44.54 29.56 20.92
CA PRO TA 430 -44.60 30.28 22.20
C PRO TA 430 -43.74 29.67 23.28
N LEU TA 431 -43.36 28.41 23.15
CA LEU TA 431 -42.50 27.79 24.14
C LEU TA 431 -41.07 28.23 23.91
N ARG TA 432 -40.21 27.89 24.85
CA ARG TA 432 -38.79 28.19 24.73
C ARG TA 432 -37.91 26.96 24.97
N ALA TA 433 -38.31 26.07 25.87
CA ALA TA 433 -37.63 24.80 26.02
C ALA TA 433 -38.63 23.79 26.58
N ALA TA 434 -38.43 22.52 26.23
CA ALA TA 434 -39.38 21.49 26.62
C ALA TA 434 -38.64 20.19 26.89
N ARG TA 435 -38.87 19.62 28.06
CA ARG TA 435 -38.23 18.38 28.48
C ARG TA 435 -39.30 17.30 28.56
N ILE TA 436 -39.01 16.13 27.99
CA ILE TA 436 -39.94 15.00 28.03
C ILE TA 436 -39.20 13.78 28.53
N GLU TA 437 -39.64 13.25 29.67
CA GLU TA 437 -38.98 12.13 30.32
C GLU TA 437 -40.01 11.01 30.44
N VAL TA 438 -39.97 10.06 29.52
CA VAL TA 438 -40.92 8.96 29.52
C VAL TA 438 -40.40 7.86 30.44
N MET TA 439 -41.23 7.41 31.36
CA MET TA 439 -40.91 6.35 32.30
C MET TA 439 -41.89 5.21 32.07
N ASP TA 440 -41.82 4.19 32.92
CA ASP TA 440 -42.70 3.03 32.80
C ASP TA 440 -43.61 2.94 34.01
N VAL TA 441 -44.50 1.96 33.97
CA VAL TA 441 -45.26 1.54 35.14
C VAL TA 441 -45.08 0.05 35.29
N GLU TA 442 -44.49 -0.37 36.41
CA GLU TA 442 -44.27 -1.78 36.66
C GLU TA 442 -45.55 -2.42 37.17
N GLY TA 443 -45.58 -3.75 37.12
CA GLY TA 443 -46.77 -4.49 37.50
C GLY TA 443 -47.68 -4.73 36.32
N ASN TA 444 -48.21 -3.66 35.73
CA ASN TA 444 -48.92 -3.71 34.46
C ASN TA 444 -48.04 -3.03 33.43
N PRO TA 445 -47.25 -3.79 32.66
CA PRO TA 445 -46.26 -3.15 31.80
C PRO TA 445 -46.89 -2.57 30.55
N GLY TA 446 -46.39 -1.40 30.16
CA GLY TA 446 -46.92 -0.66 29.03
C GLY TA 446 -47.87 0.47 29.42
N TRP TA 447 -47.46 1.25 30.40
CA TRP TA 447 -48.22 2.41 30.87
C TRP TA 447 -47.17 3.45 31.23
N TYR TA 448 -47.30 4.66 30.70
CA TYR TA 448 -46.14 5.51 30.52
C TYR TA 448 -46.29 6.87 31.21
N GLN TA 449 -45.55 7.06 32.29
CA GLN TA 449 -45.65 8.30 33.04
C GLN TA 449 -44.63 9.27 32.47
N VAL TA 450 -45.03 10.07 31.48
CA VAL TA 450 -44.08 10.97 30.84
C VAL TA 450 -44.25 12.32 31.49
N SER TA 451 -43.22 13.16 31.44
CA SER TA 451 -43.28 14.44 32.13
C SER TA 451 -42.90 15.57 31.17
N LEU TA 452 -43.88 16.08 30.43
CA LEU TA 452 -43.64 17.21 29.55
C LEU TA 452 -43.47 18.49 30.35
N SER TA 453 -42.30 19.11 30.24
CA SER TA 453 -41.91 20.26 31.06
C SER TA 453 -41.58 21.44 30.18
N VAL TA 454 -42.59 22.19 29.77
CA VAL TA 454 -42.41 23.30 28.85
C VAL TA 454 -41.95 24.54 29.60
N ARG TA 455 -41.56 25.58 28.86
CA ARG TA 455 -41.06 26.80 29.44
C ARG TA 455 -41.34 27.92 28.46
N PRO TA 456 -41.92 29.02 28.91
CA PRO TA 456 -42.36 30.06 27.97
C PRO TA 456 -41.37 31.18 27.81
N HIS TA 457 -41.65 32.12 26.90
CA HIS TA 457 -40.95 33.38 26.88
C HIS TA 457 -41.59 34.35 27.86
N PHE TA 458 -40.91 35.46 28.09
CA PHE TA 458 -41.29 36.40 29.15
C PHE TA 458 -41.54 37.78 28.58
N LYS TA 459 -42.70 38.34 28.91
CA LYS TA 459 -43.16 39.62 28.37
C LYS TA 459 -42.61 40.78 29.20
N TYR TA 460 -43.19 41.96 29.00
CA TYR TA 460 -42.65 43.25 29.44
C TYR TA 460 -43.60 43.85 30.47
N MET TA 461 -43.13 44.02 31.71
CA MET TA 461 -43.99 44.55 32.77
C MET TA 461 -43.17 45.25 33.84
N GLY TA 462 -43.26 46.58 33.85
CA GLY TA 462 -42.61 47.41 34.86
C GLY TA 462 -41.12 47.66 34.75
N ALA TA 463 -40.69 48.86 35.09
CA ALA TA 463 -39.27 49.24 35.13
C ALA TA 463 -39.12 50.36 36.15
N ASN TA 464 -37.98 51.07 36.11
CA ASN TA 464 -37.83 52.10 37.14
C ASN TA 464 -37.51 53.51 36.64
N PHE TA 465 -36.58 53.67 35.69
CA PHE TA 465 -36.28 54.93 34.99
C PHE TA 465 -35.88 56.05 35.96
N GLU TA 466 -34.78 55.82 36.69
CA GLU TA 466 -34.36 56.71 37.79
C GLU TA 466 -33.52 57.86 37.27
N LEU TA 467 -34.19 58.94 36.84
CA LEU TA 467 -33.54 60.07 36.18
C LEU TA 467 -32.63 60.85 37.12
N SER TA 468 -31.76 61.64 36.50
CA SER TA 468 -30.73 62.45 37.13
C SER TA 468 -30.16 63.34 36.05
N LEU TA 469 -29.30 64.29 36.42
CA LEU TA 469 -28.43 64.89 35.42
C LEU TA 469 -26.98 64.67 35.80
N VAL TA 470 -26.14 64.53 34.78
CA VAL TA 470 -24.71 64.36 34.96
C VAL TA 470 -23.97 65.69 34.79
N GLY TA 471 -24.34 66.46 33.78
CA GLY TA 471 -23.76 67.77 33.55
C GLY TA 471 -22.66 67.80 32.52
N ARG TA 472 -21.77 66.80 32.52
CA ARG TA 472 -20.70 66.69 31.54
C ARG TA 472 -20.95 65.58 30.52
N LEU TA 473 -21.32 64.40 30.99
CA LEU TA 473 -21.53 63.26 30.09
C LEU TA 473 -22.94 63.31 29.50
N PRO UA 1 -3.74 16.86 16.67
CA PRO UA 1 -4.01 18.04 17.49
C PRO UA 1 -5.32 17.94 18.25
N THR UA 2 -5.41 18.60 19.39
CA THR UA 2 -6.63 18.47 20.17
C THR UA 2 -7.60 19.58 19.81
N PRO UA 3 -8.89 19.30 19.76
CA PRO UA 3 -9.86 20.34 19.42
C PRO UA 3 -10.00 21.39 20.50
N CYS UA 4 -10.32 22.59 20.06
CA CYS UA 4 -10.45 23.75 20.91
C CYS UA 4 -11.92 23.95 21.27
N TYR UA 5 -12.24 25.07 21.90
CA TYR UA 5 -13.61 25.36 22.28
C TYR UA 5 -13.85 26.85 22.16
N ILE UA 6 -15.00 27.25 21.63
CA ILE UA 6 -15.32 28.65 21.41
C ILE UA 6 -16.65 28.97 22.04
N SER UA 7 -16.70 30.04 22.83
CA SER UA 7 -17.93 30.53 23.43
C SER UA 7 -18.23 31.92 22.88
N ILE UA 8 -19.28 32.03 22.08
CA ILE UA 8 -19.65 33.27 21.42
C ILE UA 8 -20.78 33.93 22.18
N GLU UA 9 -20.67 35.22 22.46
CA GLU UA 9 -21.77 35.97 23.04
C GLU UA 9 -22.11 37.15 22.16
N GLY UA 10 -23.36 37.21 21.70
CA GLY UA 10 -23.78 38.24 20.76
C GLY UA 10 -24.21 39.51 21.45
N GLN UA 11 -24.50 40.52 20.62
CA GLN UA 11 -25.11 41.74 21.13
C GLN UA 11 -26.54 41.49 21.60
N THR UA 12 -27.40 41.07 20.67
CA THR UA 12 -28.80 40.90 20.98
C THR UA 12 -29.21 39.46 21.24
N GLN UA 13 -28.44 38.49 20.78
CA GLN UA 13 -28.83 37.09 20.88
C GLN UA 13 -28.24 36.41 22.08
N GLY UA 14 -27.75 37.17 23.05
CA GLY UA 14 -27.29 36.59 24.30
C GLY UA 14 -26.06 35.74 24.09
N LEU UA 15 -25.97 34.64 24.84
CA LEU UA 15 -24.92 33.67 24.64
C LEU UA 15 -25.34 32.77 23.50
N ILE UA 16 -24.65 32.88 22.37
CA ILE UA 16 -25.06 32.16 21.17
C ILE UA 16 -24.81 30.67 21.32
N THR UA 17 -23.65 30.30 21.82
CA THR UA 17 -23.35 28.89 21.92
C THR UA 17 -23.87 28.25 23.17
N ALA UA 18 -24.86 28.81 23.85
CA ALA UA 18 -25.40 28.22 25.06
C ALA UA 18 -26.22 27.00 24.66
N GLY UA 19 -25.63 25.83 24.83
CA GLY UA 19 -26.28 24.61 24.42
C GLY UA 19 -25.78 24.01 23.13
N ALA UA 20 -24.66 24.47 22.61
CA ALA UA 20 -24.16 23.96 21.35
C ALA UA 20 -23.35 22.68 21.50
N CYS UA 21 -23.28 22.13 22.70
CA CYS UA 21 -22.78 20.79 22.95
C CYS UA 21 -23.70 20.06 23.90
N THR UA 22 -24.98 20.05 23.59
CA THR UA 22 -25.92 19.18 24.26
C THR UA 22 -26.16 17.94 23.41
N ALA UA 23 -27.08 17.09 23.84
CA ALA UA 23 -27.45 15.94 23.05
C ALA UA 23 -28.36 16.28 21.90
N ASP UA 24 -28.98 17.47 21.93
CA ASP UA 24 -29.80 17.87 20.81
C ASP UA 24 -28.99 18.47 19.68
N SER UA 25 -27.85 19.08 19.98
CA SER UA 25 -27.05 19.72 18.95
C SER UA 25 -26.32 18.68 18.10
N ILE UA 26 -25.43 17.91 18.72
CA ILE UA 26 -24.51 17.08 17.98
C ILE UA 26 -24.62 15.60 18.35
N GLY UA 27 -25.78 15.18 18.84
CA GLY UA 27 -25.98 13.76 19.08
C GLY UA 27 -25.24 13.23 20.28
N ASP UA 28 -24.38 12.23 20.07
CA ASP UA 28 -23.66 11.61 21.17
C ASP UA 28 -22.23 12.08 21.30
N SER UA 29 -21.81 13.05 20.50
CA SER UA 29 -20.46 13.57 20.59
C SER UA 29 -20.39 14.84 21.43
N PHE UA 30 -21.32 15.02 22.35
CA PHE UA 30 -21.23 16.19 23.19
C PHE UA 30 -20.40 15.86 24.42
N VAL UA 31 -19.90 16.91 25.06
CA VAL UA 31 -18.99 16.77 26.18
C VAL UA 31 -19.62 17.46 27.38
N GLU UA 32 -19.67 16.76 28.51
CA GLU UA 32 -20.13 17.39 29.73
C GLU UA 32 -19.13 18.43 30.21
N GLY UA 33 -19.64 19.50 30.82
CA GLY UA 33 -18.82 20.59 31.26
C GLY UA 33 -18.55 21.66 30.23
N HIS UA 34 -18.73 21.34 28.96
CA HIS UA 34 -18.55 22.30 27.87
C HIS UA 34 -19.88 22.54 27.20
N GLU UA 35 -20.92 22.71 28.02
CA GLU UA 35 -22.27 22.84 27.50
C GLU UA 35 -22.50 24.16 26.79
N ASP UA 36 -21.65 25.15 27.00
CA ASP UA 36 -21.84 26.45 26.39
C ASP UA 36 -20.83 26.76 25.30
N GLU UA 37 -20.09 25.77 24.84
CA GLU UA 37 -18.92 26.00 23.99
C GLU UA 37 -18.97 25.04 22.83
N MET UA 38 -18.86 25.55 21.60
CA MET UA 38 -18.80 24.69 20.44
C MET UA 38 -17.50 23.92 20.41
N LEU UA 39 -17.42 22.92 19.56
CA LEU UA 39 -16.23 22.10 19.43
C LEU UA 39 -15.56 22.45 18.12
N VAL UA 40 -14.40 23.08 18.19
CA VAL UA 40 -13.75 23.68 17.04
C VAL UA 40 -12.69 22.72 16.50
N GLN UA 41 -12.81 22.39 15.22
CA GLN UA 41 -11.93 21.39 14.63
C GLN UA 41 -10.67 22.00 14.05
N GLN UA 42 -10.82 22.88 13.07
CA GLN UA 42 -9.72 23.45 12.30
C GLN UA 42 -9.61 24.93 12.62
N PHE UA 43 -8.44 25.51 12.40
CA PHE UA 43 -8.23 26.91 12.74
C PHE UA 43 -7.27 27.55 11.75
N ASP UA 44 -7.42 28.85 11.53
CA ASP UA 44 -6.59 29.62 10.62
C ASP UA 44 -6.74 31.11 10.82
N HIS UA 45 -5.65 31.87 10.90
CA HIS UA 45 -5.74 33.27 11.28
C HIS UA 45 -4.47 34.01 10.90
N VAL UA 46 -4.60 35.07 10.12
CA VAL UA 46 -3.46 35.85 9.62
C VAL UA 46 -3.59 37.27 10.14
N VAL UA 47 -2.47 37.89 10.49
CA VAL UA 47 -2.46 39.31 10.89
C VAL UA 47 -1.32 39.95 10.11
N THR UA 48 -1.64 40.66 9.03
CA THR UA 48 -0.58 41.24 8.22
C THR UA 48 -0.23 42.64 8.67
N VAL UA 49 0.95 43.10 8.23
CA VAL UA 49 1.37 44.48 8.39
C VAL UA 49 1.98 44.93 7.07
N PRO UA 50 1.46 45.96 6.43
CA PRO UA 50 2.04 46.42 5.17
C PRO UA 50 3.38 47.10 5.36
N THR UA 51 4.45 46.47 4.90
CA THR UA 51 5.78 47.04 4.98
C THR UA 51 6.23 47.48 3.60
N ASP UA 52 6.98 48.57 3.54
CA ASP UA 52 7.43 49.04 2.23
C ASP UA 52 8.59 48.19 1.73
N PRO UA 53 8.80 48.16 0.41
CA PRO UA 53 10.02 47.56 -0.12
C PRO UA 53 11.22 48.43 0.18
N GLN UA 54 12.40 47.89 -0.15
CA GLN UA 54 13.74 48.52 -0.03
C GLN UA 54 13.98 49.17 1.34
N SER UA 55 13.38 48.60 2.37
CA SER UA 55 13.49 49.09 3.74
C SER UA 55 13.10 47.93 4.64
N GLY UA 56 12.82 48.23 5.90
CA GLY UA 56 12.24 47.24 6.76
C GLY UA 56 11.10 47.79 7.57
N GLN UA 57 10.82 49.08 7.43
CA GLN UA 57 9.90 49.71 8.35
C GLN UA 57 8.45 49.39 7.98
N PRO UA 58 7.57 49.29 8.98
CA PRO UA 58 6.15 49.07 8.68
C PRO UA 58 5.51 50.33 8.13
N SER UA 59 5.10 50.27 6.86
CA SER UA 59 4.49 51.41 6.20
C SER UA 59 2.97 51.34 6.33
N GLY UA 60 2.51 51.43 7.57
CA GLY UA 60 1.09 51.37 7.82
C GLY UA 60 0.73 50.51 9.00
N GLN UA 61 -0.48 50.67 9.52
CA GLN UA 61 -0.91 49.89 10.65
C GLN UA 61 -1.28 48.49 10.21
N ARG UA 62 -1.44 47.60 11.18
CA ARG UA 62 -1.74 46.20 10.94
C ARG UA 62 -3.11 46.03 10.28
N VAL UA 63 -3.28 44.90 9.60
CA VAL UA 63 -4.51 44.57 8.89
C VAL UA 63 -4.92 43.18 9.33
N HIS UA 64 -6.03 43.06 10.04
CA HIS UA 64 -6.45 41.78 10.58
C HIS UA 64 -7.22 40.98 9.54
N LYS UA 65 -6.59 39.97 9.00
CA LYS UA 65 -7.29 38.96 8.23
C LYS UA 65 -8.10 38.08 9.19
N PRO UA 66 -9.19 37.47 8.75
CA PRO UA 66 -10.14 36.91 9.71
C PRO UA 66 -9.71 35.58 10.30
N PHE UA 67 -10.26 35.31 11.51
CA PHE UA 67 -10.42 33.97 12.05
C PHE UA 67 -11.03 33.02 11.02
N LYS UA 68 -10.70 31.74 11.12
CA LYS UA 68 -11.40 30.70 10.36
C LYS UA 68 -11.45 29.46 11.25
N PHE UA 69 -12.52 29.29 12.00
CA PHE UA 69 -12.68 28.11 12.84
C PHE UA 69 -13.82 27.26 12.31
N THR UA 70 -13.68 25.94 12.40
CA THR UA 70 -14.61 25.01 11.77
C THR UA 70 -15.34 24.19 12.82
N VAL UA 71 -16.66 24.26 12.83
CA VAL UA 71 -17.48 23.44 13.71
C VAL UA 71 -18.46 22.66 12.84
N ALA UA 72 -19.08 21.66 13.44
CA ALA UA 72 -20.10 20.90 12.71
C ALA UA 72 -21.43 21.64 12.78
N LEU UA 73 -22.43 21.13 12.08
CA LEU UA 73 -23.76 21.71 12.18
C LEU UA 73 -24.37 21.40 13.54
N ASN UA 74 -24.76 22.44 14.25
CA ASN UA 74 -25.33 22.27 15.57
C ASN UA 74 -26.30 23.40 15.84
N LYS UA 75 -26.61 23.61 17.11
CA LYS UA 75 -27.65 24.55 17.52
C LYS UA 75 -27.24 25.98 17.22
N ALA UA 76 -25.96 26.30 17.38
CA ALA UA 76 -25.53 27.68 17.24
C ALA UA 76 -25.36 28.13 15.80
N VAL UA 77 -25.42 27.22 14.82
CA VAL UA 77 -25.22 27.60 13.42
C VAL UA 77 -26.39 28.41 12.85
N PRO UA 78 -27.67 28.13 13.11
CA PRO UA 78 -28.69 29.12 12.71
C PRO UA 78 -28.61 30.42 13.48
N LEU UA 79 -28.03 30.42 14.67
CA LEU UA 79 -27.83 31.68 15.37
C LEU UA 79 -26.67 32.47 14.79
N LEU UA 80 -25.68 31.79 14.23
CA LEU UA 80 -24.58 32.49 13.59
C LEU UA 80 -24.91 32.93 12.18
N TYR UA 81 -26.01 32.48 11.59
CA TYR UA 81 -26.44 33.04 10.34
C TYR UA 81 -27.39 34.21 10.51
N ASN UA 82 -27.58 34.71 11.72
CA ASN UA 82 -28.17 36.03 11.90
C ASN UA 82 -27.18 37.05 12.37
N ALA UA 83 -26.12 36.62 13.05
CA ALA UA 83 -25.02 37.54 13.30
C ALA UA 83 -24.32 37.88 12.00
N LEU UA 84 -24.37 36.99 11.02
CA LEU UA 84 -23.77 37.23 9.72
C LEU UA 84 -24.64 38.14 8.86
N SER UA 85 -25.85 37.73 8.57
CA SER UA 85 -26.67 38.41 7.59
C SER UA 85 -27.26 39.71 8.09
N SER UA 86 -27.09 40.06 9.36
CA SER UA 86 -27.54 41.34 9.84
C SER UA 86 -26.41 42.19 10.41
N GLY UA 87 -25.17 41.70 10.37
CA GLY UA 87 -24.05 42.48 10.81
C GLY UA 87 -24.00 42.69 12.31
N GLU UA 88 -24.54 41.77 13.07
CA GLU UA 88 -24.54 41.91 14.52
C GLU UA 88 -23.14 41.64 15.07
N LYS UA 89 -22.65 42.56 15.88
CA LYS UA 89 -21.38 42.33 16.51
C LYS UA 89 -21.54 41.31 17.63
N LEU UA 90 -20.46 40.64 17.96
CA LEU UA 90 -20.45 39.63 19.00
C LEU UA 90 -19.58 40.16 20.12
N LYS UA 91 -20.10 40.17 21.35
CA LYS UA 91 -19.39 40.84 22.44
C LYS UA 91 -18.10 40.12 22.80
N THR UA 92 -18.08 38.80 22.71
CA THR UA 92 -16.85 38.08 22.99
C THR UA 92 -16.82 36.74 22.28
N VAL UA 93 -15.62 36.27 22.01
CA VAL UA 93 -15.37 34.94 21.45
C VAL UA 93 -14.12 34.45 22.16
N GLU UA 94 -14.26 33.42 22.98
CA GLU UA 94 -13.12 32.98 23.78
C GLU UA 94 -12.69 31.61 23.29
N LEU UA 95 -11.81 31.58 22.31
CA LEU UA 95 -11.17 30.34 21.91
C LEU UA 95 -10.27 29.84 23.02
N LYS UA 96 -10.22 28.54 23.20
CA LYS UA 96 -9.38 27.94 24.25
C LYS UA 96 -8.66 26.74 23.67
N TRP UA 97 -7.35 26.85 23.52
CA TRP UA 97 -6.54 25.79 22.94
C TRP UA 97 -6.22 24.77 24.01
N TYR UA 98 -6.71 23.56 23.88
CA TYR UA 98 -6.37 22.55 24.87
C TYR UA 98 -5.13 21.78 24.44
N ARG UA 99 -4.52 21.12 25.41
CA ARG UA 99 -3.47 20.15 25.13
C ARG UA 99 -3.41 19.20 26.30
N THR UA 100 -2.78 18.06 26.07
CA THR UA 100 -2.67 17.02 27.08
C THR UA 100 -1.39 17.24 27.86
N SER UA 101 -1.54 17.47 29.17
CA SER UA 101 -0.38 17.80 29.99
C SER UA 101 0.33 16.53 30.42
N ILE UA 102 1.29 16.68 31.34
CA ILE UA 102 2.11 15.55 31.75
C ILE UA 102 1.34 14.64 32.69
N GLU UA 103 0.57 15.22 33.61
CA GLU UA 103 -0.17 14.44 34.58
C GLU UA 103 -1.35 13.70 33.97
N GLY UA 104 -1.71 14.01 32.74
CA GLY UA 104 -2.76 13.29 32.05
C GLY UA 104 -4.07 14.01 31.97
N LYS UA 105 -4.09 15.32 32.11
CA LYS UA 105 -5.32 16.07 32.14
C LYS UA 105 -5.29 17.16 31.09
N GLN UA 106 -6.43 17.39 30.45
CA GLN UA 106 -6.57 18.46 29.49
C GLN UA 106 -6.44 19.80 30.21
N GLU UA 107 -5.83 20.77 29.52
CA GLU UA 107 -5.74 22.10 30.08
C GLU UA 107 -5.59 23.10 28.95
N ASN UA 108 -6.14 24.29 29.15
CA ASN UA 108 -5.95 25.34 28.16
C ASN UA 108 -4.60 25.99 28.39
N PHE UA 109 -3.72 25.85 27.42
CA PHE UA 109 -2.43 26.48 27.54
C PHE UA 109 -2.41 27.84 26.85
N PHE UA 110 -3.49 28.23 26.19
CA PHE UA 110 -3.44 29.37 25.29
C PHE UA 110 -4.89 29.74 24.99
N THR UA 111 -5.29 30.98 25.29
CA THR UA 111 -6.63 31.44 24.95
C THR UA 111 -6.52 32.71 24.15
N THR UA 112 -7.31 32.82 23.09
CA THR UA 112 -7.33 34.03 22.26
C THR UA 112 -8.72 34.63 22.40
N LYS UA 113 -8.92 35.51 23.37
CA LYS UA 113 -10.20 36.18 23.50
C LYS UA 113 -10.38 37.20 22.40
N LEU UA 114 -11.52 37.89 22.42
CA LEU UA 114 -11.90 38.68 21.28
C LEU UA 114 -12.97 39.65 21.73
N GLU UA 115 -12.85 40.91 21.38
CA GLU UA 115 -13.93 41.86 21.64
C GLU UA 115 -14.81 41.93 20.41
N ASN UA 116 -15.55 43.03 20.22
CA ASN UA 116 -16.60 43.20 19.22
C ASN UA 116 -16.22 42.70 17.85
N ALA UA 117 -16.89 41.65 17.41
CA ALA UA 117 -16.38 40.82 16.31
C ALA UA 117 -17.55 40.40 15.43
N SER UA 118 -17.74 41.08 14.33
CA SER UA 118 -18.76 40.63 13.38
C SER UA 118 -18.29 39.38 12.68
N ILE UA 119 -19.19 38.75 11.94
CA ILE UA 119 -18.87 37.57 11.15
C ILE UA 119 -18.74 37.99 9.70
N VAL UA 120 -17.61 37.67 9.09
CA VAL UA 120 -17.41 38.04 7.69
C VAL UA 120 -18.12 37.06 6.78
N ASP UA 121 -17.77 35.79 6.86
CA ASP UA 121 -18.48 34.80 6.06
C ASP UA 121 -18.48 33.46 6.75
N ILE UA 122 -19.41 32.60 6.32
CA ILE UA 122 -19.59 31.27 6.86
C ILE UA 122 -19.69 30.32 5.68
N HIS UA 123 -18.81 29.33 5.65
CA HIS UA 123 -18.68 28.43 4.51
C HIS UA 123 -19.16 27.04 4.90
N CYS UA 124 -20.46 26.82 4.78
CA CYS UA 124 -21.05 25.53 5.09
C CYS UA 124 -20.88 24.59 3.91
N GLU UA 125 -20.25 23.44 4.15
CA GLU UA 125 -20.10 22.45 3.09
C GLU UA 125 -20.26 21.06 3.68
N MET UA 126 -20.40 20.08 2.80
CA MET UA 126 -20.50 18.69 3.17
C MET UA 126 -19.73 17.93 2.12
N PRO UA 127 -18.83 17.04 2.52
CA PRO UA 127 -18.07 16.26 1.53
C PRO UA 127 -18.96 15.26 0.80
N HIS UA 128 -18.40 14.69 -0.25
CA HIS UA 128 -19.18 13.87 -1.17
C HIS UA 128 -19.51 12.53 -0.52
N CYS UA 129 -20.79 12.16 -0.59
CA CYS UA 129 -21.24 10.97 0.13
C CYS UA 129 -20.80 9.69 -0.54
N GLN UA 130 -20.57 9.71 -1.85
CA GLN UA 130 -20.05 8.54 -2.56
C GLN UA 130 -18.60 8.26 -2.21
N ASP UA 131 -17.85 9.28 -1.80
CA ASP UA 131 -16.42 9.19 -1.68
C ASP UA 131 -16.06 8.51 -0.36
N PRO UA 132 -15.34 7.38 -0.37
CA PRO UA 132 -15.01 6.70 0.88
C PRO UA 132 -13.83 7.30 1.62
N ALA UA 133 -13.05 8.18 0.99
CA ALA UA 133 -11.94 8.81 1.69
C ALA UA 133 -12.41 9.85 2.69
N LYS UA 134 -13.59 10.42 2.47
CA LYS UA 134 -14.14 11.44 3.35
C LYS UA 134 -15.41 10.93 4.01
N SER UA 135 -15.38 9.70 4.50
CA SER UA 135 -16.54 9.11 5.13
C SER UA 135 -16.65 9.45 6.61
N ASP UA 136 -15.53 9.72 7.26
CA ASP UA 136 -15.54 10.03 8.67
C ASP UA 136 -16.01 11.44 8.96
N PHE UA 137 -15.94 12.34 7.99
CA PHE UA 137 -16.37 13.71 8.20
C PHE UA 137 -17.88 13.78 8.22
N THR UA 138 -18.41 14.79 8.91
CA THR UA 138 -19.85 14.98 8.93
C THR UA 138 -20.26 16.23 8.15
N GLN UA 139 -19.84 17.40 8.60
CA GLN UA 139 -20.06 18.65 7.92
C GLN UA 139 -18.88 19.56 8.25
N ASN UA 140 -18.87 20.72 7.62
CA ASN UA 140 -17.82 21.70 7.86
C ASN UA 140 -18.45 23.08 7.77
N VAL UA 141 -18.58 23.76 8.89
CA VAL UA 141 -19.12 25.11 8.92
C VAL UA 141 -18.00 26.01 9.41
N THR UA 142 -17.33 26.68 8.48
CA THR UA 142 -16.15 27.49 8.79
C THR UA 142 -16.60 28.92 8.98
N VAL UA 143 -16.72 29.35 10.22
CA VAL UA 143 -17.22 30.68 10.53
C VAL UA 143 -16.05 31.64 10.66
N SER UA 144 -16.08 32.73 9.92
CA SER UA 144 -15.02 33.70 10.03
C SER UA 144 -15.40 34.81 10.99
N LEU UA 145 -14.40 35.55 11.44
CA LEU UA 145 -14.63 36.64 12.38
C LEU UA 145 -13.63 37.74 12.11
N SER UA 146 -14.08 38.86 11.56
CA SER UA 146 -13.32 40.07 11.76
C SER UA 146 -13.65 40.60 13.15
N TYR UA 147 -12.83 41.50 13.66
CA TYR UA 147 -12.87 41.77 15.09
C TYR UA 147 -12.20 43.10 15.39
N ARG UA 148 -12.70 43.77 16.41
CA ARG UA 148 -12.05 45.01 16.83
C ARG UA 148 -10.80 44.71 17.65
N LYS UA 149 -10.96 44.06 18.80
CA LYS UA 149 -9.89 43.86 19.75
C LYS UA 149 -9.69 42.38 20.01
N ILE UA 150 -8.46 41.94 19.89
CA ILE UA 150 -8.08 40.56 20.12
C ILE UA 150 -7.01 40.53 21.20
N THR UA 151 -7.08 39.56 22.10
CA THR UA 151 -6.11 39.41 23.17
C THR UA 151 -5.64 37.97 23.23
N TRP UA 152 -4.46 37.70 22.72
CA TRP UA 152 -3.83 36.41 22.95
C TRP UA 152 -3.42 36.31 24.41
N ASP UA 153 -3.39 35.09 24.93
CA ASP UA 153 -3.09 34.91 26.34
C ASP UA 153 -2.59 33.48 26.53
N HIS UA 154 -1.30 33.34 26.78
CA HIS UA 154 -0.77 32.03 27.14
C HIS UA 154 -0.92 31.86 28.64
N VAL UA 155 -1.59 30.79 29.05
CA VAL UA 155 -1.96 30.63 30.44
C VAL UA 155 -0.83 30.03 31.28
N ASN UA 156 -0.20 28.96 30.80
CA ASN UA 156 0.82 28.27 31.59
C ASN UA 156 2.13 29.03 31.70
N ALA UA 157 2.32 30.11 30.95
CA ALA UA 157 3.50 30.95 31.11
C ALA UA 157 3.14 32.40 31.32
N GLY UA 158 1.86 32.73 31.39
CA GLY UA 158 1.43 34.03 31.83
C GLY UA 158 1.58 35.16 30.84
N THR UA 159 2.19 34.94 29.67
CA THR UA 159 2.33 36.03 28.71
C THR UA 159 0.98 36.38 28.10
N SER UA 160 0.88 37.61 27.61
CA SER UA 160 -0.38 38.07 27.06
C SER UA 160 -0.12 39.16 26.04
N GLY UA 161 -0.54 38.93 24.81
CA GLY UA 161 -0.48 39.97 23.80
C GLY UA 161 -1.84 40.62 23.66
N SER UA 162 -1.91 41.74 22.96
CA SER UA 162 -3.18 42.41 22.78
C SER UA 162 -3.08 43.33 21.58
N ASP UA 163 -4.16 43.40 20.82
CA ASP UA 163 -4.30 44.41 19.78
C ASP UA 163 -5.66 45.03 19.92
N ASP UA 164 -5.75 46.32 19.60
CA ASP UA 164 -7.03 46.99 19.68
C ASP UA 164 -7.05 48.15 18.71
N TRP UA 165 -8.14 48.27 17.98
CA TRP UA 165 -8.33 49.48 17.21
C TRP UA 165 -8.77 50.63 18.09
N ARG UA 166 -9.46 50.33 19.19
CA ARG UA 166 -9.99 51.36 20.06
C ARG UA 166 -8.87 52.12 20.77
N LYS UA 167 -7.85 51.40 21.23
CA LYS UA 167 -6.75 51.98 21.99
C LYS UA 167 -5.43 51.52 21.39
N PRO UA 168 -4.99 52.14 20.30
CA PRO UA 168 -3.65 51.85 19.80
C PRO UA 168 -2.63 52.46 20.72
N ILE UA 169 -1.39 52.00 20.60
CA ILE UA 169 -0.41 52.22 21.66
C ILE UA 169 0.08 53.66 21.56
N GLU UA 170 -0.56 54.53 22.34
CA GLU UA 170 -0.47 56.01 22.40
C GLU UA 170 -0.36 56.76 21.06
N GLY VA 1 -48.05 98.81 80.44
CA GLY VA 1 -48.20 97.96 79.28
C GLY VA 1 -47.81 98.65 77.98
N SER VA 2 -46.79 99.52 78.05
CA SER VA 2 -46.34 100.22 76.86
C SER VA 2 -45.57 99.32 75.91
N LEU VA 3 -45.00 98.21 76.41
CA LEU VA 3 -44.33 97.27 75.52
C LEU VA 3 -45.34 96.50 74.67
N LEU VA 4 -46.54 96.29 75.17
CA LEU VA 4 -47.60 95.71 74.36
C LEU VA 4 -48.10 96.71 73.32
N ASP VA 5 -47.99 98.02 73.62
CA ASP VA 5 -48.38 99.03 72.65
C ASP VA 5 -47.41 99.11 71.48
N GLU VA 6 -46.13 98.78 71.71
CA GLU VA 6 -45.16 98.79 70.62
C GLU VA 6 -45.33 97.57 69.72
N ILE VA 7 -45.84 96.46 70.26
CA ILE VA 7 -46.12 95.29 69.44
C ILE VA 7 -47.38 95.51 68.61
N MET VA 8 -48.41 96.10 69.21
CA MET VA 8 -49.65 96.37 68.49
C MET VA 8 -49.50 97.47 67.45
N ALA VA 9 -48.60 98.44 67.69
CA ALA VA 9 -48.29 99.42 66.66
C ALA VA 9 -47.42 98.82 65.55
N GLN VA 10 -46.70 97.75 65.84
CA GLN VA 10 -45.93 97.01 64.85
C GLN VA 10 -46.89 96.11 64.08
N THR VA 11 -47.32 96.56 62.90
CA THR VA 11 -48.40 95.90 62.18
C THR VA 11 -48.01 94.58 61.54
N ARG VA 12 -46.73 94.21 61.56
CA ARG VA 12 -46.32 92.93 60.99
C ARG VA 12 -46.70 91.76 61.87
N CYS VA 13 -46.64 91.92 63.19
CA CYS VA 13 -46.98 90.85 64.14
C CYS VA 13 -47.82 91.43 65.29
N ALA VA 14 -48.84 92.23 64.95
CA ALA VA 14 -49.59 92.92 65.99
C ALA VA 14 -50.54 92.01 66.78
N PRO VA 15 -51.56 91.32 66.14
CA PRO VA 15 -52.63 90.77 66.99
C PRO VA 15 -52.33 89.41 67.62
N SER VA 16 -51.11 89.23 68.13
CA SER VA 16 -50.67 88.07 68.91
C SER VA 16 -50.92 86.75 68.18
N GLU VA 17 -50.26 86.60 67.03
CA GLU VA 17 -50.47 85.43 66.18
C GLU VA 17 -49.25 84.51 66.15
N GLU VA 18 -48.09 85.03 65.75
CA GLU VA 18 -46.88 84.21 65.65
C GLU VA 18 -45.66 85.10 65.74
N GLY VA 19 -44.70 84.70 66.59
CA GLY VA 19 -43.48 85.47 66.73
C GLY VA 19 -43.58 86.69 67.61
N TYR VA 20 -44.64 86.79 68.43
CA TYR VA 20 -44.80 87.94 69.30
C TYR VA 20 -44.05 87.80 70.62
N ASP VA 21 -43.67 86.58 71.01
CA ASP VA 21 -42.87 86.39 72.20
C ASP VA 21 -41.38 86.51 71.92
N ILE VA 22 -40.96 86.24 70.69
CA ILE VA 22 -39.55 86.39 70.33
C ILE VA 22 -39.20 87.85 70.13
N ALA VA 23 -40.05 88.60 69.42
CA ALA VA 23 -39.81 90.02 69.19
C ALA VA 23 -39.97 90.85 70.46
N LYS VA 24 -40.77 90.38 71.42
CA LYS VA 24 -40.82 91.04 72.73
C LYS VA 24 -39.50 90.89 73.47
N LYS VA 25 -38.83 89.75 73.31
CA LYS VA 25 -37.50 89.58 73.88
C LYS VA 25 -36.45 90.38 73.13
N GLY VA 26 -36.74 90.78 71.89
CA GLY VA 26 -35.81 91.57 71.10
C GLY VA 26 -35.78 93.03 71.49
N VAL VA 27 -36.95 93.58 71.83
CA VAL VA 27 -37.03 94.98 72.25
C VAL VA 27 -36.41 95.15 73.63
N ALA VA 28 -36.73 94.25 74.56
CA ALA VA 28 -36.29 94.41 75.94
C ALA VA 28 -34.80 94.14 76.11
N ALA VA 29 -34.20 93.37 75.21
CA ALA VA 29 -32.76 93.11 75.30
C ALA VA 29 -31.95 94.30 74.81
N PHE VA 30 -32.46 95.04 73.81
CA PHE VA 30 -31.72 96.16 73.25
C PHE VA 30 -31.72 97.37 74.17
N ILE VA 31 -32.78 97.52 74.97
CA ILE VA 31 -32.87 98.67 75.88
C ILE VA 31 -31.89 98.50 77.05
N GLU VA 32 -31.63 97.26 77.46
CA GLU VA 32 -30.73 97.01 78.59
C GLU VA 32 -29.28 97.35 78.27
N ASN VA 33 -28.90 97.29 77.00
CA ASN VA 33 -27.56 97.68 76.57
C ASN VA 33 -27.52 99.06 75.94
N LEU VA 34 -28.67 99.73 75.82
CA LEU VA 34 -28.73 101.04 75.18
C LEU VA 34 -28.14 102.14 76.06
N MET VA 35 -28.09 101.93 77.38
CA MET VA 35 -27.67 102.97 78.30
C MET VA 35 -26.16 103.25 78.27
N GLY VA 36 -25.37 102.44 77.56
CA GLY VA 36 -23.97 102.75 77.39
C GLY VA 36 -23.74 103.93 76.47
N SER VA 37 -24.65 104.15 75.52
CA SER VA 37 -24.55 105.30 74.60
C SER VA 37 -25.96 105.63 74.14
N GLN VA 38 -26.51 106.74 74.66
CA GLN VA 38 -27.87 107.14 74.35
C GLN VA 38 -27.92 107.78 72.97
N HIS VA 39 -28.78 107.24 72.10
CA HIS VA 39 -28.98 107.77 70.76
C HIS VA 39 -30.36 107.38 70.28
N SER VA 40 -30.97 108.26 69.48
CA SER VA 40 -32.36 108.07 69.02
C SER VA 40 -32.40 108.27 67.49
N ALA VA 41 -32.09 107.19 66.76
CA ALA VA 41 -32.22 107.15 65.31
C ALA VA 41 -32.16 105.69 64.87
N GLU VA 42 -33.17 105.25 64.12
CA GLU VA 42 -33.23 103.86 63.65
C GLU VA 42 -32.06 103.43 62.75
N PRO VA 43 -31.61 104.19 61.73
CA PRO VA 43 -30.49 103.68 60.92
C PRO VA 43 -29.16 103.67 61.64
N VAL VA 44 -28.96 104.54 62.62
CA VAL VA 44 -27.80 104.40 63.49
C VAL VA 44 -28.00 103.21 64.42
N ASN VA 45 -29.25 102.98 64.85
CA ASN VA 45 -29.57 101.79 65.63
C ASN VA 45 -29.41 100.51 64.82
N LYS VA 46 -29.64 100.57 63.50
CA LYS VA 46 -29.32 99.43 62.65
C LYS VA 46 -27.81 99.19 62.60
N SER VA 47 -27.01 100.23 62.82
CA SER VA 47 -25.59 100.03 63.06
C SER VA 47 -25.31 99.73 64.53
N LEU VA 48 -26.10 100.30 65.45
CA LEU VA 48 -25.89 100.02 66.87
C LEU VA 48 -26.31 98.61 67.25
N VAL VA 49 -27.28 98.02 66.53
CA VAL VA 49 -27.52 96.59 66.68
C VAL VA 49 -26.31 95.80 66.19
N ASP VA 50 -25.76 96.21 65.04
CA ASP VA 50 -24.56 95.56 64.52
C ASP VA 50 -23.33 95.82 65.39
N GLN VA 51 -23.26 96.98 66.04
CA GLN VA 51 -22.19 97.22 67.00
C GLN VA 51 -22.40 96.48 68.31
N MET VA 52 -23.61 95.98 68.56
CA MET VA 52 -23.85 95.04 69.65
C MET VA 52 -23.77 93.59 69.19
N LEU VA 53 -23.52 93.34 67.91
CA LEU VA 53 -23.26 91.99 67.42
C LEU VA 53 -21.77 91.72 67.25
N VAL VA 54 -21.00 92.74 66.86
CA VAL VA 54 -19.55 92.57 66.77
C VAL VA 54 -18.93 92.40 68.15
N GLU VA 55 -19.40 93.19 69.12
CA GLU VA 55 -18.93 93.02 70.50
C GLU VA 55 -19.47 91.75 71.12
N LEU VA 56 -20.61 91.24 70.62
CA LEU VA 56 -21.13 89.96 71.07
C LEU VA 56 -20.30 88.81 70.53
N ASP VA 57 -19.90 88.89 69.27
CA ASP VA 57 -19.07 87.85 68.68
C ASP VA 57 -17.66 87.83 69.26
N LYS VA 58 -17.18 88.94 69.81
CA LYS VA 58 -15.94 88.92 70.56
C LYS VA 58 -16.12 88.18 71.88
N LYS VA 59 -17.34 88.14 72.41
CA LYS VA 59 -17.60 87.38 73.63
C LYS VA 59 -17.83 85.90 73.34
N ILE VA 60 -18.42 85.57 72.18
CA ILE VA 60 -18.77 84.18 71.92
C ILE VA 60 -17.60 83.43 71.30
N SER VA 61 -16.97 84.02 70.27
CA SER VA 61 -15.90 83.31 69.57
C SER VA 61 -14.65 83.17 70.41
N ALA VA 62 -14.46 84.06 71.39
CA ALA VA 62 -13.37 83.85 72.34
C ALA VA 62 -13.67 82.72 73.30
N GLN VA 63 -14.95 82.40 73.51
CA GLN VA 63 -15.31 81.23 74.29
C GLN VA 63 -15.27 79.97 73.44
N MET VA 64 -15.68 80.07 72.18
CA MET VA 64 -15.64 78.92 71.27
C MET VA 64 -14.26 78.69 70.67
N ASP VA 65 -13.28 79.51 70.98
CA ASP VA 65 -11.89 79.14 70.80
C ASP VA 65 -11.30 78.57 72.07
N GLU VA 66 -12.12 78.34 73.09
CA GLU VA 66 -11.68 77.71 74.32
C GLU VA 66 -12.47 76.46 74.66
N ILE VA 67 -13.73 76.35 74.25
CA ILE VA 67 -14.42 75.08 74.33
C ILE VA 67 -13.87 74.13 73.27
N LEU VA 68 -13.53 74.65 72.10
CA LEU VA 68 -12.68 73.93 71.17
C LEU VA 68 -11.22 74.08 71.62
N HIS VA 69 -10.31 73.50 70.83
CA HIS VA 69 -8.86 73.67 70.98
C HIS VA 69 -8.35 73.16 72.33
N ASN VA 70 -9.06 72.22 72.93
CA ASN VA 70 -8.70 71.65 74.22
C ASN VA 70 -8.02 70.30 74.00
N SER VA 71 -7.12 69.94 74.92
CA SER VA 71 -6.32 68.73 74.76
C SER VA 71 -7.16 67.46 74.86
N GLN VA 72 -8.31 67.52 75.56
CA GLN VA 72 -9.23 66.41 75.55
C GLN VA 72 -10.12 66.43 74.32
N PHE VA 73 -10.48 67.63 73.84
CA PHE VA 73 -11.38 67.72 72.70
C PHE VA 73 -10.64 67.47 71.38
N GLN VA 74 -9.54 68.21 71.16
CA GLN VA 74 -8.85 68.19 69.88
C GLN VA 74 -8.18 66.85 69.60
N ALA VA 75 -7.63 66.20 70.64
CA ALA VA 75 -7.05 64.88 70.45
C ALA VA 75 -8.12 63.82 70.20
N MET VA 76 -9.34 64.07 70.67
CA MET VA 76 -10.47 63.21 70.37
C MET VA 76 -11.31 63.73 69.21
N GLU VA 77 -10.90 64.84 68.59
CA GLU VA 77 -11.49 65.25 67.33
C GLU VA 77 -10.64 64.82 66.15
N SER VA 78 -9.32 64.94 66.26
CA SER VA 78 -8.42 64.50 65.20
C SER VA 78 -8.43 62.98 65.06
N ALA VA 79 -8.60 62.26 66.16
CA ALA VA 79 -8.68 60.81 66.12
C ALA VA 79 -10.01 60.30 65.57
N TRP VA 80 -10.99 61.18 65.39
CA TRP VA 80 -12.30 60.77 64.92
C TRP VA 80 -12.70 61.42 63.60
N ARG VA 81 -12.38 62.70 63.40
CA ARG VA 81 -12.61 63.29 62.09
C ARG VA 81 -11.60 62.78 61.07
N GLY VA 82 -10.39 62.42 61.53
CA GLY VA 82 -9.44 61.75 60.68
C GLY VA 82 -9.87 60.37 60.23
N LEU VA 83 -10.74 59.72 61.00
CA LEU VA 83 -11.37 58.50 60.52
C LEU VA 83 -12.32 58.79 59.37
N LYS VA 84 -13.03 59.93 59.43
CA LYS VA 84 -13.96 60.29 58.36
C LYS VA 84 -13.21 60.59 57.07
N LEU VA 85 -11.98 61.10 57.16
CA LEU VA 85 -11.13 61.21 56.00
C LEU VA 85 -10.67 59.84 55.48
N PHE VA 86 -10.67 58.82 56.33
CA PHE VA 86 -10.40 57.49 55.83
C PHE VA 86 -11.66 56.78 55.35
N VAL VA 87 -12.84 57.22 55.77
CA VAL VA 87 -14.06 56.61 55.28
C VAL VA 87 -14.53 57.24 53.97
N ASP VA 88 -14.35 58.57 53.83
CA ASP VA 88 -14.87 59.27 52.66
C ASP VA 88 -14.05 58.98 51.41
N ARG VA 89 -12.76 58.72 51.54
CA ARG VA 89 -11.93 58.52 50.36
C ARG VA 89 -12.01 57.11 49.83
N THR VA 90 -12.05 56.11 50.72
CA THR VA 90 -11.99 54.72 50.30
C THR VA 90 -13.34 54.27 49.77
N ASP VA 91 -13.33 53.68 48.58
CA ASP VA 91 -14.58 53.28 47.92
C ASP VA 91 -15.00 51.94 48.49
N PHE VA 92 -16.02 51.95 49.35
CA PHE VA 92 -16.51 50.73 49.96
C PHE VA 92 -17.30 49.86 48.99
N ARG VA 93 -17.70 50.39 47.84
CA ARG VA 93 -18.31 49.54 46.83
C ARG VA 93 -17.28 48.64 46.14
N GLU VA 94 -16.01 49.04 46.13
CA GLU VA 94 -14.96 48.25 45.48
C GLU VA 94 -14.27 47.30 46.45
N ASN VA 95 -15.07 46.53 47.20
CA ASN VA 95 -14.61 45.44 48.08
C ASN VA 95 -13.61 45.93 49.13
N ASN VA 96 -14.09 46.80 50.01
CA ASN VA 96 -13.29 47.30 51.11
C ASN VA 96 -14.13 47.35 52.37
N LYS VA 97 -13.55 46.92 53.49
CA LYS VA 97 -14.17 47.06 54.79
C LYS VA 97 -13.10 47.53 55.77
N VAL VA 98 -13.54 48.17 56.85
CA VAL VA 98 -12.60 48.66 57.85
C VAL VA 98 -13.20 48.45 59.24
N GLU VA 99 -12.44 47.78 60.10
CA GLU VA 99 -12.85 47.57 61.48
C GLU VA 99 -12.30 48.66 62.37
N ILE VA 100 -13.06 48.97 63.41
CA ILE VA 100 -12.76 50.06 64.34
C ILE VA 100 -12.64 49.48 65.73
N LEU VA 101 -11.45 49.58 66.32
CA LEU VA 101 -11.19 49.03 67.64
C LEU VA 101 -10.85 50.15 68.62
N HIS VA 102 -11.59 50.21 69.72
CA HIS VA 102 -11.31 51.15 70.80
C HIS VA 102 -10.31 50.52 71.76
N VAL VA 103 -9.06 50.93 71.66
CA VAL VA 103 -8.10 50.71 72.73
C VAL VA 103 -7.60 52.07 73.16
N THR VA 104 -6.80 52.09 74.21
CA THR VA 104 -5.90 53.20 74.43
C THR VA 104 -4.47 52.69 74.36
N LYS VA 105 -3.54 53.61 74.08
CA LYS VA 105 -2.17 53.24 73.82
C LYS VA 105 -1.47 52.69 75.06
N ASP VA 106 -1.88 53.16 76.24
CA ASP VA 106 -1.34 52.59 77.47
C ASP VA 106 -1.98 51.26 77.82
N GLU VA 107 -3.21 51.02 77.36
CA GLU VA 107 -3.86 49.75 77.62
C GLU VA 107 -3.24 48.64 76.76
N LEU VA 108 -2.73 48.99 75.60
CA LEU VA 108 -2.35 47.97 74.62
C LEU VA 108 -1.05 47.28 75.03
N LEU VA 109 -0.09 48.02 75.58
CA LEU VA 109 1.13 47.40 76.07
C LEU VA 109 0.85 46.55 77.30
N GLU VA 110 -0.09 46.97 78.14
CA GLU VA 110 -0.52 46.16 79.27
C GLU VA 110 -1.19 44.87 78.80
N ASP VA 111 -1.90 44.93 77.67
CA ASP VA 111 -2.52 43.74 77.11
C ASP VA 111 -1.49 42.78 76.50
N PHE VA 112 -0.35 43.28 76.06
CA PHE VA 112 0.74 42.39 75.70
C PHE VA 112 1.52 41.93 76.91
N GLU VA 113 1.50 42.70 77.99
CA GLU VA 113 2.00 42.23 79.28
C GLU VA 113 1.02 41.25 79.93
N PHE VA 114 -0.24 41.28 79.50
CA PHE VA 114 -1.28 40.41 80.02
C PHE VA 114 -1.01 38.94 79.70
N ALA VA 115 -0.77 38.64 78.43
CA ALA VA 115 -0.54 37.26 78.04
C ALA VA 115 0.95 36.92 78.10
N PRO VA 116 1.27 35.67 78.43
CA PRO VA 116 2.70 35.27 78.44
C PRO VA 116 3.29 35.16 77.06
N GLU VA 117 2.47 34.99 76.02
CA GLU VA 117 2.94 34.89 74.65
C GLU VA 117 2.05 35.77 73.79
N THR VA 118 2.65 36.35 72.73
CA THR VA 118 1.90 37.18 71.78
C THR VA 118 0.81 36.42 71.06
N ALA VA 119 0.94 35.09 70.96
CA ALA VA 119 -0.07 34.23 70.37
C ALA VA 119 -1.23 33.93 71.30
N GLN VA 120 -1.30 34.57 72.47
CA GLN VA 120 -2.47 34.45 73.33
C GLN VA 120 -2.96 35.82 73.79
N SER VA 121 -2.54 36.90 73.13
CA SER VA 121 -2.88 38.24 73.56
C SER VA 121 -4.33 38.57 73.22
N GLY VA 122 -4.76 39.75 73.66
CA GLY VA 122 -6.10 40.20 73.31
C GLY VA 122 -6.16 40.91 71.98
N LEU VA 123 -5.05 41.53 71.57
CA LEU VA 123 -5.00 42.11 70.23
C LEU VA 123 -4.82 41.03 69.18
N TYR VA 124 -4.16 39.94 69.54
CA TYR VA 124 -4.03 38.78 68.65
C TYR VA 124 -5.38 38.14 68.36
N LYS VA 125 -6.35 38.32 69.25
CA LYS VA 125 -7.68 37.80 68.99
C LYS VA 125 -8.38 38.60 67.91
N HIS VA 126 -8.17 39.90 67.86
CA HIS VA 126 -8.88 40.73 66.91
C HIS VA 126 -8.16 40.88 65.58
N VAL VA 127 -6.84 40.72 65.57
CA VAL VA 127 -6.09 40.83 64.32
C VAL VA 127 -6.06 39.49 63.60
N TYR VA 128 -5.72 38.42 64.32
CA TYR VA 128 -5.54 37.12 63.71
C TYR VA 128 -6.82 36.29 63.73
N SER VA 129 -7.33 35.99 64.91
CA SER VA 129 -8.31 34.90 65.04
C SER VA 129 -9.71 35.33 64.66
N ALA VA 130 -10.12 36.56 64.95
CA ALA VA 130 -11.45 36.99 64.54
C ALA VA 130 -11.50 37.33 63.06
N GLY VA 131 -10.36 37.52 62.44
CA GLY VA 131 -10.27 37.84 61.03
C GLY VA 131 -9.67 36.70 60.24
N TYR VA 132 -8.35 36.79 60.09
CA TYR VA 132 -7.57 35.88 59.24
C TYR VA 132 -7.67 34.43 59.70
N GLY VA 133 -7.48 34.18 60.99
CA GLY VA 133 -7.57 32.82 61.48
C GLY VA 133 -8.99 32.39 61.77
N GLN VA 134 -9.81 32.34 60.74
CA GLN VA 134 -11.23 32.09 60.89
C GLN VA 134 -11.76 31.51 59.58
N PHE VA 135 -12.55 30.46 59.68
CA PHE VA 135 -13.13 29.88 58.47
C PHE VA 135 -14.16 30.83 57.88
N GLY VA 136 -13.87 31.33 56.69
CA GLY VA 136 -14.76 32.22 55.98
C GLY VA 136 -14.64 33.68 56.37
N GLY VA 137 -13.96 33.99 57.47
CA GLY VA 137 -13.83 35.37 57.88
C GLY VA 137 -12.86 36.14 56.99
N GLU VA 138 -13.16 37.41 56.80
CA GLU VA 138 -12.30 38.26 55.97
C GLU VA 138 -11.01 38.58 56.70
N PRO VA 139 -9.86 38.45 56.05
CA PRO VA 139 -8.59 38.62 56.74
C PRO VA 139 -8.15 40.07 56.74
N VAL VA 140 -7.18 40.35 57.60
CA VAL VA 140 -6.76 41.72 57.91
C VAL VA 140 -5.61 42.13 57.01
N GLY VA 141 -5.80 43.23 56.29
CA GLY VA 141 -4.76 43.74 55.42
C GLY VA 141 -3.69 44.53 56.15
N ALA VA 142 -4.08 45.50 56.96
CA ALA VA 142 -3.11 46.32 57.67
C ALA VA 142 -3.74 46.85 58.94
N ILE VA 143 -2.88 47.26 59.87
CA ILE VA 143 -3.32 47.82 61.15
C ILE VA 143 -2.92 49.28 61.19
N ILE VA 144 -3.91 50.16 61.21
CA ILE VA 144 -3.67 51.59 61.36
C ILE VA 144 -3.43 51.88 62.83
N GLY VA 145 -2.23 52.35 63.16
CA GLY VA 145 -1.95 52.78 64.51
C GLY VA 145 -2.15 54.26 64.68
N ASN VA 146 -3.16 54.65 65.46
CA ASN VA 146 -3.49 56.05 65.67
C ASN VA 146 -2.73 56.61 66.87
N TYR VA 147 -1.41 56.43 66.83
CA TYR VA 147 -0.55 56.58 67.98
C TYR VA 147 0.50 57.67 67.71
N ALA VA 148 1.22 58.01 68.76
CA ALA VA 148 2.34 58.96 68.67
C ALA VA 148 3.51 58.31 69.40
N PHE VA 149 4.41 57.70 68.64
CA PHE VA 149 5.45 56.87 69.23
C PHE VA 149 6.64 57.69 69.70
N THR VA 150 7.10 57.38 70.88
CA THR VA 150 8.34 57.82 71.48
C THR VA 150 9.41 56.76 71.26
N PRO VA 151 10.69 57.08 71.45
CA PRO VA 151 11.69 56.02 71.40
C PRO VA 151 11.96 55.35 72.74
N SER VA 152 11.07 55.54 73.70
CA SER VA 152 11.28 55.01 75.04
C SER VA 152 10.96 53.52 75.07
N THR VA 153 11.26 52.90 76.20
CA THR VA 153 11.03 51.48 76.45
C THR VA 153 9.54 51.07 76.42
N PRO VA 154 8.57 51.84 76.94
CA PRO VA 154 7.17 51.43 76.72
C PRO VA 154 6.65 51.62 75.30
N ASP VA 155 7.46 52.11 74.37
CA ASP VA 155 7.06 52.16 72.97
C ASP VA 155 7.97 51.37 72.04
N MET VA 156 9.11 50.90 72.51
CA MET VA 156 9.86 49.89 71.78
C MET VA 156 9.52 48.48 72.22
N LYS VA 157 8.88 48.34 73.39
CA LYS VA 157 8.34 47.04 73.78
C LYS VA 157 7.03 46.78 73.06
N LEU VA 158 6.28 47.82 72.75
CA LEU VA 158 5.04 47.65 72.00
C LEU VA 158 5.33 47.23 70.57
N LEU VA 159 6.28 47.90 69.91
CA LEU VA 159 6.57 47.59 68.52
C LEU VA 159 7.27 46.26 68.36
N GLN VA 160 7.99 45.80 69.39
CA GLN VA 160 8.51 44.45 69.36
C GLN VA 160 7.38 43.43 69.42
N TYR VA 161 6.31 43.77 70.12
CA TYR VA 161 5.12 42.93 70.20
C TYR VA 161 4.10 43.26 69.12
N MET VA 162 4.39 44.22 68.24
CA MET VA 162 3.57 44.41 67.06
C MET VA 162 4.24 43.91 65.80
N GLY VA 163 5.57 43.83 65.78
CA GLY VA 163 6.25 43.15 64.70
C GLY VA 163 6.05 41.66 64.75
N ALA VA 164 5.97 41.09 65.94
CA ALA VA 164 5.67 39.67 66.08
C ALA VA 164 4.21 39.38 65.78
N LEU VA 165 3.32 40.33 66.09
CA LEU VA 165 1.92 40.15 65.70
C LEU VA 165 1.75 40.32 64.19
N GLY VA 166 2.49 41.26 63.59
CA GLY VA 166 2.41 41.45 62.15
C GLY VA 166 3.02 40.33 61.35
N ALA VA 167 3.90 39.55 61.96
CA ALA VA 167 4.48 38.41 61.26
C ALA VA 167 3.64 37.15 61.40
N MET VA 168 2.61 37.19 62.23
CA MET VA 168 1.73 36.04 62.36
C MET VA 168 0.48 36.17 61.49
N ALA VA 169 -0.10 37.36 61.44
CA ALA VA 169 -1.31 37.58 60.65
C ALA VA 169 -1.02 38.16 59.28
N HIS VA 170 0.26 38.34 58.93
CA HIS VA 170 0.72 38.87 57.65
C HIS VA 170 0.13 40.24 57.34
N ALA VA 171 0.18 41.12 58.32
CA ALA VA 171 -0.38 42.45 58.13
C ALA VA 171 0.54 43.46 58.78
N PRO VA 172 1.09 44.41 58.03
CA PRO VA 172 2.00 45.39 58.62
C PRO VA 172 1.25 46.40 59.46
N PHE VA 173 1.87 46.78 60.56
CA PHE VA 173 1.31 47.76 61.49
C PHE VA 173 1.84 49.14 61.13
N ILE VA 174 0.97 50.00 60.61
CA ILE VA 174 1.34 51.35 60.22
C ILE VA 174 0.87 52.34 61.28
N SER VA 175 1.80 53.17 61.75
CA SER VA 175 1.54 54.18 62.77
C SER VA 175 2.49 55.34 62.48
N SER VA 176 2.67 56.23 63.45
CA SER VA 176 3.53 57.37 63.21
C SER VA 176 4.40 57.63 64.43
N VAL VA 177 5.55 58.25 64.18
CA VAL VA 177 6.43 58.74 65.22
C VAL VA 177 6.03 60.18 65.53
N GLY VA 178 6.40 60.63 66.72
CA GLY VA 178 6.04 61.96 67.16
C GLY VA 178 7.16 62.95 66.93
N PRO VA 179 6.92 64.21 67.32
CA PRO VA 179 8.01 65.19 67.33
C PRO VA 179 9.12 64.79 68.27
N GLU VA 180 8.77 64.31 69.47
CA GLU VA 180 9.74 63.92 70.47
C GLU VA 180 10.53 62.67 70.08
N PHE VA 181 10.12 61.97 69.03
CA PHE VA 181 10.91 60.86 68.52
C PHE VA 181 12.22 61.35 67.95
N PHE VA 182 12.18 62.46 67.22
CA PHE VA 182 13.40 63.03 66.67
C PHE VA 182 14.15 63.88 67.68
N GLY VA 183 13.54 64.19 68.82
CA GLY VA 183 14.20 64.98 69.85
C GLY VA 183 14.17 66.47 69.55
N ILE VA 184 13.00 66.98 69.17
CA ILE VA 184 12.87 68.40 68.86
C ILE VA 184 11.79 69.10 69.68
N ASP VA 185 10.82 68.36 70.24
CA ASP VA 185 9.80 68.83 71.18
C ASP VA 185 8.84 69.89 70.63
N SER VA 186 8.98 70.23 69.35
CA SER VA 186 8.16 71.20 68.63
C SER VA 186 8.48 70.95 67.17
N PHE VA 187 7.46 70.72 66.34
CA PHE VA 187 7.74 69.96 65.13
C PHE VA 187 8.30 70.77 63.98
N GLU VA 188 7.98 72.06 63.89
CA GLU VA 188 8.33 72.84 62.70
C GLU VA 188 9.81 73.15 62.56
N GLU VA 189 10.67 72.65 63.46
CA GLU VA 189 12.10 72.78 63.33
C GLU VA 189 12.75 71.49 62.81
N LEU VA 190 12.04 70.76 61.97
CA LEU VA 190 12.62 69.54 61.40
C LEU VA 190 13.58 69.79 60.23
N PRO VA 191 13.34 70.69 59.27
CA PRO VA 191 14.38 70.94 58.25
C PRO VA 191 15.63 71.62 58.79
N ASN VA 192 15.59 72.15 60.02
CA ASN VA 192 16.78 72.72 60.62
C ASN VA 192 17.79 71.64 60.99
N ILE VA 193 17.36 70.38 61.06
CA ILE VA 193 18.27 69.28 61.36
C ILE VA 193 19.23 69.11 60.19
N LYS VA 194 20.52 69.29 60.46
CA LYS VA 194 21.53 69.27 59.41
C LYS VA 194 22.20 67.91 59.25
N ASP VA 195 22.01 67.00 60.20
CA ASP VA 195 22.54 65.64 60.07
C ASP VA 195 21.63 64.74 60.87
N LEU VA 196 20.74 64.02 60.17
CA LEU VA 196 19.79 63.13 60.81
C LEU VA 196 20.30 61.71 60.90
N LYS VA 197 21.37 61.38 60.16
CA LYS VA 197 21.98 60.07 60.27
C LYS VA 197 22.69 59.90 61.61
N SER VA 198 23.34 60.95 62.10
CA SER VA 198 24.03 60.85 63.37
C SER VA 198 23.09 60.91 64.56
N THR VA 199 21.87 61.43 64.36
CA THR VA 199 20.90 61.48 65.44
C THR VA 199 20.43 60.07 65.81
N PHE VA 200 20.29 59.20 64.80
CA PHE VA 200 19.81 57.85 65.04
C PHE VA 200 20.87 56.90 65.55
N GLU VA 201 22.15 57.31 65.54
CA GLU VA 201 23.24 56.51 66.09
C GLU VA 201 23.65 56.98 67.48
N SER VA 202 22.66 57.43 68.30
CA SER VA 202 22.70 57.87 69.68
C SER VA 202 22.34 56.73 70.62
N PRO VA 203 22.90 56.70 71.83
CA PRO VA 203 22.57 55.61 72.77
C PRO VA 203 21.17 55.70 73.36
N LYS VA 204 20.39 56.75 73.07
CA LYS VA 204 18.99 56.74 73.44
C LYS VA 204 18.20 55.76 72.58
N TYR VA 205 18.70 55.46 71.39
CA TYR VA 205 18.00 54.64 70.41
C TYR VA 205 18.57 53.22 70.34
N THR VA 206 18.99 52.65 71.47
CA THR VA 206 19.49 51.28 71.44
C THR VA 206 18.35 50.29 71.28
N LYS VA 207 17.17 50.64 71.80
CA LYS VA 207 15.97 49.85 71.58
C LYS VA 207 15.29 50.17 70.26
N TRP VA 208 15.84 51.08 69.46
CA TRP VA 208 15.39 51.34 68.10
C TRP VA 208 16.27 50.63 67.08
N ARG VA 209 17.59 50.75 67.22
CA ARG VA 209 18.50 50.10 66.29
C ARG VA 209 18.55 48.59 66.49
N SER VA 210 18.07 48.09 67.63
CA SER VA 210 17.88 46.65 67.79
C SER VA 210 16.52 46.20 67.29
N LEU VA 211 15.55 47.10 67.25
CA LEU VA 211 14.27 46.79 66.62
C LEU VA 211 14.43 46.68 65.11
N ARG VA 212 15.25 47.55 64.52
CA ARG VA 212 15.41 47.58 63.06
C ARG VA 212 16.11 46.33 62.55
N GLU VA 213 17.08 45.81 63.29
CA GLU VA 213 17.79 44.63 62.85
C GLU VA 213 16.96 43.36 62.96
N SER VA 214 15.86 43.39 63.70
CA SER VA 214 15.08 42.19 63.96
C SER VA 214 14.34 41.72 62.71
N GLU VA 215 14.00 40.44 62.71
CA GLU VA 215 13.42 39.82 61.52
C GLU VA 215 11.96 40.20 61.35
N ASP VA 216 11.20 40.23 62.44
CA ASP VA 216 9.79 40.55 62.36
C ASP VA 216 9.49 42.03 62.26
N ALA VA 217 10.52 42.89 62.15
CA ALA VA 217 10.32 44.31 61.93
C ALA VA 217 9.87 44.63 60.51
N ARG VA 218 9.85 43.63 59.65
CA ARG VA 218 9.44 43.78 58.25
C ARG VA 218 7.99 44.23 58.15
N TYR VA 219 7.17 43.91 59.14
CA TYR VA 219 5.76 44.23 59.18
C TYR VA 219 5.49 45.45 60.03
N LEU VA 220 6.38 46.44 59.98
CA LEU VA 220 6.22 47.66 60.77
C LEU VA 220 6.67 48.84 59.93
N GLY VA 221 5.72 49.65 59.47
CA GLY VA 221 6.02 50.93 58.86
C GLY VA 221 5.59 52.04 59.80
N LEU VA 222 6.41 53.09 59.90
CA LEU VA 222 6.09 54.23 60.73
C LEU VA 222 6.08 55.48 59.86
N THR VA 223 4.96 56.20 59.87
CA THR VA 223 4.64 57.13 58.81
C THR VA 223 5.16 58.53 59.11
N ALA VA 224 4.59 59.49 58.39
CA ALA VA 224 4.90 60.88 58.07
C ALA VA 224 4.90 61.83 59.26
N PRO VA 225 5.19 63.13 59.05
CA PRO VA 225 4.95 64.11 60.11
C PRO VA 225 3.56 64.15 60.73
N ARG VA 226 2.57 64.70 60.03
CA ARG VA 226 1.17 64.91 60.42
C ARG VA 226 0.53 65.59 59.22
N PHE VA 227 -0.78 65.73 59.26
CA PHE VA 227 -1.47 66.43 58.18
C PHE VA 227 -2.72 67.11 58.74
N LEU VA 228 -3.17 68.12 58.01
CA LEU VA 228 -4.27 68.96 58.44
C LEU VA 228 -5.61 68.33 58.10
N LEU VA 229 -6.59 68.54 58.98
CA LEU VA 229 -7.93 67.98 58.81
C LEU VA 229 -9.01 69.02 58.58
N ARG VA 230 -9.06 70.06 59.41
CA ARG VA 230 -10.17 71.01 59.39
C ARG VA 230 -9.65 72.40 59.07
N VAL VA 231 -10.21 72.98 58.02
CA VAL VA 231 -10.00 74.41 57.76
C VAL VA 231 -10.70 75.20 58.87
N PRO VA 232 -10.03 76.15 59.52
CA PRO VA 232 -10.72 77.00 60.50
C PRO VA 232 -11.79 77.86 59.83
N TYR VA 233 -12.91 78.01 60.53
CA TYR VA 233 -14.13 78.53 59.95
C TYR VA 233 -14.02 80.03 59.70
N ASP VA 234 -14.96 80.54 58.90
CA ASP VA 234 -14.90 81.92 58.44
C ASP VA 234 -16.32 82.33 58.07
N PRO VA 235 -16.74 83.56 58.36
CA PRO VA 235 -18.11 83.97 58.01
C PRO VA 235 -18.35 84.18 56.52
N ILE VA 236 -17.33 84.08 55.67
CA ILE VA 236 -17.48 84.20 54.22
C ILE VA 236 -17.17 82.88 53.53
N GLU VA 237 -16.06 82.23 53.89
CA GLU VA 237 -15.62 81.04 53.18
C GLU VA 237 -16.41 79.80 53.60
N ASN VA 238 -16.32 79.42 54.88
CA ASN VA 238 -16.99 78.24 55.41
C ASN VA 238 -17.85 78.69 56.59
N PRO VA 239 -19.06 79.19 56.32
CA PRO VA 239 -19.87 79.77 57.39
C PRO VA 239 -20.57 78.69 58.21
N VAL VA 240 -21.16 79.14 59.31
CA VAL VA 240 -22.00 78.29 60.15
C VAL VA 240 -23.41 78.87 60.17
N LYS VA 241 -24.38 78.02 60.52
CA LYS VA 241 -25.78 78.35 60.39
C LYS VA 241 -26.20 79.34 61.48
N SER VA 242 -26.74 80.49 61.04
CA SER VA 242 -27.29 81.55 61.90
C SER VA 242 -26.26 82.10 62.88
N PHE VA 243 -24.99 82.12 62.46
CA PHE VA 243 -23.91 82.62 63.30
C PHE VA 243 -22.73 82.95 62.40
N ASN VA 244 -21.89 83.88 62.83
CA ASN VA 244 -20.66 84.25 62.15
C ASN VA 244 -19.49 83.88 63.05
N TYR VA 245 -18.71 82.89 62.65
CA TYR VA 245 -17.66 82.32 63.48
C TYR VA 245 -16.31 82.47 62.79
N ALA VA 246 -15.48 83.38 63.29
CA ALA VA 246 -14.11 83.55 62.83
C ALA VA 246 -13.20 82.91 63.87
N GLU VA 247 -12.67 81.73 63.54
CA GLU VA 247 -11.83 80.97 64.46
C GLU VA 247 -10.45 81.61 64.51
N ASN VA 248 -10.19 82.36 65.57
CA ASN VA 248 -8.93 83.09 65.72
C ASN VA 248 -7.80 82.11 66.04
N VAL VA 249 -7.08 81.67 65.02
CA VAL VA 249 -5.96 80.76 65.19
C VAL VA 249 -4.72 81.58 65.52
N SER VA 250 -4.11 81.30 66.66
CA SER VA 250 -2.98 82.06 67.16
C SER VA 250 -1.70 81.61 66.47
N ALA VA 251 -0.56 82.08 66.97
CA ALA VA 251 0.73 81.71 66.41
C ALA VA 251 1.11 80.27 66.76
N SER VA 252 0.48 79.69 67.78
CA SER VA 252 0.68 78.28 68.08
C SER VA 252 -0.04 77.45 67.02
N HIS VA 253 0.73 76.64 66.28
CA HIS VA 253 0.16 75.79 65.25
C HIS VA 253 -0.32 74.45 65.81
N GLU VA 254 -0.43 74.32 67.13
CA GLU VA 254 -1.07 73.15 67.72
C GLU VA 254 -2.58 73.26 67.77
N HIS VA 255 -3.13 74.44 67.49
CA HIS VA 255 -4.58 74.63 67.54
C HIS VA 255 -5.27 74.17 66.27
N TYR VA 256 -4.54 74.07 65.16
CA TYR VA 256 -5.07 73.40 63.98
C TYR VA 256 -5.34 71.94 64.28
N LEU VA 257 -6.39 71.40 63.68
CA LEU VA 257 -6.77 70.01 63.91
C LEU VA 257 -5.83 69.12 63.12
N TRP VA 258 -4.69 68.82 63.71
CA TRP VA 258 -3.69 67.99 63.05
C TRP VA 258 -4.01 66.52 63.25
N GLY VA 259 -4.21 65.81 62.16
CA GLY VA 259 -4.52 64.40 62.21
C GLY VA 259 -3.29 63.52 62.31
N ASN VA 260 -3.52 62.21 62.25
CA ASN VA 260 -2.45 61.22 62.27
C ASN VA 260 -2.33 60.61 60.87
N THR VA 261 -1.11 60.53 60.35
CA THR VA 261 -0.92 60.20 58.94
C THR VA 261 -1.02 58.70 58.66
N ALA VA 262 -1.17 57.88 59.70
CA ALA VA 262 -1.51 56.48 59.48
C ALA VA 262 -2.89 56.35 58.85
N PHE VA 263 -3.77 57.33 59.09
CA PHE VA 263 -4.98 57.47 58.30
C PHE VA 263 -4.66 57.72 56.83
N ALA VA 264 -3.80 58.70 56.57
CA ALA VA 264 -3.57 59.15 55.21
C ALA VA 264 -2.70 58.20 54.40
N PHE VA 265 -1.83 57.43 55.05
CA PHE VA 265 -1.07 56.43 54.30
C PHE VA 265 -1.88 55.21 53.99
N ALA VA 266 -2.82 54.84 54.87
CA ALA VA 266 -3.73 53.77 54.55
C ALA VA 266 -4.81 54.18 53.58
N THR VA 267 -4.96 55.48 53.30
CA THR VA 267 -5.79 55.91 52.20
C THR VA 267 -5.21 55.44 50.88
N ARG VA 268 -3.88 55.43 50.77
CA ARG VA 268 -3.22 54.97 49.56
C ARG VA 268 -3.08 53.46 49.47
N LEU VA 269 -3.15 52.76 50.60
CA LEU VA 269 -3.27 51.31 50.54
C LEU VA 269 -4.61 50.88 49.97
N THR VA 270 -5.64 51.66 50.24
CA THR VA 270 -6.98 51.24 49.84
C THR VA 270 -7.39 51.81 48.50
N ASP VA 271 -6.97 53.04 48.20
CA ASP VA 271 -7.24 53.58 46.87
C ASP VA 271 -6.37 52.94 45.80
N SER VA 272 -5.31 52.24 46.18
CA SER VA 272 -4.65 51.34 45.23
C SER VA 272 -5.40 50.03 45.09
N PHE VA 273 -6.05 49.56 46.15
CA PHE VA 273 -6.79 48.32 46.05
C PHE VA 273 -8.11 48.50 45.33
N ALA VA 274 -8.71 49.68 45.41
CA ALA VA 274 -9.98 49.89 44.76
C ALA VA 274 -9.85 50.04 43.25
N LYS VA 275 -8.64 50.16 42.73
CA LYS VA 275 -8.41 50.33 41.31
C LYS VA 275 -7.85 49.08 40.65
N TYR VA 276 -6.87 48.43 41.28
CA TYR VA 276 -6.17 47.32 40.67
C TYR VA 276 -6.33 46.00 41.41
N ARG VA 277 -7.02 46.01 42.55
CA ARG VA 277 -7.22 44.84 43.44
C ARG VA 277 -5.90 44.26 43.93
N TRP VA 278 -4.88 45.10 44.05
CA TRP VA 278 -3.63 44.77 44.71
C TRP VA 278 -3.14 46.04 45.38
N CYS VA 279 -1.99 45.96 46.01
CA CYS VA 279 -1.35 47.15 46.58
C CYS VA 279 0.18 47.07 46.56
N PRO VA 280 0.80 47.25 45.39
CA PRO VA 280 2.17 47.77 45.41
C PRO VA 280 2.23 49.26 45.10
N ASN VA 281 1.09 49.84 44.71
CA ASN VA 281 1.04 51.19 44.15
C ASN VA 281 0.79 52.21 45.25
N ILE VA 282 1.84 52.53 46.01
CA ILE VA 282 1.71 53.46 47.11
C ILE VA 282 2.82 54.51 47.14
N ILE VA 283 3.72 54.51 46.16
CA ILE VA 283 4.89 55.39 46.26
C ILE VA 283 4.99 56.36 45.09
N GLY VA 284 3.88 56.74 44.47
CA GLY VA 284 3.94 57.58 43.29
C GLY VA 284 3.18 58.89 43.39
N PRO VA 285 3.86 60.00 43.15
CA PRO VA 285 3.16 61.29 43.01
C PRO VA 285 2.24 61.34 41.82
N GLN VA 286 2.50 60.54 40.79
CA GLN VA 286 1.55 60.32 39.71
C GLN VA 286 1.22 58.84 39.55
N SER VA 287 1.49 58.04 40.58
CA SER VA 287 1.31 56.60 40.44
C SER VA 287 0.76 55.98 41.71
N GLY VA 288 0.01 56.73 42.49
CA GLY VA 288 -0.73 56.18 43.60
C GLY VA 288 -0.17 56.40 44.99
N GLY VA 289 0.68 57.40 45.18
CA GLY VA 289 1.12 57.73 46.51
C GLY VA 289 0.88 59.20 46.78
N ALA VA 290 -0.07 59.78 46.05
CA ALA VA 290 -0.34 61.21 46.12
C ALA VA 290 -1.57 61.45 46.98
N VAL VA 291 -1.35 61.92 48.21
CA VAL VA 291 -2.44 62.30 49.10
C VAL VA 291 -2.98 63.64 48.59
N GLU VA 292 -4.08 63.60 47.86
CA GLU VA 292 -4.65 64.81 47.28
C GLU VA 292 -5.75 65.36 48.19
N ASP VA 293 -6.21 66.57 47.83
CA ASP VA 293 -7.33 67.27 48.47
C ASP VA 293 -7.04 67.52 49.97
N LEU VA 294 -5.88 68.07 50.23
CA LEU VA 294 -5.58 68.45 51.60
C LEU VA 294 -6.26 69.78 51.94
N PRO VA 295 -6.58 70.01 53.20
CA PRO VA 295 -7.08 71.32 53.60
C PRO VA 295 -5.97 72.37 53.58
N VAL VA 296 -6.29 73.55 53.07
CA VAL VA 296 -5.37 74.68 53.08
C VAL VA 296 -6.03 75.84 53.81
N HIS VA 297 -5.20 76.72 54.34
CA HIS VA 297 -5.66 77.87 55.12
C HIS VA 297 -4.83 79.07 54.71
N VAL VA 298 -5.36 79.87 53.79
CA VAL VA 298 -4.67 81.07 53.32
C VAL VA 298 -4.82 82.15 54.37
N PHE VA 299 -3.72 82.54 54.99
CA PHE VA 299 -3.72 83.61 55.98
C PHE VA 299 -2.69 84.65 55.59
N GLU VA 300 -2.71 85.77 56.32
CA GLU VA 300 -1.81 86.87 56.05
C GLU VA 300 -0.51 86.68 56.83
N SER VA 301 0.60 86.63 56.11
CA SER VA 301 1.92 86.57 56.72
C SER VA 301 2.42 87.98 56.98
N MET VA 302 3.73 88.12 57.24
CA MET VA 302 4.34 89.43 57.46
C MET VA 302 4.46 90.17 56.13
N GLY VA 303 3.33 90.67 55.66
CA GLY VA 303 3.25 91.44 54.43
C GLY VA 303 2.62 90.70 53.27
N ALA VA 304 2.96 89.43 53.10
CA ALA VA 304 2.52 88.66 51.95
C ALA VA 304 1.28 87.83 52.28
N LEU VA 305 0.75 87.17 51.26
CA LEU VA 305 -0.40 86.29 51.38
C LEU VA 305 0.08 84.88 51.11
N GLN VA 306 0.30 84.10 52.16
CA GLN VA 306 0.79 82.74 52.02
C GLN VA 306 -0.29 81.76 52.47
N SER VA 307 0.04 80.47 52.38
CA SER VA 307 -0.85 79.40 52.79
C SER VA 307 -0.19 78.59 53.90
N LYS VA 308 -1.00 78.16 54.86
CA LYS VA 308 -0.51 77.25 55.89
C LYS VA 308 -0.21 75.89 55.27
N ILE VA 309 0.97 75.36 55.54
CA ILE VA 309 1.39 74.09 54.93
C ILE VA 309 0.59 72.94 55.54
N PRO VA 310 -0.07 72.11 54.73
CA PRO VA 310 -0.93 71.08 55.29
C PRO VA 310 -0.20 69.96 56.00
N THR VA 311 1.07 69.72 55.68
CA THR VA 311 1.94 68.96 56.58
C THR VA 311 2.83 69.97 57.28
N GLU VA 312 3.20 69.68 58.53
CA GLU VA 312 3.74 70.72 59.40
C GLU VA 312 5.14 71.15 59.03
N VAL VA 313 5.86 70.37 58.23
CA VAL VA 313 7.14 70.79 57.71
C VAL VA 313 7.15 70.58 56.20
N LEU VA 314 8.03 71.30 55.52
CA LEU VA 314 8.31 71.08 54.12
C LEU VA 314 9.50 70.15 54.03
N ILE VA 315 9.24 68.87 53.79
CA ILE VA 315 10.30 67.88 53.71
C ILE VA 315 11.01 68.04 52.38
N THR VA 316 12.32 68.29 52.44
CA THR VA 316 13.11 68.40 51.22
C THR VA 316 13.35 67.02 50.64
N ASP VA 317 14.01 66.99 49.48
CA ASP VA 317 14.27 65.71 48.86
C ASP VA 317 15.43 64.98 49.52
N ARG VA 318 16.41 65.72 50.05
CA ARG VA 318 17.50 65.08 50.76
C ARG VA 318 17.06 64.61 52.14
N LYS VA 319 16.19 65.37 52.80
CA LYS VA 319 15.66 64.95 54.09
C LYS VA 319 14.77 63.71 53.95
N GLU VA 320 14.04 63.62 52.84
CA GLU VA 320 13.17 62.46 52.64
C GLU VA 320 14.00 61.23 52.27
N PHE VA 321 15.06 61.41 51.50
CA PHE VA 321 15.94 60.30 51.20
C PHE VA 321 16.71 59.83 52.42
N GLU VA 322 17.00 60.74 53.35
CA GLU VA 322 17.65 60.32 54.57
C GLU VA 322 16.67 59.65 55.52
N LEU VA 323 15.39 60.02 55.46
CA LEU VA 323 14.37 59.27 56.16
C LEU VA 323 14.07 57.94 55.48
N ALA VA 324 14.29 57.84 54.17
CA ALA VA 324 14.02 56.59 53.47
C ALA VA 324 15.06 55.54 53.80
N GLU VA 325 16.31 55.96 53.98
CA GLU VA 325 17.36 55.02 54.36
C GLU VA 325 17.20 54.59 55.82
N GLU VA 326 16.66 55.45 56.66
CA GLU VA 326 16.51 55.16 58.07
C GLU VA 326 15.13 54.62 58.43
N GLY VA 327 14.36 54.17 57.44
CA GLY VA 327 13.13 53.46 57.69
C GLY VA 327 11.96 54.33 58.11
N PHE VA 328 11.54 55.24 57.24
CA PHE VA 328 10.40 56.11 57.53
C PHE VA 328 9.63 56.35 56.24
N ILE VA 329 8.32 56.44 56.36
CA ILE VA 329 7.44 56.72 55.23
C ILE VA 329 7.09 58.20 55.34
N ALA VA 330 7.90 59.05 54.72
CA ALA VA 330 7.70 60.48 54.82
C ALA VA 330 6.76 60.98 53.74
N LEU VA 331 6.13 62.12 54.02
CA LEU VA 331 5.16 62.74 53.13
C LEU VA 331 5.62 64.13 52.77
N THR VA 332 6.28 64.27 51.63
CA THR VA 332 6.62 65.59 51.13
C THR VA 332 5.37 66.27 50.59
N MET VA 333 5.27 67.57 50.81
CA MET VA 333 4.09 68.33 50.46
C MET VA 333 4.40 69.16 49.22
N ARG VA 334 3.44 69.21 48.29
CA ARG VA 334 3.61 69.98 47.06
C ARG VA 334 3.47 71.46 47.39
N LYS VA 335 4.61 72.13 47.55
CA LYS VA 335 4.68 73.47 48.12
C LYS VA 335 3.93 74.48 47.26
N GLY VA 336 2.82 74.97 47.79
CA GLY VA 336 1.99 75.94 47.10
C GLY VA 336 0.65 75.44 46.67
N SER VA 337 0.26 74.22 47.04
CA SER VA 337 -1.02 73.68 46.65
C SER VA 337 -1.51 72.77 47.76
N ASP VA 338 -2.56 71.99 47.45
CA ASP VA 338 -3.22 71.13 48.40
C ASP VA 338 -2.94 69.65 48.13
N ASN VA 339 -1.74 69.34 47.68
CA ASN VA 339 -1.36 67.97 47.36
C ASN VA 339 -0.12 67.59 48.14
N ALA VA 340 0.14 66.29 48.20
CA ALA VA 340 1.33 65.76 48.82
C ALA VA 340 1.69 64.48 48.10
N ALA VA 341 2.77 63.84 48.54
CA ALA VA 341 3.22 62.64 47.86
C ALA VA 341 4.07 61.80 48.78
N PHE VA 342 3.93 60.48 48.66
CA PHE VA 342 4.90 59.55 49.21
C PHE VA 342 5.88 59.19 48.11
N PHE VA 343 7.09 58.84 48.50
CA PHE VA 343 8.10 58.45 47.53
C PHE VA 343 8.71 57.09 47.78
N SER VA 344 8.68 56.60 49.02
CA SER VA 344 9.28 55.32 49.35
C SER VA 344 8.62 54.82 50.62
N ALA VA 345 8.04 53.62 50.56
CA ALA VA 345 7.29 53.09 51.69
C ALA VA 345 8.09 52.11 52.51
N ASN VA 346 9.39 52.37 52.68
CA ASN VA 346 10.30 51.43 53.32
C ASN VA 346 9.93 51.18 54.78
N SER VA 347 9.86 49.91 55.14
CA SER VA 347 9.64 49.54 56.54
C SER VA 347 10.91 49.76 57.33
N ILE VA 348 10.81 49.61 58.65
CA ILE VA 348 11.92 49.95 59.52
C ILE VA 348 13.05 48.95 59.50
N GLN VA 349 12.93 47.87 58.73
CA GLN VA 349 13.95 46.83 58.76
C GLN VA 349 15.19 47.30 58.01
N LYS VA 350 16.35 46.89 58.49
CA LYS VA 350 17.58 47.33 57.83
C LYS VA 350 18.07 46.27 56.86
N PRO VA 351 18.54 46.68 55.69
CA PRO VA 351 19.15 45.72 54.76
C PRO VA 351 20.45 45.19 55.31
N LYS VA 352 20.49 43.92 55.68
CA LYS VA 352 21.65 43.35 56.34
C LYS VA 352 22.77 43.15 55.35
N VAL VA 353 23.96 43.63 55.69
CA VAL VA 353 25.11 43.50 54.81
C VAL VA 353 25.61 42.07 54.87
N PHE VA 354 25.58 41.42 53.77
CA PHE VA 354 26.03 40.06 53.57
C PHE VA 354 27.44 40.06 52.99
N PRO VA 355 28.24 39.02 53.25
CA PRO VA 355 29.63 39.05 52.77
C PRO VA 355 29.75 38.94 51.26
N ASN VA 356 30.91 39.32 50.75
CA ASN VA 356 31.10 39.52 49.33
C ASN VA 356 31.38 38.22 48.57
N THR VA 357 30.51 37.23 48.72
CA THR VA 357 30.59 36.03 47.92
C THR VA 357 29.69 36.18 46.69
N LYS VA 358 29.53 35.09 45.95
CA LYS VA 358 28.59 35.11 44.84
C LYS VA 358 27.15 35.07 45.35
N GLU VA 359 26.88 34.22 46.34
CA GLU VA 359 25.56 34.17 46.94
C GLU VA 359 25.30 35.33 47.90
N GLY VA 360 26.34 35.85 48.54
CA GLY VA 360 26.15 36.93 49.48
C GLY VA 360 25.81 38.24 48.80
N LYS VA 361 26.46 38.53 47.68
CA LYS VA 361 26.09 39.68 46.88
C LYS VA 361 24.73 39.50 46.23
N GLU VA 362 24.31 38.27 46.04
CA GLU VA 362 22.97 38.01 45.52
C GLU VA 362 21.92 38.14 46.61
N ALA VA 363 22.12 37.44 47.73
CA ALA VA 363 21.12 37.43 48.79
C ALA VA 363 20.97 38.77 49.49
N GLU VA 364 21.96 39.65 49.38
CA GLU VA 364 21.80 41.01 49.87
C GLU VA 364 20.74 41.76 49.08
N THR VA 365 20.72 41.56 47.76
CA THR VA 365 19.68 42.17 46.95
C THR VA 365 18.37 41.42 47.12
N ASN VA 366 18.44 40.16 47.52
CA ASN VA 366 17.22 39.42 47.82
C ASN VA 366 16.60 39.86 49.12
N TYR VA 367 17.41 40.04 50.15
CA TYR VA 367 16.91 40.50 51.43
C TYR VA 367 16.49 41.96 51.41
N LYS VA 368 17.01 42.74 50.47
CA LYS VA 368 16.63 44.14 50.35
C LYS VA 368 15.19 44.27 49.87
N LEU VA 369 14.72 43.32 49.06
CA LEU VA 369 13.35 43.39 48.56
C LEU VA 369 12.34 43.09 49.64
N GLY VA 370 12.74 42.43 50.72
CA GLY VA 370 11.79 42.16 51.79
C GLY VA 370 11.42 43.39 52.58
N THR VA 371 12.35 44.32 52.74
CA THR VA 371 12.14 45.42 53.67
C THR VA 371 11.30 46.54 53.10
N GLN VA 372 11.03 46.55 51.80
CA GLN VA 372 10.63 47.81 51.17
C GLN VA 372 9.15 48.12 51.35
N LEU VA 373 8.30 47.11 51.50
CA LEU VA 373 6.86 47.21 51.77
C LEU VA 373 6.06 47.97 50.71
N PRO VA 374 6.29 47.77 49.41
CA PRO VA 374 5.08 47.52 48.64
C PRO VA 374 5.05 46.05 48.29
N TYR VA 375 6.21 45.41 48.41
CA TYR VA 375 6.37 44.03 48.02
C TYR VA 375 5.88 43.06 49.06
N MET VA 376 5.85 43.47 50.33
CA MET VA 376 5.15 42.66 51.31
C MET VA 376 3.67 42.59 51.01
N MET VA 377 3.09 43.68 50.52
CA MET VA 377 1.67 43.70 50.33
C MET VA 377 1.23 42.92 49.09
N ILE VA 378 2.16 42.53 48.22
CA ILE VA 378 1.80 41.60 47.16
C ILE VA 378 2.07 40.16 47.55
N ILE VA 379 2.64 39.91 48.73
CA ILE VA 379 2.73 38.55 49.26
C ILE VA 379 1.97 38.38 50.56
N ASN VA 380 1.58 39.44 51.23
CA ASN VA 380 0.59 39.30 52.28
C ASN VA 380 -0.74 38.85 51.67
N ARG VA 381 -1.07 39.37 50.50
CA ARG VA 381 -2.23 38.86 49.78
C ARG VA 381 -1.99 37.43 49.29
N LEU VA 382 -0.73 37.06 49.03
CA LEU VA 382 -0.43 35.66 48.78
C LEU VA 382 -0.21 34.89 50.07
N ALA VA 383 -0.60 35.45 51.21
CA ALA VA 383 -0.82 34.65 52.40
C ALA VA 383 -2.26 34.71 52.83
N HIS VA 384 -3.03 35.67 52.33
CA HIS VA 384 -4.43 35.70 52.70
C HIS VA 384 -5.29 34.94 51.71
N TYR VA 385 -4.99 35.02 50.41
CA TYR VA 385 -5.71 34.19 49.46
C TYR VA 385 -5.42 32.71 49.68
N VAL VA 386 -4.16 32.37 49.93
CA VAL VA 386 -3.78 30.96 49.86
C VAL VA 386 -4.18 30.26 51.15
N LYS VA 387 -4.27 31.01 52.25
CA LYS VA 387 -4.84 30.48 53.48
C LYS VA 387 -6.33 30.18 53.31
N VAL VA 388 -7.04 31.06 52.63
CA VAL VA 388 -8.48 30.85 52.42
C VAL VA 388 -8.72 29.76 51.37
N LEU VA 389 -7.90 29.74 50.31
CA LEU VA 389 -8.18 28.86 49.19
C LEU VA 389 -7.87 27.40 49.54
N GLN VA 390 -6.83 27.18 50.34
CA GLN VA 390 -6.50 25.85 50.82
C GLN VA 390 -7.12 25.54 52.18
N ARG VA 391 -8.12 26.31 52.59
CA ARG VA 391 -8.92 25.94 53.74
C ARG VA 391 -10.17 25.19 53.33
N GLU VA 392 -10.76 25.57 52.19
CA GLU VA 392 -11.91 24.86 51.65
C GLU VA 392 -11.56 23.45 51.23
N GLN VA 393 -10.30 23.21 50.88
CA GLN VA 393 -9.92 21.94 50.28
C GLN VA 393 -9.75 20.82 51.28
N ILE VA 394 -9.75 21.09 52.58
CA ILE VA 394 -9.47 20.06 53.59
C ILE VA 394 -10.56 19.01 53.57
N GLY VA 395 -10.16 17.75 53.37
CA GLY VA 395 -11.12 16.68 53.22
C GLY VA 395 -11.35 16.23 51.81
N ALA VA 396 -10.66 16.80 50.83
CA ALA VA 396 -10.90 16.44 49.45
C ALA VA 396 -10.19 15.14 49.10
N TRP VA 397 -10.15 14.84 47.81
CA TRP VA 397 -9.42 13.70 47.29
C TRP VA 397 -8.38 14.24 46.35
N LYS VA 398 -7.16 14.43 46.87
CA LYS VA 398 -6.17 15.22 46.15
C LYS VA 398 -4.92 14.35 46.03
N GLU VA 399 -3.89 14.87 45.39
CA GLU VA 399 -2.58 14.24 45.34
C GLU VA 399 -1.53 15.33 45.45
N ARG VA 400 -0.27 14.92 45.52
CA ARG VA 400 0.81 15.89 45.42
C ARG VA 400 0.86 16.51 44.05
N GLN VA 401 0.66 15.70 43.00
CA GLN VA 401 0.56 16.22 41.64
C GLN VA 401 -0.68 17.09 41.48
N ASP VA 402 -1.75 16.77 42.21
CA ASP VA 402 -2.93 17.63 42.18
C ASP VA 402 -2.71 18.87 43.02
N LEU VA 403 -1.87 18.80 44.05
CA LEU VA 403 -1.57 19.99 44.82
C LEU VA 403 -0.67 20.94 44.03
N GLU VA 404 0.26 20.41 43.24
CA GLU VA 404 1.09 21.24 42.38
C GLU VA 404 0.28 21.98 41.34
N ARG VA 405 -0.81 21.38 40.87
CA ARG VA 405 -1.59 21.92 39.78
C ARG VA 405 -2.64 22.92 40.24
N GLU VA 406 -3.26 22.70 41.39
CA GLU VA 406 -4.23 23.65 41.90
C GLU VA 406 -3.59 24.95 42.37
N LEU VA 407 -2.26 24.99 42.52
CA LEU VA 407 -1.56 26.22 42.83
C LEU VA 407 -0.89 26.84 41.63
N ASN VA 408 -0.33 26.04 40.72
CA ASN VA 408 0.33 26.60 39.55
C ASN VA 408 -0.68 27.17 38.56
N SER VA 409 -1.81 26.50 38.38
CA SER VA 409 -2.84 27.07 37.53
C SER VA 409 -3.60 28.19 38.22
N TRP VA 410 -3.40 28.36 39.52
CA TRP VA 410 -4.01 29.47 40.23
C TRP VA 410 -3.18 30.74 40.19
N ILE VA 411 -1.89 30.66 40.51
CA ILE VA 411 -1.11 31.89 40.61
C ILE VA 411 -0.65 32.39 39.24
N LYS VA 412 -0.78 31.58 38.19
CA LYS VA 412 -0.43 32.06 36.87
C LYS VA 412 -1.54 32.83 36.19
N GLN VA 413 -2.52 33.31 36.95
CA GLN VA 413 -3.33 34.44 36.54
C GLN VA 413 -2.87 35.73 37.20
N TYR VA 414 -1.87 35.65 38.08
CA TYR VA 414 -1.25 36.81 38.69
C TYR VA 414 0.14 37.05 38.14
N VAL VA 415 0.62 36.19 37.24
CA VAL VA 415 1.98 36.24 36.74
C VAL VA 415 1.92 36.68 35.29
N ALA VA 416 2.62 37.76 34.97
CA ALA VA 416 2.78 38.22 33.59
C ALA VA 416 4.27 38.24 33.30
N ASP VA 417 4.81 37.08 32.93
CA ASP VA 417 6.25 36.91 32.72
C ASP VA 417 6.60 37.54 31.39
N GLN VA 418 6.84 38.84 31.43
CA GLN VA 418 6.90 39.63 30.22
C GLN VA 418 7.73 40.86 30.53
N GLU VA 419 8.60 41.25 29.59
CA GLU VA 419 9.57 42.28 29.88
C GLU VA 419 8.93 43.66 29.93
N ASN VA 420 8.01 43.94 29.01
CA ASN VA 420 7.31 45.22 28.97
C ASN VA 420 5.84 45.01 28.65
N PRO VA 421 5.04 44.62 29.63
CA PRO VA 421 3.60 44.56 29.42
C PRO VA 421 3.02 45.96 29.57
N PRO VA 422 1.77 46.18 29.16
CA PRO VA 422 1.15 47.50 29.37
C PRO VA 422 0.96 47.82 30.86
N ALA VA 423 0.59 49.08 31.11
CA ALA VA 423 0.53 49.60 32.47
C ALA VA 423 -0.63 49.01 33.27
N ASP VA 424 -1.58 48.34 32.63
CA ASP VA 424 -2.63 47.67 33.35
C ASP VA 424 -2.30 46.22 33.66
N VAL VA 425 -1.51 45.57 32.80
CA VAL VA 425 -1.12 44.19 33.04
C VAL VA 425 -0.10 44.12 34.17
N ARG VA 426 0.66 45.19 34.38
CA ARG VA 426 1.65 45.22 35.44
C ARG VA 426 1.02 45.26 36.82
N SER VA 427 -0.13 45.91 36.96
CA SER VA 427 -0.71 46.10 38.27
C SER VA 427 -1.85 45.14 38.56
N ARG VA 428 -2.57 44.68 37.54
CA ARG VA 428 -3.51 43.57 37.77
C ARG VA 428 -2.76 42.28 38.05
N ARG VA 429 -1.59 42.10 37.44
CA ARG VA 429 -0.75 40.92 37.64
C ARG VA 429 0.58 41.40 38.20
N PRO VA 430 0.66 41.62 39.52
CA PRO VA 430 1.84 42.28 40.08
C PRO VA 430 3.06 41.41 40.14
N LEU VA 431 2.91 40.09 40.08
CA LEU VA 431 4.05 39.20 40.09
C LEU VA 431 4.67 39.17 38.70
N ARG VA 432 5.83 38.55 38.61
CA ARG VA 432 6.51 38.39 37.35
C ARG VA 432 6.91 36.94 37.08
N ALA VA 433 7.29 36.20 38.12
CA ALA VA 433 7.51 34.77 37.98
C ALA VA 433 7.29 34.12 39.33
N ALA VA 434 6.84 32.86 39.31
CA ALA VA 434 6.48 32.17 40.54
C ALA VA 434 6.84 30.71 40.42
N ARG VA 435 7.59 30.20 41.39
CA ARG VA 435 8.03 28.81 41.43
C ARG VA 435 7.35 28.12 42.58
N ILE VA 436 6.79 26.94 42.35
CA ILE VA 436 6.12 26.17 43.39
C ILE VA 436 6.68 24.76 43.38
N GLU VA 437 7.31 24.37 44.48
CA GLU VA 437 7.97 23.07 44.60
C GLU VA 437 7.34 22.34 45.78
N VAL VA 438 6.39 21.46 45.49
CA VAL VA 438 5.70 20.72 46.52
C VAL VA 438 6.51 19.48 46.88
N MET VA 439 6.79 19.30 48.17
CA MET VA 439 7.53 18.16 48.68
C MET VA 439 6.62 17.39 49.63
N ASP VA 440 7.16 16.38 50.30
CA ASP VA 440 6.39 15.57 51.23
C ASP VA 440 6.92 15.75 52.64
N VAL VA 441 6.25 15.10 53.59
CA VAL VA 441 6.76 14.92 54.93
C VAL VA 441 6.69 13.43 55.24
N GLU VA 442 7.84 12.83 55.48
CA GLU VA 442 7.89 11.41 55.80
C GLU VA 442 7.55 11.19 57.27
N GLY VA 443 7.23 9.95 57.60
CA GLY VA 443 6.80 9.61 58.94
C GLY VA 443 5.30 9.70 59.09
N ASN VA 444 4.75 10.90 58.92
CA ASN VA 444 3.31 11.12 58.81
C ASN VA 444 3.02 11.50 57.37
N PRO VA 445 2.63 10.56 56.52
CA PRO VA 445 2.54 10.88 55.10
C PRO VA 445 1.29 11.66 54.78
N GLY VA 446 1.44 12.62 53.87
CA GLY VA 446 0.36 13.52 53.50
C GLY VA 446 0.42 14.87 54.17
N TRP VA 447 1.61 15.47 54.18
CA TRP VA 447 1.84 16.79 54.75
C TRP VA 447 2.88 17.43 53.86
N TYR VA 448 2.61 18.63 53.35
CA TYR VA 448 3.21 19.08 52.11
C TYR VA 448 3.98 20.39 52.27
N GLN VA 449 5.29 20.32 52.21
CA GLN VA 449 6.13 21.49 52.39
C GLN VA 449 6.35 22.11 51.01
N VAL VA 450 5.48 23.02 50.59
CA VAL VA 450 5.58 23.58 49.26
C VAL VA 450 6.31 24.91 49.41
N SER VA 451 6.96 25.37 48.34
CA SER VA 451 7.76 26.59 48.44
C SER VA 451 7.37 27.56 47.33
N LEU VA 452 6.35 28.37 47.59
CA LEU VA 452 5.95 29.40 46.63
C LEU VA 452 6.95 30.53 46.60
N SER VA 453 7.58 30.75 45.45
CA SER VA 453 8.70 31.69 45.30
C SER VA 453 8.35 32.73 44.24
N VAL VA 454 7.63 33.78 44.65
CA VAL VA 454 7.17 34.80 43.71
C VAL VA 454 8.27 35.80 43.45
N ARG VA 455 8.06 36.68 42.47
CA ARG VA 455 9.04 37.66 42.08
C ARG VA 455 8.29 38.85 41.48
N PRO VA 456 8.58 40.06 41.90
CA PRO VA 456 7.77 41.20 41.49
C PRO VA 456 8.37 41.96 40.32
N HIS VA 457 7.64 42.95 39.82
CA HIS VA 457 8.23 43.94 38.92
C HIS VA 457 8.91 45.03 39.72
N PHE VA 458 9.66 45.87 39.03
CA PHE VA 458 10.55 46.84 39.67
C PHE VA 458 10.22 48.25 39.21
N LYS VA 459 10.01 49.14 40.17
CA LYS VA 459 9.57 50.50 39.94
C LYS VA 459 10.77 51.41 39.64
N TYR VA 460 10.53 52.72 39.70
CA TYR VA 460 11.42 53.76 39.19
C TYR VA 460 11.93 54.61 40.35
N MET VA 461 13.24 54.58 40.60
CA MET VA 461 13.79 55.33 41.74
C MET VA 461 15.25 55.71 41.49
N GLY VA 462 15.47 56.98 41.22
CA GLY VA 462 16.80 57.55 41.05
C GLY VA 462 17.52 57.31 39.73
N ALA VA 463 18.26 58.31 39.26
CA ALA VA 463 19.09 58.21 38.05
C ALA VA 463 20.25 59.19 38.21
N ASN VA 464 20.93 59.52 37.09
CA ASN VA 464 22.07 60.41 37.28
C ASN VA 464 22.09 61.66 36.39
N PHE VA 465 21.78 61.53 35.09
CA PHE VA 465 21.61 62.65 34.14
C PHE VA 465 22.84 63.56 34.07
N GLU VA 466 23.96 62.97 33.65
CA GLU VA 466 25.26 63.65 33.68
C GLU VA 466 25.48 64.49 32.43
N LEU VA 467 25.00 65.74 32.47
CA LEU VA 467 24.99 66.62 31.31
C LEU VA 467 26.39 67.04 30.89
N SER VA 468 26.47 67.53 29.65
CA SER VA 468 27.68 67.96 28.97
C SER VA 468 27.24 68.65 27.70
N LEU VA 469 28.17 69.26 26.98
CA LEU VA 469 27.89 69.58 25.59
C LEU VA 469 28.90 68.90 24.68
N VAL VA 470 28.44 68.52 23.49
CA VAL VA 470 29.29 67.90 22.49
C VAL VA 470 29.79 68.93 21.48
N GLY VA 471 28.91 69.81 21.02
CA GLY VA 471 29.26 70.87 20.10
C GLY VA 471 28.96 70.58 18.64
N ARG VA 472 29.22 69.35 18.19
CA ARG VA 472 28.91 68.93 16.83
C ARG VA 472 27.72 67.99 16.76
N LEU VA 473 27.69 66.97 17.61
CA LEU VA 473 26.62 65.99 17.58
C LEU VA 473 25.42 66.49 18.37
N SER WA 1 39.08 72.59 40.70
CA SER WA 1 38.57 71.89 39.52
C SER WA 1 37.54 70.84 39.91
N LYS WA 2 36.53 71.25 40.67
CA LYS WA 2 35.45 70.38 41.11
C LYS WA 2 34.12 71.09 40.93
N GLU WA 3 33.20 70.47 40.21
CA GLU WA 3 31.85 70.99 40.11
C GLU WA 3 31.14 70.87 41.44
N GLY WA 4 30.49 71.95 41.87
CA GLY WA 4 29.66 71.89 43.05
C GLY WA 4 28.44 71.04 42.77
N SER WA 5 28.27 69.95 43.50
CA SER WA 5 27.12 69.07 43.36
C SER WA 5 26.45 68.90 44.71
N VAL WA 6 25.32 68.20 44.69
CA VAL WA 6 24.54 67.97 45.89
C VAL WA 6 24.77 66.54 46.36
N ALA WA 7 24.23 66.22 47.51
CA ALA WA 7 24.27 64.84 47.97
C ALA WA 7 23.37 63.98 47.09
N PRO WA 8 23.82 62.79 46.70
CA PRO WA 8 22.99 61.92 45.86
C PRO WA 8 21.82 61.36 46.63
N LYS WA 9 20.77 60.98 45.89
CA LYS WA 9 19.48 60.68 46.51
C LYS WA 9 18.55 60.02 45.50
N GLU WA 10 17.33 59.69 45.97
CA GLU WA 10 16.24 59.14 45.14
C GLU WA 10 15.66 60.21 44.25
N ARG WA 11 15.93 61.45 44.59
CA ARG WA 11 15.66 62.49 43.64
C ARG WA 11 16.82 62.53 42.67
N ILE WA 12 16.64 63.28 41.61
CA ILE WA 12 17.53 63.21 40.47
C ILE WA 12 18.58 64.30 40.61
N ASN WA 13 19.82 64.00 40.24
CA ASN WA 13 20.90 64.94 40.54
C ASN WA 13 21.61 65.44 39.29
N ILE WA 14 21.04 66.48 38.70
CA ILE WA 14 21.55 67.12 37.51
C ILE WA 14 22.84 67.88 37.83
N LYS WA 15 23.89 67.63 37.06
CA LYS WA 15 25.11 68.42 37.14
C LYS WA 15 25.59 68.76 35.76
N TYR WA 16 25.54 70.10 35.61
CA TYR WA 16 25.97 70.68 34.35
C TYR WA 16 27.35 70.11 34.16
N ILE WA 17 27.47 69.33 33.09
CA ILE WA 17 28.78 68.88 32.77
C ILE WA 17 29.36 69.92 31.88
N PRO WA 18 30.19 70.84 32.48
CA PRO WA 18 30.86 71.74 31.57
C PRO WA 18 31.71 70.97 30.62
N ALA WA 19 32.06 69.76 31.02
CA ALA WA 19 32.81 68.91 30.16
C ALA WA 19 31.93 68.50 29.02
N THR WA 20 32.63 68.04 27.96
CA THR WA 20 32.11 67.23 26.87
C THR WA 20 32.49 65.81 27.25
N GLY WA 21 32.43 64.80 26.35
CA GLY WA 21 32.79 63.48 26.84
C GLY WA 21 33.25 62.51 25.78
N ASP WA 22 34.05 61.51 26.19
CA ASP WA 22 34.61 60.45 25.37
C ASP WA 22 33.83 59.17 25.49
N ALA WA 23 34.52 58.04 25.17
CA ALA WA 23 34.00 56.68 25.19
C ALA WA 23 35.11 55.71 25.52
N GLN WA 24 34.80 54.39 25.65
CA GLN WA 24 35.78 53.38 26.01
C GLN WA 24 35.53 52.08 25.25
N ALA WA 25 36.48 51.10 25.34
CA ALA WA 25 36.39 49.81 24.70
C ALA WA 25 37.07 48.75 25.54
N GLU WA 26 36.82 47.44 25.26
CA GLU WA 26 37.42 46.34 25.99
C GLU WA 26 37.71 45.16 25.07
N VAL WA 27 38.57 44.19 25.53
CA VAL WA 27 39.03 43.01 24.78
C VAL WA 27 39.19 41.80 25.70
N GLU WA 28 40.01 40.80 25.28
CA GLU WA 28 40.36 39.55 25.97
C GLU WA 28 41.55 39.90 26.84
N LEU WA 29 42.57 39.05 26.96
CA LEU WA 29 43.82 39.52 27.55
C LEU WA 29 44.29 40.70 26.69
N PRO WA 30 44.42 41.90 27.26
CA PRO WA 30 44.79 43.07 26.49
C PRO WA 30 46.13 42.81 25.80
N LEU WA 31 46.34 43.44 24.64
CA LEU WA 31 47.64 43.50 24.00
C LEU WA 31 48.61 44.19 24.96
N LYS WA 32 49.26 43.43 25.84
CA LYS WA 32 50.16 44.04 26.80
C LYS WA 32 51.55 44.17 26.22
N THR WA 33 52.10 45.38 26.27
CA THR WA 33 53.46 45.64 25.86
C THR WA 33 54.32 45.96 27.07
N LEU WA 34 55.61 45.69 26.95
CA LEU WA 34 56.54 45.97 28.04
C LEU WA 34 57.54 46.98 27.50
N VAL WA 35 57.41 48.23 27.92
CA VAL WA 35 58.35 49.27 27.51
C VAL WA 35 59.57 49.15 28.40
N VAL WA 36 60.72 48.81 27.82
CA VAL WA 36 61.93 48.60 28.58
C VAL WA 36 62.94 49.66 28.15
N GLY WA 37 63.72 50.15 29.09
CA GLY WA 37 64.67 51.20 28.79
C GLY WA 37 64.92 52.10 29.98
N ASP WA 38 66.00 52.87 29.87
CA ASP WA 38 66.53 53.71 30.94
C ASP WA 38 65.56 54.83 31.25
N PHE WA 39 64.95 54.80 32.42
CA PHE WA 39 63.91 55.77 32.76
C PHE WA 39 64.29 56.68 33.91
N LYS WA 40 65.44 56.46 34.56
CA LYS WA 40 65.92 57.30 35.64
C LYS WA 40 67.36 57.69 35.36
N GLY WA 41 67.97 58.42 36.28
CA GLY WA 41 69.26 59.02 36.02
C GLY WA 41 70.44 58.31 36.65
N HIS WA 42 70.34 57.00 36.87
CA HIS WA 42 71.42 56.24 37.47
C HIS WA 42 71.31 54.79 37.05
N ALA WA 43 72.04 53.92 37.74
CA ALA WA 43 71.96 52.48 37.58
C ALA WA 43 71.67 51.86 38.94
N GLU WA 44 70.52 51.22 39.07
CA GLU WA 44 70.07 50.70 40.36
C GLU WA 44 70.89 49.48 40.76
N GLN WA 45 71.22 49.39 42.05
CA GLN WA 45 72.10 48.34 42.53
C GLN WA 45 71.42 47.00 42.69
N THR WA 46 70.08 46.95 42.69
CA THR WA 46 69.42 45.65 42.81
C THR WA 46 69.53 44.88 41.47
N PRO WA 47 69.70 43.57 41.51
CA PRO WA 47 69.73 42.79 40.27
C PRO WA 47 68.36 42.77 39.62
N LEU WA 48 68.35 42.33 38.37
CA LEU WA 48 67.16 42.51 37.54
C LEU WA 48 66.01 41.62 37.99
N GLU WA 49 66.31 40.42 38.49
CA GLU WA 49 65.27 39.46 38.82
C GLU WA 49 64.46 39.82 40.06
N GLU WA 50 64.80 40.89 40.77
CA GLU WA 50 64.05 41.29 41.96
C GLU WA 50 63.25 42.57 41.76
N ARG WA 51 63.66 43.45 40.86
CA ARG WA 51 62.92 44.68 40.65
C ARG WA 51 61.64 44.39 39.88
N ALA WA 52 60.71 45.33 39.93
CA ALA WA 52 59.35 45.07 39.49
C ALA WA 52 59.01 45.91 38.26
N THR WA 53 57.92 45.51 37.61
CA THR WA 53 57.34 46.25 36.49
C THR WA 53 56.07 46.95 36.98
N VAL WA 54 55.92 48.21 36.62
CA VAL WA 54 54.77 49.00 37.04
C VAL WA 54 53.85 49.20 35.84
N THR WA 55 52.54 49.15 36.09
CA THR WA 55 51.54 49.28 35.05
C THR WA 55 51.05 50.72 35.00
N VAL WA 56 51.09 51.33 33.82
CA VAL WA 56 50.80 52.74 33.61
C VAL WA 56 49.62 52.87 32.67
N ASP WA 57 48.57 53.57 33.10
CA ASP WA 57 47.63 54.05 32.10
C ASP WA 57 47.47 55.56 32.24
N LYS WA 58 46.47 56.14 31.56
CA LYS WA 58 46.35 57.58 31.50
C LYS WA 58 46.00 58.18 32.85
N ASN WA 59 45.31 57.42 33.70
CA ASN WA 59 44.89 57.96 34.99
C ASN WA 59 45.98 57.91 36.04
N ASN WA 60 46.89 56.94 35.97
CA ASN WA 60 47.90 56.80 37.00
C ASN WA 60 49.29 57.21 36.55
N PHE WA 61 49.40 57.94 35.45
CA PHE WA 61 50.73 58.35 34.99
C PHE WA 61 51.32 59.40 35.90
N GLU WA 62 50.48 60.21 36.56
CA GLU WA 62 50.98 61.22 37.49
C GLU WA 62 51.44 60.60 38.80
N ALA WA 63 50.96 59.41 39.14
CA ALA WA 63 51.39 58.71 40.34
C ALA WA 63 52.61 57.84 40.12
N VAL WA 64 52.78 57.31 38.91
CA VAL WA 64 53.99 56.55 38.59
C VAL WA 64 55.19 57.49 38.49
N MET WA 65 54.97 58.70 37.96
CA MET WA 65 56.07 59.66 37.86
C MET WA 65 56.47 60.19 39.24
N ARG WA 66 55.51 60.34 40.15
CA ARG WA 66 55.83 60.88 41.47
C ARG WA 66 56.60 59.86 42.31
N GLU WA 67 56.22 58.59 42.25
CA GLU WA 67 56.86 57.57 43.08
C GLU WA 67 58.15 57.04 42.48
N SER WA 68 58.51 57.44 41.26
CA SER WA 68 59.79 57.06 40.73
C SER WA 68 60.92 57.83 41.40
N GLU WA 69 60.65 59.08 41.80
CA GLU WA 69 61.62 60.05 42.31
C GLU WA 69 62.77 60.26 41.31
N LEU WA 70 62.41 60.82 40.16
CA LEU WA 70 63.41 61.18 39.16
C LEU WA 70 64.18 62.39 39.66
N LYS WA 71 65.33 62.15 40.29
CA LYS WA 71 66.17 63.20 40.86
C LYS WA 71 67.37 63.39 39.95
N ILE WA 72 67.36 64.46 39.17
CA ILE WA 72 68.41 64.74 38.21
C ILE WA 72 69.35 65.77 38.84
N THR WA 73 70.56 65.35 39.17
CA THR WA 73 71.59 66.20 39.75
C THR WA 73 72.76 66.28 38.78
N ALA WA 74 73.00 67.46 38.22
CA ALA WA 74 74.07 67.65 37.25
C ALA WA 74 74.66 69.03 37.42
N THR WA 75 75.87 69.20 36.88
CA THR WA 75 76.56 70.48 36.89
C THR WA 75 76.44 71.12 35.52
N VAL WA 76 75.78 72.27 35.45
CA VAL WA 76 75.56 72.96 34.20
C VAL WA 76 76.28 74.30 34.22
N LYS WA 77 76.29 74.97 33.07
CA LYS WA 77 77.03 76.20 32.91
C LYS WA 77 76.31 77.38 33.57
N ASN WA 78 77.09 78.24 34.21
CA ASN WA 78 76.57 79.42 34.89
C ASN WA 78 76.54 80.59 33.90
N LYS WA 79 75.34 81.01 33.51
CA LYS WA 79 75.16 82.17 32.66
C LYS WA 79 74.40 83.30 33.37
N LEU WA 80 74.49 83.35 34.69
CA LEU WA 80 73.84 84.40 35.48
C LEU WA 80 74.77 85.54 35.83
N THR WA 81 76.05 85.45 35.47
CA THR WA 81 77.01 86.51 35.75
C THR WA 81 77.89 86.76 34.53
N ASP WA 82 78.94 87.57 34.67
CA ASP WA 82 79.82 87.88 33.57
C ASP WA 82 80.93 86.85 33.36
N ASP WA 83 80.86 85.71 34.05
CA ASP WA 83 81.88 84.68 33.94
C ASP WA 83 81.46 83.65 32.90
N GLU WA 84 82.36 83.35 31.97
CA GLU WA 84 82.15 82.28 31.00
C GLU WA 84 82.56 80.92 31.55
N ASN WA 85 83.60 80.88 32.37
CA ASN WA 85 84.15 79.63 32.91
C ASN WA 85 83.58 79.28 34.27
N ALA WA 86 82.36 79.70 34.57
CA ALA WA 86 81.71 79.35 35.82
C ALA WA 86 80.69 78.24 35.61
N GLU WA 87 80.53 77.40 36.62
CA GLU WA 87 79.59 76.29 36.59
C GLU WA 87 78.68 76.36 37.80
N LEU WA 88 77.50 75.77 37.67
CA LEU WA 88 76.52 75.84 38.76
C LEU WA 88 75.69 74.56 38.80
N PRO WA 89 75.91 73.68 39.78
CA PRO WA 89 75.09 72.49 39.89
C PRO WA 89 73.67 72.81 40.34
N VAL WA 90 72.74 71.92 39.98
CA VAL WA 90 71.32 72.09 40.28
C VAL WA 90 70.83 70.89 41.08
N GLU WA 91 69.59 71.00 41.55
CA GLU WA 91 68.94 69.93 42.30
C GLU WA 91 67.48 69.90 41.89
N LEU WA 92 67.05 68.80 41.27
CA LEU WA 92 65.74 68.69 40.66
C LEU WA 92 64.93 67.57 41.31
N ASN WA 93 63.66 67.85 41.58
CA ASN WA 93 62.74 66.85 42.12
C ASN WA 93 61.45 66.93 41.30
N PHE WA 94 61.16 65.86 40.57
CA PHE WA 94 60.07 65.83 39.61
C PHE WA 94 58.93 64.97 40.14
N LYS WA 95 57.74 65.54 40.23
CA LYS WA 95 56.57 64.82 40.70
C LYS WA 95 55.39 64.86 39.75
N SER WA 96 55.40 65.73 38.74
CA SER WA 96 54.32 65.80 37.77
C SER WA 96 54.92 66.12 36.41
N LEU WA 97 54.10 66.00 35.36
CA LEU WA 97 54.53 66.33 34.02
C LEU WA 97 54.80 67.82 33.85
N ALA WA 98 54.18 68.67 34.67
CA ALA WA 98 54.46 70.10 34.65
C ALA WA 98 55.79 70.45 35.33
N ASP WA 99 56.45 69.49 35.96
CA ASP WA 99 57.77 69.77 36.53
C ASP WA 99 58.87 69.79 35.49
N PHE WA 100 58.60 69.34 34.26
CA PHE WA 100 59.55 69.56 33.18
C PHE WA 100 59.54 70.99 32.68
N ALA WA 101 58.44 71.71 32.91
CA ALA WA 101 58.28 73.07 32.43
C ALA WA 101 59.19 74.04 33.20
N PRO WA 102 59.64 75.13 32.57
CA PRO WA 102 60.56 76.06 33.25
C PRO WA 102 59.94 76.84 34.40
N ASP WA 103 58.62 76.76 34.61
CA ASP WA 103 58.03 77.36 35.81
C ASP WA 103 58.43 76.58 37.06
N ALA WA 104 58.48 75.25 36.96
CA ALA WA 104 58.83 74.41 38.10
C ALA WA 104 60.29 74.00 38.13
N VAL WA 105 61.02 74.14 37.02
CA VAL WA 105 62.46 73.88 37.05
C VAL WA 105 63.18 75.05 37.70
N ALA WA 106 62.82 76.28 37.32
CA ALA WA 106 63.40 77.46 37.93
C ALA WA 106 62.97 77.65 39.37
N SER WA 107 61.79 77.13 39.75
CA SER WA 107 61.36 77.19 41.14
C SER WA 107 62.16 76.26 42.03
N GLN WA 108 62.79 75.23 41.47
CA GLN WA 108 63.62 74.32 42.24
C GLN WA 108 65.09 74.71 42.22
N VAL WA 109 65.44 75.76 41.50
CA VAL WA 109 66.80 76.31 41.50
C VAL WA 109 66.77 77.58 42.36
N PRO WA 110 67.47 77.62 43.50
CA PRO WA 110 67.41 78.81 44.37
C PRO WA 110 68.04 80.05 43.76
N GLU WA 111 68.95 79.89 42.79
CA GLU WA 111 69.49 81.06 42.10
C GLU WA 111 68.48 81.67 41.14
N LEU WA 112 67.46 80.91 40.75
CA LEU WA 112 66.39 81.42 39.91
C LEU WA 112 65.11 81.71 40.68
N LYS WA 113 65.03 81.32 41.96
CA LYS WA 113 63.90 81.73 42.79
C LYS WA 113 63.96 83.22 43.09
N LYS WA 114 65.16 83.79 43.15
CA LYS WA 114 65.32 85.22 43.39
C LYS WA 114 65.17 86.05 42.13
N LEU WA 115 65.20 85.42 40.95
CA LEU WA 115 65.03 86.17 39.71
C LEU WA 115 63.57 86.22 39.26
N ILE WA 116 62.78 85.17 39.55
CA ILE WA 116 61.34 85.27 39.34
C ILE WA 116 60.71 86.19 40.37
N GLU WA 117 61.21 86.14 41.61
CA GLU WA 117 60.79 87.09 42.64
C GLU WA 117 61.21 88.51 42.28
N LEU WA 118 62.32 88.65 41.57
CA LEU WA 118 62.70 89.95 41.04
C LEU WA 118 61.70 90.43 39.99
N ARG WA 119 61.25 89.50 39.12
CA ARG WA 119 60.32 89.89 38.07
C ARG WA 119 58.92 90.14 38.64
N GLU WA 120 58.50 89.33 39.62
CA GLU WA 120 57.21 89.54 40.28
C GLU WA 120 57.17 90.87 41.01
N ALA WA 121 58.31 91.32 41.53
CA ALA WA 121 58.41 92.66 42.11
C ALA WA 121 58.37 93.76 41.06
N LEU WA 122 58.77 93.47 39.82
CA LEU WA 122 58.73 94.46 38.75
C LEU WA 122 57.39 94.52 38.04
N VAL WA 123 56.68 93.39 37.96
CA VAL WA 123 55.32 93.41 37.43
C VAL WA 123 54.38 94.11 38.41
N ALA WA 124 54.65 93.98 39.70
CA ALA WA 124 53.87 94.69 40.72
C ALA WA 124 54.07 96.20 40.65
N LEU WA 125 55.23 96.64 40.16
CA LEU WA 125 55.51 98.06 40.10
C LEU WA 125 54.77 98.73 38.94
N LYS WA 126 54.63 98.03 37.81
CA LYS WA 126 54.18 98.63 36.55
C LYS WA 126 52.72 99.09 36.62
N GLY WA 127 51.90 98.43 37.44
CA GLY WA 127 50.52 98.81 37.63
C GLY WA 127 50.32 100.20 38.21
N PRO WA 128 50.75 100.42 39.46
CA PRO WA 128 50.69 101.75 40.05
C PRO WA 128 51.78 102.72 39.62
N LEU WA 129 52.55 102.42 38.57
CA LEU WA 129 53.64 103.30 38.17
C LEU WA 129 53.11 104.49 37.38
N GLY WA 130 52.53 104.23 36.21
CA GLY WA 130 52.07 105.28 35.32
C GLY WA 130 50.71 105.86 35.63
N ASN WA 131 50.08 105.43 36.72
CA ASN WA 131 48.78 105.95 37.11
C ASN WA 131 48.90 107.23 37.94
N ILE WA 132 49.81 107.23 38.91
CA ILE WA 132 50.06 108.39 39.76
C ILE WA 132 51.30 109.11 39.23
N PRO WA 133 51.17 110.34 38.71
CA PRO WA 133 52.34 111.06 38.20
C PRO WA 133 53.19 111.74 39.27
N ALA WA 134 52.96 111.46 40.55
CA ALA WA 134 53.78 111.99 41.63
C ALA WA 134 54.96 111.09 41.99
N PHE WA 135 55.13 109.97 41.27
CA PHE WA 135 56.27 109.10 41.53
C PHE WA 135 57.57 109.71 41.02
N ARG WA 136 57.52 110.34 39.84
CA ARG WA 136 58.70 110.98 39.28
C ARG WA 136 59.06 112.26 40.03
N GLU WA 137 58.11 112.84 40.77
CA GLU WA 137 58.40 114.01 41.59
C GLU WA 137 59.33 113.66 42.75
N ARG WA 138 59.22 112.43 43.28
CA ARG WA 138 60.08 111.99 44.35
C ARG WA 138 61.27 111.16 43.87
N LEU WA 139 61.33 110.84 42.57
CA LEU WA 139 62.57 110.32 42.01
C LEU WA 139 63.64 111.40 41.99
N GLN WA 140 63.24 112.66 41.75
CA GLN WA 140 64.18 113.76 41.83
C GLN WA 140 64.51 114.10 43.28
N SER WA 141 63.62 113.79 44.21
CA SER WA 141 63.94 113.95 45.63
C SER WA 141 64.93 112.88 46.08
N LEU WA 142 64.79 111.66 45.56
CA LEU WA 142 65.82 110.65 45.76
C LEU WA 142 67.08 110.97 44.98
N LEU WA 143 66.97 111.74 43.89
CA LEU WA 143 68.17 112.28 43.25
C LEU WA 143 68.82 113.35 44.11
N ASN WA 144 68.02 114.10 44.88
CA ASN WA 144 68.58 115.09 45.79
C ASN WA 144 69.07 114.43 47.08
N SER WA 145 68.23 113.64 47.73
CA SER WA 145 68.59 112.97 48.98
C SER WA 145 69.28 111.66 48.64
N GLU WA 146 70.61 111.74 48.45
CA GLU WA 146 71.39 110.55 48.12
C GLU WA 146 71.84 109.80 49.37
N GLU WA 147 71.95 110.47 50.52
CA GLU WA 147 72.43 109.82 51.72
C GLU WA 147 71.38 108.91 52.34
N SER WA 148 70.14 109.42 52.47
CA SER WA 148 69.07 108.63 53.06
C SER WA 148 68.55 107.55 52.13
N ARG WA 149 68.82 107.65 50.83
CA ARG WA 149 68.38 106.63 49.89
C ARG WA 149 69.22 105.37 50.01
N GLU WA 150 70.54 105.52 50.09
CA GLU WA 150 71.44 104.37 50.17
C GLU WA 150 71.39 103.69 51.52
N LYS WA 151 70.93 104.39 52.56
CA LYS WA 151 70.75 103.73 53.86
C LYS WA 151 69.54 102.81 53.85
N LEU WA 152 68.57 103.08 52.98
CA LEU WA 152 67.36 102.28 52.90
C LEU WA 152 67.45 101.16 51.87
N LEU WA 153 68.41 101.22 50.95
CA LEU WA 153 68.57 100.15 49.97
C LEU WA 153 69.16 98.90 50.59
N ALA WA 154 69.96 99.04 51.65
CA ALA WA 154 70.51 97.88 52.34
C ALA WA 154 69.48 97.15 53.17
N GLU WA 155 68.40 97.82 53.56
CA GLU WA 155 67.33 97.19 54.33
C GLU WA 155 66.48 96.31 53.42
N SER XA 1 68.16 55.24 -27.50
CA SER XA 1 66.78 54.78 -27.56
C SER XA 1 66.37 54.10 -26.26
N LYS XA 2 66.57 54.80 -25.15
CA LYS XA 2 66.23 54.30 -23.83
C LYS XA 2 65.54 55.40 -23.03
N GLU XA 3 64.34 55.12 -22.54
CA GLU XA 3 63.67 56.05 -21.65
C GLU XA 3 64.40 56.12 -20.33
N GLY XA 4 64.65 57.34 -19.85
CA GLY XA 4 65.20 57.52 -18.52
C GLY XA 4 64.18 57.11 -17.48
N SER XA 5 64.50 56.11 -16.67
CA SER XA 5 63.62 55.64 -15.61
C SER XA 5 64.37 55.65 -14.29
N VAL XA 6 63.66 55.36 -13.22
CA VAL XA 6 64.21 55.36 -11.88
C VAL XA 6 64.45 53.92 -11.46
N ALA XA 7 65.08 53.75 -10.31
CA ALA XA 7 65.22 52.43 -9.75
C ALA XA 7 63.85 51.92 -9.28
N PRO XA 8 63.52 50.65 -9.56
CA PRO XA 8 62.22 50.12 -9.13
C PRO XA 8 62.16 49.94 -7.63
N LYS XA 9 60.94 49.94 -7.10
CA LYS XA 9 60.75 50.05 -5.66
C LYS XA 9 59.29 49.74 -5.29
N GLU XA 10 59.01 49.80 -3.97
CA GLU XA 10 57.65 49.65 -3.42
C GLU XA 10 56.81 50.87 -3.71
N ARG XA 11 57.47 51.96 -4.06
CA ARG XA 11 56.75 53.05 -4.61
C ARG XA 11 56.53 52.75 -6.08
N ILE XA 12 55.70 53.54 -6.71
CA ILE XA 12 55.18 53.22 -8.01
C ILE XA 12 56.05 53.92 -9.06
N ASN XA 13 56.31 53.25 -10.18
CA ASN XA 13 57.29 53.79 -11.12
C ASN XA 13 56.70 54.07 -12.50
N ILE XA 14 56.11 55.25 -12.62
CA ILE XA 14 55.50 55.73 -13.85
C ILE XA 14 56.57 56.03 -14.88
N LYS XA 15 56.42 55.49 -16.08
CA LYS XA 15 57.26 55.84 -17.21
C LYS XA 15 56.40 56.04 -18.45
N TYR XA 16 56.51 57.34 -18.82
CA TYR XA 16 55.80 57.79 -20.00
C TYR XA 16 56.22 56.81 -21.06
N ILE XA 17 55.24 56.06 -21.53
CA ILE XA 17 55.55 55.22 -22.64
C ILE XA 17 55.30 56.06 -23.85
N PRO XA 18 56.40 56.64 -24.42
CA PRO XA 18 56.15 57.31 -25.68
C PRO XA 18 55.64 56.33 -26.69
N ALA XA 19 55.92 55.07 -26.45
CA ALA XA 19 55.41 54.05 -27.29
C ALA XA 19 53.93 53.96 -27.09
N THR XA 20 53.30 53.33 -28.12
CA THR XA 20 51.97 52.76 -28.10
C THR XA 20 52.20 51.29 -27.83
N GLY XA 21 51.21 50.36 -28.03
CA GLY XA 21 51.56 48.99 -27.71
C GLY XA 21 50.71 47.96 -28.41
N ASP XA 22 51.27 46.73 -28.57
CA ASP XA 22 50.67 45.59 -29.20
C ASP XA 22 50.12 44.61 -28.19
N ALA XA 23 49.98 43.33 -28.62
CA ALA XA 23 49.45 42.22 -27.85
C ALA XA 23 50.12 40.93 -28.31
N GLN XA 24 49.81 39.77 -27.66
CA GLN XA 24 50.41 38.49 -28.00
C GLN XA 24 49.41 37.36 -27.88
N ALA XA 25 49.77 36.14 -28.34
CA ALA XA 25 48.93 34.95 -28.30
C ALA XA 25 49.78 33.71 -28.12
N GLU XA 26 49.16 32.55 -27.74
CA GLU XA 26 49.86 31.30 -27.53
C GLU XA 26 49.00 30.11 -27.97
N VAL XA 27 49.64 28.90 -28.17
CA VAL XA 27 49.02 27.67 -28.63
C VAL XA 27 49.64 26.45 -27.96
N GLU XA 28 49.51 25.24 -28.59
CA GLU XA 28 50.02 23.94 -28.19
C GLU XA 28 51.42 23.85 -28.74
N LEU XA 29 51.88 22.72 -29.28
CA LEU XA 29 53.10 22.76 -30.07
C LEU XA 29 52.84 23.75 -31.22
N PRO XA 30 53.62 24.84 -31.32
CA PRO XA 30 53.39 25.85 -32.34
C PRO XA 30 53.45 25.18 -33.71
N LEU XA 31 52.70 25.74 -34.67
CA LEU XA 31 52.84 25.41 -36.08
C LEU XA 31 54.26 25.73 -36.51
N LYS XA 32 55.18 24.79 -36.36
CA LYS XA 32 56.57 25.04 -36.71
C LYS XA 32 56.80 24.74 -38.17
N THR XA 33 57.38 25.70 -38.88
CA THR XA 33 57.77 25.54 -40.26
C THR XA 33 59.28 25.53 -40.37
N LEU XA 34 59.79 24.87 -41.40
CA LEU XA 34 61.22 24.81 -41.63
C LEU XA 34 61.48 25.45 -42.98
N VAL XA 35 62.02 26.67 -42.96
CA VAL XA 35 62.35 27.37 -44.19
C VAL XA 35 63.70 26.85 -44.67
N VAL XA 36 63.72 26.17 -45.80
CA VAL XA 36 64.94 25.57 -46.31
C VAL XA 36 65.29 26.27 -47.62
N GLY XA 37 66.58 26.46 -47.86
CA GLY XA 37 67.01 27.16 -49.05
C GLY XA 37 68.31 27.89 -48.82
N ASP XA 38 68.92 28.29 -49.95
CA ASP XA 38 70.25 28.88 -50.00
C ASP XA 38 70.23 30.25 -49.35
N PHE XA 39 70.90 30.39 -48.20
CA PHE XA 39 70.85 31.61 -47.44
C PHE XA 39 72.19 32.33 -47.34
N LYS XA 40 73.26 31.74 -47.86
CA LYS XA 40 74.58 32.36 -47.87
C LYS XA 40 75.15 32.28 -49.28
N GLY XA 41 76.38 32.75 -49.43
CA GLY XA 41 76.94 32.90 -50.76
C GLY XA 41 77.92 31.84 -51.18
N HIS XA 42 77.79 30.63 -50.66
CA HIS XA 42 78.71 29.55 -51.00
C HIS XA 42 78.01 28.22 -50.76
N ALA XA 43 78.80 27.14 -50.77
CA ALA XA 43 78.33 25.81 -50.43
C ALA XA 43 79.21 25.27 -49.30
N GLU XA 44 78.61 25.03 -48.14
CA GLU XA 44 79.36 24.65 -46.95
C GLU XA 44 79.88 23.22 -47.09
N GLN XA 45 81.11 23.00 -46.61
CA GLN XA 45 81.75 21.71 -46.80
C GLN XA 45 81.28 20.64 -45.81
N THR XA 46 80.59 21.03 -44.73
CA THR XA 46 80.10 19.99 -43.82
C THR XA 46 78.89 19.29 -44.44
N PRO XA 47 78.76 17.97 -44.22
CA PRO XA 47 77.57 17.26 -44.72
C PRO XA 47 76.33 17.71 -43.97
N LEU XA 48 75.18 17.33 -44.53
CA LEU XA 48 73.92 17.89 -44.09
C LEU XA 48 73.53 17.40 -42.69
N GLU XA 49 73.88 16.16 -42.36
CA GLU XA 49 73.44 15.57 -41.10
C GLU XA 49 74.14 16.14 -39.87
N GLU XA 50 75.11 17.03 -40.03
CA GLU XA 50 75.81 17.61 -38.89
C GLU XA 50 75.49 19.07 -38.67
N ARG XA 51 75.12 19.80 -39.71
CA ARG XA 51 74.80 21.21 -39.55
C ARG XA 51 73.45 21.36 -38.86
N ALA XA 52 73.20 22.55 -38.33
CA ALA XA 52 72.09 22.76 -37.42
C ALA XA 52 71.04 23.68 -38.02
N THR XA 53 69.87 23.68 -37.41
CA THR XA 53 68.78 24.59 -37.73
C THR XA 53 68.67 25.64 -36.64
N VAL XA 54 68.54 26.90 -37.03
CA VAL XA 54 68.47 27.99 -36.08
C VAL XA 54 67.03 28.52 -36.05
N THR XA 55 66.57 28.87 -34.86
CA THR XA 55 65.21 29.36 -34.65
C THR XA 55 65.21 30.88 -34.65
N VAL XA 56 64.35 31.46 -35.48
CA VAL XA 56 64.31 32.90 -35.72
C VAL XA 56 62.94 33.42 -35.31
N ASP XA 57 62.90 34.40 -34.43
CA ASP XA 57 61.68 35.19 -34.33
C ASP XA 57 62.00 36.66 -34.51
N LYS XA 58 61.04 37.55 -34.23
CA LYS XA 58 61.21 38.97 -34.53
C LYS XA 58 62.28 39.60 -33.66
N ASN XA 59 62.51 39.08 -32.46
CA ASN XA 59 63.47 39.69 -31.56
C ASN XA 59 64.89 39.27 -31.85
N ASN XA 60 65.11 38.06 -32.37
CA ASN XA 60 66.47 37.58 -32.58
C ASN XA 60 66.87 37.53 -34.04
N PHE XA 61 66.14 38.22 -34.92
CA PHE XA 61 66.52 38.20 -36.32
C PHE XA 61 67.79 38.99 -36.57
N GLU XA 62 68.06 40.00 -35.75
CA GLU XA 62 69.29 40.76 -35.89
C GLU XA 62 70.51 40.00 -35.40
N ALA XA 63 70.32 39.02 -34.53
CA ALA XA 63 71.42 38.19 -34.04
C ALA XA 63 71.68 36.97 -34.92
N VAL XA 64 70.64 36.46 -35.59
CA VAL XA 64 70.85 35.37 -36.53
C VAL XA 64 71.54 35.88 -37.77
N MET XA 65 71.23 37.10 -38.19
CA MET XA 65 71.90 37.66 -39.36
C MET XA 65 73.35 38.01 -39.08
N ARG XA 66 73.66 38.43 -37.86
CA ARG XA 66 75.03 38.79 -37.53
C ARG XA 66 75.94 37.56 -37.43
N GLU XA 67 75.45 36.49 -36.84
CA GLU XA 67 76.26 35.30 -36.64
C GLU XA 67 76.32 34.39 -37.86
N SER XA 68 75.55 34.70 -38.91
CA SER XA 68 75.69 33.94 -40.14
C SER XA 68 76.98 34.29 -40.87
N GLU XA 69 77.41 35.55 -40.75
CA GLU XA 69 78.52 36.15 -41.50
C GLU XA 69 78.31 36.00 -43.01
N LEU XA 70 77.27 36.67 -43.49
CA LEU XA 70 77.01 36.74 -44.92
C LEU XA 70 78.06 37.62 -45.58
N LYS XA 71 79.12 37.00 -46.10
CA LYS XA 71 80.23 37.72 -46.72
C LYS XA 71 80.13 37.55 -48.23
N ILE XA 72 79.67 38.59 -48.91
CA ILE XA 72 79.46 38.55 -50.35
C ILE XA 72 80.66 39.20 -51.01
N THR XA 73 81.47 38.40 -51.70
CA THR XA 73 82.64 38.88 -52.42
C THR XA 73 82.44 38.60 -53.90
N ALA XA 74 82.31 39.66 -54.70
CA ALA XA 74 82.09 39.52 -56.13
C ALA XA 74 82.81 40.64 -56.86
N THR XA 75 82.99 40.44 -58.16
CA THR XA 75 83.61 41.42 -59.03
C THR XA 75 82.52 42.10 -59.85
N VAL XA 76 82.36 43.40 -59.65
CA VAL XA 76 81.32 44.17 -60.32
C VAL XA 76 81.98 45.20 -61.23
N LYS XA 77 81.14 45.87 -62.02
CA LYS XA 77 81.62 46.81 -63.03
C LYS XA 77 82.04 48.12 -62.38
N ASN XA 78 83.14 48.69 -62.88
CA ASN XA 78 83.67 49.95 -62.39
C ASN XA 78 83.07 51.08 -63.20
N LYS XA 79 82.21 51.89 -62.56
CA LYS XA 79 81.62 53.06 -63.17
C LYS XA 79 82.05 54.35 -62.46
N LEU XA 80 83.22 54.34 -61.84
CA LEU XA 80 83.75 55.51 -61.15
C LEU XA 80 84.74 56.29 -61.99
N THR XA 81 85.07 55.81 -63.19
CA THR XA 81 86.00 56.50 -64.08
C THR XA 81 85.48 56.49 -65.50
N ASP XA 82 86.29 56.92 -66.47
CA ASP XA 82 85.87 56.97 -67.87
C ASP XA 82 86.06 55.64 -68.60
N ASP XA 83 86.38 54.56 -67.88
CA ASP XA 83 86.61 53.26 -68.49
C ASP XA 83 85.32 52.45 -68.45
N GLU XA 84 84.94 51.90 -69.61
CA GLU XA 84 83.81 50.99 -69.70
C GLU XA 84 84.21 49.55 -69.38
N ASN XA 85 85.42 49.15 -69.76
CA ASN XA 85 85.91 47.79 -69.59
C ASN XA 85 86.70 47.60 -68.30
N ALA XA 86 86.40 48.37 -67.27
CA ALA XA 86 87.06 48.22 -65.97
C ALA XA 86 86.14 47.49 -65.01
N GLU XA 87 86.75 46.72 -64.10
CA GLU XA 87 86.03 45.98 -63.09
C GLU XA 87 86.59 46.31 -61.72
N LEU XA 88 85.77 46.12 -60.70
CA LEU XA 88 86.20 46.47 -59.35
C LEU XA 88 85.57 45.52 -58.33
N PRO XA 89 86.33 44.59 -57.76
CA PRO XA 89 85.76 43.71 -56.73
C PRO XA 89 85.48 44.45 -55.43
N VAL XA 90 84.54 43.92 -54.66
CA VAL XA 90 84.10 44.53 -53.41
C VAL XA 90 84.28 43.52 -52.28
N GLU XA 91 84.08 44.00 -51.06
CA GLU XA 91 84.16 43.18 -49.85
C GLU XA 91 83.07 43.62 -48.90
N LEU XA 92 82.11 42.73 -48.63
CA LEU XA 92 80.91 43.07 -47.87
C LEU XA 92 80.83 42.25 -46.60
N ASN XA 93 80.47 42.90 -45.50
CA ASN XA 93 80.26 42.25 -44.21
C ASN XA 93 78.94 42.74 -43.65
N PHE XA 94 77.97 41.84 -43.53
CA PHE XA 94 76.60 42.19 -43.18
C PHE XA 94 76.31 41.72 -41.76
N LYS XA 95 75.87 42.64 -40.92
CA LYS XA 95 75.54 42.32 -39.54
C LYS XA 95 74.14 42.75 -39.12
N SER XA 96 73.47 43.60 -39.89
CA SER XA 96 72.13 44.04 -39.58
C SER XA 96 71.35 44.19 -40.88
N LEU XA 97 70.04 44.36 -40.75
CA LEU XA 97 69.18 44.58 -41.92
C LEU XA 97 69.47 45.91 -42.61
N ALA XA 98 70.01 46.89 -41.88
CA ALA XA 98 70.42 48.16 -42.48
C ALA XA 98 71.73 48.05 -43.25
N ASP XA 99 72.42 46.91 -43.21
CA ASP XA 99 73.61 46.73 -44.01
C ASP XA 99 73.30 46.43 -45.47
N PHE XA 100 72.05 46.13 -45.81
CA PHE XA 100 71.66 46.05 -47.21
C PHE XA 100 71.52 47.44 -47.84
N ALA XA 101 71.30 48.47 -47.01
CA ALA XA 101 71.08 49.82 -47.49
C ALA XA 101 72.37 50.41 -48.04
N PRO XA 102 72.28 51.33 -49.03
CA PRO XA 102 73.51 51.90 -49.62
C PRO XA 102 74.30 52.81 -48.70
N ASP XA 103 73.80 53.15 -47.51
CA ASP XA 103 74.63 53.86 -46.54
C ASP XA 103 75.72 52.96 -45.98
N ALA XA 104 75.40 51.69 -45.75
CA ALA XA 104 76.36 50.76 -45.19
C ALA XA 104 77.06 49.90 -46.24
N VAL XA 105 76.52 49.84 -47.46
CA VAL XA 105 77.24 49.14 -48.53
C VAL XA 105 78.38 50.00 -49.05
N ALA XA 106 78.11 51.28 -49.28
CA ALA XA 106 79.15 52.20 -49.72
C ALA XA 106 80.17 52.47 -48.62
N SER XA 107 79.80 52.34 -47.35
CA SER XA 107 80.75 52.51 -46.26
C SER XA 107 81.73 51.34 -46.18
N GLN XA 108 81.37 50.18 -46.74
CA GLN XA 108 82.26 49.03 -46.75
C GLN XA 108 83.07 48.94 -48.03
N VAL XA 109 82.84 49.84 -48.98
CA VAL XA 109 83.65 49.93 -50.19
C VAL XA 109 84.59 51.12 -50.03
N PRO XA 110 85.92 50.90 -49.98
CA PRO XA 110 86.85 52.02 -49.76
C PRO XA 110 86.90 53.01 -50.91
N GLU XA 111 86.52 52.61 -52.12
CA GLU XA 111 86.44 53.55 -53.23
C GLU XA 111 85.24 54.47 -53.10
N LEU XA 112 84.25 54.10 -52.30
CA LEU XA 112 83.10 54.94 -52.02
C LEU XA 112 83.15 55.61 -50.65
N LYS XA 113 84.11 55.22 -49.79
CA LYS XA 113 84.31 55.95 -48.55
C LYS XA 113 84.88 57.34 -48.81
N LYS XA 114 85.66 57.50 -49.88
CA LYS XA 114 86.22 58.79 -50.24
C LYS XA 114 85.24 59.66 -51.01
N LEU XA 115 84.15 59.08 -51.53
CA LEU XA 115 83.16 59.88 -52.24
C LEU XA 115 82.06 60.40 -51.32
N ILE XA 116 81.70 59.66 -50.29
CA ILE XA 116 80.80 60.21 -49.27
C ILE XA 116 81.53 61.25 -48.44
N GLU XA 117 82.81 61.01 -48.15
CA GLU XA 117 83.64 62.02 -47.49
C GLU XA 117 83.84 63.24 -48.38
N LEU XA 118 83.83 63.05 -49.70
CA LEU XA 118 83.84 64.18 -50.62
C LEU XA 118 82.53 64.96 -50.52
N ARG XA 119 81.40 64.26 -50.39
CA ARG XA 119 80.11 64.95 -50.30
C ARG XA 119 79.93 65.62 -48.95
N GLU XA 120 80.38 64.96 -47.87
CA GLU XA 120 80.32 65.55 -46.54
C GLU XA 120 81.18 66.80 -46.44
N ALA XA 121 82.27 66.85 -47.19
CA ALA XA 121 83.08 68.08 -47.28
C ALA XA 121 82.39 69.15 -48.11
N LEU XA 122 81.50 68.78 -49.03
CA LEU XA 122 80.78 69.76 -49.83
C LEU XA 122 79.51 70.26 -49.16
N VAL XA 123 78.85 69.43 -48.35
CA VAL XA 123 77.72 69.90 -47.55
C VAL XA 123 78.20 70.84 -46.45
N ALA XA 124 79.41 70.59 -45.93
CA ALA XA 124 80.00 71.49 -44.93
C ALA XA 124 80.33 72.85 -45.51
N LEU XA 125 80.61 72.90 -46.82
CA LEU XA 125 80.96 74.17 -47.44
C LEU XA 125 79.75 75.08 -47.64
N LYS XA 126 78.60 74.47 -47.96
CA LYS XA 126 77.43 75.23 -48.43
C LYS XA 126 76.83 76.13 -47.35
N GLY XA 127 76.97 75.75 -46.08
CA GLY XA 127 76.50 76.54 -44.97
C GLY XA 127 77.16 77.90 -44.86
N PRO XA 128 78.46 77.93 -44.57
CA PRO XA 128 79.20 79.21 -44.53
C PRO XA 128 79.58 79.78 -45.88
N LEU XA 129 79.03 79.28 -46.99
CA LEU XA 129 79.42 79.79 -48.30
C LEU XA 129 78.72 81.10 -48.62
N GLY XA 130 77.40 81.08 -48.73
CA GLY XA 130 76.62 82.24 -49.11
C GLY XA 130 76.31 83.21 -48.00
N ASN XA 131 76.81 82.97 -46.79
CA ASN XA 131 76.57 83.88 -45.67
C ASN XA 131 77.59 85.01 -45.63
N ILE XA 132 78.86 84.70 -45.83
CA ILE XA 132 79.92 85.70 -45.87
C ILE XA 132 80.24 86.00 -47.33
N PRO XA 133 79.99 87.22 -47.82
CA PRO XA 133 80.30 87.55 -49.22
C PRO XA 133 81.75 87.90 -49.49
N ALA XA 134 82.67 87.66 -48.54
CA ALA XA 134 84.08 87.88 -48.74
C ALA XA 134 84.81 86.65 -49.26
N PHE XA 135 84.08 85.55 -49.50
CA PHE XA 135 84.70 84.35 -50.05
C PHE XA 135 85.05 84.53 -51.52
N ARG XA 136 84.15 85.18 -52.28
CA ARG XA 136 84.42 85.42 -53.70
C ARG XA 136 85.48 86.50 -53.90
N GLU XA 137 85.73 87.33 -52.88
CA GLU XA 137 86.80 88.32 -52.97
C GLU XA 137 88.17 87.66 -52.99
N ARG XA 138 88.32 86.52 -52.31
CA ARG XA 138 89.57 85.79 -52.30
C ARG XA 138 89.60 84.65 -53.30
N LEU XA 139 88.49 84.37 -53.98
CA LEU XA 139 88.56 83.49 -55.14
C LEU XA 139 89.29 84.17 -56.29
N GLN XA 140 89.13 85.49 -56.40
CA GLN XA 140 89.89 86.25 -57.40
C GLN XA 140 91.34 86.42 -56.96
N SER XA 141 91.61 86.38 -55.66
CA SER XA 141 92.99 86.39 -55.19
C SER XA 141 93.66 85.06 -55.46
N LEU XA 142 92.92 83.96 -55.32
CA LEU XA 142 93.41 82.66 -55.79
C LEU XA 142 93.47 82.58 -57.30
N LEU XA 143 92.65 83.38 -58.00
CA LEU XA 143 92.81 83.54 -59.44
C LEU XA 143 94.08 84.32 -59.77
N ASN XA 144 94.46 85.26 -58.91
CA ASN XA 144 95.70 86.00 -59.10
C ASN XA 144 96.91 85.18 -58.63
N SER XA 145 96.87 84.68 -57.40
CA SER XA 145 97.97 83.90 -56.84
C SER XA 145 97.79 82.45 -57.25
N GLU XA 146 98.30 82.10 -58.43
CA GLU XA 146 98.21 80.74 -58.93
C GLU XA 146 99.33 79.84 -58.43
N GLU XA 147 100.48 80.42 -58.06
CA GLU XA 147 101.61 79.61 -57.63
C GLU XA 147 101.42 79.07 -56.21
N SER XA 148 101.00 79.94 -55.28
CA SER XA 148 100.79 79.52 -53.90
C SER XA 148 99.54 78.68 -53.73
N ARG XA 149 98.60 78.73 -54.68
CA ARG XA 149 97.39 77.92 -54.57
C ARG XA 149 97.68 76.46 -54.86
N GLU XA 150 98.45 76.19 -55.92
CA GLU XA 150 98.74 74.81 -56.30
C GLU XA 150 99.72 74.13 -55.35
N LYS XA 151 100.50 74.92 -54.60
CA LYS XA 151 101.36 74.32 -53.57
C LYS XA 151 100.56 73.84 -52.38
N LEU XA 152 99.38 74.42 -52.14
CA LEU XA 152 98.55 74.04 -51.01
C LEU XA 152 97.51 72.99 -51.37
N LEU XA 153 97.24 72.76 -52.65
CA LEU XA 153 96.30 71.73 -53.04
C LEU XA 153 96.87 70.33 -52.85
N ALA XA 154 98.20 70.19 -52.96
CA ALA XA 154 98.84 68.90 -52.73
C ALA XA 154 98.85 68.51 -51.26
N GLU XA 155 98.77 69.48 -50.36
CA GLU XA 155 98.75 69.20 -48.93
C GLU XA 155 97.38 68.66 -48.52
N SER YA 1 22.35 31.40 -83.48
CA SER YA 1 21.50 31.40 -82.29
C SER YA 1 22.27 30.86 -81.09
N LYS YA 2 23.44 31.43 -80.82
CA LYS YA 2 24.26 31.02 -79.70
C LYS YA 2 24.79 32.26 -79.00
N GLU YA 3 24.55 32.37 -77.70
CA GLU YA 3 25.13 33.44 -76.91
C GLU YA 3 26.64 33.25 -76.80
N GLY YA 4 27.40 34.30 -77.04
CA GLY YA 4 28.83 34.27 -76.80
C GLY YA 4 29.09 34.18 -75.32
N SER YA 5 29.74 33.10 -74.89
CA SER YA 5 30.10 32.91 -73.49
C SER YA 5 31.59 32.65 -73.38
N VAL YA 6 32.06 32.57 -72.15
CA VAL YA 6 33.48 32.35 -71.86
C VAL YA 6 33.66 30.90 -71.46
N ALA YA 7 34.91 30.51 -71.29
CA ALA YA 7 35.19 29.20 -70.76
C ALA YA 7 34.79 29.14 -69.29
N PRO YA 8 34.15 28.05 -68.85
CA PRO YA 8 33.74 27.95 -67.44
C PRO YA 8 34.94 27.75 -66.54
N LYS YA 9 34.77 28.12 -65.27
CA LYS YA 9 35.89 28.25 -64.36
C LYS YA 9 35.40 28.41 -62.91
N GLU YA 10 36.38 28.52 -61.98
CA GLU YA 10 36.13 28.80 -60.56
C GLU YA 10 35.69 30.24 -60.37
N ARG YA 11 35.94 31.05 -61.35
CA ARG YA 11 35.32 32.34 -61.35
C ARG YA 11 33.92 32.16 -61.90
N ILE YA 12 33.13 33.20 -61.77
CA ILE YA 12 31.71 33.10 -61.99
C ILE YA 12 31.40 33.51 -63.42
N ASN YA 13 30.47 32.83 -64.07
CA ASN YA 13 30.29 33.05 -65.51
C ASN YA 13 28.88 33.54 -65.85
N ILE YA 14 28.72 34.85 -65.75
CA ILE YA 14 27.47 35.53 -66.05
C ILE YA 14 27.20 35.50 -67.55
N LYS YA 15 26.00 35.07 -67.94
CA LYS YA 15 25.56 35.16 -69.32
C LYS YA 15 24.13 35.66 -69.35
N TYR YA 16 24.12 36.86 -69.98
CA TYR YA 16 22.85 37.55 -70.15
C TYR YA 16 21.99 36.52 -70.82
N ILE YA 17 20.95 36.14 -70.10
CA ILE YA 17 20.01 35.27 -70.74
C ILE YA 17 19.03 36.17 -71.42
N PRO YA 18 19.23 36.39 -72.75
CA PRO YA 18 18.18 37.13 -73.41
C PRO YA 18 16.89 36.40 -73.29
N ALA YA 19 16.98 35.11 -73.07
CA ALA YA 19 15.81 34.32 -72.86
C ALA YA 19 15.21 34.70 -71.55
N THR YA 20 13.90 34.34 -71.45
CA THR YA 20 13.14 34.23 -70.22
C THR YA 20 13.19 32.75 -69.89
N GLY YA 21 12.35 32.19 -68.97
CA GLY YA 21 12.53 30.77 -68.73
C GLY YA 21 11.30 30.09 -68.17
N ASP YA 22 11.22 28.75 -68.40
CA ASP YA 22 10.15 27.87 -67.96
C ASP YA 22 10.53 27.09 -66.73
N ALA YA 23 9.85 25.93 -66.53
CA ALA YA 23 10.02 25.03 -65.41
C ALA YA 23 9.71 23.60 -65.86
N GLN YA 24 9.88 22.58 -64.97
CA GLN YA 24 9.65 21.19 -65.31
C GLN YA 24 9.03 20.44 -64.15
N ALA YA 25 8.58 19.17 -64.39
CA ALA YA 25 7.96 18.33 -63.38
C ALA YA 25 8.30 16.87 -63.66
N GLU YA 26 8.08 15.96 -62.66
CA GLU YA 26 8.35 14.54 -62.80
C GLU YA 26 7.33 13.70 -62.05
N VAL YA 27 7.25 12.36 -62.35
CA VAL YA 27 6.30 11.39 -61.80
C VAL YA 27 6.95 10.03 -61.62
N GLU YA 28 6.11 8.94 -61.55
CA GLU YA 28 6.46 7.53 -61.42
C GLU YA 28 6.69 7.02 -62.81
N LEU YA 29 6.25 5.82 -63.19
CA LEU YA 29 6.22 5.49 -64.61
C LEU YA 29 5.32 6.54 -65.27
N PRO YA 30 5.84 7.31 -66.23
CA PRO YA 30 5.06 8.38 -66.85
C PRO YA 30 3.81 7.77 -67.48
N LEU YA 31 2.74 8.57 -67.54
CA LEU YA 31 1.56 8.24 -68.34
C LEU YA 31 1.99 8.10 -69.79
N LYS YA 32 2.40 6.91 -70.20
CA LYS YA 32 2.86 6.72 -71.57
C LYS YA 32 1.70 6.40 -72.48
N THR YA 33 1.57 7.16 -73.56
CA THR YA 33 0.58 6.90 -74.59
C THR YA 33 1.26 6.43 -75.85
N LEU YA 34 0.53 5.67 -76.65
CA LEU YA 34 1.05 5.15 -77.91
C LEU YA 34 0.18 5.72 -79.02
N VAL YA 35 0.70 6.71 -79.74
CA VAL YA 35 -0.03 7.30 -80.85
C VAL YA 35 0.16 6.38 -82.06
N VAL YA 36 -0.92 5.77 -82.52
CA VAL YA 36 -0.85 4.83 -83.62
C VAL YA 36 -1.62 5.41 -84.79
N GLY YA 37 -1.12 5.18 -86.00
CA GLY YA 37 -1.77 5.74 -87.17
C GLY YA 37 -0.77 6.02 -88.28
N ASP YA 38 -1.34 6.22 -89.47
CA ASP YA 38 -0.59 6.37 -90.72
C ASP YA 38 0.21 7.65 -90.69
N PHE YA 39 1.53 7.54 -90.64
CA PHE YA 39 2.40 8.70 -90.50
C PHE YA 39 3.30 8.95 -91.69
N LYS YA 40 3.30 8.06 -92.68
CA LYS YA 40 4.08 8.23 -93.89
C LYS YA 40 3.17 8.01 -95.10
N GLY YA 41 3.76 8.07 -96.29
CA GLY YA 41 2.95 8.08 -97.50
C GLY YA 41 2.89 6.76 -98.25
N HIS YA 42 3.03 5.64 -97.55
CA HIS YA 42 3.00 4.33 -98.20
C HIS YA 42 2.58 3.29 -97.18
N ALA YA 43 2.78 2.03 -97.53
CA ALA YA 43 2.57 0.90 -96.63
C ALA YA 43 3.85 0.08 -96.59
N GLU YA 44 4.47 0.01 -95.42
CA GLU YA 44 5.78 -0.63 -95.28
C GLU YA 44 5.65 -2.13 -95.40
N GLN YA 45 6.62 -2.75 -96.08
CA GLN YA 45 6.55 -4.17 -96.37
C GLN YA 45 6.93 -5.06 -95.18
N THR YA 46 7.56 -4.50 -94.13
CA THR YA 46 7.87 -5.35 -92.99
C THR YA 46 6.61 -5.63 -92.18
N PRO YA 47 6.46 -6.83 -91.61
CA PRO YA 47 5.31 -7.11 -90.76
C PRO YA 47 5.38 -6.33 -89.47
N LEU YA 48 4.25 -6.30 -88.77
CA LEU YA 48 4.10 -5.37 -87.66
C LEU YA 48 4.98 -5.76 -86.47
N GLU YA 49 5.20 -7.05 -86.25
CA GLU YA 49 5.91 -7.50 -85.06
C GLU YA 49 7.40 -7.21 -85.10
N GLU YA 50 7.94 -6.69 -86.18
CA GLU YA 50 9.36 -6.38 -86.27
C GLU YA 50 9.67 -4.90 -86.27
N ARG YA 51 8.75 -4.06 -86.72
CA ARG YA 51 9.01 -2.63 -86.72
C ARG YA 51 8.92 -2.07 -85.31
N ALA YA 52 9.47 -0.88 -85.13
CA ALA YA 52 9.70 -0.36 -83.80
C ALA YA 52 8.85 0.87 -83.52
N THR YA 53 8.76 1.22 -82.25
CA THR YA 53 8.12 2.44 -81.79
C THR YA 53 9.19 3.44 -81.37
N VAL YA 54 9.04 4.68 -81.80
CA VAL YA 54 10.01 5.72 -81.50
C VAL YA 54 9.40 6.67 -80.47
N THR YA 55 10.24 7.12 -79.54
CA THR YA 55 9.82 8.01 -78.46
C THR YA 55 10.11 9.45 -78.84
N VAL YA 56 9.10 10.30 -78.76
CA VAL YA 56 9.16 11.69 -79.21
C VAL YA 56 8.89 12.60 -78.03
N ASP YA 57 9.81 13.52 -77.77
CA ASP YA 57 9.43 14.64 -76.93
C ASP YA 57 9.73 15.95 -77.66
N LYS YA 58 9.65 17.08 -76.97
CA LYS YA 58 9.75 18.38 -77.62
C LYS YA 58 11.16 18.62 -78.17
N ASN YA 59 12.17 18.03 -77.56
CA ASN YA 59 13.53 18.27 -78.00
C ASN YA 59 13.93 17.42 -79.19
N ASN YA 60 13.37 16.22 -79.34
CA ASN YA 60 13.80 15.34 -80.42
C ASN YA 60 12.77 15.21 -81.53
N PHE YA 61 11.79 16.12 -81.59
CA PHE YA 61 10.80 16.01 -82.65
C PHE YA 61 11.39 16.37 -84.01
N GLU YA 62 12.42 17.22 -84.03
CA GLU YA 62 13.08 17.55 -85.28
C GLU YA 62 13.96 16.42 -85.80
N ALA YA 63 14.40 15.53 -84.92
CA ALA YA 63 15.21 14.39 -85.33
C ALA YA 63 14.37 13.17 -85.70
N VAL YA 64 13.18 13.04 -85.11
CA VAL YA 64 12.28 11.96 -85.51
C VAL YA 64 11.69 12.26 -86.87
N MET YA 65 11.42 13.52 -87.16
CA MET YA 65 10.88 13.87 -88.48
C MET YA 65 11.92 13.74 -89.58
N ARG YA 66 13.19 14.00 -89.26
CA ARG YA 66 14.23 13.90 -90.28
C ARG YA 66 14.54 12.45 -90.63
N GLU YA 67 14.57 11.57 -89.63
CA GLU YA 67 14.93 10.18 -89.88
C GLU YA 67 13.76 9.33 -90.36
N SER YA 68 12.55 9.90 -90.40
CA SER YA 68 11.43 9.17 -90.99
C SER YA 68 11.54 9.11 -92.50
N GLU YA 69 12.11 10.16 -93.10
CA GLU YA 69 12.16 10.39 -94.56
C GLU YA 69 10.76 10.37 -95.17
N LEU YA 70 9.95 11.34 -94.77
CA LEU YA 70 8.63 11.53 -95.35
C LEU YA 70 8.79 12.05 -96.77
N LYS YA 71 8.78 11.14 -97.74
CA LYS YA 71 8.96 11.48 -99.15
C LYS YA 71 7.61 11.39 -99.85
N ILE YA 72 7.01 12.54 -100.12
CA ILE YA 72 5.69 12.61 -100.72
C ILE YA 72 5.87 12.87 -102.21
N THR YA 73 5.53 11.87 -103.03
CA THR YA 73 5.63 11.96 -104.48
C THR YA 73 4.23 11.80 -105.05
N ALA YA 74 3.70 12.87 -105.66
CA ALA YA 74 2.36 12.85 -106.22
C ALA YA 74 2.33 13.70 -107.47
N THR YA 75 1.29 13.48 -108.27
CA THR YA 75 1.07 14.25 -109.49
C THR YA 75 -0.03 15.25 -109.24
N VAL YA 76 0.29 16.54 -109.33
CA VAL YA 76 -0.64 17.61 -109.05
C VAL YA 76 -0.88 18.41 -110.33
N LYS YA 77 -1.83 19.32 -110.26
CA LYS YA 77 -2.24 20.08 -111.44
C LYS YA 77 -1.24 21.19 -111.76
N ASN YA 78 -0.99 21.38 -113.05
CA ASN YA 78 -0.06 22.39 -113.53
C ASN YA 78 -0.83 23.69 -113.77
N LYS YA 79 -0.57 24.70 -112.93
CA LYS YA 79 -1.16 26.02 -113.11
C LYS YA 79 -0.09 27.09 -113.38
N LEU YA 80 1.03 26.69 -113.97
CA LEU YA 80 2.10 27.61 -114.32
C LEU YA 80 2.06 28.05 -115.77
N THR YA 81 1.12 27.54 -116.56
CA THR YA 81 0.98 27.91 -117.97
C THR YA 81 -0.49 28.11 -118.31
N ASP YA 82 -0.79 28.28 -119.60
CA ASP YA 82 -2.16 28.49 -120.04
C ASP YA 82 -2.95 27.20 -120.25
N ASP YA 83 -2.39 26.06 -119.84
CA ASP YA 83 -3.04 24.77 -120.03
C ASP YA 83 -3.83 24.41 -118.76
N GLU YA 84 -5.08 24.04 -118.95
CA GLU YA 84 -5.91 23.54 -117.86
C GLU YA 84 -5.72 22.05 -117.65
N ASN YA 85 -5.51 21.29 -118.74
CA ASN YA 85 -5.38 19.84 -118.68
C ASN YA 85 -3.94 19.36 -118.57
N ALA YA 86 -3.07 20.17 -117.96
CA ALA YA 86 -1.68 19.78 -117.75
C ALA YA 86 -1.47 19.36 -116.30
N GLU YA 87 -0.56 18.41 -116.10
CA GLU YA 87 -0.23 17.90 -114.78
C GLU YA 87 1.28 17.99 -114.58
N LEU YA 88 1.68 18.05 -113.31
CA LEU YA 88 3.10 18.20 -113.01
C LEU YA 88 3.45 17.49 -111.71
N PRO YA 89 4.14 16.36 -111.77
CA PRO YA 89 4.54 15.67 -110.54
C PRO YA 89 5.63 16.43 -109.80
N VAL YA 90 5.70 16.19 -108.49
CA VAL YA 90 6.63 16.88 -107.62
C VAL YA 90 7.48 15.84 -106.89
N GLU YA 91 8.50 16.33 -106.18
CA GLU YA 91 9.39 15.49 -105.38
C GLU YA 91 9.72 16.23 -104.10
N LEU YA 92 9.29 15.68 -102.97
CA LEU YA 92 9.39 16.37 -101.69
C LEU YA 92 10.24 15.58 -100.72
N ASN YA 93 11.11 16.28 -99.99
CA ASN YA 93 11.96 15.69 -98.97
C ASN YA 93 11.85 16.57 -97.72
N PHE YA 94 11.28 16.02 -96.65
CA PHE YA 94 10.95 16.78 -95.45
C PHE YA 94 11.90 16.39 -94.32
N LYS YA 95 12.57 17.38 -93.75
CA LYS YA 95 13.50 17.14 -92.66
C LYS YA 95 13.22 17.98 -91.42
N SER YA 96 12.40 19.02 -91.52
CA SER YA 96 12.06 19.85 -90.39
C SER YA 96 10.60 20.28 -90.51
N LEU YA 97 10.07 20.86 -89.43
CA LEU YA 97 8.70 21.36 -89.45
C LEU YA 97 8.53 22.56 -90.39
N ALA YA 98 9.60 23.30 -90.66
CA ALA YA 98 9.57 24.38 -91.64
C ALA YA 98 9.55 23.89 -93.08
N ASP YA 99 9.72 22.58 -93.31
CA ASP YA 99 9.62 22.06 -94.66
C ASP YA 99 8.18 21.91 -95.14
N PHE YA 100 7.20 22.03 -94.24
CA PHE YA 100 5.81 22.12 -94.67
C PHE YA 100 5.49 23.49 -95.25
N ALA YA 101 6.26 24.51 -94.89
CA ALA YA 101 6.01 25.88 -95.31
C ALA YA 101 6.32 26.05 -96.80
N PRO YA 102 5.63 26.97 -97.49
CA PRO YA 102 5.87 27.14 -98.93
C PRO YA 102 7.22 27.72 -99.31
N ASP YA 103 8.03 28.16 -98.34
CA ASP YA 103 9.40 28.55 -98.66
C ASP YA 103 10.25 27.34 -99.00
N ALA YA 104 10.04 26.23 -98.30
CA ALA YA 104 10.81 25.03 -98.53
C ALA YA 104 10.11 24.02 -99.44
N VAL YA 105 8.81 24.16 -99.66
CA VAL YA 105 8.15 23.30 -100.63
C VAL YA 105 8.45 23.76 -102.04
N ALA YA 106 8.37 25.08 -102.28
CA ALA YA 106 8.71 25.63 -103.58
C ALA YA 106 10.20 25.53 -103.88
N SER YA 107 11.05 25.49 -102.85
CA SER YA 107 12.48 25.32 -103.06
C SER YA 107 12.82 23.90 -103.50
N GLN YA 108 11.96 22.93 -103.24
CA GLN YA 108 12.17 21.56 -103.66
C GLN YA 108 11.49 21.25 -104.98
N VAL YA 109 10.75 22.20 -105.54
CA VAL YA 109 10.16 22.06 -106.87
C VAL YA 109 11.01 22.88 -107.84
N PRO YA 110 11.68 22.25 -108.81
CA PRO YA 110 12.55 23.01 -109.72
C PRO YA 110 11.81 23.96 -110.64
N GLU YA 111 10.52 23.74 -110.90
CA GLU YA 111 9.74 24.68 -111.68
C GLU YA 111 9.42 25.94 -110.87
N LEU YA 112 9.52 25.87 -109.55
CA LEU YA 112 9.32 27.03 -108.69
C LEU YA 112 10.62 27.61 -108.16
N LYS YA 113 11.75 26.92 -108.36
CA LYS YA 113 13.04 27.51 -108.03
C LYS YA 113 13.39 28.65 -108.98
N LYS YA 114 12.92 28.58 -110.22
CA LYS YA 114 13.15 29.64 -111.19
C LYS YA 114 12.17 30.80 -111.04
N LEU YA 115 11.07 30.61 -110.32
CA LEU YA 115 10.12 31.70 -110.11
C LEU YA 115 10.43 32.52 -108.87
N ILE YA 116 10.97 31.91 -107.81
CA ILE YA 116 11.48 32.68 -106.69
C ILE YA 116 12.75 33.41 -107.09
N GLU YA 117 13.60 32.77 -107.89
CA GLU YA 117 14.77 33.45 -108.45
C GLU YA 117 14.36 34.57 -109.40
N LEU YA 118 13.22 34.42 -110.07
CA LEU YA 118 12.67 35.51 -110.85
C LEU YA 118 12.25 36.67 -109.95
N ARG YA 119 11.64 36.36 -108.81
CA ARG YA 119 11.19 37.42 -107.90
C ARG YA 119 12.36 38.08 -107.18
N GLU YA 120 13.37 37.28 -106.80
CA GLU YA 120 14.57 37.82 -106.17
C GLU YA 120 15.34 38.74 -107.13
N ALA YA 121 15.28 38.45 -108.42
CA ALA YA 121 15.84 39.36 -109.42
C ALA YA 121 15.01 40.62 -109.59
N LEU YA 122 13.71 40.58 -109.28
CA LEU YA 122 12.86 41.75 -109.40
C LEU YA 122 12.88 42.62 -108.14
N VAL YA 123 13.06 42.01 -106.97
CA VAL YA 123 13.24 42.79 -105.74
C VAL YA 123 14.59 43.50 -105.77
N ALA YA 124 15.60 42.86 -106.39
CA ALA YA 124 16.91 43.50 -106.55
C ALA YA 124 16.86 44.71 -107.47
N LEU YA 125 15.92 44.71 -108.41
CA LEU YA 125 15.82 45.81 -109.36
C LEU YA 125 15.21 47.06 -108.72
N LYS YA 126 14.23 46.86 -107.82
CA LYS YA 126 13.39 47.97 -107.34
C LYS YA 126 14.17 48.97 -106.50
N GLY YA 127 15.24 48.53 -105.84
CA GLY YA 127 16.08 49.41 -105.04
C GLY YA 127 16.78 50.48 -105.86
N PRO YA 128 17.69 50.08 -106.75
CA PRO YA 128 18.34 51.06 -107.64
C PRO YA 128 17.51 51.53 -108.82
N LEU YA 129 16.20 51.26 -108.87
CA LEU YA 129 15.40 51.64 -110.02
C LEU YA 129 15.03 53.12 -109.96
N GLY YA 130 14.27 53.52 -108.95
CA GLY YA 130 13.78 54.88 -108.83
C GLY YA 130 14.74 55.88 -108.23
N ASN YA 131 15.97 55.46 -107.92
CA ASN YA 131 16.96 56.35 -107.34
C ASN YA 131 17.73 57.11 -108.41
N ILE YA 132 18.13 56.42 -109.47
CA ILE YA 132 18.85 57.02 -110.60
C ILE YA 132 17.84 57.25 -111.71
N PRO YA 133 17.54 58.49 -112.09
CA PRO YA 133 16.59 58.74 -113.18
C PRO YA 133 17.18 58.62 -114.58
N ALA YA 134 18.39 58.08 -114.73
CA ALA YA 134 18.98 57.84 -116.03
C ALA YA 134 18.67 56.45 -116.58
N PHE YA 135 17.89 55.65 -115.86
CA PHE YA 135 17.51 54.34 -116.35
C PHE YA 135 16.50 54.44 -117.47
N ARG YA 136 15.52 55.35 -117.33
CA ARG YA 136 14.52 55.54 -118.38
C ARG YA 136 15.09 56.23 -119.61
N GLU YA 137 16.24 56.91 -119.47
CA GLU YA 137 16.90 57.52 -120.61
C GLU YA 137 17.45 56.45 -121.56
N ARG YA 138 17.88 55.31 -121.01
CA ARG YA 138 18.38 54.22 -121.84
C ARG YA 138 17.34 53.15 -122.11
N LEU YA 139 16.15 53.25 -121.52
CA LEU YA 139 15.03 52.43 -121.99
C LEU YA 139 14.57 52.88 -123.37
N GLN YA 140 14.65 54.18 -123.64
CA GLN YA 140 14.36 54.68 -124.97
C GLN YA 140 15.48 54.37 -125.95
N SER YA 141 16.71 54.22 -125.44
CA SER YA 141 17.81 53.78 -126.30
C SER YA 141 17.66 52.30 -126.64
N LEU YA 142 17.19 51.50 -125.69
CA LEU YA 142 16.80 50.12 -126.00
C LEU YA 142 15.54 50.08 -126.86
N LEU YA 143 14.69 51.11 -126.78
CA LEU YA 143 13.59 51.24 -127.73
C LEU YA 143 14.12 51.58 -129.12
N ASN YA 144 15.22 52.34 -129.19
CA ASN YA 144 15.84 52.64 -130.49
C ASN YA 144 16.67 51.47 -130.99
N SER YA 145 17.60 50.98 -130.16
CA SER YA 145 18.48 49.87 -130.55
C SER YA 145 17.76 48.56 -130.25
N GLU YA 146 16.96 48.10 -131.22
CA GLU YA 146 16.23 46.86 -131.07
C GLU YA 146 17.04 45.64 -131.47
N GLU YA 147 18.05 45.81 -132.33
CA GLU YA 147 18.83 44.67 -132.80
C GLU YA 147 19.82 44.18 -131.74
N SER YA 148 20.54 45.11 -131.12
CA SER YA 148 21.52 44.74 -130.10
C SER YA 148 20.86 44.35 -128.78
N ARG YA 149 19.60 44.71 -128.56
CA ARG YA 149 18.92 44.34 -127.33
C ARG YA 149 18.54 42.86 -127.34
N GLU YA 150 17.99 42.39 -128.47
CA GLU YA 150 17.55 41.00 -128.56
C GLU YA 150 18.71 40.03 -128.66
N LYS YA 151 19.89 40.50 -129.06
CA LYS YA 151 21.07 39.63 -129.06
C LYS YA 151 21.58 39.39 -127.64
N LEU YA 152 21.29 40.31 -126.72
CA LEU YA 152 21.74 40.19 -125.34
C LEU YA 152 20.70 39.53 -124.43
N LEU YA 153 19.45 39.43 -124.87
CA LEU YA 153 18.44 38.77 -124.06
C LEU YA 153 18.63 37.26 -124.06
N ALA YA 154 19.18 36.70 -125.15
CA ALA YA 154 19.44 35.27 -125.20
C ALA YA 154 20.61 34.85 -124.32
N GLU YA 155 21.51 35.77 -124.00
CA GLU YA 155 22.64 35.48 -123.14
C GLU YA 155 22.19 35.39 -121.68
N SER ZA 1 -52.52 24.92 -71.22
CA SER ZA 1 -51.94 25.16 -69.90
C SER ZA 1 -50.66 24.37 -69.72
N LYS ZA 2 -49.73 24.53 -70.65
CA LYS ZA 2 -48.44 23.85 -70.60
C LYS ZA 2 -47.35 24.84 -70.96
N GLU ZA 3 -46.36 24.98 -70.09
CA GLU ZA 3 -45.19 25.79 -70.39
C GLU ZA 3 -44.37 25.12 -71.48
N GLY ZA 4 -43.98 25.89 -72.50
CA GLY ZA 4 -43.06 25.39 -73.50
C GLY ZA 4 -41.70 25.17 -72.89
N SER ZA 5 -41.22 23.94 -72.89
CA SER ZA 5 -39.90 23.61 -72.37
C SER ZA 5 -39.10 22.89 -73.44
N VAL ZA 6 -37.84 22.62 -73.12
CA VAL ZA 6 -36.92 21.96 -74.04
C VAL ZA 6 -36.77 20.51 -73.60
N ALA ZA 7 -36.07 19.75 -74.42
CA ALA ZA 7 -35.74 18.39 -74.02
C ALA ZA 7 -34.73 18.42 -72.88
N PRO ZA 8 -34.90 17.59 -71.86
CA PRO ZA 8 -33.94 17.58 -70.75
C PRO ZA 8 -32.61 16.99 -71.15
N LYS ZA 9 -31.57 17.36 -70.42
CA LYS ZA 9 -30.21 17.10 -70.86
C LYS ZA 9 -29.21 17.37 -69.72
N GLU ZA 10 -27.91 17.15 -70.03
CA GLU ZA 10 -26.79 17.45 -69.12
C GLU ZA 10 -26.58 18.93 -69.02
N ARG ZA 11 -27.11 19.66 -69.98
CA ARG ZA 11 -27.17 21.08 -69.80
C ARG ZA 11 -28.39 21.37 -68.93
N ILE ZA 12 -28.48 22.60 -68.49
CA ILE ZA 12 -29.40 22.96 -67.45
C ILE ZA 12 -30.68 23.49 -68.08
N ASN ZA 13 -31.83 23.15 -67.52
CA ASN ZA 13 -33.08 23.46 -68.21
C ASN ZA 13 -34.00 24.38 -67.40
N ILE ZA 14 -33.74 25.68 -67.55
CA ILE ZA 14 -34.49 26.73 -66.88
C ILE ZA 14 -35.89 26.83 -67.47
N LYS ZA 15 -36.91 26.80 -66.62
CA LYS ZA 15 -38.27 27.08 -67.04
C LYS ZA 15 -38.93 28.01 -66.03
N TYR ZA 16 -39.23 29.16 -66.68
CA TYR ZA 16 -39.88 30.22 -65.93
C TYR ZA 16 -41.08 29.53 -65.34
N ILE ZA 17 -41.08 29.48 -64.02
CA ILE ZA 17 -42.27 28.98 -63.40
C ILE ZA 17 -43.16 30.17 -63.21
N PRO ZA 18 -44.13 30.34 -64.16
CA PRO ZA 18 -45.07 31.40 -63.86
C PRO ZA 18 -45.78 31.12 -62.57
N ALA ZA 19 -45.79 29.86 -62.19
CA ALA ZA 19 -46.37 29.48 -60.96
C ALA ZA 19 -45.50 30.00 -59.85
N THR ZA 20 -46.15 30.06 -58.66
CA THR ZA 20 -45.53 30.17 -57.35
C THR ZA 20 -45.51 28.73 -56.84
N GLY ZA 21 -45.28 28.46 -55.53
CA GLY ZA 21 -45.27 27.05 -55.18
C GLY ZA 21 -45.55 26.78 -53.72
N ASP ZA 22 -46.05 25.54 -53.44
CA ASP ZA 22 -46.40 25.03 -52.13
C ASP ZA 22 -45.32 24.14 -51.56
N ALA ZA 23 -45.72 23.25 -50.62
CA ALA ZA 23 -44.88 22.30 -49.91
C ALA ZA 23 -45.69 21.08 -49.55
N GLN ZA 24 -45.06 20.03 -48.95
CA GLN ZA 24 -45.73 18.79 -48.59
C GLN ZA 24 -45.22 18.25 -47.27
N ALA ZA 25 -45.89 17.20 -46.72
CA ALA ZA 25 -45.54 16.55 -45.47
C ALA ZA 25 -45.87 15.08 -45.52
N GLU ZA 26 -45.32 14.26 -44.57
CA GLU ZA 26 -45.57 12.83 -44.51
C GLU ZA 26 -45.63 12.34 -43.07
N VAL ZA 27 -46.18 11.11 -42.84
CA VAL ZA 27 -46.40 10.48 -41.53
C VAL ZA 27 -46.19 8.97 -41.60
N GLU ZA 28 -46.76 8.21 -40.62
CA GLU ZA 28 -46.74 6.75 -40.47
C GLU ZA 28 -47.91 6.24 -41.28
N LEU ZA 29 -48.68 5.25 -40.83
CA LEU ZA 29 -49.95 4.98 -41.49
C LEU ZA 29 -50.76 6.29 -41.40
N PRO ZA 30 -51.15 6.88 -42.53
CA PRO ZA 30 -51.85 8.15 -42.52
C PRO ZA 30 -53.14 8.00 -41.71
N LEU ZA 31 -53.58 9.09 -41.09
CA LEU ZA 31 -54.90 9.18 -40.50
C LEU ZA 31 -55.94 8.95 -41.58
N LYS ZA 32 -56.31 7.70 -41.84
CA LYS ZA 32 -57.24 7.41 -42.91
C LYS ZA 32 -58.67 7.51 -42.39
N THR ZA 33 -59.49 8.29 -43.08
CA THR ZA 33 -60.90 8.39 -42.77
C THR ZA 33 -61.72 7.76 -43.89
N LEU ZA 34 -62.91 7.29 -43.54
CA LEU ZA 34 -63.79 6.67 -44.51
C LEU ZA 34 -65.05 7.52 -44.56
N VAL ZA 35 -65.20 8.31 -45.62
CA VAL ZA 35 -66.40 9.13 -45.79
C VAL ZA 35 -67.48 8.24 -46.36
N VAL ZA 36 -68.54 8.01 -45.60
CA VAL ZA 36 -69.61 7.12 -46.02
C VAL ZA 36 -70.87 7.96 -46.18
N GLY ZA 37 -71.68 7.62 -47.18
CA GLY ZA 37 -72.88 8.39 -47.44
C GLY ZA 37 -73.25 8.36 -48.90
N ASP ZA 38 -74.50 8.76 -49.16
CA ASP ZA 38 -75.13 8.70 -50.48
C ASP ZA 38 -74.46 9.67 -51.43
N PHE ZA 39 -73.75 9.13 -52.43
CA PHE ZA 39 -72.98 9.95 -53.34
C PHE ZA 39 -73.47 9.93 -54.76
N LYS ZA 40 -74.48 9.12 -55.08
CA LYS ZA 40 -75.06 9.06 -56.41
C LYS ZA 40 -76.57 9.17 -56.29
N GLY ZA 41 -77.26 9.08 -57.41
CA GLY ZA 41 -78.69 9.37 -57.42
C GLY ZA 41 -79.61 8.17 -57.46
N HIS ZA 42 -79.17 7.04 -56.91
CA HIS ZA 42 -79.98 5.83 -56.90
C HIS ZA 42 -79.54 4.95 -55.75
N ALA ZA 43 -79.98 3.70 -55.77
CA ALA ZA 43 -79.56 2.67 -54.83
C ALA ZA 43 -79.03 1.48 -55.63
N GLU ZA 44 -77.74 1.19 -55.47
CA GLU ZA 44 -77.09 0.17 -56.27
C GLU ZA 44 -77.55 -1.22 -55.86
N GLN ZA 45 -77.73 -2.09 -56.86
CA GLN ZA 45 -78.29 -3.41 -56.59
C GLN ZA 45 -77.28 -4.40 -56.02
N THR ZA 46 -75.98 -4.11 -56.10
CA THR ZA 46 -75.02 -5.04 -55.52
C THR ZA 46 -75.04 -4.92 -53.99
N PRO ZA 47 -74.87 -6.03 -53.27
CA PRO ZA 47 -74.81 -5.95 -51.80
C PRO ZA 47 -73.52 -5.26 -51.36
N LEU ZA 48 -73.50 -4.90 -50.08
CA LEU ZA 48 -72.46 -4.01 -49.60
C LEU ZA 48 -71.10 -4.68 -49.55
N GLU ZA 49 -71.06 -5.98 -49.28
CA GLU ZA 49 -69.79 -6.67 -49.09
C GLU ZA 49 -69.00 -6.87 -50.37
N GLU ZA 50 -69.54 -6.51 -51.52
CA GLU ZA 50 -68.82 -6.67 -52.79
C GLU ZA 50 -68.38 -5.37 -53.42
N ARG ZA 51 -69.06 -4.26 -53.13
CA ARG ZA 51 -68.66 -2.99 -53.70
C ARG ZA 51 -67.41 -2.48 -53.01
N ALA ZA 52 -66.74 -1.53 -53.65
CA ALA ZA 52 -65.40 -1.14 -53.24
C ALA ZA 52 -65.37 0.28 -52.72
N THR ZA 53 -64.28 0.61 -52.04
CA THR ZA 53 -63.98 1.96 -51.59
C THR ZA 53 -62.89 2.55 -52.47
N VAL ZA 54 -63.08 3.79 -52.89
CA VAL ZA 54 -62.13 4.46 -53.77
C VAL ZA 54 -61.39 5.52 -52.97
N THR ZA 55 -60.10 5.66 -53.24
CA THR ZA 55 -59.24 6.60 -52.55
C THR ZA 55 -59.13 7.88 -53.36
N VAL ZA 56 -59.40 9.01 -52.71
CA VAL ZA 56 -59.49 10.32 -53.36
C VAL ZA 56 -58.46 11.24 -52.74
N ASP ZA 57 -57.59 11.81 -53.56
CA ASP ZA 57 -56.87 12.98 -53.08
C ASP ZA 57 -57.07 14.14 -54.05
N LYS ZA 58 -56.30 15.22 -53.89
CA LYS ZA 58 -56.54 16.44 -54.67
C LYS ZA 58 -56.25 16.23 -56.15
N ASN ZA 59 -55.34 15.33 -56.48
CA ASN ZA 59 -54.96 15.14 -57.87
C ASN ZA 59 -55.92 14.24 -58.62
N ASN ZA 60 -56.57 13.28 -57.95
CA ASN ZA 60 -57.43 12.34 -58.65
C ASN ZA 60 -58.91 12.58 -58.39
N PHE ZA 61 -59.28 13.74 -57.88
CA PHE ZA 61 -60.69 13.99 -57.64
C PHE ZA 61 -61.46 14.18 -58.93
N GLU ZA 62 -60.79 14.65 -59.99
CA GLU ZA 62 -61.45 14.80 -61.29
C GLU ZA 62 -61.65 13.47 -61.98
N ALA ZA 63 -60.86 12.44 -61.63
CA ALA ZA 63 -61.02 11.12 -62.21
C ALA ZA 63 -62.00 10.25 -61.43
N VAL ZA 64 -62.13 10.48 -60.13
CA VAL ZA 64 -63.13 9.76 -59.35
C VAL ZA 64 -64.52 10.26 -59.70
N MET ZA 65 -64.65 11.56 -59.96
CA MET ZA 65 -65.95 12.10 -60.33
C MET ZA 65 -66.37 11.67 -61.73
N ARG ZA 66 -65.41 11.49 -62.63
CA ARG ZA 66 -65.76 11.10 -64.00
C ARG ZA 66 -66.18 9.64 -64.07
N GLU ZA 67 -65.51 8.77 -63.33
CA GLU ZA 67 -65.80 7.33 -63.39
C GLU ZA 67 -66.96 6.93 -62.50
N SER ZA 68 -67.50 7.85 -61.70
CA SER ZA 68 -68.70 7.53 -60.94
C SER ZA 68 -69.93 7.48 -61.84
N GLU ZA 69 -69.94 8.32 -62.89
CA GLU ZA 69 -71.08 8.56 -63.78
C GLU ZA 69 -72.32 8.99 -62.99
N LEU ZA 70 -72.20 10.16 -62.37
CA LEU ZA 70 -73.32 10.78 -61.68
C LEU ZA 70 -74.33 11.26 -62.71
N LYS ZA 71 -75.33 10.42 -63.00
CA LYS ZA 71 -76.35 10.73 -64.00
C LYS ZA 71 -77.64 11.10 -63.27
N ILE ZA 72 -77.95 12.38 -63.23
CA ILE ZA 72 -79.12 12.89 -62.51
C ILE ZA 72 -80.21 13.12 -63.53
N THR ZA 73 -81.27 12.29 -63.47
CA THR ZA 73 -82.43 12.39 -64.35
C THR ZA 73 -83.65 12.70 -63.50
N ALA ZA 74 -84.20 13.90 -63.69
CA ALA ZA 74 -85.36 14.32 -62.91
C ALA ZA 74 -86.27 15.18 -63.77
N THR ZA 75 -87.51 15.32 -63.33
CA THR ZA 75 -88.49 16.15 -64.01
C THR ZA 75 -88.64 17.45 -63.23
N VAL ZA 76 -88.30 18.56 -63.88
CA VAL ZA 76 -88.34 19.87 -63.26
C VAL ZA 76 -89.39 20.73 -63.96
N LYS ZA 77 -89.63 21.90 -63.40
CA LYS ZA 77 -90.68 22.79 -63.90
C LYS ZA 77 -90.22 23.52 -65.15
N ASN ZA 78 -91.14 23.67 -66.11
CA ASN ZA 78 -90.87 24.35 -67.36
C ASN ZA 78 -91.21 25.82 -67.20
N LYS ZA 79 -90.19 26.66 -67.22
CA LYS ZA 79 -90.36 28.11 -67.18
C LYS ZA 79 -89.84 28.79 -68.44
N LEU ZA 80 -89.85 28.08 -69.57
CA LEU ZA 80 -89.41 28.61 -70.84
C LEU ZA 80 -90.57 29.09 -71.71
N THR ZA 81 -91.82 28.92 -71.25
CA THR ZA 81 -92.98 29.36 -72.01
C THR ZA 81 -93.98 30.02 -71.07
N ASP ZA 82 -95.19 30.32 -71.57
CA ASP ZA 82 -96.21 30.97 -70.77
C ASP ZA 82 -97.03 29.99 -69.93
N ASP ZA 83 -96.63 28.72 -69.86
CA ASP ZA 83 -97.37 27.71 -69.11
C ASP ZA 83 -96.78 27.59 -67.71
N GLU ZA 84 -97.65 27.65 -66.71
CA GLU ZA 84 -97.26 27.40 -65.33
C GLU ZA 84 -97.28 25.92 -64.99
N ASN ZA 85 -98.22 25.17 -65.56
CA ASN ZA 85 -98.39 23.75 -65.26
C ASN ZA 85 -97.66 22.84 -66.23
N ALA ZA 86 -96.56 23.30 -66.80
CA ALA ZA 86 -95.74 22.49 -67.69
C ALA ZA 86 -94.50 21.98 -66.97
N GLU ZA 87 -94.07 20.79 -67.35
CA GLU ZA 87 -92.88 20.17 -66.77
C GLU ZA 87 -91.92 19.77 -67.90
N LEU ZA 88 -90.64 19.67 -67.54
CA LEU ZA 88 -89.64 19.35 -68.54
C LEU ZA 88 -88.52 18.53 -67.94
N PRO ZA 89 -88.44 17.23 -68.24
CA PRO ZA 89 -87.33 16.41 -67.72
C PRO ZA 89 -86.02 16.77 -68.38
N VAL ZA 90 -84.93 16.50 -67.66
CA VAL ZA 90 -83.58 16.82 -68.10
C VAL ZA 90 -82.74 15.55 -68.13
N GLU ZA 91 -81.53 15.67 -68.68
CA GLU ZA 91 -80.58 14.56 -68.74
C GLU ZA 91 -79.20 15.13 -68.50
N LEU ZA 92 -78.56 14.71 -67.40
CA LEU ZA 92 -77.31 15.30 -66.95
C LEU ZA 92 -76.21 14.25 -66.91
N ASN ZA 93 -75.03 14.62 -67.39
CA ASN ZA 93 -73.85 13.77 -67.36
C ASN ZA 93 -72.69 14.59 -66.82
N PHE ZA 94 -72.19 14.23 -65.64
CA PHE ZA 94 -71.20 15.02 -64.92
C PHE ZA 94 -69.86 14.32 -64.96
N LYS ZA 95 -68.85 15.02 -65.44
CA LYS ZA 95 -67.49 14.47 -65.52
C LYS ZA 95 -66.44 15.32 -64.85
N SER ZA 96 -66.74 16.57 -64.50
CA SER ZA 96 -65.79 17.44 -63.82
C SER ZA 96 -66.56 18.31 -62.84
N LEU ZA 97 -65.81 19.00 -61.97
CA LEU ZA 97 -66.42 19.92 -61.01
C LEU ZA 97 -67.06 21.12 -61.69
N ALA ZA 98 -66.60 21.50 -62.88
CA ALA ZA 98 -67.23 22.56 -63.65
C ALA ZA 98 -68.54 22.13 -64.31
N ASP ZA 99 -68.91 20.85 -64.24
CA ASP ZA 99 -70.20 20.42 -64.76
C ASP ZA 99 -71.35 20.75 -63.83
N PHE ZA 100 -71.08 21.16 -62.58
CA PHE ZA 100 -72.13 21.69 -61.73
C PHE ZA 100 -72.50 23.11 -62.14
N ALA ZA 101 -71.61 23.83 -62.82
CA ALA ZA 101 -71.83 25.21 -63.19
C ALA ZA 101 -72.88 25.31 -64.30
N PRO ZA 102 -73.63 26.43 -64.35
CA PRO ZA 102 -74.69 26.54 -65.37
C PRO ZA 102 -74.20 26.68 -66.80
N ASP ZA 103 -72.90 26.81 -67.03
CA ASP ZA 103 -72.38 26.76 -68.39
C ASP ZA 103 -72.48 25.34 -68.96
N ALA ZA 104 -72.21 24.34 -68.13
CA ALA ZA 104 -72.24 22.96 -68.58
C ALA ZA 104 -73.56 22.26 -68.24
N VAL ZA 105 -74.38 22.82 -67.36
CA VAL ZA 105 -75.70 22.24 -67.14
C VAL ZA 105 -76.64 22.61 -68.27
N ALA ZA 106 -76.63 23.89 -68.66
CA ALA ZA 106 -77.43 24.34 -69.79
C ALA ZA 106 -76.94 23.78 -71.12
N SER ZA 107 -75.66 23.44 -71.23
CA SER ZA 107 -75.15 22.82 -72.44
C SER ZA 107 -75.62 21.38 -72.60
N GLN ZA 108 -76.02 20.74 -71.51
CA GLN ZA 108 -76.53 19.38 -71.56
C GLN ZA 108 -78.05 19.34 -71.66
N VAL ZA 109 -78.71 20.49 -71.62
CA VAL ZA 109 -80.15 20.59 -71.84
C VAL ZA 109 -80.37 21.12 -73.25
N PRO ZA 110 -80.98 20.34 -74.16
CA PRO ZA 110 -81.14 20.80 -75.54
C PRO ZA 110 -82.10 21.97 -75.68
N GLU ZA 111 -83.01 22.17 -74.74
CA GLU ZA 111 -83.88 23.34 -74.78
C GLU ZA 111 -83.13 24.61 -74.40
N LEU ZA 112 -81.99 24.48 -73.74
CA LEU ZA 112 -81.14 25.61 -73.40
C LEU ZA 112 -79.92 25.73 -74.30
N LYS ZA 113 -79.65 24.72 -75.15
CA LYS ZA 113 -78.59 24.86 -76.14
C LYS ZA 113 -78.99 25.86 -77.23
N LYS ZA 114 -80.29 25.98 -77.51
CA LYS ZA 114 -80.78 26.93 -78.49
C LYS ZA 114 -80.93 28.34 -77.92
N LEU ZA 115 -80.90 28.49 -76.60
CA LEU ZA 115 -81.01 29.82 -76.01
C LEU ZA 115 -79.65 30.46 -75.78
N ILE ZA 116 -78.61 29.68 -75.50
CA ILE ZA 116 -77.26 30.22 -75.48
C ILE ZA 116 -76.80 30.53 -76.90
N GLU ZA 117 -77.17 29.67 -77.85
CA GLU ZA 117 -76.91 29.95 -79.26
C GLU ZA 117 -77.70 31.16 -79.74
N LEU ZA 118 -78.87 31.41 -79.15
CA LEU ZA 118 -79.60 32.64 -79.42
C LEU ZA 118 -78.83 33.84 -78.88
N ARG ZA 119 -78.24 33.72 -77.68
CA ARG ZA 119 -77.50 34.84 -77.10
C ARG ZA 119 -76.18 35.07 -77.82
N GLU ZA 120 -75.49 33.99 -78.21
CA GLU ZA 120 -74.25 34.10 -78.97
C GLU ZA 120 -74.48 34.74 -80.33
N ALA ZA 121 -75.66 34.53 -80.92
CA ALA ZA 121 -76.03 35.24 -82.14
C ALA ZA 121 -76.35 36.70 -81.89
N LEU ZA 122 -76.76 37.07 -80.67
CA LEU ZA 122 -77.05 38.46 -80.35
C LEU ZA 122 -75.83 39.24 -79.90
N VAL ZA 123 -74.87 38.58 -79.25
CA VAL ZA 123 -73.60 39.22 -78.93
C VAL ZA 123 -72.79 39.46 -80.21
N ALA ZA 124 -72.92 38.55 -81.19
CA ALA ZA 124 -72.26 38.75 -82.48
C ALA ZA 124 -72.83 39.93 -83.25
N LEU ZA 125 -74.10 40.25 -83.02
CA LEU ZA 125 -74.74 41.36 -83.73
C LEU ZA 125 -74.26 42.72 -83.21
N LYS ZA 126 -74.05 42.82 -81.89
CA LYS ZA 126 -73.85 44.12 -81.23
C LYS ZA 126 -72.55 44.80 -81.65
N GLY ZA 127 -71.54 44.03 -82.02
CA GLY ZA 127 -70.28 44.57 -82.50
C GLY ZA 127 -70.39 45.39 -83.77
N PRO ZA 128 -70.76 44.74 -84.89
CA PRO ZA 128 -70.98 45.49 -86.13
C PRO ZA 128 -72.31 46.22 -86.23
N LEU ZA 129 -73.05 46.38 -85.14
CA LEU ZA 129 -74.36 47.04 -85.22
C LEU ZA 129 -74.21 48.55 -85.28
N GLY ZA 130 -73.68 49.15 -84.21
CA GLY ZA 130 -73.55 50.59 -84.10
C GLY ZA 130 -72.36 51.21 -84.79
N ASN ZA 131 -71.56 50.42 -85.49
CA ASN ZA 131 -70.41 50.93 -86.21
C ASN ZA 131 -70.77 51.43 -87.60
N ILE ZA 132 -71.58 50.68 -88.33
CA ILE ZA 132 -72.04 51.05 -89.66
C ILE ZA 132 -73.45 51.62 -89.52
N PRO ZA 133 -73.68 52.90 -89.80
CA PRO ZA 133 -75.02 53.47 -89.69
C PRO ZA 133 -75.93 53.21 -90.89
N ALA ZA 134 -75.54 52.32 -91.80
CA ALA ZA 134 -76.37 51.94 -92.93
C ALA ZA 134 -77.27 50.73 -92.63
N PHE ZA 135 -77.20 50.21 -91.41
CA PHE ZA 135 -78.07 49.08 -91.04
C PHE ZA 135 -79.51 49.54 -90.86
N ARG ZA 136 -79.71 50.71 -90.24
CA ARG ZA 136 -81.06 51.24 -90.06
C ARG ZA 136 -81.67 51.74 -91.36
N GLU ZA 137 -80.83 52.02 -92.37
CA GLU ZA 137 -81.33 52.41 -93.68
C GLU ZA 137 -82.06 51.26 -94.35
N ARG ZA 138 -81.60 50.02 -94.11
CA ARG ZA 138 -82.25 48.85 -94.69
C ARG ZA 138 -83.22 48.18 -93.73
N LEU ZA 139 -83.31 48.64 -92.48
CA LEU ZA 139 -84.43 48.23 -91.63
C LEU ZA 139 -85.73 48.84 -92.13
N GLN ZA 140 -85.66 50.05 -92.68
CA GLN ZA 140 -86.84 50.66 -93.29
C GLN ZA 140 -87.14 50.03 -94.65
N SER ZA 141 -86.12 49.48 -95.31
CA SER ZA 141 -86.36 48.74 -96.55
C SER ZA 141 -87.02 47.39 -96.24
N LEU ZA 142 -86.63 46.76 -95.14
CA LEU ZA 142 -87.35 45.58 -94.65
C LEU ZA 142 -88.72 45.97 -94.10
N LEU ZA 143 -88.88 47.21 -93.64
CA LEU ZA 143 -90.21 47.71 -93.32
C LEU ZA 143 -91.04 47.91 -94.58
N ASN ZA 144 -90.39 48.27 -95.69
CA ASN ZA 144 -91.11 48.40 -96.96
C ASN ZA 144 -91.33 47.04 -97.61
N SER ZA 145 -90.27 46.25 -97.77
CA SER ZA 145 -90.36 44.94 -98.40
C SER ZA 145 -90.73 43.92 -97.33
N GLU ZA 146 -92.03 43.77 -97.11
CA GLU ZA 146 -92.53 42.81 -96.12
C GLU ZA 146 -92.69 41.41 -96.69
N GLU ZA 147 -92.87 41.27 -98.00
CA GLU ZA 147 -93.08 39.96 -98.59
C GLU ZA 147 -91.78 39.16 -98.68
N SER ZA 148 -90.71 39.79 -99.17
CA SER ZA 148 -89.43 39.10 -99.29
C SER ZA 148 -88.73 38.89 -97.96
N ARG ZA 149 -89.13 39.64 -96.92
CA ARG ZA 149 -88.51 39.47 -95.62
C ARG ZA 149 -89.01 38.19 -94.93
N GLU ZA 150 -90.32 37.95 -94.99
CA GLU ZA 150 -90.89 36.77 -94.34
C GLU ZA 150 -90.57 35.49 -95.08
N LYS ZA 151 -90.22 35.56 -96.36
CA LYS ZA 151 -89.78 34.37 -97.07
C LYS ZA 151 -88.38 33.94 -96.65
N LEU ZA 152 -87.58 34.88 -96.16
CA LEU ZA 152 -86.22 34.59 -95.73
C LEU ZA 152 -86.11 34.26 -94.25
N LEU ZA 153 -87.14 34.59 -93.45
CA LEU ZA 153 -87.10 34.25 -92.03
C LEU ZA 153 -87.30 32.76 -91.81
N ALA ZA 154 -88.03 32.09 -92.69
CA ALA ZA 154 -88.24 30.65 -92.57
C ALA ZA 154 -86.98 29.86 -92.93
N GLU ZA 155 -86.07 30.44 -93.70
CA GLU ZA 155 -84.83 29.77 -94.07
C GLU ZA 155 -83.86 29.79 -92.89
N SER AB 1 -81.59 42.26 -3.02
CA SER AB 1 -80.15 42.27 -2.82
C SER AB 1 -79.49 41.11 -3.54
N LYS AB 2 -79.78 40.98 -4.84
CA LYS AB 2 -79.21 39.93 -5.67
C LYS AB 2 -78.76 40.53 -7.00
N GLU AB 3 -77.50 40.33 -7.35
CA GLU AB 3 -77.00 40.73 -8.65
C GLU AB 3 -77.64 39.86 -9.73
N GLY AB 4 -78.12 40.50 -10.78
CA GLY AB 4 -78.61 39.76 -11.93
C GLY AB 4 -77.44 39.11 -12.64
N SER AB 5 -77.44 37.78 -12.72
CA SER AB 5 -76.39 37.03 -13.41
C SER AB 5 -77.03 36.12 -14.44
N VAL AB 6 -76.17 35.46 -15.21
CA VAL AB 6 -76.61 34.57 -16.27
C VAL AB 6 -76.45 33.14 -15.79
N ALA AB 7 -76.92 32.21 -16.61
CA ALA AB 7 -76.69 30.81 -16.31
C ALA AB 7 -75.21 30.48 -16.51
N PRO AB 8 -74.60 29.73 -15.61
CA PRO AB 8 -73.17 29.39 -15.76
C PRO AB 8 -72.97 28.41 -16.90
N LYS AB 9 -71.75 28.41 -17.43
CA LYS AB 9 -71.46 27.74 -18.69
C LYS AB 9 -69.96 27.64 -18.94
N GLU AB 10 -69.59 27.03 -20.08
CA GLU AB 10 -68.21 26.94 -20.56
C GLU AB 10 -67.73 28.28 -21.07
N ARG AB 11 -68.65 29.16 -21.33
CA ARG AB 11 -68.27 30.52 -21.54
C ARG AB 11 -68.09 31.15 -20.18
N ILE AB 12 -67.54 32.33 -20.18
CA ILE AB 12 -67.06 32.94 -18.96
C ILE AB 12 -68.14 33.87 -18.42
N ASN AB 13 -68.32 33.91 -17.11
CA ASN AB 13 -69.48 34.62 -16.57
C ASN AB 13 -69.08 35.76 -15.63
N ILE AB 14 -68.82 36.90 -16.24
CA ILE AB 14 -68.43 38.11 -15.54
C ILE AB 14 -69.62 38.67 -14.77
N LYS AB 15 -69.43 38.95 -13.48
CA LYS AB 15 -70.43 39.65 -12.69
C LYS AB 15 -69.73 40.72 -11.85
N TYR AB 16 -70.20 41.92 -12.25
CA TYR AB 16 -69.70 43.12 -11.59
C TYR AB 16 -69.95 42.83 -10.14
N ILE AB 17 -68.85 42.76 -9.41
CA ILE AB 17 -69.03 42.64 -7.99
C ILE AB 17 -69.09 44.03 -7.48
N PRO AB 18 -70.34 44.55 -7.26
CA PRO AB 18 -70.37 45.83 -6.61
C PRO AB 18 -69.71 45.75 -5.28
N ALA AB 19 -69.64 44.55 -4.74
CA ALA AB 19 -68.97 44.34 -3.51
C ALA AB 19 -67.49 44.53 -3.74
N THR AB 20 -66.81 44.77 -2.58
CA THR AB 20 -65.39 44.64 -2.39
C THR AB 20 -65.23 43.26 -1.76
N GLY AB 21 -64.06 42.88 -1.17
CA GLY AB 21 -64.03 41.54 -0.63
C GLY AB 21 -63.01 41.32 0.46
N ASP AB 22 -63.27 40.30 1.32
CA ASP AB 22 -62.44 39.90 2.44
C ASP AB 22 -61.60 38.71 2.11
N ALA AB 23 -61.18 37.96 3.17
CA ALA AB 23 -60.35 36.77 3.12
C ALA AB 23 -60.70 35.86 4.28
N GLN AB 24 -60.06 34.65 4.37
CA GLN AB 24 -60.36 33.68 5.40
C GLN AB 24 -59.09 32.97 5.85
N ALA AB 25 -59.18 32.17 6.96
CA ALA AB 25 -58.07 31.41 7.51
C ALA AB 25 -58.58 30.12 8.13
N GLU AB 26 -57.65 29.15 8.42
CA GLU AB 26 -58.01 27.87 9.01
C GLU AB 26 -56.93 27.38 9.96
N VAL AB 27 -57.25 26.39 10.85
CA VAL AB 27 -56.39 25.83 11.88
C VAL AB 27 -56.62 24.33 12.06
N GLU AB 28 -56.25 23.76 13.25
CA GLU AB 28 -56.40 22.37 13.68
C GLU AB 28 -57.77 22.28 14.30
N LEU AB 29 -57.98 21.57 15.41
CA LEU AB 29 -59.23 21.75 16.14
C LEU AB 29 -59.31 23.24 16.50
N PRO AB 30 -60.34 23.96 16.05
CA PRO AB 30 -60.44 25.38 16.30
C PRO AB 30 -60.44 25.61 17.81
N LEU AB 31 -59.93 26.78 18.23
CA LEU AB 31 -60.10 27.26 19.59
C LEU AB 31 -61.58 27.41 19.88
N LYS AB 32 -62.22 26.35 20.34
CA LYS AB 32 -63.65 26.40 20.59
C LYS AB 32 -63.92 26.94 21.99
N THR AB 33 -64.76 27.96 22.08
CA THR AB 33 -65.21 28.50 23.35
C THR AB 33 -66.68 28.18 23.56
N LEU AB 34 -67.09 28.10 24.81
CA LEU AB 34 -68.47 27.84 25.15
C LEU AB 34 -68.99 29.04 25.92
N VAL AB 35 -69.79 29.86 25.26
CA VAL AB 35 -70.39 31.02 25.92
C VAL AB 35 -71.60 30.54 26.70
N VAL AB 36 -71.54 30.64 28.02
CA VAL AB 36 -72.61 30.15 28.87
C VAL AB 36 -73.22 31.34 29.59
N GLY AB 37 -74.53 31.31 29.77
CA GLY AB 37 -75.21 32.42 30.40
C GLY AB 37 -76.64 32.56 29.90
N ASP AB 38 -77.40 33.35 30.65
CA ASP AB 38 -78.85 33.52 30.47
C ASP AB 38 -79.12 34.24 29.16
N PHE AB 39 -79.71 33.54 28.19
CA PHE AB 39 -79.90 34.10 26.87
C PHE AB 39 -81.35 34.27 26.49
N LYS AB 40 -82.29 33.84 27.33
CA LYS AB 40 -83.72 34.01 27.09
C LYS AB 40 -84.36 34.59 28.35
N GLY AB 41 -85.67 34.74 28.30
CA GLY AB 41 -86.34 35.48 29.36
C GLY AB 41 -87.08 34.63 30.38
N HIS AB 42 -86.61 33.41 30.62
CA HIS AB 42 -87.26 32.53 31.57
C HIS AB 42 -86.23 31.51 32.08
N ALA AB 43 -86.72 30.47 32.73
CA ALA AB 43 -85.92 29.33 33.17
C ALA AB 43 -86.56 28.06 32.60
N GLU AB 44 -85.82 27.38 31.74
CA GLU AB 44 -86.37 26.22 31.03
C GLU AB 44 -86.52 25.04 31.98
N GLN AB 45 -87.61 24.30 31.82
CA GLN AB 45 -87.94 23.22 32.73
C GLN AB 45 -87.14 21.94 32.48
N THR AB 46 -86.48 21.81 31.32
CA THR AB 46 -85.69 20.60 31.12
C THR AB 46 -84.40 20.69 31.92
N PRO AB 47 -83.92 19.56 32.47
CA PRO AB 47 -82.64 19.57 33.19
C PRO AB 47 -81.49 19.81 32.23
N LEU AB 48 -80.34 20.11 32.82
CA LEU AB 48 -79.22 20.61 32.03
C LEU AB 48 -78.62 19.53 31.13
N GLU AB 49 -78.62 18.29 31.58
CA GLU AB 49 -77.96 17.22 30.84
C GLU AB 49 -78.67 16.81 29.56
N GLU AB 50 -79.85 17.36 29.27
CA GLU AB 50 -80.57 17.01 28.05
C GLU AB 50 -80.61 18.12 27.03
N ARG AB 51 -80.50 19.38 27.45
CA ARG AB 51 -80.54 20.47 26.49
C ARG AB 51 -79.22 20.54 25.74
N ALA AB 52 -79.23 21.24 24.62
CA ALA AB 52 -78.14 21.17 23.67
C ALA AB 52 -77.41 22.50 23.57
N THR AB 53 -76.21 22.45 22.97
CA THR AB 53 -75.42 23.62 22.64
C THR AB 53 -75.49 23.85 21.14
N VAL AB 54 -75.71 25.11 20.75
CA VAL AB 54 -75.83 25.46 19.35
C VAL AB 54 -74.57 26.21 18.92
N THR AB 55 -74.11 25.94 17.70
CA THR AB 55 -72.91 26.53 17.15
C THR AB 55 -73.28 27.73 16.29
N VAL AB 56 -72.66 28.87 16.59
CA VAL AB 56 -72.99 30.16 15.98
C VAL AB 56 -71.77 30.68 15.25
N ASP AB 57 -71.91 30.97 13.96
CA ASP AB 57 -70.91 31.84 13.35
C ASP AB 57 -71.61 33.03 12.69
N LYS AB 58 -70.87 33.80 11.89
CA LYS AB 58 -71.41 35.05 11.36
C LYS AB 58 -72.53 34.81 10.37
N ASN AB 59 -72.53 33.67 9.69
CA ASN AB 59 -73.54 33.40 8.68
C ASN AB 59 -74.83 32.88 9.27
N ASN AB 60 -74.79 32.17 10.39
CA ASN AB 60 -76.00 31.56 10.93
C ASN AB 60 -76.48 32.24 12.19
N PHE AB 61 -76.01 33.47 12.48
CA PHE AB 61 -76.48 34.13 13.67
C PHE AB 61 -77.93 34.59 13.54
N GLU AB 62 -78.37 34.86 12.31
CA GLU AB 62 -79.76 35.24 12.10
C GLU AB 62 -80.71 34.06 12.21
N ALA AB 63 -80.21 32.83 12.04
CA ALA AB 63 -81.04 31.65 12.18
C ALA AB 63 -81.06 31.12 13.60
N VAL AB 64 -79.98 31.33 14.36
CA VAL AB 64 -79.98 30.95 15.77
C VAL AB 64 -80.88 31.88 16.57
N MET AB 65 -80.91 33.15 16.20
CA MET AB 65 -81.78 34.09 16.91
C MET AB 65 -83.25 33.85 16.59
N ARG AB 66 -83.56 33.42 15.37
CA ARG AB 66 -84.95 33.18 15.00
C ARG AB 66 -85.51 31.93 15.68
N GLU AB 67 -84.71 30.87 15.76
CA GLU AB 67 -85.20 29.62 16.32
C GLU AB 67 -85.13 29.58 17.84
N SER AB 68 -84.55 30.59 18.47
CA SER AB 68 -84.59 30.65 19.92
C SER AB 68 -85.97 31.02 20.42
N GLU AB 69 -86.69 31.84 19.66
CA GLU AB 69 -87.97 32.46 20.02
C GLU AB 69 -87.85 33.25 21.34
N LEU AB 70 -87.04 34.30 21.27
CA LEU AB 70 -86.92 35.22 22.40
C LEU AB 70 -88.20 36.02 22.53
N LYS AB 71 -89.12 35.56 23.38
CA LYS AB 71 -90.41 36.20 23.58
C LYS AB 71 -90.38 36.94 24.91
N ILE AB 72 -90.25 38.25 24.85
CA ILE AB 72 -90.16 39.08 26.05
C ILE AB 72 -91.52 39.68 26.32
N THR AB 73 -92.15 39.23 27.40
CA THR AB 73 -93.47 39.72 27.82
C THR AB 73 -93.32 40.38 29.19
N ALA AB 74 -93.52 41.70 29.23
CA ALA AB 74 -93.38 42.44 30.47
C ALA AB 74 -94.40 43.56 30.51
N THR AB 75 -94.62 44.09 31.71
CA THR AB 75 -95.54 45.20 31.92
C THR AB 75 -94.72 46.46 32.12
N VAL AB 76 -94.87 47.42 31.22
CA VAL AB 76 -94.10 48.65 31.27
C VAL AB 76 -95.07 49.82 31.49
N LYS AB 77 -94.48 51.00 31.71
CA LYS AB 77 -95.26 52.19 32.04
C LYS AB 77 -95.93 52.77 30.81
N ASN AB 78 -97.17 53.23 30.99
CA ASN AB 78 -97.96 53.81 29.92
C ASN AB 78 -97.72 55.31 29.91
N LYS AB 79 -97.04 55.79 28.86
CA LYS AB 79 -96.81 57.22 28.66
C LYS AB 79 -97.49 57.73 27.38
N LEU AB 80 -98.57 57.08 26.96
CA LEU AB 80 -99.31 57.49 25.78
C LEU AB 80 -100.54 58.34 26.11
N THR AB 81 -100.82 58.55 27.40
CA THR AB 81 -101.96 59.36 27.81
C THR AB 81 -101.56 60.28 28.96
N ASP AB 82 -102.52 60.95 29.58
CA ASP AB 82 -102.24 61.89 30.67
C ASP AB 82 -102.16 61.19 32.03
N ASP AB 83 -102.14 59.86 32.07
CA ASP AB 83 -102.08 59.12 33.32
C ASP AB 83 -100.63 58.78 33.64
N GLU AB 84 -100.22 59.09 34.86
CA GLU AB 84 -98.91 58.69 35.37
C GLU AB 84 -98.92 57.28 35.94
N ASN AB 85 -100.03 56.88 36.58
CA ASN AB 85 -100.14 55.59 37.24
C ASN AB 85 -100.76 54.52 36.34
N ALA AB 86 -100.59 54.62 35.03
CA ALA AB 86 -101.08 53.62 34.10
C ALA AB 86 -99.95 52.72 33.64
N GLU AB 87 -100.27 51.46 33.38
CA GLU AB 87 -99.30 50.49 32.90
C GLU AB 87 -99.83 49.82 31.63
N LEU AB 88 -98.92 49.32 30.82
CA LEU AB 88 -99.30 48.72 29.56
C LEU AB 88 -98.39 47.56 29.20
N PRO AB 89 -98.85 46.32 29.30
CA PRO AB 89 -98.01 45.18 28.90
C PRO AB 89 -97.82 45.12 27.39
N VAL AB 90 -96.72 44.49 26.99
CA VAL AB 90 -96.34 44.39 25.59
C VAL AB 90 -96.18 42.91 25.23
N GLU AB 91 -96.02 42.66 23.93
CA GLU AB 91 -95.79 41.31 23.41
C GLU AB 91 -94.77 41.39 22.29
N LEU AB 92 -93.61 40.77 22.49
CA LEU AB 92 -92.48 40.92 21.58
C LEU AB 92 -92.10 39.57 20.99
N ASN AB 93 -91.82 39.56 19.69
CA ASN AB 93 -91.36 38.37 18.98
C ASN AB 93 -90.17 38.77 18.14
N PHE AB 94 -88.99 38.23 18.47
CA PHE AB 94 -87.74 38.66 17.87
C PHE AB 94 -87.22 37.56 16.95
N LYS AB 95 -86.97 37.92 15.70
CA LYS AB 95 -86.46 36.96 14.72
C LYS AB 95 -85.19 37.42 14.02
N SER AB 96 -84.81 38.69 14.13
CA SER AB 96 -83.59 39.20 13.53
C SER AB 96 -82.98 40.24 14.46
N LEU AB 97 -81.75 40.63 14.15
CA LEU AB 97 -81.06 41.66 14.93
C LEU AB 97 -81.73 43.03 14.77
N ALA AB 98 -82.43 43.27 13.65
CA ALA AB 98 -83.19 44.50 13.47
C ALA AB 98 -84.48 44.53 14.27
N ASP AB 99 -84.86 43.43 14.92
CA ASP AB 99 -86.03 43.45 15.79
C ASP AB 99 -85.77 44.11 17.12
N PHE AB 100 -84.51 44.37 17.48
CA PHE AB 100 -84.23 45.18 18.65
C PHE AB 100 -84.48 46.66 18.38
N ALA AB 101 -84.46 47.07 17.10
CA ALA AB 101 -84.61 48.46 16.73
C ALA AB 101 -86.05 48.92 16.95
N PRO AB 102 -86.27 50.22 17.24
CA PRO AB 102 -87.64 50.70 17.51
C PRO AB 102 -88.56 50.71 16.29
N ASP AB 103 -88.07 50.42 15.08
CA ASP AB 103 -88.96 50.25 13.96
C ASP AB 103 -89.76 48.95 14.07
N ALA AB 104 -89.12 47.89 14.57
CA ALA AB 104 -89.78 46.61 14.70
C ALA AB 104 -90.32 46.35 16.11
N VAL AB 105 -89.88 47.12 17.11
CA VAL AB 105 -90.48 46.98 18.44
C VAL AB 105 -91.83 47.67 18.48
N ALA AB 106 -91.91 48.89 17.92
CA ALA AB 106 -93.17 49.60 17.85
C ALA AB 106 -94.15 48.95 16.87
N SER AB 107 -93.65 48.23 15.87
CA SER AB 107 -94.53 47.51 14.96
C SER AB 107 -95.18 46.30 15.61
N GLN AB 108 -94.60 45.79 16.69
CA GLN AB 108 -95.16 44.67 17.42
C GLN AB 108 -96.03 45.11 18.59
N VAL AB 109 -96.10 46.41 18.85
CA VAL AB 109 -97.00 46.96 19.86
C VAL AB 109 -98.19 47.57 19.13
N PRO AB 110 -99.41 47.05 19.33
CA PRO AB 110 -100.57 47.58 18.58
C PRO AB 110 -100.95 49.00 18.98
N GLU AB 111 -100.58 49.45 20.17
CA GLU AB 111 -100.82 50.84 20.55
C GLU AB 111 -99.88 51.79 19.83
N LEU AB 112 -98.76 51.28 19.31
CA LEU AB 112 -97.84 52.08 18.52
C LEU AB 112 -97.95 51.83 17.02
N LYS AB 113 -98.72 50.81 16.61
CA LYS AB 113 -98.99 50.64 15.19
C LYS AB 113 -99.91 51.74 14.66
N LYS AB 114 -100.77 52.27 15.52
CA LYS AB 114 -101.66 53.36 15.14
C LYS AB 114 -100.99 54.71 15.21
N LEU AB 115 -99.84 54.81 15.87
CA LEU AB 115 -99.13 56.09 15.94
C LEU AB 115 -98.14 56.27 14.81
N ILE AB 116 -97.52 55.18 14.34
CA ILE AB 116 -96.71 55.27 13.12
C ILE AB 116 -97.61 55.46 11.92
N GLU AB 117 -98.76 54.79 11.91
CA GLU AB 117 -99.76 55.01 10.86
C GLU AB 117 -100.32 56.42 10.93
N LEU AB 118 -100.37 57.01 12.12
CA LEU AB 118 -100.73 58.42 12.24
C LEU AB 118 -99.66 59.30 11.62
N ARG AB 119 -98.38 58.96 11.82
CA ARG AB 119 -97.30 59.77 11.27
C ARG AB 119 -97.18 59.59 9.75
N GLU AB 120 -97.37 58.35 9.27
CA GLU AB 120 -97.35 58.08 7.84
C GLU AB 120 -98.49 58.80 7.13
N ALA AB 121 -99.62 59.00 7.80
CA ALA AB 121 -100.69 59.81 7.26
C ALA AB 121 -100.37 61.30 7.27
N LEU AB 122 -99.48 61.74 8.17
CA LEU AB 122 -99.09 63.15 8.23
C LEU AB 122 -97.93 63.48 7.29
N VAL AB 123 -97.04 62.52 7.04
CA VAL AB 123 -95.99 62.72 6.04
C VAL AB 123 -96.60 62.73 4.64
N ALA AB 124 -97.67 61.94 4.44
CA ALA AB 124 -98.38 61.94 3.16
C ALA AB 124 -99.08 63.27 2.91
N LEU AB 125 -99.47 63.98 3.97
CA LEU AB 125 -100.18 65.25 3.80
C LEU AB 125 -99.23 66.37 3.36
N LYS AB 126 -98.00 66.36 3.88
CA LYS AB 126 -97.10 67.52 3.76
C LYS AB 126 -96.65 67.76 2.31
N GLY AB 127 -96.61 66.71 1.49
CA GLY AB 127 -96.25 66.83 0.09
C GLY AB 127 -97.22 67.68 -0.72
N PRO AB 128 -98.47 67.22 -0.87
CA PRO AB 128 -99.48 68.03 -1.56
C PRO AB 128 -100.09 69.15 -0.73
N LEU AB 129 -99.53 69.51 0.43
CA LEU AB 129 -100.13 70.55 1.25
C LEU AB 129 -99.81 71.94 0.71
N GLY AB 130 -98.53 72.31 0.71
CA GLY AB 130 -98.09 73.63 0.32
C GLY AB 130 -97.94 73.85 -1.16
N ASN AB 131 -98.28 72.86 -1.99
CA ASN AB 131 -98.19 73.01 -3.43
C ASN AB 131 -99.45 73.63 -4.02
N ILE AB 132 -100.61 73.19 -3.58
CA ILE AB 132 -101.89 73.74 -4.03
C ILE AB 132 -102.39 74.71 -2.97
N PRO AB 133 -102.48 76.01 -3.28
CA PRO AB 133 -102.97 76.98 -2.29
C PRO AB 133 -104.49 77.05 -2.15
N ALA AB 134 -105.23 76.10 -2.72
CA ALA AB 134 -106.67 76.04 -2.56
C ALA AB 134 -107.11 75.18 -1.39
N PHE AB 135 -106.16 74.63 -0.63
CA PHE AB 135 -106.50 73.83 0.54
C PHE AB 135 -106.99 74.72 1.68
N ARG AB 136 -106.35 75.87 1.88
CA ARG AB 136 -106.78 76.80 2.92
C ARG AB 136 -108.08 77.50 2.57
N GLU AB 137 -108.45 77.52 1.29
CA GLU AB 137 -109.72 78.09 0.88
C GLU AB 137 -110.88 77.25 1.37
N ARG AB 138 -110.70 75.92 1.46
CA ARG AB 138 -111.73 75.03 1.96
C ARG AB 138 -111.56 74.68 3.42
N LEU AB 139 -110.46 75.10 4.07
CA LEU AB 139 -110.40 75.05 5.52
C LEU AB 139 -111.37 76.06 6.14
N GLN AB 140 -111.55 77.21 5.48
CA GLN AB 140 -112.54 78.17 5.94
C GLN AB 140 -113.96 77.71 5.59
N SER AB 141 -114.10 76.88 4.56
CA SER AB 141 -115.41 76.28 4.28
C SER AB 141 -115.75 75.22 5.30
N LEU AB 142 -114.75 74.45 5.75
CA LEU AB 142 -114.93 73.56 6.89
C LEU AB 142 -115.09 74.34 8.19
N LEU AB 143 -114.54 75.56 8.25
CA LEU AB 143 -114.85 76.45 9.37
C LEU AB 143 -116.29 76.94 9.29
N ASN AB 144 -116.83 77.10 8.08
CA ASN AB 144 -118.22 77.48 7.93
C ASN AB 144 -119.16 76.29 8.09
N SER AB 145 -118.91 75.21 7.35
CA SER AB 145 -119.73 74.01 7.41
C SER AB 145 -119.23 73.13 8.56
N GLU AB 146 -119.73 73.40 9.76
CA GLU AB 146 -119.34 72.63 10.93
C GLU AB 146 -120.17 71.35 11.11
N GLU AB 147 -121.38 71.31 10.57
CA GLU AB 147 -122.24 70.15 10.75
C GLU AB 147 -121.82 68.99 9.87
N SER AB 148 -121.55 69.26 8.59
CA SER AB 148 -121.15 68.21 7.67
C SER AB 148 -119.71 67.75 7.88
N ARG AB 149 -118.90 68.56 8.58
CA ARG AB 149 -117.51 68.16 8.85
C ARG AB 149 -117.45 67.09 9.93
N GLU AB 150 -118.21 67.28 11.02
CA GLU AB 150 -118.18 66.33 12.12
C GLU AB 150 -118.89 65.02 11.78
N LYS AB 151 -119.78 65.02 10.79
CA LYS AB 151 -120.39 63.77 10.35
C LYS AB 151 -119.40 62.92 9.58
N LEU AB 152 -118.40 63.53 8.96
CA LEU AB 152 -117.40 62.80 8.18
C LEU AB 152 -116.16 62.42 8.98
N LEU AB 153 -115.96 63.04 10.15
CA LEU AB 153 -114.82 62.67 10.98
C LEU AB 153 -115.01 61.31 11.65
N ALA AB 154 -116.26 60.94 11.91
CA ALA AB 154 -116.54 59.63 12.51
C ALA AB 154 -116.36 58.50 11.52
N GLU AB 155 -116.43 58.78 10.22
CA GLU AB 155 -116.23 57.76 9.19
C GLU AB 155 -114.75 57.44 9.04
N SER BB 1 -35.79 66.10 52.93
CA SER BB 1 -34.88 65.64 51.88
C SER BB 1 -35.39 64.34 51.27
N LYS BB 2 -36.64 64.36 50.82
CA LYS BB 2 -37.26 63.20 50.17
C LYS BB 2 -38.02 63.66 48.95
N GLU BB 3 -37.71 63.08 47.80
CA GLU BB 3 -38.47 63.33 46.59
C GLU BB 3 -39.87 62.75 46.72
N GLY BB 4 -40.89 63.54 46.38
CA GLY BB 4 -42.24 63.02 46.33
C GLY BB 4 -42.36 62.05 45.17
N SER BB 5 -42.69 60.79 45.48
CA SER BB 5 -42.88 59.77 44.45
C SER BB 5 -44.24 59.13 44.63
N VAL BB 6 -44.58 58.25 43.69
CA VAL BB 6 -45.87 57.58 43.69
C VAL BB 6 -45.66 56.16 44.19
N ALA BB 7 -46.77 55.46 44.35
CA ALA BB 7 -46.67 54.05 44.68
C ALA BB 7 -46.15 53.28 43.47
N PRO BB 8 -45.23 52.33 43.67
CA PRO BB 8 -44.70 51.57 42.53
C PRO BB 8 -45.74 50.60 41.99
N LYS BB 9 -45.56 50.23 40.73
CA LYS BB 9 -46.62 49.53 39.98
C LYS BB 9 -46.07 48.97 38.67
N GLU BB 10 -46.96 48.31 37.91
CA GLU BB 10 -46.68 47.79 36.56
C GLU BB 10 -46.60 48.92 35.57
N ARG BB 11 -47.12 50.06 35.94
CA ARG BB 11 -46.84 51.23 35.17
C ARG BB 11 -45.49 51.73 35.62
N ILE BB 12 -44.96 52.68 34.87
CA ILE BB 12 -43.59 53.07 35.00
C ILE BB 12 -43.50 54.28 35.92
N ASN BB 13 -42.48 54.34 36.77
CA ASN BB 13 -42.48 55.36 37.81
C ASN BB 13 -41.27 56.29 37.71
N ILE BB 14 -41.42 57.31 36.88
CA ILE BB 14 -40.40 58.32 36.65
C ILE BB 14 -40.26 59.21 37.88
N LYS BB 15 -39.03 59.38 38.35
CA LYS BB 15 -38.73 60.34 39.40
C LYS BB 15 -37.47 61.11 39.03
N TYR BB 16 -37.80 62.40 38.89
CA TYR BB 16 -36.77 63.35 38.54
C TYR BB 16 -35.73 63.13 39.60
N ILE BB 17 -34.57 62.68 39.14
CA ILE BB 17 -33.50 62.58 40.08
C ILE BB 17 -32.83 63.93 40.06
N PRO BB 18 -33.18 64.79 41.06
CA PRO BB 18 -32.40 66.01 41.09
C PRO BB 18 -30.96 65.69 41.31
N ALA BB 19 -30.72 64.51 41.85
CA ALA BB 19 -29.37 64.06 42.04
C ALA BB 19 -28.78 63.78 40.70
N THR BB 20 -27.42 63.76 40.72
CA THR BB 20 -26.56 63.17 39.71
C THR BB 20 -26.22 61.80 40.27
N GLY BB 21 -25.20 61.06 39.76
CA GLY BB 21 -25.01 59.76 40.38
C GLY BB 21 -23.61 59.20 40.19
N ASP BB 22 -23.22 58.29 41.13
CA ASP BB 22 -21.94 57.62 41.18
C ASP BB 22 -22.02 56.22 40.63
N ALA BB 23 -21.05 55.36 41.06
CA ALA BB 23 -20.90 53.96 40.66
C ALA BB 23 -20.30 53.18 41.81
N GLN BB 24 -20.14 51.83 41.66
CA GLN BB 24 -19.60 50.98 42.70
C GLN BB 24 -18.71 49.89 42.11
N ALA BB 25 -17.99 49.13 42.99
CA ALA BB 25 -17.11 48.05 42.59
C ALA BB 25 -17.10 46.97 43.65
N GLU BB 26 -16.58 45.74 43.33
CA GLU BB 26 -16.51 44.63 44.26
C GLU BB 26 -15.25 43.80 44.02
N VAL BB 27 -14.88 42.93 45.02
CA VAL BB 27 -13.67 42.09 45.04
C VAL BB 27 -13.94 40.75 45.70
N GLU BB 28 -12.86 40.06 46.19
CA GLU BB 28 -12.84 38.78 46.90
C GLU BB 28 -13.04 39.11 48.35
N LEU BB 29 -12.35 38.48 49.30
CA LEU BB 29 -12.34 39.01 50.65
C LEU BB 29 -11.79 40.44 50.54
N PRO BB 30 -12.56 41.46 50.94
CA PRO BB 30 -12.12 42.84 50.80
C PRO BB 30 -10.80 43.03 51.55
N LEU BB 31 -9.98 43.96 51.08
CA LEU BB 31 -8.82 44.43 51.83
C LEU BB 31 -9.31 45.03 53.13
N LYS BB 32 -9.44 44.23 54.17
CA LYS BB 32 -9.95 44.72 55.45
C LYS BB 32 -8.81 45.27 56.28
N THR BB 33 -8.96 46.50 56.74
CA THR BB 33 -8.02 47.13 57.66
C THR BB 33 -8.66 47.29 59.02
N LEU BB 34 -7.83 47.31 60.04
CA LEU BB 34 -8.30 47.48 61.41
C LEU BB 34 -7.68 48.77 61.94
N VAL BB 35 -8.49 49.82 62.01
CA VAL BB 35 -8.01 51.09 62.55
C VAL BB 35 -8.06 51.00 64.07
N VAL BB 36 -6.91 51.04 64.71
CA VAL BB 36 -6.83 50.90 66.16
C VAL BB 36 -6.32 52.20 66.73
N GLY BB 37 -6.83 52.58 67.89
CA GLY BB 37 -6.44 53.84 68.50
C GLY BB 37 -7.55 54.43 69.33
N ASP BB 38 -7.15 55.40 70.15
CA ASP BB 38 -8.00 56.03 71.16
C ASP BB 38 -9.10 56.84 70.48
N PHE BB 39 -10.35 56.39 70.60
CA PHE BB 39 -11.45 57.01 69.90
C PHE BB 39 -12.48 57.66 70.82
N LYS BB 40 -12.33 57.51 72.14
CA LYS BB 40 -13.23 58.13 73.10
C LYS BB 40 -12.39 58.86 74.15
N GLY BB 41 -13.05 59.42 75.14
CA GLY BB 41 -12.37 60.31 76.07
C GLY BB 41 -12.05 59.71 77.42
N HIS BB 42 -11.86 58.39 77.49
CA HIS BB 42 -11.55 57.73 78.75
C HIS BB 42 -10.81 56.44 78.46
N ALA BB 43 -10.71 55.59 79.47
CA ALA BB 43 -10.16 54.24 79.35
C ALA BB 43 -11.20 53.26 79.88
N GLU BB 44 -11.69 52.40 78.99
CA GLU BB 44 -12.78 51.49 79.34
C GLU BB 44 -12.30 50.39 80.27
N GLN BB 45 -13.14 50.05 81.25
CA GLN BB 45 -12.74 49.10 82.28
C GLN BB 45 -12.79 47.64 81.82
N THR BB 46 -13.46 47.34 80.71
CA THR BB 46 -13.46 45.95 80.26
C THR BB 46 -12.11 45.59 79.65
N PRO BB 47 -11.63 44.36 79.84
CA PRO BB 47 -10.37 43.95 79.21
C PRO BB 47 -10.54 43.82 77.71
N LEU BB 48 -9.41 43.73 77.03
CA LEU BB 48 -9.40 43.88 75.59
C LEU BB 48 -10.06 42.69 74.89
N GLU BB 49 -9.93 41.49 75.45
CA GLU BB 49 -10.42 40.29 74.78
C GLU BB 49 -11.93 40.16 74.76
N GLU BB 50 -12.67 41.07 75.41
CA GLU BB 50 -14.12 40.99 75.41
C GLU BB 50 -14.79 42.10 74.60
N ARG BB 51 -14.15 43.24 74.43
CA ARG BB 51 -14.74 44.31 73.65
C ARG BB 51 -14.69 43.98 72.17
N ALA BB 52 -15.50 44.68 71.40
CA ALA BB 52 -15.75 44.29 70.02
C ALA BB 52 -15.21 45.32 69.04
N THR BB 53 -15.11 44.91 67.79
CA THR BB 53 -14.75 45.77 66.67
C THR BB 53 -16.01 46.06 65.85
N VAL BB 54 -16.20 47.32 65.50
CA VAL BB 54 -17.37 47.73 64.75
C VAL BB 54 -16.94 48.05 63.32
N THR BB 55 -17.79 47.69 62.36
CA THR BB 55 -17.51 47.88 60.95
C THR BB 55 -18.19 49.16 60.47
N VAL BB 56 -17.41 50.04 59.85
CA VAL BB 56 -17.84 51.37 59.45
C VAL BB 56 -17.72 51.50 57.94
N ASP BB 57 -18.82 51.86 57.29
CA ASP BB 57 -18.66 52.37 55.93
C ASP BB 57 -19.33 53.74 55.83
N LYS BB 58 -19.47 54.27 54.61
CA LYS BB 58 -19.96 55.64 54.43
C LYS BB 58 -21.40 55.78 54.86
N ASN BB 59 -22.19 54.72 54.77
CA ASN BB 59 -23.61 54.82 55.10
C ASN BB 59 -23.88 54.71 56.59
N ASN BB 60 -23.05 54.00 57.34
CA ASN BB 60 -23.32 53.80 58.75
C ASN BB 60 -22.38 54.57 59.66
N PHE BB 61 -21.67 55.56 59.13
CA PHE BB 61 -20.77 56.32 59.99
C PHE BB 61 -21.53 57.22 60.95
N GLU BB 62 -22.73 57.64 60.57
CA GLU BB 62 -23.55 58.45 61.47
C GLU BB 62 -24.16 57.63 62.60
N ALA BB 63 -24.29 56.32 62.41
CA ALA BB 63 -24.82 55.44 63.44
C ALA BB 63 -23.74 54.91 64.37
N VAL BB 64 -22.52 54.75 63.87
CA VAL BB 64 -21.41 54.35 64.73
C VAL BB 64 -21.02 55.49 65.64
N MET BB 65 -21.10 56.73 65.15
CA MET BB 65 -20.76 57.87 65.99
C MET BB 65 -21.82 58.12 67.06
N ARG BB 66 -23.09 57.84 66.75
CA ARG BB 66 -24.15 58.08 67.72
C ARG BB 66 -24.11 57.05 68.85
N GLU BB 67 -23.85 55.78 68.53
CA GLU BB 67 -23.87 54.73 69.54
C GLU BB 67 -22.57 54.64 70.32
N SER BB 68 -21.54 55.39 69.94
CA SER BB 68 -20.33 55.43 70.74
C SER BB 68 -20.54 56.20 72.04
N GLU BB 69 -21.39 57.23 71.99
CA GLU BB 69 -21.61 58.21 73.06
C GLU BB 69 -20.31 58.89 73.47
N LEU BB 70 -19.74 59.63 72.52
CA LEU BB 70 -18.55 60.42 72.81
C LEU BB 70 -18.94 61.60 73.70
N LYS BB 71 -18.78 61.43 75.01
CA LYS BB 71 -19.15 62.44 75.99
C LYS BB 71 -17.87 63.09 76.51
N ILE BB 72 -17.60 64.30 76.03
CA ILE BB 72 -16.38 65.01 76.40
C ILE BB 72 -16.73 66.02 77.49
N THR BB 73 -16.24 65.76 78.70
CA THR BB 73 -16.46 66.63 79.86
C THR BB 73 -15.11 67.17 80.31
N ALA BB 74 -14.92 68.48 80.16
CA ALA BB 74 -13.67 69.11 80.53
C ALA BB 74 -13.93 70.50 81.08
N THR BB 75 -12.94 71.02 81.79
CA THR BB 75 -13.00 72.37 82.35
C THR BB 75 -12.17 73.30 81.48
N VAL BB 76 -12.81 74.29 80.88
CA VAL BB 76 -12.15 75.20 79.98
C VAL BB 76 -12.22 76.62 80.57
N LYS BB 77 -11.52 77.54 79.92
CA LYS BB 77 -11.41 78.89 80.42
C LYS BB 77 -12.67 79.70 80.15
N ASN BB 78 -13.05 80.51 81.13
CA ASN BB 78 -14.24 81.35 81.02
C ASN BB 78 -13.84 82.71 80.44
N LYS BB 79 -14.27 82.97 79.21
CA LYS BB 79 -14.06 84.25 78.56
C LYS BB 79 -15.36 84.99 78.27
N LEU BB 80 -16.39 84.73 79.07
CA LEU BB 80 -17.69 85.39 78.93
C LEU BB 80 -17.85 86.56 79.87
N THR BB 81 -16.89 86.82 80.74
CA THR BB 81 -16.95 87.95 81.68
C THR BB 81 -15.62 88.66 81.74
N ASP BB 82 -15.45 89.59 82.68
CA ASP BB 82 -14.22 90.34 82.82
C ASP BB 82 -13.17 89.63 83.66
N ASP BB 83 -13.38 88.37 84.00
CA ASP BB 83 -12.46 87.61 84.82
C ASP BB 83 -11.51 86.81 83.93
N GLU BB 84 -10.21 86.95 84.19
CA GLU BB 84 -9.20 86.13 83.51
C GLU BB 84 -9.00 84.79 84.19
N ASN BB 85 -9.11 84.75 85.52
CA ASN BB 85 -8.87 83.53 86.29
C ASN BB 85 -10.14 82.74 86.57
N ALA BB 86 -11.13 82.82 85.70
CA ALA BB 86 -12.36 82.06 85.85
C ALA BB 86 -12.34 80.85 84.91
N GLU BB 87 -12.97 79.77 85.34
CA GLU BB 87 -13.07 78.55 84.57
C GLU BB 87 -14.53 78.13 84.47
N LEU BB 88 -14.84 77.37 83.42
CA LEU BB 88 -16.22 76.97 83.19
C LEU BB 88 -16.28 75.59 82.55
N PRO BB 89 -16.67 74.55 83.30
CA PRO BB 89 -16.79 73.23 82.69
C PRO BB 89 -17.98 73.15 81.74
N VAL BB 90 -17.88 72.21 80.80
CA VAL BB 90 -18.89 72.02 79.76
C VAL BB 90 -19.40 70.58 79.81
N GLU BB 91 -20.45 70.33 79.04
CA GLU BB 91 -21.03 69.00 78.92
C GLU BB 91 -21.44 68.78 77.46
N LEU BB 92 -20.81 67.82 76.80
CA LEU BB 92 -20.95 67.62 75.38
C LEU BB 92 -21.52 66.23 75.08
N ASN BB 93 -22.48 66.18 74.16
CA ASN BB 93 -23.07 64.92 73.71
C ASN BB 93 -23.09 64.95 72.18
N PHE BB 94 -22.31 64.06 71.56
CA PHE BB 94 -22.10 64.07 70.13
C PHE BB 94 -22.82 62.89 69.48
N LYS BB 95 -23.67 63.18 68.51
CA LYS BB 95 -24.42 62.15 67.81
C LYS BB 95 -24.27 62.19 66.30
N SER BB 96 -23.74 63.27 65.74
CA SER BB 96 -23.53 63.38 64.30
C SER BB 96 -22.24 64.15 64.06
N LEU BB 97 -21.79 64.13 62.80
CA LEU BB 97 -20.59 64.88 62.42
C LEU BB 97 -20.78 66.38 62.53
N ALA BB 98 -22.03 66.87 62.42
CA ALA BB 98 -22.33 68.27 62.61
C ALA BB 98 -22.31 68.69 64.08
N ASP BB 99 -22.17 67.76 65.02
CA ASP BB 99 -22.05 68.13 66.41
C ASP BB 99 -20.66 68.63 66.77
N PHE BB 100 -19.67 68.46 65.89
CA PHE BB 100 -18.39 69.12 66.09
C PHE BB 100 -18.46 70.61 65.78
N ALA BB 101 -19.43 71.01 64.96
CA ALA BB 101 -19.56 72.40 64.52
C ALA BB 101 -20.02 73.29 65.68
N PRO BB 102 -19.63 74.57 65.69
CA PRO BB 102 -20.01 75.46 66.80
C PRO BB 102 -21.49 75.79 66.88
N ASP BB 103 -22.30 75.40 65.90
CA ASP BB 103 -23.75 75.55 66.04
C ASP BB 103 -24.30 74.57 67.07
N ALA BB 104 -23.77 73.35 67.09
CA ALA BB 104 -24.23 72.34 68.03
C ALA BB 104 -23.38 72.22 69.28
N VAL BB 105 -22.18 72.78 69.28
CA VAL BB 105 -21.39 72.81 70.52
C VAL BB 105 -21.92 73.89 71.44
N ALA BB 106 -22.18 75.08 70.91
CA ALA BB 106 -22.74 76.16 71.69
C ALA BB 106 -24.18 75.89 72.11
N SER BB 107 -24.92 75.07 71.34
CA SER BB 107 -26.27 74.70 71.74
C SER BB 107 -26.28 73.74 72.91
N GLN BB 108 -25.18 73.04 73.16
CA GLN BB 108 -25.09 72.14 74.30
C GLN BB 108 -24.46 72.81 75.52
N VAL BB 109 -24.02 74.05 75.39
CA VAL BB 109 -23.51 74.83 76.52
C VAL BB 109 -24.61 75.81 76.93
N PRO BB 110 -25.18 75.70 78.13
CA PRO BB 110 -26.28 76.59 78.52
C PRO BB 110 -25.88 78.04 78.68
N GLU BB 111 -24.59 78.32 78.93
CA GLU BB 111 -24.14 79.70 78.97
C GLU BB 111 -24.07 80.33 77.58
N LEU BB 112 -24.04 79.51 76.54
CA LEU BB 112 -24.07 79.99 75.17
C LEU BB 112 -25.43 79.82 74.50
N LYS BB 113 -26.37 79.12 75.15
CA LYS BB 113 -27.73 79.08 74.64
C LYS BB 113 -28.42 80.42 74.81
N LYS BB 114 -28.05 81.19 75.83
CA LYS BB 114 -28.61 82.51 76.06
C LYS BB 114 -27.94 83.58 75.22
N LEU BB 115 -26.78 83.29 74.63
CA LEU BB 115 -26.12 84.28 73.78
C LEU BB 115 -26.52 84.15 72.32
N ILE BB 116 -26.81 82.94 71.85
CA ILE BB 116 -27.40 82.80 70.51
C ILE BB 116 -28.84 83.29 70.53
N GLU BB 117 -29.56 83.03 71.62
CA GLU BB 117 -30.91 83.59 71.80
C GLU BB 117 -30.86 85.10 71.92
N LEU BB 118 -29.78 85.63 72.47
CA LEU BB 118 -29.58 87.08 72.46
C LEU BB 118 -29.38 87.60 71.04
N ARG BB 119 -28.63 86.86 70.21
CA ARG BB 119 -28.38 87.30 68.84
C ARG BB 119 -29.63 87.12 67.97
N GLU BB 120 -30.37 86.03 68.17
CA GLU BB 120 -31.62 85.81 67.45
C GLU BB 120 -32.65 86.88 67.78
N ALA BB 121 -32.62 87.40 69.01
CA ALA BB 121 -33.47 88.53 69.36
C ALA BB 121 -33.00 89.83 68.74
N LEU BB 122 -31.71 89.95 68.40
CA LEU BB 122 -31.19 91.15 67.77
C LEU BB 122 -31.32 91.12 66.25
N VAL BB 123 -31.26 89.94 65.63
CA VAL BB 123 -31.53 89.82 64.20
C VAL BB 123 -33.02 90.06 63.93
N ALA BB 124 -33.88 89.67 64.87
CA ALA BB 124 -35.31 89.93 64.75
C ALA BB 124 -35.63 91.41 64.84
N LEU BB 125 -34.79 92.18 65.54
CA LEU BB 125 -35.05 93.60 65.70
C LEU BB 125 -34.72 94.38 64.43
N LYS BB 126 -33.66 93.97 63.71
CA LYS BB 126 -33.08 94.77 62.63
C LYS BB 126 -34.02 94.91 61.43
N GLY BB 127 -34.88 93.92 61.21
CA GLY BB 127 -35.85 93.97 60.14
C GLY BB 127 -36.86 95.09 60.26
N PRO BB 128 -37.70 95.07 61.29
CA PRO BB 128 -38.65 96.17 61.52
C PRO BB 128 -38.05 97.40 62.18
N LEU BB 129 -36.72 97.53 62.26
CA LEU BB 129 -36.14 98.68 62.93
C LEU BB 129 -36.14 99.91 62.03
N GLY BB 130 -35.41 99.85 60.92
CA GLY BB 130 -35.27 100.97 60.01
C GLY BB 130 -36.40 101.19 59.03
N ASN BB 131 -37.46 100.38 59.11
CA ASN BB 131 -38.60 100.52 58.20
C ASN BB 131 -39.60 101.54 58.73
N ILE BB 132 -39.92 101.48 60.02
CA ILE BB 132 -40.83 102.41 60.66
C ILE BB 132 -40.01 103.47 61.39
N PRO BB 133 -40.05 104.74 60.97
CA PRO BB 133 -39.29 105.77 61.66
C PRO BB 133 -39.93 106.32 62.92
N ALA BB 134 -40.97 105.68 63.45
CA ALA BB 134 -41.59 106.07 64.70
C ALA BB 134 -40.99 105.36 65.91
N PHE BB 135 -39.98 104.51 65.69
CA PHE BB 135 -39.32 103.84 66.81
C PHE BB 135 -38.45 104.81 67.60
N ARG BB 136 -37.72 105.69 66.90
CA ARG BB 136 -36.88 106.68 67.58
C ARG BB 136 -37.71 107.76 68.25
N GLU BB 137 -38.97 107.93 67.84
CA GLU BB 137 -39.85 108.90 68.50
C GLU BB 137 -40.20 108.45 69.91
N ARG BB 138 -40.28 107.14 70.14
CA ARG BB 138 -40.56 106.61 71.46
C ARG BB 138 -39.31 106.17 72.22
N LEU BB 139 -38.14 106.22 71.58
CA LEU BB 139 -36.89 106.11 72.33
C LEU BB 139 -36.67 107.34 73.18
N GLN BB 140 -37.09 108.51 72.68
CA GLN BB 140 -37.02 109.73 73.48
C GLN BB 140 -38.12 109.75 74.54
N SER BB 141 -39.23 109.05 74.31
CA SER BB 141 -40.24 108.90 75.34
C SER BB 141 -39.77 107.96 76.44
N LEU BB 142 -39.03 106.91 76.08
CA LEU BB 142 -38.34 106.10 77.08
C LEU BB 142 -37.18 106.85 77.71
N LEU BB 143 -36.61 107.83 77.00
CA LEU BB 143 -35.66 108.74 77.63
C LEU BB 143 -36.35 109.66 78.62
N ASN BB 144 -37.61 110.03 78.35
CA ASN BB 144 -38.38 110.84 79.28
C ASN BB 144 -38.94 109.99 80.42
N SER BB 145 -39.64 108.91 80.09
CA SER BB 145 -40.25 108.03 81.09
C SER BB 145 -39.21 107.01 81.53
N GLU BB 146 -38.40 107.39 82.52
CA GLU BB 146 -37.37 106.50 83.05
C GLU BB 146 -37.89 105.56 84.11
N GLU BB 147 -38.97 105.92 84.80
CA GLU BB 147 -39.48 105.09 85.89
C GLU BB 147 -40.24 103.87 85.36
N SER BB 148 -41.12 104.08 84.39
CA SER BB 148 -41.89 102.97 83.83
C SER BB 148 -41.06 102.08 82.91
N ARG BB 149 -39.91 102.56 82.43
CA ARG BB 149 -39.07 101.75 81.57
C ARG BB 149 -38.33 100.69 82.39
N GLU BB 150 -37.76 101.07 83.53
CA GLU BB 150 -37.01 100.13 84.36
C GLU BB 150 -37.90 99.14 85.07
N LYS BB 151 -39.19 99.44 85.24
CA LYS BB 151 -40.12 98.46 85.80
C LYS BB 151 -40.43 97.35 84.81
N LEU BB 152 -40.32 97.64 83.51
CA LEU BB 152 -40.61 96.66 82.47
C LEU BB 152 -39.38 95.88 82.02
N LEU BB 153 -38.18 96.36 82.33
CA LEU BB 153 -36.97 95.63 81.96
C LEU BB 153 -36.78 94.39 82.83
N ALA BB 154 -37.26 94.42 84.07
CA ALA BB 154 -37.16 93.26 84.95
C ALA BB 154 -38.12 92.14 84.55
N GLU BB 155 -39.19 92.47 83.83
CA GLU BB 155 -40.14 91.48 83.37
C GLU BB 155 -39.58 90.70 82.19
#